data_2VDC
#
_entry.id   2VDC
#
_cell.length_a   1.000
_cell.length_b   1.000
_cell.length_c   1.000
_cell.angle_alpha   90.00
_cell.angle_beta   90.00
_cell.angle_gamma   90.00
#
_symmetry.space_group_name_H-M   'P 1'
#
loop_
_entity.id
_entity.type
_entity.pdbx_description
1 polymer 'GLUTAMATE SYNTHASE [NADPH] LARGE CHAIN'
2 polymer 'GLUTAMATE SYNTHASE [NADPH] SMALL CHAIN'
3 non-polymer S-DIOXYMETHIONINE
4 non-polymer 'FLAVIN MONONUCLEOTIDE'
5 non-polymer '2-OXOGLUTARIC ACID'
6 non-polymer 'FE3-S4 CLUSTER'
7 non-polymer 'IRON/SULFUR CLUSTER'
8 non-polymer 'FLAVIN-ADENINE DINUCLEOTIDE'
#
loop_
_entity_poly.entity_id
_entity_poly.type
_entity_poly.pdbx_seq_one_letter_code
_entity_poly.pdbx_strand_id
1 'polypeptide(L)'
;CGVGFIAAIDGKPRRSVVEKGIEALKAVWHRGAVDADGKTGDGAGIHVAVPQKFFKDHVKVIGHRAPDNKLAVGQVFLPR
ISLDAQEACRCIVETEILAFGYYIYGWRQVPINVDIIGEKANATRPEIEQIIVGNNKGVSDEQFELDLYIIRRRIEKAVK
GEQINDFYICSLSARSIIYKGMFLAEQLTTFYPDLLDERFESDFAIYHQRYSTNTFPTWPLAQPFRMLAHNGEINTVKGN
VNWMKAHETRMEHPAFGTHMQDLKPVIGVGLSDSGSLDTVFEVMVRAGRTAPMVKMMLVPQALTSSQTTPDNHKALIQYC
NSVMEPWDGPAALAMTDGRWVVGGMDRNGLRPMRYTITTDGLIIGGSETGMVKIDETQVIEKGRLGPGEMIAVDLQSGKL
YRDRELKDHLATLKPWDKWVQNTTHLDELVKTASLKGEPSDMDKAELRRRQQAFGLTMEDMELILHPMVEDGKEAIGSMG
DDSPIAVLSDKYRGLHHFFRQNFSQVTNPPIDSLRERRVMSLKTRLGNLGNILDEDETQTRLLQLESPVLTTAEFRAMRD
YMGDTAAEIDATFPVDGGPEALRDALRRIRQETEDAVRGGATHVILTDEAMGPARAAIPAILATGAVHTHLIRSNLRTFT
SLNVRTAEGLDTHYFAVLIGVGATTVNAYLAQEAIAERHRRGLFGSMPLEKGMANYKKAIDDGLLKIMSKMGISVISSYR
GGGNFEAIGLSRALVAEHFPAMVSRISGIGLNGIQKKVLEQHATAYNEEVVALPVGGFYRFRKSGDRHGWEGGVIHTLQQ
AVTNDSYTTFKKYSEQVNKRPPMQLRDLLELRSTKAPVPVDEVESITAIRKRFITPGMSMGALSPEAHGTLNVAMNRIGA
KSDSGEGGEDPARFRPDKNGDNWNSAIKQVASGRFGVTAEYLNQCRELEIKVAQGAKPGEGGQLPGFKVTEMIARLRHST
PGVMLISPPPHHDIYSIEDLAQLIYDLKQINPDAKVTVKLVSRSGIGTIAAGVAKANADIILISGNSGGTGASPQTSIKF
AGLPWEMGLSEVHQVLTLNRLRHRVRLRTDGGLKTGRDIVIAAMLGAEEFGIGTASLIAMGCIMVRQCHSNTCPVGVCVQ
DDKLRQKFVGTPEKVVNLFTFLAEEVREILAGLGFRSLNEVIGRTDLLHQVSRGAEHLDDLDLNPRLAQVDPGENARYCT
LQGRNEVPDTLDARIVADARPLFEEGEKMQLAYNARNTQRAIGTRLSSMVTRKFGMFGLQPGHITIRLRGTAGQSLGAFA
VQGIKLEVMGDANDYVGKGLSGGTIVVRPTTSSPLETNKNTIIGNTVLYGATAGKLFAAGQAGERFAVRNSGATVVVEGC
GSNGCEYMTGGTAVILGRVGDNFAAGMTGGMAYVYDLDDSLPLYINDESVIFQRIEVGHYESQLKHLIEEHVTETQSRFA
AEILNDWAREVTKFWQVVPKEMLNRLEVPVHL
;
A,B,C,D,E,F
2 'polypeptide(L)'
;QDFAEIYARFSDERANEQANRCSQCGVPFCQVHCPVSNNIPDWLKLTSEGRLEEAYEVSQATNNFPEICGRICPQDRLCE
GNCVIEQSTHGAVTIGSVEKYINDTAWDQGWVKPRTPSRELGLSVGVIGAGPAGLAAAEELRAKGYEVHVYDRYDRMGGL
LVYGIPGFKLEKSVVERRVKLLADAGVIYHPNFEVGRDASLPELRRKHVAVLVATGVYKARDIKAPGSGLGNIVAALDYL
TTSNKVSLGDTVEAYENGSLNAAGKHVVVLGGGDTAMDCVRTAIRQGATSVKCLYRRDRKNMPGSQREVAHAEEEGVEFI
WQAAPEGFTGDTVVTGVRAVRIHLGVADATGRQTPQVIEGSEFTVQADLVIKALGFEPEDLPNAFDEPELKVTRWGTLLV
DHRTKMTNMDGVFAAGDIVRGASLVVWAIRDGRDAAEGIHAYAKAKAEAPVAVAAE
;
G,H,I,J,K,L
#
loop_
_chem_comp.id
_chem_comp.type
_chem_comp.name
_chem_comp.formula
AKG non-polymer '2-OXOGLUTARIC ACID' 'C5 H6 O5'
F3S non-polymer 'FE3-S4 CLUSTER' 'Fe3 S4'
FAD non-polymer 'FLAVIN-ADENINE DINUCLEOTIDE' 'C27 H33 N9 O15 P2'
FMN non-polymer 'FLAVIN MONONUCLEOTIDE' 'C17 H21 N4 O9 P'
SF4 non-polymer 'IRON/SULFUR CLUSTER' 'Fe4 S4'
#
# COMPACT_ATOMS: atom_id res chain seq x y z
N CYS A 1 -28.62 3.81 -34.17
CA CYS A 1 -30.02 3.92 -34.72
C CYS A 1 -30.34 2.97 -35.87
N GLY A 2 -31.64 2.71 -36.05
CA GLY A 2 -32.11 1.93 -37.18
C GLY A 2 -33.60 1.72 -37.21
N VAL A 3 -34.20 1.38 -38.36
CA VAL A 3 -35.55 0.84 -38.31
C VAL A 3 -35.29 -0.34 -39.15
N GLY A 4 -36.18 -1.31 -39.00
CA GLY A 4 -36.11 -2.62 -39.65
C GLY A 4 -37.51 -3.16 -39.62
N PHE A 5 -37.75 -4.20 -40.41
CA PHE A 5 -39.06 -4.90 -40.39
C PHE A 5 -38.84 -6.19 -41.01
N ILE A 6 -39.65 -7.12 -40.56
CA ILE A 6 -39.59 -8.47 -41.09
C ILE A 6 -41.00 -8.95 -41.26
N ALA A 7 -41.24 -9.76 -42.29
CA ALA A 7 -42.60 -10.28 -42.51
C ALA A 7 -42.61 -11.59 -43.22
N ALA A 8 -43.52 -12.46 -42.79
CA ALA A 8 -43.63 -13.75 -43.48
C ALA A 8 -44.54 -13.48 -44.67
N ILE A 9 -43.99 -13.73 -45.86
CA ILE A 9 -44.78 -13.34 -47.01
C ILE A 9 -46.10 -14.11 -46.99
N ASP A 10 -46.01 -15.38 -46.60
CA ASP A 10 -47.28 -16.12 -46.52
C ASP A 10 -48.35 -15.77 -45.48
N GLY A 11 -48.09 -14.93 -44.48
CA GLY A 11 -49.10 -14.52 -43.51
C GLY A 11 -49.09 -15.33 -42.22
N LYS A 12 -48.44 -16.48 -42.30
CA LYS A 12 -48.48 -17.40 -41.20
C LYS A 12 -47.36 -17.23 -40.21
N PRO A 13 -47.78 -17.05 -38.95
CA PRO A 13 -46.95 -16.78 -37.78
C PRO A 13 -45.83 -17.71 -37.60
N ARG A 14 -44.74 -17.23 -37.02
CA ARG A 14 -43.57 -18.04 -36.78
C ARG A 14 -42.80 -17.39 -35.66
N ARG A 15 -41.96 -18.20 -35.03
CA ARG A 15 -41.11 -17.66 -34.01
C ARG A 15 -39.93 -17.01 -34.76
N SER A 16 -39.35 -17.63 -35.76
CA SER A 16 -38.19 -16.92 -36.36
C SER A 16 -38.39 -15.42 -36.65
N VAL A 17 -39.62 -15.02 -37.02
CA VAL A 17 -39.87 -13.63 -37.30
C VAL A 17 -39.47 -12.82 -36.08
N VAL A 18 -39.80 -13.28 -34.88
CA VAL A 18 -39.34 -12.53 -33.73
C VAL A 18 -37.87 -12.84 -33.55
N GLU A 19 -37.49 -14.08 -33.50
CA GLU A 19 -36.07 -14.22 -33.29
C GLU A 19 -35.26 -13.36 -34.29
N LYS A 20 -35.71 -13.24 -35.54
CA LYS A 20 -34.90 -12.42 -36.42
C LYS A 20 -34.92 -10.97 -35.92
N GLY A 21 -36.13 -10.47 -35.66
CA GLY A 21 -36.32 -9.14 -35.08
C GLY A 21 -35.30 -8.92 -33.96
N ILE A 22 -35.24 -9.80 -32.96
CA ILE A 22 -34.13 -9.53 -32.09
C ILE A 22 -32.81 -9.43 -32.92
N GLU A 23 -32.45 -10.57 -33.51
CA GLU A 23 -31.17 -10.65 -34.22
C GLU A 23 -30.70 -9.29 -34.77
N ALA A 24 -31.55 -8.60 -35.53
CA ALA A 24 -31.32 -7.27 -36.02
C ALA A 24 -30.81 -6.38 -34.90
N LEU A 25 -31.75 -5.97 -34.06
CA LEU A 25 -31.47 -5.14 -32.91
C LEU A 25 -30.13 -5.50 -32.27
N LYS A 26 -29.56 -6.65 -32.59
CA LYS A 26 -28.26 -6.82 -32.00
C LYS A 26 -27.15 -6.29 -32.88
N ALA A 27 -27.52 -5.81 -34.06
CA ALA A 27 -26.49 -5.30 -34.91
C ALA A 27 -26.79 -3.89 -35.41
N VAL A 28 -26.80 -2.92 -34.49
CA VAL A 28 -26.96 -1.55 -34.86
C VAL A 28 -26.13 -0.76 -33.86
N TRP A 29 -25.51 -1.41 -32.90
CA TRP A 29 -24.90 -0.51 -31.94
C TRP A 29 -23.74 0.19 -32.49
N HIS A 30 -23.08 -0.39 -33.48
CA HIS A 30 -21.98 0.34 -34.05
C HIS A 30 -22.46 1.72 -34.47
N ARG A 31 -23.75 2.03 -34.53
CA ARG A 31 -24.22 3.34 -35.02
C ARG A 31 -24.65 4.27 -33.89
N GLY A 32 -24.20 4.08 -32.66
CA GLY A 32 -24.78 4.91 -31.61
C GLY A 32 -23.78 5.40 -30.60
N ALA A 33 -24.24 6.20 -29.65
CA ALA A 33 -23.34 6.69 -28.61
C ALA A 33 -23.22 5.63 -27.53
N VAL A 34 -22.00 5.10 -27.40
CA VAL A 34 -21.83 4.08 -26.39
C VAL A 34 -21.57 4.83 -25.11
N ASP A 35 -22.14 4.42 -24.00
CA ASP A 35 -21.72 5.09 -22.79
C ASP A 35 -20.56 4.36 -22.22
N ALA A 36 -19.81 5.12 -21.46
CA ALA A 36 -18.72 4.49 -20.75
C ALA A 36 -19.45 3.66 -19.67
N ASP A 37 -20.71 4.04 -19.41
CA ASP A 37 -21.52 3.41 -18.38
C ASP A 37 -21.96 1.98 -18.71
N GLY A 38 -21.88 1.60 -19.98
CA GLY A 38 -22.16 0.25 -20.44
C GLY A 38 -23.64 -0.09 -20.60
N LYS A 39 -24.48 0.79 -20.09
CA LYS A 39 -25.88 0.48 -20.05
C LYS A 39 -26.74 1.46 -20.78
N THR A 40 -26.38 2.71 -20.69
CA THR A 40 -27.32 3.71 -21.15
C THR A 40 -27.49 3.92 -22.64
N GLY A 41 -28.72 3.93 -23.14
CA GLY A 41 -28.95 4.14 -24.55
C GLY A 41 -30.19 4.96 -24.71
N ASP A 42 -30.47 5.45 -25.92
CA ASP A 42 -31.61 6.33 -26.06
C ASP A 42 -33.00 5.67 -26.22
N GLY A 43 -33.05 4.43 -26.70
CA GLY A 43 -34.36 3.83 -26.81
C GLY A 43 -34.41 2.75 -27.86
N ALA A 44 -35.10 1.64 -27.60
CA ALA A 44 -35.20 0.55 -28.55
C ALA A 44 -36.56 -0.05 -28.32
N GLY A 45 -37.04 -0.87 -29.25
CA GLY A 45 -38.43 -1.28 -29.27
C GLY A 45 -38.61 -2.38 -30.28
N ILE A 46 -39.63 -3.22 -30.11
CA ILE A 46 -39.89 -4.24 -31.11
C ILE A 46 -41.36 -4.33 -31.02
N HIS A 47 -42.01 -4.27 -32.19
CA HIS A 47 -43.48 -4.24 -32.28
C HIS A 47 -43.85 -5.55 -32.92
N VAL A 48 -44.32 -6.54 -32.13
CA VAL A 48 -44.80 -7.83 -32.68
C VAL A 48 -46.26 -8.12 -32.36
N ALA A 49 -46.74 -9.23 -32.90
CA ALA A 49 -48.16 -9.57 -32.61
C ALA A 49 -48.35 -10.13 -31.18
N VAL A 50 -49.45 -9.69 -30.54
CA VAL A 50 -49.79 -10.20 -29.22
C VAL A 50 -49.77 -11.73 -29.34
N PRO A 51 -49.01 -12.50 -28.57
CA PRO A 51 -48.92 -13.94 -28.84
C PRO A 51 -50.02 -14.74 -28.08
N GLN A 52 -51.15 -15.03 -28.74
CA GLN A 52 -52.24 -15.64 -27.98
C GLN A 52 -51.97 -16.94 -27.20
N LYS A 53 -51.02 -17.80 -27.61
CA LYS A 53 -50.76 -18.95 -26.73
C LYS A 53 -50.31 -18.32 -25.40
N PHE A 54 -49.03 -18.00 -25.34
CA PHE A 54 -48.51 -17.23 -24.22
C PHE A 54 -49.53 -16.46 -23.41
N PHE A 55 -50.31 -15.57 -23.99
CA PHE A 55 -51.26 -14.91 -23.11
C PHE A 55 -52.36 -15.78 -22.59
N LYS A 56 -53.14 -16.36 -23.48
CA LYS A 56 -54.20 -17.29 -23.07
C LYS A 56 -53.77 -18.28 -21.94
N ASP A 57 -52.70 -19.05 -22.18
CA ASP A 57 -52.21 -19.88 -21.11
C ASP A 57 -52.28 -19.00 -19.88
N HIS A 58 -51.52 -17.91 -19.88
CA HIS A 58 -51.52 -17.10 -18.67
C HIS A 58 -52.91 -17.02 -18.05
N VAL A 59 -53.91 -16.67 -18.82
CA VAL A 59 -55.22 -16.53 -18.20
C VAL A 59 -55.68 -17.89 -17.66
N LYS A 60 -55.24 -18.94 -18.35
CA LYS A 60 -55.58 -20.28 -17.91
C LYS A 60 -54.93 -20.55 -16.58
N VAL A 61 -53.63 -20.35 -16.51
CA VAL A 61 -52.93 -20.64 -15.27
C VAL A 61 -53.52 -20.03 -14.03
N ILE A 62 -54.20 -18.93 -14.16
CA ILE A 62 -54.83 -18.39 -13.01
C ILE A 62 -56.11 -19.15 -12.87
N GLY A 63 -56.48 -19.90 -13.91
CA GLY A 63 -57.69 -20.69 -13.83
C GLY A 63 -58.96 -20.05 -14.37
N HIS A 64 -58.80 -19.46 -15.55
CA HIS A 64 -59.96 -18.98 -16.24
C HIS A 64 -59.89 -19.94 -17.40
N ARG A 65 -60.85 -19.80 -18.29
CA ARG A 65 -60.85 -20.61 -19.51
C ARG A 65 -60.47 -19.71 -20.69
N ALA A 66 -59.64 -20.22 -21.59
CA ALA A 66 -59.23 -19.36 -22.68
C ALA A 66 -60.39 -19.10 -23.60
N PRO A 67 -60.61 -17.87 -23.99
CA PRO A 67 -61.71 -17.59 -24.91
C PRO A 67 -61.35 -18.15 -26.26
N ASP A 68 -62.33 -18.14 -27.15
CA ASP A 68 -62.09 -18.65 -28.48
C ASP A 68 -61.45 -17.52 -29.28
N ASN A 69 -61.90 -16.29 -29.06
CA ASN A 69 -61.31 -15.21 -29.79
C ASN A 69 -59.89 -14.91 -29.42
N LYS A 70 -59.52 -13.68 -29.85
CA LYS A 70 -58.20 -13.20 -29.56
C LYS A 70 -58.50 -12.40 -28.33
N LEU A 71 -57.47 -12.35 -27.53
CA LEU A 71 -57.45 -11.78 -26.20
C LEU A 71 -56.61 -10.50 -26.34
N ALA A 72 -57.09 -9.37 -25.84
CA ALA A 72 -56.30 -8.12 -25.95
C ALA A 72 -55.26 -7.93 -24.83
N VAL A 73 -54.26 -7.10 -25.07
CA VAL A 73 -53.42 -6.61 -24.00
C VAL A 73 -53.17 -5.08 -24.10
N GLY A 74 -53.21 -4.39 -22.97
CA GLY A 74 -52.75 -3.02 -22.86
C GLY A 74 -51.31 -3.12 -22.33
N GLN A 75 -50.35 -2.35 -22.86
CA GLN A 75 -48.97 -2.40 -22.35
C GLN A 75 -48.81 -1.02 -21.79
N VAL A 76 -48.56 -0.92 -20.49
CA VAL A 76 -48.71 0.40 -19.94
C VAL A 76 -47.65 0.89 -19.01
N PHE A 77 -47.22 2.14 -19.16
CA PHE A 77 -46.22 2.68 -18.28
C PHE A 77 -46.94 3.50 -17.24
N LEU A 78 -46.95 3.04 -15.99
CA LEU A 78 -47.58 3.83 -14.95
C LEU A 78 -46.53 4.65 -14.22
N PRO A 79 -47.00 5.70 -13.56
CA PRO A 79 -46.14 6.53 -12.73
C PRO A 79 -45.51 5.50 -11.82
N ARG A 80 -44.26 5.63 -11.45
CA ARG A 80 -43.70 4.55 -10.67
C ARG A 80 -43.33 5.02 -9.32
N ILE A 81 -43.44 6.30 -9.08
CA ILE A 81 -43.03 6.72 -7.77
C ILE A 81 -44.16 7.11 -6.85
N SER A 82 -45.33 7.46 -7.38
CA SER A 82 -46.46 7.80 -6.57
C SER A 82 -47.51 6.74 -6.66
N LEU A 83 -47.54 5.83 -5.69
CA LEU A 83 -48.55 4.81 -5.72
C LEU A 83 -49.89 5.53 -5.87
N ASP A 84 -50.10 6.59 -5.11
CA ASP A 84 -51.37 7.26 -5.26
C ASP A 84 -51.73 7.44 -6.69
N ALA A 85 -50.77 7.77 -7.53
CA ALA A 85 -51.14 7.96 -8.92
C ALA A 85 -51.29 6.63 -9.63
N GLN A 86 -50.44 5.65 -9.39
CA GLN A 86 -50.67 4.44 -10.14
C GLN A 86 -52.15 4.02 -10.12
N GLU A 87 -52.75 4.06 -8.93
CA GLU A 87 -54.16 3.77 -8.84
C GLU A 87 -55.04 4.56 -9.78
N ALA A 88 -55.04 5.88 -9.57
CA ALA A 88 -55.89 6.77 -10.34
C ALA A 88 -55.74 6.27 -11.74
N CYS A 89 -54.50 5.95 -12.07
CA CYS A 89 -54.21 5.48 -13.36
C CYS A 89 -54.98 4.23 -13.58
N ARG A 90 -54.75 3.20 -12.78
CA ARG A 90 -55.59 2.00 -13.01
C ARG A 90 -57.12 2.07 -12.89
N CYS A 91 -57.62 2.96 -12.07
CA CYS A 91 -59.05 3.05 -12.10
C CYS A 91 -59.40 3.54 -13.44
N ILE A 92 -58.68 4.54 -13.92
CA ILE A 92 -59.08 5.10 -15.19
C ILE A 92 -58.92 4.02 -16.24
N VAL A 93 -57.78 3.36 -16.21
CA VAL A 93 -57.66 2.43 -17.26
C VAL A 93 -58.84 1.49 -17.22
N GLU A 94 -59.23 1.03 -16.03
CA GLU A 94 -60.33 0.05 -15.96
C GLU A 94 -61.67 0.71 -16.34
N THR A 95 -62.05 1.75 -15.63
CA THR A 95 -63.28 2.36 -16.03
C THR A 95 -63.49 2.38 -17.55
N GLU A 96 -62.70 3.17 -18.26
CA GLU A 96 -62.76 3.14 -19.71
C GLU A 96 -62.90 1.75 -20.40
N ILE A 97 -62.05 0.77 -20.12
CA ILE A 97 -62.32 -0.48 -20.82
C ILE A 97 -63.70 -0.99 -20.38
N LEU A 98 -64.08 -0.64 -19.15
CA LEU A 98 -65.36 -1.12 -18.70
C LEU A 98 -66.51 -0.51 -19.36
N ALA A 99 -66.57 0.78 -19.62
CA ALA A 99 -67.86 1.14 -20.19
C ALA A 99 -68.04 0.66 -21.58
N PHE A 100 -67.06 -0.01 -22.18
CA PHE A 100 -67.38 -0.50 -23.48
C PHE A 100 -67.87 -1.87 -23.21
N GLY A 101 -68.02 -2.16 -21.93
CA GLY A 101 -68.44 -3.47 -21.45
C GLY A 101 -67.57 -4.65 -21.84
N TYR A 102 -66.31 -4.45 -22.16
CA TYR A 102 -65.54 -5.63 -22.47
C TYR A 102 -65.18 -6.21 -21.12
N TYR A 103 -64.21 -7.12 -21.14
CA TYR A 103 -63.93 -7.87 -19.94
C TYR A 103 -62.52 -7.86 -19.42
N ILE A 104 -62.33 -7.67 -18.12
CA ILE A 104 -60.99 -7.72 -17.60
C ILE A 104 -60.47 -8.98 -16.89
N TYR A 105 -59.69 -9.83 -17.49
CA TYR A 105 -59.04 -10.86 -16.68
C TYR A 105 -58.05 -10.22 -15.69
N GLY A 106 -57.60 -8.97 -15.92
CA GLY A 106 -56.65 -8.27 -15.01
C GLY A 106 -55.14 -8.12 -15.15
N TRP A 107 -54.54 -7.35 -14.25
CA TRP A 107 -53.14 -7.00 -14.42
C TRP A 107 -51.98 -8.01 -14.41
N ARG A 108 -50.84 -7.71 -15.01
CA ARG A 108 -49.68 -8.63 -14.99
C ARG A 108 -48.40 -7.82 -14.96
N GLN A 109 -47.64 -7.81 -13.87
CA GLN A 109 -46.40 -7.05 -13.83
C GLN A 109 -45.44 -7.63 -14.83
N VAL A 110 -44.92 -6.82 -15.74
CA VAL A 110 -44.09 -7.51 -16.70
C VAL A 110 -42.73 -7.94 -16.16
N PRO A 111 -42.25 -9.15 -16.34
CA PRO A 111 -40.92 -9.41 -15.81
C PRO A 111 -39.96 -8.47 -16.53
N ILE A 112 -38.86 -8.05 -15.92
CA ILE A 112 -37.88 -7.16 -16.56
C ILE A 112 -36.66 -7.28 -15.70
N ASN A 113 -35.50 -6.97 -16.24
CA ASN A 113 -34.37 -7.02 -15.34
C ASN A 113 -33.73 -5.63 -15.27
N VAL A 114 -34.01 -4.84 -14.24
CA VAL A 114 -33.43 -3.50 -14.31
C VAL A 114 -31.96 -3.50 -14.07
N ASP A 115 -31.24 -4.61 -13.98
CA ASP A 115 -29.81 -4.41 -13.83
C ASP A 115 -29.21 -3.83 -15.07
N ILE A 116 -29.74 -4.10 -16.25
CA ILE A 116 -29.02 -3.52 -17.36
C ILE A 116 -29.42 -2.10 -17.66
N ILE A 117 -29.99 -1.42 -16.73
CA ILE A 117 -30.32 -0.09 -17.06
C ILE A 117 -29.41 0.90 -16.35
N GLY A 118 -29.23 2.10 -16.86
CA GLY A 118 -28.34 3.03 -16.20
C GLY A 118 -29.18 3.85 -15.25
N GLU A 119 -28.55 4.61 -14.34
CA GLU A 119 -29.40 5.28 -13.40
C GLU A 119 -30.27 6.36 -13.98
N LYS A 120 -29.66 7.18 -14.80
CA LYS A 120 -30.38 8.19 -15.52
C LYS A 120 -31.71 7.56 -15.90
N ALA A 121 -31.63 6.38 -16.51
CA ALA A 121 -32.83 5.72 -16.96
C ALA A 121 -33.65 5.06 -15.87
N ASN A 122 -33.03 4.31 -14.97
CA ASN A 122 -33.86 3.70 -13.94
C ASN A 122 -34.61 4.81 -13.19
N ALA A 123 -34.14 6.03 -13.38
CA ALA A 123 -34.69 7.13 -12.63
C ALA A 123 -36.03 7.46 -13.13
N THR A 124 -36.12 7.39 -14.45
CA THR A 124 -37.34 7.81 -15.10
C THR A 124 -38.08 6.61 -15.57
N ARG A 125 -37.61 5.43 -15.18
CA ARG A 125 -38.33 4.21 -15.49
C ARG A 125 -39.75 4.23 -14.96
N PRO A 126 -40.76 3.99 -15.78
CA PRO A 126 -42.12 3.93 -15.27
C PRO A 126 -42.32 2.54 -14.68
N GLU A 127 -43.52 2.21 -14.19
CA GLU A 127 -43.81 0.85 -13.71
C GLU A 127 -44.53 0.13 -14.82
N ILE A 128 -43.86 -0.82 -15.47
CA ILE A 128 -44.43 -1.46 -16.67
C ILE A 128 -45.41 -2.54 -16.29
N GLU A 129 -46.64 -2.47 -16.77
CA GLU A 129 -47.67 -3.48 -16.41
C GLU A 129 -48.62 -3.77 -17.58
N GLN A 130 -48.98 -5.03 -17.72
CA GLN A 130 -49.93 -5.43 -18.73
C GLN A 130 -51.33 -5.53 -18.16
N ILE A 131 -52.35 -5.24 -18.97
CA ILE A 131 -53.70 -5.49 -18.46
C ILE A 131 -54.35 -6.32 -19.54
N ILE A 132 -55.01 -7.43 -19.19
CA ILE A 132 -55.57 -8.31 -20.20
C ILE A 132 -57.05 -8.23 -20.41
N VAL A 133 -57.45 -7.95 -21.66
CA VAL A 133 -58.87 -7.76 -21.89
C VAL A 133 -59.44 -8.82 -22.81
N GLY A 134 -60.74 -9.09 -22.70
CA GLY A 134 -61.39 -10.14 -23.47
C GLY A 134 -62.59 -9.61 -24.22
N ASN A 135 -62.85 -10.23 -25.37
CA ASN A 135 -63.88 -9.67 -26.24
C ASN A 135 -65.18 -10.39 -25.93
N ASN A 136 -65.60 -10.22 -24.70
CA ASN A 136 -66.81 -10.84 -24.25
C ASN A 136 -67.92 -10.46 -25.22
N LYS A 137 -67.92 -9.26 -25.78
CA LYS A 137 -69.01 -8.85 -26.66
C LYS A 137 -69.03 -9.57 -28.01
N GLY A 138 -68.07 -10.46 -28.22
CA GLY A 138 -68.03 -11.21 -29.45
C GLY A 138 -68.00 -10.37 -30.72
N VAL A 139 -67.28 -9.26 -30.71
CA VAL A 139 -67.16 -8.48 -31.91
C VAL A 139 -66.05 -8.97 -32.81
N SER A 140 -65.85 -8.27 -33.93
CA SER A 140 -64.88 -8.71 -34.92
C SER A 140 -63.52 -8.09 -34.80
N ASP A 141 -62.52 -8.86 -35.23
CA ASP A 141 -61.17 -8.31 -35.23
C ASP A 141 -61.19 -6.81 -35.48
N GLU A 142 -61.60 -6.39 -36.67
CA GLU A 142 -61.76 -4.97 -36.90
C GLU A 142 -62.55 -4.24 -35.82
N GLN A 143 -63.57 -4.80 -35.17
CA GLN A 143 -64.22 -3.91 -34.22
C GLN A 143 -63.49 -3.76 -32.89
N PHE A 144 -62.69 -4.78 -32.65
CA PHE A 144 -62.05 -4.79 -31.37
C PHE A 144 -61.03 -3.64 -31.34
N GLU A 145 -60.12 -3.62 -32.31
CA GLU A 145 -59.15 -2.53 -32.37
C GLU A 145 -59.91 -1.20 -32.48
N LEU A 146 -60.89 -1.13 -33.35
CA LEU A 146 -61.54 0.16 -33.35
C LEU A 146 -61.90 0.59 -31.91
N ASP A 147 -62.55 -0.31 -31.18
CA ASP A 147 -63.09 0.11 -29.88
C ASP A 147 -61.99 0.45 -28.88
N LEU A 148 -61.06 -0.49 -28.80
CA LEU A 148 -59.88 -0.34 -28.02
C LEU A 148 -59.31 1.07 -28.31
N TYR A 149 -59.17 1.44 -29.59
CA TYR A 149 -58.68 2.76 -30.00
C TYR A 149 -59.57 3.74 -29.32
N ILE A 150 -60.84 3.83 -29.63
CA ILE A 150 -61.50 4.88 -28.86
C ILE A 150 -61.25 4.81 -27.32
N ILE A 151 -60.94 3.61 -26.81
CA ILE A 151 -60.79 3.55 -25.39
C ILE A 151 -59.47 4.23 -24.99
N ARG A 152 -58.40 3.83 -25.66
CA ARG A 152 -57.10 4.33 -25.30
C ARG A 152 -57.09 5.85 -25.32
N ARG A 153 -57.84 6.43 -26.26
CA ARG A 153 -57.84 7.85 -26.32
C ARG A 153 -58.57 8.39 -25.15
N ARG A 154 -59.59 7.64 -24.75
CA ARG A 154 -60.46 8.11 -23.67
C ARG A 154 -59.70 8.18 -22.38
N ILE A 155 -58.77 7.23 -22.24
CA ILE A 155 -58.00 7.10 -21.05
C ILE A 155 -57.07 8.27 -21.07
N GLU A 156 -56.18 8.21 -22.07
CA GLU A 156 -55.15 9.19 -22.51
C GLU A 156 -55.81 10.52 -22.12
N LYS A 157 -57.03 10.76 -22.55
CA LYS A 157 -57.62 12.04 -22.25
C LYS A 157 -57.88 12.34 -20.79
N ALA A 158 -58.36 11.34 -20.07
CA ALA A 158 -58.79 11.54 -18.67
C ALA A 158 -57.57 11.70 -17.77
N VAL A 159 -56.59 10.83 -17.98
CA VAL A 159 -55.38 10.98 -17.24
C VAL A 159 -54.96 12.44 -17.45
N LYS A 160 -55.14 12.92 -18.67
CA LYS A 160 -54.68 14.27 -18.85
C LYS A 160 -55.56 15.17 -18.00
N GLY A 161 -56.85 15.11 -18.15
CA GLY A 161 -57.59 16.01 -17.31
C GLY A 161 -57.23 15.95 -15.81
N GLU A 162 -56.80 14.78 -15.36
CA GLU A 162 -56.51 14.58 -13.94
C GLU A 162 -55.23 15.29 -13.58
N GLN A 163 -54.49 15.59 -14.63
CA GLN A 163 -53.15 16.13 -14.54
C GLN A 163 -52.22 15.03 -14.08
N ILE A 164 -52.33 13.87 -14.68
CA ILE A 164 -51.36 12.90 -14.28
C ILE A 164 -50.16 12.73 -15.17
N ASN A 165 -49.00 12.87 -14.56
CA ASN A 165 -47.76 12.68 -15.30
C ASN A 165 -47.23 11.26 -15.40
N ASP A 166 -46.52 10.96 -16.47
CA ASP A 166 -45.85 9.69 -16.65
C ASP A 166 -46.66 8.49 -16.94
N PHE A 167 -47.85 8.68 -17.50
CA PHE A 167 -48.73 7.56 -17.71
C PHE A 167 -48.60 7.32 -19.17
N TYR A 168 -48.68 6.14 -19.69
CA TYR A 168 -48.49 6.07 -21.11
C TYR A 168 -48.82 4.69 -21.56
N ILE A 169 -49.64 4.57 -22.59
CA ILE A 169 -49.94 3.23 -23.03
C ILE A 169 -49.18 2.87 -24.31
N CYS A 170 -48.05 2.18 -24.26
CA CYS A 170 -47.40 1.84 -25.50
C CYS A 170 -48.41 1.23 -26.46
N SER A 171 -48.88 0.01 -26.21
CA SER A 171 -49.86 -0.57 -27.13
C SER A 171 -51.06 -1.09 -26.34
N LEU A 172 -52.15 -1.38 -27.04
CA LEU A 172 -53.37 -1.83 -26.39
C LEU A 172 -54.29 -2.30 -27.53
N SER A 173 -53.98 -3.48 -28.06
CA SER A 173 -54.78 -4.06 -29.14
C SER A 173 -54.88 -5.58 -28.96
N ALA A 174 -55.73 -6.22 -29.75
CA ALA A 174 -55.50 -7.66 -29.75
C ALA A 174 -54.64 -8.10 -30.94
N ARG A 175 -54.17 -7.18 -31.79
CA ARG A 175 -53.24 -7.69 -32.79
C ARG A 175 -51.79 -7.52 -32.48
N SER A 176 -51.51 -6.36 -31.92
CA SER A 176 -50.09 -6.05 -31.84
C SER A 176 -49.79 -5.67 -30.44
N ILE A 177 -48.53 -5.78 -30.06
CA ILE A 177 -48.17 -5.30 -28.75
C ILE A 177 -46.76 -4.76 -28.87
N ILE A 178 -46.44 -3.71 -28.13
CA ILE A 178 -45.08 -3.19 -28.26
C ILE A 178 -44.15 -3.32 -27.06
N TYR A 179 -42.96 -3.85 -27.27
CA TYR A 179 -42.04 -3.91 -26.14
C TYR A 179 -40.92 -2.96 -26.39
N LYS A 180 -41.06 -1.68 -26.03
CA LYS A 180 -40.01 -0.66 -26.24
C LYS A 180 -39.59 -0.19 -24.83
N GLY A 181 -38.42 0.41 -24.74
CA GLY A 181 -37.92 1.00 -23.51
C GLY A 181 -36.53 1.63 -23.66
N MET A 182 -36.09 2.31 -22.63
CA MET A 182 -34.81 2.94 -22.72
C MET A 182 -33.62 2.10 -22.53
N PHE A 183 -33.34 1.08 -23.29
CA PHE A 183 -32.15 0.29 -22.93
C PHE A 183 -31.42 -0.11 -24.21
N LEU A 184 -30.13 -0.42 -24.21
CA LEU A 184 -29.45 -0.82 -25.45
C LEU A 184 -30.19 -1.89 -26.25
N ALA A 185 -30.40 -1.67 -27.55
CA ALA A 185 -31.12 -2.67 -28.35
C ALA A 185 -30.50 -4.05 -28.19
N GLU A 186 -29.20 -4.18 -28.27
CA GLU A 186 -28.61 -5.49 -28.09
C GLU A 186 -29.17 -6.06 -26.82
N GLN A 187 -29.64 -5.28 -25.86
CA GLN A 187 -30.16 -5.96 -24.66
C GLN A 187 -31.66 -5.96 -24.47
N LEU A 188 -32.44 -5.99 -25.53
CA LEU A 188 -33.89 -5.85 -25.37
C LEU A 188 -34.32 -7.09 -24.61
N THR A 189 -33.76 -8.21 -25.10
CA THR A 189 -34.14 -9.53 -24.61
C THR A 189 -33.83 -9.69 -23.14
N THR A 190 -32.76 -9.04 -22.70
CA THR A 190 -32.38 -9.05 -21.29
C THR A 190 -33.32 -8.20 -20.48
N PHE A 191 -33.64 -7.01 -20.95
CA PHE A 191 -34.52 -6.27 -20.08
C PHE A 191 -35.94 -6.82 -20.05
N TYR A 192 -36.28 -7.64 -21.02
CA TYR A 192 -37.64 -8.17 -21.13
C TYR A 192 -37.49 -9.62 -21.57
N PRO A 193 -37.57 -10.57 -20.66
CA PRO A 193 -37.42 -11.97 -21.07
C PRO A 193 -38.64 -12.56 -21.79
N ASP A 194 -39.86 -12.07 -21.55
CA ASP A 194 -40.99 -12.64 -22.29
C ASP A 194 -40.53 -12.96 -23.71
N LEU A 195 -39.79 -12.04 -24.31
CA LEU A 195 -39.41 -12.12 -25.70
C LEU A 195 -38.65 -13.37 -25.98
N LEU A 196 -37.92 -13.82 -24.99
CA LEU A 196 -37.23 -15.05 -25.24
C LEU A 196 -38.12 -16.35 -25.15
N ASP A 197 -39.41 -16.22 -24.92
CA ASP A 197 -40.25 -17.40 -24.80
C ASP A 197 -40.68 -17.96 -26.15
N GLU A 198 -40.68 -19.30 -26.37
CA GLU A 198 -41.12 -19.76 -27.68
C GLU A 198 -42.56 -19.49 -28.01
N ARG A 199 -43.39 -19.30 -27.02
CA ARG A 199 -44.70 -18.89 -27.48
C ARG A 199 -44.79 -17.55 -28.25
N PHE A 200 -43.73 -16.73 -28.22
CA PHE A 200 -43.77 -15.42 -28.94
C PHE A 200 -43.49 -15.78 -30.38
N GLU A 201 -44.55 -15.75 -31.20
CA GLU A 201 -44.51 -16.12 -32.61
C GLU A 201 -45.23 -15.04 -33.34
N SER A 202 -44.97 -14.85 -34.65
CA SER A 202 -45.60 -13.70 -35.32
C SER A 202 -45.37 -13.65 -36.80
N ASP A 203 -46.41 -13.23 -37.50
CA ASP A 203 -46.23 -13.01 -38.93
C ASP A 203 -45.40 -11.73 -39.24
N PHE A 204 -45.15 -10.83 -38.27
CA PHE A 204 -44.35 -9.67 -38.61
C PHE A 204 -43.61 -9.05 -37.47
N ALA A 205 -42.66 -8.19 -37.80
CA ALA A 205 -41.80 -7.49 -36.85
C ALA A 205 -41.50 -5.98 -37.22
N ILE A 206 -41.19 -5.15 -36.25
CA ILE A 206 -40.78 -3.81 -36.62
C ILE A 206 -39.90 -3.38 -35.51
N TYR A 207 -38.59 -3.32 -35.73
CA TYR A 207 -37.75 -2.83 -34.66
C TYR A 207 -37.29 -1.39 -34.88
N HIS A 208 -36.56 -0.80 -33.93
CA HIS A 208 -36.07 0.59 -33.96
C HIS A 208 -35.33 1.07 -32.73
N GLN A 209 -34.07 1.41 -32.90
CA GLN A 209 -33.25 2.06 -31.87
C GLN A 209 -33.29 3.53 -32.24
N ARG A 210 -32.91 4.48 -31.38
CA ARG A 210 -32.97 5.89 -31.74
C ARG A 210 -31.85 6.67 -31.08
N TYR A 211 -31.54 7.87 -31.57
CA TYR A 211 -30.40 8.67 -31.06
C TYR A 211 -30.99 9.91 -30.51
N SER A 212 -30.15 10.73 -29.93
CA SER A 212 -30.76 11.99 -29.60
C SER A 212 -29.76 13.02 -29.25
N THR A 213 -30.33 14.21 -29.28
CA THR A 213 -29.76 15.48 -28.92
C THR A 213 -29.84 15.64 -27.36
N ASN A 214 -29.70 14.52 -26.66
CA ASN A 214 -29.91 14.51 -25.22
C ASN A 214 -29.10 13.52 -24.45
N THR A 215 -29.20 13.71 -23.15
CA THR A 215 -28.65 12.86 -22.11
C THR A 215 -29.83 12.29 -21.30
N PHE A 216 -30.94 13.01 -21.32
CA PHE A 216 -32.20 12.63 -20.71
C PHE A 216 -33.00 11.56 -21.49
N PRO A 217 -33.38 10.52 -20.77
CA PRO A 217 -34.18 9.45 -21.37
C PRO A 217 -35.68 9.53 -21.06
N THR A 218 -36.58 9.89 -21.98
CA THR A 218 -37.99 9.68 -21.67
C THR A 218 -38.44 8.29 -22.20
N TRP A 219 -39.24 7.52 -21.45
CA TRP A 219 -39.60 6.19 -21.98
C TRP A 219 -40.62 6.15 -23.10
N PRO A 220 -41.72 6.84 -22.94
CA PRO A 220 -42.70 6.89 -24.02
C PRO A 220 -42.04 7.32 -25.36
N LEU A 221 -41.12 8.28 -25.38
CA LEU A 221 -40.50 8.59 -26.66
C LEU A 221 -39.65 7.50 -27.32
N ALA A 222 -39.45 6.30 -26.76
CA ALA A 222 -38.79 5.33 -27.61
C ALA A 222 -39.86 4.75 -28.52
N GLN A 223 -39.44 4.34 -29.72
CA GLN A 223 -40.31 3.77 -30.75
C GLN A 223 -40.11 2.29 -30.64
N PRO A 224 -40.78 1.46 -31.41
CA PRO A 224 -41.77 1.81 -32.43
C PRO A 224 -42.96 2.39 -31.84
N PHE A 225 -43.60 3.31 -32.57
CA PHE A 225 -44.88 3.80 -32.18
C PHE A 225 -45.95 2.74 -32.55
N ARG A 226 -47.21 3.14 -32.39
CA ARG A 226 -48.31 2.22 -32.54
C ARG A 226 -48.53 1.67 -33.89
N MET A 227 -48.30 2.45 -34.93
CA MET A 227 -48.40 1.92 -36.29
C MET A 227 -47.08 2.05 -36.99
N LEU A 228 -46.28 3.01 -36.51
CA LEU A 228 -45.09 3.51 -37.17
C LEU A 228 -43.72 3.34 -36.61
N ALA A 229 -42.71 3.30 -37.45
CA ALA A 229 -41.38 3.48 -36.88
C ALA A 229 -40.56 4.31 -37.89
N HIS A 230 -39.90 5.33 -37.39
CA HIS A 230 -39.25 6.28 -38.25
C HIS A 230 -37.79 6.48 -38.01
N ASN A 231 -36.96 6.37 -39.06
CA ASN A 231 -35.55 6.79 -39.02
C ASN A 231 -35.51 8.07 -39.79
N GLY A 232 -34.96 9.13 -39.19
CA GLY A 232 -34.91 10.40 -39.83
C GLY A 232 -35.44 11.46 -38.91
N GLU A 233 -36.14 12.40 -39.52
CA GLU A 233 -36.64 13.58 -38.84
C GLU A 233 -37.65 14.28 -39.75
N ILE A 234 -38.61 15.01 -39.21
CA ILE A 234 -39.57 15.53 -40.12
C ILE A 234 -39.53 16.98 -39.96
N ASN A 235 -38.76 17.61 -40.85
CA ASN A 235 -38.47 19.03 -40.72
C ASN A 235 -39.69 19.88 -40.89
N THR A 236 -40.75 19.24 -41.33
CA THR A 236 -41.87 20.06 -41.70
C THR A 236 -42.96 20.03 -40.64
N VAL A 237 -42.50 19.56 -39.50
CA VAL A 237 -43.38 19.33 -38.39
C VAL A 237 -44.18 20.51 -37.86
N LYS A 238 -43.63 21.68 -37.67
CA LYS A 238 -44.56 22.61 -37.01
C LYS A 238 -45.62 22.91 -38.03
N GLY A 239 -45.31 22.55 -39.26
CA GLY A 239 -46.16 23.00 -40.35
C GLY A 239 -47.39 22.16 -40.27
N ASN A 240 -47.09 20.86 -40.30
CA ASN A 240 -48.04 19.82 -40.13
C ASN A 240 -48.83 20.08 -38.86
N VAL A 241 -48.13 20.25 -37.76
CA VAL A 241 -48.87 20.36 -36.55
C VAL A 241 -49.91 21.44 -36.57
N ASN A 242 -49.60 22.59 -37.16
CA ASN A 242 -50.61 23.64 -37.06
C ASN A 242 -51.68 23.34 -38.05
N TRP A 243 -51.35 22.70 -39.17
CA TRP A 243 -52.42 22.39 -40.11
C TRP A 243 -53.44 21.54 -39.44
N MET A 244 -52.98 20.58 -38.64
CA MET A 244 -53.98 19.71 -38.05
C MET A 244 -54.88 20.52 -37.18
N LYS A 245 -54.35 21.47 -36.46
CA LYS A 245 -55.31 22.30 -35.76
C LYS A 245 -56.44 22.72 -36.68
N ALA A 246 -56.36 22.56 -37.98
CA ALA A 246 -57.59 23.00 -38.68
C ALA A 246 -58.16 21.80 -39.37
N HIS A 247 -57.28 20.98 -39.90
CA HIS A 247 -57.77 19.80 -40.49
C HIS A 247 -58.82 19.22 -39.62
N GLU A 248 -58.60 19.35 -38.32
CA GLU A 248 -59.43 18.75 -37.27
C GLU A 248 -60.74 19.46 -37.21
N THR A 249 -60.70 20.77 -37.33
CA THR A 249 -61.94 21.52 -37.28
C THR A 249 -63.05 20.85 -38.10
N ARG A 250 -62.74 19.86 -38.90
CA ARG A 250 -63.77 19.36 -39.80
C ARG A 250 -63.77 17.90 -39.89
N MET A 251 -62.73 17.28 -39.34
CA MET A 251 -62.67 15.84 -39.44
C MET A 251 -63.81 15.21 -38.69
N GLU A 252 -64.45 14.31 -39.43
CA GLU A 252 -65.63 13.66 -38.92
C GLU A 252 -65.76 12.44 -39.77
N HIS A 253 -65.95 11.31 -39.15
CA HIS A 253 -66.15 10.15 -39.96
C HIS A 253 -67.08 9.38 -39.10
N PRO A 254 -67.77 8.44 -39.73
CA PRO A 254 -68.84 7.71 -39.06
C PRO A 254 -68.31 6.54 -38.19
N ALA A 255 -67.14 6.00 -38.47
CA ALA A 255 -66.66 4.91 -37.65
C ALA A 255 -66.47 5.27 -36.18
N PHE A 256 -66.25 6.53 -35.87
CA PHE A 256 -66.00 6.84 -34.46
C PHE A 256 -67.31 7.16 -33.82
N GLY A 257 -68.34 7.06 -34.64
CA GLY A 257 -69.63 7.36 -34.08
C GLY A 257 -69.60 8.70 -33.37
N THR A 258 -70.15 8.72 -32.17
CA THR A 258 -70.24 9.96 -31.41
C THR A 258 -68.94 10.31 -30.75
N HIS A 259 -67.96 9.44 -30.96
CA HIS A 259 -66.70 9.64 -30.33
C HIS A 259 -65.75 10.76 -30.77
N MET A 260 -65.84 11.17 -32.03
CA MET A 260 -64.89 12.15 -32.51
C MET A 260 -64.36 13.09 -31.44
N GLN A 261 -65.19 13.84 -30.73
CA GLN A 261 -64.53 14.79 -29.87
C GLN A 261 -63.52 14.28 -28.93
N ASP A 262 -63.63 13.02 -28.55
CA ASP A 262 -62.69 12.49 -27.59
C ASP A 262 -61.53 12.25 -28.46
N LEU A 263 -61.80 12.21 -29.74
CA LEU A 263 -60.76 11.90 -30.66
C LEU A 263 -59.72 13.01 -30.86
N LYS A 264 -60.04 14.24 -30.47
CA LYS A 264 -59.22 15.42 -30.72
C LYS A 264 -58.72 16.00 -29.41
N PRO A 265 -57.59 16.69 -29.40
CA PRO A 265 -56.71 16.92 -30.54
C PRO A 265 -55.92 15.68 -30.89
N VAL A 266 -55.85 15.30 -32.14
CA VAL A 266 -55.09 14.10 -32.46
C VAL A 266 -53.63 14.22 -32.06
N ILE A 267 -53.16 15.42 -31.75
CA ILE A 267 -51.76 15.51 -31.35
C ILE A 267 -51.51 16.13 -29.97
N GLY A 268 -51.28 15.28 -28.97
CA GLY A 268 -51.09 15.79 -27.62
C GLY A 268 -49.71 16.38 -27.38
N VAL A 269 -49.60 17.12 -26.29
CA VAL A 269 -48.28 17.65 -25.95
C VAL A 269 -47.17 16.67 -25.59
N GLY A 270 -45.93 17.01 -25.86
CA GLY A 270 -44.84 16.15 -25.46
C GLY A 270 -44.45 15.07 -26.43
N LEU A 271 -44.98 15.09 -27.64
CA LEU A 271 -44.61 14.07 -28.61
C LEU A 271 -43.38 14.43 -29.39
N SER A 272 -42.63 13.40 -29.78
CA SER A 272 -41.47 13.57 -30.59
C SER A 272 -42.06 13.71 -31.99
N ASP A 273 -41.25 14.10 -32.98
CA ASP A 273 -41.82 14.30 -34.33
C ASP A 273 -42.51 13.04 -34.83
N SER A 274 -41.82 11.91 -34.73
CA SER A 274 -42.39 10.68 -35.23
C SER A 274 -43.59 10.32 -34.45
N GLY A 275 -43.54 10.61 -33.17
CA GLY A 275 -44.65 10.27 -32.35
C GLY A 275 -45.84 10.98 -32.98
N SER A 276 -45.70 12.25 -33.32
CA SER A 276 -46.87 12.98 -33.83
C SER A 276 -47.35 12.38 -35.12
N LEU A 277 -46.40 11.85 -35.90
CA LEU A 277 -46.77 11.30 -37.18
C LEU A 277 -47.71 10.13 -36.91
N ASP A 278 -47.26 9.19 -36.07
CA ASP A 278 -47.98 7.95 -35.74
C ASP A 278 -49.33 8.38 -35.28
N THR A 279 -49.36 9.46 -34.57
CA THR A 279 -50.65 9.90 -34.17
C THR A 279 -51.60 10.13 -35.32
N VAL A 280 -51.12 10.72 -36.38
CA VAL A 280 -52.06 11.06 -37.43
C VAL A 280 -52.29 9.83 -38.23
N PHE A 281 -51.20 9.20 -38.61
CA PHE A 281 -51.32 7.99 -39.39
C PHE A 281 -52.41 7.09 -38.81
N GLU A 282 -52.41 6.94 -37.49
CA GLU A 282 -53.39 6.11 -36.79
C GLU A 282 -54.84 6.51 -37.04
N VAL A 283 -55.17 7.77 -36.87
CA VAL A 283 -56.58 8.08 -36.96
C VAL A 283 -57.00 7.69 -38.34
N MET A 284 -56.21 8.12 -39.30
CA MET A 284 -56.56 7.86 -40.65
C MET A 284 -56.79 6.36 -40.80
N VAL A 285 -55.81 5.51 -40.52
CA VAL A 285 -56.08 4.08 -40.60
C VAL A 285 -57.29 3.62 -39.75
N ARG A 286 -57.42 4.11 -38.53
CA ARG A 286 -58.60 3.69 -37.79
C ARG A 286 -59.85 4.07 -38.54
N ALA A 287 -59.82 5.01 -39.47
CA ALA A 287 -61.09 5.32 -40.10
C ALA A 287 -61.33 4.61 -41.41
N GLY A 288 -60.48 3.66 -41.73
CA GLY A 288 -60.71 2.99 -42.97
C GLY A 288 -59.53 2.92 -43.93
N ARG A 289 -58.59 3.87 -43.95
CA ARG A 289 -57.58 3.77 -44.98
C ARG A 289 -56.55 2.71 -44.62
N THR A 290 -56.15 1.91 -45.61
CA THR A 290 -55.08 0.94 -45.57
C THR A 290 -53.82 1.64 -45.14
N ALA A 291 -52.77 0.83 -44.93
CA ALA A 291 -51.49 1.41 -44.56
C ALA A 291 -50.94 2.18 -45.74
N PRO A 292 -50.74 1.48 -46.86
CA PRO A 292 -50.18 2.09 -48.08
C PRO A 292 -50.95 3.30 -48.47
N MET A 293 -52.27 3.30 -48.44
CA MET A 293 -52.83 4.60 -48.79
C MET A 293 -52.30 5.73 -47.90
N VAL A 294 -52.08 5.43 -46.62
CA VAL A 294 -51.75 6.51 -45.71
C VAL A 294 -50.30 6.96 -45.93
N LYS A 295 -49.40 6.01 -46.12
CA LYS A 295 -48.05 6.42 -46.38
C LYS A 295 -48.13 7.52 -47.44
N MET A 296 -48.88 7.26 -48.49
CA MET A 296 -49.08 8.23 -49.53
C MET A 296 -49.78 9.47 -49.11
N MET A 297 -50.99 9.41 -48.62
CA MET A 297 -51.49 10.70 -48.29
C MET A 297 -50.53 11.53 -47.41
N LEU A 298 -49.64 10.91 -46.65
CA LEU A 298 -48.80 11.73 -45.78
C LEU A 298 -47.35 11.90 -46.15
N VAL A 299 -46.80 10.97 -46.87
CA VAL A 299 -45.44 11.04 -47.28
C VAL A 299 -45.46 10.54 -48.73
N PRO A 300 -46.04 11.40 -49.56
CA PRO A 300 -46.38 11.12 -50.96
C PRO A 300 -45.09 11.21 -51.62
N GLN A 301 -44.96 10.70 -52.83
CA GLN A 301 -43.71 10.75 -53.52
C GLN A 301 -43.79 12.02 -54.32
N ALA A 302 -42.67 12.44 -54.90
CA ALA A 302 -42.73 13.66 -55.68
C ALA A 302 -43.34 13.36 -57.01
N LEU A 303 -44.27 14.22 -57.36
CA LEU A 303 -44.89 14.18 -58.65
C LEU A 303 -43.99 14.85 -59.70
N THR A 304 -42.83 14.28 -60.05
CA THR A 304 -42.08 15.00 -61.07
C THR A 304 -43.01 14.91 -62.30
N SER A 305 -43.20 16.02 -63.04
CA SER A 305 -44.08 15.88 -64.16
C SER A 305 -43.31 15.27 -65.27
N SER A 306 -43.30 13.93 -65.32
CA SER A 306 -42.51 13.28 -66.32
C SER A 306 -43.06 11.92 -66.63
N GLN A 307 -42.57 11.38 -67.77
CA GLN A 307 -42.90 10.11 -68.37
C GLN A 307 -42.59 8.97 -67.43
N THR A 308 -41.65 9.18 -66.48
CA THR A 308 -41.12 8.20 -65.54
C THR A 308 -42.31 7.60 -64.81
N THR A 309 -43.39 8.36 -64.76
CA THR A 309 -44.56 8.01 -63.99
C THR A 309 -45.81 7.64 -64.77
N PRO A 310 -46.29 6.41 -64.61
CA PRO A 310 -47.55 5.99 -65.23
C PRO A 310 -48.59 7.05 -64.92
N ASP A 311 -49.73 7.05 -65.59
CA ASP A 311 -50.68 8.12 -65.31
C ASP A 311 -51.63 7.86 -64.16
N ASN A 312 -51.87 6.59 -63.84
CA ASN A 312 -52.70 6.20 -62.68
C ASN A 312 -52.11 6.88 -61.45
N HIS A 313 -50.90 6.42 -61.12
CA HIS A 313 -50.12 6.99 -60.05
C HIS A 313 -50.26 8.50 -59.94
N LYS A 314 -49.94 9.20 -61.03
CA LYS A 314 -50.00 10.67 -61.02
C LYS A 314 -51.34 11.20 -60.50
N ALA A 315 -52.40 10.51 -60.87
CA ALA A 315 -53.76 10.91 -60.49
C ALA A 315 -53.79 10.93 -58.97
N LEU A 316 -53.55 9.74 -58.47
CA LEU A 316 -53.55 9.44 -57.06
C LEU A 316 -52.74 10.52 -56.40
N ILE A 317 -51.47 10.58 -56.75
CA ILE A 317 -50.61 11.54 -56.08
C ILE A 317 -51.32 12.88 -55.96
N GLN A 318 -51.74 13.40 -57.10
CA GLN A 318 -52.43 14.67 -57.18
C GLN A 318 -53.62 14.71 -56.23
N TYR A 319 -54.25 13.56 -56.04
CA TYR A 319 -55.39 13.44 -55.14
C TYR A 319 -54.89 13.76 -53.74
N CYS A 320 -53.94 12.95 -53.29
CA CYS A 320 -53.43 13.10 -51.96
C CYS A 320 -53.09 14.54 -51.75
N ASN A 321 -52.11 15.01 -52.52
CA ASN A 321 -51.54 16.33 -52.38
C ASN A 321 -52.59 17.39 -52.17
N SER A 322 -53.79 17.10 -52.62
CA SER A 322 -54.90 18.02 -52.49
C SER A 322 -55.62 17.86 -51.15
N VAL A 323 -55.56 16.65 -50.59
CA VAL A 323 -56.18 16.43 -49.31
C VAL A 323 -55.32 16.86 -48.13
N MET A 324 -54.08 16.37 -48.11
CA MET A 324 -53.14 16.48 -46.99
C MET A 324 -51.76 17.01 -47.36
N GLU A 325 -51.19 17.94 -46.59
CA GLU A 325 -49.89 18.46 -47.02
C GLU A 325 -48.85 17.67 -46.39
N PRO A 326 -47.89 17.26 -47.16
CA PRO A 326 -46.89 16.29 -46.69
C PRO A 326 -46.20 16.59 -45.39
N TRP A 327 -45.61 15.50 -44.94
CA TRP A 327 -44.85 15.42 -43.73
C TRP A 327 -43.44 15.14 -44.23
N ASP A 328 -42.67 16.20 -44.46
CA ASP A 328 -41.37 16.04 -45.09
C ASP A 328 -40.18 15.93 -44.14
N GLY A 329 -39.05 15.40 -44.60
CA GLY A 329 -37.87 15.24 -43.80
C GLY A 329 -37.27 13.89 -44.17
N PRO A 330 -35.99 13.65 -43.92
CA PRO A 330 -35.48 12.34 -44.31
C PRO A 330 -36.38 11.38 -43.54
N ALA A 331 -36.75 10.29 -44.16
CA ALA A 331 -37.54 9.31 -43.47
C ALA A 331 -37.57 7.89 -44.07
N ALA A 332 -36.83 6.97 -43.44
CA ALA A 332 -37.08 5.54 -43.59
C ALA A 332 -38.28 5.23 -42.66
N LEU A 333 -39.35 4.62 -43.15
CA LEU A 333 -40.47 4.27 -42.28
C LEU A 333 -40.75 2.78 -42.36
N ALA A 334 -41.18 2.21 -41.23
CA ALA A 334 -41.65 0.84 -41.09
C ALA A 334 -43.03 1.01 -40.44
N MET A 335 -44.00 0.49 -41.19
CA MET A 335 -45.41 0.71 -40.93
C MET A 335 -46.28 -0.53 -40.94
N THR A 336 -47.41 -0.43 -40.25
CA THR A 336 -48.43 -1.44 -40.40
C THR A 336 -49.70 -1.09 -39.71
N ASP A 337 -50.80 -1.17 -40.47
CA ASP A 337 -52.20 -1.02 -40.00
C ASP A 337 -52.35 -2.48 -39.72
N GLY A 338 -53.52 -2.94 -39.37
CA GLY A 338 -53.39 -4.32 -38.93
C GLY A 338 -52.81 -5.38 -39.83
N ARG A 339 -53.03 -5.20 -41.12
CA ARG A 339 -52.86 -6.26 -42.09
C ARG A 339 -51.69 -6.23 -43.02
N TRP A 340 -51.39 -5.01 -43.41
CA TRP A 340 -50.31 -4.82 -44.31
C TRP A 340 -49.11 -4.47 -43.45
N VAL A 341 -47.95 -4.66 -44.04
CA VAL A 341 -46.72 -4.29 -43.39
C VAL A 341 -45.97 -3.49 -44.44
N VAL A 342 -45.61 -2.22 -44.16
CA VAL A 342 -44.90 -1.45 -45.18
C VAL A 342 -43.57 -0.76 -44.89
N GLY A 343 -42.63 -0.87 -45.84
CA GLY A 343 -41.37 -0.14 -45.77
C GLY A 343 -41.55 1.04 -46.72
N GLY A 344 -41.28 2.29 -46.31
CA GLY A 344 -41.45 3.47 -47.14
C GLY A 344 -40.34 4.52 -47.16
N MET A 345 -40.32 5.38 -48.18
CA MET A 345 -39.31 6.38 -48.20
C MET A 345 -39.79 7.79 -48.28
N ASP A 346 -38.93 8.73 -47.95
CA ASP A 346 -39.40 10.09 -48.01
C ASP A 346 -39.25 10.53 -49.49
N ARG A 347 -39.70 11.71 -49.86
CA ARG A 347 -39.61 12.02 -51.24
C ARG A 347 -38.26 12.27 -51.82
N ASN A 348 -37.21 12.20 -51.01
CA ASN A 348 -35.86 12.46 -51.51
C ASN A 348 -34.94 11.33 -51.20
N GLY A 349 -35.46 10.16 -50.89
CA GLY A 349 -34.57 9.06 -50.54
C GLY A 349 -33.42 9.50 -49.63
N LEU A 350 -33.81 10.15 -48.53
CA LEU A 350 -32.84 10.72 -47.64
C LEU A 350 -32.16 9.79 -46.66
N ARG A 351 -32.69 8.56 -46.48
CA ARG A 351 -32.18 7.55 -45.52
C ARG A 351 -32.06 6.17 -46.12
N PRO A 352 -31.07 5.39 -45.72
CA PRO A 352 -30.86 4.07 -46.33
C PRO A 352 -32.03 3.16 -46.05
N MET A 353 -32.19 2.10 -46.83
CA MET A 353 -33.21 1.12 -46.48
C MET A 353 -33.07 -0.13 -47.33
N ARG A 354 -32.03 -0.93 -47.14
CA ARG A 354 -31.95 -2.15 -47.89
C ARG A 354 -32.99 -3.19 -47.46
N TYR A 355 -33.10 -4.26 -48.27
CA TYR A 355 -33.89 -5.43 -47.94
C TYR A 355 -33.53 -6.71 -48.70
N THR A 356 -33.75 -7.86 -48.08
CA THR A 356 -33.52 -9.18 -48.64
C THR A 356 -34.80 -10.07 -48.65
N ILE A 357 -34.95 -10.87 -49.70
CA ILE A 357 -36.10 -11.79 -49.76
C ILE A 357 -35.56 -13.20 -49.80
N THR A 358 -36.15 -14.08 -49.01
CA THR A 358 -35.57 -15.43 -48.85
C THR A 358 -36.31 -16.58 -49.45
N THR A 359 -35.68 -17.75 -49.47
CA THR A 359 -36.40 -18.86 -50.05
C THR A 359 -37.53 -19.22 -49.07
N ASP A 360 -37.24 -19.13 -47.76
CA ASP A 360 -38.23 -19.37 -46.71
C ASP A 360 -39.39 -18.36 -46.64
N GLY A 361 -39.48 -17.45 -47.60
CA GLY A 361 -40.71 -16.69 -47.67
C GLY A 361 -40.95 -15.58 -46.67
N LEU A 362 -39.83 -14.90 -46.43
CA LEU A 362 -39.71 -13.81 -45.49
C LEU A 362 -39.09 -12.65 -46.18
N ILE A 363 -39.47 -11.44 -45.80
CA ILE A 363 -38.78 -10.24 -46.26
C ILE A 363 -38.15 -9.52 -45.02
N ILE A 364 -36.85 -9.26 -45.03
CA ILE A 364 -36.31 -8.52 -43.90
C ILE A 364 -35.92 -7.07 -44.26
N GLY A 365 -36.69 -6.08 -43.80
CA GLY A 365 -36.43 -4.66 -44.04
C GLY A 365 -35.27 -4.15 -43.17
N GLY A 366 -34.42 -3.28 -43.71
CA GLY A 366 -33.29 -2.82 -42.94
C GLY A 366 -32.74 -1.44 -43.24
N SER A 367 -31.85 -0.95 -42.37
CA SER A 367 -31.29 0.39 -42.52
C SER A 367 -29.89 0.16 -43.06
N GLU A 368 -29.21 -0.80 -42.44
CA GLU A 368 -28.04 -1.33 -43.10
C GLU A 368 -28.47 -2.71 -43.51
N THR A 369 -27.56 -3.56 -43.99
CA THR A 369 -27.89 -4.82 -44.65
C THR A 369 -27.25 -5.98 -43.87
N GLY A 370 -25.96 -6.02 -43.58
CA GLY A 370 -25.54 -7.20 -42.78
C GLY A 370 -26.19 -7.59 -41.42
N MET A 371 -27.32 -6.94 -41.16
CA MET A 371 -28.03 -6.84 -39.93
C MET A 371 -28.56 -8.13 -39.46
N VAL A 372 -28.60 -9.19 -40.26
CA VAL A 372 -29.15 -10.48 -39.72
C VAL A 372 -28.79 -11.65 -40.60
N LYS A 373 -28.02 -12.61 -40.14
CA LYS A 373 -27.58 -13.72 -41.00
C LYS A 373 -28.61 -14.40 -41.86
N ILE A 374 -28.24 -14.67 -43.10
CA ILE A 374 -29.09 -15.34 -44.07
C ILE A 374 -28.08 -15.97 -44.99
N ASP A 375 -28.32 -17.21 -45.41
CA ASP A 375 -27.38 -17.86 -46.27
C ASP A 375 -27.62 -17.40 -47.69
N GLU A 376 -26.52 -17.04 -48.37
CA GLU A 376 -26.60 -16.45 -49.69
C GLU A 376 -27.51 -17.38 -50.45
N THR A 377 -27.15 -18.64 -50.32
CA THR A 377 -27.88 -19.70 -50.93
C THR A 377 -29.37 -19.55 -50.92
N GLN A 378 -29.95 -18.84 -49.97
CA GLN A 378 -31.41 -18.83 -49.94
C GLN A 378 -31.93 -17.47 -50.23
N VAL A 379 -31.04 -16.66 -50.80
CA VAL A 379 -31.48 -15.32 -51.12
C VAL A 379 -32.16 -15.32 -52.47
N ILE A 380 -33.40 -14.88 -52.53
CA ILE A 380 -33.92 -14.79 -53.86
C ILE A 380 -33.78 -13.39 -54.43
N GLU A 381 -33.67 -12.36 -53.59
CA GLU A 381 -33.52 -10.98 -54.08
C GLU A 381 -32.86 -10.06 -53.04
N LYS A 382 -32.30 -8.94 -53.47
CA LYS A 382 -31.60 -8.03 -52.58
C LYS A 382 -31.87 -6.65 -53.13
N GLY A 383 -32.87 -5.98 -52.55
CA GLY A 383 -33.35 -4.70 -53.00
C GLY A 383 -32.97 -3.58 -52.08
N ARG A 384 -33.78 -2.51 -52.23
CA ARG A 384 -33.64 -1.28 -51.48
C ARG A 384 -34.82 -0.38 -51.79
N LEU A 385 -35.03 0.74 -51.10
CA LEU A 385 -36.10 1.67 -51.53
C LEU A 385 -35.40 2.88 -52.11
N GLY A 386 -36.02 3.59 -53.04
CA GLY A 386 -35.40 4.76 -53.63
C GLY A 386 -36.37 5.81 -53.20
N PRO A 387 -36.17 7.05 -53.60
CA PRO A 387 -37.05 8.11 -53.10
C PRO A 387 -38.49 7.73 -53.33
N GLY A 388 -39.33 7.96 -52.36
CA GLY A 388 -40.74 7.72 -52.61
C GLY A 388 -41.25 6.31 -52.68
N GLU A 389 -40.39 5.34 -52.96
CA GLU A 389 -40.95 4.01 -53.07
C GLU A 389 -41.45 3.37 -51.79
N MET A 390 -42.30 2.37 -51.94
CA MET A 390 -42.63 1.48 -50.85
C MET A 390 -42.45 0.03 -51.29
N ILE A 391 -42.54 -0.89 -50.34
CA ILE A 391 -42.53 -2.30 -50.66
C ILE A 391 -43.44 -2.76 -49.58
N ALA A 392 -44.22 -3.82 -49.84
CA ALA A 392 -45.19 -4.26 -48.83
C ALA A 392 -45.64 -5.70 -48.84
N VAL A 393 -46.37 -6.05 -47.79
CA VAL A 393 -46.97 -7.36 -47.73
C VAL A 393 -48.39 -7.28 -47.22
N ASP A 394 -49.26 -7.93 -47.97
CA ASP A 394 -50.61 -8.09 -47.47
C ASP A 394 -50.61 -9.47 -46.85
N LEU A 395 -50.48 -9.46 -45.54
CA LEU A 395 -50.57 -10.61 -44.67
C LEU A 395 -51.90 -11.37 -44.78
N GLN A 396 -53.02 -10.71 -45.01
CA GLN A 396 -54.18 -11.55 -45.19
C GLN A 396 -54.06 -12.46 -46.36
N SER A 397 -53.50 -12.00 -47.47
CA SER A 397 -53.42 -12.83 -48.64
C SER A 397 -52.05 -13.37 -48.82
N GLY A 398 -51.18 -13.06 -47.89
CA GLY A 398 -49.82 -13.52 -48.03
C GLY A 398 -49.32 -13.29 -49.44
N LYS A 399 -49.43 -12.04 -49.93
CA LYS A 399 -48.84 -11.59 -51.19
C LYS A 399 -47.85 -10.42 -50.99
N LEU A 400 -46.70 -10.48 -51.65
CA LEU A 400 -45.73 -9.39 -51.62
C LEU A 400 -45.95 -8.38 -52.75
N TYR A 401 -45.94 -7.08 -52.49
CA TYR A 401 -46.05 -6.13 -53.59
C TYR A 401 -44.84 -5.23 -53.61
N ARG A 402 -44.13 -5.19 -54.73
CA ARG A 402 -43.03 -4.24 -54.88
C ARG A 402 -43.64 -2.88 -55.20
N ASP A 403 -42.81 -1.85 -55.33
CA ASP A 403 -43.38 -0.52 -55.51
C ASP A 403 -44.45 -0.37 -56.63
N ARG A 404 -44.02 -0.67 -57.85
CA ARG A 404 -44.88 -0.48 -59.02
C ARG A 404 -46.22 -1.13 -58.75
N GLU A 405 -46.12 -2.46 -58.65
CA GLU A 405 -47.28 -3.29 -58.38
C GLU A 405 -48.09 -2.79 -57.18
N LEU A 406 -47.45 -2.32 -56.13
CA LEU A 406 -48.27 -1.81 -55.06
C LEU A 406 -49.00 -0.52 -55.47
N LYS A 407 -48.29 0.34 -56.22
CA LYS A 407 -48.86 1.64 -56.56
C LYS A 407 -49.95 1.40 -57.61
N ASP A 408 -49.73 0.36 -58.41
CA ASP A 408 -50.72 -0.02 -59.38
C ASP A 408 -52.01 -0.17 -58.62
N HIS A 409 -51.99 -1.13 -57.69
CA HIS A 409 -53.09 -1.42 -56.80
C HIS A 409 -53.82 -0.19 -56.27
N LEU A 410 -53.10 0.75 -55.71
CA LEU A 410 -53.82 1.86 -55.12
C LEU A 410 -54.48 2.76 -56.14
N ALA A 411 -53.91 2.75 -57.34
CA ALA A 411 -54.41 3.56 -58.46
C ALA A 411 -55.77 3.02 -58.79
N THR A 412 -55.82 1.70 -58.72
CA THR A 412 -57.00 0.91 -58.91
C THR A 412 -58.21 1.28 -58.05
N LEU A 413 -58.00 1.71 -56.82
CA LEU A 413 -59.11 1.91 -55.92
C LEU A 413 -60.19 2.88 -56.33
N LYS A 414 -59.83 3.99 -56.95
CA LYS A 414 -60.86 4.95 -57.34
C LYS A 414 -60.58 5.62 -58.67
N PRO A 415 -61.51 6.43 -59.13
CA PRO A 415 -61.37 7.09 -60.42
C PRO A 415 -60.50 8.32 -60.16
N TRP A 416 -59.25 8.05 -59.81
CA TRP A 416 -58.39 9.12 -59.41
C TRP A 416 -58.47 10.28 -60.39
N ASP A 417 -58.17 10.00 -61.66
CA ASP A 417 -58.18 11.05 -62.69
C ASP A 417 -59.53 11.72 -62.87
N LYS A 418 -60.55 10.93 -63.10
CA LYS A 418 -61.84 11.55 -63.25
C LYS A 418 -62.03 12.53 -62.11
N TRP A 419 -61.51 12.19 -60.94
CA TRP A 419 -61.77 13.02 -59.77
C TRP A 419 -60.89 14.20 -59.78
N VAL A 420 -59.65 13.93 -60.16
CA VAL A 420 -58.63 14.95 -60.24
C VAL A 420 -59.09 16.01 -61.25
N GLN A 421 -59.61 15.54 -62.37
CA GLN A 421 -60.14 16.44 -63.39
C GLN A 421 -61.15 17.44 -62.83
N ASN A 422 -61.49 17.33 -61.56
CA ASN A 422 -62.46 18.24 -60.98
C ASN A 422 -61.87 19.57 -60.51
N THR A 423 -60.57 19.79 -60.71
CA THR A 423 -59.98 21.01 -60.18
C THR A 423 -59.88 22.13 -61.18
N THR A 424 -60.16 23.33 -60.73
CA THR A 424 -60.00 24.49 -61.58
C THR A 424 -58.60 25.07 -61.54
N HIS A 425 -57.71 24.77 -62.49
CA HIS A 425 -56.41 25.44 -62.50
C HIS A 425 -56.50 26.89 -62.98
N LEU A 426 -56.66 27.86 -62.10
CA LEU A 426 -56.79 29.21 -62.61
C LEU A 426 -55.48 29.87 -63.04
N ASP A 427 -54.65 29.10 -63.71
CA ASP A 427 -53.32 29.53 -64.12
C ASP A 427 -53.39 30.30 -65.38
N GLU A 428 -53.72 29.55 -66.43
CA GLU A 428 -53.87 30.11 -67.75
C GLU A 428 -54.81 31.28 -67.66
N LEU A 429 -55.91 31.13 -66.97
CA LEU A 429 -56.73 32.30 -66.89
C LEU A 429 -55.91 33.50 -66.40
N VAL A 430 -54.88 33.25 -65.63
CA VAL A 430 -54.14 34.35 -65.01
C VAL A 430 -52.98 34.88 -65.84
N LYS A 431 -52.36 33.97 -66.58
CA LYS A 431 -51.26 34.30 -67.45
C LYS A 431 -51.80 35.15 -68.60
N THR A 432 -52.95 34.73 -69.11
CA THR A 432 -53.67 35.49 -70.10
C THR A 432 -53.64 36.95 -69.66
N ALA A 433 -54.47 37.37 -68.72
CA ALA A 433 -54.45 38.77 -68.34
C ALA A 433 -53.08 39.43 -68.17
N SER A 434 -52.02 38.66 -68.03
CA SER A 434 -50.73 39.31 -67.81
C SER A 434 -50.21 39.80 -69.14
N LEU A 435 -50.21 38.87 -70.11
CA LEU A 435 -49.85 39.15 -71.49
C LEU A 435 -50.75 40.26 -72.00
N LYS A 436 -52.01 40.24 -71.58
CA LYS A 436 -52.90 41.30 -71.99
C LYS A 436 -52.41 42.61 -71.37
N GLY A 437 -51.35 42.55 -70.56
CA GLY A 437 -50.78 43.77 -70.03
C GLY A 437 -50.77 44.15 -68.56
N GLU A 438 -49.63 43.91 -67.95
CA GLU A 438 -49.44 44.31 -66.57
C GLU A 438 -49.58 45.80 -66.51
N PRO A 439 -50.60 46.30 -65.84
CA PRO A 439 -50.91 47.73 -65.81
C PRO A 439 -50.04 48.51 -64.88
N SER A 440 -50.31 49.80 -64.76
CA SER A 440 -49.65 50.63 -63.76
C SER A 440 -50.36 51.97 -63.70
N ASP A 441 -50.70 52.42 -62.50
CA ASP A 441 -51.54 53.59 -62.40
C ASP A 441 -51.10 54.60 -61.41
N MET A 442 -49.82 54.70 -61.13
CA MET A 442 -49.46 55.72 -60.16
C MET A 442 -48.52 56.69 -60.82
N ASP A 443 -48.56 57.96 -60.46
CA ASP A 443 -47.51 58.72 -61.07
C ASP A 443 -46.30 58.78 -60.19
N LYS A 444 -45.14 58.54 -60.78
CA LYS A 444 -43.88 58.70 -60.06
C LYS A 444 -44.05 59.55 -58.82
N ALA A 445 -44.82 60.61 -58.86
CA ALA A 445 -44.90 61.41 -57.63
C ALA A 445 -45.45 60.60 -56.48
N GLU A 446 -46.23 59.59 -56.80
CA GLU A 446 -46.81 58.71 -55.79
C GLU A 446 -45.85 57.58 -55.41
N LEU A 447 -45.61 56.72 -56.38
CA LEU A 447 -44.66 55.66 -56.20
C LEU A 447 -43.66 56.19 -55.22
N ARG A 448 -42.98 57.27 -55.56
CA ARG A 448 -41.92 57.78 -54.70
C ARG A 448 -42.37 57.99 -53.25
N ARG A 449 -43.54 58.54 -53.06
CA ARG A 449 -43.91 58.79 -51.68
C ARG A 449 -44.36 57.58 -50.88
N ARG A 450 -45.13 56.69 -51.49
CA ARG A 450 -45.43 55.48 -50.78
C ARG A 450 -44.05 54.94 -50.54
N GLN A 451 -43.44 54.33 -51.54
CA GLN A 451 -42.05 53.87 -51.34
C GLN A 451 -41.32 54.45 -50.13
N GLN A 452 -41.42 55.76 -49.92
CA GLN A 452 -40.78 56.41 -48.78
C GLN A 452 -41.43 55.98 -47.45
N ALA A 453 -42.71 55.67 -47.52
CA ALA A 453 -43.44 55.27 -46.33
C ALA A 453 -42.78 54.02 -45.73
N PHE A 454 -42.62 52.98 -46.51
CA PHE A 454 -41.85 51.89 -46.05
C PHE A 454 -40.35 52.14 -46.13
N GLY A 455 -39.87 53.36 -46.00
CA GLY A 455 -38.43 53.59 -46.04
C GLY A 455 -37.54 52.93 -47.10
N LEU A 456 -38.05 52.71 -48.31
CA LEU A 456 -37.28 52.17 -49.44
C LEU A 456 -36.19 53.12 -49.99
N THR A 457 -35.26 52.60 -50.80
CA THR A 457 -34.18 53.41 -51.30
C THR A 457 -33.62 53.13 -52.70
N MET A 458 -32.64 53.93 -53.12
CA MET A 458 -32.11 53.61 -54.41
C MET A 458 -31.39 52.30 -54.43
N GLU A 459 -30.59 52.05 -53.38
CA GLU A 459 -29.83 50.81 -53.24
C GLU A 459 -30.78 49.67 -53.44
N ASP A 460 -31.98 49.90 -52.91
CA ASP A 460 -33.08 48.96 -53.00
C ASP A 460 -33.53 48.73 -54.40
N MET A 461 -33.55 49.82 -55.18
CA MET A 461 -34.08 49.75 -56.54
C MET A 461 -33.05 49.29 -57.52
N GLU A 462 -31.83 49.74 -57.31
CA GLU A 462 -30.76 49.46 -58.23
C GLU A 462 -30.11 48.15 -57.98
N LEU A 463 -29.78 47.94 -56.70
CA LEU A 463 -28.98 46.83 -56.23
C LEU A 463 -29.64 45.47 -56.21
N ILE A 464 -30.93 45.57 -55.96
CA ILE A 464 -31.75 44.41 -55.59
C ILE A 464 -32.99 44.10 -56.38
N LEU A 465 -33.76 45.13 -56.70
CA LEU A 465 -34.96 44.95 -57.52
C LEU A 465 -34.51 44.72 -58.94
N HIS A 466 -33.87 45.72 -59.53
CA HIS A 466 -33.32 45.55 -60.83
C HIS A 466 -32.81 44.18 -61.28
N PRO A 467 -31.83 43.62 -60.59
CA PRO A 467 -31.26 42.38 -61.08
C PRO A 467 -32.36 41.38 -61.19
N MET A 468 -33.38 41.53 -60.35
CA MET A 468 -34.43 40.52 -60.41
C MET A 468 -35.06 40.59 -61.79
N VAL A 469 -35.54 41.79 -62.11
CA VAL A 469 -36.16 42.08 -63.40
C VAL A 469 -35.30 41.72 -64.61
N GLU A 470 -34.03 42.11 -64.51
CA GLU A 470 -33.14 41.89 -65.59
C GLU A 470 -32.83 40.46 -65.72
N ASP A 471 -32.00 39.93 -64.85
CA ASP A 471 -31.56 38.52 -64.91
C ASP A 471 -32.55 37.49 -64.43
N GLY A 472 -33.59 37.92 -63.73
CA GLY A 472 -34.51 36.95 -63.17
C GLY A 472 -33.74 36.04 -62.21
N LYS A 473 -33.11 36.69 -61.24
CA LYS A 473 -32.24 35.99 -60.36
C LYS A 473 -32.05 36.98 -59.28
N GLU A 474 -31.72 36.54 -58.07
CA GLU A 474 -31.59 37.59 -57.09
C GLU A 474 -30.18 37.96 -56.88
N ALA A 475 -30.06 39.21 -56.52
CA ALA A 475 -28.78 39.84 -56.24
C ALA A 475 -27.78 39.04 -55.48
N ILE A 476 -26.62 38.85 -56.04
CA ILE A 476 -25.53 38.26 -55.27
C ILE A 476 -24.62 39.37 -54.80
N GLY A 477 -23.88 39.12 -53.72
CA GLY A 477 -23.06 40.13 -53.08
C GLY A 477 -21.85 39.60 -52.35
N SER A 478 -21.28 40.41 -51.47
CA SER A 478 -20.13 39.89 -50.74
C SER A 478 -19.76 40.56 -49.46
N MET A 479 -18.86 39.98 -48.66
CA MET A 479 -18.55 40.50 -47.33
C MET A 479 -19.78 40.38 -46.36
N GLY A 480 -19.51 40.32 -45.06
CA GLY A 480 -20.60 40.07 -44.13
C GLY A 480 -21.65 41.13 -43.97
N ASP A 481 -22.52 40.94 -43.02
CA ASP A 481 -23.55 41.90 -42.79
C ASP A 481 -23.11 42.67 -41.59
N ASP A 482 -22.51 43.83 -41.78
CA ASP A 482 -22.12 44.52 -40.62
C ASP A 482 -23.04 45.60 -40.17
N SER A 483 -24.31 45.54 -40.49
CA SER A 483 -25.13 46.66 -40.05
C SER A 483 -25.61 46.35 -38.69
N PRO A 484 -26.30 47.24 -38.02
CA PRO A 484 -26.80 46.98 -36.69
C PRO A 484 -27.75 45.84 -36.78
N ILE A 485 -28.23 45.28 -35.68
CA ILE A 485 -29.26 44.30 -35.85
C ILE A 485 -30.47 45.21 -35.75
N ALA A 486 -31.42 44.94 -36.61
CA ALA A 486 -32.59 45.81 -36.67
C ALA A 486 -33.10 46.41 -35.40
N VAL A 487 -33.37 45.66 -34.32
CA VAL A 487 -33.96 46.43 -33.20
C VAL A 487 -33.11 47.61 -32.81
N LEU A 488 -31.81 47.40 -32.84
CA LEU A 488 -30.91 48.39 -32.42
C LEU A 488 -30.82 49.44 -33.52
N SER A 489 -31.33 49.15 -34.71
CA SER A 489 -31.22 50.17 -35.73
C SER A 489 -31.84 51.46 -35.36
N ASP A 490 -31.28 52.41 -36.05
CA ASP A 490 -31.47 53.84 -35.96
C ASP A 490 -32.48 54.26 -37.02
N LYS A 491 -32.74 53.34 -37.94
CA LYS A 491 -33.46 53.66 -39.14
C LYS A 491 -34.56 52.73 -39.57
N TYR A 492 -35.77 53.26 -39.68
CA TYR A 492 -36.85 52.38 -40.13
C TYR A 492 -36.43 51.12 -40.88
N ARG A 493 -36.72 49.98 -40.28
CA ARG A 493 -36.47 48.71 -40.88
C ARG A 493 -37.82 48.02 -40.82
N GLY A 494 -38.14 47.16 -41.76
CA GLY A 494 -39.46 46.56 -41.75
C GLY A 494 -39.58 45.22 -41.04
N LEU A 495 -40.73 44.92 -40.50
CA LEU A 495 -40.84 43.64 -39.79
C LEU A 495 -40.02 42.56 -40.38
N HIS A 496 -40.07 42.38 -41.67
CA HIS A 496 -39.35 41.23 -42.17
C HIS A 496 -37.90 41.14 -41.71
N HIS A 497 -37.34 42.29 -41.31
CA HIS A 497 -35.99 42.32 -40.85
C HIS A 497 -35.75 41.53 -39.58
N PHE A 498 -36.69 41.63 -38.63
CA PHE A 498 -36.65 40.87 -37.40
C PHE A 498 -36.98 39.40 -37.56
N PHE A 499 -37.57 38.93 -38.64
CA PHE A 499 -37.79 37.50 -38.69
C PHE A 499 -36.64 36.81 -39.31
N ARG A 500 -35.88 35.97 -38.65
CA ARG A 500 -34.77 35.30 -39.37
C ARG A 500 -35.07 33.97 -40.02
N GLN A 501 -34.64 33.71 -41.24
CA GLN A 501 -35.01 32.43 -41.85
C GLN A 501 -34.29 31.36 -41.11
N ASN A 502 -34.97 30.25 -40.85
CA ASN A 502 -34.46 29.13 -40.06
C ASN A 502 -33.80 28.35 -41.11
N PHE A 503 -33.02 27.34 -40.78
CA PHE A 503 -32.36 26.54 -41.78
C PHE A 503 -31.88 25.33 -41.05
N SER A 504 -31.33 24.34 -41.74
CA SER A 504 -31.06 23.21 -40.90
C SER A 504 -29.62 22.77 -40.79
N GLN A 505 -29.22 22.25 -39.63
CA GLN A 505 -27.83 21.92 -39.41
C GLN A 505 -27.42 20.50 -39.24
N VAL A 506 -27.76 19.81 -38.19
CA VAL A 506 -27.16 18.50 -38.39
C VAL A 506 -28.23 17.47 -38.37
N THR A 507 -29.32 17.89 -37.81
CA THR A 507 -30.47 17.06 -37.71
C THR A 507 -30.88 16.55 -39.06
N ASN A 508 -31.14 17.44 -40.02
CA ASN A 508 -31.44 17.05 -41.40
C ASN A 508 -30.73 17.90 -42.45
N PRO A 509 -30.57 17.40 -43.67
CA PRO A 509 -29.89 18.13 -44.74
C PRO A 509 -30.84 19.04 -45.45
N PRO A 510 -30.29 20.09 -46.03
CA PRO A 510 -31.07 21.00 -46.87
C PRO A 510 -30.91 20.49 -48.29
N ILE A 511 -31.83 20.82 -49.20
CA ILE A 511 -31.82 20.26 -50.54
C ILE A 511 -31.15 21.14 -51.52
N ASP A 512 -30.92 20.63 -52.74
CA ASP A 512 -30.43 21.50 -53.81
C ASP A 512 -31.60 21.98 -54.64
N SER A 513 -31.99 23.24 -54.49
CA SER A 513 -33.08 23.68 -55.32
C SER A 513 -32.64 23.98 -56.73
N LEU A 514 -31.37 23.83 -57.09
CA LEU A 514 -31.09 24.02 -58.50
C LEU A 514 -31.10 22.64 -59.06
N ARG A 515 -30.07 21.88 -58.73
CA ARG A 515 -29.98 20.57 -59.32
C ARG A 515 -31.17 19.66 -59.04
N GLU A 516 -31.94 19.96 -58.00
CA GLU A 516 -33.03 19.06 -57.66
C GLU A 516 -34.41 19.68 -57.65
N ARG A 517 -34.58 20.72 -58.45
CA ARG A 517 -35.83 21.48 -58.47
C ARG A 517 -37.05 20.65 -58.77
N ARG A 518 -36.85 19.59 -59.54
CA ARG A 518 -37.99 18.74 -59.89
C ARG A 518 -38.75 18.13 -58.68
N VAL A 519 -38.14 17.99 -57.52
CA VAL A 519 -38.91 17.43 -56.43
C VAL A 519 -39.55 18.47 -55.63
N MET A 520 -39.26 19.71 -55.90
CA MET A 520 -39.75 20.72 -54.99
C MET A 520 -41.13 21.14 -55.46
N SER A 521 -41.69 22.27 -55.04
CA SER A 521 -42.95 22.72 -55.57
C SER A 521 -43.65 23.89 -54.88
N LEU A 522 -44.42 24.71 -55.61
CA LEU A 522 -45.04 25.86 -55.04
C LEU A 522 -46.54 25.89 -55.30
N LYS A 523 -47.08 24.71 -55.62
CA LYS A 523 -48.52 24.73 -55.93
C LYS A 523 -49.29 25.39 -54.84
N THR A 524 -50.38 26.02 -55.16
CA THR A 524 -51.15 26.67 -54.13
C THR A 524 -52.60 26.34 -54.44
N ARG A 525 -53.46 26.21 -53.43
CA ARG A 525 -54.83 25.76 -53.62
C ARG A 525 -55.73 26.60 -52.79
N LEU A 526 -56.79 27.15 -53.33
CA LEU A 526 -57.66 27.85 -52.42
C LEU A 526 -58.93 26.98 -52.27
N GLY A 527 -59.29 26.72 -50.99
CA GLY A 527 -60.45 25.91 -50.63
C GLY A 527 -60.31 24.40 -50.83
N ASN A 528 -59.30 23.79 -50.23
CA ASN A 528 -59.15 22.35 -50.34
C ASN A 528 -59.05 21.76 -48.93
N LEU A 529 -59.64 22.52 -48.02
CA LEU A 529 -59.57 22.19 -46.62
C LEU A 529 -60.83 21.59 -46.04
N GLY A 530 -61.10 20.31 -46.27
CA GLY A 530 -62.31 19.70 -45.73
C GLY A 530 -62.13 18.48 -44.82
N ASN A 531 -62.40 17.29 -45.34
CA ASN A 531 -62.27 16.21 -44.43
C ASN A 531 -61.14 15.27 -44.66
N ILE A 532 -60.03 15.48 -44.00
CA ILE A 532 -59.00 14.55 -44.30
C ILE A 532 -59.59 13.13 -44.19
N LEU A 533 -60.73 13.03 -43.48
CA LEU A 533 -61.32 11.72 -43.21
C LEU A 533 -62.13 11.03 -44.30
N ASP A 534 -62.73 11.89 -45.13
CA ASP A 534 -63.47 11.56 -46.36
C ASP A 534 -62.62 10.99 -47.49
N GLU A 535 -63.26 10.25 -48.39
CA GLU A 535 -62.52 9.78 -49.56
C GLU A 535 -63.50 9.86 -50.70
N ASP A 536 -63.90 11.08 -51.04
CA ASP A 536 -64.84 11.28 -52.10
C ASP A 536 -64.33 12.33 -53.11
N GLU A 537 -64.67 12.19 -54.38
CA GLU A 537 -64.23 13.12 -55.40
C GLU A 537 -64.51 14.57 -55.03
N THR A 538 -65.43 14.83 -54.12
CA THR A 538 -65.72 16.23 -53.87
C THR A 538 -64.52 16.97 -53.28
N GLN A 539 -63.42 16.25 -53.16
CA GLN A 539 -62.21 16.76 -52.53
C GLN A 539 -61.28 17.40 -53.52
N THR A 540 -61.65 17.38 -54.79
CA THR A 540 -60.83 17.97 -55.81
C THR A 540 -61.39 19.31 -56.23
N ARG A 541 -62.53 19.69 -55.66
CA ARG A 541 -63.12 20.96 -56.04
C ARG A 541 -62.50 22.20 -55.39
N LEU A 542 -61.41 22.68 -55.98
CA LEU A 542 -60.69 23.82 -55.44
C LEU A 542 -59.92 24.50 -56.56
N LEU A 543 -59.54 25.76 -56.36
CA LEU A 543 -58.78 26.49 -57.39
C LEU A 543 -57.31 26.22 -57.10
N GLN A 544 -56.48 26.30 -58.14
CA GLN A 544 -55.08 25.97 -58.00
C GLN A 544 -54.15 26.88 -58.81
N LEU A 545 -53.19 27.48 -58.12
CA LEU A 545 -52.19 28.32 -58.74
C LEU A 545 -50.96 27.48 -58.78
N GLU A 546 -49.87 28.03 -59.24
CA GLU A 546 -48.64 27.27 -59.30
C GLU A 546 -47.57 28.09 -58.62
N SER A 547 -47.98 29.25 -58.10
CA SER A 547 -47.14 30.06 -57.23
C SER A 547 -47.98 30.96 -56.35
N PRO A 548 -47.63 31.05 -55.10
CA PRO A 548 -48.40 31.90 -54.24
C PRO A 548 -48.23 33.29 -54.79
N VAL A 549 -47.39 33.42 -55.81
CA VAL A 549 -47.05 34.75 -56.33
C VAL A 549 -47.90 35.34 -57.46
N LEU A 550 -48.43 36.55 -57.27
CA LEU A 550 -49.22 37.15 -58.36
C LEU A 550 -48.90 38.58 -58.80
N THR A 551 -48.72 38.81 -60.10
CA THR A 551 -48.48 40.15 -60.66
C THR A 551 -49.81 40.88 -60.64
N THR A 552 -49.77 42.20 -60.52
CA THR A 552 -51.05 42.89 -60.37
C THR A 552 -52.06 42.48 -61.40
N ALA A 553 -51.60 42.05 -62.56
CA ALA A 553 -52.49 41.58 -63.60
C ALA A 553 -53.16 40.38 -63.01
N GLU A 554 -52.46 39.25 -63.04
CA GLU A 554 -52.98 37.98 -62.53
C GLU A 554 -53.73 38.13 -61.24
N PHE A 555 -53.31 39.02 -60.37
CA PHE A 555 -54.06 39.09 -59.14
C PHE A 555 -55.53 39.36 -59.38
N ARG A 556 -55.83 40.47 -60.06
CA ARG A 556 -57.21 40.83 -60.35
C ARG A 556 -57.84 39.76 -61.18
N ALA A 557 -57.07 39.09 -62.01
CA ALA A 557 -57.69 38.06 -62.79
C ALA A 557 -58.54 37.29 -61.84
N MET A 558 -57.85 36.78 -60.82
CA MET A 558 -58.33 35.91 -59.76
C MET A 558 -59.39 36.62 -58.98
N ARG A 559 -59.01 37.75 -58.42
CA ARG A 559 -59.95 38.41 -57.54
C ARG A 559 -61.33 38.58 -58.14
N ASP A 560 -61.40 38.38 -59.43
CA ASP A 560 -62.66 38.59 -60.16
C ASP A 560 -63.30 37.24 -60.17
N TYR A 561 -62.68 36.31 -60.85
CA TYR A 561 -63.18 34.97 -60.75
C TYR A 561 -63.78 34.65 -59.38
N MET A 562 -63.29 35.28 -58.32
CA MET A 562 -63.82 35.05 -56.98
C MET A 562 -65.13 35.82 -56.85
N GLY A 563 -65.07 37.10 -56.54
CA GLY A 563 -66.26 37.90 -56.58
C GLY A 563 -67.02 38.09 -55.32
N ASP A 564 -68.25 37.62 -55.35
CA ASP A 564 -69.18 37.69 -54.24
C ASP A 564 -68.53 36.90 -53.12
N THR A 565 -67.73 35.92 -53.53
CA THR A 565 -66.99 35.07 -52.64
C THR A 565 -65.85 35.70 -51.87
N ALA A 566 -65.33 36.83 -52.31
CA ALA A 566 -64.17 37.39 -51.64
C ALA A 566 -64.58 38.47 -50.66
N ALA A 567 -63.66 38.86 -49.79
CA ALA A 567 -63.95 39.95 -48.87
C ALA A 567 -62.68 40.78 -48.71
N GLU A 568 -62.80 42.07 -48.57
CA GLU A 568 -61.58 42.84 -48.53
C GLU A 568 -61.45 43.53 -47.22
N ILE A 569 -60.31 43.32 -46.57
CA ILE A 569 -60.19 43.95 -45.29
C ILE A 569 -59.13 45.01 -45.42
N ASP A 570 -59.38 46.13 -44.77
CA ASP A 570 -58.53 47.31 -44.76
C ASP A 570 -57.36 47.25 -43.81
N ALA A 571 -56.25 46.61 -44.20
CA ALA A 571 -55.16 46.58 -43.25
C ALA A 571 -54.53 47.95 -43.04
N THR A 572 -55.24 48.87 -42.42
CA THR A 572 -54.64 50.19 -42.27
C THR A 572 -55.04 50.95 -41.05
N PHE A 573 -54.36 51.99 -40.62
CA PHE A 573 -54.93 52.69 -39.48
C PHE A 573 -54.67 54.15 -39.47
N PRO A 574 -55.56 54.85 -38.82
CA PRO A 574 -55.56 56.29 -38.71
C PRO A 574 -54.31 56.78 -38.08
N VAL A 575 -53.94 58.03 -38.20
CA VAL A 575 -52.71 58.45 -37.57
C VAL A 575 -53.21 59.39 -36.51
N ASP A 576 -54.33 60.03 -36.82
CA ASP A 576 -54.97 60.84 -35.80
C ASP A 576 -55.36 59.89 -34.65
N GLY A 577 -55.32 58.58 -34.90
CA GLY A 577 -55.70 57.51 -33.98
C GLY A 577 -55.53 57.50 -32.46
N GLY A 578 -54.33 57.75 -31.98
CA GLY A 578 -54.06 57.77 -30.57
C GLY A 578 -53.05 56.68 -30.32
N PRO A 579 -52.62 56.60 -29.08
CA PRO A 579 -51.60 55.66 -28.67
C PRO A 579 -51.99 54.25 -28.99
N GLU A 580 -53.29 54.00 -29.10
CA GLU A 580 -53.71 52.62 -29.33
C GLU A 580 -54.16 52.35 -30.74
N ALA A 581 -53.83 53.24 -31.64
CA ALA A 581 -54.29 53.13 -32.98
C ALA A 581 -54.13 51.76 -33.61
N LEU A 582 -52.91 51.29 -33.67
CA LEU A 582 -52.59 50.04 -34.35
C LEU A 582 -53.20 48.80 -33.68
N ARG A 583 -53.32 48.81 -32.36
CA ARG A 583 -53.92 47.74 -31.60
C ARG A 583 -55.37 47.44 -32.04
N ASP A 584 -56.25 48.41 -31.79
CA ASP A 584 -57.62 48.34 -32.21
C ASP A 584 -57.72 48.07 -33.69
N ALA A 585 -56.73 48.56 -34.41
CA ALA A 585 -56.71 48.31 -35.80
C ALA A 585 -56.65 46.81 -36.01
N LEU A 586 -55.72 46.20 -35.30
CA LEU A 586 -55.45 44.78 -35.39
C LEU A 586 -56.65 43.98 -34.89
N ARG A 587 -57.40 44.55 -33.93
CA ARG A 587 -58.60 43.86 -33.46
C ARG A 587 -59.56 43.77 -34.61
N ARG A 588 -59.98 44.96 -34.99
CA ARG A 588 -60.84 45.24 -36.15
C ARG A 588 -60.62 44.31 -37.30
N ILE A 589 -59.40 44.28 -37.81
CA ILE A 589 -59.22 43.40 -38.94
C ILE A 589 -59.61 42.00 -38.62
N ARG A 590 -59.18 41.59 -37.43
CA ARG A 590 -59.45 40.27 -36.87
C ARG A 590 -60.91 39.92 -36.82
N GLN A 591 -61.71 40.83 -36.26
CA GLN A 591 -63.15 40.71 -36.25
C GLN A 591 -63.77 40.70 -37.65
N GLU A 592 -63.51 41.76 -38.41
CA GLU A 592 -64.04 41.81 -39.77
C GLU A 592 -63.75 40.51 -40.53
N THR A 593 -62.57 39.96 -40.38
CA THR A 593 -62.41 38.77 -41.16
C THR A 593 -63.37 37.71 -40.60
N GLU A 594 -63.60 37.77 -39.29
CA GLU A 594 -64.44 36.76 -38.63
C GLU A 594 -65.78 36.84 -39.35
N ASP A 595 -66.47 37.90 -39.04
CA ASP A 595 -67.74 38.15 -39.68
C ASP A 595 -67.67 37.71 -41.14
N ALA A 596 -66.96 38.40 -41.98
CA ALA A 596 -66.85 37.86 -43.32
C ALA A 596 -66.93 36.33 -43.29
N VAL A 597 -65.96 35.62 -42.74
CA VAL A 597 -65.96 34.17 -42.98
C VAL A 597 -67.22 33.44 -42.56
N ARG A 598 -67.75 33.91 -41.45
CA ARG A 598 -68.96 33.40 -40.86
C ARG A 598 -70.03 33.70 -41.87
N GLY A 599 -70.21 34.98 -42.15
CA GLY A 599 -71.13 35.46 -43.17
C GLY A 599 -71.18 34.65 -44.46
N GLY A 600 -70.19 33.83 -44.74
CA GLY A 600 -70.25 32.99 -45.92
C GLY A 600 -69.06 33.15 -46.82
N ALA A 601 -68.28 34.23 -46.60
CA ALA A 601 -67.07 34.54 -47.37
C ALA A 601 -66.11 33.35 -47.49
N THR A 602 -65.36 33.24 -48.57
CA THR A 602 -64.49 32.10 -48.81
C THR A 602 -63.02 32.47 -49.22
N HIS A 603 -62.75 33.77 -49.25
CA HIS A 603 -61.47 34.29 -49.65
C HIS A 603 -61.32 35.66 -49.01
N VAL A 604 -60.12 35.94 -48.52
CA VAL A 604 -59.95 37.20 -47.86
C VAL A 604 -58.83 37.94 -48.52
N ILE A 605 -59.03 39.23 -48.62
CA ILE A 605 -58.04 39.99 -49.26
C ILE A 605 -57.73 41.05 -48.27
N LEU A 606 -56.47 41.01 -47.88
CA LEU A 606 -56.03 41.91 -46.86
C LEU A 606 -55.20 42.92 -47.58
N THR A 607 -55.38 44.22 -47.30
CA THR A 607 -54.59 45.24 -48.01
C THR A 607 -54.30 46.66 -47.43
N ASP A 608 -53.15 47.21 -47.84
CA ASP A 608 -52.64 48.52 -47.47
C ASP A 608 -53.01 49.64 -48.46
N GLU A 609 -53.60 49.25 -49.59
CA GLU A 609 -54.10 50.18 -50.60
C GLU A 609 -54.68 51.39 -49.93
N ALA A 610 -55.53 51.30 -48.96
CA ALA A 610 -55.92 52.63 -48.58
C ALA A 610 -54.95 53.38 -47.76
N MET A 611 -53.65 53.10 -47.88
CA MET A 611 -52.68 53.95 -47.17
C MET A 611 -52.70 55.40 -47.68
N GLY A 612 -52.74 56.40 -46.81
CA GLY A 612 -52.66 57.76 -47.27
C GLY A 612 -52.11 58.74 -46.25
N PRO A 613 -52.18 60.04 -46.53
CA PRO A 613 -51.69 61.01 -45.57
C PRO A 613 -52.40 60.88 -44.23
N ALA A 614 -53.51 60.19 -44.21
CA ALA A 614 -54.24 60.09 -42.96
C ALA A 614 -54.26 58.70 -42.33
N ARG A 615 -53.73 57.72 -43.05
CA ARG A 615 -53.71 56.39 -42.60
C ARG A 615 -52.40 55.71 -42.87
N ALA A 616 -51.73 55.30 -41.78
CA ALA A 616 -50.54 54.47 -41.83
C ALA A 616 -50.91 53.06 -42.21
N ALA A 617 -49.99 52.31 -42.76
CA ALA A 617 -50.31 50.96 -43.12
C ALA A 617 -50.01 49.94 -41.99
N ILE A 618 -50.84 48.94 -41.78
CA ILE A 618 -50.44 47.98 -40.77
C ILE A 618 -49.42 47.08 -41.45
N PRO A 619 -48.32 46.79 -40.76
CA PRO A 619 -47.27 45.93 -41.29
C PRO A 619 -47.88 44.67 -41.75
N ALA A 620 -48.07 44.51 -43.04
CA ALA A 620 -48.55 43.31 -43.69
C ALA A 620 -48.19 42.03 -42.93
N ILE A 621 -46.92 41.82 -42.62
CA ILE A 621 -46.59 40.62 -41.85
C ILE A 621 -47.41 40.44 -40.57
N LEU A 622 -47.48 41.49 -39.76
CA LEU A 622 -48.23 41.49 -38.55
C LEU A 622 -49.68 41.32 -38.90
N ALA A 623 -50.13 41.93 -39.97
CA ALA A 623 -51.56 41.83 -40.23
C ALA A 623 -51.90 40.45 -40.70
N THR A 624 -51.06 39.86 -41.52
CA THR A 624 -51.35 38.52 -41.96
C THR A 624 -51.38 37.59 -40.77
N GLY A 625 -50.40 37.64 -39.88
CA GLY A 625 -50.37 36.71 -38.75
C GLY A 625 -51.55 36.92 -37.82
N ALA A 626 -51.70 38.14 -37.34
CA ALA A 626 -52.86 38.38 -36.56
C ALA A 626 -54.06 37.72 -37.20
N VAL A 627 -54.20 37.82 -38.51
CA VAL A 627 -55.40 37.24 -39.02
C VAL A 627 -55.43 35.74 -39.08
N HIS A 628 -54.41 35.16 -39.65
CA HIS A 628 -54.36 33.74 -39.76
C HIS A 628 -54.53 33.12 -38.38
N THR A 629 -53.70 33.50 -37.42
CA THR A 629 -53.86 32.91 -36.10
C THR A 629 -55.31 32.99 -35.62
N HIS A 630 -55.76 34.13 -35.17
CA HIS A 630 -57.15 34.17 -34.79
C HIS A 630 -58.01 33.30 -35.69
N LEU A 631 -57.74 33.24 -36.98
CA LEU A 631 -58.58 32.35 -37.76
C LEU A 631 -58.45 30.92 -37.24
N ILE A 632 -57.25 30.45 -36.93
CA ILE A 632 -57.04 29.09 -36.46
C ILE A 632 -57.74 28.92 -35.12
N ARG A 633 -57.45 29.92 -34.27
CA ARG A 633 -58.04 29.97 -32.97
C ARG A 633 -59.52 29.98 -33.02
N SER A 634 -60.16 30.06 -34.16
CA SER A 634 -61.60 29.92 -34.06
C SER A 634 -62.07 28.95 -35.07
N ASN A 635 -61.19 28.03 -35.41
CA ASN A 635 -61.62 27.06 -36.40
C ASN A 635 -62.22 27.63 -37.67
N LEU A 636 -61.55 28.55 -38.36
CA LEU A 636 -62.21 29.24 -39.45
C LEU A 636 -61.29 29.25 -40.65
N ARG A 637 -60.02 29.33 -40.31
CA ARG A 637 -59.02 29.24 -41.32
C ARG A 637 -59.41 28.05 -42.18
N THR A 638 -60.14 27.07 -41.72
CA THR A 638 -60.33 26.03 -42.71
C THR A 638 -61.31 26.44 -43.82
N PHE A 639 -62.04 27.50 -43.54
CA PHE A 639 -62.96 28.02 -44.54
C PHE A 639 -62.47 29.09 -45.53
N THR A 640 -61.27 29.67 -45.44
CA THR A 640 -60.89 30.62 -46.47
C THR A 640 -59.49 30.41 -46.89
N SER A 641 -59.20 31.17 -47.94
CA SER A 641 -57.90 31.34 -48.49
C SER A 641 -57.64 32.74 -47.94
N LEU A 642 -56.36 33.07 -47.73
CA LEU A 642 -56.04 34.41 -47.21
C LEU A 642 -54.95 35.05 -48.07
N ASN A 643 -55.34 36.12 -48.75
CA ASN A 643 -54.53 36.76 -49.78
C ASN A 643 -54.23 38.20 -49.43
N VAL A 644 -52.94 38.50 -49.59
CA VAL A 644 -52.41 39.80 -49.20
C VAL A 644 -51.86 40.64 -50.37
N ARG A 645 -52.10 41.93 -50.23
CA ARG A 645 -51.62 42.92 -51.15
C ARG A 645 -50.71 43.80 -50.29
N THR A 646 -49.47 43.97 -50.69
CA THR A 646 -48.57 44.74 -49.89
C THR A 646 -47.75 45.75 -50.66
N ALA A 647 -47.85 46.96 -50.15
CA ALA A 647 -47.06 48.02 -50.71
C ALA A 647 -45.58 47.87 -50.28
N GLU A 648 -45.28 47.42 -49.05
CA GLU A 648 -43.89 47.27 -48.56
C GLU A 648 -43.13 46.11 -49.07
N GLY A 649 -43.80 45.11 -49.62
CA GLY A 649 -43.05 43.97 -50.09
C GLY A 649 -42.17 44.25 -51.28
N LEU A 650 -40.99 43.62 -51.38
CA LEU A 650 -40.07 43.81 -52.48
C LEU A 650 -39.18 42.63 -52.74
N ASP A 651 -38.40 42.12 -51.78
CA ASP A 651 -37.57 40.88 -52.00
C ASP A 651 -38.11 39.53 -51.63
N THR A 652 -37.37 38.50 -52.05
CA THR A 652 -37.73 37.13 -51.64
C THR A 652 -38.04 36.90 -50.18
N HIS A 653 -37.17 37.30 -49.27
CA HIS A 653 -37.47 37.17 -47.85
C HIS A 653 -38.91 37.62 -47.58
N TYR A 654 -39.25 38.89 -47.64
CA TYR A 654 -40.64 39.27 -47.42
C TYR A 654 -41.69 38.31 -47.93
N PHE A 655 -41.49 37.61 -49.02
CA PHE A 655 -42.56 36.75 -49.42
C PHE A 655 -42.55 35.59 -48.44
N ALA A 656 -41.42 34.91 -48.36
CA ALA A 656 -41.26 33.79 -47.43
C ALA A 656 -41.93 34.08 -46.07
N VAL A 657 -41.57 35.15 -45.39
CA VAL A 657 -42.22 35.39 -44.12
C VAL A 657 -43.71 35.42 -44.33
N LEU A 658 -44.22 36.42 -45.04
CA LEU A 658 -45.69 36.40 -45.26
C LEU A 658 -46.28 35.00 -45.46
N ILE A 659 -45.68 34.24 -46.37
CA ILE A 659 -46.33 33.00 -46.70
C ILE A 659 -46.42 32.15 -45.49
N GLY A 660 -45.27 31.89 -44.88
CA GLY A 660 -45.22 31.04 -43.71
C GLY A 660 -45.67 31.71 -42.45
N VAL A 661 -46.67 32.52 -42.46
CA VAL A 661 -47.15 33.05 -41.23
C VAL A 661 -48.62 33.13 -41.60
N GLY A 662 -48.99 32.36 -42.63
CA GLY A 662 -50.36 32.39 -43.12
C GLY A 662 -50.67 32.50 -44.61
N ALA A 663 -50.44 33.68 -45.17
CA ALA A 663 -50.66 33.99 -46.57
C ALA A 663 -50.78 32.83 -47.56
N THR A 664 -51.84 32.88 -48.33
CA THR A 664 -51.98 31.86 -49.34
C THR A 664 -51.27 32.31 -50.59
N THR A 665 -51.54 33.60 -50.80
CA THR A 665 -51.24 34.35 -51.97
C THR A 665 -50.71 35.73 -51.60
N VAL A 666 -49.76 36.20 -52.39
CA VAL A 666 -49.22 37.53 -52.20
C VAL A 666 -49.03 38.23 -53.53
N ASN A 667 -49.19 39.55 -53.45
CA ASN A 667 -49.04 40.46 -54.61
C ASN A 667 -48.27 41.71 -54.21
N ALA A 668 -47.02 41.78 -54.67
CA ALA A 668 -46.23 42.95 -54.32
C ALA A 668 -46.64 44.02 -55.35
N TYR A 669 -47.66 44.77 -55.00
CA TYR A 669 -48.17 45.64 -56.00
C TYR A 669 -47.38 46.94 -56.27
N LEU A 670 -46.79 47.52 -55.24
CA LEU A 670 -46.09 48.78 -55.37
C LEU A 670 -44.72 48.48 -55.76
N ALA A 671 -44.47 47.35 -56.37
CA ALA A 671 -43.09 47.08 -56.64
C ALA A 671 -43.08 46.77 -58.11
N GLN A 672 -44.24 46.32 -58.58
CA GLN A 672 -44.45 46.05 -59.99
C GLN A 672 -44.49 47.52 -60.38
N GLU A 673 -45.20 48.32 -59.61
CA GLU A 673 -45.17 49.71 -59.98
C GLU A 673 -43.73 50.18 -60.14
N ALA A 674 -43.00 50.23 -59.04
CA ALA A 674 -41.64 50.67 -59.12
C ALA A 674 -40.95 50.02 -60.32
N ILE A 675 -41.21 48.74 -60.62
CA ILE A 675 -40.62 48.19 -61.82
C ILE A 675 -40.88 49.05 -63.07
N ALA A 676 -42.15 49.18 -63.48
CA ALA A 676 -42.59 50.10 -64.56
C ALA A 676 -41.81 51.40 -64.64
N GLU A 677 -41.93 52.21 -63.59
CA GLU A 677 -41.25 53.49 -63.63
C GLU A 677 -39.85 53.25 -64.17
N ARG A 678 -39.09 52.36 -63.54
CA ARG A 678 -37.78 52.04 -64.10
C ARG A 678 -37.86 51.77 -65.60
N HIS A 679 -38.85 50.98 -65.98
CA HIS A 679 -38.96 50.54 -67.35
C HIS A 679 -39.25 51.65 -68.36
N ARG A 680 -39.97 52.67 -67.94
CA ARG A 680 -40.20 53.82 -68.81
C ARG A 680 -39.04 54.76 -68.80
N ARG A 681 -37.85 54.34 -68.48
CA ARG A 681 -36.76 55.29 -68.60
C ARG A 681 -35.86 54.27 -69.29
N GLY A 682 -36.51 53.33 -69.94
CA GLY A 682 -35.78 52.29 -70.63
C GLY A 682 -34.59 51.68 -69.93
N LEU A 683 -34.64 51.67 -68.60
CA LEU A 683 -33.58 51.00 -67.88
C LEU A 683 -33.59 49.50 -68.18
N PHE A 684 -34.67 48.93 -68.71
CA PHE A 684 -34.51 47.51 -68.97
C PHE A 684 -34.25 47.32 -70.42
N GLY A 685 -34.29 48.42 -71.18
CA GLY A 685 -34.07 48.41 -72.62
C GLY A 685 -35.21 47.83 -73.45
N SER A 686 -34.84 47.22 -74.57
CA SER A 686 -35.84 46.63 -75.47
C SER A 686 -37.04 45.95 -74.79
N MET A 687 -36.75 45.14 -73.75
CA MET A 687 -37.64 44.26 -72.98
C MET A 687 -38.98 44.76 -72.51
N PRO A 688 -40.01 44.08 -72.95
CA PRO A 688 -41.37 44.45 -72.56
C PRO A 688 -41.62 44.26 -71.05
N LEU A 689 -42.25 45.29 -70.51
CA LEU A 689 -42.67 45.31 -69.12
C LEU A 689 -43.35 44.03 -68.75
N GLU A 690 -43.83 43.26 -69.71
CA GLU A 690 -44.55 42.07 -69.33
C GLU A 690 -43.45 41.10 -69.04
N LYS A 691 -42.63 40.75 -70.03
CA LYS A 691 -41.49 39.87 -69.77
C LYS A 691 -40.77 40.39 -68.51
N GLY A 692 -40.81 41.70 -68.32
CA GLY A 692 -40.28 42.28 -67.10
C GLY A 692 -40.84 41.48 -65.93
N MET A 693 -42.11 41.70 -65.57
CA MET A 693 -42.72 40.96 -64.47
C MET A 693 -42.39 39.48 -64.55
N ALA A 694 -42.69 38.82 -65.65
CA ALA A 694 -42.36 37.40 -65.69
C ALA A 694 -41.10 37.08 -64.95
N ASN A 695 -40.01 37.72 -65.34
CA ASN A 695 -38.75 37.53 -64.66
C ASN A 695 -38.92 37.81 -63.19
N TYR A 696 -39.28 39.01 -62.82
CA TYR A 696 -39.45 39.30 -61.41
C TYR A 696 -39.99 38.10 -60.73
N LYS A 697 -41.11 37.63 -61.24
CA LYS A 697 -41.78 36.51 -60.67
C LYS A 697 -40.92 35.27 -60.57
N LYS A 698 -40.10 34.97 -61.53
CA LYS A 698 -39.32 33.75 -61.41
C LYS A 698 -38.29 33.98 -60.32
N ALA A 699 -37.85 35.21 -60.21
CA ALA A 699 -36.81 35.39 -59.24
C ALA A 699 -37.44 35.16 -57.87
N ILE A 700 -38.66 35.62 -57.69
CA ILE A 700 -39.24 35.37 -56.41
C ILE A 700 -39.66 33.91 -56.29
N ASP A 701 -40.03 33.30 -57.38
CA ASP A 701 -40.35 31.93 -57.18
C ASP A 701 -39.10 31.18 -56.83
N ASP A 702 -37.98 31.38 -57.52
CA ASP A 702 -36.89 30.47 -57.15
C ASP A 702 -36.49 31.01 -55.86
N GLY A 703 -36.90 32.25 -55.65
CA GLY A 703 -36.58 32.92 -54.41
C GLY A 703 -36.88 31.99 -53.25
N LEU A 704 -38.18 31.71 -53.09
CA LEU A 704 -38.84 30.84 -52.14
C LEU A 704 -38.26 29.43 -52.24
N LEU A 705 -38.53 28.75 -53.32
CA LEU A 705 -37.93 27.43 -53.36
C LEU A 705 -36.63 27.40 -52.62
N LYS A 706 -35.91 28.50 -52.54
CA LYS A 706 -34.60 28.39 -51.91
C LYS A 706 -34.69 28.50 -50.42
N ILE A 707 -35.07 29.71 -50.04
CA ILE A 707 -35.35 29.92 -48.65
C ILE A 707 -35.91 28.58 -48.04
N MET A 708 -36.86 27.90 -48.72
CA MET A 708 -37.37 26.62 -48.23
C MET A 708 -36.26 25.60 -48.12
N SER A 709 -35.67 25.17 -49.21
CA SER A 709 -34.60 24.19 -49.12
C SER A 709 -33.61 24.34 -47.97
N LYS A 710 -33.55 25.52 -47.36
CA LYS A 710 -32.58 25.71 -46.29
C LYS A 710 -32.82 24.79 -45.10
N MET A 711 -34.05 24.30 -44.91
CA MET A 711 -34.41 23.30 -43.85
C MET A 711 -35.10 22.17 -44.57
N GLY A 712 -34.34 21.44 -45.37
CA GLY A 712 -34.82 20.53 -46.40
C GLY A 712 -36.28 20.50 -46.87
N ILE A 713 -37.00 21.60 -46.80
CA ILE A 713 -38.39 21.45 -47.16
C ILE A 713 -38.73 21.54 -48.66
N SER A 714 -39.36 20.52 -49.22
CA SER A 714 -39.61 20.50 -50.65
C SER A 714 -40.92 21.08 -51.11
N VAL A 715 -41.73 21.71 -50.29
CA VAL A 715 -43.06 22.01 -50.76
C VAL A 715 -43.82 23.08 -50.02
N ILE A 716 -44.31 24.06 -50.73
CA ILE A 716 -44.85 25.17 -49.98
C ILE A 716 -46.02 24.92 -49.05
N SER A 717 -46.88 23.94 -49.30
CA SER A 717 -48.06 23.76 -48.46
C SER A 717 -47.75 23.40 -47.01
N SER A 718 -46.70 22.64 -46.79
CA SER A 718 -46.24 22.31 -45.47
C SER A 718 -45.53 23.56 -44.94
N TYR A 719 -44.82 24.27 -45.79
CA TYR A 719 -44.12 25.45 -45.31
C TYR A 719 -45.08 26.51 -44.88
N ARG A 720 -46.21 26.59 -45.55
CA ARG A 720 -47.05 27.74 -45.24
C ARG A 720 -47.53 27.77 -43.80
N GLY A 721 -47.61 28.97 -43.26
CA GLY A 721 -48.06 29.09 -41.87
C GLY A 721 -47.17 28.38 -40.86
N GLY A 722 -46.19 27.63 -41.32
CA GLY A 722 -45.39 26.89 -40.35
C GLY A 722 -44.58 27.76 -39.40
N GLY A 723 -44.63 29.08 -39.60
CA GLY A 723 -43.81 29.98 -38.81
C GLY A 723 -42.34 29.64 -38.73
N ASN A 724 -41.68 29.31 -39.84
CA ASN A 724 -40.25 29.03 -39.74
C ASN A 724 -39.25 30.15 -39.68
N PHE A 725 -39.43 31.03 -38.71
CA PHE A 725 -38.55 32.13 -38.55
C PHE A 725 -38.17 32.17 -37.14
N GLU A 726 -37.24 33.03 -36.78
CA GLU A 726 -37.01 33.13 -35.38
C GLU A 726 -37.11 34.60 -35.20
N ALA A 727 -37.81 35.13 -34.23
CA ALA A 727 -37.80 36.57 -34.12
C ALA A 727 -36.68 37.17 -33.32
N ILE A 728 -35.81 38.00 -33.84
CA ILE A 728 -34.96 38.66 -32.87
C ILE A 728 -35.49 40.06 -32.67
N GLY A 729 -35.66 40.58 -31.48
CA GLY A 729 -36.11 41.94 -31.40
C GLY A 729 -37.53 42.32 -31.11
N LEU A 730 -38.50 41.48 -31.40
CA LEU A 730 -39.88 41.83 -31.07
C LEU A 730 -40.24 41.13 -29.76
N SER A 731 -41.15 41.73 -28.99
CA SER A 731 -41.57 41.16 -27.71
C SER A 731 -42.31 39.88 -27.73
N ARG A 732 -41.90 39.05 -26.78
CA ARG A 732 -42.38 37.70 -26.47
C ARG A 732 -43.84 37.74 -26.54
N ALA A 733 -44.42 38.50 -25.62
CA ALA A 733 -45.88 38.57 -25.61
C ALA A 733 -46.42 38.67 -27.05
N LEU A 734 -46.02 39.73 -27.76
CA LEU A 734 -46.44 39.92 -29.12
C LEU A 734 -46.35 38.69 -30.01
N VAL A 735 -45.15 38.18 -30.14
CA VAL A 735 -44.92 37.13 -31.07
C VAL A 735 -45.82 35.95 -30.77
N ALA A 736 -46.21 35.90 -29.52
CA ALA A 736 -47.02 34.77 -29.09
C ALA A 736 -48.40 35.15 -29.51
N GLU A 737 -48.88 36.23 -28.93
CA GLU A 737 -50.18 36.69 -29.30
C GLU A 737 -50.54 36.50 -30.75
N HIS A 738 -49.79 37.10 -31.68
CA HIS A 738 -50.12 37.10 -33.13
C HIS A 738 -49.41 36.28 -34.19
N PHE A 739 -48.38 35.50 -33.96
CA PHE A 739 -47.91 34.87 -35.19
C PHE A 739 -47.94 33.45 -34.74
N PRO A 740 -47.84 32.51 -35.65
CA PRO A 740 -47.71 31.11 -35.26
C PRO A 740 -46.58 30.95 -34.24
N ALA A 741 -46.30 29.73 -33.81
CA ALA A 741 -45.22 29.60 -32.87
C ALA A 741 -43.86 29.86 -33.47
N MET A 742 -43.17 30.80 -32.84
CA MET A 742 -41.81 31.10 -33.16
C MET A 742 -41.20 31.54 -31.83
N VAL A 743 -39.90 31.42 -31.73
CA VAL A 743 -39.18 31.79 -30.56
C VAL A 743 -38.95 33.27 -30.63
N SER A 744 -38.91 33.99 -29.54
CA SER A 744 -38.31 35.28 -29.62
C SER A 744 -37.55 35.45 -28.29
N ARG A 745 -36.44 34.68 -28.18
CA ARG A 745 -35.65 34.65 -26.96
C ARG A 745 -35.36 35.90 -26.24
N ILE A 746 -35.55 37.04 -26.84
CA ILE A 746 -35.65 38.23 -26.02
C ILE A 746 -36.78 39.05 -26.52
N SER A 747 -37.66 39.41 -25.60
CA SER A 747 -38.79 40.09 -26.17
C SER A 747 -38.14 41.28 -26.86
N GLY A 748 -38.91 42.12 -27.49
CA GLY A 748 -38.33 43.28 -28.11
C GLY A 748 -39.35 44.39 -28.07
N ILE A 749 -39.58 45.02 -29.21
CA ILE A 749 -40.53 46.11 -29.20
C ILE A 749 -41.83 45.42 -29.23
N GLY A 750 -42.86 46.24 -29.06
CA GLY A 750 -44.22 45.77 -29.14
C GLY A 750 -45.04 46.73 -29.98
N LEU A 751 -46.35 46.52 -29.96
CA LEU A 751 -47.24 47.35 -30.75
C LEU A 751 -46.91 48.81 -30.51
N ASN A 752 -46.83 49.22 -29.27
CA ASN A 752 -46.58 50.62 -29.15
C ASN A 752 -45.31 51.10 -29.78
N GLY A 753 -44.31 50.28 -29.90
CA GLY A 753 -43.11 50.83 -30.50
C GLY A 753 -43.40 50.77 -31.96
N ILE A 754 -43.71 49.57 -32.42
CA ILE A 754 -44.05 49.43 -33.81
C ILE A 754 -44.90 50.61 -34.22
N GLN A 755 -46.06 50.82 -33.62
CA GLN A 755 -46.81 52.01 -34.00
C GLN A 755 -45.94 53.23 -34.16
N LYS A 756 -45.24 53.60 -33.11
CA LYS A 756 -44.49 54.82 -33.19
C LYS A 756 -43.53 54.89 -34.35
N LYS A 757 -42.79 53.85 -34.63
CA LYS A 757 -41.86 53.88 -35.75
C LYS A 757 -42.64 53.89 -37.08
N VAL A 758 -43.67 53.09 -37.21
CA VAL A 758 -44.42 53.12 -38.45
C VAL A 758 -44.84 54.54 -38.77
N LEU A 759 -45.51 55.16 -37.83
CA LEU A 759 -45.91 56.50 -38.05
C LEU A 759 -44.78 57.48 -38.35
N GLU A 760 -43.55 57.21 -37.94
CA GLU A 760 -42.57 58.27 -38.08
C GLU A 760 -42.16 58.31 -39.49
N GLN A 761 -41.85 57.14 -40.00
CA GLN A 761 -41.50 56.97 -41.37
C GLN A 761 -42.70 57.54 -42.18
N HIS A 762 -43.90 57.33 -41.71
CA HIS A 762 -45.06 57.83 -42.44
C HIS A 762 -44.94 59.33 -42.60
N ALA A 763 -44.73 60.06 -41.53
CA ALA A 763 -44.65 61.52 -41.68
C ALA A 763 -43.60 61.89 -42.70
N THR A 764 -42.49 61.21 -42.65
CA THR A 764 -41.51 61.41 -43.64
C THR A 764 -42.12 61.47 -45.04
N ALA A 765 -43.18 60.75 -45.32
CA ALA A 765 -43.59 60.70 -46.69
C ALA A 765 -44.89 61.36 -47.11
N TYR A 766 -45.59 61.97 -46.15
CA TYR A 766 -46.82 62.67 -46.44
C TYR A 766 -46.78 63.96 -45.71
N ASN A 767 -45.58 64.30 -45.25
CA ASN A 767 -45.47 65.59 -44.63
C ASN A 767 -44.97 66.61 -45.60
N GLU A 768 -44.42 66.14 -46.71
CA GLU A 768 -44.04 67.04 -47.81
C GLU A 768 -43.47 66.31 -49.03
N GLU A 769 -43.28 67.07 -50.10
CA GLU A 769 -42.79 66.59 -51.39
C GLU A 769 -41.68 65.55 -51.32
N VAL A 770 -41.66 64.64 -52.28
CA VAL A 770 -40.64 63.63 -52.31
C VAL A 770 -40.24 63.34 -53.76
N VAL A 771 -39.12 63.88 -54.25
CA VAL A 771 -38.72 63.64 -55.63
C VAL A 771 -37.75 62.42 -55.74
N ALA A 772 -36.88 62.22 -54.77
CA ALA A 772 -35.97 61.05 -54.78
C ALA A 772 -35.86 60.32 -53.44
N LEU A 773 -35.75 58.99 -53.50
CA LEU A 773 -35.54 58.26 -52.26
C LEU A 773 -34.13 58.61 -51.92
N PRO A 774 -33.80 58.38 -50.68
CA PRO A 774 -32.42 58.51 -50.22
C PRO A 774 -31.62 57.36 -50.80
N VAL A 775 -30.31 57.45 -50.68
CA VAL A 775 -29.44 56.51 -51.34
C VAL A 775 -29.50 55.14 -50.75
N GLY A 776 -29.32 55.14 -49.43
CA GLY A 776 -29.29 53.88 -48.72
C GLY A 776 -27.88 53.41 -48.51
N GLY A 777 -27.63 52.82 -47.36
CA GLY A 777 -26.31 52.34 -47.03
C GLY A 777 -26.54 51.12 -46.19
N PHE A 778 -27.43 50.29 -46.68
CA PHE A 778 -27.71 49.13 -45.94
C PHE A 778 -26.81 48.12 -46.49
N TYR A 779 -26.83 47.82 -47.79
CA TYR A 779 -25.92 46.83 -48.31
C TYR A 779 -24.49 47.31 -48.48
N ARG A 780 -24.24 48.58 -48.18
CA ARG A 780 -22.89 49.13 -48.34
C ARG A 780 -22.73 50.48 -47.64
N PHE A 781 -21.53 50.73 -47.13
CA PHE A 781 -21.40 51.91 -46.35
C PHE A 781 -21.38 53.10 -47.23
N ARG A 782 -22.25 54.06 -47.03
CA ARG A 782 -22.12 55.28 -47.80
C ARG A 782 -21.85 56.27 -46.73
N LYS A 783 -21.63 57.54 -46.99
CA LYS A 783 -21.26 58.27 -45.80
C LYS A 783 -22.57 58.76 -45.27
N SER A 784 -23.59 58.06 -45.73
CA SER A 784 -24.90 58.40 -45.22
C SER A 784 -25.38 57.79 -43.88
N GLY A 785 -26.65 57.38 -43.86
CA GLY A 785 -27.33 57.04 -42.63
C GLY A 785 -27.09 55.79 -41.80
N ASP A 786 -27.11 54.67 -42.48
CA ASP A 786 -26.87 53.41 -41.85
C ASP A 786 -25.43 53.29 -41.53
N ARG A 787 -25.12 52.85 -40.32
CA ARG A 787 -23.74 52.72 -40.00
C ARG A 787 -23.37 51.29 -40.29
N HIS A 788 -22.10 50.96 -40.09
CA HIS A 788 -21.67 49.62 -40.32
C HIS A 788 -20.50 49.48 -39.35
N GLY A 789 -20.02 48.27 -39.16
CA GLY A 789 -18.90 48.09 -38.27
C GLY A 789 -17.72 48.65 -38.98
N TRP A 790 -17.47 48.03 -40.10
CA TRP A 790 -16.41 48.48 -40.96
C TRP A 790 -16.90 49.66 -41.79
N GLU A 791 -16.37 50.84 -41.48
CA GLU A 791 -16.60 52.11 -42.13
C GLU A 791 -15.18 52.60 -42.32
N GLY A 792 -15.03 53.52 -43.28
CA GLY A 792 -13.77 54.06 -43.71
C GLY A 792 -12.82 54.48 -42.64
N GLY A 793 -13.29 55.35 -41.77
CA GLY A 793 -12.35 55.76 -40.75
C GLY A 793 -11.72 54.64 -39.97
N VAL A 794 -12.62 53.76 -39.64
CA VAL A 794 -12.27 52.66 -38.83
C VAL A 794 -11.26 51.86 -39.61
N ILE A 795 -11.57 51.55 -40.85
CA ILE A 795 -10.57 50.83 -41.63
C ILE A 795 -9.19 51.46 -41.83
N HIS A 796 -9.21 52.77 -42.01
CA HIS A 796 -7.98 53.44 -42.20
C HIS A 796 -7.14 53.24 -40.96
N THR A 797 -7.68 53.74 -39.83
CA THR A 797 -7.01 53.65 -38.52
C THR A 797 -6.48 52.26 -38.21
N LEU A 798 -7.28 51.25 -38.53
CA LEU A 798 -6.71 49.96 -38.27
C LEU A 798 -5.48 49.73 -39.16
N GLN A 799 -5.60 50.11 -40.43
CA GLN A 799 -4.55 49.86 -41.40
C GLN A 799 -3.29 50.59 -41.01
N GLN A 800 -3.58 51.84 -40.63
CA GLN A 800 -2.51 52.69 -40.15
C GLN A 800 -1.86 51.85 -39.07
N ALA A 801 -2.67 51.47 -38.06
CA ALA A 801 -2.12 50.71 -36.95
C ALA A 801 -1.27 49.48 -37.23
N VAL A 802 -1.73 48.58 -38.05
CA VAL A 802 -0.94 47.38 -38.25
C VAL A 802 0.15 47.70 -39.22
N THR A 803 -0.02 48.75 -40.01
CA THR A 803 1.10 49.03 -40.93
C THR A 803 2.29 49.75 -40.30
N ASN A 804 2.03 50.79 -39.54
CA ASN A 804 3.07 51.50 -38.89
C ASN A 804 3.52 50.74 -37.66
N ASP A 805 2.75 49.70 -37.33
CA ASP A 805 2.98 48.95 -36.11
C ASP A 805 2.82 49.80 -34.84
N SER A 806 1.78 50.61 -34.66
CA SER A 806 1.64 51.25 -33.37
C SER A 806 0.45 50.74 -32.59
N TYR A 807 0.65 50.40 -31.32
CA TYR A 807 -0.45 49.89 -30.55
C TYR A 807 -1.27 51.04 -30.17
N THR A 808 -0.63 52.18 -30.12
CA THR A 808 -1.41 53.37 -29.83
C THR A 808 -2.39 53.67 -30.95
N THR A 809 -2.04 53.25 -32.14
CA THR A 809 -2.96 53.59 -33.20
C THR A 809 -4.04 52.60 -33.12
N PHE A 810 -3.66 51.37 -32.89
CA PHE A 810 -4.69 50.36 -32.64
C PHE A 810 -5.69 50.83 -31.62
N LYS A 811 -5.18 51.23 -30.48
CA LYS A 811 -6.08 51.69 -29.46
C LYS A 811 -6.96 52.81 -29.86
N LYS A 812 -6.61 53.51 -30.92
CA LYS A 812 -7.41 54.67 -31.19
C LYS A 812 -8.50 54.14 -32.06
N TYR A 813 -8.20 53.10 -32.81
CA TYR A 813 -9.16 52.47 -33.69
C TYR A 813 -10.30 51.86 -32.86
N SER A 814 -9.92 50.94 -31.99
CA SER A 814 -10.88 50.30 -31.10
C SER A 814 -11.71 51.29 -30.32
N GLU A 815 -11.12 52.39 -29.87
CA GLU A 815 -11.93 53.39 -29.21
C GLU A 815 -12.96 53.93 -30.20
N GLN A 816 -12.50 54.27 -31.39
CA GLN A 816 -13.39 54.71 -32.47
C GLN A 816 -14.49 53.69 -32.54
N VAL A 817 -14.13 52.42 -32.46
CA VAL A 817 -15.11 51.37 -32.58
C VAL A 817 -16.03 51.22 -31.38
N ASN A 818 -15.51 51.39 -30.19
CA ASN A 818 -16.32 51.16 -29.02
C ASN A 818 -17.12 52.37 -28.61
N LYS A 819 -16.82 53.52 -29.14
CA LYS A 819 -17.54 54.66 -28.66
C LYS A 819 -18.79 54.91 -29.46
N ARG A 820 -19.31 53.99 -30.20
CA ARG A 820 -20.48 54.43 -30.91
C ARG A 820 -21.69 53.97 -30.20
N PRO A 821 -22.84 54.29 -30.75
CA PRO A 821 -24.10 53.74 -30.27
C PRO A 821 -24.13 52.24 -30.50
N PRO A 822 -24.92 51.58 -29.72
CA PRO A 822 -24.92 50.12 -29.67
C PRO A 822 -25.38 49.70 -30.99
N MET A 823 -24.86 48.64 -31.54
CA MET A 823 -25.22 48.21 -32.86
C MET A 823 -25.48 46.72 -32.82
N GLN A 824 -24.92 46.06 -31.81
CA GLN A 824 -24.89 44.63 -31.71
C GLN A 824 -25.21 44.28 -30.26
N LEU A 825 -25.62 43.05 -29.92
CA LEU A 825 -26.04 42.78 -28.52
C LEU A 825 -24.98 43.00 -27.46
N ARG A 826 -23.76 42.57 -27.77
CA ARG A 826 -22.68 42.67 -26.82
C ARG A 826 -22.52 44.07 -26.48
N ASP A 827 -22.90 44.98 -27.38
CA ASP A 827 -22.74 46.42 -27.15
C ASP A 827 -23.62 46.83 -26.00
N LEU A 828 -24.62 46.05 -25.70
CA LEU A 828 -25.48 46.43 -24.61
C LEU A 828 -24.98 45.94 -23.22
N LEU A 829 -23.79 45.40 -23.14
CA LEU A 829 -23.29 44.87 -21.91
C LEU A 829 -22.17 45.70 -21.40
N GLU A 830 -22.11 45.85 -20.08
CA GLU A 830 -21.00 46.49 -19.42
C GLU A 830 -20.15 45.41 -18.77
N LEU A 831 -18.85 45.60 -18.57
CA LEU A 831 -18.17 44.55 -17.85
C LEU A 831 -17.74 45.13 -16.53
N ARG A 832 -18.33 44.70 -15.42
CA ARG A 832 -17.96 45.22 -14.12
C ARG A 832 -17.59 44.02 -13.36
N SER A 833 -16.68 44.13 -12.41
CA SER A 833 -16.31 42.97 -11.60
C SER A 833 -16.12 43.34 -10.13
N THR A 834 -15.82 42.42 -9.27
CA THR A 834 -15.74 42.84 -7.87
C THR A 834 -14.36 42.77 -7.27
N LYS A 835 -13.36 42.57 -8.12
CA LYS A 835 -12.03 42.42 -7.65
C LYS A 835 -11.35 43.73 -7.95
N ALA A 836 -10.29 44.04 -7.23
CA ALA A 836 -9.54 45.22 -7.55
C ALA A 836 -8.64 44.70 -8.67
N PRO A 837 -8.18 45.66 -9.42
CA PRO A 837 -7.41 45.50 -10.62
C PRO A 837 -6.03 44.93 -10.39
N VAL A 838 -5.50 44.30 -11.42
CA VAL A 838 -4.18 43.83 -11.27
C VAL A 838 -3.25 44.48 -12.25
N PRO A 839 -1.97 44.40 -11.92
CA PRO A 839 -0.93 44.92 -12.77
C PRO A 839 -0.88 44.13 -14.06
N VAL A 840 -0.85 44.75 -15.23
CA VAL A 840 -0.77 44.06 -16.51
C VAL A 840 0.35 43.03 -16.64
N ASP A 841 1.57 43.39 -16.31
CA ASP A 841 2.65 42.43 -16.36
C ASP A 841 2.18 41.10 -15.89
N GLU A 842 1.34 41.13 -14.86
CA GLU A 842 0.98 39.88 -14.20
C GLU A 842 0.13 38.96 -14.95
N VAL A 843 -0.53 39.45 -15.98
CA VAL A 843 -1.43 38.60 -16.66
C VAL A 843 -0.68 37.71 -17.55
N GLU A 844 -1.36 36.66 -17.97
CA GLU A 844 -0.93 35.69 -18.98
C GLU A 844 -0.32 36.43 -20.14
N SER A 845 0.47 35.74 -20.93
CA SER A 845 1.18 36.45 -21.99
C SER A 845 0.51 36.45 -23.32
N ILE A 846 0.92 37.37 -24.18
CA ILE A 846 0.41 37.47 -25.54
C ILE A 846 0.68 36.15 -26.23
N THR A 847 1.92 35.72 -26.26
CA THR A 847 2.18 34.43 -26.84
C THR A 847 1.09 33.45 -26.50
N ALA A 848 0.75 33.43 -25.23
CA ALA A 848 -0.25 32.52 -24.73
C ALA A 848 -1.56 32.88 -25.34
N ILE A 849 -2.01 34.09 -25.10
CA ILE A 849 -3.30 34.40 -25.64
C ILE A 849 -3.50 34.30 -27.12
N ARG A 850 -2.56 34.82 -27.91
CA ARG A 850 -2.81 34.86 -29.34
C ARG A 850 -3.03 33.49 -29.87
N LYS A 851 -2.55 32.50 -29.14
CA LYS A 851 -2.76 31.15 -29.57
C LYS A 851 -4.19 30.71 -29.48
N ARG A 852 -5.05 31.46 -28.86
CA ARG A 852 -6.42 31.00 -28.82
C ARG A 852 -7.12 31.59 -30.01
N PHE A 853 -6.40 32.43 -30.74
CA PHE A 853 -6.95 33.05 -31.92
C PHE A 853 -6.63 32.16 -33.14
N ILE A 854 -7.56 32.19 -34.09
CA ILE A 854 -7.35 31.57 -35.39
C ILE A 854 -7.94 32.46 -36.47
N THR A 855 -7.45 32.16 -37.66
CA THR A 855 -7.80 32.87 -38.88
C THR A 855 -8.70 31.83 -39.47
N PRO A 856 -9.93 32.23 -39.73
CA PRO A 856 -10.97 31.35 -40.24
C PRO A 856 -10.62 30.75 -41.57
N GLY A 857 -11.44 29.82 -42.02
CA GLY A 857 -11.29 29.24 -43.35
C GLY A 857 -11.87 30.16 -44.40
N MET A 858 -11.04 30.57 -45.35
CA MET A 858 -11.39 31.48 -46.47
C MET A 858 -10.60 30.80 -47.58
N SER A 859 -11.36 30.40 -48.60
CA SER A 859 -10.80 29.50 -49.59
C SER A 859 -9.78 30.06 -50.53
N MET A 860 -8.93 29.18 -51.01
CA MET A 860 -8.07 29.53 -52.12
C MET A 860 -9.05 29.58 -53.33
N GLY A 861 -9.25 30.75 -53.93
CA GLY A 861 -10.30 30.84 -54.91
C GLY A 861 -10.98 32.10 -54.48
N ALA A 862 -11.80 32.01 -53.45
CA ALA A 862 -12.34 33.25 -52.90
C ALA A 862 -11.20 34.25 -52.67
N LEU A 863 -10.09 33.78 -52.12
CA LEU A 863 -9.02 34.74 -52.03
C LEU A 863 -7.78 34.54 -52.92
N SER A 864 -7.05 35.61 -53.19
CA SER A 864 -5.87 35.51 -54.03
C SER A 864 -4.91 34.52 -53.43
N PRO A 865 -4.07 33.87 -54.22
CA PRO A 865 -3.11 32.93 -53.64
C PRO A 865 -2.23 33.70 -52.71
N GLU A 866 -1.93 34.91 -53.08
CA GLU A 866 -1.08 35.65 -52.20
C GLU A 866 -1.76 35.81 -50.81
N ALA A 867 -2.98 36.33 -50.75
CA ALA A 867 -3.65 36.51 -49.47
C ALA A 867 -3.68 35.23 -48.62
N HIS A 868 -4.13 34.16 -49.25
CA HIS A 868 -4.25 32.90 -48.58
C HIS A 868 -2.97 32.56 -47.89
N GLY A 869 -1.92 32.32 -48.60
CA GLY A 869 -0.71 31.92 -47.92
C GLY A 869 -0.19 32.98 -47.02
N THR A 870 -0.58 34.21 -47.24
CA THR A 870 -0.02 35.17 -46.31
C THR A 870 -0.39 34.70 -44.90
N LEU A 871 -1.69 34.45 -44.78
CA LEU A 871 -2.37 34.03 -43.59
C LEU A 871 -1.69 32.77 -43.11
N ASN A 872 -1.56 31.77 -43.97
CA ASN A 872 -0.92 30.63 -43.36
C ASN A 872 0.42 30.97 -42.76
N VAL A 873 1.07 32.02 -43.18
CA VAL A 873 2.41 32.23 -42.72
C VAL A 873 2.35 32.92 -41.43
N ALA A 874 1.49 33.92 -41.35
CA ALA A 874 1.30 34.66 -40.12
C ALA A 874 0.95 33.67 -39.03
N MET A 875 -0.13 32.93 -39.20
CA MET A 875 -0.48 32.02 -38.13
C MET A 875 0.65 31.09 -37.76
N ASN A 876 1.30 30.45 -38.68
CA ASN A 876 2.29 29.59 -38.13
C ASN A 876 3.42 30.34 -37.48
N ARG A 877 3.47 31.63 -37.62
CA ARG A 877 4.67 32.24 -37.14
C ARG A 877 4.51 32.46 -35.68
N ILE A 878 3.27 32.65 -35.29
CA ILE A 878 3.01 32.90 -33.92
C ILE A 878 2.44 31.68 -33.22
N GLY A 879 2.72 30.51 -33.75
CA GLY A 879 2.25 29.30 -33.12
C GLY A 879 0.76 29.14 -33.04
N ALA A 880 0.00 29.87 -33.84
CA ALA A 880 -1.45 29.72 -33.84
C ALA A 880 -1.93 28.77 -34.92
N LYS A 881 -3.14 29.01 -35.41
CA LYS A 881 -3.64 28.17 -36.49
C LYS A 881 -4.42 28.90 -37.58
N SER A 882 -4.25 28.47 -38.82
CA SER A 882 -5.13 29.00 -39.87
C SER A 882 -5.97 27.91 -40.51
N ASP A 883 -6.94 28.32 -41.31
CA ASP A 883 -7.88 27.36 -41.86
C ASP A 883 -7.95 27.43 -43.40
N SER A 884 -7.48 26.38 -44.04
CA SER A 884 -7.45 26.23 -45.50
C SER A 884 -8.69 26.76 -46.19
N GLY A 885 -9.87 26.38 -45.73
CA GLY A 885 -11.04 26.93 -46.38
C GLY A 885 -11.65 25.88 -47.25
N GLU A 886 -12.84 26.18 -47.71
CA GLU A 886 -13.57 25.28 -48.57
C GLU A 886 -12.89 24.71 -49.81
N GLY A 887 -11.70 25.17 -50.16
CA GLY A 887 -11.21 24.81 -51.47
C GLY A 887 -9.87 24.24 -51.86
N GLY A 888 -9.37 23.24 -51.17
CA GLY A 888 -8.10 22.70 -51.54
C GLY A 888 -7.05 23.50 -50.84
N GLU A 889 -5.87 22.87 -50.83
CA GLU A 889 -4.58 23.40 -50.46
C GLU A 889 -3.47 22.72 -51.24
N ASP A 890 -2.66 23.53 -51.90
CA ASP A 890 -1.59 22.99 -52.70
C ASP A 890 -0.54 22.30 -51.84
N PRO A 891 -0.25 21.06 -52.16
CA PRO A 891 0.72 20.26 -51.41
C PRO A 891 2.18 20.63 -51.48
N ALA A 892 2.60 21.42 -52.46
CA ALA A 892 3.96 21.93 -52.54
C ALA A 892 4.19 22.53 -51.17
N ARG A 893 3.13 23.26 -50.80
CA ARG A 893 2.99 23.94 -49.50
C ARG A 893 3.22 23.06 -48.29
N PHE A 894 3.31 21.76 -48.48
CA PHE A 894 3.63 20.91 -47.36
C PHE A 894 5.11 20.88 -46.94
N ARG A 895 5.82 21.99 -46.98
CA ARG A 895 7.17 22.11 -46.37
C ARG A 895 7.53 23.56 -45.99
N PRO A 896 8.39 23.79 -45.02
CA PRO A 896 8.75 25.18 -44.68
C PRO A 896 9.75 25.64 -45.74
N ASP A 897 9.86 26.93 -46.04
CA ASP A 897 10.68 27.37 -47.14
C ASP A 897 12.03 27.86 -46.69
N LYS A 898 12.91 28.19 -47.63
CA LYS A 898 14.28 28.56 -47.28
C LYS A 898 14.28 29.64 -46.19
N ASN A 899 13.24 30.44 -46.20
CA ASN A 899 13.27 31.46 -45.22
C ASN A 899 12.73 31.06 -43.89
N GLY A 900 12.27 29.83 -43.80
CA GLY A 900 11.66 29.35 -42.58
C GLY A 900 10.16 29.59 -42.60
N ASP A 901 9.61 30.30 -43.57
CA ASP A 901 8.19 30.56 -43.53
C ASP A 901 7.42 29.32 -43.90
N ASN A 902 6.21 29.12 -43.36
CA ASN A 902 5.43 27.88 -43.55
C ASN A 902 4.05 28.15 -44.15
N TRP A 903 3.83 27.76 -45.40
CA TRP A 903 2.64 28.15 -46.12
C TRP A 903 1.55 27.16 -45.84
N ASN A 904 1.93 25.99 -45.38
CA ASN A 904 0.89 25.04 -45.02
C ASN A 904 -0.08 25.49 -43.92
N SER A 905 -1.35 25.18 -44.02
CA SER A 905 -2.34 25.59 -43.04
C SER A 905 -2.65 24.44 -42.07
N ALA A 906 -2.75 24.80 -40.78
CA ALA A 906 -2.93 23.83 -39.68
C ALA A 906 -4.25 23.09 -39.49
N ILE A 907 -5.36 23.71 -39.87
CA ILE A 907 -6.68 23.15 -39.80
C ILE A 907 -7.26 23.00 -41.21
N LYS A 908 -7.50 21.80 -41.71
CA LYS A 908 -8.09 21.72 -43.05
C LYS A 908 -9.63 21.51 -43.04
N GLN A 909 -10.37 22.14 -43.95
CA GLN A 909 -11.79 21.90 -43.94
C GLN A 909 -12.17 20.67 -44.72
N VAL A 910 -13.39 20.25 -44.43
CA VAL A 910 -14.08 19.27 -45.18
C VAL A 910 -15.53 19.78 -45.42
N ALA A 911 -15.90 20.17 -46.66
CA ALA A 911 -17.24 20.75 -46.88
C ALA A 911 -18.03 20.04 -47.95
N SER A 912 -19.26 20.46 -48.22
CA SER A 912 -20.01 19.72 -49.22
C SER A 912 -19.25 19.29 -50.42
N GLY A 913 -18.78 20.17 -51.29
CA GLY A 913 -18.19 19.61 -52.50
C GLY A 913 -16.80 19.32 -52.09
N ARG A 914 -16.45 18.09 -51.93
CA ARG A 914 -15.17 17.88 -51.30
C ARG A 914 -13.90 18.30 -52.08
N PHE A 915 -13.80 19.60 -52.34
CA PHE A 915 -12.69 20.17 -53.02
C PHE A 915 -11.33 19.63 -53.11
N GLY A 916 -10.52 19.59 -52.11
CA GLY A 916 -9.27 19.06 -52.59
C GLY A 916 -9.02 17.88 -51.75
N VAL A 917 -10.12 17.24 -51.38
CA VAL A 917 -10.03 16.32 -50.28
C VAL A 917 -9.41 15.01 -50.56
N THR A 918 -8.23 14.89 -50.00
CA THR A 918 -7.34 13.81 -50.38
C THR A 918 -6.67 13.10 -49.26
N ALA A 919 -6.37 11.82 -49.43
CA ALA A 919 -5.71 11.16 -48.26
C ALA A 919 -4.56 11.99 -47.73
N GLU A 920 -3.81 12.62 -48.62
CA GLU A 920 -2.69 13.45 -48.21
C GLU A 920 -3.17 14.79 -47.69
N TYR A 921 -4.30 15.28 -48.16
CA TYR A 921 -4.68 16.60 -47.63
C TYR A 921 -5.12 16.36 -46.21
N LEU A 922 -6.07 15.46 -46.05
CA LEU A 922 -6.59 15.12 -44.75
C LEU A 922 -5.47 14.78 -43.81
N ASN A 923 -4.33 14.35 -44.32
CA ASN A 923 -3.27 14.08 -43.36
C ASN A 923 -2.24 15.18 -43.11
N GLN A 924 -2.36 16.32 -43.74
CA GLN A 924 -1.37 17.35 -43.56
C GLN A 924 -1.98 18.38 -42.60
N CYS A 925 -2.38 17.93 -41.39
CA CYS A 925 -2.91 18.86 -40.38
C CYS A 925 -3.09 18.40 -38.95
N ARG A 926 -3.47 19.33 -38.09
CA ARG A 926 -3.69 19.00 -36.70
C ARG A 926 -5.19 19.01 -36.47
N GLU A 927 -5.97 19.54 -37.41
CA GLU A 927 -7.37 19.59 -37.14
C GLU A 927 -8.26 19.52 -38.37
N LEU A 928 -9.31 18.71 -38.38
CA LEU A 928 -10.27 18.70 -39.46
C LEU A 928 -11.59 19.45 -39.15
N GLU A 929 -12.01 20.41 -39.97
CA GLU A 929 -13.20 21.20 -39.62
C GLU A 929 -14.32 20.72 -40.50
N ILE A 930 -15.34 20.09 -39.94
CA ILE A 930 -16.43 19.70 -40.80
C ILE A 930 -17.25 20.95 -40.99
N LYS A 931 -17.31 21.47 -42.21
CA LYS A 931 -18.12 22.68 -42.38
C LYS A 931 -19.59 22.45 -42.68
N VAL A 932 -20.40 22.50 -41.65
CA VAL A 932 -21.77 22.31 -41.97
C VAL A 932 -22.34 23.64 -42.29
N ALA A 933 -21.71 24.76 -42.01
CA ALA A 933 -22.42 25.98 -42.34
C ALA A 933 -21.75 27.34 -42.01
N GLN A 934 -21.96 28.41 -42.79
CA GLN A 934 -21.42 29.73 -42.49
C GLN A 934 -22.48 30.77 -42.27
N GLY A 935 -22.26 31.70 -41.37
CA GLY A 935 -23.27 32.70 -41.06
C GLY A 935 -23.66 33.62 -42.17
N ALA A 936 -22.86 33.56 -43.22
CA ALA A 936 -23.20 34.45 -44.31
C ALA A 936 -24.35 33.75 -45.05
N LYS A 937 -24.26 32.44 -45.17
CA LYS A 937 -25.32 31.75 -45.89
C LYS A 937 -25.69 30.34 -45.35
N PRO A 938 -26.21 30.30 -44.13
CA PRO A 938 -26.53 29.08 -43.43
C PRO A 938 -27.17 28.02 -44.28
N GLY A 939 -28.37 28.33 -44.72
CA GLY A 939 -28.90 27.18 -45.43
C GLY A 939 -28.14 26.54 -46.61
N GLU A 940 -26.91 26.93 -46.96
CA GLU A 940 -26.47 26.67 -48.31
C GLU A 940 -25.18 26.25 -48.96
N GLY A 941 -23.99 26.64 -48.62
CA GLY A 941 -22.99 26.09 -49.54
C GLY A 941 -22.29 27.02 -50.50
N GLY A 942 -21.00 26.80 -50.71
CA GLY A 942 -20.26 27.82 -51.41
C GLY A 942 -20.50 28.06 -52.87
N GLN A 943 -20.10 29.25 -53.31
CA GLN A 943 -20.10 29.65 -54.70
C GLN A 943 -18.73 30.11 -55.06
N LEU A 944 -18.30 29.84 -56.29
CA LEU A 944 -17.06 30.43 -56.75
C LEU A 944 -17.37 30.69 -58.20
N PRO A 945 -17.56 31.97 -58.55
CA PRO A 945 -17.86 32.39 -59.93
C PRO A 945 -16.88 31.77 -60.85
N GLY A 946 -17.33 31.49 -62.08
CA GLY A 946 -16.54 30.71 -63.01
C GLY A 946 -15.24 31.38 -63.40
N PHE A 947 -15.30 32.69 -63.45
CA PHE A 947 -14.12 33.35 -63.84
C PHE A 947 -13.22 33.51 -62.67
N LYS A 948 -13.18 32.54 -61.78
CA LYS A 948 -12.28 32.72 -60.67
C LYS A 948 -11.73 31.38 -60.62
N VAL A 949 -12.38 30.52 -61.39
CA VAL A 949 -11.94 29.16 -61.43
C VAL A 949 -10.83 29.10 -62.41
N THR A 950 -9.75 29.74 -62.03
CA THR A 950 -8.55 29.72 -62.78
C THR A 950 -8.23 28.31 -63.07
N GLU A 951 -7.06 28.09 -63.63
CA GLU A 951 -6.65 26.74 -63.97
C GLU A 951 -5.97 26.17 -62.79
N MET A 952 -5.20 27.00 -62.11
CA MET A 952 -4.52 26.47 -60.93
C MET A 952 -5.64 26.08 -60.01
N ILE A 953 -6.57 27.01 -59.80
CA ILE A 953 -7.69 26.70 -58.97
C ILE A 953 -8.28 25.39 -59.41
N ALA A 954 -8.74 25.30 -60.64
CA ALA A 954 -9.29 24.06 -61.18
C ALA A 954 -8.37 22.86 -61.02
N ARG A 955 -7.07 23.03 -61.13
CA ARG A 955 -6.24 21.84 -60.90
C ARG A 955 -6.40 21.35 -59.45
N LEU A 956 -6.35 22.29 -58.50
CA LEU A 956 -6.45 22.01 -57.09
C LEU A 956 -7.67 21.23 -56.81
N ARG A 957 -8.78 21.86 -57.19
CA ARG A 957 -10.05 21.27 -56.99
C ARG A 957 -10.51 20.09 -57.88
N HIS A 958 -9.72 19.57 -58.81
CA HIS A 958 -10.29 18.68 -59.83
C HIS A 958 -11.66 19.12 -60.38
N SER A 959 -11.78 20.39 -60.74
CA SER A 959 -13.01 20.95 -61.31
C SER A 959 -12.61 21.25 -62.75
N THR A 960 -13.54 21.79 -63.53
CA THR A 960 -13.18 22.15 -64.91
C THR A 960 -12.94 23.63 -65.00
N PRO A 961 -11.86 23.98 -65.68
CA PRO A 961 -11.43 25.38 -65.75
C PRO A 961 -12.49 26.34 -66.14
N GLY A 962 -12.44 27.46 -65.45
CA GLY A 962 -13.34 28.53 -65.74
C GLY A 962 -14.77 28.21 -65.62
N VAL A 963 -15.11 26.95 -65.39
CA VAL A 963 -16.51 26.65 -65.01
C VAL A 963 -16.72 26.81 -63.48
N MET A 964 -17.78 27.55 -63.16
CA MET A 964 -18.28 27.86 -61.81
C MET A 964 -18.39 26.70 -60.89
N LEU A 965 -18.14 26.95 -59.61
CA LEU A 965 -18.27 25.90 -58.61
C LEU A 965 -19.37 26.28 -57.63
N ILE A 966 -20.56 25.73 -57.82
CA ILE A 966 -21.55 25.92 -56.77
C ILE A 966 -21.63 24.59 -56.05
N SER A 967 -21.63 24.68 -54.72
CA SER A 967 -21.55 23.48 -53.91
C SER A 967 -22.91 22.96 -53.51
N PRO A 968 -22.99 21.69 -53.18
CA PRO A 968 -24.29 21.15 -52.78
C PRO A 968 -24.53 21.73 -51.41
N PRO A 969 -25.73 22.20 -51.10
CA PRO A 969 -25.94 22.82 -49.79
C PRO A 969 -25.70 21.86 -48.59
N PRO A 970 -26.07 20.61 -48.71
CA PRO A 970 -25.84 19.68 -47.63
C PRO A 970 -24.65 18.86 -47.96
N HIS A 971 -23.98 18.26 -46.97
CA HIS A 971 -22.92 17.29 -47.26
C HIS A 971 -23.60 16.02 -47.73
N HIS A 972 -23.10 15.30 -48.69
CA HIS A 972 -23.96 14.16 -49.06
C HIS A 972 -23.87 13.00 -48.08
N ASP A 973 -22.87 13.06 -47.21
CA ASP A 973 -22.74 12.00 -46.24
C ASP A 973 -23.00 12.53 -44.84
N ILE A 974 -24.01 13.36 -44.67
CA ILE A 974 -24.39 13.82 -43.37
C ILE A 974 -25.86 14.25 -43.50
N TYR A 975 -26.75 13.26 -43.51
CA TYR A 975 -28.17 13.46 -43.61
C TYR A 975 -28.92 13.35 -42.29
N SER A 976 -28.22 12.99 -41.22
CA SER A 976 -28.84 12.88 -39.89
C SER A 976 -27.72 12.74 -38.88
N ILE A 977 -28.01 12.93 -37.61
CA ILE A 977 -26.87 12.88 -36.72
C ILE A 977 -26.00 11.63 -36.65
N GLU A 978 -26.58 10.46 -36.79
CA GLU A 978 -25.70 9.28 -36.82
C GLU A 978 -24.77 9.52 -37.99
N ASP A 979 -25.31 10.11 -39.05
CA ASP A 979 -24.46 10.31 -40.16
C ASP A 979 -23.25 11.15 -39.78
N LEU A 980 -23.47 12.33 -39.21
CA LEU A 980 -22.36 13.14 -38.75
C LEU A 980 -21.38 12.24 -38.09
N ALA A 981 -22.00 11.48 -37.21
CA ALA A 981 -21.24 10.63 -36.36
C ALA A 981 -20.25 9.78 -37.10
N GLN A 982 -20.69 9.25 -38.22
CA GLN A 982 -19.84 8.34 -38.91
C GLN A 982 -18.77 9.08 -39.71
N LEU A 983 -19.07 10.30 -40.14
CA LEU A 983 -18.06 11.07 -40.87
C LEU A 983 -16.92 11.33 -39.89
N ILE A 984 -17.30 11.82 -38.71
CA ILE A 984 -16.30 12.01 -37.69
C ILE A 984 -15.45 10.76 -37.42
N TYR A 985 -16.06 9.60 -37.47
CA TYR A 985 -15.27 8.40 -37.33
C TYR A 985 -14.24 8.26 -38.48
N ASP A 986 -14.67 8.41 -39.73
CA ASP A 986 -13.76 8.23 -40.86
C ASP A 986 -12.64 9.26 -40.73
N LEU A 987 -13.08 10.45 -40.39
CA LEU A 987 -12.11 11.50 -40.26
C LEU A 987 -11.10 11.05 -39.21
N LYS A 988 -11.56 10.56 -38.05
CA LYS A 988 -10.54 10.22 -37.06
C LYS A 988 -9.77 8.98 -37.40
N GLN A 989 -10.25 8.28 -38.41
CA GLN A 989 -9.59 7.08 -38.89
C GLN A 989 -8.50 7.40 -39.90
N ILE A 990 -8.75 8.35 -40.78
CA ILE A 990 -7.73 8.58 -41.77
C ILE A 990 -6.68 9.43 -41.15
N ASN A 991 -7.02 10.18 -40.13
CA ASN A 991 -5.97 10.93 -39.50
C ASN A 991 -5.96 10.82 -38.03
N PRO A 992 -5.11 9.95 -37.57
CA PRO A 992 -5.07 9.60 -36.15
C PRO A 992 -4.66 10.75 -35.28
N ASP A 993 -4.06 11.78 -35.80
CA ASP A 993 -3.69 12.84 -34.90
C ASP A 993 -4.67 14.00 -34.80
N ALA A 994 -5.63 14.16 -35.70
CA ALA A 994 -6.32 15.43 -35.63
C ALA A 994 -7.51 15.48 -34.73
N LYS A 995 -7.87 16.68 -34.28
CA LYS A 995 -9.11 16.84 -33.53
C LYS A 995 -10.17 17.10 -34.57
N VAL A 996 -11.46 16.89 -34.33
CA VAL A 996 -12.37 17.23 -35.42
C VAL A 996 -13.28 18.37 -34.96
N THR A 997 -13.58 19.34 -35.83
CA THR A 997 -14.42 20.42 -35.39
C THR A 997 -15.69 20.42 -36.18
N VAL A 998 -16.76 21.09 -35.72
CA VAL A 998 -17.95 21.13 -36.54
C VAL A 998 -18.37 22.58 -36.71
N LYS A 999 -18.39 23.13 -37.93
CA LYS A 999 -18.68 24.56 -37.97
C LYS A 999 -20.16 24.60 -37.99
N LEU A 1000 -20.76 25.35 -37.08
CA LEU A 1000 -22.21 25.39 -37.08
C LEU A 1000 -22.58 26.81 -37.04
N VAL A 1001 -23.82 27.14 -37.31
CA VAL A 1001 -24.17 28.53 -37.29
C VAL A 1001 -25.21 28.83 -36.26
N SER A 1002 -24.88 29.75 -35.40
CA SER A 1002 -25.82 30.12 -34.41
C SER A 1002 -27.22 30.26 -34.87
N ARG A 1003 -28.10 29.80 -34.06
CA ARG A 1003 -29.55 29.89 -34.30
C ARG A 1003 -30.25 29.15 -33.15
N SER A 1004 -31.47 29.56 -32.84
CA SER A 1004 -31.99 28.90 -31.62
C SER A 1004 -32.37 27.47 -31.85
N GLY A 1005 -31.80 26.59 -31.04
CA GLY A 1005 -31.89 25.17 -31.24
C GLY A 1005 -30.48 24.69 -31.43
N ILE A 1006 -29.51 25.59 -31.55
CA ILE A 1006 -28.19 25.10 -31.82
C ILE A 1006 -27.75 24.29 -30.65
N GLY A 1007 -28.12 24.76 -29.46
CA GLY A 1007 -27.77 24.15 -28.19
C GLY A 1007 -27.90 22.63 -28.19
N THR A 1008 -29.11 22.22 -28.45
CA THR A 1008 -29.36 20.82 -28.56
C THR A 1008 -28.50 20.07 -29.54
N ILE A 1009 -28.45 20.54 -30.76
CA ILE A 1009 -27.60 19.87 -31.72
C ILE A 1009 -26.20 19.76 -31.16
N ALA A 1010 -25.75 20.90 -30.66
CA ALA A 1010 -24.45 20.99 -30.08
C ALA A 1010 -24.16 19.76 -29.28
N ALA A 1011 -25.13 19.38 -28.46
CA ALA A 1011 -24.99 18.18 -27.62
C ALA A 1011 -24.72 16.92 -28.42
N GLY A 1012 -25.67 16.54 -29.29
CA GLY A 1012 -25.44 15.44 -30.22
C GLY A 1012 -24.04 15.48 -30.86
N VAL A 1013 -23.62 16.66 -31.33
CA VAL A 1013 -22.30 16.74 -31.93
C VAL A 1013 -21.33 16.20 -30.89
N ALA A 1014 -21.56 16.63 -29.67
CA ALA A 1014 -20.68 16.22 -28.60
C ALA A 1014 -20.69 14.69 -28.39
N LYS A 1015 -21.87 14.10 -28.40
CA LYS A 1015 -21.96 12.67 -28.23
C LYS A 1015 -21.39 12.04 -29.45
N ALA A 1016 -21.22 12.79 -30.53
CA ALA A 1016 -20.70 12.12 -31.72
C ALA A 1016 -19.18 12.16 -31.82
N ASN A 1017 -18.53 12.44 -30.71
CA ASN A 1017 -17.10 12.52 -30.74
C ASN A 1017 -16.38 13.66 -31.41
N ALA A 1018 -17.02 14.81 -31.46
CA ALA A 1018 -16.38 15.96 -32.02
C ALA A 1018 -15.51 16.57 -30.94
N ASP A 1019 -14.40 17.17 -31.27
CA ASP A 1019 -13.58 17.77 -30.26
C ASP A 1019 -13.80 19.26 -30.13
N ILE A 1020 -14.25 19.95 -31.18
CA ILE A 1020 -14.40 21.38 -30.98
C ILE A 1020 -15.68 21.76 -31.61
N ILE A 1021 -16.37 22.76 -31.13
CA ILE A 1021 -17.55 23.14 -31.85
C ILE A 1021 -17.52 24.65 -32.04
N LEU A 1022 -17.79 25.09 -33.26
CA LEU A 1022 -17.68 26.49 -33.58
C LEU A 1022 -18.99 27.04 -34.03
N ILE A 1023 -19.37 28.10 -33.37
CA ILE A 1023 -20.64 28.73 -33.62
C ILE A 1023 -20.27 30.04 -34.27
N SER A 1024 -20.88 30.21 -35.44
CA SER A 1024 -20.66 31.33 -36.29
C SER A 1024 -21.84 32.22 -36.27
N GLY A 1025 -21.53 33.49 -36.22
CA GLY A 1025 -22.50 34.54 -36.14
C GLY A 1025 -23.17 34.76 -37.44
N ASN A 1026 -24.29 35.46 -37.37
CA ASN A 1026 -25.06 35.71 -38.55
C ASN A 1026 -24.23 36.63 -39.39
N SER A 1027 -23.62 37.64 -38.81
CA SER A 1027 -22.81 38.59 -39.56
C SER A 1027 -21.42 38.21 -40.12
N GLY A 1028 -21.08 36.95 -40.25
CA GLY A 1028 -19.74 36.77 -40.82
C GLY A 1028 -19.63 37.06 -42.29
N GLY A 1029 -18.46 36.85 -42.88
CA GLY A 1029 -18.20 37.22 -44.27
C GLY A 1029 -18.21 36.07 -45.22
N THR A 1030 -18.23 36.33 -46.53
CA THR A 1030 -18.31 35.30 -47.58
C THR A 1030 -17.72 35.98 -48.77
N GLY A 1031 -17.07 35.27 -49.65
CA GLY A 1031 -16.63 35.95 -50.83
C GLY A 1031 -17.77 36.10 -51.86
N ALA A 1032 -18.83 35.34 -51.71
CA ALA A 1032 -19.85 35.36 -52.70
C ALA A 1032 -21.10 34.80 -52.10
N SER A 1033 -22.19 35.52 -52.15
CA SER A 1033 -23.35 34.90 -51.55
C SER A 1033 -24.54 35.80 -51.77
N PRO A 1034 -25.73 35.23 -51.89
CA PRO A 1034 -26.92 36.01 -52.22
C PRO A 1034 -27.08 36.97 -51.11
N GLN A 1035 -27.69 38.13 -51.31
CA GLN A 1035 -27.81 39.11 -50.24
C GLN A 1035 -28.88 38.90 -49.21
N THR A 1036 -29.75 37.95 -49.42
CA THR A 1036 -30.86 37.81 -48.48
C THR A 1036 -30.27 37.00 -47.37
N SER A 1037 -29.39 36.09 -47.74
CA SER A 1037 -28.77 35.32 -46.69
C SER A 1037 -27.81 36.27 -45.95
N ILE A 1038 -27.28 37.22 -46.67
CA ILE A 1038 -26.38 38.02 -45.92
C ILE A 1038 -27.14 38.93 -45.06
N LYS A 1039 -28.44 38.95 -45.13
CA LYS A 1039 -29.06 39.95 -44.31
C LYS A 1039 -30.18 39.40 -43.55
N PHE A 1040 -30.48 38.15 -43.81
CA PHE A 1040 -31.63 37.55 -43.19
C PHE A 1040 -31.49 36.15 -42.59
N ALA A 1041 -30.48 35.38 -42.97
CA ALA A 1041 -30.28 34.07 -42.36
C ALA A 1041 -29.50 34.31 -41.07
N GLY A 1042 -29.11 33.27 -40.35
CA GLY A 1042 -28.38 33.45 -39.12
C GLY A 1042 -28.86 34.36 -37.99
N LEU A 1043 -28.28 34.09 -36.81
CA LEU A 1043 -28.49 34.86 -35.60
C LEU A 1043 -27.18 35.28 -34.96
N PRO A 1044 -27.20 36.32 -34.16
CA PRO A 1044 -26.00 36.79 -33.47
C PRO A 1044 -25.29 35.66 -32.71
N TRP A 1045 -23.97 35.67 -32.60
CA TRP A 1045 -23.30 34.69 -31.75
C TRP A 1045 -23.61 34.80 -30.23
N GLU A 1046 -23.74 36.00 -29.71
CA GLU A 1046 -24.06 36.10 -28.31
C GLU A 1046 -25.23 35.15 -27.92
N MET A 1047 -26.24 34.94 -28.76
CA MET A 1047 -27.31 33.99 -28.46
C MET A 1047 -26.80 32.55 -28.73
N GLY A 1048 -26.52 32.17 -29.94
CA GLY A 1048 -26.07 30.81 -30.07
C GLY A 1048 -24.91 30.35 -29.19
N LEU A 1049 -23.90 31.18 -28.99
CA LEU A 1049 -22.78 30.69 -28.21
C LEU A 1049 -23.21 30.37 -26.78
N SER A 1050 -23.99 31.22 -26.12
CA SER A 1050 -24.39 30.74 -24.82
C SER A 1050 -25.26 29.51 -24.83
N GLU A 1051 -26.31 29.53 -25.61
CA GLU A 1051 -27.13 28.34 -25.72
C GLU A 1051 -26.23 27.08 -25.78
N VAL A 1052 -25.22 27.04 -26.64
CA VAL A 1052 -24.36 25.84 -26.64
C VAL A 1052 -23.67 25.76 -25.29
N HIS A 1053 -23.01 26.82 -24.88
CA HIS A 1053 -22.48 26.70 -23.54
C HIS A 1053 -23.47 26.18 -22.53
N GLN A 1054 -24.69 26.70 -22.51
CA GLN A 1054 -25.61 26.22 -21.50
C GLN A 1054 -25.93 24.76 -21.72
N VAL A 1055 -26.82 24.49 -22.66
CA VAL A 1055 -27.17 23.12 -22.95
C VAL A 1055 -26.04 22.12 -22.79
N LEU A 1056 -24.93 22.28 -23.46
CA LEU A 1056 -23.86 21.31 -23.24
C LEU A 1056 -23.58 21.11 -21.77
N THR A 1057 -23.60 22.21 -21.01
CA THR A 1057 -23.34 22.10 -19.59
C THR A 1057 -24.46 21.28 -18.94
N LEU A 1058 -25.68 21.64 -19.26
CA LEU A 1058 -26.81 21.02 -18.68
C LEU A 1058 -26.89 19.53 -18.91
N ASN A 1059 -26.03 18.92 -19.74
CA ASN A 1059 -26.11 17.48 -20.05
C ASN A 1059 -24.75 16.95 -19.74
N ARG A 1060 -24.00 17.73 -19.02
CA ARG A 1060 -22.69 17.26 -18.64
C ARG A 1060 -21.87 16.77 -19.81
N LEU A 1061 -21.78 17.54 -20.91
CA LEU A 1061 -20.95 17.19 -22.06
C LEU A 1061 -19.95 18.33 -22.31
N ARG A 1062 -20.29 19.47 -21.70
CA ARG A 1062 -19.52 20.67 -21.80
C ARG A 1062 -18.11 20.55 -21.50
N HIS A 1063 -17.51 19.40 -21.34
CA HIS A 1063 -16.09 19.45 -21.00
C HIS A 1063 -15.52 18.53 -22.00
N ARG A 1064 -16.36 18.14 -22.94
CA ARG A 1064 -15.91 17.09 -23.79
C ARG A 1064 -15.43 17.69 -25.09
N VAL A 1065 -15.80 18.94 -25.24
CA VAL A 1065 -15.63 19.60 -26.45
C VAL A 1065 -15.18 20.98 -26.04
N ARG A 1066 -14.35 21.62 -26.90
CA ARG A 1066 -13.85 22.98 -26.74
C ARG A 1066 -14.84 23.81 -27.55
N LEU A 1067 -15.02 25.10 -27.26
CA LEU A 1067 -15.91 25.97 -28.03
C LEU A 1067 -15.17 27.12 -28.68
N ARG A 1068 -15.56 27.45 -29.92
CA ARG A 1068 -14.95 28.50 -30.72
C ARG A 1068 -16.06 29.33 -31.30
N THR A 1069 -15.80 30.60 -31.55
CA THR A 1069 -16.83 31.42 -32.19
C THR A 1069 -16.23 32.46 -33.16
N ASP A 1070 -16.99 32.86 -34.15
CA ASP A 1070 -16.54 33.93 -35.00
C ASP A 1070 -17.76 34.69 -35.46
N GLY A 1071 -17.56 35.85 -36.10
CA GLY A 1071 -18.66 36.69 -36.52
C GLY A 1071 -18.49 38.17 -36.31
N GLY A 1072 -17.40 38.76 -36.67
CA GLY A 1072 -17.44 40.20 -36.49
C GLY A 1072 -16.63 40.65 -35.32
N LEU A 1073 -15.74 39.79 -34.84
CA LEU A 1073 -14.92 40.10 -33.72
C LEU A 1073 -13.79 41.00 -34.19
N LYS A 1074 -13.83 42.29 -33.94
CA LYS A 1074 -12.75 43.18 -34.35
C LYS A 1074 -11.96 43.73 -33.18
N THR A 1075 -12.39 43.48 -31.96
CA THR A 1075 -11.82 44.16 -30.83
C THR A 1075 -11.49 43.44 -29.55
N GLY A 1076 -10.56 43.98 -28.79
CA GLY A 1076 -10.24 43.31 -27.56
C GLY A 1076 -11.46 42.88 -26.78
N ARG A 1077 -12.31 43.81 -26.43
CA ARG A 1077 -13.51 43.49 -25.73
C ARG A 1077 -14.41 42.48 -26.45
N ASP A 1078 -14.59 42.61 -27.73
CA ASP A 1078 -15.39 41.58 -28.36
C ASP A 1078 -14.90 40.19 -27.94
N ILE A 1079 -13.63 40.05 -27.62
CA ILE A 1079 -13.05 38.73 -27.37
C ILE A 1079 -13.24 38.36 -25.95
N VAL A 1080 -13.13 39.30 -25.04
CA VAL A 1080 -13.41 39.01 -23.64
C VAL A 1080 -14.88 38.60 -23.48
N ILE A 1081 -15.82 39.47 -23.85
CA ILE A 1081 -17.19 39.07 -23.81
C ILE A 1081 -17.45 37.70 -24.42
N ALA A 1082 -16.80 37.36 -25.51
CA ALA A 1082 -17.14 36.03 -26.02
C ALA A 1082 -16.64 34.96 -25.07
N ALA A 1083 -15.54 35.22 -24.35
CA ALA A 1083 -15.07 34.21 -23.43
C ALA A 1083 -16.07 34.02 -22.30
N MET A 1084 -16.48 35.12 -21.72
CA MET A 1084 -17.40 35.05 -20.63
C MET A 1084 -18.65 34.31 -21.14
N LEU A 1085 -19.00 34.40 -22.42
CA LEU A 1085 -20.23 33.71 -22.75
C LEU A 1085 -19.93 32.25 -22.91
N GLY A 1086 -18.67 31.86 -22.88
CA GLY A 1086 -18.43 30.45 -22.97
C GLY A 1086 -17.38 30.08 -23.97
N ALA A 1087 -16.81 31.04 -24.67
CA ALA A 1087 -15.91 30.59 -25.72
C ALA A 1087 -14.49 30.37 -25.25
N GLU A 1088 -13.75 29.50 -25.92
CA GLU A 1088 -12.34 29.26 -25.58
C GLU A 1088 -11.36 29.66 -26.71
N GLU A 1089 -11.93 29.82 -27.92
CA GLU A 1089 -11.21 30.15 -29.10
C GLU A 1089 -12.00 31.14 -29.92
N PHE A 1090 -11.32 32.04 -30.60
CA PHE A 1090 -11.96 33.10 -31.35
C PHE A 1090 -11.41 33.18 -32.76
N GLY A 1091 -12.27 33.38 -33.76
CA GLY A 1091 -11.83 33.39 -35.13
C GLY A 1091 -11.84 34.77 -35.72
N ILE A 1092 -10.77 35.12 -36.43
CA ILE A 1092 -10.81 36.47 -36.93
C ILE A 1092 -10.53 36.56 -38.38
N GLY A 1093 -11.53 36.74 -39.24
CA GLY A 1093 -11.32 36.79 -40.70
C GLY A 1093 -11.19 38.15 -41.36
N THR A 1094 -12.33 38.71 -41.71
CA THR A 1094 -12.37 40.05 -42.24
C THR A 1094 -11.38 41.01 -41.63
N ALA A 1095 -11.34 41.20 -40.33
CA ALA A 1095 -10.35 42.13 -39.85
C ALA A 1095 -8.99 41.62 -40.24
N SER A 1096 -8.78 40.32 -40.31
CA SER A 1096 -7.49 39.99 -40.84
C SER A 1096 -7.29 40.33 -42.31
N LEU A 1097 -8.35 40.19 -43.09
CA LEU A 1097 -8.30 40.67 -44.45
C LEU A 1097 -7.97 42.17 -44.50
N ILE A 1098 -8.65 42.98 -43.72
CA ILE A 1098 -8.40 44.40 -43.77
C ILE A 1098 -6.96 44.76 -43.44
N ALA A 1099 -6.31 43.95 -42.65
CA ALA A 1099 -4.97 44.29 -42.34
C ALA A 1099 -4.14 43.93 -43.55
N MET A 1100 -4.56 42.90 -44.26
CA MET A 1100 -3.83 42.57 -45.45
C MET A 1100 -4.18 43.60 -46.51
N GLY A 1101 -5.05 44.54 -46.20
CA GLY A 1101 -5.37 45.55 -47.15
C GLY A 1101 -6.81 45.73 -47.57
N CYS A 1102 -7.73 44.80 -47.29
CA CYS A 1102 -9.10 44.99 -47.81
C CYS A 1102 -9.57 46.39 -47.55
N ILE A 1103 -10.24 47.03 -48.51
CA ILE A 1103 -10.80 48.34 -48.19
C ILE A 1103 -12.29 48.28 -48.14
N MET A 1104 -12.84 47.06 -48.30
CA MET A 1104 -14.27 46.86 -47.96
C MET A 1104 -15.20 47.51 -48.92
N VAL A 1105 -14.85 47.27 -50.15
CA VAL A 1105 -15.50 47.87 -51.27
C VAL A 1105 -16.49 46.93 -51.85
N ARG A 1106 -16.47 45.71 -51.29
CA ARG A 1106 -17.43 44.71 -51.69
C ARG A 1106 -17.51 44.18 -53.10
N GLN A 1107 -16.38 43.85 -53.74
CA GLN A 1107 -16.51 43.27 -55.08
C GLN A 1107 -15.78 41.98 -55.16
N CYS A 1108 -15.98 41.23 -54.11
CA CYS A 1108 -15.27 40.00 -53.97
C CYS A 1108 -15.88 39.04 -54.99
N HIS A 1109 -17.12 39.22 -55.39
CA HIS A 1109 -17.62 38.21 -56.30
C HIS A 1109 -17.25 38.45 -57.72
N SER A 1110 -16.85 39.69 -57.96
CA SER A 1110 -16.56 40.24 -59.24
C SER A 1110 -15.20 40.02 -59.85
N ASN A 1111 -14.22 39.64 -59.06
CA ASN A 1111 -12.90 39.46 -59.59
C ASN A 1111 -12.33 40.76 -60.06
N THR A 1112 -12.60 41.80 -59.29
CA THR A 1112 -12.13 43.13 -59.58
C THR A 1112 -11.63 43.72 -58.26
N CYS A 1113 -10.66 43.05 -57.64
CA CYS A 1113 -10.27 43.59 -56.35
C CYS A 1113 -9.19 44.59 -56.49
N PRO A 1114 -9.57 45.77 -56.13
CA PRO A 1114 -8.66 46.87 -56.09
C PRO A 1114 -7.41 46.47 -55.43
N VAL A 1115 -7.34 45.39 -54.68
CA VAL A 1115 -6.17 45.24 -53.87
C VAL A 1115 -5.60 43.87 -53.77
N GLY A 1116 -6.14 42.94 -54.52
CA GLY A 1116 -5.39 41.71 -54.61
C GLY A 1116 -5.73 40.74 -53.55
N VAL A 1117 -6.74 41.16 -52.78
CA VAL A 1117 -7.19 40.28 -51.74
C VAL A 1117 -8.07 39.21 -52.32
N CYS A 1118 -9.31 39.52 -52.63
CA CYS A 1118 -10.03 38.42 -53.21
C CYS A 1118 -10.26 38.40 -54.75
N VAL A 1119 -9.19 38.10 -55.50
CA VAL A 1119 -9.29 38.12 -56.93
C VAL A 1119 -8.30 37.18 -57.57
N GLN A 1120 -8.68 36.48 -58.63
CA GLN A 1120 -7.75 35.56 -59.23
C GLN A 1120 -7.01 36.24 -60.36
N ASP A 1121 -7.51 37.40 -60.79
CA ASP A 1121 -6.86 38.11 -61.87
C ASP A 1121 -5.48 38.58 -61.54
N ASP A 1122 -4.59 38.27 -62.48
CA ASP A 1122 -3.19 38.52 -62.40
C ASP A 1122 -2.81 39.94 -62.24
N LYS A 1123 -3.39 40.79 -63.04
CA LYS A 1123 -2.84 42.11 -62.91
C LYS A 1123 -3.25 42.63 -61.58
N LEU A 1124 -4.47 42.28 -61.26
CA LEU A 1124 -5.06 42.77 -60.04
C LEU A 1124 -4.38 42.21 -58.82
N ARG A 1125 -3.96 40.94 -58.90
CA ARG A 1125 -3.20 40.39 -57.80
C ARG A 1125 -1.88 41.02 -57.60
N GLN A 1126 -1.55 42.06 -58.33
CA GLN A 1126 -0.20 42.54 -58.19
C GLN A 1126 -0.34 43.75 -57.41
N LYS A 1127 -1.57 44.12 -57.14
CA LYS A 1127 -1.69 45.31 -56.32
C LYS A 1127 -1.77 45.00 -54.83
N PHE A 1128 -1.51 43.74 -54.48
CA PHE A 1128 -1.59 43.28 -53.10
C PHE A 1128 -0.41 43.65 -52.24
N VAL A 1129 -0.68 44.27 -51.11
CA VAL A 1129 0.38 44.63 -50.17
C VAL A 1129 0.26 43.93 -48.81
N GLY A 1130 -0.47 42.84 -48.74
CA GLY A 1130 -0.55 42.23 -47.45
C GLY A 1130 0.81 41.69 -47.10
N THR A 1131 0.99 41.43 -45.81
CA THR A 1131 2.22 40.92 -45.21
C THR A 1131 1.92 40.15 -43.99
N PRO A 1132 2.68 39.12 -43.75
CA PRO A 1132 2.56 38.36 -42.51
C PRO A 1132 2.71 39.32 -41.32
N GLU A 1133 3.77 40.07 -41.42
CA GLU A 1133 4.02 41.03 -40.41
C GLU A 1133 2.78 41.84 -40.15
N LYS A 1134 1.92 42.11 -41.13
CA LYS A 1134 0.79 42.95 -40.80
C LYS A 1134 -0.23 42.20 -39.95
N VAL A 1135 -0.57 41.03 -40.40
CA VAL A 1135 -1.49 40.22 -39.67
C VAL A 1135 -0.91 39.93 -38.28
N VAL A 1136 0.31 39.44 -38.23
CA VAL A 1136 0.81 39.24 -36.92
C VAL A 1136 0.57 40.48 -36.07
N ASN A 1137 0.76 41.66 -36.60
CA ASN A 1137 0.53 42.79 -35.72
C ASN A 1137 -0.89 42.85 -35.22
N LEU A 1138 -1.83 42.52 -36.09
CA LEU A 1138 -3.24 42.53 -35.72
C LEU A 1138 -3.41 41.64 -34.52
N PHE A 1139 -3.02 40.38 -34.59
CA PHE A 1139 -3.24 39.54 -33.43
C PHE A 1139 -2.54 40.05 -32.19
N THR A 1140 -1.31 40.50 -32.35
CA THR A 1140 -0.61 40.99 -31.19
C THR A 1140 -1.41 42.07 -30.50
N PHE A 1141 -1.87 43.05 -31.22
CA PHE A 1141 -2.70 44.05 -30.59
C PHE A 1141 -3.93 43.49 -29.91
N LEU A 1142 -4.77 42.82 -30.65
CA LEU A 1142 -5.92 42.19 -30.05
C LEU A 1142 -5.61 41.57 -28.69
N ALA A 1143 -4.70 40.62 -28.62
CA ALA A 1143 -4.34 40.04 -27.34
C ALA A 1143 -3.88 41.08 -26.38
N GLU A 1144 -2.90 41.86 -26.69
CA GLU A 1144 -2.62 42.86 -25.67
C GLU A 1144 -3.85 43.63 -25.20
N GLU A 1145 -4.76 43.95 -26.08
CA GLU A 1145 -5.89 44.69 -25.60
C GLU A 1145 -6.81 43.80 -24.72
N VAL A 1146 -6.72 42.49 -24.91
CA VAL A 1146 -7.45 41.54 -24.08
C VAL A 1146 -6.81 41.60 -22.71
N ARG A 1147 -5.50 41.42 -22.65
CA ARG A 1147 -4.86 41.43 -21.35
C ARG A 1147 -5.15 42.76 -20.71
N GLU A 1148 -5.23 43.82 -21.47
CA GLU A 1148 -5.41 45.08 -20.77
C GLU A 1148 -6.71 45.04 -20.03
N ILE A 1149 -7.72 44.47 -20.64
CA ILE A 1149 -9.01 44.38 -20.01
C ILE A 1149 -9.08 43.45 -18.84
N LEU A 1150 -8.47 42.29 -18.93
CA LEU A 1150 -8.58 41.32 -17.84
C LEU A 1150 -8.01 41.90 -16.56
N ALA A 1151 -6.90 42.62 -16.70
CA ALA A 1151 -6.25 43.20 -15.56
C ALA A 1151 -7.18 44.16 -14.88
N GLY A 1152 -8.00 44.84 -15.65
CA GLY A 1152 -8.85 45.80 -15.00
C GLY A 1152 -9.87 45.05 -14.21
N LEU A 1153 -10.17 43.82 -14.62
CA LEU A 1153 -11.23 43.08 -14.00
C LEU A 1153 -10.74 42.32 -12.77
N GLY A 1154 -9.42 42.27 -12.60
CA GLY A 1154 -8.88 41.56 -11.52
C GLY A 1154 -8.52 40.17 -11.92
N PHE A 1155 -8.63 39.74 -13.16
CA PHE A 1155 -8.18 38.38 -13.53
C PHE A 1155 -6.84 38.34 -14.21
N ARG A 1156 -6.09 37.27 -14.04
CA ARG A 1156 -4.73 37.26 -14.54
C ARG A 1156 -4.74 36.25 -15.69
N SER A 1157 -5.92 35.96 -16.21
CA SER A 1157 -5.95 35.02 -17.32
C SER A 1157 -7.28 34.75 -17.99
N LEU A 1158 -7.29 34.23 -19.21
CA LEU A 1158 -8.56 34.17 -19.88
C LEU A 1158 -9.41 33.05 -19.31
N ASN A 1159 -8.73 31.96 -19.04
CA ASN A 1159 -9.40 30.81 -18.52
C ASN A 1159 -10.16 31.20 -17.29
N GLU A 1160 -9.55 31.93 -16.38
CA GLU A 1160 -10.30 32.34 -15.20
C GLU A 1160 -11.56 33.08 -15.53
N VAL A 1161 -11.94 33.25 -16.77
CA VAL A 1161 -13.11 34.05 -17.01
C VAL A 1161 -14.06 33.43 -18.04
N ILE A 1162 -13.71 32.29 -18.59
CA ILE A 1162 -14.62 31.68 -19.50
C ILE A 1162 -15.92 31.33 -18.81
N GLY A 1163 -17.03 31.40 -19.47
CA GLY A 1163 -18.25 31.12 -18.77
C GLY A 1163 -18.58 32.14 -17.70
N ARG A 1164 -17.63 32.88 -17.18
CA ARG A 1164 -18.01 33.80 -16.10
C ARG A 1164 -19.00 34.91 -16.36
N THR A 1165 -20.19 34.56 -16.76
CA THR A 1165 -21.10 35.64 -17.11
C THR A 1165 -21.51 36.56 -16.02
N ASP A 1166 -21.27 36.18 -14.78
CA ASP A 1166 -21.55 37.09 -13.69
C ASP A 1166 -20.76 38.38 -13.85
N LEU A 1167 -19.69 38.37 -14.63
CA LEU A 1167 -18.97 39.60 -14.88
C LEU A 1167 -19.56 40.59 -15.93
N LEU A 1168 -20.74 40.31 -16.49
CA LEU A 1168 -21.36 41.11 -17.55
C LEU A 1168 -22.73 41.55 -17.13
N HIS A 1169 -23.13 42.78 -17.36
CA HIS A 1169 -24.39 43.28 -16.91
C HIS A 1169 -25.00 43.99 -18.08
N GLN A 1170 -26.29 43.82 -18.30
CA GLN A 1170 -26.81 44.48 -19.47
C GLN A 1170 -27.26 45.82 -19.08
N VAL A 1171 -26.64 46.83 -19.67
CA VAL A 1171 -27.14 48.19 -19.53
C VAL A 1171 -27.99 48.72 -20.68
N SER A 1172 -27.69 48.35 -21.93
CA SER A 1172 -28.06 49.52 -22.65
C SER A 1172 -29.45 49.61 -23.13
N ARG A 1173 -29.94 50.83 -22.89
CA ARG A 1173 -31.19 51.30 -23.31
C ARG A 1173 -30.69 52.23 -24.37
N GLY A 1174 -31.32 52.28 -25.55
CA GLY A 1174 -30.72 53.20 -26.48
C GLY A 1174 -31.76 53.67 -27.43
N ALA A 1175 -32.92 54.06 -26.91
CA ALA A 1175 -33.95 54.56 -27.76
C ALA A 1175 -34.76 55.46 -26.90
N GLU A 1176 -35.57 56.29 -27.58
CA GLU A 1176 -36.44 57.30 -27.06
C GLU A 1176 -37.61 56.71 -26.30
N HIS A 1177 -38.13 55.53 -26.75
CA HIS A 1177 -39.34 54.96 -26.21
C HIS A 1177 -38.91 53.78 -25.37
N LEU A 1178 -39.68 53.43 -24.32
CA LEU A 1178 -39.37 52.30 -23.47
C LEU A 1178 -39.64 51.03 -24.23
N ASP A 1179 -38.62 50.54 -24.97
CA ASP A 1179 -38.76 49.31 -25.73
C ASP A 1179 -37.56 48.47 -25.37
N ASP A 1180 -37.57 47.56 -24.36
CA ASP A 1180 -36.23 46.99 -24.13
C ASP A 1180 -36.09 45.50 -24.36
N LEU A 1181 -34.85 45.07 -24.40
CA LEU A 1181 -34.61 43.69 -24.66
C LEU A 1181 -34.34 43.00 -23.35
N ASP A 1182 -34.35 41.68 -23.37
CA ASP A 1182 -34.10 40.89 -22.19
C ASP A 1182 -32.90 40.07 -22.51
N LEU A 1183 -31.77 40.52 -21.99
CA LEU A 1183 -30.52 39.83 -22.27
C LEU A 1183 -30.22 38.78 -21.29
N ASN A 1184 -31.19 38.46 -20.44
CA ASN A 1184 -30.99 37.51 -19.38
C ASN A 1184 -30.66 36.14 -19.84
N PRO A 1185 -31.59 35.52 -20.51
CA PRO A 1185 -31.42 34.18 -21.03
C PRO A 1185 -30.02 33.92 -21.55
N ARG A 1186 -29.29 34.98 -21.94
CA ARG A 1186 -27.92 34.83 -22.40
C ARG A 1186 -26.95 34.84 -21.24
N LEU A 1187 -27.25 35.64 -20.22
CA LEU A 1187 -26.37 35.75 -19.09
C LEU A 1187 -26.51 34.67 -18.05
N ALA A 1188 -27.66 34.02 -18.02
CA ALA A 1188 -27.89 33.00 -16.98
C ALA A 1188 -26.89 31.89 -16.93
N GLN A 1189 -26.65 31.42 -15.69
CA GLN A 1189 -25.72 30.32 -15.48
C GLN A 1189 -26.60 29.20 -15.13
N VAL A 1190 -26.25 28.02 -15.62
CA VAL A 1190 -26.96 26.79 -15.38
C VAL A 1190 -26.78 26.24 -13.93
N ASP A 1191 -25.54 26.11 -13.46
CA ASP A 1191 -25.30 25.63 -12.12
C ASP A 1191 -24.49 26.73 -11.44
N PRO A 1192 -25.06 27.88 -11.17
CA PRO A 1192 -24.30 28.97 -10.55
C PRO A 1192 -23.65 28.59 -9.24
N GLY A 1193 -22.60 29.30 -8.89
CA GLY A 1193 -21.93 29.06 -7.61
C GLY A 1193 -20.92 27.96 -7.74
N GLU A 1194 -20.28 27.35 -6.71
CA GLU A 1194 -19.15 26.56 -7.20
C GLU A 1194 -19.46 25.31 -7.98
N ASN A 1195 -18.57 25.11 -8.96
CA ASN A 1195 -18.64 24.03 -9.88
C ASN A 1195 -17.76 22.96 -9.34
N ALA A 1196 -18.12 21.70 -9.68
CA ALA A 1196 -17.32 20.53 -9.41
C ALA A 1196 -16.36 20.51 -10.55
N ARG A 1197 -15.27 19.72 -10.45
CA ARG A 1197 -14.39 19.76 -11.58
C ARG A 1197 -14.22 18.39 -12.13
N TYR A 1198 -14.46 18.25 -13.45
CA TYR A 1198 -14.33 16.99 -14.13
C TYR A 1198 -12.96 17.02 -14.75
N CYS A 1199 -12.11 16.00 -14.47
CA CYS A 1199 -10.81 16.09 -15.06
C CYS A 1199 -10.92 15.75 -16.51
N THR A 1200 -10.33 16.63 -17.33
CA THR A 1200 -10.32 16.41 -18.74
C THR A 1200 -8.89 16.15 -19.01
N LEU A 1201 -8.60 15.17 -19.89
CA LEU A 1201 -7.23 14.83 -20.18
C LEU A 1201 -6.89 15.44 -21.51
N GLN A 1202 -5.61 15.80 -21.71
CA GLN A 1202 -5.21 16.46 -22.91
C GLN A 1202 -5.18 15.49 -24.05
N GLY A 1203 -6.01 15.76 -25.07
CA GLY A 1203 -6.01 15.01 -26.32
C GLY A 1203 -7.32 15.11 -27.11
N ARG A 1204 -7.77 14.04 -27.75
CA ARG A 1204 -9.00 14.21 -28.53
C ARG A 1204 -9.97 13.16 -28.08
N ASN A 1205 -11.27 13.36 -28.26
CA ASN A 1205 -12.19 12.33 -27.89
C ASN A 1205 -11.87 11.13 -28.78
N GLU A 1206 -11.19 10.15 -28.21
CA GLU A 1206 -10.76 8.98 -28.95
C GLU A 1206 -11.87 8.05 -29.45
N VAL A 1207 -11.50 7.13 -30.35
CA VAL A 1207 -12.47 6.26 -31.02
C VAL A 1207 -12.06 4.76 -31.17
N PRO A 1208 -13.05 3.90 -31.22
CA PRO A 1208 -12.87 2.44 -31.27
C PRO A 1208 -12.13 1.93 -32.48
N ASP A 1209 -11.28 0.93 -32.36
CA ASP A 1209 -10.61 0.39 -33.53
C ASP A 1209 -11.59 -0.29 -34.46
N THR A 1210 -11.06 -0.69 -35.62
CA THR A 1210 -11.77 -1.52 -36.59
C THR A 1210 -10.83 -2.56 -37.18
N LEU A 1211 -11.32 -3.08 -38.29
CA LEU A 1211 -10.59 -4.17 -38.88
C LEU A 1211 -9.20 -3.70 -39.12
N ASP A 1212 -9.09 -2.41 -39.41
CA ASP A 1212 -7.81 -1.90 -39.77
C ASP A 1212 -6.79 -2.20 -38.71
N ALA A 1213 -7.28 -2.37 -37.49
CA ALA A 1213 -6.38 -2.60 -36.36
C ALA A 1213 -5.52 -3.82 -36.52
N ARG A 1214 -6.12 -4.84 -37.13
CA ARG A 1214 -5.52 -6.13 -37.37
C ARG A 1214 -4.82 -6.08 -38.70
N ILE A 1215 -5.53 -5.50 -39.65
CA ILE A 1215 -4.94 -5.45 -40.96
C ILE A 1215 -3.56 -4.87 -40.76
N VAL A 1216 -3.45 -3.85 -39.93
CA VAL A 1216 -2.16 -3.19 -39.84
C VAL A 1216 -1.18 -4.07 -39.17
N ALA A 1217 -1.72 -4.74 -38.20
CA ALA A 1217 -0.85 -5.58 -37.43
C ALA A 1217 -0.30 -6.64 -38.37
N ASP A 1218 -1.20 -7.14 -39.20
CA ASP A 1218 -0.83 -8.21 -40.09
C ASP A 1218 0.08 -7.76 -41.23
N ALA A 1219 0.15 -6.45 -41.43
CA ALA A 1219 0.96 -5.93 -42.47
C ALA A 1219 2.35 -5.53 -42.06
N ARG A 1220 2.86 -6.00 -40.93
CA ARG A 1220 4.19 -5.53 -40.53
C ARG A 1220 5.13 -5.40 -41.76
N PRO A 1221 5.33 -6.52 -42.44
CA PRO A 1221 6.18 -6.63 -43.62
C PRO A 1221 6.00 -5.46 -44.56
N LEU A 1222 4.74 -5.12 -44.85
CA LEU A 1222 4.46 -3.97 -45.69
C LEU A 1222 5.35 -2.83 -45.28
N PHE A 1223 5.09 -2.32 -44.10
CA PHE A 1223 5.80 -1.18 -43.57
C PHE A 1223 7.22 -1.46 -43.18
N GLU A 1224 7.57 -2.71 -43.08
CA GLU A 1224 8.86 -2.88 -42.50
C GLU A 1224 9.86 -3.17 -43.54
N GLU A 1225 9.39 -3.95 -44.49
CA GLU A 1225 10.23 -4.48 -45.54
C GLU A 1225 9.79 -4.11 -46.96
N GLY A 1226 8.56 -3.68 -47.10
CA GLY A 1226 8.07 -3.34 -48.41
C GLY A 1226 7.29 -4.46 -49.04
N GLU A 1227 7.29 -5.64 -48.45
CA GLU A 1227 6.61 -6.75 -49.11
C GLU A 1227 5.29 -6.46 -49.74
N LYS A 1228 4.77 -7.39 -50.49
CA LYS A 1228 3.44 -7.23 -51.07
C LYS A 1228 2.65 -8.26 -50.28
N MET A 1229 1.34 -8.10 -50.15
CA MET A 1229 0.66 -8.98 -49.23
C MET A 1229 -0.74 -9.26 -49.68
N GLN A 1230 -1.29 -10.40 -49.26
CA GLN A 1230 -2.69 -10.68 -49.54
C GLN A 1230 -3.27 -11.13 -48.22
N LEU A 1231 -4.31 -10.47 -47.71
CA LEU A 1231 -4.87 -10.88 -46.43
C LEU A 1231 -6.30 -11.13 -46.69
N ALA A 1232 -6.87 -11.95 -45.80
CA ALA A 1232 -8.27 -12.33 -45.83
C ALA A 1232 -8.89 -12.24 -44.41
N TYR A 1233 -10.15 -11.84 -44.35
CA TYR A 1233 -10.87 -11.54 -43.11
C TYR A 1233 -12.36 -11.54 -43.49
N ASN A 1234 -13.23 -11.77 -42.50
CA ASN A 1234 -14.64 -11.72 -42.82
C ASN A 1234 -14.99 -10.30 -42.54
N ALA A 1235 -16.25 -9.92 -42.61
CA ALA A 1235 -16.53 -8.52 -42.49
C ALA A 1235 -17.97 -8.46 -42.18
N ARG A 1236 -18.32 -7.61 -41.23
CA ARG A 1236 -19.71 -7.54 -40.86
C ARG A 1236 -20.31 -6.19 -41.01
N ASN A 1237 -21.62 -6.12 -41.01
CA ASN A 1237 -22.15 -4.81 -41.26
C ASN A 1237 -21.72 -3.87 -40.17
N THR A 1238 -21.11 -4.43 -39.17
CA THR A 1238 -20.81 -3.64 -38.03
C THR A 1238 -19.40 -3.07 -38.06
N GLN A 1239 -18.63 -3.41 -39.07
CA GLN A 1239 -17.28 -2.86 -39.11
C GLN A 1239 -17.22 -1.65 -40.07
N ARG A 1240 -16.79 -0.48 -39.59
CA ARG A 1240 -16.87 0.69 -40.45
C ARG A 1240 -15.53 1.14 -40.94
N ALA A 1241 -15.57 2.01 -41.92
CA ALA A 1241 -14.37 2.54 -42.44
C ALA A 1241 -13.18 1.59 -42.72
N ILE A 1242 -13.43 0.32 -43.02
CA ILE A 1242 -12.32 -0.60 -43.28
C ILE A 1242 -11.33 -0.13 -44.34
N GLY A 1243 -10.04 -0.13 -44.00
CA GLY A 1243 -8.99 0.28 -44.89
C GLY A 1243 -8.55 1.69 -44.56
N THR A 1244 -9.53 2.55 -44.30
CA THR A 1244 -9.14 3.90 -44.02
C THR A 1244 -7.93 3.97 -43.09
N ARG A 1245 -7.97 3.31 -41.96
CA ARG A 1245 -6.73 3.47 -41.25
C ARG A 1245 -5.53 2.98 -42.06
N LEU A 1246 -5.68 1.83 -42.71
CA LEU A 1246 -4.58 1.31 -43.48
C LEU A 1246 -4.05 2.45 -44.30
N SER A 1247 -4.96 3.04 -45.08
CA SER A 1247 -4.64 4.13 -45.97
C SER A 1247 -3.86 5.26 -45.32
N SER A 1248 -4.32 5.70 -44.16
CA SER A 1248 -3.60 6.75 -43.48
C SER A 1248 -2.18 6.28 -43.33
N MET A 1249 -2.03 5.05 -42.90
CA MET A 1249 -0.69 4.59 -42.67
C MET A 1249 0.12 4.52 -43.93
N VAL A 1250 -0.53 4.19 -45.05
CA VAL A 1250 0.25 3.99 -46.26
C VAL A 1250 0.61 5.34 -46.83
N THR A 1251 -0.38 6.22 -46.85
CA THR A 1251 -0.15 7.54 -47.34
C THR A 1251 0.97 8.13 -46.55
N ARG A 1252 1.14 7.68 -45.33
CA ARG A 1252 2.14 8.37 -44.57
C ARG A 1252 3.53 7.92 -44.92
N LYS A 1253 3.66 6.67 -45.33
CA LYS A 1253 4.98 6.12 -45.58
C LYS A 1253 5.45 6.05 -47.03
N PHE A 1254 4.51 6.02 -47.96
CA PHE A 1254 4.81 5.85 -49.35
C PHE A 1254 4.04 6.92 -50.08
N GLY A 1255 3.07 7.56 -49.40
CA GLY A 1255 2.34 8.62 -50.07
C GLY A 1255 1.21 8.05 -50.91
N MET A 1256 0.27 8.89 -51.35
CA MET A 1256 -0.92 8.39 -52.02
C MET A 1256 -0.54 7.50 -53.13
N PHE A 1257 0.56 7.85 -53.83
CA PHE A 1257 0.90 7.03 -54.98
C PHE A 1257 2.22 6.36 -55.04
N GLY A 1258 2.92 6.19 -53.94
CA GLY A 1258 4.16 5.46 -54.14
C GLY A 1258 4.01 3.95 -54.20
N LEU A 1259 2.81 3.42 -54.14
CA LEU A 1259 2.76 1.97 -54.19
C LEU A 1259 2.02 1.52 -55.46
N GLN A 1260 2.51 0.44 -56.05
CA GLN A 1260 1.80 0.05 -57.27
C GLN A 1260 0.51 -0.69 -56.98
N PRO A 1261 -0.50 -0.33 -57.72
CA PRO A 1261 -1.83 -0.91 -57.56
C PRO A 1261 -1.79 -2.33 -57.12
N GLY A 1262 -2.64 -2.69 -56.16
CA GLY A 1262 -2.70 -4.03 -55.57
C GLY A 1262 -1.57 -4.45 -54.63
N HIS A 1263 -0.61 -3.58 -54.37
CA HIS A 1263 0.46 -4.00 -53.49
C HIS A 1263 0.04 -4.74 -52.20
N ILE A 1264 -1.10 -4.36 -51.59
CA ILE A 1264 -1.60 -4.90 -50.31
C ILE A 1264 -3.05 -5.10 -50.68
N THR A 1265 -3.51 -6.33 -50.64
CA THR A 1265 -4.85 -6.66 -51.08
C THR A 1265 -5.46 -7.50 -49.97
N ILE A 1266 -6.68 -7.15 -49.65
CA ILE A 1266 -7.33 -7.75 -48.53
C ILE A 1266 -8.67 -8.18 -49.09
N ARG A 1267 -8.92 -9.49 -49.12
CA ARG A 1267 -10.24 -9.96 -49.55
C ARG A 1267 -11.10 -10.01 -48.30
N LEU A 1268 -12.38 -9.75 -48.47
CA LEU A 1268 -13.32 -9.82 -47.34
C LEU A 1268 -14.64 -10.53 -47.69
N ARG A 1269 -14.93 -11.60 -46.97
CA ARG A 1269 -16.24 -12.22 -47.12
C ARG A 1269 -17.25 -11.52 -46.24
N GLY A 1270 -18.46 -11.33 -46.75
CA GLY A 1270 -19.48 -10.82 -45.86
C GLY A 1270 -20.16 -9.51 -46.13
N THR A 1271 -20.07 -8.59 -45.20
CA THR A 1271 -20.68 -7.32 -45.49
C THR A 1271 -19.83 -6.24 -44.92
N ALA A 1272 -19.58 -5.19 -45.71
CA ALA A 1272 -18.80 -4.04 -45.25
C ALA A 1272 -19.81 -3.06 -44.67
N GLY A 1273 -19.44 -2.40 -43.60
CA GLY A 1273 -20.39 -1.43 -43.09
C GLY A 1273 -20.02 -0.08 -43.66
N GLN A 1274 -20.73 0.95 -43.27
CA GLN A 1274 -20.46 2.24 -43.88
C GLN A 1274 -19.00 2.67 -44.04
N SER A 1275 -18.74 3.41 -45.10
CA SER A 1275 -17.45 4.01 -45.37
C SER A 1275 -16.39 3.00 -45.72
N LEU A 1276 -16.80 1.97 -46.45
CA LEU A 1276 -15.86 0.95 -46.88
C LEU A 1276 -14.81 1.53 -47.80
N GLY A 1277 -13.55 1.39 -47.43
CA GLY A 1277 -12.46 1.86 -48.28
C GLY A 1277 -12.37 3.36 -48.40
N ALA A 1278 -13.08 4.08 -47.55
CA ALA A 1278 -13.02 5.54 -47.63
C ALA A 1278 -11.60 6.06 -47.54
N PHE A 1279 -11.24 7.01 -48.41
CA PHE A 1279 -9.91 7.60 -48.49
C PHE A 1279 -8.79 6.59 -48.67
N ALA A 1280 -9.01 5.55 -49.46
CA ALA A 1280 -7.96 4.58 -49.72
C ALA A 1280 -7.03 5.10 -50.81
N VAL A 1281 -5.76 5.14 -50.51
CA VAL A 1281 -4.83 5.54 -51.53
C VAL A 1281 -4.48 4.31 -52.36
N GLN A 1282 -3.74 4.55 -53.45
CA GLN A 1282 -3.33 3.49 -54.32
C GLN A 1282 -2.37 2.56 -53.61
N GLY A 1283 -2.49 1.26 -53.89
CA GLY A 1283 -1.61 0.26 -53.32
C GLY A 1283 -2.45 -0.72 -52.50
N ILE A 1284 -3.61 -0.20 -52.09
CA ILE A 1284 -4.56 -0.98 -51.35
C ILE A 1284 -5.64 -1.42 -52.30
N LYS A 1285 -6.09 -2.65 -52.09
CA LYS A 1285 -7.18 -3.12 -52.90
C LYS A 1285 -8.02 -3.96 -52.02
N LEU A 1286 -9.30 -3.68 -52.07
CA LEU A 1286 -10.20 -4.45 -51.26
C LEU A 1286 -11.23 -5.26 -52.09
N GLU A 1287 -11.19 -6.57 -51.94
CA GLU A 1287 -12.25 -7.32 -52.61
C GLU A 1287 -13.25 -7.68 -51.52
N VAL A 1288 -14.48 -7.26 -51.74
CA VAL A 1288 -15.51 -7.66 -50.85
C VAL A 1288 -16.42 -8.60 -51.59
N MET A 1289 -16.18 -9.89 -51.39
CA MET A 1289 -17.08 -10.94 -51.86
C MET A 1289 -18.27 -10.97 -50.88
N GLY A 1290 -19.42 -10.42 -51.24
CA GLY A 1290 -20.55 -10.48 -50.31
C GLY A 1290 -21.35 -9.22 -50.62
N ASP A 1291 -21.07 -8.15 -49.90
CA ASP A 1291 -21.76 -6.91 -50.23
C ASP A 1291 -21.52 -5.71 -49.31
N ALA A 1292 -21.89 -4.53 -49.77
CA ALA A 1292 -21.69 -3.37 -48.93
C ALA A 1292 -22.78 -2.38 -48.76
N ASN A 1293 -22.53 -1.46 -47.82
CA ASN A 1293 -23.53 -0.48 -47.39
C ASN A 1293 -23.21 0.94 -47.89
N ASP A 1294 -23.81 2.01 -47.37
CA ASP A 1294 -23.46 3.30 -47.90
C ASP A 1294 -21.96 3.72 -47.89
N TYR A 1295 -21.64 4.65 -48.80
CA TYR A 1295 -20.36 5.30 -48.89
C TYR A 1295 -19.18 4.50 -49.31
N VAL A 1296 -19.36 3.47 -50.14
CA VAL A 1296 -18.16 2.76 -50.58
C VAL A 1296 -17.22 3.76 -51.29
N GLY A 1297 -15.95 3.67 -51.03
CA GLY A 1297 -15.04 4.60 -51.68
C GLY A 1297 -15.40 6.07 -51.56
N LYS A 1298 -15.91 6.46 -50.40
CA LYS A 1298 -16.13 7.88 -50.09
C LYS A 1298 -14.73 8.48 -50.16
N GLY A 1299 -14.60 9.62 -50.82
CA GLY A 1299 -13.30 10.24 -50.98
C GLY A 1299 -12.24 9.33 -51.55
N LEU A 1300 -12.61 8.32 -52.36
CA LEU A 1300 -11.62 7.38 -52.90
C LEU A 1300 -10.32 8.07 -53.36
N SER A 1301 -9.16 7.57 -52.95
CA SER A 1301 -8.01 8.33 -53.37
C SER A 1301 -6.91 7.55 -54.10
N GLY A 1302 -7.31 6.89 -55.18
CA GLY A 1302 -6.37 6.15 -55.99
C GLY A 1302 -6.22 4.74 -55.48
N GLY A 1303 -7.13 4.35 -54.60
CA GLY A 1303 -7.04 2.99 -54.16
C GLY A 1303 -8.07 2.28 -55.00
N THR A 1304 -8.16 0.94 -54.85
CA THR A 1304 -9.12 0.15 -55.62
C THR A 1304 -9.94 -0.74 -54.76
N ILE A 1305 -11.22 -0.75 -55.10
CA ILE A 1305 -12.24 -1.48 -54.36
C ILE A 1305 -13.10 -2.26 -55.37
N VAL A 1306 -13.28 -3.55 -55.12
CA VAL A 1306 -14.14 -4.41 -55.94
C VAL A 1306 -15.20 -5.14 -55.07
N VAL A 1307 -16.42 -5.30 -55.56
CA VAL A 1307 -17.44 -5.96 -54.75
C VAL A 1307 -18.32 -6.87 -55.58
N ARG A 1308 -18.29 -8.17 -55.34
CA ARG A 1308 -19.17 -9.08 -56.06
C ARG A 1308 -19.84 -10.13 -55.16
N PRO A 1309 -20.98 -10.59 -55.68
CA PRO A 1309 -21.73 -11.60 -54.95
C PRO A 1309 -20.82 -12.77 -54.82
N THR A 1310 -21.19 -13.61 -53.87
CA THR A 1310 -20.48 -14.83 -53.52
C THR A 1310 -20.66 -15.77 -54.67
N THR A 1311 -19.54 -16.38 -55.03
CA THR A 1311 -19.42 -17.39 -56.04
C THR A 1311 -20.65 -18.28 -55.92
N SER A 1312 -21.01 -18.63 -54.71
CA SER A 1312 -22.19 -19.45 -54.54
C SER A 1312 -23.53 -18.70 -54.59
N SER A 1313 -23.59 -17.38 -54.59
CA SER A 1313 -24.93 -16.79 -54.58
C SER A 1313 -25.53 -17.06 -55.93
N PRO A 1314 -26.81 -17.36 -55.98
CA PRO A 1314 -27.52 -17.61 -57.23
C PRO A 1314 -28.11 -16.33 -57.80
N LEU A 1315 -27.67 -15.18 -57.29
CA LEU A 1315 -28.35 -13.97 -57.74
C LEU A 1315 -27.92 -13.47 -59.10
N GLU A 1316 -28.85 -12.86 -59.81
CA GLU A 1316 -28.45 -12.27 -61.07
C GLU A 1316 -27.73 -10.95 -60.86
N THR A 1317 -26.40 -11.05 -60.86
CA THR A 1317 -25.60 -9.88 -60.68
C THR A 1317 -26.27 -8.57 -60.98
N ASN A 1318 -26.97 -8.40 -62.08
CA ASN A 1318 -27.36 -7.04 -62.34
C ASN A 1318 -28.75 -6.73 -61.99
N LYS A 1319 -29.42 -7.67 -61.36
CA LYS A 1319 -30.80 -7.32 -61.06
C LYS A 1319 -30.93 -7.19 -59.59
N ASN A 1320 -29.80 -6.96 -58.93
CA ASN A 1320 -29.85 -6.80 -57.49
C ASN A 1320 -28.86 -5.82 -56.98
N THR A 1321 -29.30 -5.00 -56.01
CA THR A 1321 -28.49 -4.00 -55.31
C THR A 1321 -27.26 -4.64 -54.70
N ILE A 1322 -26.20 -3.87 -54.54
CA ILE A 1322 -25.04 -4.46 -53.87
C ILE A 1322 -24.26 -3.44 -53.01
N ILE A 1323 -24.46 -2.15 -53.27
CA ILE A 1323 -23.75 -1.20 -52.46
C ILE A 1323 -24.68 -0.03 -52.32
N GLY A 1324 -24.56 0.63 -51.17
CA GLY A 1324 -25.48 1.66 -50.75
C GLY A 1324 -25.47 2.97 -51.46
N ASN A 1325 -25.52 4.04 -50.69
CA ASN A 1325 -25.61 5.35 -51.28
C ASN A 1325 -24.40 6.23 -51.14
N THR A 1326 -24.43 7.27 -51.93
CA THR A 1326 -23.37 8.24 -51.84
C THR A 1326 -22.03 7.58 -51.96
N VAL A 1327 -21.98 6.51 -52.77
CA VAL A 1327 -20.74 5.84 -53.14
C VAL A 1327 -19.80 6.83 -53.83
N LEU A 1328 -18.51 6.62 -53.69
CA LEU A 1328 -17.49 7.51 -54.27
C LEU A 1328 -17.68 9.00 -54.05
N TYR A 1329 -18.41 9.42 -53.02
CA TYR A 1329 -18.64 10.84 -52.80
C TYR A 1329 -17.32 11.60 -52.82
N GLY A 1330 -17.19 12.56 -53.73
CA GLY A 1330 -16.01 13.36 -53.79
C GLY A 1330 -14.68 12.71 -54.10
N ALA A 1331 -14.67 11.48 -54.55
CA ALA A 1331 -13.40 10.82 -54.89
C ALA A 1331 -12.44 11.60 -55.79
N THR A 1332 -11.18 11.23 -55.86
CA THR A 1332 -10.29 11.97 -56.77
C THR A 1332 -9.39 11.03 -57.60
N ALA A 1333 -9.30 9.78 -57.18
CA ALA A 1333 -8.49 8.89 -57.92
C ALA A 1333 -8.87 7.48 -57.49
N GLY A 1334 -8.41 6.51 -58.25
CA GLY A 1334 -8.76 5.13 -58.03
C GLY A 1334 -9.94 4.65 -58.89
N LYS A 1335 -10.07 3.34 -58.84
CA LYS A 1335 -11.09 2.56 -59.49
C LYS A 1335 -12.00 1.91 -58.44
N LEU A 1336 -13.23 1.61 -58.87
CA LEU A 1336 -14.24 0.84 -58.13
C LEU A 1336 -15.06 -0.02 -59.09
N PHE A 1337 -15.14 -1.33 -58.84
CA PHE A 1337 -15.90 -2.29 -59.66
C PHE A 1337 -16.99 -2.99 -58.85
N ALA A 1338 -18.21 -3.01 -59.38
CA ALA A 1338 -19.36 -3.56 -58.64
C ALA A 1338 -20.44 -4.44 -59.38
N ALA A 1339 -20.16 -5.73 -59.39
CA ALA A 1339 -21.13 -6.68 -59.87
C ALA A 1339 -22.56 -6.38 -59.38
N GLY A 1340 -23.12 -5.21 -59.59
CA GLY A 1340 -24.48 -5.12 -59.10
C GLY A 1340 -24.96 -3.69 -59.21
N GLN A 1341 -26.11 -3.39 -58.63
CA GLN A 1341 -26.64 -2.03 -58.66
C GLN A 1341 -26.19 -1.19 -57.47
N ALA A 1342 -26.26 0.13 -57.57
CA ALA A 1342 -25.85 0.97 -56.44
C ALA A 1342 -27.04 1.81 -56.17
N GLY A 1343 -27.08 2.43 -54.99
CA GLY A 1343 -28.30 3.11 -54.61
C GLY A 1343 -28.31 4.55 -54.98
N GLU A 1344 -29.10 5.35 -54.27
CA GLU A 1344 -29.12 6.76 -54.57
C GLU A 1344 -27.78 7.56 -54.60
N ARG A 1345 -27.81 8.70 -55.29
CA ARG A 1345 -26.64 9.53 -55.41
C ARG A 1345 -25.32 8.82 -55.65
N PHE A 1346 -25.30 7.86 -56.57
CA PHE A 1346 -24.06 7.14 -56.91
C PHE A 1346 -23.04 8.05 -57.58
N ALA A 1347 -21.77 7.94 -57.20
CA ALA A 1347 -20.77 8.79 -57.86
C ALA A 1347 -21.06 10.29 -57.71
N VAL A 1348 -21.74 10.69 -56.65
CA VAL A 1348 -21.97 12.10 -56.45
C VAL A 1348 -20.64 12.79 -56.24
N ARG A 1349 -20.50 13.94 -56.88
CA ARG A 1349 -19.26 14.69 -56.81
C ARG A 1349 -17.98 14.00 -57.18
N ASN A 1350 -18.04 12.81 -57.80
CA ASN A 1350 -16.82 12.11 -58.17
C ASN A 1350 -15.80 13.03 -58.86
N SER A 1351 -14.62 13.20 -58.33
CA SER A 1351 -13.81 14.07 -59.13
C SER A 1351 -12.63 13.38 -59.73
N GLY A 1352 -12.85 12.19 -60.24
CA GLY A 1352 -11.73 11.58 -60.89
C GLY A 1352 -11.51 10.14 -60.58
N ALA A 1353 -12.58 9.47 -60.15
CA ALA A 1353 -12.44 8.05 -59.94
C ALA A 1353 -13.08 7.35 -61.13
N THR A 1354 -12.67 6.13 -61.42
CA THR A 1354 -13.22 5.39 -62.55
C THR A 1354 -13.94 4.23 -61.90
N VAL A 1355 -15.17 4.03 -62.33
CA VAL A 1355 -16.05 3.04 -61.75
C VAL A 1355 -16.84 2.28 -62.80
N VAL A 1356 -17.33 1.11 -62.42
CA VAL A 1356 -18.12 0.28 -63.31
C VAL A 1356 -19.05 -0.34 -62.31
N VAL A 1357 -20.33 -0.39 -62.65
CA VAL A 1357 -21.35 -0.84 -61.77
C VAL A 1357 -22.57 -1.23 -62.62
N GLU A 1358 -23.34 -2.23 -62.20
CA GLU A 1358 -24.43 -2.69 -63.03
C GLU A 1358 -25.78 -2.02 -62.82
N GLY A 1359 -25.79 -0.76 -62.44
CA GLY A 1359 -27.10 -0.12 -62.28
C GLY A 1359 -27.01 1.03 -61.28
N CYS A 1360 -28.07 1.76 -60.97
CA CYS A 1360 -27.81 2.79 -60.01
C CYS A 1360 -29.07 3.57 -59.67
N GLY A 1361 -29.24 3.89 -58.39
CA GLY A 1361 -30.42 4.60 -57.93
C GLY A 1361 -30.59 5.92 -58.63
N SER A 1362 -31.37 6.84 -58.06
CA SER A 1362 -31.48 8.11 -58.75
C SER A 1362 -30.38 9.10 -58.40
N ASN A 1363 -30.56 10.32 -58.85
CA ASN A 1363 -29.58 11.36 -58.61
C ASN A 1363 -28.14 10.97 -58.78
N GLY A 1364 -27.86 10.13 -59.79
CA GLY A 1364 -26.54 9.60 -60.04
C GLY A 1364 -25.60 10.52 -60.79
N CYS A 1365 -24.31 10.27 -60.62
CA CYS A 1365 -23.31 11.12 -61.24
C CYS A 1365 -23.59 12.61 -60.99
N GLU A 1366 -24.29 13.00 -59.94
CA GLU A 1366 -24.64 14.41 -59.77
C GLU A 1366 -23.46 15.29 -59.34
N TYR A 1367 -23.37 16.50 -59.82
CA TYR A 1367 -22.23 17.36 -59.50
C TYR A 1367 -20.91 16.69 -59.72
N MET A 1368 -20.76 15.83 -60.73
CA MET A 1368 -19.50 15.11 -60.95
C MET A 1368 -18.61 16.08 -61.69
N THR A 1369 -17.30 15.98 -61.49
CA THR A 1369 -16.37 16.95 -62.07
C THR A 1369 -15.15 16.28 -62.64
N GLY A 1370 -15.10 14.97 -62.65
CA GLY A 1370 -13.93 14.32 -63.19
C GLY A 1370 -14.14 12.83 -63.11
N GLY A 1371 -13.33 12.07 -63.81
CA GLY A 1371 -13.50 10.63 -63.77
C GLY A 1371 -14.38 10.07 -64.87
N THR A 1372 -14.36 8.75 -64.92
CA THR A 1372 -15.12 7.95 -65.84
C THR A 1372 -16.04 7.07 -65.00
N ALA A 1373 -17.27 7.03 -65.51
CA ALA A 1373 -18.40 6.39 -64.87
C ALA A 1373 -19.19 5.47 -65.81
N VAL A 1374 -18.78 4.22 -65.99
CA VAL A 1374 -19.55 3.30 -66.85
C VAL A 1374 -20.85 2.89 -66.13
N ILE A 1375 -21.77 2.16 -66.75
CA ILE A 1375 -23.00 1.79 -66.03
C ILE A 1375 -23.91 0.77 -66.72
N LEU A 1376 -23.60 -0.51 -66.56
CA LEU A 1376 -24.33 -1.60 -67.17
C LEU A 1376 -25.80 -1.66 -66.79
N GLY A 1377 -26.54 -0.56 -66.84
CA GLY A 1377 -27.92 -0.76 -66.48
C GLY A 1377 -28.82 0.46 -66.37
N ARG A 1378 -30.02 0.25 -65.87
CA ARG A 1378 -30.99 1.32 -65.80
C ARG A 1378 -30.46 2.37 -64.84
N VAL A 1379 -30.95 3.59 -64.96
CA VAL A 1379 -30.38 4.69 -64.22
C VAL A 1379 -31.51 5.55 -63.68
N GLY A 1380 -31.33 6.05 -62.48
CA GLY A 1380 -32.41 6.74 -61.78
C GLY A 1380 -32.73 8.09 -62.32
N ASP A 1381 -33.85 8.61 -61.91
CA ASP A 1381 -34.16 9.97 -62.24
C ASP A 1381 -33.03 10.97 -62.08
N ASN A 1382 -33.22 12.14 -62.70
CA ASN A 1382 -32.24 13.22 -62.66
C ASN A 1382 -30.80 12.78 -62.80
N PHE A 1383 -30.43 11.92 -63.79
CA PHE A 1383 -29.05 11.46 -63.89
C PHE A 1383 -28.14 12.51 -64.48
N ALA A 1384 -26.95 12.66 -63.93
CA ALA A 1384 -26.04 13.68 -64.43
C ALA A 1384 -26.41 15.13 -64.11
N ALA A 1385 -27.38 15.36 -63.24
CA ALA A 1385 -27.57 16.76 -62.94
C ALA A 1385 -26.29 17.42 -62.43
N GLY A 1386 -25.98 18.55 -63.03
CA GLY A 1386 -24.88 19.42 -62.63
C GLY A 1386 -23.59 18.74 -62.91
N MET A 1387 -23.65 17.75 -63.77
CA MET A 1387 -22.45 17.04 -64.09
C MET A 1387 -21.46 17.74 -65.07
N THR A 1388 -20.99 18.95 -64.74
CA THR A 1388 -19.90 19.62 -65.36
C THR A 1388 -18.59 18.96 -65.77
N GLY A 1389 -18.28 17.71 -65.51
CA GLY A 1389 -17.02 17.28 -66.09
C GLY A 1389 -16.39 15.92 -65.88
N GLY A 1390 -16.69 14.92 -66.68
CA GLY A 1390 -15.98 13.67 -66.51
C GLY A 1390 -16.64 12.99 -67.66
N MET A 1391 -17.19 11.82 -67.49
CA MET A 1391 -17.87 11.28 -68.63
C MET A 1391 -18.48 10.06 -68.07
N ALA A 1392 -19.66 9.77 -68.58
CA ALA A 1392 -20.27 8.52 -68.24
C ALA A 1392 -20.85 7.90 -69.53
N TYR A 1393 -20.56 6.63 -69.71
CA TYR A 1393 -21.22 5.87 -70.72
C TYR A 1393 -22.40 5.16 -70.01
N VAL A 1394 -23.29 4.52 -70.75
CA VAL A 1394 -24.45 3.97 -70.08
C VAL A 1394 -25.27 3.01 -70.93
N TYR A 1395 -24.87 1.75 -70.91
CA TYR A 1395 -25.65 0.68 -71.53
C TYR A 1395 -27.15 0.79 -71.26
N ASP A 1396 -27.96 1.21 -72.22
CA ASP A 1396 -29.39 1.44 -72.04
C ASP A 1396 -30.23 0.59 -73.01
N LEU A 1397 -30.75 -0.53 -72.54
CA LEU A 1397 -31.50 -1.40 -73.41
C LEU A 1397 -32.85 -0.97 -73.80
N ASP A 1398 -33.32 0.18 -73.40
CA ASP A 1398 -34.70 0.45 -73.79
C ASP A 1398 -34.80 1.82 -74.29
N ASP A 1399 -33.65 2.41 -74.58
CA ASP A 1399 -33.72 3.76 -75.08
C ASP A 1399 -34.69 4.54 -74.20
N SER A 1400 -34.30 4.58 -72.92
CA SER A 1400 -35.08 5.21 -71.88
C SER A 1400 -34.24 6.31 -71.29
N LEU A 1401 -32.92 6.09 -71.28
CA LEU A 1401 -32.07 7.07 -70.63
C LEU A 1401 -32.60 8.48 -70.95
N PRO A 1402 -33.00 8.71 -72.19
CA PRO A 1402 -33.64 9.95 -72.54
C PRO A 1402 -34.67 10.44 -71.56
N LEU A 1403 -35.37 9.54 -70.90
CA LEU A 1403 -36.46 10.01 -70.04
C LEU A 1403 -36.03 10.34 -68.66
N TYR A 1404 -34.83 9.90 -68.30
CA TYR A 1404 -34.30 10.07 -66.97
C TYR A 1404 -33.22 11.09 -66.79
N ILE A 1405 -32.53 11.44 -67.86
CA ILE A 1405 -31.33 12.22 -67.70
C ILE A 1405 -31.64 13.67 -67.56
N ASN A 1406 -30.79 14.39 -66.83
CA ASN A 1406 -30.95 15.80 -66.64
C ASN A 1406 -30.06 16.63 -67.59
N ASP A 1407 -30.60 16.79 -68.80
CA ASP A 1407 -30.15 17.66 -69.86
C ASP A 1407 -29.21 18.81 -69.55
N GLU A 1408 -29.76 19.69 -68.75
CA GLU A 1408 -29.09 20.95 -68.52
C GLU A 1408 -27.59 21.14 -68.74
N SER A 1409 -26.73 20.21 -68.39
CA SER A 1409 -25.31 20.49 -68.46
C SER A 1409 -24.65 19.35 -69.17
N VAL A 1410 -25.45 18.53 -69.78
CA VAL A 1410 -24.74 17.39 -70.25
C VAL A 1410 -25.38 17.03 -71.58
N ILE A 1411 -24.80 16.11 -72.36
CA ILE A 1411 -25.52 15.71 -73.56
C ILE A 1411 -25.26 14.24 -73.68
N PHE A 1412 -26.07 13.56 -74.47
CA PHE A 1412 -25.69 12.19 -74.73
C PHE A 1412 -25.83 11.92 -76.22
N GLN A 1413 -24.98 11.02 -76.66
CA GLN A 1413 -24.92 10.70 -78.06
C GLN A 1413 -24.56 9.23 -78.10
N ARG A 1414 -24.63 8.57 -79.25
CA ARG A 1414 -24.12 7.23 -79.19
C ARG A 1414 -22.65 7.35 -79.48
N ILE A 1415 -21.85 6.40 -79.00
CA ILE A 1415 -20.43 6.48 -79.27
C ILE A 1415 -20.29 6.60 -80.77
N GLU A 1416 -19.38 7.44 -81.26
CA GLU A 1416 -19.09 7.61 -82.69
C GLU A 1416 -17.58 7.50 -82.81
N VAL A 1417 -16.83 8.46 -82.29
CA VAL A 1417 -15.41 8.30 -82.37
C VAL A 1417 -15.01 6.96 -81.76
N GLY A 1418 -13.92 6.38 -82.20
CA GLY A 1418 -13.64 5.02 -81.78
C GLY A 1418 -12.64 4.88 -80.69
N HIS A 1419 -12.19 6.01 -80.16
CA HIS A 1419 -11.29 5.93 -79.01
C HIS A 1419 -12.14 6.02 -77.77
N TYR A 1420 -13.32 6.59 -77.94
CA TYR A 1420 -14.22 6.64 -76.83
C TYR A 1420 -14.79 5.26 -76.79
N GLU A 1421 -15.13 4.68 -77.94
CA GLU A 1421 -15.66 3.31 -77.93
C GLU A 1421 -14.60 2.37 -77.38
N SER A 1422 -13.34 2.68 -77.60
CA SER A 1422 -12.39 1.71 -77.09
C SER A 1422 -12.21 1.79 -75.58
N GLN A 1423 -12.27 3.03 -75.07
CA GLN A 1423 -12.13 3.35 -73.66
C GLN A 1423 -13.11 2.47 -72.91
N LEU A 1424 -14.38 2.59 -73.28
CA LEU A 1424 -15.45 1.78 -72.68
C LEU A 1424 -15.06 0.32 -72.67
N LYS A 1425 -14.97 -0.24 -73.86
CA LYS A 1425 -14.58 -1.63 -73.95
C LYS A 1425 -13.54 -2.01 -72.91
N HIS A 1426 -12.40 -1.33 -72.84
CA HIS A 1426 -11.37 -1.76 -71.89
C HIS A 1426 -11.80 -1.77 -70.42
N LEU A 1427 -12.52 -0.73 -70.01
CA LEU A 1427 -13.09 -0.73 -68.66
C LEU A 1427 -13.89 -1.99 -68.44
N ILE A 1428 -15.01 -2.09 -69.17
CA ILE A 1428 -15.83 -3.28 -69.08
C ILE A 1428 -15.00 -4.53 -69.04
N GLU A 1429 -13.85 -4.51 -69.68
CA GLU A 1429 -13.06 -5.70 -69.64
C GLU A 1429 -12.54 -5.80 -68.23
N GLU A 1430 -11.93 -4.71 -67.78
CA GLU A 1430 -11.41 -4.69 -66.41
C GLU A 1430 -12.45 -5.18 -65.41
N HIS A 1431 -13.60 -4.52 -65.51
CA HIS A 1431 -14.71 -4.83 -64.69
C HIS A 1431 -14.80 -6.30 -64.65
N VAL A 1432 -15.09 -6.93 -65.78
CA VAL A 1432 -15.22 -8.41 -65.81
C VAL A 1432 -14.02 -9.04 -65.13
N THR A 1433 -12.82 -8.89 -65.67
CA THR A 1433 -11.64 -9.47 -65.03
C THR A 1433 -11.74 -9.42 -63.52
N GLU A 1434 -11.97 -8.24 -62.95
CA GLU A 1434 -12.07 -8.12 -61.48
C GLU A 1434 -13.26 -8.80 -60.80
N THR A 1435 -14.41 -8.79 -61.44
CA THR A 1435 -15.68 -9.14 -60.87
C THR A 1435 -16.21 -10.45 -61.42
N GLN A 1436 -15.53 -11.01 -62.42
CA GLN A 1436 -15.93 -12.25 -63.08
C GLN A 1436 -17.39 -12.13 -63.46
N SER A 1437 -17.83 -10.94 -63.83
CA SER A 1437 -19.25 -10.75 -64.08
C SER A 1437 -19.77 -11.34 -65.36
N ARG A 1438 -20.66 -12.33 -65.28
CA ARG A 1438 -21.26 -12.85 -66.50
C ARG A 1438 -21.91 -11.75 -67.33
N PHE A 1439 -23.10 -11.34 -66.95
CA PHE A 1439 -23.75 -10.25 -67.66
C PHE A 1439 -22.74 -9.30 -68.25
N ALA A 1440 -21.64 -9.02 -67.57
CA ALA A 1440 -20.75 -8.11 -68.25
C ALA A 1440 -20.13 -8.88 -69.40
N ALA A 1441 -19.38 -9.94 -69.05
CA ALA A 1441 -18.75 -10.80 -70.04
C ALA A 1441 -19.61 -10.91 -71.31
N GLU A 1442 -20.90 -11.17 -71.15
CA GLU A 1442 -21.75 -11.29 -72.30
C GLU A 1442 -21.85 -10.04 -73.13
N ILE A 1443 -21.71 -8.88 -72.53
CA ILE A 1443 -21.88 -7.72 -73.36
C ILE A 1443 -20.63 -7.68 -74.17
N LEU A 1444 -19.57 -8.22 -73.59
CA LEU A 1444 -18.32 -8.25 -74.27
C LEU A 1444 -18.48 -9.22 -75.42
N ASN A 1445 -19.02 -10.38 -75.16
CA ASN A 1445 -19.26 -11.32 -76.25
C ASN A 1445 -20.02 -10.86 -77.46
N ASP A 1446 -20.83 -9.82 -77.33
CA ASP A 1446 -21.59 -9.35 -78.47
C ASP A 1446 -21.30 -7.86 -78.70
N TRP A 1447 -20.06 -7.49 -78.36
CA TRP A 1447 -19.64 -6.11 -78.41
C TRP A 1447 -20.37 -5.44 -79.55
N ALA A 1448 -20.10 -5.98 -80.74
CA ALA A 1448 -20.65 -5.51 -82.00
C ALA A 1448 -22.04 -4.91 -81.91
N ARG A 1449 -22.98 -5.74 -81.53
CA ARG A 1449 -24.37 -5.31 -81.51
C ARG A 1449 -24.60 -4.43 -80.32
N GLU A 1450 -23.91 -4.79 -79.25
CA GLU A 1450 -24.05 -4.10 -77.98
C GLU A 1450 -23.55 -2.65 -77.88
N VAL A 1451 -22.34 -2.37 -78.36
CA VAL A 1451 -21.80 -1.03 -78.27
C VAL A 1451 -22.88 -0.10 -78.74
N THR A 1452 -23.59 -0.60 -79.72
CA THR A 1452 -24.75 0.07 -80.23
C THR A 1452 -25.74 0.54 -79.16
N LYS A 1453 -25.74 -0.11 -78.02
CA LYS A 1453 -26.76 0.24 -77.05
C LYS A 1453 -26.46 1.32 -75.97
N PHE A 1454 -25.17 1.54 -75.68
CA PHE A 1454 -24.76 2.59 -74.80
C PHE A 1454 -25.13 4.05 -75.22
N TRP A 1455 -24.57 4.98 -74.47
CA TRP A 1455 -24.93 6.36 -74.72
C TRP A 1455 -23.81 7.11 -74.03
N GLN A 1456 -23.06 7.93 -74.78
CA GLN A 1456 -21.96 8.71 -74.22
C GLN A 1456 -22.63 9.92 -73.58
N VAL A 1457 -22.28 10.13 -72.29
CA VAL A 1457 -22.85 11.29 -71.65
C VAL A 1457 -21.64 12.13 -71.44
N VAL A 1458 -21.69 13.34 -72.02
CA VAL A 1458 -20.58 14.28 -72.02
C VAL A 1458 -21.06 15.67 -71.75
N PRO A 1459 -20.27 16.31 -70.90
CA PRO A 1459 -20.63 17.64 -70.40
C PRO A 1459 -20.41 18.70 -71.47
N LYS A 1460 -21.43 19.54 -71.59
CA LYS A 1460 -21.33 20.66 -72.50
C LYS A 1460 -20.01 21.29 -72.31
N GLU A 1461 -19.84 22.10 -71.27
CA GLU A 1461 -18.48 22.56 -71.06
C GLU A 1461 -17.32 21.57 -71.28
N MET A 1462 -17.50 20.31 -71.65
CA MET A 1462 -16.28 19.56 -71.99
C MET A 1462 -15.99 19.37 -73.48
N LEU A 1463 -16.97 19.74 -74.30
CA LEU A 1463 -16.97 19.50 -75.73
C LEU A 1463 -15.76 20.07 -76.43
N ASN A 1464 -15.58 21.36 -76.31
CA ASN A 1464 -14.39 21.92 -76.90
C ASN A 1464 -13.15 21.74 -76.09
N ARG A 1465 -13.22 21.07 -74.96
CA ARG A 1465 -11.98 21.07 -74.25
C ARG A 1465 -11.37 19.74 -74.55
N LEU A 1466 -12.02 18.90 -75.31
CA LEU A 1466 -11.47 17.59 -75.18
C LEU A 1466 -10.50 17.01 -76.18
N GLU A 1467 -9.22 17.06 -75.84
CA GLU A 1467 -8.20 16.50 -76.73
C GLU A 1467 -8.81 15.87 -77.98
N VAL A 1468 -9.28 14.63 -77.87
CA VAL A 1468 -9.97 13.97 -79.00
C VAL A 1468 -11.44 14.35 -79.05
N PRO A 1469 -11.94 15.05 -80.05
CA PRO A 1469 -13.38 15.35 -80.06
C PRO A 1469 -14.26 14.12 -80.01
N VAL A 1470 -15.47 14.36 -79.59
CA VAL A 1470 -16.36 13.28 -79.27
C VAL A 1470 -17.10 12.84 -80.51
N HIS A 1471 -16.97 13.68 -81.52
CA HIS A 1471 -17.69 13.58 -82.78
C HIS A 1471 -16.85 13.42 -84.05
N LEU A 1472 -17.44 12.84 -85.10
CA LEU A 1472 -16.72 12.59 -86.35
C LEU A 1472 -16.78 13.79 -87.30
N CYS B 1 -37.85 20.73 11.52
CA CYS B 1 -39.23 21.32 11.50
C CYS B 1 -39.45 22.49 12.41
N GLY B 2 -40.22 23.49 12.00
CA GLY B 2 -40.53 24.58 12.90
C GLY B 2 -41.25 25.65 12.13
N VAL B 3 -41.89 26.58 12.81
CA VAL B 3 -42.47 27.72 12.15
C VAL B 3 -42.12 28.72 13.16
N GLY B 4 -42.15 29.97 12.74
CA GLY B 4 -41.85 31.11 13.59
C GLY B 4 -42.28 32.35 12.84
N PHE B 5 -42.21 33.47 13.52
CA PHE B 5 -42.58 34.71 12.91
C PHE B 5 -42.00 35.76 13.77
N ILE B 6 -41.86 36.96 13.21
CA ILE B 6 -41.25 38.09 13.90
C ILE B 6 -41.91 39.34 13.40
N ALA B 7 -42.08 40.33 14.26
CA ALA B 7 -42.74 41.53 13.83
C ALA B 7 -42.30 42.72 14.64
N ALA B 8 -42.19 43.86 13.97
CA ALA B 8 -41.75 45.05 14.68
C ALA B 8 -43.04 45.56 15.19
N ILE B 9 -43.13 45.70 16.50
CA ILE B 9 -44.43 46.05 16.99
C ILE B 9 -44.78 47.38 16.42
N ASP B 10 -43.83 48.31 16.29
CA ASP B 10 -44.20 49.62 15.71
C ASP B 10 -44.45 49.71 14.26
N GLY B 11 -44.21 48.67 13.49
CA GLY B 11 -44.51 48.68 12.08
C GLY B 11 -43.40 49.14 11.16
N LYS B 12 -42.37 49.76 11.73
CA LYS B 12 -41.28 50.30 10.96
C LYS B 12 -40.19 49.26 10.74
N PRO B 13 -39.77 49.16 9.48
CA PRO B 13 -38.77 48.21 9.00
C PRO B 13 -37.45 48.21 9.64
N ARG B 14 -36.79 47.07 9.64
CA ARG B 14 -35.51 46.88 10.29
C ARG B 14 -34.70 45.80 9.63
N ARG B 15 -33.39 45.91 9.71
CA ARG B 15 -32.63 44.83 9.19
C ARG B 15 -32.68 43.70 10.22
N SER B 16 -32.73 44.02 11.51
CA SER B 16 -32.75 42.92 12.49
C SER B 16 -33.86 41.90 12.35
N VAL B 17 -35.03 42.33 11.97
CA VAL B 17 -36.06 41.36 11.75
C VAL B 17 -35.62 40.30 10.75
N VAL B 18 -34.87 40.61 9.74
CA VAL B 18 -34.59 39.58 8.78
C VAL B 18 -33.44 38.82 9.30
N GLU B 19 -32.49 39.53 9.89
CA GLU B 19 -31.36 38.84 10.47
C GLU B 19 -31.90 37.86 11.49
N LYS B 20 -32.73 38.30 12.44
CA LYS B 20 -33.35 37.35 13.37
C LYS B 20 -34.07 36.16 12.75
N GLY B 21 -34.95 36.33 11.78
CA GLY B 21 -35.52 35.19 11.10
C GLY B 21 -34.43 34.25 10.56
N ILE B 22 -33.37 34.77 9.97
CA ILE B 22 -32.33 33.84 9.63
C ILE B 22 -31.82 33.14 10.92
N GLU B 23 -31.60 33.91 11.97
CA GLU B 23 -31.06 33.34 13.18
C GLU B 23 -31.78 32.11 13.62
N ALA B 24 -33.10 32.21 13.67
CA ALA B 24 -34.03 31.13 13.99
C ALA B 24 -33.81 29.94 13.08
N LEU B 25 -34.09 30.10 11.81
CA LEU B 25 -33.83 29.02 10.91
C LEU B 25 -32.47 28.34 11.16
N LYS B 26 -31.62 28.91 12.00
CA LYS B 26 -30.36 28.22 12.21
C LYS B 26 -30.38 27.32 13.41
N ALA B 27 -31.50 27.38 14.12
CA ALA B 27 -31.73 26.65 15.32
C ALA B 27 -32.94 25.68 15.23
N VAL B 28 -33.04 24.83 14.20
CA VAL B 28 -34.12 23.87 14.16
C VAL B 28 -33.56 22.58 13.66
N TRP B 29 -32.32 22.57 13.24
CA TRP B 29 -31.82 21.34 12.67
C TRP B 29 -31.91 20.18 13.59
N HIS B 30 -32.00 20.42 14.89
CA HIS B 30 -32.07 19.29 15.83
C HIS B 30 -33.34 18.49 15.61
N ARG B 31 -34.40 19.09 15.11
CA ARG B 31 -35.67 18.44 14.91
C ARG B 31 -35.88 17.76 13.54
N GLY B 32 -34.84 17.34 12.83
CA GLY B 32 -35.04 16.85 11.48
C GLY B 32 -34.14 15.70 11.12
N ALA B 33 -34.37 15.07 9.98
CA ALA B 33 -33.51 13.96 9.62
C ALA B 33 -32.23 14.49 9.01
N VAL B 34 -31.12 14.07 9.60
CA VAL B 34 -29.89 14.56 9.04
C VAL B 34 -29.43 13.62 7.96
N ASP B 35 -28.86 14.18 6.91
CA ASP B 35 -28.28 13.28 5.95
C ASP B 35 -26.81 13.08 6.19
N ALA B 36 -26.39 11.88 5.83
CA ALA B 36 -24.98 11.58 5.84
C ALA B 36 -24.37 12.47 4.75
N ASP B 37 -25.18 12.84 3.76
CA ASP B 37 -24.76 13.68 2.62
C ASP B 37 -24.47 15.11 3.03
N GLY B 38 -25.06 15.54 4.14
CA GLY B 38 -24.74 16.83 4.72
C GLY B 38 -25.39 18.01 4.08
N LYS B 39 -26.29 17.75 3.16
CA LYS B 39 -26.78 18.82 2.36
C LYS B 39 -28.23 18.69 2.24
N THR B 40 -28.63 17.45 2.11
CA THR B 40 -30.00 17.23 1.78
C THR B 40 -31.11 17.51 2.79
N GLY B 41 -31.95 18.50 2.54
CA GLY B 41 -33.09 18.77 3.41
C GLY B 41 -34.46 18.69 2.75
N ASP B 42 -35.52 18.83 3.52
CA ASP B 42 -36.84 18.71 2.94
C ASP B 42 -37.44 20.02 2.47
N GLY B 43 -37.17 21.13 3.14
CA GLY B 43 -37.73 22.36 2.67
C GLY B 43 -37.60 23.44 3.68
N ALA B 44 -37.15 24.65 3.34
CA ALA B 44 -37.07 25.74 4.28
C ALA B 44 -37.32 27.05 3.50
N GLY B 45 -37.67 28.12 4.18
CA GLY B 45 -37.93 29.32 3.48
C GLY B 45 -38.12 30.45 4.44
N ILE B 46 -38.01 31.69 3.96
CA ILE B 46 -38.25 32.84 4.82
C ILE B 46 -39.11 33.67 3.93
N HIS B 47 -40.03 34.44 4.50
CA HIS B 47 -40.98 35.25 3.77
C HIS B 47 -40.84 36.61 4.38
N VAL B 48 -40.27 37.57 3.66
CA VAL B 48 -40.09 38.93 4.17
C VAL B 48 -40.72 39.95 3.20
N ALA B 49 -40.57 41.23 3.54
CA ALA B 49 -41.04 42.30 2.65
C ALA B 49 -40.15 42.53 1.40
N VAL B 50 -40.71 42.71 0.22
CA VAL B 50 -39.83 42.98 -0.91
C VAL B 50 -39.09 44.24 -0.51
N PRO B 51 -37.75 44.27 -0.56
CA PRO B 51 -36.98 45.41 -0.11
C PRO B 51 -36.73 46.40 -1.26
N GLN B 52 -37.46 47.51 -1.25
CA GLN B 52 -37.37 48.42 -2.32
C GLN B 52 -36.02 49.12 -2.46
N LYS B 53 -35.21 49.28 -1.41
CA LYS B 53 -33.89 49.86 -1.68
C LYS B 53 -33.23 48.89 -2.64
N PHE B 54 -33.05 47.68 -2.16
CA PHE B 54 -32.47 46.66 -2.98
C PHE B 54 -33.03 46.63 -4.39
N PHE B 55 -34.33 46.57 -4.51
CA PHE B 55 -34.81 46.44 -5.86
C PHE B 55 -34.75 47.70 -6.68
N LYS B 56 -35.04 48.85 -6.11
CA LYS B 56 -34.88 50.06 -6.91
C LYS B 56 -33.44 50.29 -7.39
N ASP B 57 -32.46 50.23 -6.51
CA ASP B 57 -31.08 50.31 -6.90
C ASP B 57 -30.86 49.32 -8.00
N HIS B 58 -31.61 48.25 -8.09
CA HIS B 58 -31.30 47.33 -9.16
C HIS B 58 -31.72 47.95 -10.44
N VAL B 59 -32.93 48.48 -10.40
CA VAL B 59 -33.51 49.00 -11.59
C VAL B 59 -32.69 50.23 -11.97
N LYS B 60 -32.15 50.92 -10.97
CA LYS B 60 -31.35 52.09 -11.24
C LYS B 60 -30.12 51.64 -11.97
N VAL B 61 -29.35 50.77 -11.34
CA VAL B 61 -28.14 50.26 -11.97
C VAL B 61 -28.24 49.85 -13.41
N ILE B 62 -29.43 49.64 -13.89
CA ILE B 62 -29.50 49.24 -15.26
C ILE B 62 -29.63 50.50 -16.04
N GLY B 63 -30.17 51.53 -15.39
CA GLY B 63 -30.31 52.81 -16.03
C GLY B 63 -31.74 53.25 -16.23
N HIS B 64 -32.59 52.86 -15.30
CA HIS B 64 -33.94 53.32 -15.38
C HIS B 64 -33.93 54.25 -14.23
N ARG B 65 -35.08 54.85 -13.98
CA ARG B 65 -35.24 55.75 -12.88
C ARG B 65 -36.19 55.05 -11.89
N ALA B 66 -35.87 55.13 -10.61
CA ALA B 66 -36.68 54.45 -9.61
C ALA B 66 -38.01 55.08 -9.49
N PRO B 67 -39.08 54.30 -9.49
CA PRO B 67 -40.42 54.87 -9.35
C PRO B 67 -40.57 55.47 -8.01
N ASP B 68 -41.63 56.22 -7.78
CA ASP B 68 -41.74 56.82 -6.45
C ASP B 68 -42.52 55.84 -5.63
N ASN B 69 -43.41 55.11 -6.28
CA ASN B 69 -44.19 54.11 -5.63
C ASN B 69 -43.44 52.80 -5.42
N LYS B 70 -44.10 51.73 -4.97
CA LYS B 70 -43.36 50.51 -4.72
C LYS B 70 -43.40 49.72 -5.97
N LEU B 71 -42.33 48.95 -6.06
CA LEU B 71 -41.95 48.13 -7.17
C LEU B 71 -42.41 46.74 -6.74
N ALA B 72 -42.62 45.84 -7.68
CA ALA B 72 -43.09 44.51 -7.35
C ALA B 72 -42.19 43.47 -7.98
N VAL B 73 -42.02 42.35 -7.29
CA VAL B 73 -41.23 41.27 -7.82
C VAL B 73 -42.04 39.97 -7.86
N GLY B 74 -41.83 39.17 -8.88
CA GLY B 74 -42.47 37.90 -8.98
C GLY B 74 -41.24 37.04 -8.70
N GLN B 75 -41.39 35.97 -7.94
CA GLN B 75 -40.25 35.13 -7.59
C GLN B 75 -40.63 33.85 -8.22
N VAL B 76 -39.93 33.46 -9.27
CA VAL B 76 -40.44 32.35 -10.05
C VAL B 76 -39.50 31.24 -10.33
N PHE B 77 -40.07 30.06 -10.36
CA PHE B 77 -39.35 28.84 -10.52
C PHE B 77 -39.75 28.38 -11.91
N LEU B 78 -38.78 28.12 -12.78
CA LEU B 78 -39.12 27.69 -14.13
C LEU B 78 -38.52 26.35 -14.29
N PRO B 79 -39.01 25.67 -15.31
CA PRO B 79 -38.55 24.34 -15.68
C PRO B 79 -37.16 24.68 -15.94
N ARG B 80 -36.24 23.77 -15.72
CA ARG B 80 -34.87 24.13 -15.85
C ARG B 80 -34.21 23.26 -16.84
N ILE B 81 -34.89 22.22 -17.27
CA ILE B 81 -34.16 21.39 -18.18
C ILE B 81 -34.50 21.56 -19.63
N SER B 82 -35.60 22.25 -19.91
CA SER B 82 -36.10 22.49 -21.23
C SER B 82 -36.16 23.98 -21.54
N LEU B 83 -35.17 24.45 -22.28
CA LEU B 83 -35.23 25.83 -22.64
C LEU B 83 -36.57 26.10 -23.28
N ASP B 84 -37.07 25.17 -24.08
CA ASP B 84 -38.34 25.41 -24.73
C ASP B 84 -39.46 25.87 -23.82
N ALA B 85 -39.65 25.12 -22.78
CA ALA B 85 -40.63 25.52 -21.82
C ALA B 85 -40.24 26.79 -21.08
N GLN B 86 -38.98 26.96 -20.66
CA GLN B 86 -38.76 28.17 -19.93
C GLN B 86 -39.30 29.38 -20.69
N GLU B 87 -39.00 29.41 -22.01
CA GLU B 87 -39.45 30.54 -22.82
C GLU B 87 -40.95 30.68 -22.73
N ALA B 88 -41.64 29.61 -23.08
CA ALA B 88 -43.11 29.56 -22.97
C ALA B 88 -43.57 30.16 -21.65
N CYS B 89 -42.93 29.66 -20.61
CA CYS B 89 -43.25 30.16 -19.32
C CYS B 89 -43.07 31.64 -19.28
N ARG B 90 -41.91 32.14 -19.74
CA ARG B 90 -41.75 33.60 -19.87
C ARG B 90 -42.69 34.37 -20.75
N CYS B 91 -43.12 33.80 -21.88
CA CYS B 91 -44.11 34.61 -22.62
C CYS B 91 -45.30 34.87 -21.76
N ILE B 92 -45.78 33.78 -21.17
CA ILE B 92 -46.99 33.84 -20.38
C ILE B 92 -46.82 34.78 -19.19
N VAL B 93 -45.70 34.66 -18.50
CA VAL B 93 -45.61 35.56 -17.40
C VAL B 93 -45.74 37.00 -17.85
N GLU B 94 -44.96 37.40 -18.86
CA GLU B 94 -44.95 38.75 -19.43
C GLU B 94 -46.33 39.08 -20.00
N THR B 95 -46.84 38.25 -20.90
CA THR B 95 -48.16 38.50 -21.44
C THR B 95 -49.21 39.01 -20.46
N GLU B 96 -49.51 38.19 -19.46
CA GLU B 96 -50.48 38.55 -18.46
C GLU B 96 -50.13 39.78 -17.65
N ILE B 97 -48.88 39.98 -17.29
CA ILE B 97 -48.64 41.20 -16.54
C ILE B 97 -48.97 42.34 -17.50
N LEU B 98 -48.73 42.08 -18.78
CA LEU B 98 -48.92 43.17 -19.71
C LEU B 98 -50.34 43.51 -19.84
N ALA B 99 -51.17 42.53 -20.10
CA ALA B 99 -52.55 42.89 -20.29
C ALA B 99 -53.22 43.66 -19.19
N PHE B 100 -52.59 43.87 -18.04
CA PHE B 100 -53.26 44.67 -17.04
C PHE B 100 -52.60 46.01 -17.25
N GLY B 101 -51.70 46.04 -18.21
CA GLY B 101 -51.02 47.27 -18.50
C GLY B 101 -50.07 47.76 -17.45
N TYR B 102 -49.37 46.88 -16.77
CA TYR B 102 -48.40 47.38 -15.83
C TYR B 102 -47.12 47.37 -16.64
N TYR B 103 -46.01 47.67 -16.01
CA TYR B 103 -44.72 47.79 -16.70
C TYR B 103 -43.62 46.85 -16.20
N ILE B 104 -42.90 46.26 -17.12
CA ILE B 104 -41.87 45.32 -16.73
C ILE B 104 -40.45 45.84 -16.84
N TYR B 105 -39.71 46.04 -15.76
CA TYR B 105 -38.30 46.36 -15.93
C TYR B 105 -37.52 45.18 -16.39
N GLY B 106 -37.96 43.96 -16.18
CA GLY B 106 -37.23 42.80 -16.67
C GLY B 106 -36.78 41.67 -15.74
N TRP B 107 -36.32 40.56 -16.26
CA TRP B 107 -35.86 39.49 -15.37
C TRP B 107 -34.52 39.57 -14.64
N ARG B 108 -34.29 38.74 -13.65
CA ARG B 108 -33.03 38.76 -12.91
C ARG B 108 -32.77 37.36 -12.36
N GLN B 109 -31.92 36.55 -13.00
CA GLN B 109 -31.56 35.26 -12.46
C GLN B 109 -31.09 35.42 -11.01
N VAL B 110 -31.71 34.69 -10.09
CA VAL B 110 -31.35 34.89 -8.71
C VAL B 110 -30.06 34.23 -8.35
N PRO B 111 -29.14 34.95 -7.75
CA PRO B 111 -27.86 34.38 -7.37
C PRO B 111 -28.08 33.27 -6.34
N ILE B 112 -27.43 32.11 -6.52
CA ILE B 112 -27.58 31.00 -5.62
C ILE B 112 -26.32 30.17 -5.60
N ASN B 113 -26.11 29.41 -4.54
CA ASN B 113 -24.95 28.56 -4.58
C ASN B 113 -25.39 27.10 -4.57
N VAL B 114 -25.32 26.42 -5.69
CA VAL B 114 -25.78 25.07 -5.64
C VAL B 114 -24.80 24.13 -4.99
N ASP B 115 -23.69 24.61 -4.43
CA ASP B 115 -22.81 23.62 -3.84
C ASP B 115 -23.41 22.99 -2.61
N ILE B 116 -24.22 23.73 -1.90
CA ILE B 116 -24.79 23.11 -0.73
C ILE B 116 -26.06 22.37 -0.98
N ILE B 117 -26.23 21.74 -2.10
CA ILE B 117 -27.51 21.14 -2.30
C ILE B 117 -27.11 19.74 -2.68
N GLY B 118 -27.98 18.78 -2.46
CA GLY B 118 -27.61 17.40 -2.74
C GLY B 118 -28.07 17.03 -4.11
N GLU B 119 -27.69 15.88 -4.64
CA GLU B 119 -28.12 15.66 -6.00
C GLU B 119 -29.60 15.50 -6.15
N LYS B 120 -30.13 14.55 -5.39
CA LYS B 120 -31.56 14.40 -5.28
C LYS B 120 -32.15 15.78 -5.52
N ALA B 121 -31.71 16.76 -4.75
CA ALA B 121 -32.28 18.07 -4.87
C ALA B 121 -31.85 18.84 -6.12
N ASN B 122 -30.56 18.79 -6.48
CA ASN B 122 -30.16 19.57 -7.61
C ASN B 122 -30.81 18.99 -8.83
N ALA B 123 -31.33 17.79 -8.69
CA ALA B 123 -31.93 17.12 -9.83
C ALA B 123 -33.19 17.80 -10.22
N THR B 124 -34.01 18.02 -9.20
CA THR B 124 -35.29 18.66 -9.37
C THR B 124 -35.23 20.16 -9.16
N ARG B 125 -34.03 20.74 -9.16
CA ARG B 125 -33.93 22.19 -8.96
C ARG B 125 -34.54 23.01 -10.10
N PRO B 126 -35.47 23.88 -9.88
CA PRO B 126 -36.00 24.67 -10.96
C PRO B 126 -34.99 25.78 -11.35
N GLU B 127 -35.24 26.60 -12.37
CA GLU B 127 -34.36 27.73 -12.65
C GLU B 127 -34.99 28.90 -11.94
N ILE B 128 -34.27 29.61 -11.09
CA ILE B 128 -34.89 30.60 -10.25
C ILE B 128 -34.62 31.98 -10.76
N GLU B 129 -35.66 32.70 -11.09
CA GLU B 129 -35.48 34.04 -11.63
C GLU B 129 -36.49 35.01 -11.09
N GLN B 130 -36.16 36.29 -11.11
CA GLN B 130 -37.11 37.26 -10.63
C GLN B 130 -37.67 38.14 -11.78
N ILE B 131 -38.86 38.68 -11.67
CA ILE B 131 -39.28 39.58 -12.71
C ILE B 131 -39.74 40.84 -12.03
N ILE B 132 -39.27 42.00 -12.49
CA ILE B 132 -39.58 43.23 -11.77
C ILE B 132 -40.63 43.98 -12.47
N VAL B 133 -41.64 44.45 -11.73
CA VAL B 133 -42.78 45.07 -12.35
C VAL B 133 -43.09 46.39 -11.67
N GLY B 134 -43.57 47.38 -12.42
CA GLY B 134 -43.76 48.71 -11.85
C GLY B 134 -45.18 49.11 -12.00
N ASN B 135 -45.65 49.95 -11.11
CA ASN B 135 -47.06 50.31 -11.04
C ASN B 135 -47.19 51.61 -11.75
N ASN B 136 -47.12 51.50 -13.07
CA ASN B 136 -47.15 52.63 -13.95
C ASN B 136 -48.54 53.21 -13.92
N LYS B 137 -49.56 52.38 -13.65
CA LYS B 137 -50.94 52.84 -13.60
C LYS B 137 -51.16 53.66 -12.38
N GLY B 138 -50.17 53.70 -11.51
CA GLY B 138 -50.29 54.53 -10.34
C GLY B 138 -51.47 54.23 -9.46
N VAL B 139 -51.77 52.95 -9.32
CA VAL B 139 -52.89 52.50 -8.52
C VAL B 139 -52.45 52.47 -7.10
N SER B 140 -53.32 52.05 -6.19
CA SER B 140 -52.97 52.02 -4.78
C SER B 140 -52.33 50.74 -4.33
N ASP B 141 -51.68 50.78 -3.18
CA ASP B 141 -51.10 49.56 -2.61
C ASP B 141 -52.01 48.35 -2.68
N GLU B 142 -53.18 48.52 -2.11
CA GLU B 142 -54.16 47.46 -2.17
C GLU B 142 -54.55 47.08 -3.58
N GLN B 143 -54.66 47.99 -4.54
CA GLN B 143 -55.06 47.51 -5.83
C GLN B 143 -53.97 46.75 -6.57
N PHE B 144 -52.76 47.08 -6.17
CA PHE B 144 -51.66 46.47 -6.86
C PHE B 144 -51.67 45.01 -6.46
N GLU B 145 -51.87 44.76 -5.18
CA GLU B 145 -51.88 43.38 -4.70
C GLU B 145 -52.98 42.56 -5.33
N LEU B 146 -54.12 43.19 -5.41
CA LEU B 146 -55.24 42.52 -5.97
C LEU B 146 -55.01 42.18 -7.41
N ASP B 147 -54.62 43.18 -8.18
CA ASP B 147 -54.39 42.92 -9.61
C ASP B 147 -53.40 41.81 -9.83
N LEU B 148 -52.31 41.94 -9.09
CA LEU B 148 -51.19 41.01 -9.09
C LEU B 148 -51.61 39.57 -8.89
N TYR B 149 -52.53 39.39 -7.91
CA TYR B 149 -53.18 38.14 -7.51
C TYR B 149 -53.89 37.68 -8.72
N ILE B 150 -54.87 38.44 -9.20
CA ILE B 150 -55.48 37.93 -10.42
C ILE B 150 -54.49 37.59 -11.52
N ILE B 151 -53.47 38.42 -11.72
CA ILE B 151 -52.51 38.07 -12.76
C ILE B 151 -51.93 36.67 -12.50
N ARG B 152 -51.48 36.47 -11.24
CA ARG B 152 -50.82 35.24 -10.90
C ARG B 152 -51.56 33.97 -11.24
N ARG B 153 -52.85 34.05 -10.95
CA ARG B 153 -53.75 32.98 -11.22
C ARG B 153 -53.89 32.76 -12.69
N ARG B 154 -53.90 33.85 -13.46
CA ARG B 154 -54.10 33.68 -14.90
C ARG B 154 -52.93 32.91 -15.47
N ILE B 155 -51.76 33.22 -14.94
CA ILE B 155 -50.55 32.69 -15.48
C ILE B 155 -50.60 31.26 -15.22
N GLU B 156 -50.83 31.02 -13.93
CA GLU B 156 -50.92 29.72 -13.23
C GLU B 156 -51.85 28.88 -14.13
N LYS B 157 -53.05 29.40 -14.34
CA LYS B 157 -54.00 28.77 -15.24
C LYS B 157 -53.55 28.44 -16.67
N ALA B 158 -52.88 29.38 -17.30
CA ALA B 158 -52.45 29.20 -18.68
C ALA B 158 -51.36 28.16 -18.73
N VAL B 159 -50.43 28.28 -17.77
CA VAL B 159 -49.33 27.37 -17.83
C VAL B 159 -49.96 26.04 -17.69
N LYS B 160 -50.99 26.05 -16.87
CA LYS B 160 -51.58 24.77 -16.65
C LYS B 160 -52.02 24.22 -18.00
N GLY B 161 -52.96 24.89 -18.62
CA GLY B 161 -53.41 24.44 -19.91
C GLY B 161 -52.34 24.23 -20.99
N GLU B 162 -51.17 24.83 -20.90
CA GLU B 162 -50.17 24.50 -21.89
C GLU B 162 -49.64 23.13 -21.67
N GLN B 163 -49.99 22.70 -20.48
CA GLN B 163 -49.49 21.46 -19.93
C GLN B 163 -48.01 21.48 -19.69
N ILE B 164 -47.56 22.52 -19.02
CA ILE B 164 -46.16 22.64 -18.70
C ILE B 164 -45.83 22.26 -17.25
N ASN B 165 -44.85 21.42 -17.07
CA ASN B 165 -44.47 21.07 -15.73
C ASN B 165 -43.34 21.87 -15.11
N ASP B 166 -43.35 21.96 -13.80
CA ASP B 166 -42.32 22.60 -13.07
C ASP B 166 -42.38 24.07 -13.08
N PHE B 167 -43.54 24.66 -13.19
CA PHE B 167 -43.56 26.10 -13.14
C PHE B 167 -44.17 26.49 -11.81
N TYR B 168 -43.60 27.44 -11.10
CA TYR B 168 -44.30 27.78 -9.94
C TYR B 168 -43.83 29.14 -9.53
N ILE B 169 -44.77 29.99 -9.17
CA ILE B 169 -44.46 31.29 -8.61
C ILE B 169 -44.52 31.36 -7.05
N CYS B 170 -43.41 31.46 -6.36
CA CYS B 170 -43.47 31.60 -4.92
C CYS B 170 -44.19 32.86 -4.60
N SER B 171 -43.65 34.02 -4.89
CA SER B 171 -44.42 35.20 -4.59
C SER B 171 -44.53 36.16 -5.80
N LEU B 172 -45.51 37.02 -5.82
CA LEU B 172 -45.65 38.02 -6.83
C LEU B 172 -46.37 39.22 -6.20
N SER B 173 -45.69 40.05 -5.40
CA SER B 173 -46.33 41.21 -4.83
C SER B 173 -45.39 42.41 -4.63
N ALA B 174 -45.91 43.53 -4.17
CA ALA B 174 -44.96 44.54 -3.86
C ALA B 174 -44.83 44.58 -2.38
N ARG B 175 -45.61 43.76 -1.68
CA ARG B 175 -45.37 43.74 -0.25
C ARG B 175 -44.44 42.66 0.21
N SER B 176 -44.59 41.49 -0.39
CA SER B 176 -43.92 40.37 0.19
C SER B 176 -43.15 39.65 -0.82
N ILE B 177 -42.09 38.99 -0.41
CA ILE B 177 -41.41 38.13 -1.35
C ILE B 177 -41.03 36.92 -0.54
N ILE B 178 -40.89 35.78 -1.18
CA ILE B 178 -40.56 34.57 -0.44
C ILE B 178 -39.38 33.80 -0.97
N TYR B 179 -38.36 33.70 -0.14
CA TYR B 179 -37.19 32.95 -0.57
C TYR B 179 -37.26 31.61 0.11
N LYS B 180 -37.36 30.54 -0.64
CA LYS B 180 -37.53 29.19 -0.08
C LYS B 180 -37.00 28.12 -1.01
N GLY B 181 -36.75 26.93 -0.51
CA GLY B 181 -36.24 25.94 -1.44
C GLY B 181 -35.84 24.72 -0.64
N MET B 182 -35.31 23.75 -1.33
CA MET B 182 -35.00 22.50 -0.74
C MET B 182 -33.63 22.39 -0.18
N PHE B 183 -33.21 23.19 0.78
CA PHE B 183 -31.84 23.10 1.28
C PHE B 183 -31.97 23.22 2.79
N LEU B 184 -31.07 22.67 3.60
CA LEU B 184 -31.12 22.85 5.05
C LEU B 184 -31.33 24.29 5.54
N ALA B 185 -32.26 24.51 6.47
CA ALA B 185 -32.48 25.85 6.99
C ALA B 185 -31.25 26.59 7.46
N GLU B 186 -30.32 25.91 8.10
CA GLU B 186 -29.11 26.50 8.61
C GLU B 186 -28.42 27.05 7.40
N GLN B 187 -28.71 26.52 6.22
CA GLN B 187 -28.06 27.08 5.06
C GLN B 187 -28.83 28.04 4.14
N LEU B 188 -29.92 28.66 4.59
CA LEU B 188 -30.76 29.43 3.69
C LEU B 188 -29.95 30.45 2.97
N THR B 189 -29.27 31.22 3.77
CA THR B 189 -28.38 32.29 3.42
C THR B 189 -27.20 31.90 2.60
N THR B 190 -26.93 30.65 2.48
CA THR B 190 -25.80 30.23 1.72
C THR B 190 -26.28 29.99 0.33
N PHE B 191 -27.37 29.29 0.18
CA PHE B 191 -27.95 29.16 -1.12
C PHE B 191 -28.49 30.50 -1.67
N TYR B 192 -28.70 31.51 -0.87
CA TYR B 192 -29.35 32.67 -1.38
C TYR B 192 -28.70 33.80 -0.67
N PRO B 193 -27.63 34.33 -1.24
CA PRO B 193 -26.95 35.44 -0.62
C PRO B 193 -27.73 36.73 -0.68
N ASP B 194 -28.68 36.93 -1.58
CA ASP B 194 -29.32 38.23 -1.48
C ASP B 194 -29.64 38.49 -0.04
N LEU B 195 -29.98 37.46 0.73
CA LEU B 195 -30.45 37.63 2.09
C LEU B 195 -29.45 38.20 3.02
N LEU B 196 -28.19 38.06 2.67
CA LEU B 196 -27.12 38.69 3.38
C LEU B 196 -26.97 40.21 3.20
N ASP B 197 -27.75 40.84 2.35
CA ASP B 197 -27.62 42.25 2.10
C ASP B 197 -28.26 43.18 3.08
N GLU B 198 -27.57 44.17 3.63
CA GLU B 198 -28.22 45.11 4.53
C GLU B 198 -29.39 45.83 3.93
N ARG B 199 -29.52 45.76 2.62
CA ARG B 199 -30.68 46.41 2.10
C ARG B 199 -31.94 45.63 2.37
N PHE B 200 -31.82 44.36 2.74
CA PHE B 200 -33.01 43.54 3.05
C PHE B 200 -33.49 43.86 4.43
N GLU B 201 -34.48 44.74 4.52
CA GLU B 201 -35.03 45.27 5.75
C GLU B 201 -36.47 44.95 5.75
N SER B 202 -37.08 44.88 6.92
CA SER B 202 -38.45 44.39 7.02
C SER B 202 -39.17 44.62 8.31
N ASP B 203 -40.48 44.81 8.25
CA ASP B 203 -41.22 44.90 9.49
C ASP B 203 -41.76 43.55 10.00
N PHE B 204 -41.58 42.48 9.24
CA PHE B 204 -42.01 41.17 9.68
C PHE B 204 -41.25 40.05 9.03
N ALA B 205 -41.44 38.85 9.52
CA ALA B 205 -40.77 37.69 8.96
C ALA B 205 -41.57 36.43 9.29
N ILE B 206 -41.47 35.40 8.44
CA ILE B 206 -42.20 34.18 8.69
C ILE B 206 -41.35 33.10 8.16
N TYR B 207 -40.80 32.25 9.01
CA TYR B 207 -39.92 31.20 8.51
C TYR B 207 -40.46 29.81 8.73
N HIS B 208 -39.90 28.81 8.06
CA HIS B 208 -40.38 27.50 8.25
C HIS B 208 -39.47 26.44 7.71
N GLN B 209 -39.30 25.32 8.41
CA GLN B 209 -38.56 24.18 7.85
C GLN B 209 -39.57 23.06 7.88
N ARG B 210 -39.42 22.02 7.07
CA ARG B 210 -40.41 20.95 6.99
C ARG B 210 -39.88 19.57 6.86
N TYR B 211 -40.64 18.57 7.29
CA TYR B 211 -40.18 17.17 7.32
C TYR B 211 -40.99 16.41 6.36
N SER B 212 -40.69 15.15 6.27
CA SER B 212 -41.58 14.42 5.41
C SER B 212 -41.37 12.95 5.40
N THR B 213 -42.43 12.39 4.87
CA THR B 213 -42.68 11.00 4.61
C THR B 213 -41.99 10.63 3.26
N ASN B 214 -40.91 11.32 2.91
CA ASN B 214 -40.28 11.15 1.59
C ASN B 214 -38.79 11.27 1.58
N THR B 215 -38.30 10.94 0.40
CA THR B 215 -36.92 11.03 0.02
C THR B 215 -36.80 11.93 -1.22
N PHE B 216 -37.94 12.20 -1.83
CA PHE B 216 -38.13 13.08 -2.99
C PHE B 216 -38.42 14.52 -2.60
N PRO B 217 -37.59 15.42 -3.12
CA PRO B 217 -37.76 16.84 -2.82
C PRO B 217 -38.60 17.54 -3.88
N THR B 218 -39.80 18.03 -3.61
CA THR B 218 -40.38 18.92 -4.61
C THR B 218 -40.14 20.38 -4.23
N TRP B 219 -39.58 21.22 -5.12
CA TRP B 219 -39.29 22.57 -4.65
C TRP B 219 -40.46 23.44 -4.26
N PRO B 220 -41.51 23.38 -5.02
CA PRO B 220 -42.69 24.18 -4.75
C PRO B 220 -43.34 23.90 -3.45
N LEU B 221 -43.26 22.67 -2.97
CA LEU B 221 -43.84 22.33 -1.68
C LEU B 221 -43.14 22.86 -0.44
N ALA B 222 -41.96 23.46 -0.52
CA ALA B 222 -41.33 24.07 0.63
C ALA B 222 -42.17 25.24 1.12
N GLN B 223 -42.04 25.75 2.34
CA GLN B 223 -42.86 26.89 2.71
C GLN B 223 -41.93 27.99 3.17
N PRO B 224 -42.39 29.14 3.62
CA PRO B 224 -43.78 29.60 3.67
C PRO B 224 -44.50 29.59 2.37
N PHE B 225 -45.81 29.64 2.45
CA PHE B 225 -46.60 29.69 1.24
C PHE B 225 -46.96 31.15 1.14
N ARG B 226 -47.90 31.50 0.27
CA ARG B 226 -48.18 32.90 0.07
C ARG B 226 -48.64 33.73 1.20
N MET B 227 -49.54 33.25 2.05
CA MET B 227 -49.96 34.07 3.20
C MET B 227 -49.71 33.41 4.52
N LEU B 228 -49.30 32.15 4.42
CA LEU B 228 -49.20 31.24 5.54
C LEU B 228 -47.99 30.35 5.70
N ALA B 229 -47.75 29.94 6.92
CA ALA B 229 -46.82 28.84 7.11
C ALA B 229 -47.38 28.01 8.25
N HIS B 230 -47.27 26.71 8.13
CA HIS B 230 -47.97 25.83 9.02
C HIS B 230 -47.18 24.69 9.48
N ASN B 231 -47.02 24.56 10.79
CA ASN B 231 -46.41 23.34 11.33
C ASN B 231 -47.59 22.50 11.75
N GLY B 232 -47.71 21.30 11.26
CA GLY B 232 -48.88 20.51 11.56
C GLY B 232 -49.34 19.63 10.42
N GLU B 233 -50.58 19.15 10.50
CA GLU B 233 -51.09 18.36 9.42
C GLU B 233 -52.54 18.65 9.41
N ILE B 234 -53.18 18.55 8.27
CA ILE B 234 -54.58 18.89 8.32
C ILE B 234 -55.45 17.68 8.06
N ASN B 235 -55.89 17.03 9.11
CA ASN B 235 -56.52 15.74 8.93
C ASN B 235 -57.86 15.74 8.20
N THR B 236 -58.45 16.93 8.15
CA THR B 236 -59.78 17.09 7.64
C THR B 236 -59.67 17.58 6.18
N VAL B 237 -58.58 17.19 5.55
CA VAL B 237 -58.28 17.75 4.25
C VAL B 237 -59.10 17.32 3.09
N LYS B 238 -59.45 16.04 3.00
CA LYS B 238 -60.20 15.73 1.79
C LYS B 238 -61.59 16.27 1.91
N GLY B 239 -61.96 16.75 3.07
CA GLY B 239 -63.35 17.14 3.26
C GLY B 239 -63.47 18.59 3.05
N ASN B 240 -62.36 19.24 3.33
CA ASN B 240 -62.15 20.64 3.05
C ASN B 240 -62.10 20.74 1.53
N VAL B 241 -61.31 19.89 0.89
CA VAL B 241 -61.22 20.01 -0.53
C VAL B 241 -62.51 19.83 -1.28
N ASN B 242 -63.31 18.83 -0.94
CA ASN B 242 -64.53 18.79 -1.70
C ASN B 242 -65.49 19.82 -1.17
N TRP B 243 -65.44 20.25 0.07
CA TRP B 243 -66.43 21.25 0.39
C TRP B 243 -66.15 22.46 -0.42
N MET B 244 -64.99 22.50 -1.05
CA MET B 244 -64.54 23.65 -1.80
C MET B 244 -65.15 23.48 -3.17
N LYS B 245 -65.09 22.28 -3.72
CA LYS B 245 -65.80 22.06 -4.97
C LYS B 245 -67.19 22.66 -4.91
N ALA B 246 -67.78 22.84 -3.76
CA ALA B 246 -69.12 23.35 -3.79
C ALA B 246 -69.13 24.81 -3.36
N HIS B 247 -68.38 25.02 -2.31
CA HIS B 247 -68.28 26.34 -1.79
C HIS B 247 -68.04 27.33 -2.93
N GLU B 248 -67.33 26.85 -3.96
CA GLU B 248 -66.90 27.63 -5.14
C GLU B 248 -68.05 27.95 -6.03
N THR B 249 -68.78 26.94 -6.43
CA THR B 249 -70.01 27.13 -7.15
C THR B 249 -70.77 28.41 -6.81
N ARG B 250 -70.49 29.14 -5.75
CA ARG B 250 -71.33 30.30 -5.56
C ARG B 250 -70.53 31.45 -5.11
N MET B 251 -69.23 31.23 -5.00
CA MET B 251 -68.38 32.29 -4.53
C MET B 251 -68.26 33.29 -5.64
N GLU B 252 -68.52 34.50 -5.20
CA GLU B 252 -68.56 35.56 -6.10
C GLU B 252 -68.31 36.73 -5.21
N HIS B 253 -67.23 37.45 -5.44
CA HIS B 253 -67.10 38.73 -4.79
C HIS B 253 -67.04 39.74 -5.91
N PRO B 254 -67.26 41.00 -5.56
CA PRO B 254 -67.26 42.06 -6.55
C PRO B 254 -65.82 42.34 -6.98
N ALA B 255 -64.95 42.78 -6.07
CA ALA B 255 -63.52 42.89 -6.29
C ALA B 255 -62.86 42.03 -7.35
N PHE B 256 -63.24 40.80 -7.57
CA PHE B 256 -62.54 40.14 -8.68
C PHE B 256 -63.13 40.57 -9.99
N GLY B 257 -64.15 41.42 -9.91
CA GLY B 257 -64.82 41.89 -11.09
C GLY B 257 -65.22 40.64 -11.85
N THR B 258 -64.85 40.67 -13.12
CA THR B 258 -65.20 39.62 -14.04
C THR B 258 -64.24 38.48 -13.99
N HIS B 259 -63.18 38.70 -13.23
CA HIS B 259 -62.09 37.75 -13.12
C HIS B 259 -62.31 36.42 -12.40
N MET B 260 -63.38 36.34 -11.64
CA MET B 260 -63.62 35.13 -10.89
C MET B 260 -63.39 33.81 -11.60
N GLN B 261 -64.01 33.52 -12.73
CA GLN B 261 -63.72 32.18 -13.18
C GLN B 261 -62.28 31.84 -13.29
N ASP B 262 -61.41 32.82 -13.41
CA ASP B 262 -60.02 32.47 -13.59
C ASP B 262 -59.60 32.03 -12.25
N LEU B 263 -60.35 32.61 -11.33
CA LEU B 263 -60.18 32.27 -9.93
C LEU B 263 -60.23 30.79 -9.51
N LYS B 264 -61.13 30.01 -10.08
CA LYS B 264 -61.42 28.62 -9.79
C LYS B 264 -60.80 27.55 -10.67
N PRO B 265 -60.49 26.36 -10.20
CA PRO B 265 -60.58 25.84 -8.82
C PRO B 265 -59.51 26.49 -7.95
N VAL B 266 -59.92 27.12 -6.86
CA VAL B 266 -58.98 27.72 -5.91
C VAL B 266 -57.98 26.69 -5.38
N ILE B 267 -58.17 25.39 -5.60
CA ILE B 267 -57.14 24.52 -5.12
C ILE B 267 -56.59 23.72 -6.29
N GLY B 268 -55.37 24.03 -6.70
CA GLY B 268 -54.81 23.31 -7.82
C GLY B 268 -54.45 21.91 -7.46
N VAL B 269 -54.17 21.06 -8.45
CA VAL B 269 -53.69 19.74 -8.12
C VAL B 269 -52.25 19.81 -7.72
N GLY B 270 -51.82 18.85 -6.92
CA GLY B 270 -50.44 18.79 -6.51
C GLY B 270 -50.07 19.54 -5.23
N LEU B 271 -51.01 20.14 -4.52
CA LEU B 271 -50.60 20.84 -3.33
C LEU B 271 -50.49 20.03 -2.06
N SER B 272 -49.64 20.47 -1.15
CA SER B 272 -49.61 19.78 0.12
C SER B 272 -50.85 20.33 0.83
N ASP B 273 -51.11 19.86 2.04
CA ASP B 273 -52.28 20.33 2.76
C ASP B 273 -52.19 21.78 3.14
N SER B 274 -51.04 22.24 3.60
CA SER B 274 -50.96 23.64 3.99
C SER B 274 -50.94 24.47 2.71
N GLY B 275 -50.37 23.89 1.67
CA GLY B 275 -50.42 24.52 0.39
C GLY B 275 -51.87 24.88 0.12
N SER B 276 -52.74 23.86 0.15
CA SER B 276 -54.16 24.03 -0.09
C SER B 276 -54.85 24.97 0.85
N LEU B 277 -54.41 25.03 2.08
CA LEU B 277 -55.05 25.93 2.99
C LEU B 277 -54.74 27.38 2.54
N ASP B 278 -53.48 27.62 2.17
CA ASP B 278 -52.99 28.97 1.85
C ASP B 278 -53.89 29.54 0.77
N THR B 279 -54.08 28.71 -0.21
CA THR B 279 -54.91 29.00 -1.31
C THR B 279 -56.21 29.54 -0.86
N VAL B 280 -56.92 28.81 0.00
CA VAL B 280 -58.21 29.30 0.46
C VAL B 280 -57.98 30.53 1.34
N PHE B 281 -57.08 30.44 2.31
CA PHE B 281 -56.77 31.63 3.07
C PHE B 281 -56.55 32.88 2.16
N GLU B 282 -55.94 32.72 0.98
CA GLU B 282 -55.63 33.88 0.09
C GLU B 282 -56.85 34.59 -0.44
N VAL B 283 -57.73 33.83 -1.09
CA VAL B 283 -58.93 34.39 -1.64
C VAL B 283 -59.72 35.13 -0.61
N MET B 284 -59.86 34.52 0.54
CA MET B 284 -60.67 35.17 1.48
C MET B 284 -59.98 36.47 1.80
N VAL B 285 -58.66 36.48 1.88
CA VAL B 285 -58.08 37.78 2.21
C VAL B 285 -58.19 38.73 0.99
N ARG B 286 -57.80 38.20 -0.17
CA ARG B 286 -57.90 38.99 -1.34
C ARG B 286 -59.29 39.59 -1.46
N ALA B 287 -60.33 38.93 -0.98
CA ALA B 287 -61.63 39.58 -1.13
C ALA B 287 -62.04 40.54 -0.03
N GLY B 288 -61.19 40.83 0.93
CA GLY B 288 -61.72 41.77 1.88
C GLY B 288 -61.49 41.43 3.34
N ARG B 289 -61.30 40.17 3.66
CA ARG B 289 -61.14 39.93 5.07
C ARG B 289 -59.69 39.99 5.53
N THR B 290 -59.47 40.65 6.65
CA THR B 290 -58.30 40.59 7.48
C THR B 290 -57.75 39.20 7.75
N ALA B 291 -56.48 39.15 8.11
CA ALA B 291 -55.92 37.85 8.43
C ALA B 291 -56.55 37.25 9.66
N PRO B 292 -56.59 37.92 10.81
CA PRO B 292 -57.29 37.36 11.96
C PRO B 292 -58.70 36.91 11.57
N MET B 293 -59.57 37.69 10.94
CA MET B 293 -60.82 37.05 10.61
C MET B 293 -60.67 35.75 9.87
N VAL B 294 -59.76 35.65 8.94
CA VAL B 294 -59.75 34.41 8.18
C VAL B 294 -59.28 33.27 9.04
N LYS B 295 -58.36 33.53 9.97
CA LYS B 295 -57.94 32.46 10.88
C LYS B 295 -59.17 31.89 11.52
N MET B 296 -60.00 32.72 12.10
CA MET B 296 -61.25 32.20 12.60
C MET B 296 -62.10 31.50 11.57
N MET B 297 -62.51 32.15 10.53
CA MET B 297 -63.30 31.36 9.63
C MET B 297 -62.71 29.98 9.38
N LEU B 298 -61.41 29.82 9.13
CA LEU B 298 -60.99 28.48 8.76
C LEU B 298 -60.41 27.56 9.82
N VAL B 299 -60.07 28.12 10.97
CA VAL B 299 -59.51 27.34 12.03
C VAL B 299 -59.95 28.09 13.29
N PRO B 300 -61.25 27.98 13.59
CA PRO B 300 -61.90 28.72 14.68
C PRO B 300 -61.57 28.02 15.97
N GLN B 301 -61.86 28.66 17.08
CA GLN B 301 -61.55 27.98 18.28
C GLN B 301 -62.77 27.15 18.62
N ALA B 302 -62.64 26.19 19.53
CA ALA B 302 -63.81 25.42 19.91
C ALA B 302 -64.67 26.29 20.78
N LEU B 303 -65.95 26.20 20.47
CA LEU B 303 -66.97 26.96 21.11
C LEU B 303 -67.42 26.23 22.34
N THR B 304 -66.53 25.82 23.23
CA THR B 304 -67.06 25.17 24.42
C THR B 304 -67.94 26.32 24.92
N SER B 305 -69.21 25.95 25.23
CA SER B 305 -70.30 26.73 25.73
C SER B 305 -70.14 27.01 27.20
N SER B 306 -69.03 26.51 27.82
CA SER B 306 -68.74 26.74 29.22
C SER B 306 -68.60 28.22 29.34
N GLN B 307 -68.92 28.78 30.52
CA GLN B 307 -68.92 30.23 30.57
C GLN B 307 -67.56 30.86 30.72
N THR B 308 -66.48 30.28 30.11
CA THR B 308 -65.18 30.97 30.03
C THR B 308 -65.06 31.95 28.87
N THR B 309 -65.96 31.81 27.90
CA THR B 309 -65.99 32.60 26.70
C THR B 309 -66.98 33.71 26.79
N PRO B 310 -66.55 34.94 26.57
CA PRO B 310 -67.45 36.09 26.58
C PRO B 310 -68.50 35.88 25.54
N ASP B 311 -69.56 36.65 25.55
CA ASP B 311 -70.60 36.39 24.56
C ASP B 311 -70.38 36.90 23.14
N ASN B 312 -69.66 38.02 23.01
CA ASN B 312 -69.26 38.55 21.70
C ASN B 312 -68.57 37.44 20.94
N HIS B 313 -67.45 36.97 21.50
CA HIS B 313 -66.73 35.89 20.86
C HIS B 313 -67.63 34.72 20.41
N LYS B 314 -68.57 34.33 21.27
CA LYS B 314 -69.45 33.21 20.96
C LYS B 314 -70.26 33.37 19.71
N ALA B 315 -70.75 34.60 19.54
CA ALA B 315 -71.55 34.99 18.38
C ALA B 315 -70.71 34.78 17.15
N LEU B 316 -69.54 35.41 17.19
CA LEU B 316 -68.63 35.37 16.08
C LEU B 316 -68.29 33.93 15.79
N ILE B 317 -67.92 33.19 16.82
CA ILE B 317 -67.53 31.83 16.54
C ILE B 317 -68.63 31.11 15.80
N GLN B 318 -69.84 31.27 16.32
CA GLN B 318 -71.06 30.70 15.74
C GLN B 318 -71.28 31.12 14.31
N TYR B 319 -71.02 32.39 13.99
CA TYR B 319 -71.11 32.89 12.64
C TYR B 319 -70.19 32.09 11.74
N CYS B 320 -68.92 32.09 12.09
CA CYS B 320 -67.97 31.40 11.25
C CYS B 320 -68.42 30.01 10.94
N ASN B 321 -68.62 29.26 12.02
CA ASN B 321 -68.92 27.84 11.94
C ASN B 321 -70.07 27.62 11.01
N SER B 322 -70.87 28.66 10.89
CA SER B 322 -72.02 28.59 10.01
C SER B 322 -71.65 28.68 8.53
N VAL B 323 -70.79 29.64 8.15
CA VAL B 323 -70.31 29.83 6.79
C VAL B 323 -69.34 28.77 6.26
N MET B 324 -68.29 28.50 7.03
CA MET B 324 -67.16 27.64 6.61
C MET B 324 -66.86 26.49 7.58
N GLU B 325 -66.56 25.31 7.06
CA GLU B 325 -66.35 24.14 7.92
C GLU B 325 -64.89 23.92 8.09
N PRO B 326 -64.46 23.87 9.34
CA PRO B 326 -63.06 23.83 9.73
C PRO B 326 -62.04 23.05 8.98
N TRP B 327 -60.83 23.52 9.20
CA TRP B 327 -59.68 22.91 8.59
C TRP B 327 -58.99 22.32 9.80
N ASP B 328 -59.22 21.05 10.16
CA ASP B 328 -58.67 20.55 11.43
C ASP B 328 -57.40 19.75 11.39
N GLY B 329 -56.69 19.75 12.50
CA GLY B 329 -55.45 19.01 12.55
C GLY B 329 -54.54 19.81 13.42
N PRO B 330 -53.47 19.20 13.83
CA PRO B 330 -52.53 19.92 14.66
C PRO B 330 -52.03 21.01 13.73
N ALA B 331 -51.95 22.19 14.32
CA ALA B 331 -51.54 23.29 13.53
C ALA B 331 -51.10 24.53 14.27
N ALA B 332 -49.79 24.76 14.20
CA ALA B 332 -49.22 26.02 14.64
C ALA B 332 -49.03 26.80 13.32
N LEU B 333 -49.57 28.00 13.22
CA LEU B 333 -49.58 28.77 11.99
C LEU B 333 -49.04 30.17 12.15
N ALA B 334 -48.31 30.61 11.12
CA ALA B 334 -47.82 31.99 11.00
C ALA B 334 -48.44 32.53 9.70
N MET B 335 -49.00 33.73 9.79
CA MET B 335 -49.80 34.31 8.75
C MET B 335 -49.68 35.80 8.61
N THR B 336 -50.02 36.24 7.41
CA THR B 336 -50.12 37.67 7.19
C THR B 336 -50.86 37.98 5.91
N ASP B 337 -51.86 38.84 5.94
CA ASP B 337 -52.50 39.40 4.74
C ASP B 337 -51.51 40.50 4.76
N GLY B 338 -51.65 41.62 4.09
CA GLY B 338 -50.39 42.35 4.18
C GLY B 338 -50.08 43.23 5.34
N ARG B 339 -51.02 43.37 6.23
CA ARG B 339 -50.93 44.37 7.26
C ARG B 339 -50.80 43.85 8.66
N TRP B 340 -51.46 42.72 8.85
CA TRP B 340 -51.49 42.09 10.12
C TRP B 340 -50.54 40.95 9.94
N VAL B 341 -49.87 40.62 11.05
CA VAL B 341 -49.00 39.45 11.15
C VAL B 341 -49.59 38.64 12.28
N VAL B 342 -49.89 37.37 12.01
CA VAL B 342 -50.52 36.61 13.07
C VAL B 342 -49.94 35.27 13.42
N GLY B 343 -49.96 34.95 14.72
CA GLY B 343 -49.58 33.64 15.22
C GLY B 343 -50.86 32.95 15.73
N GLY B 344 -51.18 31.74 15.25
CA GLY B 344 -52.40 31.03 15.61
C GLY B 344 -52.32 29.54 15.94
N MET B 345 -53.29 29.02 16.68
CA MET B 345 -53.20 27.63 17.05
C MET B 345 -54.43 26.86 16.64
N ASP B 346 -54.34 25.58 16.37
CA ASP B 346 -55.54 24.85 16.04
C ASP B 346 -56.47 24.73 17.27
N ARG B 347 -57.60 24.03 17.14
CA ARG B 347 -58.51 24.04 18.25
C ARG B 347 -58.20 23.23 19.47
N ASN B 348 -57.21 22.35 19.34
CA ASN B 348 -56.77 21.47 20.43
C ASN B 348 -55.37 21.72 20.93
N GLY B 349 -54.79 22.87 20.64
CA GLY B 349 -53.43 23.14 21.08
C GLY B 349 -52.52 22.01 20.76
N LEU B 350 -52.53 21.52 19.54
CA LEU B 350 -51.75 20.35 19.30
C LEU B 350 -50.34 20.45 18.93
N ARG B 351 -49.81 21.67 18.69
CA ARG B 351 -48.38 21.91 18.39
C ARG B 351 -47.93 23.09 19.17
N PRO B 352 -46.65 23.14 19.49
CA PRO B 352 -46.11 24.17 20.36
C PRO B 352 -45.91 25.53 19.71
N MET B 353 -46.02 26.56 20.50
CA MET B 353 -45.78 27.85 19.95
C MET B 353 -45.55 28.84 21.03
N ARG B 354 -44.29 29.16 21.26
CA ARG B 354 -43.86 30.09 22.26
C ARG B 354 -43.53 31.44 21.72
N TYR B 355 -43.55 32.48 22.54
CA TYR B 355 -43.17 33.76 22.05
C TYR B 355 -42.58 34.72 23.06
N THR B 356 -41.75 35.65 22.62
CA THR B 356 -41.10 36.63 23.50
C THR B 356 -41.39 38.09 23.04
N ILE B 357 -41.60 39.01 23.96
CA ILE B 357 -41.77 40.38 23.58
C ILE B 357 -40.61 41.13 24.21
N THR B 358 -39.96 41.97 23.42
CA THR B 358 -38.72 42.65 23.81
C THR B 358 -38.79 44.09 24.08
N THR B 359 -37.76 44.65 24.67
CA THR B 359 -37.83 46.08 24.97
C THR B 359 -37.66 46.88 23.69
N ASP B 360 -36.85 46.37 22.77
CA ASP B 360 -36.67 46.98 21.48
C ASP B 360 -37.94 46.87 20.64
N GLY B 361 -38.98 46.30 21.19
CA GLY B 361 -40.25 46.39 20.53
C GLY B 361 -40.54 45.43 19.43
N LEU B 362 -40.01 44.23 19.58
CA LEU B 362 -40.20 43.16 18.64
C LEU B 362 -41.00 42.05 19.29
N ILE B 363 -41.57 41.14 18.49
CA ILE B 363 -42.24 39.93 18.97
C ILE B 363 -41.69 38.76 18.16
N ILE B 364 -41.04 37.79 18.80
CA ILE B 364 -40.44 36.70 18.06
C ILE B 364 -41.22 35.47 18.44
N GLY B 365 -41.96 34.89 17.49
CA GLY B 365 -42.84 33.78 17.77
C GLY B 365 -42.17 32.53 17.28
N GLY B 366 -42.43 31.41 17.91
CA GLY B 366 -41.68 30.27 17.49
C GLY B 366 -42.26 28.99 17.94
N SER B 367 -41.57 27.92 17.63
CA SER B 367 -42.01 26.58 17.88
C SER B 367 -41.33 26.05 19.09
N GLU B 368 -40.01 26.21 19.21
CA GLU B 368 -39.32 25.97 20.44
C GLU B 368 -38.98 27.33 20.91
N THR B 369 -38.32 27.53 22.04
CA THR B 369 -38.15 28.86 22.56
C THR B 369 -36.72 29.33 22.58
N GLY B 370 -35.72 28.52 22.57
CA GLY B 370 -34.53 29.37 22.60
C GLY B 370 -33.92 29.60 21.23
N MET B 371 -34.71 30.05 20.27
CA MET B 371 -34.34 30.02 18.88
C MET B 371 -33.58 31.22 18.39
N VAL B 372 -33.62 32.31 19.13
CA VAL B 372 -32.99 33.53 18.69
C VAL B 372 -32.52 34.20 19.93
N LYS B 373 -31.24 34.49 20.10
CA LYS B 373 -30.77 35.09 21.34
C LYS B 373 -31.41 36.42 21.70
N ILE B 374 -31.77 36.58 22.96
CA ILE B 374 -32.36 37.79 23.55
C ILE B 374 -31.83 37.90 24.96
N ASP B 375 -31.41 39.06 25.42
CA ASP B 375 -30.83 39.22 26.73
C ASP B 375 -32.03 39.26 27.61
N GLU B 376 -31.96 38.55 28.72
CA GLU B 376 -33.10 38.41 29.56
C GLU B 376 -33.44 39.79 29.99
N THR B 377 -32.42 40.53 30.33
CA THR B 377 -32.56 41.91 30.64
C THR B 377 -33.58 42.64 29.76
N GLN B 378 -33.73 42.23 28.52
CA GLN B 378 -34.56 42.93 27.56
C GLN B 378 -35.85 42.26 27.21
N VAL B 379 -36.22 41.28 28.03
CA VAL B 379 -37.49 40.62 27.82
C VAL B 379 -38.62 41.26 28.57
N ILE B 380 -39.70 41.64 27.92
CA ILE B 380 -40.79 42.11 28.71
C ILE B 380 -41.86 41.06 28.96
N GLU B 381 -41.84 39.98 28.22
CA GLU B 381 -42.87 38.99 28.37
C GLU B 381 -42.55 37.71 27.63
N LYS B 382 -42.71 36.56 28.27
CA LYS B 382 -42.55 35.31 27.55
C LYS B 382 -43.89 34.60 27.68
N GLY B 383 -44.55 34.32 26.56
CA GLY B 383 -45.83 33.65 26.52
C GLY B 383 -45.78 32.46 25.63
N ARG B 384 -46.96 32.00 25.22
CA ARG B 384 -47.20 30.87 24.33
C ARG B 384 -48.65 31.02 23.83
N LEU B 385 -49.09 30.25 22.83
CA LEU B 385 -50.49 30.27 22.37
C LEU B 385 -51.08 28.94 22.79
N GLY B 386 -52.26 28.89 23.40
CA GLY B 386 -52.87 27.63 23.78
C GLY B 386 -53.93 27.34 22.74
N PRO B 387 -54.79 26.35 22.94
CA PRO B 387 -55.69 25.94 21.86
C PRO B 387 -56.54 27.06 21.37
N GLY B 388 -56.78 27.09 20.07
CA GLY B 388 -57.54 28.17 19.49
C GLY B 388 -57.11 29.63 19.66
N GLU B 389 -56.08 29.96 20.43
CA GLU B 389 -55.80 31.39 20.54
C GLU B 389 -54.93 31.95 19.44
N MET B 390 -54.90 33.27 19.34
CA MET B 390 -54.00 33.93 18.41
C MET B 390 -53.20 35.06 19.06
N ILE B 391 -52.25 35.64 18.34
CA ILE B 391 -51.56 36.81 18.87
C ILE B 391 -51.28 37.46 17.61
N ALA B 392 -51.38 38.78 17.58
CA ALA B 392 -51.19 39.52 16.33
C ALA B 392 -50.65 40.94 16.40
N VAL B 393 -49.99 41.38 15.34
CA VAL B 393 -49.61 42.77 15.28
C VAL B 393 -50.24 43.42 14.06
N ASP B 394 -50.79 44.60 14.25
CA ASP B 394 -51.28 45.42 13.14
C ASP B 394 -50.16 46.39 12.81
N LEU B 395 -49.46 46.07 11.72
CA LEU B 395 -48.33 46.81 11.26
C LEU B 395 -48.68 48.20 10.82
N GLN B 396 -49.91 48.45 10.45
CA GLN B 396 -50.24 49.81 10.12
C GLN B 396 -50.38 50.71 11.28
N SER B 397 -50.91 50.26 12.41
CA SER B 397 -50.98 51.16 13.56
C SER B 397 -50.00 50.76 14.60
N GLY B 398 -49.20 49.77 14.28
CA GLY B 398 -48.20 49.35 15.22
C GLY B 398 -48.78 49.16 16.59
N LYS B 399 -49.75 48.26 16.70
CA LYS B 399 -50.32 47.87 17.97
C LYS B 399 -50.33 46.35 18.05
N LEU B 400 -49.97 45.83 19.21
CA LEU B 400 -49.93 44.40 19.42
C LEU B 400 -51.24 43.97 20.05
N TYR B 401 -51.83 42.89 19.58
CA TYR B 401 -53.06 42.40 20.18
C TYR B 401 -52.88 41.02 20.74
N ARG B 402 -53.10 40.86 22.04
CA ARG B 402 -53.05 39.54 22.62
C ARG B 402 -54.36 38.81 22.32
N ASP B 403 -54.39 37.53 22.56
CA ASP B 403 -55.64 36.88 22.18
C ASP B 403 -56.95 37.56 22.54
N ARG B 404 -57.19 37.77 23.83
CA ARG B 404 -58.47 38.31 24.23
C ARG B 404 -58.79 39.57 23.45
N GLU B 405 -57.93 40.57 23.65
CA GLU B 405 -57.96 41.86 22.98
C GLU B 405 -58.19 41.76 21.49
N LEU B 406 -57.56 40.84 20.80
CA LEU B 406 -57.82 40.71 19.40
C LEU B 406 -59.19 40.19 19.14
N LYS B 407 -59.64 39.22 19.93
CA LYS B 407 -60.95 38.59 19.71
C LYS B 407 -62.02 39.58 20.06
N ASP B 408 -61.71 40.45 21.00
CA ASP B 408 -62.64 41.51 21.29
C ASP B 408 -62.80 42.33 20.02
N HIS B 409 -61.70 42.66 19.38
CA HIS B 409 -61.71 43.44 18.17
C HIS B 409 -62.55 42.84 17.08
N LEU B 410 -62.42 41.56 16.80
CA LEU B 410 -63.22 41.06 15.72
C LEU B 410 -64.67 41.03 16.07
N ALA B 411 -64.96 40.76 17.34
CA ALA B 411 -66.34 40.70 17.86
C ALA B 411 -67.06 42.00 17.57
N THR B 412 -66.29 43.07 17.63
CA THR B 412 -66.71 44.43 17.41
C THR B 412 -67.14 44.77 16.02
N LEU B 413 -66.72 43.99 15.03
CA LEU B 413 -66.95 44.35 13.65
C LEU B 413 -68.36 44.40 13.16
N LYS B 414 -69.13 43.38 13.52
CA LYS B 414 -70.51 43.29 13.07
C LYS B 414 -71.39 42.93 14.27
N PRO B 415 -72.71 42.94 14.07
CA PRO B 415 -73.64 42.58 15.13
C PRO B 415 -73.79 41.06 15.07
N TRP B 416 -72.70 40.39 15.39
CA TRP B 416 -72.63 38.96 15.29
C TRP B 416 -73.88 38.25 15.80
N ASP B 417 -74.29 38.54 17.03
CA ASP B 417 -75.48 37.90 17.58
C ASP B 417 -76.72 38.30 16.80
N LYS B 418 -77.11 39.55 16.92
CA LYS B 418 -78.29 39.92 16.18
C LYS B 418 -78.39 38.99 14.98
N TRP B 419 -77.23 38.55 14.49
CA TRP B 419 -77.13 37.85 13.20
C TRP B 419 -77.14 36.38 13.28
N VAL B 420 -76.68 35.98 14.45
CA VAL B 420 -76.61 34.59 14.87
C VAL B 420 -78.04 34.23 15.28
N GLN B 421 -78.71 35.14 15.98
CA GLN B 421 -80.11 34.98 16.35
C GLN B 421 -81.06 34.80 15.16
N ASN B 422 -80.55 34.66 13.95
CA ASN B 422 -81.40 34.47 12.78
C ASN B 422 -81.49 33.03 12.40
N THR B 423 -81.02 32.14 13.26
CA THR B 423 -81.00 30.73 12.90
C THR B 423 -82.09 29.96 13.55
N THR B 424 -82.67 29.07 12.78
CA THR B 424 -83.74 28.26 13.32
C THR B 424 -83.16 27.00 13.89
N HIS B 425 -83.11 26.88 15.21
CA HIS B 425 -82.62 25.65 15.82
C HIS B 425 -83.77 24.66 15.88
N LEU B 426 -83.93 23.77 14.91
CA LEU B 426 -85.11 22.93 14.96
C LEU B 426 -84.92 21.73 15.85
N ASP B 427 -84.49 22.04 17.07
CA ASP B 427 -84.10 21.04 18.04
C ASP B 427 -85.24 20.78 18.96
N GLU B 428 -85.62 21.81 19.68
CA GLU B 428 -86.75 21.73 20.56
C GLU B 428 -87.93 21.29 19.73
N LEU B 429 -88.18 21.99 18.64
CA LEU B 429 -89.30 21.53 17.86
C LEU B 429 -89.20 20.02 17.63
N VAL B 430 -88.01 19.47 17.49
CA VAL B 430 -87.93 18.05 17.17
C VAL B 430 -88.04 17.10 18.35
N LYS B 431 -87.58 17.56 19.51
CA LYS B 431 -87.54 16.79 20.76
C LYS B 431 -88.98 16.59 21.18
N THR B 432 -89.69 17.71 21.10
CA THR B 432 -91.12 17.80 21.36
C THR B 432 -91.81 16.55 20.81
N ALA B 433 -91.83 16.38 19.49
CA ALA B 433 -92.42 15.19 18.92
C ALA B 433 -91.87 13.84 19.39
N SER B 434 -90.68 13.79 19.93
CA SER B 434 -90.19 12.48 20.36
C SER B 434 -90.89 12.13 21.66
N LEU B 435 -90.90 13.10 22.58
CA LEU B 435 -91.58 12.97 23.86
C LEU B 435 -93.05 12.74 23.59
N LYS B 436 -93.50 13.18 22.43
CA LYS B 436 -94.90 13.00 22.08
C LYS B 436 -95.09 11.59 21.54
N GLY B 437 -94.01 10.84 21.47
CA GLY B 437 -94.19 9.45 21.12
C GLY B 437 -93.43 8.87 20.00
N GLU B 438 -92.24 8.40 20.29
CA GLU B 438 -91.57 7.75 19.19
C GLU B 438 -92.54 6.69 18.71
N PRO B 439 -92.99 6.80 17.50
CA PRO B 439 -93.95 5.85 16.95
C PRO B 439 -93.40 4.61 16.30
N SER B 440 -94.18 3.54 16.40
CA SER B 440 -93.91 2.30 15.70
C SER B 440 -95.11 1.95 14.83
N ASP B 441 -94.86 1.30 13.69
CA ASP B 441 -95.88 0.95 12.72
C ASP B 441 -95.62 -0.39 12.05
N MET B 442 -94.80 -1.23 12.61
CA MET B 442 -94.66 -2.46 11.87
C MET B 442 -95.10 -3.62 12.75
N ASP B 443 -95.60 -4.67 12.15
CA ASP B 443 -96.03 -5.72 13.01
C ASP B 443 -94.90 -6.70 12.94
N LYS B 444 -94.49 -7.18 14.10
CA LYS B 444 -93.43 -8.13 14.18
C LYS B 444 -93.37 -9.05 12.97
N ALA B 445 -94.48 -9.36 12.32
CA ALA B 445 -94.34 -10.23 11.14
C ALA B 445 -93.55 -9.57 10.04
N GLU B 446 -93.71 -8.25 9.93
CA GLU B 446 -92.94 -7.47 8.99
C GLU B 446 -91.52 -7.21 9.42
N LEU B 447 -91.38 -6.51 10.54
CA LEU B 447 -90.07 -6.34 11.11
C LEU B 447 -89.20 -7.52 10.70
N ARG B 448 -89.54 -8.72 11.13
CA ARG B 448 -88.65 -9.81 10.79
C ARG B 448 -88.39 -9.97 9.29
N ARG B 449 -89.33 -9.67 8.43
CA ARG B 449 -88.88 -10.00 7.09
C ARG B 449 -87.98 -8.96 6.46
N ARG B 450 -88.24 -7.71 6.82
CA ARG B 450 -87.36 -6.69 6.36
C ARG B 450 -86.02 -7.12 6.90
N GLN B 451 -85.78 -6.88 8.20
CA GLN B 451 -84.58 -7.40 8.81
C GLN B 451 -83.99 -8.56 8.01
N GLN B 452 -84.80 -9.53 7.63
CA GLN B 452 -84.21 -10.65 6.93
C GLN B 452 -83.57 -10.25 5.59
N ALA B 453 -84.16 -9.23 4.96
CA ALA B 453 -83.73 -8.75 3.66
C ALA B 453 -82.24 -8.34 3.72
N PHE B 454 -81.95 -7.60 4.77
CA PHE B 454 -80.61 -7.16 5.04
C PHE B 454 -79.90 -8.15 5.95
N GLY B 455 -80.17 -9.46 5.85
CA GLY B 455 -79.54 -10.45 6.73
C GLY B 455 -79.30 -10.18 8.22
N LEU B 456 -80.07 -9.32 8.85
CA LEU B 456 -79.90 -9.14 10.27
C LEU B 456 -80.03 -10.45 11.08
N THR B 457 -79.59 -10.46 12.32
CA THR B 457 -79.68 -11.64 13.15
C THR B 457 -79.91 -11.44 14.62
N MET B 458 -79.80 -12.54 15.35
CA MET B 458 -80.11 -12.38 16.73
C MET B 458 -78.99 -11.74 17.47
N GLU B 459 -77.77 -12.19 17.12
CA GLU B 459 -76.49 -11.68 17.64
C GLU B 459 -76.69 -10.22 17.49
N ASP B 460 -77.26 -9.87 16.32
CA ASP B 460 -77.45 -8.46 15.99
C ASP B 460 -78.35 -7.73 16.96
N MET B 461 -79.32 -8.44 17.51
CA MET B 461 -80.31 -7.76 18.33
C MET B 461 -80.00 -7.87 19.80
N GLU B 462 -79.34 -8.97 20.07
CA GLU B 462 -78.99 -9.36 21.41
C GLU B 462 -77.67 -8.72 21.80
N LEU B 463 -76.62 -9.04 21.04
CA LEU B 463 -75.25 -8.60 21.31
C LEU B 463 -74.98 -7.13 21.28
N ILE B 464 -75.61 -6.56 20.27
CA ILE B 464 -75.32 -5.23 19.77
C ILE B 464 -76.40 -4.21 19.90
N LEU B 465 -77.61 -4.50 19.42
CA LEU B 465 -78.61 -3.50 19.48
C LEU B 465 -78.98 -3.21 20.95
N HIS B 466 -79.32 -4.27 21.66
CA HIS B 466 -79.66 -4.17 23.04
C HIS B 466 -78.86 -3.22 23.99
N PRO B 467 -77.56 -3.45 24.08
CA PRO B 467 -76.74 -2.65 25.00
C PRO B 467 -76.84 -1.21 24.60
N MET B 468 -77.00 -0.97 23.28
CA MET B 468 -77.10 0.42 22.90
C MET B 468 -78.31 1.02 23.60
N VAL B 469 -79.44 0.34 23.51
CA VAL B 469 -80.67 0.86 24.15
C VAL B 469 -80.64 0.87 25.68
N GLU B 470 -80.15 -0.24 26.23
CA GLU B 470 -80.15 -0.35 27.65
C GLU B 470 -79.23 0.65 28.28
N ASP B 471 -77.93 0.49 28.00
CA ASP B 471 -76.82 1.25 28.59
C ASP B 471 -76.51 2.59 27.96
N GLY B 472 -76.93 2.78 26.72
CA GLY B 472 -76.58 4.02 26.02
C GLY B 472 -75.07 4.02 25.77
N LYS B 473 -74.62 2.98 25.08
CA LYS B 473 -73.20 2.68 24.95
C LYS B 473 -72.97 1.56 23.99
N GLU B 474 -71.73 1.19 23.70
CA GLU B 474 -71.55 0.20 22.65
C GLU B 474 -70.87 -1.12 22.93
N ALA B 475 -71.54 -2.16 22.45
CA ALA B 475 -70.97 -3.46 22.64
C ALA B 475 -69.47 -3.61 22.68
N ILE B 476 -68.89 -3.80 23.85
CA ILE B 476 -67.46 -4.07 23.95
C ILE B 476 -67.34 -5.57 23.92
N GLY B 477 -66.27 -6.12 23.39
CA GLY B 477 -66.16 -7.55 23.26
C GLY B 477 -64.72 -7.97 23.38
N SER B 478 -64.34 -9.09 22.74
CA SER B 478 -62.95 -9.51 22.81
C SER B 478 -62.40 -10.58 21.89
N MET B 479 -61.08 -10.77 21.90
CA MET B 479 -60.40 -11.56 20.86
C MET B 479 -60.52 -10.97 19.44
N GLY B 480 -59.70 -11.51 18.55
CA GLY B 480 -59.61 -10.94 17.22
C GLY B 480 -60.86 -10.95 16.39
N ASP B 481 -60.80 -10.59 15.14
CA ASP B 481 -61.95 -10.75 14.29
C ASP B 481 -61.41 -11.85 13.40
N ASP B 482 -61.91 -13.05 13.48
CA ASP B 482 -61.35 -14.05 12.59
C ASP B 482 -62.36 -14.55 11.60
N SER B 483 -63.34 -13.71 11.25
CA SER B 483 -64.27 -14.08 10.20
C SER B 483 -63.53 -13.81 8.93
N PRO B 484 -64.04 -14.21 7.77
CA PRO B 484 -63.33 -13.99 6.53
C PRO B 484 -63.44 -12.51 6.24
N ILE B 485 -62.83 -12.03 5.16
CA ILE B 485 -63.05 -10.63 4.84
C ILE B 485 -64.29 -10.62 3.96
N ALA B 486 -65.14 -9.65 4.25
CA ALA B 486 -66.39 -9.60 3.50
C ALA B 486 -66.29 -10.06 2.05
N VAL B 487 -65.42 -9.55 1.18
CA VAL B 487 -65.56 -10.15 -0.16
C VAL B 487 -65.45 -11.65 -0.15
N LEU B 488 -64.62 -12.22 0.71
CA LEU B 488 -64.44 -13.64 0.63
C LEU B 488 -65.56 -14.36 1.38
N SER B 489 -66.49 -13.59 1.93
CA SER B 489 -67.56 -14.21 2.69
C SER B 489 -68.59 -14.84 1.86
N ASP B 490 -69.05 -15.91 2.45
CA ASP B 490 -70.11 -16.81 2.06
C ASP B 490 -71.48 -16.23 2.28
N LYS B 491 -71.62 -15.43 3.31
CA LYS B 491 -72.88 -14.92 3.76
C LYS B 491 -73.09 -13.49 3.38
N TYR B 492 -74.33 -13.03 3.32
CA TYR B 492 -74.56 -11.65 2.90
C TYR B 492 -74.01 -10.74 3.96
N ARG B 493 -73.27 -9.73 3.50
CA ARG B 493 -72.59 -8.79 4.36
C ARG B 493 -72.90 -7.47 3.72
N GLY B 494 -73.28 -6.45 4.50
CA GLY B 494 -73.62 -5.16 3.97
C GLY B 494 -72.49 -4.23 3.52
N LEU B 495 -72.77 -3.38 2.54
CA LEU B 495 -71.77 -2.44 2.04
C LEU B 495 -70.83 -2.00 3.13
N HIS B 496 -71.38 -1.39 4.18
CA HIS B 496 -70.49 -0.90 5.22
C HIS B 496 -69.41 -1.87 5.68
N HIS B 497 -69.52 -3.15 5.40
CA HIS B 497 -68.49 -4.03 5.85
C HIS B 497 -67.25 -3.88 5.05
N PHE B 498 -67.40 -3.48 3.80
CA PHE B 498 -66.26 -3.30 2.92
C PHE B 498 -65.59 -1.93 3.15
N PHE B 499 -66.33 -0.97 3.70
CA PHE B 499 -65.72 0.30 3.99
C PHE B 499 -65.04 0.27 5.35
N ARG B 500 -63.72 0.17 5.39
CA ARG B 500 -62.98 0.19 6.67
C ARG B 500 -62.74 1.59 7.23
N GLN B 501 -62.69 1.87 8.51
CA GLN B 501 -62.59 3.24 9.01
C GLN B 501 -61.15 3.56 9.08
N ASN B 502 -60.85 4.82 8.81
CA ASN B 502 -59.48 5.25 8.78
C ASN B 502 -59.11 5.67 10.14
N PHE B 503 -57.85 5.67 10.49
CA PHE B 503 -57.41 6.24 11.77
C PHE B 503 -56.03 6.87 11.48
N SER B 504 -55.53 7.72 12.35
CA SER B 504 -54.29 8.31 12.01
C SER B 504 -53.23 7.75 12.90
N GLN B 505 -52.02 7.58 12.37
CA GLN B 505 -50.93 6.97 13.07
C GLN B 505 -49.79 7.85 13.42
N VAL B 506 -48.93 8.22 12.51
CA VAL B 506 -47.86 8.96 13.18
C VAL B 506 -47.92 10.42 12.93
N THR B 507 -48.50 10.72 11.78
CA THR B 507 -48.67 12.01 11.23
C THR B 507 -49.46 12.86 12.14
N ASN B 508 -50.57 12.34 12.63
CA ASN B 508 -51.35 13.06 13.61
C ASN B 508 -51.86 12.23 14.74
N PRO B 509 -52.23 12.85 15.83
CA PRO B 509 -52.76 12.12 16.96
C PRO B 509 -54.26 12.11 16.97
N PRO B 510 -54.84 11.02 17.42
CA PRO B 510 -56.28 10.87 17.63
C PRO B 510 -56.70 11.62 18.86
N ILE B 511 -57.97 11.80 19.13
CA ILE B 511 -58.38 12.62 20.27
C ILE B 511 -59.06 11.79 21.32
N ASP B 512 -59.25 12.34 22.52
CA ASP B 512 -60.02 11.59 23.50
C ASP B 512 -61.41 12.07 23.41
N SER B 513 -62.28 11.31 22.79
CA SER B 513 -63.65 11.80 22.81
C SER B 513 -64.30 11.76 24.17
N LEU B 514 -63.72 11.11 25.17
CA LEU B 514 -64.40 11.16 26.46
C LEU B 514 -63.87 12.33 27.25
N ARG B 515 -62.58 12.28 27.53
CA ARG B 515 -62.07 13.35 28.35
C ARG B 515 -62.12 14.72 27.67
N GLU B 516 -62.13 14.72 26.35
CA GLU B 516 -62.10 15.97 25.64
C GLU B 516 -63.34 16.24 24.80
N ARG B 517 -64.48 15.75 25.27
CA ARG B 517 -65.67 15.85 24.44
C ARG B 517 -66.00 17.28 24.13
N ARG B 518 -65.95 18.16 25.11
CA ARG B 518 -66.28 19.55 24.82
C ARG B 518 -65.62 20.15 23.57
N VAL B 519 -64.49 19.69 23.08
CA VAL B 519 -64.04 20.33 21.85
C VAL B 519 -64.66 19.78 20.60
N MET B 520 -65.09 18.52 20.64
CA MET B 520 -65.71 17.89 19.47
C MET B 520 -67.10 18.48 19.22
N SER B 521 -67.80 17.93 18.24
CA SER B 521 -69.13 18.43 17.92
C SER B 521 -69.84 17.75 16.78
N LEU B 522 -71.16 17.86 16.70
CA LEU B 522 -71.94 17.06 15.76
C LEU B 522 -73.04 17.89 15.13
N LYS B 523 -72.94 19.20 15.36
CA LYS B 523 -73.88 20.16 14.84
C LYS B 523 -74.07 19.98 13.35
N THR B 524 -75.33 19.99 12.94
CA THR B 524 -75.60 19.82 11.56
C THR B 524 -76.44 20.99 11.07
N ARG B 525 -76.17 21.55 9.90
CA ARG B 525 -76.92 22.72 9.38
C ARG B 525 -77.50 22.42 8.03
N LEU B 526 -78.73 22.85 7.72
CA LEU B 526 -79.24 22.59 6.37
C LEU B 526 -79.43 23.92 5.63
N GLY B 527 -78.79 23.99 4.46
CA GLY B 527 -78.80 25.17 3.59
C GLY B 527 -78.07 26.39 4.12
N ASN B 528 -76.83 26.17 4.49
CA ASN B 528 -75.97 27.25 4.96
C ASN B 528 -74.78 27.37 3.98
N LEU B 529 -75.01 26.86 2.78
CA LEU B 529 -74.05 26.85 1.72
C LEU B 529 -74.13 28.00 0.71
N GLY B 530 -73.71 29.21 1.06
CA GLY B 530 -73.74 30.30 0.10
C GLY B 530 -72.44 30.93 -0.33
N ASN B 531 -72.27 32.19 0.02
CA ASN B 531 -71.03 32.81 -0.37
C ASN B 531 -69.93 32.91 0.64
N ILE B 532 -68.98 31.99 0.58
CA ILE B 532 -67.90 32.11 1.55
C ILE B 532 -67.29 33.50 1.54
N LEU B 533 -67.43 34.17 0.39
CA LEU B 533 -66.87 35.49 0.02
C LEU B 533 -67.65 36.69 0.54
N ASP B 534 -68.90 36.43 0.90
CA ASP B 534 -69.84 37.36 1.50
C ASP B 534 -69.67 37.53 3.02
N GLU B 535 -70.26 38.57 3.57
CA GLU B 535 -70.19 38.79 5.00
C GLU B 535 -71.43 39.56 5.38
N ASP B 536 -72.59 38.99 5.12
CA ASP B 536 -73.83 39.60 5.56
C ASP B 536 -74.56 38.61 6.53
N GLU B 537 -75.58 39.14 7.19
CA GLU B 537 -76.41 38.40 8.12
C GLU B 537 -77.30 37.40 7.42
N THR B 538 -77.33 37.39 6.12
CA THR B 538 -78.20 36.42 5.54
C THR B 538 -77.52 35.06 5.61
N GLN B 539 -76.32 35.05 6.17
CA GLN B 539 -75.51 33.82 6.26
C GLN B 539 -75.88 32.94 7.47
N THR B 540 -76.80 33.44 8.28
CA THR B 540 -77.27 32.76 9.47
C THR B 540 -78.61 32.05 9.28
N ARG B 541 -79.38 32.44 8.27
CA ARG B 541 -80.64 31.82 7.98
C ARG B 541 -80.49 30.42 7.44
N LEU B 542 -80.45 29.48 8.36
CA LEU B 542 -80.35 28.07 8.02
C LEU B 542 -80.95 27.38 9.23
N LEU B 543 -81.23 26.09 9.07
CA LEU B 543 -81.80 25.31 10.15
C LEU B 543 -80.67 24.52 10.74
N GLN B 544 -80.77 24.25 12.05
CA GLN B 544 -79.74 23.53 12.77
C GLN B 544 -80.18 22.44 13.69
N LEU B 545 -79.53 21.30 13.57
CA LEU B 545 -79.71 20.17 14.47
C LEU B 545 -78.47 20.16 15.33
N GLU B 546 -78.41 19.26 16.29
CA GLU B 546 -77.25 19.12 17.16
C GLU B 546 -76.67 17.77 16.91
N SER B 547 -77.37 16.92 16.15
CA SER B 547 -76.78 15.67 15.69
C SER B 547 -77.28 15.25 14.29
N PRO B 548 -76.48 14.61 13.49
CA PRO B 548 -76.98 14.23 12.18
C PRO B 548 -78.05 13.20 12.34
N VAL B 549 -78.22 12.75 13.57
CA VAL B 549 -79.06 11.57 13.88
C VAL B 549 -80.48 11.84 14.30
N LEU B 550 -81.46 11.22 13.64
CA LEU B 550 -82.85 11.47 14.01
C LEU B 550 -83.75 10.25 14.22
N THR B 551 -84.46 10.26 15.34
CA THR B 551 -85.41 9.20 15.63
C THR B 551 -86.62 9.54 14.79
N THR B 552 -87.27 8.47 14.29
CA THR B 552 -88.42 8.64 13.43
C THR B 552 -89.31 9.77 13.86
N ALA B 553 -89.48 9.93 15.16
CA ALA B 553 -90.33 11.01 15.61
C ALA B 553 -89.76 12.28 15.05
N GLU B 554 -88.61 12.70 15.61
CA GLU B 554 -87.94 13.93 15.20
C GLU B 554 -87.78 14.03 13.70
N PHE B 555 -87.42 12.94 13.05
CA PHE B 555 -87.24 13.08 11.61
C PHE B 555 -88.46 13.67 10.97
N ARG B 556 -89.62 13.12 11.27
CA ARG B 556 -90.87 13.58 10.71
C ARG B 556 -91.05 14.99 11.12
N ALA B 557 -90.79 15.28 12.37
CA ALA B 557 -91.03 16.64 12.80
C ALA B 557 -90.45 17.57 11.77
N MET B 558 -89.23 17.27 11.35
CA MET B 558 -88.44 18.09 10.47
C MET B 558 -89.00 18.03 9.09
N ARG B 559 -89.06 16.82 8.55
CA ARG B 559 -89.56 16.60 7.19
C ARG B 559 -90.84 17.33 6.95
N ASP B 560 -91.46 17.73 8.04
CA ASP B 560 -92.71 18.44 7.94
C ASP B 560 -92.26 19.84 7.80
N TYR B 561 -91.90 20.49 8.88
CA TYR B 561 -91.32 21.82 8.80
C TYR B 561 -90.74 22.29 7.45
N MET B 562 -90.09 21.40 6.71
CA MET B 562 -89.64 21.65 5.36
C MET B 562 -90.89 21.68 4.51
N GLY B 563 -91.27 20.55 3.94
CA GLY B 563 -92.54 20.52 3.26
C GLY B 563 -92.47 20.54 1.76
N ASP B 564 -92.92 21.65 1.22
CA ASP B 564 -92.95 21.88 -0.22
C ASP B 564 -91.50 21.90 -0.66
N THR B 565 -90.64 22.30 0.29
CA THR B 565 -89.22 22.38 0.09
C THR B 565 -88.49 21.09 -0.12
N ALA B 566 -89.02 20.01 0.44
CA ALA B 566 -88.33 18.74 0.34
C ALA B 566 -88.71 18.00 -0.92
N ALA B 567 -88.02 16.91 -1.22
CA ALA B 567 -88.30 16.11 -2.42
C ALA B 567 -87.82 14.72 -2.11
N GLU B 568 -88.61 13.68 -2.39
CA GLU B 568 -88.28 12.35 -1.89
C GLU B 568 -87.93 11.41 -2.97
N ILE B 569 -86.78 10.77 -2.89
CA ILE B 569 -86.47 9.94 -3.99
C ILE B 569 -86.57 8.49 -3.60
N ASP B 570 -86.98 7.65 -4.54
CA ASP B 570 -87.14 6.26 -4.24
C ASP B 570 -85.86 5.53 -4.45
N ALA B 571 -85.11 5.32 -3.39
CA ALA B 571 -83.88 4.57 -3.54
C ALA B 571 -84.10 3.07 -3.69
N THR B 572 -85.05 2.67 -4.54
CA THR B 572 -85.25 1.24 -4.67
C THR B 572 -85.22 0.68 -6.07
N PHE B 573 -85.04 -0.62 -6.24
CA PHE B 573 -85.29 -1.14 -7.58
C PHE B 573 -86.06 -2.43 -7.73
N PRO B 574 -86.70 -2.63 -8.88
CA PRO B 574 -87.49 -3.82 -9.19
C PRO B 574 -86.61 -5.02 -9.30
N VAL B 575 -87.16 -6.21 -9.17
CA VAL B 575 -86.35 -7.40 -9.12
C VAL B 575 -86.46 -8.02 -10.47
N ASP B 576 -87.69 -7.87 -10.98
CA ASP B 576 -88.07 -8.30 -12.31
C ASP B 576 -87.17 -7.55 -13.30
N GLY B 577 -86.71 -6.38 -12.85
CA GLY B 577 -85.80 -5.49 -13.54
C GLY B 577 -84.72 -5.95 -14.51
N GLY B 578 -84.18 -7.13 -14.37
CA GLY B 578 -83.16 -7.55 -15.33
C GLY B 578 -81.76 -7.32 -14.82
N PRO B 579 -80.77 -7.72 -15.59
CA PRO B 579 -79.37 -7.63 -15.16
C PRO B 579 -78.87 -6.23 -14.88
N GLU B 580 -79.49 -5.19 -15.43
CA GLU B 580 -79.01 -3.85 -15.20
C GLU B 580 -79.88 -3.13 -14.20
N ALA B 581 -80.79 -3.84 -13.60
CA ALA B 581 -81.68 -3.20 -12.67
C ALA B 581 -81.07 -2.12 -11.77
N LEU B 582 -79.98 -2.49 -11.11
CA LEU B 582 -79.34 -1.63 -10.11
C LEU B 582 -78.76 -0.38 -10.78
N ARG B 583 -77.95 -0.59 -11.80
CA ARG B 583 -77.39 0.51 -12.58
C ARG B 583 -78.41 1.63 -12.87
N ASP B 584 -79.44 1.26 -13.61
CA ASP B 584 -80.42 2.24 -14.06
C ASP B 584 -81.14 2.90 -12.94
N ALA B 585 -81.05 2.21 -11.80
CA ALA B 585 -81.74 2.71 -10.64
C ALA B 585 -80.94 3.86 -10.09
N LEU B 586 -79.62 3.61 -10.08
CA LEU B 586 -78.62 4.58 -9.63
C LEU B 586 -78.64 5.85 -10.49
N ARG B 587 -78.70 5.61 -11.81
CA ARG B 587 -78.91 6.70 -12.76
C ARG B 587 -80.16 7.46 -12.38
N ARG B 588 -81.25 6.71 -12.37
CA ARG B 588 -82.52 7.29 -12.05
C ARG B 588 -82.51 8.18 -10.82
N ILE B 589 -81.86 7.71 -9.76
CA ILE B 589 -81.96 8.56 -8.58
C ILE B 589 -81.15 9.81 -8.71
N ARG B 590 -80.00 9.67 -9.37
CA ARG B 590 -79.18 10.84 -9.64
C ARG B 590 -79.96 11.88 -10.45
N GLN B 591 -80.42 11.41 -11.61
CA GLN B 591 -81.28 12.25 -12.39
C GLN B 591 -82.42 12.91 -11.61
N GLU B 592 -83.23 12.11 -10.93
CA GLU B 592 -84.38 12.69 -10.28
C GLU B 592 -83.97 13.79 -9.30
N THR B 593 -82.77 13.66 -8.74
CA THR B 593 -82.40 14.59 -7.69
C THR B 593 -81.99 15.90 -8.32
N GLU B 594 -81.41 15.77 -9.52
CA GLU B 594 -81.00 16.94 -10.32
C GLU B 594 -82.25 17.74 -10.52
N ASP B 595 -83.18 17.10 -11.22
CA ASP B 595 -84.45 17.74 -11.51
C ASP B 595 -85.03 18.36 -10.25
N ALA B 596 -85.06 17.60 -9.20
CA ALA B 596 -85.63 18.23 -8.04
C ALA B 596 -84.84 19.47 -7.74
N VAL B 597 -83.52 19.41 -7.86
CA VAL B 597 -82.83 20.56 -7.31
C VAL B 597 -82.97 21.81 -8.13
N ARG B 598 -82.91 21.58 -9.43
CA ARG B 598 -83.09 22.57 -10.45
C ARG B 598 -84.46 23.18 -10.25
N GLY B 599 -85.47 22.32 -10.21
CA GLY B 599 -86.82 22.74 -9.93
C GLY B 599 -86.98 23.67 -8.73
N GLY B 600 -86.06 23.64 -7.77
CA GLY B 600 -86.17 24.55 -6.65
C GLY B 600 -86.12 23.88 -5.30
N ALA B 601 -85.95 22.55 -5.32
CA ALA B 601 -85.95 21.81 -4.07
C ALA B 601 -84.76 22.19 -3.22
N THR B 602 -84.93 22.23 -1.92
CA THR B 602 -83.89 22.60 -1.02
C THR B 602 -83.34 21.43 -0.16
N HIS B 603 -84.07 20.31 -0.17
CA HIS B 603 -83.73 19.17 0.63
C HIS B 603 -84.08 17.92 -0.09
N VAL B 604 -83.35 16.87 0.15
CA VAL B 604 -83.73 15.68 -0.54
C VAL B 604 -83.86 14.57 0.46
N ILE B 605 -84.95 13.82 0.37
CA ILE B 605 -85.13 12.74 1.28
C ILE B 605 -84.93 11.52 0.44
N LEU B 606 -83.92 10.77 0.78
CA LEU B 606 -83.56 9.65 -0.03
C LEU B 606 -84.04 8.45 0.75
N THR B 607 -84.73 7.49 0.11
CA THR B 607 -85.24 6.31 0.83
C THR B 607 -85.45 4.87 0.33
N ASP B 608 -85.60 4.06 1.37
CA ASP B 608 -85.73 2.62 1.43
C ASP B 608 -87.17 2.11 1.44
N GLU B 609 -88.03 2.88 2.12
CA GLU B 609 -89.42 2.56 2.37
C GLU B 609 -90.08 1.67 1.36
N ALA B 610 -90.25 2.10 0.13
CA ALA B 610 -90.96 1.17 -0.69
C ALA B 610 -90.33 -0.18 -0.92
N MET B 611 -89.48 -0.66 -0.03
CA MET B 611 -88.99 -2.02 -0.24
C MET B 611 -90.15 -2.95 0.00
N GLY B 612 -90.20 -4.02 -0.79
CA GLY B 612 -91.26 -5.00 -0.67
C GLY B 612 -90.82 -6.24 -1.42
N PRO B 613 -91.75 -7.14 -1.67
CA PRO B 613 -91.44 -8.42 -2.33
C PRO B 613 -91.12 -8.23 -3.79
N ALA B 614 -91.53 -7.08 -4.31
CA ALA B 614 -91.37 -6.71 -5.71
C ALA B 614 -90.07 -5.91 -6.00
N ARG B 615 -89.64 -5.18 -4.97
CA ARG B 615 -88.60 -4.20 -5.07
C ARG B 615 -87.55 -4.28 -3.95
N ALA B 616 -86.33 -4.64 -4.39
CA ALA B 616 -85.10 -4.68 -3.57
C ALA B 616 -84.69 -3.29 -3.16
N ALA B 617 -83.73 -3.20 -2.24
CA ALA B 617 -83.31 -1.87 -1.82
C ALA B 617 -81.93 -1.53 -2.39
N ILE B 618 -81.76 -0.29 -2.83
CA ILE B 618 -80.44 0.10 -3.27
C ILE B 618 -79.72 0.34 -1.96
N PRO B 619 -78.57 -0.30 -1.83
CA PRO B 619 -77.69 -0.17 -0.67
C PRO B 619 -77.48 1.27 -0.28
N ALA B 620 -78.13 1.78 0.75
CA ALA B 620 -78.03 3.18 1.15
C ALA B 620 -76.68 3.81 0.92
N ILE B 621 -75.65 3.14 1.36
CA ILE B 621 -74.38 3.76 1.12
C ILE B 621 -74.20 4.09 -0.39
N LEU B 622 -74.31 3.10 -1.26
CA LEU B 622 -74.25 3.33 -2.68
C LEU B 622 -75.20 4.43 -3.07
N ALA B 623 -76.40 4.42 -2.55
CA ALA B 623 -77.22 5.48 -3.06
C ALA B 623 -76.79 6.84 -2.57
N THR B 624 -76.38 6.96 -1.30
CA THR B 624 -75.96 8.26 -0.77
C THR B 624 -74.71 8.79 -1.49
N GLY B 625 -73.78 7.91 -1.82
CA GLY B 625 -72.66 8.38 -2.60
C GLY B 625 -73.16 8.83 -3.95
N ALA B 626 -73.59 7.89 -4.77
CA ALA B 626 -74.08 8.28 -6.08
C ALA B 626 -74.76 9.65 -6.01
N VAL B 627 -75.78 9.80 -5.21
CA VAL B 627 -76.35 11.11 -5.28
C VAL B 627 -75.45 12.27 -4.89
N HIS B 628 -74.67 12.10 -3.84
CA HIS B 628 -73.84 13.20 -3.39
C HIS B 628 -72.81 13.50 -4.45
N THR B 629 -71.96 12.54 -4.80
CA THR B 629 -70.97 12.92 -5.79
C THR B 629 -71.65 13.70 -6.95
N HIS B 630 -72.51 13.03 -7.69
CA HIS B 630 -73.14 13.69 -8.81
C HIS B 630 -73.56 15.08 -8.44
N LEU B 631 -74.42 15.23 -7.47
CA LEU B 631 -74.74 16.62 -7.12
C LEU B 631 -73.51 17.55 -7.09
N ILE B 632 -72.35 17.04 -6.67
CA ILE B 632 -71.14 17.85 -6.54
C ILE B 632 -70.66 18.20 -7.92
N ARG B 633 -70.41 17.12 -8.65
CA ARG B 633 -70.04 17.19 -10.04
C ARG B 633 -70.87 18.21 -10.80
N SER B 634 -72.14 18.34 -10.49
CA SER B 634 -72.81 19.32 -11.24
C SER B 634 -73.14 20.52 -10.42
N ASN B 635 -72.27 20.91 -9.55
CA ASN B 635 -72.57 22.15 -8.86
C ASN B 635 -73.97 22.34 -8.33
N LEU B 636 -74.52 21.32 -7.68
CA LEU B 636 -75.89 21.42 -7.19
C LEU B 636 -75.94 21.18 -5.70
N ARG B 637 -75.02 20.32 -5.27
CA ARG B 637 -74.92 19.98 -3.89
C ARG B 637 -74.94 21.23 -3.07
N THR B 638 -74.45 22.36 -3.54
CA THR B 638 -74.56 23.47 -2.59
C THR B 638 -75.99 23.96 -2.40
N PHE B 639 -76.89 23.41 -3.21
CA PHE B 639 -78.27 23.81 -3.08
C PHE B 639 -79.22 23.12 -2.11
N THR B 640 -79.06 21.81 -1.86
CA THR B 640 -79.83 21.11 -0.84
C THR B 640 -79.04 20.48 0.28
N SER B 641 -79.84 19.96 1.22
CA SER B 641 -79.42 19.05 2.26
C SER B 641 -79.73 17.70 1.66
N LEU B 642 -79.01 16.67 2.08
CA LEU B 642 -79.25 15.31 1.58
C LEU B 642 -79.51 14.39 2.81
N ASN B 643 -80.74 13.86 2.90
CA ASN B 643 -81.20 13.12 4.07
C ASN B 643 -81.66 11.72 3.70
N VAL B 644 -81.13 10.79 4.48
CA VAL B 644 -81.36 9.38 4.25
C VAL B 644 -82.22 8.72 5.34
N ARG B 645 -83.08 7.81 4.87
CA ARG B 645 -83.91 6.98 5.71
C ARG B 645 -83.39 5.63 5.29
N THR B 646 -82.90 4.86 6.25
CA THR B 646 -82.38 3.56 5.90
C THR B 646 -82.92 2.50 6.80
N ALA B 647 -83.16 1.35 6.19
CA ALA B 647 -83.75 0.26 6.89
C ALA B 647 -82.55 -0.51 7.40
N GLU B 648 -81.59 -0.81 6.53
CA GLU B 648 -80.44 -1.66 6.89
C GLU B 648 -79.52 -1.10 7.94
N GLY B 649 -79.82 0.08 8.46
CA GLY B 649 -78.88 0.69 9.36
C GLY B 649 -78.98 0.29 10.80
N LEU B 650 -77.93 -0.26 11.40
CA LEU B 650 -78.05 -0.58 12.81
C LEU B 650 -77.10 0.02 13.80
N ASP B 651 -75.78 -0.14 13.60
CA ASP B 651 -74.71 0.36 14.52
C ASP B 651 -73.95 1.59 14.10
N THR B 652 -73.11 2.09 15.03
CA THR B 652 -72.26 3.29 14.74
C THR B 652 -71.57 3.32 13.39
N HIS B 653 -70.87 2.27 13.01
CA HIS B 653 -70.21 2.31 11.70
C HIS B 653 -71.22 2.71 10.63
N TYR B 654 -72.19 1.87 10.31
CA TYR B 654 -73.12 2.31 9.26
C TYR B 654 -73.40 3.82 9.37
N PHE B 655 -73.60 4.40 10.53
CA PHE B 655 -73.93 5.79 10.39
C PHE B 655 -72.74 6.54 9.80
N ALA B 656 -71.59 6.41 10.46
CA ALA B 656 -70.39 7.08 10.03
C ALA B 656 -70.25 6.97 8.52
N VAL B 657 -70.17 5.75 7.97
CA VAL B 657 -70.02 5.70 6.52
C VAL B 657 -71.06 6.58 5.86
N LEU B 658 -72.31 6.19 5.92
CA LEU B 658 -73.29 7.07 5.33
C LEU B 658 -72.89 8.53 5.41
N ILE B 659 -72.79 9.03 6.63
CA ILE B 659 -72.58 10.43 6.84
C ILE B 659 -71.47 10.98 6.01
N GLY B 660 -70.31 10.37 6.08
CA GLY B 660 -69.20 10.95 5.37
C GLY B 660 -69.10 10.42 3.99
N VAL B 661 -70.20 10.36 3.32
CA VAL B 661 -70.11 9.85 1.96
C VAL B 661 -71.18 10.67 1.34
N GLY B 662 -71.66 11.66 2.11
CA GLY B 662 -72.65 12.61 1.69
C GLY B 662 -73.60 13.07 2.77
N ALA B 663 -74.34 12.10 3.26
CA ALA B 663 -75.39 12.29 4.21
C ALA B 663 -75.44 13.55 5.10
N THR B 664 -76.55 14.24 5.18
CA THR B 664 -76.58 15.34 6.10
C THR B 664 -77.09 14.91 7.43
N THR B 665 -78.05 14.03 7.29
CA THR B 665 -78.94 13.57 8.32
C THR B 665 -79.25 12.16 8.01
N VAL B 666 -79.27 11.36 9.07
CA VAL B 666 -79.66 9.97 8.92
C VAL B 666 -80.73 9.55 9.90
N ASN B 667 -81.51 8.58 9.44
CA ASN B 667 -82.60 8.04 10.25
C ASN B 667 -82.76 6.52 10.07
N ALA B 668 -82.38 5.76 11.10
CA ALA B 668 -82.46 4.31 10.96
C ALA B 668 -83.86 3.98 11.47
N TYR B 669 -84.75 3.71 10.52
CA TYR B 669 -86.14 3.65 10.88
C TYR B 669 -86.56 2.21 11.21
N LEU B 670 -85.83 1.22 10.72
CA LEU B 670 -86.18 -0.18 10.93
C LEU B 670 -85.39 -0.72 12.13
N ALA B 671 -85.16 0.13 13.09
CA ALA B 671 -84.24 -0.27 14.11
C ALA B 671 -84.93 0.36 15.22
N GLN B 672 -85.56 1.48 14.92
CA GLN B 672 -86.34 2.13 15.96
C GLN B 672 -87.42 1.09 16.05
N GLU B 673 -87.78 0.52 14.91
CA GLU B 673 -88.80 -0.50 14.97
C GLU B 673 -88.29 -1.70 15.76
N ALA B 674 -87.23 -2.34 15.30
CA ALA B 674 -86.71 -3.48 16.04
C ALA B 674 -86.64 -3.13 17.51
N ILE B 675 -86.30 -1.89 17.86
CA ILE B 675 -86.25 -1.53 19.25
C ILE B 675 -87.59 -1.70 19.91
N ALA B 676 -88.59 -1.02 19.34
CA ALA B 676 -90.01 -1.15 19.75
C ALA B 676 -90.45 -2.59 20.04
N GLU B 677 -90.34 -3.43 19.04
CA GLU B 677 -90.75 -4.77 19.26
C GLU B 677 -90.07 -5.20 20.58
N ARG B 678 -88.76 -5.08 20.68
CA ARG B 678 -88.08 -5.42 21.94
C ARG B 678 -88.82 -4.77 23.12
N HIS B 679 -89.14 -3.51 22.99
CA HIS B 679 -89.73 -2.88 24.13
C HIS B 679 -91.16 -3.27 24.35
N ARG B 680 -91.76 -3.88 23.33
CA ARG B 680 -93.15 -4.29 23.47
C ARG B 680 -93.11 -5.57 24.31
N ARG B 681 -92.24 -6.52 24.01
CA ARG B 681 -92.18 -7.67 24.88
C ARG B 681 -91.40 -7.37 26.16
N GLY B 682 -91.65 -6.21 26.75
CA GLY B 682 -90.88 -5.82 27.94
C GLY B 682 -89.38 -6.17 28.13
N LEU B 683 -88.56 -6.05 27.11
CA LEU B 683 -87.16 -6.36 27.31
C LEU B 683 -86.44 -5.22 27.93
N PHE B 684 -87.01 -4.03 27.94
CA PHE B 684 -86.31 -2.95 28.60
C PHE B 684 -87.23 -2.89 29.75
N GLY B 685 -87.29 -1.87 30.58
CA GLY B 685 -88.19 -2.08 31.71
C GLY B 685 -89.55 -1.59 31.34
N SER B 686 -90.07 -0.72 32.19
CA SER B 686 -91.29 -0.01 31.91
C SER B 686 -90.83 1.37 31.41
N MET B 687 -89.58 1.38 30.89
CA MET B 687 -88.87 2.50 30.29
C MET B 687 -89.63 2.92 29.06
N PRO B 688 -89.97 4.18 29.01
CA PRO B 688 -90.61 4.72 27.82
C PRO B 688 -89.76 4.54 26.56
N LEU B 689 -90.44 4.31 25.45
CA LEU B 689 -89.78 4.15 24.16
C LEU B 689 -89.01 5.46 23.86
N GLU B 690 -89.69 6.56 24.07
CA GLU B 690 -89.11 7.85 23.99
C GLU B 690 -87.74 7.68 24.65
N LYS B 691 -87.71 7.10 25.85
CA LYS B 691 -86.38 7.03 26.44
C LYS B 691 -85.48 6.03 25.80
N GLY B 692 -86.05 4.96 25.31
CA GLY B 692 -85.14 4.00 24.76
C GLY B 692 -84.50 4.65 23.58
N MET B 693 -85.29 5.42 22.88
CA MET B 693 -84.79 6.05 21.68
C MET B 693 -83.64 6.93 22.12
N ALA B 694 -83.92 7.91 22.98
CA ALA B 694 -82.83 8.72 23.46
C ALA B 694 -81.56 7.91 23.64
N ASN B 695 -81.56 6.86 24.46
CA ASN B 695 -80.30 6.18 24.64
C ASN B 695 -79.72 5.78 23.34
N TYR B 696 -80.47 5.09 22.52
CA TYR B 696 -79.90 4.67 21.25
C TYR B 696 -79.16 5.82 20.61
N LYS B 697 -79.85 6.94 20.45
CA LYS B 697 -79.26 8.11 19.86
C LYS B 697 -77.97 8.44 20.53
N LYS B 698 -77.97 8.66 21.83
CA LYS B 698 -76.71 8.93 22.49
C LYS B 698 -75.59 7.97 22.14
N ALA B 699 -75.89 6.75 21.75
CA ALA B 699 -74.77 5.89 21.56
C ALA B 699 -74.25 6.03 20.18
N ILE B 700 -75.13 6.54 19.39
CA ILE B 700 -74.76 6.67 18.03
C ILE B 700 -74.04 7.96 17.94
N ASP B 701 -74.50 8.94 18.69
CA ASP B 701 -73.72 10.16 18.80
C ASP B 701 -72.35 9.81 19.35
N ASP B 702 -72.24 9.20 20.49
CA ASP B 702 -70.88 8.89 20.87
C ASP B 702 -70.43 7.90 19.85
N GLY B 703 -71.34 7.33 19.07
CA GLY B 703 -70.95 6.29 18.15
C GLY B 703 -69.81 6.84 17.31
N LEU B 704 -70.19 7.94 16.65
CA LEU B 704 -69.52 8.82 15.77
C LEU B 704 -68.37 9.58 16.44
N LEU B 705 -68.69 10.59 17.22
CA LEU B 705 -67.65 11.32 17.89
C LEU B 705 -66.43 10.45 17.99
N LYS B 706 -66.63 9.17 18.17
CA LYS B 706 -65.47 8.32 18.39
C LYS B 706 -64.78 7.92 17.08
N ILE B 707 -65.59 7.42 16.17
CA ILE B 707 -65.04 7.09 14.91
C ILE B 707 -64.29 8.34 14.38
N MET B 708 -64.81 9.54 14.64
CA MET B 708 -64.17 10.75 14.12
C MET B 708 -62.83 10.97 14.77
N SER B 709 -62.76 10.84 16.09
CA SER B 709 -61.47 11.02 16.77
C SER B 709 -60.42 10.01 16.41
N LYS B 710 -60.79 8.92 15.76
CA LYS B 710 -59.74 7.99 15.45
C LYS B 710 -58.75 8.64 14.49
N MET B 711 -59.24 9.70 13.84
CA MET B 711 -58.40 10.45 12.93
C MET B 711 -58.14 11.88 13.29
N GLY B 712 -58.52 12.25 14.49
CA GLY B 712 -58.22 13.53 15.06
C GLY B 712 -59.28 14.49 14.73
N ILE B 713 -60.21 14.10 13.89
CA ILE B 713 -61.21 15.07 13.51
C ILE B 713 -62.14 15.37 14.65
N SER B 714 -62.41 16.61 14.98
CA SER B 714 -63.29 16.93 16.09
C SER B 714 -64.64 17.45 15.69
N VAL B 715 -64.95 17.46 14.40
CA VAL B 715 -66.16 18.19 14.01
C VAL B 715 -66.78 17.51 12.83
N ILE B 716 -68.10 17.40 12.81
CA ILE B 716 -68.70 16.66 11.72
C ILE B 716 -68.85 17.31 10.33
N SER B 717 -68.97 18.63 10.25
CA SER B 717 -69.14 19.36 8.99
C SER B 717 -67.97 19.04 8.09
N SER B 718 -66.79 19.03 8.69
CA SER B 718 -65.55 18.72 8.00
C SER B 718 -65.39 17.25 7.67
N TYR B 719 -66.02 16.38 8.46
CA TYR B 719 -65.95 14.91 8.32
C TYR B 719 -66.90 14.45 7.21
N ARG B 720 -67.99 15.18 7.11
CA ARG B 720 -68.99 14.79 6.17
C ARG B 720 -68.51 14.78 4.77
N GLY B 721 -68.99 13.81 4.02
CA GLY B 721 -68.58 13.74 2.65
C GLY B 721 -67.10 13.59 2.49
N GLY B 722 -66.33 13.79 3.54
CA GLY B 722 -64.89 13.64 3.36
C GLY B 722 -64.34 12.30 2.86
N GLY B 723 -65.18 11.27 2.84
CA GLY B 723 -64.80 9.90 2.52
C GLY B 723 -63.60 9.34 3.25
N ASN B 724 -63.75 8.93 4.52
CA ASN B 724 -62.61 8.50 5.36
C ASN B 724 -62.59 7.04 5.65
N PHE B 725 -62.80 6.36 4.56
CA PHE B 725 -62.89 4.95 4.55
C PHE B 725 -61.82 4.27 3.79
N GLU B 726 -61.98 3.04 3.38
CA GLU B 726 -60.92 2.55 2.52
C GLU B 726 -61.70 1.40 2.08
N ALA B 727 -61.71 1.05 0.80
CA ALA B 727 -62.62 0.01 0.43
C ALA B 727 -61.93 -1.28 0.22
N ILE B 728 -61.99 -2.20 1.14
CA ILE B 728 -61.42 -3.44 0.65
C ILE B 728 -62.55 -4.19 0.02
N GLY B 729 -62.34 -4.84 -1.11
CA GLY B 729 -63.43 -5.55 -1.77
C GLY B 729 -64.22 -5.00 -2.96
N LEU B 730 -64.91 -3.86 -2.84
CA LEU B 730 -65.46 -3.23 -4.06
C LEU B 730 -64.41 -2.93 -5.18
N SER B 731 -64.90 -2.83 -6.42
CA SER B 731 -64.09 -2.50 -7.60
C SER B 731 -63.76 -1.04 -7.76
N ARG B 732 -62.53 -0.85 -8.23
CA ARG B 732 -61.92 0.43 -8.50
C ARG B 732 -62.92 1.30 -9.20
N ALA B 733 -63.13 0.88 -10.45
CA ALA B 733 -64.05 1.58 -11.29
C ALA B 733 -65.25 2.16 -10.54
N LEU B 734 -65.82 1.31 -9.72
CA LEU B 734 -67.04 1.64 -9.04
C LEU B 734 -66.91 2.72 -8.01
N VAL B 735 -65.86 2.58 -7.24
CA VAL B 735 -65.66 3.40 -6.07
C VAL B 735 -65.34 4.80 -6.53
N ALA B 736 -64.63 4.82 -7.64
CA ALA B 736 -64.26 6.04 -8.35
C ALA B 736 -65.57 6.60 -8.88
N GLU B 737 -66.30 5.83 -9.67
CA GLU B 737 -67.53 6.45 -10.13
C GLU B 737 -68.39 7.04 -9.04
N HIS B 738 -68.77 6.24 -8.05
CA HIS B 738 -69.75 6.72 -7.07
C HIS B 738 -69.38 7.33 -5.74
N PHE B 739 -68.25 6.99 -5.16
CA PHE B 739 -68.08 7.63 -3.86
C PHE B 739 -67.09 8.72 -4.01
N PRO B 740 -67.05 9.57 -3.00
CA PRO B 740 -65.95 10.52 -2.95
C PRO B 740 -64.68 9.71 -3.24
N ALA B 741 -63.55 10.39 -3.10
CA ALA B 741 -62.28 9.73 -3.32
C ALA B 741 -61.87 8.87 -2.12
N MET B 742 -61.75 7.57 -2.38
CA MET B 742 -61.34 6.61 -1.39
C MET B 742 -60.52 5.64 -2.19
N VAL B 743 -59.53 5.00 -1.62
CA VAL B 743 -58.70 4.09 -2.37
C VAL B 743 -59.47 2.76 -2.40
N SER B 744 -59.12 1.85 -3.29
CA SER B 744 -59.68 0.54 -3.22
C SER B 744 -58.64 -0.34 -3.92
N ARG B 745 -57.50 -0.47 -3.21
CA ARG B 745 -56.33 -1.12 -3.80
C ARG B 745 -56.55 -2.41 -4.49
N ILE B 746 -57.74 -2.96 -4.33
CA ILE B 746 -58.14 -3.98 -5.28
C ILE B 746 -59.58 -3.94 -5.67
N SER B 747 -59.80 -3.56 -6.90
CA SER B 747 -61.17 -3.50 -7.31
C SER B 747 -61.68 -4.78 -6.66
N GLY B 748 -63.00 -4.86 -6.59
CA GLY B 748 -63.62 -6.04 -6.06
C GLY B 748 -64.85 -6.34 -6.90
N ILE B 749 -65.99 -6.49 -6.25
CA ILE B 749 -67.15 -6.85 -6.99
C ILE B 749 -67.56 -5.51 -7.45
N GLY B 750 -68.56 -5.52 -8.33
CA GLY B 750 -69.12 -4.33 -8.94
C GLY B 750 -70.63 -4.34 -8.82
N LEU B 751 -71.30 -3.51 -9.60
CA LEU B 751 -72.75 -3.41 -9.57
C LEU B 751 -73.35 -4.77 -9.85
N ASN B 752 -72.81 -5.44 -10.85
CA ASN B 752 -73.41 -6.72 -11.12
C ASN B 752 -73.47 -7.63 -9.94
N GLY B 753 -72.34 -7.98 -9.34
CA GLY B 753 -72.37 -8.80 -8.13
C GLY B 753 -73.24 -8.11 -7.11
N ILE B 754 -72.87 -6.92 -6.68
CA ILE B 754 -73.76 -6.33 -5.73
C ILE B 754 -75.21 -6.67 -6.00
N GLN B 755 -75.67 -6.32 -7.19
CA GLN B 755 -77.07 -6.63 -7.59
C GLN B 755 -77.47 -8.02 -7.11
N LYS B 756 -76.71 -8.99 -7.60
CA LYS B 756 -76.97 -10.38 -7.36
C LYS B 756 -77.07 -10.66 -5.86
N LYS B 757 -75.97 -10.57 -5.14
CA LYS B 757 -76.06 -10.79 -3.70
C LYS B 757 -77.22 -10.00 -3.11
N VAL B 758 -77.47 -8.78 -3.52
CA VAL B 758 -78.56 -8.09 -2.86
C VAL B 758 -79.80 -8.91 -3.02
N LEU B 759 -80.17 -9.16 -4.26
CA LEU B 759 -81.38 -9.91 -4.59
C LEU B 759 -81.48 -11.28 -3.93
N GLU B 760 -80.41 -12.09 -3.93
CA GLU B 760 -80.50 -13.35 -3.21
C GLU B 760 -81.00 -13.12 -1.83
N GLN B 761 -80.33 -12.28 -1.08
CA GLN B 761 -80.76 -12.07 0.27
C GLN B 761 -82.24 -11.60 0.30
N HIS B 762 -82.76 -11.07 -0.79
CA HIS B 762 -84.11 -10.49 -0.75
C HIS B 762 -85.11 -11.61 -0.86
N ALA B 763 -84.80 -12.59 -1.71
CA ALA B 763 -85.60 -13.80 -1.90
C ALA B 763 -85.85 -14.38 -0.51
N THR B 764 -84.74 -14.80 0.08
CA THR B 764 -84.77 -15.29 1.41
C THR B 764 -85.80 -14.59 2.21
N ALA B 765 -86.13 -13.33 1.98
CA ALA B 765 -87.12 -12.81 2.90
C ALA B 765 -88.51 -12.57 2.35
N TYR B 766 -88.74 -12.97 1.11
CA TYR B 766 -90.03 -12.63 0.55
C TYR B 766 -90.51 -13.65 -0.42
N ASN B 767 -89.56 -14.34 -1.01
CA ASN B 767 -89.88 -15.30 -2.04
C ASN B 767 -89.78 -16.58 -1.27
N GLU B 768 -90.19 -16.45 -0.02
CA GLU B 768 -90.25 -17.58 0.88
C GLU B 768 -90.90 -17.03 2.14
N GLU B 769 -90.88 -17.85 3.20
CA GLU B 769 -91.50 -17.46 4.46
C GLU B 769 -90.48 -17.58 5.59
N VAL B 770 -90.58 -16.65 6.55
CA VAL B 770 -89.58 -16.61 7.60
C VAL B 770 -90.13 -16.32 8.99
N VAL B 771 -89.69 -17.18 9.92
CA VAL B 771 -90.11 -17.14 11.32
C VAL B 771 -89.26 -16.13 12.13
N ALA B 772 -87.96 -16.40 12.26
CA ALA B 772 -87.02 -15.50 12.92
C ALA B 772 -85.67 -15.37 12.22
N LEU B 773 -84.92 -14.39 12.71
CA LEU B 773 -83.64 -14.10 12.16
C LEU B 773 -82.85 -15.26 12.64
N PRO B 774 -81.92 -15.74 11.85
CA PRO B 774 -81.04 -16.80 12.29
C PRO B 774 -80.24 -16.37 13.48
N VAL B 775 -79.33 -17.25 13.83
CA VAL B 775 -78.70 -16.95 15.08
C VAL B 775 -77.65 -15.89 14.90
N GLY B 776 -76.72 -16.21 14.01
CA GLY B 776 -75.61 -15.32 13.73
C GLY B 776 -74.39 -15.95 14.31
N GLY B 777 -73.23 -15.75 13.71
CA GLY B 777 -72.00 -16.34 14.19
C GLY B 777 -70.89 -15.43 13.69
N PHE B 778 -71.23 -14.14 13.66
CA PHE B 778 -70.31 -13.15 13.17
C PHE B 778 -69.39 -12.90 14.31
N TYR B 779 -69.94 -12.23 15.31
CA TYR B 779 -69.15 -11.94 16.50
C TYR B 779 -68.70 -13.14 17.32
N ARG B 780 -68.91 -14.37 16.87
CA ARG B 780 -68.57 -15.54 17.67
C ARG B 780 -68.99 -16.82 16.98
N PHE B 781 -68.10 -17.79 16.92
CA PHE B 781 -68.42 -18.99 16.21
C PHE B 781 -69.47 -19.76 16.92
N ARG B 782 -70.54 -20.10 16.24
CA ARG B 782 -71.56 -20.96 16.81
C ARG B 782 -71.34 -22.08 15.85
N LYS B 783 -72.18 -23.06 15.71
CA LYS B 783 -71.72 -24.01 14.72
C LYS B 783 -72.60 -23.61 13.59
N SER B 784 -72.46 -22.35 13.25
CA SER B 784 -73.20 -21.71 12.17
C SER B 784 -72.48 -21.73 10.81
N GLY B 785 -73.00 -20.88 9.93
CA GLY B 785 -72.55 -20.75 8.57
C GLY B 785 -71.43 -19.75 8.37
N ASP B 786 -71.31 -18.81 9.31
CA ASP B 786 -70.23 -17.86 9.31
C ASP B 786 -69.08 -18.63 9.91
N ARG B 787 -68.06 -18.89 9.14
CA ARG B 787 -66.95 -19.64 9.67
C ARG B 787 -65.96 -18.68 10.34
N HIS B 788 -64.87 -19.21 10.85
CA HIS B 788 -63.96 -18.41 11.65
C HIS B 788 -62.66 -19.18 11.56
N GLY B 789 -61.53 -18.58 11.94
CA GLY B 789 -60.30 -19.32 11.77
C GLY B 789 -60.22 -20.29 12.89
N TRP B 790 -60.39 -19.70 14.06
CA TRP B 790 -60.36 -20.44 15.28
C TRP B 790 -61.78 -20.89 15.49
N GLU B 791 -62.06 -22.17 15.27
CA GLU B 791 -63.36 -22.79 15.53
C GLU B 791 -62.86 -23.97 16.34
N GLY B 792 -63.74 -24.51 17.21
CA GLY B 792 -63.41 -25.62 18.08
C GLY B 792 -62.58 -26.76 17.52
N GLY B 793 -62.96 -27.26 16.38
CA GLY B 793 -62.21 -28.41 15.95
C GLY B 793 -60.72 -28.23 16.00
N VAL B 794 -60.29 -27.29 15.18
CA VAL B 794 -58.89 -26.98 15.02
C VAL B 794 -58.18 -26.68 16.32
N ILE B 795 -58.83 -25.86 17.13
CA ILE B 795 -58.36 -25.61 18.48
C ILE B 795 -58.04 -26.88 19.24
N HIS B 796 -59.00 -27.78 19.26
CA HIS B 796 -58.71 -29.02 19.85
C HIS B 796 -57.43 -29.57 19.29
N THR B 797 -57.43 -29.89 17.99
CA THR B 797 -56.25 -30.54 17.43
C THR B 797 -55.01 -29.81 17.79
N LEU B 798 -55.09 -28.50 17.92
CA LEU B 798 -53.85 -27.80 18.19
C LEU B 798 -53.41 -28.20 19.57
N GLN B 799 -54.32 -27.94 20.50
CA GLN B 799 -54.06 -28.17 21.90
C GLN B 799 -53.50 -29.55 22.12
N GLN B 800 -54.15 -30.47 21.42
CA GLN B 800 -53.74 -31.85 21.46
C GLN B 800 -52.29 -31.88 21.11
N ALA B 801 -52.07 -31.46 19.88
CA ALA B 801 -50.81 -31.54 19.23
C ALA B 801 -49.69 -31.08 20.12
N VAL B 802 -49.94 -29.97 20.78
CA VAL B 802 -48.91 -29.33 21.53
C VAL B 802 -48.87 -29.83 22.96
N THR B 803 -49.84 -30.64 23.35
CA THR B 803 -49.78 -31.23 24.71
C THR B 803 -49.14 -32.64 24.66
N ASN B 804 -49.71 -33.46 23.81
CA ASN B 804 -49.22 -34.77 23.56
C ASN B 804 -47.88 -34.56 22.90
N ASP B 805 -47.71 -33.34 22.39
CA ASP B 805 -46.45 -33.01 21.74
C ASP B 805 -46.14 -33.86 20.47
N SER B 806 -47.10 -34.07 19.57
CA SER B 806 -46.80 -34.78 18.33
C SER B 806 -46.78 -33.79 17.18
N TYR B 807 -45.74 -33.88 16.35
CA TYR B 807 -45.66 -32.96 15.24
C TYR B 807 -46.76 -33.40 14.33
N THR B 808 -46.99 -34.69 14.35
CA THR B 808 -48.01 -35.25 13.49
C THR B 808 -49.37 -34.76 13.78
N THR B 809 -49.63 -34.55 15.05
CA THR B 809 -50.95 -34.09 15.32
C THR B 809 -51.02 -32.69 14.83
N PHE B 810 -49.91 -31.98 15.01
CA PHE B 810 -49.83 -30.57 14.57
C PHE B 810 -50.17 -30.51 13.13
N LYS B 811 -49.54 -31.44 12.40
CA LYS B 811 -49.72 -31.51 11.01
C LYS B 811 -51.10 -31.81 10.49
N LYS B 812 -52.11 -31.98 11.34
CA LYS B 812 -53.39 -32.35 10.76
C LYS B 812 -54.24 -31.14 11.03
N TYR B 813 -53.84 -30.48 12.10
CA TYR B 813 -54.45 -29.23 12.47
C TYR B 813 -54.20 -28.25 11.31
N SER B 814 -52.94 -28.04 10.96
CA SER B 814 -52.64 -27.13 9.84
C SER B 814 -53.43 -27.45 8.59
N GLU B 815 -53.59 -28.75 8.36
CA GLU B 815 -54.35 -29.23 7.22
C GLU B 815 -55.79 -28.88 7.45
N GLN B 816 -56.28 -29.10 8.66
CA GLN B 816 -57.65 -28.76 8.91
C GLN B 816 -57.76 -27.31 8.50
N VAL B 817 -56.72 -26.56 8.82
CA VAL B 817 -56.77 -25.14 8.65
C VAL B 817 -56.51 -24.76 7.20
N ASN B 818 -55.64 -25.49 6.53
CA ASN B 818 -55.30 -25.12 5.19
C ASN B 818 -56.26 -25.61 4.14
N LYS B 819 -57.09 -26.56 4.48
CA LYS B 819 -57.95 -27.11 3.46
C LYS B 819 -59.25 -26.39 3.37
N ARG B 820 -59.47 -25.28 4.03
CA ARG B 820 -60.82 -24.77 3.81
C ARG B 820 -60.88 -23.92 2.60
N PRO B 821 -62.07 -23.38 2.36
CA PRO B 821 -62.25 -22.39 1.30
C PRO B 821 -61.50 -21.14 1.79
N PRO B 822 -61.17 -20.23 0.91
CA PRO B 822 -60.38 -19.04 1.23
C PRO B 822 -61.15 -18.14 2.14
N MET B 823 -60.48 -17.51 3.11
CA MET B 823 -61.19 -16.66 4.04
C MET B 823 -60.45 -15.33 4.19
N GLN B 824 -59.25 -15.29 3.59
CA GLN B 824 -58.26 -14.28 3.86
C GLN B 824 -57.42 -14.21 2.55
N LEU B 825 -56.92 -13.03 2.19
CA LEU B 825 -56.21 -12.88 0.88
C LEU B 825 -55.07 -13.84 0.72
N ARG B 826 -54.32 -14.19 1.78
CA ARG B 826 -53.17 -15.02 1.49
C ARG B 826 -53.72 -16.28 0.89
N ASP B 827 -54.95 -16.56 1.31
CA ASP B 827 -55.67 -17.76 0.91
C ASP B 827 -55.79 -17.77 -0.61
N LEU B 828 -55.77 -16.63 -1.27
CA LEU B 828 -55.84 -16.65 -2.72
C LEU B 828 -54.51 -16.90 -3.39
N LEU B 829 -53.47 -17.27 -2.64
CA LEU B 829 -52.21 -17.34 -3.36
C LEU B 829 -51.59 -18.69 -3.34
N GLU B 830 -51.22 -19.22 -4.49
CA GLU B 830 -50.54 -20.49 -4.48
C GLU B 830 -49.07 -20.19 -4.35
N LEU B 831 -48.21 -21.19 -4.15
CA LEU B 831 -46.78 -20.97 -4.07
C LEU B 831 -46.14 -21.96 -5.01
N ARG B 832 -45.75 -21.48 -6.20
CA ARG B 832 -45.10 -22.38 -7.13
C ARG B 832 -43.73 -21.80 -7.05
N SER B 833 -42.71 -22.52 -7.49
CA SER B 833 -41.35 -21.98 -7.59
C SER B 833 -40.67 -22.70 -8.76
N THR B 834 -39.51 -22.28 -9.24
CA THR B 834 -38.95 -23.00 -10.39
C THR B 834 -37.73 -23.83 -10.08
N LYS B 835 -37.42 -24.00 -8.78
CA LYS B 835 -36.27 -24.79 -8.41
C LYS B 835 -36.83 -26.16 -8.11
N ALA B 836 -35.97 -27.17 -8.08
CA ALA B 836 -36.45 -28.49 -7.73
C ALA B 836 -36.07 -28.57 -6.28
N PRO B 837 -36.82 -29.44 -5.60
CA PRO B 837 -36.81 -29.60 -4.16
C PRO B 837 -35.54 -30.00 -3.59
N VAL B 838 -35.27 -29.48 -2.41
CA VAL B 838 -34.10 -29.85 -1.69
C VAL B 838 -34.50 -30.62 -0.48
N PRO B 839 -33.60 -31.48 -0.02
CA PRO B 839 -33.86 -32.27 1.18
C PRO B 839 -33.99 -31.41 2.43
N VAL B 840 -35.10 -31.58 3.12
CA VAL B 840 -35.21 -30.88 4.42
C VAL B 840 -33.95 -30.78 5.29
N ASP B 841 -33.23 -31.86 5.50
CA ASP B 841 -32.02 -31.74 6.32
C ASP B 841 -31.22 -30.52 5.95
N GLU B 842 -31.16 -30.17 4.67
CA GLU B 842 -30.36 -28.99 4.31
C GLU B 842 -30.88 -27.67 4.79
N VAL B 843 -32.19 -27.53 4.92
CA VAL B 843 -32.70 -26.25 5.35
C VAL B 843 -32.14 -25.77 6.65
N GLU B 844 -32.21 -24.47 6.83
CA GLU B 844 -31.75 -23.78 8.03
C GLU B 844 -32.34 -24.56 9.17
N SER B 845 -31.79 -24.38 10.36
CA SER B 845 -32.29 -25.13 11.52
C SER B 845 -33.48 -24.49 12.18
N ILE B 846 -34.16 -25.25 12.99
CA ILE B 846 -35.28 -24.68 13.70
C ILE B 846 -34.73 -23.66 14.71
N THR B 847 -33.63 -24.01 15.37
CA THR B 847 -33.20 -23.11 16.42
C THR B 847 -33.16 -21.75 15.79
N ALA B 848 -32.61 -21.77 14.57
CA ALA B 848 -32.50 -20.58 13.75
C ALA B 848 -33.92 -20.10 13.60
N ILE B 849 -34.71 -20.91 12.93
CA ILE B 849 -35.99 -20.32 12.65
C ILE B 849 -36.79 -19.70 13.77
N ARG B 850 -36.90 -20.45 14.86
CA ARG B 850 -37.82 -20.12 15.93
C ARG B 850 -37.54 -18.71 16.32
N LYS B 851 -36.23 -18.43 16.29
CA LYS B 851 -35.81 -17.08 16.61
C LYS B 851 -36.45 -15.95 15.83
N ARG B 852 -36.99 -16.18 14.64
CA ARG B 852 -37.67 -15.06 14.03
C ARG B 852 -39.04 -14.91 14.63
N PHE B 853 -39.36 -15.81 15.54
CA PHE B 853 -40.70 -15.78 16.07
C PHE B 853 -40.74 -14.97 17.33
N ILE B 854 -41.84 -14.31 17.56
CA ILE B 854 -41.96 -13.67 18.84
C ILE B 854 -43.41 -13.77 19.31
N THR B 855 -43.57 -13.62 20.59
CA THR B 855 -44.85 -13.63 21.21
C THR B 855 -45.12 -12.16 21.33
N PRO B 856 -46.24 -11.73 20.78
CA PRO B 856 -46.66 -10.33 20.83
C PRO B 856 -46.69 -9.83 22.23
N GLY B 857 -47.15 -8.60 22.41
CA GLY B 857 -47.24 -7.98 23.71
C GLY B 857 -48.68 -7.98 24.15
N MET B 858 -48.95 -8.82 25.13
CA MET B 858 -50.26 -8.95 25.76
C MET B 858 -50.03 -8.56 27.19
N SER B 859 -50.79 -7.57 27.62
CA SER B 859 -50.57 -7.00 28.93
C SER B 859 -50.82 -7.83 30.15
N MET B 860 -49.99 -7.65 31.15
CA MET B 860 -50.23 -8.31 32.42
C MET B 860 -51.38 -7.44 32.89
N GLY B 861 -52.57 -8.05 32.93
CA GLY B 861 -53.76 -7.31 33.27
C GLY B 861 -54.76 -7.97 32.36
N ALA B 862 -54.63 -7.69 31.07
CA ALA B 862 -55.43 -8.43 30.12
C ALA B 862 -55.15 -9.90 30.46
N LEU B 863 -53.90 -10.21 30.70
CA LEU B 863 -53.61 -11.55 31.02
C LEU B 863 -53.25 -11.98 32.45
N SER B 864 -53.67 -13.16 32.87
CA SER B 864 -53.31 -13.66 34.17
C SER B 864 -51.80 -13.59 34.34
N PRO B 865 -51.35 -13.40 35.55
CA PRO B 865 -49.92 -13.38 35.79
C PRO B 865 -49.39 -14.70 35.36
N GLU B 866 -50.21 -15.72 35.47
CA GLU B 866 -49.63 -17.02 35.22
C GLU B 866 -49.33 -17.13 33.73
N ALA B 867 -50.31 -16.83 32.90
CA ALA B 867 -50.17 -16.85 31.44
C ALA B 867 -48.98 -16.03 30.93
N HIS B 868 -48.90 -14.80 31.41
CA HIS B 868 -47.84 -13.91 31.03
C HIS B 868 -46.51 -14.58 31.28
N GLY B 869 -46.04 -14.50 32.50
CA GLY B 869 -44.82 -15.22 32.79
C GLY B 869 -44.63 -16.55 32.05
N THR B 870 -45.69 -17.26 31.77
CA THR B 870 -45.44 -18.51 31.09
C THR B 870 -44.65 -18.19 29.85
N LEU B 871 -45.21 -17.25 29.07
CA LEU B 871 -44.68 -16.75 27.82
C LEU B 871 -43.23 -16.31 28.03
N ASN B 872 -42.99 -15.33 28.88
CA ASN B 872 -41.61 -14.91 29.02
C ASN B 872 -40.65 -16.06 29.21
N VAL B 873 -41.16 -17.11 29.80
CA VAL B 873 -40.29 -18.21 30.08
C VAL B 873 -40.12 -18.98 28.79
N ALA B 874 -41.20 -19.26 28.11
CA ALA B 874 -40.99 -20.05 26.92
C ALA B 874 -40.02 -19.35 25.98
N MET B 875 -40.35 -18.10 25.64
CA MET B 875 -39.48 -17.40 24.69
C MET B 875 -38.05 -17.38 25.23
N ASN B 876 -37.88 -16.89 26.44
CA ASN B 876 -36.51 -16.93 26.86
C ASN B 876 -35.92 -18.33 26.74
N ARG B 877 -36.73 -19.35 26.69
CA ARG B 877 -36.11 -20.65 26.75
C ARG B 877 -35.54 -21.05 25.42
N ILE B 878 -36.09 -20.55 24.33
CA ILE B 878 -35.63 -20.99 23.01
C ILE B 878 -34.90 -19.82 22.31
N GLY B 879 -34.40 -18.91 23.12
CA GLY B 879 -33.68 -17.81 22.56
C GLY B 879 -34.50 -16.85 21.75
N ALA B 880 -35.82 -16.76 21.89
CA ALA B 880 -36.49 -15.74 21.11
C ALA B 880 -36.96 -14.54 21.91
N LYS B 881 -38.10 -13.96 21.57
CA LYS B 881 -38.44 -12.80 22.38
C LYS B 881 -39.90 -12.71 22.75
N SER B 882 -40.18 -12.04 23.87
CA SER B 882 -41.55 -11.82 24.26
C SER B 882 -41.82 -10.36 24.61
N ASP B 883 -43.08 -9.96 24.56
CA ASP B 883 -43.31 -8.56 24.67
C ASP B 883 -44.14 -8.18 25.88
N SER B 884 -43.50 -7.63 26.88
CA SER B 884 -44.21 -7.14 28.05
C SER B 884 -45.70 -6.73 27.84
N GLY B 885 -46.00 -5.99 26.78
CA GLY B 885 -47.35 -5.51 26.64
C GLY B 885 -47.54 -4.19 27.37
N GLU B 886 -48.65 -3.56 27.08
CA GLU B 886 -49.04 -2.27 27.59
C GLU B 886 -49.05 -2.27 29.11
N GLY B 887 -48.62 -3.37 29.68
CA GLY B 887 -48.81 -3.64 31.09
C GLY B 887 -48.03 -3.08 32.25
N GLY B 888 -46.82 -3.54 32.42
CA GLY B 888 -45.92 -2.97 33.37
C GLY B 888 -45.24 -4.29 33.29
N GLU B 889 -44.16 -4.46 34.03
CA GLU B 889 -43.58 -5.76 34.35
C GLU B 889 -43.00 -5.65 35.72
N ASP B 890 -43.27 -6.68 36.50
CA ASP B 890 -42.81 -6.76 37.86
C ASP B 890 -41.32 -7.01 37.83
N PRO B 891 -40.70 -6.06 38.47
CA PRO B 891 -39.25 -5.95 38.60
C PRO B 891 -38.62 -7.21 39.15
N ALA B 892 -39.33 -7.88 40.06
CA ALA B 892 -38.90 -9.18 40.57
C ALA B 892 -38.34 -10.08 39.48
N ARG B 893 -39.11 -10.13 38.39
CA ARG B 893 -38.76 -10.93 37.23
C ARG B 893 -37.45 -10.50 36.63
N PHE B 894 -36.87 -9.42 37.10
CA PHE B 894 -35.54 -9.04 36.65
C PHE B 894 -34.33 -9.95 37.02
N ARG B 895 -34.54 -11.09 37.70
CA ARG B 895 -33.43 -12.03 37.88
C ARG B 895 -33.87 -13.45 37.57
N PRO B 896 -33.07 -14.25 36.89
CA PRO B 896 -33.54 -15.61 36.52
C PRO B 896 -33.87 -16.34 37.82
N ASP B 897 -34.63 -17.44 37.76
CA ASP B 897 -35.04 -18.08 38.99
C ASP B 897 -34.20 -19.31 39.33
N LYS B 898 -34.43 -19.81 40.54
CA LYS B 898 -33.70 -20.93 41.14
C LYS B 898 -33.69 -22.11 40.20
N ASN B 899 -34.77 -22.24 39.48
CA ASN B 899 -34.81 -23.32 38.56
C ASN B 899 -34.14 -23.05 37.27
N GLY B 900 -33.63 -21.84 37.13
CA GLY B 900 -33.05 -21.44 35.86
C GLY B 900 -33.97 -20.77 34.85
N ASP B 901 -35.28 -20.70 35.08
CA ASP B 901 -36.14 -20.06 34.12
C ASP B 901 -36.16 -18.53 34.24
N ASN B 902 -36.34 -17.85 33.10
CA ASN B 902 -36.34 -16.37 33.02
C ASN B 902 -37.70 -15.80 32.77
N TRP B 903 -38.26 -15.06 33.72
CA TRP B 903 -39.60 -14.50 33.63
C TRP B 903 -39.55 -13.12 32.98
N ASN B 904 -38.38 -12.54 32.88
CA ASN B 904 -38.31 -11.21 32.24
C ASN B 904 -38.62 -11.24 30.76
N SER B 905 -39.31 -10.22 30.28
CA SER B 905 -39.63 -10.14 28.86
C SER B 905 -38.56 -9.30 28.11
N ALA B 906 -38.13 -9.77 26.95
CA ALA B 906 -37.08 -9.13 26.17
C ALA B 906 -37.41 -7.84 25.44
N ILE B 907 -38.69 -7.61 25.17
CA ILE B 907 -39.14 -6.44 24.47
C ILE B 907 -40.07 -5.65 25.37
N LYS B 908 -39.76 -4.46 25.85
CA LYS B 908 -40.81 -3.79 26.61
C LYS B 908 -41.56 -2.73 25.79
N GLN B 909 -42.78 -2.39 26.16
CA GLN B 909 -43.53 -1.46 25.38
C GLN B 909 -43.61 -0.13 26.01
N VAL B 910 -43.83 0.84 25.16
CA VAL B 910 -44.12 2.13 25.65
C VAL B 910 -45.45 2.49 24.95
N ALA B 911 -46.51 2.85 25.68
CA ALA B 911 -47.82 3.12 25.09
C ALA B 911 -48.55 4.29 25.69
N SER B 912 -49.61 4.76 25.04
CA SER B 912 -50.25 5.96 25.61
C SER B 912 -50.16 6.23 27.07
N GLY B 913 -50.73 5.38 27.92
CA GLY B 913 -50.77 5.71 29.36
C GLY B 913 -49.55 4.96 29.71
N ARG B 914 -48.61 5.63 30.28
CA ARG B 914 -47.33 5.01 30.25
C ARG B 914 -47.07 4.08 31.41
N PHE B 915 -47.93 3.06 31.49
CA PHE B 915 -48.10 2.28 32.74
C PHE B 915 -46.84 1.76 33.48
N GLY B 916 -45.85 1.00 33.17
CA GLY B 916 -44.96 0.97 34.33
C GLY B 916 -43.63 1.47 33.91
N VAL B 917 -43.68 2.55 33.15
CA VAL B 917 -42.52 3.05 32.46
C VAL B 917 -41.59 3.78 33.36
N THR B 918 -40.44 3.15 33.55
CA THR B 918 -39.59 3.49 34.67
C THR B 918 -38.15 3.41 34.28
N ALA B 919 -37.30 4.23 34.89
CA ALA B 919 -35.92 4.15 34.41
C ALA B 919 -35.50 2.71 34.31
N GLU B 920 -35.73 1.97 35.36
CA GLU B 920 -35.36 0.57 35.42
C GLU B 920 -36.12 -0.35 34.47
N TYR B 921 -37.36 -0.06 34.17
CA TYR B 921 -38.08 -0.93 33.24
C TYR B 921 -37.45 -0.77 31.88
N LEU B 922 -37.40 0.47 31.39
CA LEU B 922 -36.85 0.82 30.08
C LEU B 922 -35.46 0.26 29.99
N ASN B 923 -34.83 -0.06 31.10
CA ASN B 923 -33.51 -0.63 31.00
C ASN B 923 -33.39 -2.14 31.11
N GLN B 924 -34.47 -2.84 31.33
CA GLN B 924 -34.40 -4.29 31.45
C GLN B 924 -34.84 -4.96 30.17
N CYS B 925 -34.19 -4.63 29.06
CA CYS B 925 -34.50 -5.26 27.76
C CYS B 925 -33.57 -5.00 26.62
N ARG B 926 -33.89 -5.63 25.52
CA ARG B 926 -33.10 -5.52 24.33
C ARG B 926 -33.87 -4.71 23.29
N GLU B 927 -35.12 -4.38 23.54
CA GLU B 927 -35.94 -3.77 22.50
C GLU B 927 -37.10 -3.00 23.09
N LEU B 928 -37.42 -1.82 22.62
CA LEU B 928 -38.47 -1.00 23.15
C LEU B 928 -39.52 -0.82 22.06
N GLU B 929 -40.80 -1.08 22.32
CA GLU B 929 -41.76 -1.01 21.23
C GLU B 929 -42.57 0.23 21.44
N ILE B 930 -42.58 1.12 20.46
CA ILE B 930 -43.46 2.24 20.62
C ILE B 930 -44.74 1.72 20.07
N LYS B 931 -45.74 1.57 20.93
CA LYS B 931 -47.01 1.06 20.45
C LYS B 931 -47.91 2.14 19.95
N VAL B 932 -47.86 2.34 18.64
CA VAL B 932 -48.70 3.40 18.16
C VAL B 932 -50.08 2.91 17.96
N ALA B 933 -50.23 1.62 17.75
CA ALA B 933 -51.57 1.17 17.56
C ALA B 933 -51.78 -0.37 17.37
N GLN B 934 -52.98 -0.93 17.66
CA GLN B 934 -53.20 -2.37 17.44
C GLN B 934 -54.37 -2.73 16.57
N GLY B 935 -54.25 -3.80 15.80
CA GLY B 935 -55.27 -4.17 14.81
C GLY B 935 -56.69 -4.21 15.29
N ALA B 936 -56.76 -4.43 16.58
CA ALA B 936 -58.06 -4.65 17.13
C ALA B 936 -58.67 -3.29 17.31
N LYS B 937 -57.85 -2.27 17.47
CA LYS B 937 -58.44 -0.96 17.74
C LYS B 937 -57.55 0.26 17.48
N PRO B 938 -57.29 0.45 16.18
CA PRO B 938 -56.39 1.46 15.62
C PRO B 938 -56.74 2.81 16.15
N GLY B 939 -57.98 3.11 15.99
CA GLY B 939 -58.04 4.48 16.38
C GLY B 939 -57.73 4.87 17.81
N GLU B 940 -57.33 3.93 18.68
CA GLU B 940 -57.60 4.20 20.08
C GLU B 940 -57.09 3.72 21.41
N GLY B 941 -56.20 2.79 21.59
CA GLY B 941 -55.84 2.68 23.01
C GLY B 941 -56.45 1.73 24.05
N GLY B 942 -55.59 1.13 24.85
CA GLY B 942 -56.05 0.12 25.77
C GLY B 942 -57.19 0.40 26.73
N GLN B 943 -57.89 -0.69 27.09
CA GLN B 943 -58.92 -0.72 28.13
C GLN B 943 -58.65 -1.88 29.06
N LEU B 944 -58.83 -1.64 30.36
CA LEU B 944 -58.77 -2.69 31.35
C LEU B 944 -59.87 -2.31 32.30
N PRO B 945 -60.85 -3.21 32.41
CA PRO B 945 -62.04 -2.98 33.25
C PRO B 945 -61.56 -2.87 34.65
N GLY B 946 -62.26 -2.04 35.40
CA GLY B 946 -61.82 -1.67 36.74
C GLY B 946 -61.56 -2.88 37.59
N PHE B 947 -62.34 -3.89 37.28
CA PHE B 947 -62.27 -5.06 38.08
C PHE B 947 -61.20 -5.96 37.55
N LYS B 948 -60.06 -5.45 37.14
CA LYS B 948 -59.03 -6.42 36.80
C LYS B 948 -57.84 -5.69 37.31
N VAL B 949 -58.18 -4.49 37.74
CA VAL B 949 -57.18 -3.61 38.25
C VAL B 949 -57.14 -4.02 39.66
N THR B 950 -56.68 -5.26 39.80
CA THR B 950 -56.38 -5.89 41.06
C THR B 950 -55.47 -4.91 41.71
N GLU B 951 -54.94 -5.27 42.87
CA GLU B 951 -53.98 -4.43 43.59
C GLU B 951 -52.60 -4.69 43.08
N MET B 952 -52.32 -5.91 42.69
CA MET B 952 -50.97 -6.19 42.24
C MET B 952 -50.87 -5.31 41.07
N ILE B 953 -51.84 -5.48 40.19
CA ILE B 953 -51.91 -4.64 39.02
C ILE B 953 -51.80 -3.19 39.42
N ALA B 954 -52.80 -2.62 40.06
CA ALA B 954 -52.63 -1.23 40.48
C ALA B 954 -51.26 -0.89 41.01
N ARG B 955 -50.56 -1.83 41.61
CA ARG B 955 -49.29 -1.45 42.19
C ARG B 955 -48.26 -1.18 41.08
N LEU B 956 -48.21 -2.12 40.13
CA LEU B 956 -47.36 -2.09 38.96
C LEU B 956 -47.63 -0.86 38.16
N ARG B 957 -48.90 -0.60 37.92
CA ARG B 957 -49.20 0.51 37.11
C ARG B 957 -49.19 1.84 37.84
N HIS B 958 -48.85 1.84 39.11
CA HIS B 958 -49.13 3.07 39.84
C HIS B 958 -50.47 3.71 39.50
N SER B 959 -51.53 2.92 39.37
CA SER B 959 -52.90 3.34 39.09
C SER B 959 -53.65 3.24 40.42
N THR B 960 -54.95 3.56 40.45
CA THR B 960 -55.78 3.30 41.67
C THR B 960 -56.57 1.96 41.67
N PRO B 961 -56.52 1.21 42.79
CA PRO B 961 -57.09 -0.14 42.82
C PRO B 961 -58.53 -0.26 42.41
N GLY B 962 -58.75 -1.25 41.57
CA GLY B 962 -60.10 -1.42 41.12
C GLY B 962 -60.72 -0.33 40.29
N VAL B 963 -60.11 0.85 40.19
CA VAL B 963 -60.56 1.79 39.14
C VAL B 963 -60.05 1.45 37.72
N MET B 964 -60.88 1.80 36.75
CA MET B 964 -60.65 1.47 35.34
C MET B 964 -59.51 2.17 34.59
N LEU B 965 -58.86 1.45 33.71
CA LEU B 965 -57.79 2.07 32.98
C LEU B 965 -58.14 2.12 31.51
N ILE B 966 -58.79 3.20 31.09
CA ILE B 966 -58.87 3.45 29.65
C ILE B 966 -57.68 4.35 29.33
N SER B 967 -56.97 4.01 28.26
CA SER B 967 -55.76 4.79 27.96
C SER B 967 -56.10 5.99 27.10
N PRO B 968 -55.19 6.94 26.89
CA PRO B 968 -55.55 8.06 26.03
C PRO B 968 -55.18 7.49 24.70
N PRO B 969 -56.02 7.71 23.70
CA PRO B 969 -55.80 7.11 22.37
C PRO B 969 -54.46 7.48 21.72
N PRO B 970 -54.02 8.73 21.86
CA PRO B 970 -52.74 9.14 21.33
C PRO B 970 -51.69 9.19 22.38
N HIS B 971 -50.44 8.87 22.06
CA HIS B 971 -49.33 9.10 22.98
C HIS B 971 -49.25 10.60 23.17
N HIS B 972 -49.19 11.13 24.36
CA HIS B 972 -49.26 12.59 24.37
C HIS B 972 -48.02 13.31 24.00
N ASP B 973 -47.00 12.54 23.61
CA ASP B 973 -45.77 13.14 23.21
C ASP B 973 -45.51 12.57 21.85
N ILE B 974 -46.49 12.52 21.01
CA ILE B 974 -46.28 12.08 19.64
C ILE B 974 -47.40 12.72 18.85
N TYR B 975 -47.31 14.00 18.59
CA TYR B 975 -48.37 14.66 17.89
C TYR B 975 -48.02 14.95 16.44
N SER B 976 -46.88 14.46 15.96
CA SER B 976 -46.44 14.62 14.58
C SER B 976 -45.12 13.89 14.37
N ILE B 977 -44.71 13.66 13.14
CA ILE B 977 -43.52 12.82 13.01
C ILE B 977 -42.24 13.32 13.67
N GLU B 978 -42.06 14.62 13.76
CA GLU B 978 -40.85 15.08 14.41
C GLU B 978 -41.01 14.51 15.80
N ASP B 979 -42.19 14.65 16.38
CA ASP B 979 -42.42 14.14 17.70
C ASP B 979 -42.10 12.66 17.84
N LEU B 980 -42.59 11.80 16.96
CA LEU B 980 -42.18 10.41 17.04
C LEU B 980 -40.69 10.42 17.18
N ALA B 981 -40.05 11.20 16.33
CA ALA B 981 -38.62 11.20 16.26
C ALA B 981 -37.91 11.53 17.55
N GLN B 982 -38.47 12.47 18.30
CA GLN B 982 -37.88 12.85 19.54
C GLN B 982 -37.99 11.74 20.59
N LEU B 983 -39.08 11.00 20.53
CA LEU B 983 -39.30 9.93 21.47
C LEU B 983 -38.25 8.90 21.18
N ILE B 984 -38.15 8.47 19.95
CA ILE B 984 -37.16 7.48 19.68
C ILE B 984 -35.78 7.88 20.15
N TYR B 985 -35.47 9.19 20.12
CA TYR B 985 -34.18 9.66 20.62
C TYR B 985 -34.15 9.31 22.13
N ASP B 986 -35.06 9.91 22.91
CA ASP B 986 -35.20 9.64 24.33
C ASP B 986 -35.05 8.16 24.57
N LEU B 987 -35.82 7.36 23.88
CA LEU B 987 -35.65 5.97 24.17
C LEU B 987 -34.23 5.53 23.95
N LYS B 988 -33.58 5.93 22.87
CA LYS B 988 -32.23 5.40 22.66
C LYS B 988 -31.20 6.00 23.58
N GLN B 989 -31.60 7.00 24.33
CA GLN B 989 -30.75 7.68 25.22
C GLN B 989 -30.82 7.01 26.56
N ILE B 990 -32.02 6.65 27.00
CA ILE B 990 -32.12 5.99 28.30
C ILE B 990 -31.66 4.56 28.18
N ASN B 991 -31.72 4.01 26.98
CA ASN B 991 -31.19 2.68 26.86
C ASN B 991 -30.33 2.43 25.69
N PRO B 992 -29.04 2.57 25.87
CA PRO B 992 -28.06 2.44 24.80
C PRO B 992 -28.05 1.09 24.15
N ASP B 993 -28.70 0.15 24.75
CA ASP B 993 -28.57 -1.11 24.10
C ASP B 993 -29.72 -1.46 23.23
N ALA B 994 -30.86 -0.82 23.43
CA ALA B 994 -32.01 -1.34 22.73
C ALA B 994 -32.26 -0.91 21.30
N LYS B 995 -32.91 -1.78 20.54
CA LYS B 995 -33.43 -1.41 19.26
C LYS B 995 -34.80 -0.79 19.49
N VAL B 996 -35.26 0.12 18.64
CA VAL B 996 -36.57 0.69 18.87
C VAL B 996 -37.55 0.26 17.79
N THR B 997 -38.80 0.04 18.16
CA THR B 997 -39.73 -0.51 17.20
C THR B 997 -40.97 0.28 17.16
N VAL B 998 -41.61 0.36 16.00
CA VAL B 998 -42.87 1.10 16.00
C VAL B 998 -43.97 0.18 15.56
N LYS B 999 -44.95 -0.05 16.42
CA LYS B 999 -46.02 -1.01 16.08
C LYS B 999 -47.03 -0.16 15.36
N LEU B 1000 -47.31 -0.52 14.12
CA LEU B 1000 -48.29 0.27 13.39
C LEU B 1000 -49.28 -0.71 12.84
N VAL B 1001 -50.45 -0.19 12.52
CA VAL B 1001 -51.47 -1.08 12.05
C VAL B 1001 -51.69 -0.76 10.62
N SER B 1002 -51.59 -1.81 9.82
CA SER B 1002 -51.72 -1.70 8.40
C SER B 1002 -53.00 -1.04 8.02
N ARG B 1003 -52.90 -0.28 6.93
CA ARG B 1003 -53.96 0.57 6.38
C ARG B 1003 -53.29 1.32 5.22
N SER B 1004 -54.05 1.84 4.26
CA SER B 1004 -53.31 2.35 3.12
C SER B 1004 -52.65 3.69 3.44
N GLY B 1005 -51.39 3.86 3.06
CA GLY B 1005 -50.65 5.03 3.46
C GLY B 1005 -49.56 4.65 4.47
N ILE B 1006 -49.65 3.44 5.02
CA ILE B 1006 -48.71 3.07 6.04
C ILE B 1006 -47.36 3.14 5.38
N GLY B 1007 -47.26 2.73 4.13
CA GLY B 1007 -45.98 2.79 3.43
C GLY B 1007 -45.23 4.12 3.54
N THR B 1008 -45.94 5.17 3.20
CA THR B 1008 -45.40 6.50 3.37
C THR B 1008 -44.82 6.62 4.75
N ILE B 1009 -45.69 6.63 5.74
CA ILE B 1009 -45.25 6.70 7.10
C ILE B 1009 -44.09 5.75 7.42
N ALA B 1010 -44.19 4.54 6.93
CA ALA B 1010 -43.14 3.68 7.33
C ALA B 1010 -41.85 4.38 7.03
N ALA B 1011 -41.84 5.11 5.93
CA ALA B 1011 -40.60 5.77 5.50
C ALA B 1011 -40.17 6.71 6.61
N GLY B 1012 -41.02 7.72 6.85
CA GLY B 1012 -40.79 8.68 7.92
C GLY B 1012 -40.30 7.98 9.19
N VAL B 1013 -40.98 6.90 9.57
CA VAL B 1013 -40.54 6.13 10.71
C VAL B 1013 -39.08 5.81 10.50
N ALA B 1014 -38.71 5.22 9.38
CA ALA B 1014 -37.31 4.87 9.17
C ALA B 1014 -36.35 6.07 9.23
N LYS B 1015 -36.82 7.23 8.79
CA LYS B 1015 -35.99 8.40 8.86
C LYS B 1015 -35.94 8.82 10.29
N ALA B 1016 -36.86 8.39 11.13
CA ALA B 1016 -36.73 8.84 12.50
C ALA B 1016 -35.90 7.88 13.32
N ASN B 1017 -35.12 7.09 12.63
CA ASN B 1017 -34.23 6.24 13.35
C ASN B 1017 -34.80 5.07 14.12
N ALA B 1018 -35.83 4.49 13.56
CA ALA B 1018 -36.47 3.37 14.23
C ALA B 1018 -35.79 2.12 13.73
N ASP B 1019 -35.50 1.16 14.54
CA ASP B 1019 -34.91 -0.02 13.93
C ASP B 1019 -35.83 -1.13 13.42
N ILE B 1020 -37.08 -1.24 13.87
CA ILE B 1020 -37.85 -2.35 13.34
C ILE B 1020 -39.19 -1.78 13.06
N ILE B 1021 -39.90 -2.23 12.06
CA ILE B 1021 -41.25 -1.68 11.98
C ILE B 1021 -42.22 -2.85 11.98
N LEU B 1022 -43.28 -2.72 12.77
CA LEU B 1022 -44.19 -3.82 12.90
C LEU B 1022 -45.50 -3.44 12.36
N ILE B 1023 -45.95 -4.26 11.43
CA ILE B 1023 -47.25 -4.01 10.83
C ILE B 1023 -48.22 -5.05 11.28
N SER B 1024 -49.25 -4.54 11.92
CA SER B 1024 -50.29 -5.35 12.48
C SER B 1024 -51.55 -5.40 11.67
N GLY B 1025 -52.01 -6.63 11.50
CA GLY B 1025 -53.25 -6.94 10.79
C GLY B 1025 -54.57 -6.55 11.47
N ASN B 1026 -55.59 -6.43 10.64
CA ASN B 1026 -56.86 -5.96 11.15
C ASN B 1026 -57.43 -6.91 12.18
N SER B 1027 -57.19 -8.18 11.92
CA SER B 1027 -57.75 -9.31 12.64
C SER B 1027 -57.11 -9.72 13.96
N GLY B 1028 -56.22 -8.91 14.51
CA GLY B 1028 -55.47 -9.34 15.69
C GLY B 1028 -56.39 -9.32 16.87
N GLY B 1029 -55.87 -9.83 18.01
CA GLY B 1029 -56.61 -9.97 19.26
C GLY B 1029 -56.58 -8.77 20.15
N THR B 1030 -57.35 -8.75 21.23
CA THR B 1030 -57.34 -7.67 22.21
C THR B 1030 -58.09 -8.31 23.36
N GLY B 1031 -57.77 -7.95 24.59
CA GLY B 1031 -58.48 -8.52 25.69
C GLY B 1031 -59.76 -7.74 25.85
N ALA B 1032 -59.86 -6.57 25.28
CA ALA B 1032 -61.10 -5.78 25.41
C ALA B 1032 -61.12 -4.74 24.33
N SER B 1033 -62.28 -4.48 23.76
CA SER B 1033 -62.30 -3.47 22.74
C SER B 1033 -63.69 -3.44 22.23
N PRO B 1034 -64.21 -2.29 21.79
CA PRO B 1034 -65.58 -2.20 21.26
C PRO B 1034 -65.65 -3.11 20.08
N GLN B 1035 -66.83 -3.49 19.61
CA GLN B 1035 -66.81 -4.54 18.60
C GLN B 1035 -66.67 -4.10 17.24
N THR B 1036 -67.00 -2.83 17.09
CA THR B 1036 -66.93 -2.13 15.82
C THR B 1036 -65.50 -2.07 15.29
N SER B 1037 -64.59 -1.73 16.19
CA SER B 1037 -63.18 -1.69 15.82
C SER B 1037 -62.69 -3.13 15.52
N ILE B 1038 -63.40 -4.04 16.11
CA ILE B 1038 -62.97 -5.36 15.79
C ILE B 1038 -63.35 -5.76 14.40
N LYS B 1039 -64.37 -5.10 13.89
CA LYS B 1039 -64.91 -5.61 12.67
C LYS B 1039 -64.83 -4.57 11.65
N PHE B 1040 -64.30 -3.42 12.02
CA PHE B 1040 -64.29 -2.34 11.06
C PHE B 1040 -63.05 -1.48 10.96
N ALA B 1041 -62.19 -1.41 11.96
CA ALA B 1041 -60.98 -0.66 11.77
C ALA B 1041 -60.04 -1.63 11.08
N GLY B 1042 -58.82 -1.22 10.79
CA GLY B 1042 -57.81 -2.06 10.15
C GLY B 1042 -57.92 -2.68 8.77
N LEU B 1043 -56.84 -3.26 8.29
CA LEU B 1043 -56.77 -3.85 6.97
C LEU B 1043 -55.90 -5.05 6.98
N PRO B 1044 -56.16 -6.04 6.16
CA PRO B 1044 -55.30 -7.21 6.19
C PRO B 1044 -53.84 -6.86 6.20
N TRP B 1045 -52.96 -7.63 6.79
CA TRP B 1045 -51.57 -7.34 6.68
C TRP B 1045 -51.11 -7.55 5.26
N GLU B 1046 -51.65 -8.51 4.55
CA GLU B 1046 -51.04 -8.71 3.25
C GLU B 1046 -50.91 -7.39 2.47
N MET B 1047 -51.91 -6.54 2.53
CA MET B 1047 -51.76 -5.25 1.90
C MET B 1047 -50.69 -4.43 2.68
N GLY B 1048 -51.09 -3.86 3.81
CA GLY B 1048 -50.13 -3.07 4.56
C GLY B 1048 -48.69 -3.53 4.58
N LEU B 1049 -48.42 -4.79 4.85
CA LEU B 1049 -47.06 -5.26 4.90
C LEU B 1049 -46.35 -4.91 3.60
N SER B 1050 -46.85 -5.30 2.43
CA SER B 1050 -46.12 -4.93 1.21
C SER B 1050 -46.02 -3.42 0.96
N GLU B 1051 -47.10 -2.69 1.17
CA GLU B 1051 -46.93 -1.24 1.09
C GLU B 1051 -45.58 -0.97 1.83
N VAL B 1052 -45.45 -1.10 3.14
CA VAL B 1052 -44.14 -0.90 3.70
C VAL B 1052 -43.01 -1.55 2.88
N HIS B 1053 -43.02 -2.85 2.73
CA HIS B 1053 -41.90 -3.32 1.98
C HIS B 1053 -41.59 -2.56 0.73
N GLN B 1054 -42.62 -2.14 0.04
CA GLN B 1054 -42.40 -1.53 -1.26
C GLN B 1054 -41.83 -0.15 -1.05
N VAL B 1055 -42.68 0.79 -0.66
CA VAL B 1055 -42.23 2.14 -0.44
C VAL B 1055 -40.87 2.24 0.24
N LEU B 1056 -40.75 1.73 1.43
CA LEU B 1056 -39.43 1.74 1.98
C LEU B 1056 -38.43 1.32 0.92
N THR B 1057 -38.76 0.39 0.06
CA THR B 1057 -37.72 0.00 -0.88
C THR B 1057 -37.53 1.13 -1.89
N LEU B 1058 -38.63 1.66 -2.35
CA LEU B 1058 -38.60 2.72 -3.27
C LEU B 1058 -37.86 3.95 -2.75
N ASN B 1059 -37.50 4.05 -1.48
CA ASN B 1059 -36.85 5.31 -1.04
C ASN B 1059 -35.55 4.90 -0.56
N ARG B 1060 -35.17 3.70 -0.91
CA ARG B 1060 -33.91 3.26 -0.45
C ARG B 1060 -33.75 3.41 1.06
N LEU B 1061 -34.77 3.11 1.85
CA LEU B 1061 -34.67 3.14 3.31
C LEU B 1061 -34.87 1.71 3.86
N ARG B 1062 -35.29 0.83 2.98
CA ARG B 1062 -35.63 -0.49 3.35
C ARG B 1062 -34.55 -1.36 3.85
N HIS B 1063 -33.40 -0.89 4.24
CA HIS B 1063 -32.38 -1.89 4.67
C HIS B 1063 -31.98 -1.34 5.99
N ARG B 1064 -32.72 -0.32 6.38
CA ARG B 1064 -32.30 0.46 7.47
C ARG B 1064 -33.07 -0.03 8.63
N VAL B 1065 -34.16 -0.70 8.32
CA VAL B 1065 -35.07 -1.11 9.34
C VAL B 1065 -35.46 -2.55 9.04
N ARG B 1066 -35.80 -3.33 10.08
CA ARG B 1066 -36.29 -4.73 9.98
C ARG B 1066 -37.79 -4.68 10.04
N LEU B 1067 -38.47 -5.52 9.27
CA LEU B 1067 -39.95 -5.58 9.29
C LEU B 1067 -40.47 -6.85 9.94
N ARG B 1068 -41.53 -6.65 10.72
CA ARG B 1068 -42.17 -7.71 11.48
C ARG B 1068 -43.65 -7.56 11.25
N THR B 1069 -44.31 -8.70 11.35
CA THR B 1069 -45.73 -8.69 11.18
C THR B 1069 -46.56 -9.64 12.10
N ASP B 1070 -47.82 -9.33 12.29
CA ASP B 1070 -48.63 -10.17 13.11
C ASP B 1070 -50.09 -9.93 12.74
N GLY B 1071 -50.96 -10.89 13.05
CA GLY B 1071 -52.36 -10.89 12.65
C GLY B 1071 -52.99 -12.25 12.32
N GLY B 1072 -53.08 -13.18 13.24
CA GLY B 1072 -53.75 -14.35 12.76
C GLY B 1072 -52.83 -15.35 12.12
N LEU B 1073 -51.52 -15.18 12.20
CA LEU B 1073 -50.67 -16.19 11.65
C LEU B 1073 -50.84 -17.43 12.55
N LYS B 1074 -51.21 -18.55 11.96
CA LYS B 1074 -51.46 -19.75 12.75
C LYS B 1074 -50.62 -20.86 12.24
N THR B 1075 -49.90 -20.62 11.16
CA THR B 1075 -49.39 -21.75 10.44
C THR B 1075 -48.14 -21.64 9.66
N GLY B 1076 -47.50 -22.76 9.40
CA GLY B 1076 -46.31 -22.65 8.59
C GLY B 1076 -46.48 -21.78 7.37
N ARG B 1077 -47.35 -22.16 6.44
CA ARG B 1077 -47.44 -21.35 5.25
C ARG B 1077 -47.70 -19.86 5.62
N ASP B 1078 -48.72 -19.58 6.42
CA ASP B 1078 -48.94 -18.20 6.83
C ASP B 1078 -47.60 -17.47 7.03
N ILE B 1079 -46.59 -18.18 7.49
CA ILE B 1079 -45.37 -17.50 7.82
C ILE B 1079 -44.55 -17.32 6.61
N VAL B 1080 -44.38 -18.37 5.83
CA VAL B 1080 -43.65 -18.22 4.57
C VAL B 1080 -44.24 -17.08 3.71
N ILE B 1081 -45.54 -17.14 3.45
CA ILE B 1081 -46.06 -16.06 2.67
C ILE B 1081 -45.70 -14.76 3.31
N ALA B 1082 -45.78 -14.64 4.62
CA ALA B 1082 -45.43 -13.29 5.12
C ALA B 1082 -44.00 -12.93 4.72
N ALA B 1083 -43.13 -13.92 4.72
CA ALA B 1083 -41.77 -13.58 4.49
C ALA B 1083 -41.61 -13.01 3.07
N MET B 1084 -42.16 -13.74 2.13
CA MET B 1084 -42.09 -13.38 0.74
C MET B 1084 -42.75 -11.99 0.58
N LEU B 1085 -43.78 -11.67 1.35
CA LEU B 1085 -44.27 -10.33 1.06
C LEU B 1085 -43.26 -9.37 1.61
N GLY B 1086 -42.25 -9.85 2.34
CA GLY B 1086 -41.24 -8.94 2.83
C GLY B 1086 -40.96 -8.91 4.32
N ALA B 1087 -41.63 -9.76 5.07
CA ALA B 1087 -41.38 -9.67 6.50
C ALA B 1087 -40.18 -10.48 6.94
N GLU B 1088 -39.60 -10.14 8.09
CA GLU B 1088 -38.43 -10.86 8.58
C GLU B 1088 -38.61 -11.47 9.99
N GLU B 1089 -39.68 -11.05 10.65
CA GLU B 1089 -40.01 -11.50 11.96
C GLU B 1089 -41.52 -11.60 11.99
N PHE B 1090 -42.03 -12.64 12.65
CA PHE B 1090 -43.46 -12.88 12.76
C PHE B 1090 -43.96 -12.98 14.21
N GLY B 1091 -45.10 -12.34 14.46
CA GLY B 1091 -45.63 -12.32 15.81
C GLY B 1091 -46.77 -13.28 16.07
N ILE B 1092 -46.57 -14.08 17.11
CA ILE B 1092 -47.62 -15.05 17.34
C ILE B 1092 -48.30 -15.01 18.68
N GLY B 1093 -49.47 -14.40 18.81
CA GLY B 1093 -50.10 -14.35 20.14
C GLY B 1093 -51.25 -15.34 20.41
N THR B 1094 -52.47 -14.93 20.05
CA THR B 1094 -53.54 -15.86 20.14
C THR B 1094 -53.16 -17.32 20.03
N ALA B 1095 -52.62 -17.76 18.92
CA ALA B 1095 -52.30 -19.16 18.88
C ALA B 1095 -51.42 -19.54 20.04
N SER B 1096 -50.47 -18.70 20.43
CA SER B 1096 -49.73 -19.17 21.57
C SER B 1096 -50.62 -19.15 22.82
N LEU B 1097 -51.53 -18.20 22.92
CA LEU B 1097 -52.53 -18.23 23.99
C LEU B 1097 -53.34 -19.53 23.98
N ILE B 1098 -53.76 -19.96 22.80
CA ILE B 1098 -54.59 -21.13 22.74
C ILE B 1098 -53.85 -22.35 23.22
N ALA B 1099 -52.57 -22.38 22.96
CA ALA B 1099 -51.83 -23.54 23.32
C ALA B 1099 -51.72 -23.45 24.83
N MET B 1100 -51.65 -22.26 25.38
CA MET B 1100 -51.56 -22.31 26.82
C MET B 1100 -52.93 -22.68 27.37
N GLY B 1101 -53.89 -22.96 26.48
CA GLY B 1101 -55.25 -23.29 26.87
C GLY B 1101 -56.47 -22.44 26.51
N CYS B 1102 -56.35 -21.32 25.78
CA CYS B 1102 -57.59 -20.50 25.50
C CYS B 1102 -58.52 -21.39 24.74
N ILE B 1103 -59.83 -21.21 24.95
CA ILE B 1103 -60.77 -22.06 24.19
C ILE B 1103 -61.65 -21.20 23.32
N MET B 1104 -61.31 -19.90 23.26
CA MET B 1104 -61.90 -18.98 22.27
C MET B 1104 -63.33 -18.70 22.55
N VAL B 1105 -63.55 -18.39 23.80
CA VAL B 1105 -64.89 -18.13 24.22
C VAL B 1105 -65.25 -16.69 24.43
N ARG B 1106 -64.27 -15.87 24.12
CA ARG B 1106 -64.43 -14.42 24.17
C ARG B 1106 -65.01 -13.80 25.41
N GLN B 1107 -64.47 -14.11 26.58
CA GLN B 1107 -64.93 -13.39 27.75
C GLN B 1107 -63.82 -12.74 28.50
N CYS B 1108 -62.88 -12.27 27.70
CA CYS B 1108 -61.70 -11.65 28.22
C CYS B 1108 -62.07 -10.37 28.94
N HIS B 1109 -63.06 -9.62 28.46
CA HIS B 1109 -63.29 -8.37 29.17
C HIS B 1109 -63.97 -8.57 30.45
N SER B 1110 -64.58 -9.77 30.57
CA SER B 1110 -65.42 -10.13 31.70
C SER B 1110 -64.80 -10.63 33.01
N ASN B 1111 -63.59 -11.13 32.93
CA ASN B 1111 -62.88 -11.59 34.09
C ASN B 1111 -63.48 -12.88 34.59
N THR B 1112 -63.94 -13.68 33.65
CA THR B 1112 -64.53 -14.97 33.96
C THR B 1112 -63.86 -16.00 33.04
N CYS B 1113 -62.55 -16.14 33.09
CA CYS B 1113 -62.02 -17.05 32.12
C CYS B 1113 -61.95 -18.47 32.58
N PRO B 1114 -62.76 -19.22 31.93
CA PRO B 1114 -62.73 -20.64 32.08
C PRO B 1114 -61.38 -21.18 32.30
N VAL B 1115 -60.31 -20.51 31.96
CA VAL B 1115 -59.08 -21.25 31.95
C VAL B 1115 -57.86 -20.60 32.47
N GLY B 1116 -58.06 -19.55 33.25
CA GLY B 1116 -56.88 -18.97 33.86
C GLY B 1116 -56.05 -18.13 32.93
N VAL B 1117 -56.52 -17.94 31.71
CA VAL B 1117 -55.73 -17.13 30.82
C VAL B 1117 -55.88 -15.61 30.86
N CYS B 1118 -57.02 -15.09 30.48
CA CYS B 1118 -57.13 -13.68 30.62
C CYS B 1118 -57.95 -13.37 31.85
N VAL B 1119 -57.48 -13.59 33.06
CA VAL B 1119 -58.35 -13.19 34.18
C VAL B 1119 -57.60 -12.84 35.46
N GLN B 1120 -57.99 -11.78 36.16
CA GLN B 1120 -57.31 -11.48 37.40
C GLN B 1120 -57.86 -12.29 38.58
N ASP B 1121 -59.14 -12.70 38.54
CA ASP B 1121 -59.65 -13.53 39.65
C ASP B 1121 -58.89 -14.81 39.96
N ASP B 1122 -58.67 -14.92 41.28
CA ASP B 1122 -57.90 -15.98 41.89
C ASP B 1122 -58.39 -17.37 41.65
N LYS B 1123 -59.65 -17.54 41.95
CA LYS B 1123 -60.14 -18.86 41.90
C LYS B 1123 -60.04 -19.32 40.49
N LEU B 1124 -60.34 -18.39 39.61
CA LEU B 1124 -60.35 -18.71 38.19
C LEU B 1124 -58.97 -18.96 37.69
N ARG B 1125 -58.05 -18.12 38.14
CA ARG B 1125 -56.67 -18.33 37.75
C ARG B 1125 -56.13 -19.68 38.14
N GLN B 1126 -56.79 -20.36 39.04
CA GLN B 1126 -56.24 -21.62 39.47
C GLN B 1126 -56.59 -22.66 38.49
N LYS B 1127 -57.46 -22.30 37.56
CA LYS B 1127 -57.76 -23.26 36.54
C LYS B 1127 -56.71 -23.30 35.40
N PHE B 1128 -55.65 -22.52 35.51
CA PHE B 1128 -54.68 -22.40 34.42
C PHE B 1128 -53.75 -23.58 34.17
N VAL B 1129 -53.68 -24.09 32.96
CA VAL B 1129 -52.77 -25.21 32.73
C VAL B 1129 -51.72 -24.92 31.63
N GLY B 1130 -51.34 -23.66 31.57
CA GLY B 1130 -50.34 -23.29 30.61
C GLY B 1130 -48.99 -23.88 30.93
N THR B 1131 -48.19 -24.13 29.91
CA THR B 1131 -46.84 -24.61 30.09
C THR B 1131 -45.81 -24.07 29.11
N PRO B 1132 -44.71 -23.62 29.66
CA PRO B 1132 -43.56 -23.22 28.84
C PRO B 1132 -43.40 -24.26 27.75
N GLU B 1133 -43.43 -25.47 28.23
CA GLU B 1133 -43.27 -26.55 27.30
C GLU B 1133 -44.31 -26.46 26.20
N LYS B 1134 -45.55 -26.11 26.51
CA LYS B 1134 -46.54 -26.24 25.45
C LYS B 1134 -46.23 -25.25 24.38
N VAL B 1135 -46.05 -24.02 24.82
CA VAL B 1135 -45.69 -22.96 23.92
C VAL B 1135 -44.43 -23.35 23.19
N VAL B 1136 -43.37 -23.60 23.93
CA VAL B 1136 -42.26 -24.00 23.15
C VAL B 1136 -42.61 -24.94 22.04
N ASN B 1137 -43.43 -25.92 22.32
CA ASN B 1137 -43.79 -26.80 21.22
C ASN B 1137 -44.39 -26.09 20.02
N LEU B 1138 -45.32 -25.17 20.30
CA LEU B 1138 -46.05 -24.47 19.24
C LEU B 1138 -45.03 -23.92 18.28
N PHE B 1139 -44.07 -23.17 18.83
CA PHE B 1139 -43.10 -22.57 17.94
C PHE B 1139 -42.33 -23.66 17.26
N THR B 1140 -41.86 -24.60 18.06
CA THR B 1140 -41.13 -25.65 17.39
C THR B 1140 -41.82 -26.23 16.16
N PHE B 1141 -43.13 -26.34 16.18
CA PHE B 1141 -43.76 -26.96 15.05
C PHE B 1141 -43.68 -26.01 13.91
N LEU B 1142 -44.48 -24.95 13.97
CA LEU B 1142 -44.45 -23.84 13.00
C LEU B 1142 -43.10 -23.81 12.27
N ALA B 1143 -42.02 -23.72 13.03
CA ALA B 1143 -40.73 -23.69 12.40
C ALA B 1143 -40.54 -24.88 11.47
N GLU B 1144 -40.50 -26.07 12.05
CA GLU B 1144 -40.34 -27.22 11.20
C GLU B 1144 -41.33 -27.14 10.06
N GLU B 1145 -42.53 -26.67 10.31
CA GLU B 1145 -43.44 -26.71 9.20
C GLU B 1145 -42.88 -25.77 8.13
N VAL B 1146 -42.14 -24.75 8.56
CA VAL B 1146 -41.65 -23.73 7.64
C VAL B 1146 -40.55 -24.42 6.88
N ARG B 1147 -39.61 -24.96 7.62
CA ARG B 1147 -38.55 -25.54 6.82
C ARG B 1147 -39.11 -26.55 5.86
N GLU B 1148 -40.28 -27.07 6.13
CA GLU B 1148 -40.73 -28.15 5.29
C GLU B 1148 -41.04 -27.56 3.96
N ILE B 1149 -41.79 -26.47 4.06
CA ILE B 1149 -42.20 -25.71 2.87
C ILE B 1149 -41.01 -25.22 2.06
N LEU B 1150 -39.96 -24.72 2.71
CA LEU B 1150 -38.90 -24.10 1.96
C LEU B 1150 -38.30 -25.12 1.07
N ALA B 1151 -38.04 -26.27 1.69
CA ALA B 1151 -37.34 -27.31 0.96
C ALA B 1151 -38.24 -27.69 -0.21
N GLY B 1152 -39.51 -27.39 -0.03
CA GLY B 1152 -40.40 -27.64 -1.14
C GLY B 1152 -40.06 -26.72 -2.27
N LEU B 1153 -39.72 -25.46 -1.98
CA LEU B 1153 -39.56 -24.45 -3.02
C LEU B 1153 -38.16 -24.51 -3.56
N GLY B 1154 -37.35 -25.35 -2.93
CA GLY B 1154 -35.99 -25.45 -3.40
C GLY B 1154 -35.14 -24.43 -2.67
N PHE B 1155 -35.66 -23.76 -1.68
CA PHE B 1155 -34.77 -22.87 -0.95
C PHE B 1155 -34.33 -23.48 0.39
N ARG B 1156 -33.09 -23.21 0.77
CA ARG B 1156 -32.52 -23.81 1.92
C ARG B 1156 -32.56 -22.85 3.10
N SER B 1157 -33.29 -21.74 3.00
CA SER B 1157 -33.33 -20.82 4.14
C SER B 1157 -34.35 -19.67 4.08
N LEU B 1158 -34.80 -19.15 5.20
CA LEU B 1158 -35.84 -18.15 5.10
C LEU B 1158 -35.41 -16.89 4.35
N ASN B 1159 -34.17 -16.49 4.58
CA ASN B 1159 -33.62 -15.27 4.04
C ASN B 1159 -33.72 -15.30 2.56
N GLU B 1160 -33.24 -16.38 1.96
CA GLU B 1160 -33.29 -16.51 0.51
C GLU B 1160 -34.64 -16.24 -0.05
N VAL B 1161 -35.60 -15.83 0.74
CA VAL B 1161 -36.90 -15.80 0.14
C VAL B 1161 -37.65 -14.62 0.61
N ILE B 1162 -37.08 -13.84 1.50
CA ILE B 1162 -37.82 -12.68 1.96
C ILE B 1162 -37.99 -11.71 0.82
N GLY B 1163 -39.19 -11.17 0.70
CA GLY B 1163 -39.48 -10.26 -0.37
C GLY B 1163 -39.63 -10.96 -1.72
N ARG B 1164 -39.11 -12.16 -1.88
CA ARG B 1164 -39.25 -12.82 -3.19
C ARG B 1164 -40.66 -13.03 -3.69
N THR B 1165 -41.44 -12.00 -4.00
CA THR B 1165 -42.82 -12.37 -4.39
C THR B 1165 -42.93 -13.11 -5.68
N ASP B 1166 -41.90 -13.09 -6.51
CA ASP B 1166 -41.97 -13.90 -7.71
C ASP B 1166 -42.42 -15.32 -7.36
N LEU B 1167 -42.05 -15.84 -6.21
CA LEU B 1167 -42.60 -17.17 -5.82
C LEU B 1167 -44.11 -17.27 -5.45
N LEU B 1168 -44.97 -16.25 -5.60
CA LEU B 1168 -46.39 -16.42 -5.27
C LEU B 1168 -47.38 -16.00 -6.31
N HIS B 1169 -48.17 -16.91 -6.83
CA HIS B 1169 -49.13 -16.52 -7.84
C HIS B 1169 -50.54 -16.48 -7.32
N GLN B 1170 -51.40 -15.64 -7.86
CA GLN B 1170 -52.71 -15.56 -7.23
C GLN B 1170 -53.69 -16.33 -7.99
N VAL B 1171 -54.11 -17.45 -7.43
CA VAL B 1171 -55.20 -18.15 -8.07
C VAL B 1171 -56.61 -17.83 -7.63
N SER B 1172 -56.93 -17.28 -6.43
CA SER B 1172 -58.28 -16.91 -5.97
C SER B 1172 -59.48 -17.59 -6.63
N ARG B 1173 -59.78 -18.86 -6.31
CA ARG B 1173 -60.91 -19.38 -7.01
C ARG B 1173 -61.83 -19.88 -5.97
N GLY B 1174 -63.11 -20.02 -6.32
CA GLY B 1174 -64.13 -20.49 -5.41
C GLY B 1174 -65.37 -20.60 -6.23
N ALA B 1175 -66.54 -20.71 -5.58
CA ALA B 1175 -67.72 -20.80 -6.39
C ALA B 1175 -68.54 -19.56 -6.22
N GLU B 1176 -68.61 -18.75 -7.30
CA GLU B 1176 -69.39 -17.56 -7.45
C GLU B 1176 -69.31 -17.21 -8.90
N HIS B 1177 -69.82 -16.00 -9.21
CA HIS B 1177 -69.82 -15.31 -10.47
C HIS B 1177 -68.46 -14.71 -10.60
N LEU B 1178 -67.96 -14.47 -11.84
CA LEU B 1178 -66.65 -13.87 -11.94
C LEU B 1178 -66.73 -12.47 -11.41
N ASP B 1179 -66.23 -12.29 -10.17
CA ASP B 1179 -66.14 -11.02 -9.52
C ASP B 1179 -64.80 -11.07 -8.86
N ASP B 1180 -63.76 -10.62 -9.58
CA ASP B 1180 -62.43 -10.97 -9.05
C ASP B 1180 -61.60 -9.86 -8.44
N LEU B 1181 -60.58 -10.25 -7.68
CA LEU B 1181 -59.75 -9.25 -7.04
C LEU B 1181 -58.43 -9.20 -7.80
N ASP B 1182 -57.72 -8.09 -7.59
CA ASP B 1182 -56.44 -7.81 -8.26
C ASP B 1182 -55.41 -7.88 -7.17
N LEU B 1183 -54.70 -8.99 -7.07
CA LEU B 1183 -53.75 -9.05 -5.95
C LEU B 1183 -52.39 -8.63 -6.36
N ASN B 1184 -52.35 -7.90 -7.46
CA ASN B 1184 -51.10 -7.55 -8.08
C ASN B 1184 -50.32 -6.54 -7.28
N PRO B 1185 -50.94 -5.38 -7.12
CA PRO B 1185 -50.37 -4.31 -6.30
C PRO B 1185 -49.75 -4.92 -5.06
N ARG B 1186 -50.17 -6.11 -4.61
CA ARG B 1186 -49.55 -6.72 -3.44
C ARG B 1186 -48.33 -7.44 -3.91
N LEU B 1187 -48.42 -8.02 -5.09
CA LEU B 1187 -47.31 -8.84 -5.52
C LEU B 1187 -46.17 -8.19 -6.28
N ALA B 1188 -46.34 -6.93 -6.66
CA ALA B 1188 -45.34 -6.32 -7.54
C ALA B 1188 -44.00 -6.07 -6.87
N GLN B 1189 -42.96 -6.15 -7.68
CA GLN B 1189 -41.59 -5.82 -7.22
C GLN B 1189 -41.29 -4.43 -7.65
N VAL B 1190 -40.46 -3.74 -6.89
CA VAL B 1190 -40.14 -2.35 -7.17
C VAL B 1190 -38.99 -2.25 -8.19
N ASP B 1191 -37.87 -2.87 -7.88
CA ASP B 1191 -36.79 -2.90 -8.83
C ASP B 1191 -36.61 -4.39 -9.08
N PRO B 1192 -37.45 -5.01 -9.92
CA PRO B 1192 -37.35 -6.46 -10.23
C PRO B 1192 -36.02 -6.82 -10.81
N GLY B 1193 -35.66 -8.10 -10.77
CA GLY B 1193 -34.44 -8.55 -11.42
C GLY B 1193 -33.17 -8.32 -10.62
N GLU B 1194 -32.00 -8.89 -11.02
CA GLU B 1194 -30.92 -9.11 -10.06
C GLU B 1194 -30.58 -8.06 -9.05
N ASN B 1195 -30.73 -8.54 -7.80
CA ASN B 1195 -30.49 -7.87 -6.57
C ASN B 1195 -29.03 -7.76 -6.37
N ALA B 1196 -28.62 -6.76 -5.56
CA ALA B 1196 -27.26 -6.58 -5.14
C ALA B 1196 -27.15 -7.41 -3.90
N ARG B 1197 -25.92 -7.75 -3.47
CA ARG B 1197 -25.90 -8.53 -2.26
C ARG B 1197 -25.46 -7.61 -1.17
N TYR B 1198 -26.16 -7.71 -0.03
CA TYR B 1198 -25.87 -6.93 1.14
C TYR B 1198 -25.30 -7.89 2.10
N CYS B 1199 -24.34 -7.41 2.92
CA CYS B 1199 -23.79 -8.17 4.00
C CYS B 1199 -24.69 -7.88 5.16
N THR B 1200 -24.56 -8.63 6.27
CA THR B 1200 -25.44 -8.43 7.39
C THR B 1200 -25.21 -7.05 7.95
N LEU B 1201 -26.26 -6.19 7.90
CA LEU B 1201 -26.12 -4.86 8.46
C LEU B 1201 -26.21 -5.06 9.94
N GLN B 1202 -25.41 -4.35 10.76
CA GLN B 1202 -25.52 -4.73 12.13
C GLN B 1202 -25.83 -3.58 13.03
N GLY B 1203 -26.28 -3.98 14.22
CA GLY B 1203 -26.53 -3.22 15.44
C GLY B 1203 -27.79 -2.38 15.33
N ARG B 1204 -27.78 -1.14 15.81
CA ARG B 1204 -28.99 -0.34 15.73
C ARG B 1204 -28.77 1.04 15.09
N ASN B 1205 -29.75 1.59 14.42
CA ASN B 1205 -29.50 2.88 13.85
C ASN B 1205 -29.09 3.76 15.04
N GLU B 1206 -27.80 4.09 15.09
CA GLU B 1206 -27.27 4.91 16.15
C GLU B 1206 -27.67 6.38 16.11
N VAL B 1207 -27.41 7.12 17.19
CA VAL B 1207 -27.85 8.51 17.30
C VAL B 1207 -26.84 9.42 18.00
N PRO B 1208 -26.95 10.71 17.73
CA PRO B 1208 -26.02 11.72 18.22
C PRO B 1208 -25.97 11.95 19.74
N ASP B 1209 -24.77 12.14 20.31
CA ASP B 1209 -24.65 12.44 21.73
C ASP B 1209 -25.28 13.77 22.01
N THR B 1210 -25.52 14.04 23.28
CA THR B 1210 -25.97 15.34 23.75
C THR B 1210 -25.04 15.70 24.90
N LEU B 1211 -25.53 16.63 25.71
CA LEU B 1211 -24.74 17.11 26.79
C LEU B 1211 -24.36 15.94 27.62
N ASP B 1212 -25.19 14.90 27.61
CA ASP B 1212 -24.90 13.83 28.52
C ASP B 1212 -23.58 13.15 28.29
N ALA B 1213 -23.03 13.32 27.11
CA ALA B 1213 -21.78 12.66 26.86
C ALA B 1213 -20.61 13.40 27.49
N ARG B 1214 -20.88 14.49 28.18
CA ARG B 1214 -19.78 15.21 28.81
C ARG B 1214 -20.03 15.10 30.30
N ILE B 1215 -21.30 15.16 30.67
CA ILE B 1215 -21.62 15.01 32.07
C ILE B 1215 -21.09 13.66 32.50
N VAL B 1216 -21.28 12.67 31.68
CA VAL B 1216 -20.84 11.40 32.13
C VAL B 1216 -19.34 11.36 32.27
N ALA B 1217 -18.67 12.14 31.44
CA ALA B 1217 -17.23 12.14 31.39
C ALA B 1217 -16.84 12.96 32.53
N ASP B 1218 -17.53 14.06 32.73
CA ASP B 1218 -17.18 14.88 33.83
C ASP B 1218 -17.54 14.22 35.14
N ALA B 1219 -18.15 13.05 35.08
CA ALA B 1219 -18.60 12.37 36.27
C ALA B 1219 -17.88 11.11 36.67
N ARG B 1220 -16.65 10.93 36.26
CA ARG B 1220 -15.97 9.69 36.59
C ARG B 1220 -16.08 9.36 38.07
N PRO B 1221 -15.73 10.33 38.89
CA PRO B 1221 -15.73 10.13 40.34
C PRO B 1221 -17.06 9.54 40.83
N LEU B 1222 -18.17 10.03 40.34
CA LEU B 1222 -19.46 9.47 40.68
C LEU B 1222 -19.43 8.01 40.47
N PHE B 1223 -19.24 7.57 39.25
CA PHE B 1223 -19.28 6.14 38.98
C PHE B 1223 -18.12 5.35 39.47
N GLU B 1224 -17.01 6.00 39.75
CA GLU B 1224 -15.86 5.23 40.11
C GLU B 1224 -15.67 5.19 41.60
N GLU B 1225 -15.96 6.29 42.27
CA GLU B 1225 -15.71 6.42 43.67
C GLU B 1225 -16.94 6.70 44.49
N GLY B 1226 -18.05 6.99 43.83
CA GLY B 1226 -19.25 7.35 44.54
C GLY B 1226 -19.34 8.82 44.90
N GLU B 1227 -18.37 9.65 44.55
CA GLU B 1227 -18.45 11.03 44.99
C GLU B 1227 -19.74 11.72 44.66
N LYS B 1228 -19.95 12.90 45.20
CA LYS B 1228 -21.14 13.65 44.94
C LYS B 1228 -20.63 14.89 44.18
N MET B 1229 -21.28 15.30 43.10
CA MET B 1229 -20.73 16.38 42.30
C MET B 1229 -21.66 17.49 41.86
N GLN B 1230 -21.12 18.65 41.51
CA GLN B 1230 -21.92 19.73 40.99
C GLN B 1230 -21.31 20.09 39.66
N LEU B 1231 -22.05 19.95 38.57
CA LEU B 1231 -21.56 20.32 37.26
C LEU B 1231 -22.33 21.51 36.73
N ALA B 1232 -21.66 22.35 35.96
CA ALA B 1232 -22.31 23.54 35.38
C ALA B 1232 -22.10 23.56 33.90
N TYR B 1233 -23.15 23.85 33.15
CA TYR B 1233 -23.00 23.84 31.72
C TYR B 1233 -24.02 24.80 31.16
N ASN B 1234 -23.90 25.18 29.89
CA ASN B 1234 -24.92 26.06 29.30
C ASN B 1234 -25.86 25.16 28.59
N ALA B 1235 -26.99 25.63 28.14
CA ALA B 1235 -27.83 24.68 27.44
C ALA B 1235 -28.59 25.42 26.39
N ARG B 1236 -28.83 24.75 25.29
CA ARG B 1236 -29.48 25.41 24.20
C ARG B 1236 -30.71 24.66 23.77
N ASN B 1237 -31.62 25.35 23.09
CA ASN B 1237 -32.83 24.62 22.67
C ASN B 1237 -32.49 23.54 21.76
N THR B 1238 -31.24 23.40 21.44
CA THR B 1238 -30.89 22.48 20.41
C THR B 1238 -30.45 21.19 21.05
N GLN B 1239 -30.24 21.21 22.35
CA GLN B 1239 -29.77 20.01 23.01
C GLN B 1239 -30.97 19.34 23.69
N ARG B 1240 -31.14 18.06 23.44
CA ARG B 1240 -32.34 17.39 23.81
C ARG B 1240 -32.11 16.26 24.77
N ALA B 1241 -33.12 15.97 25.58
CA ALA B 1241 -33.00 14.88 26.50
C ALA B 1241 -31.81 15.00 27.46
N ILE B 1242 -31.45 16.21 27.87
CA ILE B 1242 -30.31 16.36 28.77
C ILE B 1242 -30.56 15.58 30.03
N GLY B 1243 -29.65 14.71 30.46
CA GLY B 1243 -29.87 13.96 31.69
C GLY B 1243 -30.27 12.53 31.45
N THR B 1244 -31.03 12.32 30.42
CA THR B 1244 -31.44 10.96 30.20
C THR B 1244 -30.30 9.95 30.11
N ARG B 1245 -29.26 10.16 29.33
CA ARG B 1245 -28.26 9.11 29.46
C ARG B 1245 -27.62 9.09 30.86
N LEU B 1246 -27.56 10.22 31.54
CA LEU B 1246 -26.96 10.21 32.85
C LEU B 1246 -27.73 9.15 33.60
N SER B 1247 -29.05 9.32 33.63
CA SER B 1247 -29.99 8.44 34.30
C SER B 1247 -29.77 7.00 33.99
N SER B 1248 -29.62 6.70 32.72
CA SER B 1248 -29.37 5.32 32.42
C SER B 1248 -28.19 4.83 33.20
N MET B 1249 -27.09 5.57 33.16
CA MET B 1249 -25.92 5.11 33.86
C MET B 1249 -26.13 5.00 35.34
N VAL B 1250 -26.84 5.96 35.89
CA VAL B 1250 -27.08 5.92 37.32
C VAL B 1250 -27.92 4.72 37.69
N THR B 1251 -29.08 4.61 37.09
CA THR B 1251 -29.90 3.44 37.28
C THR B 1251 -29.08 2.17 37.17
N ARG B 1252 -28.42 1.93 36.07
CA ARG B 1252 -27.64 0.70 36.02
C ARG B 1252 -26.66 0.38 37.13
N LYS B 1253 -26.01 1.37 37.74
CA LYS B 1253 -24.98 1.13 38.73
C LYS B 1253 -25.42 1.30 40.17
N PHE B 1254 -26.50 2.02 40.41
CA PHE B 1254 -26.99 2.23 41.74
C PHE B 1254 -28.47 1.93 41.79
N GLY B 1255 -29.13 1.70 40.65
CA GLY B 1255 -30.57 1.52 40.63
C GLY B 1255 -31.32 2.82 40.75
N MET B 1256 -32.60 2.85 40.44
CA MET B 1256 -33.31 4.12 40.53
C MET B 1256 -33.26 4.77 41.88
N PHE B 1257 -33.14 3.96 42.94
CA PHE B 1257 -33.14 4.60 44.22
C PHE B 1257 -31.93 4.54 45.11
N GLY B 1258 -30.79 4.16 44.59
CA GLY B 1258 -29.63 4.10 45.43
C GLY B 1258 -28.94 5.38 45.76
N LEU B 1259 -29.20 6.50 45.11
CA LEU B 1259 -28.35 7.62 45.42
C LEU B 1259 -29.21 8.63 46.14
N GLN B 1260 -28.70 9.26 47.19
CA GLN B 1260 -29.57 10.23 47.84
C GLN B 1260 -29.86 11.44 46.96
N PRO B 1261 -31.08 11.88 47.00
CA PRO B 1261 -31.44 13.10 46.27
C PRO B 1261 -30.33 14.12 46.20
N GLY B 1262 -30.01 14.53 44.96
CA GLY B 1262 -29.07 15.61 44.68
C GLY B 1262 -27.62 15.21 44.61
N HIS B 1263 -27.35 13.91 44.63
CA HIS B 1263 -26.01 13.44 44.60
C HIS B 1263 -25.19 13.92 43.40
N ILE B 1264 -25.79 14.12 42.23
CA ILE B 1264 -25.11 14.67 41.05
C ILE B 1264 -26.01 15.83 40.64
N THR B 1265 -25.51 17.03 40.70
CA THR B 1265 -26.37 18.13 40.36
C THR B 1265 -25.70 18.92 39.26
N ILE B 1266 -26.46 19.23 38.23
CA ILE B 1266 -25.90 19.88 37.08
C ILE B 1266 -26.63 21.19 36.83
N ARG B 1267 -26.04 22.36 37.13
CA ARG B 1267 -26.66 23.65 36.86
C ARG B 1267 -26.51 23.96 35.38
N LEU B 1268 -27.54 24.48 34.75
CA LEU B 1268 -27.45 24.80 33.32
C LEU B 1268 -28.04 26.18 32.99
N ARG B 1269 -27.30 27.21 32.56
CA ARG B 1269 -27.98 28.40 32.08
C ARG B 1269 -28.45 28.21 30.66
N GLY B 1270 -29.61 28.79 30.33
CA GLY B 1270 -30.03 28.76 28.97
C GLY B 1270 -31.39 28.25 28.62
N THR B 1271 -31.47 27.40 27.64
CA THR B 1271 -32.75 26.87 27.35
C THR B 1271 -32.56 25.42 27.13
N ALA B 1272 -33.43 24.62 27.74
CA ALA B 1272 -33.35 23.20 27.56
C ALA B 1272 -34.18 22.82 26.36
N GLY B 1273 -33.64 21.95 25.56
CA GLY B 1273 -34.44 21.54 24.43
C GLY B 1273 -35.41 20.50 24.91
N GLN B 1274 -36.17 19.86 24.03
CA GLN B 1274 -37.19 18.91 24.41
C GLN B 1274 -36.73 17.74 25.27
N SER B 1275 -37.60 17.28 26.18
CA SER B 1275 -37.32 16.14 27.02
C SER B 1275 -36.26 16.37 28.06
N LEU B 1276 -36.27 17.52 28.68
CA LEU B 1276 -35.31 17.80 29.73
C LEU B 1276 -35.53 16.87 30.87
N GLY B 1277 -34.54 16.13 31.29
CA GLY B 1277 -34.73 15.32 32.48
C GLY B 1277 -35.52 14.06 32.24
N ALA B 1278 -35.94 13.83 31.03
CA ALA B 1278 -36.63 12.58 30.74
C ALA B 1278 -36.10 11.34 31.41
N PHE B 1279 -36.91 10.69 32.24
CA PHE B 1279 -36.51 9.43 32.84
C PHE B 1279 -35.40 9.52 33.85
N ALA B 1280 -35.35 10.65 34.52
CA ALA B 1280 -34.29 10.85 35.48
C ALA B 1280 -34.64 10.14 36.75
N VAL B 1281 -33.72 9.37 37.26
CA VAL B 1281 -33.93 8.66 38.49
C VAL B 1281 -33.36 9.53 39.60
N GLN B 1282 -33.43 9.03 40.82
CA GLN B 1282 -33.07 9.77 41.98
C GLN B 1282 -31.59 9.94 42.14
N GLY B 1283 -31.15 11.05 42.70
CA GLY B 1283 -29.72 11.29 42.79
C GLY B 1283 -29.31 12.44 41.87
N ILE B 1284 -30.06 12.57 40.78
CA ILE B 1284 -29.89 13.57 39.76
C ILE B 1284 -30.76 14.76 40.03
N LYS B 1285 -30.19 15.96 39.88
CA LYS B 1285 -30.94 17.19 40.05
C LYS B 1285 -30.51 18.05 38.90
N LEU B 1286 -31.48 18.65 38.23
CA LEU B 1286 -31.17 19.57 37.17
C LEU B 1286 -31.71 20.96 37.45
N GLU B 1287 -30.84 21.97 37.68
CA GLU B 1287 -31.35 23.34 37.81
C GLU B 1287 -31.19 23.98 36.43
N VAL B 1288 -32.30 24.37 35.83
CA VAL B 1288 -32.21 25.11 34.65
C VAL B 1288 -32.54 26.53 35.02
N MET B 1289 -31.55 27.42 34.90
CA MET B 1289 -31.74 28.85 35.07
C MET B 1289 -31.98 29.38 33.68
N GLY B 1290 -33.17 29.86 33.38
CA GLY B 1290 -33.51 30.31 32.04
C GLY B 1290 -34.90 29.83 31.66
N ASP B 1291 -35.00 28.77 30.87
CA ASP B 1291 -36.30 28.20 30.60
C ASP B 1291 -36.24 26.90 29.82
N ALA B 1292 -37.39 26.31 29.52
CA ALA B 1292 -37.29 25.00 28.91
C ALA B 1292 -38.45 24.75 28.04
N ASN B 1293 -38.33 23.75 27.19
CA ASN B 1293 -39.29 23.41 26.16
C ASN B 1293 -40.38 22.42 26.46
N ASP B 1294 -40.71 21.44 25.65
CA ASP B 1294 -41.82 20.58 26.01
C ASP B 1294 -41.26 19.34 26.65
N TYR B 1295 -42.12 18.60 27.36
CA TYR B 1295 -41.77 17.37 28.01
C TYR B 1295 -40.78 17.42 29.11
N VAL B 1296 -40.69 18.53 29.85
CA VAL B 1296 -39.76 18.54 30.97
C VAL B 1296 -40.22 17.36 31.83
N GLY B 1297 -39.29 16.57 32.29
CA GLY B 1297 -39.69 15.53 33.20
C GLY B 1297 -40.53 14.43 32.65
N LYS B 1298 -40.61 14.30 31.35
CA LYS B 1298 -41.34 13.22 30.73
C LYS B 1298 -40.87 11.95 31.40
N GLY B 1299 -41.80 11.15 31.87
CA GLY B 1299 -41.41 9.94 32.55
C GLY B 1299 -40.55 10.09 33.79
N LEU B 1300 -40.61 11.19 34.54
CA LEU B 1300 -39.73 11.42 35.69
C LEU B 1300 -39.63 10.17 36.55
N SER B 1301 -38.47 9.82 37.03
CA SER B 1301 -38.44 8.54 37.71
C SER B 1301 -37.65 8.60 39.01
N GLY B 1302 -37.91 9.62 39.80
CA GLY B 1302 -37.21 9.72 41.06
C GLY B 1302 -36.21 10.83 41.04
N GLY B 1303 -36.06 11.51 39.90
CA GLY B 1303 -35.09 12.57 39.81
C GLY B 1303 -35.80 13.88 40.11
N THR B 1304 -35.03 14.95 40.27
CA THR B 1304 -35.59 16.26 40.56
C THR B 1304 -35.11 17.23 39.51
N ILE B 1305 -36.04 18.02 39.00
CA ILE B 1305 -35.80 19.03 38.00
C ILE B 1305 -36.33 20.35 38.54
N VAL B 1306 -35.58 21.44 38.36
CA VAL B 1306 -36.00 22.78 38.81
C VAL B 1306 -35.78 23.73 37.65
N VAL B 1307 -36.69 24.68 37.43
CA VAL B 1307 -36.57 25.64 36.37
C VAL B 1307 -37.04 26.99 36.87
N ARG B 1308 -36.18 27.99 36.85
CA ARG B 1308 -36.52 29.32 37.33
C ARG B 1308 -35.84 30.35 36.47
N PRO B 1309 -36.41 31.54 36.36
CA PRO B 1309 -35.82 32.61 35.56
C PRO B 1309 -34.48 32.99 36.07
N THR B 1310 -33.77 33.84 35.32
CA THR B 1310 -32.47 34.37 35.72
C THR B 1310 -32.74 35.42 36.77
N THR B 1311 -31.80 35.46 37.69
CA THR B 1311 -31.70 36.29 38.85
C THR B 1311 -31.68 37.71 38.31
N SER B 1312 -31.43 37.88 37.02
CA SER B 1312 -31.34 39.20 36.45
C SER B 1312 -32.52 39.52 35.57
N SER B 1313 -33.48 38.61 35.49
CA SER B 1313 -34.61 38.83 34.62
C SER B 1313 -35.56 39.69 35.33
N PRO B 1314 -36.15 40.66 34.68
CA PRO B 1314 -37.12 41.52 35.32
C PRO B 1314 -38.49 40.91 35.27
N LEU B 1315 -38.62 39.69 34.80
CA LEU B 1315 -39.96 39.13 34.63
C LEU B 1315 -40.63 38.82 35.92
N GLU B 1316 -41.95 38.91 35.96
CA GLU B 1316 -42.74 38.51 37.13
C GLU B 1316 -43.02 37.03 37.01
N THR B 1317 -42.31 36.28 37.80
CA THR B 1317 -42.43 34.87 37.74
C THR B 1317 -43.73 34.31 37.24
N ASN B 1318 -44.79 34.65 37.91
CA ASN B 1318 -46.00 33.94 37.64
C ASN B 1318 -46.85 34.48 36.55
N LYS B 1319 -46.34 35.47 35.83
CA LYS B 1319 -47.10 35.98 34.72
C LYS B 1319 -46.44 35.59 33.44
N ASN B 1320 -45.48 34.68 33.43
CA ASN B 1320 -44.89 34.30 32.17
C ASN B 1320 -44.73 32.83 32.08
N THR B 1321 -44.63 32.27 30.88
CA THR B 1321 -44.48 30.86 30.66
C THR B 1321 -43.04 30.51 30.91
N ILE B 1322 -42.74 29.26 31.26
CA ILE B 1322 -41.34 28.92 31.43
C ILE B 1322 -41.04 27.50 30.99
N ILE B 1323 -42.08 26.66 30.99
CA ILE B 1323 -41.90 25.30 30.51
C ILE B 1323 -43.05 25.02 29.61
N GLY B 1324 -42.84 24.01 28.78
CA GLY B 1324 -43.73 23.70 27.69
C GLY B 1324 -44.97 22.91 27.93
N ASN B 1325 -45.12 21.84 27.15
CA ASN B 1325 -46.29 20.99 27.08
C ASN B 1325 -46.08 19.53 27.37
N THR B 1326 -47.10 18.87 27.86
CA THR B 1326 -46.91 17.48 28.21
C THR B 1326 -45.80 17.34 29.22
N VAL B 1327 -45.63 18.33 30.08
CA VAL B 1327 -44.65 18.19 31.14
C VAL B 1327 -44.99 17.02 32.06
N LEU B 1328 -44.00 16.28 32.53
CA LEU B 1328 -44.17 15.14 33.46
C LEU B 1328 -45.07 14.07 32.95
N TYR B 1329 -45.21 13.88 31.67
CA TYR B 1329 -46.09 12.88 31.12
C TYR B 1329 -45.72 11.48 31.50
N GLY B 1330 -46.48 10.89 32.39
CA GLY B 1330 -46.30 9.50 32.73
C GLY B 1330 -45.31 9.29 33.84
N ALA B 1331 -44.91 10.38 34.45
CA ALA B 1331 -43.99 10.25 35.55
C ALA B 1331 -44.43 9.26 36.63
N THR B 1332 -43.51 8.73 37.40
CA THR B 1332 -43.87 7.84 38.48
C THR B 1332 -43.24 8.29 39.80
N ALA B 1333 -42.25 9.17 39.76
CA ALA B 1333 -41.59 9.59 41.01
C ALA B 1333 -40.66 10.74 40.76
N GLY B 1334 -40.42 11.52 41.77
CA GLY B 1334 -39.50 12.59 41.70
C GLY B 1334 -40.34 13.80 41.92
N LYS B 1335 -39.62 14.90 42.09
CA LYS B 1335 -40.11 16.25 42.21
C LYS B 1335 -39.76 17.10 40.95
N LEU B 1336 -40.54 18.15 40.66
CA LEU B 1336 -40.30 19.13 39.63
C LEU B 1336 -40.80 20.46 40.17
N PHE B 1337 -39.98 21.50 40.14
CA PHE B 1337 -40.37 22.80 40.65
C PHE B 1337 -40.17 23.84 39.56
N ALA B 1338 -41.18 24.62 39.25
CA ALA B 1338 -40.97 25.65 38.23
C ALA B 1338 -41.55 27.06 38.47
N ALA B 1339 -40.66 28.02 38.66
CA ALA B 1339 -41.10 29.36 38.89
C ALA B 1339 -41.82 29.99 37.68
N GLY B 1340 -42.93 29.41 37.23
CA GLY B 1340 -43.56 30.09 36.10
C GLY B 1340 -44.66 29.20 35.61
N GLN B 1341 -45.35 29.57 34.54
CA GLN B 1341 -46.45 28.79 34.01
C GLN B 1341 -46.03 27.69 33.06
N ALA B 1342 -46.82 26.65 33.00
CA ALA B 1342 -46.52 25.56 32.11
C ALA B 1342 -47.55 25.70 31.07
N GLY B 1343 -47.47 24.94 30.02
CA GLY B 1343 -48.41 25.14 28.98
C GLY B 1343 -49.37 24.00 28.99
N GLU B 1344 -49.76 23.49 27.85
CA GLU B 1344 -50.78 22.53 27.67
C GLU B 1344 -50.48 21.13 28.19
N ARG B 1345 -51.54 20.41 28.57
CA ARG B 1345 -51.47 19.10 29.16
C ARG B 1345 -50.37 18.91 30.16
N PHE B 1346 -50.36 19.73 31.20
CA PHE B 1346 -49.36 19.65 32.22
C PHE B 1346 -49.66 18.49 33.11
N ALA B 1347 -48.69 17.65 33.43
CA ALA B 1347 -48.93 16.58 34.40
C ALA B 1347 -49.83 15.51 33.83
N VAL B 1348 -50.09 15.61 32.55
CA VAL B 1348 -50.86 14.58 31.92
C VAL B 1348 -50.27 13.27 32.35
N ARG B 1349 -51.15 12.34 32.68
CA ARG B 1349 -50.74 11.04 33.11
C ARG B 1349 -49.75 10.97 34.26
N ASN B 1350 -49.63 12.00 35.06
CA ASN B 1350 -48.69 11.90 36.17
C ASN B 1350 -48.94 10.70 37.07
N SER B 1351 -48.03 9.77 37.16
CA SER B 1351 -48.41 8.75 38.12
C SER B 1351 -47.71 8.79 39.45
N GLY B 1352 -47.32 9.93 39.95
CA GLY B 1352 -46.58 9.81 41.16
C GLY B 1352 -45.46 10.79 41.37
N ALA B 1353 -45.47 11.91 40.68
CA ALA B 1353 -44.43 12.88 40.86
C ALA B 1353 -45.05 13.97 41.67
N THR B 1354 -44.27 14.80 42.31
CA THR B 1354 -44.84 15.88 43.10
C THR B 1354 -44.31 17.05 42.35
N VAL B 1355 -45.12 18.08 42.13
CA VAL B 1355 -44.71 19.23 41.36
C VAL B 1355 -45.35 20.51 41.84
N VAL B 1356 -44.65 21.62 41.73
CA VAL B 1356 -45.19 22.91 42.05
C VAL B 1356 -44.87 23.71 40.81
N VAL B 1357 -45.79 24.55 40.40
CA VAL B 1357 -45.70 25.29 39.16
C VAL B 1357 -46.51 26.58 39.38
N GLU B 1358 -46.29 27.66 38.64
CA GLU B 1358 -47.04 28.87 38.92
C GLU B 1358 -48.21 29.19 38.02
N GLY B 1359 -48.70 28.19 37.34
CA GLY B 1359 -49.85 28.42 36.48
C GLY B 1359 -49.83 27.29 35.48
N CYS B 1360 -50.72 27.26 34.52
CA CYS B 1360 -50.66 26.17 33.59
C CYS B 1360 -51.70 26.23 32.50
N GLY B 1361 -51.38 25.67 31.35
CA GLY B 1361 -52.29 25.68 30.22
C GLY B 1361 -53.58 24.94 30.44
N SER B 1362 -54.26 24.55 29.38
CA SER B 1362 -55.47 23.82 29.53
C SER B 1362 -55.13 22.34 29.65
N ASN B 1363 -56.16 21.51 29.88
CA ASN B 1363 -56.01 20.09 30.06
C ASN B 1363 -55.06 19.68 31.14
N GLY B 1364 -55.11 20.35 32.28
CA GLY B 1364 -54.19 20.03 33.35
C GLY B 1364 -54.44 18.78 34.16
N CYS B 1365 -53.39 18.18 34.69
CA CYS B 1365 -53.53 16.99 35.53
C CYS B 1365 -54.44 15.91 34.90
N GLU B 1366 -54.61 15.91 33.60
CA GLU B 1366 -55.50 14.95 32.97
C GLU B 1366 -54.96 13.53 33.04
N TYR B 1367 -55.88 12.58 33.22
CA TYR B 1367 -55.55 11.18 33.49
C TYR B 1367 -54.51 10.97 34.59
N MET B 1368 -54.47 11.82 35.61
CA MET B 1368 -53.46 11.63 36.62
C MET B 1368 -53.89 10.48 37.51
N THR B 1369 -52.94 9.68 37.97
CA THR B 1369 -53.25 8.51 38.76
C THR B 1369 -52.41 8.47 40.01
N GLY B 1370 -51.78 9.58 40.39
CA GLY B 1370 -50.96 9.62 41.57
C GLY B 1370 -50.03 10.81 41.59
N GLY B 1371 -49.43 11.06 42.71
CA GLY B 1371 -48.53 12.17 42.85
C GLY B 1371 -49.38 13.26 43.37
N THR B 1372 -48.77 14.40 43.54
CA THR B 1372 -49.39 15.62 44.00
C THR B 1372 -48.93 16.69 43.03
N ALA B 1373 -49.81 17.65 42.83
CA ALA B 1373 -49.62 18.77 41.95
C ALA B 1373 -50.12 20.03 42.56
N VAL B 1374 -49.26 20.86 43.12
CA VAL B 1374 -49.70 22.19 43.56
C VAL B 1374 -49.62 23.16 42.36
N ILE B 1375 -50.48 24.18 42.32
CA ILE B 1375 -50.49 25.09 41.18
C ILE B 1375 -50.71 26.54 41.55
N LEU B 1376 -49.63 27.28 41.59
CA LEU B 1376 -49.72 28.64 42.04
C LEU B 1376 -50.45 29.63 41.17
N GLY B 1377 -51.53 29.25 40.52
CA GLY B 1377 -52.21 30.27 39.76
C GLY B 1377 -53.28 29.76 38.82
N ARG B 1378 -53.75 30.61 37.91
CA ARG B 1378 -54.84 30.30 37.00
C ARG B 1378 -54.61 29.00 36.31
N VAL B 1379 -55.66 28.30 36.01
CA VAL B 1379 -55.54 27.00 35.39
C VAL B 1379 -56.43 27.05 34.17
N GLY B 1380 -56.13 26.33 33.12
CA GLY B 1380 -57.06 26.48 32.03
C GLY B 1380 -58.05 25.35 31.96
N ASP B 1381 -58.94 25.48 31.01
CA ASP B 1381 -59.95 24.50 30.75
C ASP B 1381 -59.75 23.05 30.96
N ASN B 1382 -60.86 22.38 31.26
CA ASN B 1382 -60.85 20.96 31.42
C ASN B 1382 -59.81 20.47 32.40
N PHE B 1383 -59.69 21.13 33.54
CA PHE B 1383 -58.67 20.75 34.46
C PHE B 1383 -59.04 19.46 35.12
N ALA B 1384 -58.09 18.59 35.31
CA ALA B 1384 -58.43 17.41 36.10
C ALA B 1384 -59.25 16.37 35.39
N ALA B 1385 -59.73 16.66 34.19
CA ALA B 1385 -60.40 15.62 33.46
C ALA B 1385 -59.78 14.25 33.51
N GLY B 1386 -60.46 13.32 34.14
CA GLY B 1386 -60.08 11.94 34.00
C GLY B 1386 -59.08 11.59 35.03
N MET B 1387 -58.88 12.57 35.93
CA MET B 1387 -57.95 12.42 37.05
C MET B 1387 -58.56 11.56 38.10
N THR B 1388 -58.21 10.26 38.08
CA THR B 1388 -58.63 9.23 39.00
C THR B 1388 -57.76 9.06 40.24
N GLY B 1389 -56.80 9.94 40.46
CA GLY B 1389 -56.02 9.76 41.66
C GLY B 1389 -54.65 10.34 41.86
N GLY B 1390 -54.58 11.31 42.74
CA GLY B 1390 -53.32 11.85 43.19
C GLY B 1390 -53.98 13.02 43.84
N MET B 1391 -53.33 14.15 43.98
CA MET B 1391 -54.13 15.22 44.51
C MET B 1391 -53.60 16.49 43.93
N ALA B 1392 -54.41 17.54 43.90
CA ALA B 1392 -53.96 18.80 43.39
C ALA B 1392 -54.47 19.95 44.21
N TYR B 1393 -53.61 20.86 44.58
CA TYR B 1393 -54.07 22.03 45.27
C TYR B 1393 -53.97 23.10 44.20
N VAL B 1394 -54.68 24.20 44.33
CA VAL B 1394 -54.74 25.15 43.25
C VAL B 1394 -55.11 26.51 43.77
N TYR B 1395 -54.15 27.40 43.92
CA TYR B 1395 -54.34 28.78 44.38
C TYR B 1395 -55.20 29.54 43.43
N ASP B 1396 -56.37 29.99 43.88
CA ASP B 1396 -57.29 30.62 42.97
C ASP B 1396 -57.83 31.96 43.40
N LEU B 1397 -57.07 33.02 43.20
CA LEU B 1397 -57.52 34.34 43.54
C LEU B 1397 -58.87 34.84 43.07
N ASP B 1398 -59.55 34.21 42.14
CA ASP B 1398 -60.79 34.80 41.71
C ASP B 1398 -61.93 33.84 41.74
N ASP B 1399 -61.73 32.69 42.32
CA ASP B 1399 -62.83 31.76 42.41
C ASP B 1399 -63.38 31.52 41.05
N SER B 1400 -62.54 31.02 40.18
CA SER B 1400 -62.95 30.77 38.84
C SER B 1400 -62.69 29.31 38.57
N LEU B 1401 -61.94 28.70 39.48
CA LEU B 1401 -61.58 27.32 39.27
C LEU B 1401 -62.83 26.58 38.85
N PRO B 1402 -63.93 26.88 39.53
CA PRO B 1402 -65.25 26.33 39.23
C PRO B 1402 -65.67 26.39 37.78
N LEU B 1403 -65.23 27.39 37.03
CA LEU B 1403 -65.61 27.45 35.63
C LEU B 1403 -64.63 26.73 34.79
N TYR B 1404 -63.49 26.33 35.32
CA TYR B 1404 -62.55 25.70 34.45
C TYR B 1404 -62.37 24.23 34.63
N ILE B 1405 -62.95 23.71 35.70
CA ILE B 1405 -62.67 22.34 36.04
C ILE B 1405 -63.57 21.28 35.48
N ASN B 1406 -63.10 20.03 35.44
CA ASN B 1406 -63.90 18.97 34.91
C ASN B 1406 -64.36 17.93 35.96
N ASP B 1407 -65.40 18.35 36.69
CA ASP B 1407 -66.17 17.60 37.65
C ASP B 1407 -66.19 16.09 37.60
N GLU B 1408 -66.56 15.59 36.44
CA GLU B 1408 -66.78 14.20 36.34
C GLU B 1408 -66.07 13.27 37.29
N SER B 1409 -64.82 13.50 37.62
CA SER B 1409 -64.18 12.51 38.43
C SER B 1409 -63.45 13.14 39.54
N VAL B 1410 -63.89 14.26 40.04
CA VAL B 1410 -62.95 14.79 40.99
C VAL B 1410 -63.81 15.77 41.76
N ILE B 1411 -63.37 16.25 42.90
CA ILE B 1411 -64.20 17.24 43.55
C ILE B 1411 -63.23 18.28 44.00
N PHE B 1412 -63.76 19.41 44.43
CA PHE B 1412 -62.88 20.38 44.98
C PHE B 1412 -63.54 21.06 46.17
N GLN B 1413 -62.74 21.35 47.18
CA GLN B 1413 -63.28 21.87 48.41
C GLN B 1413 -62.22 22.74 48.99
N ARG B 1414 -62.56 23.62 49.93
CA ARG B 1414 -61.46 24.35 50.51
C ARG B 1414 -60.75 23.44 51.50
N ILE B 1415 -59.50 23.73 51.83
CA ILE B 1415 -58.80 22.78 52.67
C ILE B 1415 -59.49 22.89 54.00
N GLU B 1416 -59.73 21.76 54.67
CA GLU B 1416 -60.42 21.70 55.97
C GLU B 1416 -59.54 20.98 56.97
N VAL B 1417 -59.35 19.68 56.79
CA VAL B 1417 -58.40 19.00 57.64
C VAL B 1417 -57.05 19.69 57.53
N GLY B 1418 -56.27 19.76 58.59
CA GLY B 1418 -55.04 20.49 58.51
C GLY B 1418 -53.84 19.66 58.17
N HIS B 1419 -54.02 18.36 58.05
CA HIS B 1419 -52.86 17.56 57.67
C HIS B 1419 -52.63 17.89 56.23
N TYR B 1420 -53.71 18.05 55.48
CA TYR B 1420 -53.57 18.45 54.12
C TYR B 1420 -53.05 19.86 54.13
N GLU B 1421 -53.75 20.79 54.72
CA GLU B 1421 -53.21 22.12 54.79
C GLU B 1421 -51.75 22.10 55.08
N SER B 1422 -51.21 21.06 55.67
CA SER B 1422 -49.78 21.14 55.96
C SER B 1422 -48.92 20.68 54.82
N GLN B 1423 -49.37 19.64 54.15
CA GLN B 1423 -48.65 19.12 53.02
C GLN B 1423 -48.49 20.28 52.07
N LEU B 1424 -49.58 20.97 51.77
CA LEU B 1424 -49.47 22.11 50.89
C LEU B 1424 -48.33 23.03 51.32
N LYS B 1425 -48.54 23.77 52.38
CA LYS B 1425 -47.50 24.62 52.89
C LYS B 1425 -46.07 24.09 52.70
N HIS B 1426 -45.79 22.87 53.09
CA HIS B 1426 -44.44 22.37 53.01
C HIS B 1426 -43.89 22.32 51.60
N LEU B 1427 -44.68 21.85 50.64
CA LEU B 1427 -44.30 21.81 49.22
C LEU B 1427 -43.98 23.23 48.87
N ILE B 1428 -44.96 24.11 48.93
CA ILE B 1428 -44.67 25.49 48.63
C ILE B 1428 -43.42 25.99 49.26
N GLU B 1429 -43.02 25.49 50.42
CA GLU B 1429 -41.80 26.02 51.00
C GLU B 1429 -40.60 25.44 50.24
N GLU B 1430 -40.76 24.21 49.79
CA GLU B 1430 -39.71 23.57 49.01
C GLU B 1430 -39.53 24.38 47.74
N HIS B 1431 -40.66 24.60 47.07
CA HIS B 1431 -40.71 25.39 45.85
C HIS B 1431 -39.89 26.61 46.11
N VAL B 1432 -40.30 27.43 47.06
CA VAL B 1432 -39.49 28.60 47.32
C VAL B 1432 -38.02 28.24 47.41
N THR B 1433 -37.64 27.68 48.54
CA THR B 1433 -36.26 27.19 48.71
C THR B 1433 -35.49 27.03 47.38
N GLU B 1434 -35.83 26.00 46.62
CA GLU B 1434 -35.15 25.71 45.36
C GLU B 1434 -35.06 26.89 44.43
N THR B 1435 -36.27 27.20 44.00
CA THR B 1435 -36.69 28.24 43.11
C THR B 1435 -36.50 29.69 43.55
N GLN B 1436 -36.31 29.97 44.84
CA GLN B 1436 -36.10 31.36 45.25
C GLN B 1436 -37.16 32.28 44.63
N SER B 1437 -38.41 31.84 44.67
CA SER B 1437 -39.54 32.55 44.07
C SER B 1437 -40.28 33.57 44.91
N ARG B 1438 -40.22 34.85 44.57
CA ARG B 1438 -40.92 35.85 45.35
C ARG B 1438 -42.41 35.54 45.52
N PHE B 1439 -43.22 35.84 44.53
CA PHE B 1439 -44.61 35.43 44.55
C PHE B 1439 -44.90 34.27 45.47
N ALA B 1440 -44.23 33.15 45.35
CA ALA B 1440 -44.57 32.12 46.31
C ALA B 1440 -44.14 32.60 47.71
N ALA B 1441 -42.90 33.02 47.83
CA ALA B 1441 -42.42 33.52 49.10
C ALA B 1441 -43.47 34.38 49.71
N GLU B 1442 -44.22 35.14 48.93
CA GLU B 1442 -45.21 36.02 49.52
C GLU B 1442 -46.46 35.33 49.99
N ILE B 1443 -46.85 34.27 49.35
CA ILE B 1443 -48.04 33.61 49.79
C ILE B 1443 -47.74 33.06 51.14
N LEU B 1444 -46.51 32.62 51.37
CA LEU B 1444 -46.19 32.06 52.65
C LEU B 1444 -46.21 33.17 53.64
N ASN B 1445 -45.69 34.35 53.31
CA ASN B 1445 -45.75 35.45 54.26
C ASN B 1445 -47.14 35.79 54.77
N ASP B 1446 -48.16 35.34 54.08
CA ASP B 1446 -49.51 35.69 54.45
C ASP B 1446 -50.40 34.45 54.42
N TRP B 1447 -49.81 33.33 54.80
CA TRP B 1447 -50.47 32.02 54.72
C TRP B 1447 -51.91 32.10 55.16
N ALA B 1448 -52.04 32.46 56.43
CA ALA B 1448 -53.30 32.59 57.12
C ALA B 1448 -54.41 32.99 56.19
N ARG B 1449 -54.27 34.14 55.59
CA ARG B 1449 -55.33 34.63 54.74
C ARG B 1449 -55.27 33.94 53.40
N GLU B 1450 -54.08 33.54 53.02
CA GLU B 1450 -53.96 32.98 51.70
C GLU B 1450 -54.46 31.57 51.54
N VAL B 1451 -54.20 30.72 52.53
CA VAL B 1451 -54.63 29.32 52.45
C VAL B 1451 -56.07 29.23 52.05
N THR B 1452 -56.80 30.12 52.70
CA THR B 1452 -58.15 30.40 52.37
C THR B 1452 -58.46 30.43 50.89
N LYS B 1453 -57.45 30.60 50.04
CA LYS B 1453 -57.79 30.74 48.61
C LYS B 1453 -57.53 29.56 47.71
N PHE B 1454 -56.76 28.57 48.17
CA PHE B 1454 -56.54 27.40 47.39
C PHE B 1454 -57.83 26.56 47.26
N TRP B 1455 -57.72 25.38 46.67
CA TRP B 1455 -58.87 24.53 46.50
C TRP B 1455 -58.22 23.17 46.47
N GLN B 1456 -58.68 22.24 47.29
CA GLN B 1456 -58.09 20.92 47.33
C GLN B 1456 -58.90 20.20 46.28
N VAL B 1457 -58.23 19.51 45.35
CA VAL B 1457 -58.93 18.87 44.24
C VAL B 1457 -58.59 17.45 44.45
N VAL B 1458 -59.64 16.65 44.66
CA VAL B 1458 -59.53 15.25 45.11
C VAL B 1458 -60.41 14.34 44.34
N PRO B 1459 -59.76 13.32 43.81
CA PRO B 1459 -60.40 12.36 42.92
C PRO B 1459 -61.52 11.74 43.69
N LYS B 1460 -62.64 11.48 43.02
CA LYS B 1460 -63.76 10.83 43.72
C LYS B 1460 -63.35 9.49 44.28
N GLU B 1461 -62.99 8.53 43.45
CA GLU B 1461 -62.53 7.25 43.93
C GLU B 1461 -61.40 7.29 44.96
N MET B 1462 -60.92 8.43 45.39
CA MET B 1462 -59.86 8.27 46.38
C MET B 1462 -60.36 8.68 47.76
N LEU B 1463 -61.54 9.29 47.76
CA LEU B 1463 -62.18 9.88 48.93
C LEU B 1463 -62.18 8.99 50.11
N ASN B 1464 -62.64 7.77 49.87
CA ASN B 1464 -62.75 6.76 50.89
C ASN B 1464 -61.51 5.90 50.98
N ARG B 1465 -60.55 6.05 50.11
CA ARG B 1465 -59.44 5.14 50.28
C ARG B 1465 -58.41 5.88 51.08
N LEU B 1466 -58.77 7.01 51.60
CA LEU B 1466 -57.63 7.73 51.97
C LEU B 1466 -57.31 7.86 53.41
N GLU B 1467 -56.32 7.09 53.83
CA GLU B 1467 -55.87 7.15 55.21
C GLU B 1467 -56.46 8.31 55.98
N VAL B 1468 -56.00 9.54 55.79
CA VAL B 1468 -56.60 10.66 56.52
C VAL B 1468 -57.74 11.29 55.75
N PRO B 1469 -58.99 11.08 56.13
CA PRO B 1469 -60.10 11.67 55.37
C PRO B 1469 -59.83 13.10 55.07
N VAL B 1470 -60.51 13.62 54.07
CA VAL B 1470 -60.26 14.95 53.59
C VAL B 1470 -61.16 15.95 54.24
N HIS B 1471 -62.01 15.42 55.08
CA HIS B 1471 -63.08 16.17 55.71
C HIS B 1471 -63.11 16.15 57.23
N LEU B 1472 -63.74 17.14 57.85
CA LEU B 1472 -63.83 17.19 59.30
C LEU B 1472 -62.55 17.75 59.94
N CYS C 1 23.33 37.80 -5.29
CA CYS C 1 24.01 39.03 -4.73
C CYS C 1 23.64 40.35 -5.41
N GLY C 2 23.85 41.44 -4.67
CA GLY C 2 23.67 42.77 -5.23
C GLY C 2 23.92 43.89 -4.25
N VAL C 3 24.18 45.11 -4.71
CA VAL C 3 24.08 46.24 -3.79
C VAL C 3 23.22 47.08 -4.65
N GLY C 4 22.57 48.03 -3.98
CA GLY C 4 21.59 48.94 -4.59
C GLY C 4 21.50 50.11 -3.64
N PHE C 5 20.92 51.20 -4.13
CA PHE C 5 20.67 52.37 -3.26
C PHE C 5 19.65 53.17 -3.94
N ILE C 6 18.89 53.86 -3.12
CA ILE C 6 17.85 54.74 -3.62
C ILE C 6 17.89 55.99 -2.83
N ALA C 7 17.59 57.12 -3.46
CA ALA C 7 17.60 58.40 -2.73
C ALA C 7 16.67 59.40 -3.32
N ALA C 8 16.00 60.15 -2.44
CA ALA C 8 15.12 61.21 -2.94
C ALA C 8 16.02 62.41 -3.18
N ILE C 9 16.04 62.84 -4.43
CA ILE C 9 17.02 63.89 -4.72
C ILE C 9 16.69 65.10 -3.85
N ASP C 10 15.41 65.38 -3.70
CA ASP C 10 15.08 66.51 -2.83
C ASP C 10 15.35 66.47 -1.32
N GLY C 11 15.70 65.32 -0.71
CA GLY C 11 16.02 65.25 0.71
C GLY C 11 14.84 64.85 1.59
N LYS C 12 13.65 64.96 1.03
CA LYS C 12 12.47 64.75 1.80
C LYS C 12 11.97 63.32 1.77
N PRO C 13 11.82 62.79 3.00
CA PRO C 13 11.42 61.41 3.30
C PRO C 13 10.20 60.96 2.62
N ARG C 14 10.11 59.68 2.33
CA ARG C 14 8.98 59.11 1.67
C ARG C 14 8.95 57.64 1.99
N ARG C 15 7.77 57.05 1.83
CA ARG C 15 7.65 55.64 2.03
C ARG C 15 8.16 55.00 0.73
N SER C 16 7.78 55.48 -0.44
CA SER C 16 8.28 54.73 -1.62
C SER C 16 9.79 54.37 -1.61
N VAL C 17 10.61 55.25 -1.03
CA VAL C 17 12.02 54.97 -0.98
C VAL C 17 12.22 53.62 -0.30
N VAL C 18 11.50 53.33 0.77
CA VAL C 18 11.64 52.02 1.34
C VAL C 18 10.89 51.05 0.46
N GLU C 19 9.63 51.31 0.16
CA GLU C 19 9.03 50.28 -0.67
C GLU C 19 9.92 49.96 -1.89
N LYS C 20 10.58 50.95 -2.49
CA LYS C 20 11.38 50.56 -3.64
C LYS C 20 12.51 49.63 -3.17
N GLY C 21 13.22 50.07 -2.13
CA GLY C 21 14.27 49.28 -1.49
C GLY C 21 13.78 47.83 -1.36
N ILE C 22 12.65 47.58 -0.72
CA ILE C 22 12.26 46.20 -0.83
C ILE C 22 12.26 45.76 -2.31
N GLU C 23 11.33 46.36 -3.06
CA GLU C 23 11.14 45.95 -4.46
C GLU C 23 12.40 45.36 -5.10
N ALA C 24 13.52 46.09 -5.04
CA ALA C 24 14.82 45.63 -5.48
C ALA C 24 15.10 44.22 -4.94
N LEU C 25 15.44 44.19 -3.66
CA LEU C 25 15.71 42.94 -2.97
C LEU C 25 14.77 41.82 -3.43
N LYS C 26 13.70 42.13 -4.12
CA LYS C 26 12.96 40.98 -4.59
C LYS C 26 13.42 40.53 -5.95
N ALA C 27 14.36 41.25 -6.53
CA ALA C 27 14.80 40.84 -7.83
C ALA C 27 16.32 40.71 -7.91
N VAL C 28 16.88 39.75 -7.17
CA VAL C 28 18.28 39.46 -7.24
C VAL C 28 18.41 37.96 -7.03
N TRP C 29 17.32 37.27 -6.79
CA TRP C 29 17.62 35.89 -6.45
C TRP C 29 18.10 35.12 -7.59
N HIS C 30 17.73 35.53 -8.79
CA HIS C 30 18.26 34.79 -9.93
C HIS C 30 19.79 34.76 -9.82
N ARG C 31 20.45 35.52 -8.97
CA ARG C 31 21.93 35.54 -8.93
C ARG C 31 22.50 34.77 -7.76
N GLY C 32 21.78 33.81 -7.18
CA GLY C 32 22.33 33.22 -5.96
C GLY C 32 22.13 31.72 -5.87
N ALA C 33 22.66 31.12 -4.82
CA ALA C 33 22.48 29.68 -4.65
C ALA C 33 21.12 29.43 -4.00
N VAL C 34 20.26 28.77 -4.76
CA VAL C 34 18.95 28.51 -4.20
C VAL C 34 19.11 27.25 -3.40
N ASP C 35 18.53 27.16 -2.22
CA ASP C 35 18.59 25.86 -1.58
C ASP C 35 17.41 25.07 -2.00
N ALA C 36 17.61 23.78 -1.91
CA ALA C 36 16.49 22.90 -2.16
C ALA C 36 15.59 23.13 -0.93
N ASP C 37 16.21 23.65 0.13
CA ASP C 37 15.53 23.87 1.41
C ASP C 37 14.49 24.98 1.37
N GLY C 38 14.56 25.85 0.36
CA GLY C 38 13.59 26.91 0.14
C GLY C 38 13.77 28.15 1.01
N LYS C 39 14.62 28.03 2.01
CA LYS C 39 14.73 29.09 2.97
C LYS C 39 16.10 29.67 3.08
N THR C 40 17.09 28.82 2.98
CA THR C 40 18.41 29.29 3.34
C THR C 40 19.16 30.18 2.38
N GLY C 41 19.69 31.30 2.85
CA GLY C 41 20.42 32.20 1.98
C GLY C 41 21.58 32.77 2.77
N ASP C 42 22.50 33.45 2.10
CA ASP C 42 23.67 33.92 2.83
C ASP C 42 23.53 35.24 3.61
N GLY C 43 22.60 36.11 3.22
CA GLY C 43 22.48 37.32 3.99
C GLY C 43 21.89 38.45 3.19
N ALA C 44 21.00 39.25 3.78
CA ALA C 44 20.39 40.37 3.10
C ALA C 44 20.16 41.42 4.16
N GLY C 45 19.88 42.64 3.75
CA GLY C 45 19.93 43.77 4.66
C GLY C 45 19.34 44.98 3.98
N ILE C 46 18.82 45.94 4.74
CA ILE C 46 18.32 47.18 4.13
C ILE C 46 18.63 48.14 5.18
N HIS C 47 19.26 49.25 4.78
CA HIS C 47 19.75 50.27 5.71
C HIS C 47 18.90 51.48 5.42
N VAL C 48 17.88 51.77 6.25
CA VAL C 48 17.07 53.00 6.10
C VAL C 48 17.12 53.91 7.31
N ALA C 49 16.45 55.05 7.18
CA ALA C 49 16.45 55.99 8.33
C ALA C 49 15.52 55.52 9.48
N VAL C 50 16.00 55.68 10.72
CA VAL C 50 15.20 55.35 11.88
C VAL C 50 13.87 56.10 11.69
N PRO C 51 12.70 55.47 11.69
CA PRO C 51 11.47 56.21 11.35
C PRO C 51 10.82 56.85 12.61
N GLN C 52 11.10 58.13 12.87
CA GLN C 52 10.61 58.68 14.12
C GLN C 52 9.11 58.61 14.43
N LYS C 53 8.21 58.60 13.44
CA LYS C 53 6.80 58.41 13.84
C LYS C 53 6.78 57.05 14.54
N PHE C 54 6.67 56.00 13.73
CA PHE C 54 6.83 54.65 14.24
C PHE C 54 7.54 54.51 15.58
N PHE C 55 8.76 55.00 15.74
CA PHE C 55 9.32 54.82 17.07
C PHE C 55 8.68 55.65 18.14
N LYS C 56 8.69 56.96 17.98
CA LYS C 56 8.02 57.85 18.95
C LYS C 56 6.63 57.31 19.43
N ASP C 57 5.72 57.07 18.48
CA ASP C 57 4.47 56.48 18.87
C ASP C 57 4.85 55.41 19.87
N HIS C 58 5.61 54.43 19.43
CA HIS C 58 5.93 53.34 20.35
C HIS C 58 6.18 53.89 21.76
N VAL C 59 7.05 54.86 21.90
CA VAL C 59 7.34 55.31 23.25
C VAL C 59 6.07 55.91 23.87
N LYS C 60 5.24 56.49 23.01
CA LYS C 60 3.99 57.05 23.48
C LYS C 60 3.10 55.93 23.99
N VAL C 61 2.89 54.93 23.18
CA VAL C 61 1.99 53.87 23.59
C VAL C 61 2.29 53.24 24.93
N ILE C 62 3.52 53.30 25.36
CA ILE C 62 3.80 52.80 26.67
C ILE C 62 3.43 53.93 27.59
N GLY C 63 3.22 55.11 27.03
CA GLY C 63 2.84 56.24 27.88
C GLY C 63 3.96 57.13 28.38
N HIS C 64 4.84 57.46 27.45
CA HIS C 64 5.85 58.43 27.75
C HIS C 64 5.36 59.49 26.80
N ARG C 65 6.06 60.62 26.81
CA ARG C 65 5.75 61.69 25.88
C ARG C 65 6.85 61.74 24.81
N ALA C 66 6.46 61.93 23.55
CA ALA C 66 7.49 61.91 22.53
C ALA C 66 8.36 63.13 22.66
N PRO C 67 9.67 62.96 22.60
CA PRO C 67 10.55 64.12 22.70
C PRO C 67 10.40 64.92 21.43
N ASP C 68 11.00 66.11 21.45
CA ASP C 68 10.93 66.96 20.28
C ASP C 68 12.02 66.50 19.33
N ASN C 69 13.19 66.13 19.86
CA ASN C 69 14.22 65.68 18.99
C ASN C 69 13.97 64.37 18.32
N LYS C 70 15.10 63.84 17.83
CA LYS C 70 15.06 62.55 17.18
C LYS C 70 15.43 61.69 18.32
N LEU C 71 14.90 60.49 18.21
CA LEU C 71 14.96 59.44 19.20
C LEU C 71 15.91 58.39 18.61
N ALA C 72 16.90 57.92 19.37
CA ALA C 72 17.81 56.90 18.82
C ALA C 72 17.31 55.45 18.95
N VAL C 73 17.85 54.56 18.14
CA VAL C 73 17.67 53.13 18.38
C VAL C 73 19.00 52.34 18.23
N GLY C 74 19.24 51.41 19.12
CA GLY C 74 20.29 50.42 18.97
C GLY C 74 19.61 49.17 18.38
N GLN C 75 20.20 48.50 17.38
CA GLN C 75 19.60 47.30 16.82
C GLN C 75 20.59 46.24 17.20
N VAL C 76 20.17 45.26 17.98
CA VAL C 76 21.20 44.46 18.57
C VAL C 76 21.01 42.97 18.56
N PHE C 77 22.07 42.22 18.22
CA PHE C 77 21.96 40.78 18.22
C PHE C 77 22.56 40.30 19.53
N LEU C 78 21.71 39.76 20.42
CA LEU C 78 22.24 39.22 21.65
C LEU C 78 22.43 37.72 21.52
N PRO C 79 23.26 37.18 22.38
CA PRO C 79 23.49 35.75 22.45
C PRO C 79 22.07 35.25 22.63
N ARG C 80 21.70 34.12 22.06
CA ARG C 80 20.31 33.76 22.18
C ARG C 80 20.16 32.50 22.94
N ILE C 81 21.25 31.86 23.27
CA ILE C 81 21.07 30.64 23.98
C ILE C 81 21.42 30.69 25.45
N SER C 82 22.25 31.63 25.86
CA SER C 82 22.61 31.76 27.25
C SER C 82 21.98 32.99 27.83
N LEU C 83 20.85 32.84 28.51
CA LEU C 83 20.25 33.99 29.12
C LEU C 83 21.33 34.67 29.95
N ASP C 84 22.08 33.88 30.72
CA ASP C 84 23.10 34.53 31.52
C ASP C 84 23.84 35.55 30.72
N ALA C 85 24.16 35.24 29.47
CA ALA C 85 24.90 36.23 28.73
C ALA C 85 24.00 37.35 28.23
N GLN C 86 22.79 37.06 27.77
CA GLN C 86 22.04 38.21 27.30
C GLN C 86 22.07 39.37 28.30
N GLU C 87 21.89 39.05 29.57
CA GLU C 87 21.99 40.08 30.58
C GLU C 87 23.28 40.88 30.55
N ALA C 88 24.39 40.17 30.78
CA ALA C 88 25.68 40.80 30.84
C ALA C 88 25.68 41.75 29.69
N CYS C 89 25.15 41.24 28.59
CA CYS C 89 25.08 42.03 27.42
C CYS C 89 24.26 43.22 27.71
N ARG C 90 23.00 43.05 28.07
CA ARG C 90 22.24 44.30 28.41
C ARG C 90 22.70 45.21 29.53
N CYS C 91 23.37 44.68 30.53
CA CYS C 91 23.87 45.61 31.48
C CYS C 91 24.87 46.43 30.77
N ILE C 92 25.73 45.78 29.99
CA ILE C 92 26.78 46.55 29.37
C ILE C 92 26.13 47.54 28.43
N VAL C 93 25.19 47.05 27.64
CA VAL C 93 24.69 48.01 26.73
C VAL C 93 24.17 49.20 27.51
N GLU C 94 23.47 48.96 28.61
CA GLU C 94 22.87 50.09 29.35
C GLU C 94 23.98 50.93 30.03
N THR C 95 24.78 50.31 30.86
CA THR C 95 25.83 51.09 31.45
C THR C 95 26.42 52.13 30.48
N GLU C 96 27.14 51.66 29.47
CA GLU C 96 27.63 52.58 28.45
C GLU C 96 26.66 53.69 27.96
N ILE C 97 25.44 53.39 27.52
CA ILE C 97 24.63 54.54 27.12
C ILE C 97 24.43 55.44 28.36
N LEU C 98 24.42 54.81 29.52
CA LEU C 98 24.22 55.62 30.71
C LEU C 98 25.32 56.53 31.04
N ALA C 99 26.58 56.15 30.97
CA ALA C 99 27.48 57.19 31.45
C ALA C 99 27.57 58.34 30.52
N PHE C 100 26.88 58.33 29.38
CA PHE C 100 26.99 59.55 28.62
C PHE C 100 25.80 60.32 29.07
N GLY C 101 25.15 59.79 30.08
CA GLY C 101 23.94 60.35 30.64
C GLY C 101 22.77 60.54 29.70
N TYR C 102 22.69 59.79 28.62
CA TYR C 102 21.53 59.97 27.80
C TYR C 102 20.44 59.19 28.51
N TYR C 103 19.35 58.94 27.78
CA TYR C 103 18.19 58.37 28.41
C TYR C 103 17.61 57.12 27.84
N ILE C 104 17.30 56.14 28.68
CA ILE C 104 16.68 54.94 28.14
C ILE C 104 15.17 54.72 28.23
N TYR C 105 14.38 54.93 27.20
CA TYR C 105 13.00 54.48 27.30
C TYR C 105 12.94 52.95 27.38
N GLY C 106 14.01 52.22 26.98
CA GLY C 106 14.06 50.74 27.05
C GLY C 106 13.80 49.74 25.93
N TRP C 107 14.00 48.46 26.23
CA TRP C 107 13.98 47.46 25.17
C TRP C 107 12.73 47.12 24.33
N ARG C 108 12.87 46.56 23.13
CA ARG C 108 11.72 46.18 22.30
C ARG C 108 12.06 44.94 21.50
N GLN C 109 11.47 43.78 21.78
CA GLN C 109 11.79 42.59 21.02
C GLN C 109 11.33 42.79 19.60
N VAL C 110 12.22 42.60 18.62
CA VAL C 110 11.69 42.92 17.32
C VAL C 110 10.73 41.88 16.76
N PRO C 111 9.57 42.20 16.24
CA PRO C 111 8.76 41.10 15.70
C PRO C 111 9.58 40.47 14.58
N ILE C 112 9.44 39.18 14.30
CA ILE C 112 10.15 38.50 13.22
C ILE C 112 9.41 37.23 13.01
N ASN C 113 9.54 36.63 11.85
CA ASN C 113 8.86 35.35 11.74
C ASN C 113 9.89 34.26 11.43
N VAL C 114 10.33 33.49 12.42
CA VAL C 114 11.38 32.56 12.06
C VAL C 114 10.89 31.42 11.23
N ASP C 115 9.66 31.37 10.75
CA ASP C 115 9.37 30.23 9.90
C ASP C 115 10.14 30.30 8.62
N ILE C 116 10.46 31.48 8.10
CA ILE C 116 11.14 31.39 6.83
C ILE C 116 12.62 31.21 6.96
N ILE C 117 13.09 30.73 8.08
CA ILE C 117 14.49 30.57 8.14
C ILE C 117 14.85 29.09 8.09
N GLY C 118 16.06 28.74 7.68
CA GLY C 118 16.42 27.34 7.62
C GLY C 118 17.06 26.98 8.92
N GLU C 119 17.24 25.69 9.20
CA GLU C 119 17.77 25.40 10.51
C GLU C 119 19.19 25.85 10.74
N LYS C 120 20.02 25.56 9.78
CA LYS C 120 21.38 26.03 9.80
C LYS C 120 21.33 27.44 10.39
N ALA C 121 20.47 28.26 9.82
CA ALA C 121 20.37 29.63 10.27
C ALA C 121 19.64 29.83 11.58
N ASN C 122 18.48 29.21 11.78
CA ASN C 122 17.82 29.43 13.05
C ASN C 122 18.78 29.01 14.18
N ALA C 123 19.79 28.26 13.80
CA ALA C 123 20.68 27.71 14.79
C ALA C 123 21.54 28.76 15.35
N THR C 124 21.95 29.62 14.43
CA THR C 124 22.90 30.64 14.81
C THR C 124 22.21 31.96 14.91
N ARG C 125 20.88 31.92 14.80
CA ARG C 125 20.10 33.15 14.99
C ARG C 125 20.35 33.78 16.35
N PRO C 126 20.71 35.04 16.42
CA PRO C 126 20.87 35.69 17.71
C PRO C 126 19.48 36.09 18.19
N GLU C 127 19.37 36.75 19.35
CA GLU C 127 18.07 37.26 19.81
C GLU C 127 18.01 38.72 19.45
N ILE C 128 17.18 39.09 18.46
CA ILE C 128 17.19 40.45 17.93
C ILE C 128 16.37 41.37 18.81
N GLU C 129 16.96 42.46 19.30
CA GLU C 129 16.23 43.38 20.21
C GLU C 129 16.65 44.84 19.97
N GLN C 130 15.66 45.73 20.05
CA GLN C 130 15.93 47.14 19.93
C GLN C 130 16.05 47.80 21.29
N ILE C 131 16.88 48.82 21.41
CA ILE C 131 16.87 49.55 22.68
C ILE C 131 16.68 51.00 22.29
N ILE C 132 15.76 51.72 22.93
CA ILE C 132 15.47 53.10 22.52
C ILE C 132 16.04 54.18 23.37
N VAL C 133 16.84 55.06 22.75
CA VAL C 133 17.50 56.07 23.56
C VAL C 133 17.02 57.47 23.21
N GLY C 134 17.13 58.40 24.16
CA GLY C 134 16.64 59.75 23.97
C GLY C 134 17.71 60.77 24.27
N ASN C 135 17.62 61.90 23.57
CA ASN C 135 18.71 62.86 23.67
C ASN C 135 18.34 63.88 24.74
N ASN C 136 18.20 63.37 25.94
CA ASN C 136 17.83 64.19 27.04
C ASN C 136 18.81 65.33 27.11
N LYS C 137 20.09 65.13 26.77
CA LYS C 137 21.07 66.20 26.90
C LYS C 137 20.89 67.34 25.88
N GLY C 138 19.89 67.22 25.03
CA GLY C 138 19.63 68.25 24.05
C GLY C 138 20.80 68.60 23.16
N VAL C 139 21.59 67.62 22.74
CA VAL C 139 22.67 67.90 21.83
C VAL C 139 22.21 67.90 20.39
N SER C 140 23.16 68.11 19.47
CA SER C 140 22.82 68.25 18.06
C SER C 140 22.94 66.98 17.26
N ASP C 141 22.12 66.90 16.23
CA ASP C 141 22.22 65.75 15.34
C ASP C 141 23.65 65.26 15.26
N GLU C 142 24.55 66.04 14.69
CA GLU C 142 25.94 65.65 14.72
C GLU C 142 26.47 65.23 16.09
N GLN C 143 26.02 65.78 17.22
CA GLN C 143 26.68 65.27 18.41
C GLN C 143 26.16 63.91 18.89
N PHE C 144 24.94 63.69 18.47
CA PHE C 144 24.31 62.50 18.97
C PHE C 144 25.03 61.28 18.37
N GLU C 145 25.12 61.25 17.04
CA GLU C 145 25.84 60.14 16.40
C GLU C 145 27.27 60.13 16.92
N LEU C 146 27.93 61.27 16.96
CA LEU C 146 29.26 61.13 17.47
C LEU C 146 29.25 60.34 18.79
N ASP C 147 28.39 60.74 19.71
CA ASP C 147 28.48 60.15 21.06
C ASP C 147 28.13 58.66 21.06
N LEU C 148 26.98 58.41 20.43
CA LEU C 148 26.52 57.09 20.21
C LEU C 148 27.71 56.25 19.69
N TYR C 149 28.45 56.75 18.68
CA TYR C 149 29.63 56.08 18.14
C TYR C 149 30.52 55.85 19.30
N ILE C 150 31.08 56.85 19.94
CA ILE C 150 31.94 56.36 21.01
C ILE C 150 31.28 55.31 21.96
N ILE C 151 29.95 55.34 22.05
CA ILE C 151 29.36 54.43 22.99
C ILE C 151 29.46 53.00 22.42
N ARG C 152 29.02 52.85 21.18
CA ARG C 152 28.98 51.53 20.59
C ARG C 152 30.33 50.87 20.66
N ARG C 153 31.39 51.67 20.52
CA ARG C 153 32.69 51.09 20.56
C ARG C 153 32.97 50.64 21.94
N ARG C 154 32.46 51.42 22.88
CA ARG C 154 32.76 51.17 24.29
C ARG C 154 32.16 49.86 24.72
N ILE C 155 31.00 49.58 24.14
CA ILE C 155 30.25 48.42 24.47
C ILE C 155 31.03 47.27 23.89
N GLU C 156 31.08 47.30 22.56
CA GLU C 156 31.80 46.43 21.59
C GLU C 156 33.05 46.05 22.40
N LYS C 157 33.75 47.03 22.94
CA LYS C 157 34.98 46.67 23.63
C LYS C 157 34.82 45.85 24.89
N ALA C 158 33.81 46.20 25.69
CA ALA C 158 33.63 45.58 27.01
C ALA C 158 33.12 44.14 26.86
N VAL C 159 32.13 43.98 25.98
CA VAL C 159 31.66 42.67 25.70
C VAL C 159 32.93 41.86 25.36
N LYS C 160 33.82 42.49 24.61
CA LYS C 160 34.96 41.69 24.25
C LYS C 160 35.74 41.39 25.53
N GLY C 161 36.10 42.38 26.29
CA GLY C 161 36.83 41.97 27.46
C GLY C 161 36.16 40.88 28.31
N GLU C 162 34.83 40.83 28.28
CA GLU C 162 34.09 39.88 29.10
C GLU C 162 34.23 38.50 28.54
N GLN C 163 34.64 38.48 27.28
CA GLN C 163 34.71 37.29 26.47
C GLN C 163 33.31 36.88 26.12
N ILE C 164 32.50 37.82 25.68
CA ILE C 164 31.22 37.36 25.25
C ILE C 164 31.02 37.16 23.78
N ASN C 165 30.60 35.95 23.44
CA ASN C 165 30.34 35.63 22.04
C ASN C 165 28.93 35.97 21.52
N ASP C 166 28.83 36.25 20.24
CA ASP C 166 27.57 36.47 19.59
C ASP C 166 26.83 37.71 19.85
N PHE C 167 27.52 38.76 20.26
CA PHE C 167 26.85 39.98 20.64
C PHE C 167 27.10 40.86 19.47
N TYR C 168 26.25 41.76 19.07
CA TYR C 168 26.62 42.49 17.91
C TYR C 168 25.62 43.59 17.71
N ILE C 169 26.10 44.81 17.51
CA ILE C 169 25.14 45.85 17.31
C ILE C 169 25.04 46.26 15.84
N CYS C 170 24.08 45.77 15.07
CA CYS C 170 24.00 46.22 13.70
C CYS C 170 24.08 47.73 13.65
N SER C 171 23.05 48.44 14.08
CA SER C 171 23.12 49.91 14.04
C SER C 171 22.74 50.49 15.40
N LEU C 172 23.03 51.76 15.61
CA LEU C 172 22.75 52.40 16.88
C LEU C 172 22.98 53.89 16.65
N SER C 173 22.02 54.53 15.98
CA SER C 173 22.10 55.95 15.70
C SER C 173 20.71 56.59 15.80
N ALA C 174 20.65 57.92 15.77
CA ALA C 174 19.30 58.39 15.53
C ALA C 174 19.06 58.72 14.04
N ARG C 175 20.05 58.50 13.17
CA ARG C 175 19.66 58.69 11.77
C ARG C 175 19.29 57.45 11.02
N SER C 176 20.05 56.40 11.31
CA SER C 176 19.89 55.27 10.42
C SER C 176 19.67 54.07 11.27
N ILE C 177 19.08 53.05 10.68
CA ILE C 177 18.96 51.82 11.42
C ILE C 177 19.08 50.70 10.40
N ILE C 178 19.67 49.58 10.79
CA ILE C 178 19.78 48.51 9.80
C ILE C 178 18.98 47.23 10.03
N TYR C 179 18.24 46.79 9.04
CA TYR C 179 17.54 45.53 9.25
C TYR C 179 18.16 44.50 8.35
N LYS C 180 19.22 43.82 8.79
CA LYS C 180 19.89 42.77 7.98
C LYS C 180 19.72 41.46 8.76
N GLY C 181 19.89 40.35 8.06
CA GLY C 181 19.85 39.02 8.65
C GLY C 181 20.06 37.90 7.64
N MET C 182 20.19 36.69 8.14
CA MET C 182 20.43 35.60 7.24
C MET C 182 19.26 35.05 6.52
N PHE C 183 18.52 35.77 5.70
CA PHE C 183 17.35 35.11 5.12
C PHE C 183 17.22 35.55 3.66
N LEU C 184 16.57 34.81 2.77
CA LEU C 184 16.44 35.26 1.38
C LEU C 184 15.97 36.71 1.23
N ALA C 185 16.67 37.52 0.43
CA ALA C 185 16.26 38.92 0.28
C ALA C 185 14.79 39.01 -0.11
N GLU C 186 14.33 38.25 -1.06
CA GLU C 186 12.93 38.33 -1.41
C GLU C 186 12.14 38.21 -0.13
N GLN C 187 12.66 37.60 0.94
CA GLN C 187 11.77 37.56 2.12
C GLN C 187 12.13 38.44 3.28
N LEU C 188 12.70 39.62 3.04
CA LEU C 188 13.19 40.43 4.14
C LEU C 188 11.94 40.83 4.91
N THR C 189 10.96 41.23 4.12
CA THR C 189 9.72 41.78 4.65
C THR C 189 8.97 40.79 5.51
N THR C 190 9.11 39.52 5.14
CA THR C 190 8.50 38.43 5.91
C THR C 190 9.27 38.20 7.19
N PHE C 191 10.57 38.17 7.14
CA PHE C 191 11.20 37.92 8.42
C PHE C 191 11.10 39.10 9.37
N TYR C 192 10.80 40.27 8.84
CA TYR C 192 10.75 41.48 9.65
C TYR C 192 9.56 42.29 9.14
N PRO C 193 8.42 42.22 9.80
CA PRO C 193 7.26 42.98 9.32
C PRO C 193 7.34 44.50 9.59
N ASP C 194 8.04 44.96 10.62
CA ASP C 194 8.11 46.41 10.82
C ASP C 194 8.18 47.08 9.45
N LEU C 195 9.00 46.52 8.57
CA LEU C 195 9.29 47.12 7.28
C LEU C 195 8.03 47.33 6.48
N LEU C 196 7.09 46.46 6.69
CA LEU C 196 5.88 46.70 5.96
C LEU C 196 4.94 47.80 6.55
N ASP C 197 5.35 48.48 7.61
CA ASP C 197 4.49 49.51 8.19
C ASP C 197 4.58 50.85 7.47
N GLU C 198 3.47 51.56 7.22
CA GLU C 198 3.63 52.84 6.54
C GLU C 198 4.39 53.88 7.29
N ARG C 199 4.46 53.77 8.59
CA ARG C 199 5.36 54.75 9.17
C ARG C 199 6.86 54.67 8.76
N PHE C 200 7.27 53.58 8.10
CA PHE C 200 8.69 53.45 7.68
C PHE C 200 8.79 54.27 6.42
N GLU C 201 9.40 55.46 6.54
CA GLU C 201 9.53 56.42 5.46
C GLU C 201 10.96 56.86 5.48
N SER C 202 11.50 57.38 4.36
CA SER C 202 12.94 57.68 4.36
C SER C 202 13.43 58.38 3.14
N ASP C 203 14.34 59.32 3.35
CA ASP C 203 14.98 59.94 2.19
C ASP C 203 16.00 59.00 1.49
N PHE C 204 16.39 57.86 2.07
CA PHE C 204 17.31 57.01 1.35
C PHE C 204 17.26 55.56 1.72
N ALA C 205 17.88 54.73 0.88
CA ALA C 205 17.93 53.27 1.03
C ALA C 205 19.31 52.63 0.65
N ILE C 206 19.64 51.48 1.20
CA ILE C 206 20.85 50.83 0.73
C ILE C 206 20.60 49.38 0.97
N TYR C 207 20.35 48.60 -0.08
CA TYR C 207 20.18 47.19 0.17
C TYR C 207 21.41 46.38 -0.23
N HIS C 208 21.41 45.06 0.01
CA HIS C 208 22.53 44.13 -0.26
C HIS C 208 22.31 42.69 0.16
N GLN C 209 22.31 41.79 -0.80
CA GLN C 209 22.29 40.34 -0.57
C GLN C 209 23.76 39.94 -0.72
N ARG C 210 24.20 38.75 -0.30
CA ARG C 210 25.61 38.38 -0.43
C ARG C 210 25.75 36.89 -0.67
N TYR C 211 26.92 36.45 -1.16
CA TYR C 211 27.12 35.02 -1.51
C TYR C 211 28.21 34.54 -0.64
N SER C 212 28.51 33.27 -0.74
CA SER C 212 29.69 32.91 0.00
C SER C 212 30.21 31.59 -0.36
N THR C 213 31.46 31.46 0.07
CA THR C 213 32.31 30.31 0.02
C THR C 213 31.93 29.36 1.23
N ASN C 214 30.65 29.36 1.58
CA ASN C 214 30.21 28.65 2.77
C ASN C 214 28.83 28.09 2.73
N THR C 215 28.59 27.30 3.76
CA THR C 215 27.31 26.69 4.09
C THR C 215 26.86 27.25 5.45
N PHE C 216 27.83 27.70 6.24
CA PHE C 216 27.65 28.37 7.52
C PHE C 216 27.20 29.83 7.42
N PRO C 217 26.12 30.13 8.15
CA PRO C 217 25.60 31.50 8.18
C PRO C 217 26.00 32.28 9.43
N THR C 218 26.90 33.27 9.40
CA THR C 218 27.00 34.14 10.57
C THR C 218 26.08 35.37 10.41
N TRP C 219 25.36 35.81 11.45
CA TRP C 219 24.46 36.96 11.24
C TRP C 219 25.09 38.33 11.10
N PRO C 220 25.97 38.66 12.00
CA PRO C 220 26.67 39.94 11.88
C PRO C 220 27.31 40.10 10.48
N LEU C 221 27.92 39.07 9.90
CA LEU C 221 28.47 39.26 8.56
C LEU C 221 27.46 39.56 7.43
N ALA C 222 26.14 39.63 7.64
CA ALA C 222 25.37 40.12 6.51
C ALA C 222 25.48 41.63 6.54
N GLN C 223 25.40 42.24 5.36
CA GLN C 223 25.49 43.68 5.15
C GLN C 223 24.06 44.14 5.01
N PRO C 224 23.78 45.42 4.85
CA PRO C 224 24.73 46.52 4.80
C PRO C 224 25.40 46.73 6.08
N PHE C 225 26.64 47.18 6.03
CA PHE C 225 27.31 47.60 7.22
C PHE C 225 26.81 49.02 7.62
N ARG C 226 27.48 49.59 8.61
CA ARG C 226 27.02 50.82 9.20
C ARG C 226 27.04 52.01 8.33
N MET C 227 28.04 52.13 7.45
CA MET C 227 28.05 53.23 6.49
C MET C 227 28.03 52.69 5.10
N LEU C 228 28.50 51.45 4.96
CA LEU C 228 28.82 50.82 3.70
C LEU C 228 28.08 49.64 3.16
N ALA C 229 28.04 49.47 1.86
CA ALA C 229 27.63 48.15 1.38
C ALA C 229 28.48 47.84 0.14
N HIS C 230 29.03 46.63 0.11
CA HIS C 230 29.98 46.29 -0.90
C HIS C 230 29.66 45.08 -1.70
N ASN C 231 29.68 45.18 -3.04
CA ASN C 231 29.63 44.02 -3.95
C ASN C 231 31.03 43.88 -4.46
N GLY C 232 31.61 42.69 -4.33
CA GLY C 232 32.97 42.48 -4.75
C GLY C 232 33.75 41.81 -3.66
N GLU C 233 34.99 42.24 -3.58
CA GLU C 233 35.97 41.65 -2.67
C GLU C 233 37.19 42.56 -2.59
N ILE C 234 37.94 42.56 -1.51
CA ILE C 234 38.99 43.52 -1.49
C ILE C 234 40.23 42.75 -1.32
N ASN C 235 40.88 42.49 -2.45
CA ASN C 235 42.02 41.58 -2.46
C ASN C 235 43.18 42.13 -1.71
N THR C 236 43.06 43.39 -1.35
CA THR C 236 44.25 43.99 -0.81
C THR C 236 44.18 44.12 0.71
N VAL C 237 43.23 43.35 1.20
CA VAL C 237 42.90 43.39 2.59
C VAL C 237 44.01 43.09 3.59
N LYS C 238 44.83 42.08 3.43
CA LYS C 238 45.70 41.90 4.59
C LYS C 238 46.63 43.09 4.59
N GLY C 239 46.63 43.77 3.46
CA GLY C 239 47.65 44.79 3.27
C GLY C 239 47.23 45.95 4.11
N ASN C 240 46.00 46.32 3.81
CA ASN C 240 45.28 47.33 4.52
C ASN C 240 45.30 47.00 6.00
N VAL C 241 44.87 45.81 6.34
CA VAL C 241 44.78 45.54 7.73
C VAL C 241 46.05 45.78 8.49
N ASN C 242 47.19 45.41 7.92
CA ASN C 242 48.39 45.57 8.74
C ASN C 242 48.77 47.00 8.72
N TRP C 243 48.47 47.73 7.64
CA TRP C 243 48.84 49.14 7.66
C TRP C 243 48.13 49.81 8.80
N MET C 244 46.87 49.45 9.01
CA MET C 244 46.18 50.16 10.07
C MET C 244 46.86 49.89 11.37
N LYS C 245 47.32 48.69 11.58
CA LYS C 245 48.09 48.56 12.80
C LYS C 245 49.11 49.68 12.92
N ALA C 246 49.39 50.47 11.91
CA ALA C 246 50.38 51.50 12.26
C ALA C 246 49.70 52.83 12.07
N HIS C 247 48.89 52.92 11.04
CA HIS C 247 48.19 54.12 10.86
C HIS C 247 47.67 54.57 12.18
N GLU C 248 47.28 53.60 12.99
CA GLU C 248 46.62 53.81 14.29
C GLU C 248 47.62 54.33 15.27
N THR C 249 48.81 53.79 15.22
CA THR C 249 49.83 54.27 16.16
C THR C 249 49.82 55.80 16.27
N ARG C 250 49.12 56.50 15.41
CA ARG C 250 49.29 57.96 15.42
C ARG C 250 48.01 58.66 15.28
N MET C 251 46.97 57.90 14.93
CA MET C 251 45.70 58.55 14.73
C MET C 251 45.20 59.17 16.01
N GLU C 252 44.84 60.43 15.86
CA GLU C 252 44.42 61.21 16.99
C GLU C 252 43.65 62.33 16.38
N HIS C 253 42.49 62.60 16.89
CA HIS C 253 41.78 63.73 16.37
C HIS C 253 41.07 64.20 17.59
N PRO C 254 40.65 65.45 17.54
CA PRO C 254 40.06 66.10 18.71
C PRO C 254 38.57 65.73 18.92
N ALA C 255 37.85 65.35 17.88
CA ALA C 255 36.46 65.03 18.10
C ALA C 255 36.23 63.88 19.07
N PHE C 256 37.18 62.98 19.21
CA PHE C 256 36.90 61.85 20.09
C PHE C 256 37.36 62.21 21.47
N GLY C 257 37.83 63.42 21.57
CA GLY C 257 38.28 63.84 22.87
C GLY C 257 39.23 62.80 23.45
N THR C 258 39.01 62.46 24.70
CA THR C 258 39.87 61.51 25.39
C THR C 258 39.58 60.10 25.01
N HIS C 259 38.60 59.95 24.14
CA HIS C 259 38.20 58.63 23.75
C HIS C 259 39.08 57.76 22.86
N MET C 260 39.89 58.38 22.02
CA MET C 260 40.66 57.59 21.09
C MET C 260 41.00 56.19 21.56
N GLN C 261 41.66 56.00 22.69
CA GLN C 261 42.02 54.63 22.93
C GLN C 261 40.95 53.60 22.90
N ASP C 262 39.73 54.00 23.17
CA ASP C 262 38.66 53.05 23.21
C ASP C 262 38.41 52.89 21.76
N LEU C 263 38.89 53.84 21.01
CA LEU C 263 38.62 53.82 19.61
C LEU C 263 39.38 52.74 18.82
N LYS C 264 40.44 52.20 19.40
CA LYS C 264 41.35 51.25 18.73
C LYS C 264 41.27 49.90 19.38
N PRO C 265 41.56 48.82 18.66
CA PRO C 265 41.90 48.80 17.24
C PRO C 265 40.69 49.02 16.38
N VAL C 266 40.75 49.89 15.40
CA VAL C 266 39.58 50.08 14.58
C VAL C 266 39.13 48.82 13.89
N ILE C 267 39.95 47.78 13.86
CA ILE C 267 39.50 46.56 13.20
C ILE C 267 39.51 45.31 14.08
N GLY C 268 38.33 44.93 14.61
CA GLY C 268 38.28 43.78 15.50
C GLY C 268 38.32 42.46 14.77
N VAL C 269 38.59 41.40 15.53
CA VAL C 269 38.56 40.08 14.91
C VAL C 269 37.24 39.55 14.36
N GLY C 270 37.28 38.72 13.34
CA GLY C 270 36.06 38.13 12.85
C GLY C 270 35.32 38.93 11.81
N LEU C 271 35.91 39.98 11.29
CA LEU C 271 35.21 40.77 10.26
C LEU C 271 35.44 40.24 8.87
N SER C 272 34.44 40.42 8.02
CA SER C 272 34.53 40.03 6.65
C SER C 272 35.31 41.19 6.03
N ASP C 273 35.77 41.07 4.78
CA ASP C 273 36.57 42.15 4.20
C ASP C 273 35.81 43.48 4.23
N SER C 274 34.56 43.46 3.76
CA SER C 274 33.79 44.68 3.70
C SER C 274 33.55 45.18 5.07
N GLY C 275 33.37 44.26 5.99
CA GLY C 275 33.11 44.69 7.33
C GLY C 275 34.28 45.54 7.71
N SER C 276 35.50 45.09 7.45
CA SER C 276 36.67 45.86 7.92
C SER C 276 36.72 47.20 7.26
N LEU C 277 36.23 47.26 6.02
CA LEU C 277 36.28 48.51 5.30
C LEU C 277 35.41 49.50 6.07
N ASP C 278 34.16 49.12 6.32
CA ASP C 278 33.14 49.95 6.98
C ASP C 278 33.75 50.41 8.26
N THR C 279 34.50 49.52 8.86
CA THR C 279 35.12 49.97 10.06
C THR C 279 35.99 51.18 9.87
N VAL C 280 36.75 51.23 8.80
CA VAL C 280 37.68 52.33 8.70
C VAL C 280 36.92 53.51 8.20
N PHE C 281 36.17 53.27 7.14
CA PHE C 281 35.38 54.35 6.58
C PHE C 281 34.69 55.14 7.69
N GLU C 282 34.11 54.42 8.64
CA GLU C 282 33.41 55.04 9.78
C GLU C 282 34.27 55.99 10.60
N VAL C 283 35.43 55.54 11.02
CA VAL C 283 36.15 56.41 11.94
C VAL C 283 36.40 57.69 11.19
N MET C 284 36.88 57.53 9.98
CA MET C 284 37.21 58.68 9.21
C MET C 284 35.98 59.60 9.17
N VAL C 285 34.84 59.14 8.65
CA VAL C 285 33.67 60.02 8.69
C VAL C 285 33.32 60.53 10.12
N ARG C 286 33.37 59.67 11.13
CA ARG C 286 33.08 60.21 12.44
C ARG C 286 34.04 61.34 12.77
N ALA C 287 35.19 61.45 12.12
CA ALA C 287 36.04 62.53 12.54
C ALA C 287 35.93 63.79 11.71
N GLY C 288 34.94 63.82 10.84
CA GLY C 288 34.84 65.01 10.05
C GLY C 288 34.76 64.81 8.54
N ARG C 289 35.36 63.77 7.94
CA ARG C 289 35.32 63.74 6.50
C ARG C 289 33.96 63.30 5.99
N THR C 290 33.46 63.98 4.96
CA THR C 290 32.27 63.65 4.20
C THR C 290 32.39 62.23 3.70
N ALA C 291 31.29 61.77 3.09
CA ALA C 291 31.33 60.43 2.52
C ALA C 291 32.24 60.42 1.33
N PRO C 292 31.95 61.26 0.33
CA PRO C 292 32.75 61.32 -0.90
C PRO C 292 34.18 61.53 -0.59
N MET C 293 34.55 62.41 0.33
CA MET C 293 36.00 62.42 0.53
C MET C 293 36.55 61.04 0.89
N VAL C 294 35.79 60.27 1.66
CA VAL C 294 36.35 59.03 2.16
C VAL C 294 36.40 57.98 1.04
N LYS C 295 35.35 57.90 0.24
CA LYS C 295 35.43 56.97 -0.85
C LYS C 295 36.79 57.15 -1.50
N MET C 296 37.13 58.41 -1.77
CA MET C 296 38.42 58.73 -2.34
C MET C 296 39.59 58.41 -1.48
N MET C 297 39.71 58.95 -0.31
CA MET C 297 40.89 58.53 0.35
C MET C 297 41.07 56.99 0.39
N LEU C 298 39.99 56.21 0.31
CA LEU C 298 40.19 54.76 0.42
C LEU C 298 40.05 53.93 -0.82
N VAL C 299 39.30 54.40 -1.78
CA VAL C 299 39.12 53.70 -3.00
C VAL C 299 39.16 54.79 -4.08
N PRO C 300 40.39 55.29 -4.24
CA PRO C 300 40.70 56.47 -5.05
C PRO C 300 40.65 55.94 -6.40
N GLN C 301 40.57 56.81 -7.40
CA GLN C 301 40.49 56.35 -8.75
C GLN C 301 41.91 56.31 -9.22
N ALA C 302 42.17 55.71 -10.37
CA ALA C 302 43.55 55.67 -10.83
C ALA C 302 43.90 57.00 -11.40
N LEU C 303 45.06 57.45 -10.98
CA LEU C 303 45.65 58.66 -11.50
C LEU C 303 46.34 58.37 -12.84
N THR C 304 45.62 58.05 -13.92
CA THR C 304 46.40 57.82 -15.13
C THR C 304 47.00 59.21 -15.40
N SER C 305 48.30 59.29 -15.75
CA SER C 305 48.82 60.61 -15.97
C SER C 305 48.43 61.02 -17.34
N SER C 306 47.24 61.64 -17.47
CA SER C 306 46.77 61.98 -18.77
C SER C 306 45.82 63.14 -18.71
N GLN C 307 45.59 63.72 -19.90
CA GLN C 307 44.75 64.86 -20.19
C GLN C 307 43.32 64.59 -19.80
N THR C 308 42.92 63.30 -19.72
CA THR C 308 41.56 62.83 -19.46
C THR C 308 41.12 63.46 -18.15
N THR C 309 42.09 63.83 -17.34
CA THR C 309 41.86 64.32 -15.99
C THR C 309 42.15 65.79 -15.74
N PRO C 310 41.13 66.56 -15.37
CA PRO C 310 41.34 67.96 -14.99
C PRO C 310 42.47 68.02 -13.99
N ASP C 311 43.03 69.18 -13.71
CA ASP C 311 44.17 69.17 -12.79
C ASP C 311 43.82 69.24 -11.32
N ASN C 312 42.64 69.78 -11.00
CA ASN C 312 42.13 69.84 -9.61
C ASN C 312 42.15 68.41 -9.07
N HIS C 313 41.28 67.61 -9.68
CA HIS C 313 41.20 66.19 -9.39
C HIS C 313 42.55 65.54 -9.14
N LYS C 314 43.45 65.67 -10.10
CA LYS C 314 44.79 65.05 -9.97
C LYS C 314 45.47 65.41 -8.65
N ALA C 315 45.28 66.66 -8.24
CA ALA C 315 45.90 67.17 -7.01
C ALA C 315 45.41 66.29 -5.88
N LEU C 316 44.10 66.34 -5.75
CA LEU C 316 43.36 65.65 -4.74
C LEU C 316 43.86 64.23 -4.74
N ILE C 317 43.68 63.56 -5.85
CA ILE C 317 44.05 62.16 -5.89
C ILE C 317 45.41 61.98 -5.24
N GLN C 318 46.38 62.70 -5.76
CA GLN C 318 47.75 62.66 -5.27
C GLN C 318 47.81 62.87 -3.77
N TYR C 319 46.89 63.70 -3.26
CA TYR C 319 46.81 63.98 -1.85
C TYR C 319 46.48 62.68 -1.14
N CYS C 320 45.33 62.14 -1.50
CA CYS C 320 44.85 60.93 -0.87
C CYS C 320 45.97 59.94 -0.86
N ASN C 321 46.37 59.53 -2.06
CA ASN C 321 47.35 58.48 -2.27
C ASN C 321 48.53 58.60 -1.33
N SER C 322 48.76 59.81 -0.87
CA SER C 322 49.87 60.06 0.04
C SER C 322 49.47 59.83 1.50
N VAL C 323 48.18 60.00 1.79
CA VAL C 323 47.72 59.75 3.14
C VAL C 323 47.46 58.28 3.44
N MET C 324 46.64 57.65 2.58
CA MET C 324 46.09 56.31 2.77
C MET C 324 46.31 55.36 1.60
N GLU C 325 46.71 54.10 1.82
CA GLU C 325 46.95 53.26 0.66
C GLU C 325 45.72 52.53 0.37
N PRO C 326 45.34 52.51 -0.88
CA PRO C 326 44.03 52.00 -1.27
C PRO C 326 43.65 50.64 -0.77
N TRP C 327 42.35 50.45 -0.92
CA TRP C 327 41.65 49.26 -0.55
C TRP C 327 41.16 48.73 -1.89
N ASP C 328 41.97 47.87 -2.51
CA ASP C 328 41.66 47.44 -3.87
C ASP C 328 40.91 46.12 -3.98
N GLY C 329 40.26 45.88 -5.12
CA GLY C 329 39.50 44.68 -5.36
C GLY C 329 38.24 45.09 -6.12
N PRO C 330 37.58 44.19 -6.81
CA PRO C 330 36.40 44.65 -7.52
C PRO C 330 35.54 45.21 -6.41
N ALA C 331 34.87 46.32 -6.68
CA ALA C 331 33.98 46.89 -5.70
C ALA C 331 32.93 47.88 -6.19
N ALA C 332 31.68 47.41 -6.30
CA ALA C 332 30.52 48.31 -6.32
C ALA C 332 30.27 48.71 -4.84
N LEU C 333 30.20 49.99 -4.51
CA LEU C 333 29.92 50.39 -3.13
C LEU C 333 28.69 51.28 -3.09
N ALA C 334 27.91 51.15 -2.01
CA ALA C 334 26.78 52.00 -1.67
C ALA C 334 27.11 52.47 -0.25
N MET C 335 27.18 53.79 -0.16
CA MET C 335 27.69 54.49 0.99
C MET C 335 26.83 55.63 1.50
N THR C 336 27.02 55.95 2.78
CA THR C 336 26.45 57.18 3.31
C THR C 336 26.91 57.47 4.70
N ASP C 337 27.41 58.69 4.88
CA ASP C 337 27.78 59.28 6.19
C ASP C 337 26.43 59.87 6.41
N GLY C 338 26.23 60.65 7.43
CA GLY C 338 24.81 60.92 7.59
C GLY C 338 24.00 61.53 6.47
N ARG C 339 24.67 62.36 5.69
CA ARG C 339 24.00 63.29 4.80
C ARG C 339 24.00 63.03 3.33
N TRP C 340 25.15 62.53 2.91
CA TRP C 340 25.31 62.25 1.53
C TRP C 340 25.00 60.78 1.37
N VAL C 341 24.69 60.41 0.13
CA VAL C 341 24.43 59.04 -0.21
C VAL C 341 25.30 58.81 -1.44
N VAL C 342 26.24 57.85 -1.40
CA VAL C 342 27.07 57.62 -2.59
C VAL C 342 27.21 56.24 -3.23
N GLY C 343 27.17 56.22 -4.57
CA GLY C 343 27.43 55.01 -5.33
C GLY C 343 28.86 55.16 -5.84
N GLY C 344 29.75 54.18 -5.65
CA GLY C 344 31.13 54.27 -6.07
C GLY C 344 31.77 53.07 -6.77
N MET C 345 32.89 53.28 -7.48
CA MET C 345 33.49 52.16 -8.12
C MET C 345 34.92 51.91 -7.77
N ASP C 346 35.39 50.73 -8.06
CA ASP C 346 36.77 50.48 -7.70
C ASP C 346 37.63 51.06 -8.86
N ARG C 347 38.95 51.04 -8.75
CA ARG C 347 39.66 51.67 -9.80
C ARG C 347 39.69 50.99 -11.13
N ASN C 348 39.06 49.83 -11.26
CA ASN C 348 39.07 49.11 -12.52
C ASN C 348 37.68 48.79 -12.99
N GLY C 349 36.68 49.49 -12.47
CA GLY C 349 35.32 49.18 -12.89
C GLY C 349 35.07 47.67 -12.98
N LEU C 350 35.39 46.98 -11.88
CA LEU C 350 35.31 45.55 -11.85
C LEU C 350 33.96 44.93 -11.65
N ARG C 351 32.95 45.73 -11.23
CA ARG C 351 31.57 45.26 -10.94
C ARG C 351 30.51 46.14 -11.54
N PRO C 352 29.39 45.58 -11.97
CA PRO C 352 28.34 46.38 -12.64
C PRO C 352 27.78 47.42 -11.69
N MET C 353 27.14 48.45 -12.22
CA MET C 353 26.44 49.37 -11.33
C MET C 353 25.57 50.33 -12.12
N ARG C 354 24.49 49.87 -12.73
CA ARG C 354 23.64 50.79 -13.41
C ARG C 354 22.86 51.70 -12.45
N TYR C 355 22.21 52.73 -13.03
CA TYR C 355 21.28 53.58 -12.33
C TYR C 355 20.29 54.37 -13.20
N THR C 356 19.11 54.65 -12.67
CA THR C 356 18.05 55.40 -13.32
C THR C 356 17.63 56.68 -12.50
N ILE C 357 17.31 57.76 -13.22
CA ILE C 357 16.84 58.96 -12.53
C ILE C 357 15.44 59.26 -13.02
N THR C 358 14.55 59.58 -12.09
CA THR C 358 13.13 59.68 -12.45
C THR C 358 12.51 61.05 -12.46
N THR C 359 11.30 61.15 -12.96
CA THR C 359 10.70 62.47 -12.97
C THR C 359 10.37 62.81 -11.51
N ASP C 360 9.92 61.81 -10.74
CA ASP C 360 9.63 61.96 -9.31
C ASP C 360 10.85 62.25 -8.42
N GLY C 361 12.02 62.49 -8.99
CA GLY C 361 13.08 63.01 -8.16
C GLY C 361 13.79 62.08 -7.21
N LEU C 362 13.99 60.90 -7.76
CA LEU C 362 14.62 59.78 -7.08
C LEU C 362 15.72 59.26 -7.94
N ILE C 363 16.78 58.75 -7.33
CA ILE C 363 17.81 58.02 -8.06
C ILE C 363 17.84 56.55 -7.54
N ILE C 364 17.71 55.56 -8.41
CA ILE C 364 17.82 54.20 -7.91
C ILE C 364 19.14 53.51 -8.35
N GLY C 365 20.09 53.33 -7.43
CA GLY C 365 21.36 52.65 -7.70
C GLY C 365 21.19 51.14 -7.83
N GLY C 366 21.91 50.50 -8.75
CA GLY C 366 21.72 49.07 -8.92
C GLY C 366 22.91 48.27 -9.43
N SER C 367 22.78 46.94 -9.37
CA SER C 367 23.88 46.06 -9.78
C SER C 367 23.45 45.53 -11.14
N GLU C 368 22.19 45.13 -11.21
CA GLU C 368 21.60 44.97 -12.52
C GLU C 368 20.63 46.11 -12.61
N THR C 369 19.77 46.16 -13.63
CA THR C 369 18.96 47.32 -13.97
C THR C 369 17.48 46.95 -13.90
N GLY C 370 16.98 45.92 -14.56
CA GLY C 370 15.52 45.69 -14.33
C GLY C 370 14.90 45.50 -12.92
N MET C 371 15.72 45.82 -11.93
CA MET C 371 15.58 45.54 -10.54
C MET C 371 14.42 46.17 -9.91
N VAL C 372 13.77 47.15 -10.53
CA VAL C 372 12.59 47.77 -9.83
C VAL C 372 11.73 48.57 -10.80
N LYS C 373 10.50 48.20 -11.05
CA LYS C 373 9.67 48.90 -12.04
C LYS C 373 9.65 50.41 -12.01
N ILE C 374 9.72 51.00 -13.19
CA ILE C 374 9.70 52.45 -13.36
C ILE C 374 9.17 52.60 -14.75
N ASP C 375 8.27 53.55 -14.97
CA ASP C 375 7.70 53.71 -16.28
C ASP C 375 8.67 54.51 -17.12
N GLU C 376 8.91 54.01 -18.35
CA GLU C 376 9.91 54.59 -19.22
C GLU C 376 9.60 56.05 -19.21
N THR C 377 8.33 56.30 -19.44
CA THR C 377 7.79 57.62 -19.46
C THR C 377 8.36 58.56 -18.42
N GLN C 378 8.84 58.07 -17.29
CA GLN C 378 9.25 59.02 -16.28
C GLN C 378 10.73 58.95 -16.05
N VAL C 379 11.38 58.33 -17.02
CA VAL C 379 12.83 58.22 -16.88
C VAL C 379 13.48 59.47 -17.41
N ILE C 380 14.24 60.15 -16.58
CA ILE C 380 14.93 61.25 -17.19
C ILE C 380 16.33 60.87 -17.62
N GLU C 381 16.94 59.85 -17.02
CA GLU C 381 18.30 59.43 -17.39
C GLU C 381 18.58 57.96 -17.03
N LYS C 382 19.57 57.34 -17.66
CA LYS C 382 19.88 55.93 -17.42
C LYS C 382 21.37 55.83 -17.57
N GLY C 383 22.06 55.86 -16.42
CA GLY C 383 23.50 55.90 -16.35
C GLY C 383 24.09 54.59 -15.86
N ARG C 384 25.32 54.75 -15.36
CA ARG C 384 26.12 53.67 -14.84
C ARG C 384 27.37 54.25 -14.20
N LEU C 385 28.20 53.49 -13.49
CA LEU C 385 29.48 54.05 -13.03
C LEU C 385 30.57 53.39 -13.85
N GLY C 386 31.70 54.06 -14.06
CA GLY C 386 32.77 53.45 -14.84
C GLY C 386 33.85 53.39 -13.81
N PRO C 387 35.03 52.95 -14.17
CA PRO C 387 36.05 52.78 -13.14
C PRO C 387 36.21 54.04 -12.35
N GLY C 388 36.33 53.95 -11.05
CA GLY C 388 36.61 55.15 -10.29
C GLY C 388 35.51 56.15 -10.09
N GLU C 389 34.50 56.18 -10.93
CA GLU C 389 33.50 57.20 -10.70
C GLU C 389 32.65 57.06 -9.47
N MET C 390 32.04 58.18 -9.06
CA MET C 390 30.97 58.15 -8.10
C MET C 390 29.77 58.92 -8.62
N ILE C 391 28.66 58.83 -7.93
CA ILE C 391 27.49 59.64 -8.26
C ILE C 391 26.98 59.82 -6.87
N ALA C 392 26.34 60.96 -6.59
CA ALA C 392 25.88 61.21 -5.22
C ALA C 392 24.72 62.17 -5.01
N VAL C 393 24.27 62.19 -3.77
CA VAL C 393 23.25 63.14 -3.39
C VAL C 393 23.55 63.76 -2.06
N ASP C 394 23.48 65.08 -2.04
CA ASP C 394 23.55 65.76 -0.78
C ASP C 394 22.11 66.01 -0.40
N LEU C 395 21.63 65.14 0.47
CA LEU C 395 20.33 65.20 1.10
C LEU C 395 20.07 66.49 1.87
N GLN C 396 21.07 67.09 2.51
CA GLN C 396 20.71 68.36 3.12
C GLN C 396 20.26 69.37 2.12
N SER C 397 20.89 69.44 0.95
CA SER C 397 20.52 70.45 -0.01
C SER C 397 19.70 69.87 -1.10
N GLY C 398 19.41 68.60 -0.99
CA GLY C 398 18.66 67.97 -2.04
C GLY C 398 19.21 68.35 -3.40
N LYS C 399 20.52 68.17 -3.61
CA LYS C 399 21.18 68.32 -4.91
C LYS C 399 21.87 67.01 -5.37
N LEU C 400 21.72 66.66 -6.63
CA LEU C 400 22.41 65.50 -7.20
C LEU C 400 23.76 65.87 -7.82
N TYR C 401 24.82 65.13 -7.56
CA TYR C 401 26.08 65.44 -8.23
C TYR C 401 26.54 64.24 -9.01
N ARG C 402 26.76 64.40 -10.32
CA ARG C 402 27.34 63.32 -11.11
C ARG C 402 28.84 63.32 -10.86
N ASP C 403 29.57 62.38 -11.45
CA ASP C 403 30.99 62.30 -11.11
C ASP C 403 31.81 63.61 -11.19
N ARG C 404 31.83 64.16 -12.40
CA ARG C 404 32.65 65.36 -12.65
C ARG C 404 32.36 66.38 -11.59
N GLU C 405 31.11 66.86 -11.66
CA GLU C 405 30.61 67.83 -10.73
C GLU C 405 30.88 67.46 -9.27
N LEU C 406 30.76 66.20 -8.91
CA LEU C 406 31.10 65.90 -7.53
C LEU C 406 32.59 66.05 -7.26
N LYS C 407 33.42 65.65 -8.23
CA LYS C 407 34.87 65.65 -8.02
C LYS C 407 35.31 67.11 -8.07
N ASP C 408 34.59 67.88 -8.86
CA ASP C 408 34.86 69.30 -8.92
C ASP C 408 34.84 69.79 -7.50
N HIS C 409 33.67 69.65 -6.89
CA HIS C 409 33.42 70.00 -5.50
C HIS C 409 34.54 69.63 -4.55
N LEU C 410 34.99 68.40 -4.57
CA LEU C 410 35.99 68.05 -3.58
C LEU C 410 37.33 68.70 -3.83
N ALA C 411 37.57 69.03 -5.10
CA ALA C 411 38.82 69.67 -5.52
C ALA C 411 38.84 71.02 -4.87
N THR C 412 37.65 71.58 -4.87
CA THR C 412 37.36 72.84 -4.25
C THR C 412 37.75 73.00 -2.78
N LEU C 413 37.64 71.94 -2.00
CA LEU C 413 37.83 72.06 -0.57
C LEU C 413 39.15 72.61 -0.08
N LYS C 414 40.26 72.23 -0.71
CA LYS C 414 41.53 72.74 -0.24
C LYS C 414 42.51 73.03 -1.37
N PRO C 415 43.66 73.58 -1.01
CA PRO C 415 44.66 73.95 -2.01
C PRO C 415 45.41 72.67 -2.34
N TRP C 416 44.69 71.74 -2.95
CA TRP C 416 45.27 70.44 -3.18
C TRP C 416 46.66 70.57 -3.78
N ASP C 417 46.76 71.25 -4.91
CA ASP C 417 48.04 71.39 -5.61
C ASP C 417 49.10 72.10 -4.78
N LYS C 418 48.78 73.28 -4.30
CA LYS C 418 49.75 73.97 -3.49
C LYS C 418 50.29 72.98 -2.48
N TRP C 419 49.44 72.09 -2.00
CA TRP C 419 49.85 71.21 -0.91
C TRP C 419 50.66 70.10 -1.44
N VAL C 420 50.19 69.61 -2.58
CA VAL C 420 50.83 68.52 -3.27
C VAL C 420 52.25 68.95 -3.64
N GLN C 421 52.38 70.18 -4.13
CA GLN C 421 53.68 70.73 -4.46
C GLN C 421 54.67 70.65 -3.30
N ASN C 422 54.23 70.17 -2.15
CA ASN C 422 55.15 70.09 -1.01
C ASN C 422 55.99 68.82 -0.99
N THR C 423 55.89 67.97 -2.00
CA THR C 423 56.63 66.71 -1.95
C THR C 423 57.94 66.74 -2.68
N THR C 424 58.94 66.13 -2.09
CA THR C 424 60.23 66.01 -2.75
C THR C 424 60.33 64.78 -3.64
N HIS C 425 60.14 64.87 -4.95
CA HIS C 425 60.35 63.71 -5.81
C HIS C 425 61.84 63.41 -6.01
N LEU C 426 62.46 62.58 -5.19
CA LEU C 426 63.87 62.37 -5.40
C LEU C 426 64.23 61.44 -6.57
N ASP C 427 63.53 61.63 -7.67
CA ASP C 427 63.68 60.77 -8.84
C ASP C 427 64.81 61.23 -9.67
N GLU C 428 64.60 62.41 -10.26
CA GLU C 428 65.60 63.04 -11.09
C GLU C 428 66.88 63.09 -10.31
N LEU C 429 66.82 63.49 -9.07
CA LEU C 429 68.08 63.48 -8.38
C LEU C 429 68.75 62.11 -8.51
N VAL C 430 67.96 61.07 -8.67
CA VAL C 430 68.52 59.72 -8.65
C VAL C 430 68.95 59.20 -10.01
N LYS C 431 68.21 59.61 -11.03
CA LYS C 431 68.49 59.25 -12.40
C LYS C 431 69.79 59.91 -12.81
N THR C 432 69.92 61.17 -12.44
CA THR C 432 71.15 61.90 -12.62
C THR C 432 72.30 60.97 -12.23
N ALA C 433 72.59 60.79 -10.96
CA ALA C 433 73.71 59.94 -10.61
C ALA C 433 73.84 58.62 -11.38
N SER C 434 72.80 58.17 -12.05
CA SER C 434 72.94 56.88 -12.71
C SER C 434 73.68 57.10 -14.01
N LEU C 435 73.19 58.07 -14.77
CA LEU C 435 73.80 58.53 -16.01
C LEU C 435 75.23 58.95 -15.70
N LYS C 436 75.42 59.57 -14.55
CA LYS C 436 76.77 59.93 -14.18
C LYS C 436 77.59 58.66 -13.98
N GLY C 437 76.95 57.49 -14.11
CA GLY C 437 77.70 56.26 -14.03
C GLY C 437 77.53 55.21 -12.95
N GLU C 438 76.79 54.18 -13.29
CA GLU C 438 76.61 53.06 -12.39
C GLU C 438 77.97 52.46 -12.16
N PRO C 439 78.48 52.54 -10.94
CA PRO C 439 79.84 52.09 -10.63
C PRO C 439 79.98 50.60 -10.49
N SER C 440 81.17 50.15 -10.14
CA SER C 440 81.38 48.76 -9.81
C SER C 440 82.76 48.60 -9.21
N ASP C 441 82.84 47.92 -8.07
CA ASP C 441 84.09 47.91 -7.35
C ASP C 441 84.55 46.57 -6.87
N MET C 442 84.16 45.50 -7.53
CA MET C 442 84.64 44.23 -7.01
C MET C 442 85.46 43.56 -8.06
N ASP C 443 86.49 42.81 -7.70
CA ASP C 443 87.08 42.12 -8.82
C ASP C 443 86.48 40.76 -9.00
N LYS C 444 86.13 40.43 -10.23
CA LYS C 444 85.67 39.09 -10.54
C LYS C 444 86.05 38.10 -9.47
N ALA C 445 87.24 38.18 -8.92
CA ALA C 445 87.55 37.15 -7.92
C ALA C 445 86.59 37.19 -6.75
N GLU C 446 86.02 38.35 -6.52
CA GLU C 446 85.06 38.55 -5.44
C GLU C 446 83.65 38.17 -5.87
N LEU C 447 83.13 38.96 -6.80
CA LEU C 447 81.85 38.68 -7.38
C LEU C 447 81.70 37.19 -7.31
N ARG C 448 82.59 36.46 -7.96
CA ARG C 448 82.44 35.01 -8.02
C ARG C 448 82.26 34.36 -6.64
N ARG C 449 83.04 34.80 -5.67
CA ARG C 449 82.89 34.13 -4.40
C ARG C 449 81.67 34.48 -3.58
N ARG C 450 81.31 35.76 -3.56
CA ARG C 450 80.07 36.07 -2.91
C ARG C 450 79.11 35.25 -3.70
N GLN C 451 78.71 35.69 -4.88
CA GLN C 451 77.85 34.85 -5.71
C GLN C 451 77.74 33.38 -5.28
N GLN C 452 78.87 32.75 -4.99
CA GLN C 452 78.87 31.35 -4.55
C GLN C 452 78.21 31.19 -3.16
N ALA C 453 78.34 32.24 -2.36
CA ALA C 453 77.78 32.20 -1.02
C ALA C 453 76.28 31.94 -1.10
N PHE C 454 75.56 32.77 -1.84
CA PHE C 454 74.20 32.45 -2.09
C PHE C 454 74.03 31.39 -3.16
N GLY C 455 74.94 30.45 -3.31
CA GLY C 455 74.74 29.39 -4.31
C GLY C 455 74.26 29.71 -5.73
N LEU C 456 74.62 30.87 -6.28
CA LEU C 456 74.30 31.26 -7.67
C LEU C 456 75.02 30.44 -8.75
N THR C 457 74.57 30.52 -10.00
CA THR C 457 75.15 29.71 -11.06
C THR C 457 75.21 30.28 -12.48
N MET C 458 75.78 29.53 -13.41
CA MET C 458 75.79 30.07 -14.72
C MET C 458 74.42 30.17 -15.31
N GLU C 459 73.61 29.13 -15.10
CA GLU C 459 72.23 29.08 -15.58
C GLU C 459 71.55 30.35 -15.15
N ASP C 460 71.93 30.73 -13.94
CA ASP C 460 71.43 31.95 -13.31
C ASP C 460 71.83 33.18 -14.05
N MET C 461 73.07 33.18 -14.54
CA MET C 461 73.64 34.36 -15.18
C MET C 461 73.26 34.46 -16.61
N GLU C 462 73.23 33.31 -17.27
CA GLU C 462 72.99 33.26 -18.68
C GLU C 462 71.54 33.24 -19.02
N LEU C 463 70.83 32.36 -18.31
CA LEU C 463 69.44 32.04 -18.59
C LEU C 463 68.41 33.07 -18.21
N ILE C 464 68.79 33.75 -17.14
CA ILE C 464 67.86 34.59 -16.38
C ILE C 464 68.21 36.05 -16.14
N LEU C 465 69.46 36.30 -15.78
CA LEU C 465 69.93 37.65 -15.58
C LEU C 465 70.08 38.30 -16.94
N HIS C 466 70.99 37.78 -17.74
CA HIS C 466 71.12 38.26 -19.08
C HIS C 466 69.91 38.79 -19.83
N PRO C 467 68.89 37.96 -20.02
CA PRO C 467 67.77 38.42 -20.85
C PRO C 467 67.24 39.66 -20.24
N MET C 468 67.38 39.79 -18.93
CA MET C 468 66.80 40.98 -18.32
C MET C 468 67.51 42.20 -18.89
N VAL C 469 68.83 42.17 -18.73
CA VAL C 469 69.71 43.22 -19.23
C VAL C 469 69.56 43.51 -20.72
N GLU C 470 69.51 42.42 -21.49
CA GLU C 470 69.43 42.56 -22.89
C GLU C 470 68.10 43.06 -23.29
N ASP C 471 67.09 42.22 -23.25
CA ASP C 471 65.71 42.59 -23.67
C ASP C 471 64.91 43.43 -22.71
N GLY C 472 65.36 43.53 -21.47
CA GLY C 472 64.56 44.24 -20.50
C GLY C 472 63.20 43.56 -20.37
N LYS C 473 63.28 42.28 -20.05
CA LYS C 473 62.10 41.48 -20.04
C LYS C 473 62.56 40.27 -19.32
N GLU C 474 61.66 39.53 -18.69
CA GLU C 474 62.22 38.41 -18.00
C GLU C 474 62.08 37.16 -18.78
N ALA C 475 63.04 36.31 -18.52
CA ALA C 475 63.14 35.01 -19.15
C ALA C 475 61.87 34.24 -19.32
N ILE C 476 61.56 33.87 -20.54
CA ILE C 476 60.46 32.94 -20.75
C ILE C 476 61.03 31.55 -20.96
N GLY C 477 60.22 30.54 -20.68
CA GLY C 477 60.67 29.14 -20.72
C GLY C 477 59.60 28.14 -21.04
N SER C 478 59.86 26.87 -20.73
CA SER C 478 58.81 25.90 -21.01
C SER C 478 58.87 24.60 -20.28
N MET C 479 57.81 23.78 -20.35
CA MET C 479 57.75 22.54 -19.56
C MET C 479 57.65 22.85 -18.02
N GLY C 480 57.08 21.93 -17.25
CA GLY C 480 56.85 22.22 -15.85
C GLY C 480 58.05 22.38 -14.95
N ASP C 481 57.79 22.48 -13.68
CA ASP C 481 58.88 22.61 -12.75
C ASP C 481 59.04 21.27 -12.13
N ASP C 482 59.96 20.48 -12.61
CA ASP C 482 60.07 19.21 -11.98
C ASP C 482 61.15 19.08 -10.97
N SER C 483 61.57 20.16 -10.34
CA SER C 483 62.66 19.96 -9.39
C SER C 483 62.05 19.61 -8.09
N PRO C 484 62.82 19.29 -7.07
CA PRO C 484 62.27 18.96 -5.78
C PRO C 484 61.57 20.14 -5.27
N ILE C 485 60.82 20.07 -4.18
CA ILE C 485 60.30 21.30 -3.65
C ILE C 485 61.44 21.65 -2.70
N ALA C 486 61.76 22.93 -2.70
CA ALA C 486 62.89 23.37 -1.90
C ALA C 486 63.14 22.70 -0.59
N VAL C 487 62.18 22.57 0.34
CA VAL C 487 62.65 21.97 1.60
C VAL C 487 63.33 20.64 1.38
N LEU C 488 62.78 19.88 0.47
CA LEU C 488 63.27 18.57 0.22
C LEU C 488 64.56 18.71 -0.58
N SER C 489 64.85 19.88 -1.13
CA SER C 489 66.08 19.96 -1.88
C SER C 489 67.28 19.58 -1.12
N ASP C 490 68.21 19.19 -1.94
CA ASP C 490 69.51 18.63 -1.66
C ASP C 490 70.54 19.75 -1.73
N LYS C 491 70.11 20.88 -2.27
CA LYS C 491 71.01 21.93 -2.64
C LYS C 491 70.65 23.34 -2.27
N TYR C 492 71.50 23.99 -1.50
CA TYR C 492 71.19 25.38 -1.14
C TYR C 492 70.19 26.09 -2.05
N ARG C 493 69.05 26.44 -1.48
CA ARG C 493 68.04 27.19 -2.17
C ARG C 493 67.80 28.36 -1.24
N GLY C 494 67.44 29.52 -1.77
CA GLY C 494 67.28 30.67 -0.89
C GLY C 494 65.88 30.92 -0.38
N LEU C 495 65.75 31.51 0.79
CA LEU C 495 64.39 31.73 1.30
C LEU C 495 63.39 32.00 0.25
N HIS C 496 63.68 32.89 -0.68
CA HIS C 496 62.62 33.21 -1.59
C HIS C 496 61.97 31.98 -2.26
N HIS C 497 62.70 30.88 -2.27
CA HIS C 497 62.18 29.67 -2.85
C HIS C 497 60.97 29.11 -2.13
N PHE C 498 61.00 29.14 -0.80
CA PHE C 498 59.90 28.73 0.03
C PHE C 498 58.73 29.69 0.05
N PHE C 499 58.85 30.94 -0.37
CA PHE C 499 57.65 31.74 -0.34
C PHE C 499 56.91 31.64 -1.62
N ARG C 500 55.70 31.10 -1.70
CA ARG C 500 55.04 31.08 -3.02
C ARG C 500 54.16 32.26 -3.37
N GLN C 501 54.23 32.81 -4.56
CA GLN C 501 53.39 33.98 -4.85
C GLN C 501 51.97 33.53 -4.86
N ASN C 502 51.09 34.33 -4.27
CA ASN C 502 49.68 34.01 -4.10
C ASN C 502 49.14 34.54 -5.36
N PHE C 503 47.89 34.27 -5.72
CA PHE C 503 47.34 34.77 -6.94
C PHE C 503 45.86 34.54 -6.81
N SER C 504 45.05 35.02 -7.75
CA SER C 504 43.67 34.84 -7.39
C SER C 504 42.83 33.99 -8.31
N GLN C 505 41.86 33.28 -7.76
CA GLN C 505 41.08 32.35 -8.57
C GLN C 505 39.63 32.60 -8.81
N VAL C 506 38.76 32.53 -7.85
CA VAL C 506 37.48 32.81 -8.49
C VAL C 506 36.86 33.98 -7.81
N THR C 507 37.35 34.19 -6.63
CA THR C 507 36.91 35.28 -5.83
C THR C 507 37.04 36.57 -6.57
N ASN C 508 38.23 36.92 -7.03
CA ASN C 508 38.46 38.12 -7.86
C ASN C 508 39.35 37.88 -9.07
N PRO C 509 39.28 38.72 -10.10
CA PRO C 509 40.10 38.57 -11.30
C PRO C 509 41.44 39.22 -11.12
N PRO C 510 42.42 38.74 -11.85
CA PRO C 510 43.75 39.35 -11.87
C PRO C 510 43.73 40.31 -13.05
N ILE C 511 44.59 41.32 -13.07
CA ILE C 511 44.55 42.36 -14.09
C ILE C 511 45.48 42.08 -15.21
N ASP C 512 45.37 42.89 -16.28
CA ASP C 512 46.37 42.81 -17.36
C ASP C 512 47.42 43.86 -17.14
N SER C 513 48.61 43.49 -16.69
CA SER C 513 49.61 44.51 -16.53
C SER C 513 50.23 44.92 -17.84
N LEU C 514 49.85 44.34 -18.97
CA LEU C 514 50.42 44.90 -20.18
C LEU C 514 49.37 45.86 -20.66
N ARG C 515 48.29 45.30 -21.17
CA ARG C 515 47.30 46.17 -21.73
C ARG C 515 46.73 47.20 -20.78
N GLU C 516 46.86 46.99 -19.48
CA GLU C 516 46.25 47.91 -18.55
C GLU C 516 47.20 48.55 -17.56
N ARG C 517 48.46 48.70 -17.97
CA ARG C 517 49.50 49.20 -17.08
C ARG C 517 49.22 50.57 -16.53
N ARG C 518 48.48 51.37 -17.29
CA ARG C 518 48.15 52.71 -16.82
C ARG C 518 47.42 52.78 -15.45
N VAL C 519 46.73 51.75 -15.04
CA VAL C 519 46.07 51.88 -13.75
C VAL C 519 46.92 51.38 -12.67
N MET C 520 48.04 50.79 -12.98
CA MET C 520 48.76 50.12 -11.93
C MET C 520 49.69 51.15 -11.31
N SER C 521 50.72 50.78 -10.55
CA SER C 521 51.68 51.74 -10.06
C SER C 521 52.69 51.29 -9.01
N LEU C 522 53.89 51.88 -8.97
CA LEU C 522 54.90 51.46 -8.06
C LEU C 522 55.45 52.60 -7.23
N LYS C 523 54.66 53.68 -7.17
CA LYS C 523 55.20 54.81 -6.41
C LYS C 523 55.64 54.40 -5.05
N THR C 524 56.63 55.05 -4.51
CA THR C 524 57.09 54.67 -3.19
C THR C 524 57.31 55.97 -2.45
N ARG C 525 57.10 56.02 -1.14
CA ARG C 525 57.15 57.26 -0.37
C ARG C 525 57.88 57.00 0.90
N LEU C 526 58.86 57.79 1.26
CA LEU C 526 59.44 57.53 2.55
C LEU C 526 58.96 58.68 3.48
N GLY C 527 58.40 58.29 4.64
CA GLY C 527 57.88 59.21 5.64
C GLY C 527 56.56 59.91 5.31
N ASN C 528 55.52 59.14 5.03
CA ASN C 528 54.23 59.75 4.76
C ASN C 528 53.19 59.11 5.69
N LEU C 529 53.73 58.63 6.80
CA LEU C 529 52.94 57.90 7.75
C LEU C 529 52.57 58.67 9.00
N GLY C 530 51.57 59.56 8.94
CA GLY C 530 51.19 60.32 10.12
C GLY C 530 49.73 60.20 10.59
N ASN C 531 48.93 61.22 10.32
CA ASN C 531 47.61 61.07 10.83
C ASN C 531 46.53 60.87 9.84
N ILE C 532 46.17 59.64 9.58
CA ILE C 532 45.13 59.53 8.60
C ILE C 532 44.02 60.49 9.00
N LEU C 533 44.00 60.88 10.28
CA LEU C 533 42.90 61.71 10.81
C LEU C 533 42.90 63.19 10.53
N ASP C 534 44.12 63.71 10.37
CA ASP C 534 44.46 65.07 9.96
C ASP C 534 44.09 65.43 8.52
N GLU C 535 43.91 66.72 8.25
CA GLU C 535 43.68 67.12 6.86
C GLU C 535 44.43 68.42 6.70
N ASP C 536 45.75 68.34 6.80
CA ASP C 536 46.57 69.52 6.68
C ASP C 536 47.71 69.31 5.66
N GLU C 537 48.11 70.36 4.95
CA GLU C 537 49.17 70.24 3.96
C GLU C 537 50.42 69.58 4.51
N THR C 538 50.60 69.53 5.81
CA THR C 538 51.85 68.96 6.28
C THR C 538 51.97 67.48 5.94
N GLN C 539 50.95 66.99 5.24
CA GLN C 539 50.85 65.58 4.90
C GLN C 539 51.51 65.25 3.59
N THR C 540 52.02 66.26 2.90
CA THR C 540 52.66 66.04 1.65
C THR C 540 54.17 66.08 1.80
N ARG C 541 54.64 66.35 3.01
CA ARG C 541 56.07 66.40 3.20
C ARG C 541 56.78 65.04 3.34
N LEU C 542 57.10 64.45 2.20
CA LEU C 542 57.72 63.14 2.17
C LEU C 542 58.49 62.98 0.86
N LEU C 543 59.45 62.05 0.83
CA LEU C 543 60.23 61.82 -0.40
C LEU C 543 59.48 60.78 -1.20
N GLN C 544 59.65 60.80 -2.53
CA GLN C 544 58.90 59.91 -3.39
C GLN C 544 59.73 59.37 -4.55
N LEU C 545 59.76 58.05 -4.67
CA LEU C 545 60.43 57.36 -5.76
C LEU C 545 59.34 56.93 -6.67
N GLU C 546 59.68 56.23 -7.72
CA GLU C 546 58.66 55.77 -8.63
C GLU C 546 58.85 54.28 -8.82
N SER C 547 59.82 53.74 -8.09
CA SER C 547 60.02 52.30 -7.98
C SER C 547 60.77 51.95 -6.71
N PRO C 548 60.31 50.94 -6.03
CA PRO C 548 61.00 50.57 -4.82
C PRO C 548 62.39 50.17 -5.26
N VAL C 549 62.60 50.14 -6.57
CA VAL C 549 63.88 49.63 -7.10
C VAL C 549 65.04 50.61 -7.31
N LEU C 550 66.20 50.32 -6.75
CA LEU C 550 67.34 51.24 -6.97
C LEU C 550 68.69 50.64 -7.42
N THR C 551 69.28 51.18 -8.48
CA THR C 551 70.60 50.76 -8.97
C THR C 551 71.63 51.33 -8.01
N THR C 552 72.76 50.65 -7.86
CA THR C 552 73.70 51.12 -6.84
C THR C 552 73.97 52.58 -6.93
N ALA C 553 73.85 53.14 -8.12
CA ALA C 553 74.04 54.57 -8.31
C ALA C 553 72.96 55.21 -7.49
N GLU C 554 71.75 55.26 -8.06
CA GLU C 554 70.59 55.86 -7.41
C GLU C 554 70.50 55.54 -5.95
N PHE C 555 70.89 54.34 -5.55
CA PHE C 555 70.74 54.10 -4.13
C PHE C 555 71.49 55.11 -3.29
N ARG C 556 72.79 55.22 -3.52
CA ARG C 556 73.62 56.17 -2.78
C ARG C 556 73.13 57.56 -3.01
N ALA C 557 72.59 57.82 -4.18
CA ALA C 557 72.11 59.15 -4.39
C ALA C 557 71.35 59.50 -3.16
N MET C 558 70.34 58.67 -2.92
CA MET C 558 69.34 58.76 -1.87
C MET C 558 70.01 58.69 -0.54
N ARG C 559 70.73 57.60 -0.32
CA ARG C 559 71.29 57.42 1.00
C ARG C 559 72.04 58.64 1.51
N ASP C 560 72.33 59.54 0.61
CA ASP C 560 73.12 60.72 0.94
C ASP C 560 72.11 61.76 1.29
N TYR C 561 71.33 62.15 0.32
CA TYR C 561 70.24 63.03 0.65
C TYR C 561 69.66 62.76 2.04
N MET C 562 69.72 61.52 2.52
CA MET C 562 69.21 61.19 3.84
C MET C 562 70.23 61.65 4.87
N GLY C 563 71.24 60.86 5.13
CA GLY C 563 72.32 61.34 5.96
C GLY C 563 72.28 61.02 7.42
N ASP C 564 72.23 62.08 8.20
CA ASP C 564 72.18 62.03 9.65
C ASP C 564 70.89 61.26 9.98
N THR C 565 69.93 61.40 9.08
CA THR C 565 68.66 60.75 9.17
C THR C 565 68.62 59.25 9.00
N ALA C 566 69.64 58.66 8.39
CA ALA C 566 69.57 57.24 8.13
C ALA C 566 70.32 56.46 9.18
N ALA C 567 70.11 55.15 9.22
CA ALA C 567 70.85 54.32 10.15
C ALA C 567 71.17 52.99 9.46
N GLU C 568 72.32 52.43 9.73
CA GLU C 568 72.64 51.24 8.96
C GLU C 568 72.77 50.07 9.88
N ILE C 569 72.04 49.01 9.56
CA ILE C 569 72.13 47.89 10.45
C ILE C 569 72.82 46.79 9.70
N ASP C 570 73.67 46.07 10.41
CA ASP C 570 74.47 44.98 9.92
C ASP C 570 73.75 43.65 9.80
N ALA C 571 73.00 43.41 8.73
CA ALA C 571 72.33 42.13 8.68
C ALA C 571 73.31 40.98 8.49
N THR C 572 74.13 40.68 9.48
CA THR C 572 75.08 39.61 9.26
C THR C 572 75.47 38.81 10.48
N PHE C 573 76.05 37.63 10.39
CA PHE C 573 76.45 37.04 11.65
C PHE C 573 77.67 36.22 11.57
N PRO C 574 78.33 36.13 12.69
CA PRO C 574 79.59 35.43 12.86
C PRO C 574 79.45 34.00 12.49
N VAL C 575 80.50 33.26 12.23
CA VAL C 575 80.31 31.87 11.88
C VAL C 575 80.93 31.17 13.05
N ASP C 576 81.93 31.82 13.63
CA ASP C 576 82.49 31.29 14.85
C ASP C 576 81.36 31.29 15.90
N GLY C 577 80.26 32.00 15.61
CA GLY C 577 79.10 32.18 16.48
C GLY C 577 78.52 31.19 17.47
N GLY C 578 78.24 29.97 17.03
CA GLY C 578 77.70 28.94 17.87
C GLY C 578 76.35 28.60 17.30
N PRO C 579 75.73 27.62 17.92
CA PRO C 579 74.46 27.09 17.47
C PRO C 579 73.42 28.17 17.41
N GLU C 580 73.59 29.23 18.19
CA GLU C 580 72.56 30.25 18.23
C GLU C 580 72.93 31.51 17.49
N ALA C 581 73.94 31.41 16.66
CA ALA C 581 74.43 32.59 15.99
C ALA C 581 73.39 33.44 15.34
N LEU C 582 72.63 32.87 14.43
CA LEU C 582 71.65 33.61 13.65
C LEU C 582 70.49 34.19 14.48
N ARG C 583 70.09 33.47 15.52
CA ARG C 583 69.04 33.90 16.42
C ARG C 583 69.33 35.27 17.07
N ASP C 584 70.37 35.29 17.90
CA ASP C 584 70.84 36.49 18.52
C ASP C 584 71.15 37.55 17.50
N ALA C 585 71.54 37.09 16.34
CA ALA C 585 71.78 38.02 15.29
C ALA C 585 70.50 38.76 15.01
N LEU C 586 69.45 37.97 14.85
CA LEU C 586 68.13 38.48 14.51
C LEU C 586 67.58 39.35 15.65
N ARG C 587 67.99 39.04 16.89
CA ARG C 587 67.55 39.87 18.01
C ARG C 587 68.14 41.23 17.82
N ARG C 588 69.47 41.22 17.90
CA ARG C 588 70.36 42.36 17.65
C ARG C 588 69.85 43.30 16.61
N ILE C 589 69.64 42.79 15.40
CA ILE C 589 69.18 43.73 14.40
C ILE C 589 67.94 44.43 14.81
N ARG C 590 67.04 43.61 15.37
CA ARG C 590 65.75 44.04 15.88
C ARG C 590 65.83 45.17 16.89
N GLN C 591 66.68 44.96 17.89
CA GLN C 591 66.99 45.98 18.87
C GLN C 591 67.64 47.24 18.28
N GLU C 592 68.78 47.04 17.61
CA GLU C 592 69.44 48.17 16.97
C GLU C 592 68.46 49.00 16.15
N THR C 593 67.57 48.37 15.42
CA THR C 593 66.72 49.25 14.68
C THR C 593 65.87 50.03 15.67
N GLU C 594 65.54 49.39 16.78
CA GLU C 594 64.64 50.01 17.77
C GLU C 594 65.34 51.31 18.17
N ASP C 595 66.40 51.12 18.93
CA ASP C 595 67.20 52.25 19.34
C ASP C 595 67.28 53.26 18.20
N ALA C 596 67.99 52.96 17.14
CA ALA C 596 67.93 53.92 16.06
C ALA C 596 66.57 54.63 16.04
N VAL C 597 65.46 53.96 15.73
CA VAL C 597 64.25 54.75 15.48
C VAL C 597 63.81 55.68 16.60
N ARG C 598 64.02 55.16 17.80
CA ARG C 598 63.71 55.86 19.03
C ARG C 598 64.63 57.05 19.03
N GLY C 599 65.92 56.77 19.02
CA GLY C 599 66.96 57.77 18.93
C GLY C 599 66.69 58.93 17.98
N GLY C 600 65.76 58.80 17.04
CA GLY C 600 65.44 59.91 16.18
C GLY C 600 65.55 59.56 14.72
N ALA C 601 66.21 58.44 14.41
CA ALA C 601 66.41 57.93 13.05
C ALA C 601 65.10 57.88 12.23
N THR C 602 65.16 58.06 10.93
CA THR C 602 63.97 58.12 10.09
C THR C 602 64.02 57.21 8.81
N HIS C 603 65.12 56.46 8.69
CA HIS C 603 65.34 55.60 7.56
C HIS C 603 66.30 54.53 8.00
N VAL C 604 66.05 53.31 7.57
CA VAL C 604 66.90 52.25 8.01
C VAL C 604 67.46 51.54 6.81
N ILE C 605 68.71 51.18 6.95
CA ILE C 605 69.32 50.54 5.85
C ILE C 605 69.85 49.28 6.43
N LEU C 606 69.31 48.23 5.86
CA LEU C 606 69.64 46.92 6.35
C LEU C 606 70.56 46.34 5.33
N THR C 607 71.67 45.71 5.73
CA THR C 607 72.59 45.16 4.74
C THR C 607 73.58 44.00 5.05
N ASP C 608 73.88 43.21 4.00
CA ASP C 608 74.79 42.06 4.00
C ASP C 608 76.23 42.40 3.60
N GLU C 609 76.44 43.65 3.15
CA GLU C 609 77.76 44.17 2.80
C GLU C 609 78.78 43.62 3.76
N ALA C 610 78.61 43.66 5.04
CA ALA C 610 79.78 43.12 5.66
C ALA C 610 79.90 41.64 5.65
N MET C 611 79.31 40.96 4.67
CA MET C 611 79.55 39.52 4.57
C MET C 611 81.03 39.18 4.30
N GLY C 612 81.63 38.25 5.02
CA GLY C 612 82.99 37.87 4.72
C GLY C 612 83.36 36.47 5.14
N PRO C 613 84.63 36.11 5.06
CA PRO C 613 85.04 34.77 5.49
C PRO C 613 84.67 34.51 6.94
N ALA C 614 84.38 35.56 7.68
CA ALA C 614 84.06 35.35 9.08
C ALA C 614 82.60 35.62 9.47
N ARG C 615 81.83 36.12 8.53
CA ARG C 615 80.47 36.42 8.76
C ARG C 615 79.58 36.00 7.64
N ALA C 616 78.64 35.10 7.95
CA ALA C 616 77.58 34.68 7.05
C ALA C 616 76.55 35.78 6.94
N ALA C 617 75.80 35.82 5.86
CA ALA C 617 74.81 36.85 5.74
C ALA C 617 73.42 36.43 6.30
N ILE C 618 72.69 37.31 6.96
CA ILE C 618 71.38 36.87 7.37
C ILE C 618 70.51 36.97 6.12
N PRO C 619 69.70 35.97 5.87
CA PRO C 619 68.81 35.94 4.71
C PRO C 619 68.01 37.18 4.71
N ALA C 620 68.37 38.15 3.89
CA ALA C 620 67.65 39.38 3.67
C ALA C 620 66.15 39.26 3.91
N ILE C 621 65.48 38.31 3.26
CA ILE C 621 64.06 38.16 3.52
C ILE C 621 63.70 38.05 5.01
N LEU C 622 64.37 37.15 5.70
CA LEU C 622 64.18 36.93 7.10
C LEU C 622 64.56 38.21 7.82
N ALA C 623 65.61 38.86 7.38
CA ALA C 623 66.03 40.02 8.16
C ALA C 623 65.04 41.14 7.97
N THR C 624 64.55 41.32 6.75
CA THR C 624 63.59 42.37 6.55
C THR C 624 62.35 42.10 7.39
N GLY C 625 61.80 40.89 7.38
CA GLY C 625 60.59 40.61 8.13
C GLY C 625 60.81 40.77 9.62
N ALA C 626 61.76 40.04 10.13
CA ALA C 626 62.05 40.27 11.52
C ALA C 626 62.02 41.74 11.82
N VAL C 627 62.59 42.56 10.97
CA VAL C 627 62.60 43.94 11.38
C VAL C 627 61.29 44.65 11.27
N HIS C 628 60.67 44.56 10.12
CA HIS C 628 59.43 45.22 9.92
C HIS C 628 58.44 44.79 11.01
N THR C 629 58.21 43.50 11.16
CA THR C 629 57.29 43.09 12.20
C THR C 629 57.61 43.74 13.55
N HIS C 630 58.61 43.28 14.25
CA HIS C 630 58.92 43.97 15.48
C HIS C 630 58.69 45.47 15.35
N LEU C 631 59.01 46.07 14.22
CA LEU C 631 58.70 47.49 14.16
C LEU C 631 57.22 47.74 14.37
N ILE C 632 56.35 46.95 13.75
CA ILE C 632 54.91 47.13 13.88
C ILE C 632 54.50 46.88 15.32
N ARG C 633 55.03 45.76 15.80
CA ARG C 633 54.80 45.35 17.16
C ARG C 633 55.25 46.38 18.13
N SER C 634 55.89 47.45 17.73
CA SER C 634 56.15 48.41 18.77
C SER C 634 55.77 49.77 18.30
N ASN C 635 54.80 49.79 17.40
CA ASN C 635 54.39 51.08 16.91
C ASN C 635 55.51 52.00 16.42
N LEU C 636 56.37 51.54 15.52
CA LEU C 636 57.56 52.32 15.21
C LEU C 636 57.70 52.40 13.71
N ARG C 637 57.30 51.31 13.10
CA ARG C 637 57.28 51.27 11.68
C ARG C 637 56.62 52.57 11.25
N THR C 638 55.80 53.22 12.02
CA THR C 638 55.25 54.39 11.36
C THR C 638 56.28 55.54 11.24
N PHE C 639 57.35 55.40 12.00
CA PHE C 639 58.41 56.38 11.93
C PHE C 639 59.57 56.16 10.94
N THR C 640 59.72 55.04 10.23
CA THR C 640 60.80 54.97 9.27
C THR C 640 60.36 54.36 8.00
N SER C 641 61.32 54.46 7.08
CA SER C 641 61.28 53.82 5.80
C SER C 641 62.26 52.70 6.11
N LEU C 642 62.12 51.56 5.42
CA LEU C 642 63.06 50.46 5.65
C LEU C 642 63.61 49.94 4.32
N ASN C 643 64.91 50.15 4.16
CA ASN C 643 65.60 49.91 2.89
C ASN C 643 66.69 48.87 3.03
N VAL C 644 66.64 47.97 2.06
CA VAL C 644 67.50 46.81 2.05
C VAL C 644 68.50 46.75 0.87
N ARG C 645 69.67 46.25 1.22
CA ARG C 645 70.73 46.03 0.28
C ARG C 645 70.97 44.53 0.35
N THR C 646 70.89 43.85 -0.79
CA THR C 646 71.05 42.43 -0.76
C THR C 646 71.98 41.88 -1.82
N ALA C 647 72.91 41.12 -1.31
CA ALA C 647 73.82 40.45 -2.19
C ALA C 647 73.13 39.25 -2.89
N GLU C 648 72.22 38.53 -2.22
CA GLU C 648 71.52 37.37 -2.82
C GLU C 648 70.43 37.68 -3.78
N GLY C 649 69.92 38.88 -3.79
CA GLY C 649 68.84 39.16 -4.70
C GLY C 649 69.24 39.15 -6.16
N LEU C 650 68.38 38.70 -7.07
CA LEU C 650 68.67 38.63 -8.49
C LEU C 650 67.43 38.71 -9.36
N ASP C 651 66.42 37.84 -9.22
CA ASP C 651 65.15 37.97 -10.01
C ASP C 651 63.97 38.71 -9.46
N THR C 652 62.98 38.92 -10.33
CA THR C 652 61.72 39.52 -9.87
C THR C 652 61.11 38.97 -8.60
N HIS C 653 60.91 37.67 -8.50
CA HIS C 653 60.39 37.08 -7.27
C HIS C 653 61.11 37.71 -6.06
N TYR C 654 62.37 37.41 -5.80
CA TYR C 654 63.03 38.04 -4.67
C TYR C 654 62.65 39.48 -4.39
N PHE C 655 62.34 40.30 -5.37
CA PHE C 655 62.02 41.64 -4.98
C PHE C 655 60.64 41.56 -4.34
N ALA C 656 59.68 41.05 -5.09
CA ALA C 656 58.31 40.89 -4.59
C ALA C 656 58.30 40.41 -3.12
N VAL C 657 58.93 39.30 -2.81
CA VAL C 657 58.89 38.87 -1.42
C VAL C 657 59.42 39.99 -0.56
N LEU C 658 60.71 40.31 -0.66
CA LEU C 658 61.18 41.44 0.16
C LEU C 658 60.17 42.58 0.33
N ILE C 659 59.63 43.05 -0.79
CA ILE C 659 58.83 44.23 -0.66
C ILE C 659 57.66 43.95 0.24
N GLY C 660 56.90 42.93 -0.11
CA GLY C 660 55.73 42.58 0.66
C GLY C 660 56.02 41.84 1.93
N VAL C 661 57.04 42.17 2.64
CA VAL C 661 57.23 41.53 3.91
C VAL C 661 57.86 42.70 4.64
N GLY C 662 57.64 43.91 4.09
CA GLY C 662 58.22 45.11 4.67
C GLY C 662 58.91 46.14 3.79
N ALA C 663 60.09 45.79 3.30
CA ALA C 663 60.90 46.64 2.44
C ALA C 663 60.24 47.81 1.73
N THR C 664 60.85 48.96 1.89
CA THR C 664 60.33 50.10 1.19
C THR C 664 60.95 50.17 -0.18
N THR C 665 62.25 49.91 -0.08
CA THR C 665 63.24 50.06 -1.09
C THR C 665 64.20 48.87 -1.09
N VAL C 666 64.61 48.50 -2.29
CA VAL C 666 65.58 47.42 -2.44
C VAL C 666 66.61 47.76 -3.50
N ASN C 667 67.81 47.26 -3.25
CA ASN C 667 68.96 47.43 -4.15
C ASN C 667 69.74 46.12 -4.30
N ALA C 668 69.59 45.52 -5.48
CA ALA C 668 70.29 44.26 -5.70
C ALA C 668 71.72 44.68 -6.11
N TYR C 669 72.57 44.82 -5.12
CA TYR C 669 73.84 45.36 -5.44
C TYR C 669 74.85 44.43 -6.11
N LEU C 670 74.86 43.15 -5.72
CA LEU C 670 75.83 42.21 -6.20
C LEU C 670 75.29 41.64 -7.44
N ALA C 671 74.43 42.33 -8.13
CA ALA C 671 73.88 41.69 -9.28
C ALA C 671 74.10 42.68 -10.38
N GLN C 672 74.18 43.94 -9.97
CA GLN C 672 74.48 45.03 -10.87
C GLN C 672 75.94 44.66 -11.04
N GLU C 673 76.61 44.33 -9.94
CA GLU C 673 77.97 43.90 -10.15
C GLU C 673 78.02 42.82 -11.22
N ALA C 674 77.48 41.65 -10.90
CA ALA C 674 77.52 40.58 -11.87
C ALA C 674 77.13 41.11 -13.25
N ILE C 675 76.18 42.04 -13.37
CA ILE C 675 75.92 42.59 -14.68
C ILE C 675 77.20 43.13 -15.36
N ALA C 676 77.82 44.16 -14.79
CA ALA C 676 79.13 44.70 -15.23
C ALA C 676 80.10 43.63 -15.74
N GLU C 677 80.50 42.74 -14.85
CA GLU C 677 81.47 41.74 -15.26
C GLU C 677 81.03 41.21 -16.63
N ARG C 678 79.81 40.74 -16.73
CA ARG C 678 79.32 40.31 -18.05
C ARG C 678 79.62 41.38 -19.10
N HIS C 679 79.32 42.62 -18.76
CA HIS C 679 79.43 43.70 -19.71
C HIS C 679 80.86 43.99 -20.19
N ARG C 680 81.84 43.78 -19.32
CA ARG C 680 83.22 43.95 -19.74
C ARG C 680 83.73 42.74 -20.46
N ARG C 681 82.89 41.93 -21.06
CA ARG C 681 83.48 40.86 -21.84
C ARG C 681 82.55 41.09 -23.01
N GLY C 682 82.11 42.34 -23.10
CA GLY C 682 81.21 42.72 -24.16
C GLY C 682 80.08 41.78 -24.49
N LEU C 683 79.63 41.03 -23.49
CA LEU C 683 78.48 40.18 -23.72
C LEU C 683 77.25 41.03 -24.03
N PHE C 684 77.23 42.32 -23.71
CA PHE C 684 76.00 42.99 -24.10
C PHE C 684 76.24 43.76 -25.35
N GLY C 685 77.50 43.75 -25.81
CA GLY C 685 77.92 44.45 -27.02
C GLY C 685 78.01 45.97 -26.89
N SER C 686 77.75 46.65 -27.99
CA SER C 686 77.81 48.12 -28.01
C SER C 686 77.32 48.83 -26.73
N MET C 687 76.15 48.37 -26.22
CA MET C 687 75.36 48.91 -25.10
C MET C 687 76.04 49.32 -23.82
N PRO C 688 75.88 50.57 -23.48
CA PRO C 688 76.46 51.10 -22.24
C PRO C 688 75.85 50.45 -20.99
N LEU C 689 76.76 50.11 -20.10
CA LEU C 689 76.44 49.56 -18.79
C LEU C 689 75.35 50.37 -18.14
N GLU C 690 75.14 51.60 -18.56
CA GLU C 690 74.15 52.39 -17.86
C GLU C 690 72.86 51.90 -18.46
N LYS C 691 72.65 52.09 -19.76
CA LYS C 691 71.45 51.56 -20.40
C LYS C 691 71.27 50.10 -19.94
N GLY C 692 72.39 49.43 -19.69
CA GLY C 692 72.35 48.10 -19.12
C GLY C 692 71.39 48.14 -17.94
N MET C 693 71.83 48.69 -16.80
CA MET C 693 70.97 48.78 -15.62
C MET C 693 69.58 49.26 -16.00
N ALA C 694 69.44 50.41 -16.63
CA ALA C 694 68.09 50.83 -16.97
C ALA C 694 67.19 49.68 -17.31
N ASN C 695 67.58 48.89 -18.30
CA ASN C 695 66.81 47.73 -18.67
C ASN C 695 66.61 46.86 -17.46
N TYR C 696 67.67 46.34 -16.88
CA TYR C 696 67.50 45.48 -15.71
C TYR C 696 66.35 45.99 -14.92
N LYS C 697 66.43 47.25 -14.56
CA LYS C 697 65.41 47.86 -13.75
C LYS C 697 64.03 47.78 -14.34
N LYS C 698 63.84 47.93 -15.62
CA LYS C 698 62.50 47.87 -16.13
C LYS C 698 62.03 46.43 -16.02
N ALA C 699 62.96 45.52 -16.16
CA ALA C 699 62.50 44.17 -16.15
C ALA C 699 62.01 43.88 -14.74
N ILE C 700 62.70 44.39 -13.75
CA ILE C 700 62.21 44.13 -12.43
C ILE C 700 60.99 45.00 -12.14
N ASP C 701 60.92 46.16 -12.73
CA ASP C 701 59.71 46.87 -12.45
C ASP C 701 58.57 46.15 -13.09
N ASP C 702 58.65 45.72 -14.34
CA ASP C 702 57.41 45.17 -14.86
C ASP C 702 57.33 43.89 -14.16
N GLY C 703 58.49 43.49 -13.65
CA GLY C 703 58.57 42.25 -12.92
C GLY C 703 57.42 42.17 -11.94
N LEU C 704 57.51 43.09 -10.94
CA LEU C 704 56.58 43.35 -9.86
C LEU C 704 55.20 43.65 -10.40
N LEU C 705 55.02 44.77 -11.05
CA LEU C 705 53.68 44.97 -11.57
C LEU C 705 53.03 43.65 -11.92
N LYS C 706 53.79 42.65 -12.27
CA LYS C 706 53.09 41.44 -12.72
C LYS C 706 52.71 40.58 -11.55
N ILE C 707 53.77 40.07 -10.95
CA ILE C 707 53.56 39.35 -9.73
C ILE C 707 52.32 39.96 -8.98
N MET C 708 52.21 41.28 -8.88
CA MET C 708 51.06 41.92 -8.24
C MET C 708 49.78 41.55 -8.98
N SER C 709 49.60 42.00 -10.21
CA SER C 709 48.39 41.64 -10.93
C SER C 709 47.84 40.24 -10.76
N LYS C 710 48.67 39.32 -10.28
CA LYS C 710 48.19 37.95 -10.14
C LYS C 710 47.03 37.80 -9.17
N MET C 711 46.89 38.74 -8.22
CA MET C 711 45.73 38.79 -7.26
C MET C 711 45.17 40.19 -7.38
N GLY C 712 44.57 40.48 -8.53
CA GLY C 712 44.25 41.81 -9.02
C GLY C 712 44.80 43.08 -8.37
N ILE C 713 45.97 43.04 -7.76
CA ILE C 713 46.36 44.27 -7.08
C ILE C 713 47.04 45.33 -7.95
N SER C 714 46.50 46.54 -7.99
CA SER C 714 47.06 47.56 -8.86
C SER C 714 48.10 48.47 -8.28
N VAL C 715 48.62 48.24 -7.08
CA VAL C 715 49.43 49.29 -6.51
C VAL C 715 50.35 48.89 -5.39
N ILE C 716 51.62 49.20 -5.51
CA ILE C 716 52.51 48.64 -4.54
C ILE C 716 52.31 48.98 -3.07
N SER C 717 51.76 50.14 -2.73
CA SER C 717 51.65 50.52 -1.32
C SER C 717 50.75 49.62 -0.49
N SER C 718 49.69 49.12 -1.09
CA SER C 718 48.81 48.17 -0.46
C SER C 718 49.55 46.83 -0.48
N TYR C 719 50.26 46.54 -1.54
CA TYR C 719 50.94 45.26 -1.60
C TYR C 719 52.03 45.18 -0.56
N ARG C 720 52.66 46.31 -0.28
CA ARG C 720 53.82 46.19 0.58
C ARG C 720 53.49 45.65 1.96
N GLY C 721 54.41 44.84 2.49
CA GLY C 721 54.17 44.28 3.81
C GLY C 721 52.94 43.40 3.91
N GLY C 722 52.13 43.33 2.85
CA GLY C 722 50.92 42.55 2.98
C GLY C 722 51.13 41.06 3.17
N GLY C 723 52.39 40.62 3.14
CA GLY C 723 52.70 39.20 3.22
C GLY C 723 51.93 38.32 2.25
N ASN C 724 51.83 38.67 0.97
CA ASN C 724 51.13 37.77 0.06
C ASN C 724 51.83 36.56 -0.51
N PHE C 725 52.33 35.73 0.37
CA PHE C 725 53.01 34.55 -0.04
C PHE C 725 52.46 33.44 0.73
N GLU C 726 52.84 32.23 0.42
CA GLU C 726 52.38 31.19 1.29
C GLU C 726 53.67 30.50 1.57
N ALA C 727 54.01 30.17 2.79
CA ALA C 727 55.26 29.47 2.95
C ALA C 727 55.20 27.97 2.81
N ILE C 728 55.86 27.32 1.89
CA ILE C 728 55.89 25.88 2.06
C ILE C 728 57.23 25.50 2.65
N GLY C 729 57.32 24.68 3.67
CA GLY C 729 58.64 24.34 4.12
C GLY C 729 59.30 24.96 5.32
N LEU C 730 58.92 26.16 5.71
CA LEU C 730 59.53 26.73 6.91
C LEU C 730 58.56 26.51 8.07
N SER C 731 59.09 26.41 9.29
CA SER C 731 58.27 26.18 10.47
C SER C 731 57.34 27.26 10.89
N ARG C 732 56.15 26.79 11.25
CA ARG C 732 54.99 27.52 11.72
C ARG C 732 55.45 28.54 12.66
N ALA C 733 55.98 28.05 13.78
CA ALA C 733 56.46 29.00 14.78
C ALA C 733 57.21 30.16 14.11
N LEU C 734 58.27 29.85 13.38
CA LEU C 734 59.04 30.85 12.69
C LEU C 734 58.21 31.85 11.89
N VAL C 735 57.46 31.34 10.95
CA VAL C 735 56.77 32.21 10.05
C VAL C 735 55.87 33.16 10.81
N ALA C 736 55.51 32.72 11.99
CA ALA C 736 54.58 33.50 12.79
C ALA C 736 55.47 34.51 13.44
N GLU C 737 56.38 34.01 14.25
CA GLU C 737 57.29 34.92 14.90
C GLU C 737 57.72 36.09 14.07
N HIS C 738 58.36 35.86 12.92
CA HIS C 738 58.94 36.96 12.09
C HIS C 738 58.37 37.46 10.78
N PHE C 739 57.30 36.98 10.21
CA PHE C 739 57.02 37.66 8.94
C PHE C 739 55.61 38.05 9.21
N PRO C 740 55.05 38.93 8.41
CA PRO C 740 53.62 39.24 8.53
C PRO C 740 52.80 37.94 8.49
N ALA C 741 51.49 38.04 8.56
CA ALA C 741 50.74 36.82 8.50
C ALA C 741 50.78 36.14 7.14
N MET C 742 51.21 34.89 7.19
CA MET C 742 51.19 34.02 6.05
C MET C 742 50.96 32.62 6.64
N VAL C 743 50.44 31.74 5.82
CA VAL C 743 50.16 30.41 6.20
C VAL C 743 51.45 29.64 6.08
N SER C 744 51.71 28.64 6.90
CA SER C 744 52.72 27.71 6.51
C SER C 744 52.20 26.34 6.98
N ARG C 745 51.15 25.87 6.25
CA ARG C 745 50.47 24.63 6.61
C ARG C 745 51.26 23.46 7.01
N ILE C 746 52.54 23.44 6.77
CA ILE C 746 53.37 22.49 7.51
C ILE C 746 54.59 23.18 7.96
N SER C 747 54.86 23.07 9.25
CA SER C 747 55.98 23.87 9.65
C SER C 747 57.09 23.32 8.77
N GLY C 748 58.28 23.85 8.88
CA GLY C 748 59.37 23.30 8.11
C GLY C 748 60.63 23.48 8.90
N ILE C 749 61.66 24.02 8.26
CA ILE C 749 62.90 24.17 8.97
C ILE C 749 62.67 25.37 9.80
N GLY C 750 63.64 25.60 10.67
CA GLY C 750 63.64 26.77 11.51
C GLY C 750 65.02 27.41 11.51
N LEU C 751 65.21 28.37 12.40
CA LEU C 751 66.47 29.06 12.48
C LEU C 751 67.60 28.05 12.52
N ASN C 752 67.52 27.09 13.39
CA ASN C 752 68.67 26.23 13.40
C ASN C 752 68.95 25.53 12.10
N GLY C 753 67.96 25.29 11.28
CA GLY C 753 68.31 24.59 10.06
C GLY C 753 68.85 25.68 9.19
N ILE C 754 68.02 26.69 8.99
CA ILE C 754 68.46 27.81 8.20
C ILE C 754 69.90 28.09 8.55
N GLN C 755 70.21 28.42 9.79
CA GLN C 755 71.62 28.64 10.09
C GLN C 755 72.53 27.60 9.45
N LYS C 756 72.29 26.35 9.77
CA LYS C 756 73.20 25.34 9.27
C LYS C 756 73.38 25.35 7.78
N LYS C 757 72.33 25.48 7.00
CA LYS C 757 72.48 25.51 5.56
C LYS C 757 73.16 26.80 5.12
N VAL C 758 72.79 27.93 5.68
CA VAL C 758 73.44 29.17 5.28
C VAL C 758 74.95 29.00 5.42
N LEU C 759 75.38 28.62 6.60
CA LEU C 759 76.77 28.43 6.79
C LEU C 759 77.42 27.40 5.86
N GLU C 760 76.68 26.45 5.30
CA GLU C 760 77.40 25.41 4.60
C GLU C 760 77.80 25.95 3.29
N GLN C 761 76.84 26.57 2.64
CA GLN C 761 77.06 27.21 1.39
C GLN C 761 78.18 28.24 1.65
N HIS C 762 78.18 28.87 2.80
CA HIS C 762 79.22 29.86 3.08
C HIS C 762 80.56 29.21 2.97
N ALA C 763 80.80 28.11 3.65
CA ALA C 763 82.13 27.51 3.58
C ALA C 763 82.52 27.24 2.14
N THR C 764 81.57 26.75 1.39
CA THR C 764 81.81 26.59 0.01
C THR C 764 82.51 27.81 -0.60
N ALA C 765 82.26 29.01 -0.12
CA ALA C 765 82.81 30.11 -0.85
C ALA C 765 83.91 30.94 -0.23
N TYR C 766 84.34 30.58 0.98
CA TYR C 766 85.41 31.27 1.64
C TYR C 766 86.30 30.24 2.23
N ASN C 767 86.12 29.01 1.78
CA ASN C 767 87.02 28.00 2.23
C ASN C 767 88.12 27.78 1.24
N GLU C 768 87.92 28.27 0.02
CA GLU C 768 88.99 28.28 -0.99
C GLU C 768 88.59 28.92 -2.31
N GLU C 769 89.58 29.09 -3.17
CA GLU C 769 89.45 29.75 -4.48
C GLU C 769 88.17 29.41 -5.25
N VAL C 770 87.68 30.38 -6.01
CA VAL C 770 86.50 30.14 -6.80
C VAL C 770 86.62 30.86 -8.14
N VAL C 771 86.95 30.15 -9.23
CA VAL C 771 87.07 30.81 -10.52
C VAL C 771 85.76 30.77 -11.33
N ALA C 772 84.99 29.68 -11.23
CA ALA C 772 83.70 29.60 -11.92
C ALA C 772 82.54 29.06 -11.07
N LEU C 773 81.35 29.61 -11.26
CA LEU C 773 80.21 29.05 -10.55
C LEU C 773 79.99 27.75 -11.23
N PRO C 774 79.27 26.88 -10.57
CA PRO C 774 78.83 25.64 -11.16
C PRO C 774 77.76 25.94 -12.20
N VAL C 775 77.43 24.95 -12.99
CA VAL C 775 76.57 25.18 -14.12
C VAL C 775 75.16 25.47 -13.74
N GLY C 776 74.66 24.58 -12.89
CA GLY C 776 73.28 24.68 -12.46
C GLY C 776 72.38 23.81 -13.30
N GLY C 777 71.38 23.24 -12.66
CA GLY C 777 70.47 22.36 -13.35
C GLY C 777 69.14 22.56 -12.65
N PHE C 778 68.84 23.81 -12.45
CA PHE C 778 67.63 24.08 -11.79
C PHE C 778 66.64 24.25 -12.87
N TYR C 779 66.84 25.16 -13.82
CA TYR C 779 65.86 25.29 -14.88
C TYR C 779 65.94 24.21 -15.94
N ARG C 780 66.90 23.30 -15.83
CA ARG C 780 67.05 22.25 -16.82
C ARG C 780 67.96 21.14 -16.34
N PHE C 781 67.68 19.91 -16.77
CA PHE C 781 68.44 18.83 -16.21
C PHE C 781 69.79 18.81 -16.80
N ARG C 782 70.84 18.86 -16.00
CA ARG C 782 72.15 18.69 -16.59
C ARG C 782 72.60 17.43 -15.92
N LYS C 783 73.75 16.88 -16.20
CA LYS C 783 73.89 15.62 -15.53
C LYS C 783 74.52 15.96 -14.23
N SER C 784 74.36 17.23 -13.90
CA SER C 784 74.86 17.66 -12.62
C SER C 784 73.99 17.46 -11.36
N GLY C 785 74.00 18.48 -10.50
CA GLY C 785 73.46 18.37 -9.16
C GLY C 785 71.99 18.26 -8.79
N ASP C 786 71.22 19.18 -9.34
CA ASP C 786 69.81 19.21 -9.12
C ASP C 786 69.18 18.10 -9.87
N ARG C 787 68.29 17.36 -9.23
CA ARG C 787 67.66 16.31 -9.94
C ARG C 787 66.37 16.86 -10.48
N HIS C 788 65.65 16.03 -11.22
CA HIS C 788 64.39 16.47 -11.76
C HIS C 788 63.61 15.18 -11.86
N GLY C 789 62.32 15.27 -12.12
CA GLY C 789 61.54 14.07 -12.24
C GLY C 789 61.95 13.45 -13.52
N TRP C 790 61.69 14.20 -14.56
CA TRP C 790 62.08 13.81 -15.88
C TRP C 790 63.57 14.10 -16.07
N GLU C 791 64.36 13.04 -16.14
CA GLU C 791 65.78 13.02 -16.39
C GLU C 791 65.89 11.95 -17.46
N GLY C 792 67.00 12.02 -18.20
CA GLY C 792 67.26 11.18 -19.34
C GLY C 792 67.00 9.72 -19.18
N GLY C 793 67.61 9.13 -18.18
CA GLY C 793 67.37 7.72 -18.04
C GLY C 793 65.90 7.33 -17.98
N VAL C 794 65.27 8.13 -17.17
CA VAL C 794 63.91 7.89 -16.88
C VAL C 794 63.16 8.04 -18.19
N ILE C 795 63.40 9.13 -18.90
CA ILE C 795 62.73 9.23 -20.20
C ILE C 795 62.96 8.14 -21.24
N HIS C 796 64.21 7.67 -21.28
CA HIS C 796 64.52 6.66 -22.22
C HIS C 796 63.68 5.45 -21.89
N THR C 797 63.90 4.92 -20.67
CA THR C 797 63.16 3.74 -20.18
C THR C 797 61.67 3.81 -20.39
N LEU C 798 61.11 4.98 -20.14
CA LEU C 798 59.70 5.02 -20.42
C LEU C 798 59.44 4.83 -21.92
N GLN C 799 60.26 5.49 -22.74
CA GLN C 799 60.05 5.45 -24.18
C GLN C 799 60.22 4.05 -24.71
N GLN C 800 61.28 3.47 -24.16
CA GLN C 800 61.58 2.09 -24.48
C GLN C 800 60.25 1.38 -24.19
N ALA C 801 59.81 1.50 -22.92
CA ALA C 801 58.60 0.81 -22.52
C ALA C 801 57.35 0.95 -23.38
N VAL C 802 56.95 2.15 -23.73
CA VAL C 802 55.72 2.25 -24.48
C VAL C 802 56.02 1.95 -25.91
N THR C 803 57.28 2.07 -26.31
CA THR C 803 57.52 1.75 -27.73
C THR C 803 57.60 0.25 -28.03
N ASN C 804 58.36 -0.48 -27.23
CA ASN C 804 58.46 -1.89 -27.43
C ASN C 804 57.24 -2.58 -26.88
N ASP C 805 56.42 -1.80 -26.18
CA ASP C 805 55.27 -2.34 -25.48
C ASP C 805 55.63 -3.36 -24.40
N SER C 806 56.61 -3.13 -23.51
CA SER C 806 56.77 -4.08 -22.44
C SER C 806 56.39 -3.51 -21.08
N TYR C 807 55.60 -4.25 -20.31
CA TYR C 807 55.19 -3.73 -19.04
C TYR C 807 56.33 -3.92 -18.13
N THR C 808 57.15 -4.88 -18.46
CA THR C 808 58.34 -5.05 -17.65
C THR C 808 59.27 -3.86 -17.78
N THR C 809 59.21 -3.21 -18.91
CA THR C 809 60.13 -2.12 -19.04
C THR C 809 59.54 -0.98 -18.30
N PHE C 810 58.24 -0.84 -18.47
CA PHE C 810 57.55 0.15 -17.65
C PHE C 810 57.91 0.02 -16.19
N LYS C 811 57.74 -1.18 -15.68
CA LYS C 811 58.05 -1.37 -14.30
C LYS C 811 59.45 -1.03 -13.93
N LYS C 812 60.33 -0.95 -14.90
CA LYS C 812 61.69 -0.77 -14.48
C LYS C 812 61.83 0.71 -14.41
N TYR C 813 61.07 1.41 -15.22
CA TYR C 813 61.08 2.86 -15.25
C TYR C 813 60.58 3.41 -13.91
N SER C 814 59.36 3.04 -13.58
CA SER C 814 58.77 3.44 -12.32
C SER C 814 59.62 3.11 -11.13
N GLU C 815 60.27 1.96 -11.13
CA GLU C 815 61.17 1.67 -10.05
C GLU C 815 62.29 2.70 -10.03
N GLN C 816 62.87 2.96 -11.19
CA GLN C 816 63.89 3.98 -11.35
C GLN C 816 63.32 5.23 -10.72
N VAL C 817 62.05 5.50 -10.97
CA VAL C 817 61.44 6.69 -10.46
C VAL C 817 61.16 6.69 -8.97
N ASN C 818 60.75 5.55 -8.44
CA ASN C 818 60.38 5.50 -7.05
C ASN C 818 61.55 5.26 -6.13
N LYS C 819 62.68 4.86 -6.65
CA LYS C 819 63.74 4.57 -5.75
C LYS C 819 64.60 5.76 -5.46
N ARG C 820 64.18 6.98 -5.71
CA ARG C 820 65.15 7.97 -5.41
C ARG C 820 64.84 8.58 -4.10
N PRO C 821 65.65 9.54 -3.70
CA PRO C 821 65.36 10.35 -2.52
C PRO C 821 64.11 11.16 -2.76
N PRO C 822 63.47 11.54 -1.68
CA PRO C 822 62.15 12.15 -1.74
C PRO C 822 62.36 13.42 -2.41
N MET C 823 61.44 13.87 -3.24
CA MET C 823 61.63 15.08 -3.97
C MET C 823 60.34 15.90 -3.87
N GLN C 824 59.26 15.22 -3.55
CA GLN C 824 57.92 15.77 -3.58
C GLN C 824 57.21 15.27 -2.32
N LEU C 825 56.11 15.89 -1.87
CA LEU C 825 55.51 15.47 -0.57
C LEU C 825 55.05 14.04 -0.51
N ARG C 826 54.41 13.59 -1.59
CA ARG C 826 53.87 12.26 -1.63
C ARG C 826 54.95 11.32 -1.40
N ASP C 827 56.18 11.71 -1.75
CA ASP C 827 57.35 10.82 -1.61
C ASP C 827 57.58 10.56 -0.14
N LEU C 828 57.07 11.41 0.72
CA LEU C 828 57.28 11.17 2.12
C LEU C 828 56.23 10.23 2.77
N LEU C 829 55.37 9.61 1.98
CA LEU C 829 54.33 8.79 2.51
C LEU C 829 54.58 7.36 2.17
N GLU C 830 54.24 6.47 3.10
CA GLU C 830 54.28 5.05 2.87
C GLU C 830 52.84 4.58 2.70
N LEU C 831 52.57 3.50 1.98
CA LEU C 831 51.18 3.07 1.98
C LEU C 831 51.13 1.75 2.68
N ARG C 832 50.53 1.68 3.87
CA ARG C 832 50.45 0.44 4.60
C ARG C 832 49.02 0.26 4.83
N SER C 833 48.53 -0.97 4.92
CA SER C 833 47.10 -1.17 5.19
C SER C 833 46.88 -2.33 6.15
N THR C 834 45.67 -2.64 6.52
CA THR C 834 45.55 -3.70 7.52
C THR C 834 44.89 -4.96 7.02
N LYS C 835 44.70 -5.04 5.70
CA LYS C 835 44.03 -6.15 5.12
C LYS C 835 45.10 -7.00 4.52
N ALA C 836 44.84 -8.29 4.36
CA ALA C 836 45.79 -9.12 3.68
C ALA C 836 45.45 -8.84 2.22
N PRO C 837 46.42 -9.13 1.41
CA PRO C 837 46.46 -8.88 0.00
C PRO C 837 45.47 -9.69 -0.80
N VAL C 838 45.11 -9.16 -1.95
CA VAL C 838 44.26 -9.93 -2.77
C VAL C 838 44.90 -10.25 -4.08
N PRO C 839 44.36 -11.27 -4.71
CA PRO C 839 44.81 -11.72 -6.01
C PRO C 839 44.53 -10.63 -7.04
N VAL C 840 45.48 -10.24 -7.87
CA VAL C 840 45.27 -9.23 -8.90
C VAL C 840 44.08 -9.45 -9.82
N ASP C 841 43.93 -10.64 -10.39
CA ASP C 841 42.79 -10.90 -11.21
C ASP C 841 41.57 -10.28 -10.63
N GLU C 842 41.48 -10.32 -9.31
CA GLU C 842 40.25 -9.93 -8.65
C GLU C 842 39.92 -8.50 -8.68
N VAL C 843 40.90 -7.67 -8.96
CA VAL C 843 40.63 -6.27 -8.89
C VAL C 843 39.93 -5.87 -10.11
N GLU C 844 39.32 -4.69 -10.02
CA GLU C 844 38.67 -3.95 -11.10
C GLU C 844 39.56 -4.01 -12.32
N SER C 845 38.98 -3.77 -13.48
CA SER C 845 39.78 -3.94 -14.69
C SER C 845 40.42 -2.70 -15.20
N ILE C 846 41.42 -2.88 -16.06
CA ILE C 846 42.12 -1.77 -16.70
C ILE C 846 41.11 -0.96 -17.47
N THR C 847 40.37 -1.58 -18.36
CA THR C 847 39.34 -0.85 -19.04
C THR C 847 38.66 0.12 -18.11
N ALA C 848 38.31 -0.39 -16.94
CA ALA C 848 37.61 0.39 -15.96
C ALA C 848 38.51 1.47 -15.49
N ILE C 849 39.64 1.10 -14.94
CA ILE C 849 40.48 2.14 -14.43
C ILE C 849 40.95 3.20 -15.39
N ARG C 850 41.42 2.81 -16.57
CA ARG C 850 42.02 3.80 -17.44
C ARG C 850 41.03 4.87 -17.76
N LYS C 851 39.76 4.55 -17.61
CA LYS C 851 38.75 5.55 -17.87
C LYS C 851 38.75 6.65 -16.86
N ARG C 852 39.45 6.53 -15.78
CA ARG C 852 39.42 7.64 -14.84
C ARG C 852 40.56 8.55 -15.20
N PHE C 853 41.35 8.12 -16.17
CA PHE C 853 42.47 8.92 -16.63
C PHE C 853 42.00 9.81 -17.79
N ILE C 854 42.62 10.98 -17.85
CA ILE C 854 42.44 11.89 -18.98
C ILE C 854 43.78 12.54 -19.31
N THR C 855 43.78 13.04 -20.54
CA THR C 855 44.93 13.69 -21.15
C THR C 855 44.45 15.09 -21.03
N PRO C 856 45.26 15.90 -20.36
CA PRO C 856 44.94 17.30 -20.08
C PRO C 856 44.76 18.11 -21.32
N GLY C 857 44.33 19.35 -21.15
CA GLY C 857 44.21 20.28 -22.26
C GLY C 857 45.56 20.90 -22.57
N MET C 858 46.02 20.71 -23.80
CA MET C 858 47.31 21.20 -24.33
C MET C 858 46.86 21.63 -25.72
N SER C 859 47.06 22.92 -25.97
CA SER C 859 46.44 23.53 -27.13
C SER C 859 46.96 23.15 -28.48
N MET C 860 46.09 23.24 -29.46
CA MET C 860 46.55 23.17 -30.84
C MET C 860 47.28 24.52 -31.06
N GLY C 861 48.59 24.49 -31.29
CA GLY C 861 49.31 25.74 -31.28
C GLY C 861 50.48 25.38 -30.43
N ALA C 862 50.29 25.37 -29.12
CA ALA C 862 51.37 24.87 -28.28
C ALA C 862 51.85 23.51 -28.83
N LEU C 863 50.92 22.64 -29.21
CA LEU C 863 51.43 21.44 -29.82
C LEU C 863 51.21 21.23 -31.32
N SER C 864 52.05 20.43 -31.95
CA SER C 864 51.90 20.16 -33.37
C SER C 864 50.53 19.61 -33.65
N PRO C 865 49.99 19.78 -34.83
CA PRO C 865 48.67 19.22 -35.11
C PRO C 865 48.79 17.73 -34.99
N GLU C 866 49.92 17.21 -35.39
CA GLU C 866 50.03 15.79 -35.28
C GLU C 866 49.90 15.36 -33.79
N ALA C 867 50.69 15.92 -32.89
CA ALA C 867 50.60 15.52 -31.49
C ALA C 867 49.18 15.62 -30.92
N HIS C 868 48.57 16.76 -31.14
CA HIS C 868 47.24 17.01 -30.64
C HIS C 868 46.34 15.89 -31.03
N GLY C 869 46.06 15.71 -32.28
CA GLY C 869 45.12 14.67 -32.63
C GLY C 869 45.62 13.31 -32.26
N THR C 870 46.90 13.17 -32.08
CA THR C 870 47.28 11.81 -31.72
C THR C 870 46.49 11.43 -30.46
N LEU C 871 46.60 12.35 -29.52
CA LEU C 871 46.00 12.28 -28.21
C LEU C 871 44.53 12.11 -28.40
N ASN C 872 43.89 12.97 -29.17
CA ASN C 872 42.47 12.68 -29.23
C ASN C 872 42.19 11.27 -29.68
N VAL C 873 43.08 10.61 -30.37
CA VAL C 873 42.73 9.35 -30.93
C VAL C 873 42.92 8.31 -29.91
N ALA C 874 44.03 8.42 -29.20
CA ALA C 874 44.33 7.49 -28.13
C ALA C 874 43.18 7.51 -27.16
N MET C 875 42.88 8.68 -26.59
CA MET C 875 41.80 8.68 -25.62
C MET C 875 40.52 8.11 -26.17
N ASN C 876 40.08 8.50 -27.32
CA ASN C 876 38.83 7.89 -27.65
C ASN C 876 38.96 6.41 -27.90
N ARG C 877 40.14 5.89 -27.96
CA ARG C 877 40.17 4.53 -28.39
C ARG C 877 39.92 3.67 -27.20
N ILE C 878 40.31 4.19 -26.06
CA ILE C 878 40.15 3.45 -24.86
C ILE C 878 38.99 3.96 -24.04
N GLY C 879 38.03 4.60 -24.69
CA GLY C 879 36.87 5.08 -23.98
C GLY C 879 37.13 6.11 -22.92
N ALA C 880 38.28 6.77 -22.95
CA ALA C 880 38.55 7.82 -21.97
C ALA C 880 38.22 9.20 -22.49
N LYS C 881 38.94 10.21 -22.01
CA LYS C 881 38.71 11.55 -22.51
C LYS C 881 39.96 12.39 -22.73
N SER C 882 39.95 13.20 -23.78
CA SER C 882 41.03 14.18 -23.91
C SER C 882 40.52 15.62 -23.87
N ASP C 883 41.44 16.55 -23.78
CA ASP C 883 41.05 17.94 -23.59
C ASP C 883 41.65 18.86 -24.67
N SER C 884 40.79 19.39 -25.53
CA SER C 884 41.15 20.30 -26.62
C SER C 884 42.21 21.31 -26.25
N GLY C 885 42.06 22.00 -25.14
CA GLY C 885 43.10 22.92 -24.78
C GLY C 885 42.64 24.33 -25.07
N GLU C 886 43.41 25.27 -24.58
CA GLU C 886 43.10 26.66 -24.76
C GLU C 886 42.84 27.19 -26.15
N GLY C 887 43.02 26.39 -27.20
CA GLY C 887 43.00 26.99 -28.52
C GLY C 887 42.23 26.57 -29.74
N GLY C 888 40.96 26.27 -29.64
CA GLY C 888 40.23 25.88 -30.81
C GLY C 888 40.41 24.40 -30.95
N GLU C 889 39.51 23.87 -31.79
CA GLU C 889 39.49 22.55 -32.37
C GLU C 889 38.82 22.56 -33.73
N ASP C 890 39.54 22.05 -34.71
CA ASP C 890 39.01 22.04 -36.06
C ASP C 890 37.80 21.13 -36.18
N PRO C 891 36.72 21.67 -36.69
CA PRO C 891 35.47 20.93 -36.85
C PRO C 891 35.40 19.81 -37.87
N ALA C 892 36.32 19.77 -38.83
CA ALA C 892 36.41 18.66 -39.78
C ALA C 892 36.43 17.44 -38.90
N ARG C 893 37.25 17.61 -37.86
CA ARG C 893 37.46 16.64 -36.78
C ARG C 893 36.19 16.15 -36.11
N PHE C 894 35.07 16.79 -36.38
CA PHE C 894 33.83 16.28 -35.83
C PHE C 894 33.23 15.06 -36.53
N ARG C 895 34.05 14.10 -36.98
CA ARG C 895 33.54 12.78 -37.45
C ARG C 895 34.61 11.67 -37.32
N PRO C 896 34.24 10.40 -37.18
CA PRO C 896 35.27 9.35 -37.09
C PRO C 896 35.76 9.10 -38.52
N ASP C 897 36.96 8.64 -38.74
CA ASP C 897 37.50 8.54 -40.08
C ASP C 897 37.40 7.15 -40.64
N LYS C 898 37.76 6.95 -41.90
CA LYS C 898 37.58 5.66 -42.55
C LYS C 898 38.18 4.55 -41.69
N ASN C 899 39.19 4.89 -40.94
CA ASN C 899 39.76 3.85 -40.18
C ASN C 899 39.11 3.59 -38.87
N GLY C 900 38.11 4.40 -38.56
CA GLY C 900 37.44 4.30 -37.29
C GLY C 900 38.09 5.22 -36.27
N ASP C 901 39.21 5.85 -36.57
CA ASP C 901 39.84 6.67 -35.55
C ASP C 901 39.08 7.96 -35.37
N ASN C 902 39.07 8.55 -34.17
CA ASN C 902 38.25 9.73 -33.86
C ASN C 902 39.09 10.90 -33.33
N TRP C 903 39.24 11.95 -34.13
CA TRP C 903 40.16 13.01 -33.82
C TRP C 903 39.50 14.02 -32.93
N ASN C 904 38.19 14.01 -32.92
CA ASN C 904 37.52 14.91 -32.01
C ASN C 904 37.81 14.72 -30.52
N SER C 905 37.94 15.78 -29.75
CA SER C 905 38.27 15.69 -28.33
C SER C 905 37.00 15.83 -27.49
N ALA C 906 36.90 14.98 -26.45
CA ALA C 906 35.71 14.88 -25.59
C ALA C 906 35.36 15.97 -24.59
N ILE C 907 36.37 16.66 -24.08
CA ILE C 907 36.22 17.77 -23.16
C ILE C 907 36.73 19.06 -23.81
N LYS C 908 35.90 20.05 -24.08
CA LYS C 908 36.47 21.27 -24.66
C LYS C 908 36.71 22.40 -23.63
N GLN C 909 37.81 23.16 -23.74
CA GLN C 909 38.00 24.23 -22.78
C GLN C 909 37.26 25.49 -23.17
N VAL C 910 37.15 26.33 -22.16
CA VAL C 910 36.72 27.67 -22.29
C VAL C 910 37.69 28.55 -21.45
N ALA C 911 38.56 29.38 -22.08
CA ALA C 911 39.53 30.14 -21.30
C ALA C 911 39.49 31.62 -21.59
N SER C 912 40.32 32.42 -20.92
CA SER C 912 40.22 33.84 -21.19
C SER C 912 40.02 34.24 -22.61
N GLY C 913 40.97 34.04 -23.51
CA GLY C 913 40.71 34.60 -24.83
C GLY C 913 39.91 33.56 -25.49
N ARG C 914 38.65 33.78 -25.69
CA ARG C 914 37.89 32.62 -26.11
C ARG C 914 38.15 32.05 -27.52
N PHE C 915 39.38 31.56 -27.69
CA PHE C 915 39.80 30.96 -28.92
C PHE C 915 38.96 30.34 -29.94
N GLY C 916 38.35 29.22 -29.75
CA GLY C 916 37.68 28.89 -31.00
C GLY C 916 36.27 28.75 -30.62
N VAL C 917 35.89 29.56 -29.64
CA VAL C 917 34.65 29.26 -28.95
C VAL C 917 33.40 29.59 -29.65
N THR C 918 32.76 28.51 -30.06
CA THR C 918 31.67 28.61 -31.00
C THR C 918 30.46 27.80 -30.68
N ALA C 919 29.29 28.27 -31.09
CA ALA C 919 28.11 27.42 -30.72
C ALA C 919 28.33 25.97 -31.07
N GLU C 920 28.99 25.71 -32.18
CA GLU C 920 29.27 24.34 -32.60
C GLU C 920 30.43 23.77 -31.82
N TYR C 921 31.36 24.58 -31.36
CA TYR C 921 32.46 23.96 -30.64
C TYR C 921 31.89 23.52 -29.31
N LEU C 922 31.30 24.46 -28.60
CA LEU C 922 30.71 24.20 -27.32
C LEU C 922 29.76 23.03 -27.42
N ASN C 923 29.21 22.76 -28.59
CA ASN C 923 28.34 21.60 -28.63
C ASN C 923 28.95 20.26 -29.07
N GLN C 924 30.21 20.21 -29.39
CA GLN C 924 30.79 18.98 -29.87
C GLN C 924 31.55 18.37 -28.69
N CYS C 925 30.86 18.13 -27.56
CA CYS C 925 31.50 17.47 -26.41
C CYS C 925 30.65 16.95 -25.26
N ARG C 926 31.30 16.29 -24.33
CA ARG C 926 30.59 15.76 -23.18
C ARG C 926 30.95 16.64 -21.99
N GLU C 927 31.98 17.48 -22.11
CA GLU C 927 32.33 18.25 -20.96
C GLU C 927 32.95 19.61 -21.25
N LEU C 928 32.52 20.67 -20.60
CA LEU C 928 33.17 21.97 -20.74
C LEU C 928 34.11 22.34 -19.57
N GLU C 929 35.36 22.69 -19.83
CA GLU C 929 36.30 22.93 -18.71
C GLU C 929 36.49 24.42 -18.62
N ILE C 930 36.02 25.06 -17.56
CA ILE C 930 36.29 26.47 -17.47
C ILE C 930 37.70 26.58 -16.98
N LYS C 931 38.61 27.11 -17.79
CA LYS C 931 39.97 27.22 -17.30
C LYS C 931 40.30 28.49 -16.53
N VAL C 932 40.23 28.40 -15.23
CA VAL C 932 40.55 29.60 -14.54
C VAL C 932 42.02 29.59 -14.31
N ALA C 933 42.75 28.50 -14.46
CA ALA C 933 44.15 28.64 -14.15
C ALA C 933 45.06 27.40 -14.28
N GLN C 934 46.36 27.52 -14.64
CA GLN C 934 47.29 26.39 -14.71
C GLN C 934 48.43 26.52 -13.76
N GLY C 935 48.90 25.43 -13.20
CA GLY C 935 49.97 25.49 -12.22
C GLY C 935 51.29 25.98 -12.73
N ALA C 936 51.37 26.09 -14.04
CA ALA C 936 52.63 26.59 -14.55
C ALA C 936 52.59 28.10 -14.35
N LYS C 937 51.43 28.70 -14.58
CA LYS C 937 51.37 30.13 -14.42
C LYS C 937 50.03 30.68 -13.86
N PRO C 938 49.72 30.34 -12.62
CA PRO C 938 48.48 30.68 -11.97
C PRO C 938 48.02 32.09 -12.21
N GLY C 939 48.79 33.02 -11.70
CA GLY C 939 48.16 34.31 -11.92
C GLY C 939 47.77 34.77 -13.34
N GLU C 940 47.88 33.97 -14.41
CA GLU C 940 47.98 34.59 -15.71
C GLU C 940 47.46 34.29 -17.10
N GLY C 941 47.34 33.11 -17.63
CA GLY C 941 46.88 33.23 -19.01
C GLY C 941 47.83 32.91 -20.14
N GLY C 942 47.34 32.27 -21.18
CA GLY C 942 48.28 31.73 -22.13
C GLY C 942 49.06 32.65 -23.02
N GLN C 943 50.16 32.10 -23.55
CA GLN C 943 51.00 32.76 -24.54
C GLN C 943 51.13 31.84 -25.71
N LEU C 944 51.19 32.39 -26.91
CA LEU C 944 51.51 31.57 -28.06
C LEU C 944 52.33 32.51 -28.89
N PRO C 945 53.65 32.28 -28.94
CA PRO C 945 54.59 33.12 -29.71
C PRO C 945 54.06 33.27 -31.09
N GLY C 946 54.35 34.42 -31.71
CA GLY C 946 53.75 34.79 -32.97
C GLY C 946 54.10 33.85 -34.10
N PHE C 947 55.32 33.34 -34.01
CA PHE C 947 55.70 32.48 -35.06
C PHE C 947 55.20 31.12 -34.81
N LYS C 948 54.00 30.99 -34.25
CA LYS C 948 53.53 29.65 -34.04
C LYS C 948 52.15 29.85 -34.45
N VAL C 949 51.83 31.11 -34.63
CA VAL C 949 50.50 31.44 -35.03
C VAL C 949 50.47 31.30 -36.51
N THR C 950 50.60 30.06 -36.92
CA THR C 950 50.50 29.70 -38.29
C THR C 950 49.23 30.28 -38.81
N GLU C 951 48.89 29.92 -40.02
CA GLU C 951 47.68 30.45 -40.63
C GLU C 951 46.58 29.55 -40.27
N MET C 952 46.86 28.25 -40.24
CA MET C 952 45.78 27.33 -39.88
C MET C 952 45.44 27.72 -38.46
N ILE C 953 46.48 27.81 -37.62
CA ILE C 953 46.23 28.22 -36.27
C ILE C 953 45.39 29.45 -36.27
N ALA C 954 45.86 30.53 -36.87
CA ALA C 954 45.08 31.77 -36.96
C ALA C 954 43.69 31.57 -37.54
N ARG C 955 43.51 30.69 -38.49
CA ARG C 955 42.14 30.52 -38.95
C ARG C 955 41.24 29.99 -37.83
N LEU C 956 41.74 28.99 -37.11
CA LEU C 956 41.04 28.34 -36.03
C LEU C 956 40.61 29.35 -35.03
N ARG C 957 41.61 30.03 -34.53
CA ARG C 957 41.37 31.03 -33.55
C ARG C 957 40.77 32.39 -33.96
N HIS C 958 40.39 32.64 -35.20
CA HIS C 958 40.11 34.03 -35.62
C HIS C 958 41.09 35.08 -35.06
N SER C 959 42.38 34.81 -35.17
CA SER C 959 43.41 35.73 -34.72
C SER C 959 44.08 36.18 -36.01
N THR C 960 45.09 37.03 -35.93
CA THR C 960 45.77 37.45 -37.15
C THR C 960 47.06 36.67 -37.29
N PRO C 961 47.30 36.19 -38.50
CA PRO C 961 48.44 35.33 -38.76
C PRO C 961 49.74 35.84 -38.27
N GLY C 962 50.49 34.92 -37.74
CA GLY C 962 51.81 35.22 -37.27
C GLY C 962 51.89 36.25 -36.23
N VAL C 963 50.79 36.90 -35.91
CA VAL C 963 50.80 37.75 -34.69
C VAL C 963 50.47 36.93 -33.43
N MET C 964 51.34 37.11 -32.42
CA MET C 964 51.30 36.53 -31.07
C MET C 964 49.97 36.57 -30.40
N LEU C 965 49.68 35.52 -29.62
CA LEU C 965 48.44 35.49 -28.86
C LEU C 965 48.77 35.48 -27.38
N ILE C 966 48.69 36.64 -26.74
CA ILE C 966 48.78 36.60 -25.29
C ILE C 966 47.37 36.81 -24.79
N SER C 967 47.00 36.00 -23.81
CA SER C 967 45.63 35.99 -23.34
C SER C 967 45.42 36.90 -22.16
N PRO C 968 44.19 37.33 -21.94
CA PRO C 968 43.95 38.20 -20.79
C PRO C 968 44.06 37.30 -19.59
N PRO C 969 44.72 37.73 -18.53
CA PRO C 969 44.89 36.82 -17.39
C PRO C 969 43.56 36.36 -16.73
N PRO C 970 42.58 37.24 -16.64
CA PRO C 970 41.31 36.86 -16.07
C PRO C 970 40.35 36.61 -17.16
N HIS C 971 39.28 35.84 -16.93
CA HIS C 971 38.21 35.72 -17.92
C HIS C 971 37.43 37.03 -17.87
N HIS C 972 36.96 37.58 -18.97
CA HIS C 972 36.32 38.89 -18.72
C HIS C 972 34.93 38.76 -18.13
N ASP C 973 34.39 37.54 -18.17
CA ASP C 973 33.07 37.34 -17.62
C ASP C 973 33.15 36.47 -16.38
N ILE C 974 34.12 36.67 -15.53
CA ILE C 974 34.20 35.96 -14.29
C ILE C 974 35.05 36.84 -13.36
N TYR C 975 34.42 37.88 -12.83
CA TYR C 975 35.04 38.81 -11.91
C TYR C 975 34.71 38.58 -10.44
N SER C 976 33.83 37.64 -10.16
CA SER C 976 33.46 37.32 -8.78
C SER C 976 32.66 36.03 -8.81
N ILE C 977 32.48 35.39 -7.68
CA ILE C 977 31.80 34.11 -7.80
C ILE C 977 30.42 34.04 -8.41
N GLU C 978 29.58 35.03 -8.19
CA GLU C 978 28.28 34.98 -8.88
C GLU C 978 28.63 34.94 -10.35
N ASP C 979 29.66 35.67 -10.73
CA ASP C 979 29.99 35.67 -12.10
C ASP C 979 30.26 34.25 -12.60
N LEU C 980 31.19 33.54 -11.96
CA LEU C 980 31.43 32.16 -12.33
C LEU C 980 30.12 31.51 -12.57
N ALA C 981 29.31 31.75 -11.55
CA ALA C 981 28.04 31.11 -11.50
C ALA C 981 27.24 31.26 -12.76
N GLN C 982 27.29 32.44 -13.31
CA GLN C 982 26.47 32.68 -14.45
C GLN C 982 27.09 32.10 -15.72
N LEU C 983 28.40 32.02 -15.76
CA LEU C 983 29.06 31.43 -16.93
C LEU C 983 28.63 29.97 -16.97
N ILE C 984 28.77 29.31 -15.82
CA ILE C 984 28.31 27.95 -15.75
C ILE C 984 26.85 27.76 -16.20
N TYR C 985 26.00 28.72 -15.90
CA TYR C 985 24.65 28.64 -16.40
C TYR C 985 24.64 28.69 -17.95
N ASP C 986 25.32 29.65 -18.56
CA ASP C 986 25.28 29.78 -20.02
C ASP C 986 25.82 28.50 -20.62
N LEU C 987 26.91 28.06 -20.00
CA LEU C 987 27.52 26.86 -20.50
C LEU C 987 26.47 25.76 -20.45
N LYS C 988 25.77 25.60 -19.32
CA LYS C 988 24.84 24.48 -19.30
C LYS C 988 23.63 24.71 -20.15
N GLN C 989 23.47 25.95 -20.61
CA GLN C 989 22.38 26.32 -21.48
C GLN C 989 22.69 26.04 -22.94
N ILE C 990 23.91 26.30 -23.36
CA ILE C 990 24.17 26.09 -24.76
C ILE C 990 24.41 24.65 -24.98
N ASN C 991 24.84 23.94 -23.95
CA ASN C 991 24.98 22.52 -24.16
C ASN C 991 24.38 21.70 -23.09
N PRO C 992 23.20 21.24 -23.39
CA PRO C 992 22.39 20.52 -22.40
C PRO C 992 23.00 19.23 -21.97
N ASP C 993 23.93 18.67 -22.70
CA ASP C 993 24.46 17.43 -22.24
C ASP C 993 25.75 17.51 -21.42
N ALA C 994 26.48 18.62 -21.42
CA ALA C 994 27.79 18.48 -20.82
C ALA C 994 27.88 18.73 -19.35
N LYS C 995 28.90 18.18 -18.70
CA LYS C 995 29.13 18.50 -17.31
C LYS C 995 30.03 19.72 -17.33
N VAL C 996 30.13 20.54 -16.29
CA VAL C 996 31.08 21.64 -16.44
C VAL C 996 32.20 21.48 -15.43
N THR C 997 33.44 21.77 -15.80
CA THR C 997 34.51 21.60 -14.84
C THR C 997 35.14 22.92 -14.55
N VAL C 998 35.90 23.07 -13.45
CA VAL C 998 36.55 24.34 -13.24
C VAL C 998 38.03 24.09 -12.99
N LYS C 999 38.94 24.58 -13.83
CA LYS C 999 40.32 24.16 -13.58
C LYS C 999 40.79 25.16 -12.58
N LEU C 1000 41.33 24.69 -11.47
CA LEU C 1000 41.77 25.64 -10.48
C LEU C 1000 43.13 25.24 -10.11
N VAL C 1001 43.88 26.10 -9.45
CA VAL C 1001 45.22 25.70 -9.12
C VAL C 1001 45.43 25.67 -7.64
N SER C 1002 45.87 24.52 -7.18
CA SER C 1002 46.12 24.41 -5.80
C SER C 1002 46.82 25.56 -5.17
N ARG C 1003 46.38 25.88 -4.00
CA ARG C 1003 46.96 26.96 -3.19
C ARG C 1003 46.12 27.08 -1.91
N SER C 1004 46.73 27.53 -0.83
CA SER C 1004 45.87 27.45 0.36
C SER C 1004 44.78 28.49 0.38
N GLY C 1005 43.55 28.02 0.53
CA GLY C 1005 42.38 28.83 0.36
C GLY C 1005 41.60 28.19 -0.77
N ILE C 1006 42.18 27.22 -1.46
CA ILE C 1006 41.44 26.70 -2.59
C ILE C 1006 40.18 26.08 -2.08
N GLY C 1007 40.32 25.40 -0.93
CA GLY C 1007 39.23 24.70 -0.28
C GLY C 1007 37.92 25.45 -0.28
N THR C 1008 37.98 26.61 0.33
CA THR C 1008 36.84 27.46 0.34
C THR C 1008 36.25 27.80 -1.01
N ILE C 1009 37.07 28.27 -1.91
CA ILE C 1009 36.55 28.56 -3.23
C ILE C 1009 35.86 27.33 -3.78
N ALA C 1010 36.59 26.23 -3.65
CA ALA C 1010 36.09 24.97 -4.11
C ALA C 1010 34.64 24.84 -3.79
N ALA C 1011 34.30 25.18 -2.55
CA ALA C 1011 32.91 25.13 -2.11
C ALA C 1011 31.96 25.98 -2.95
N GLY C 1012 32.19 27.30 -2.96
CA GLY C 1012 31.47 28.18 -3.87
C GLY C 1012 31.32 27.60 -5.28
N VAL C 1013 32.41 27.07 -5.85
CA VAL C 1013 32.30 26.50 -7.17
C VAL C 1013 31.19 25.47 -7.11
N ALA C 1014 31.22 24.71 -6.03
CA ALA C 1014 30.23 23.67 -5.87
C ALA C 1014 28.80 24.22 -5.81
N LYS C 1015 28.61 25.29 -5.05
CA LYS C 1015 27.30 25.88 -4.94
C LYS C 1015 26.99 26.50 -6.26
N ALA C 1016 27.98 26.69 -7.13
CA ALA C 1016 27.63 27.34 -8.39
C ALA C 1016 27.26 26.35 -9.49
N ASN C 1017 26.95 25.13 -9.10
CA ASN C 1017 26.62 24.15 -10.09
C ASN C 1017 27.67 23.55 -11.00
N ALA C 1018 28.90 23.51 -10.53
CA ALA C 1018 29.93 22.89 -11.32
C ALA C 1018 29.85 21.42 -11.07
N ASP C 1019 30.18 20.59 -12.04
CA ASP C 1019 30.14 19.17 -11.82
C ASP C 1019 31.49 18.59 -11.49
N ILE C 1020 32.61 19.20 -11.91
CA ILE C 1020 33.85 18.56 -11.57
C ILE C 1020 34.77 19.62 -11.14
N ILE C 1021 35.71 19.35 -10.26
CA ILE C 1021 36.64 20.41 -9.95
C ILE C 1021 38.04 19.84 -10.02
N LEU C 1022 38.93 20.54 -10.71
CA LEU C 1022 40.26 20.04 -10.94
C LEU C 1022 41.28 20.94 -10.34
N ILE C 1023 42.12 20.35 -9.54
CA ILE C 1023 43.13 21.06 -8.82
C ILE C 1023 44.42 20.62 -9.46
N SER C 1024 45.14 21.65 -9.90
CA SER C 1024 46.37 21.50 -10.60
C SER C 1024 47.50 21.90 -9.73
N GLY C 1025 48.53 21.10 -9.83
CA GLY C 1025 49.73 21.24 -9.05
C GLY C 1025 50.56 22.36 -9.53
N ASN C 1026 51.49 22.76 -8.67
CA ASN C 1026 52.33 23.88 -9.00
C ASN C 1026 53.20 23.41 -10.12
N SER C 1027 53.73 22.20 -10.05
CA SER C 1027 54.61 21.67 -11.09
C SER C 1027 54.05 21.24 -12.47
N GLY C 1028 52.87 21.64 -12.88
CA GLY C 1028 52.52 21.16 -14.21
C GLY C 1028 53.24 21.83 -15.34
N GLY C 1029 52.93 21.47 -16.58
CA GLY C 1029 53.66 21.95 -17.75
C GLY C 1029 52.95 23.04 -18.50
N THR C 1030 53.64 23.70 -19.43
CA THR C 1030 53.10 24.84 -20.21
C THR C 1030 53.95 24.84 -21.44
N GLY C 1031 53.42 25.23 -22.57
CA GLY C 1031 54.31 25.34 -23.69
C GLY C 1031 55.11 26.65 -23.66
N ALA C 1032 54.70 27.61 -22.88
CA ALA C 1032 55.35 28.88 -22.89
C ALA C 1032 55.00 29.60 -21.65
N SER C 1033 55.99 30.05 -20.90
CA SER C 1033 55.56 30.76 -19.71
C SER C 1033 56.78 31.29 -19.01
N PRO C 1034 56.65 32.41 -18.32
CA PRO C 1034 57.81 33.07 -17.70
C PRO C 1034 58.33 32.09 -16.73
N GLN C 1035 59.61 32.11 -16.39
CA GLN C 1035 60.16 31.13 -15.47
C GLN C 1035 59.93 31.33 -14.00
N THR C 1036 59.39 32.47 -13.62
CA THR C 1036 59.27 32.72 -12.19
C THR C 1036 58.00 32.02 -11.83
N SER C 1037 57.06 32.05 -12.75
CA SER C 1037 55.83 31.36 -12.45
C SER C 1037 56.14 29.86 -12.51
N ILE C 1038 57.09 29.50 -13.33
CA ILE C 1038 57.30 28.10 -13.35
C ILE C 1038 58.03 27.70 -12.15
N LYS C 1039 58.45 28.61 -11.31
CA LYS C 1039 59.24 28.09 -10.24
C LYS C 1039 58.82 28.64 -8.96
N PHE C 1040 57.86 29.56 -9.01
CA PHE C 1040 57.45 30.23 -7.81
C PHE C 1040 55.96 30.40 -7.55
N ALA C 1041 55.11 30.28 -8.56
CA ALA C 1041 53.68 30.38 -8.33
C ALA C 1041 53.21 28.98 -7.91
N GLY C 1042 51.92 28.75 -7.71
CA GLY C 1042 51.46 27.44 -7.29
C GLY C 1042 52.03 26.69 -6.09
N LEU C 1043 51.22 25.73 -5.64
CA LEU C 1043 51.55 24.82 -4.56
C LEU C 1043 51.32 23.37 -4.96
N PRO C 1044 51.99 22.46 -4.29
CA PRO C 1044 51.84 21.03 -4.58
C PRO C 1044 50.36 20.60 -4.57
N TRP C 1045 49.95 19.63 -5.40
CA TRP C 1045 48.58 19.11 -5.29
C TRP C 1045 48.26 18.38 -3.96
N GLU C 1046 49.19 17.63 -3.42
CA GLU C 1046 48.89 16.98 -2.17
C GLU C 1046 48.25 17.95 -1.15
N MET C 1047 48.64 19.22 -1.09
CA MET C 1047 47.99 20.19 -0.20
C MET C 1047 46.66 20.63 -0.83
N GLY C 1048 46.65 21.34 -1.93
CA GLY C 1048 45.34 21.71 -2.41
C GLY C 1048 44.30 20.62 -2.58
N LEU C 1049 44.68 19.45 -3.07
CA LEU C 1049 43.66 18.44 -3.29
C LEU C 1049 43.01 18.04 -1.97
N SER C 1050 43.76 17.79 -0.91
CA SER C 1050 43.00 17.50 0.28
C SER C 1050 42.15 18.63 0.79
N GLU C 1051 42.74 19.81 0.94
CA GLU C 1051 41.96 20.95 1.34
C GLU C 1051 40.59 20.93 0.62
N VAL C 1052 40.55 20.78 -0.70
CA VAL C 1052 39.23 20.73 -1.36
C VAL C 1052 38.50 19.51 -0.84
N HIS C 1053 39.12 18.34 -0.94
CA HIS C 1053 38.40 17.24 -0.32
C HIS C 1053 37.88 17.56 1.06
N GLN C 1054 38.69 18.14 1.93
CA GLN C 1054 38.17 18.36 3.27
C GLN C 1054 37.04 19.36 3.25
N VAL C 1055 37.37 20.63 3.14
CA VAL C 1055 36.34 21.64 3.08
C VAL C 1055 35.08 21.24 2.37
N LEU C 1056 35.12 20.81 1.14
CA LEU C 1056 33.87 20.39 0.51
C LEU C 1056 33.12 19.41 1.38
N THR C 1057 33.84 18.50 2.02
CA THR C 1057 33.18 17.54 2.88
C THR C 1057 32.55 18.28 4.06
N LEU C 1058 33.33 19.12 4.68
CA LEU C 1058 32.90 19.82 5.83
C LEU C 1058 31.68 20.66 5.63
N ASN C 1059 31.16 20.84 4.40
CA ASN C 1059 30.00 21.71 4.14
C ASN C 1059 29.04 20.86 3.42
N ARG C 1060 29.27 19.57 3.48
CA ARG C 1060 28.34 18.68 2.84
C ARG C 1060 28.06 19.04 1.39
N LEU C 1061 29.11 19.27 0.57
CA LEU C 1061 28.95 19.55 -0.85
C LEU C 1061 29.77 18.52 -1.64
N ARG C 1062 30.67 17.88 -0.90
CA ARG C 1062 31.56 16.89 -1.43
C ARG C 1062 30.94 15.82 -2.17
N HIS C 1063 29.70 15.83 -2.53
CA HIS C 1063 29.20 14.65 -3.24
C HIS C 1063 28.56 15.26 -4.41
N ARG C 1064 28.78 16.56 -4.55
CA ARG C 1064 28.01 17.23 -5.54
C ARG C 1064 28.83 17.40 -6.79
N VAL C 1065 30.11 17.19 -6.57
CA VAL C 1065 31.07 17.49 -7.53
C VAL C 1065 32.04 16.33 -7.45
N ARG C 1066 32.66 16.01 -8.61
CA ARG C 1066 33.68 14.97 -8.75
C ARG C 1066 34.98 15.74 -8.62
N LEU C 1067 36.09 15.12 -8.21
CA LEU C 1067 37.40 15.79 -8.11
C LEU C 1067 38.43 15.17 -9.03
N ARG C 1068 39.25 16.02 -9.65
CA ARG C 1068 40.30 15.63 -10.58
C ARG C 1068 41.55 16.35 -10.20
N THR C 1069 42.70 15.76 -10.48
CA THR C 1069 43.94 16.47 -10.20
C THR C 1069 45.04 16.17 -11.26
N ASP C 1070 45.96 17.10 -11.44
CA ASP C 1070 47.07 16.81 -12.31
C ASP C 1070 48.25 17.57 -11.76
N GLY C 1071 49.45 17.31 -12.30
CA GLY C 1071 50.67 17.92 -11.80
C GLY C 1071 51.88 17.04 -11.68
N GLY C 1072 52.22 16.24 -12.65
CA GLY C 1072 53.44 15.52 -12.40
C GLY C 1072 53.22 14.09 -12.07
N LEU C 1073 52.04 13.59 -12.38
CA LEU C 1073 51.69 12.23 -12.10
C LEU C 1073 52.33 11.35 -13.16
N LYS C 1074 53.42 10.65 -12.87
CA LYS C 1074 54.03 9.78 -13.85
C LYS C 1074 53.90 8.31 -13.50
N THR C 1075 53.39 8.00 -12.33
CA THR C 1075 53.44 6.64 -11.85
C THR C 1075 52.25 5.97 -11.18
N GLY C 1076 52.22 4.66 -11.22
CA GLY C 1076 51.10 4.02 -10.58
C GLY C 1076 50.80 4.58 -9.22
N ARG C 1077 51.77 4.52 -8.32
CA ARG C 1077 51.59 5.06 -7.01
C ARG C 1077 51.20 6.54 -6.99
N ASP C 1078 51.79 7.36 -7.80
CA ASP C 1078 51.31 8.73 -7.78
C ASP C 1078 49.79 8.77 -7.88
N ILE C 1079 49.18 7.79 -8.52
CA ILE C 1079 47.75 7.83 -8.81
C ILE C 1079 46.99 7.29 -7.66
N VAL C 1080 47.49 6.24 -7.02
CA VAL C 1080 46.83 5.74 -5.82
C VAL C 1080 46.84 6.82 -4.73
N ILE C 1081 48.00 7.29 -4.32
CA ILE C 1081 48.04 8.37 -3.37
C ILE C 1081 47.10 9.51 -3.72
N ALA C 1082 46.96 9.87 -4.99
CA ALA C 1082 46.06 10.98 -5.21
C ALA C 1082 44.63 10.55 -4.91
N ALA C 1083 44.30 9.28 -5.12
CA ALA C 1083 42.94 8.86 -4.83
C ALA C 1083 42.68 8.95 -3.33
N MET C 1084 43.58 8.40 -2.57
CA MET C 1084 43.42 8.41 -1.14
C MET C 1084 43.29 9.87 -0.72
N LEU C 1085 43.90 10.83 -1.41
CA LEU C 1085 43.75 12.17 -0.85
C LEU C 1085 42.42 12.70 -1.26
N GLY C 1086 41.69 12.01 -2.12
CA GLY C 1086 40.39 12.51 -2.44
C GLY C 1086 40.10 12.57 -3.91
N ALA C 1087 41.04 12.17 -4.74
CA ALA C 1087 40.74 12.38 -6.14
C ALA C 1087 39.97 11.24 -6.79
N GLU C 1088 39.19 11.52 -7.83
CA GLU C 1088 38.47 10.48 -8.55
C GLU C 1088 38.93 10.32 -10.02
N GLU C 1089 39.65 11.32 -10.51
CA GLU C 1089 40.14 11.40 -11.85
C GLU C 1089 41.53 11.99 -11.84
N PHE C 1090 42.37 11.53 -12.75
CA PHE C 1090 43.76 11.94 -12.80
C PHE C 1090 44.16 12.37 -14.20
N GLY C 1091 44.93 13.45 -14.33
CA GLY C 1091 45.27 13.95 -15.64
C GLY C 1091 46.72 13.70 -15.97
N ILE C 1092 46.96 13.24 -17.20
CA ILE C 1092 48.35 12.97 -17.45
C ILE C 1092 48.84 13.60 -18.70
N GLY C 1093 49.59 14.71 -18.64
CA GLY C 1093 50.07 15.41 -19.84
C GLY C 1093 51.47 15.09 -20.33
N THR C 1094 52.43 15.82 -19.78
CA THR C 1094 53.82 15.57 -20.06
C THR C 1094 54.18 14.12 -20.23
N ALA C 1095 53.90 13.25 -19.30
CA ALA C 1095 54.27 11.88 -19.57
C ALA C 1095 53.56 11.41 -20.81
N SER C 1096 52.36 11.88 -21.08
CA SER C 1096 51.87 11.47 -22.36
C SER C 1096 52.62 12.07 -23.55
N LEU C 1097 53.08 13.29 -23.40
CA LEU C 1097 53.96 13.87 -24.41
C LEU C 1097 55.21 12.99 -24.58
N ILE C 1098 55.87 12.65 -23.50
CA ILE C 1098 57.09 11.87 -23.61
C ILE C 1098 56.88 10.55 -24.34
N ALA C 1099 55.70 10.00 -24.25
CA ALA C 1099 55.52 8.76 -24.91
C ALA C 1099 55.37 9.08 -26.39
N MET C 1100 54.80 10.23 -26.68
CA MET C 1100 54.70 10.59 -28.07
C MET C 1100 56.09 11.01 -28.54
N GLY C 1101 57.07 10.99 -27.66
CA GLY C 1101 58.40 11.32 -28.08
C GLY C 1101 59.11 12.45 -27.40
N CYS C 1102 58.45 13.31 -26.62
CA CYS C 1102 59.19 14.47 -26.07
C CYS C 1102 60.49 14.01 -25.47
N ILE C 1103 61.58 14.75 -25.68
CA ILE C 1103 62.82 14.37 -24.98
C ILE C 1103 63.17 15.38 -23.93
N MET C 1104 62.30 16.36 -23.75
CA MET C 1104 62.42 17.21 -22.55
C MET C 1104 63.59 18.13 -22.57
N VAL C 1105 63.69 18.71 -23.73
CA VAL C 1105 64.80 19.55 -24.07
C VAL C 1105 64.43 20.98 -23.88
N ARG C 1106 63.16 21.18 -23.54
CA ARG C 1106 62.67 22.51 -23.24
C ARG C 1106 62.70 23.62 -24.26
N GLN C 1107 62.30 23.39 -25.51
CA GLN C 1107 62.27 24.52 -26.44
C GLN C 1107 60.94 24.65 -27.07
N CYS C 1108 59.96 24.50 -26.21
CA CYS C 1108 58.61 24.49 -26.66
C CYS C 1108 58.27 25.92 -27.06
N HIS C 1109 58.94 26.92 -26.49
CA HIS C 1109 58.48 28.24 -26.88
C HIS C 1109 59.07 28.72 -28.15
N SER C 1110 60.16 28.04 -28.52
CA SER C 1110 61.00 28.36 -29.63
C SER C 1110 60.62 27.89 -31.01
N ASN C 1111 59.72 26.94 -31.12
CA ASN C 1111 59.36 26.45 -32.42
C ASN C 1111 60.52 25.75 -33.07
N THR C 1112 61.27 25.03 -32.26
CA THR C 1112 62.43 24.30 -32.72
C THR C 1112 62.36 22.92 -32.05
N CYS C 1113 61.27 22.19 -32.30
CA CYS C 1113 61.20 20.93 -31.59
C CYS C 1113 61.82 19.84 -32.37
N PRO C 1114 62.86 19.36 -31.78
CA PRO C 1114 63.58 18.24 -32.30
C PRO C 1114 62.64 17.18 -32.68
N VAL C 1115 61.39 17.17 -32.26
CA VAL C 1115 60.64 15.97 -32.47
C VAL C 1115 59.21 16.13 -32.86
N GLY C 1116 58.80 17.34 -33.11
CA GLY C 1116 57.51 17.44 -33.75
C GLY C 1116 56.39 17.47 -32.80
N VAL C 1117 56.79 17.51 -31.53
CA VAL C 1117 55.77 17.59 -30.52
C VAL C 1117 55.27 19.00 -30.40
N CYS C 1118 56.01 19.88 -29.77
CA CYS C 1118 55.44 21.20 -29.77
C CYS C 1118 56.00 22.27 -30.74
N VAL C 1119 55.68 22.12 -32.03
CA VAL C 1119 56.22 23.02 -33.01
C VAL C 1119 55.30 23.16 -34.21
N GLN C 1120 55.15 24.35 -34.76
CA GLN C 1120 54.27 24.49 -35.89
C GLN C 1120 55.05 24.35 -37.18
N ASP C 1121 56.38 24.44 -37.08
CA ASP C 1121 57.20 24.31 -38.27
C ASP C 1121 57.10 22.97 -38.94
N ASP C 1122 56.90 23.08 -40.25
CA ASP C 1122 56.69 21.97 -41.13
C ASP C 1122 57.79 20.99 -41.18
N LYS C 1123 59.00 21.48 -41.32
CA LYS C 1123 59.97 20.45 -41.52
C LYS C 1123 60.11 19.70 -40.24
N LEU C 1124 60.02 20.49 -39.20
CA LEU C 1124 60.22 19.96 -37.88
C LEU C 1124 59.10 19.03 -37.48
N ARG C 1125 57.88 19.35 -37.90
CA ARG C 1125 56.78 18.44 -37.65
C ARG C 1125 56.91 17.14 -38.36
N GLN C 1126 57.99 16.89 -39.06
CA GLN C 1126 57.98 15.69 -39.85
C GLN C 1126 58.84 14.78 -39.10
N LYS C 1127 59.44 15.29 -38.05
CA LYS C 1127 60.25 14.37 -37.30
C LYS C 1127 59.49 13.67 -36.17
N PHE C 1128 58.17 13.85 -36.17
CA PHE C 1128 57.31 13.29 -35.14
C PHE C 1128 57.00 11.82 -35.29
N VAL C 1129 57.26 11.05 -34.24
CA VAL C 1129 56.95 9.64 -34.25
C VAL C 1129 55.89 9.22 -33.22
N GLY C 1130 55.10 10.16 -32.74
CA GLY C 1130 54.13 9.71 -31.78
C GLY C 1130 53.14 8.83 -32.48
N THR C 1131 52.42 8.06 -31.67
CA THR C 1131 51.41 7.10 -32.10
C THR C 1131 50.39 6.92 -31.05
N PRO C 1132 49.17 6.73 -31.45
CA PRO C 1132 48.10 6.40 -30.51
C PRO C 1132 48.50 5.19 -29.69
N GLU C 1133 48.89 4.20 -30.43
CA GLU C 1133 49.34 3.00 -29.81
C GLU C 1133 50.34 3.34 -28.73
N LYS C 1134 51.16 4.37 -28.84
CA LYS C 1134 52.13 4.56 -27.78
C LYS C 1134 51.46 5.07 -26.52
N VAL C 1135 50.66 6.09 -26.69
CA VAL C 1135 49.95 6.64 -25.57
C VAL C 1135 49.05 5.55 -24.97
N VAL C 1136 48.24 4.91 -25.79
CA VAL C 1136 47.48 3.89 -25.18
C VAL C 1136 48.36 3.01 -24.33
N ASN C 1137 49.55 2.68 -24.77
CA ASN C 1137 50.32 1.81 -23.90
C ASN C 1137 50.61 2.44 -22.57
N LEU C 1138 50.89 3.75 -22.58
CA LEU C 1138 51.17 4.47 -21.36
C LEU C 1138 50.02 4.27 -20.41
N PHE C 1139 48.81 4.60 -20.81
CA PHE C 1139 47.73 4.43 -19.86
C PHE C 1139 47.56 3.01 -19.40
N THR C 1140 47.65 2.07 -20.33
CA THR C 1140 47.50 0.69 -19.92
C THR C 1140 48.45 0.35 -18.81
N PHE C 1141 49.71 0.65 -18.96
CA PHE C 1141 50.63 0.39 -17.88
C PHE C 1141 50.24 1.07 -16.58
N LEU C 1142 50.15 2.38 -16.60
CA LEU C 1142 49.70 3.07 -15.42
C LEU C 1142 48.61 2.33 -14.66
N ALA C 1143 47.47 2.09 -15.29
CA ALA C 1143 46.40 1.35 -14.63
C ALA C 1143 46.88 0.02 -14.17
N GLU C 1144 47.40 -0.81 -15.02
CA GLU C 1144 47.86 -2.04 -14.41
C GLU C 1144 48.75 -1.83 -13.18
N GLU C 1145 49.59 -0.83 -13.19
CA GLU C 1145 50.43 -0.68 -12.03
C GLU C 1145 49.58 -0.20 -10.82
N VAL C 1146 48.45 0.44 -11.09
CA VAL C 1146 47.54 0.87 -10.04
C VAL C 1146 46.93 -0.40 -9.48
N ARG C 1147 46.38 -1.25 -10.33
CA ARG C 1147 45.76 -2.45 -9.82
C ARG C 1147 46.81 -3.23 -9.08
N GLU C 1148 48.04 -3.19 -9.51
CA GLU C 1148 48.98 -4.03 -8.80
C GLU C 1148 49.07 -3.59 -7.38
N ILE C 1149 49.06 -2.29 -7.17
CA ILE C 1149 49.14 -1.75 -5.84
C ILE C 1149 47.92 -1.98 -4.99
N LEU C 1150 46.73 -1.82 -5.55
CA LEU C 1150 45.53 -1.97 -4.73
C LEU C 1150 45.45 -3.36 -4.14
N ALA C 1151 45.82 -4.34 -4.96
CA ALA C 1151 45.77 -5.72 -4.54
C ALA C 1151 46.66 -5.92 -3.35
N GLY C 1152 47.76 -5.21 -3.31
CA GLY C 1152 48.64 -5.45 -2.21
C GLY C 1152 48.00 -4.89 -0.97
N LEU C 1153 47.12 -3.91 -1.15
CA LEU C 1153 46.56 -3.23 -0.02
C LEU C 1153 45.31 -3.95 0.50
N GLY C 1154 44.84 -4.91 -0.27
CA GLY C 1154 43.68 -5.61 0.11
C GLY C 1154 42.46 -5.00 -0.51
N PHE C 1155 42.54 -4.00 -1.37
CA PHE C 1155 41.31 -3.48 -2.03
C PHE C 1155 41.13 -3.97 -3.44
N ARG C 1156 39.90 -4.10 -3.88
CA ARG C 1156 39.66 -4.71 -5.18
C ARG C 1156 39.15 -3.58 -6.07
N SER C 1157 39.42 -2.35 -5.66
CA SER C 1157 38.96 -1.26 -6.51
C SER C 1157 39.34 0.16 -6.12
N LEU C 1158 39.28 1.12 -7.04
CA LEU C 1158 39.82 2.40 -6.66
C LEU C 1158 38.87 3.12 -5.74
N ASN C 1159 37.61 3.00 -6.07
CA ASN C 1159 36.59 3.64 -5.30
C ASN C 1159 36.74 3.26 -3.86
N GLU C 1160 36.91 1.98 -3.56
CA GLU C 1160 37.09 1.61 -2.16
C GLU C 1160 38.23 2.33 -1.51
N VAL C 1161 38.92 3.24 -2.15
CA VAL C 1161 40.04 3.81 -1.48
C VAL C 1161 40.12 5.33 -1.63
N ILE C 1162 39.19 5.93 -2.33
CA ILE C 1162 39.21 7.36 -2.41
C ILE C 1162 39.03 7.98 -1.05
N GLY C 1163 39.65 9.09 -0.77
CA GLY C 1163 39.51 9.62 0.56
C GLY C 1163 40.15 8.76 1.62
N ARG C 1164 40.36 7.48 1.40
CA ARG C 1164 40.92 6.69 2.50
C ARG C 1164 42.29 7.02 3.05
N THR C 1165 42.46 8.22 3.55
CA THR C 1165 43.80 8.57 3.98
C THR C 1165 44.38 7.79 5.11
N ASP C 1166 43.55 7.05 5.83
CA ASP C 1166 44.07 6.20 6.87
C ASP C 1166 45.04 5.19 6.29
N LEU C 1167 44.99 4.94 4.99
CA LEU C 1167 45.97 4.05 4.39
C LEU C 1167 47.39 4.64 4.09
N LEU C 1168 47.67 5.88 4.46
CA LEU C 1168 48.93 6.58 4.16
C LEU C 1168 49.57 7.05 5.42
N HIS C 1169 50.87 6.92 5.60
CA HIS C 1169 51.52 7.29 6.82
C HIS C 1169 52.75 8.07 6.42
N GLN C 1170 53.03 9.14 7.12
CA GLN C 1170 54.16 9.90 6.66
C GLN C 1170 55.36 9.36 7.33
N VAL C 1171 56.29 8.85 6.55
CA VAL C 1171 57.61 8.50 7.06
C VAL C 1171 58.71 9.52 6.83
N SER C 1172 58.72 10.23 5.70
CA SER C 1172 60.12 10.39 5.50
C SER C 1172 60.77 11.56 6.08
N ARG C 1173 61.91 11.21 6.67
CA ARG C 1173 62.84 12.09 7.25
C ARG C 1173 63.89 11.98 6.19
N GLY C 1174 64.53 13.08 5.75
CA GLY C 1174 65.49 12.82 4.73
C GLY C 1174 66.53 13.86 4.75
N ALA C 1175 67.03 14.17 5.96
CA ALA C 1175 68.07 15.14 6.07
C ALA C 1175 68.82 14.78 7.29
N GLU C 1176 70.02 15.36 7.40
CA GLU C 1176 71.00 15.19 8.43
C GLU C 1176 70.55 15.80 9.74
N HIS C 1177 69.81 16.94 9.70
CA HIS C 1177 69.45 17.68 10.89
C HIS C 1177 67.98 17.42 11.14
N LEU C 1178 67.54 17.48 12.41
CA LEU C 1178 66.14 17.27 12.75
C LEU C 1178 65.35 18.45 12.30
N ASP C 1179 64.87 18.43 11.03
CA ASP C 1179 64.07 19.51 10.50
C ASP C 1179 62.85 18.85 9.89
N ASP C 1180 61.69 18.68 10.59
CA ASP C 1180 60.71 17.89 9.81
C ASP C 1180 59.43 18.60 9.46
N LEU C 1181 58.70 17.97 8.56
CA LEU C 1181 57.48 18.58 8.12
C LEU C 1181 56.34 17.92 8.86
N ASP C 1182 55.17 18.53 8.77
CA ASP C 1182 53.98 18.00 9.41
C ASP C 1182 53.01 17.75 8.32
N LEU C 1183 52.91 16.47 7.96
CA LEU C 1183 52.03 16.11 6.86
C LEU C 1183 50.67 15.79 7.31
N ASN C 1184 50.38 16.09 8.57
CA ASN C 1184 49.11 15.75 9.15
C ASN C 1184 47.94 16.40 8.51
N PRO C 1185 47.88 17.70 8.62
CA PRO C 1185 46.81 18.47 8.03
C PRO C 1185 46.36 17.95 6.68
N ARG C 1186 47.22 17.23 5.97
CA ARG C 1186 46.85 16.64 4.70
C ARG C 1186 46.19 15.30 4.88
N LEU C 1187 46.64 14.55 5.88
CA LEU C 1187 46.10 13.23 6.11
C LEU C 1187 44.82 13.19 6.91
N ALA C 1188 44.55 14.24 7.67
CA ALA C 1188 43.36 14.24 8.53
C ALA C 1188 42.06 14.01 7.82
N GLN C 1189 41.14 13.33 8.52
CA GLN C 1189 39.82 13.07 7.99
C GLN C 1189 38.96 13.96 8.78
N VAL C 1190 37.97 14.53 8.11
CA VAL C 1190 36.99 15.40 8.69
C VAL C 1190 35.94 14.68 9.59
N ASP C 1191 35.32 13.61 9.10
CA ASP C 1191 34.36 12.87 9.87
C ASP C 1191 34.87 11.44 9.89
N PRO C 1192 35.98 11.16 10.55
CA PRO C 1192 36.53 9.79 10.55
C PRO C 1192 35.54 8.75 11.04
N GLY C 1193 35.76 7.51 10.62
CA GLY C 1193 34.92 6.41 11.09
C GLY C 1193 33.68 6.30 10.24
N GLU C 1194 32.61 5.53 10.52
CA GLU C 1194 31.74 5.41 9.35
C GLU C 1194 30.97 6.64 8.91
N ASN C 1195 30.88 6.70 7.58
CA ASN C 1195 30.24 7.77 6.89
C ASN C 1195 28.85 7.34 6.63
N ALA C 1196 27.93 8.33 6.55
CA ALA C 1196 26.57 8.16 6.13
C ALA C 1196 26.66 8.18 4.64
N ARG C 1197 25.61 7.74 3.92
CA ARG C 1197 25.78 7.80 2.50
C ARG C 1197 24.69 8.62 1.91
N TYR C 1198 25.08 9.62 1.09
CA TYR C 1198 24.15 10.49 0.43
C TYR C 1198 24.00 9.92 -0.95
N CYS C 1199 22.74 9.63 -1.39
CA CYS C 1199 22.64 9.06 -2.70
C CYS C 1199 22.88 10.15 -3.70
N THR C 1200 23.77 9.84 -4.64
CA THR C 1200 24.06 10.77 -5.69
C THR C 1200 23.50 10.08 -6.88
N LEU C 1201 22.84 10.83 -7.78
CA LEU C 1201 22.25 10.25 -8.94
C LEU C 1201 23.14 10.52 -10.11
N GLN C 1202 23.16 9.62 -11.11
CA GLN C 1202 24.05 9.76 -12.22
C GLN C 1202 23.56 10.85 -13.13
N GLY C 1203 24.39 11.90 -13.29
CA GLY C 1203 24.14 12.96 -14.25
C GLY C 1203 24.88 14.27 -13.93
N ARG C 1204 24.28 15.43 -14.16
CA ARG C 1204 25.05 16.63 -13.88
C ARG C 1204 24.23 17.49 -12.96
N ASN C 1205 24.85 18.37 -12.19
CA ASN C 1205 24.06 19.25 -11.36
C ASN C 1205 23.20 20.09 -12.30
N GLU C 1206 21.94 19.73 -12.40
CA GLU C 1206 21.01 20.39 -13.31
C GLU C 1206 20.68 21.84 -12.98
N VAL C 1207 20.06 22.54 -13.93
CA VAL C 1207 19.78 23.98 -13.82
C VAL C 1207 18.38 24.45 -14.30
N PRO C 1208 17.91 25.54 -13.70
CA PRO C 1208 16.56 26.07 -13.96
C PRO C 1208 16.31 26.53 -15.38
N ASP C 1209 15.12 26.32 -15.93
CA ASP C 1209 14.86 26.80 -17.27
C ASP C 1209 14.84 28.30 -17.33
N THR C 1210 14.74 28.81 -18.55
CA THR C 1210 14.52 30.23 -18.83
C THR C 1210 13.52 30.42 -19.97
N LEU C 1211 13.57 31.63 -20.48
CA LEU C 1211 12.59 31.97 -21.46
C LEU C 1211 12.69 30.96 -22.56
N ASP C 1212 13.92 30.48 -22.77
CA ASP C 1212 14.13 29.61 -23.87
C ASP C 1212 13.21 28.43 -23.81
N ALA C 1213 12.78 28.12 -22.59
CA ALA C 1213 11.93 26.94 -22.39
C ALA C 1213 10.64 26.99 -23.17
N ARG C 1214 10.11 28.21 -23.26
CA ARG C 1214 8.86 28.52 -23.93
C ARG C 1214 9.17 28.81 -25.37
N ILE C 1215 10.21 29.60 -25.55
CA ILE C 1215 10.53 29.95 -26.91
C ILE C 1215 10.59 28.65 -27.66
N VAL C 1216 11.18 27.63 -27.07
CA VAL C 1216 11.38 26.42 -27.84
C VAL C 1216 10.07 25.75 -28.07
N ALA C 1217 9.30 25.84 -27.03
CA ALA C 1217 8.03 25.15 -27.11
C ALA C 1217 7.25 25.81 -28.23
N ASP C 1218 7.34 27.13 -28.27
CA ASP C 1218 6.59 27.88 -29.23
C ASP C 1218 7.11 27.74 -30.66
N ALA C 1219 8.33 27.24 -30.77
CA ALA C 1219 8.92 27.08 -32.05
C ALA C 1219 8.74 25.72 -32.67
N ARG C 1220 7.79 24.92 -32.22
CA ARG C 1220 7.68 23.59 -32.81
C ARG C 1220 7.95 23.61 -34.33
N PRO C 1221 7.12 24.37 -35.03
CA PRO C 1221 7.18 24.54 -36.49
C PRO C 1221 8.61 24.71 -36.97
N LEU C 1222 9.36 25.57 -36.32
CA LEU C 1222 10.75 25.75 -36.67
C LEU C 1222 11.39 24.41 -36.90
N PHE C 1223 11.51 23.66 -35.83
CA PHE C 1223 12.15 22.36 -35.85
C PHE C 1223 11.35 21.31 -36.55
N GLU C 1224 10.10 21.56 -36.80
CA GLU C 1224 9.39 20.42 -37.25
C GLU C 1224 9.19 20.48 -38.71
N GLU C 1225 8.95 21.71 -39.14
CA GLU C 1225 8.59 22.00 -40.51
C GLU C 1225 9.53 22.97 -41.22
N GLY C 1226 10.32 23.70 -40.46
CA GLY C 1226 11.21 24.65 -41.07
C GLY C 1226 10.65 26.05 -41.07
N GLU C 1227 9.39 26.21 -40.70
CA GLU C 1227 8.82 27.55 -40.80
C GLU C 1227 9.68 28.69 -40.34
N LYS C 1228 9.25 29.90 -40.59
CA LYS C 1228 9.98 31.07 -40.10
C LYS C 1228 9.02 31.58 -39.05
N MET C 1229 9.49 32.33 -38.05
CA MET C 1229 8.59 32.62 -36.97
C MET C 1229 8.89 33.96 -36.36
N GLN C 1230 7.89 34.58 -35.75
CA GLN C 1230 8.14 35.82 -35.02
C GLN C 1230 7.45 35.62 -33.69
N LEU C 1231 8.16 35.75 -32.57
CA LEU C 1231 7.52 35.54 -31.28
C LEU C 1231 7.80 36.78 -30.51
N ALA C 1232 6.93 36.98 -29.52
CA ALA C 1232 7.00 38.13 -28.61
C ALA C 1232 6.77 37.65 -27.15
N TYR C 1233 7.47 38.29 -26.22
CA TYR C 1233 7.52 37.92 -24.81
C TYR C 1233 8.10 39.14 -24.07
N ASN C 1234 7.79 39.25 -22.77
CA ASN C 1234 8.36 40.36 -22.04
C ASN C 1234 9.63 39.80 -21.52
N ALA C 1235 10.35 40.53 -20.69
CA ALA C 1235 11.65 40.04 -20.33
C ALA C 1235 12.01 40.80 -19.12
N ARG C 1236 12.55 40.09 -18.13
CA ARG C 1236 12.88 40.78 -16.92
C ARG C 1236 14.32 40.67 -16.54
N ASN C 1237 14.76 41.53 -15.63
CA ASN C 1237 16.17 41.45 -15.39
C ASN C 1237 16.51 40.09 -14.83
N THR C 1238 15.49 39.34 -14.54
CA THR C 1238 15.72 38.11 -13.86
C THR C 1238 15.83 36.93 -14.81
N GLN C 1239 15.65 37.15 -16.10
CA GLN C 1239 15.78 36.03 -17.01
C GLN C 1239 17.17 36.03 -17.67
N ARG C 1240 17.92 34.93 -17.56
CA ARG C 1240 19.29 34.97 -18.05
C ARG C 1240 19.46 34.17 -19.30
N ALA C 1241 20.60 34.38 -19.93
CA ALA C 1241 20.90 33.64 -21.10
C ALA C 1241 19.80 33.42 -22.17
N ILE C 1242 18.85 34.33 -22.29
CA ILE C 1242 17.78 34.15 -23.29
C ILE C 1242 18.29 33.90 -24.71
N GLY C 1243 17.79 32.83 -25.34
CA GLY C 1243 18.17 32.47 -26.68
C GLY C 1243 19.19 31.35 -26.65
N THR C 1244 20.15 31.47 -25.75
CA THR C 1244 21.15 30.45 -25.73
C THR C 1244 20.56 29.06 -25.87
N ARG C 1245 19.58 28.71 -25.06
CA ARG C 1245 19.12 27.37 -25.37
C ARG C 1245 18.62 27.26 -26.80
N LEU C 1246 17.86 28.26 -27.25
CA LEU C 1246 17.33 28.21 -28.59
C LEU C 1246 18.49 27.82 -29.47
N SER C 1247 19.53 28.64 -29.39
CA SER C 1247 20.72 28.47 -30.19
C SER C 1247 21.29 27.06 -30.19
N SER C 1248 21.43 26.49 -29.00
CA SER C 1248 21.92 25.14 -28.93
C SER C 1248 21.04 24.29 -29.80
N MET C 1249 19.75 24.48 -29.67
CA MET C 1249 18.88 23.65 -30.44
C MET C 1249 19.00 23.88 -31.92
N VAL C 1250 19.29 25.12 -32.32
CA VAL C 1250 19.29 25.40 -33.75
C VAL C 1250 20.59 24.89 -34.32
N THR C 1251 21.67 25.19 -33.61
CA THR C 1251 22.95 24.74 -34.05
C THR C 1251 22.89 23.26 -34.20
N ARG C 1252 22.02 22.62 -33.45
CA ARG C 1252 22.08 21.18 -33.53
C ARG C 1252 21.40 20.66 -34.76
N LYS C 1253 20.39 21.37 -35.22
CA LYS C 1253 19.59 20.88 -36.33
C LYS C 1253 19.90 21.44 -37.72
N PHE C 1254 20.45 22.64 -37.76
CA PHE C 1254 20.69 23.33 -38.99
C PHE C 1254 22.13 23.80 -38.93
N GLY C 1255 22.75 23.78 -37.74
CA GLY C 1255 24.13 24.20 -37.67
C GLY C 1255 24.23 25.70 -37.55
N MET C 1256 25.41 26.22 -37.18
CA MET C 1256 25.52 27.65 -36.89
C MET C 1256 25.01 28.44 -38.02
N PHE C 1257 25.24 27.96 -39.25
CA PHE C 1257 24.80 28.78 -40.37
C PHE C 1257 23.84 28.21 -41.36
N GLY C 1258 23.11 27.17 -41.04
CA GLY C 1258 22.17 26.77 -42.07
C GLY C 1258 20.88 27.58 -42.10
N LEU C 1259 20.73 28.58 -41.27
CA LEU C 1259 19.46 29.30 -41.37
C LEU C 1259 19.71 30.74 -41.82
N GLN C 1260 18.81 31.24 -42.65
CA GLN C 1260 19.07 32.60 -43.08
C GLN C 1260 18.69 33.64 -42.04
N PRO C 1261 19.55 34.60 -41.87
CA PRO C 1261 19.36 35.66 -40.88
C PRO C 1261 17.92 35.99 -40.68
N GLY C 1262 17.53 36.15 -39.41
CA GLY C 1262 16.14 36.45 -39.02
C GLY C 1262 15.13 35.31 -39.12
N HIS C 1263 15.53 34.12 -39.54
CA HIS C 1263 14.55 33.06 -39.65
C HIS C 1263 13.57 32.92 -38.46
N ILE C 1264 14.02 33.15 -37.22
CA ILE C 1264 13.24 32.98 -35.98
C ILE C 1264 13.62 34.26 -35.27
N THR C 1265 12.64 35.09 -35.00
CA THR C 1265 12.88 36.40 -34.43
C THR C 1265 11.93 36.53 -33.26
N ILE C 1266 12.48 37.01 -32.17
CA ILE C 1266 11.75 37.06 -30.95
C ILE C 1266 11.94 38.48 -30.48
N ARG C 1267 10.85 39.25 -30.41
CA ARG C 1267 10.96 40.60 -29.85
C ARG C 1267 10.73 40.46 -28.35
N LEU C 1268 11.39 41.32 -27.59
CA LEU C 1268 11.21 41.30 -26.13
C LEU C 1268 11.09 42.71 -25.53
N ARG C 1269 9.96 42.96 -24.88
CA ARG C 1269 9.83 44.21 -24.13
C ARG C 1269 10.45 44.06 -22.76
N GLY C 1270 11.15 45.08 -22.29
CA GLY C 1270 11.59 45.03 -20.92
C GLY C 1270 13.05 45.07 -20.58
N THR C 1271 13.53 44.04 -19.91
CA THR C 1271 14.93 44.07 -19.63
C THR C 1271 15.47 42.68 -19.73
N ALA C 1272 16.61 42.51 -20.41
CA ALA C 1272 17.25 41.21 -20.53
C ALA C 1272 18.22 41.12 -19.37
N GLY C 1273 18.34 39.94 -18.80
CA GLY C 1273 19.31 39.85 -17.72
C GLY C 1273 20.60 39.34 -18.31
N GLN C 1274 21.61 39.13 -17.47
CA GLN C 1274 22.88 38.73 -18.03
C GLN C 1274 22.90 37.64 -19.11
N SER C 1275 23.85 37.78 -20.02
CA SER C 1275 24.10 36.81 -21.06
C SER C 1275 23.02 36.75 -22.09
N LEU C 1276 22.47 37.91 -22.41
CA LEU C 1276 21.42 37.98 -23.43
C LEU C 1276 21.96 37.55 -24.78
N GLY C 1277 21.33 36.55 -25.37
CA GLY C 1277 21.73 36.11 -26.70
C GLY C 1277 23.10 35.45 -26.77
N ALA C 1278 23.65 35.11 -25.62
CA ALA C 1278 24.97 34.48 -25.62
C ALA C 1278 25.00 33.23 -26.50
N PHE C 1279 26.03 33.09 -27.32
CA PHE C 1279 26.21 31.97 -28.25
C PHE C 1279 25.04 31.77 -29.21
N ALA C 1280 24.45 32.85 -29.69
CA ALA C 1280 23.37 32.72 -30.65
C ALA C 1280 23.93 32.51 -32.06
N VAL C 1281 23.49 31.45 -32.70
CA VAL C 1281 23.94 31.26 -34.04
C VAL C 1281 23.02 32.05 -34.97
N GLN C 1282 23.39 32.10 -36.25
CA GLN C 1282 22.62 32.79 -37.23
C GLN C 1282 21.27 32.14 -37.42
N GLY C 1283 20.25 32.97 -37.61
CA GLY C 1283 18.89 32.48 -37.86
C GLY C 1283 17.98 33.00 -36.75
N ILE C 1284 18.65 33.30 -35.63
CA ILE C 1284 17.96 33.86 -34.49
C ILE C 1284 18.21 35.34 -34.48
N LYS C 1285 17.17 36.06 -34.09
CA LYS C 1285 17.34 37.49 -33.97
C LYS C 1285 16.53 37.90 -32.80
N LEU C 1286 17.16 38.68 -31.96
CA LEU C 1286 16.46 39.13 -30.80
C LEU C 1286 16.32 40.68 -30.75
N GLU C 1287 15.08 41.15 -30.75
CA GLU C 1287 14.95 42.58 -30.56
C GLU C 1287 14.54 42.78 -29.11
N VAL C 1288 15.35 43.55 -28.41
CA VAL C 1288 14.98 43.90 -27.08
C VAL C 1288 14.66 45.36 -27.06
N MET C 1289 13.36 45.66 -27.16
CA MET C 1289 12.84 47.01 -26.95
C MET C 1289 12.83 47.25 -25.42
N GLY C 1290 13.77 47.99 -24.87
CA GLY C 1290 13.73 48.22 -23.43
C GLY C 1290 15.19 48.39 -23.04
N ASP C 1291 15.83 47.31 -22.63
CA ASP C 1291 17.24 47.42 -22.33
C ASP C 1291 17.92 46.18 -21.75
N ALA C 1292 19.25 46.18 -21.76
CA ALA C 1292 19.94 45.02 -21.22
C ALA C 1292 21.08 45.22 -20.30
N ASN C 1293 21.51 44.11 -19.72
CA ASN C 1293 22.53 44.09 -18.67
C ASN C 1293 23.88 43.53 -19.17
N ASP C 1294 24.84 43.16 -18.31
CA ASP C 1294 26.07 42.67 -18.86
C ASP C 1294 26.02 41.46 -19.84
N TYR C 1295 27.06 41.37 -20.68
CA TYR C 1295 27.30 40.27 -21.58
C TYR C 1295 26.38 40.08 -22.74
N VAL C 1296 25.80 41.15 -23.28
CA VAL C 1296 24.97 40.92 -24.46
C VAL C 1296 25.84 40.26 -25.55
N GLY C 1297 25.30 39.28 -26.24
CA GLY C 1297 26.10 38.65 -27.27
C GLY C 1297 27.48 38.17 -26.85
N LYS C 1298 27.57 37.66 -25.63
CA LYS C 1298 28.80 37.00 -25.17
C LYS C 1298 28.96 35.82 -26.14
N GLY C 1299 30.17 35.62 -26.64
CA GLY C 1299 30.40 34.57 -27.60
C GLY C 1299 29.47 34.59 -28.80
N LEU C 1300 28.95 35.76 -29.20
CA LEU C 1300 28.01 35.83 -30.32
C LEU C 1300 28.41 34.91 -31.50
N SER C 1301 27.49 34.12 -32.02
CA SER C 1301 27.99 33.25 -33.06
C SER C 1301 27.22 33.29 -34.39
N GLY C 1302 27.11 34.48 -34.95
CA GLY C 1302 26.45 34.66 -36.22
C GLY C 1302 24.98 34.89 -36.03
N GLY C 1303 24.59 35.15 -34.80
CA GLY C 1303 23.19 35.43 -34.62
C GLY C 1303 23.14 36.93 -34.58
N THR C 1304 21.92 37.50 -34.49
CA THR C 1304 21.74 38.95 -34.44
C THR C 1304 20.90 39.38 -33.31
N ILE C 1305 21.38 40.46 -32.69
CA ILE C 1305 20.76 41.03 -31.50
C ILE C 1305 20.66 42.55 -31.70
N VAL C 1306 19.48 43.10 -31.46
CA VAL C 1306 19.23 44.54 -31.53
C VAL C 1306 18.59 45.07 -30.23
N VAL C 1307 18.96 46.26 -29.76
CA VAL C 1307 18.38 46.75 -28.51
C VAL C 1307 18.11 48.24 -28.58
N ARG C 1308 16.85 48.66 -28.51
CA ARG C 1308 16.54 50.08 -28.48
C ARG C 1308 15.49 50.47 -27.43
N PRO C 1309 15.58 51.73 -27.07
CA PRO C 1309 14.65 52.26 -26.08
C PRO C 1309 13.30 52.09 -26.68
N THR C 1310 12.33 52.15 -25.78
CA THR C 1310 10.91 52.01 -26.08
C THR C 1310 10.51 53.23 -26.85
N THR C 1311 9.77 52.94 -27.92
CA THR C 1311 9.17 53.91 -28.80
C THR C 1311 8.69 55.06 -27.93
N SER C 1312 8.06 54.75 -26.82
CA SER C 1312 7.61 55.80 -25.94
C SER C 1312 8.68 56.41 -25.02
N SER C 1313 9.88 55.86 -24.91
CA SER C 1313 10.80 56.50 -23.95
C SER C 1313 11.18 57.82 -24.54
N PRO C 1314 11.31 58.84 -23.73
CA PRO C 1314 11.71 60.18 -24.18
C PRO C 1314 13.23 60.34 -24.11
N LEU C 1315 13.95 59.24 -23.97
CA LEU C 1315 15.39 59.42 -23.77
C LEU C 1315 16.18 59.71 -25.02
N GLU C 1316 17.23 60.49 -24.87
CA GLU C 1316 18.08 60.72 -26.03
C GLU C 1316 18.97 59.51 -26.29
N THR C 1317 18.50 58.66 -27.20
CA THR C 1317 19.25 57.50 -27.54
C THR C 1317 20.72 57.54 -27.22
N ASN C 1318 21.45 58.59 -27.55
CA ASN C 1318 22.87 58.41 -27.38
C ASN C 1318 23.43 59.00 -26.16
N LYS C 1319 22.57 59.49 -25.31
CA LYS C 1319 23.16 60.09 -24.13
C LYS C 1319 22.83 59.25 -22.96
N ASN C 1320 22.48 58.00 -23.23
CA ASN C 1320 22.14 57.11 -22.14
C ASN C 1320 22.57 55.71 -22.37
N THR C 1321 23.10 55.07 -21.32
CA THR C 1321 23.52 53.67 -21.29
C THR C 1321 22.39 52.77 -21.72
N ILE C 1322 22.70 51.61 -22.29
CA ILE C 1322 21.61 50.69 -22.62
C ILE C 1322 22.01 49.21 -22.46
N ILE C 1323 23.30 48.93 -22.44
CA ILE C 1323 23.68 47.55 -22.27
C ILE C 1323 24.95 47.58 -21.46
N GLY C 1324 25.11 46.52 -20.66
CA GLY C 1324 26.15 46.44 -19.67
C GLY C 1324 27.57 46.28 -20.12
N ASN C 1325 28.27 45.37 -19.46
CA ASN C 1325 29.67 45.21 -19.75
C ASN C 1325 30.06 43.91 -20.42
N THR C 1326 31.27 43.95 -20.91
CA THR C 1326 31.80 42.75 -21.50
C THR C 1326 30.86 42.22 -22.55
N VAL C 1327 30.19 43.12 -23.23
CA VAL C 1327 29.34 42.81 -24.39
C VAL C 1327 30.20 42.14 -25.47
N LEU C 1328 29.59 41.27 -26.26
CA LEU C 1328 30.28 40.54 -27.33
C LEU C 1328 31.59 39.88 -26.95
N TYR C 1329 31.83 39.58 -25.67
CA TYR C 1329 33.09 38.98 -25.27
C TYR C 1329 33.41 37.76 -26.13
N GLY C 1330 34.53 37.79 -26.83
CA GLY C 1330 34.94 36.66 -27.63
C GLY C 1330 34.07 36.24 -28.80
N ALA C 1331 33.12 37.05 -29.21
CA ALA C 1331 32.28 36.68 -30.36
C ALA C 1331 33.02 36.22 -31.63
N THR C 1332 32.34 35.58 -32.55
CA THR C 1332 33.05 35.19 -33.78
C THR C 1332 32.24 35.49 -35.05
N ALA C 1333 30.96 35.73 -34.88
CA ALA C 1333 30.17 36.02 -36.03
C ALA C 1333 28.88 36.63 -35.54
N GLY C 1334 28.13 37.21 -36.47
CA GLY C 1334 26.92 37.94 -36.15
C GLY C 1334 27.14 39.45 -36.01
N LYS C 1335 25.98 40.08 -35.95
CA LYS C 1335 25.79 41.50 -35.79
C LYS C 1335 25.12 41.78 -34.44
N LEU C 1336 25.34 43.00 -33.94
CA LEU C 1336 24.70 43.58 -32.76
C LEU C 1336 24.50 45.08 -32.95
N PHE C 1337 23.26 45.57 -32.80
CA PHE C 1337 22.90 46.99 -32.94
C PHE C 1337 22.32 47.56 -31.64
N ALA C 1338 22.82 48.71 -31.19
CA ALA C 1338 22.41 49.29 -29.91
C ALA C 1338 22.19 50.84 -29.77
N ALA C 1339 20.96 51.23 -30.04
CA ALA C 1339 20.55 52.59 -29.80
C ALA C 1339 21.07 53.13 -28.44
N GLY C 1340 22.35 53.11 -28.15
CA GLY C 1340 22.65 53.70 -26.86
C GLY C 1340 24.10 53.44 -26.53
N GLN C 1341 24.51 53.75 -25.30
CA GLN C 1341 25.90 53.53 -24.88
C GLN C 1341 26.11 52.15 -24.27
N ALA C 1342 27.33 51.67 -24.21
CA ALA C 1342 27.58 50.36 -23.62
C ALA C 1342 28.59 50.62 -22.56
N GLY C 1343 28.76 49.68 -21.64
CA GLY C 1343 29.58 49.98 -20.49
C GLY C 1343 31.00 49.56 -20.67
N GLU C 1344 31.70 49.33 -19.56
CA GLU C 1344 33.07 48.90 -19.68
C GLU C 1344 33.40 47.65 -20.57
N ARG C 1345 34.67 47.57 -20.99
CA ARG C 1345 35.12 46.49 -21.82
C ARG C 1345 34.19 46.06 -22.94
N PHE C 1346 33.63 47.01 -23.68
CA PHE C 1346 32.76 46.69 -24.81
C PHE C 1346 33.50 46.00 -25.94
N ALA C 1347 32.91 44.97 -26.53
CA ALA C 1347 33.61 44.30 -27.64
C ALA C 1347 34.98 43.75 -27.25
N VAL C 1348 35.17 43.41 -25.98
CA VAL C 1348 36.44 42.82 -25.59
C VAL C 1348 36.59 41.48 -26.30
N ARG C 1349 37.80 41.27 -26.80
CA ARG C 1349 38.08 40.06 -27.55
C ARG C 1349 37.22 39.72 -28.73
N ASN C 1350 36.39 40.65 -29.21
CA ASN C 1350 35.54 40.34 -30.36
C ASN C 1350 36.30 39.67 -31.50
N SER C 1351 35.93 38.49 -31.90
CA SER C 1351 36.75 38.03 -32.99
C SER C 1351 36.01 37.89 -34.26
N GLY C 1352 35.17 38.87 -34.56
CA GLY C 1352 34.53 38.77 -35.83
C GLY C 1352 33.08 39.08 -35.84
N ALA C 1353 32.63 39.84 -34.85
CA ALA C 1353 31.24 40.25 -34.87
C ALA C 1353 31.22 41.69 -35.34
N THR C 1354 30.11 42.14 -35.91
CA THR C 1354 29.99 43.49 -36.40
C THR C 1354 28.94 44.10 -35.51
N VAL C 1355 29.25 45.29 -35.01
CA VAL C 1355 28.42 45.97 -34.03
C VAL C 1355 28.34 47.46 -34.31
N VAL C 1356 27.30 48.08 -33.77
CA VAL C 1356 27.09 49.50 -33.93
C VAL C 1356 26.46 49.82 -32.61
N VAL C 1357 26.91 50.90 -32.00
CA VAL C 1357 26.49 51.27 -30.68
C VAL C 1357 26.79 52.77 -30.50
N GLU C 1358 25.96 53.49 -29.72
CA GLU C 1358 26.16 54.92 -29.62
C GLU C 1358 27.06 55.41 -28.51
N GLY C 1359 28.07 54.62 -28.15
CA GLY C 1359 28.97 55.13 -27.11
C GLY C 1359 29.63 53.97 -26.36
N CYS C 1360 30.47 54.19 -25.37
CA CYS C 1360 31.00 52.99 -24.78
C CYS C 1360 31.95 53.28 -23.63
N GLY C 1361 31.84 52.50 -22.56
CA GLY C 1361 32.66 52.70 -21.39
C GLY C 1361 34.13 52.66 -21.70
N SER C 1362 34.99 52.44 -20.70
CA SER C 1362 36.38 52.37 -21.05
C SER C 1362 36.82 50.97 -21.49
N ASN C 1363 38.13 50.82 -21.62
CA ASN C 1363 38.70 49.56 -22.04
C ASN C 1363 37.99 48.86 -23.17
N GLY C 1364 37.50 49.64 -24.15
CA GLY C 1364 36.73 49.13 -25.27
C GLY C 1364 37.55 48.53 -26.39
N CYS C 1365 36.90 47.67 -27.16
CA CYS C 1365 37.58 46.99 -28.24
C CYS C 1365 38.90 46.37 -27.78
N GLU C 1366 39.09 46.05 -26.52
CA GLU C 1366 40.39 45.56 -26.08
C GLU C 1366 40.69 44.11 -26.51
N TYR C 1367 41.92 43.81 -26.85
CA TYR C 1367 42.24 42.47 -27.33
C TYR C 1367 41.34 42.01 -28.44
N MET C 1368 40.87 42.88 -29.33
CA MET C 1368 39.94 42.47 -30.38
C MET C 1368 40.82 41.89 -31.47
N THR C 1369 40.28 40.93 -32.22
CA THR C 1369 41.07 40.21 -33.22
C THR C 1369 40.32 40.03 -34.51
N GLY C 1370 39.14 40.59 -34.62
CA GLY C 1370 38.40 40.40 -35.86
C GLY C 1370 37.10 41.16 -35.74
N GLY C 1371 36.42 41.36 -36.86
CA GLY C 1371 35.17 42.08 -36.80
C GLY C 1371 35.30 43.57 -37.03
N THR C 1372 34.13 44.17 -37.17
CA THR C 1372 33.95 45.59 -37.37
C THR C 1372 33.15 46.10 -36.17
N ALA C 1373 33.63 47.24 -35.72
CA ALA C 1373 33.16 47.91 -34.52
C ALA C 1373 32.89 49.41 -34.73
N VAL C 1374 31.72 49.79 -35.21
CA VAL C 1374 31.41 51.22 -35.37
C VAL C 1374 31.18 51.86 -33.98
N ILE C 1375 31.00 53.17 -33.86
CA ILE C 1375 30.77 53.74 -32.52
C ILE C 1375 30.36 55.22 -32.46
N LEU C 1376 29.06 55.48 -32.63
CA LEU C 1376 28.52 56.81 -32.65
C LEU C 1376 28.75 57.60 -31.38
N GLY C 1377 29.96 57.65 -30.84
CA GLY C 1377 30.07 58.45 -29.65
C GLY C 1377 31.38 58.46 -28.89
N ARG C 1378 31.37 59.06 -27.71
CA ARG C 1378 32.58 59.20 -26.94
C ARG C 1378 33.03 57.81 -26.54
N VAL C 1379 34.30 57.68 -26.22
CA VAL C 1379 34.88 56.36 -26.00
C VAL C 1379 35.79 56.42 -24.79
N GLY C 1380 35.77 55.37 -24.00
CA GLY C 1380 36.45 55.38 -22.72
C GLY C 1380 37.94 55.31 -22.81
N ASP C 1381 38.60 55.60 -21.72
CA ASP C 1381 40.00 55.40 -21.68
C ASP C 1381 40.54 54.10 -22.25
N ASN C 1382 41.84 54.07 -22.51
CA ASN C 1382 42.52 52.92 -23.09
C ASN C 1382 41.75 52.23 -24.20
N PHE C 1383 41.21 52.94 -25.22
CA PHE C 1383 40.44 52.27 -26.26
C PHE C 1383 41.32 51.54 -27.25
N ALA C 1384 40.92 50.35 -27.64
CA ALA C 1384 41.73 49.58 -28.57
C ALA C 1384 43.03 48.99 -28.00
N ALA C 1385 43.22 49.03 -26.69
CA ALA C 1385 44.43 48.36 -26.26
C ALA C 1385 44.48 46.92 -26.71
N GLY C 1386 45.61 46.54 -27.30
CA GLY C 1386 45.93 45.19 -27.69
C GLY C 1386 45.04 44.78 -28.82
N MET C 1387 44.46 45.78 -29.46
CA MET C 1387 43.59 45.47 -30.57
C MET C 1387 44.27 45.07 -31.90
N THR C 1388 45.10 44.03 -31.91
CA THR C 1388 45.60 43.36 -33.07
C THR C 1388 44.78 43.00 -34.30
N GLY C 1389 43.47 43.19 -34.39
CA GLY C 1389 42.93 42.88 -35.70
C GLY C 1389 41.46 42.94 -36.06
N GLY C 1390 40.92 44.05 -36.49
CA GLY C 1390 39.54 44.03 -36.93
C GLY C 1390 39.52 45.46 -37.36
N MET C 1391 38.57 46.24 -36.93
CA MET C 1391 38.68 47.61 -37.34
C MET C 1391 37.56 48.24 -36.59
N ALA C 1392 37.81 49.46 -36.18
CA ALA C 1392 36.76 50.23 -35.59
C ALA C 1392 36.81 51.65 -36.17
N TYR C 1393 35.65 52.12 -36.58
CA TYR C 1393 35.51 53.51 -36.91
C TYR C 1393 34.98 54.20 -35.63
N VAL C 1394 34.91 55.51 -35.61
CA VAL C 1394 34.53 56.15 -34.36
C VAL C 1394 34.20 57.63 -34.48
N TYR C 1395 32.94 57.91 -34.82
CA TYR C 1395 32.42 59.27 -34.80
C TYR C 1395 32.87 60.06 -33.58
N ASP C 1396 33.80 61.00 -33.71
CA ASP C 1396 34.35 61.76 -32.58
C ASP C 1396 34.17 63.27 -32.77
N LEU C 1397 33.15 63.84 -32.15
CA LEU C 1397 32.88 65.25 -32.33
C LEU C 1397 33.80 66.19 -31.67
N ASP C 1398 34.83 65.76 -30.98
CA ASP C 1398 35.59 66.81 -30.32
C ASP C 1398 37.02 66.56 -30.53
N ASP C 1399 37.32 65.70 -31.48
CA ASP C 1399 38.71 65.44 -31.72
C ASP C 1399 39.39 65.22 -30.38
N SER C 1400 38.87 64.20 -29.71
CA SER C 1400 39.31 63.82 -28.38
C SER C 1400 39.85 62.42 -28.45
N LEU C 1401 39.26 61.63 -29.35
CA LEU C 1401 39.68 60.24 -29.40
C LEU C 1401 41.20 60.16 -29.19
N PRO C 1402 41.95 61.06 -29.80
CA PRO C 1402 43.37 61.14 -29.55
C PRO C 1402 43.76 61.04 -28.11
N LEU C 1403 42.94 61.52 -27.20
CA LEU C 1403 43.37 61.55 -25.81
C LEU C 1403 43.08 60.29 -25.06
N TYR C 1404 42.21 59.48 -25.64
CA TYR C 1404 41.76 58.26 -25.02
C TYR C 1404 42.30 56.96 -25.56
N ILE C 1405 42.78 56.97 -26.80
CA ILE C 1405 43.08 55.73 -27.45
C ILE C 1405 44.42 55.21 -27.05
N ASN C 1406 44.56 53.89 -27.04
CA ASN C 1406 45.81 53.26 -26.72
C ASN C 1406 46.62 52.85 -27.97
N ASP C 1407 47.33 53.86 -28.47
CA ASP C 1407 48.34 53.80 -29.50
C ASP C 1407 48.99 52.48 -29.85
N GLU C 1408 49.68 51.98 -28.83
CA GLU C 1408 50.53 50.84 -29.05
C GLU C 1408 50.33 49.87 -30.22
N SER C 1409 49.13 49.49 -30.60
CA SER C 1409 48.99 48.46 -31.60
C SER C 1409 48.03 48.94 -32.63
N VAL C 1410 47.73 50.20 -32.58
CA VAL C 1410 46.68 50.49 -33.49
C VAL C 1410 46.98 51.88 -34.05
N ILE C 1411 46.27 52.35 -35.06
CA ILE C 1411 46.52 53.72 -35.48
C ILE C 1411 45.17 54.27 -35.83
N PHE C 1412 45.07 55.59 -35.89
CA PHE C 1412 43.83 56.09 -36.42
C PHE C 1412 44.13 57.17 -37.43
N GLN C 1413 43.22 57.27 -38.39
CA GLN C 1413 43.40 58.20 -39.47
C GLN C 1413 42.00 58.63 -39.83
N ARG C 1414 41.83 59.64 -40.67
CA ARG C 1414 40.45 59.87 -41.05
C ARG C 1414 40.25 58.99 -42.25
N ILE C 1415 39.01 58.59 -42.50
CA ILE C 1415 38.75 57.75 -43.66
C ILE C 1415 39.32 58.51 -44.85
N GLU C 1416 39.99 57.80 -45.77
CA GLU C 1416 40.54 58.37 -47.00
C GLU C 1416 40.05 57.48 -48.12
N VAL C 1417 40.51 56.25 -48.19
CA VAL C 1417 39.98 55.39 -49.23
C VAL C 1417 38.47 55.37 -49.13
N GLY C 1418 37.78 55.13 -50.23
CA GLY C 1418 36.34 55.31 -50.19
C GLY C 1418 35.56 54.05 -50.09
N HIS C 1419 36.26 52.93 -49.94
CA HIS C 1419 35.53 51.68 -49.71
C HIS C 1419 35.43 51.49 -48.23
N TYR C 1420 36.35 52.12 -47.51
CA TYR C 1420 36.27 52.05 -46.09
C TYR C 1420 35.18 53.03 -45.76
N GLU C 1421 35.15 54.20 -46.40
CA GLU C 1421 34.08 55.14 -46.11
C GLU C 1421 32.75 54.53 -46.49
N SER C 1422 32.73 53.66 -47.49
CA SER C 1422 31.42 53.16 -47.82
C SER C 1422 30.92 52.10 -46.83
N GLN C 1423 31.87 51.30 -46.34
CA GLN C 1423 31.63 50.22 -45.40
C GLN C 1423 30.87 50.84 -44.23
N LEU C 1424 31.48 51.86 -43.63
CA LEU C 1424 30.86 52.58 -42.52
C LEU C 1424 29.44 52.95 -42.86
N LYS C 1425 29.31 53.84 -43.82
CA LYS C 1425 27.99 54.25 -44.24
C LYS C 1425 26.99 53.11 -44.20
N HIS C 1426 27.25 52.00 -44.89
CA HIS C 1426 26.25 50.93 -44.92
C HIS C 1426 25.86 50.36 -43.56
N LEU C 1427 26.87 50.14 -42.70
CA LEU C 1427 26.56 49.71 -41.33
C LEU C 1427 25.58 50.70 -40.69
N ILE C 1428 26.07 51.93 -40.48
CA ILE C 1428 25.21 52.95 -39.92
C ILE C 1428 23.84 52.92 -40.54
N GLU C 1429 23.75 52.50 -41.78
CA GLU C 1429 22.44 52.49 -42.36
C GLU C 1429 21.71 51.35 -41.70
N GLU C 1430 22.35 50.18 -41.72
CA GLU C 1430 21.76 49.01 -41.07
C GLU C 1430 21.29 49.35 -39.65
N HIS C 1431 22.24 49.88 -38.91
CA HIS C 1431 22.00 50.29 -37.56
C HIS C 1431 20.69 50.98 -37.57
N VAL C 1432 20.60 52.13 -38.24
CA VAL C 1432 19.34 52.87 -38.26
C VAL C 1432 18.18 51.95 -38.61
N THR C 1433 18.15 51.40 -39.82
CA THR C 1433 17.09 50.48 -40.18
C THR C 1433 16.64 49.63 -39.00
N GLU C 1434 17.57 48.91 -38.36
CA GLU C 1434 17.21 48.07 -37.22
C GLU C 1434 16.70 48.76 -35.95
N THR C 1435 17.25 49.91 -35.64
CA THR C 1435 17.13 50.60 -34.38
C THR C 1435 16.29 51.87 -34.49
N GLN C 1436 15.93 52.24 -35.72
CA GLN C 1436 15.16 53.44 -36.01
C GLN C 1436 15.83 54.60 -35.29
N SER C 1437 17.15 54.59 -35.19
CA SER C 1437 17.80 55.61 -34.39
C SER C 1437 17.86 56.98 -35.01
N ARG C 1438 17.22 57.96 -34.41
CA ARG C 1438 17.34 59.32 -34.92
C ARG C 1438 18.79 59.77 -35.02
N PHE C 1439 19.37 60.17 -33.91
CA PHE C 1439 20.78 60.54 -33.92
C PHE C 1439 21.54 59.78 -34.98
N ALA C 1440 21.23 58.52 -35.22
CA ALA C 1440 22.02 57.91 -36.27
C ALA C 1440 21.54 58.52 -37.57
N ALA C 1441 20.27 58.27 -37.88
CA ALA C 1441 19.66 58.82 -39.09
C ALA C 1441 20.24 60.19 -39.44
N GLU C 1442 20.32 61.08 -38.46
CA GLU C 1442 20.85 62.40 -38.73
C GLU C 1442 22.28 62.40 -39.20
N ILE C 1443 23.07 61.44 -38.78
CA ILE C 1443 24.44 61.52 -39.21
C ILE C 1443 24.39 61.14 -40.64
N LEU C 1444 23.41 60.32 -40.98
CA LEU C 1444 23.26 59.89 -42.32
C LEU C 1444 22.83 61.12 -43.11
N ASN C 1445 21.84 61.84 -42.62
CA ASN C 1445 21.46 63.05 -43.32
C ASN C 1445 22.51 64.08 -43.65
N ASP C 1446 23.61 64.10 -42.95
CA ASP C 1446 24.65 65.07 -43.24
C ASP C 1446 25.97 64.35 -43.52
N TRP C 1447 25.83 63.15 -44.09
CA TRP C 1447 26.97 62.28 -44.32
C TRP C 1447 28.16 63.15 -44.62
N ALA C 1448 28.01 63.92 -45.70
CA ALA C 1448 29.02 64.82 -46.22
C ALA C 1448 29.92 65.43 -45.18
N ARG C 1449 29.32 66.22 -44.31
CA ARG C 1449 30.10 66.95 -43.33
C ARG C 1449 30.56 66.01 -42.25
N GLU C 1450 29.67 65.08 -41.96
CA GLU C 1450 29.89 64.12 -40.89
C GLU C 1450 31.01 63.08 -41.07
N VAL C 1451 31.07 62.43 -42.23
CA VAL C 1451 32.08 61.41 -42.44
C VAL C 1451 33.38 62.01 -42.01
N THR C 1452 33.48 63.29 -42.26
CA THR C 1452 34.59 64.07 -41.81
C THR C 1452 34.94 63.90 -40.32
N LYS C 1453 33.95 63.51 -39.54
CA LYS C 1453 34.23 63.47 -38.10
C LYS C 1453 34.75 62.16 -37.46
N PHE C 1454 34.47 61.02 -38.10
CA PHE C 1454 34.99 59.76 -37.69
C PHE C 1454 36.54 59.59 -37.65
N TRP C 1455 36.97 58.37 -37.43
CA TRP C 1455 38.37 58.15 -37.29
C TRP C 1455 38.50 56.65 -37.50
N GLN C 1456 39.27 56.22 -38.50
CA GLN C 1456 39.46 54.81 -38.80
C GLN C 1456 40.51 54.35 -37.80
N VAL C 1457 40.17 53.26 -37.08
CA VAL C 1457 41.14 52.75 -36.16
C VAL C 1457 41.48 51.44 -36.78
N VAL C 1458 42.77 51.29 -37.09
CA VAL C 1458 43.29 50.11 -37.79
C VAL C 1458 44.58 49.65 -37.19
N PRO C 1459 44.64 48.34 -37.06
CA PRO C 1459 45.77 47.71 -36.37
C PRO C 1459 47.00 47.73 -37.24
N LYS C 1460 48.10 48.11 -36.58
CA LYS C 1460 49.38 48.09 -37.25
C LYS C 1460 49.50 46.79 -37.97
N GLU C 1461 49.82 45.71 -37.28
CA GLU C 1461 49.76 44.47 -38.02
C GLU C 1461 48.63 44.25 -39.03
N MET C 1462 47.67 45.15 -39.25
CA MET C 1462 46.77 44.86 -40.37
C MET C 1462 47.03 45.63 -41.67
N LEU C 1463 47.91 46.62 -41.58
CA LEU C 1463 48.19 47.56 -42.64
C LEU C 1463 48.59 46.91 -43.94
N ASN C 1464 49.66 46.14 -43.90
CA ASN C 1464 50.01 45.45 -45.10
C ASN C 1464 49.22 44.20 -45.37
N ARG C 1465 48.26 43.88 -44.54
CA ARG C 1465 47.64 42.63 -44.86
C ARG C 1465 46.39 42.98 -45.57
N LEU C 1466 46.08 44.24 -45.74
CA LEU C 1466 44.71 44.38 -46.10
C LEU C 1466 44.25 44.56 -47.52
N GLU C 1467 43.81 43.48 -48.14
CA GLU C 1467 43.33 43.58 -49.52
C GLU C 1467 43.36 45.00 -50.06
N VAL C 1468 42.35 45.80 -49.73
CA VAL C 1468 42.34 47.22 -50.13
C VAL C 1468 43.12 48.07 -49.14
N PRO C 1469 44.24 48.70 -49.48
CA PRO C 1469 44.92 49.54 -48.50
C PRO C 1469 44.06 50.65 -47.94
N VAL C 1470 44.48 51.11 -46.79
CA VAL C 1470 43.66 52.00 -46.02
C VAL C 1470 43.90 53.43 -46.45
N HIS C 1471 44.97 53.56 -47.23
CA HIS C 1471 45.51 54.83 -47.66
C HIS C 1471 45.55 55.09 -49.17
N LEU C 1472 45.57 56.37 -49.57
CA LEU C 1472 45.56 56.73 -51.00
C LEU C 1472 46.98 56.80 -51.58
N CYS D 1 25.52 9.53 35.39
CA CYS D 1 26.46 10.22 36.36
C CYS D 1 27.25 9.31 37.24
N GLY D 2 28.50 9.63 37.52
CA GLY D 2 29.25 8.83 38.46
C GLY D 2 30.69 9.30 38.45
N VAL D 3 31.48 8.92 39.44
CA VAL D 3 32.89 9.19 39.41
C VAL D 3 33.34 7.91 39.97
N GLY D 4 34.61 7.62 39.76
CA GLY D 4 35.24 6.41 40.24
C GLY D 4 36.74 6.60 40.07
N PHE D 5 37.49 5.65 40.58
CA PHE D 5 38.91 5.71 40.46
C PHE D 5 39.39 4.36 40.76
N ILE D 6 40.61 4.06 40.33
CA ILE D 6 41.22 2.74 40.48
C ILE D 6 42.70 2.93 40.64
N ALA D 7 43.33 2.09 41.45
CA ALA D 7 44.75 2.26 41.65
C ALA D 7 45.41 0.95 42.01
N ALA D 8 46.63 0.78 41.52
CA ALA D 8 47.32 -0.47 41.81
C ALA D 8 47.97 -0.13 43.09
N ILE D 9 47.68 -0.89 44.12
CA ILE D 9 48.20 -0.46 45.38
C ILE D 9 49.69 -0.48 45.29
N ASP D 10 50.28 -1.45 44.60
CA ASP D 10 51.76 -1.45 44.50
C ASP D 10 52.41 -0.47 43.62
N GLY D 11 51.67 0.30 42.83
CA GLY D 11 52.26 1.32 42.01
C GLY D 11 52.67 0.91 40.61
N LYS D 12 52.72 -0.39 40.36
CA LYS D 12 53.15 -0.91 39.09
C LYS D 12 52.00 -1.06 38.13
N PRO D 13 52.20 -0.55 36.91
CA PRO D 13 51.23 -0.51 35.83
C PRO D 13 50.64 -1.80 35.40
N ARG D 14 49.42 -1.73 34.88
CA ARG D 14 48.66 -2.89 34.47
C ARG D 14 47.68 -2.57 33.38
N ARG D 15 47.39 -3.55 32.56
CA ARG D 15 46.37 -3.28 31.59
C ARG D 15 45.03 -3.35 32.31
N SER D 16 44.88 -4.23 33.30
CA SER D 16 43.58 -4.31 33.97
C SER D 16 43.02 -3.03 34.56
N VAL D 17 43.88 -2.19 35.10
CA VAL D 17 43.39 -0.94 35.59
C VAL D 17 42.64 -0.17 34.50
N VAL D 18 43.06 -0.21 33.26
CA VAL D 18 42.38 0.61 32.30
C VAL D 18 41.20 -0.13 31.86
N GLU D 19 41.35 -1.44 31.69
CA GLU D 19 40.22 -2.23 31.30
C GLU D 19 39.14 -2.03 32.36
N LYS D 20 39.45 -2.23 33.64
CA LYS D 20 38.46 -1.96 34.68
C LYS D 20 37.81 -0.58 34.64
N GLY D 21 38.56 0.52 34.55
CA GLY D 21 37.93 1.82 34.37
C GLY D 21 36.96 1.81 33.18
N ILE D 22 37.32 1.23 32.06
CA ILE D 22 36.31 1.12 31.04
C ILE D 22 35.09 0.33 31.60
N GLU D 23 35.35 -0.78 32.27
CA GLU D 23 34.28 -1.61 32.75
C GLU D 23 33.24 -0.83 33.49
N ALA D 24 33.68 -0.01 34.42
CA ALA D 24 32.89 0.90 35.23
C ALA D 24 32.06 1.81 34.34
N LEU D 25 32.72 2.69 33.61
CA LEU D 25 31.99 3.51 32.71
C LEU D 25 30.91 2.75 31.94
N LYS D 26 30.88 1.43 32.00
CA LYS D 26 29.83 0.76 31.26
C LYS D 26 28.61 0.47 32.09
N ALA D 27 28.75 0.77 33.37
CA ALA D 27 27.76 0.55 34.37
C ALA D 27 27.27 1.84 35.06
N VAL D 28 26.89 2.90 34.33
CA VAL D 28 26.36 4.07 34.98
C VAL D 28 25.21 4.56 34.15
N TRP D 29 24.99 3.98 33.00
CA TRP D 29 23.93 4.52 32.17
C TRP D 29 22.60 4.56 32.83
N HIS D 30 22.40 3.74 33.86
CA HIS D 30 21.09 3.73 34.53
C HIS D 30 20.82 5.07 35.18
N ARG D 31 21.84 5.82 35.58
CA ARG D 31 21.68 7.08 36.25
C ARG D 31 21.62 8.33 35.35
N GLY D 32 21.17 8.24 34.10
CA GLY D 32 21.26 9.39 33.23
C GLY D 32 20.08 9.50 32.28
N ALA D 33 19.97 10.61 31.57
CA ALA D 33 18.86 10.74 30.65
C ALA D 33 19.17 9.99 29.37
N VAL D 34 18.28 9.09 29.02
CA VAL D 34 18.55 8.36 27.80
C VAL D 34 17.96 9.12 26.64
N ASP D 35 18.64 9.09 25.52
CA ASP D 35 18.00 9.67 24.38
C ASP D 35 17.31 8.63 23.53
N ALA D 36 16.24 9.09 22.91
CA ALA D 36 15.56 8.27 21.95
C ALA D 36 16.55 8.10 20.79
N ASP D 37 17.47 9.08 20.64
CA ASP D 37 18.48 9.10 19.57
C ASP D 37 19.54 8.02 19.76
N GLY D 38 19.71 7.58 20.99
CA GLY D 38 20.57 6.44 21.28
C GLY D 38 22.03 6.74 21.32
N LYS D 39 22.37 8.01 21.25
CA LYS D 39 23.75 8.33 21.06
C LYS D 39 24.09 9.44 21.95
N THR D 40 23.15 10.33 22.05
CA THR D 40 23.46 11.55 22.73
C THR D 40 23.68 11.58 24.24
N GLY D 41 24.90 11.85 24.69
CA GLY D 41 25.17 11.99 26.12
C GLY D 41 25.72 13.34 26.56
N ASP D 42 25.88 13.54 27.85
CA ASP D 42 26.35 14.82 28.32
C ASP D 42 27.85 14.93 28.46
N GLY D 43 28.53 13.86 28.83
CA GLY D 43 29.96 13.96 28.94
C GLY D 43 30.56 12.80 29.66
N ALA D 44 31.61 12.16 29.17
CA ALA D 44 32.26 11.08 29.87
C ALA D 44 33.76 11.12 29.55
N GLY D 45 34.59 10.47 30.35
CA GLY D 45 35.97 10.54 30.09
C GLY D 45 36.70 9.61 30.98
N ILE D 46 37.95 9.26 30.63
CA ILE D 46 38.76 8.40 31.50
C ILE D 46 40.05 9.14 31.48
N HIS D 47 40.80 9.09 32.57
CA HIS D 47 42.06 9.81 32.73
C HIS D 47 43.03 8.75 33.17
N VAL D 48 43.97 8.36 32.30
CA VAL D 48 44.96 7.34 32.64
C VAL D 48 46.39 7.87 32.42
N ALA D 49 47.37 7.02 32.64
CA ALA D 49 48.78 7.38 32.38
C ALA D 49 49.14 7.42 30.87
N VAL D 50 49.86 8.41 30.40
CA VAL D 50 50.24 8.36 28.99
C VAL D 50 51.01 7.07 28.85
N PRO D 51 50.68 6.19 27.91
CA PRO D 51 51.32 4.90 27.78
C PRO D 51 52.53 4.97 26.83
N GLN D 52 53.72 4.97 27.40
CA GLN D 52 54.88 5.14 26.61
C GLN D 52 55.15 4.00 25.63
N LYS D 53 54.72 2.75 25.86
CA LYS D 53 54.95 1.77 24.80
C LYS D 53 54.22 2.33 23.60
N PHE D 54 52.92 2.45 23.75
CA PHE D 54 52.11 2.99 22.69
C PHE D 54 52.74 4.22 22.05
N PHE D 55 53.10 5.20 22.84
CA PHE D 55 53.58 6.38 22.16
C PHE D 55 54.97 6.27 21.60
N LYS D 56 55.88 5.61 22.28
CA LYS D 56 57.20 5.44 21.67
C LYS D 56 57.16 4.66 20.35
N ASP D 57 56.52 3.50 20.32
CA ASP D 57 56.32 2.77 19.10
C ASP D 57 55.75 3.71 18.10
N HIS D 58 55.05 4.73 18.48
CA HIS D 58 54.49 5.56 17.42
C HIS D 58 55.61 6.33 16.81
N VAL D 59 56.41 6.89 17.69
CA VAL D 59 57.46 7.75 17.25
C VAL D 59 58.44 6.88 16.49
N LYS D 60 58.57 5.61 16.89
CA LYS D 60 59.47 4.73 16.21
C LYS D 60 58.96 4.52 14.82
N VAL D 61 57.76 4.02 14.71
CA VAL D 61 57.17 3.80 13.39
C VAL D 61 57.32 4.90 12.39
N ILE D 62 57.63 6.08 12.83
CA ILE D 62 57.76 7.10 11.85
C ILE D 62 59.20 7.11 11.45
N GLY D 63 60.05 6.62 12.35
CA GLY D 63 61.46 6.53 12.05
C GLY D 63 62.32 7.42 12.90
N HIS D 64 61.91 7.61 14.14
CA HIS D 64 62.73 8.36 15.03
C HIS D 64 63.17 7.28 15.91
N ARG D 65 63.96 7.64 16.92
CA ARG D 65 64.42 6.69 17.89
C ARG D 65 63.73 7.05 19.21
N ALA D 66 63.28 6.05 19.93
CA ALA D 66 62.56 6.31 21.17
C ALA D 66 63.47 6.86 22.21
N PRO D 67 63.08 7.92 22.88
CA PRO D 67 63.93 8.49 23.93
C PRO D 67 64.05 7.53 25.06
N ASP D 68 64.96 7.78 25.98
CA ASP D 68 65.07 6.80 27.07
C ASP D 68 64.13 7.28 28.14
N ASN D 69 63.95 8.59 28.23
CA ASN D 69 63.07 9.17 29.17
C ASN D 69 61.61 9.11 28.73
N LYS D 70 60.69 9.77 29.45
CA LYS D 70 59.30 9.67 29.06
C LYS D 70 59.03 10.78 28.12
N LEU D 71 58.05 10.45 27.28
CA LEU D 71 57.59 11.22 26.16
C LEU D 71 56.34 11.88 26.70
N ALA D 72 55.91 12.98 26.11
CA ALA D 72 54.74 13.70 26.59
C ALA D 72 53.77 13.92 25.46
N VAL D 73 52.49 13.89 25.77
CA VAL D 73 51.47 14.15 24.79
C VAL D 73 50.55 15.30 25.23
N GLY D 74 50.13 16.12 24.30
CA GLY D 74 49.20 17.16 24.57
C GLY D 74 47.99 16.56 23.90
N GLN D 75 46.82 16.67 24.49
CA GLN D 75 45.63 16.07 23.92
C GLN D 75 44.80 17.27 23.64
N VAL D 76 44.60 17.59 22.37
CA VAL D 76 44.03 18.88 22.08
C VAL D 76 42.85 18.91 21.18
N PHE D 77 41.98 19.84 21.47
CA PHE D 77 40.73 19.98 20.79
C PHE D 77 40.91 21.27 20.02
N LEU D 78 40.70 21.25 18.72
CA LEU D 78 40.87 22.47 17.92
C LEU D 78 39.55 22.76 17.33
N PRO D 79 39.43 23.98 16.87
CA PRO D 79 38.24 24.49 16.21
C PRO D 79 38.23 23.54 15.09
N ARG D 80 37.07 23.20 14.57
CA ARG D 80 37.04 22.20 13.56
C ARG D 80 36.41 22.73 12.34
N ILE D 81 35.82 23.89 12.43
CA ILE D 81 35.19 24.31 11.22
C ILE D 81 35.93 25.31 10.40
N SER D 82 36.95 25.92 10.98
CA SER D 82 37.77 26.94 10.37
C SER D 82 39.22 26.50 10.28
N LEU D 83 39.62 26.06 9.09
CA LEU D 83 40.99 25.70 8.96
C LEU D 83 41.84 26.86 9.41
N ASP D 84 41.42 28.08 9.11
CA ASP D 84 42.23 29.23 9.51
C ASP D 84 42.66 29.23 10.97
N ALA D 85 41.68 29.07 11.81
CA ALA D 85 41.98 28.99 13.20
C ALA D 85 42.76 27.73 13.56
N GLN D 86 42.41 26.56 13.02
CA GLN D 86 43.18 25.43 13.47
C GLN D 86 44.67 25.73 13.36
N GLU D 87 45.07 26.29 12.20
CA GLU D 87 46.48 26.57 11.97
C GLU D 87 47.00 27.46 13.06
N ALA D 88 46.36 28.61 13.21
CA ALA D 88 46.71 29.56 14.29
C ALA D 88 46.93 28.82 15.60
N CYS D 89 45.95 27.99 15.90
CA CYS D 89 46.04 27.23 17.09
C CYS D 89 47.29 26.43 17.08
N ARG D 90 47.56 25.70 15.99
CA ARG D 90 48.88 25.03 15.88
C ARG D 90 50.14 25.84 15.92
N CYS D 91 50.13 27.04 15.34
CA CYS D 91 51.39 27.78 15.53
C CYS D 91 51.68 27.97 16.98
N ILE D 92 50.65 28.43 17.68
CA ILE D 92 50.77 28.74 19.08
C ILE D 92 51.16 27.52 19.89
N VAL D 93 50.49 26.40 19.63
CA VAL D 93 50.89 25.30 20.42
C VAL D 93 52.38 25.01 20.26
N GLU D 94 52.85 24.91 19.02
CA GLU D 94 54.25 24.64 18.68
C GLU D 94 55.14 25.76 19.22
N THR D 95 54.85 27.01 18.86
CA THR D 95 55.64 28.11 19.38
C THR D 95 56.07 28.01 20.84
N GLU D 96 55.08 27.98 21.73
CA GLU D 96 55.34 27.88 23.14
C GLU D 96 56.06 26.63 23.57
N ILE D 97 55.76 25.48 22.99
CA ILE D 97 56.53 24.34 23.45
C ILE D 97 57.97 24.61 23.04
N LEU D 98 58.10 25.32 21.92
CA LEU D 98 59.44 25.52 21.44
C LEU D 98 60.21 26.41 22.34
N ALA D 99 59.66 27.56 22.65
CA ALA D 99 60.44 28.43 23.46
C ALA D 99 60.95 27.89 24.77
N PHE D 100 60.56 26.71 25.19
CA PHE D 100 61.12 26.21 26.43
C PHE D 100 62.21 25.30 25.91
N GLY D 101 62.30 25.24 24.60
CA GLY D 101 63.31 24.42 24.00
C GLY D 101 63.11 22.94 24.15
N TYR D 102 61.89 22.45 24.12
CA TYR D 102 61.75 21.02 24.17
C TYR D 102 61.64 20.65 22.72
N TYR D 103 61.38 19.39 22.43
CA TYR D 103 61.34 18.86 21.06
C TYR D 103 60.01 18.25 20.63
N ILE D 104 59.58 18.57 19.42
CA ILE D 104 58.32 18.06 18.96
C ILE D 104 58.42 16.93 17.94
N TYR D 105 58.01 15.71 18.24
CA TYR D 105 57.95 14.71 17.18
C TYR D 105 56.82 14.98 16.24
N GLY D 106 55.80 15.71 16.62
CA GLY D 106 54.71 16.00 15.69
C GLY D 106 53.26 15.66 16.01
N TRP D 107 52.30 16.15 15.24
CA TRP D 107 50.91 15.79 15.51
C TRP D 107 50.34 14.41 15.13
N ARG D 108 49.19 14.04 15.66
CA ARG D 108 48.60 12.75 15.34
C ARG D 108 47.09 12.87 15.49
N GLN D 109 46.34 13.02 14.39
CA GLN D 109 44.88 13.04 14.46
C GLN D 109 44.40 11.79 15.21
N VAL D 110 43.62 11.99 16.26
CA VAL D 110 43.22 10.84 17.04
C VAL D 110 42.14 10.05 16.39
N PRO D 111 42.30 8.75 16.24
CA PRO D 111 41.30 7.92 15.61
C PRO D 111 40.01 7.96 16.45
N ILE D 112 38.86 8.15 15.81
CA ILE D 112 37.60 8.19 16.50
C ILE D 112 36.49 7.69 15.61
N ASN D 113 35.38 7.26 16.20
CA ASN D 113 34.30 6.88 15.32
C ASN D 113 33.13 7.82 15.55
N VAL D 114 32.88 8.73 14.64
CA VAL D 114 31.78 9.62 14.90
C VAL D 114 30.44 8.99 14.66
N ASP D 115 30.36 7.70 14.34
CA ASP D 115 29.01 7.20 14.11
C ASP D 115 28.21 7.15 15.38
N ILE D 116 28.86 6.95 16.50
CA ILE D 116 28.07 6.92 17.70
C ILE D 116 27.86 8.25 18.34
N ILE D 117 27.74 9.31 17.60
CA ILE D 117 27.63 10.55 18.29
C ILE D 117 26.38 11.12 17.66
N GLY D 118 25.70 12.00 18.35
CA GLY D 118 24.46 12.53 17.81
C GLY D 118 24.73 13.81 17.10
N GLU D 119 23.77 14.39 16.38
CA GLU D 119 24.17 15.57 15.68
C GLU D 119 24.49 16.73 16.56
N LYS D 120 23.54 17.06 17.42
CA LYS D 120 23.78 18.02 18.46
C LYS D 120 25.26 17.96 18.77
N ALA D 121 25.75 16.77 19.09
CA ALA D 121 27.14 16.65 19.47
C ALA D 121 28.12 16.75 18.31
N ASN D 122 27.83 16.12 17.17
CA ASN D 122 28.79 16.18 16.12
C ASN D 122 28.88 17.59 15.63
N ALA D 123 27.91 18.39 16.01
CA ALA D 123 27.88 19.77 15.55
C ALA D 123 28.98 20.54 16.16
N THR D 124 29.06 20.40 17.48
CA THR D 124 30.07 21.08 18.26
C THR D 124 31.31 20.24 18.47
N ARG D 125 31.48 19.19 17.68
CA ARG D 125 32.69 18.34 17.84
C ARG D 125 33.98 19.07 17.48
N PRO D 126 34.96 19.18 18.33
CA PRO D 126 36.18 19.83 17.94
C PRO D 126 37.02 18.90 17.04
N GLU D 127 38.18 19.29 16.51
CA GLU D 127 39.02 18.37 15.78
C GLU D 127 40.01 17.86 16.79
N ILE D 128 40.16 16.55 16.97
CA ILE D 128 40.93 16.04 18.06
C ILE D 128 42.26 15.55 17.59
N GLU D 129 43.32 16.13 18.10
CA GLU D 129 44.65 15.73 17.66
C GLU D 129 45.63 15.67 18.81
N GLN D 130 46.68 14.88 18.64
CA GLN D 130 47.66 14.82 19.70
C GLN D 130 48.99 15.47 19.29
N ILE D 131 49.79 15.98 20.21
CA ILE D 131 51.06 16.49 19.79
C ILE D 131 52.09 15.83 20.67
N ILE D 132 53.15 15.27 20.09
CA ILE D 132 54.10 14.50 20.90
C ILE D 132 55.31 15.30 21.14
N VAL D 133 55.77 15.32 22.40
CA VAL D 133 56.86 16.19 22.76
C VAL D 133 57.90 15.42 23.54
N GLY D 134 59.19 15.75 23.39
CA GLY D 134 60.23 14.94 24.01
C GLY D 134 61.05 15.82 24.88
N ASN D 135 61.64 15.24 25.92
CA ASN D 135 62.34 15.98 26.94
C ASN D 135 63.79 15.92 26.59
N ASN D 136 64.11 16.68 25.57
CA ASN D 136 65.44 16.75 25.02
C ASN D 136 66.35 17.40 26.02
N LYS D 137 65.80 18.29 26.86
CA LYS D 137 66.59 19.00 27.86
C LYS D 137 66.97 18.06 28.95
N GLY D 138 66.43 16.87 28.92
CA GLY D 138 66.80 15.87 29.90
C GLY D 138 66.58 16.29 31.33
N VAL D 139 65.47 16.98 31.56
CA VAL D 139 65.12 17.45 32.87
C VAL D 139 64.48 16.33 33.61
N SER D 140 64.05 16.58 34.84
CA SER D 140 63.44 15.51 35.64
C SER D 140 61.95 15.39 35.45
N ASP D 141 61.41 14.25 35.85
CA ASP D 141 59.96 14.06 35.81
C ASP D 141 59.17 15.25 36.30
N GLU D 142 59.45 15.63 37.52
CA GLU D 142 58.81 16.80 38.09
C GLU D 142 59.06 18.07 37.29
N GLN D 143 60.24 18.29 36.72
CA GLN D 143 60.36 19.55 36.02
C GLN D 143 59.62 19.58 34.69
N PHE D 144 59.43 18.38 34.18
CA PHE D 144 58.81 18.32 32.89
C PHE D 144 57.37 18.73 33.10
N GLU D 145 56.76 18.23 34.17
CA GLU D 145 55.36 18.55 34.44
C GLU D 145 55.16 20.02 34.67
N LEU D 146 56.08 20.58 35.43
CA LEU D 146 55.99 21.96 35.74
C LEU D 146 56.11 22.80 34.51
N ASP D 147 57.16 22.56 33.74
CA ASP D 147 57.36 23.36 32.53
C ASP D 147 56.15 23.31 31.63
N LEU D 148 55.69 22.08 31.43
CA LEU D 148 54.54 21.74 30.61
C LEU D 148 53.31 22.54 30.96
N TYR D 149 53.08 22.65 32.29
CA TYR D 149 52.01 23.41 32.95
C TYR D 149 52.22 24.81 32.52
N ILE D 150 53.34 25.42 32.88
CA ILE D 150 53.48 26.78 32.37
C ILE D 150 53.26 26.91 30.88
N ILE D 151 53.79 25.97 30.09
CA ILE D 151 53.54 26.10 28.66
C ILE D 151 52.04 26.16 28.36
N ARG D 152 51.30 25.22 28.97
CA ARG D 152 49.89 25.11 28.69
C ARG D 152 49.08 26.38 28.87
N ARG D 153 49.44 27.03 29.97
CA ARG D 153 48.82 28.27 30.32
C ARG D 153 49.18 29.33 29.33
N ARG D 154 50.41 29.32 28.83
CA ARG D 154 50.81 30.37 27.91
C ARG D 154 49.98 30.26 26.65
N ILE D 155 49.74 29.02 26.26
CA ILE D 155 49.10 28.77 25.01
C ILE D 155 47.75 29.29 25.15
N GLU D 156 47.15 28.77 26.24
CA GLU D 156 45.77 29.00 26.73
C GLU D 156 45.61 30.52 26.66
N LYS D 157 46.48 31.23 27.35
CA LYS D 157 46.49 32.68 27.29
C LYS D 157 46.56 33.37 25.92
N ALA D 158 47.43 32.88 25.06
CA ALA D 158 47.61 33.47 23.76
C ALA D 158 46.39 33.23 22.92
N VAL D 159 45.89 32.00 22.99
CA VAL D 159 44.79 31.69 22.14
C VAL D 159 43.73 32.61 22.60
N LYS D 160 43.76 32.83 23.89
CA LYS D 160 42.72 33.65 24.38
C LYS D 160 42.81 34.99 23.66
N GLY D 161 43.90 35.69 23.89
CA GLY D 161 44.05 36.96 23.22
C GLY D 161 43.93 36.98 21.69
N GLU D 162 44.09 35.86 21.00
CA GLU D 162 43.85 35.93 19.58
C GLU D 162 42.39 36.04 19.30
N GLN D 163 41.70 35.76 20.37
CA GLN D 163 40.27 35.65 20.37
C GLN D 163 39.78 34.51 19.54
N ILE D 164 40.34 33.34 19.78
CA ILE D 164 39.94 32.15 19.07
C ILE D 164 39.01 31.24 19.88
N ASN D 165 37.91 30.85 19.30
CA ASN D 165 37.03 29.95 20.00
C ASN D 165 37.21 28.48 19.73
N ASP D 166 36.84 27.67 20.69
CA ASP D 166 36.88 26.26 20.57
C ASP D 166 38.21 25.65 20.70
N PHE D 167 39.11 26.24 21.44
CA PHE D 167 40.38 25.58 21.57
C PHE D 167 40.46 25.03 22.99
N TYR D 168 40.91 23.82 23.18
CA TYR D 168 41.01 23.45 24.52
C TYR D 168 41.95 22.29 24.58
N ILE D 169 42.86 22.33 25.53
CA ILE D 169 43.75 21.22 25.81
C ILE D 169 43.29 20.31 26.99
N CYS D 170 42.84 19.10 26.75
CA CYS D 170 42.47 18.23 27.85
C CYS D 170 43.71 17.97 28.65
N SER D 171 44.68 17.27 28.14
CA SER D 171 45.86 17.09 28.96
C SER D 171 47.15 17.44 28.20
N LEU D 172 48.23 17.74 28.91
CA LEU D 172 49.51 18.00 28.32
C LEU D 172 50.56 17.57 29.34
N SER D 173 50.83 16.28 29.52
CA SER D 173 51.87 15.85 30.44
C SER D 173 52.60 14.57 30.02
N ALA D 174 53.60 14.15 30.77
CA ALA D 174 54.12 12.88 30.41
C ALA D 174 53.61 11.90 31.42
N ARG D 175 52.87 12.37 32.40
CA ARG D 175 52.29 11.38 33.28
C ARG D 175 50.89 10.95 32.92
N SER D 176 50.10 11.93 32.52
CA SER D 176 48.72 11.62 32.42
C SER D 176 48.19 12.03 31.11
N ILE D 177 47.16 11.36 30.65
CA ILE D 177 46.51 11.85 29.45
C ILE D 177 45.04 11.64 29.71
N ILE D 178 44.19 12.44 29.08
CA ILE D 178 42.76 12.31 29.32
C ILE D 178 41.92 12.16 28.09
N TYR D 179 41.24 11.03 28.00
CA TYR D 179 40.39 10.83 26.84
C TYR D 179 38.98 11.06 27.31
N LYS D 180 38.30 12.05 26.76
CA LYS D 180 36.96 12.43 27.21
C LYS D 180 36.16 13.10 26.10
N GLY D 181 34.86 13.16 26.23
CA GLY D 181 34.14 13.81 25.14
C GLY D 181 32.67 13.60 25.38
N MET D 182 31.88 14.08 24.46
CA MET D 182 30.47 14.08 24.60
C MET D 182 29.78 12.87 24.08
N PHE D 183 30.05 11.67 24.54
CA PHE D 183 29.41 10.49 23.96
C PHE D 183 29.03 9.63 25.17
N LEU D 184 28.00 8.79 25.11
CA LEU D 184 27.69 7.89 26.22
C LEU D 184 28.86 7.10 26.80
N ALA D 185 29.01 7.08 28.13
CA ALA D 185 30.09 6.32 28.74
C ALA D 185 30.24 4.88 28.29
N GLU D 186 29.15 4.19 28.08
CA GLU D 186 29.16 2.81 27.67
C GLU D 186 29.87 2.82 26.35
N GLN D 187 29.88 3.94 25.66
CA GLN D 187 30.58 3.95 24.40
C GLN D 187 31.97 4.58 24.31
N LEU D 188 32.69 4.78 25.41
CA LEU D 188 33.94 5.53 25.37
C LEU D 188 34.85 4.96 24.36
N THR D 189 35.08 3.69 24.53
CA THR D 189 35.90 2.83 23.73
C THR D 189 35.49 2.69 22.31
N THR D 190 34.33 3.12 21.95
CA THR D 190 33.89 2.99 20.61
C THR D 190 34.29 4.25 19.91
N PHE D 191 34.03 5.38 20.49
CA PHE D 191 34.52 6.61 19.93
C PHE D 191 36.06 6.69 19.98
N TYR D 192 36.76 5.92 20.77
CA TYR D 192 38.16 6.13 20.90
C TYR D 192 38.75 4.79 21.05
N PRO D 193 39.10 4.17 19.94
CA PRO D 193 39.68 2.86 19.99
C PRO D 193 41.08 2.83 20.55
N ASP D 194 41.84 3.92 20.56
CA ASP D 194 43.15 3.73 21.14
C ASP D 194 42.99 2.97 22.43
N LEU D 195 41.89 3.20 23.16
CA LEU D 195 41.73 2.63 24.49
C LEU D 195 41.64 1.15 24.52
N LEU D 196 41.26 0.59 23.40
CA LEU D 196 41.27 -0.85 23.23
C LEU D 196 42.65 -1.51 23.08
N ASP D 197 43.72 -0.77 23.03
CA ASP D 197 45.04 -1.33 22.84
C ASP D 197 45.73 -1.87 24.06
N GLU D 198 46.22 -3.11 24.04
CA GLU D 198 46.94 -3.62 25.20
C GLU D 198 48.13 -2.79 25.60
N ARG D 199 48.55 -1.91 24.73
CA ARG D 199 49.64 -1.10 25.18
C ARG D 199 49.21 -0.07 26.18
N PHE D 200 47.91 0.21 26.30
CA PHE D 200 47.42 1.19 27.28
C PHE D 200 47.39 0.54 28.63
N GLU D 201 48.42 0.78 29.43
CA GLU D 201 48.63 0.17 30.73
C GLU D 201 48.76 1.30 31.69
N SER D 202 48.47 1.04 32.96
CA SER D 202 48.40 2.13 33.93
C SER D 202 48.38 1.75 35.38
N ASP D 203 48.93 2.58 36.23
CA ASP D 203 48.82 2.30 37.66
C ASP D 203 47.58 2.96 38.31
N PHE D 204 46.83 3.76 37.57
CA PHE D 204 45.64 4.37 38.11
C PHE D 204 44.64 4.75 37.04
N ALA D 205 43.44 5.12 37.46
CA ALA D 205 42.40 5.51 36.52
C ALA D 205 41.40 6.42 37.23
N ILE D 206 40.75 7.31 36.49
CA ILE D 206 39.77 8.19 37.09
C ILE D 206 38.75 8.41 36.06
N TYR D 207 37.53 7.90 36.25
CA TYR D 207 36.50 8.07 35.23
C TYR D 207 35.35 8.93 35.67
N HIS D 208 34.52 9.39 34.75
CA HIS D 208 33.42 10.18 35.13
C HIS D 208 32.40 10.35 34.05
N GLN D 209 31.10 10.32 34.38
CA GLN D 209 30.07 10.66 33.40
C GLN D 209 29.34 11.81 34.04
N ARG D 210 28.64 12.66 33.29
CA ARG D 210 28.00 13.85 33.84
C ARG D 210 26.66 14.17 33.30
N TYR D 211 25.84 14.87 34.07
CA TYR D 211 24.44 15.17 33.70
C TYR D 211 24.32 16.62 33.50
N SER D 212 23.14 17.03 33.15
CA SER D 212 23.05 18.46 33.09
C SER D 212 21.66 18.98 32.85
N THR D 213 21.65 20.26 33.15
CA THR D 213 20.57 21.18 33.04
C THR D 213 20.49 21.68 31.57
N ASN D 214 20.92 20.85 30.61
CA ASN D 214 21.05 21.29 29.22
C ASN D 214 20.72 20.24 28.20
N THR D 215 20.69 20.75 26.99
CA THR D 215 20.50 20.00 25.77
C THR D 215 21.69 20.25 24.84
N PHE D 216 22.47 21.27 25.19
CA PHE D 216 23.71 21.68 24.52
C PHE D 216 24.96 21.01 25.09
N PRO D 217 25.70 20.37 24.20
CA PRO D 217 26.91 19.67 24.62
C PRO D 217 28.14 20.56 24.46
N THR D 218 28.83 20.99 25.50
CA THR D 218 30.13 21.58 25.22
C THR D 218 31.25 20.55 25.42
N TRP D 219 32.14 20.33 24.44
CA TRP D 219 33.10 19.25 24.67
C TRP D 219 34.09 19.43 25.80
N PRO D 220 34.59 20.61 25.96
CA PRO D 220 35.55 20.88 27.00
C PRO D 220 35.04 20.69 28.38
N LEU D 221 33.76 20.88 28.59
CA LEU D 221 33.19 20.68 29.92
C LEU D 221 33.03 19.24 30.38
N ALA D 222 33.25 18.21 29.55
CA ALA D 222 33.22 16.85 30.00
C ALA D 222 34.35 16.60 31.00
N GLN D 223 34.35 15.57 31.83
CA GLN D 223 35.49 15.39 32.73
C GLN D 223 36.04 14.02 32.50
N PRO D 224 37.05 13.55 33.21
CA PRO D 224 37.84 14.24 34.22
C PRO D 224 38.49 15.50 33.76
N PHE D 225 38.88 16.32 34.71
CA PHE D 225 39.57 17.54 34.37
C PHE D 225 41.01 17.20 34.63
N ARG D 226 41.88 18.20 34.65
CA ARG D 226 43.29 17.88 34.78
C ARG D 226 43.78 17.15 35.97
N MET D 227 43.32 17.47 37.17
CA MET D 227 43.79 16.71 38.35
C MET D 227 42.68 16.06 39.10
N LEU D 228 41.47 16.40 38.68
CA LEU D 228 40.24 16.07 39.37
C LEU D 228 39.04 15.56 38.61
N ALA D 229 38.18 14.85 39.32
CA ALA D 229 36.86 14.60 38.75
C ALA D 229 35.90 14.68 39.92
N HIS D 230 34.74 15.25 39.68
CA HIS D 230 33.86 15.58 40.75
C HIS D 230 32.45 15.28 40.49
N ASN D 231 31.84 14.46 41.33
CA ASN D 231 30.39 14.27 41.23
C ASN D 231 29.84 15.19 42.30
N GLY D 232 28.95 16.10 41.94
CA GLY D 232 28.49 17.05 42.91
C GLY D 232 28.22 18.43 42.34
N GLU D 233 28.12 19.42 43.21
CA GLU D 233 27.93 20.76 42.72
C GLU D 233 28.61 21.60 43.71
N ILE D 234 29.10 22.76 43.32
CA ILE D 234 29.80 23.53 44.32
C ILE D 234 29.04 24.80 44.65
N ASN D 235 28.23 24.77 45.67
CA ASN D 235 27.31 25.87 45.89
C ASN D 235 27.96 27.20 46.28
N THR D 236 29.20 27.11 46.70
CA THR D 236 29.90 28.23 47.25
C THR D 236 30.82 28.80 46.14
N VAL D 237 30.36 28.61 44.92
CA VAL D 237 31.22 28.92 43.79
C VAL D 237 31.47 30.36 43.48
N LYS D 238 30.46 31.21 43.57
CA LYS D 238 30.81 32.57 43.18
C LYS D 238 31.65 33.21 44.24
N GLY D 239 31.80 32.55 45.38
CA GLY D 239 32.47 33.20 46.47
C GLY D 239 33.87 32.77 46.49
N ASN D 240 34.04 31.56 45.97
CA ASN D 240 35.33 30.98 45.72
C ASN D 240 35.93 31.79 44.58
N VAL D 241 35.16 32.02 43.53
CA VAL D 241 35.71 32.74 42.43
C VAL D 241 36.19 34.13 42.75
N ASN D 242 35.41 34.91 43.48
CA ASN D 242 35.98 36.20 43.75
C ASN D 242 37.00 36.08 44.85
N TRP D 243 36.95 35.13 45.75
CA TRP D 243 38.02 35.16 46.72
C TRP D 243 39.30 34.91 46.01
N MET D 244 39.21 34.48 44.76
CA MET D 244 40.37 34.11 43.98
C MET D 244 40.86 35.40 43.38
N LYS D 245 39.96 36.23 42.87
CA LYS D 245 40.40 37.54 42.43
C LYS D 245 41.31 38.18 43.45
N ALA D 246 41.25 37.82 44.71
CA ALA D 246 42.11 38.52 45.62
C ALA D 246 43.26 37.62 46.03
N HIS D 247 42.88 36.40 46.30
CA HIS D 247 43.85 35.45 46.69
C HIS D 247 45.05 35.52 45.75
N GLU D 248 44.77 35.86 44.49
CA GLU D 248 45.75 35.92 43.38
C GLU D 248 46.68 37.08 43.53
N THR D 249 46.11 38.25 43.67
CA THR D 249 46.89 39.43 43.99
C THR D 249 48.13 39.17 44.84
N ARG D 250 48.34 38.04 45.47
CA ARG D 250 49.57 37.98 46.25
C ARG D 250 50.21 36.66 46.10
N MET D 251 49.59 35.81 45.28
CA MET D 251 50.14 34.49 45.11
C MET D 251 51.38 34.62 44.28
N GLU D 252 52.39 34.00 44.85
CA GLU D 252 53.66 34.10 44.29
C GLU D 252 54.33 32.88 44.84
N HIS D 253 54.73 31.98 43.97
CA HIS D 253 55.63 30.94 44.44
C HIS D 253 56.90 31.11 43.65
N PRO D 254 57.96 30.49 44.12
CA PRO D 254 59.25 30.61 43.47
C PRO D 254 59.24 29.76 42.18
N ALA D 255 59.06 28.45 42.28
CA ALA D 255 58.82 27.56 41.16
C ALA D 255 58.23 28.12 39.89
N PHE D 256 57.31 29.05 39.91
CA PHE D 256 56.90 29.52 38.58
C PHE D 256 57.90 30.52 38.05
N GLY D 257 58.92 30.78 38.85
CA GLY D 257 59.94 31.72 38.47
C GLY D 257 59.20 32.98 38.12
N THR D 258 59.55 33.48 36.93
CA THR D 258 59.03 34.73 36.45
C THR D 258 57.72 34.55 35.75
N HIS D 259 57.35 33.29 35.60
CA HIS D 259 56.14 32.91 34.88
C HIS D 259 54.76 33.23 35.48
N MET D 260 54.74 33.53 36.76
CA MET D 260 53.48 33.79 37.40
C MET D 260 52.47 34.63 36.64
N GLN D 261 52.78 35.85 36.23
CA GLN D 261 51.65 36.51 35.62
C GLN D 261 50.97 35.76 34.54
N ASP D 262 51.64 34.81 33.92
CA ASP D 262 50.98 34.14 32.82
C ASP D 262 50.02 33.25 33.49
N LEU D 263 50.42 32.95 34.70
CA LEU D 263 49.60 32.17 35.59
C LEU D 263 48.15 32.59 35.84
N LYS D 264 47.90 33.90 35.99
CA LYS D 264 46.64 34.53 36.32
C LYS D 264 45.82 35.11 35.19
N PRO D 265 44.49 35.15 35.25
CA PRO D 265 43.58 34.62 36.28
C PRO D 265 43.57 33.10 36.24
N VAL D 266 43.87 32.44 37.35
CA VAL D 266 43.81 31.00 37.44
C VAL D 266 42.42 30.46 37.09
N ILE D 267 41.39 31.29 36.98
CA ILE D 267 40.14 30.71 36.57
C ILE D 267 39.68 31.38 35.30
N GLY D 268 39.73 30.66 34.19
CA GLY D 268 39.31 31.27 32.94
C GLY D 268 37.84 31.43 32.88
N VAL D 269 37.33 32.21 31.91
CA VAL D 269 35.90 32.26 31.75
C VAL D 269 35.42 31.02 31.07
N GLY D 270 34.16 30.69 31.31
CA GLY D 270 33.57 29.53 30.66
C GLY D 270 33.70 28.20 31.40
N LEU D 271 34.26 28.15 32.58
CA LEU D 271 34.36 26.86 33.21
C LEU D 271 33.17 26.39 34.02
N SER D 272 33.01 25.10 34.14
CA SER D 272 31.95 24.63 35.00
C SER D 272 32.55 24.80 36.39
N ASP D 273 31.80 24.47 37.43
CA ASP D 273 32.31 24.61 38.78
C ASP D 273 33.45 23.69 39.09
N SER D 274 33.38 22.45 38.67
CA SER D 274 34.47 21.54 38.98
C SER D 274 35.64 21.92 38.08
N GLY D 275 35.31 22.40 36.90
CA GLY D 275 36.33 22.91 36.03
C GLY D 275 37.16 23.89 36.85
N SER D 276 36.48 24.90 37.39
CA SER D 276 37.14 25.94 38.20
C SER D 276 37.85 25.43 39.41
N LEU D 277 37.36 24.38 40.00
CA LEU D 277 38.05 23.88 41.17
C LEU D 277 39.40 23.29 40.72
N ASP D 278 39.38 22.55 39.60
CA ASP D 278 40.55 21.82 39.11
C ASP D 278 41.69 22.81 38.97
N THR D 279 41.33 23.88 38.33
CA THR D 279 42.20 24.96 38.11
C THR D 279 42.92 25.34 39.36
N VAL D 280 42.18 25.62 40.42
CA VAL D 280 42.83 26.00 41.67
C VAL D 280 43.56 24.79 42.23
N PHE D 281 42.90 23.65 42.32
CA PHE D 281 43.61 22.46 42.74
C PHE D 281 44.97 22.31 42.00
N GLU D 282 45.06 22.66 40.71
CA GLU D 282 46.31 22.46 39.92
C GLU D 282 47.48 23.28 40.40
N VAL D 283 47.27 24.60 40.48
CA VAL D 283 48.32 25.49 40.93
C VAL D 283 48.85 25.08 42.26
N MET D 284 47.95 24.77 43.16
CA MET D 284 48.44 24.47 44.43
C MET D 284 49.30 23.24 44.28
N VAL D 285 48.90 22.29 43.44
CA VAL D 285 49.77 21.14 43.36
C VAL D 285 51.07 21.50 42.60
N ARG D 286 50.89 22.16 41.46
CA ARG D 286 52.02 22.58 40.72
C ARG D 286 53.01 23.31 41.62
N ALA D 287 52.55 24.03 42.63
CA ALA D 287 53.55 24.71 43.45
C ALA D 287 54.16 23.90 44.58
N GLY D 288 53.85 22.64 44.73
CA GLY D 288 54.51 22.01 45.84
C GLY D 288 53.64 21.16 46.73
N ARG D 289 52.35 21.39 46.76
CA ARG D 289 51.62 20.55 47.67
C ARG D 289 51.08 19.28 47.01
N THR D 290 51.24 18.17 47.73
CA THR D 290 50.56 16.93 47.54
C THR D 290 49.07 17.01 47.28
N ALA D 291 48.53 15.97 46.68
CA ALA D 291 47.10 15.96 46.45
C ALA D 291 46.32 15.93 47.74
N PRO D 292 46.54 14.99 48.64
CA PRO D 292 45.84 15.02 49.93
C PRO D 292 45.98 16.40 50.57
N MET D 293 47.15 17.02 50.76
CA MET D 293 47.05 18.34 51.32
C MET D 293 46.09 19.26 50.61
N VAL D 294 46.06 19.24 49.29
CA VAL D 294 45.21 20.22 48.66
C VAL D 294 43.76 19.90 48.90
N LYS D 295 43.40 18.62 48.98
CA LYS D 295 42.02 18.27 49.29
C LYS D 295 41.64 18.98 50.55
N MET D 296 42.44 18.81 51.60
CA MET D 296 42.16 19.59 52.77
C MET D 296 42.13 21.09 52.57
N MET D 297 43.18 21.70 52.12
CA MET D 297 43.02 23.11 51.96
C MET D 297 41.69 23.47 51.28
N LEU D 298 41.26 22.81 50.21
CA LEU D 298 40.07 23.34 49.57
C LEU D 298 38.71 22.73 49.90
N VAL D 299 38.72 21.58 50.54
CA VAL D 299 37.50 20.92 50.89
C VAL D 299 37.87 20.14 52.15
N PRO D 300 38.04 20.89 53.25
CA PRO D 300 38.53 20.35 54.54
C PRO D 300 37.36 19.68 55.21
N GLN D 301 37.64 18.93 56.26
CA GLN D 301 36.52 18.32 56.89
C GLN D 301 36.02 19.31 57.91
N ALA D 302 34.81 19.09 58.43
CA ALA D 302 34.34 20.01 59.46
C ALA D 302 35.07 19.69 60.73
N LEU D 303 35.45 20.78 61.37
CA LEU D 303 36.21 20.75 62.58
C LEU D 303 35.27 20.65 63.73
N THR D 304 34.34 19.71 63.75
CA THR D 304 33.50 19.65 64.95
C THR D 304 34.61 19.43 65.98
N SER D 305 34.54 20.27 67.05
CA SER D 305 35.38 20.37 68.20
C SER D 305 35.09 19.27 69.18
N SER D 306 34.11 18.38 68.86
CA SER D 306 33.74 17.25 69.69
C SER D 306 34.99 16.43 69.77
N GLN D 307 35.19 15.69 70.89
CA GLN D 307 36.47 15.03 71.01
C GLN D 307 36.59 13.74 70.23
N THR D 308 35.97 13.63 69.02
CA THR D 308 36.24 12.51 68.12
C THR D 308 37.48 12.66 67.24
N THR D 309 37.94 13.91 67.14
CA THR D 309 39.06 14.30 66.33
C THR D 309 40.31 14.41 67.14
N PRO D 310 41.36 13.71 66.75
CA PRO D 310 42.65 13.79 67.45
C PRO D 310 43.12 15.21 67.39
N ASP D 311 44.11 15.59 68.17
CA ASP D 311 44.51 16.99 68.12
C ASP D 311 45.39 17.45 66.98
N ASN D 312 46.23 16.54 66.46
CA ASN D 312 47.04 16.81 65.26
C ASN D 312 46.11 17.29 64.17
N HIS D 313 45.18 16.41 63.78
CA HIS D 313 44.22 16.79 62.76
C HIS D 313 43.59 18.18 62.98
N LYS D 314 43.22 18.47 64.22
CA LYS D 314 42.55 19.74 64.52
C LYS D 314 43.37 20.96 64.17
N ALA D 315 44.67 20.84 64.45
CA ALA D 315 45.65 21.89 64.17
C ALA D 315 45.65 22.15 62.69
N LEU D 316 45.85 21.06 61.96
CA LEU D 316 45.93 21.11 60.53
C LEU D 316 44.63 21.70 60.00
N ILE D 317 43.52 21.16 60.46
CA ILE D 317 42.29 21.67 59.90
C ILE D 317 42.21 23.17 60.07
N GLN D 318 42.52 23.61 61.28
CA GLN D 318 42.56 25.03 61.65
C GLN D 318 43.50 25.84 60.79
N TYR D 319 44.67 25.29 60.45
CA TYR D 319 45.60 25.93 59.56
C TYR D 319 44.92 26.20 58.22
N CYS D 320 44.44 25.12 57.61
CA CYS D 320 43.84 25.28 56.31
C CYS D 320 42.83 26.39 56.31
N ASN D 321 41.85 26.22 57.19
CA ASN D 321 40.69 27.09 57.25
C ASN D 321 41.14 28.51 57.34
N SER D 322 42.35 28.67 57.86
CA SER D 322 42.91 30.00 57.99
C SER D 322 43.39 30.58 56.66
N VAL D 323 44.13 29.80 55.86
CA VAL D 323 44.62 30.19 54.55
C VAL D 323 43.58 30.31 53.44
N MET D 324 42.77 29.27 53.28
CA MET D 324 41.83 29.15 52.15
C MET D 324 40.37 28.88 52.58
N GLU D 325 39.42 29.50 51.93
CA GLU D 325 38.02 29.37 52.34
C GLU D 325 37.34 28.39 51.47
N PRO D 326 36.73 27.38 52.08
CA PRO D 326 36.17 26.23 51.41
C PRO D 326 35.44 26.33 50.13
N TRP D 327 35.43 25.17 49.49
CA TRP D 327 34.76 25.02 48.23
C TRP D 327 33.62 24.11 48.61
N ASP D 328 32.43 24.61 48.95
CA ASP D 328 31.39 23.72 49.47
C ASP D 328 30.32 23.23 48.53
N GLY D 329 29.73 22.09 48.85
CA GLY D 329 28.70 21.56 48.01
C GLY D 329 28.86 20.08 48.08
N PRO D 330 27.86 19.38 47.62
CA PRO D 330 27.95 17.93 47.62
C PRO D 330 29.11 17.67 46.67
N ALA D 331 29.94 16.75 47.12
CA ALA D 331 31.07 16.45 46.33
C ALA D 331 31.79 15.17 46.64
N ALA D 332 31.65 14.22 45.71
CA ALA D 332 32.46 13.02 45.72
C ALA D 332 33.55 13.32 44.67
N LEU D 333 34.82 13.22 45.04
CA LEU D 333 35.93 13.61 44.20
C LEU D 333 36.98 12.53 44.03
N ALA D 334 37.52 12.45 42.81
CA ALA D 334 38.65 11.59 42.47
C ALA D 334 39.75 12.53 41.97
N MET D 335 40.95 12.32 42.49
CA MET D 335 42.05 13.23 42.31
C MET D 335 43.40 12.56 42.21
N THR D 336 44.31 13.30 41.59
CA THR D 336 45.68 12.87 41.58
C THR D 336 46.61 13.99 41.17
N ASP D 337 47.66 14.26 41.92
CA ASP D 337 48.76 15.16 41.52
C ASP D 337 49.45 13.99 40.93
N GLY D 338 50.72 13.99 40.60
CA GLY D 338 50.98 12.77 39.85
C GLY D 338 51.28 11.48 40.54
N ARG D 339 51.38 11.52 41.84
CA ARG D 339 51.89 10.41 42.59
C ARG D 339 50.91 9.73 43.49
N TRP D 340 50.02 10.57 44.01
CA TRP D 340 49.04 10.11 44.93
C TRP D 340 47.81 10.08 44.08
N VAL D 341 46.93 9.11 44.41
CA VAL D 341 45.61 8.99 43.83
C VAL D 341 44.67 9.08 45.00
N VAL D 342 43.71 9.99 44.94
CA VAL D 342 42.85 10.14 46.10
C VAL D 342 41.36 10.13 45.88
N GLY D 343 40.64 9.52 46.82
CA GLY D 343 39.19 9.55 46.85
C GLY D 343 38.77 10.41 48.05
N GLY D 344 37.94 11.44 47.84
CA GLY D 344 37.53 12.37 48.89
C GLY D 344 36.07 12.78 48.99
N MET D 345 35.63 13.23 50.16
CA MET D 345 34.23 13.57 50.28
C MET D 345 34.04 14.98 50.77
N ASP D 346 32.96 15.65 50.44
CA ASP D 346 32.76 16.97 50.97
C ASP D 346 32.49 16.93 52.50
N ARG D 347 32.25 18.08 53.13
CA ARG D 347 32.13 18.03 54.56
C ARG D 347 30.91 17.46 55.19
N ASN D 348 29.88 17.26 54.38
CA ASN D 348 28.59 16.71 54.82
C ASN D 348 28.25 15.36 54.25
N GLY D 349 29.20 14.63 53.70
CA GLY D 349 28.91 13.32 53.12
C GLY D 349 27.74 13.40 52.20
N LEU D 350 27.72 14.35 51.29
CA LEU D 350 26.53 14.48 50.51
C LEU D 350 26.35 13.70 49.29
N ARG D 351 27.35 12.95 48.82
CA ARG D 351 27.26 12.05 47.64
C ARG D 351 27.92 10.77 47.98
N PRO D 352 27.49 9.70 47.35
CA PRO D 352 27.96 8.36 47.67
C PRO D 352 29.33 8.01 47.14
N MET D 353 30.03 7.16 47.86
CA MET D 353 31.29 6.74 47.37
C MET D 353 31.75 5.51 48.07
N ARG D 354 31.59 4.39 47.40
CA ARG D 354 31.95 3.11 47.89
C ARG D 354 33.25 2.60 47.35
N TYR D 355 33.91 1.67 48.03
CA TYR D 355 35.12 1.13 47.49
C TYR D 355 35.46 -0.28 47.88
N THR D 356 36.21 -1.01 47.06
CA THR D 356 36.60 -2.38 47.32
C THR D 356 38.13 -2.58 47.26
N ILE D 357 38.71 -3.38 48.14
CA ILE D 357 40.11 -3.65 48.05
C ILE D 357 40.24 -5.12 47.77
N THR D 358 41.07 -5.48 46.80
CA THR D 358 41.18 -6.84 46.28
C THR D 358 42.40 -7.60 46.61
N THR D 359 42.41 -8.89 46.38
CA THR D 359 43.60 -9.64 46.74
C THR D 359 44.70 -9.36 45.73
N ASP D 360 44.33 -9.15 44.47
CA ASP D 360 45.27 -8.77 43.45
C ASP D 360 45.81 -7.37 43.68
N GLY D 361 45.43 -6.73 44.77
CA GLY D 361 46.09 -5.52 45.15
C GLY D 361 45.69 -4.25 44.48
N LEU D 362 44.41 -4.17 44.16
CA LEU D 362 43.84 -3.01 43.54
C LEU D 362 42.85 -2.37 44.49
N ILE D 363 42.48 -1.11 44.25
CA ILE D 363 41.42 -0.42 44.98
C ILE D 363 40.49 0.22 43.94
N ILE D 364 39.22 -0.16 43.91
CA ILE D 364 38.33 0.35 42.90
C ILE D 364 37.32 1.20 43.63
N GLY D 365 37.33 2.51 43.40
CA GLY D 365 36.49 3.44 44.14
C GLY D 365 35.36 3.82 43.25
N GLY D 366 34.21 4.12 43.82
CA GLY D 366 33.12 4.36 42.93
C GLY D 366 31.98 5.06 43.58
N SER D 367 30.93 5.25 42.82
CA SER D 367 29.78 6.00 43.22
C SER D 367 28.70 5.05 43.61
N GLU D 368 28.42 4.02 42.81
CA GLU D 368 27.58 2.93 43.22
C GLU D 368 28.54 1.83 43.42
N THR D 369 28.14 0.63 43.81
CA THR D 369 29.10 -0.39 44.15
C THR D 369 29.11 -1.57 43.23
N GLY D 370 28.10 -1.88 42.49
CA GLY D 370 28.52 -3.07 41.75
C GLY D 370 29.00 -2.78 40.35
N MET D 371 29.96 -1.87 40.22
CA MET D 371 30.30 -1.29 38.95
C MET D 371 31.33 -2.04 38.14
N VAL D 372 32.07 -2.93 38.78
CA VAL D 372 33.13 -3.65 38.10
C VAL D 372 33.16 -4.98 38.73
N LYS D 373 33.00 -6.08 38.00
CA LYS D 373 32.97 -7.40 38.62
C LYS D 373 34.22 -7.76 39.40
N ILE D 374 34.04 -8.35 40.58
CA ILE D 374 35.09 -8.83 41.47
C ILE D 374 34.55 -10.07 42.15
N ASP D 375 35.32 -11.14 42.27
CA ASP D 375 34.85 -12.37 42.85
C ASP D 375 34.92 -12.09 44.31
N GLU D 376 33.89 -12.48 45.03
CA GLU D 376 33.81 -12.16 46.41
C GLU D 376 34.99 -12.78 47.04
N THR D 377 35.25 -14.00 46.64
CA THR D 377 36.42 -14.71 47.05
C THR D 377 37.67 -13.82 47.14
N GLN D 378 37.75 -12.80 46.30
CA GLN D 378 38.95 -12.00 46.21
C GLN D 378 38.85 -10.62 46.80
N VAL D 379 37.80 -10.42 47.59
CA VAL D 379 37.64 -9.14 48.26
C VAL D 379 38.29 -9.12 49.61
N ILE D 380 39.16 -8.17 49.89
CA ILE D 380 39.63 -8.11 51.24
C ILE D 380 38.90 -7.07 52.09
N GLU D 381 38.19 -6.16 51.47
CA GLU D 381 37.55 -5.12 52.22
C GLU D 381 36.56 -4.32 51.39
N LYS D 382 35.37 -4.09 51.89
CA LYS D 382 34.45 -3.22 51.18
C LYS D 382 34.15 -2.09 52.14
N GLY D 383 34.47 -0.84 51.76
CA GLY D 383 34.26 0.33 52.55
C GLY D 383 33.47 1.36 51.80
N ARG D 384 33.55 2.60 52.27
CA ARG D 384 32.91 3.78 51.72
C ARG D 384 33.63 4.99 52.35
N LEU D 385 33.42 6.22 51.87
CA LEU D 385 33.98 7.42 52.49
C LEU D 385 32.83 8.16 53.12
N GLY D 386 32.92 8.62 54.37
CA GLY D 386 31.84 9.37 54.99
C GLY D 386 32.23 10.82 54.92
N PRO D 387 31.53 11.72 55.59
CA PRO D 387 31.80 13.15 55.40
C PRO D 387 33.20 13.52 55.67
N GLY D 388 33.75 14.43 54.90
CA GLY D 388 35.13 14.81 55.05
C GLY D 388 36.24 13.78 54.97
N GLU D 389 35.99 12.48 54.85
CA GLU D 389 37.14 11.59 54.83
C GLU D 389 37.77 11.41 53.46
N MET D 390 38.99 10.86 53.45
CA MET D 390 39.62 10.52 52.20
C MET D 390 40.19 9.10 52.20
N ILE D 391 40.67 8.61 51.06
CA ILE D 391 41.34 7.32 51.05
C ILE D 391 42.28 7.58 49.98
N ALA D 392 43.50 7.09 50.10
CA ALA D 392 44.54 7.37 49.11
C ALA D 392 45.62 6.34 48.88
N VAL D 393 46.19 6.33 47.68
CA VAL D 393 47.35 5.49 47.46
C VAL D 393 48.52 6.35 47.04
N ASP D 394 49.68 6.08 47.62
CA ASP D 394 50.93 6.71 47.19
C ASP D 394 51.58 5.72 46.24
N LEU D 395 51.46 6.03 44.95
CA LEU D 395 51.96 5.21 43.89
C LEU D 395 53.45 5.09 43.89
N GLN D 396 54.16 6.03 44.48
CA GLN D 396 55.59 5.85 44.54
C GLN D 396 56.04 4.86 45.54
N SER D 397 55.40 4.74 46.70
CA SER D 397 55.83 3.73 47.64
C SER D 397 54.84 2.61 47.71
N GLY D 398 53.83 2.70 46.87
CA GLY D 398 52.85 1.65 46.85
C GLY D 398 52.38 1.33 48.24
N LYS D 399 51.80 2.32 48.92
CA LYS D 399 51.19 2.11 50.21
C LYS D 399 49.81 2.75 50.18
N LEU D 400 48.84 2.06 50.76
CA LEU D 400 47.48 2.54 50.81
C LEU D 400 47.26 3.23 52.12
N TYR D 401 46.62 4.39 52.12
CA TYR D 401 46.34 5.08 53.37
C TYR D 401 44.86 5.24 53.57
N ARG D 402 44.34 4.69 54.66
CA ARG D 402 42.94 4.90 54.96
C ARG D 402 42.77 6.27 55.60
N ASP D 403 41.55 6.73 55.72
CA ASP D 403 41.46 8.08 56.25
C ASP D 403 42.32 8.45 57.45
N ARG D 404 42.13 7.76 58.56
CA ARG D 404 42.85 8.16 59.76
C ARG D 404 44.34 8.26 59.48
N GLU D 405 44.92 7.12 59.10
CA GLU D 405 46.30 6.97 58.70
C GLU D 405 46.79 8.05 57.77
N LEU D 406 46.02 8.44 56.79
CA LEU D 406 46.46 9.50 55.93
C LEU D 406 46.48 10.81 56.64
N LYS D 407 45.47 11.08 57.47
CA LYS D 407 45.36 12.38 58.15
C LYS D 407 46.43 12.45 59.20
N ASP D 408 46.81 11.29 59.73
CA ASP D 408 47.92 11.28 60.64
C ASP D 408 49.14 11.77 59.87
N HIS D 409 49.32 11.26 58.66
CA HIS D 409 50.45 11.64 57.83
C HIS D 409 50.53 13.13 57.58
N LEU D 410 49.43 13.76 57.21
CA LEU D 410 49.58 15.17 56.93
C LEU D 410 49.85 15.95 58.17
N ALA D 411 49.26 15.51 59.28
CA ALA D 411 49.43 16.16 60.59
C ALA D 411 50.90 16.24 60.95
N THR D 412 51.62 15.20 60.53
CA THR D 412 53.02 15.03 60.74
C THR D 412 53.93 16.00 60.04
N LEU D 413 53.45 16.64 58.99
CA LEU D 413 54.31 17.44 58.15
C LEU D 413 54.93 18.67 58.76
N LYS D 414 54.11 19.42 59.48
CA LYS D 414 54.58 20.65 60.08
C LYS D 414 54.11 20.70 61.54
N PRO D 415 54.56 21.70 62.28
CA PRO D 415 54.15 21.87 63.67
C PRO D 415 52.85 22.68 63.64
N TRP D 416 51.84 22.04 63.09
CA TRP D 416 50.57 22.70 62.89
C TRP D 416 50.11 23.55 64.07
N ASP D 417 50.08 22.96 65.27
CA ASP D 417 49.65 23.72 66.44
C ASP D 417 50.64 24.84 66.73
N LYS D 418 51.83 24.50 67.16
CA LYS D 418 52.76 25.56 67.45
C LYS D 418 52.35 26.75 66.57
N TRP D 419 51.80 26.45 65.41
CA TRP D 419 51.58 27.46 64.35
C TRP D 419 50.24 28.07 64.34
N VAL D 420 49.34 27.25 64.85
CA VAL D 420 47.94 27.56 65.03
C VAL D 420 47.89 28.44 66.27
N GLN D 421 48.67 28.07 67.29
CA GLN D 421 48.80 28.88 68.52
C GLN D 421 49.32 30.29 68.28
N ASN D 422 49.46 30.73 67.04
CA ASN D 422 49.94 32.08 66.74
C ASN D 422 48.80 33.00 66.45
N THR D 423 47.57 32.57 66.70
CA THR D 423 46.42 33.39 66.33
C THR D 423 45.84 34.09 67.51
N THR D 424 45.46 35.34 67.29
CA THR D 424 44.86 36.08 68.36
C THR D 424 43.37 35.92 68.30
N HIS D 425 42.81 35.15 69.23
CA HIS D 425 41.35 35.01 69.27
C HIS D 425 40.78 36.18 70.04
N LEU D 426 40.37 37.26 69.39
CA LEU D 426 39.93 38.40 70.17
C LEU D 426 38.51 38.28 70.62
N ASP D 427 38.24 37.13 71.24
CA ASP D 427 36.90 36.74 71.62
C ASP D 427 36.68 37.08 73.05
N GLU D 428 37.47 36.45 73.91
CA GLU D 428 37.42 36.74 75.30
C GLU D 428 37.65 38.21 75.48
N LEU D 429 38.72 38.72 74.89
CA LEU D 429 38.89 40.14 75.06
C LEU D 429 37.60 40.87 74.72
N VAL D 430 36.81 40.40 73.79
CA VAL D 430 35.62 41.16 73.42
C VAL D 430 34.40 40.95 74.29
N LYS D 431 34.28 39.76 74.85
CA LYS D 431 33.16 39.34 75.70
C LYS D 431 33.25 40.14 76.97
N THR D 432 34.49 40.17 77.46
CA THR D 432 34.88 40.95 78.63
C THR D 432 34.16 42.29 78.62
N ALA D 433 34.45 43.15 77.66
CA ALA D 433 33.76 44.43 77.58
C ALA D 433 32.23 44.37 77.46
N SER D 434 31.65 43.26 77.04
CA SER D 434 30.20 43.26 76.94
C SER D 434 29.65 43.13 78.35
N LEU D 435 30.19 42.16 79.09
CA LEU D 435 29.85 41.91 80.48
C LEU D 435 30.15 43.16 81.26
N LYS D 436 31.08 43.97 80.75
CA LYS D 436 31.43 45.19 81.43
C LYS D 436 30.42 46.26 81.09
N GLY D 437 29.45 45.91 80.25
CA GLY D 437 28.38 46.85 80.04
C GLY D 437 28.02 47.25 78.67
N GLU D 438 27.17 46.50 78.04
CA GLU D 438 26.77 46.97 76.75
C GLU D 438 26.26 48.38 76.99
N PRO D 439 26.90 49.36 76.41
CA PRO D 439 26.52 50.75 76.61
C PRO D 439 25.47 51.31 75.69
N SER D 440 24.71 52.26 76.23
CA SER D 440 23.76 53.04 75.46
C SER D 440 24.09 54.51 75.62
N ASP D 441 23.81 55.31 74.57
CA ASP D 441 24.13 56.73 74.54
C ASP D 441 23.10 57.53 73.80
N MET D 442 21.91 57.03 73.59
CA MET D 442 21.02 57.91 72.88
C MET D 442 19.82 58.20 73.76
N ASP D 443 19.23 59.36 73.60
CA ASP D 443 18.11 59.61 74.46
C ASP D 443 16.93 59.32 73.58
N LYS D 444 16.00 58.56 74.12
CA LYS D 444 14.80 58.23 73.40
C LYS D 444 14.38 59.31 72.42
N ALA D 445 14.65 60.58 72.68
CA ALA D 445 14.23 61.56 71.67
C ALA D 445 14.97 61.38 70.36
N GLU D 446 16.23 60.98 70.48
CA GLU D 446 17.04 60.67 69.31
C GLU D 446 16.71 59.34 68.67
N LEU D 447 16.91 58.27 69.44
CA LEU D 447 16.49 56.97 68.97
C LEU D 447 15.32 57.16 68.01
N ARG D 448 14.20 57.66 68.49
CA ARG D 448 13.08 57.76 67.57
C ARG D 448 13.38 58.53 66.28
N ARG D 449 14.21 59.53 66.31
CA ARG D 449 14.25 60.18 65.01
C ARG D 449 15.13 59.48 64.00
N ARG D 450 16.20 58.89 64.51
CA ARG D 450 17.02 58.12 63.64
C ARG D 450 16.07 57.07 63.10
N GLN D 451 15.76 56.06 63.90
CA GLN D 451 14.74 55.11 63.50
C GLN D 451 13.81 55.70 62.45
N GLN D 452 13.30 56.90 62.65
CA GLN D 452 12.38 57.41 61.68
C GLN D 452 13.01 57.58 60.29
N ALA D 453 14.30 57.91 60.29
CA ALA D 453 15.05 58.18 59.07
C ALA D 453 14.97 56.96 58.13
N PHE D 454 15.19 55.80 58.75
CA PHE D 454 15.10 54.56 58.05
C PHE D 454 13.70 53.97 58.18
N GLY D 455 12.64 54.78 58.21
CA GLY D 455 11.27 54.29 58.36
C GLY D 455 10.94 53.12 59.31
N LEU D 456 11.72 52.89 60.35
CA LEU D 456 11.34 51.86 61.28
C LEU D 456 9.93 52.06 61.88
N THR D 457 9.37 51.02 62.49
CA THR D 457 8.05 51.11 63.08
C THR D 457 7.80 50.32 64.33
N MET D 458 6.54 50.29 64.72
CA MET D 458 6.30 49.62 65.95
C MET D 458 6.29 48.14 65.77
N GLU D 459 5.65 47.73 64.65
CA GLU D 459 5.57 46.33 64.20
C GLU D 459 7.00 45.90 64.31
N ASP D 460 7.86 46.82 63.86
CA ASP D 460 9.29 46.52 63.84
C ASP D 460 9.88 46.24 65.20
N MET D 461 9.34 46.88 66.22
CA MET D 461 9.95 46.76 67.53
C MET D 461 9.25 45.73 68.38
N GLU D 462 7.98 45.62 68.07
CA GLU D 462 7.07 44.77 68.79
C GLU D 462 7.14 43.35 68.21
N LEU D 463 6.81 43.24 66.92
CA LEU D 463 6.71 41.96 66.22
C LEU D 463 7.96 41.14 66.10
N ILE D 464 9.00 41.91 65.83
CA ILE D 464 10.28 41.43 65.35
C ILE D 464 11.45 41.63 66.23
N LEU D 465 11.70 42.86 66.69
CA LEU D 465 12.87 43.05 67.48
C LEU D 465 12.74 42.30 68.82
N HIS D 466 11.65 42.58 69.51
CA HIS D 466 11.36 41.95 70.75
C HIS D 466 11.66 40.43 70.96
N PRO D 467 11.04 39.59 70.12
CA PRO D 467 11.21 38.15 70.29
C PRO D 467 12.66 37.82 70.15
N MET D 468 13.36 38.60 69.30
CA MET D 468 14.77 38.28 69.18
C MET D 468 15.42 38.40 70.55
N VAL D 469 15.17 39.53 71.22
CA VAL D 469 15.78 39.75 72.55
C VAL D 469 15.24 38.83 73.64
N GLU D 470 13.92 38.65 73.64
CA GLU D 470 13.34 37.86 74.68
C GLU D 470 13.76 36.43 74.58
N ASP D 471 13.34 35.79 73.48
CA ASP D 471 13.50 34.35 73.20
C ASP D 471 14.82 33.92 72.61
N GLY D 472 15.53 34.85 72.00
CA GLY D 472 16.78 34.48 71.32
C GLY D 472 16.43 33.61 70.11
N LYS D 473 15.61 34.18 69.24
CA LYS D 473 14.97 33.43 68.16
C LYS D 473 14.23 34.35 67.24
N GLU D 474 13.65 33.84 66.16
CA GLU D 474 13.05 34.78 65.20
C GLU D 474 11.60 34.75 64.88
N ALA D 475 11.02 35.92 64.92
CA ALA D 475 9.63 36.02 64.59
C ALA D 475 9.05 35.04 63.59
N ILE D 476 8.32 34.03 64.04
CA ILE D 476 7.61 33.14 63.12
C ILE D 476 6.26 33.73 62.93
N GLY D 477 5.64 33.57 61.78
CA GLY D 477 4.36 34.21 61.52
C GLY D 477 3.53 33.36 60.60
N SER D 478 2.64 33.97 59.82
CA SER D 478 1.85 33.18 58.90
C SER D 478 1.05 33.82 57.79
N MET D 479 0.49 33.01 56.88
CA MET D 479 -0.06 33.52 55.62
C MET D 479 0.99 34.18 54.70
N GLY D 480 0.57 34.40 53.46
CA GLY D 480 1.51 34.86 52.45
C GLY D 480 2.15 36.21 52.70
N ASP D 481 2.88 36.74 51.76
CA ASP D 481 3.35 38.10 51.92
C ASP D 481 2.53 38.74 50.84
N ASP D 482 1.56 39.57 51.16
CA ASP D 482 0.82 40.15 50.07
C ASP D 482 0.99 41.65 50.00
N SER D 483 2.14 42.13 50.46
CA SER D 483 2.44 43.54 50.31
C SER D 483 2.90 43.68 48.89
N PRO D 484 3.08 44.88 48.37
CA PRO D 484 3.51 45.03 46.99
C PRO D 484 4.95 44.63 46.94
N ILE D 485 5.59 44.65 45.77
CA ILE D 485 7.00 44.36 45.76
C ILE D 485 7.68 45.71 45.96
N ALA D 486 8.69 45.69 46.82
CA ALA D 486 9.34 46.95 47.11
C ALA D 486 9.41 47.94 45.97
N VAL D 487 9.91 47.65 44.77
CA VAL D 487 9.87 48.79 43.85
C VAL D 487 8.49 49.39 43.69
N LEU D 488 7.45 48.57 43.72
CA LEU D 488 6.16 49.12 43.46
C LEU D 488 5.57 49.75 44.72
N SER D 489 6.34 49.71 45.81
CA SER D 489 5.83 50.26 47.05
C SER D 489 5.86 51.72 47.10
N ASP D 490 4.82 52.16 47.78
CA ASP D 490 4.46 53.51 48.16
C ASP D 490 5.30 54.04 49.29
N LYS D 491 5.70 53.18 50.19
CA LYS D 491 6.38 53.54 51.40
C LYS D 491 7.85 53.26 51.36
N TYR D 492 8.64 53.94 52.18
CA TYR D 492 10.08 53.72 52.11
C TYR D 492 10.36 52.32 52.56
N ARG D 493 11.22 51.65 51.79
CA ARG D 493 11.56 50.27 52.01
C ARG D 493 13.06 50.27 51.84
N GLY D 494 13.80 49.61 52.72
CA GLY D 494 15.25 49.59 52.64
C GLY D 494 15.90 48.68 51.60
N LEU D 495 17.09 49.07 51.13
CA LEU D 495 17.80 48.28 50.14
C LEU D 495 17.55 46.80 50.32
N HIS D 496 17.90 46.29 51.51
CA HIS D 496 17.72 44.86 51.69
C HIS D 496 16.39 44.28 51.23
N HIS D 497 15.38 45.08 51.03
CA HIS D 497 14.12 44.51 50.59
C HIS D 497 14.18 44.08 49.18
N PHE D 498 15.01 44.75 48.38
CA PHE D 498 15.14 44.42 46.98
C PHE D 498 16.11 43.23 46.78
N PHE D 499 16.98 42.98 47.74
CA PHE D 499 17.85 41.83 47.62
C PHE D 499 17.15 40.57 48.14
N ARG D 500 16.66 39.71 47.27
CA ARG D 500 16.03 38.44 47.69
C ARG D 500 17.03 37.33 48.03
N GLN D 501 16.83 36.41 48.96
CA GLN D 501 17.86 35.45 49.33
C GLN D 501 17.71 34.28 48.42
N ASN D 502 18.83 33.70 48.10
CA ASN D 502 18.84 32.60 47.17
C ASN D 502 18.65 31.36 47.95
N PHE D 503 18.17 30.30 47.34
CA PHE D 503 18.10 28.99 48.00
C PHE D 503 18.36 27.95 46.89
N SER D 504 18.69 26.73 47.24
CA SER D 504 18.99 25.84 46.19
C SER D 504 17.87 24.84 46.08
N GLN D 505 17.55 24.41 44.86
CA GLN D 505 16.45 23.53 44.59
C GLN D 505 16.80 22.17 44.14
N VAL D 506 17.18 21.96 42.90
CA VAL D 506 17.31 20.51 42.71
C VAL D 506 18.72 20.06 42.66
N THR D 507 19.54 21.00 42.23
CA THR D 507 20.94 20.87 42.02
C THR D 507 21.61 20.49 43.28
N ASN D 508 21.29 21.17 44.35
CA ASN D 508 21.83 20.80 45.64
C ASN D 508 20.85 20.85 46.77
N PRO D 509 21.15 20.18 47.85
CA PRO D 509 20.26 20.19 49.00
C PRO D 509 20.67 21.20 50.02
N PRO D 510 19.71 21.80 50.67
CA PRO D 510 19.92 22.72 51.80
C PRO D 510 20.29 21.95 53.02
N ILE D 511 20.74 22.56 54.10
CA ILE D 511 21.19 21.80 55.26
C ILE D 511 20.29 22.01 56.45
N ASP D 512 20.42 21.19 57.48
CA ASP D 512 19.64 21.45 58.67
C ASP D 512 20.50 22.23 59.58
N SER D 513 20.29 23.52 59.67
CA SER D 513 21.12 24.22 60.65
C SER D 513 20.80 23.87 62.08
N LEU D 514 19.70 23.17 62.38
CA LEU D 514 19.51 22.85 63.79
C LEU D 514 20.13 21.51 64.07
N ARG D 515 19.63 20.50 63.41
CA ARG D 515 20.15 19.19 63.72
C ARG D 515 21.62 19.01 63.34
N GLU D 516 22.07 19.81 62.38
CA GLU D 516 23.43 19.65 61.92
C GLU D 516 24.31 20.87 62.16
N ARG D 517 24.04 21.57 63.25
CA ARG D 517 24.76 22.82 63.45
C ARG D 517 26.24 22.59 63.54
N ARG D 518 26.67 21.59 64.28
CA ARG D 518 28.11 21.38 64.38
C ARG D 518 28.89 21.40 63.05
N VAL D 519 28.33 21.12 61.90
CA VAL D 519 29.18 21.27 60.73
C VAL D 519 29.29 22.67 60.20
N MET D 520 28.29 23.50 60.45
CA MET D 520 28.30 24.88 59.98
C MET D 520 29.31 25.71 60.78
N SER D 521 29.35 27.00 60.50
CA SER D 521 30.30 27.87 61.20
C SER D 521 30.28 29.33 60.81
N LEU D 522 30.79 30.21 61.65
CA LEU D 522 30.61 31.65 61.45
C LEU D 522 31.89 32.40 61.79
N LYS D 523 32.95 31.61 61.97
CA LYS D 523 34.26 32.13 62.28
C LYS D 523 34.66 33.23 61.32
N THR D 524 35.17 34.30 61.87
CA THR D 524 35.58 35.38 61.04
C THR D 524 37.03 35.71 61.32
N ARG D 525 37.85 35.97 60.30
CA ARG D 525 39.29 36.26 60.51
C ARG D 525 39.66 37.59 59.90
N LEU D 526 40.49 38.40 60.53
CA LEU D 526 40.87 39.66 59.88
C LEU D 526 42.37 39.64 59.55
N GLY D 527 42.64 39.87 58.26
CA GLY D 527 44.00 39.87 57.70
C GLY D 527 44.71 38.52 57.67
N ASN D 528 44.01 37.57 57.08
CA ASN D 528 44.58 36.23 56.90
C ASN D 528 44.68 35.96 55.39
N LEU D 529 44.69 37.05 54.63
CA LEU D 529 44.76 37.04 53.20
C LEU D 529 46.17 37.18 52.59
N GLY D 530 47.02 36.14 52.64
CA GLY D 530 48.32 36.25 52.03
C GLY D 530 48.65 35.35 50.85
N ASN D 531 49.62 34.47 51.08
CA ASN D 531 49.96 33.59 49.99
C ASN D 531 49.37 32.21 49.98
N ILE D 532 48.30 32.00 49.23
CA ILE D 532 47.76 30.65 49.22
C ILE D 532 48.84 29.64 48.88
N LEU D 533 49.87 30.12 48.18
CA LEU D 533 51.01 29.37 47.61
C LEU D 533 52.13 29.06 48.59
N ASP D 534 52.13 29.80 49.68
CA ASP D 534 53.03 29.68 50.82
C ASP D 534 52.62 28.57 51.82
N GLU D 535 53.54 28.19 52.69
CA GLU D 535 53.22 27.21 53.70
C GLU D 535 54.14 27.47 54.86
N ASP D 536 54.06 28.66 55.43
CA ASP D 536 54.81 28.97 56.63
C ASP D 536 53.81 29.32 57.77
N GLU D 537 54.34 29.40 58.99
CA GLU D 537 53.60 29.72 60.18
C GLU D 537 53.20 31.18 60.22
N THR D 538 53.65 31.98 59.29
CA THR D 538 53.22 33.34 59.39
C THR D 538 51.79 33.44 58.91
N GLN D 539 51.24 32.30 58.50
CA GLN D 539 49.88 32.25 57.94
C GLN D 539 48.78 32.17 59.02
N THR D 540 49.21 32.09 60.26
CA THR D 540 48.35 32.02 61.42
C THR D 540 48.16 33.34 62.15
N ARG D 541 49.08 34.27 61.96
CA ARG D 541 48.99 35.57 62.57
C ARG D 541 47.87 36.41 61.99
N LEU D 542 46.70 36.26 62.57
CA LEU D 542 45.53 37.02 62.17
C LEU D 542 44.67 37.01 63.42
N LEU D 543 43.65 37.86 63.42
CA LEU D 543 42.75 37.96 64.55
C LEU D 543 41.51 37.19 64.16
N GLN D 544 40.87 36.61 65.17
CA GLN D 544 39.67 35.80 64.96
C GLN D 544 38.51 36.04 65.86
N LEU D 545 37.33 36.19 65.26
CA LEU D 545 36.07 36.26 65.98
C LEU D 545 35.42 34.93 65.76
N GLU D 546 34.26 34.72 66.36
CA GLU D 546 33.52 33.49 66.21
C GLU D 546 32.22 33.84 65.55
N SER D 547 31.92 35.14 65.42
CA SER D 547 30.78 35.57 64.61
C SER D 547 31.03 36.91 63.89
N PRO D 548 30.50 37.13 62.73
CA PRO D 548 30.76 38.41 62.08
C PRO D 548 30.09 39.50 62.87
N VAL D 549 29.32 39.09 63.86
CA VAL D 549 28.40 39.98 64.59
C VAL D 549 28.91 40.58 65.88
N LEU D 550 28.85 41.90 66.02
CA LEU D 550 29.36 42.52 67.26
C LEU D 550 28.46 43.54 67.94
N THR D 551 28.28 43.35 69.24
CA THR D 551 27.50 44.29 70.04
C THR D 551 28.45 45.45 70.27
N THR D 552 27.84 46.66 70.28
CA THR D 552 28.62 47.87 70.45
C THR D 552 29.75 47.71 71.43
N ALA D 553 29.49 46.99 72.51
CA ALA D 553 30.55 46.81 73.48
C ALA D 553 31.71 46.20 72.76
N GLU D 554 31.58 44.91 72.41
CA GLU D 554 32.62 44.14 71.73
C GLU D 554 33.17 44.88 70.53
N PHE D 555 32.32 45.52 69.75
CA PHE D 555 32.88 46.18 68.58
C PHE D 555 33.98 47.12 68.97
N ARG D 556 33.71 47.96 69.95
CA ARG D 556 34.68 48.94 70.42
C ARG D 556 35.86 48.19 70.92
N ALA D 557 35.61 47.15 71.68
CA ALA D 557 36.75 46.46 72.24
C ALA D 557 37.78 46.27 71.15
N MET D 558 37.30 45.81 69.99
CA MET D 558 38.10 45.44 68.87
C MET D 558 38.67 46.66 68.23
N ARG D 559 37.79 47.56 67.80
CA ARG D 559 38.21 48.80 67.14
C ARG D 559 39.32 49.48 67.88
N ASP D 560 39.48 49.07 69.12
CA ASP D 560 40.50 49.66 69.93
C ASP D 560 41.67 48.83 69.61
N TYR D 561 41.78 47.66 70.20
CA TYR D 561 42.84 46.71 69.83
C TYR D 561 43.55 46.91 68.47
N MET D 562 42.81 47.31 67.44
CA MET D 562 43.37 47.69 66.15
C MET D 562 44.05 49.02 66.39
N GLY D 563 43.34 50.12 66.17
CA GLY D 563 43.91 51.40 66.52
C GLY D 563 44.42 52.21 65.39
N ASP D 564 45.73 52.35 65.36
CA ASP D 564 46.43 53.12 64.34
C ASP D 564 46.18 52.39 63.03
N THR D 565 45.97 51.09 63.17
CA THR D 565 45.71 50.20 62.06
C THR D 565 44.41 50.41 61.34
N ALA D 566 43.41 50.91 62.04
CA ALA D 566 42.11 51.07 61.42
C ALA D 566 41.97 52.39 60.71
N ALA D 567 40.91 52.60 59.96
CA ALA D 567 40.68 53.84 59.23
C ALA D 567 39.20 53.95 59.05
N GLU D 568 38.59 55.10 59.31
CA GLU D 568 37.13 55.18 59.37
C GLU D 568 36.56 56.00 58.29
N ILE D 569 35.64 55.46 57.53
CA ILE D 569 35.17 56.27 56.47
C ILE D 569 33.77 56.74 56.73
N ASP D 570 33.45 57.95 56.27
CA ASP D 570 32.16 58.49 56.52
C ASP D 570 31.21 58.07 55.45
N ALA D 571 30.45 57.03 55.71
CA ALA D 571 29.46 56.64 54.72
C ALA D 571 28.24 57.53 54.67
N THR D 572 28.45 58.85 54.66
CA THR D 572 27.26 59.69 54.62
C THR D 572 27.23 60.75 53.54
N PHE D 573 26.08 61.31 53.22
CA PHE D 573 26.14 62.50 52.37
C PHE D 573 25.26 63.68 52.72
N PRO D 574 25.67 64.88 52.29
CA PRO D 574 24.94 66.13 52.53
C PRO D 574 23.63 66.12 51.78
N VAL D 575 22.69 66.94 52.19
CA VAL D 575 21.38 66.90 51.60
C VAL D 575 21.30 68.05 50.65
N ASP D 576 21.98 69.10 51.12
CA ASP D 576 22.15 70.34 50.38
C ASP D 576 22.90 69.99 49.09
N GLY D 577 23.67 68.90 49.18
CA GLY D 577 24.44 68.30 48.10
C GLY D 577 24.05 68.34 46.64
N GLY D 578 22.79 68.41 46.29
CA GLY D 578 22.45 68.49 44.88
C GLY D 578 22.07 67.13 44.32
N PRO D 579 21.69 67.10 43.05
CA PRO D 579 21.21 65.87 42.42
C PRO D 579 22.24 64.73 42.37
N GLU D 580 23.53 65.02 42.45
CA GLU D 580 24.52 63.96 42.38
C GLU D 580 25.07 63.65 43.74
N ALA D 581 24.49 64.22 44.75
CA ALA D 581 25.00 63.99 46.08
C ALA D 581 25.49 62.57 46.39
N LEU D 582 24.62 61.61 46.10
CA LEU D 582 24.86 60.21 46.46
C LEU D 582 26.04 59.65 45.64
N ARG D 583 25.96 59.80 44.33
CA ARG D 583 27.06 59.40 43.45
C ARG D 583 28.45 59.76 44.00
N ASP D 584 28.66 61.06 44.13
CA ASP D 584 29.98 61.54 44.53
C ASP D 584 30.39 61.08 45.88
N ALA D 585 29.37 60.65 46.61
CA ALA D 585 29.60 60.21 47.95
C ALA D 585 30.22 58.83 47.89
N LEU D 586 29.62 58.05 46.98
CA LEU D 586 30.04 56.68 46.69
C LEU D 586 31.48 56.64 46.15
N ARG D 587 31.74 57.56 45.21
CA ARG D 587 33.09 57.79 44.72
C ARG D 587 34.00 58.07 45.90
N ARG D 588 33.64 59.13 46.60
CA ARG D 588 34.41 59.54 47.74
C ARG D 588 34.79 58.42 48.68
N ILE D 589 33.82 57.55 48.98
CA ILE D 589 34.20 56.55 49.96
C ILE D 589 35.12 55.53 49.39
N ARG D 590 34.90 55.21 48.12
CA ARG D 590 35.81 54.29 47.44
C ARG D 590 37.23 54.83 47.44
N GLN D 591 37.35 56.04 46.87
CA GLN D 591 38.61 56.71 46.94
C GLN D 591 39.26 56.73 48.32
N GLU D 592 38.54 57.22 49.33
CA GLU D 592 39.18 57.36 50.61
C GLU D 592 39.71 56.01 51.11
N THR D 593 39.06 54.94 50.70
CA THR D 593 39.43 53.65 51.27
C THR D 593 40.69 53.16 50.61
N GLU D 594 40.81 53.54 49.33
CA GLU D 594 42.01 53.23 48.54
C GLU D 594 43.17 53.83 49.30
N ASP D 595 43.11 55.15 49.38
CA ASP D 595 44.14 55.89 50.07
C ASP D 595 44.42 55.26 51.41
N ALA D 596 43.40 55.00 52.16
CA ALA D 596 43.72 54.42 53.43
C ALA D 596 44.51 53.16 53.19
N VAL D 597 44.11 52.37 52.20
CA VAL D 597 44.76 51.08 52.20
C VAL D 597 46.21 51.09 51.78
N ARG D 598 46.42 51.92 50.76
CA ARG D 598 47.71 52.22 50.20
C ARG D 598 48.57 52.74 51.32
N GLY D 599 48.09 53.79 51.98
CA GLY D 599 48.75 54.35 53.13
C GLY D 599 49.22 53.33 54.18
N GLY D 600 48.60 52.16 54.25
CA GLY D 600 49.07 51.17 55.20
C GLY D 600 47.98 50.64 56.10
N ALA D 601 46.76 51.13 55.90
CA ALA D 601 45.67 50.71 56.77
C ALA D 601 45.38 49.23 56.60
N THR D 602 45.01 48.57 57.67
CA THR D 602 44.74 47.16 57.64
C THR D 602 43.25 46.81 57.83
N HIS D 603 42.45 47.80 58.24
CA HIS D 603 41.07 47.60 58.53
C HIS D 603 40.29 48.81 58.17
N VAL D 604 39.06 48.65 57.79
CA VAL D 604 38.34 49.84 57.47
C VAL D 604 37.04 49.83 58.22
N ILE D 605 36.71 50.95 58.85
CA ILE D 605 35.49 51.01 59.58
C ILE D 605 34.63 51.92 58.76
N LEU D 606 33.55 51.36 58.27
CA LEU D 606 32.72 52.09 57.36
C LEU D 606 31.52 52.48 58.18
N THR D 607 31.08 53.75 58.13
CA THR D 607 29.93 54.19 58.94
C THR D 607 28.87 55.27 58.62
N ASP D 608 27.83 55.11 59.44
CA ASP D 608 26.56 55.81 59.48
C ASP D 608 26.51 56.99 60.43
N GLU D 609 27.22 56.84 61.57
CA GLU D 609 27.26 57.76 62.67
C GLU D 609 26.99 59.21 62.34
N ALA D 610 27.84 59.85 61.58
CA ALA D 610 27.50 61.23 61.41
C ALA D 610 26.19 61.54 60.73
N MET D 611 25.21 60.66 60.78
CA MET D 611 23.92 61.04 60.20
C MET D 611 23.33 62.11 61.11
N GLY D 612 22.67 63.08 60.51
CA GLY D 612 22.05 64.15 61.26
C GLY D 612 21.07 64.84 60.34
N PRO D 613 20.62 66.02 60.73
CA PRO D 613 19.62 66.77 59.96
C PRO D 613 20.18 67.32 58.68
N ALA D 614 21.51 67.40 58.65
CA ALA D 614 22.28 67.95 57.54
C ALA D 614 22.72 66.90 56.49
N ARG D 615 22.89 65.68 57.00
CA ARG D 615 23.50 64.60 56.28
C ARG D 615 22.75 63.28 56.38
N ALA D 616 22.23 62.86 55.21
CA ALA D 616 21.56 61.57 54.97
C ALA D 616 22.54 60.43 55.07
N ALA D 617 22.02 59.21 55.10
CA ALA D 617 22.96 58.07 55.20
C ALA D 617 23.06 57.34 53.87
N ILE D 618 24.26 56.93 53.50
CA ILE D 618 24.39 56.13 52.30
C ILE D 618 23.95 54.77 52.79
N PRO D 619 23.00 54.20 52.06
CA PRO D 619 22.47 52.86 52.32
C PRO D 619 23.56 51.85 52.55
N ALA D 620 23.85 51.45 53.78
CA ALA D 620 24.94 50.53 54.08
C ALA D 620 25.20 49.47 53.04
N ILE D 621 24.14 48.82 52.61
CA ILE D 621 24.42 47.83 51.61
C ILE D 621 25.17 48.45 50.40
N LEU D 622 24.63 49.48 49.79
CA LEU D 622 25.30 50.18 48.72
C LEU D 622 26.69 50.56 49.15
N ALA D 623 26.84 51.07 50.34
CA ALA D 623 28.21 51.46 50.59
C ALA D 623 29.13 50.26 50.74
N THR D 624 28.68 49.19 51.40
CA THR D 624 29.54 48.03 51.58
C THR D 624 29.90 47.38 50.23
N GLY D 625 28.96 47.33 49.31
CA GLY D 625 29.32 46.82 48.00
C GLY D 625 30.33 47.76 47.38
N ALA D 626 29.90 48.95 47.02
CA ALA D 626 30.84 49.87 46.42
C ALA D 626 32.23 49.70 47.02
N VAL D 627 32.37 49.85 48.30
CA VAL D 627 33.75 49.69 48.72
C VAL D 627 34.38 48.34 48.45
N HIS D 628 33.66 47.27 48.68
CA HIS D 628 34.24 45.96 48.51
C HIS D 628 34.57 45.74 47.06
N THR D 629 33.60 45.81 46.17
CA THR D 629 33.98 45.56 44.80
C THR D 629 35.27 46.36 44.45
N HIS D 630 35.18 47.68 44.46
CA HIS D 630 36.34 48.47 44.10
C HIS D 630 37.56 47.92 44.75
N LEU D 631 37.63 47.86 46.05
CA LEU D 631 38.84 47.26 46.60
C LEU D 631 39.30 46.00 45.85
N ILE D 632 38.38 45.19 45.34
CA ILE D 632 38.70 43.93 44.66
C ILE D 632 39.35 44.27 43.34
N ARG D 633 38.55 45.02 42.57
CA ARG D 633 38.99 45.55 41.31
C ARG D 633 40.40 46.12 41.39
N SER D 634 40.77 46.72 42.47
CA SER D 634 42.10 47.19 42.44
C SER D 634 42.99 46.39 43.34
N ASN D 635 42.80 45.12 43.40
CA ASN D 635 43.76 44.37 44.19
C ASN D 635 44.15 44.92 45.54
N LEU D 636 43.18 45.35 46.33
CA LEU D 636 43.49 45.94 47.62
C LEU D 636 42.78 45.20 48.73
N ARG D 637 41.60 44.70 48.37
CA ARG D 637 40.79 43.98 49.29
C ARG D 637 41.64 42.95 49.98
N THR D 638 42.66 42.40 49.37
CA THR D 638 43.37 41.43 50.20
C THR D 638 44.14 42.06 51.35
N PHE D 639 44.20 43.38 51.33
CA PHE D 639 44.91 44.06 52.40
C PHE D 639 44.23 44.43 53.71
N THR D 640 42.93 44.75 53.70
CA THR D 640 42.18 44.99 54.93
C THR D 640 40.99 44.06 55.16
N SER D 641 40.46 44.28 56.37
CA SER D 641 39.16 43.78 56.78
C SER D 641 38.24 44.96 56.48
N LEU D 642 36.97 44.68 56.23
CA LEU D 642 36.00 45.73 55.96
C LEU D 642 34.82 45.59 56.97
N ASN D 643 34.68 46.59 57.84
CA ASN D 643 33.75 46.54 58.96
C ASN D 643 32.76 47.69 58.92
N VAL D 644 31.50 47.30 59.08
CA VAL D 644 30.38 48.19 58.98
C VAL D 644 29.67 48.43 60.33
N ARG D 645 29.26 49.70 60.51
CA ARG D 645 28.47 50.11 61.64
C ARG D 645 27.26 50.62 60.89
N THR D 646 26.10 50.06 61.22
CA THR D 646 24.90 50.49 60.53
C THR D 646 23.81 50.79 61.50
N ALA D 647 23.06 51.82 61.15
CA ALA D 647 22.01 52.29 61.99
C ALA D 647 20.80 51.52 61.50
N GLU D 648 20.56 51.52 60.20
CA GLU D 648 19.34 50.91 59.63
C GLU D 648 19.21 49.42 59.79
N GLY D 649 20.18 48.80 60.45
CA GLY D 649 20.15 47.36 60.51
C GLY D 649 19.33 46.75 61.61
N LEU D 650 18.33 45.93 61.30
CA LEU D 650 17.60 45.32 62.39
C LEU D 650 17.52 43.83 62.50
N ASP D 651 17.06 43.13 61.45
CA ASP D 651 16.90 41.64 61.42
C ASP D 651 17.91 40.83 60.68
N THR D 652 17.81 39.50 60.81
CA THR D 652 18.73 38.56 60.10
C THR D 652 19.03 38.88 58.64
N HIS D 653 18.01 39.09 57.83
CA HIS D 653 18.31 39.41 56.43
C HIS D 653 19.31 40.54 56.35
N TYR D 654 18.96 41.75 56.73
CA TYR D 654 19.98 42.81 56.62
C TYR D 654 21.36 42.27 56.98
N PHE D 655 21.54 41.46 57.99
CA PHE D 655 22.93 41.15 58.20
C PHE D 655 23.47 40.36 57.01
N ALA D 656 22.80 39.26 56.70
CA ALA D 656 23.19 38.40 55.61
C ALA D 656 23.58 39.25 54.41
N VAL D 657 22.64 40.06 53.88
CA VAL D 657 23.05 40.84 52.71
C VAL D 657 24.36 41.55 52.99
N LEU D 658 24.36 42.52 53.86
CA LEU D 658 25.62 43.13 54.14
C LEU D 658 26.79 42.18 54.02
N ILE D 659 26.79 41.18 54.88
CA ILE D 659 27.91 40.28 54.97
C ILE D 659 28.37 39.79 53.64
N GLY D 660 27.46 39.23 52.87
CA GLY D 660 27.91 38.65 51.63
C GLY D 660 27.87 39.63 50.52
N VAL D 661 28.35 40.79 50.77
CA VAL D 661 28.34 41.75 49.68
C VAL D 661 29.60 42.48 50.01
N GLY D 662 30.36 41.91 50.96
CA GLY D 662 31.63 42.41 51.38
C GLY D 662 31.96 42.21 52.85
N ALA D 663 31.13 42.85 53.65
CA ALA D 663 31.28 42.91 55.07
C ALA D 663 32.12 41.86 55.83
N THR D 664 33.04 42.27 56.69
CA THR D 664 33.72 41.25 57.44
C THR D 664 33.02 40.99 58.73
N THR D 665 32.55 42.11 59.23
CA THR D 665 32.04 42.31 60.56
C THR D 665 30.98 43.32 60.46
N VAL D 666 29.91 43.07 61.21
CA VAL D 666 28.83 44.04 61.27
C VAL D 666 28.43 44.36 62.69
N ASN D 667 27.94 45.59 62.83
CA ASN D 667 27.50 46.09 64.13
C ASN D 667 26.25 46.97 64.02
N ALA D 668 25.11 46.44 64.46
CA ALA D 668 23.87 47.22 64.33
C ALA D 668 23.81 48.01 65.63
N TYR D 669 24.15 49.29 65.53
CA TYR D 669 24.37 50.04 66.73
C TYR D 669 23.10 50.77 67.18
N LEU D 670 22.17 51.01 66.26
CA LEU D 670 20.94 51.73 66.57
C LEU D 670 19.82 50.74 66.87
N ALA D 671 20.19 49.63 67.47
CA ALA D 671 19.21 48.59 67.57
C ALA D 671 19.60 48.11 68.89
N GLN D 672 20.89 48.23 69.16
CA GLN D 672 21.33 47.86 70.49
C GLN D 672 20.68 48.99 71.23
N GLU D 673 20.67 50.15 70.61
CA GLU D 673 20.02 51.26 71.28
C GLU D 673 18.54 50.98 71.44
N ALA D 674 17.82 50.83 70.35
CA ALA D 674 16.39 50.53 70.46
C ALA D 674 16.18 49.46 71.51
N ILE D 675 17.08 48.49 71.61
CA ILE D 675 16.91 47.46 72.61
C ILE D 675 16.92 48.06 74.00
N ALA D 676 18.00 48.76 74.30
CA ALA D 676 18.17 49.53 75.56
C ALA D 676 16.91 50.30 75.98
N GLU D 677 16.47 51.19 75.13
CA GLU D 677 15.30 51.93 75.49
C GLU D 677 14.28 50.88 75.97
N ARG D 678 13.98 49.88 75.15
CA ARG D 678 13.04 48.83 75.59
C ARG D 678 13.44 48.34 77.00
N HIS D 679 14.71 48.08 77.20
CA HIS D 679 15.04 47.53 78.47
C HIS D 679 15.02 48.54 79.58
N ARG D 680 15.01 49.80 79.20
CA ARG D 680 14.99 50.84 80.23
C ARG D 680 13.55 50.89 80.73
N ARG D 681 12.54 50.91 79.86
CA ARG D 681 11.20 50.86 80.39
C ARG D 681 10.82 49.44 80.82
N GLY D 682 11.72 48.74 81.48
CA GLY D 682 11.43 47.35 81.85
C GLY D 682 10.63 46.40 80.96
N LEU D 683 10.86 46.38 79.66
CA LEU D 683 10.10 45.45 78.83
C LEU D 683 10.70 44.10 78.87
N PHE D 684 11.93 43.95 79.34
CA PHE D 684 12.47 42.61 79.40
C PHE D 684 12.40 42.53 80.88
N GLY D 685 13.05 41.62 81.58
CA GLY D 685 12.73 41.64 83.01
C GLY D 685 13.69 42.56 83.69
N SER D 686 14.32 42.04 84.72
CA SER D 686 15.40 42.71 85.39
C SER D 686 16.68 42.08 84.79
N MET D 687 16.50 41.55 83.56
CA MET D 687 17.51 40.92 82.71
C MET D 687 18.52 41.97 82.35
N PRO D 688 19.76 41.67 82.62
CA PRO D 688 20.84 42.57 82.22
C PRO D 688 20.86 42.82 80.71
N LEU D 689 21.23 44.04 80.34
CA LEU D 689 21.33 44.43 78.95
C LEU D 689 22.40 43.51 78.28
N GLU D 690 23.50 43.36 78.96
CA GLU D 690 24.51 42.43 78.59
C GLU D 690 23.73 41.21 78.13
N LYS D 691 22.81 40.73 78.95
CA LYS D 691 22.16 39.51 78.47
C LYS D 691 21.22 39.72 77.33
N GLY D 692 20.60 40.87 77.30
CA GLY D 692 19.66 41.00 76.22
C GLY D 692 20.46 41.00 74.96
N MET D 693 21.62 41.59 75.03
CA MET D 693 22.44 41.69 73.86
C MET D 693 22.75 40.26 73.45
N ALA D 694 23.41 39.51 74.32
CA ALA D 694 23.66 38.12 73.98
C ALA D 694 22.51 37.54 73.20
N ASN D 695 21.30 37.51 73.74
CA ASN D 695 20.26 36.86 72.97
C ASN D 695 20.17 37.41 71.61
N TYR D 696 20.05 38.70 71.47
CA TYR D 696 19.94 39.26 70.13
C TYR D 696 20.98 38.62 69.22
N LYS D 697 22.24 38.69 69.65
CA LYS D 697 23.31 38.12 68.88
C LYS D 697 23.01 36.71 68.51
N LYS D 698 22.76 35.85 69.49
CA LYS D 698 22.41 34.48 69.12
C LYS D 698 21.36 34.36 68.05
N ALA D 699 20.49 35.33 67.90
CA ALA D 699 19.45 35.08 66.94
C ALA D 699 19.89 35.48 65.59
N ILE D 700 20.89 36.32 65.64
CA ILE D 700 21.36 36.81 64.41
C ILE D 700 22.34 35.81 63.92
N ASP D 701 23.09 35.23 64.85
CA ASP D 701 23.91 34.11 64.47
C ASP D 701 23.02 33.01 63.92
N ASP D 702 22.05 32.53 64.64
CA ASP D 702 21.25 31.52 63.98
C ASP D 702 20.58 32.27 62.86
N GLY D 703 20.61 33.59 62.88
CA GLY D 703 19.88 34.33 61.88
C GLY D 703 20.33 33.83 60.52
N LEU D 704 21.65 33.98 60.36
CA LEU D 704 22.54 33.66 59.32
C LEU D 704 22.66 32.15 59.07
N LEU D 705 23.39 31.45 59.92
CA LEU D 705 23.51 30.03 59.74
C LEU D 705 22.36 29.54 58.94
N LYS D 706 21.20 30.14 59.13
CA LYS D 706 20.03 29.61 58.45
C LYS D 706 19.93 30.08 57.00
N ILE D 707 20.01 31.39 56.85
CA ILE D 707 20.00 31.91 55.54
C ILE D 707 21.08 31.16 54.72
N MET D 708 22.21 30.83 55.33
CA MET D 708 23.29 30.17 54.59
C MET D 708 22.87 28.79 54.16
N SER D 709 22.29 28.01 55.08
CA SER D 709 21.85 26.67 54.71
C SER D 709 20.77 26.62 53.67
N LYS D 710 20.12 27.74 53.38
CA LYS D 710 19.09 27.61 52.39
C LYS D 710 19.72 27.23 51.05
N MET D 711 21.02 27.47 50.97
CA MET D 711 21.76 27.11 49.78
C MET D 711 22.84 26.09 49.95
N GLY D 712 22.87 25.48 51.11
CA GLY D 712 23.74 24.37 51.40
C GLY D 712 25.02 24.86 51.94
N ILE D 713 25.22 26.15 51.93
CA ILE D 713 26.51 26.62 52.39
C ILE D 713 26.65 26.45 53.87
N SER D 714 27.73 25.88 54.37
CA SER D 714 27.89 25.68 55.80
C SER D 714 28.88 26.59 56.46
N VAL D 715 29.42 27.56 55.73
CA VAL D 715 30.55 28.28 56.30
C VAL D 715 30.54 29.70 55.83
N ILE D 716 30.82 30.65 56.71
CA ILE D 716 30.70 32.02 56.27
C ILE D 716 31.80 32.66 55.39
N SER D 717 33.05 32.20 55.50
CA SER D 717 34.18 32.73 54.74
C SER D 717 33.86 32.63 53.27
N SER D 718 33.31 31.48 52.91
CA SER D 718 32.90 31.19 51.54
C SER D 718 31.66 31.93 51.10
N TYR D 719 30.79 32.27 52.05
CA TYR D 719 29.50 32.96 51.81
C TYR D 719 29.74 34.45 51.61
N ARG D 720 30.73 34.93 52.33
CA ARG D 720 31.01 36.33 52.30
C ARG D 720 31.34 36.84 50.95
N GLY D 721 30.87 38.03 50.67
CA GLY D 721 31.15 38.61 49.38
C GLY D 721 30.64 37.76 48.25
N GLY D 722 30.25 36.53 48.51
CA GLY D 722 29.75 35.74 47.39
C GLY D 722 28.56 36.25 46.57
N GLY D 723 27.89 37.28 47.06
CA GLY D 723 26.67 37.83 46.48
C GLY D 723 25.57 36.84 46.17
N ASN D 724 24.81 36.36 47.18
CA ASN D 724 23.82 35.29 47.00
C ASN D 724 22.40 35.75 47.10
N PHE D 725 22.22 36.84 46.41
CA PHE D 725 21.00 37.53 46.38
C PHE D 725 20.34 37.57 45.05
N GLU D 726 19.43 38.45 44.79
CA GLU D 726 18.97 38.47 43.41
C GLU D 726 18.31 39.76 43.55
N ALA D 727 18.45 40.68 42.60
CA ALA D 727 17.91 41.97 42.88
C ALA D 727 16.63 42.20 42.18
N ILE D 728 15.52 42.10 42.85
CA ILE D 728 14.41 42.56 42.03
C ILE D 728 14.26 44.03 42.29
N GLY D 729 14.01 44.84 41.28
CA GLY D 729 13.93 46.28 41.50
C GLY D 729 15.05 47.26 41.19
N LEU D 730 16.21 47.15 41.82
CA LEU D 730 17.36 47.97 41.35
C LEU D 730 17.71 47.79 39.83
N SER D 731 18.36 48.82 39.26
CA SER D 731 18.82 48.82 37.86
C SER D 731 20.09 48.04 37.61
N ARG D 732 20.07 47.41 36.44
CA ARG D 732 21.13 46.59 35.91
C ARG D 732 22.44 47.29 36.13
N ALA D 733 22.54 48.36 35.33
CA ALA D 733 23.73 49.16 35.39
C ALA D 733 24.34 49.27 36.78
N LEU D 734 23.46 49.55 37.72
CA LEU D 734 23.88 49.83 39.07
C LEU D 734 24.45 48.65 39.80
N VAL D 735 23.76 47.55 39.64
CA VAL D 735 24.04 46.37 40.41
C VAL D 735 25.35 45.79 39.94
N ALA D 736 25.54 45.97 38.65
CA ALA D 736 26.77 45.59 37.95
C ALA D 736 27.83 46.54 38.48
N GLU D 737 27.62 47.85 38.36
CA GLU D 737 28.68 48.67 38.88
C GLU D 737 29.09 48.35 40.31
N HIS D 738 28.15 48.36 41.25
CA HIS D 738 28.52 48.24 42.66
C HIS D 738 28.51 46.93 43.42
N PHE D 739 27.68 45.98 43.04
CA PHE D 739 27.76 44.82 43.92
C PHE D 739 28.50 43.75 43.20
N PRO D 740 28.91 42.75 43.96
CA PRO D 740 29.42 41.56 43.31
C PRO D 740 28.43 41.23 42.19
N ALA D 741 28.66 40.08 41.56
CA ALA D 741 27.79 39.65 40.50
C ALA D 741 26.50 39.05 41.05
N MET D 742 25.39 39.69 40.69
CA MET D 742 24.06 39.26 41.08
C MET D 742 23.23 39.61 39.88
N VAL D 743 22.18 38.88 39.59
CA VAL D 743 21.38 39.18 38.42
C VAL D 743 20.43 40.29 38.85
N SER D 744 19.82 40.99 37.90
CA SER D 744 18.78 41.91 38.25
C SER D 744 17.94 42.00 36.99
N ARG D 745 17.25 40.88 36.71
CA ARG D 745 16.53 40.73 35.45
C ARG D 745 15.67 41.86 35.02
N ILE D 746 15.46 42.81 35.91
CA ILE D 746 15.00 44.09 35.43
C ILE D 746 15.57 45.27 36.12
N SER D 747 16.40 45.98 35.40
CA SER D 747 17.00 47.12 36.03
C SER D 747 15.78 47.64 36.78
N GLY D 748 16.04 48.53 37.72
CA GLY D 748 15.01 49.16 38.46
C GLY D 748 15.37 50.61 38.66
N ILE D 749 15.35 51.06 39.91
CA ILE D 749 15.61 52.45 40.13
C ILE D 749 17.09 52.41 40.16
N GLY D 750 17.67 53.60 40.19
CA GLY D 750 19.10 53.82 40.21
C GLY D 750 19.48 54.77 41.32
N LEU D 751 20.68 55.31 41.25
CA LEU D 751 21.17 56.24 42.26
C LEU D 751 20.23 57.39 42.38
N ASN D 752 19.81 57.92 41.24
CA ASN D 752 18.94 59.04 41.37
C ASN D 752 17.74 58.80 42.22
N GLY D 753 16.90 57.84 41.88
CA GLY D 753 15.75 57.50 42.72
C GLY D 753 16.29 57.18 44.11
N ILE D 754 17.09 56.16 44.25
CA ILE D 754 17.55 55.93 45.58
C ILE D 754 17.76 57.21 46.35
N GLN D 755 18.61 58.08 45.81
CA GLN D 755 18.87 59.39 46.45
C GLN D 755 17.57 60.00 46.99
N LYS D 756 16.65 60.21 46.05
CA LYS D 756 15.41 60.84 46.33
C LYS D 756 14.67 60.16 47.47
N LYS D 757 14.19 58.95 47.26
CA LYS D 757 13.53 58.26 48.36
C LYS D 757 14.37 58.33 49.63
N VAL D 758 15.67 58.21 49.56
CA VAL D 758 16.38 58.26 50.83
C VAL D 758 16.05 59.55 51.51
N LEU D 759 16.37 60.63 50.84
CA LEU D 759 16.15 61.97 51.37
C LEU D 759 14.73 62.26 51.85
N GLU D 760 13.70 61.91 51.07
CA GLU D 760 12.35 62.10 51.58
C GLU D 760 12.22 61.52 52.94
N GLN D 761 12.53 60.25 53.08
CA GLN D 761 12.39 59.65 54.39
C GLN D 761 13.22 60.42 55.44
N HIS D 762 14.21 61.18 55.02
CA HIS D 762 15.11 61.80 56.00
C HIS D 762 14.42 63.04 56.54
N ALA D 763 13.75 63.77 55.64
CA ALA D 763 12.98 64.96 55.99
C ALA D 763 12.05 64.56 57.13
N THR D 764 11.16 63.65 56.78
CA THR D 764 10.27 63.09 57.74
C THR D 764 10.92 63.00 59.07
N ALA D 765 12.22 62.81 59.20
CA ALA D 765 12.65 62.71 60.59
C ALA D 765 13.46 63.86 61.14
N TYR D 766 13.59 64.93 60.36
CA TYR D 766 14.46 65.98 60.85
C TYR D 766 14.01 67.33 60.41
N ASN D 767 13.32 67.35 59.29
CA ASN D 767 12.90 68.59 58.69
C ASN D 767 11.47 68.64 59.11
N GLU D 768 11.28 68.12 60.31
CA GLU D 768 9.99 68.12 60.95
C GLU D 768 10.22 67.57 62.34
N GLU D 769 9.13 67.30 63.05
CA GLU D 769 9.23 66.79 64.42
C GLU D 769 8.44 65.49 64.55
N VAL D 770 8.96 64.58 65.37
CA VAL D 770 8.36 63.26 65.46
C VAL D 770 8.29 62.69 66.87
N VAL D 771 7.10 62.23 67.20
CA VAL D 771 6.77 61.67 68.51
C VAL D 771 7.16 60.16 68.59
N ALA D 772 6.49 59.34 67.78
CA ALA D 772 6.79 57.91 67.67
C ALA D 772 6.77 57.36 66.25
N LEU D 773 7.26 56.13 66.16
CA LEU D 773 7.33 55.45 64.90
C LEU D 773 5.91 55.16 64.65
N PRO D 774 5.49 55.21 63.42
CA PRO D 774 4.12 54.83 63.07
C PRO D 774 3.87 53.40 63.43
N VAL D 775 2.71 52.97 63.01
CA VAL D 775 2.36 51.67 63.51
C VAL D 775 3.08 50.59 62.73
N GLY D 776 2.83 50.63 61.42
CA GLY D 776 3.39 49.66 60.52
C GLY D 776 2.27 48.77 60.08
N GLY D 777 2.33 48.26 58.86
CA GLY D 777 1.28 47.40 58.34
C GLY D 777 1.95 46.55 57.28
N PHE D 778 3.21 46.22 57.56
CA PHE D 778 3.99 45.45 56.64
C PHE D 778 3.57 44.05 56.86
N TYR D 779 3.99 43.53 58.01
CA TYR D 779 3.61 42.17 58.36
C TYR D 779 2.12 41.91 58.58
N ARG D 780 1.25 42.86 58.32
CA ARG D 780 -0.17 42.68 58.61
C ARG D 780 -0.96 43.94 58.31
N PHE D 781 -2.06 43.79 57.60
CA PHE D 781 -2.80 44.97 57.23
C PHE D 781 -3.44 45.59 58.41
N ARG D 782 -3.19 46.87 58.62
CA ARG D 782 -3.87 47.61 59.68
C ARG D 782 -4.61 48.52 58.76
N LYS D 783 -5.20 49.60 59.17
CA LYS D 783 -5.83 50.30 58.08
C LYS D 783 -4.85 51.39 57.87
N SER D 784 -3.63 50.92 57.60
CA SER D 784 -2.49 51.78 57.36
C SER D 784 -2.25 52.12 55.88
N GLY D 785 -1.03 52.61 55.64
CA GLY D 785 -0.58 53.05 54.34
C GLY D 785 0.05 51.97 53.50
N ASP D 786 0.55 50.92 54.16
CA ASP D 786 1.09 49.76 53.48
C ASP D 786 -0.14 48.99 53.09
N ARG D 787 -0.41 48.85 51.82
CA ARG D 787 -1.58 48.13 51.41
C ARG D 787 -1.23 46.64 51.28
N HIS D 788 -2.20 45.83 50.87
CA HIS D 788 -2.01 44.39 50.90
C HIS D 788 -3.05 43.91 49.90
N GLY D 789 -2.97 42.67 49.45
CA GLY D 789 -3.92 42.26 48.44
C GLY D 789 -5.20 41.97 49.15
N TRP D 790 -5.03 41.14 50.15
CA TRP D 790 -6.11 40.73 50.98
C TRP D 790 -6.17 41.76 52.07
N GLU D 791 -7.16 42.65 52.03
CA GLU D 791 -7.44 43.64 53.06
C GLU D 791 -8.91 43.35 53.24
N GLY D 792 -9.43 43.67 54.44
CA GLY D 792 -10.82 43.41 54.79
C GLY D 792 -11.89 43.69 53.74
N GLY D 793 -11.85 44.85 53.14
CA GLY D 793 -12.93 45.11 52.25
C GLY D 793 -13.21 43.98 51.28
N VAL D 794 -12.22 43.77 50.45
CA VAL D 794 -12.30 42.80 49.40
C VAL D 794 -12.67 41.40 49.88
N ILE D 795 -12.03 41.01 50.97
CA ILE D 795 -12.40 39.77 51.65
C ILE D 795 -13.90 39.67 51.91
N HIS D 796 -14.43 40.72 52.52
CA HIS D 796 -15.83 40.71 52.68
C HIS D 796 -16.50 40.42 51.37
N THR D 797 -16.33 41.33 50.40
CA THR D 797 -17.07 41.16 49.15
C THR D 797 -16.89 39.78 48.61
N LEU D 798 -15.74 39.18 48.84
CA LEU D 798 -15.55 37.87 48.24
C LEU D 798 -16.52 36.94 48.92
N GLN D 799 -16.34 36.89 50.24
CA GLN D 799 -17.10 35.99 51.07
C GLN D 799 -18.56 36.09 50.77
N GLN D 800 -18.97 37.34 50.64
CA GLN D 800 -20.33 37.66 50.31
C GLN D 800 -20.67 36.90 49.07
N ALA D 801 -19.93 37.30 48.05
CA ALA D 801 -20.14 36.87 46.71
C ALA D 801 -20.36 35.38 46.63
N VAL D 802 -19.51 34.67 47.35
CA VAL D 802 -19.50 33.24 47.23
C VAL D 802 -20.45 32.59 48.22
N THR D 803 -21.02 33.37 49.11
CA THR D 803 -22.03 32.80 50.03
C THR D 803 -23.45 33.01 49.48
N ASN D 804 -23.74 34.26 49.19
CA ASN D 804 -24.97 34.65 48.60
C ASN D 804 -24.94 34.06 47.21
N ASP D 805 -23.73 33.70 46.80
CA ASP D 805 -23.57 33.10 45.49
C ASP D 805 -23.98 34.01 44.30
N SER D 806 -23.60 35.28 44.28
CA SER D 806 -23.89 36.12 43.13
C SER D 806 -22.61 36.35 42.34
N TYR D 807 -22.72 36.18 41.02
CA TYR D 807 -21.53 36.37 40.21
C TYR D 807 -21.29 37.85 40.26
N THR D 808 -22.40 38.57 40.35
CA THR D 808 -22.31 40.02 40.38
C THR D 808 -21.57 40.54 41.55
N THR D 809 -21.75 39.87 42.67
CA THR D 809 -21.05 40.41 43.79
C THR D 809 -19.62 40.11 43.56
N PHE D 810 -19.35 38.94 42.98
CA PHE D 810 -17.97 38.52 42.69
C PHE D 810 -17.32 39.58 41.87
N LYS D 811 -18.08 39.99 40.86
CA LYS D 811 -17.62 40.98 39.96
C LYS D 811 -17.32 42.35 40.50
N LYS D 812 -17.47 42.59 41.80
CA LYS D 812 -17.22 43.96 42.23
C LYS D 812 -16.00 43.84 43.07
N TYR D 813 -15.88 42.65 43.62
CA TYR D 813 -14.72 42.29 44.38
C TYR D 813 -13.51 42.37 43.43
N SER D 814 -13.57 41.64 42.32
CA SER D 814 -12.46 41.70 41.35
C SER D 814 -12.09 43.12 40.96
N GLU D 815 -13.13 43.93 40.82
CA GLU D 815 -12.95 45.32 40.47
C GLU D 815 -12.30 46.01 41.64
N GLN D 816 -12.77 45.71 42.84
CA GLN D 816 -12.16 46.35 43.98
C GLN D 816 -10.69 46.02 43.85
N VAL D 817 -10.44 44.80 43.41
CA VAL D 817 -9.08 44.31 43.42
C VAL D 817 -8.32 44.82 42.20
N ASN D 818 -9.01 44.95 41.07
CA ASN D 818 -8.30 45.35 39.89
C ASN D 818 -8.12 46.83 39.74
N LYS D 819 -8.84 47.61 40.50
CA LYS D 819 -8.73 49.04 40.30
C LYS D 819 -7.69 49.65 41.16
N ARG D 820 -6.86 48.92 41.86
CA ARG D 820 -5.93 49.73 42.65
C ARG D 820 -4.74 50.11 41.86
N PRO D 821 -3.84 50.81 42.52
CA PRO D 821 -2.53 51.13 41.93
C PRO D 821 -1.81 49.78 41.85
N PRO D 822 -0.78 49.67 41.04
CA PRO D 822 -0.05 48.42 40.81
C PRO D 822 0.66 48.00 42.05
N MET D 823 0.70 46.70 42.34
CA MET D 823 1.35 46.25 43.55
C MET D 823 2.27 45.09 43.24
N GLN D 824 2.17 44.61 41.99
CA GLN D 824 2.69 43.32 41.57
C GLN D 824 2.96 43.50 40.05
N LEU D 825 4.00 42.86 39.51
CA LEU D 825 4.38 43.08 38.09
C LEU D 825 3.24 42.83 37.13
N ARG D 826 2.35 41.87 37.38
CA ARG D 826 1.37 41.62 36.33
C ARG D 826 0.61 42.91 36.20
N ASP D 827 0.57 43.61 37.33
CA ASP D 827 -0.15 44.86 37.45
C ASP D 827 0.39 45.86 36.42
N LEU D 828 1.64 45.72 35.99
CA LEU D 828 2.12 46.64 34.98
C LEU D 828 1.74 46.24 33.56
N LEU D 829 0.85 45.28 33.39
CA LEU D 829 0.68 44.86 32.00
C LEU D 829 -0.71 45.04 31.52
N GLU D 830 -0.91 45.70 30.39
CA GLU D 830 -2.23 45.80 29.86
C GLU D 830 -2.43 44.59 28.97
N LEU D 831 -3.65 44.35 28.47
CA LEU D 831 -3.90 43.24 27.57
C LEU D 831 -4.64 43.80 26.39
N ARG D 832 -3.92 44.01 25.28
CA ARG D 832 -4.59 44.54 24.12
C ARG D 832 -4.50 43.31 23.27
N SER D 833 -5.29 43.19 22.21
CA SER D 833 -5.16 42.10 21.24
C SER D 833 -5.60 42.66 19.89
N THR D 834 -5.39 41.97 18.78
CA THR D 834 -5.80 42.59 17.51
C THR D 834 -7.00 41.95 16.86
N LYS D 835 -7.68 41.06 17.59
CA LYS D 835 -8.85 40.40 17.02
C LYS D 835 -10.02 41.21 17.55
N ALA D 836 -11.18 41.06 16.92
CA ALA D 836 -12.34 41.76 17.43
C ALA D 836 -13.02 40.69 18.22
N PRO D 837 -13.82 41.16 19.17
CA PRO D 837 -14.45 40.39 20.21
C PRO D 837 -15.38 39.37 19.74
N VAL D 838 -15.39 38.26 20.45
CA VAL D 838 -16.31 37.21 20.15
C VAL D 838 -17.29 37.10 21.27
N PRO D 839 -18.48 36.61 20.94
CA PRO D 839 -19.52 36.43 21.94
C PRO D 839 -19.13 35.39 23.00
N VAL D 840 -19.20 35.80 24.25
CA VAL D 840 -19.00 34.81 25.31
C VAL D 840 -19.56 33.39 25.11
N ASP D 841 -20.81 33.27 24.70
CA ASP D 841 -21.33 31.92 24.48
C ASP D 841 -20.34 31.05 23.75
N GLU D 842 -19.60 31.61 22.79
CA GLU D 842 -18.66 30.76 22.05
C GLU D 842 -17.50 30.25 22.83
N VAL D 843 -17.03 30.98 23.83
CA VAL D 843 -15.89 30.51 24.57
C VAL D 843 -16.07 29.16 25.16
N GLU D 844 -14.94 28.51 25.43
CA GLU D 844 -14.86 27.19 26.04
C GLU D 844 -15.78 27.26 27.22
N SER D 845 -16.19 26.11 27.72
CA SER D 845 -17.11 26.09 28.86
C SER D 845 -16.42 26.23 30.19
N ILE D 846 -17.19 26.54 31.20
CA ILE D 846 -16.59 26.62 32.51
C ILE D 846 -16.18 25.20 32.94
N THR D 847 -17.04 24.23 32.66
CA THR D 847 -16.71 22.92 33.19
C THR D 847 -15.30 22.66 32.78
N ALA D 848 -15.05 23.02 31.51
CA ALA D 848 -13.74 22.91 30.92
C ALA D 848 -12.85 23.73 31.80
N ILE D 849 -13.12 25.02 31.80
CA ILE D 849 -12.14 25.79 32.49
C ILE D 849 -11.72 25.40 33.89
N ARG D 850 -12.73 25.16 34.73
CA ARG D 850 -12.54 25.01 36.15
C ARG D 850 -11.50 23.95 36.32
N LYS D 851 -11.61 22.97 35.44
CA LYS D 851 -10.63 21.89 35.47
C LYS D 851 -9.17 22.29 35.40
N ARG D 852 -8.81 23.45 34.88
CA ARG D 852 -7.40 23.79 34.96
C ARG D 852 -7.08 24.29 36.34
N PHE D 853 -8.10 24.36 37.17
CA PHE D 853 -7.88 24.94 38.47
C PHE D 853 -7.58 23.86 39.47
N ILE D 854 -6.74 24.17 40.42
CA ILE D 854 -6.57 23.21 41.48
C ILE D 854 -6.40 23.96 42.80
N THR D 855 -6.67 23.24 43.85
CA THR D 855 -6.52 23.74 45.17
C THR D 855 -5.16 23.21 45.54
N PRO D 856 -4.26 24.09 45.92
CA PRO D 856 -2.91 23.74 46.33
C PRO D 856 -2.93 22.70 47.40
N GLY D 857 -1.76 22.37 47.91
CA GLY D 857 -1.62 21.38 48.97
C GLY D 857 -1.35 22.10 50.27
N MET D 858 -2.36 22.06 51.12
CA MET D 858 -2.31 22.63 52.46
C MET D 858 -2.52 21.46 53.38
N SER D 859 -1.57 21.29 54.26
CA SER D 859 -1.57 20.10 55.10
C SER D 859 -2.66 19.92 56.11
N MET D 860 -3.08 18.69 56.29
CA MET D 860 -4.02 18.39 57.35
C MET D 860 -3.09 18.51 58.52
N GLY D 861 -3.29 19.56 59.33
CA GLY D 861 -2.40 19.84 60.43
C GLY D 861 -2.40 21.33 60.40
N ALA D 862 -1.74 21.89 59.39
CA ALA D 862 -1.85 23.31 59.19
C ALA D 862 -3.36 23.57 59.17
N LEU D 863 -4.09 22.72 58.46
CA LEU D 863 -5.48 22.94 58.43
C LEU D 863 -6.46 22.04 59.20
N SER D 864 -7.53 22.60 59.72
CA SER D 864 -8.53 21.80 60.40
C SER D 864 -8.95 20.66 59.50
N PRO D 865 -9.32 19.55 60.09
CA PRO D 865 -9.81 18.44 59.30
C PRO D 865 -11.00 18.92 58.54
N GLU D 866 -11.70 19.86 59.13
CA GLU D 866 -12.95 20.19 58.46
C GLU D 866 -12.63 20.92 57.16
N ALA D 867 -11.79 21.94 57.24
CA ALA D 867 -11.36 22.71 56.07
C ALA D 867 -10.78 21.85 54.95
N HIS D 868 -9.87 20.96 55.31
CA HIS D 868 -9.26 20.07 54.37
C HIS D 868 -10.32 19.33 53.61
N GLY D 869 -10.80 18.27 54.19
CA GLY D 869 -11.90 17.59 53.53
C GLY D 869 -12.89 18.48 52.77
N THR D 870 -13.13 19.69 53.25
CA THR D 870 -14.08 20.48 52.51
C THR D 870 -13.60 20.52 51.08
N LEU D 871 -12.34 20.95 50.95
CA LEU D 871 -11.61 21.10 49.71
C LEU D 871 -11.71 19.81 48.90
N ASN D 872 -11.19 18.71 49.42
CA ASN D 872 -11.25 17.51 48.60
C ASN D 872 -12.62 17.26 48.03
N VAL D 873 -13.62 17.71 48.73
CA VAL D 873 -14.95 17.45 48.28
C VAL D 873 -15.25 18.44 47.18
N ALA D 874 -14.95 19.70 47.40
CA ALA D 874 -15.31 20.61 46.34
C ALA D 874 -14.65 20.20 45.04
N MET D 875 -13.32 20.07 45.08
CA MET D 875 -12.63 19.74 43.85
C MET D 875 -13.20 18.44 43.26
N ASN D 876 -13.22 17.39 44.06
CA ASN D 876 -13.80 16.25 43.44
C ASN D 876 -15.18 16.53 42.87
N ARG D 877 -15.84 17.56 43.32
CA ARG D 877 -17.20 17.69 42.87
C ARG D 877 -17.27 18.26 41.48
N ILE D 878 -16.29 19.06 41.09
CA ILE D 878 -16.36 19.71 39.78
C ILE D 878 -15.30 19.13 38.84
N GLY D 879 -14.90 17.91 39.15
CA GLY D 879 -13.93 17.27 38.32
C GLY D 879 -12.56 17.88 38.34
N ALA D 880 -12.15 18.63 39.34
CA ALA D 880 -10.78 19.10 39.28
C ALA D 880 -9.84 18.42 40.27
N LYS D 881 -8.88 19.13 40.83
CA LYS D 881 -8.02 18.37 41.72
C LYS D 881 -7.63 19.09 43.00
N SER D 882 -7.34 18.32 44.04
CA SER D 882 -6.88 18.91 45.27
C SER D 882 -5.61 18.24 45.80
N ASP D 883 -4.89 18.95 46.64
CA ASP D 883 -3.60 18.41 46.96
C ASP D 883 -3.43 18.10 48.43
N SER D 884 -3.47 16.82 48.76
CA SER D 884 -3.22 16.40 50.13
C SER D 884 -2.35 17.35 51.02
N GLY D 885 -1.25 17.85 50.49
CA GLY D 885 -0.39 18.63 51.33
C GLY D 885 0.60 17.73 52.07
N GLU D 886 1.59 18.39 52.65
CA GLU D 886 2.68 17.78 53.37
C GLU D 886 2.17 16.88 54.49
N GLY D 887 0.86 16.74 54.55
CA GLY D 887 0.20 16.15 55.69
C GLY D 887 0.07 14.69 56.04
N GLY D 888 -0.74 13.98 55.32
CA GLY D 888 -0.82 12.55 55.43
C GLY D 888 -2.16 12.74 54.84
N GLU D 889 -2.89 11.64 54.63
CA GLU D 889 -4.32 11.65 54.39
C GLU D 889 -4.86 10.39 55.00
N ASP D 890 -5.97 10.56 55.69
CA ASP D 890 -6.64 9.48 56.37
C ASP D 890 -7.28 8.61 55.32
N PRO D 891 -6.83 7.40 55.42
CA PRO D 891 -7.18 6.29 54.54
C PRO D 891 -8.68 6.10 54.44
N ALA D 892 -9.40 6.34 55.54
CA ALA D 892 -10.86 6.32 55.55
C ALA D 892 -11.45 6.99 54.31
N ARG D 893 -10.91 8.17 54.04
CA ARG D 893 -11.32 8.97 52.90
C ARG D 893 -11.11 8.27 51.60
N PHE D 894 -10.47 7.11 51.62
CA PHE D 894 -10.36 6.31 50.41
C PHE D 894 -11.65 5.68 49.81
N ARG D 895 -12.84 5.93 50.37
CA ARG D 895 -14.06 5.48 49.69
C ARG D 895 -15.09 6.59 49.68
N PRO D 896 -15.82 6.82 48.59
CA PRO D 896 -16.76 7.94 48.56
C PRO D 896 -17.78 7.72 49.68
N ASP D 897 -18.52 8.75 50.09
CA ASP D 897 -19.40 8.59 51.24
C ASP D 897 -20.84 8.37 50.84
N LYS D 898 -21.64 8.03 51.85
CA LYS D 898 -23.06 7.68 51.73
C LYS D 898 -23.80 8.75 50.96
N ASN D 899 -23.36 9.97 51.16
CA ASN D 899 -23.99 11.02 50.45
C ASN D 899 -23.51 11.20 49.07
N GLY D 900 -22.52 10.41 48.69
CA GLY D 900 -21.90 10.58 47.40
C GLY D 900 -20.69 11.51 47.32
N ASP D 901 -20.33 12.22 48.38
CA ASP D 901 -19.18 13.08 48.30
C ASP D 901 -17.85 12.35 48.50
N ASN D 902 -16.80 12.84 47.82
CA ASN D 902 -15.45 12.25 47.86
C ASN D 902 -14.46 13.06 48.63
N TRP D 903 -13.96 12.55 49.76
CA TRP D 903 -13.04 13.25 50.63
C TRP D 903 -11.60 12.99 50.21
N ASN D 904 -11.38 12.00 49.37
CA ASN D 904 -10.00 11.75 48.94
C ASN D 904 -9.43 12.84 48.06
N SER D 905 -8.16 13.15 48.24
CA SER D 905 -7.50 14.16 47.43
C SER D 905 -6.81 13.51 46.21
N ALA D 906 -6.96 14.12 45.03
CA ALA D 906 -6.42 13.58 43.79
C ALA D 906 -4.93 13.66 43.55
N ILE D 907 -4.26 14.58 44.24
CA ILE D 907 -2.84 14.78 44.11
C ILE D 907 -2.18 14.52 45.44
N LYS D 908 -1.35 13.51 45.66
CA LYS D 908 -0.72 13.47 46.97
C LYS D 908 0.74 14.00 46.95
N GLN D 909 1.25 14.45 48.06
CA GLN D 909 2.57 15.01 48.06
C GLN D 909 3.58 14.09 48.65
N VAL D 910 4.79 14.31 48.24
CA VAL D 910 5.87 13.65 48.87
C VAL D 910 6.80 14.80 49.28
N ALA D 911 7.18 14.93 50.56
CA ALA D 911 8.00 16.04 51.03
C ALA D 911 9.07 15.66 52.04
N SER D 912 10.01 16.56 52.32
CA SER D 912 11.07 16.12 53.23
C SER D 912 10.78 15.08 54.26
N GLY D 913 9.90 15.32 55.22
CA GLY D 913 9.71 14.36 56.31
C GLY D 913 8.57 13.66 55.70
N ARG D 914 8.70 12.40 55.51
CA ARG D 914 7.80 11.82 54.58
C ARG D 914 6.49 11.37 55.20
N PHE D 915 5.80 12.36 55.78
CA PHE D 915 4.72 12.08 56.76
C PHE D 915 3.63 11.02 56.42
N GLY D 916 2.77 10.88 55.47
CA GLY D 916 2.10 9.61 55.72
C GLY D 916 2.31 8.72 54.53
N VAL D 917 3.56 8.73 54.08
CA VAL D 917 3.90 8.14 52.82
C VAL D 917 3.97 6.66 52.89
N THR D 918 3.02 6.05 52.21
CA THR D 918 2.70 4.66 52.47
C THR D 918 2.34 3.95 51.20
N ALA D 919 2.62 2.66 51.11
CA ALA D 919 2.32 2.05 49.82
C ALA D 919 0.94 2.47 49.37
N GLU D 920 -0.02 2.33 50.25
CA GLU D 920 -1.40 2.67 49.97
C GLU D 920 -1.67 4.13 49.72
N TYR D 921 -0.96 5.03 50.37
CA TYR D 921 -1.21 6.44 50.13
C TYR D 921 -0.78 6.74 48.72
N LEU D 922 0.49 6.47 48.40
CA LEU D 922 1.08 6.70 47.08
C LEU D 922 0.21 6.07 46.04
N ASN D 923 -0.64 5.14 46.41
CA ASN D 923 -1.49 4.55 45.40
C ASN D 923 -2.91 5.08 45.31
N GLN D 924 -3.31 5.99 46.16
CA GLN D 924 -4.66 6.51 46.12
C GLN D 924 -4.69 7.85 45.45
N CYS D 925 -4.21 7.93 44.20
CA CYS D 925 -4.24 9.19 43.43
C CYS D 925 -3.88 9.12 41.98
N ARG D 926 -3.99 10.27 41.36
CA ARG D 926 -3.70 10.40 39.96
C ARG D 926 -2.41 11.16 39.77
N GLU D 927 -1.83 11.72 40.82
CA GLU D 927 -0.70 12.60 40.65
C GLU D 927 0.12 12.71 41.92
N LEU D 928 1.43 12.66 41.86
CA LEU D 928 2.28 12.71 43.01
C LEU D 928 3.12 13.97 42.94
N GLU D 929 3.17 14.79 43.98
CA GLU D 929 3.88 16.06 43.85
C GLU D 929 5.15 15.94 44.63
N ILE D 930 6.29 16.13 43.97
CA ILE D 930 7.49 16.13 44.75
C ILE D 930 7.58 17.55 45.19
N LYS D 931 7.43 17.78 46.48
CA LYS D 931 7.51 19.15 46.97
C LYS D 931 8.91 19.57 47.28
N VAL D 932 9.52 20.23 46.30
CA VAL D 932 10.88 20.60 46.58
C VAL D 932 10.90 21.87 47.34
N ALA D 933 9.87 22.67 47.22
CA ALA D 933 9.91 23.89 47.96
C ALA D 933 8.67 24.81 47.88
N GLN D 934 8.40 25.71 48.87
CA GLN D 934 7.25 26.63 48.78
C GLN D 934 7.57 28.07 48.91
N GLY D 935 6.83 28.93 48.21
CA GLY D 935 7.14 30.36 48.15
C GLY D 935 7.35 31.06 49.46
N ALA D 936 6.73 30.44 50.44
CA ALA D 936 6.72 31.10 51.71
C ALA D 936 8.05 30.79 52.35
N LYS D 937 8.68 29.69 51.96
CA LYS D 937 9.92 29.36 52.64
C LYS D 937 10.84 28.36 51.91
N PRO D 938 11.39 28.88 50.80
CA PRO D 938 12.23 28.14 49.84
C PRO D 938 13.35 27.47 50.55
N GLY D 939 14.03 28.28 51.29
CA GLY D 939 15.15 27.47 51.70
C GLY D 939 14.91 26.24 52.55
N GLU D 940 13.66 25.88 52.86
CA GLU D 940 13.50 25.12 54.09
C GLU D 940 12.47 24.20 54.69
N GLY D 941 11.32 23.91 54.16
CA GLY D 941 10.63 22.87 54.94
C GLY D 941 9.61 23.09 56.06
N GLY D 942 8.55 22.30 56.02
CA GLY D 942 7.47 22.52 56.95
C GLY D 942 7.71 22.59 58.44
N GLN D 943 6.82 23.33 59.11
CA GLN D 943 6.73 23.42 60.57
C GLN D 943 5.30 23.21 61.00
N LEU D 944 5.12 22.45 62.08
CA LEU D 944 3.83 22.30 62.71
C LEU D 944 4.16 22.32 64.17
N PRO D 945 3.60 23.31 64.87
CA PRO D 945 3.86 23.50 66.30
C PRO D 945 3.34 22.31 67.01
N GLY D 946 4.02 21.97 68.08
CA GLY D 946 3.78 20.72 68.78
C GLY D 946 2.33 20.57 69.15
N PHE D 947 1.75 21.74 69.40
CA PHE D 947 0.41 21.73 69.86
C PHE D 947 -0.52 21.73 68.69
N LYS D 948 -0.25 20.97 67.65
CA LYS D 948 -1.30 20.90 66.64
C LYS D 948 -1.16 19.48 66.25
N VAL D 949 -0.14 18.92 66.87
CA VAL D 949 0.18 17.55 66.62
C VAL D 949 -0.67 16.88 67.59
N THR D 950 -1.95 17.02 67.32
CA THR D 950 -3.05 16.36 67.99
C THR D 950 -2.65 14.93 67.90
N GLU D 951 -3.52 14.05 68.37
CA GLU D 951 -3.29 12.61 68.29
C GLU D 951 -3.74 12.08 66.96
N MET D 952 -4.78 12.67 66.42
CA MET D 952 -5.27 12.15 65.15
C MET D 952 -4.12 12.38 64.28
N ILE D 953 -3.68 13.63 64.29
CA ILE D 953 -2.51 14.01 63.53
C ILE D 953 -1.38 13.04 63.84
N ALA D 954 -0.80 13.09 65.02
CA ALA D 954 0.25 12.12 65.30
C ALA D 954 -0.02 10.72 64.77
N ARG D 955 -1.27 10.32 64.67
CA ARG D 955 -1.50 8.95 64.26
C ARG D 955 -1.18 8.80 62.76
N LEU D 956 -1.71 9.74 61.98
CA LEU D 956 -1.52 9.85 60.55
C LEU D 956 -0.07 9.95 60.22
N ARG D 957 0.61 10.83 60.93
CA ARG D 957 1.96 11.02 60.60
C ARG D 957 2.91 9.99 61.21
N HIS D 958 2.38 9.01 61.91
CA HIS D 958 3.30 8.22 62.71
C HIS D 958 4.37 9.04 63.40
N SER D 959 4.02 10.19 63.98
CA SER D 959 4.89 11.10 64.74
C SER D 959 4.56 10.86 66.21
N THR D 960 5.20 11.57 67.13
CA THR D 960 4.79 11.53 68.58
C THR D 960 3.83 12.65 69.04
N PRO D 961 2.77 12.29 69.78
CA PRO D 961 1.69 13.25 70.10
C PRO D 961 2.15 14.51 70.77
N GLY D 962 1.62 15.60 70.25
CA GLY D 962 2.01 16.85 70.83
C GLY D 962 3.45 17.28 70.70
N VAL D 963 4.36 16.41 70.29
CA VAL D 963 5.68 16.91 69.89
C VAL D 963 5.73 17.56 68.49
N MET D 964 6.60 18.54 68.36
CA MET D 964 6.73 19.36 67.15
C MET D 964 7.28 18.73 65.87
N LEU D 965 6.74 19.13 64.74
CA LEU D 965 7.25 18.57 63.52
C LEU D 965 7.89 19.65 62.68
N ILE D 966 9.19 19.86 62.89
CA ILE D 966 9.93 20.64 61.90
C ILE D 966 10.50 19.64 60.91
N SER D 967 10.36 19.93 59.63
CA SER D 967 10.81 18.96 58.63
C SER D 967 12.27 19.17 58.30
N PRO D 968 12.93 18.25 57.59
CA PRO D 968 14.33 18.50 57.28
C PRO D 968 14.17 19.30 56.02
N PRO D 969 14.95 20.37 55.87
CA PRO D 969 14.80 21.25 54.71
C PRO D 969 14.97 20.58 53.35
N PRO D 970 15.91 19.64 53.22
CA PRO D 970 16.09 18.91 51.99
C PRO D 970 15.47 17.56 52.05
N HIS D 971 14.94 17.05 50.95
CA HIS D 971 14.51 15.65 50.88
C HIS D 971 15.76 14.82 51.05
N HIS D 972 15.81 13.84 51.91
CA HIS D 972 17.13 13.25 52.05
C HIS D 972 17.54 12.30 50.98
N ASP D 973 16.71 12.19 49.96
CA ASP D 973 17.02 11.33 48.87
C ASP D 973 16.90 12.20 47.66
N ILE D 974 17.43 13.40 47.72
CA ILE D 974 17.44 14.25 46.55
C ILE D 974 18.61 15.20 46.77
N TYR D 975 19.81 14.71 46.59
CA TYR D 975 20.95 15.55 46.84
C TYR D 975 21.60 16.05 45.56
N SER D 976 21.00 15.78 44.40
CA SER D 976 21.48 16.23 43.11
C SER D 976 20.53 15.78 42.01
N ILE D 977 20.62 16.33 40.82
CA ILE D 977 19.57 15.98 39.87
C ILE D 977 19.42 14.50 39.51
N GLU D 978 20.50 13.76 39.53
CA GLU D 978 20.35 12.35 39.21
C GLU D 978 19.40 11.90 40.29
N ASP D 979 19.68 12.28 41.53
CA ASP D 979 18.82 11.89 42.63
C ASP D 979 17.37 12.25 42.42
N LEU D 980 17.04 13.49 42.06
CA LEU D 980 15.66 13.76 41.75
C LEU D 980 15.18 12.68 40.84
N ALA D 981 15.98 12.40 39.84
CA ALA D 981 15.59 11.47 38.81
C ALA D 981 15.25 10.08 39.30
N GLN D 982 16.00 9.61 40.28
CA GLN D 982 15.74 8.31 40.80
C GLN D 982 14.42 8.25 41.58
N LEU D 983 14.10 9.35 42.24
CA LEU D 983 12.88 9.42 43.00
C LEU D 983 11.75 9.33 42.02
N ILE D 984 11.76 10.18 41.03
CA ILE D 984 10.68 10.11 40.09
C ILE D 984 10.48 8.73 39.52
N TYR D 985 11.57 7.96 39.37
CA TYR D 985 11.45 6.59 38.89
C TYR D 985 10.62 5.83 39.96
N ASP D 986 11.14 5.72 41.18
CA ASP D 986 10.45 5.09 42.29
C ASP D 986 9.01 5.50 42.28
N LEU D 987 8.76 6.78 42.25
CA LEU D 987 7.36 7.12 42.26
C LEU D 987 6.64 6.48 41.10
N LYS D 988 7.18 6.51 39.90
CA LYS D 988 6.38 5.96 38.80
C LYS D 988 6.30 4.45 38.81
N GLN D 989 7.07 3.83 39.69
CA GLN D 989 7.12 2.43 39.81
C GLN D 989 6.08 1.99 40.79
N ILE D 990 5.96 2.70 41.90
CA ILE D 990 4.95 2.28 42.88
C ILE D 990 3.58 2.68 42.40
N ASN D 991 3.51 3.68 41.52
CA ASN D 991 2.22 3.97 40.99
C ASN D 991 2.15 4.20 39.55
N PRO D 992 1.84 3.15 38.81
CA PRO D 992 1.80 3.19 37.35
C PRO D 992 0.81 4.16 36.78
N ASP D 993 -0.04 4.67 37.61
CA ASP D 993 -0.99 5.51 36.97
C ASP D 993 -0.67 6.97 37.10
N ALA D 994 0.16 7.33 38.06
CA ALA D 994 0.27 8.75 38.30
C ALA D 994 1.21 9.57 37.45
N LYS D 995 0.88 10.85 37.28
CA LYS D 995 1.80 11.78 36.72
C LYS D 995 2.66 12.29 37.85
N VAL D 996 3.90 12.71 37.61
CA VAL D 996 4.70 13.20 38.70
C VAL D 996 4.97 14.69 38.54
N THR D 997 5.02 15.41 39.66
CA THR D 997 5.11 16.86 39.55
C THR D 997 6.20 17.36 40.41
N VAL D 998 6.85 18.45 40.01
CA VAL D 998 7.88 18.97 40.90
C VAL D 998 7.52 20.38 41.28
N LYS D 999 7.31 20.63 42.56
CA LYS D 999 6.88 21.98 42.98
C LYS D 999 8.17 22.71 43.19
N LEU D 1000 8.34 23.79 42.45
CA LEU D 1000 9.58 24.54 42.63
C LEU D 1000 9.19 25.95 42.84
N VAL D 1001 10.09 26.71 43.44
CA VAL D 1001 9.75 28.07 43.73
C VAL D 1001 10.58 28.92 42.86
N SER D 1002 9.90 29.78 42.14
CA SER D 1002 10.53 30.67 41.20
C SER D 1002 11.61 31.46 41.84
N ARG D 1003 12.62 31.71 41.02
CA ARG D 1003 13.88 32.36 41.38
C ARG D 1003 14.76 32.27 40.12
N SER D 1004 15.76 33.12 39.97
CA SER D 1004 16.40 33.06 38.67
C SER D 1004 17.30 31.83 38.53
N GLY D 1005 17.21 31.14 37.41
CA GLY D 1005 17.91 29.88 37.26
C GLY D 1005 16.92 28.72 37.24
N ILE D 1006 15.67 28.99 37.63
CA ILE D 1006 14.72 27.91 37.71
C ILE D 1006 14.62 27.36 36.32
N GLY D 1007 14.65 28.22 35.31
CA GLY D 1007 14.58 27.74 33.93
C GLY D 1007 15.51 26.58 33.58
N THR D 1008 16.76 26.80 33.88
CA THR D 1008 17.75 25.75 33.72
C THR D 1008 17.21 24.48 34.34
N ILE D 1009 17.14 24.47 35.65
CA ILE D 1009 16.61 23.36 36.35
C ILE D 1009 15.32 22.80 35.74
N ALA D 1010 14.43 23.69 35.38
CA ALA D 1010 13.22 23.13 34.91
C ALA D 1010 13.58 22.12 33.85
N ALA D 1011 14.60 22.45 33.08
CA ALA D 1011 14.98 21.58 31.97
C ALA D 1011 15.33 20.21 32.55
N GLY D 1012 16.39 20.20 33.36
CA GLY D 1012 16.81 18.99 34.04
C GLY D 1012 15.62 18.21 34.59
N VAL D 1013 14.71 18.92 35.26
CA VAL D 1013 13.51 18.29 35.75
C VAL D 1013 12.87 17.57 34.59
N ALA D 1014 12.62 18.25 33.49
CA ALA D 1014 11.98 17.58 32.36
C ALA D 1014 12.76 16.37 31.83
N LYS D 1015 14.08 16.44 31.89
CA LYS D 1015 14.86 15.32 31.44
C LYS D 1015 14.73 14.25 32.48
N ALA D 1016 14.33 14.57 33.70
CA ALA D 1016 14.22 13.47 34.63
C ALA D 1016 12.85 12.86 34.61
N ASN D 1017 12.15 13.08 33.54
CA ASN D 1017 10.89 12.43 33.40
C ASN D 1017 9.74 12.88 34.28
N ALA D 1018 9.71 14.17 34.53
CA ALA D 1018 8.67 14.70 35.40
C ALA D 1018 7.53 15.09 34.50
N ASP D 1019 6.30 14.83 34.83
CA ASP D 1019 5.29 15.31 33.92
C ASP D 1019 4.73 16.72 34.10
N ILE D 1020 4.84 17.36 35.27
CA ILE D 1020 4.25 18.69 35.34
C ILE D 1020 5.24 19.50 36.08
N ILE D 1021 5.38 20.77 35.81
CA ILE D 1021 6.28 21.49 36.70
C ILE D 1021 5.53 22.65 37.29
N LEU D 1022 5.67 22.85 38.60
CA LEU D 1022 4.92 23.88 39.24
C LEU D 1022 5.82 24.90 39.76
N ILE D 1023 5.53 26.11 39.34
CA ILE D 1023 6.34 27.24 39.80
C ILE D 1023 5.52 28.09 40.72
N SER D 1024 6.06 28.18 41.93
CA SER D 1024 5.45 28.90 42.99
C SER D 1024 6.04 30.26 43.25
N GLY D 1025 5.13 31.22 43.37
CA GLY D 1025 5.45 32.61 43.68
C GLY D 1025 5.95 32.92 45.09
N ASN D 1026 6.63 34.05 45.18
CA ASN D 1026 7.25 34.39 46.45
C ASN D 1026 6.21 34.59 47.53
N SER D 1027 5.09 35.15 47.10
CA SER D 1027 4.00 35.60 47.95
C SER D 1027 3.00 34.57 48.45
N GLY D 1028 3.27 33.28 48.29
CA GLY D 1028 2.28 32.27 48.63
C GLY D 1028 2.15 32.17 50.11
N GLY D 1029 1.16 31.39 50.55
CA GLY D 1029 0.81 31.21 51.96
C GLY D 1029 1.58 30.13 52.66
N THR D 1030 1.45 30.01 53.99
CA THR D 1030 2.08 28.94 54.76
C THR D 1030 1.32 29.05 56.07
N GLY D 1031 1.13 27.95 56.77
CA GLY D 1031 0.46 28.02 58.03
C GLY D 1031 1.47 28.45 59.06
N ALA D 1032 2.75 28.33 58.78
CA ALA D 1032 3.76 28.74 59.76
C ALA D 1032 5.07 28.94 59.05
N SER D 1033 5.82 29.94 59.44
CA SER D 1033 7.09 30.11 58.77
C SER D 1033 7.69 31.34 59.35
N PRO D 1034 9.01 31.44 59.44
CA PRO D 1034 9.68 32.63 60.00
C PRO D 1034 9.29 33.79 59.12
N GLN D 1035 9.44 35.03 59.55
CA GLN D 1035 8.84 36.06 58.74
C GLN D 1035 9.66 36.59 57.67
N THR D 1036 10.94 36.34 57.88
CA THR D 1036 11.99 36.73 56.94
C THR D 1036 11.81 36.06 55.58
N SER D 1037 11.54 34.76 55.64
CA SER D 1037 11.29 34.01 54.42
C SER D 1037 9.98 34.48 53.77
N ILE D 1038 9.15 35.03 54.63
CA ILE D 1038 7.96 35.51 54.03
C ILE D 1038 8.19 36.77 53.25
N LYS D 1039 9.25 37.46 53.61
CA LYS D 1039 9.36 38.78 53.06
C LYS D 1039 10.62 38.86 52.31
N PHE D 1040 11.37 37.77 52.29
CA PHE D 1040 12.66 37.85 51.65
C PHE D 1040 13.11 36.70 50.78
N ALA D 1041 12.57 35.50 50.94
CA ALA D 1041 12.97 34.45 50.02
C ALA D 1041 12.06 34.67 48.82
N GLY D 1042 12.17 33.83 47.80
CA GLY D 1042 11.35 33.90 46.60
C GLY D 1042 11.30 35.06 45.63
N LEU D 1043 10.63 34.87 44.50
CA LEU D 1043 10.54 35.88 43.46
C LEU D 1043 9.20 35.82 42.80
N PRO D 1044 8.68 36.91 42.32
CA PRO D 1044 7.37 36.82 41.68
C PRO D 1044 7.26 35.68 40.72
N TRP D 1045 6.12 35.08 40.51
CA TRP D 1045 6.01 34.07 39.50
C TRP D 1045 6.18 34.69 38.14
N GLU D 1046 5.71 35.91 37.93
CA GLU D 1046 5.80 36.35 36.55
C GLU D 1046 7.22 36.14 35.98
N MET D 1047 8.24 36.41 36.75
CA MET D 1047 9.58 36.11 36.26
C MET D 1047 9.73 34.56 36.16
N GLY D 1048 9.97 33.92 37.29
CA GLY D 1048 10.14 32.47 37.23
C GLY D 1048 9.31 31.68 36.23
N LEU D 1049 8.01 31.91 36.18
CA LEU D 1049 7.18 31.17 35.25
C LEU D 1049 7.74 31.29 33.85
N SER D 1050 7.93 32.51 33.32
CA SER D 1050 8.47 32.56 31.95
C SER D 1050 9.87 31.98 31.79
N GLU D 1051 10.77 32.25 32.72
CA GLU D 1051 12.04 31.56 32.63
C GLU D 1051 11.63 30.09 32.26
N VAL D 1052 11.04 29.28 33.12
CA VAL D 1052 10.66 27.97 32.66
C VAL D 1052 10.03 27.99 31.26
N HIS D 1053 8.92 28.65 31.07
CA HIS D 1053 8.42 28.55 29.73
C HIS D 1053 9.45 28.74 28.65
N GLN D 1054 10.36 29.67 28.88
CA GLN D 1054 11.28 30.01 27.82
C GLN D 1054 12.28 28.89 27.66
N VAL D 1055 13.23 28.82 28.58
CA VAL D 1055 14.23 27.79 28.52
C VAL D 1055 13.70 26.43 28.10
N LEU D 1056 12.80 25.87 28.85
CA LEU D 1056 12.25 24.65 28.35
C LEU D 1056 11.95 24.79 26.88
N THR D 1057 11.50 25.93 26.42
CA THR D 1057 11.18 25.96 25.00
C THR D 1057 12.47 25.93 24.20
N LEU D 1058 13.41 26.71 24.65
CA LEU D 1058 14.68 26.75 24.02
C LEU D 1058 15.38 25.41 23.97
N ASN D 1059 14.94 24.37 24.66
CA ASN D 1059 15.72 23.12 24.61
C ASN D 1059 14.82 22.13 24.05
N ARG D 1060 13.76 22.62 23.46
CA ARG D 1060 12.84 21.68 22.91
C ARG D 1060 12.42 20.62 23.93
N LEU D 1061 12.17 20.97 25.18
CA LEU D 1061 11.67 20.03 26.18
C LEU D 1061 10.26 20.48 26.63
N ARG D 1062 9.90 21.67 26.22
CA ARG D 1062 8.68 22.27 26.64
C ARG D 1062 7.43 21.63 26.22
N HIS D 1063 7.38 20.42 25.75
CA HIS D 1063 6.05 19.92 25.31
C HIS D 1063 5.97 18.61 26.04
N ARG D 1064 6.97 18.44 26.89
CA ARG D 1064 7.17 17.16 27.45
C ARG D 1064 6.56 17.21 28.78
N VAL D 1065 6.39 18.42 29.26
CA VAL D 1065 5.93 18.62 30.60
C VAL D 1065 4.85 19.69 30.56
N ARG D 1066 3.89 19.66 31.51
CA ARG D 1066 2.82 20.67 31.69
C ARG D 1066 3.28 21.62 32.75
N LEU D 1067 2.97 22.91 32.60
CA LEU D 1067 3.34 23.93 33.61
C LEU D 1067 2.14 24.44 34.37
N ARG D 1068 2.36 24.62 35.67
CA ARG D 1068 1.33 25.07 36.60
C ARG D 1068 1.97 26.13 37.44
N THR D 1069 1.11 27.02 37.90
CA THR D 1069 1.59 28.09 38.75
C THR D 1069 0.66 28.51 39.91
N ASP D 1070 1.24 29.11 40.93
CA ASP D 1070 0.43 29.56 42.03
C ASP D 1070 1.20 30.64 42.77
N GLY D 1071 0.48 31.48 43.53
CA GLY D 1071 1.02 32.65 44.19
C GLY D 1071 0.10 33.88 44.29
N GLY D 1072 -1.01 33.81 44.98
CA GLY D 1072 -1.71 35.06 45.01
C GLY D 1072 -2.65 35.26 43.86
N LEU D 1073 -2.90 34.26 43.03
CA LEU D 1073 -3.86 34.46 41.99
C LEU D 1073 -5.22 34.59 42.69
N LYS D 1074 -5.93 35.69 42.45
CA LYS D 1074 -7.20 35.92 43.12
C LYS D 1074 -8.26 36.13 42.11
N THR D 1075 -7.88 36.18 40.85
CA THR D 1075 -8.80 36.77 39.90
C THR D 1075 -8.80 36.34 38.48
N GLY D 1076 -9.88 36.56 37.80
CA GLY D 1076 -9.86 36.18 36.40
C GLY D 1076 -8.60 36.64 35.68
N ARG D 1077 -8.37 37.94 35.57
CA ARG D 1077 -7.22 38.34 34.81
C ARG D 1077 -5.94 37.64 35.35
N ASP D 1078 -5.67 37.74 36.65
CA ASP D 1078 -4.52 37.02 37.17
C ASP D 1078 -4.31 35.68 36.45
N ILE D 1079 -5.40 35.04 36.06
CA ILE D 1079 -5.25 33.72 35.52
C ILE D 1079 -4.92 33.80 34.08
N VAL D 1080 -5.64 34.62 33.33
CA VAL D 1080 -5.28 34.80 31.93
C VAL D 1080 -3.81 35.20 31.76
N ILE D 1081 -3.39 36.25 32.45
CA ILE D 1081 -2.01 36.60 32.30
C ILE D 1081 -1.17 35.39 32.60
N ALA D 1082 -1.48 34.63 33.62
CA ALA D 1082 -0.56 33.49 33.83
C ALA D 1082 -0.50 32.60 32.59
N ALA D 1083 -1.63 32.45 31.94
CA ALA D 1083 -1.64 31.52 30.86
C ALA D 1083 -0.69 32.00 29.75
N MET D 1084 -0.87 33.26 29.39
CA MET D 1084 -0.09 33.87 28.35
C MET D 1084 1.40 33.79 28.77
N LEU D 1085 1.71 33.90 30.05
CA LEU D 1085 3.15 33.81 30.25
C LEU D 1085 3.54 32.36 30.03
N GLY D 1086 2.56 31.47 29.85
CA GLY D 1086 2.93 30.09 29.57
C GLY D 1086 2.35 29.02 30.47
N ALA D 1087 1.53 29.40 31.43
CA ALA D 1087 1.06 28.35 32.30
C ALA D 1087 -0.17 27.63 31.76
N GLU D 1088 -0.42 26.41 32.22
CA GLU D 1088 -1.57 25.65 31.75
C GLU D 1088 -2.54 25.22 32.86
N GLU D 1089 -2.09 25.36 34.10
CA GLU D 1089 -2.85 25.01 35.25
C GLU D 1089 -2.51 26.06 36.30
N PHE D 1090 -3.51 26.47 37.07
CA PHE D 1090 -3.35 27.47 38.10
C PHE D 1090 -3.79 27.00 39.50
N GLY D 1091 -2.99 27.34 40.49
CA GLY D 1091 -3.26 26.89 41.84
C GLY D 1091 -3.89 27.92 42.74
N ILE D 1092 -5.01 27.53 43.33
CA ILE D 1092 -5.66 28.52 44.15
C ILE D 1092 -5.89 28.17 45.59
N GLY D 1093 -5.05 28.62 46.52
CA GLY D 1093 -5.28 28.25 47.92
C GLY D 1093 -5.92 29.29 48.84
N THR D 1094 -5.08 30.15 49.43
CA THR D 1094 -5.63 31.23 50.18
C THR D 1094 -7.01 31.68 49.74
N ALA D 1095 -7.19 32.17 48.54
CA ALA D 1095 -8.53 32.59 48.20
C ALA D 1095 -9.51 31.47 48.43
N SER D 1096 -9.16 30.24 48.12
CA SER D 1096 -10.18 29.27 48.43
C SER D 1096 -10.34 29.14 49.94
N LEU D 1097 -9.26 29.25 50.69
CA LEU D 1097 -9.36 29.32 52.16
C LEU D 1097 -10.30 30.45 52.62
N ILE D 1098 -10.16 31.61 52.01
CA ILE D 1098 -10.93 32.73 52.47
C ILE D 1098 -12.40 32.48 52.24
N ALA D 1099 -12.72 31.78 51.18
CA ALA D 1099 -14.08 31.58 50.87
C ALA D 1099 -14.55 30.58 51.90
N MET D 1100 -13.69 29.68 52.33
CA MET D 1100 -14.26 28.79 53.32
C MET D 1100 -14.39 29.56 54.63
N GLY D 1101 -14.04 30.85 54.62
CA GLY D 1101 -14.08 31.69 55.81
C GLY D 1101 -12.85 32.35 56.42
N CYS D 1102 -11.64 32.21 55.88
CA CYS D 1102 -10.45 32.84 56.56
C CYS D 1102 -10.71 34.32 56.58
N ILE D 1103 -10.26 35.00 57.63
CA ILE D 1103 -10.48 36.45 57.67
C ILE D 1103 -9.17 37.18 57.69
N MET D 1104 -8.07 36.42 57.49
CA MET D 1104 -6.75 36.98 57.22
C MET D 1104 -6.18 37.65 58.41
N VAL D 1105 -6.27 36.93 59.50
CA VAL D 1105 -5.79 37.48 60.73
C VAL D 1105 -4.47 36.95 61.22
N ARG D 1106 -3.91 36.11 60.38
CA ARG D 1106 -2.59 35.56 60.61
C ARG D 1106 -2.29 34.93 61.94
N GLN D 1107 -3.13 34.01 62.41
CA GLN D 1107 -2.73 33.31 63.63
C GLN D 1107 -2.74 31.83 63.45
N CYS D 1108 -2.32 31.46 62.25
CA CYS D 1108 -2.28 30.08 61.87
C CYS D 1108 -1.26 29.35 62.73
N HIS D 1109 -0.16 29.96 63.09
CA HIS D 1109 0.78 29.13 63.84
C HIS D 1109 0.36 28.94 65.23
N SER D 1110 -0.56 29.80 65.66
CA SER D 1110 -1.03 29.87 67.03
C SER D 1110 -2.11 28.90 67.54
N ASN D 1111 -2.87 28.34 66.63
CA ASN D 1111 -3.90 27.38 66.97
C ASN D 1111 -5.03 28.07 67.67
N THR D 1112 -5.30 29.29 67.25
CA THR D 1112 -6.39 30.08 67.79
C THR D 1112 -7.20 30.62 66.60
N CYS D 1113 -7.71 29.78 65.74
CA CYS D 1113 -8.35 30.39 64.62
C CYS D 1113 -9.80 30.70 64.82
N PRO D 1114 -10.01 31.96 64.86
CA PRO D 1114 -11.34 32.48 64.86
C PRO D 1114 -12.29 31.68 64.07
N VAL D 1115 -11.89 30.86 63.13
CA VAL D 1115 -12.89 30.37 62.25
C VAL D 1115 -12.84 28.95 61.84
N GLY D 1116 -12.12 28.16 62.60
CA GLY D 1116 -12.14 26.74 62.28
C GLY D 1116 -11.32 26.37 61.09
N VAL D 1117 -10.59 27.32 60.52
CA VAL D 1117 -9.79 26.95 59.38
C VAL D 1117 -8.40 26.36 59.61
N CYS D 1118 -7.47 27.12 60.14
CA CYS D 1118 -6.23 26.48 60.39
C CYS D 1118 -6.14 26.17 61.88
N VAL D 1119 -6.88 25.23 62.43
CA VAL D 1119 -6.65 25.00 63.86
C VAL D 1119 -6.99 23.57 64.31
N GLN D 1120 -6.18 22.96 65.14
CA GLN D 1120 -6.53 21.63 65.61
C GLN D 1120 -7.50 21.67 66.80
N ASP D 1121 -7.48 22.72 67.61
CA ASP D 1121 -8.45 22.78 68.72
C ASP D 1121 -9.93 22.65 68.36
N ASP D 1122 -10.54 21.79 69.16
CA ASP D 1122 -11.91 21.37 69.02
C ASP D 1122 -12.94 22.45 69.09
N LYS D 1123 -12.82 23.20 70.17
CA LYS D 1123 -13.84 24.15 70.39
C LYS D 1123 -13.80 25.11 69.25
N LEU D 1124 -12.59 25.43 68.87
CA LEU D 1124 -12.39 26.41 67.81
C LEU D 1124 -12.83 25.89 66.51
N ARG D 1125 -12.50 24.63 66.26
CA ARG D 1125 -12.96 24.02 65.02
C ARG D 1125 -14.45 24.03 64.86
N GLN D 1126 -15.18 24.25 65.93
CA GLN D 1126 -16.61 24.17 65.79
C GLN D 1126 -17.10 25.45 65.25
N LYS D 1127 -16.21 26.42 65.18
CA LYS D 1127 -16.64 27.66 64.59
C LYS D 1127 -16.59 27.65 63.04
N PHE D 1128 -16.23 26.51 62.44
CA PHE D 1128 -16.04 26.45 60.99
C PHE D 1128 -17.28 26.50 60.10
N VAL D 1129 -17.34 27.40 59.14
CA VAL D 1129 -18.53 27.40 58.29
C VAL D 1129 -18.19 27.22 56.78
N GLY D 1130 -17.15 26.43 56.56
CA GLY D 1130 -16.78 26.17 55.20
C GLY D 1130 -17.81 25.33 54.48
N THR D 1131 -17.91 25.51 53.17
CA THR D 1131 -18.80 24.70 52.36
C THR D 1131 -18.27 24.35 50.98
N PRO D 1132 -18.37 23.07 50.66
CA PRO D 1132 -18.07 22.61 49.31
C PRO D 1132 -18.68 23.61 48.33
N GLU D 1133 -19.91 23.89 48.63
CA GLU D 1133 -20.61 24.80 47.77
C GLU D 1133 -19.85 26.11 47.69
N LYS D 1134 -19.28 26.61 48.78
CA LYS D 1134 -18.75 27.97 48.67
C LYS D 1134 -17.59 27.95 47.73
N VAL D 1135 -16.70 27.02 48.01
CA VAL D 1135 -15.54 26.83 47.17
C VAL D 1135 -16.01 26.60 45.76
N VAL D 1136 -16.79 25.56 45.56
CA VAL D 1136 -17.20 25.44 44.20
C VAL D 1136 -17.56 26.75 43.58
N ASN D 1137 -18.29 27.57 44.29
CA ASN D 1137 -18.60 28.86 43.68
C ASN D 1137 -17.38 29.66 43.25
N LEU D 1138 -16.39 29.72 44.14
CA LEU D 1138 -15.19 30.52 43.91
C LEU D 1138 -14.67 30.15 42.54
N PHE D 1139 -14.46 28.85 42.34
CA PHE D 1139 -13.90 28.45 41.06
C PHE D 1139 -14.86 28.82 39.98
N THR D 1140 -16.11 28.46 40.18
CA THR D 1140 -17.03 28.82 39.13
C THR D 1140 -16.94 30.27 38.67
N PHE D 1141 -16.66 31.18 39.57
CA PHE D 1141 -16.65 32.55 39.13
C PHE D 1141 -15.43 32.76 38.31
N LEU D 1142 -14.27 32.78 38.95
CA LEU D 1142 -12.96 32.84 38.29
C LEU D 1142 -13.07 32.35 36.84
N ALA D 1143 -13.56 31.14 36.67
CA ALA D 1143 -13.69 30.63 35.33
C ALA D 1143 -14.49 31.59 34.45
N GLU D 1144 -15.76 31.73 34.78
CA GLU D 1144 -16.55 32.64 33.98
C GLU D 1144 -15.80 33.94 33.83
N GLU D 1145 -15.13 34.40 34.85
CA GLU D 1145 -14.52 35.68 34.65
C GLU D 1145 -13.47 35.53 33.55
N VAL D 1146 -12.92 34.31 33.42
CA VAL D 1146 -11.83 34.08 32.48
C VAL D 1146 -12.52 34.09 31.14
N ARG D 1147 -13.52 33.27 31.00
CA ARG D 1147 -14.08 33.27 29.66
C ARG D 1147 -14.49 34.67 29.28
N GLU D 1148 -14.71 35.53 30.24
CA GLU D 1148 -15.25 36.81 29.87
C GLU D 1148 -14.18 37.54 29.15
N ILE D 1149 -13.02 37.50 29.80
CA ILE D 1149 -11.82 38.14 29.25
C ILE D 1149 -11.45 37.61 27.87
N LEU D 1150 -11.52 36.30 27.67
CA LEU D 1150 -11.02 35.73 26.44
C LEU D 1150 -11.80 36.31 25.31
N ALA D 1151 -13.11 36.29 25.52
CA ALA D 1151 -13.99 36.71 24.45
C ALA D 1151 -13.69 38.17 24.19
N GLY D 1152 -13.10 38.78 25.19
CA GLY D 1152 -12.70 40.15 24.97
C GLY D 1152 -11.59 40.18 23.97
N LEU D 1153 -10.65 39.23 24.03
CA LEU D 1153 -9.44 39.29 23.22
C LEU D 1153 -9.72 38.70 21.87
N GLY D 1154 -10.91 38.13 21.73
CA GLY D 1154 -11.24 37.55 20.45
C GLY D 1154 -10.83 36.09 20.47
N PHE D 1155 -10.41 35.56 21.60
CA PHE D 1155 -10.13 34.13 21.57
C PHE D 1155 -11.25 33.32 22.22
N ARG D 1156 -11.49 32.14 21.67
CA ARG D 1156 -12.59 31.33 22.09
C ARG D 1156 -12.13 30.24 23.02
N SER D 1157 -10.88 30.30 23.52
CA SER D 1157 -10.43 29.25 24.44
C SER D 1157 -9.09 29.46 25.16
N LEU D 1158 -8.88 28.86 26.31
CA LEU D 1158 -7.65 29.20 27.01
C LEU D 1158 -6.38 28.78 26.24
N ASN D 1159 -6.48 27.63 25.59
CA ASN D 1159 -5.35 27.04 24.89
C ASN D 1159 -4.84 28.00 23.88
N GLU D 1160 -5.74 28.52 23.05
CA GLU D 1160 -5.34 29.46 22.02
C GLU D 1160 -4.53 30.58 22.54
N VAL D 1161 -4.16 30.58 23.80
CA VAL D 1161 -3.55 31.79 24.24
C VAL D 1161 -2.44 31.50 25.16
N ILE D 1162 -2.21 30.25 25.47
CA ILE D 1162 -1.12 29.96 26.38
C ILE D 1162 0.19 30.32 25.72
N GLY D 1163 1.06 30.96 26.49
CA GLY D 1163 2.32 31.39 25.96
C GLY D 1163 2.21 32.59 25.03
N ARG D 1164 1.03 32.87 24.48
CA ARG D 1164 0.93 34.02 23.58
C ARG D 1164 1.32 35.37 24.17
N THR D 1165 2.58 35.63 24.54
CA THR D 1165 2.77 36.94 25.16
C THR D 1165 2.58 38.11 24.24
N ASP D 1166 2.59 37.90 22.94
CA ASP D 1166 2.30 39.01 22.07
C ASP D 1166 1.03 39.74 22.54
N LEU D 1167 0.06 39.04 23.10
CA LEU D 1167 -1.09 39.77 23.68
C LEU D 1167 -0.88 40.62 24.97
N LEU D 1168 0.33 40.82 25.51
CA LEU D 1168 0.47 41.67 26.70
C LEU D 1168 1.51 42.76 26.65
N HIS D 1169 1.08 44.01 26.74
CA HIS D 1169 2.05 45.09 26.68
C HIS D 1169 2.32 45.70 28.03
N GLN D 1170 3.50 46.23 28.27
CA GLN D 1170 3.74 46.71 29.62
C GLN D 1170 3.59 48.16 29.68
N VAL D 1171 2.51 48.60 30.31
CA VAL D 1171 2.42 50.03 30.54
C VAL D 1171 2.96 50.59 31.84
N SER D 1172 3.13 49.84 32.97
CA SER D 1172 3.70 50.31 34.24
C SER D 1172 3.66 51.81 34.54
N ARG D 1173 2.50 52.38 34.90
CA ARG D 1173 2.60 53.80 35.12
C ARG D 1173 2.06 54.02 36.48
N GLY D 1174 2.43 55.16 37.09
CA GLY D 1174 2.00 55.51 38.42
C GLY D 1174 2.53 56.88 38.65
N ALA D 1175 2.56 57.34 39.92
CA ALA D 1175 3.09 58.65 40.12
C ALA D 1175 4.37 58.55 40.88
N GLU D 1176 5.49 58.88 40.19
CA GLU D 1176 6.84 58.96 40.68
C GLU D 1176 7.61 59.63 39.58
N HIS D 1177 8.95 59.61 39.78
CA HIS D 1177 9.99 60.06 38.90
C HIS D 1177 10.19 58.95 37.91
N LEU D 1178 10.68 59.23 36.69
CA LEU D 1178 10.87 58.14 35.75
C LEU D 1178 11.96 57.27 36.28
N ASP D 1179 11.57 56.11 36.86
CA ASP D 1179 12.45 55.10 37.35
C ASP D 1179 11.80 53.84 36.92
N ASP D 1180 12.15 53.36 35.71
CA ASP D 1180 11.26 52.30 35.17
C ASP D 1180 11.81 50.89 35.11
N LEU D 1181 10.92 49.93 34.95
CA LEU D 1181 11.34 48.54 34.92
C LEU D 1181 11.28 48.08 33.47
N ASP D 1182 11.98 46.99 33.21
CA ASP D 1182 12.09 46.40 31.87
C ASP D 1182 11.36 45.09 31.95
N LEU D 1183 10.14 45.04 31.48
CA LEU D 1183 9.43 43.77 31.65
C LEU D 1183 9.55 42.90 30.45
N ASN D 1184 10.56 43.21 29.66
CA ASN D 1184 10.73 42.58 28.38
C ASN D 1184 11.14 41.12 28.50
N PRO D 1185 12.29 40.93 29.10
CA PRO D 1185 12.81 39.60 29.38
C PRO D 1185 11.66 38.72 29.83
N ARG D 1186 10.56 39.27 30.38
CA ARG D 1186 9.44 38.42 30.77
C ARG D 1186 8.60 38.19 29.55
N LEU D 1187 8.51 39.21 28.72
CA LEU D 1187 7.61 39.08 27.60
C LEU D 1187 8.12 38.47 26.31
N ALA D 1188 9.43 38.26 26.22
CA ALA D 1188 9.98 37.83 24.94
C ALA D 1188 9.59 36.43 24.53
N GLN D 1189 9.50 36.23 23.22
CA GLN D 1189 9.24 34.89 22.65
C GLN D 1189 10.54 34.32 22.21
N VAL D 1190 10.66 33.01 22.25
CA VAL D 1190 11.92 32.34 21.91
C VAL D 1190 12.02 32.13 20.39
N ASP D 1191 11.04 31.47 19.82
CA ASP D 1191 11.02 31.32 18.39
C ASP D 1191 9.72 32.01 17.98
N PRO D 1192 9.69 33.34 17.91
CA PRO D 1192 8.48 34.10 17.52
C PRO D 1192 7.96 33.70 16.18
N GLY D 1193 6.71 34.01 15.89
CA GLY D 1193 6.17 33.76 14.55
C GLY D 1193 5.74 32.33 14.29
N GLU D 1194 5.03 32.03 13.16
CA GLU D 1194 4.19 30.83 13.12
C GLU D 1194 4.69 29.55 13.69
N ASN D 1195 3.87 29.11 14.67
CA ASN D 1195 3.99 27.93 15.46
C ASN D 1195 3.59 26.77 14.61
N ALA D 1196 4.10 25.58 14.99
CA ALA D 1196 3.73 24.32 14.38
C ALA D 1196 2.53 23.89 15.16
N ARG D 1197 1.72 22.97 14.63
CA ARG D 1197 0.61 22.58 15.44
C ARG D 1197 0.93 21.23 16.00
N TYR D 1198 0.66 21.07 17.30
CA TYR D 1198 0.87 19.84 18.01
C TYR D 1198 -0.49 19.31 18.26
N CYS D 1199 -0.61 17.98 18.24
CA CYS D 1199 -1.82 17.30 18.60
C CYS D 1199 -1.69 17.10 20.09
N THR D 1200 -2.79 16.67 20.76
CA THR D 1200 -2.73 16.51 22.19
C THR D 1200 -1.76 15.42 22.53
N LEU D 1201 -0.66 15.77 23.26
CA LEU D 1201 0.29 14.78 23.65
C LEU D 1201 -0.37 14.04 24.78
N GLN D 1202 -0.24 12.70 24.88
CA GLN D 1202 -1.03 12.13 25.93
C GLN D 1202 -0.21 11.30 26.86
N GLY D 1203 -0.85 11.08 28.02
CA GLY D 1203 -0.51 10.19 29.13
C GLY D 1203 0.65 10.74 29.96
N ARG D 1204 1.59 9.90 30.38
CA ARG D 1204 2.68 10.40 31.18
C ARG D 1204 4.07 10.02 30.65
N ASN D 1205 5.07 10.84 30.87
CA ASN D 1205 6.35 10.44 30.35
C ASN D 1205 6.62 9.06 30.99
N GLU D 1206 6.52 8.02 30.17
CA GLU D 1206 6.73 6.68 30.64
C GLU D 1206 8.17 6.31 30.97
N VAL D 1207 8.39 5.18 31.63
CA VAL D 1207 9.73 4.79 32.09
C VAL D 1207 10.03 3.29 31.97
N PRO D 1208 11.29 2.95 31.92
CA PRO D 1208 11.76 1.59 31.71
C PRO D 1208 11.43 0.56 32.80
N ASP D 1209 11.06 -0.67 32.41
CA ASP D 1209 10.81 -1.72 33.38
C ASP D 1209 12.10 -2.06 34.10
N THR D 1210 11.97 -2.77 35.21
CA THR D 1210 13.10 -3.31 35.94
C THR D 1210 12.76 -4.78 36.16
N LEU D 1211 13.45 -5.35 37.14
CA LEU D 1211 13.30 -6.72 37.42
C LEU D 1211 11.84 -6.95 37.71
N ASP D 1212 11.16 -5.93 38.20
CA ASP D 1212 9.81 -6.19 38.60
C ASP D 1212 8.90 -6.64 37.49
N ALA D 1213 9.30 -6.39 36.27
CA ALA D 1213 8.44 -6.79 35.19
C ALA D 1213 8.55 -8.28 34.90
N ARG D 1214 9.36 -8.99 35.67
CA ARG D 1214 9.47 -10.42 35.41
C ARG D 1214 8.95 -11.09 36.67
N ILE D 1215 9.23 -10.48 37.80
CA ILE D 1215 8.71 -11.01 39.04
C ILE D 1215 7.21 -11.03 38.91
N VAL D 1216 6.65 -9.98 38.38
CA VAL D 1216 5.23 -9.99 38.33
C VAL D 1216 4.72 -11.05 37.41
N ALA D 1217 5.51 -11.36 36.40
CA ALA D 1217 5.11 -12.30 35.38
C ALA D 1217 5.34 -13.61 36.00
N ASP D 1218 6.46 -13.74 36.68
CA ASP D 1218 6.71 -15.00 37.30
C ASP D 1218 5.77 -15.24 38.46
N ALA D 1219 4.93 -14.27 38.76
CA ALA D 1219 4.04 -14.36 39.90
C ALA D 1219 2.57 -14.53 39.62
N ARG D 1220 2.20 -15.04 38.47
CA ARG D 1220 0.77 -15.13 38.19
C ARG D 1220 0.01 -15.81 39.31
N PRO D 1221 0.50 -16.96 39.74
CA PRO D 1221 -0.18 -17.72 40.79
C PRO D 1221 -0.49 -16.85 42.01
N LEU D 1222 0.43 -16.03 42.44
CA LEU D 1222 0.19 -15.11 43.53
C LEU D 1222 -1.05 -14.35 43.27
N PHE D 1223 -1.08 -13.57 42.22
CA PHE D 1223 -2.26 -12.76 41.96
C PHE D 1223 -3.47 -13.48 41.48
N GLU D 1224 -3.30 -14.68 40.97
CA GLU D 1224 -4.45 -15.33 40.41
C GLU D 1224 -5.04 -16.32 41.37
N GLU D 1225 -4.20 -17.00 42.12
CA GLU D 1225 -4.64 -18.06 42.98
C GLU D 1225 -4.30 -17.84 44.44
N GLY D 1226 -3.52 -16.83 44.73
CA GLY D 1226 -3.08 -16.59 46.08
C GLY D 1226 -1.86 -17.40 46.49
N GLU D 1227 -1.28 -18.22 45.63
CA GLU D 1227 -0.17 -19.04 46.09
C GLU D 1227 0.92 -18.27 46.76
N LYS D 1228 1.85 -18.98 47.37
CA LYS D 1228 2.96 -18.35 48.04
C LYS D 1228 4.19 -18.79 47.21
N MET D 1229 5.10 -17.89 46.88
CA MET D 1229 6.18 -18.27 45.99
C MET D 1229 7.60 -17.87 46.36
N GLN D 1230 8.60 -18.55 45.82
CA GLN D 1230 9.97 -18.17 46.05
C GLN D 1230 10.57 -17.96 44.67
N LEU D 1231 11.03 -16.75 44.38
CA LEU D 1231 11.66 -16.48 43.11
C LEU D 1231 13.13 -16.17 43.31
N ALA D 1232 13.97 -16.54 42.35
CA ALA D 1232 15.41 -16.28 42.44
C ALA D 1232 15.88 -15.56 41.21
N TYR D 1233 16.68 -14.54 41.39
CA TYR D 1233 17.12 -13.78 40.25
C TYR D 1233 18.47 -13.19 40.59
N ASN D 1234 19.20 -12.69 39.60
CA ASN D 1234 20.50 -12.06 39.92
C ASN D 1234 20.21 -10.60 39.98
N ALA D 1235 21.10 -9.77 40.45
CA ALA D 1235 20.73 -8.37 40.46
C ALA D 1235 21.97 -7.57 40.25
N ARG D 1236 21.81 -6.46 39.57
CA ARG D 1236 22.97 -5.67 39.26
C ARG D 1236 22.80 -4.26 39.73
N ASN D 1237 23.90 -3.54 39.89
CA ASN D 1237 23.75 -2.16 40.37
C ASN D 1237 22.99 -1.38 39.40
N THR D 1238 22.62 -1.97 38.31
CA THR D 1238 22.04 -1.18 37.27
C THR D 1238 20.55 -1.28 37.36
N GLN D 1239 20.06 -2.21 38.17
CA GLN D 1239 18.61 -2.38 38.25
C GLN D 1239 18.14 -1.69 39.52
N ARG D 1240 17.12 -0.84 39.38
CA ARG D 1240 16.75 0.04 40.44
C ARG D 1240 15.35 -0.19 40.91
N ALA D 1241 15.10 0.15 42.17
CA ALA D 1241 13.77 0.01 42.69
C ALA D 1241 13.22 -1.42 42.60
N ILE D 1242 14.05 -2.44 42.72
CA ILE D 1242 13.54 -3.80 42.61
C ILE D 1242 12.49 -4.04 43.66
N GLY D 1243 11.30 -4.52 43.31
CA GLY D 1243 10.29 -4.78 44.31
C GLY D 1243 9.19 -3.73 44.31
N THR D 1244 9.58 -2.50 44.07
CA THR D 1244 8.55 -1.51 44.11
C THR D 1244 7.35 -1.76 43.20
N ARG D 1245 7.51 -2.09 41.95
CA ARG D 1245 6.24 -2.38 41.29
C ARG D 1245 5.56 -3.64 41.88
N LEU D 1246 6.32 -4.58 42.41
CA LEU D 1246 5.68 -5.75 42.95
C LEU D 1246 4.70 -5.20 43.95
N SER D 1247 5.22 -4.42 44.88
CA SER D 1247 4.48 -3.78 45.97
C SER D 1247 3.24 -3.11 45.50
N SER D 1248 3.35 -2.33 44.46
CA SER D 1248 2.15 -1.71 43.98
C SER D 1248 1.11 -2.75 43.72
N MET D 1249 1.47 -3.79 42.98
CA MET D 1249 0.48 -4.80 42.68
C MET D 1249 -0.06 -5.48 43.90
N VAL D 1250 0.81 -5.75 44.84
CA VAL D 1250 0.35 -6.41 46.04
C VAL D 1250 -0.60 -5.54 46.80
N THR D 1251 -0.16 -4.36 47.15
CA THR D 1251 -1.04 -3.39 47.78
C THR D 1251 -2.37 -3.32 47.07
N ARG D 1252 -2.40 -3.01 45.80
CA ARG D 1252 -3.70 -2.95 45.16
C ARG D 1252 -4.65 -4.14 45.28
N LYS D 1253 -4.16 -5.37 45.35
CA LYS D 1253 -5.01 -6.54 45.35
C LYS D 1253 -5.22 -7.18 46.72
N PHE D 1254 -4.35 -6.90 47.67
CA PHE D 1254 -4.49 -7.45 48.99
C PHE D 1254 -4.33 -6.35 50.02
N GLY D 1255 -3.95 -5.13 49.62
CA GLY D 1255 -3.71 -4.07 50.57
C GLY D 1255 -2.38 -4.21 51.24
N MET D 1256 -1.86 -3.18 51.89
CA MET D 1256 -0.55 -3.30 52.52
C MET D 1256 -0.45 -4.44 53.51
N PHE D 1257 -1.57 -4.77 54.15
CA PHE D 1257 -1.43 -5.83 55.13
C PHE D 1257 -2.14 -7.14 54.95
N GLY D 1258 -2.64 -7.42 53.77
CA GLY D 1258 -3.31 -8.67 53.59
C GLY D 1258 -2.48 -9.91 53.44
N LEU D 1259 -1.17 -9.85 53.21
CA LEU D 1259 -0.52 -11.09 52.92
C LEU D 1259 0.38 -11.39 54.10
N GLN D 1260 0.45 -12.64 54.56
CA GLN D 1260 1.34 -12.86 55.68
C GLN D 1260 2.81 -12.68 55.31
N PRO D 1261 3.54 -12.08 56.20
CA PRO D 1261 4.99 -11.94 55.98
C PRO D 1261 5.60 -13.10 55.23
N GLY D 1262 6.30 -12.76 54.14
CA GLY D 1262 7.09 -13.71 53.35
C GLY D 1262 6.34 -14.47 52.29
N HIS D 1263 5.09 -14.09 52.05
CA HIS D 1263 4.29 -14.76 51.08
C HIS D 1263 4.90 -14.82 49.68
N ILE D 1264 5.65 -13.82 49.24
CA ILE D 1264 6.35 -13.82 47.95
C ILE D 1264 7.78 -13.49 48.33
N THR D 1265 8.70 -14.39 48.11
CA THR D 1265 10.04 -14.11 48.51
C THR D 1265 10.93 -14.25 47.30
N ILE D 1266 11.78 -13.26 47.08
CA ILE D 1266 12.59 -13.25 45.90
C ILE D 1266 14.06 -13.18 46.29
N ARG D 1267 14.83 -14.28 46.17
CA ARG D 1267 16.25 -14.27 46.48
C ARG D 1267 17.00 -13.64 45.32
N LEU D 1268 17.98 -12.80 45.59
CA LEU D 1268 18.72 -12.16 44.50
C LEU D 1268 20.24 -12.18 44.74
N ARG D 1269 21.09 -12.87 43.99
CA ARG D 1269 22.52 -12.66 44.17
C ARG D 1269 22.97 -11.42 43.45
N GLY D 1270 23.92 -10.70 44.02
CA GLY D 1270 24.50 -9.61 43.31
C GLY D 1270 24.55 -8.26 43.96
N THR D 1271 24.15 -7.24 43.24
CA THR D 1271 24.13 -5.98 43.87
C THR D 1271 22.86 -5.32 43.49
N ALA D 1272 22.18 -4.75 44.48
CA ALA D 1272 20.96 -4.06 44.21
C ALA D 1272 21.26 -2.64 43.87
N GLY D 1273 20.60 -2.13 42.87
CA GLY D 1273 20.85 -0.75 42.56
C GLY D 1273 20.04 0.09 43.51
N GLN D 1274 19.98 1.40 43.34
CA GLN D 1274 19.30 2.28 44.26
C GLN D 1274 17.82 1.98 44.50
N SER D 1275 17.35 2.24 45.73
CA SER D 1275 15.96 2.06 46.09
C SER D 1275 15.51 0.62 46.14
N LEU D 1276 16.34 -0.26 46.67
CA LEU D 1276 15.95 -1.64 46.81
C LEU D 1276 14.79 -1.75 47.73
N GLY D 1277 13.69 -2.34 47.32
CA GLY D 1277 12.63 -2.56 48.27
C GLY D 1277 11.81 -1.32 48.56
N ALA D 1278 12.13 -0.22 47.94
CA ALA D 1278 11.31 0.96 48.13
C ALA D 1278 9.83 0.77 48.18
N PHE D 1279 9.19 1.10 49.29
CA PHE D 1279 7.75 1.04 49.39
C PHE D 1279 7.16 -0.35 49.38
N ALA D 1280 7.93 -1.29 49.90
CA ALA D 1280 7.47 -2.64 49.89
C ALA D 1280 6.51 -2.84 51.02
N VAL D 1281 5.38 -3.43 50.72
CA VAL D 1281 4.39 -3.70 51.72
C VAL D 1281 4.63 -5.13 52.20
N GLN D 1282 3.77 -5.58 53.10
CA GLN D 1282 3.95 -6.84 53.75
C GLN D 1282 3.61 -8.00 52.88
N GLY D 1283 4.28 -9.12 53.05
CA GLY D 1283 4.05 -10.25 52.16
C GLY D 1283 5.28 -10.48 51.28
N ILE D 1284 5.98 -9.39 51.00
CA ILE D 1284 7.17 -9.35 50.19
C ILE D 1284 8.40 -9.45 51.05
N LYS D 1285 9.36 -10.28 50.63
CA LYS D 1285 10.63 -10.42 51.34
C LYS D 1285 11.66 -10.40 50.26
N LEU D 1286 12.70 -9.62 50.46
CA LEU D 1286 13.80 -9.60 49.53
C LEU D 1286 15.10 -10.02 50.19
N GLU D 1287 15.68 -11.19 49.82
CA GLU D 1287 17.00 -11.54 50.35
C GLU D 1287 18.00 -11.11 49.27
N VAL D 1288 18.87 -10.18 49.61
CA VAL D 1288 19.92 -9.87 48.73
C VAL D 1288 21.16 -10.50 49.31
N MET D 1289 21.71 -11.48 48.61
CA MET D 1289 22.98 -12.09 48.94
C MET D 1289 24.00 -11.34 48.12
N GLY D 1290 24.88 -10.57 48.74
CA GLY D 1290 25.83 -9.76 48.02
C GLY D 1290 25.94 -8.38 48.66
N ASP D 1291 25.28 -7.38 48.08
CA ASP D 1291 25.24 -6.09 48.73
C ASP D 1291 24.33 -5.09 48.05
N ALA D 1292 24.23 -3.87 48.56
CA ALA D 1292 23.24 -3.00 47.98
C ALA D 1292 23.66 -1.60 48.12
N ASN D 1293 23.01 -0.74 47.36
CA ASN D 1293 23.34 0.68 47.24
C ASN D 1293 22.66 1.66 48.14
N ASP D 1294 22.15 2.79 47.71
CA ASP D 1294 21.58 3.72 48.68
C ASP D 1294 20.09 3.52 48.69
N TYR D 1295 19.44 4.00 49.75
CA TYR D 1295 18.02 3.93 49.91
C TYR D 1295 17.41 2.59 50.04
N VAL D 1296 18.11 1.60 50.59
CA VAL D 1296 17.46 0.30 50.78
C VAL D 1296 16.26 0.62 51.65
N GLY D 1297 15.12 0.07 51.30
CA GLY D 1297 14.00 0.26 52.18
C GLY D 1297 13.44 1.64 52.28
N LYS D 1298 13.79 2.52 51.38
CA LYS D 1298 13.25 3.87 51.36
C LYS D 1298 11.74 3.72 51.45
N GLY D 1299 11.14 4.42 52.38
CA GLY D 1299 9.72 4.28 52.54
C GLY D 1299 9.17 2.91 52.87
N LEU D 1300 9.93 2.01 53.53
CA LEU D 1300 9.48 0.64 53.78
C LEU D 1300 8.04 0.63 54.27
N SER D 1301 7.23 -0.29 53.81
CA SER D 1301 5.84 -0.14 54.21
C SER D 1301 5.23 -1.47 54.63
N GLY D 1302 5.94 -2.22 55.43
CA GLY D 1302 5.41 -3.47 55.89
C GLY D 1302 6.11 -4.63 55.26
N GLY D 1303 7.06 -4.36 54.37
CA GLY D 1303 7.77 -5.42 53.71
C GLY D 1303 9.04 -5.70 54.49
N THR D 1304 9.71 -6.81 54.14
CA THR D 1304 10.95 -7.17 54.81
C THR D 1304 12.04 -7.30 53.78
N ILE D 1305 13.20 -6.72 54.09
CA ILE D 1305 14.37 -6.74 53.25
C ILE D 1305 15.52 -7.28 54.09
N VAL D 1306 16.34 -8.17 53.51
CA VAL D 1306 17.49 -8.74 54.20
C VAL D 1306 18.69 -8.63 53.27
N VAL D 1307 19.87 -8.31 53.78
CA VAL D 1307 21.07 -8.18 52.98
C VAL D 1307 22.23 -8.76 53.75
N ARG D 1308 22.89 -9.78 53.21
CA ARG D 1308 24.00 -10.42 53.87
C ARG D 1308 25.04 -10.82 52.85
N PRO D 1309 26.29 -10.89 53.22
CA PRO D 1309 27.35 -11.30 52.29
C PRO D 1309 27.14 -12.67 51.78
N THR D 1310 27.94 -13.08 50.80
CA THR D 1310 27.91 -14.43 50.24
C THR D 1310 28.55 -15.33 51.26
N THR D 1311 28.02 -16.53 51.29
CA THR D 1311 28.33 -17.64 52.12
C THR D 1311 29.79 -17.98 51.79
N SER D 1312 30.31 -17.45 50.70
CA SER D 1312 31.65 -17.76 50.30
C SER D 1312 32.59 -16.58 50.47
N SER D 1313 32.07 -15.49 51.01
CA SER D 1313 32.89 -14.31 51.16
C SER D 1313 33.70 -14.47 52.38
N PRO D 1314 34.95 -14.11 52.36
CA PRO D 1314 35.78 -14.22 53.55
C PRO D 1314 35.65 -13.00 54.39
N LEU D 1315 34.75 -12.09 54.07
CA LEU D 1315 34.71 -10.84 54.82
C LEU D 1315 34.17 -11.02 56.21
N GLU D 1316 34.62 -10.19 57.13
CA GLU D 1316 34.09 -10.17 58.50
C GLU D 1316 32.89 -9.26 58.52
N THR D 1317 31.74 -9.88 58.57
CA THR D 1317 30.54 -9.12 58.52
C THR D 1317 30.57 -7.71 59.00
N ASN D 1318 30.96 -7.55 60.24
CA ASN D 1318 30.77 -6.25 60.81
C ASN D 1318 31.87 -5.26 60.63
N LYS D 1319 32.85 -5.63 59.83
CA LYS D 1319 33.89 -4.68 59.55
C LYS D 1319 33.81 -4.20 58.14
N ASN D 1320 32.71 -4.44 57.43
CA ASN D 1320 32.64 -3.92 56.09
C ASN D 1320 31.31 -3.33 55.83
N THR D 1321 31.19 -2.45 54.84
CA THR D 1321 29.95 -1.79 54.49
C THR D 1321 29.14 -2.75 53.67
N ILE D 1322 27.83 -2.60 53.66
CA ILE D 1322 27.05 -3.51 52.81
C ILE D 1322 25.85 -2.81 52.20
N ILE D 1323 25.40 -1.74 52.86
CA ILE D 1323 24.29 -0.97 52.30
C ILE D 1323 24.68 0.46 52.40
N GLY D 1324 24.00 1.25 51.60
CA GLY D 1324 24.35 2.64 51.39
C GLY D 1324 23.92 3.68 52.36
N ASN D 1325 23.28 4.72 51.83
CA ASN D 1325 22.87 5.92 52.52
C ASN D 1325 21.40 6.25 52.50
N THR D 1326 20.94 6.95 53.51
CA THR D 1326 19.53 7.21 53.56
C THR D 1326 18.73 5.94 53.54
N VAL D 1327 19.27 4.88 54.11
CA VAL D 1327 18.51 3.66 54.21
C VAL D 1327 17.24 3.85 55.04
N LEU D 1328 16.14 3.23 54.66
CA LEU D 1328 14.85 3.31 55.39
C LEU D 1328 14.33 4.69 55.57
N TYR D 1329 14.63 5.63 54.71
CA TYR D 1329 14.18 6.99 54.86
C TYR D 1329 12.69 7.12 54.80
N GLY D 1330 12.07 7.38 55.93
CA GLY D 1330 10.67 7.68 55.97
C GLY D 1330 9.81 6.45 56.09
N ALA D 1331 10.47 5.33 56.33
CA ALA D 1331 9.71 4.12 56.51
C ALA D 1331 8.59 4.21 57.54
N THR D 1332 7.58 3.38 57.44
CA THR D 1332 6.52 3.38 58.43
C THR D 1332 6.29 1.97 58.99
N ALA D 1333 6.80 0.93 58.34
CA ALA D 1333 6.55 -0.43 58.82
C ALA D 1333 7.41 -1.42 58.08
N GLY D 1334 7.69 -2.52 58.70
CA GLY D 1334 8.41 -3.58 58.09
C GLY D 1334 9.65 -3.68 58.89
N LYS D 1335 10.38 -4.75 58.59
CA LYS D 1335 11.69 -5.09 59.10
C LYS D 1335 12.77 -4.95 57.99
N LEU D 1336 14.03 -4.72 58.37
CA LEU D 1336 15.20 -4.71 57.51
C LEU D 1336 16.34 -5.29 58.33
N PHE D 1337 17.06 -6.29 57.81
CA PHE D 1337 18.16 -6.89 58.52
C PHE D 1337 19.39 -6.85 57.65
N ALA D 1338 20.50 -6.32 58.16
CA ALA D 1338 21.70 -6.31 57.34
C ALA D 1338 23.05 -6.71 57.99
N ALA D 1339 23.58 -7.84 57.58
CA ALA D 1339 24.84 -8.26 58.13
C ALA D 1339 26.01 -7.33 57.77
N GLY D 1340 25.97 -6.07 58.15
CA GLY D 1340 27.14 -5.28 57.81
C GLY D 1340 26.83 -3.86 58.14
N GLN D 1341 27.73 -2.92 57.85
CA GLN D 1341 27.54 -1.52 58.16
C GLN D 1341 26.76 -0.76 57.12
N ALA D 1342 26.06 0.27 57.55
CA ALA D 1342 25.30 1.07 56.62
C ALA D 1342 26.09 2.33 56.58
N GLY D 1343 25.74 3.22 55.70
CA GLY D 1343 26.55 4.39 55.60
C GLY D 1343 25.80 5.53 56.19
N GLU D 1344 25.84 6.70 55.59
CA GLU D 1344 25.34 7.92 56.10
C GLU D 1344 23.83 8.03 56.19
N ARG D 1345 23.36 8.84 57.14
CA ARG D 1345 21.96 9.01 57.45
C ARG D 1345 21.13 7.77 57.42
N PHE D 1346 21.51 6.79 58.23
CA PHE D 1346 20.81 5.54 58.29
C PHE D 1346 19.55 5.74 59.06
N ALA D 1347 18.42 5.26 58.59
CA ALA D 1347 17.19 5.33 59.40
C ALA D 1347 16.69 6.74 59.53
N VAL D 1348 17.29 7.62 58.77
CA VAL D 1348 16.81 8.98 58.78
C VAL D 1348 15.31 8.91 58.62
N ARG D 1349 14.62 9.72 59.40
CA ARG D 1349 13.18 9.77 59.36
C ARG D 1349 12.46 8.44 59.52
N ASN D 1350 13.08 7.43 60.09
CA ASN D 1350 12.33 6.19 60.25
C ASN D 1350 11.03 6.35 61.00
N SER D 1351 9.89 6.10 60.40
CA SER D 1351 8.76 6.26 61.30
C SER D 1351 8.15 4.98 61.80
N GLY D 1352 8.88 3.90 61.96
CA GLY D 1352 8.15 2.74 62.34
C GLY D 1352 8.63 1.43 61.78
N ALA D 1353 9.87 1.35 61.36
CA ALA D 1353 10.37 0.11 60.84
C ALA D 1353 11.25 -0.43 61.92
N THR D 1354 11.56 -1.71 61.91
CA THR D 1354 12.41 -2.26 62.93
C THR D 1354 13.57 -2.69 62.10
N VAL D 1355 14.79 -2.47 62.55
CA VAL D 1355 15.97 -2.81 61.77
C VAL D 1355 17.12 -3.22 62.64
N VAL D 1356 17.95 -4.13 62.15
CA VAL D 1356 19.16 -4.52 62.83
C VAL D 1356 20.21 -4.37 61.75
N VAL D 1357 21.36 -3.86 62.13
CA VAL D 1357 22.43 -3.53 61.21
C VAL D 1357 23.73 -3.67 61.99
N GLU D 1358 24.88 -3.87 61.37
CA GLU D 1358 26.10 -4.07 62.16
C GLU D 1358 27.02 -2.88 62.31
N GLY D 1359 26.51 -1.69 62.09
CA GLY D 1359 27.34 -0.51 62.26
C GLY D 1359 26.66 0.55 61.45
N CYS D 1360 27.22 1.74 61.35
CA CYS D 1360 26.54 2.73 60.56
C CYS D 1360 27.26 4.05 60.48
N GLY D 1361 27.06 4.75 59.37
CA GLY D 1361 27.72 6.03 59.17
C GLY D 1361 27.37 7.10 60.17
N SER D 1362 27.57 8.36 59.83
CA SER D 1362 27.21 9.41 60.73
C SER D 1362 25.74 9.76 60.49
N ASN D 1363 25.22 10.68 61.30
CA ASN D 1363 23.85 11.10 61.26
C ASN D 1363 22.84 10.02 61.37
N GLY D 1364 23.06 9.07 62.28
CA GLY D 1364 22.14 7.97 62.42
C GLY D 1364 20.82 8.21 63.11
N CYS D 1365 19.80 7.46 62.74
CA CYS D 1365 18.49 7.58 63.38
C CYS D 1365 18.01 9.04 63.48
N GLU D 1366 18.50 9.93 62.63
CA GLU D 1366 18.10 11.32 62.73
C GLU D 1366 16.67 11.55 62.32
N TYR D 1367 16.01 12.48 63.02
CA TYR D 1367 14.58 12.72 62.91
C TYR D 1367 13.71 11.46 63.00
N MET D 1368 14.11 10.45 63.76
CA MET D 1368 13.31 9.25 63.80
C MET D 1368 12.09 9.53 64.68
N THR D 1369 10.96 8.98 64.32
CA THR D 1369 9.73 9.24 65.04
C THR D 1369 9.02 7.94 65.38
N GLY D 1370 9.70 6.81 65.30
CA GLY D 1370 9.10 5.54 65.60
C GLY D 1370 9.89 4.38 65.06
N GLY D 1371 9.56 3.19 65.48
CA GLY D 1371 10.25 2.01 65.04
C GLY D 1371 11.29 1.80 66.07
N THR D 1372 12.07 0.79 65.85
CA THR D 1372 13.18 0.40 66.67
C THR D 1372 14.34 0.18 65.72
N ALA D 1373 15.53 0.47 66.23
CA ALA D 1373 16.78 0.36 65.52
C ALA D 1373 17.83 -0.23 66.38
N VAL D 1374 18.14 -1.50 66.26
CA VAL D 1374 19.30 -2.05 66.95
C VAL D 1374 20.55 -1.83 66.08
N ILE D 1375 21.73 -1.68 66.70
CA ILE D 1375 22.94 -1.40 65.93
C ILE D 1375 24.17 -2.10 66.43
N LEU D 1376 24.51 -3.19 65.78
CA LEU D 1376 25.59 -4.00 66.24
C LEU D 1376 26.98 -3.43 66.16
N GLY D 1377 27.19 -2.15 66.41
CA GLY D 1377 28.55 -1.69 66.38
C GLY D 1377 28.73 -0.19 66.39
N ARG D 1378 29.93 0.29 66.08
CA ARG D 1378 30.27 1.70 66.14
C ARG D 1378 29.28 2.53 65.40
N VAL D 1379 29.07 3.73 65.86
CA VAL D 1379 28.07 4.59 65.24
C VAL D 1379 28.79 5.89 64.96
N GLY D 1380 28.42 6.62 63.94
CA GLY D 1380 29.20 7.83 63.79
C GLY D 1380 28.50 9.03 64.35
N ASP D 1381 29.19 10.15 64.26
CA ASP D 1381 28.69 11.41 64.70
C ASP D 1381 27.27 11.80 64.63
N ASN D 1382 26.88 12.66 65.56
CA ASN D 1382 25.56 13.19 65.59
C ASN D 1382 24.49 12.12 65.57
N PHE D 1383 24.65 11.08 66.36
CA PHE D 1383 23.70 10.02 66.31
C PHE D 1383 22.44 10.44 66.97
N ALA D 1384 21.32 10.07 66.42
CA ALA D 1384 20.09 10.36 67.15
C ALA D 1384 19.63 11.80 67.13
N ALA D 1385 20.44 12.69 66.60
CA ALA D 1385 19.95 14.05 66.45
C ALA D 1385 18.54 14.21 65.99
N GLY D 1386 17.68 14.70 66.86
CA GLY D 1386 16.38 15.14 66.41
C GLY D 1386 15.44 14.00 66.46
N MET D 1387 15.95 12.91 67.04
CA MET D 1387 15.17 11.69 67.22
C MET D 1387 14.20 11.86 68.35
N THR D 1388 12.95 12.20 68.02
CA THR D 1388 11.83 12.41 68.92
C THR D 1388 11.02 11.16 69.22
N GLY D 1389 11.44 9.99 68.78
CA GLY D 1389 10.65 8.83 69.12
C GLY D 1389 10.71 7.54 68.37
N GLY D 1390 11.25 6.54 69.02
CA GLY D 1390 11.22 5.18 68.53
C GLY D 1390 12.24 4.73 69.52
N MET D 1391 13.01 3.71 69.25
CA MET D 1391 14.01 3.46 70.24
C MET D 1391 15.21 2.88 69.54
N ALA D 1392 16.39 2.98 70.13
CA ALA D 1392 17.55 2.42 69.52
C ALA D 1392 18.45 1.78 70.54
N TYR D 1393 18.89 0.57 70.28
CA TYR D 1393 19.84 -0.05 71.17
C TYR D 1393 21.12 0.05 70.38
N VAL D 1394 22.27 -0.04 71.02
CA VAL D 1394 23.51 0.22 70.33
C VAL D 1394 24.65 -0.44 71.04
N TYR D 1395 25.12 -1.58 70.56
CA TYR D 1395 26.25 -2.33 71.10
C TYR D 1395 27.52 -1.52 71.05
N ASP D 1396 28.08 -1.20 72.19
CA ASP D 1396 29.23 -0.31 72.19
C ASP D 1396 30.43 -0.80 72.95
N LEU D 1397 31.24 -1.66 72.35
CA LEU D 1397 32.44 -2.14 72.99
C LEU D 1397 33.43 -1.18 73.59
N ASP D 1398 33.37 0.11 73.33
CA ASP D 1398 34.41 0.94 73.90
C ASP D 1398 33.87 2.12 74.64
N ASP D 1399 32.58 2.15 74.86
CA ASP D 1399 32.03 3.24 75.62
C ASP D 1399 32.45 4.53 74.98
N SER D 1400 32.05 4.70 73.74
CA SER D 1400 32.40 5.88 73.03
C SER D 1400 31.12 6.50 72.56
N LEU D 1401 30.05 5.73 72.69
CA LEU D 1401 28.79 6.23 72.21
C LEU D 1401 28.62 7.64 72.71
N PRO D 1402 28.98 7.85 73.97
CA PRO D 1402 28.96 9.16 74.61
C PRO D 1402 29.63 10.28 73.84
N LEU D 1403 30.65 9.97 73.05
CA LEU D 1403 31.31 11.02 72.29
C LEU D 1403 30.65 11.20 70.96
N TYR D 1404 29.79 10.29 70.55
CA TYR D 1404 29.25 10.44 69.24
C TYR D 1404 27.82 10.87 69.17
N ILE D 1405 27.15 10.85 70.31
CA ILE D 1405 25.73 11.07 70.29
C ILE D 1405 25.24 12.48 70.43
N ASN D 1406 24.01 12.73 70.00
CA ASN D 1406 23.47 14.07 70.09
C ASN D 1406 22.32 14.22 71.11
N ASP D 1407 22.75 14.30 72.38
CA ASP D 1407 21.96 14.58 73.56
C ASP D 1407 20.63 15.29 73.45
N GLU D 1408 20.70 16.45 72.82
CA GLU D 1408 19.54 17.28 72.81
C GLU D 1408 18.17 16.64 72.97
N SER D 1409 17.91 15.51 72.37
CA SER D 1409 16.57 15.03 72.47
C SER D 1409 16.54 13.59 72.82
N VAL D 1410 17.49 13.10 73.55
CA VAL D 1410 17.38 11.67 73.64
C VAL D 1410 18.24 11.38 74.85
N ILE D 1411 18.15 10.18 75.40
CA ILE D 1411 19.05 9.92 76.50
C ILE D 1411 19.56 8.54 76.24
N PHE D 1412 20.57 8.15 76.99
CA PHE D 1412 20.99 6.80 76.85
C PHE D 1412 21.38 6.23 78.20
N GLN D 1413 21.07 4.98 78.42
CA GLN D 1413 21.27 4.39 79.71
C GLN D 1413 21.55 2.94 79.47
N ARG D 1414 22.11 2.22 80.44
CA ARG D 1414 22.25 0.82 80.16
C ARG D 1414 20.90 0.15 80.34
N ILE D 1415 20.68 -1.01 79.76
CA ILE D 1415 19.34 -1.56 79.84
C ILE D 1415 19.19 -1.92 81.28
N GLU D 1416 18.01 -1.67 81.87
CA GLU D 1416 17.71 -1.94 83.28
C GLU D 1416 16.47 -2.80 83.38
N VAL D 1417 15.32 -2.26 83.04
CA VAL D 1417 14.14 -3.09 82.97
C VAL D 1417 14.41 -4.25 82.01
N GLY D 1418 13.88 -5.43 82.27
CA GLY D 1418 14.21 -6.54 81.41
C GLY D 1418 13.24 -6.77 80.30
N HIS D 1419 12.18 -6.00 80.25
CA HIS D 1419 11.26 -6.21 79.14
C HIS D 1419 11.97 -5.65 77.95
N TYR D 1420 12.69 -4.56 78.15
CA TYR D 1420 13.47 -4.03 77.09
C TYR D 1420 14.58 -5.01 76.82
N GLU D 1421 15.41 -5.28 77.79
CA GLU D 1421 16.41 -6.29 77.54
C GLU D 1421 15.88 -7.45 76.77
N SER D 1422 14.59 -7.70 76.76
CA SER D 1422 14.15 -8.86 76.01
C SER D 1422 13.88 -8.56 74.57
N GLN D 1423 13.30 -7.40 74.32
CA GLN D 1423 13.02 -6.99 72.97
C GLN D 1423 14.33 -7.05 72.24
N LEU D 1424 15.38 -6.44 72.81
CA LEU D 1424 16.67 -6.51 72.15
C LEU D 1424 17.01 -7.93 71.75
N LYS D 1425 17.37 -8.74 72.71
CA LYS D 1425 17.65 -10.12 72.42
C LYS D 1425 16.84 -10.75 71.28
N HIS D 1426 15.53 -10.61 71.31
CA HIS D 1426 14.73 -11.26 70.30
C HIS D 1426 14.99 -10.78 68.89
N LEU D 1427 15.14 -9.47 68.70
CA LEU D 1427 15.47 -8.86 67.40
C LEU D 1427 16.77 -9.51 67.01
N ILE D 1428 17.83 -9.28 67.77
CA ILE D 1428 19.08 -9.90 67.44
C ILE D 1428 18.95 -11.34 67.08
N GLU D 1429 17.99 -12.07 67.62
CA GLU D 1429 17.91 -13.48 67.25
C GLU D 1429 17.31 -13.57 65.85
N GLU D 1430 16.40 -12.66 65.55
CA GLU D 1430 15.79 -12.62 64.23
C GLU D 1430 16.90 -12.34 63.23
N HIS D 1431 17.65 -11.29 63.51
CA HIS D 1431 18.79 -10.88 62.71
C HIS D 1431 19.56 -12.13 62.42
N VAL D 1432 20.08 -12.78 63.44
CA VAL D 1432 20.82 -14.00 63.15
C VAL D 1432 20.03 -14.88 62.19
N THR D 1433 19.03 -15.56 62.72
CA THR D 1433 18.15 -16.37 61.88
C THR D 1433 18.23 -16.04 60.38
N GLU D 1434 17.67 -14.90 59.99
CA GLU D 1434 17.64 -14.49 58.59
C GLU D 1434 19.00 -14.52 57.92
N THR D 1435 19.75 -13.59 58.45
CA THR D 1435 21.12 -13.24 58.15
C THR D 1435 22.20 -14.27 58.42
N GLN D 1436 21.97 -15.28 59.26
CA GLN D 1436 23.02 -16.28 59.49
C GLN D 1436 24.35 -15.61 59.82
N SER D 1437 24.31 -14.59 60.67
CA SER D 1437 25.47 -13.79 61.04
C SER D 1437 26.31 -14.24 62.22
N ARG D 1438 27.55 -14.65 62.00
CA ARG D 1438 28.38 -15.08 63.12
C ARG D 1438 28.48 -14.03 64.23
N PHE D 1439 29.31 -13.03 64.08
CA PHE D 1439 29.35 -11.93 65.02
C PHE D 1439 28.08 -11.76 65.82
N ALA D 1440 26.92 -11.65 65.20
CA ALA D 1440 25.77 -11.54 66.07
C ALA D 1440 25.60 -12.86 66.84
N ALA D 1441 25.58 -13.95 66.11
CA ALA D 1441 25.45 -15.24 66.74
C ALA D 1441 26.32 -15.28 67.95
N GLU D 1442 27.48 -14.66 67.93
CA GLU D 1442 28.34 -14.72 69.09
C GLU D 1442 27.93 -13.86 70.24
N ILE D 1443 27.31 -12.74 69.98
CA ILE D 1443 26.92 -11.90 71.07
C ILE D 1443 25.87 -12.66 71.82
N LEU D 1444 25.05 -13.43 71.12
CA LEU D 1444 24.01 -14.16 71.80
C LEU D 1444 24.68 -15.23 72.61
N ASN D 1445 25.70 -15.89 72.08
CA ASN D 1445 26.37 -16.91 72.88
C ASN D 1445 26.90 -16.43 74.22
N ASP D 1446 27.03 -15.13 74.39
CA ASP D 1446 27.61 -14.59 75.60
C ASP D 1446 26.77 -13.42 76.11
N TRP D 1447 25.46 -13.54 75.91
CA TRP D 1447 24.52 -12.47 76.23
C TRP D 1447 24.84 -11.81 77.53
N ALA D 1448 24.78 -12.63 78.57
CA ALA D 1448 25.01 -12.24 79.94
C ALA D 1448 26.01 -11.12 80.03
N ARG D 1449 27.20 -11.37 79.57
CA ARG D 1449 28.23 -10.37 79.70
C ARG D 1449 28.05 -9.31 78.64
N GLU D 1450 27.48 -9.71 77.52
CA GLU D 1450 27.41 -8.76 76.45
C GLU D 1450 26.35 -7.71 76.59
N VAL D 1451 25.16 -8.09 77.09
CA VAL D 1451 24.06 -7.14 77.23
C VAL D 1451 24.54 -5.90 77.91
N THR D 1452 25.32 -6.18 78.93
CA THR D 1452 26.08 -5.20 79.64
C THR D 1452 26.69 -4.12 78.76
N LYS D 1453 26.85 -4.37 77.46
CA LYS D 1453 27.55 -3.37 76.66
C LYS D 1453 26.73 -2.49 75.75
N PHE D 1454 25.47 -2.85 75.51
CA PHE D 1454 24.62 -2.01 74.72
C PHE D 1454 24.28 -0.69 75.45
N TRP D 1455 23.41 0.12 74.88
CA TRP D 1455 23.04 1.36 75.48
C TRP D 1455 21.64 1.54 74.93
N GLN D 1456 20.65 1.78 75.79
CA GLN D 1456 19.29 1.95 75.34
C GLN D 1456 19.24 3.43 75.07
N VAL D 1457 18.74 3.84 73.91
CA VAL D 1457 18.76 5.24 73.53
C VAL D 1457 17.32 5.52 73.37
N VAL D 1458 16.83 6.46 74.19
CA VAL D 1458 15.40 6.74 74.36
C VAL D 1458 15.09 8.19 74.33
N PRO D 1459 14.17 8.51 73.44
CA PRO D 1459 13.80 9.90 73.18
C PRO D 1459 13.31 10.48 74.47
N LYS D 1460 13.64 11.74 74.72
CA LYS D 1460 13.14 12.37 75.95
C LYS D 1460 11.62 12.34 76.00
N GLU D 1461 10.95 13.02 75.10
CA GLU D 1461 9.51 13.00 75.05
C GLU D 1461 8.86 11.61 75.04
N MET D 1462 9.60 10.52 75.10
CA MET D 1462 8.82 9.30 75.10
C MET D 1462 8.86 8.63 76.46
N LEU D 1463 9.74 9.16 77.30
CA LEU D 1463 10.05 8.64 78.62
C LEU D 1463 8.85 8.34 79.44
N ASN D 1464 7.97 9.33 79.50
CA ASN D 1464 6.75 9.25 80.26
C ASN D 1464 5.59 8.74 79.43
N ARG D 1465 5.75 8.54 78.15
CA ARG D 1465 4.57 8.09 77.47
C ARG D 1465 4.65 6.60 77.40
N LEU D 1466 5.60 6.03 78.09
CA LEU D 1466 5.78 4.73 77.63
C LEU D 1466 5.30 3.61 78.47
N GLU D 1467 4.19 3.03 78.06
CA GLU D 1467 3.64 1.89 78.77
C GLU D 1467 4.60 1.31 79.80
N VAL D 1468 5.62 0.56 79.42
CA VAL D 1468 6.55 0.05 80.43
C VAL D 1468 7.71 1.00 80.69
N PRO D 1469 7.75 1.70 81.79
CA PRO D 1469 8.85 2.64 82.03
C PRO D 1469 10.16 2.01 81.71
N VAL D 1470 11.17 2.83 81.47
CA VAL D 1470 12.44 2.34 81.03
C VAL D 1470 13.38 2.13 82.18
N HIS D 1471 12.87 2.45 83.35
CA HIS D 1471 13.63 2.45 84.57
C HIS D 1471 13.09 1.59 85.70
N LEU D 1472 13.95 1.21 86.64
CA LEU D 1472 13.53 0.39 87.77
C LEU D 1472 13.44 -1.10 87.40
N CYS E 1 28.91 -29.34 -17.46
CA CYS E 1 29.61 -30.67 -17.44
C CYS E 1 31.13 -30.61 -17.61
N GLY E 2 31.80 -31.67 -17.14
CA GLY E 2 33.23 -31.81 -17.35
C GLY E 2 33.83 -33.05 -16.73
N VAL E 3 35.00 -33.50 -17.17
CA VAL E 3 35.72 -34.48 -16.37
C VAL E 3 37.01 -33.76 -16.36
N GLY E 4 37.82 -34.13 -15.37
CA GLY E 4 39.13 -33.51 -15.10
C GLY E 4 39.88 -34.53 -14.28
N PHE E 5 41.19 -34.33 -14.17
CA PHE E 5 42.02 -35.20 -13.29
C PHE E 5 43.24 -34.46 -13.06
N ILE E 6 43.80 -34.74 -11.90
CA ILE E 6 45.06 -34.13 -11.50
C ILE E 6 45.90 -35.18 -10.87
N ALA E 7 47.22 -35.10 -11.06
CA ALA E 7 48.11 -36.11 -10.45
C ALA E 7 49.48 -35.57 -10.19
N ALA E 8 50.03 -35.97 -9.05
CA ALA E 8 51.40 -35.56 -8.76
C ALA E 8 52.30 -36.55 -9.47
N ILE E 9 53.11 -36.03 -10.38
CA ILE E 9 53.86 -36.97 -11.19
C ILE E 9 54.74 -37.80 -10.27
N ASP E 10 55.31 -37.14 -9.26
CA ASP E 10 56.12 -37.95 -8.33
C ASP E 10 55.49 -39.00 -7.42
N GLY E 11 54.16 -39.08 -7.27
CA GLY E 11 53.51 -40.11 -6.46
C GLY E 11 53.20 -39.65 -5.03
N LYS E 12 53.83 -38.57 -4.64
CA LYS E 12 53.72 -38.14 -3.28
C LYS E 12 52.61 -37.15 -3.04
N PRO E 13 51.75 -37.54 -2.08
CA PRO E 13 50.53 -36.84 -1.67
C PRO E 13 50.71 -35.42 -1.37
N ARG E 14 49.68 -34.62 -1.60
CA ARG E 14 49.73 -33.20 -1.34
C ARG E 14 48.30 -32.73 -1.18
N ARG E 15 48.18 -31.58 -0.52
CA ARG E 15 46.88 -31.00 -0.38
C ARG E 15 46.61 -30.28 -1.71
N SER E 16 47.54 -29.54 -2.29
CA SER E 16 47.13 -28.85 -3.53
C SER E 16 46.38 -29.72 -4.57
N VAL E 17 46.72 -31.01 -4.66
CA VAL E 17 46.05 -31.87 -5.59
C VAL E 17 44.55 -31.80 -5.31
N VAL E 18 44.13 -31.82 -4.06
CA VAL E 18 42.72 -31.67 -3.82
C VAL E 18 42.38 -30.21 -4.01
N GLU E 19 43.07 -29.31 -3.36
CA GLU E 19 42.60 -27.96 -3.62
C GLU E 19 42.49 -27.68 -5.13
N LYS E 20 43.38 -28.22 -5.96
CA LYS E 20 43.19 -27.91 -7.37
C LYS E 20 41.89 -28.53 -7.85
N GLY E 21 41.72 -29.83 -7.54
CA GLY E 21 40.48 -30.56 -7.84
C GLY E 21 39.27 -29.67 -7.50
N ILE E 22 39.17 -29.17 -6.27
CA ILE E 22 38.08 -28.24 -6.17
C ILE E 22 38.20 -27.15 -7.28
N GLU E 23 39.26 -26.36 -7.16
CA GLU E 23 39.43 -25.22 -8.07
C GLU E 23 38.75 -25.43 -9.44
N ALA E 24 39.05 -26.54 -10.12
CA ALA E 24 38.42 -26.96 -11.34
C ALA E 24 36.91 -26.83 -11.22
N LEU E 25 36.34 -27.81 -10.52
CA LEU E 25 34.91 -27.86 -10.28
C LEU E 25 34.33 -26.45 -10.05
N LYS E 26 35.15 -25.46 -9.80
CA LYS E 26 34.50 -24.17 -9.70
C LYS E 26 34.42 -23.47 -11.05
N ALA E 27 35.00 -24.08 -12.06
CA ALA E 27 34.94 -23.44 -13.34
C ALA E 27 34.43 -24.36 -14.43
N VAL E 28 33.15 -24.74 -14.33
CA VAL E 28 32.51 -25.53 -15.36
C VAL E 28 31.06 -25.07 -15.38
N TRP E 29 30.67 -24.17 -14.51
CA TRP E 29 29.24 -23.96 -14.54
C TRP E 29 28.80 -23.28 -15.75
N HIS E 30 29.67 -22.48 -16.36
CA HIS E 30 29.26 -21.85 -17.58
C HIS E 30 28.74 -22.92 -18.55
N ARG E 31 28.95 -24.22 -18.33
CA ARG E 31 28.53 -25.24 -19.30
C ARG E 31 27.27 -25.98 -18.88
N GLY E 32 26.43 -25.42 -18.03
CA GLY E 32 25.32 -26.24 -17.55
C GLY E 32 24.01 -25.49 -17.43
N ALA E 33 22.96 -26.21 -17.06
CA ALA E 33 21.66 -25.55 -16.89
C ALA E 33 21.62 -24.91 -15.52
N VAL E 34 21.53 -23.59 -15.52
CA VAL E 34 21.48 -22.92 -14.24
C VAL E 34 20.02 -22.94 -13.85
N ASP E 35 19.73 -23.20 -12.59
CA ASP E 35 18.33 -23.05 -12.24
C ASP E 35 18.09 -21.66 -11.80
N ALA E 36 16.85 -21.27 -11.94
CA ALA E 36 16.47 -19.97 -11.42
C ALA E 36 16.51 -20.21 -9.90
N ASP E 37 16.44 -21.48 -9.51
CA ASP E 37 16.40 -21.86 -8.10
C ASP E 37 17.71 -21.65 -7.35
N GLY E 38 18.81 -21.48 -8.08
CA GLY E 38 20.11 -21.16 -7.52
C GLY E 38 20.88 -22.35 -6.94
N LYS E 39 20.18 -23.46 -6.79
CA LYS E 39 20.77 -24.57 -6.10
C LYS E 39 20.85 -25.82 -6.92
N THR E 40 19.84 -26.04 -7.71
CA THR E 40 19.75 -27.36 -8.32
C THR E 40 20.67 -27.69 -9.48
N GLY E 41 21.35 -28.82 -9.43
CA GLY E 41 22.25 -29.20 -10.51
C GLY E 41 22.15 -30.70 -10.68
N ASP E 42 22.72 -31.22 -11.76
CA ASP E 42 22.56 -32.65 -12.00
C ASP E 42 23.51 -33.60 -11.25
N GLY E 43 24.69 -33.12 -10.85
CA GLY E 43 25.55 -34.04 -10.13
C GLY E 43 27.00 -33.67 -10.24
N ALA E 44 27.78 -33.78 -9.16
CA ALA E 44 29.19 -33.46 -9.18
C ALA E 44 29.83 -34.39 -8.18
N GLY E 45 31.15 -34.51 -8.22
CA GLY E 45 31.83 -35.57 -7.52
C GLY E 45 33.31 -35.30 -7.54
N ILE E 46 34.06 -35.83 -6.57
CA ILE E 46 35.52 -35.68 -6.61
C ILE E 46 35.93 -36.95 -5.99
N HIS E 47 36.87 -37.61 -6.65
CA HIS E 47 37.34 -38.95 -6.24
C HIS E 47 38.76 -38.74 -5.80
N VAL E 48 39.03 -38.68 -4.49
CA VAL E 48 40.42 -38.57 -3.96
C VAL E 48 40.80 -39.73 -3.06
N ALA E 49 42.06 -39.70 -2.63
CA ALA E 49 42.50 -40.80 -1.74
C ALA E 49 41.95 -40.65 -0.30
N VAL E 50 41.54 -41.78 0.29
CA VAL E 50 41.08 -41.77 1.67
C VAL E 50 42.21 -41.10 2.48
N PRO E 51 41.98 -40.03 3.23
CA PRO E 51 43.10 -39.33 3.86
C PRO E 51 43.44 -39.90 5.27
N GLN E 52 44.41 -40.83 5.34
CA GLN E 52 44.63 -41.48 6.63
C GLN E 52 44.88 -40.61 7.87
N LYS E 53 45.47 -39.42 7.75
CA LYS E 53 45.58 -38.63 8.99
C LYS E 53 44.12 -38.43 9.44
N PHE E 54 43.50 -37.41 8.86
CA PHE E 54 42.07 -37.22 9.04
C PHE E 54 41.28 -38.43 9.53
N PHE E 55 41.31 -39.56 8.84
CA PHE E 55 40.53 -40.65 9.42
C PHE E 55 41.09 -41.21 10.69
N LYS E 56 42.32 -41.71 10.65
CA LYS E 56 42.97 -42.22 11.86
C LYS E 56 42.73 -41.32 13.13
N ASP E 57 43.11 -40.04 13.04
CA ASP E 57 42.80 -39.17 14.14
C ASP E 57 41.40 -39.55 14.55
N HIS E 58 40.44 -39.36 13.65
CA HIS E 58 39.07 -39.64 14.04
C HIS E 58 39.00 -40.88 14.93
N VAL E 59 39.57 -41.98 14.50
CA VAL E 59 39.43 -43.17 15.32
C VAL E 59 40.12 -42.95 16.67
N LYS E 60 41.17 -42.13 16.64
CA LYS E 60 41.87 -41.82 17.87
C LYS E 60 40.95 -41.03 18.78
N VAL E 61 40.39 -39.96 18.27
CA VAL E 61 39.56 -39.13 19.12
C VAL E 61 38.47 -39.84 19.86
N ILE E 62 38.02 -40.96 19.34
CA ILE E 62 37.03 -41.70 20.08
C ILE E 62 37.84 -42.50 21.07
N GLY E 63 39.15 -42.55 20.87
CA GLY E 63 39.98 -43.29 21.82
C GLY E 63 40.28 -44.73 21.48
N HIS E 64 40.64 -44.92 20.22
CA HIS E 64 41.12 -46.21 19.81
C HIS E 64 42.54 -45.80 19.51
N ARG E 65 43.33 -46.77 19.11
CA ARG E 65 44.70 -46.49 18.70
C ARG E 65 44.79 -46.62 17.17
N ALA E 66 45.50 -45.70 16.53
CA ALA E 66 45.54 -45.77 15.09
C ALA E 66 46.34 -46.98 14.66
N PRO E 67 45.82 -47.75 13.72
CA PRO E 67 46.58 -48.91 13.26
C PRO E 67 47.77 -48.43 12.48
N ASP E 68 48.65 -49.35 12.16
CA ASP E 68 49.83 -49.00 11.40
C ASP E 68 49.44 -48.97 9.94
N ASN E 69 48.58 -49.91 9.52
CA ASN E 69 48.18 -49.90 8.15
C ASN E 69 47.31 -48.75 7.75
N LYS E 70 46.67 -48.98 6.59
CA LYS E 70 45.77 -48.01 6.07
C LYS E 70 44.48 -48.55 6.60
N LEU E 71 43.60 -47.59 6.80
CA LEU E 71 42.31 -47.75 7.43
C LEU E 71 41.30 -47.58 6.28
N ALA E 72 40.34 -48.48 6.14
CA ALA E 72 39.35 -48.32 5.06
C ALA E 72 38.15 -47.42 5.41
N VAL E 73 37.47 -46.91 4.40
CA VAL E 73 36.17 -46.30 4.61
C VAL E 73 35.13 -46.76 3.55
N GLY E 74 33.92 -47.03 3.98
CA GLY E 74 32.78 -47.22 3.09
C GLY E 74 32.07 -45.85 3.05
N GLN E 75 31.64 -45.37 1.88
CA GLN E 75 30.92 -44.10 1.80
C GLN E 75 29.56 -44.52 1.34
N VAL E 76 28.54 -44.27 2.14
CA VAL E 76 27.33 -44.95 1.82
C VAL E 76 26.05 -44.16 1.85
N PHE E 77 25.19 -44.35 0.85
CA PHE E 77 23.94 -43.62 0.84
C PHE E 77 22.89 -44.59 1.35
N LEU E 78 22.35 -44.32 2.55
CA LEU E 78 21.29 -45.16 3.05
C LEU E 78 19.93 -44.55 2.74
N PRO E 79 18.93 -45.38 2.77
CA PRO E 79 17.55 -44.93 2.58
C PRO E 79 17.45 -43.86 3.64
N ARG E 80 16.75 -42.78 3.41
CA ARG E 80 16.77 -41.75 4.43
C ARG E 80 15.43 -41.55 5.01
N ILE E 81 14.44 -42.20 4.47
CA ILE E 81 13.15 -41.94 5.04
C ILE E 81 12.59 -43.07 5.87
N SER E 82 13.06 -44.30 5.67
CA SER E 82 12.59 -45.41 6.45
C SER E 82 13.68 -45.88 7.38
N LEU E 83 13.64 -45.45 8.63
CA LEU E 83 14.63 -45.91 9.55
C LEU E 83 14.64 -47.42 9.47
N ASP E 84 13.47 -48.05 9.47
CA ASP E 84 13.47 -49.49 9.40
C ASP E 84 14.45 -49.97 8.38
N ALA E 85 14.51 -49.31 7.23
CA ALA E 85 15.43 -49.81 6.24
C ALA E 85 16.85 -49.40 6.56
N GLN E 86 17.11 -48.19 7.02
CA GLN E 86 18.51 -47.91 7.26
C GLN E 86 19.20 -49.04 8.04
N GLU E 87 18.53 -49.52 9.08
CA GLU E 87 19.08 -50.65 9.80
C GLU E 87 19.44 -51.85 8.95
N ALA E 88 18.41 -52.41 8.33
CA ALA E 88 18.56 -53.61 7.52
C ALA E 88 19.81 -53.35 6.74
N CYS E 89 19.89 -52.12 6.27
CA CYS E 89 21.01 -51.72 5.51
C CYS E 89 22.22 -51.87 6.35
N ARG E 90 22.31 -51.16 7.47
CA ARG E 90 23.52 -51.40 8.29
C ARG E 90 23.83 -52.78 8.86
N CYS E 91 22.82 -53.59 9.11
CA CYS E 91 23.18 -54.89 9.52
C CYS E 91 23.87 -55.51 8.37
N ILE E 92 23.31 -55.34 7.18
CA ILE E 92 23.91 -56.02 6.06
C ILE E 92 25.31 -55.46 5.87
N VAL E 93 25.40 -54.15 5.89
CA VAL E 93 26.71 -53.69 5.63
C VAL E 93 27.65 -54.33 6.63
N GLU E 94 27.27 -54.40 7.90
CA GLU E 94 28.20 -54.95 8.91
C GLU E 94 28.40 -56.46 8.70
N THR E 95 27.33 -57.22 8.73
CA THR E 95 27.54 -58.62 8.49
C THR E 95 28.62 -58.90 7.44
N GLU E 96 28.34 -58.59 6.19
CA GLU E 96 29.36 -58.73 5.16
C GLU E 96 30.81 -58.28 5.53
N ILE E 97 31.04 -57.05 6.02
CA ILE E 97 32.43 -56.79 6.34
C ILE E 97 32.88 -57.77 7.44
N LEU E 98 31.92 -58.18 8.26
CA LEU E 98 32.30 -59.10 9.31
C LEU E 98 32.68 -60.44 8.86
N ALA E 99 32.00 -61.07 7.93
CA ALA E 99 32.51 -62.43 7.73
C ALA E 99 33.84 -62.46 7.06
N PHE E 100 34.41 -61.32 6.70
CA PHE E 100 35.73 -61.47 6.14
C PHE E 100 36.60 -61.28 7.32
N GLY E 101 35.97 -61.20 8.47
CA GLY E 101 36.64 -60.97 9.74
C GLY E 101 37.47 -59.71 9.86
N TYR E 102 37.19 -58.68 9.08
CA TYR E 102 37.96 -57.50 9.28
C TYR E 102 37.34 -56.83 10.49
N TYR E 103 37.68 -55.56 10.68
CA TYR E 103 37.29 -54.90 11.90
C TYR E 103 36.52 -53.62 11.79
N ILE E 104 35.46 -53.46 12.57
CA ILE E 104 34.74 -52.19 12.52
C ILE E 104 34.95 -51.14 13.60
N TYR E 105 35.72 -50.09 13.40
CA TYR E 105 35.68 -49.01 14.38
C TYR E 105 34.29 -48.35 14.39
N GLY E 106 33.47 -48.51 13.33
CA GLY E 106 32.11 -47.93 13.26
C GLY E 106 31.67 -46.64 12.56
N TRP E 107 30.36 -46.39 12.55
CA TRP E 107 29.84 -45.31 11.74
C TRP E 107 30.18 -43.83 11.95
N ARG E 108 30.06 -42.96 10.95
CA ARG E 108 30.32 -41.52 11.10
C ARG E 108 29.39 -40.74 10.21
N GLN E 109 28.42 -39.99 10.75
CA GLN E 109 27.53 -39.23 9.90
C GLN E 109 28.32 -38.16 9.19
N VAL E 110 28.23 -38.10 7.86
CA VAL E 110 29.12 -37.12 7.28
C VAL E 110 28.65 -35.68 7.46
N PRO E 111 29.45 -34.73 7.89
CA PRO E 111 28.88 -33.38 7.98
C PRO E 111 28.47 -32.99 6.57
N ILE E 112 27.46 -32.16 6.39
CA ILE E 112 27.01 -31.71 5.07
C ILE E 112 26.15 -30.51 5.34
N ASN E 113 25.97 -29.65 4.37
CA ASN E 113 25.06 -28.57 4.67
C ASN E 113 23.90 -28.60 3.69
N VAL E 114 22.75 -29.14 4.06
CA VAL E 114 21.73 -29.21 3.03
C VAL E 114 21.14 -27.89 2.69
N ASP E 115 21.61 -26.75 3.17
CA ASP E 115 20.96 -25.56 2.67
C ASP E 115 21.24 -25.34 1.22
N ILE E 116 22.38 -25.77 0.70
CA ILE E 116 22.54 -25.45 -0.70
C ILE E 116 21.90 -26.45 -1.62
N ILE E 117 20.96 -27.21 -1.15
CA ILE E 117 20.39 -28.11 -2.07
C ILE E 117 18.98 -27.68 -2.44
N GLY E 118 18.46 -28.09 -3.58
CA GLY E 118 17.13 -27.67 -3.95
C GLY E 118 16.18 -28.72 -3.46
N GLU E 119 14.88 -28.44 -3.46
CA GLU E 119 14.02 -29.44 -2.88
C GLU E 119 13.93 -30.73 -3.65
N LYS E 120 13.76 -30.60 -4.94
CA LYS E 120 13.77 -31.73 -5.82
C LYS E 120 14.86 -32.67 -5.26
N ALA E 121 16.03 -32.11 -5.04
CA ALA E 121 17.13 -32.92 -4.57
C ALA E 121 17.08 -33.30 -3.10
N ASN E 122 16.79 -32.35 -2.20
CA ASN E 122 16.74 -32.77 -0.81
C ASN E 122 15.70 -33.88 -0.67
N ALA E 123 14.87 -34.01 -1.68
CA ALA E 123 13.78 -34.95 -1.59
C ALA E 123 14.28 -36.33 -1.70
N THR E 124 15.24 -36.45 -2.60
CA THR E 124 15.76 -37.76 -2.90
C THR E 124 17.10 -37.94 -2.28
N ARG E 125 17.49 -36.96 -1.47
CA ARG E 125 18.75 -37.09 -0.72
C ARG E 125 18.77 -38.34 0.14
N PRO E 126 19.77 -39.17 0.03
CA PRO E 126 19.87 -40.34 0.89
C PRO E 126 20.47 -39.87 2.22
N GLU E 127 20.69 -40.76 3.18
CA GLU E 127 21.37 -40.39 4.43
C GLU E 127 22.82 -40.78 4.30
N ILE E 128 23.72 -39.80 4.15
CA ILE E 128 25.12 -40.09 3.84
C ILE E 128 25.88 -40.48 5.10
N GLU E 129 26.51 -41.64 5.13
CA GLU E 129 27.24 -42.09 6.33
C GLU E 129 28.50 -42.88 5.97
N GLN E 130 29.56 -42.66 6.75
CA GLN E 130 30.79 -43.38 6.57
C GLN E 130 30.87 -44.57 7.52
N ILE E 131 31.51 -45.66 7.10
CA ILE E 131 31.73 -46.71 8.08
C ILE E 131 33.21 -47.00 8.01
N ILE E 132 33.90 -47.07 9.15
CA ILE E 132 35.36 -47.24 9.12
C ILE E 132 35.87 -48.62 9.42
N VAL E 133 36.64 -49.18 8.49
CA VAL E 133 37.09 -50.55 8.69
C VAL E 133 38.59 -50.63 8.84
N GLY E 134 39.07 -51.68 9.52
CA GLY E 134 40.49 -51.83 9.80
C GLY E 134 40.98 -53.19 9.34
N ASN E 135 42.25 -53.22 8.96
CA ASN E 135 42.77 -54.44 8.35
C ASN E 135 43.41 -55.27 9.44
N ASN E 136 42.59 -55.65 10.39
CA ASN E 136 43.05 -56.42 11.49
C ASN E 136 43.78 -57.64 10.95
N LYS E 137 43.34 -58.21 9.81
CA LYS E 137 43.97 -59.42 9.31
C LYS E 137 45.39 -59.19 8.75
N GLY E 138 45.85 -57.96 8.80
CA GLY E 138 47.19 -57.67 8.33
C GLY E 138 47.47 -58.09 6.89
N VAL E 139 46.51 -57.93 6.00
CA VAL E 139 46.77 -58.25 4.62
C VAL E 139 47.39 -57.09 3.88
N SER E 140 47.62 -57.29 2.57
CA SER E 140 48.31 -56.28 1.77
C SER E 140 47.42 -55.33 1.04
N ASP E 141 47.93 -54.12 0.83
CA ASP E 141 47.18 -53.16 0.04
C ASP E 141 46.35 -53.86 -1.01
N GLU E 142 46.99 -54.47 -2.00
CA GLU E 142 46.24 -55.26 -2.94
C GLU E 142 45.23 -56.23 -2.32
N GLN E 143 45.46 -56.85 -1.17
CA GLN E 143 44.42 -57.76 -0.77
C GLN E 143 43.20 -57.10 -0.14
N PHE E 144 43.49 -55.92 0.37
CA PHE E 144 42.43 -55.27 1.08
C PHE E 144 41.35 -54.87 0.08
N GLU E 145 41.74 -54.12 -0.95
CA GLU E 145 40.75 -53.74 -1.98
C GLU E 145 40.16 -55.01 -2.57
N LEU E 146 40.98 -55.98 -2.92
CA LEU E 146 40.29 -57.12 -3.46
C LEU E 146 39.15 -57.55 -2.54
N ASP E 147 39.44 -57.68 -1.25
CA ASP E 147 38.42 -58.28 -0.37
C ASP E 147 37.19 -57.39 -0.21
N LEU E 148 37.51 -56.14 0.09
CA LEU E 148 36.53 -55.10 0.17
C LEU E 148 35.62 -55.23 -1.07
N TYR E 149 36.20 -55.35 -2.28
CA TYR E 149 35.45 -55.52 -3.52
C TYR E 149 34.58 -56.71 -3.30
N ILE E 150 35.10 -57.90 -3.14
CA ILE E 150 34.04 -58.91 -2.98
C ILE E 150 32.98 -58.56 -1.90
N ILE E 151 33.36 -57.73 -0.92
CA ILE E 151 32.39 -57.48 0.11
C ILE E 151 31.28 -56.58 -0.46
N ARG E 152 31.69 -55.48 -1.08
CA ARG E 152 30.73 -54.52 -1.56
C ARG E 152 29.72 -55.19 -2.47
N ARG E 153 30.19 -56.17 -3.24
CA ARG E 153 29.27 -56.81 -4.13
C ARG E 153 28.32 -57.62 -3.34
N ARG E 154 28.84 -58.18 -2.26
CA ARG E 154 28.04 -59.10 -1.45
C ARG E 154 26.90 -58.37 -0.81
N ILE E 155 27.19 -57.12 -0.46
CA ILE E 155 26.24 -56.30 0.22
C ILE E 155 25.19 -55.98 -0.80
N GLU E 156 25.66 -55.22 -1.80
CA GLU E 156 25.00 -54.76 -3.06
C GLU E 156 24.03 -55.91 -3.33
N LYS E 157 24.51 -57.14 -3.36
CA LYS E 157 23.60 -58.21 -3.71
C LYS E 157 22.49 -58.49 -2.73
N ALA E 158 22.82 -58.44 -1.44
CA ALA E 158 21.86 -58.82 -0.39
C ALA E 158 20.77 -57.76 -0.25
N VAL E 159 21.22 -56.50 -0.22
CA VAL E 159 20.28 -55.43 -0.18
C VAL E 159 19.31 -55.72 -1.34
N LYS E 160 19.86 -56.17 -2.46
CA LYS E 160 18.95 -56.36 -3.54
C LYS E 160 18.01 -57.50 -3.16
N GLY E 161 18.53 -58.64 -2.79
CA GLY E 161 17.56 -59.65 -2.45
C GLY E 161 16.49 -59.21 -1.44
N GLU E 162 16.84 -58.27 -0.57
CA GLU E 162 15.93 -57.84 0.49
C GLU E 162 14.84 -57.00 -0.10
N GLN E 163 15.14 -56.53 -1.30
CA GLN E 163 14.32 -55.57 -2.02
C GLN E 163 14.48 -54.23 -1.34
N ILE E 164 15.71 -53.84 -1.06
CA ILE E 164 15.81 -52.51 -0.52
C ILE E 164 16.18 -51.42 -1.48
N ASN E 165 15.34 -50.40 -1.52
CA ASN E 165 15.61 -49.26 -2.38
C ASN E 165 16.48 -48.15 -1.79
N ASP E 166 17.21 -47.46 -2.64
CA ASP E 166 17.99 -46.30 -2.24
C ASP E 166 19.23 -46.52 -1.48
N PHE E 167 19.83 -47.69 -1.58
CA PHE E 167 20.99 -48.00 -0.77
C PHE E 167 22.09 -47.86 -1.75
N TYR E 168 23.28 -47.46 -1.40
CA TYR E 168 24.23 -47.34 -2.46
C TYR E 168 25.57 -47.04 -1.86
N ILE E 169 26.58 -47.78 -2.26
CA ILE E 169 27.86 -47.49 -1.69
C ILE E 169 28.76 -46.73 -2.68
N CYS E 170 28.87 -45.40 -2.61
CA CYS E 170 29.76 -44.75 -3.54
C CYS E 170 31.11 -45.43 -3.53
N SER E 171 31.89 -45.31 -2.48
CA SER E 171 33.19 -45.98 -2.47
C SER E 171 33.36 -46.78 -1.18
N LEU E 172 34.33 -47.67 -1.14
CA LEU E 172 34.56 -48.52 0.02
C LEU E 172 35.91 -49.20 -0.22
N SER E 173 36.98 -48.43 -0.02
CA SER E 173 38.32 -48.95 -0.19
C SER E 173 39.27 -48.36 0.87
N ALA E 174 40.48 -48.88 0.96
CA ALA E 174 41.38 -48.04 1.73
C ALA E 174 42.25 -47.14 0.83
N ARG E 175 42.06 -47.20 -0.50
CA ARG E 175 42.82 -46.19 -1.24
C ARG E 175 42.07 -44.95 -1.62
N SER E 176 40.83 -45.17 -1.98
CA SER E 176 40.15 -44.04 -2.59
C SER E 176 38.86 -43.87 -1.90
N ILE E 177 38.32 -42.66 -1.99
CA ILE E 177 37.00 -42.48 -1.43
C ILE E 177 36.31 -41.46 -2.33
N ILE E 178 35.01 -41.58 -2.51
CA ILE E 178 34.35 -40.61 -3.38
C ILE E 178 33.36 -39.65 -2.74
N TYR E 179 33.51 -38.36 -2.99
CA TYR E 179 32.52 -37.45 -2.44
C TYR E 179 31.73 -36.88 -3.57
N LYS E 180 30.67 -37.55 -4.01
CA LYS E 180 29.80 -37.06 -5.13
C LYS E 180 28.42 -36.83 -4.52
N GLY E 181 27.62 -36.03 -5.21
CA GLY E 181 26.23 -35.78 -4.83
C GLY E 181 25.52 -34.82 -5.78
N MET E 182 24.23 -34.67 -5.58
CA MET E 182 23.50 -33.81 -6.46
C MET E 182 23.59 -32.36 -6.23
N PHE E 183 24.72 -31.70 -6.28
CA PHE E 183 24.66 -30.26 -5.95
C PHE E 183 25.60 -29.52 -6.90
N LEU E 184 25.42 -28.22 -7.16
CA LEU E 184 26.34 -27.51 -8.06
C LEU E 184 27.83 -27.76 -7.76
N ALA E 185 28.62 -28.11 -8.77
CA ALA E 185 30.04 -28.36 -8.52
C ALA E 185 30.68 -27.18 -7.80
N GLU E 186 30.46 -25.97 -8.23
CA GLU E 186 31.05 -24.86 -7.52
C GLU E 186 30.72 -25.03 -6.06
N GLN E 187 29.68 -25.74 -5.66
CA GLN E 187 29.47 -25.82 -4.21
C GLN E 187 29.78 -27.14 -3.55
N LEU E 188 30.75 -27.90 -4.04
CA LEU E 188 30.96 -29.25 -3.52
C LEU E 188 31.41 -29.04 -2.08
N THR E 189 32.32 -28.08 -1.97
CA THR E 189 33.00 -27.79 -0.70
C THR E 189 32.03 -27.37 0.37
N THR E 190 30.97 -26.67 -0.06
CA THR E 190 29.92 -26.23 0.84
C THR E 190 29.06 -27.41 1.25
N PHE E 191 28.67 -28.25 0.32
CA PHE E 191 27.83 -29.32 0.81
C PHE E 191 28.59 -30.34 1.65
N TYR E 192 29.90 -30.33 1.54
CA TYR E 192 30.73 -31.31 2.23
C TYR E 192 31.95 -30.57 2.72
N PRO E 193 32.00 -30.16 3.97
CA PRO E 193 33.18 -29.44 4.45
C PRO E 193 34.42 -30.31 4.69
N ASP E 194 34.27 -31.60 4.99
CA ASP E 194 35.49 -32.42 5.18
C ASP E 194 36.54 -31.94 4.17
N LEU E 195 36.10 -31.72 2.93
CA LEU E 195 37.00 -31.42 1.83
C LEU E 195 37.81 -30.21 2.11
N LEU E 196 37.24 -29.30 2.86
CA LEU E 196 38.05 -28.15 3.16
C LEU E 196 39.11 -28.37 4.29
N ASP E 197 39.24 -29.57 4.83
CA ASP E 197 40.20 -29.79 5.90
C ASP E 197 41.62 -30.01 5.39
N GLU E 198 42.66 -29.43 6.01
CA GLU E 198 43.99 -29.71 5.48
C GLU E 198 44.45 -31.12 5.57
N ARG E 199 43.89 -31.89 6.47
CA ARG E 199 44.31 -33.27 6.34
C ARG E 199 43.94 -34.00 5.02
N PHE E 200 43.07 -33.41 4.19
CA PHE E 200 42.69 -34.06 2.91
C PHE E 200 43.83 -33.75 1.97
N GLU E 201 44.67 -34.75 1.72
CA GLU E 201 45.86 -34.64 0.89
C GLU E 201 45.84 -35.80 -0.04
N SER E 202 46.54 -35.74 -1.19
CA SER E 202 46.39 -36.84 -2.15
C SER E 202 47.30 -36.76 -3.34
N ASP E 203 47.80 -37.91 -3.74
CA ASP E 203 48.56 -37.94 -4.99
C ASP E 203 47.67 -37.78 -6.25
N PHE E 204 46.33 -37.89 -6.16
CA PHE E 204 45.55 -37.71 -7.37
C PHE E 204 44.14 -37.26 -7.15
N ALA E 205 43.51 -36.81 -8.23
CA ALA E 205 42.14 -36.29 -8.24
C ALA E 205 41.29 -36.71 -9.50
N ILE E 206 39.98 -36.74 -9.39
CA ILE E 206 39.22 -36.99 -10.59
C ILE E 206 37.91 -36.32 -10.34
N TYR E 207 37.65 -35.19 -10.97
CA TYR E 207 36.35 -34.60 -10.77
C TYR E 207 35.41 -34.84 -11.94
N HIS E 208 34.14 -34.39 -11.85
CA HIS E 208 33.09 -34.57 -12.86
C HIS E 208 31.71 -34.04 -12.50
N GLN E 209 31.23 -33.07 -13.25
CA GLN E 209 29.86 -32.56 -13.15
C GLN E 209 29.13 -33.28 -14.28
N ARG E 210 27.79 -33.29 -14.35
CA ARG E 210 27.10 -34.01 -15.43
C ARG E 210 25.81 -33.30 -15.79
N TYR E 211 25.24 -33.60 -16.96
CA TYR E 211 24.03 -32.89 -17.44
C TYR E 211 22.99 -33.94 -17.58
N SER E 212 21.80 -33.52 -17.93
CA SER E 212 20.90 -34.60 -18.21
C SER E 212 19.68 -34.15 -18.91
N THR E 213 19.07 -35.18 -19.44
CA THR E 213 17.80 -35.22 -20.13
C THR E 213 16.65 -35.26 -19.05
N ASN E 214 16.89 -34.59 -17.92
CA ASN E 214 15.99 -34.70 -16.80
C ASN E 214 15.90 -33.49 -15.92
N THR E 215 14.90 -33.59 -15.05
CA THR E 215 14.62 -32.65 -13.98
C THR E 215 14.79 -33.40 -12.64
N PHE E 216 14.64 -34.72 -12.70
CA PHE E 216 14.84 -35.65 -11.60
C PHE E 216 16.32 -35.93 -11.27
N PRO E 217 16.65 -35.77 -10.00
CA PRO E 217 18.01 -36.05 -9.54
C PRO E 217 18.18 -37.41 -8.84
N THR E 218 18.81 -38.42 -9.42
CA THR E 218 19.15 -39.57 -8.59
C THR E 218 20.57 -39.39 -8.00
N TRP E 219 20.82 -39.72 -6.72
CA TRP E 219 22.17 -39.49 -6.20
C TRP E 219 23.27 -40.45 -6.65
N PRO E 220 23.01 -41.72 -6.57
CA PRO E 220 23.99 -42.69 -7.05
C PRO E 220 24.43 -42.37 -8.50
N LEU E 221 23.53 -41.98 -9.40
CA LEU E 221 24.00 -41.64 -10.74
C LEU E 221 24.95 -40.43 -10.86
N ALA E 222 25.31 -39.69 -9.81
CA ALA E 222 26.35 -38.72 -10.09
C ALA E 222 27.68 -39.48 -10.04
N GLN E 223 28.64 -38.99 -10.82
CA GLN E 223 29.98 -39.57 -10.94
C GLN E 223 30.85 -38.73 -10.06
N PRO E 224 32.13 -39.01 -9.89
CA PRO E 224 32.85 -40.11 -10.52
C PRO E 224 32.40 -41.40 -10.02
N PHE E 225 32.47 -42.42 -10.87
CA PHE E 225 32.25 -43.76 -10.44
C PHE E 225 33.52 -44.27 -9.72
N ARG E 226 33.51 -45.57 -9.41
CA ARG E 226 34.54 -46.15 -8.60
C ARG E 226 35.90 -46.19 -9.18
N MET E 227 36.02 -46.39 -10.49
CA MET E 227 37.33 -46.33 -11.13
C MET E 227 37.33 -45.24 -12.17
N LEU E 228 36.13 -44.93 -12.67
CA LEU E 228 35.90 -44.12 -13.85
C LEU E 228 35.24 -42.77 -13.80
N ALA E 229 35.55 -41.91 -14.74
CA ALA E 229 34.65 -40.77 -14.89
C ALA E 229 34.54 -40.47 -16.39
N HIS E 230 33.32 -40.30 -16.86
CA HIS E 230 33.08 -40.19 -18.26
C HIS E 230 32.36 -38.96 -18.70
N ASN E 231 32.91 -38.23 -19.69
CA ASN E 231 32.19 -37.14 -20.39
C ASN E 231 31.83 -37.72 -21.73
N GLY E 232 30.56 -37.66 -22.10
CA GLY E 232 30.12 -38.23 -23.34
C GLY E 232 28.93 -39.11 -23.12
N GLU E 233 28.93 -40.19 -23.87
CA GLU E 233 27.81 -41.12 -23.91
C GLU E 233 28.25 -42.40 -24.63
N ILE E 234 27.66 -43.53 -24.34
CA ILE E 234 28.21 -44.68 -24.99
C ILE E 234 27.11 -45.28 -25.75
N ASN E 235 27.06 -44.93 -27.04
CA ASN E 235 25.94 -45.29 -27.87
C ASN E 235 25.83 -46.76 -28.09
N THR E 236 26.86 -47.45 -27.66
CA THR E 236 26.88 -48.84 -28.03
C THR E 236 26.50 -49.74 -26.88
N VAL E 237 25.92 -49.05 -25.92
CA VAL E 237 25.57 -49.67 -24.67
C VAL E 237 24.64 -50.87 -24.71
N LYS E 238 23.56 -50.89 -25.45
CA LYS E 238 22.76 -52.09 -25.20
C LYS E 238 23.55 -53.24 -25.76
N GLY E 239 24.55 -52.87 -26.55
CA GLY E 239 25.23 -53.89 -27.32
C GLY E 239 26.09 -54.62 -26.35
N ASN E 240 26.89 -53.78 -25.71
CA ASN E 240 27.76 -54.15 -24.64
C ASN E 240 26.95 -54.90 -23.59
N VAL E 241 25.89 -54.29 -23.13
CA VAL E 241 25.20 -54.93 -22.07
C VAL E 241 24.79 -56.34 -22.36
N ASN E 242 24.32 -56.60 -23.57
CA ASN E 242 23.84 -57.97 -23.78
C ASN E 242 25.03 -58.85 -23.96
N TRP E 243 26.12 -58.34 -24.51
CA TRP E 243 27.27 -59.21 -24.66
C TRP E 243 27.68 -59.71 -23.31
N MET E 244 27.66 -58.83 -22.31
CA MET E 244 28.14 -59.30 -21.03
C MET E 244 27.25 -60.41 -20.56
N LYS E 245 25.97 -60.31 -20.79
CA LYS E 245 25.21 -61.50 -20.43
C LYS E 245 25.88 -62.75 -20.96
N ALA E 246 26.86 -62.70 -21.85
CA ALA E 246 27.38 -64.01 -22.20
C ALA E 246 28.82 -64.04 -21.80
N HIS E 247 29.48 -62.92 -22.00
CA HIS E 247 30.82 -62.88 -21.58
C HIS E 247 30.92 -63.51 -20.24
N GLU E 248 29.90 -63.29 -19.44
CA GLU E 248 29.82 -63.70 -18.03
C GLU E 248 29.67 -65.19 -17.96
N THR E 249 28.87 -65.73 -18.83
CA THR E 249 28.69 -67.18 -18.81
C THR E 249 30.01 -67.92 -18.64
N ARG E 250 31.14 -67.25 -18.74
CA ARG E 250 32.38 -68.01 -18.76
C ARG E 250 33.42 -67.36 -17.96
N MET E 251 33.17 -66.13 -17.55
CA MET E 251 34.20 -65.44 -16.79
C MET E 251 34.44 -66.13 -15.48
N GLU E 252 35.73 -66.37 -15.27
CA GLU E 252 36.16 -67.10 -14.11
C GLU E 252 37.59 -66.72 -13.97
N HIS E 253 38.00 -66.35 -12.78
CA HIS E 253 39.39 -66.06 -12.62
C HIS E 253 39.60 -66.52 -11.22
N PRO E 254 40.85 -66.75 -10.89
CA PRO E 254 41.20 -67.34 -9.60
C PRO E 254 41.23 -66.29 -8.46
N ALA E 255 41.46 -65.01 -8.74
CA ALA E 255 41.50 -64.06 -7.66
C ALA E 255 40.19 -63.97 -6.86
N PHE E 256 39.07 -64.32 -7.46
CA PHE E 256 37.84 -64.13 -6.70
C PHE E 256 37.57 -65.42 -5.97
N GLY E 257 38.48 -66.34 -6.15
CA GLY E 257 38.27 -67.59 -5.48
C GLY E 257 36.88 -68.12 -5.77
N THR E 258 36.20 -68.55 -4.72
CA THR E 258 34.88 -69.13 -4.86
C THR E 258 33.82 -68.08 -5.03
N HIS E 259 34.27 -66.83 -5.01
CA HIS E 259 33.34 -65.76 -5.09
C HIS E 259 32.61 -65.43 -6.39
N MET E 260 33.22 -65.76 -7.53
CA MET E 260 32.61 -65.37 -8.78
C MET E 260 31.09 -65.25 -8.74
N GLN E 261 30.35 -66.30 -8.38
CA GLN E 261 28.93 -66.08 -8.53
C GLN E 261 28.34 -64.88 -7.89
N ASP E 262 28.95 -64.40 -6.84
CA ASP E 262 28.40 -63.27 -6.14
C ASP E 262 28.83 -62.18 -7.03
N LEU E 263 29.79 -62.48 -7.86
CA LEU E 263 30.33 -61.46 -8.69
C LEU E 263 29.41 -61.03 -9.85
N LYS E 264 28.42 -61.85 -10.19
CA LYS E 264 27.55 -61.64 -11.34
C LYS E 264 26.13 -61.38 -10.90
N PRO E 265 25.33 -60.67 -11.69
CA PRO E 265 25.69 -60.05 -12.96
C PRO E 265 26.55 -58.82 -12.75
N VAL E 266 27.63 -58.66 -13.46
CA VAL E 266 28.43 -57.48 -13.25
C VAL E 266 27.67 -56.20 -13.52
N ILE E 267 26.51 -56.29 -14.16
CA ILE E 267 25.76 -55.04 -14.41
C ILE E 267 24.34 -55.02 -13.85
N GLY E 268 24.17 -54.38 -12.69
CA GLY E 268 22.85 -54.36 -12.07
C GLY E 268 21.90 -53.37 -12.72
N VAL E 269 20.62 -53.54 -12.40
CA VAL E 269 19.66 -52.56 -12.91
C VAL E 269 19.75 -51.11 -12.45
N GLY E 270 19.34 -50.17 -13.28
CA GLY E 270 19.34 -48.79 -12.84
C GLY E 270 20.63 -48.02 -13.04
N LEU E 271 21.58 -48.59 -13.77
CA LEU E 271 22.82 -47.85 -14.00
C LEU E 271 22.75 -46.95 -15.20
N SER E 272 23.49 -45.86 -15.13
CA SER E 272 23.59 -44.94 -16.21
C SER E 272 24.62 -45.62 -17.13
N ASP E 273 24.80 -45.13 -18.36
CA ASP E 273 25.75 -45.81 -19.26
C ASP E 273 27.14 -45.90 -18.65
N SER E 274 27.65 -44.78 -18.14
CA SER E 274 28.97 -44.75 -17.59
C SER E 274 29.03 -45.63 -16.39
N GLY E 275 27.94 -45.63 -15.65
CA GLY E 275 27.94 -46.43 -14.47
C GLY E 275 28.23 -47.84 -14.94
N SER E 276 27.56 -48.31 -15.99
CA SER E 276 27.76 -49.71 -16.39
C SER E 276 29.17 -49.94 -16.82
N LEU E 277 29.78 -48.91 -17.40
CA LEU E 277 31.14 -49.08 -17.89
C LEU E 277 32.01 -49.38 -16.67
N ASP E 278 31.95 -48.51 -15.66
CA ASP E 278 32.76 -48.59 -14.44
C ASP E 278 32.55 -49.95 -13.89
N THR E 279 31.35 -50.43 -14.00
CA THR E 279 31.15 -51.74 -13.53
C THR E 279 32.05 -52.77 -14.19
N VAL E 280 32.24 -52.66 -15.47
CA VAL E 280 32.99 -53.71 -16.12
C VAL E 280 34.43 -53.43 -15.90
N PHE E 281 34.80 -52.19 -16.18
CA PHE E 281 36.18 -51.81 -15.99
C PHE E 281 36.71 -52.35 -14.66
N GLU E 282 35.90 -52.20 -13.61
CA GLU E 282 36.27 -52.68 -12.27
C GLU E 282 36.60 -54.16 -12.19
N VAL E 283 35.71 -55.01 -12.71
CA VAL E 283 35.98 -56.41 -12.47
C VAL E 283 37.30 -56.70 -13.11
N MET E 284 37.44 -56.24 -14.33
CA MET E 284 38.63 -56.51 -15.04
C MET E 284 39.82 -56.06 -14.19
N VAL E 285 39.93 -54.79 -13.82
CA VAL E 285 41.02 -54.41 -12.94
C VAL E 285 41.10 -55.25 -11.63
N ARG E 286 39.98 -55.49 -10.98
CA ARG E 286 40.09 -56.32 -9.79
C ARG E 286 40.71 -57.65 -10.13
N ALA E 287 40.70 -58.09 -11.38
CA ALA E 287 41.28 -59.41 -11.59
C ALA E 287 42.72 -59.39 -12.05
N GLY E 288 43.33 -58.22 -12.01
CA GLY E 288 44.69 -58.21 -12.45
C GLY E 288 45.05 -57.18 -13.51
N ARG E 289 44.16 -56.77 -14.41
CA ARG E 289 44.63 -55.88 -15.44
C ARG E 289 44.80 -54.47 -14.92
N THR E 290 45.90 -53.81 -15.29
CA THR E 290 46.21 -52.43 -15.06
C THR E 290 45.08 -51.58 -15.59
N ALA E 291 45.20 -50.28 -15.32
CA ALA E 291 44.18 -49.37 -15.83
C ALA E 291 44.30 -49.28 -17.32
N PRO E 292 45.49 -48.86 -17.80
CA PRO E 292 45.73 -48.70 -19.24
C PRO E 292 45.40 -49.95 -19.98
N MET E 293 45.77 -51.12 -19.51
CA MET E 293 45.29 -52.23 -20.34
C MET E 293 43.78 -52.20 -20.53
N VAL E 294 43.04 -51.79 -19.50
CA VAL E 294 41.60 -51.92 -19.59
C VAL E 294 41.03 -50.83 -20.51
N LYS E 295 41.54 -49.62 -20.39
CA LYS E 295 41.05 -48.61 -21.29
C LYS E 295 41.04 -49.23 -22.68
N MET E 296 42.16 -49.85 -23.04
CA MET E 296 42.27 -50.53 -24.31
C MET E 296 41.35 -51.68 -24.50
N MET E 297 41.41 -52.69 -23.69
CA MET E 297 40.45 -53.70 -24.04
C MET E 297 39.02 -53.15 -24.22
N LEU E 298 38.66 -52.04 -23.60
CA LEU E 298 37.27 -51.59 -23.73
C LEU E 298 36.99 -50.40 -24.60
N VAL E 299 37.96 -49.53 -24.76
CA VAL E 299 37.79 -48.37 -25.57
C VAL E 299 39.12 -48.26 -26.32
N PRO E 300 39.28 -49.20 -27.24
CA PRO E 300 40.51 -49.46 -27.98
C PRO E 300 40.53 -48.40 -28.96
N GLN E 301 41.66 -48.13 -29.59
CA GLN E 301 41.74 -47.07 -30.54
C GLN E 301 41.44 -47.74 -31.86
N ALA E 302 41.23 -46.97 -32.91
CA ALA E 302 40.95 -47.61 -34.18
C ALA E 302 42.24 -48.10 -34.76
N LEU E 303 42.16 -49.34 -35.22
CA LEU E 303 43.26 -49.96 -35.92
C LEU E 303 43.26 -49.51 -37.39
N THR E 304 43.54 -48.24 -37.71
CA THR E 304 43.53 -47.95 -39.14
C THR E 304 44.69 -48.82 -39.66
N SER E 305 44.50 -49.52 -40.80
CA SER E 305 45.61 -50.33 -41.23
C SER E 305 46.56 -49.42 -41.94
N SER E 306 47.50 -48.82 -41.19
CA SER E 306 48.38 -47.89 -41.80
C SER E 306 49.68 -47.80 -41.04
N GLN E 307 50.66 -47.19 -41.72
CA GLN E 307 52.02 -46.96 -41.30
C GLN E 307 52.06 -46.10 -40.05
N THR E 308 51.01 -45.31 -39.79
CA THR E 308 50.88 -44.35 -38.71
C THR E 308 51.13 -45.10 -37.41
N THR E 309 50.89 -46.40 -37.46
CA THR E 309 50.94 -47.25 -36.29
C THR E 309 52.09 -48.25 -36.21
N PRO E 310 52.95 -48.12 -35.20
CA PRO E 310 54.01 -49.10 -34.99
C PRO E 310 53.38 -50.48 -35.02
N ASP E 311 54.17 -51.54 -35.13
CA ASP E 311 53.53 -52.85 -35.23
C ASP E 311 53.18 -53.52 -33.92
N ASN E 312 53.90 -53.15 -32.85
CA ASN E 312 53.61 -53.65 -31.48
C ASN E 312 52.15 -53.34 -31.18
N HIS E 313 51.89 -52.03 -31.09
CA HIS E 313 50.55 -51.53 -30.91
C HIS E 313 49.50 -52.31 -31.67
N LYS E 314 49.67 -52.41 -32.99
CA LYS E 314 48.69 -53.11 -33.84
C LYS E 314 48.38 -54.51 -33.31
N ALA E 315 49.40 -55.19 -32.81
CA ALA E 315 49.26 -56.55 -32.30
C ALA E 315 48.22 -56.50 -31.20
N LEU E 316 48.61 -55.71 -30.21
CA LEU E 316 47.85 -55.50 -29.01
C LEU E 316 46.44 -55.22 -29.43
N ILE E 317 46.27 -54.13 -30.16
CA ILE E 317 44.93 -53.75 -30.53
C ILE E 317 44.16 -54.96 -30.99
N GLN E 318 44.70 -55.63 -31.99
CA GLN E 318 44.09 -56.83 -32.56
C GLN E 318 43.75 -57.85 -31.49
N TYR E 319 44.59 -57.89 -30.44
CA TYR E 319 44.38 -58.80 -29.34
C TYR E 319 43.08 -58.42 -28.67
N CYS E 320 43.04 -57.18 -28.18
CA CYS E 320 41.89 -56.71 -27.48
C CYS E 320 40.67 -57.04 -28.29
N ASN E 321 40.59 -56.41 -29.46
CA ASN E 321 39.45 -56.48 -30.34
C ASN E 321 38.89 -57.88 -30.45
N SER E 322 39.75 -58.84 -30.20
CA SER E 322 39.35 -60.24 -30.28
C SER E 322 38.75 -60.73 -28.95
N VAL E 323 39.18 -60.11 -27.85
CA VAL E 323 38.62 -60.48 -26.57
C VAL E 323 37.29 -59.84 -26.25
N MET E 324 37.26 -58.51 -26.37
CA MET E 324 36.15 -57.66 -25.94
C MET E 324 35.64 -56.68 -27.00
N GLU E 325 34.32 -56.53 -27.18
CA GLU E 325 33.89 -55.63 -28.25
C GLU E 325 33.70 -54.31 -27.66
N PRO E 326 34.22 -53.30 -28.31
CA PRO E 326 34.27 -51.96 -27.74
C PRO E 326 32.99 -51.41 -27.20
N TRP E 327 33.25 -50.36 -26.44
CA TRP E 327 32.26 -49.57 -25.76
C TRP E 327 32.38 -48.21 -26.44
N ASP E 328 31.60 -48.01 -27.50
CA ASP E 328 31.76 -46.82 -28.31
C ASP E 328 30.84 -45.65 -27.96
N GLY E 329 31.19 -44.42 -28.36
CA GLY E 329 30.42 -43.25 -28.09
C GLY E 329 31.41 -42.14 -27.77
N PRO E 330 31.03 -40.87 -27.87
CA PRO E 330 32.02 -39.86 -27.57
C PRO E 330 32.40 -40.19 -26.13
N ALA E 331 33.67 -40.08 -25.81
CA ALA E 331 34.10 -40.31 -24.46
C ALA E 331 35.47 -39.75 -24.04
N ALA E 332 35.44 -38.64 -23.30
CA ALA E 332 36.58 -38.24 -22.47
C ALA E 332 36.51 -39.12 -21.21
N LEU E 333 37.56 -39.84 -20.83
CA LEU E 333 37.53 -40.64 -19.60
C LEU E 333 38.66 -40.22 -18.69
N ALA E 334 38.41 -40.28 -17.38
CA ALA E 334 39.37 -40.10 -16.31
C ALA E 334 39.22 -41.37 -15.47
N MET E 335 40.34 -42.04 -15.37
CA MET E 335 40.43 -43.39 -14.83
C MET E 335 41.53 -43.61 -13.81
N THR E 336 41.32 -44.64 -12.98
CA THR E 336 42.40 -45.11 -12.14
C THR E 336 42.05 -46.37 -11.41
N ASP E 337 42.94 -47.36 -11.55
CA ASP E 337 42.92 -48.64 -10.81
C ASP E 337 43.76 -48.12 -9.69
N GLY E 338 44.17 -48.93 -8.76
CA GLY E 338 44.76 -48.20 -7.67
C GLY E 338 45.92 -47.25 -7.90
N ARG E 339 46.74 -47.60 -8.88
CA ARG E 339 48.07 -47.05 -9.02
C ARG E 339 48.34 -46.06 -10.11
N TRP E 340 47.70 -46.36 -11.22
CA TRP E 340 47.87 -45.53 -12.36
C TRP E 340 46.71 -44.57 -12.35
N VAL E 341 46.89 -43.48 -13.07
CA VAL E 341 45.86 -42.49 -13.23
C VAL E 341 45.81 -42.24 -14.73
N VAL E 342 44.67 -42.47 -15.39
CA VAL E 342 44.63 -42.23 -16.84
C VAL E 342 43.58 -41.33 -17.49
N GLY E 343 44.03 -40.50 -18.44
CA GLY E 343 43.14 -39.70 -19.24
C GLY E 343 43.03 -40.43 -20.58
N GLY E 344 41.83 -40.71 -21.10
CA GLY E 344 41.66 -41.44 -22.35
C GLY E 344 40.64 -40.92 -23.37
N MET E 345 40.75 -41.34 -24.63
CA MET E 345 39.79 -40.88 -25.58
C MET E 345 39.03 -41.94 -26.31
N ASP E 346 37.93 -41.56 -26.91
CA ASP E 346 37.19 -42.59 -27.60
C ASP E 346 37.86 -42.75 -29.00
N ARG E 347 37.43 -43.69 -29.81
CA ARG E 347 38.15 -43.83 -31.03
C ARG E 347 37.98 -42.76 -32.06
N ASN E 348 37.17 -41.74 -31.79
CA ASN E 348 36.95 -40.69 -32.77
C ASN E 348 37.23 -39.34 -32.19
N GLY E 349 37.97 -39.28 -31.09
CA GLY E 349 38.22 -37.98 -30.49
C GLY E 349 36.98 -37.09 -30.47
N LEU E 350 35.89 -37.64 -29.93
CA LEU E 350 34.62 -36.98 -29.94
C LEU E 350 34.39 -35.90 -28.91
N ARG E 351 35.25 -35.83 -27.87
CA ARG E 351 35.12 -34.86 -26.74
C ARG E 351 36.42 -34.18 -26.41
N PRO E 352 36.40 -32.92 -26.00
CA PRO E 352 37.65 -32.18 -25.73
C PRO E 352 38.42 -32.81 -24.58
N MET E 353 39.69 -32.54 -24.48
CA MET E 353 40.42 -33.00 -23.29
C MET E 353 41.80 -32.37 -23.23
N ARG E 354 41.91 -31.07 -22.97
CA ARG E 354 43.21 -30.50 -22.83
C ARG E 354 43.92 -30.95 -21.54
N TYR E 355 45.22 -30.62 -21.46
CA TYR E 355 46.02 -30.79 -20.26
C TYR E 355 47.30 -29.95 -20.18
N THR E 356 47.71 -29.59 -18.97
CA THR E 356 48.91 -28.84 -18.69
C THR E 356 49.90 -29.60 -17.72
N ILE E 357 51.20 -29.44 -17.97
CA ILE E 357 52.18 -30.06 -17.08
C ILE E 357 53.01 -28.95 -16.46
N THR E 358 53.23 -29.04 -15.16
CA THR E 358 53.86 -27.92 -14.45
C THR E 358 55.27 -28.11 -13.95
N THR E 359 55.88 -27.03 -13.49
CA THR E 359 57.23 -27.21 -13.01
C THR E 359 57.14 -28.01 -11.69
N ASP E 360 56.11 -27.71 -10.89
CA ASP E 360 55.84 -28.42 -9.64
C ASP E 360 55.45 -29.90 -9.79
N GLY E 361 55.51 -30.45 -11.00
CA GLY E 361 55.40 -31.90 -11.08
C GLY E 361 54.03 -32.53 -10.92
N LEU E 362 53.09 -31.81 -11.53
CA LEU E 362 51.69 -32.13 -11.52
C LEU E 362 51.19 -32.14 -12.94
N ILE E 363 50.23 -33.00 -13.24
CA ILE E 363 49.52 -32.93 -14.53
C ILE E 363 48.02 -32.61 -14.25
N ILE E 364 47.47 -31.57 -14.86
CA ILE E 364 46.06 -31.35 -14.65
C ILE E 364 45.21 -31.66 -15.91
N GLY E 365 44.46 -32.77 -15.89
CA GLY E 365 43.58 -33.16 -17.00
C GLY E 365 42.32 -32.31 -17.06
N GLY E 366 41.85 -31.97 -18.26
CA GLY E 366 40.69 -31.10 -18.35
C GLY E 366 39.80 -31.25 -19.58
N SER E 367 38.63 -30.61 -19.53
CA SER E 367 37.66 -30.71 -20.63
C SER E 367 37.78 -29.39 -21.36
N GLU E 368 37.81 -28.32 -20.58
CA GLU E 368 38.28 -27.07 -21.14
C GLU E 368 39.61 -26.87 -20.48
N THR E 369 40.25 -25.71 -20.63
CA THR E 369 41.64 -25.48 -20.26
C THR E 369 41.72 -24.37 -19.23
N GLY E 370 41.16 -23.17 -19.43
CA GLY E 370 41.30 -22.23 -18.29
C GLY E 370 40.82 -22.56 -16.85
N MET E 371 40.54 -23.83 -16.65
CA MET E 371 39.85 -24.44 -15.57
C MET E 371 40.53 -24.31 -14.29
N VAL E 372 41.80 -23.93 -14.23
CA VAL E 372 42.46 -23.82 -12.88
C VAL E 372 43.76 -23.04 -12.96
N LYS E 373 43.87 -21.89 -12.33
CA LYS E 373 45.07 -21.06 -12.44
C LYS E 373 46.42 -21.73 -12.31
N ILE E 374 47.34 -21.35 -13.19
CA ILE E 374 48.69 -21.87 -13.21
C ILE E 374 49.46 -20.74 -13.86
N ASP E 375 50.64 -20.43 -13.35
CA ASP E 375 51.39 -19.35 -13.91
C ASP E 375 52.11 -19.86 -15.15
N GLU E 376 52.02 -19.08 -16.23
CA GLU E 376 52.54 -19.49 -17.52
C GLU E 376 53.94 -19.93 -17.21
N THR E 377 54.60 -19.05 -16.50
CA THR E 377 55.95 -19.27 -16.07
C THR E 377 56.27 -20.67 -15.64
N GLN E 378 55.31 -21.45 -15.17
CA GLN E 378 55.70 -22.76 -14.65
C GLN E 378 55.13 -23.84 -15.49
N VAL E 379 54.71 -23.44 -16.68
CA VAL E 379 54.16 -24.45 -17.56
C VAL E 379 55.27 -25.13 -18.32
N ILE E 380 55.37 -26.43 -18.19
CA ILE E 380 56.37 -27.03 -19.04
C ILE E 380 55.76 -27.56 -20.34
N GLU E 381 54.47 -27.86 -20.38
CA GLU E 381 53.83 -28.37 -21.59
C GLU E 381 52.32 -28.12 -21.60
N LYS E 382 51.69 -28.15 -22.77
CA LYS E 382 50.26 -27.87 -22.90
C LYS E 382 49.79 -28.75 -24.02
N GLY E 383 49.23 -29.90 -23.65
CA GLY E 383 48.82 -30.94 -24.58
C GLY E 383 47.32 -31.05 -24.69
N ARG E 384 46.93 -32.25 -25.15
CA ARG E 384 45.56 -32.62 -25.39
C ARG E 384 45.50 -34.09 -25.74
N LEU E 385 44.33 -34.72 -25.83
CA LEU E 385 44.32 -36.12 -26.33
C LEU E 385 43.68 -36.07 -27.71
N GLY E 386 44.03 -36.99 -28.59
CA GLY E 386 43.45 -37.00 -29.92
C GLY E 386 42.73 -38.30 -29.90
N PRO E 387 42.11 -38.68 -31.00
CA PRO E 387 41.32 -39.92 -30.95
C PRO E 387 42.13 -41.04 -30.40
N GLY E 388 41.57 -41.85 -29.54
CA GLY E 388 42.30 -43.02 -29.10
C GLY E 388 43.45 -42.85 -28.15
N GLU E 389 44.05 -41.67 -28.07
CA GLU E 389 45.18 -41.59 -27.17
C GLU E 389 44.87 -41.68 -25.69
N MET E 390 45.91 -42.00 -24.91
CA MET E 390 45.87 -41.85 -23.48
C MET E 390 47.08 -41.07 -23.01
N ILE E 391 47.08 -40.68 -21.75
CA ILE E 391 48.25 -40.06 -21.15
C ILE E 391 48.09 -40.62 -19.78
N ALA E 392 49.20 -40.86 -19.07
CA ALA E 392 49.09 -41.47 -17.74
C ALA E 392 50.21 -41.23 -16.74
N VAL E 393 49.93 -41.67 -15.52
CA VAL E 393 50.94 -41.63 -14.50
C VAL E 393 50.96 -42.90 -13.69
N ASP E 394 52.15 -43.44 -13.56
CA ASP E 394 52.31 -44.54 -12.64
C ASP E 394 52.82 -43.90 -11.37
N LEU E 395 51.89 -43.70 -10.46
CA LEU E 395 52.10 -43.23 -9.11
C LEU E 395 53.07 -44.08 -8.29
N GLN E 396 53.10 -45.39 -8.47
CA GLN E 396 54.12 -46.08 -7.70
C GLN E 396 55.50 -45.63 -8.06
N SER E 397 55.78 -45.39 -9.34
CA SER E 397 57.12 -45.03 -9.73
C SER E 397 57.21 -43.57 -10.01
N GLY E 398 56.12 -42.88 -9.81
CA GLY E 398 56.13 -41.46 -10.10
C GLY E 398 56.78 -41.20 -11.44
N LYS E 399 56.31 -41.88 -12.50
CA LYS E 399 56.70 -41.63 -13.89
C LYS E 399 55.48 -41.25 -14.77
N LEU E 400 55.64 -40.23 -15.62
CA LEU E 400 54.60 -39.85 -16.57
C LEU E 400 54.75 -40.56 -17.92
N TYR E 401 53.69 -41.11 -18.50
CA TYR E 401 53.85 -41.70 -19.82
C TYR E 401 52.90 -41.01 -20.78
N ARG E 402 53.42 -40.46 -21.87
CA ARG E 402 52.57 -39.90 -22.91
C ARG E 402 52.04 -41.07 -23.75
N ASP E 403 51.20 -40.79 -24.73
CA ASP E 403 50.59 -41.91 -25.46
C ASP E 403 51.56 -43.00 -26.00
N ARG E 404 52.47 -42.54 -26.86
CA ARG E 404 53.38 -43.48 -27.53
C ARG E 404 54.03 -44.36 -26.49
N GLU E 405 54.82 -43.69 -25.66
CA GLU E 405 55.53 -44.34 -24.58
C GLU E 405 54.62 -45.21 -23.73
N LEU E 406 53.41 -44.79 -23.45
CA LEU E 406 52.57 -45.69 -22.69
C LEU E 406 52.19 -46.93 -23.50
N LYS E 407 51.91 -46.73 -24.80
CA LYS E 407 51.43 -47.83 -25.63
C LYS E 407 52.61 -48.76 -25.89
N ASP E 408 53.80 -48.14 -25.92
CA ASP E 408 55.00 -48.92 -26.07
C ASP E 408 54.96 -49.97 -24.99
N HIS E 409 54.96 -49.48 -23.75
CA HIS E 409 54.87 -50.28 -22.55
C HIS E 409 53.90 -51.43 -22.64
N LEU E 410 52.67 -51.18 -23.03
CA LEU E 410 51.73 -52.28 -23.00
C LEU E 410 52.01 -53.32 -24.06
N ALA E 411 52.66 -52.89 -25.13
CA ALA E 411 53.02 -53.76 -26.25
C ALA E 411 54.00 -54.76 -25.71
N THR E 412 54.86 -54.21 -24.86
CA THR E 412 55.86 -54.94 -24.14
C THR E 412 55.38 -56.13 -23.31
N LEU E 413 54.20 -56.04 -22.74
CA LEU E 413 53.76 -57.08 -21.82
C LEU E 413 53.70 -58.50 -22.33
N LYS E 414 53.27 -58.71 -23.56
CA LYS E 414 53.19 -60.07 -24.05
C LYS E 414 53.56 -60.20 -25.52
N PRO E 415 53.59 -61.42 -26.01
CA PRO E 415 53.98 -61.67 -27.40
C PRO E 415 52.73 -61.41 -28.23
N TRP E 416 52.31 -60.16 -28.24
CA TRP E 416 51.06 -59.85 -28.88
C TRP E 416 50.98 -60.48 -30.25
N ASP E 417 51.94 -60.16 -31.11
CA ASP E 417 51.94 -60.69 -32.48
C ASP E 417 51.98 -62.21 -32.56
N LYS E 418 52.97 -62.80 -31.91
CA LYS E 418 53.03 -64.23 -31.94
C LYS E 418 51.65 -64.77 -31.63
N TRP E 419 50.94 -64.08 -30.75
CA TRP E 419 49.65 -64.61 -30.29
C TRP E 419 48.60 -64.34 -31.30
N VAL E 420 48.70 -63.14 -31.84
CA VAL E 420 47.76 -62.68 -32.84
C VAL E 420 47.87 -63.61 -34.05
N GLN E 421 49.10 -63.96 -34.42
CA GLN E 421 49.33 -64.88 -35.51
C GLN E 421 48.58 -66.18 -35.35
N ASN E 422 47.89 -66.38 -34.24
CA ASN E 422 47.16 -67.62 -34.03
C ASN E 422 45.78 -67.64 -34.66
N THR E 423 45.38 -66.59 -35.38
CA THR E 423 44.03 -66.57 -35.93
C THR E 423 43.92 -67.03 -37.35
N THR E 424 42.89 -67.79 -37.63
CA THR E 424 42.64 -68.21 -39.00
C THR E 424 41.81 -67.21 -39.79
N HIS E 425 42.40 -66.35 -40.62
CA HIS E 425 41.60 -65.47 -41.46
C HIS E 425 40.96 -66.22 -42.63
N LEU E 426 39.76 -66.76 -42.51
CA LEU E 426 39.24 -67.49 -43.63
C LEU E 426 38.70 -66.65 -44.79
N ASP E 427 39.44 -65.60 -45.11
CA ASP E 427 39.04 -64.62 -46.11
C ASP E 427 39.41 -65.10 -47.46
N GLU E 428 40.72 -65.13 -47.68
CA GLU E 428 41.28 -65.59 -48.92
C GLU E 428 40.69 -66.94 -49.22
N LEU E 429 40.65 -67.81 -48.25
CA LEU E 429 40.03 -69.06 -48.61
C LEU E 429 38.66 -68.83 -49.24
N VAL E 430 38.01 -67.75 -48.88
CA VAL E 430 36.63 -67.54 -49.33
C VAL E 430 36.51 -66.79 -50.64
N LYS E 431 37.44 -65.88 -50.86
CA LYS E 431 37.50 -65.08 -52.07
C LYS E 431 37.86 -66.01 -53.22
N THR E 432 38.83 -66.89 -52.96
CA THR E 432 39.19 -67.93 -53.88
C THR E 432 37.90 -68.53 -54.44
N ALA E 433 37.22 -69.39 -53.71
CA ALA E 433 36.01 -69.97 -54.27
C ALA E 433 35.06 -69.03 -55.01
N SER E 434 35.18 -67.72 -54.81
CA SER E 434 34.21 -66.86 -55.47
C SER E 434 34.63 -66.69 -56.91
N LEU E 435 35.91 -66.34 -57.07
CA LEU E 435 36.56 -66.21 -58.37
C LEU E 435 36.42 -67.55 -59.09
N LYS E 436 36.52 -68.64 -58.34
CA LYS E 436 36.34 -69.93 -58.96
C LYS E 436 34.89 -70.02 -59.45
N GLY E 437 34.08 -69.01 -59.18
CA GLY E 437 32.73 -69.01 -59.71
C GLY E 437 31.47 -69.07 -58.86
N GLU E 438 30.88 -67.91 -58.67
CA GLU E 438 29.62 -67.83 -57.96
C GLU E 438 28.61 -68.62 -58.75
N PRO E 439 28.12 -69.72 -58.21
CA PRO E 439 27.22 -70.62 -58.93
C PRO E 439 25.81 -70.14 -59.00
N SER E 440 24.94 -70.95 -59.58
CA SER E 440 23.52 -70.66 -59.57
C SER E 440 22.77 -71.88 -60.08
N ASP E 441 21.75 -72.31 -59.35
CA ASP E 441 21.14 -73.57 -59.67
C ASP E 441 19.64 -73.58 -59.71
N MET E 442 19.02 -72.46 -60.00
CA MET E 442 17.58 -72.52 -60.02
C MET E 442 17.10 -72.16 -61.39
N ASP E 443 16.01 -72.73 -61.86
CA ASP E 443 15.61 -72.16 -63.12
C ASP E 443 14.62 -71.05 -62.93
N LYS E 444 14.85 -69.94 -63.61
CA LYS E 444 13.89 -68.85 -63.60
C LYS E 444 12.53 -69.30 -63.14
N ALA E 445 12.06 -70.46 -63.54
CA ALA E 445 10.71 -70.81 -63.08
C ALA E 445 10.63 -70.87 -61.57
N GLU E 446 11.75 -71.15 -60.95
CA GLU E 446 11.83 -71.21 -59.49
C GLU E 446 12.06 -69.84 -58.87
N LEU E 447 13.22 -69.29 -59.15
CA LEU E 447 13.54 -67.96 -58.72
C LEU E 447 12.23 -67.25 -58.66
N ARG E 448 11.54 -67.14 -59.78
CA ARG E 448 10.30 -66.37 -59.81
C ARG E 448 9.31 -66.76 -58.72
N ARG E 449 9.15 -68.06 -58.51
CA ARG E 449 8.14 -68.41 -57.53
C ARG E 449 8.54 -68.23 -56.07
N ARG E 450 9.77 -68.55 -55.73
CA ARG E 450 10.20 -68.25 -54.40
C ARG E 450 10.01 -66.77 -54.37
N GLN E 451 10.92 -66.01 -54.94
CA GLN E 451 10.70 -64.55 -55.00
C GLN E 451 9.27 -64.08 -54.71
N GLN E 452 8.28 -64.74 -55.30
CA GLN E 452 6.88 -64.38 -55.06
C GLN E 452 6.45 -64.69 -53.62
N ALA E 453 7.08 -65.71 -53.05
CA ALA E 453 6.74 -66.11 -51.69
C ALA E 453 6.99 -64.93 -50.74
N PHE E 454 8.17 -64.38 -50.75
CA PHE E 454 8.37 -63.17 -50.03
C PHE E 454 7.83 -61.95 -50.75
N GLY E 455 6.78 -62.06 -51.54
CA GLY E 455 6.24 -60.88 -52.20
C GLY E 455 7.14 -59.84 -52.89
N LEU E 456 8.27 -60.27 -53.47
CA LEU E 456 9.18 -59.42 -54.24
C LEU E 456 8.59 -58.90 -55.57
N THR E 457 9.23 -57.89 -56.17
CA THR E 457 8.71 -57.30 -57.39
C THR E 457 9.68 -56.75 -58.44
N MET E 458 9.16 -56.26 -59.55
CA MET E 458 10.09 -55.72 -60.48
C MET E 458 10.78 -54.50 -59.98
N GLU E 459 10.02 -53.61 -59.33
CA GLU E 459 10.52 -52.37 -58.75
C GLU E 459 11.71 -52.73 -57.90
N ASP E 460 11.54 -53.87 -57.24
CA ASP E 460 12.55 -54.45 -56.37
C ASP E 460 13.79 -54.83 -57.11
N MET E 461 13.59 -55.37 -58.32
CA MET E 461 14.70 -55.91 -59.10
C MET E 461 15.39 -54.84 -59.88
N GLU E 462 14.60 -53.93 -60.41
CA GLU E 462 15.09 -52.91 -61.29
C GLU E 462 15.62 -51.73 -60.55
N LEU E 463 14.79 -51.27 -59.60
CA LEU E 463 15.00 -50.03 -58.87
C LEU E 463 16.09 -50.02 -57.84
N ILE E 464 16.23 -51.21 -57.27
CA ILE E 464 16.99 -51.39 -56.04
C ILE E 464 18.10 -52.41 -56.00
N LEU E 465 17.84 -53.59 -56.59
CA LEU E 465 18.86 -54.62 -56.67
C LEU E 465 19.86 -54.20 -57.73
N HIS E 466 19.40 -54.11 -58.97
CA HIS E 466 20.24 -53.62 -60.00
C HIS E 466 21.33 -52.60 -59.69
N PRO E 467 20.95 -51.43 -59.19
CA PRO E 467 21.95 -50.39 -59.02
C PRO E 467 23.02 -50.94 -58.13
N MET E 468 22.64 -51.87 -57.26
CA MET E 468 23.67 -52.36 -56.34
C MET E 468 24.74 -53.04 -57.17
N VAL E 469 24.29 -54.02 -57.96
CA VAL E 469 25.15 -54.78 -58.86
C VAL E 469 25.96 -53.92 -59.83
N GLU E 470 25.27 -52.96 -60.41
CA GLU E 470 25.88 -52.13 -61.38
C GLU E 470 26.86 -51.23 -60.74
N ASP E 471 26.38 -50.18 -60.07
CA ASP E 471 27.25 -49.18 -59.43
C ASP E 471 27.90 -49.58 -58.13
N GLY E 472 27.43 -50.66 -57.52
CA GLY E 472 27.98 -51.01 -56.22
C GLY E 472 27.71 -49.86 -55.24
N LYS E 473 26.43 -49.54 -55.14
CA LYS E 473 26.06 -48.40 -54.38
C LYS E 473 24.60 -48.60 -54.24
N GLU E 474 23.98 -48.04 -53.21
CA GLU E 474 22.57 -48.32 -53.16
C GLU E 474 21.77 -47.22 -53.70
N ALA E 475 20.63 -47.64 -54.22
CA ALA E 475 19.67 -46.76 -54.82
C ALA E 475 19.39 -45.46 -54.14
N ILE E 476 19.58 -44.37 -54.83
CA ILE E 476 19.14 -43.10 -54.29
C ILE E 476 17.80 -42.75 -54.92
N GLY E 477 17.02 -41.91 -54.23
CA GLY E 477 15.67 -41.58 -54.64
C GLY E 477 15.19 -40.22 -54.21
N SER E 478 13.87 -40.01 -54.23
CA SER E 478 13.39 -38.71 -53.79
C SER E 478 11.96 -38.60 -53.38
N MET E 479 11.56 -37.49 -52.75
CA MET E 479 10.20 -37.36 -52.20
C MET E 479 9.99 -38.34 -50.99
N GLY E 480 9.06 -38.00 -50.10
CA GLY E 480 8.91 -38.81 -48.90
C GLY E 480 8.40 -40.20 -49.05
N ASP E 481 8.14 -40.84 -47.94
CA ASP E 481 7.62 -42.18 -47.99
C ASP E 481 6.16 -42.06 -47.73
N ASP E 482 5.34 -42.05 -48.75
CA ASP E 482 3.97 -41.93 -48.44
C ASP E 482 3.20 -43.21 -48.45
N SER E 483 3.82 -44.33 -48.21
CA SER E 483 3.01 -45.54 -48.26
C SER E 483 2.43 -45.75 -46.93
N PRO E 484 1.57 -46.72 -46.72
CA PRO E 484 0.99 -46.98 -45.43
C PRO E 484 2.08 -47.33 -44.50
N ILE E 485 1.86 -47.43 -43.20
CA ILE E 485 2.94 -47.94 -42.39
C ILE E 485 2.59 -49.42 -42.44
N ALA E 486 3.64 -50.21 -42.59
CA ALA E 486 3.43 -51.64 -42.75
C ALA E 486 2.31 -52.28 -41.99
N VAL E 487 2.16 -52.13 -40.68
CA VAL E 487 1.05 -52.93 -40.11
C VAL E 487 -0.26 -52.66 -40.81
N LEU E 488 -0.47 -51.42 -41.15
CA LEU E 488 -1.68 -51.03 -41.73
C LEU E 488 -1.67 -51.48 -43.20
N SER E 489 -0.51 -51.87 -43.72
CA SER E 489 -0.54 -52.29 -45.10
C SER E 489 -1.49 -53.38 -45.38
N ASP E 490 -1.83 -53.34 -46.64
CA ASP E 490 -2.79 -54.14 -47.35
C ASP E 490 -2.06 -55.29 -48.03
N LYS E 491 -0.75 -55.18 -48.07
CA LYS E 491 0.06 -56.04 -48.89
C LYS E 491 1.30 -56.64 -48.29
N TYR E 492 1.37 -57.95 -48.26
CA TYR E 492 2.58 -58.57 -47.71
C TYR E 492 3.82 -57.67 -47.65
N ARG E 493 4.26 -57.40 -46.44
CA ARG E 493 5.46 -56.64 -46.21
C ARG E 493 6.26 -57.55 -45.30
N GLY E 494 7.59 -57.51 -45.37
CA GLY E 494 8.35 -58.42 -44.55
C GLY E 494 8.81 -57.89 -43.21
N LEU E 495 8.98 -58.76 -42.24
CA LEU E 495 9.39 -58.24 -40.93
C LEU E 495 10.29 -57.07 -41.00
N HIS E 496 11.31 -57.11 -41.82
CA HIS E 496 12.20 -55.99 -41.75
C HIS E 496 11.53 -54.62 -41.87
N HIS E 497 10.34 -54.61 -42.43
CA HIS E 497 9.59 -53.39 -42.58
C HIS E 497 9.20 -52.74 -41.27
N PHE E 498 8.76 -53.57 -40.31
CA PHE E 498 8.43 -53.13 -38.98
C PHE E 498 9.62 -52.78 -38.11
N PHE E 499 10.85 -53.17 -38.42
CA PHE E 499 11.90 -52.73 -37.54
C PHE E 499 12.46 -51.43 -37.98
N ARG E 500 12.36 -50.33 -37.25
CA ARG E 500 12.99 -49.09 -37.76
C ARG E 500 14.41 -48.81 -37.35
N GLN E 501 15.29 -48.40 -38.23
CA GLN E 501 16.67 -48.18 -37.80
C GLN E 501 16.68 -47.02 -36.87
N ASN E 502 17.45 -47.14 -35.79
CA ASN E 502 17.52 -46.13 -34.73
C ASN E 502 18.57 -45.26 -35.26
N PHE E 503 18.81 -44.09 -34.69
CA PHE E 503 19.83 -43.20 -35.17
C PHE E 503 20.01 -42.19 -34.08
N SER E 504 20.99 -41.30 -34.19
CA SER E 504 21.10 -40.51 -33.01
C SER E 504 20.91 -39.02 -33.15
N GLN E 505 20.37 -38.37 -32.13
CA GLN E 505 20.03 -36.96 -32.26
C GLN E 505 20.75 -35.96 -31.43
N VAL E 506 20.61 -35.90 -30.14
CA VAL E 506 21.46 -34.79 -29.72
C VAL E 506 22.45 -35.29 -28.73
N THR E 507 22.09 -36.41 -28.19
CA THR E 507 22.91 -37.07 -27.24
C THR E 507 24.29 -37.29 -27.79
N ASN E 508 24.42 -37.97 -28.92
CA ASN E 508 25.71 -38.16 -29.60
C ASN E 508 25.64 -37.96 -31.11
N PRO E 509 26.77 -37.67 -31.76
CA PRO E 509 26.81 -37.44 -33.21
C PRO E 509 26.94 -38.74 -33.94
N PRO E 510 26.48 -38.76 -35.18
CA PRO E 510 26.65 -39.91 -36.06
C PRO E 510 27.92 -39.62 -36.85
N ILE E 511 28.58 -40.65 -37.40
CA ILE E 511 29.87 -40.46 -38.05
C ILE E 511 29.75 -40.32 -39.51
N ASP E 512 30.85 -39.96 -40.18
CA ASP E 512 30.86 -39.97 -41.65
C ASP E 512 31.43 -41.27 -42.13
N SER E 513 30.60 -42.18 -42.64
CA SER E 513 31.17 -43.39 -43.14
C SER E 513 31.80 -43.22 -44.50
N LEU E 514 31.78 -42.03 -45.10
CA LEU E 514 32.53 -41.96 -46.34
C LEU E 514 33.85 -41.38 -45.92
N ARG E 515 33.84 -40.11 -45.59
CA ARG E 515 35.09 -39.49 -45.27
C ARG E 515 35.87 -40.13 -44.13
N GLU E 516 35.18 -40.90 -43.28
CA GLU E 516 35.87 -41.44 -42.13
C GLU E 516 35.83 -42.95 -42.01
N ARG E 517 35.74 -43.62 -43.16
CA ARG E 517 35.59 -45.07 -43.19
C ARG E 517 36.71 -45.81 -42.51
N ARG E 518 37.88 -45.22 -42.51
CA ARG E 518 39.03 -45.86 -41.87
C ARG E 518 38.83 -46.21 -40.37
N VAL E 519 37.96 -45.53 -39.66
CA VAL E 519 37.83 -45.91 -38.26
C VAL E 519 36.76 -46.89 -38.07
N MET E 520 36.03 -47.21 -39.10
CA MET E 520 34.86 -48.02 -38.86
C MET E 520 35.31 -49.48 -38.98
N SER E 521 34.42 -50.45 -39.15
CA SER E 521 34.83 -51.81 -39.39
C SER E 521 33.78 -52.91 -39.33
N LEU E 522 33.95 -54.01 -40.08
CA LEU E 522 32.96 -55.04 -40.13
C LEU E 522 33.54 -56.41 -39.83
N LYS E 523 34.71 -56.39 -39.19
CA LYS E 523 35.33 -57.69 -38.92
C LYS E 523 34.35 -58.62 -38.26
N THR E 524 34.48 -59.90 -38.49
CA THR E 524 33.55 -60.81 -37.86
C THR E 524 34.40 -61.98 -37.40
N ARG E 525 34.06 -62.63 -36.29
CA ARG E 525 34.88 -63.67 -35.70
C ARG E 525 34.01 -64.79 -35.27
N LEU E 526 34.31 -66.02 -35.64
CA LEU E 526 33.47 -67.06 -35.09
C LEU E 526 34.32 -67.80 -34.03
N GLY E 527 33.74 -67.93 -32.82
CA GLY E 527 34.37 -68.58 -31.68
C GLY E 527 35.49 -67.80 -30.98
N ASN E 528 35.19 -66.60 -30.53
CA ASN E 528 36.20 -65.83 -29.81
C ASN E 528 35.61 -65.40 -28.46
N LEU E 529 34.65 -66.20 -28.04
CA LEU E 529 33.90 -65.91 -26.85
C LEU E 529 34.27 -66.75 -25.64
N GLY E 530 35.37 -66.43 -24.96
CA GLY E 530 35.77 -67.20 -23.78
C GLY E 530 35.91 -66.45 -22.47
N ASN E 531 37.14 -66.20 -22.06
CA ASN E 531 37.22 -65.54 -20.79
C ASN E 531 37.69 -64.14 -20.79
N ILE E 532 36.78 -63.20 -20.81
CA ILE E 532 37.31 -61.88 -20.83
C ILE E 532 38.36 -61.78 -19.72
N LEU E 533 38.28 -62.70 -18.75
CA LEU E 533 39.15 -62.64 -17.56
C LEU E 533 40.58 -63.13 -17.68
N ASP E 534 40.74 -64.09 -18.59
CA ASP E 534 42.01 -64.68 -19.05
C ASP E 534 42.92 -63.73 -19.82
N GLU E 535 44.22 -64.03 -19.83
CA GLU E 535 45.12 -63.23 -20.66
C GLU E 535 46.12 -64.22 -21.21
N ASP E 536 45.64 -65.13 -22.03
CA ASP E 536 46.50 -66.13 -22.61
C ASP E 536 46.32 -66.20 -24.14
N GLU E 537 47.39 -66.51 -24.87
CA GLU E 537 47.33 -66.59 -26.32
C GLU E 537 46.18 -67.47 -26.81
N THR E 538 45.64 -68.34 -25.98
CA THR E 538 44.62 -69.21 -26.53
C THR E 538 43.38 -68.43 -26.94
N GLN E 539 43.46 -67.13 -26.80
CA GLN E 539 42.34 -66.22 -27.06
C GLN E 539 42.31 -65.74 -28.48
N THR E 540 43.29 -66.13 -29.27
CA THR E 540 43.35 -65.73 -30.64
C THR E 540 42.89 -66.85 -31.55
N ARG E 541 42.59 -68.00 -30.97
CA ARG E 541 42.15 -69.10 -31.80
C ARG E 541 40.69 -69.06 -32.26
N LEU E 542 40.46 -68.34 -33.35
CA LEU E 542 39.12 -68.16 -33.87
C LEU E 542 39.20 -67.84 -35.36
N LEU E 543 38.10 -68.04 -36.09
CA LEU E 543 38.10 -67.75 -37.53
C LEU E 543 37.65 -66.30 -37.66
N GLN E 544 38.07 -65.66 -38.76
CA GLN E 544 37.78 -64.25 -38.93
C GLN E 544 37.46 -63.88 -40.38
N LEU E 545 36.31 -63.23 -40.56
CA LEU E 545 35.87 -62.74 -41.85
C LEU E 545 36.11 -61.28 -41.80
N GLU E 546 35.74 -60.58 -42.84
CA GLU E 546 35.94 -59.14 -42.85
C GLU E 546 34.62 -58.50 -43.20
N SER E 547 33.60 -59.35 -43.36
CA SER E 547 32.22 -58.91 -43.50
C SER E 547 31.25 -60.01 -43.10
N PRO E 548 30.25 -59.66 -42.36
CA PRO E 548 29.31 -60.68 -41.97
C PRO E 548 28.70 -61.17 -43.25
N VAL E 549 29.06 -60.54 -44.36
CA VAL E 549 28.41 -60.86 -45.64
C VAL E 549 29.03 -61.94 -46.53
N LEU E 550 28.24 -62.94 -46.93
CA LEU E 550 28.82 -63.97 -47.80
C LEU E 550 28.05 -64.35 -49.08
N THR E 551 28.72 -64.37 -50.22
CA THR E 551 28.12 -64.78 -51.51
C THR E 551 28.02 -66.29 -51.47
N THR E 552 27.03 -66.84 -52.18
CA THR E 552 26.83 -68.28 -52.04
C THR E 552 28.09 -69.07 -52.21
N ALA E 553 29.04 -68.52 -52.96
CA ALA E 553 30.32 -69.18 -53.14
C ALA E 553 30.93 -69.22 -51.77
N GLU E 554 31.51 -68.09 -51.36
CA GLU E 554 32.17 -67.96 -50.06
C GLU E 554 31.41 -68.62 -48.95
N PHE E 555 30.09 -68.58 -48.99
CA PHE E 555 29.43 -69.22 -47.86
C PHE E 555 29.83 -70.66 -47.70
N ARG E 556 29.63 -71.46 -48.75
CA ARG E 556 29.98 -72.87 -48.71
C ARG E 556 31.45 -73.03 -48.46
N ALA E 557 32.24 -72.08 -48.94
CA ALA E 557 33.64 -72.22 -48.69
C ALA E 557 33.76 -72.60 -47.25
N MET E 558 33.22 -71.68 -46.44
CA MET E 558 33.23 -71.67 -44.99
C MET E 558 32.51 -72.88 -44.47
N ARG E 559 31.27 -73.01 -44.86
CA ARG E 559 30.49 -74.09 -44.29
C ARG E 559 31.18 -75.44 -44.36
N ASP E 560 32.22 -75.49 -45.16
CA ASP E 560 32.94 -76.74 -45.38
C ASP E 560 34.04 -76.73 -44.37
N TYR E 561 34.95 -75.80 -44.53
CA TYR E 561 35.93 -75.65 -43.50
C TYR E 561 35.39 -75.96 -42.10
N MET E 562 34.10 -75.74 -41.87
CA MET E 562 33.49 -76.03 -40.57
C MET E 562 33.26 -77.53 -40.49
N GLY E 563 32.17 -78.02 -41.03
CA GLY E 563 32.00 -79.45 -41.13
C GLY E 563 31.23 -80.14 -40.06
N ASP E 564 31.93 -81.03 -39.39
CA ASP E 564 31.41 -81.83 -38.30
C ASP E 564 30.98 -80.83 -37.23
N THR E 565 31.68 -79.71 -37.23
CA THR E 565 31.44 -78.61 -36.33
C THR E 565 30.16 -77.82 -36.52
N ALA E 566 29.55 -77.88 -37.69
CA ALA E 566 28.39 -77.06 -37.92
C ALA E 566 27.12 -77.84 -37.71
N ALA E 567 25.99 -77.14 -37.62
CA ALA E 567 24.71 -77.84 -37.49
C ALA E 567 23.68 -77.04 -38.29
N GLU E 568 22.74 -77.73 -38.92
CA GLU E 568 21.85 -76.96 -39.76
C GLU E 568 20.45 -77.07 -39.25
N ILE E 569 19.83 -75.93 -39.04
CA ILE E 569 18.50 -76.02 -38.52
C ILE E 569 17.56 -75.55 -39.61
N ASP E 570 16.43 -76.23 -39.71
CA ASP E 570 15.40 -75.99 -40.69
C ASP E 570 14.44 -74.85 -40.36
N ALA E 571 14.82 -73.62 -40.64
CA ALA E 571 13.88 -72.55 -40.31
C ALA E 571 12.64 -72.60 -41.18
N THR E 572 11.79 -73.61 -41.03
CA THR E 572 10.63 -73.65 -41.90
C THR E 572 9.41 -74.27 -41.32
N PHE E 573 8.21 -74.09 -41.85
CA PHE E 573 7.13 -74.83 -41.24
C PHE E 573 6.07 -75.25 -42.17
N PRO E 574 5.42 -76.32 -41.82
CA PRO E 574 4.36 -76.95 -42.59
C PRO E 574 3.26 -76.01 -42.84
N VAL E 575 2.38 -76.23 -43.80
CA VAL E 575 1.32 -75.29 -44.00
C VAL E 575 0.11 -76.09 -43.61
N ASP E 576 0.21 -77.39 -43.83
CA ASP E 576 -0.85 -78.26 -43.36
C ASP E 576 -0.88 -78.11 -41.81
N GLY E 577 0.17 -77.52 -41.24
CA GLY E 577 0.37 -77.33 -39.80
C GLY E 577 -0.69 -77.08 -38.74
N GLY E 578 -1.55 -76.09 -38.95
CA GLY E 578 -2.60 -75.77 -38.03
C GLY E 578 -2.33 -74.38 -37.55
N PRO E 579 -3.24 -73.88 -36.73
CA PRO E 579 -3.18 -72.53 -36.23
C PRO E 579 -1.90 -72.28 -35.50
N GLU E 580 -1.27 -73.32 -34.98
CA GLU E 580 -0.07 -73.10 -34.19
C GLU E 580 1.21 -73.46 -34.91
N ALA E 581 1.12 -73.62 -36.21
CA ALA E 581 2.24 -74.06 -36.96
C ALA E 581 3.54 -73.37 -36.67
N LEU E 582 3.55 -72.07 -36.86
CA LEU E 582 4.76 -71.26 -36.72
C LEU E 582 5.32 -71.22 -35.29
N ARG E 583 4.44 -71.26 -34.30
CA ARG E 583 4.83 -71.28 -32.90
C ARG E 583 5.75 -72.46 -32.55
N ASP E 584 5.19 -73.65 -32.64
CA ASP E 584 5.91 -74.88 -32.44
C ASP E 584 7.12 -74.94 -33.33
N ALA E 585 6.99 -74.31 -34.47
CA ALA E 585 8.10 -74.27 -35.35
C ALA E 585 9.24 -73.57 -34.64
N LEU E 586 8.89 -72.42 -34.08
CA LEU E 586 9.85 -71.56 -33.40
C LEU E 586 10.39 -72.25 -32.15
N ARG E 587 9.57 -73.11 -31.53
CA ARG E 587 10.06 -73.84 -30.37
C ARG E 587 11.17 -74.73 -30.83
N ARG E 588 10.75 -75.67 -31.67
CA ARG E 588 11.59 -76.63 -32.39
C ARG E 588 12.94 -76.09 -32.75
N ILE E 589 12.97 -75.01 -33.52
CA ILE E 589 14.27 -74.53 -33.89
C ILE E 589 15.12 -74.24 -32.70
N ARG E 590 14.46 -73.60 -31.73
CA ARG E 590 15.03 -73.23 -30.45
C ARG E 590 15.67 -74.38 -29.70
N GLN E 591 14.90 -75.45 -29.56
CA GLN E 591 15.39 -76.69 -28.99
C GLN E 591 16.53 -77.33 -29.80
N GLU E 592 16.26 -77.62 -31.06
CA GLU E 592 17.30 -78.18 -31.91
C GLU E 592 18.61 -77.40 -31.80
N THR E 593 18.54 -76.08 -31.76
CA THR E 593 19.82 -75.47 -31.68
C THR E 593 20.43 -75.83 -30.33
N GLU E 594 19.57 -75.98 -29.33
CA GLU E 594 20.05 -76.24 -27.96
C GLU E 594 20.86 -77.51 -28.07
N ASP E 595 20.13 -78.59 -28.24
CA ASP E 595 20.77 -79.88 -28.42
C ASP E 595 22.04 -79.70 -29.25
N ALA E 596 21.94 -79.42 -30.52
CA ALA E 596 23.18 -79.17 -31.21
C ALA E 596 24.22 -78.55 -30.26
N VAL E 597 24.05 -77.33 -29.77
CA VAL E 597 25.18 -76.71 -29.09
C VAL E 597 25.76 -77.48 -27.91
N ARG E 598 24.83 -78.11 -27.21
CA ARG E 598 25.13 -78.94 -26.06
C ARG E 598 25.92 -80.09 -26.61
N GLY E 599 25.29 -80.83 -27.51
CA GLY E 599 25.93 -81.92 -28.22
C GLY E 599 27.37 -81.69 -28.67
N GLY E 600 27.84 -80.45 -28.73
CA GLY E 600 29.22 -80.21 -29.07
C GLY E 600 29.37 -79.27 -30.23
N ALA E 601 28.28 -79.04 -30.98
CA ALA E 601 28.24 -78.14 -32.13
C ALA E 601 28.85 -76.75 -31.85
N THR E 602 29.43 -76.11 -32.84
CA THR E 602 30.12 -74.83 -32.63
C THR E 602 29.73 -73.71 -33.65
N HIS E 603 28.79 -74.04 -34.53
CA HIS E 603 28.34 -73.14 -35.56
C HIS E 603 26.95 -73.59 -35.96
N VAL E 604 26.07 -72.61 -36.18
CA VAL E 604 24.73 -72.98 -36.50
C VAL E 604 24.35 -72.33 -37.80
N ILE E 605 23.61 -73.10 -38.56
CA ILE E 605 23.24 -72.58 -39.82
C ILE E 605 21.77 -72.73 -39.83
N LEU E 606 21.17 -71.55 -39.95
CA LEU E 606 19.74 -71.49 -39.89
C LEU E 606 19.30 -71.25 -41.30
N THR E 607 18.29 -71.96 -41.80
CA THR E 607 17.87 -71.75 -43.19
C THR E 607 16.43 -72.08 -43.70
N ASP E 608 16.00 -71.31 -44.71
CA ASP E 608 14.71 -71.42 -45.40
C ASP E 608 14.74 -72.32 -46.66
N GLU E 609 15.95 -72.73 -47.05
CA GLU E 609 16.15 -73.65 -48.17
C GLU E 609 15.04 -74.67 -48.20
N ALA E 610 14.69 -75.33 -47.14
CA ALA E 610 13.66 -76.24 -47.51
C ALA E 610 12.30 -75.65 -47.69
N MET E 611 12.20 -74.38 -48.06
CA MET E 611 10.87 -73.84 -48.37
C MET E 611 10.24 -74.53 -49.60
N GLY E 612 8.99 -74.95 -49.53
CA GLY E 612 8.36 -75.52 -50.70
C GLY E 612 6.85 -75.40 -50.73
N PRO E 613 6.18 -76.05 -51.67
CA PRO E 613 4.72 -75.98 -51.71
C PRO E 613 4.11 -76.48 -50.42
N ALA E 614 4.89 -77.18 -49.62
CA ALA E 614 4.31 -77.71 -48.40
C ALA E 614 4.83 -77.07 -47.10
N ARG E 615 5.83 -76.21 -47.23
CA ARG E 615 6.41 -75.57 -46.12
C ARG E 615 6.67 -74.12 -46.36
N ALA E 616 6.02 -73.27 -45.56
CA ALA E 616 6.27 -71.84 -45.51
C ALA E 616 7.59 -71.56 -44.82
N ALA E 617 8.20 -70.44 -45.10
CA ALA E 617 9.45 -70.16 -44.46
C ALA E 617 9.28 -69.37 -43.13
N ILE E 618 10.06 -69.66 -42.10
CA ILE E 618 9.90 -68.81 -40.93
C ILE E 618 10.67 -67.54 -41.24
N PRO E 619 10.09 -66.38 -40.94
CA PRO E 619 10.71 -65.10 -41.18
C PRO E 619 12.06 -65.11 -40.56
N ALA E 620 13.10 -65.29 -41.35
CA ALA E 620 14.48 -65.22 -40.95
C ALA E 620 14.74 -64.30 -39.76
N ILE E 621 14.30 -63.05 -39.84
CA ILE E 621 14.49 -62.17 -38.69
C ILE E 621 13.97 -62.76 -37.36
N LEU E 622 12.74 -63.23 -37.37
CA LEU E 622 12.13 -63.83 -36.23
C LEU E 622 12.90 -65.07 -35.89
N ALA E 623 13.34 -65.82 -36.88
CA ALA E 623 13.99 -67.06 -36.53
C ALA E 623 15.35 -66.78 -35.93
N THR E 624 16.06 -65.81 -36.47
CA THR E 624 17.35 -65.51 -35.90
C THR E 624 17.17 -65.06 -34.47
N GLY E 625 16.25 -64.14 -34.18
CA GLY E 625 16.10 -63.64 -32.82
C GLY E 625 15.67 -64.73 -31.86
N ALA E 626 14.56 -65.37 -32.19
CA ALA E 626 14.21 -66.48 -31.35
C ALA E 626 15.44 -67.29 -31.02
N VAL E 627 16.30 -67.54 -31.99
CA VAL E 627 17.38 -68.39 -31.61
C VAL E 627 18.45 -67.75 -30.76
N HIS E 628 18.92 -66.62 -31.19
CA HIS E 628 19.95 -65.96 -30.44
C HIS E 628 19.47 -65.75 -29.00
N THR E 629 18.32 -65.11 -28.81
CA THR E 629 17.88 -64.92 -27.44
C THR E 629 17.90 -66.22 -26.64
N HIS E 630 16.96 -67.11 -26.84
CA HIS E 630 17.08 -68.35 -26.11
C HIS E 630 18.52 -68.78 -25.96
N LEU E 631 19.35 -68.59 -26.96
CA LEU E 631 20.74 -68.98 -26.72
C LEU E 631 21.32 -68.21 -25.53
N ILE E 632 21.07 -66.92 -25.45
CA ILE E 632 21.60 -66.09 -24.36
C ILE E 632 21.00 -66.57 -23.05
N ARG E 633 19.68 -66.69 -23.11
CA ARG E 633 18.93 -67.18 -22.00
C ARG E 633 19.38 -68.51 -21.53
N SER E 634 20.29 -69.18 -22.19
CA SER E 634 20.73 -70.39 -21.55
C SER E 634 22.21 -70.44 -21.55
N ASN E 635 22.80 -69.28 -21.56
CA ASN E 635 24.26 -69.29 -21.55
C ASN E 635 24.91 -70.16 -22.62
N LEU E 636 24.56 -70.00 -23.89
CA LEU E 636 25.03 -70.97 -24.87
C LEU E 636 25.57 -70.21 -26.07
N ARG E 637 24.92 -69.10 -26.31
CA ARG E 637 25.38 -68.22 -27.33
C ARG E 637 26.88 -68.10 -27.12
N THR E 638 27.43 -68.29 -25.96
CA THR E 638 28.86 -68.06 -26.00
C THR E 638 29.62 -69.18 -26.73
N PHE E 639 28.94 -70.29 -26.90
CA PHE E 639 29.53 -71.40 -27.62
C PHE E 639 29.34 -71.50 -29.14
N THR E 640 28.55 -70.68 -29.82
CA THR E 640 28.50 -70.83 -31.26
C THR E 640 28.51 -69.50 -31.94
N SER E 641 28.63 -69.64 -33.25
CA SER E 641 28.51 -68.57 -34.20
C SER E 641 27.12 -68.93 -34.71
N LEU E 642 26.39 -67.93 -35.18
CA LEU E 642 25.05 -68.20 -35.71
C LEU E 642 24.88 -67.56 -37.09
N ASN E 643 24.74 -68.43 -38.08
CA ASN E 643 24.76 -68.04 -39.49
C ASN E 643 23.48 -68.40 -40.19
N VAL E 644 23.01 -67.39 -40.93
CA VAL E 644 21.72 -67.45 -41.58
C VAL E 644 21.79 -67.40 -43.12
N ARG E 645 20.89 -68.18 -43.70
CA ARG E 645 20.70 -68.24 -45.13
C ARG E 645 19.27 -67.78 -45.32
N THR E 646 19.08 -66.76 -46.14
CA THR E 646 17.75 -66.25 -46.32
C THR E 646 17.35 -66.01 -47.76
N ALA E 647 16.23 -66.60 -48.06
CA ALA E 647 15.67 -66.40 -49.37
C ALA E 647 15.03 -64.99 -49.48
N GLU E 648 14.42 -64.45 -48.42
CA GLU E 648 13.78 -63.11 -48.45
C GLU E 648 14.70 -61.94 -48.38
N GLY E 649 15.94 -62.13 -47.97
CA GLY E 649 16.81 -60.98 -47.89
C GLY E 649 17.18 -60.39 -49.23
N LEU E 650 17.34 -59.06 -49.33
CA LEU E 650 17.68 -58.40 -50.57
C LEU E 650 18.40 -57.08 -50.36
N ASP E 651 17.87 -56.10 -49.62
CA ASP E 651 18.62 -54.83 -49.33
C ASP E 651 19.43 -54.69 -48.08
N THR E 652 20.20 -53.59 -48.04
CA THR E 652 20.95 -53.29 -46.80
C THR E 652 20.20 -53.38 -45.49
N HIS E 653 19.05 -52.72 -45.37
CA HIS E 653 18.26 -52.84 -44.14
C HIS E 653 18.20 -54.33 -43.71
N TYR E 654 17.47 -55.19 -44.40
CA TYR E 654 17.46 -56.59 -43.99
C TYR E 654 18.76 -57.14 -43.44
N PHE E 655 19.92 -56.71 -43.89
CA PHE E 655 21.08 -57.31 -43.31
C PHE E 655 21.19 -56.73 -41.91
N ALA E 656 21.27 -55.41 -41.84
CA ALA E 656 21.35 -54.71 -40.55
C ALA E 656 20.43 -55.36 -39.49
N VAL E 657 19.14 -55.48 -39.75
CA VAL E 657 18.30 -56.08 -38.74
C VAL E 657 18.85 -57.45 -38.41
N LEU E 658 18.80 -58.39 -39.34
CA LEU E 658 19.39 -59.70 -38.99
C LEU E 658 20.64 -59.62 -38.11
N ILE E 659 21.60 -58.81 -38.53
CA ILE E 659 22.84 -58.86 -37.82
C ILE E 659 22.62 -58.48 -36.40
N GLY E 660 22.05 -57.31 -36.19
CA GLY E 660 21.82 -56.82 -34.85
C GLY E 660 20.64 -57.44 -34.17
N VAL E 661 20.39 -58.70 -34.32
CA VAL E 661 19.33 -59.28 -33.56
C VAL E 661 19.94 -60.67 -33.39
N GLY E 662 21.28 -60.72 -33.56
CA GLY E 662 21.99 -61.98 -33.46
C GLY E 662 23.02 -62.40 -34.51
N ALA E 663 22.53 -62.74 -35.70
CA ALA E 663 23.35 -63.16 -36.83
C ALA E 663 24.82 -62.82 -36.83
N THR E 664 25.62 -63.84 -37.06
CA THR E 664 27.03 -63.57 -37.14
C THR E 664 27.38 -63.21 -38.57
N THR E 665 26.73 -64.02 -39.39
CA THR E 665 26.94 -64.16 -40.79
C THR E 665 25.60 -64.28 -41.51
N VAL E 666 25.55 -63.69 -42.69
CA VAL E 666 24.36 -63.78 -43.53
C VAL E 666 24.73 -63.99 -44.98
N ASN E 667 23.85 -64.73 -45.65
CA ASN E 667 23.98 -65.06 -47.08
C ASN E 667 22.63 -64.91 -47.79
N ALA E 668 22.54 -63.84 -48.59
CA ALA E 668 21.29 -63.63 -49.30
C ALA E 668 21.39 -64.54 -50.54
N TYR E 669 20.94 -65.76 -50.39
CA TYR E 669 21.17 -66.67 -51.46
C TYR E 669 20.26 -66.53 -52.69
N LEU E 670 18.99 -66.21 -52.49
CA LEU E 670 18.04 -66.16 -53.55
C LEU E 670 18.10 -64.81 -54.13
N ALA E 671 19.21 -64.13 -54.00
CA ALA E 671 19.17 -62.79 -54.51
C ALA E 671 20.38 -62.73 -55.40
N GLN E 672 21.34 -63.59 -55.09
CA GLN E 672 22.54 -63.74 -55.88
C GLN E 672 21.83 -64.46 -57.02
N GLU E 673 20.97 -65.41 -56.69
CA GLU E 673 20.28 -66.03 -57.80
C GLU E 673 19.65 -64.94 -58.68
N ALA E 674 18.66 -64.25 -58.15
CA ALA E 674 18.03 -63.23 -58.94
C ALA E 674 19.08 -62.39 -59.66
N ILE E 675 20.22 -62.09 -59.05
CA ILE E 675 21.23 -61.38 -59.80
C ILE E 675 21.59 -62.08 -61.12
N ALA E 676 22.14 -63.29 -61.07
CA ALA E 676 22.38 -64.15 -62.25
C ALA E 676 21.33 -64.03 -63.34
N GLU E 677 20.11 -64.43 -63.02
CA GLU E 677 19.08 -64.40 -64.03
C GLU E 677 19.19 -63.07 -64.77
N ARG E 678 19.16 -61.96 -64.04
CA ARG E 678 19.37 -60.68 -64.70
C ARG E 678 20.60 -60.72 -65.61
N HIS E 679 21.67 -61.28 -65.09
CA HIS E 679 22.93 -61.27 -65.79
C HIS E 679 22.95 -62.07 -67.09
N ARG E 680 22.18 -63.15 -67.14
CA ARG E 680 22.08 -63.91 -68.37
C ARG E 680 21.10 -63.29 -69.32
N ARG E 681 20.82 -62.02 -69.24
CA ARG E 681 19.95 -61.48 -70.26
C ARG E 681 20.84 -60.27 -70.47
N GLY E 682 22.11 -60.47 -70.16
CA GLY E 682 23.07 -59.40 -70.31
C GLY E 682 22.66 -58.02 -69.84
N LEU E 683 21.78 -57.98 -68.85
CA LEU E 683 21.43 -56.70 -68.29
C LEU E 683 22.65 -56.06 -67.62
N PHE E 684 23.71 -56.80 -67.30
CA PHE E 684 24.79 -56.04 -66.71
C PHE E 684 25.84 -55.80 -67.73
N GLY E 685 25.62 -56.38 -68.93
CA GLY E 685 26.54 -56.26 -70.06
C GLY E 685 27.83 -57.07 -69.93
N SER E 686 28.89 -56.55 -70.51
CA SER E 686 30.20 -57.22 -70.48
C SER E 686 30.53 -57.97 -69.18
N MET E 687 30.28 -57.27 -68.04
CA MET E 687 30.62 -57.65 -66.65
C MET E 687 30.34 -59.03 -66.14
N PRO E 688 31.40 -59.68 -65.71
CA PRO E 688 31.28 -61.05 -65.17
C PRO E 688 30.45 -61.08 -63.88
N LEU E 689 29.57 -62.08 -63.87
CA LEU E 689 28.74 -62.38 -62.73
C LEU E 689 29.54 -62.39 -61.47
N GLU E 690 30.85 -62.55 -61.56
CA GLU E 690 31.60 -62.64 -60.33
C GLU E 690 31.74 -61.21 -59.92
N LYS E 691 32.42 -60.38 -60.71
CA LYS E 691 32.50 -58.96 -60.39
C LYS E 691 31.10 -58.46 -60.02
N GLY E 692 30.09 -59.08 -60.65
CA GLY E 692 28.72 -58.79 -60.27
C GLY E 692 28.62 -58.85 -58.76
N MET E 693 28.59 -60.07 -58.19
CA MET E 693 28.52 -60.22 -56.74
C MET E 693 29.48 -59.27 -56.04
N ALA E 694 30.76 -59.31 -56.35
CA ALA E 694 31.65 -58.40 -55.65
C ALA E 694 30.99 -57.08 -55.35
N ASN E 695 30.51 -56.41 -56.39
CA ASN E 695 29.82 -55.16 -56.21
C ASN E 695 28.69 -55.34 -55.24
N TYR E 696 27.72 -56.18 -55.56
CA TYR E 696 26.61 -56.37 -54.64
C TYR E 696 27.12 -56.28 -53.25
N LYS E 697 28.10 -57.11 -52.97
CA LYS E 697 28.67 -57.17 -51.66
C LYS E 697 29.19 -55.86 -51.14
N LYS E 698 29.81 -55.04 -51.94
CA LYS E 698 30.32 -53.81 -51.41
C LYS E 698 29.13 -52.93 -51.10
N ALA E 699 28.09 -53.06 -51.89
CA ALA E 699 27.01 -52.16 -51.64
C ALA E 699 26.42 -52.54 -50.29
N ILE E 700 26.34 -53.82 -50.02
CA ILE E 700 25.80 -54.14 -48.73
C ILE E 700 26.83 -53.87 -47.64
N ASP E 701 28.09 -53.99 -47.95
CA ASP E 701 28.97 -53.66 -46.88
C ASP E 701 28.88 -52.19 -46.62
N ASP E 702 28.89 -51.32 -47.62
CA ASP E 702 28.94 -49.93 -47.18
C ASP E 702 27.58 -49.72 -46.69
N GLY E 703 26.72 -50.62 -47.13
CA GLY E 703 25.33 -50.57 -46.73
C GLY E 703 25.27 -50.34 -45.23
N LEU E 704 25.71 -51.38 -44.51
CA LEU E 704 25.85 -51.53 -43.07
C LEU E 704 26.70 -50.40 -42.51
N LEU E 705 27.97 -50.39 -42.80
CA LEU E 705 28.71 -49.27 -42.26
C LEU E 705 27.85 -48.05 -42.14
N LYS E 706 26.84 -47.91 -42.98
CA LYS E 706 26.12 -46.64 -42.91
C LYS E 706 25.06 -46.68 -41.85
N ILE E 707 24.09 -47.53 -42.16
CA ILE E 707 23.09 -47.79 -41.17
C ILE E 707 23.74 -47.67 -39.74
N MET E 708 24.92 -48.25 -39.52
CA MET E 708 25.60 -48.11 -38.22
C MET E 708 25.90 -46.66 -37.92
N SER E 709 26.77 -46.01 -38.67
CA SER E 709 27.05 -44.61 -38.39
C SER E 709 25.88 -43.72 -37.97
N LYS E 710 24.66 -44.15 -38.24
CA LYS E 710 23.53 -43.31 -37.90
C LYS E 710 23.40 -43.03 -36.40
N MET E 711 23.96 -43.91 -35.56
CA MET E 711 24.01 -43.73 -34.07
C MET E 711 25.47 -43.89 -33.69
N GLY E 712 26.28 -42.93 -34.11
CA GLY E 712 27.74 -43.02 -34.16
C GLY E 712 28.49 -44.34 -33.99
N ILE E 713 27.91 -45.47 -34.34
CA ILE E 713 28.66 -46.67 -34.04
C ILE E 713 29.72 -47.10 -35.07
N SER E 714 30.96 -47.25 -34.66
CA SER E 714 32.02 -47.55 -35.61
C SER E 714 32.33 -49.00 -35.84
N VAL E 715 31.57 -49.96 -35.34
CA VAL E 715 32.08 -51.31 -35.41
C VAL E 715 31.06 -52.42 -35.24
N ILE E 716 31.02 -53.33 -36.17
CA ILE E 716 29.93 -54.26 -36.10
C ILE E 716 29.80 -55.15 -34.86
N SER E 717 30.88 -55.48 -34.18
CA SER E 717 30.77 -56.42 -33.04
C SER E 717 29.94 -55.89 -31.89
N SER E 718 29.99 -54.60 -31.64
CA SER E 718 29.18 -53.97 -30.64
C SER E 718 27.79 -53.87 -31.22
N TYR E 719 27.68 -53.59 -32.50
CA TYR E 719 26.36 -53.45 -33.09
C TYR E 719 25.62 -54.75 -33.08
N ARG E 720 26.35 -55.84 -33.23
CA ARG E 720 25.61 -57.08 -33.40
C ARG E 720 24.75 -57.44 -32.20
N GLY E 721 23.59 -58.02 -32.48
CA GLY E 721 22.70 -58.39 -31.39
C GLY E 721 22.24 -57.22 -30.53
N GLY E 722 22.78 -56.03 -30.76
CA GLY E 722 22.38 -54.94 -29.89
C GLY E 722 20.91 -54.54 -29.99
N GLY E 723 20.17 -55.17 -30.89
CA GLY E 723 18.79 -54.80 -31.13
C GLY E 723 18.55 -53.32 -31.37
N ASN E 724 19.33 -52.66 -32.21
CA ASN E 724 19.04 -51.24 -32.46
C ASN E 724 17.95 -50.84 -33.42
N PHE E 725 16.76 -51.33 -33.17
CA PHE E 725 15.65 -51.02 -34.00
C PHE E 725 14.55 -50.61 -33.12
N GLU E 726 13.46 -50.14 -33.68
CA GLU E 726 12.38 -49.89 -32.80
C GLU E 726 11.29 -50.62 -33.51
N ALA E 727 10.48 -51.42 -32.87
CA ALA E 727 9.44 -52.06 -33.65
C ALA E 727 8.16 -51.27 -33.80
N ILE E 728 7.70 -50.88 -34.97
CA ILE E 728 6.35 -50.38 -34.94
C ILE E 728 5.43 -51.45 -35.43
N GLY E 729 4.31 -51.75 -34.81
CA GLY E 729 3.46 -52.76 -35.40
C GLY E 729 3.42 -54.19 -34.93
N LEU E 730 4.48 -54.69 -34.32
CA LEU E 730 4.40 -56.05 -33.82
C LEU E 730 4.10 -55.99 -32.32
N SER E 731 3.43 -57.03 -31.80
CA SER E 731 3.06 -57.07 -30.39
C SER E 731 4.15 -57.17 -29.39
N ARG E 732 3.94 -56.38 -28.35
CA ARG E 732 4.78 -56.19 -27.16
C ARG E 732 5.23 -57.51 -26.73
N ALA E 733 4.26 -58.32 -26.31
CA ALA E 733 4.62 -59.65 -25.85
C ALA E 733 5.69 -60.27 -26.77
N LEU E 734 5.35 -60.42 -28.05
CA LEU E 734 6.26 -60.97 -29.01
C LEU E 734 7.67 -60.38 -28.97
N VAL E 735 7.75 -59.10 -29.18
CA VAL E 735 9.04 -58.48 -29.31
C VAL E 735 9.87 -58.74 -28.10
N ALA E 736 9.18 -59.00 -27.02
CA ALA E 736 9.88 -59.20 -25.75
C ALA E 736 10.31 -60.63 -25.82
N GLU E 737 9.31 -61.50 -25.88
CA GLU E 737 9.64 -62.90 -25.96
C GLU E 737 10.86 -63.22 -26.79
N HIS E 738 10.86 -62.87 -28.08
CA HIS E 738 11.95 -63.25 -29.02
C HIS E 738 13.02 -62.32 -29.56
N PHE E 739 13.09 -61.04 -29.28
CA PHE E 739 14.21 -60.41 -29.97
C PHE E 739 14.88 -59.79 -28.79
N PRO E 740 16.09 -59.33 -28.94
CA PRO E 740 16.74 -58.57 -27.87
C PRO E 740 15.83 -57.43 -27.42
N ALA E 741 16.28 -56.61 -26.47
CA ALA E 741 15.41 -55.53 -26.08
C ALA E 741 15.26 -54.46 -27.13
N MET E 742 14.00 -54.23 -27.46
CA MET E 742 13.62 -53.16 -28.34
C MET E 742 12.24 -52.73 -27.84
N VAL E 743 11.88 -51.51 -28.13
CA VAL E 743 10.64 -50.95 -27.74
C VAL E 743 9.61 -51.41 -28.75
N SER E 744 8.37 -51.63 -28.40
CA SER E 744 7.38 -51.67 -29.43
C SER E 744 6.15 -50.98 -28.81
N ARG E 745 6.27 -49.65 -28.66
CA ARG E 745 5.24 -48.85 -28.01
C ARG E 745 3.82 -49.10 -28.32
N ILE E 746 3.52 -49.82 -29.37
CA ILE E 746 2.18 -50.38 -29.44
C ILE E 746 2.29 -51.79 -29.91
N SER E 747 1.68 -52.67 -29.15
CA SER E 747 1.93 -54.03 -29.58
C SER E 747 1.42 -54.01 -31.00
N GLY E 748 1.50 -55.11 -31.70
CA GLY E 748 0.97 -55.14 -33.03
C GLY E 748 0.49 -56.54 -33.31
N ILE E 749 0.91 -57.09 -34.44
CA ILE E 749 0.44 -58.42 -34.76
C ILE E 749 1.30 -59.29 -33.92
N GLY E 750 0.93 -60.55 -33.93
CA GLY E 750 1.69 -61.58 -33.25
C GLY E 750 1.86 -62.79 -34.15
N LEU E 751 2.37 -63.87 -33.56
CA LEU E 751 2.58 -65.07 -34.33
C LEU E 751 1.34 -65.40 -35.12
N ASN E 752 0.20 -65.44 -34.49
CA ASN E 752 -0.89 -65.84 -35.32
C ASN E 752 -1.15 -64.95 -36.49
N GLY E 753 -0.81 -63.69 -36.44
CA GLY E 753 -1.11 -62.90 -37.61
C GLY E 753 0.00 -63.23 -38.55
N ILE E 754 1.22 -62.99 -38.07
CA ILE E 754 2.35 -63.32 -38.88
C ILE E 754 2.07 -64.63 -39.59
N GLN E 755 1.86 -65.71 -38.88
CA GLN E 755 1.54 -66.94 -39.60
C GLN E 755 0.57 -66.72 -40.74
N LYS E 756 -0.60 -66.19 -40.43
CA LYS E 756 -1.59 -66.06 -41.47
C LYS E 756 -1.12 -65.31 -42.68
N LYS E 757 -0.44 -64.19 -42.52
CA LYS E 757 0.03 -63.45 -43.68
C LYS E 757 1.16 -64.23 -44.39
N VAL E 758 2.07 -64.81 -43.66
CA VAL E 758 3.13 -65.56 -44.32
C VAL E 758 2.50 -66.58 -45.25
N LEU E 759 1.64 -67.40 -44.70
CA LEU E 759 1.00 -68.37 -45.52
C LEU E 759 0.21 -67.80 -46.71
N GLU E 760 -0.24 -66.56 -46.67
CA GLU E 760 -1.14 -66.16 -47.73
C GLU E 760 -0.33 -65.90 -48.93
N GLN E 761 0.72 -65.14 -48.72
CA GLN E 761 1.66 -64.83 -49.74
C GLN E 761 2.17 -66.20 -50.25
N HIS E 762 2.34 -67.17 -49.38
CA HIS E 762 2.84 -68.46 -49.81
C HIS E 762 1.91 -69.02 -50.85
N ALA E 763 0.62 -69.09 -50.58
CA ALA E 763 -0.28 -69.68 -51.57
C ALA E 763 -0.14 -68.97 -52.90
N THR E 764 -0.04 -67.67 -52.83
CA THR E 764 0.22 -66.95 -54.02
C THR E 764 1.30 -67.59 -54.87
N ALA E 765 2.29 -68.24 -54.28
CA ALA E 765 3.37 -68.67 -55.11
C ALA E 765 3.58 -70.15 -55.37
N TYR E 766 2.73 -70.98 -54.79
CA TYR E 766 2.81 -72.42 -55.00
C TYR E 766 1.42 -72.90 -55.24
N ASN E 767 0.54 -71.96 -55.51
CA ASN E 767 -0.79 -72.40 -55.86
C ASN E 767 -0.96 -72.46 -57.34
N GLU E 768 -0.05 -71.82 -58.06
CA GLU E 768 -0.01 -71.95 -59.53
C GLU E 768 1.14 -71.18 -60.18
N GLU E 769 1.30 -71.42 -61.48
CA GLU E 769 2.37 -70.85 -62.30
C GLU E 769 2.69 -69.38 -62.01
N VAL E 770 3.96 -69.02 -62.18
CA VAL E 770 4.36 -67.66 -61.97
C VAL E 770 5.43 -67.26 -62.99
N VAL E 771 5.08 -66.54 -64.05
CA VAL E 771 6.07 -66.15 -65.04
C VAL E 771 6.68 -64.76 -64.74
N ALA E 772 5.89 -63.81 -64.21
CA ALA E 772 6.43 -62.49 -63.84
C ALA E 772 5.99 -61.99 -62.46
N LEU E 773 6.89 -61.31 -61.76
CA LEU E 773 6.48 -60.72 -60.50
C LEU E 773 5.61 -59.59 -60.92
N PRO E 774 4.82 -59.12 -60.00
CA PRO E 774 4.03 -57.92 -60.22
C PRO E 774 4.96 -56.72 -60.23
N VAL E 775 4.44 -55.59 -60.65
CA VAL E 775 5.28 -54.44 -60.86
C VAL E 775 5.82 -53.84 -59.61
N GLY E 776 4.87 -53.61 -58.70
CA GLY E 776 5.22 -52.98 -57.45
C GLY E 776 5.00 -51.49 -57.50
N GLY E 777 4.54 -50.94 -56.39
CA GLY E 777 4.26 -49.53 -56.32
C GLY E 777 4.58 -49.14 -54.90
N PHE E 778 5.72 -49.61 -54.48
CA PHE E 778 6.08 -49.30 -53.15
C PHE E 778 6.89 -48.08 -53.26
N TYR E 779 7.97 -48.04 -54.03
CA TYR E 779 8.74 -46.81 -54.13
C TYR E 779 8.10 -45.76 -55.03
N ARG E 780 6.98 -46.07 -55.65
CA ARG E 780 6.33 -45.13 -56.55
C ARG E 780 4.90 -45.53 -56.88
N PHE E 781 4.04 -44.55 -57.07
CA PHE E 781 2.67 -44.92 -57.25
C PHE E 781 2.47 -45.47 -58.60
N ARG E 782 1.93 -46.66 -58.72
CA ARG E 782 1.59 -47.13 -60.06
C ARG E 782 0.11 -47.26 -59.95
N LYS E 783 -0.62 -47.64 -60.96
CA LYS E 783 -2.02 -47.57 -60.65
C LYS E 783 -2.34 -48.91 -60.11
N SER E 784 -1.27 -49.56 -59.68
CA SER E 784 -1.47 -50.85 -59.06
C SER E 784 -1.83 -50.92 -57.56
N GLY E 785 -1.20 -51.87 -56.87
CA GLY E 785 -1.61 -52.26 -55.54
C GLY E 785 -1.41 -51.44 -54.27
N ASP E 786 -0.17 -51.00 -54.09
CA ASP E 786 0.19 -50.20 -52.98
C ASP E 786 -0.37 -48.84 -53.16
N ARG E 787 -0.99 -48.29 -52.13
CA ARG E 787 -1.52 -46.98 -52.29
C ARG E 787 -0.47 -46.02 -51.78
N HIS E 788 -0.75 -44.74 -51.87
CA HIS E 788 0.20 -43.77 -51.39
C HIS E 788 -0.70 -42.61 -51.00
N GLY E 789 -0.16 -41.62 -50.31
CA GLY E 789 -0.96 -40.50 -49.94
C GLY E 789 -1.21 -39.74 -51.19
N TRP E 790 -0.10 -39.29 -51.73
CA TRP E 790 -0.11 -38.60 -52.98
C TRP E 790 -0.21 -39.61 -54.12
N GLU E 791 -1.37 -39.64 -54.77
CA GLU E 791 -1.71 -40.44 -55.92
C GLU E 791 -2.33 -39.41 -56.84
N GLY E 792 -2.33 -39.74 -58.13
CA GLY E 792 -2.77 -38.87 -59.19
C GLY E 792 -4.05 -38.15 -58.98
N GLY E 793 -5.10 -38.89 -58.70
CA GLY E 793 -6.34 -38.18 -58.52
C GLY E 793 -6.29 -37.07 -57.50
N VAL E 794 -5.67 -37.47 -56.44
CA VAL E 794 -5.58 -36.61 -55.31
C VAL E 794 -4.79 -35.41 -55.75
N ILE E 795 -3.65 -35.62 -56.37
CA ILE E 795 -2.92 -34.45 -56.86
C ILE E 795 -3.61 -33.51 -57.84
N HIS E 796 -4.38 -34.12 -58.74
CA HIS E 796 -5.05 -33.33 -59.70
C HIS E 796 -6.00 -32.41 -58.96
N THR E 797 -6.96 -33.06 -58.25
CA THR E 797 -7.96 -32.33 -57.46
C THR E 797 -7.39 -31.23 -56.60
N LEU E 798 -6.28 -31.50 -55.97
CA LEU E 798 -5.74 -30.42 -55.21
C LEU E 798 -5.32 -29.27 -56.14
N GLN E 799 -4.69 -29.63 -57.25
CA GLN E 799 -4.18 -28.62 -58.17
C GLN E 799 -5.29 -27.80 -58.75
N GLN E 800 -6.31 -28.59 -59.11
CA GLN E 800 -7.51 -27.98 -59.63
C GLN E 800 -7.87 -26.95 -58.56
N ALA E 801 -8.06 -27.45 -57.32
CA ALA E 801 -8.46 -26.57 -56.25
C ALA E 801 -7.70 -25.27 -56.02
N VAL E 802 -6.40 -25.33 -55.93
CA VAL E 802 -5.68 -24.11 -55.64
C VAL E 802 -5.55 -23.33 -56.90
N THR E 803 -5.67 -24.00 -58.05
CA THR E 803 -5.55 -23.17 -59.27
C THR E 803 -6.81 -22.39 -59.63
N ASN E 804 -7.96 -23.05 -59.61
CA ASN E 804 -9.17 -22.38 -59.90
C ASN E 804 -9.63 -21.58 -58.71
N ASP E 805 -8.93 -21.78 -57.60
CA ASP E 805 -9.33 -21.18 -56.34
C ASP E 805 -10.71 -21.60 -55.86
N SER E 806 -11.08 -22.90 -55.85
CA SER E 806 -12.34 -23.22 -55.24
C SER E 806 -12.19 -24.02 -53.96
N TYR E 807 -12.89 -23.61 -52.90
CA TYR E 807 -12.74 -24.32 -51.66
C TYR E 807 -13.55 -25.54 -51.78
N THR E 808 -14.54 -25.47 -52.64
CA THR E 808 -15.31 -26.67 -52.87
C THR E 808 -14.47 -27.75 -53.52
N THR E 809 -13.48 -27.33 -54.27
CA THR E 809 -12.72 -28.36 -54.93
C THR E 809 -11.78 -28.90 -53.91
N PHE E 810 -11.23 -27.99 -53.15
CA PHE E 810 -10.42 -28.44 -52.02
C PHE E 810 -11.14 -29.50 -51.20
N LYS E 811 -12.33 -29.15 -50.79
CA LYS E 811 -13.07 -30.09 -50.00
C LYS E 811 -13.30 -31.40 -50.66
N LYS E 812 -13.15 -31.46 -51.96
CA LYS E 812 -13.52 -32.70 -52.57
C LYS E 812 -12.27 -33.50 -52.52
N TYR E 813 -11.14 -32.81 -52.56
CA TYR E 813 -9.84 -33.45 -52.50
C TYR E 813 -9.66 -34.13 -51.15
N SER E 814 -9.75 -33.35 -50.10
CA SER E 814 -9.65 -33.87 -48.75
C SER E 814 -10.60 -35.00 -48.48
N GLU E 815 -11.82 -34.94 -48.99
CA GLU E 815 -12.70 -36.06 -48.83
C GLU E 815 -12.10 -37.28 -49.52
N GLN E 816 -11.65 -37.10 -50.75
CA GLN E 816 -10.96 -38.14 -51.49
C GLN E 816 -9.90 -38.69 -50.56
N VAL E 817 -9.21 -37.80 -49.88
CA VAL E 817 -8.14 -38.21 -49.01
C VAL E 817 -8.59 -38.90 -47.73
N ASN E 818 -9.65 -38.44 -47.14
CA ASN E 818 -10.07 -39.00 -45.88
C ASN E 818 -10.93 -40.22 -46.01
N LYS E 819 -11.44 -40.49 -47.19
CA LYS E 819 -12.32 -41.62 -47.26
C LYS E 819 -11.59 -42.88 -47.57
N ARG E 820 -10.30 -42.99 -47.39
CA ARG E 820 -9.79 -44.27 -47.77
C ARG E 820 -9.61 -45.10 -46.56
N PRO E 821 -9.11 -46.31 -46.76
CA PRO E 821 -8.72 -47.17 -45.65
C PRO E 821 -7.54 -46.55 -44.93
N PRO E 822 -7.39 -46.91 -43.69
CA PRO E 822 -6.45 -46.26 -42.80
C PRO E 822 -5.15 -46.57 -43.36
N MET E 823 -4.19 -45.66 -43.31
CA MET E 823 -2.91 -45.88 -43.89
C MET E 823 -1.84 -45.45 -42.90
N GLN E 824 -2.26 -44.59 -41.97
CA GLN E 824 -1.36 -43.92 -41.05
C GLN E 824 -2.03 -43.97 -39.67
N LEU E 825 -1.31 -43.77 -38.56
CA LEU E 825 -1.96 -43.95 -37.23
C LEU E 825 -3.13 -43.03 -36.96
N ARG E 826 -2.98 -41.77 -37.34
CA ARG E 826 -4.00 -40.79 -37.08
C ARG E 826 -5.23 -41.24 -37.71
N ASP E 827 -5.12 -42.03 -38.77
CA ASP E 827 -6.29 -42.52 -39.52
C ASP E 827 -7.10 -43.42 -38.61
N LEU E 828 -6.49 -43.96 -37.59
CA LEU E 828 -7.24 -44.82 -36.73
C LEU E 828 -7.99 -44.08 -35.59
N LEU E 829 -8.03 -42.76 -35.62
CA LEU E 829 -8.65 -42.02 -34.58
C LEU E 829 -9.88 -41.35 -35.08
N GLU E 830 -10.90 -41.27 -34.23
CA GLU E 830 -12.09 -40.53 -34.49
C GLU E 830 -12.06 -39.26 -33.68
N LEU E 831 -12.70 -38.18 -34.08
CA LEU E 831 -12.68 -37.05 -33.17
C LEU E 831 -14.08 -36.84 -32.69
N ARG E 832 -14.37 -37.11 -31.42
CA ARG E 832 -15.72 -36.94 -30.91
C ARG E 832 -15.54 -36.02 -29.77
N SER E 833 -16.52 -35.21 -29.45
CA SER E 833 -16.39 -34.31 -28.30
C SER E 833 -17.69 -34.21 -27.52
N THR E 834 -17.74 -33.49 -26.44
CA THR E 834 -19.00 -33.52 -25.69
C THR E 834 -19.77 -32.22 -25.68
N LYS E 835 -19.33 -31.28 -26.53
CA LYS E 835 -19.94 -30.00 -26.56
C LYS E 835 -20.81 -29.99 -27.78
N ALA E 836 -21.82 -29.15 -27.80
CA ALA E 836 -22.61 -29.01 -28.99
C ALA E 836 -21.76 -28.05 -29.81
N PRO E 837 -22.02 -28.10 -31.08
CA PRO E 837 -21.33 -27.40 -32.12
C PRO E 837 -21.49 -25.90 -32.08
N VAL E 838 -20.53 -25.21 -32.65
CA VAL E 838 -20.69 -23.82 -32.71
C VAL E 838 -20.72 -23.34 -34.12
N PRO E 839 -21.26 -22.14 -34.27
CA PRO E 839 -21.35 -21.48 -35.56
C PRO E 839 -19.94 -21.17 -36.06
N VAL E 840 -19.58 -21.48 -37.29
CA VAL E 840 -18.26 -21.18 -37.83
C VAL E 840 -17.81 -19.74 -37.71
N ASP E 841 -18.62 -18.77 -38.10
CA ASP E 841 -18.25 -17.40 -37.93
C ASP E 841 -17.55 -17.20 -36.65
N GLU E 842 -18.01 -17.90 -35.62
CA GLU E 842 -17.53 -17.64 -34.29
C GLU E 842 -16.15 -18.03 -34.00
N VAL E 843 -15.59 -18.89 -34.81
CA VAL E 843 -14.29 -19.37 -34.50
C VAL E 843 -13.30 -18.35 -34.88
N GLU E 844 -12.11 -18.51 -34.33
CA GLU E 844 -10.89 -17.76 -34.64
C GLU E 844 -10.78 -17.62 -36.14
N SER E 845 -10.01 -16.65 -36.58
CA SER E 845 -9.97 -16.41 -38.01
C SER E 845 -8.87 -17.08 -38.75
N ILE E 846 -9.03 -17.17 -40.07
CA ILE E 846 -8.02 -17.75 -40.95
C ILE E 846 -6.75 -16.97 -40.77
N THR E 847 -6.79 -15.67 -40.96
CA THR E 847 -5.60 -14.90 -40.71
C THR E 847 -4.86 -15.42 -39.51
N ALA E 848 -5.61 -15.65 -38.45
CA ALA E 848 -5.05 -16.10 -37.21
C ALA E 848 -4.49 -17.47 -37.42
N ILE E 849 -5.34 -18.40 -37.80
CA ILE E 849 -4.82 -19.72 -37.94
C ILE E 849 -3.68 -19.94 -38.89
N ARG E 850 -3.77 -19.38 -40.10
CA ARG E 850 -2.75 -19.71 -41.09
C ARG E 850 -1.40 -19.33 -40.59
N LYS E 851 -1.37 -18.42 -39.63
CA LYS E 851 -0.11 -18.03 -39.08
C LYS E 851 0.54 -19.11 -38.27
N ARG E 852 -0.14 -20.18 -37.96
CA ARG E 852 0.54 -21.19 -37.19
C ARG E 852 1.15 -22.15 -38.17
N PHE E 853 0.88 -21.93 -39.44
CA PHE E 853 1.42 -22.76 -40.49
C PHE E 853 2.75 -22.16 -40.96
N ILE E 854 3.65 -23.05 -41.36
CA ILE E 854 4.88 -22.67 -42.01
C ILE E 854 5.19 -23.67 -43.13
N THR E 855 6.06 -23.17 -43.99
CA THR E 855 6.52 -23.86 -45.18
C THR E 855 7.88 -24.24 -44.68
N PRO E 856 8.13 -25.53 -44.69
CA PRO E 856 9.38 -26.10 -44.19
C PRO E 856 10.58 -25.60 -44.93
N GLY E 857 11.75 -25.96 -44.43
CA GLY E 857 13.00 -25.63 -45.11
C GLY E 857 13.27 -26.63 -46.22
N MET E 858 13.40 -26.13 -47.44
CA MET E 858 13.64 -26.91 -48.68
C MET E 858 14.63 -25.97 -49.36
N SER E 859 15.81 -26.53 -49.61
CA SER E 859 16.93 -25.69 -49.99
C SER E 859 16.90 -25.09 -51.36
N MET E 860 17.58 -23.96 -51.48
CA MET E 860 17.85 -23.42 -52.79
C MET E 860 18.93 -24.39 -53.37
N GLY E 861 18.59 -25.12 -54.43
CA GLY E 861 19.50 -26.16 -54.84
C GLY E 861 18.54 -27.30 -55.04
N ALA E 862 18.16 -27.94 -53.95
CA ALA E 862 17.11 -28.93 -54.10
C ALA E 862 15.94 -28.35 -54.91
N LEU E 863 15.56 -27.10 -54.61
CA LEU E 863 14.54 -26.56 -55.48
C LEU E 863 14.93 -25.42 -56.43
N SER E 864 14.18 -25.26 -57.51
CA SER E 864 14.47 -24.20 -58.47
C SER E 864 14.47 -22.87 -57.77
N PRO E 865 15.20 -21.88 -58.25
CA PRO E 865 15.15 -20.58 -57.60
C PRO E 865 13.75 -20.08 -57.68
N GLU E 866 13.11 -20.37 -58.77
CA GLU E 866 11.75 -19.88 -58.85
C GLU E 866 10.90 -20.47 -57.70
N ALA E 867 10.87 -21.80 -57.55
CA ALA E 867 10.05 -22.39 -56.49
C ALA E 867 10.36 -21.81 -55.10
N HIS E 868 11.63 -21.78 -54.77
CA HIS E 868 12.06 -21.28 -53.49
C HIS E 868 11.46 -19.95 -53.23
N GLY E 869 11.81 -18.94 -53.97
CA GLY E 869 11.26 -17.64 -53.65
C GLY E 869 9.77 -17.59 -53.79
N THR E 870 9.21 -18.50 -54.54
CA THR E 870 7.78 -18.37 -54.62
C THR E 870 7.24 -18.42 -53.19
N LEU E 871 7.70 -19.45 -52.51
CA LEU E 871 7.37 -19.80 -51.16
C LEU E 871 7.69 -18.60 -50.30
N ASN E 872 8.91 -18.09 -50.38
CA ASN E 872 9.08 -16.99 -49.48
C ASN E 872 8.06 -15.89 -49.70
N VAL E 873 7.45 -15.81 -50.85
CA VAL E 873 6.61 -14.67 -51.10
C VAL E 873 5.28 -14.95 -50.54
N ALA E 874 4.81 -16.16 -50.77
CA ALA E 874 3.53 -16.59 -50.25
C ALA E 874 3.55 -16.39 -48.75
N MET E 875 4.49 -17.05 -48.06
CA MET E 875 4.46 -16.89 -46.63
C MET E 875 4.52 -15.45 -46.19
N ASN E 876 5.39 -14.65 -46.71
CA ASN E 876 5.31 -13.34 -46.14
C ASN E 876 4.03 -12.63 -46.49
N ARG E 877 3.24 -13.15 -47.37
CA ARG E 877 2.17 -12.31 -47.78
C ARG E 877 1.06 -12.48 -46.80
N ILE E 878 1.03 -13.64 -46.20
CA ILE E 878 0.00 -13.91 -45.26
C ILE E 878 0.52 -13.84 -43.84
N GLY E 879 1.58 -13.09 -43.62
CA GLY E 879 2.11 -12.94 -42.29
C GLY E 879 2.59 -14.20 -41.63
N ALA E 880 2.86 -15.26 -42.39
CA ALA E 880 3.38 -16.47 -41.79
C ALA E 880 4.89 -16.56 -41.87
N LYS E 881 5.42 -17.78 -41.95
CA LYS E 881 6.86 -17.91 -42.08
C LYS E 881 7.33 -19.00 -43.03
N SER E 882 8.43 -18.73 -43.74
CA SER E 882 9.03 -19.81 -44.52
C SER E 882 10.44 -20.13 -44.06
N ASP E 883 10.98 -21.22 -44.56
CA ASP E 883 12.28 -21.68 -44.07
C ASP E 883 13.29 -21.86 -45.22
N SER E 884 14.30 -21.00 -45.23
CA SER E 884 15.39 -21.00 -46.21
C SER E 884 15.86 -22.39 -46.61
N GLY E 885 16.14 -23.25 -45.65
CA GLY E 885 16.55 -24.57 -46.04
C GLY E 885 18.03 -24.71 -45.85
N GLU E 886 18.48 -25.94 -45.96
CA GLU E 886 19.88 -26.24 -45.80
C GLU E 886 20.91 -25.47 -46.61
N GLY E 887 20.50 -24.63 -47.55
CA GLY E 887 21.49 -24.09 -48.46
C GLY E 887 21.75 -22.66 -48.86
N GLY E 888 21.82 -21.74 -47.93
CA GLY E 888 22.08 -20.38 -48.32
C GLY E 888 20.75 -19.76 -48.64
N GLU E 889 20.83 -18.42 -48.67
CA GLU E 889 19.84 -17.48 -49.15
C GLU E 889 20.52 -16.23 -49.69
N ASP E 890 20.18 -15.91 -50.93
CA ASP E 890 20.79 -14.75 -51.56
C ASP E 890 20.36 -13.47 -50.88
N PRO E 891 21.33 -12.67 -50.49
CA PRO E 891 21.09 -11.41 -49.79
C PRO E 891 20.46 -10.26 -50.56
N ALA E 892 20.47 -10.30 -51.89
CA ALA E 892 19.79 -9.31 -52.71
C ALA E 892 18.39 -9.29 -52.15
N ARG E 893 17.95 -10.54 -51.94
CA ARG E 893 16.65 -10.89 -51.35
C ARG E 893 16.35 -10.22 -50.03
N PHE E 894 17.33 -9.58 -49.43
CA PHE E 894 17.06 -8.85 -48.21
C PHE E 894 16.37 -7.48 -48.39
N ARG E 895 15.43 -7.34 -49.32
CA ARG E 895 14.55 -6.15 -49.41
C ARG E 895 13.21 -6.45 -50.10
N PRO E 896 12.14 -5.72 -49.83
CA PRO E 896 10.87 -6.01 -50.53
C PRO E 896 11.00 -5.38 -51.92
N ASP E 897 10.29 -5.85 -52.93
CA ASP E 897 10.51 -5.39 -54.28
C ASP E 897 9.49 -4.37 -54.70
N LYS E 898 9.65 -3.79 -55.88
CA LYS E 898 8.76 -2.70 -56.31
C LYS E 898 7.30 -3.12 -56.16
N ASN E 899 7.06 -4.40 -56.28
CA ASN E 899 5.70 -4.77 -56.17
C ASN E 899 5.22 -5.00 -54.79
N GLY E 900 6.12 -4.86 -53.83
CA GLY E 900 5.79 -5.12 -52.46
C GLY E 900 6.08 -6.56 -52.10
N ASP E 901 6.41 -7.43 -53.04
CA ASP E 901 6.63 -8.81 -52.67
C ASP E 901 7.94 -8.97 -51.94
N ASN E 902 8.06 -9.94 -51.02
CA ASN E 902 9.24 -10.10 -50.17
C ASN E 902 9.87 -11.49 -50.28
N TRP E 903 11.03 -11.58 -50.90
CA TRP E 903 11.61 -12.86 -51.25
C TRP E 903 12.40 -13.38 -50.08
N ASN E 904 12.77 -12.50 -49.19
CA ASN E 904 13.47 -12.98 -48.01
C ASN E 904 12.70 -13.98 -47.13
N SER E 905 13.34 -14.99 -46.59
CA SER E 905 12.69 -16.01 -45.78
C SER E 905 12.89 -15.71 -44.29
N ALA E 906 11.79 -15.88 -43.52
CA ALA E 906 11.76 -15.55 -42.08
C ALA E 906 12.50 -16.38 -41.05
N ILE E 907 12.65 -17.68 -41.32
CA ILE E 907 13.37 -18.61 -40.49
C ILE E 907 14.60 -19.14 -41.23
N LYS E 908 15.81 -18.85 -40.81
CA LYS E 908 16.95 -19.43 -41.54
C LYS E 908 17.52 -20.72 -40.88
N GLN E 909 17.94 -21.72 -41.67
CA GLN E 909 18.51 -22.88 -41.03
C GLN E 909 19.97 -22.72 -40.74
N VAL E 910 20.41 -23.61 -39.87
CA VAL E 910 21.79 -23.84 -39.60
C VAL E 910 22.02 -25.38 -39.58
N ALA E 911 22.71 -25.96 -40.59
CA ALA E 911 22.85 -27.42 -40.64
C ALA E 911 24.28 -27.87 -40.73
N SER E 912 24.54 -29.18 -40.76
CA SER E 912 25.92 -29.58 -40.80
C SER E 912 26.81 -28.78 -41.68
N GLY E 913 26.67 -28.81 -43.00
CA GLY E 913 27.70 -28.10 -43.75
C GLY E 913 27.23 -26.71 -43.75
N ARG E 914 27.85 -25.83 -43.03
CA ARG E 914 27.18 -24.56 -42.88
C ARG E 914 27.08 -23.65 -44.13
N PHE E 915 26.34 -24.16 -45.12
CA PHE E 915 26.10 -23.46 -46.34
C PHE E 915 26.13 -22.01 -46.56
N GLY E 916 25.25 -21.22 -46.07
CA GLY E 916 25.57 -19.88 -46.54
C GLY E 916 25.74 -19.09 -45.31
N VAL E 917 26.23 -19.76 -44.29
CA VAL E 917 26.07 -19.22 -42.96
C VAL E 917 26.97 -18.09 -42.61
N THR E 918 26.32 -16.95 -42.54
CA THR E 918 27.05 -15.71 -42.48
C THR E 918 26.57 -14.72 -41.47
N ALA E 919 27.46 -13.89 -40.94
CA ALA E 919 26.92 -12.94 -39.92
C ALA E 919 25.68 -12.25 -40.41
N GLU E 920 25.64 -11.91 -41.69
CA GLU E 920 24.47 -11.26 -42.26
C GLU E 920 23.37 -12.24 -42.51
N TYR E 921 23.66 -13.50 -42.76
CA TYR E 921 22.54 -14.40 -43.03
C TYR E 921 21.86 -14.59 -41.70
N LEU E 922 22.63 -15.04 -40.72
CA LEU E 922 22.12 -15.27 -39.39
C LEU E 922 21.39 -14.06 -38.89
N ASN E 923 21.70 -12.87 -39.39
CA ASN E 923 20.93 -11.75 -38.90
C ASN E 923 19.71 -11.31 -39.71
N GLN E 924 19.41 -11.96 -40.81
CA GLN E 924 18.30 -11.52 -41.62
C GLN E 924 17.14 -12.46 -41.32
N CYS E 925 16.74 -12.55 -40.03
CA CYS E 925 15.57 -13.36 -39.67
C CYS E 925 14.96 -13.25 -38.28
N ARG E 926 13.86 -13.94 -38.08
CA ARG E 926 13.20 -13.91 -36.80
C ARG E 926 13.48 -15.24 -36.12
N GLU E 927 13.97 -16.23 -36.85
CA GLU E 927 14.16 -17.49 -36.21
C GLU E 927 15.30 -18.34 -36.76
N LEU E 928 16.15 -18.90 -35.93
CA LEU E 928 17.18 -19.84 -36.39
C LEU E 928 16.84 -21.32 -36.15
N GLU E 929 16.88 -22.18 -37.17
CA GLU E 929 16.44 -23.57 -36.98
C GLU E 929 17.69 -24.42 -36.96
N ILE E 930 18.03 -25.01 -35.83
CA ILE E 930 19.19 -25.87 -35.85
C ILE E 930 18.71 -27.16 -36.45
N LYS E 931 19.20 -27.53 -37.63
CA LYS E 931 18.75 -28.79 -38.19
C LYS E 931 19.52 -30.02 -37.77
N VAL E 932 19.02 -30.71 -36.78
CA VAL E 932 19.76 -31.86 -36.42
C VAL E 932 19.25 -32.99 -37.25
N ALA E 933 18.12 -32.91 -37.92
CA ALA E 933 17.73 -34.10 -38.64
C ALA E 933 16.39 -34.08 -39.43
N GLN E 934 16.27 -34.80 -40.57
CA GLN E 934 15.01 -34.88 -41.32
C GLN E 934 14.47 -36.26 -41.40
N GLY E 935 13.17 -36.44 -41.37
CA GLY E 935 12.57 -37.76 -41.38
C GLY E 935 12.82 -38.57 -42.62
N ALA E 936 13.33 -37.90 -43.63
CA ALA E 936 13.59 -38.67 -44.82
C ALA E 936 14.89 -39.43 -44.56
N LYS E 937 15.83 -38.78 -43.91
CA LYS E 937 17.08 -39.46 -43.66
C LYS E 937 17.77 -39.12 -42.30
N PRO E 938 17.12 -39.52 -41.21
CA PRO E 938 17.57 -39.21 -39.87
C PRO E 938 19.04 -39.38 -39.65
N GLY E 939 19.47 -40.60 -39.74
CA GLY E 939 20.89 -40.62 -39.40
C GLY E 939 21.90 -39.73 -40.14
N GLU E 940 21.52 -38.81 -41.04
CA GLU E 940 22.49 -38.38 -42.03
C GLU E 940 22.84 -37.08 -42.71
N GLY E 941 22.00 -36.16 -43.09
CA GLY E 941 22.71 -35.09 -43.78
C GLY E 941 22.54 -34.93 -45.27
N GLY E 942 22.46 -33.70 -45.73
CA GLY E 942 22.03 -33.53 -47.10
C GLY E 942 22.93 -33.93 -48.23
N GLN E 943 22.30 -34.12 -49.39
CA GLN E 943 22.99 -34.39 -50.64
C GLN E 943 22.53 -33.39 -51.64
N LEU E 944 23.41 -32.95 -52.53
CA LEU E 944 22.98 -32.13 -53.63
C LEU E 944 23.87 -32.61 -54.75
N PRO E 945 23.31 -33.37 -55.69
CA PRO E 945 24.05 -33.91 -56.84
C PRO E 945 24.81 -32.81 -57.48
N GLY E 946 25.96 -33.15 -58.06
CA GLY E 946 26.90 -32.17 -58.55
C GLY E 946 26.33 -31.32 -59.68
N PHE E 947 25.50 -31.97 -60.47
CA PHE E 947 24.99 -31.23 -61.55
C PHE E 947 23.82 -30.43 -61.10
N LYS E 948 23.85 -29.90 -59.89
CA LYS E 948 22.72 -29.11 -59.50
C LYS E 948 23.43 -28.02 -58.84
N VAL E 949 24.73 -28.27 -58.68
CA VAL E 949 25.54 -27.27 -58.05
C VAL E 949 25.92 -26.31 -59.12
N THR E 950 24.93 -25.62 -59.58
CA THR E 950 25.09 -24.57 -60.53
C THR E 950 26.16 -23.67 -60.02
N GLU E 951 26.35 -22.56 -60.69
CA GLU E 951 27.37 -21.63 -60.29
C GLU E 951 26.76 -20.70 -59.32
N MET E 952 25.51 -20.33 -59.58
CA MET E 952 24.87 -19.41 -58.64
C MET E 952 24.83 -20.19 -57.34
N ILE E 953 24.33 -21.42 -57.43
CA ILE E 953 24.30 -22.23 -56.25
C ILE E 953 25.65 -22.21 -55.60
N ALA E 954 26.68 -22.66 -56.29
CA ALA E 954 28.06 -22.62 -55.76
C ALA E 954 28.48 -21.26 -55.24
N ARG E 955 28.07 -20.19 -55.87
CA ARG E 955 28.47 -18.91 -55.28
C ARG E 955 27.87 -18.73 -53.88
N LEU E 956 26.58 -19.05 -53.76
CA LEU E 956 25.83 -18.93 -52.53
C LEU E 956 26.51 -19.68 -51.45
N ARG E 957 26.66 -20.96 -51.73
CA ARG E 957 27.30 -21.82 -50.79
C ARG E 957 28.82 -21.77 -50.60
N HIS E 958 29.58 -20.89 -51.23
CA HIS E 958 31.04 -21.07 -51.26
C HIS E 958 31.52 -22.51 -51.45
N SER E 959 30.94 -23.21 -52.43
CA SER E 959 31.31 -24.58 -52.75
C SER E 959 31.97 -24.46 -54.12
N THR E 960 32.40 -25.57 -54.69
CA THR E 960 32.99 -25.49 -56.03
C THR E 960 31.98 -25.94 -57.06
N PRO E 961 31.90 -25.16 -58.13
CA PRO E 961 30.88 -25.40 -59.15
C PRO E 961 30.80 -26.80 -59.64
N GLY E 962 29.57 -27.20 -59.82
CA GLY E 962 29.30 -28.51 -60.35
C GLY E 962 29.85 -29.63 -59.59
N VAL E 963 30.64 -29.37 -58.56
CA VAL E 963 30.98 -30.47 -57.63
C VAL E 963 29.90 -30.63 -56.53
N MET E 964 29.48 -31.89 -56.37
CA MET E 964 28.51 -32.40 -55.39
C MET E 964 28.70 -31.92 -54.00
N LEU E 965 27.58 -31.73 -53.30
CA LEU E 965 27.65 -31.33 -51.90
C LEU E 965 27.04 -32.42 -51.04
N ILE E 966 27.88 -33.26 -50.46
CA ILE E 966 27.32 -34.15 -49.45
C ILE E 966 27.75 -33.59 -48.12
N SER E 967 26.78 -33.56 -47.20
CA SER E 967 27.03 -32.91 -45.92
C SER E 967 27.49 -33.87 -44.86
N PRO E 968 28.15 -33.36 -43.84
CA PRO E 968 28.62 -34.26 -42.78
C PRO E 968 27.36 -34.65 -42.04
N PRO E 969 27.19 -35.92 -41.69
CA PRO E 969 25.94 -36.30 -41.02
C PRO E 969 25.69 -35.59 -39.67
N PRO E 970 26.73 -35.36 -38.88
CA PRO E 970 26.56 -34.69 -37.62
C PRO E 970 26.98 -33.27 -37.78
N HIS E 971 26.53 -32.36 -36.93
CA HIS E 971 27.07 -30.99 -36.93
C HIS E 971 28.44 -31.08 -36.29
N HIS E 972 29.44 -30.36 -36.74
CA HIS E 972 30.71 -30.64 -36.04
C HIS E 972 30.80 -29.99 -34.67
N ASP E 973 29.88 -29.08 -34.42
CA ASP E 973 29.89 -28.44 -33.13
C ASP E 973 28.67 -28.81 -32.32
N ILE E 974 28.28 -30.07 -32.35
CA ILE E 974 27.20 -30.54 -31.54
C ILE E 974 27.42 -32.05 -31.39
N TYR E 975 28.35 -32.40 -30.50
CA TYR E 975 28.69 -33.78 -30.21
C TYR E 975 28.08 -34.32 -28.92
N SER E 976 27.39 -33.46 -28.17
CA SER E 976 26.75 -33.89 -26.92
C SER E 976 25.83 -32.77 -26.48
N ILE E 977 24.92 -33.04 -25.57
CA ILE E 977 24.02 -31.93 -25.28
C ILE E 977 24.56 -30.61 -24.79
N GLU E 978 25.62 -30.62 -24.00
CA GLU E 978 26.18 -29.31 -23.62
C GLU E 978 26.55 -28.66 -24.94
N ASP E 979 27.03 -29.46 -25.87
CA ASP E 979 27.40 -28.85 -27.09
C ASP E 979 26.22 -28.13 -27.73
N LEU E 980 25.10 -28.82 -27.93
CA LEU E 980 23.92 -28.15 -28.45
C LEU E 980 23.81 -26.84 -27.77
N ALA E 981 23.90 -27.00 -26.47
CA ALA E 981 23.68 -25.89 -25.61
C ALA E 981 24.47 -24.66 -25.97
N GLN E 982 25.70 -24.90 -26.34
CA GLN E 982 26.55 -23.77 -26.60
C GLN E 982 26.28 -23.18 -27.98
N LEU E 983 25.84 -24.03 -28.91
CA LEU E 983 25.52 -23.51 -30.24
C LEU E 983 24.35 -22.55 -30.08
N ILE E 984 23.33 -23.03 -29.37
CA ILE E 984 22.22 -22.15 -29.08
C ILE E 984 22.64 -20.82 -28.43
N TYR E 985 23.63 -20.86 -27.57
CA TYR E 985 24.11 -19.61 -27.03
C TYR E 985 24.69 -18.71 -28.15
N ASP E 986 25.57 -19.23 -29.00
CA ASP E 986 26.20 -18.39 -30.03
C ASP E 986 25.10 -17.84 -30.92
N LEU E 987 24.18 -18.75 -31.23
CA LEU E 987 23.11 -18.34 -32.08
C LEU E 987 22.40 -17.18 -31.40
N LYS E 988 22.08 -17.29 -30.11
CA LYS E 988 21.34 -16.18 -29.52
C LYS E 988 22.18 -14.96 -29.31
N GLN E 989 23.48 -15.14 -29.47
CA GLN E 989 24.43 -14.05 -29.34
C GLN E 989 24.58 -13.27 -30.63
N ILE E 990 24.62 -13.97 -31.75
CA ILE E 990 24.84 -13.22 -32.97
C ILE E 990 23.55 -12.61 -33.37
N ASN E 991 22.43 -13.19 -32.95
CA ASN E 991 21.20 -12.54 -33.29
C ASN E 991 20.28 -12.40 -32.15
N PRO E 992 20.31 -11.23 -31.59
CA PRO E 992 19.56 -10.95 -30.36
C PRO E 992 18.08 -11.04 -30.54
N ASP E 993 17.56 -10.99 -31.74
CA ASP E 993 16.13 -11.07 -31.84
C ASP E 993 15.56 -12.46 -32.12
N ALA E 994 16.34 -13.44 -32.54
CA ALA E 994 15.63 -14.63 -33.00
C ALA E 994 15.33 -15.66 -31.97
N LYS E 995 14.33 -16.49 -32.22
CA LYS E 995 14.07 -17.61 -31.35
C LYS E 995 14.90 -18.74 -31.90
N VAL E 996 15.26 -19.79 -31.16
CA VAL E 996 16.02 -20.82 -31.85
C VAL E 996 15.21 -22.11 -31.88
N THR E 997 15.23 -22.86 -32.98
CA THR E 997 14.44 -24.06 -33.02
C THR E 997 15.35 -25.25 -33.15
N VAL E 998 14.89 -26.48 -32.85
CA VAL E 998 15.76 -27.60 -33.07
C VAL E 998 15.02 -28.63 -33.90
N LYS E 999 15.48 -28.97 -35.11
CA LYS E 999 14.63 -29.86 -35.89
C LYS E 999 15.05 -31.21 -35.42
N LEU E 1000 14.09 -32.02 -35.00
CA LEU E 1000 14.49 -33.34 -34.52
C LEU E 1000 13.60 -34.28 -35.20
N VAL E 1001 13.93 -35.57 -35.18
CA VAL E 1001 13.07 -36.49 -35.87
C VAL E 1001 12.48 -37.49 -34.93
N SER E 1002 11.18 -37.55 -34.96
CA SER E 1002 10.53 -38.49 -34.13
C SER E 1002 11.14 -39.83 -34.08
N ARG E 1003 11.16 -40.38 -32.91
CA ARG E 1003 11.68 -41.73 -32.64
C ARG E 1003 11.59 -41.96 -31.13
N SER E 1004 11.45 -43.21 -30.72
CA SER E 1004 11.22 -43.31 -29.27
C SER E 1004 12.45 -43.03 -28.46
N GLY E 1005 12.34 -42.09 -27.54
CA GLY E 1005 13.46 -41.55 -26.82
C GLY E 1005 13.50 -40.08 -27.16
N ILE E 1006 12.69 -39.63 -28.11
CA ILE E 1006 12.83 -38.23 -28.46
C ILE E 1006 12.46 -37.41 -27.28
N GLY E 1007 11.43 -37.88 -26.56
CA GLY E 1007 10.88 -37.22 -25.40
C GLY E 1007 11.94 -36.67 -24.45
N THR E 1008 12.74 -37.59 -23.99
CA THR E 1008 13.84 -37.19 -23.15
C THR E 1008 14.77 -36.16 -23.72
N ILE E 1009 15.26 -36.39 -24.90
CA ILE E 1009 16.11 -35.39 -25.50
C ILE E 1009 15.41 -34.05 -25.51
N ALA E 1010 14.17 -34.13 -25.97
CA ALA E 1010 13.34 -32.97 -26.05
C ALA E 1010 13.54 -32.12 -24.83
N ALA E 1011 13.52 -32.77 -23.67
CA ALA E 1011 13.72 -32.07 -22.40
C ALA E 1011 15.03 -31.31 -22.33
N GLY E 1012 16.15 -32.04 -22.41
CA GLY E 1012 17.46 -31.40 -22.53
C GLY E 1012 17.46 -30.22 -23.50
N VAL E 1013 16.87 -30.38 -24.68
CA VAL E 1013 16.85 -29.28 -25.61
C VAL E 1013 16.23 -28.10 -24.87
N ALA E 1014 15.17 -28.43 -24.15
CA ALA E 1014 14.46 -27.40 -23.43
C ALA E 1014 15.35 -26.70 -22.37
N LYS E 1015 16.11 -27.51 -21.62
CA LYS E 1015 16.98 -26.95 -20.62
C LYS E 1015 18.07 -26.23 -21.34
N ALA E 1016 18.24 -26.47 -22.63
CA ALA E 1016 19.36 -25.79 -23.28
C ALA E 1016 18.96 -24.45 -23.89
N ASN E 1017 17.83 -23.92 -23.47
CA ASN E 1017 17.38 -22.68 -24.02
C ASN E 1017 16.85 -22.58 -25.44
N ALA E 1018 16.30 -23.67 -25.93
CA ALA E 1018 15.72 -23.63 -27.25
C ALA E 1018 14.34 -23.06 -27.10
N ASP E 1019 13.83 -22.35 -28.09
CA ASP E 1019 12.50 -21.83 -27.99
C ASP E 1019 11.48 -22.68 -28.69
N ILE E 1020 11.85 -23.44 -29.72
CA ILE E 1020 10.79 -24.21 -30.37
C ILE E 1020 11.33 -25.55 -30.61
N ILE E 1021 10.53 -26.59 -30.61
CA ILE E 1021 11.11 -27.86 -30.96
C ILE E 1021 10.20 -28.51 -32.00
N LEU E 1022 10.82 -29.02 -33.06
CA LEU E 1022 10.07 -29.56 -34.16
C LEU E 1022 10.38 -31.00 -34.37
N ILE E 1023 9.32 -31.77 -34.38
CA ILE E 1023 9.42 -33.19 -34.51
C ILE E 1023 8.88 -33.50 -35.88
N SER E 1024 9.74 -34.17 -36.63
CA SER E 1024 9.49 -34.53 -37.99
C SER E 1024 9.23 -35.98 -38.09
N GLY E 1025 8.24 -36.25 -38.91
CA GLY E 1025 7.76 -37.59 -39.15
C GLY E 1025 8.69 -38.38 -40.00
N ASN E 1026 8.50 -39.67 -39.98
CA ASN E 1026 9.35 -40.54 -40.72
C ASN E 1026 9.07 -40.25 -42.16
N SER E 1027 7.80 -40.12 -42.54
CA SER E 1027 7.44 -39.86 -43.93
C SER E 1027 7.69 -38.49 -44.59
N GLY E 1028 8.52 -37.62 -44.06
CA GLY E 1028 8.65 -36.39 -44.82
C GLY E 1028 9.42 -36.51 -46.11
N GLY E 1029 9.61 -35.40 -46.81
CA GLY E 1029 10.24 -35.41 -48.14
C GLY E 1029 11.67 -34.97 -48.14
N THR E 1030 12.39 -35.19 -49.25
CA THR E 1030 13.82 -34.86 -49.38
C THR E 1030 14.00 -34.71 -50.86
N GLY E 1031 14.89 -33.86 -51.30
CA GLY E 1031 15.12 -33.84 -52.72
C GLY E 1031 16.03 -34.98 -53.17
N ALA E 1032 16.75 -35.59 -52.25
CA ALA E 1032 17.70 -36.58 -52.63
C ALA E 1032 18.03 -37.40 -51.44
N SER E 1033 17.89 -38.71 -51.53
CA SER E 1033 18.24 -39.44 -50.33
C SER E 1033 18.13 -40.91 -50.62
N PRO E 1034 18.93 -41.73 -49.97
CA PRO E 1034 18.96 -43.16 -50.26
C PRO E 1034 17.62 -43.66 -49.96
N GLN E 1035 17.15 -44.73 -50.58
CA GLN E 1035 15.79 -45.22 -50.34
C GLN E 1035 15.54 -46.01 -49.09
N THR E 1036 16.59 -46.38 -48.39
CA THR E 1036 16.35 -47.26 -47.25
C THR E 1036 15.97 -46.30 -46.15
N SER E 1037 16.59 -45.13 -46.19
CA SER E 1037 16.21 -44.18 -45.18
C SER E 1037 14.80 -43.68 -45.52
N ILE E 1038 14.49 -43.68 -46.79
CA ILE E 1038 13.19 -43.19 -47.02
C ILE E 1038 12.20 -44.22 -46.67
N LYS E 1039 12.62 -45.39 -46.29
CA LYS E 1039 11.55 -46.35 -46.08
C LYS E 1039 11.74 -47.05 -44.81
N PHE E 1040 12.85 -46.78 -44.15
CA PHE E 1040 13.16 -47.51 -42.96
C PHE E 1040 13.65 -46.74 -41.75
N ALA E 1041 14.14 -45.51 -41.91
CA ALA E 1041 14.55 -44.72 -40.76
C ALA E 1041 13.28 -44.04 -40.22
N GLY E 1042 13.38 -43.19 -39.22
CA GLY E 1042 12.21 -42.55 -38.67
C GLY E 1042 10.97 -43.31 -38.22
N LEU E 1043 10.18 -42.59 -37.40
CA LEU E 1043 8.92 -43.06 -36.89
C LEU E 1043 7.81 -42.03 -37.11
N PRO E 1044 6.57 -42.47 -37.14
CA PRO E 1044 5.44 -41.56 -37.32
C PRO E 1044 5.47 -40.38 -36.35
N TRP E 1045 5.02 -39.19 -36.72
CA TRP E 1045 4.91 -38.10 -35.75
C TRP E 1045 3.89 -38.34 -34.60
N GLU E 1046 2.76 -38.95 -34.88
CA GLU E 1046 1.83 -39.20 -33.81
C GLU E 1046 2.55 -39.81 -32.57
N MET E 1047 3.55 -40.67 -32.71
CA MET E 1047 4.30 -41.19 -31.57
C MET E 1047 5.31 -40.12 -31.09
N GLY E 1048 6.30 -39.76 -31.84
CA GLY E 1048 7.18 -38.76 -31.29
C GLY E 1048 6.56 -37.48 -30.77
N LEU E 1049 5.57 -36.93 -31.46
CA LEU E 1049 5.05 -35.66 -30.98
C LEU E 1049 4.42 -35.83 -29.60
N SER E 1050 3.62 -36.85 -29.35
CA SER E 1050 3.17 -36.91 -27.98
C SER E 1050 4.26 -37.14 -26.96
N GLU E 1051 5.08 -38.15 -27.19
CA GLU E 1051 6.19 -38.37 -26.29
C GLU E 1051 6.82 -37.00 -25.89
N VAL E 1052 7.15 -36.12 -26.83
CA VAL E 1052 7.70 -34.84 -26.42
C VAL E 1052 6.64 -34.10 -25.62
N HIS E 1053 5.46 -33.95 -26.18
CA HIS E 1053 4.48 -33.34 -25.31
C HIS E 1053 4.43 -33.95 -23.92
N GLN E 1054 4.41 -35.26 -23.81
CA GLN E 1054 4.31 -35.81 -22.46
C GLN E 1054 5.54 -35.47 -21.65
N VAL E 1055 6.62 -36.19 -21.88
CA VAL E 1055 7.84 -35.91 -21.16
C VAL E 1055 8.08 -34.47 -20.84
N LEU E 1056 8.11 -33.57 -21.80
CA LEU E 1056 8.31 -32.17 -21.43
C LEU E 1056 7.35 -31.74 -20.34
N THR E 1057 6.11 -32.20 -20.42
CA THR E 1057 5.15 -31.84 -19.41
C THR E 1057 5.58 -32.44 -18.06
N LEU E 1058 5.91 -33.71 -18.09
CA LEU E 1058 6.25 -34.41 -16.92
C LEU E 1058 7.43 -33.83 -16.18
N ASN E 1059 8.16 -32.85 -16.72
CA ASN E 1059 9.36 -32.30 -16.07
C ASN E 1059 9.12 -30.83 -16.00
N ARG E 1060 7.89 -30.45 -16.18
CA ARG E 1060 7.58 -29.07 -16.08
C ARG E 1060 8.46 -28.18 -16.92
N LEU E 1061 8.66 -28.50 -18.21
CA LEU E 1061 9.45 -27.68 -19.13
C LEU E 1061 8.55 -27.30 -20.33
N ARG E 1062 7.47 -28.08 -20.44
CA ARG E 1062 6.51 -27.91 -21.48
C ARG E 1062 5.97 -26.59 -21.67
N HIS E 1063 6.48 -25.54 -21.08
CA HIS E 1063 5.80 -24.26 -21.34
C HIS E 1063 6.93 -23.41 -21.73
N ARG E 1064 8.07 -24.05 -21.90
CA ARG E 1064 9.24 -23.23 -22.06
C ARG E 1064 9.58 -23.13 -23.52
N VAL E 1065 8.95 -24.03 -24.24
CA VAL E 1065 9.27 -24.24 -25.57
C VAL E 1065 7.92 -24.43 -26.25
N ARG E 1066 7.85 -24.02 -27.54
CA ARG E 1066 6.67 -24.17 -28.39
C ARG E 1066 6.94 -25.46 -29.14
N LEU E 1067 5.94 -26.18 -29.63
CA LEU E 1067 6.13 -27.42 -30.40
C LEU E 1067 5.58 -27.30 -31.81
N ARG E 1068 6.32 -27.86 -32.78
CA ARG E 1068 5.98 -27.83 -34.20
C ARG E 1068 6.14 -29.23 -34.73
N THR E 1069 5.38 -29.58 -35.75
CA THR E 1069 5.56 -30.89 -36.34
C THR E 1069 5.33 -30.89 -37.88
N ASP E 1070 5.95 -31.80 -38.58
CA ASP E 1070 5.68 -31.91 -39.99
C ASP E 1070 5.84 -33.37 -40.35
N GLY E 1071 5.43 -33.74 -41.57
CA GLY E 1071 5.46 -35.12 -42.00
C GLY E 1071 4.28 -35.62 -42.78
N GLY E 1072 3.80 -34.94 -43.77
CA GLY E 1072 2.73 -35.59 -44.47
C GLY E 1072 1.40 -35.00 -44.15
N LEU E 1073 1.39 -33.79 -43.61
CA LEU E 1073 0.17 -33.12 -43.25
C LEU E 1073 -0.43 -32.54 -44.51
N LYS E 1074 -1.47 -33.13 -45.08
CA LYS E 1074 -2.09 -32.58 -46.27
C LYS E 1074 -3.49 -32.06 -46.01
N THR E 1075 -4.03 -32.26 -44.83
CA THR E 1075 -5.41 -31.98 -44.59
C THR E 1075 -5.89 -31.28 -43.34
N GLY E 1076 -7.04 -30.66 -43.43
CA GLY E 1076 -7.52 -29.99 -42.23
C GLY E 1076 -7.41 -30.84 -41.00
N ARG E 1077 -8.03 -31.99 -41.00
CA ARG E 1077 -7.95 -32.89 -39.89
C ARG E 1077 -6.52 -33.28 -39.52
N ASP E 1078 -5.68 -33.58 -40.47
CA ASP E 1078 -4.32 -33.88 -40.05
C ASP E 1078 -3.81 -32.80 -39.08
N ILE E 1079 -4.30 -31.58 -39.20
CA ILE E 1079 -3.75 -30.46 -38.43
C ILE E 1079 -4.41 -30.39 -37.11
N VAL E 1080 -5.70 -30.65 -37.04
CA VAL E 1080 -6.37 -30.68 -35.75
C VAL E 1080 -5.77 -31.81 -34.89
N ILE E 1081 -5.84 -33.05 -35.35
CA ILE E 1081 -5.21 -34.11 -34.62
C ILE E 1081 -3.80 -33.77 -34.18
N ALA E 1082 -3.01 -33.10 -34.98
CA ALA E 1082 -1.66 -32.84 -34.46
C ALA E 1082 -1.74 -31.87 -33.30
N ALA E 1083 -2.72 -30.95 -33.31
CA ALA E 1083 -2.79 -30.03 -32.19
C ALA E 1083 -3.15 -30.77 -30.91
N MET E 1084 -4.17 -31.60 -31.00
CA MET E 1084 -4.61 -32.32 -29.85
C MET E 1084 -3.40 -33.14 -29.36
N LEU E 1085 -2.48 -33.57 -30.23
CA LEU E 1085 -1.43 -34.39 -29.64
C LEU E 1085 -0.43 -33.49 -29.00
N GLY E 1086 -0.55 -32.18 -29.17
CA GLY E 1086 0.39 -31.34 -28.49
C GLY E 1086 1.03 -30.30 -29.36
N ALA E 1087 0.68 -30.27 -30.64
CA ALA E 1087 1.44 -29.32 -31.44
C ALA E 1087 0.86 -27.92 -31.46
N GLU E 1088 1.69 -26.90 -31.68
CA GLU E 1088 1.21 -25.52 -31.78
C GLU E 1088 1.44 -24.90 -33.17
N GLU E 1089 2.30 -25.55 -33.96
CA GLU E 1089 2.68 -25.12 -35.26
C GLU E 1089 2.80 -26.32 -36.17
N PHE E 1090 2.46 -26.14 -37.43
CA PHE E 1090 2.44 -27.24 -38.39
C PHE E 1090 3.19 -26.87 -39.66
N GLY E 1091 3.98 -27.78 -40.21
CA GLY E 1091 4.78 -27.47 -41.37
C GLY E 1091 4.25 -28.13 -42.61
N ILE E 1092 4.19 -27.37 -43.70
CA ILE E 1092 3.63 -28.02 -44.85
C ILE E 1092 4.48 -27.90 -46.06
N GLY E 1093 5.23 -28.93 -46.46
CA GLY E 1093 6.13 -28.85 -47.62
C GLY E 1093 5.61 -29.37 -48.95
N THR E 1094 5.80 -30.67 -49.15
CA THR E 1094 5.27 -31.33 -50.32
C THR E 1094 3.93 -30.83 -50.77
N ALA E 1095 2.91 -30.81 -49.95
CA ALA E 1095 1.67 -30.30 -50.49
C ALA E 1095 1.88 -28.88 -50.93
N SER E 1096 2.74 -28.11 -50.29
CA SER E 1096 2.95 -26.84 -50.92
C SER E 1096 3.67 -26.91 -52.26
N LEU E 1097 4.59 -27.85 -52.39
CA LEU E 1097 5.18 -28.10 -53.69
C LEU E 1097 4.11 -28.47 -54.72
N ILE E 1098 3.24 -29.39 -54.40
CA ILE E 1098 2.23 -29.80 -55.36
C ILE E 1098 1.36 -28.65 -55.83
N ALA E 1099 1.18 -27.66 -54.99
CA ALA E 1099 0.34 -26.60 -55.43
C ALA E 1099 1.18 -25.76 -56.38
N MET E 1100 2.48 -25.72 -56.14
CA MET E 1100 3.30 -24.99 -57.07
C MET E 1100 3.43 -25.83 -58.33
N GLY E 1101 2.83 -27.01 -58.36
CA GLY E 1101 2.89 -27.81 -59.55
C GLY E 1101 3.46 -29.18 -59.46
N CYS E 1102 4.16 -29.59 -58.40
CA CYS E 1102 4.78 -30.92 -58.43
C CYS E 1102 3.80 -31.95 -58.90
N ILE E 1103 4.22 -32.89 -59.75
CA ILE E 1103 3.27 -33.96 -60.11
C ILE E 1103 3.73 -35.26 -59.52
N MET E 1104 4.81 -35.22 -58.73
CA MET E 1104 5.11 -36.38 -57.88
C MET E 1104 5.60 -37.57 -58.64
N VAL E 1105 6.50 -37.22 -59.52
CA VAL E 1105 7.04 -38.13 -60.47
C VAL E 1105 8.36 -38.63 -60.00
N ARG E 1106 8.79 -38.06 -58.88
CA ARG E 1106 10.01 -38.49 -58.24
C ARG E 1106 11.35 -38.40 -58.94
N GLN E 1107 11.69 -37.29 -59.60
CA GLN E 1107 13.02 -37.23 -60.19
C GLN E 1107 13.73 -36.01 -59.74
N CYS E 1108 13.59 -35.79 -58.45
CA CYS E 1108 14.13 -34.61 -57.86
C CYS E 1108 15.64 -34.79 -57.84
N HIS E 1109 16.15 -36.01 -57.81
CA HIS E 1109 17.59 -36.06 -57.71
C HIS E 1109 18.28 -35.91 -59.02
N SER E 1110 17.50 -36.12 -60.06
CA SER E 1110 17.91 -36.19 -61.43
C SER E 1110 18.07 -34.90 -62.21
N ASN E 1111 17.52 -33.81 -61.74
CA ASN E 1111 17.62 -32.58 -62.47
C ASN E 1111 16.90 -32.68 -63.77
N THR E 1112 15.75 -33.34 -63.74
CA THR E 1112 14.91 -33.52 -64.90
C THR E 1112 13.47 -33.26 -64.45
N CYS E 1113 13.23 -32.05 -63.93
CA CYS E 1113 11.88 -31.86 -63.44
C CYS E 1113 10.99 -31.35 -64.50
N PRO E 1114 10.06 -32.19 -64.80
CA PRO E 1114 9.02 -31.86 -65.74
C PRO E 1114 8.48 -30.53 -65.44
N VAL E 1115 8.68 -29.94 -64.28
CA VAL E 1115 7.90 -28.77 -64.00
C VAL E 1115 8.58 -27.65 -63.31
N GLY E 1116 9.87 -27.77 -63.13
CA GLY E 1116 10.55 -26.56 -62.72
C GLY E 1116 10.59 -26.37 -61.25
N VAL E 1117 10.07 -27.41 -60.60
CA VAL E 1117 10.08 -27.36 -59.17
C VAL E 1117 11.46 -27.72 -58.66
N CYS E 1118 11.82 -28.98 -58.65
CA CYS E 1118 13.16 -29.18 -58.17
C CYS E 1118 14.28 -29.47 -59.21
N VAL E 1119 14.68 -28.41 -59.94
CA VAL E 1119 15.67 -28.60 -60.97
C VAL E 1119 16.46 -27.34 -61.21
N GLN E 1120 17.76 -27.43 -61.45
CA GLN E 1120 18.52 -26.23 -61.66
C GLN E 1120 18.62 -25.93 -63.14
N ASP E 1121 18.28 -26.92 -63.97
CA ASP E 1121 18.33 -26.71 -65.40
C ASP E 1121 17.39 -25.67 -65.91
N ASP E 1122 18.00 -24.80 -66.72
CA ASP E 1122 17.37 -23.65 -67.28
C ASP E 1122 16.19 -23.93 -68.13
N LYS E 1123 16.32 -24.88 -69.03
CA LYS E 1123 15.19 -24.97 -69.89
C LYS E 1123 14.05 -25.47 -69.09
N LEU E 1124 14.42 -26.39 -68.23
CA LEU E 1124 13.44 -27.06 -67.43
C LEU E 1124 12.79 -26.13 -66.44
N ARG E 1125 13.57 -25.20 -65.89
CA ARG E 1125 12.99 -24.21 -65.01
C ARG E 1125 12.03 -23.29 -65.70
N GLN E 1126 11.74 -23.51 -66.96
CA GLN E 1126 10.93 -22.50 -67.61
C GLN E 1126 9.62 -23.12 -67.70
N LYS E 1127 9.54 -24.37 -67.30
CA LYS E 1127 8.22 -24.95 -67.36
C LYS E 1127 7.44 -24.79 -66.06
N PHE E 1128 7.97 -23.98 -65.16
CA PHE E 1128 7.38 -23.76 -63.84
C PHE E 1128 6.20 -22.82 -63.83
N VAL E 1129 5.08 -23.27 -63.29
CA VAL E 1129 3.91 -22.42 -63.17
C VAL E 1129 3.48 -22.13 -61.72
N GLY E 1130 4.38 -22.31 -60.78
CA GLY E 1130 3.93 -22.03 -59.45
C GLY E 1130 3.67 -20.55 -59.33
N THR E 1131 2.92 -20.20 -58.30
CA THR E 1131 2.50 -18.84 -57.99
C THR E 1131 2.27 -18.69 -56.53
N PRO E 1132 2.59 -17.54 -56.01
CA PRO E 1132 2.29 -17.24 -54.61
C PRO E 1132 0.80 -17.46 -54.36
N GLU E 1133 0.06 -16.85 -55.23
CA GLU E 1133 -1.35 -16.99 -55.15
C GLU E 1133 -1.72 -18.45 -55.02
N LYS E 1134 -0.99 -19.38 -55.60
CA LYS E 1134 -1.46 -20.77 -55.47
C LYS E 1134 -1.23 -21.29 -54.07
N VAL E 1135 -0.04 -21.09 -53.58
CA VAL E 1135 0.27 -21.51 -52.25
C VAL E 1135 -0.64 -20.78 -51.26
N VAL E 1136 -0.70 -19.47 -51.35
CA VAL E 1136 -1.60 -18.87 -50.45
C VAL E 1136 -2.93 -19.56 -50.48
N ASN E 1137 -3.43 -19.96 -51.63
CA ASN E 1137 -4.73 -20.61 -51.57
C ASN E 1137 -4.69 -21.88 -50.76
N LEU E 1138 -3.61 -22.62 -50.88
CA LEU E 1138 -3.45 -23.87 -50.13
C LEU E 1138 -3.63 -23.56 -48.67
N PHE E 1139 -2.85 -22.65 -48.12
CA PHE E 1139 -3.01 -22.41 -46.70
C PHE E 1139 -4.38 -21.93 -46.33
N THR E 1140 -4.94 -21.04 -47.13
CA THR E 1140 -6.27 -20.57 -46.81
C THR E 1140 -7.23 -21.71 -46.66
N PHE E 1141 -7.27 -22.61 -47.61
CA PHE E 1141 -8.14 -23.75 -47.47
C PHE E 1141 -7.86 -24.56 -46.22
N LEU E 1142 -6.66 -25.06 -46.08
CA LEU E 1142 -6.31 -25.77 -44.87
C LEU E 1142 -6.91 -25.14 -43.62
N ALA E 1143 -6.58 -23.90 -43.31
CA ALA E 1143 -7.16 -23.25 -42.15
C ALA E 1143 -8.65 -23.25 -42.23
N GLU E 1144 -9.25 -22.72 -43.25
CA GLU E 1144 -10.70 -22.86 -43.20
C GLU E 1144 -11.17 -24.27 -42.88
N GLU E 1145 -10.53 -25.29 -43.41
CA GLU E 1145 -11.03 -26.59 -43.11
C GLU E 1145 -10.77 -26.96 -41.63
N VAL E 1146 -9.78 -26.31 -41.02
CA VAL E 1146 -9.50 -26.51 -39.61
C VAL E 1146 -10.64 -25.87 -38.86
N ARG E 1147 -10.95 -24.62 -39.15
CA ARG E 1147 -12.02 -23.97 -38.43
C ARG E 1147 -13.27 -24.78 -38.65
N GLU E 1148 -13.45 -25.36 -39.80
CA GLU E 1148 -14.71 -26.04 -39.97
C GLU E 1148 -14.82 -27.14 -38.96
N ILE E 1149 -13.74 -27.83 -38.73
CA ILE E 1149 -13.73 -28.92 -37.78
C ILE E 1149 -13.88 -28.48 -36.35
N LEU E 1150 -13.20 -27.43 -35.94
CA LEU E 1150 -13.26 -27.04 -34.53
C LEU E 1150 -14.69 -26.71 -34.12
N ALA E 1151 -15.40 -26.04 -35.04
CA ALA E 1151 -16.76 -25.65 -34.77
C ALA E 1151 -17.60 -26.86 -34.53
N GLY E 1152 -17.30 -27.95 -35.21
CA GLY E 1152 -18.14 -29.09 -35.01
C GLY E 1152 -17.88 -29.63 -33.64
N LEU E 1153 -16.68 -29.37 -33.11
CA LEU E 1153 -16.30 -29.96 -31.86
C LEU E 1153 -16.76 -29.11 -30.68
N GLY E 1154 -17.23 -27.91 -30.98
CA GLY E 1154 -17.63 -27.04 -29.95
C GLY E 1154 -16.53 -26.11 -29.54
N PHE E 1155 -15.36 -26.11 -30.16
CA PHE E 1155 -14.32 -25.12 -29.78
C PHE E 1155 -14.23 -23.94 -30.71
N ARG E 1156 -13.84 -22.79 -30.21
CA ARG E 1156 -13.88 -21.60 -31.03
C ARG E 1156 -12.40 -21.23 -31.27
N SER E 1157 -11.52 -22.19 -31.08
CA SER E 1157 -10.14 -21.87 -31.33
C SER E 1157 -9.11 -22.98 -31.20
N LEU E 1158 -7.92 -22.83 -31.78
CA LEU E 1158 -7.06 -23.99 -31.80
C LEU E 1158 -6.45 -24.20 -30.43
N ASN E 1159 -6.09 -23.11 -29.82
CA ASN E 1159 -5.48 -23.15 -28.53
C ASN E 1159 -6.36 -23.94 -27.61
N GLU E 1160 -7.64 -23.66 -27.57
CA GLU E 1160 -8.50 -24.45 -26.70
C GLU E 1160 -8.42 -25.92 -26.95
N VAL E 1161 -7.59 -26.40 -27.83
CA VAL E 1161 -7.62 -27.82 -28.08
C VAL E 1161 -6.23 -28.46 -28.15
N ILE E 1162 -5.20 -27.68 -27.99
CA ILE E 1162 -3.89 -28.27 -27.97
C ILE E 1162 -3.76 -29.24 -26.83
N GLY E 1163 -3.03 -30.30 -26.97
CA GLY E 1163 -2.96 -31.23 -25.88
C GLY E 1163 -4.28 -31.92 -25.59
N ARG E 1164 -5.42 -31.36 -25.97
CA ARG E 1164 -6.65 -32.04 -25.59
C ARG E 1164 -6.94 -33.43 -26.10
N THR E 1165 -6.09 -34.38 -25.78
CA THR E 1165 -6.32 -35.69 -26.36
C THR E 1165 -7.56 -36.39 -25.97
N ASP E 1166 -8.22 -35.94 -24.92
CA ASP E 1166 -9.50 -36.52 -24.57
C ASP E 1166 -10.49 -36.39 -25.72
N LEU E 1167 -10.24 -35.48 -26.64
CA LEU E 1167 -11.13 -35.40 -27.81
C LEU E 1167 -10.91 -36.43 -28.96
N LEU E 1168 -9.99 -37.38 -28.79
CA LEU E 1168 -9.64 -38.36 -29.83
C LEU E 1168 -9.83 -39.76 -29.32
N HIS E 1169 -10.38 -40.67 -30.07
CA HIS E 1169 -10.65 -42.01 -29.60
C HIS E 1169 -10.17 -42.93 -30.68
N GLN E 1170 -9.54 -44.03 -30.30
CA GLN E 1170 -9.03 -44.84 -31.36
C GLN E 1170 -10.07 -45.81 -31.72
N VAL E 1171 -10.53 -45.75 -32.95
CA VAL E 1171 -11.41 -46.79 -33.50
C VAL E 1171 -10.73 -47.85 -34.35
N SER E 1172 -9.72 -47.50 -35.15
CA SER E 1172 -9.90 -48.39 -36.23
C SER E 1172 -9.24 -49.70 -36.17
N ARG E 1173 -10.09 -50.65 -36.54
CA ARG E 1173 -9.77 -52.02 -36.70
C ARG E 1173 -9.81 -52.04 -38.19
N GLY E 1174 -8.86 -52.71 -38.88
CA GLY E 1174 -9.02 -52.63 -40.30
C GLY E 1174 -8.39 -53.82 -40.93
N ALA E 1175 -8.67 -55.00 -40.37
CA ALA E 1175 -8.14 -56.19 -40.93
C ALA E 1175 -9.10 -57.26 -40.57
N GLU E 1176 -8.96 -58.39 -41.28
CA GLU E 1176 -9.74 -59.59 -41.19
C GLU E 1176 -9.52 -60.32 -39.89
N HIS E 1177 -8.28 -60.31 -39.35
CA HIS E 1177 -7.91 -61.09 -38.20
C HIS E 1177 -7.80 -60.14 -37.03
N LEU E 1178 -8.06 -60.62 -35.79
CA LEU E 1178 -7.97 -59.78 -34.62
C LEU E 1178 -6.52 -59.51 -34.34
N ASP E 1179 -5.97 -58.42 -34.93
CA ASP E 1179 -4.59 -58.05 -34.71
C ASP E 1179 -4.62 -56.57 -34.37
N ASP E 1180 -4.68 -56.13 -33.08
CA ASP E 1180 -4.84 -54.66 -33.03
C ASP E 1180 -3.72 -53.90 -32.37
N LEU E 1181 -3.76 -52.59 -32.57
CA LEU E 1181 -2.72 -51.79 -32.03
C LEU E 1181 -3.23 -51.16 -30.75
N ASP E 1182 -2.32 -50.58 -29.98
CA ASP E 1182 -2.66 -49.94 -28.74
C ASP E 1182 -2.24 -48.52 -28.90
N LEU E 1183 -3.22 -47.67 -29.16
CA LEU E 1183 -2.93 -46.28 -29.39
C LEU E 1183 -2.97 -45.48 -28.16
N ASN E 1184 -3.06 -46.16 -27.02
CA ASN E 1184 -3.19 -45.49 -25.75
C ASN E 1184 -2.05 -44.62 -25.39
N PRO E 1185 -0.91 -45.21 -25.19
CA PRO E 1185 0.30 -44.49 -24.84
C PRO E 1185 0.43 -43.16 -25.55
N ARG E 1186 -0.23 -43.00 -26.71
CA ARG E 1186 -0.22 -41.73 -27.42
C ARG E 1186 -1.29 -40.82 -26.92
N LEU E 1187 -2.44 -41.36 -26.54
CA LEU E 1187 -3.53 -40.56 -26.08
C LEU E 1187 -3.47 -40.15 -24.63
N ALA E 1188 -2.72 -40.88 -23.83
CA ALA E 1188 -2.67 -40.59 -22.40
C ALA E 1188 -2.25 -39.19 -22.04
N GLN E 1189 -2.85 -38.68 -20.94
CA GLN E 1189 -2.51 -37.36 -20.45
C GLN E 1189 -1.73 -37.63 -19.23
N VAL E 1190 -0.71 -36.82 -19.02
CA VAL E 1190 0.15 -36.90 -17.87
C VAL E 1190 -0.50 -36.41 -16.54
N ASP E 1191 -1.10 -35.23 -16.55
CA ASP E 1191 -1.76 -34.71 -15.37
C ASP E 1191 -3.19 -34.43 -15.79
N PRO E 1192 -3.98 -35.44 -16.08
CA PRO E 1192 -5.36 -35.20 -16.53
C PRO E 1192 -6.18 -34.37 -15.57
N GLY E 1193 -7.20 -33.72 -16.09
CA GLY E 1193 -8.11 -32.94 -15.25
C GLY E 1193 -7.56 -31.55 -15.04
N GLU E 1194 -8.04 -30.66 -14.15
CA GLU E 1194 -7.50 -29.32 -14.42
C GLU E 1194 -6.03 -29.10 -14.15
N ASN E 1195 -5.49 -28.26 -15.05
CA ASN E 1195 -4.12 -27.90 -15.06
C ASN E 1195 -4.01 -26.62 -14.33
N ALA E 1196 -2.83 -26.40 -13.70
CA ALA E 1196 -2.46 -25.15 -13.09
C ALA E 1196 -1.94 -24.34 -14.24
N ARG E 1197 -1.79 -23.02 -14.08
CA ARG E 1197 -1.30 -22.32 -15.23
C ARG E 1197 -0.05 -21.60 -14.87
N TYR E 1198 1.00 -21.83 -15.68
CA TYR E 1198 2.28 -21.18 -15.47
C TYR E 1198 2.29 -20.02 -16.41
N CYS E 1199 2.53 -18.78 -15.90
CA CYS E 1199 2.51 -17.69 -16.82
C CYS E 1199 3.74 -17.73 -17.65
N THR E 1200 3.54 -17.64 -18.97
CA THR E 1200 4.64 -17.62 -19.87
C THR E 1200 4.60 -16.24 -20.40
N LEU E 1201 5.77 -15.60 -20.57
CA LEU E 1201 5.81 -14.26 -21.05
C LEU E 1201 6.19 -14.30 -22.50
N GLN E 1202 5.72 -13.32 -23.29
CA GLN E 1202 5.97 -13.32 -24.70
C GLN E 1202 7.39 -12.94 -24.96
N GLY E 1203 8.15 -13.86 -25.59
CA GLY E 1203 9.50 -13.60 -26.05
C GLY E 1203 10.35 -14.86 -26.25
N ARG E 1204 11.64 -14.84 -25.93
CA ARG E 1204 12.41 -16.06 -26.17
C ARG E 1204 13.10 -16.43 -24.90
N ASN E 1205 13.44 -17.69 -24.70
CA ASN E 1205 14.16 -18.04 -23.51
C ASN E 1205 15.48 -17.28 -23.56
N GLU E 1206 15.56 -16.20 -22.80
CA GLU E 1206 16.73 -15.35 -22.79
C GLU E 1206 18.01 -15.94 -22.23
N VAL E 1207 19.14 -15.27 -22.47
CA VAL E 1207 20.47 -15.78 -22.11
C VAL E 1207 21.45 -14.77 -21.48
N PRO E 1208 22.37 -15.28 -20.66
CA PRO E 1208 23.32 -14.46 -19.90
C PRO E 1208 24.28 -13.66 -20.74
N ASP E 1209 24.63 -12.44 -20.34
CA ASP E 1209 25.59 -11.68 -21.12
C ASP E 1209 26.96 -12.30 -21.06
N THR E 1210 27.87 -11.73 -21.85
CA THR E 1210 29.29 -12.05 -21.83
C THR E 1210 30.13 -10.79 -21.97
N LEU E 1211 31.37 -11.05 -22.30
CA LEU E 1211 32.30 -9.96 -22.33
C LEU E 1211 31.74 -8.94 -23.26
N ASP E 1212 31.04 -9.42 -24.28
CA ASP E 1212 30.57 -8.52 -25.28
C ASP E 1212 29.76 -7.43 -24.67
N ALA E 1213 29.18 -7.72 -23.52
CA ALA E 1213 28.31 -6.74 -22.87
C ALA E 1213 28.99 -5.44 -22.55
N ARG E 1214 30.26 -5.56 -22.19
CA ARG E 1214 31.13 -4.45 -21.81
C ARG E 1214 31.79 -3.94 -23.05
N ILE E 1215 32.26 -4.89 -23.84
CA ILE E 1215 32.95 -4.46 -25.03
C ILE E 1215 32.02 -3.48 -25.70
N VAL E 1216 30.74 -3.77 -25.73
CA VAL E 1216 29.86 -2.92 -26.50
C VAL E 1216 29.71 -1.60 -25.82
N ALA E 1217 29.67 -1.73 -24.53
CA ALA E 1217 29.45 -0.52 -23.76
C ALA E 1217 30.65 0.37 -24.01
N ASP E 1218 31.81 -0.26 -24.02
CA ASP E 1218 33.03 0.48 -24.17
C ASP E 1218 33.23 1.04 -25.58
N ALA E 1219 32.47 0.51 -26.52
CA ALA E 1219 32.59 0.93 -27.87
C ALA E 1219 31.64 2.02 -28.28
N ARG E 1220 31.05 2.75 -27.35
CA ARG E 1220 30.09 3.77 -27.79
C ARG E 1220 30.56 4.48 -29.08
N PRO E 1221 31.72 5.11 -28.98
CA PRO E 1221 32.35 5.85 -30.07
C PRO E 1221 32.25 5.11 -31.39
N LEU E 1222 32.58 3.83 -31.37
CA LEU E 1222 32.46 3.02 -32.57
C LEU E 1222 31.14 3.32 -33.25
N PHE E 1223 30.08 2.93 -32.60
CA PHE E 1223 28.74 3.10 -33.12
C PHE E 1223 28.27 4.51 -33.16
N GLU E 1224 28.94 5.39 -32.47
CA GLU E 1224 28.28 6.65 -32.38
C GLU E 1224 28.89 7.61 -33.31
N GLU E 1225 30.20 7.48 -33.39
CA GLU E 1225 31.03 8.41 -34.13
C GLU E 1225 31.87 7.77 -35.24
N GLY E 1226 32.04 6.46 -35.17
CA GLY E 1226 32.85 5.80 -36.16
C GLY E 1226 34.24 5.55 -35.70
N GLU E 1227 34.64 6.11 -34.57
CA GLU E 1227 36.04 5.97 -34.16
C GLU E 1227 36.65 4.61 -34.34
N LYS E 1228 37.94 4.51 -34.16
CA LYS E 1228 38.60 3.21 -34.23
C LYS E 1228 38.99 3.01 -32.78
N MET E 1229 39.18 1.78 -32.33
CA MET E 1229 39.33 1.62 -30.91
C MET E 1229 40.23 0.46 -30.58
N GLN E 1230 40.87 0.49 -29.42
CA GLN E 1230 41.66 -0.65 -28.98
C GLN E 1230 41.23 -0.89 -27.56
N LEU E 1231 40.75 -2.08 -27.21
CA LEU E 1231 40.31 -2.32 -25.84
C LEU E 1231 41.07 -3.52 -25.40
N ALA E 1232 41.17 -3.60 -24.07
CA ALA E 1232 41.86 -4.69 -23.38
C ALA E 1232 41.01 -5.19 -22.19
N TYR E 1233 41.06 -6.50 -21.95
CA TYR E 1233 40.23 -7.20 -20.98
C TYR E 1233 40.91 -8.57 -20.75
N ASN E 1234 40.65 -9.18 -19.58
CA ASN E 1234 41.23 -10.48 -19.37
C ASN E 1234 40.18 -11.40 -19.89
N ALA E 1235 40.35 -12.70 -19.73
CA ALA E 1235 39.40 -13.57 -20.38
C ALA E 1235 39.57 -14.86 -19.69
N ARG E 1236 38.44 -15.49 -19.38
CA ARG E 1236 38.54 -16.75 -18.68
C ARG E 1236 37.90 -17.88 -19.39
N ASN E 1237 38.23 -19.10 -18.97
CA ASN E 1237 37.68 -20.16 -19.75
C ASN E 1237 36.18 -20.12 -19.66
N THR E 1238 35.69 -19.26 -18.80
CA THR E 1238 34.30 -19.28 -18.54
C THR E 1238 33.53 -18.27 -19.38
N GLN E 1239 34.22 -17.49 -20.18
CA GLN E 1239 33.49 -16.54 -20.99
C GLN E 1239 33.32 -17.08 -22.43
N ARG E 1240 32.08 -17.18 -22.92
CA ARG E 1240 31.89 -17.83 -24.21
C ARG E 1240 31.54 -16.85 -25.29
N ALA E 1241 31.63 -17.33 -26.51
CA ALA E 1241 31.27 -16.52 -27.62
C ALA E 1241 31.77 -15.05 -27.66
N ILE E 1242 32.89 -14.74 -27.05
CA ILE E 1242 33.38 -13.35 -27.07
C ILE E 1242 33.50 -12.74 -28.46
N GLY E 1243 32.89 -11.57 -28.65
CA GLY E 1243 32.92 -10.86 -29.91
C GLY E 1243 31.62 -11.07 -30.65
N THR E 1244 31.15 -12.30 -30.63
CA THR E 1244 29.93 -12.54 -31.36
C THR E 1244 28.91 -11.44 -31.14
N ARG E 1245 28.59 -11.11 -29.90
CA ARG E 1245 27.64 -10.02 -29.90
C ARG E 1245 28.18 -8.79 -30.61
N LEU E 1246 29.44 -8.45 -30.36
CA LEU E 1246 30.00 -7.28 -30.99
C LEU E 1246 29.62 -7.36 -32.44
N SER E 1247 30.03 -8.48 -33.05
CA SER E 1247 29.80 -8.74 -34.45
C SER E 1247 28.38 -8.50 -34.91
N SER E 1248 27.43 -9.04 -34.17
CA SER E 1248 26.04 -8.82 -34.54
C SER E 1248 25.85 -7.33 -34.63
N MET E 1249 26.34 -6.62 -33.65
CA MET E 1249 26.11 -5.21 -33.67
C MET E 1249 26.79 -4.53 -34.82
N VAL E 1250 27.95 -5.03 -35.23
CA VAL E 1250 28.69 -4.30 -36.25
C VAL E 1250 28.06 -4.62 -37.59
N THR E 1251 27.77 -5.90 -37.79
CA THR E 1251 27.14 -6.32 -39.01
C THR E 1251 25.89 -5.52 -39.16
N ARG E 1252 25.31 -5.09 -38.06
CA ARG E 1252 24.03 -4.45 -38.25
C ARG E 1252 24.19 -3.04 -38.71
N LYS E 1253 25.27 -2.40 -38.32
CA LYS E 1253 25.43 -0.99 -38.63
C LYS E 1253 26.32 -0.62 -39.81
N PHE E 1254 27.25 -1.50 -40.14
CA PHE E 1254 28.22 -1.25 -41.17
C PHE E 1254 28.21 -2.46 -42.07
N GLY E 1255 27.60 -3.56 -41.63
CA GLY E 1255 27.56 -4.72 -42.49
C GLY E 1255 28.83 -5.52 -42.38
N MET E 1256 28.83 -6.77 -42.88
CA MET E 1256 29.97 -7.64 -42.66
C MET E 1256 31.22 -6.99 -43.08
N PHE E 1257 31.15 -6.20 -44.17
CA PHE E 1257 32.39 -5.60 -44.64
C PHE E 1257 32.48 -4.12 -44.74
N GLY E 1258 31.66 -3.36 -44.08
CA GLY E 1258 31.93 -1.94 -44.22
C GLY E 1258 33.02 -1.41 -43.32
N LEU E 1259 33.68 -2.24 -42.55
CA LEU E 1259 34.72 -1.65 -41.71
C LEU E 1259 36.10 -2.19 -42.12
N GLN E 1260 37.08 -1.31 -42.08
CA GLN E 1260 38.38 -1.84 -42.50
C GLN E 1260 39.06 -2.65 -41.41
N PRO E 1261 39.61 -3.76 -41.82
CA PRO E 1261 40.28 -4.68 -40.90
C PRO E 1261 40.92 -3.98 -39.76
N GLY E 1262 40.75 -4.53 -38.56
CA GLY E 1262 41.28 -3.96 -37.31
C GLY E 1262 40.59 -2.71 -36.76
N HIS E 1263 39.55 -2.21 -37.42
CA HIS E 1263 38.92 -1.02 -36.89
C HIS E 1263 38.67 -1.00 -35.37
N ILE E 1264 38.32 -2.14 -34.75
CA ILE E 1264 37.97 -2.27 -33.33
C ILE E 1264 38.77 -3.51 -32.98
N THR E 1265 39.71 -3.37 -32.07
CA THR E 1265 40.61 -4.45 -31.74
C THR E 1265 40.60 -4.56 -30.22
N ILE E 1266 40.50 -5.80 -29.78
CA ILE E 1266 40.34 -6.04 -28.39
C ILE E 1266 41.39 -7.08 -28.09
N ARG E 1267 42.37 -6.72 -27.25
CA ARG E 1267 43.36 -7.72 -26.83
C ARG E 1267 42.78 -8.39 -25.60
N LEU E 1268 43.09 -9.66 -25.43
CA LEU E 1268 42.65 -10.41 -24.24
C LEU E 1268 43.74 -11.29 -23.64
N ARG E 1269 44.07 -11.04 -22.38
CA ARG E 1269 44.96 -11.94 -21.67
C ARG E 1269 44.18 -13.10 -21.10
N GLY E 1270 44.73 -14.30 -21.17
CA GLY E 1270 44.09 -15.39 -20.47
C GLY E 1270 43.59 -16.59 -21.21
N THR E 1271 42.30 -16.86 -21.11
CA THR E 1271 41.83 -17.99 -21.86
C THR E 1271 40.46 -17.66 -22.38
N ALA E 1272 40.21 -17.95 -23.66
CA ALA E 1272 38.91 -17.75 -24.26
C ALA E 1272 38.15 -19.04 -24.07
N GLY E 1273 36.87 -18.95 -23.81
CA GLY E 1273 36.13 -20.19 -23.69
C GLY E 1273 35.50 -20.49 -25.03
N GLN E 1274 34.75 -21.57 -25.11
CA GLN E 1274 34.22 -21.92 -26.42
C GLN E 1274 33.61 -20.82 -27.28
N SER E 1275 33.76 -20.98 -28.59
CA SER E 1275 33.17 -20.11 -29.57
C SER E 1275 33.78 -18.73 -29.59
N LEU E 1276 35.09 -18.69 -29.39
CA LEU E 1276 35.80 -17.42 -29.41
C LEU E 1276 35.73 -16.79 -30.79
N GLY E 1277 35.22 -15.58 -30.86
CA GLY E 1277 35.16 -14.86 -32.13
C GLY E 1277 34.21 -15.45 -33.14
N ALA E 1278 33.35 -16.36 -32.69
CA ALA E 1278 32.41 -16.97 -33.64
C ALA E 1278 31.58 -15.91 -34.37
N PHE E 1279 31.42 -16.06 -35.68
CA PHE E 1279 30.69 -15.13 -36.55
C PHE E 1279 31.18 -13.69 -36.46
N ALA E 1280 32.48 -13.48 -36.35
CA ALA E 1280 33.00 -12.13 -36.33
C ALA E 1280 33.13 -11.59 -37.75
N VAL E 1281 32.53 -10.45 -37.98
CA VAL E 1281 32.69 -9.86 -39.28
C VAL E 1281 33.98 -9.05 -39.29
N GLN E 1282 34.35 -8.56 -40.48
CA GLN E 1282 35.53 -7.78 -40.63
C GLN E 1282 35.41 -6.46 -39.88
N GLY E 1283 36.50 -6.02 -39.28
CA GLY E 1283 36.54 -4.75 -38.57
C GLY E 1283 36.89 -5.02 -37.10
N ILE E 1284 36.59 -6.26 -36.72
CA ILE E 1284 36.89 -6.72 -35.40
C ILE E 1284 38.14 -7.54 -35.46
N LYS E 1285 38.95 -7.39 -34.43
CA LYS E 1285 40.14 -8.22 -34.37
C LYS E 1285 40.34 -8.54 -32.94
N LEU E 1286 40.57 -9.81 -32.70
CA LEU E 1286 40.78 -10.23 -31.36
C LEU E 1286 42.19 -10.85 -31.13
N GLU E 1287 42.96 -10.21 -30.26
CA GLU E 1287 44.22 -10.88 -29.95
C GLU E 1287 44.03 -11.54 -28.60
N VAL E 1288 44.24 -12.85 -28.59
CA VAL E 1288 44.20 -13.54 -27.34
C VAL E 1288 45.59 -13.97 -27.02
N MET E 1289 46.27 -13.17 -26.20
CA MET E 1289 47.56 -13.55 -25.61
C MET E 1289 47.25 -14.54 -24.47
N GLY E 1290 47.46 -15.84 -24.67
CA GLY E 1290 47.18 -16.76 -23.56
C GLY E 1290 46.79 -18.06 -24.26
N ASP E 1291 45.48 -18.24 -24.47
CA ASP E 1291 45.08 -19.42 -25.20
C ASP E 1291 43.58 -19.68 -25.32
N ALA E 1292 43.19 -20.56 -26.23
CA ALA E 1292 41.78 -20.84 -26.37
C ALA E 1292 41.31 -22.25 -26.45
N ASN E 1293 39.99 -22.38 -26.39
CA ASN E 1293 39.32 -23.68 -26.32
C ASN E 1293 38.61 -24.05 -27.63
N ASP E 1294 37.71 -25.04 -27.68
CA ASP E 1294 37.10 -25.32 -28.95
C ASP E 1294 36.37 -24.18 -29.70
N TYR E 1295 36.28 -24.35 -31.03
CA TYR E 1295 35.53 -23.48 -31.92
C TYR E 1295 36.01 -22.10 -32.16
N VAL E 1296 37.33 -21.86 -32.09
CA VAL E 1296 37.76 -20.50 -32.40
C VAL E 1296 37.30 -20.15 -33.83
N GLY E 1297 36.81 -18.95 -34.02
CA GLY E 1297 36.36 -18.60 -35.36
C GLY E 1297 35.39 -19.56 -36.02
N LYS E 1298 34.49 -20.12 -35.22
CA LYS E 1298 33.40 -20.92 -35.75
C LYS E 1298 32.62 -19.93 -36.65
N GLY E 1299 32.27 -20.38 -37.85
CA GLY E 1299 31.59 -19.49 -38.77
C GLY E 1299 32.29 -18.17 -39.01
N LEU E 1300 33.62 -18.10 -38.88
CA LEU E 1300 34.33 -16.83 -39.06
C LEU E 1300 33.80 -16.01 -40.25
N SER E 1301 33.54 -14.72 -40.05
CA SER E 1301 32.96 -14.05 -41.20
C SER E 1301 33.68 -12.78 -41.64
N GLY E 1302 34.97 -12.90 -41.91
CA GLY E 1302 35.75 -11.78 -42.38
C GLY E 1302 36.32 -11.00 -41.22
N GLY E 1303 36.24 -11.58 -40.05
CA GLY E 1303 36.84 -10.86 -38.95
C GLY E 1303 38.18 -11.52 -38.79
N THR E 1304 39.01 -11.01 -37.86
CA THR E 1304 40.34 -11.55 -37.63
C THR E 1304 40.58 -11.85 -36.20
N ILE E 1305 41.19 -13.00 -36.00
CA ILE E 1305 41.48 -13.55 -34.68
C ILE E 1305 42.93 -14.03 -34.66
N VAL E 1306 43.69 -13.62 -33.65
CA VAL E 1306 45.07 -14.06 -33.45
C VAL E 1306 45.29 -14.63 -32.03
N VAL E 1307 46.08 -15.67 -31.87
CA VAL E 1307 46.27 -16.24 -30.54
C VAL E 1307 47.70 -16.69 -30.31
N ARG E 1308 48.41 -16.07 -29.38
CA ARG E 1308 49.77 -16.49 -29.06
C ARG E 1308 50.05 -16.58 -27.56
N PRO E 1309 51.04 -17.41 -27.27
CA PRO E 1309 51.43 -17.61 -25.89
C PRO E 1309 51.89 -16.26 -25.41
N THR E 1310 51.91 -16.16 -24.09
CA THR E 1310 52.29 -14.97 -23.36
C THR E 1310 53.75 -14.78 -23.58
N THR E 1311 54.08 -13.52 -23.87
CA THR E 1311 55.42 -13.03 -24.06
C THR E 1311 56.29 -13.73 -23.02
N SER E 1312 55.82 -13.83 -21.80
CA SER E 1312 56.59 -14.50 -20.79
C SER E 1312 56.51 -16.03 -20.81
N SER E 1313 55.63 -16.67 -21.58
CA SER E 1313 55.61 -18.14 -21.46
C SER E 1313 56.89 -18.63 -22.08
N PRO E 1314 57.49 -19.66 -21.50
CA PRO E 1314 58.71 -20.24 -22.03
C PRO E 1314 58.40 -21.39 -23.00
N LEU E 1315 57.17 -21.47 -23.45
CA LEU E 1315 56.84 -22.64 -24.27
C LEU E 1315 57.31 -22.56 -25.71
N GLU E 1316 57.64 -23.71 -26.27
CA GLU E 1316 58.00 -23.68 -27.67
C GLU E 1316 56.75 -23.61 -28.55
N THR E 1317 56.44 -22.37 -28.94
CA THR E 1317 55.30 -22.17 -29.77
C THR E 1317 54.81 -23.36 -30.54
N ASN E 1318 55.64 -24.12 -31.20
CA ASN E 1318 55.02 -25.10 -32.06
C ASN E 1318 54.96 -26.46 -31.52
N LYS E 1319 55.36 -26.61 -30.28
CA LYS E 1319 55.32 -27.97 -29.78
C LYS E 1319 54.27 -28.06 -28.75
N ASN E 1320 53.34 -27.11 -28.79
CA ASN E 1320 52.28 -27.13 -27.81
C ASN E 1320 50.99 -26.67 -28.35
N THR E 1321 49.90 -27.36 -27.98
CA THR E 1321 48.50 -27.04 -28.34
C THR E 1321 48.17 -25.62 -27.94
N ILE E 1322 47.24 -24.99 -28.63
CA ILE E 1322 46.85 -23.65 -28.18
C ILE E 1322 45.35 -23.35 -28.43
N ILE E 1323 44.72 -24.12 -29.31
CA ILE E 1323 43.32 -23.86 -29.53
C ILE E 1323 42.71 -25.20 -29.79
N GLY E 1324 41.44 -25.32 -29.38
CA GLY E 1324 40.73 -26.57 -29.38
C GLY E 1324 40.32 -27.19 -30.67
N ASN E 1325 39.09 -27.66 -30.72
CA ASN E 1325 38.64 -28.35 -31.89
C ASN E 1325 37.59 -27.65 -32.73
N THR E 1326 37.45 -28.18 -33.91
CA THR E 1326 36.42 -27.66 -34.77
C THR E 1326 36.57 -26.18 -34.93
N VAL E 1327 37.82 -25.71 -34.91
CA VAL E 1327 38.17 -24.33 -35.21
C VAL E 1327 37.69 -23.96 -36.62
N LEU E 1328 37.37 -22.71 -36.84
CA LEU E 1328 36.87 -22.22 -38.13
C LEU E 1328 35.78 -23.03 -38.78
N TYR E 1329 35.00 -23.82 -38.03
CA TYR E 1329 33.96 -24.64 -38.63
C TYR E 1329 33.08 -23.80 -39.55
N GLY E 1330 33.02 -24.17 -40.82
CA GLY E 1330 32.16 -23.46 -41.75
C GLY E 1330 32.44 -22.01 -42.04
N ALA E 1331 33.57 -21.48 -41.64
CA ALA E 1331 33.88 -20.07 -41.94
C ALA E 1331 33.69 -19.61 -43.39
N THR E 1332 33.63 -18.33 -43.65
CA THR E 1332 33.48 -17.91 -45.05
C THR E 1332 34.44 -16.73 -45.41
N ALA E 1333 34.96 -16.08 -44.40
CA ALA E 1333 35.83 -15.00 -44.69
C ALA E 1333 36.59 -14.69 -43.41
N GLY E 1334 37.64 -13.89 -43.55
CA GLY E 1334 38.52 -13.59 -42.45
C GLY E 1334 39.76 -14.49 -42.40
N LYS E 1335 40.65 -14.02 -41.54
CA LYS E 1335 41.92 -14.61 -41.21
C LYS E 1335 41.90 -15.08 -39.75
N LEU E 1336 42.75 -16.07 -39.46
CA LEU E 1336 43.06 -16.60 -38.12
C LEU E 1336 44.53 -17.01 -38.03
N PHE E 1337 45.26 -16.48 -37.05
CA PHE E 1337 46.68 -16.79 -36.83
C PHE E 1337 46.92 -17.41 -35.45
N ALA E 1338 47.65 -18.52 -35.40
CA ALA E 1338 47.85 -19.26 -34.14
C ALA E 1338 49.25 -19.87 -33.80
N ALA E 1339 50.05 -19.05 -33.14
CA ALA E 1339 51.30 -19.54 -32.60
C ALA E 1339 51.17 -20.92 -31.93
N GLY E 1340 50.68 -21.95 -32.58
CA GLY E 1340 50.69 -23.18 -31.81
C GLY E 1340 49.93 -24.24 -32.57
N GLN E 1341 49.67 -25.38 -31.93
CA GLN E 1341 48.93 -26.46 -32.58
C GLN E 1341 47.42 -26.35 -32.36
N ALA E 1342 46.62 -27.00 -33.19
CA ALA E 1342 45.17 -26.94 -33.00
C ALA E 1342 44.75 -28.36 -32.90
N GLY E 1343 43.55 -28.60 -32.38
CA GLY E 1343 43.19 -29.97 -32.09
C GLY E 1343 42.47 -30.63 -33.20
N GLU E 1344 41.68 -31.65 -32.89
CA GLU E 1344 40.94 -32.32 -33.94
C GLU E 1344 40.03 -31.46 -34.88
N ARG E 1345 39.74 -32.04 -36.05
CA ARG E 1345 38.92 -31.37 -37.03
C ARG E 1345 39.18 -29.89 -37.24
N PHE E 1346 40.45 -29.50 -37.35
CA PHE E 1346 40.81 -28.11 -37.60
C PHE E 1346 40.36 -27.62 -38.97
N ALA E 1347 39.80 -26.42 -39.07
CA ALA E 1347 39.39 -25.94 -40.39
C ALA E 1347 38.36 -26.86 -41.07
N VAL E 1348 37.57 -27.57 -40.29
CA VAL E 1348 36.55 -28.40 -40.91
C VAL E 1348 35.55 -27.50 -41.61
N ARG E 1349 35.18 -27.92 -42.81
CA ARG E 1349 34.27 -27.13 -43.62
C ARG E 1349 34.62 -25.71 -43.92
N ASN E 1350 35.86 -25.28 -43.66
CA ASN E 1350 36.22 -23.89 -43.93
C ASN E 1350 35.78 -23.44 -45.32
N SER E 1351 34.97 -22.42 -45.44
CA SER E 1351 34.70 -22.13 -46.82
C SER E 1351 35.22 -20.81 -47.25
N GLY E 1352 36.44 -20.51 -46.85
CA GLY E 1352 36.97 -19.27 -47.34
C GLY E 1352 37.67 -18.42 -46.34
N ALA E 1353 38.13 -19.05 -45.27
CA ALA E 1353 38.91 -18.28 -44.32
C ALA E 1353 40.37 -18.62 -44.56
N THR E 1354 41.27 -17.74 -44.19
CA THR E 1354 42.70 -17.97 -44.39
C THR E 1354 43.24 -18.06 -42.99
N VAL E 1355 44.04 -19.09 -42.76
CA VAL E 1355 44.56 -19.41 -41.44
C VAL E 1355 46.01 -19.85 -41.50
N VAL E 1356 46.68 -19.74 -40.36
CA VAL E 1356 48.06 -20.13 -40.25
C VAL E 1356 48.09 -20.63 -38.84
N VAL E 1357 48.71 -21.77 -38.63
CA VAL E 1357 48.71 -22.44 -37.36
C VAL E 1357 49.90 -23.40 -37.34
N GLU E 1358 50.52 -23.62 -36.17
CA GLU E 1358 51.70 -24.45 -36.14
C GLU E 1358 51.51 -25.94 -35.92
N GLY E 1359 50.39 -26.48 -36.38
CA GLY E 1359 50.22 -27.92 -36.20
C GLY E 1359 48.75 -28.29 -36.18
N CYS E 1360 48.36 -29.54 -36.01
CA CYS E 1360 46.93 -29.72 -36.01
C CYS E 1360 46.54 -31.17 -35.79
N GLY E 1361 45.50 -31.38 -34.99
CA GLY E 1361 45.04 -32.72 -34.68
C GLY E 1361 44.68 -33.50 -35.91
N SER E 1362 43.91 -34.58 -35.77
CA SER E 1362 43.55 -35.27 -36.98
C SER E 1362 42.33 -34.70 -37.68
N ASN E 1363 41.86 -35.44 -38.68
CA ASN E 1363 40.71 -35.01 -39.45
C ASN E 1363 40.68 -33.56 -39.83
N GLY E 1364 41.85 -32.99 -40.18
CA GLY E 1364 42.00 -31.59 -40.49
C GLY E 1364 41.61 -31.21 -41.91
N CYS E 1365 41.29 -29.94 -42.08
CA CYS E 1365 40.86 -29.45 -43.37
C CYS E 1365 39.76 -30.35 -43.97
N GLU E 1366 38.99 -31.08 -43.20
CA GLU E 1366 38.02 -32.00 -43.79
C GLU E 1366 36.79 -31.31 -44.39
N TYR E 1367 36.28 -31.80 -45.50
CA TYR E 1367 35.15 -31.14 -46.15
C TYR E 1367 35.37 -29.68 -46.37
N MET E 1368 36.60 -29.22 -46.65
CA MET E 1368 36.86 -27.79 -46.82
C MET E 1368 36.45 -27.47 -48.24
N THR E 1369 36.01 -26.24 -48.48
CA THR E 1369 35.48 -25.87 -49.79
C THR E 1369 35.97 -24.52 -50.24
N GLY E 1370 36.86 -23.90 -49.48
CA GLY E 1370 37.32 -22.59 -49.89
C GLY E 1370 38.33 -22.12 -48.88
N GLY E 1371 39.09 -21.09 -49.22
CA GLY E 1371 40.08 -20.60 -48.28
C GLY E 1371 41.46 -21.21 -48.45
N THR E 1372 42.37 -20.61 -47.72
CA THR E 1372 43.76 -20.99 -47.66
C THR E 1372 44.05 -21.38 -46.21
N ALA E 1373 44.77 -22.49 -46.14
CA ALA E 1373 45.10 -23.18 -44.90
C ALA E 1373 46.59 -23.53 -44.78
N VAL E 1374 47.43 -22.64 -44.31
CA VAL E 1374 48.86 -22.96 -44.14
C VAL E 1374 49.01 -23.90 -42.93
N ILE E 1375 50.20 -24.43 -42.64
CA ILE E 1375 50.32 -25.31 -41.46
C ILE E 1375 51.73 -25.74 -41.06
N LEU E 1376 52.39 -24.88 -40.29
CA LEU E 1376 53.75 -25.08 -39.84
C LEU E 1376 53.96 -26.35 -39.03
N GLY E 1377 53.47 -27.50 -39.46
CA GLY E 1377 53.75 -28.62 -38.61
C GLY E 1377 53.12 -29.96 -38.94
N ARG E 1378 53.26 -30.92 -38.04
CA ARG E 1378 52.77 -32.25 -38.29
C ARG E 1378 51.27 -32.19 -38.39
N VAL E 1379 50.66 -33.18 -39.03
CA VAL E 1379 49.25 -33.11 -39.34
C VAL E 1379 48.63 -34.46 -39.07
N GLY E 1380 47.42 -34.45 -38.54
CA GLY E 1380 46.80 -35.67 -38.07
C GLY E 1380 46.34 -36.59 -39.15
N ASP E 1381 46.04 -37.81 -38.78
CA ASP E 1381 45.44 -38.70 -39.72
C ASP E 1381 44.32 -38.13 -40.58
N ASN E 1382 44.01 -38.86 -41.66
CA ASN E 1382 42.97 -38.45 -42.61
C ASN E 1382 42.96 -36.98 -42.94
N PHE E 1383 44.09 -36.33 -43.28
CA PHE E 1383 44.07 -34.89 -43.55
C PHE E 1383 43.51 -34.58 -44.92
N ALA E 1384 42.70 -33.55 -45.00
CA ALA E 1384 42.08 -33.21 -46.28
C ALA E 1384 40.99 -34.16 -46.78
N ALA E 1385 40.53 -35.08 -45.95
CA ALA E 1385 39.43 -35.86 -46.50
C ALA E 1385 38.27 -34.98 -46.94
N GLY E 1386 37.82 -35.23 -48.17
CA GLY E 1386 36.65 -34.61 -48.75
C GLY E 1386 36.92 -33.17 -49.00
N MET E 1387 38.20 -32.84 -49.02
CA MET E 1387 38.55 -31.47 -49.25
C MET E 1387 38.45 -30.96 -50.72
N THR E 1388 37.29 -31.05 -51.35
CA THR E 1388 36.94 -30.42 -52.57
C THR E 1388 37.28 -28.96 -52.93
N GLY E 1389 37.86 -28.11 -52.10
CA GLY E 1389 38.18 -26.84 -52.71
C GLY E 1389 38.78 -25.66 -51.97
N GLY E 1390 40.08 -25.53 -51.85
CA GLY E 1390 40.60 -24.33 -51.23
C GLY E 1390 42.04 -24.69 -51.44
N MET E 1391 42.86 -24.66 -50.44
CA MET E 1391 44.20 -25.09 -50.73
C MET E 1391 44.83 -25.07 -49.39
N ALA E 1392 45.70 -26.02 -49.18
CA ALA E 1392 46.50 -25.99 -47.99
C ALA E 1392 47.95 -26.32 -48.37
N TYR E 1393 48.85 -25.51 -47.84
CA TYR E 1393 50.24 -25.82 -47.91
C TYR E 1393 50.57 -26.52 -46.58
N VAL E 1394 51.77 -27.07 -46.43
CA VAL E 1394 52.02 -27.84 -45.22
C VAL E 1394 53.47 -28.19 -44.99
N TYR E 1395 54.20 -27.28 -44.37
CA TYR E 1395 55.57 -27.54 -43.93
C TYR E 1395 55.73 -28.91 -43.28
N ASP E 1396 56.34 -29.88 -43.96
CA ASP E 1396 56.48 -31.24 -43.47
C ASP E 1396 57.94 -31.69 -43.39
N LEU E 1397 58.54 -31.63 -42.21
CA LEU E 1397 59.93 -31.95 -42.08
C LEU E 1397 60.29 -33.38 -42.16
N ASP E 1398 59.37 -34.30 -42.38
CA ASP E 1398 59.87 -35.66 -42.35
C ASP E 1398 59.31 -36.39 -43.49
N ASP E 1399 58.78 -35.65 -44.44
CA ASP E 1399 58.22 -36.33 -45.58
C ASP E 1399 57.38 -37.49 -45.07
N SER E 1400 56.37 -37.08 -44.29
CA SER E 1400 55.47 -37.99 -43.64
C SER E 1400 54.07 -37.69 -44.15
N LEU E 1401 53.83 -36.42 -44.45
CA LEU E 1401 52.49 -36.05 -44.85
C LEU E 1401 51.91 -37.17 -45.73
N PRO E 1402 52.72 -37.70 -46.64
CA PRO E 1402 52.30 -38.86 -47.42
C PRO E 1402 51.60 -39.93 -46.64
N LEU E 1403 51.96 -40.12 -45.38
CA LEU E 1403 51.38 -41.25 -44.66
C LEU E 1403 50.08 -40.94 -43.99
N TYR E 1404 49.80 -39.64 -43.87
CA TYR E 1404 48.63 -39.17 -43.19
C TYR E 1404 47.50 -38.63 -44.02
N ILE E 1405 47.79 -38.23 -45.25
CA ILE E 1405 46.82 -37.50 -46.01
C ILE E 1405 45.83 -38.41 -46.66
N ASN E 1406 44.60 -37.93 -46.83
CA ASN E 1406 43.57 -38.68 -47.48
C ASN E 1406 43.40 -38.32 -48.97
N ASP E 1407 44.27 -38.93 -49.76
CA ASP E 1407 44.28 -38.98 -51.20
C ASP E 1407 43.02 -38.63 -51.98
N GLU E 1408 42.03 -39.46 -51.73
CA GLU E 1408 40.85 -39.42 -52.53
C GLU E 1408 40.43 -38.16 -53.31
N SER E 1409 40.57 -36.96 -52.80
CA SER E 1409 40.02 -35.82 -53.50
C SER E 1409 41.08 -34.77 -53.57
N VAL E 1410 42.28 -35.15 -53.26
CA VAL E 1410 43.16 -34.04 -53.18
C VAL E 1410 44.50 -34.54 -53.71
N ILE E 1411 45.48 -33.66 -53.94
CA ILE E 1411 46.77 -34.19 -54.33
C ILE E 1411 47.77 -33.32 -53.64
N PHE E 1412 49.00 -33.79 -53.54
CA PHE E 1412 49.99 -32.86 -53.05
C PHE E 1412 51.22 -32.95 -53.93
N GLN E 1413 51.89 -31.82 -54.02
CA GLN E 1413 53.04 -31.71 -54.86
C GLN E 1413 53.95 -30.75 -54.15
N ARG E 1414 55.19 -30.58 -54.59
CA ARG E 1414 55.91 -29.53 -53.92
C ARG E 1414 55.61 -28.29 -54.70
N ILE E 1415 55.69 -27.12 -54.07
CA ILE E 1415 55.41 -25.90 -54.79
C ILE E 1415 56.32 -25.91 -56.00
N GLU E 1416 55.81 -25.50 -57.17
CA GLU E 1416 56.58 -25.40 -58.41
C GLU E 1416 56.31 -24.02 -58.96
N VAL E 1417 55.10 -23.74 -59.40
CA VAL E 1417 54.85 -22.38 -59.84
C VAL E 1417 55.22 -21.42 -58.75
N GLY E 1418 55.60 -20.20 -59.09
CA GLY E 1418 56.14 -19.33 -58.08
C GLY E 1418 55.21 -18.31 -57.54
N HIS E 1419 53.96 -18.37 -57.97
CA HIS E 1419 52.97 -17.46 -57.39
C HIS E 1419 52.32 -18.19 -56.25
N TYR E 1420 52.38 -19.51 -56.31
CA TYR E 1420 51.86 -20.27 -55.22
C TYR E 1420 52.92 -20.15 -54.18
N GLU E 1421 54.19 -20.28 -54.57
CA GLU E 1421 55.26 -20.15 -53.57
C GLU E 1421 55.22 -18.75 -52.97
N SER E 1422 54.80 -17.77 -53.74
CA SER E 1422 54.84 -16.46 -53.12
C SER E 1422 53.70 -16.25 -52.13
N GLN E 1423 52.54 -16.82 -52.47
CA GLN E 1423 51.32 -16.74 -51.67
C GLN E 1423 51.69 -17.19 -50.27
N LEU E 1424 52.22 -18.41 -50.18
CA LEU E 1424 52.66 -18.96 -48.90
C LEU E 1424 53.52 -17.97 -48.16
N LYS E 1425 54.69 -17.71 -48.73
CA LYS E 1425 55.57 -16.76 -48.11
C LYS E 1425 54.82 -15.59 -47.48
N HIS E 1426 53.99 -14.88 -48.22
CA HIS E 1426 53.34 -13.70 -47.62
C HIS E 1426 52.47 -14.00 -46.40
N LEU E 1427 51.70 -15.08 -46.47
CA LEU E 1427 50.93 -15.50 -45.28
C LEU E 1427 51.88 -15.65 -44.10
N ILE E 1428 52.76 -16.65 -44.20
CA ILE E 1428 53.73 -16.85 -43.14
C ILE E 1428 54.32 -15.54 -42.66
N GLU E 1429 54.39 -14.57 -43.54
CA GLU E 1429 54.95 -13.33 -43.07
C GLU E 1429 53.92 -12.74 -42.16
N GLU E 1430 52.69 -12.64 -42.68
CA GLU E 1430 51.60 -12.10 -41.87
C GLU E 1430 51.55 -12.77 -40.50
N HIS E 1431 51.51 -14.09 -40.57
CA HIS E 1431 51.48 -14.90 -39.40
C HIS E 1431 52.47 -14.33 -38.48
N VAL E 1432 53.75 -14.37 -38.83
CA VAL E 1432 54.79 -13.83 -37.94
C VAL E 1432 54.42 -12.45 -37.47
N THR E 1433 54.34 -11.47 -38.37
CA THR E 1433 53.96 -10.12 -37.96
C THR E 1433 52.92 -10.14 -36.85
N GLU E 1434 51.80 -10.83 -37.05
CA GLU E 1434 50.76 -10.89 -36.02
C GLU E 1434 51.08 -11.61 -34.71
N THR E 1435 51.85 -12.67 -34.79
CA THR E 1435 52.07 -13.63 -33.74
C THR E 1435 53.48 -13.56 -33.18
N GLN E 1436 54.34 -12.75 -33.81
CA GLN E 1436 55.73 -12.61 -33.43
C GLN E 1436 56.34 -13.99 -33.28
N SER E 1437 55.91 -14.92 -34.10
CA SER E 1437 56.36 -16.31 -33.91
C SER E 1437 57.79 -16.58 -34.32
N ARG E 1438 58.65 -16.93 -33.38
CA ARG E 1438 60.01 -17.31 -33.75
C ARG E 1438 60.01 -18.42 -34.78
N PHE E 1439 59.83 -19.66 -34.35
CA PHE E 1439 59.75 -20.77 -35.29
C PHE E 1439 59.22 -20.32 -36.62
N ALA E 1440 58.26 -19.42 -36.67
CA ALA E 1440 57.84 -19.05 -38.01
C ALA E 1440 58.97 -18.23 -38.60
N ALA E 1441 59.23 -17.08 -37.98
CA ALA E 1441 60.31 -16.19 -38.41
C ALA E 1441 61.49 -16.99 -38.97
N GLU E 1442 61.92 -18.02 -38.27
CA GLU E 1442 63.04 -18.79 -38.74
C GLU E 1442 62.79 -19.49 -40.06
N ILE E 1443 61.56 -19.84 -40.34
CA ILE E 1443 61.39 -20.55 -41.59
C ILE E 1443 61.55 -19.50 -42.63
N LEU E 1444 61.21 -18.28 -42.25
CA LEU E 1444 61.34 -17.19 -43.15
C LEU E 1444 62.81 -16.98 -43.37
N ASN E 1445 63.58 -16.92 -42.30
CA ASN E 1445 65.02 -16.78 -42.47
C ASN E 1445 65.76 -17.75 -43.36
N ASP E 1446 65.20 -18.93 -43.60
CA ASP E 1446 65.88 -19.89 -44.46
C ASP E 1446 64.94 -20.29 -45.61
N TRP E 1447 64.11 -19.32 -46.00
CA TRP E 1447 63.08 -19.57 -46.99
C TRP E 1447 63.62 -20.58 -47.97
N ALA E 1448 64.72 -20.18 -48.61
CA ALA E 1448 65.42 -20.95 -49.62
C ALA E 1448 65.34 -22.46 -49.44
N ARG E 1449 65.92 -22.91 -48.35
CA ARG E 1449 66.02 -24.33 -48.12
C ARG E 1449 64.68 -24.86 -47.70
N GLU E 1450 64.00 -24.02 -46.93
CA GLU E 1450 62.71 -24.37 -46.36
C GLU E 1450 61.53 -24.57 -47.32
N VAL E 1451 61.31 -23.63 -48.24
CA VAL E 1451 60.18 -23.74 -49.15
C VAL E 1451 60.20 -25.14 -49.68
N THR E 1452 61.40 -25.61 -49.86
CA THR E 1452 61.63 -26.99 -50.24
C THR E 1452 60.87 -28.02 -49.39
N LYS E 1453 60.53 -27.65 -48.18
CA LYS E 1453 59.93 -28.67 -47.32
C LYS E 1453 58.38 -28.82 -47.28
N PHE E 1454 57.67 -27.73 -47.62
CA PHE E 1454 56.24 -27.78 -47.75
C PHE E 1454 55.64 -28.78 -48.79
N TRP E 1455 54.36 -28.66 -48.99
CA TRP E 1455 53.70 -29.59 -49.86
C TRP E 1455 52.40 -28.88 -50.18
N GLN E 1456 52.13 -28.62 -51.47
CA GLN E 1456 50.91 -27.95 -51.90
C GLN E 1456 49.86 -29.04 -51.91
N VAL E 1457 48.74 -28.75 -51.22
CA VAL E 1457 47.68 -29.73 -51.24
C VAL E 1457 46.63 -29.02 -52.00
N VAL E 1458 46.22 -29.63 -53.11
CA VAL E 1458 45.26 -29.05 -54.05
C VAL E 1458 44.27 -30.07 -54.51
N PRO E 1459 43.04 -29.60 -54.54
CA PRO E 1459 41.91 -30.49 -54.83
C PRO E 1459 41.87 -30.82 -56.31
N LYS E 1460 41.67 -32.10 -56.55
CA LYS E 1460 41.50 -32.58 -57.91
C LYS E 1460 40.56 -31.65 -58.60
N GLU E 1461 39.27 -31.81 -58.37
CA GLU E 1461 38.43 -30.78 -58.96
C GLU E 1461 38.91 -29.33 -58.93
N MET E 1462 40.06 -28.94 -58.39
CA MET E 1462 40.45 -27.54 -58.61
C MET E 1462 41.49 -27.29 -59.69
N LEU E 1463 42.09 -28.38 -60.18
CA LEU E 1463 43.23 -28.35 -61.08
C LEU E 1463 42.97 -27.57 -62.34
N ASN E 1464 41.96 -27.97 -63.08
CA ASN E 1464 41.65 -27.19 -64.24
C ASN E 1464 40.85 -25.95 -63.97
N ARG E 1465 40.56 -25.65 -62.73
CA ARG E 1465 39.73 -24.49 -62.62
C ARG E 1465 40.64 -23.37 -62.27
N LEU E 1466 41.92 -23.64 -62.11
CA LEU E 1466 42.56 -22.56 -61.43
C LEU E 1466 43.34 -21.49 -62.14
N GLU E 1467 42.71 -20.35 -62.37
CA GLU E 1467 43.40 -19.24 -63.04
C GLU E 1467 44.86 -19.57 -63.37
N VAL E 1468 45.76 -19.45 -62.39
CA VAL E 1468 47.16 -19.83 -62.59
C VAL E 1468 47.36 -21.32 -62.35
N PRO E 1469 47.71 -22.15 -63.32
CA PRO E 1469 47.94 -23.56 -63.02
C PRO E 1469 48.99 -23.81 -61.96
N VAL E 1470 48.89 -24.97 -61.38
CA VAL E 1470 49.65 -25.27 -60.20
C VAL E 1470 51.01 -25.81 -60.59
N HIS E 1471 51.09 -26.13 -61.87
CA HIS E 1471 52.21 -26.80 -62.49
C HIS E 1471 52.95 -26.06 -63.60
N LEU E 1472 54.22 -26.38 -63.83
CA LEU E 1472 55.04 -25.71 -64.85
C LEU E 1472 54.89 -26.35 -66.23
N CYS F 1 -10.90 -42.35 9.09
CA CYS F 1 -10.90 -43.84 9.20
C CYS F 1 -12.24 -44.50 9.25
N GLY F 2 -12.40 -45.65 8.63
CA GLY F 2 -13.66 -46.36 8.75
C GLY F 2 -13.65 -47.54 7.79
N VAL F 3 -14.56 -48.48 7.96
CA VAL F 3 -14.71 -49.54 7.00
C VAL F 3 -16.18 -49.61 7.02
N GLY F 4 -16.74 -50.21 5.99
CA GLY F 4 -18.16 -50.39 5.84
C GLY F 4 -18.36 -51.38 4.70
N PHE F 5 -19.60 -51.77 4.51
CA PHE F 5 -19.92 -52.68 3.47
C PHE F 5 -21.37 -52.59 3.27
N ILE F 6 -21.83 -53.02 2.11
CA ILE F 6 -23.25 -52.94 1.73
C ILE F 6 -23.56 -54.11 0.85
N ALA F 7 -24.76 -54.65 0.96
CA ALA F 7 -25.09 -55.79 0.16
C ALA F 7 -26.57 -55.87 -0.11
N ALA F 8 -26.92 -56.32 -1.31
CA ALA F 8 -28.32 -56.42 -1.64
C ALA F 8 -28.65 -57.76 -1.12
N ILE F 9 -29.61 -57.83 -0.22
CA ILE F 9 -29.80 -59.12 0.37
C ILE F 9 -30.20 -60.06 -0.71
N ASP F 10 -31.01 -59.63 -1.68
CA ASP F 10 -31.41 -60.57 -2.75
C ASP F 10 -30.41 -60.91 -3.78
N GLY F 11 -29.25 -60.29 -3.80
CA GLY F 11 -28.22 -60.66 -4.75
C GLY F 11 -28.23 -59.91 -6.07
N LYS F 12 -29.32 -59.23 -6.36
CA LYS F 12 -29.48 -58.54 -7.62
C LYS F 12 -28.94 -57.12 -7.54
N PRO F 13 -28.13 -56.78 -8.55
CA PRO F 13 -27.45 -55.49 -8.67
C PRO F 13 -28.28 -54.27 -8.66
N ARG F 14 -27.69 -53.18 -8.20
CA ARG F 14 -28.38 -51.91 -8.06
C ARG F 14 -27.43 -50.74 -8.18
N ARG F 15 -27.94 -49.62 -8.63
CA ARG F 15 -27.08 -48.49 -8.64
C ARG F 15 -27.01 -47.97 -7.20
N SER F 16 -28.08 -48.08 -6.42
CA SER F 16 -28.00 -47.56 -5.05
C SER F 16 -26.90 -48.09 -4.17
N VAL F 17 -26.59 -49.36 -4.31
CA VAL F 17 -25.50 -49.88 -3.55
C VAL F 17 -24.22 -49.07 -3.79
N VAL F 18 -23.96 -48.59 -4.98
CA VAL F 18 -22.69 -47.95 -5.17
C VAL F 18 -22.87 -46.55 -4.73
N GLU F 19 -24.02 -45.98 -5.04
CA GLU F 19 -24.27 -44.63 -4.60
C GLU F 19 -24.14 -44.62 -3.08
N LYS F 20 -24.85 -45.49 -2.36
CA LYS F 20 -24.68 -45.57 -0.92
C LYS F 20 -23.24 -45.72 -0.42
N GLY F 21 -22.43 -46.65 -0.93
CA GLY F 21 -21.04 -46.70 -0.56
C GLY F 21 -20.36 -45.34 -0.76
N ILE F 22 -20.61 -44.66 -1.87
CA ILE F 22 -20.06 -43.33 -1.93
C ILE F 22 -20.60 -42.49 -0.74
N GLU F 23 -21.90 -42.57 -0.50
CA GLU F 23 -22.50 -41.75 0.53
C GLU F 23 -21.75 -41.83 1.83
N ALA F 24 -21.47 -43.05 2.26
CA ALA F 24 -20.70 -43.39 3.44
C ALA F 24 -19.34 -42.72 3.41
N LEU F 25 -18.49 -43.12 2.49
CA LEU F 25 -17.24 -42.46 2.37
C LEU F 25 -17.35 -40.93 2.49
N LYS F 26 -18.55 -40.37 2.48
CA LYS F 26 -18.58 -38.92 2.61
C LYS F 26 -18.78 -38.46 4.03
N ALA F 27 -18.99 -39.45 4.89
CA ALA F 27 -19.24 -39.27 6.28
C ALA F 27 -18.18 -39.92 7.20
N VAL F 28 -16.88 -39.71 6.98
CA VAL F 28 -15.90 -40.24 7.89
C VAL F 28 -14.85 -39.20 8.10
N TRP F 29 -14.91 -38.12 7.37
CA TRP F 29 -13.83 -37.15 7.52
C TRP F 29 -13.64 -36.67 8.90
N HIS F 30 -14.67 -36.78 9.74
CA HIS F 30 -14.53 -36.28 11.12
C HIS F 30 -13.47 -37.07 11.87
N ARG F 31 -13.24 -38.33 11.51
CA ARG F 31 -12.29 -39.18 12.18
C ARG F 31 -10.84 -39.15 11.65
N GLY F 32 -10.37 -38.08 11.03
CA GLY F 32 -9.07 -38.12 10.40
C GLY F 32 -8.31 -36.83 10.51
N ALA F 33 -7.05 -36.83 10.13
CA ALA F 33 -6.30 -35.58 10.22
C ALA F 33 -6.61 -34.70 9.03
N VAL F 34 -7.05 -33.50 9.33
CA VAL F 34 -7.35 -32.65 8.21
C VAL F 34 -6.11 -31.89 7.82
N ASP F 35 -5.95 -31.68 6.52
CA ASP F 35 -4.86 -30.82 6.16
C ASP F 35 -5.31 -29.40 5.95
N ALA F 36 -4.37 -28.52 6.25
CA ALA F 36 -4.58 -27.13 5.96
C ALA F 36 -4.62 -27.04 4.42
N ASP F 37 -3.95 -28.00 3.75
CA ASP F 37 -3.87 -28.05 2.29
C ASP F 37 -5.20 -28.41 1.64
N GLY F 38 -6.07 -29.06 2.39
CA GLY F 38 -7.43 -29.30 1.95
C GLY F 38 -7.60 -30.44 1.01
N LYS F 39 -6.54 -31.19 0.80
CA LYS F 39 -6.58 -32.15 -0.25
C LYS F 39 -5.99 -33.40 0.23
N THR F 40 -4.96 -33.21 1.00
CA THR F 40 -4.18 -34.37 1.36
C THR F 40 -4.74 -35.42 2.31
N GLY F 41 -5.00 -36.63 1.83
CA GLY F 41 -5.44 -37.71 2.70
C GLY F 41 -4.54 -38.95 2.73
N ASP F 42 -4.85 -39.91 3.57
CA ASP F 42 -4.01 -41.07 3.67
C ASP F 42 -4.39 -42.21 2.76
N GLY F 43 -5.67 -42.41 2.50
CA GLY F 43 -6.02 -43.49 1.62
C GLY F 43 -7.48 -43.80 1.67
N ALA F 44 -8.19 -43.94 0.56
CA ALA F 44 -9.59 -44.31 0.57
C ALA F 44 -9.86 -45.15 -0.69
N GLY F 45 -10.95 -45.89 -0.70
CA GLY F 45 -11.21 -46.71 -1.83
C GLY F 45 -12.56 -47.32 -1.73
N ILE F 46 -13.11 -47.79 -2.86
CA ILE F 46 -14.40 -48.47 -2.82
C ILE F 46 -14.11 -49.65 -3.67
N HIS F 47 -14.75 -50.79 -3.39
CA HIS F 47 -14.53 -52.05 -4.09
C HIS F 47 -15.90 -52.49 -4.49
N VAL F 48 -16.22 -52.44 -5.78
CA VAL F 48 -17.54 -52.85 -6.27
C VAL F 48 -17.39 -53.92 -7.37
N ALA F 49 -18.52 -54.34 -7.93
CA ALA F 49 -18.51 -55.29 -9.05
C ALA F 49 -18.06 -54.66 -10.40
N VAL F 50 -17.22 -55.31 -11.18
CA VAL F 50 -16.89 -54.71 -12.47
C VAL F 50 -18.22 -54.58 -13.16
N PRO F 51 -18.59 -53.41 -13.68
CA PRO F 51 -19.89 -53.20 -14.29
C PRO F 51 -19.85 -53.48 -15.80
N GLN F 52 -20.39 -54.62 -16.19
CA GLN F 52 -20.30 -55.00 -17.55
C GLN F 52 -21.06 -54.12 -18.53
N LYS F 53 -22.14 -53.40 -18.13
CA LYS F 53 -22.72 -52.49 -19.13
C LYS F 53 -21.60 -51.53 -19.47
N PHE F 54 -21.16 -50.81 -18.47
CA PHE F 54 -20.09 -49.88 -18.67
C PHE F 54 -18.94 -50.47 -19.49
N PHE F 55 -18.44 -51.61 -19.10
CA PHE F 55 -17.31 -52.05 -19.85
C PHE F 55 -17.61 -52.61 -21.21
N LYS F 56 -18.69 -53.34 -21.37
CA LYS F 56 -19.01 -53.79 -22.73
C LYS F 56 -19.26 -52.63 -23.71
N ASP F 57 -20.09 -51.67 -23.36
CA ASP F 57 -20.27 -50.49 -24.16
C ASP F 57 -18.92 -49.92 -24.45
N HIS F 58 -17.93 -50.13 -23.63
CA HIS F 58 -16.67 -49.50 -23.98
C HIS F 58 -16.10 -50.24 -25.14
N VAL F 59 -16.13 -51.54 -25.01
CA VAL F 59 -15.51 -52.37 -25.99
C VAL F 59 -16.32 -52.20 -27.27
N LYS F 60 -17.62 -51.96 -27.13
CA LYS F 60 -18.44 -51.78 -28.30
C LYS F 60 -18.00 -50.53 -28.98
N VAL F 61 -18.08 -49.42 -28.27
CA VAL F 61 -17.64 -48.15 -28.85
C VAL F 61 -16.36 -48.15 -29.62
N ILE F 62 -15.54 -49.14 -29.44
CA ILE F 62 -14.33 -49.10 -30.18
C ILE F 62 -14.61 -49.83 -31.45
N GLY F 63 -15.59 -50.72 -31.40
CA GLY F 63 -15.98 -51.46 -32.58
C GLY F 63 -15.73 -52.94 -32.50
N HIS F 64 -15.86 -53.48 -31.30
CA HIS F 64 -15.72 -54.89 -31.16
C HIS F 64 -17.13 -55.23 -30.88
N ARG F 65 -17.37 -56.50 -30.66
CA ARG F 65 -18.68 -56.98 -30.32
C ARG F 65 -18.62 -57.46 -28.87
N ALA F 66 -19.62 -57.14 -28.09
CA ALA F 66 -19.61 -57.50 -26.68
C ALA F 66 -19.74 -58.96 -26.51
N PRO F 67 -18.91 -59.57 -25.69
CA PRO F 67 -19.00 -61.01 -25.46
C PRO F 67 -20.27 -61.34 -24.78
N ASP F 68 -20.64 -62.60 -24.71
CA ASP F 68 -21.90 -62.89 -24.04
C ASP F 68 -21.57 -63.10 -22.60
N ASN F 69 -20.38 -63.61 -22.34
CA ASN F 69 -19.93 -63.83 -21.00
C ASN F 69 -19.41 -62.56 -20.34
N LYS F 70 -18.81 -62.65 -19.15
CA LYS F 70 -18.36 -61.44 -18.50
C LYS F 70 -16.97 -61.20 -18.93
N LEU F 71 -16.69 -59.90 -18.90
CA LEU F 71 -15.49 -59.26 -19.36
C LEU F 71 -14.72 -59.04 -18.07
N ALA F 72 -13.41 -58.88 -18.15
CA ALA F 72 -12.60 -58.69 -16.96
C ALA F 72 -11.73 -57.47 -17.11
N VAL F 73 -11.50 -56.77 -16.02
CA VAL F 73 -10.63 -55.63 -16.03
C VAL F 73 -9.49 -55.77 -15.01
N GLY F 74 -8.32 -55.30 -15.35
CA GLY F 74 -7.21 -55.31 -14.46
C GLY F 74 -7.17 -53.82 -14.17
N GLN F 75 -6.94 -53.43 -12.93
CA GLN F 75 -6.93 -52.03 -12.57
C GLN F 75 -5.53 -51.82 -12.14
N VAL F 76 -4.75 -51.09 -12.92
CA VAL F 76 -3.34 -51.10 -12.67
C VAL F 76 -2.66 -49.79 -12.52
N PHE F 77 -1.68 -49.78 -11.66
CA PHE F 77 -0.96 -48.60 -11.29
C PHE F 77 0.41 -48.84 -11.90
N LEU F 78 0.89 -47.91 -12.72
CA LEU F 78 2.21 -48.10 -13.34
C LEU F 78 3.05 -46.98 -12.86
N PRO F 79 4.33 -47.18 -13.04
CA PRO F 79 5.36 -46.21 -12.68
C PRO F 79 4.89 -45.13 -13.55
N ARG F 80 5.10 -43.89 -13.16
CA ARG F 80 4.55 -42.81 -13.94
C ARG F 80 5.62 -41.91 -14.37
N ILE F 81 6.81 -42.09 -13.84
CA ILE F 81 7.77 -41.12 -14.27
C ILE F 81 8.75 -41.58 -15.31
N SER F 82 8.79 -42.89 -15.54
CA SER F 82 9.67 -43.53 -16.49
C SER F 82 8.90 -44.26 -17.56
N LEU F 83 8.80 -43.62 -18.72
CA LEU F 83 8.12 -44.32 -19.78
C LEU F 83 8.76 -45.68 -19.96
N ASP F 84 10.08 -45.75 -19.82
CA ASP F 84 10.73 -47.04 -20.00
C ASP F 84 10.12 -48.19 -19.23
N ALA F 85 9.97 -47.95 -17.96
CA ALA F 85 9.33 -48.95 -17.16
C ALA F 85 7.86 -49.13 -17.50
N GLN F 86 7.09 -48.05 -17.72
CA GLN F 86 5.71 -48.34 -17.99
C GLN F 86 5.58 -49.41 -19.06
N GLU F 87 6.37 -49.24 -20.15
CA GLU F 87 6.28 -50.18 -21.26
C GLU F 87 6.56 -51.57 -20.76
N ALA F 88 7.73 -51.74 -20.15
CA ALA F 88 8.10 -53.03 -19.54
C ALA F 88 6.94 -53.63 -18.77
N CYS F 89 6.37 -52.78 -17.94
CA CYS F 89 5.26 -53.20 -17.18
C CYS F 89 4.19 -53.70 -18.08
N ARG F 90 3.83 -52.90 -19.11
CA ARG F 90 2.89 -53.43 -20.12
C ARG F 90 3.23 -54.66 -20.91
N CYS F 91 4.51 -54.85 -21.25
CA CYS F 91 4.74 -56.14 -21.92
C CYS F 91 4.33 -57.26 -21.05
N ILE F 92 4.81 -57.18 -19.80
CA ILE F 92 4.57 -58.24 -18.85
C ILE F 92 3.08 -58.44 -18.59
N VAL F 93 2.37 -57.34 -18.40
CA VAL F 93 0.99 -57.59 -18.16
C VAL F 93 0.36 -58.38 -19.30
N GLU F 94 0.56 -57.91 -20.53
CA GLU F 94 0.04 -58.53 -21.75
C GLU F 94 0.59 -59.95 -21.89
N THR F 95 1.92 -60.10 -21.88
CA THR F 95 2.49 -61.42 -21.98
C THR F 95 1.80 -62.52 -21.20
N GLU F 96 1.74 -62.37 -19.89
CA GLU F 96 1.10 -63.33 -19.04
C GLU F 96 -0.38 -63.52 -19.29
N ILE F 97 -1.12 -62.46 -19.57
CA ILE F 97 -2.52 -62.75 -19.83
C ILE F 97 -2.54 -63.61 -21.09
N LEU F 98 -1.57 -63.35 -21.96
CA LEU F 98 -1.62 -64.05 -23.21
C LEU F 98 -1.35 -65.50 -23.03
N ALA F 99 -0.27 -65.82 -22.35
CA ALA F 99 0.01 -67.22 -22.24
C ALA F 99 -1.07 -68.10 -21.66
N PHE F 100 -2.16 -67.56 -21.16
CA PHE F 100 -3.19 -68.44 -20.67
C PHE F 100 -4.14 -68.46 -21.84
N GLY F 101 -3.77 -67.72 -22.86
CA GLY F 101 -4.59 -67.69 -24.04
C GLY F 101 -5.91 -66.99 -23.88
N TYR F 102 -5.98 -65.94 -23.10
CA TYR F 102 -7.24 -65.23 -23.05
C TYR F 102 -7.04 -64.13 -24.07
N TYR F 103 -8.00 -63.22 -24.17
CA TYR F 103 -7.99 -62.17 -25.19
C TYR F 103 -8.01 -60.74 -24.63
N ILE F 104 -7.19 -59.88 -25.20
CA ILE F 104 -7.12 -58.52 -24.71
C ILE F 104 -7.81 -57.49 -25.59
N TYR F 105 -8.89 -56.85 -25.16
CA TYR F 105 -9.40 -55.75 -25.96
C TYR F 105 -8.51 -54.55 -25.87
N GLY F 106 -7.70 -54.40 -24.84
CA GLY F 106 -6.80 -53.25 -24.77
C GLY F 106 -6.80 -52.30 -23.57
N TRP F 107 -5.83 -51.43 -23.45
CA TRP F 107 -5.84 -50.49 -22.33
C TRP F 107 -6.78 -49.27 -22.30
N ARG F 108 -6.96 -48.64 -21.16
CA ARG F 108 -7.83 -47.48 -21.06
C ARG F 108 -7.34 -46.61 -19.92
N GLN F 109 -6.61 -45.52 -20.20
CA GLN F 109 -6.21 -44.58 -19.16
C GLN F 109 -7.44 -44.15 -18.37
N VAL F 110 -7.40 -44.34 -17.05
CA VAL F 110 -8.58 -44.02 -16.28
C VAL F 110 -8.75 -42.55 -16.07
N PRO F 111 -9.90 -42.01 -16.36
CA PRO F 111 -10.15 -40.59 -16.19
C PRO F 111 -10.03 -40.22 -14.71
N ILE F 112 -9.31 -39.16 -14.38
CA ILE F 112 -9.14 -38.74 -13.01
C ILE F 112 -8.96 -37.24 -12.93
N ASN F 113 -9.22 -36.64 -11.78
CA ASN F 113 -8.97 -35.24 -11.71
C ASN F 113 -7.86 -34.99 -10.69
N VAL F 114 -6.66 -34.69 -11.13
CA VAL F 114 -5.64 -34.50 -10.14
C VAL F 114 -5.73 -33.17 -9.44
N ASP F 115 -6.75 -32.35 -9.70
CA ASP F 115 -6.74 -31.09 -8.98
C ASP F 115 -6.98 -31.28 -7.50
N ILE F 116 -7.73 -32.28 -7.14
CA ILE F 116 -7.95 -32.45 -5.73
C ILE F 116 -6.92 -33.28 -5.04
N ILE F 117 -5.67 -33.22 -5.43
CA ILE F 117 -4.76 -34.11 -4.78
C ILE F 117 -3.68 -33.15 -4.36
N GLY F 118 -2.93 -33.49 -3.34
CA GLY F 118 -1.92 -32.56 -2.86
C GLY F 118 -0.60 -32.90 -3.49
N GLU F 119 0.42 -32.09 -3.33
CA GLU F 119 1.62 -32.46 -4.04
C GLU F 119 2.26 -33.71 -3.54
N LYS F 120 2.53 -33.72 -2.25
CA LYS F 120 2.97 -34.92 -1.59
C LYS F 120 2.39 -36.09 -2.38
N ALA F 121 1.07 -36.07 -2.55
CA ALA F 121 0.43 -37.17 -3.22
C ALA F 121 0.63 -37.20 -4.73
N ASN F 122 0.54 -36.05 -5.40
CA ASN F 122 0.67 -36.10 -6.83
C ASN F 122 2.07 -36.50 -7.16
N ALA F 123 2.94 -36.43 -6.17
CA ALA F 123 4.34 -36.74 -6.40
C ALA F 123 4.51 -38.18 -6.66
N THR F 124 3.91 -38.96 -5.76
CA THR F 124 3.95 -40.40 -5.83
C THR F 124 2.78 -40.99 -6.58
N ARG F 125 2.05 -40.17 -7.33
CA ARG F 125 0.90 -40.71 -8.08
C ARG F 125 1.30 -41.69 -9.19
N PRO F 126 0.83 -42.90 -9.22
CA PRO F 126 1.19 -43.79 -10.30
C PRO F 126 0.42 -43.40 -11.58
N GLU F 127 0.63 -44.04 -12.73
CA GLU F 127 -0.20 -43.77 -13.90
C GLU F 127 -1.29 -44.82 -13.86
N ILE F 128 -2.56 -44.43 -13.91
CA ILE F 128 -3.61 -45.38 -13.66
C ILE F 128 -4.28 -45.78 -14.94
N GLU F 129 -4.23 -47.05 -15.25
CA GLU F 129 -4.82 -47.51 -16.50
C GLU F 129 -5.54 -48.81 -16.33
N GLN F 130 -6.50 -49.08 -17.22
CA GLN F 130 -7.20 -50.34 -17.12
C GLN F 130 -6.85 -51.29 -18.28
N ILE F 131 -6.95 -52.59 -18.12
CA ILE F 131 -6.73 -53.43 -19.26
C ILE F 131 -7.92 -54.35 -19.36
N ILE F 132 -8.51 -54.48 -20.54
CA ILE F 132 -9.75 -55.25 -20.63
C ILE F 132 -9.47 -56.57 -21.24
N VAL F 133 -10.01 -57.63 -20.63
CA VAL F 133 -9.67 -58.96 -21.05
C VAL F 133 -10.93 -59.78 -21.23
N GLY F 134 -10.95 -60.71 -22.20
CA GLY F 134 -12.18 -61.42 -22.50
C GLY F 134 -11.93 -62.89 -22.37
N ASN F 135 -12.97 -63.62 -22.04
CA ASN F 135 -12.86 -65.04 -21.73
C ASN F 135 -13.22 -65.78 -22.98
N ASN F 136 -12.27 -65.73 -23.90
CA ASN F 136 -12.42 -66.33 -25.20
C ASN F 136 -12.43 -67.82 -25.04
N LYS F 137 -11.76 -68.34 -24.01
CA LYS F 137 -11.70 -69.77 -23.77
C LYS F 137 -13.03 -70.27 -23.29
N GLY F 138 -13.93 -69.35 -23.01
CA GLY F 138 -15.26 -69.75 -22.61
C GLY F 138 -15.31 -70.63 -21.39
N VAL F 139 -14.46 -70.32 -20.43
CA VAL F 139 -14.37 -71.07 -19.20
C VAL F 139 -15.45 -70.58 -18.29
N SER F 140 -15.53 -71.12 -17.08
CA SER F 140 -16.56 -70.71 -16.14
C SER F 140 -16.19 -69.54 -15.28
N ASP F 141 -17.19 -68.91 -14.69
CA ASP F 141 -16.93 -67.82 -13.75
C ASP F 141 -15.79 -68.10 -12.78
N GLU F 142 -15.95 -69.19 -12.05
CA GLU F 142 -14.92 -69.60 -11.14
C GLU F 142 -13.59 -69.87 -11.81
N GLN F 143 -13.53 -70.43 -13.01
CA GLN F 143 -12.20 -70.64 -13.54
C GLN F 143 -11.50 -69.37 -14.00
N PHE F 144 -12.35 -68.41 -14.32
CA PHE F 144 -11.79 -67.21 -14.84
C PHE F 144 -11.08 -66.55 -13.69
N GLU F 145 -11.72 -66.54 -12.53
CA GLU F 145 -11.11 -65.89 -11.35
C GLU F 145 -9.82 -66.56 -10.96
N LEU F 146 -9.85 -67.87 -11.00
CA LEU F 146 -8.69 -68.60 -10.62
C LEU F 146 -7.56 -68.32 -11.56
N ASP F 147 -7.81 -68.47 -12.85
CA ASP F 147 -6.74 -68.25 -13.82
C ASP F 147 -6.12 -66.88 -13.66
N LEU F 148 -7.03 -65.90 -13.57
CA LEU F 148 -6.72 -64.50 -13.40
C LEU F 148 -5.77 -64.23 -12.27
N TYR F 149 -6.06 -64.91 -11.13
CA TYR F 149 -5.29 -64.91 -9.88
C TYR F 149 -3.95 -65.42 -10.25
N ILE F 150 -3.86 -66.66 -10.71
CA ILE F 150 -2.51 -67.06 -11.09
C ILE F 150 -1.81 -66.08 -12.03
N ILE F 151 -2.53 -65.55 -13.02
CA ILE F 151 -1.86 -64.60 -13.89
C ILE F 151 -1.27 -63.44 -13.08
N ARG F 152 -2.11 -62.88 -12.19
CA ARG F 152 -1.70 -61.72 -11.44
C ARG F 152 -0.41 -61.84 -10.69
N ARG F 153 -0.30 -63.02 -10.09
CA ARG F 153 0.87 -63.37 -9.34
C ARG F 153 2.06 -63.48 -10.24
N ARG F 154 1.86 -64.01 -11.44
CA ARG F 154 3.01 -64.21 -12.32
C ARG F 154 3.57 -62.85 -12.69
N ILE F 155 2.67 -61.90 -12.88
CA ILE F 155 3.04 -60.62 -13.37
C ILE F 155 3.85 -60.03 -12.33
N GLU F 156 3.19 -60.04 -11.16
CA GLU F 156 3.63 -59.51 -9.84
C GLU F 156 5.07 -60.01 -9.69
N LYS F 157 5.21 -61.33 -9.74
CA LYS F 157 6.52 -61.95 -9.70
C LYS F 157 7.59 -61.49 -10.70
N ALA F 158 7.19 -61.35 -11.96
CA ALA F 158 8.11 -60.97 -13.00
C ALA F 158 8.54 -59.54 -12.79
N VAL F 159 7.55 -58.70 -12.48
CA VAL F 159 7.88 -57.32 -12.37
C VAL F 159 8.87 -57.29 -11.25
N LYS F 160 8.60 -58.17 -10.32
CA LYS F 160 9.48 -58.12 -9.20
C LYS F 160 10.89 -58.34 -9.71
N GLY F 161 11.14 -59.52 -10.24
CA GLY F 161 12.45 -59.79 -10.76
C GLY F 161 13.01 -58.81 -11.79
N GLU F 162 12.20 -58.02 -12.48
CA GLU F 162 12.82 -57.04 -13.35
C GLU F 162 13.44 -55.95 -12.56
N GLN F 163 13.02 -56.00 -11.32
CA GLN F 163 13.34 -54.97 -10.35
C GLN F 163 12.75 -53.64 -10.69
N ILE F 164 11.45 -53.65 -10.97
CA ILE F 164 10.74 -52.44 -11.29
C ILE F 164 9.92 -51.90 -10.12
N ASN F 165 10.08 -50.63 -9.82
CA ASN F 165 9.30 -50.05 -8.76
C ASN F 165 8.02 -49.37 -9.17
N ASP F 166 7.07 -49.33 -8.26
CA ASP F 166 5.84 -48.65 -8.46
C ASP F 166 4.87 -49.35 -9.31
N PHE F 167 4.89 -50.67 -9.35
CA PHE F 167 3.88 -51.31 -10.16
C PHE F 167 2.89 -51.95 -9.20
N TYR F 168 1.61 -51.83 -9.44
CA TYR F 168 0.79 -52.53 -8.56
C TYR F 168 -0.54 -52.69 -9.22
N ILE F 169 -1.09 -53.88 -9.14
CA ILE F 169 -2.43 -54.15 -9.60
C ILE F 169 -3.52 -54.14 -8.48
N CYS F 170 -4.39 -53.15 -8.42
CA CYS F 170 -5.44 -53.17 -7.43
C CYS F 170 -6.29 -54.36 -7.69
N SER F 171 -7.03 -54.41 -8.77
CA SER F 171 -7.81 -55.60 -8.99
C SER F 171 -7.61 -56.19 -10.40
N LEU F 172 -7.90 -57.46 -10.60
CA LEU F 172 -7.83 -58.09 -11.87
C LEU F 172 -8.87 -59.22 -11.88
N SER F 173 -10.17 -58.92 -12.01
CA SER F 173 -11.15 -59.99 -12.06
C SER F 173 -12.37 -59.66 -12.95
N ALA F 174 -13.28 -60.60 -13.10
CA ALA F 174 -14.45 -60.17 -13.79
C ALA F 174 -15.53 -59.98 -12.77
N ARG F 175 -15.23 -60.28 -11.52
CA ARG F 175 -16.25 -59.97 -10.54
C ARG F 175 -16.11 -58.62 -9.88
N SER F 176 -14.87 -58.28 -9.58
CA SER F 176 -14.71 -57.15 -8.73
C SER F 176 -13.75 -56.21 -9.30
N ILE F 177 -13.90 -54.94 -8.98
CA ILE F 177 -12.86 -54.02 -9.39
C ILE F 177 -12.72 -53.08 -8.21
N ILE F 178 -11.54 -52.49 -8.04
CA ILE F 178 -11.31 -51.62 -6.90
C ILE F 178 -10.79 -50.25 -7.24
N TYR F 179 -11.58 -49.25 -6.92
CA TYR F 179 -11.11 -47.88 -7.19
C TYR F 179 -10.66 -47.32 -5.88
N LYS F 180 -9.39 -46.98 -5.75
CA LYS F 180 -8.81 -46.51 -4.50
C LYS F 180 -7.61 -45.61 -4.72
N GLY F 181 -7.22 -44.83 -3.74
CA GLY F 181 -6.07 -44.00 -4.01
C GLY F 181 -5.90 -43.05 -2.84
N MET F 182 -4.94 -42.19 -2.95
CA MET F 182 -4.59 -41.32 -1.89
C MET F 182 -5.28 -40.01 -1.87
N PHE F 183 -6.60 -39.93 -1.80
CA PHE F 183 -7.27 -38.64 -1.85
C PHE F 183 -8.35 -38.71 -0.77
N LEU F 184 -8.78 -37.62 -0.16
CA LEU F 184 -9.87 -37.66 0.81
C LEU F 184 -11.11 -38.45 0.39
N ALA F 185 -11.63 -39.32 1.26
CA ALA F 185 -12.82 -40.07 0.92
C ALA F 185 -14.00 -39.28 0.41
N GLU F 186 -14.24 -38.11 0.96
CA GLU F 186 -15.34 -37.26 0.57
C GLU F 186 -15.08 -36.97 -0.88
N GLN F 187 -13.85 -37.06 -1.32
CA GLN F 187 -13.61 -36.79 -2.72
C GLN F 187 -13.41 -37.96 -3.70
N LEU F 188 -13.82 -39.18 -3.37
CA LEU F 188 -13.50 -40.34 -4.20
C LEU F 188 -13.92 -40.10 -5.60
N THR F 189 -15.18 -39.79 -5.70
CA THR F 189 -15.92 -39.49 -6.89
C THR F 189 -15.44 -38.31 -7.66
N THR F 190 -14.59 -37.51 -7.10
CA THR F 190 -14.13 -36.36 -7.80
C THR F 190 -12.88 -36.77 -8.51
N PHE F 191 -11.99 -37.44 -7.83
CA PHE F 191 -10.84 -37.98 -8.51
C PHE F 191 -11.23 -39.09 -9.52
N TYR F 192 -12.39 -39.68 -9.45
CA TYR F 192 -12.65 -40.81 -10.30
C TYR F 192 -14.07 -40.69 -10.66
N PRO F 193 -14.35 -39.99 -11.76
CA PRO F 193 -15.71 -39.84 -12.20
C PRO F 193 -16.32 -41.11 -12.74
N ASP F 194 -15.57 -42.11 -13.18
CA ASP F 194 -16.32 -43.24 -13.66
C ASP F 194 -17.40 -43.56 -12.65
N LEU F 195 -17.11 -43.36 -11.37
CA LEU F 195 -18.03 -43.78 -10.31
C LEU F 195 -19.33 -43.08 -10.32
N LEU F 196 -19.35 -41.91 -10.91
CA LEU F 196 -20.58 -41.19 -11.13
C LEU F 196 -21.52 -41.73 -12.22
N ASP F 197 -21.14 -42.76 -12.94
CA ASP F 197 -21.97 -43.28 -14.00
C ASP F 197 -23.07 -44.23 -13.62
N GLU F 198 -24.31 -44.01 -14.04
CA GLU F 198 -25.37 -44.95 -13.71
C GLU F 198 -25.10 -46.34 -14.18
N ARG F 199 -24.14 -46.52 -15.05
CA ARG F 199 -23.89 -47.87 -15.41
C ARG F 199 -23.18 -48.64 -14.33
N PHE F 200 -22.61 -47.94 -13.34
CA PHE F 200 -21.91 -48.63 -12.23
C PHE F 200 -22.94 -49.12 -11.25
N GLU F 201 -23.31 -50.39 -11.37
CA GLU F 201 -24.35 -51.03 -10.59
C GLU F 201 -23.71 -52.19 -9.91
N SER F 202 -24.29 -52.63 -8.80
CA SER F 202 -23.63 -53.64 -7.97
C SER F 202 -24.45 -54.30 -6.92
N ASP F 203 -24.15 -55.56 -6.63
CA ASP F 203 -24.86 -56.20 -5.53
C ASP F 203 -24.13 -56.04 -4.17
N PHE F 204 -22.95 -55.44 -4.15
CA PHE F 204 -22.25 -55.23 -2.91
C PHE F 204 -21.26 -54.10 -2.99
N ALA F 205 -20.73 -53.70 -1.85
CA ALA F 205 -19.76 -52.62 -1.80
C ALA F 205 -18.90 -52.76 -0.55
N ILE F 206 -17.66 -52.27 -0.59
CA ILE F 206 -16.81 -52.37 0.56
C ILE F 206 -15.95 -51.17 0.52
N TYR F 207 -16.13 -50.23 1.46
CA TYR F 207 -15.32 -49.01 1.42
C TYR F 207 -14.38 -48.87 2.58
N HIS F 208 -13.41 -47.97 2.49
CA HIS F 208 -12.51 -47.81 3.57
C HIS F 208 -11.70 -46.55 3.48
N GLN F 209 -11.46 -45.86 4.60
CA GLN F 209 -10.53 -44.74 4.61
C GLN F 209 -9.51 -45.13 5.65
N ARG F 210 -8.29 -44.58 5.62
CA ARG F 210 -7.24 -45.01 6.52
C ARG F 210 -6.37 -43.93 7.06
N TYR F 211 -5.77 -44.15 8.23
CA TYR F 211 -4.98 -43.11 8.92
C TYR F 211 -3.57 -43.56 8.94
N SER F 212 -2.75 -42.73 9.52
CA SER F 212 -1.42 -43.26 9.63
C SER F 212 -0.48 -42.43 10.42
N THR F 213 0.56 -43.16 10.72
CA THR F 213 1.74 -42.78 11.44
C THR F 213 2.72 -42.08 10.44
N ASN F 214 2.18 -41.43 9.40
CA ASN F 214 3.01 -40.88 8.32
C ASN F 214 2.51 -39.60 7.74
N THR F 215 3.38 -39.09 6.90
CA THR F 215 3.19 -37.91 6.10
C THR F 215 3.39 -38.28 4.63
N PHE F 216 3.96 -39.46 4.41
CA PHE F 216 4.20 -40.07 3.11
C PHE F 216 3.04 -40.95 2.63
N PRO F 217 2.56 -40.65 1.44
CA PRO F 217 1.44 -41.41 0.88
C PRO F 217 1.94 -42.53 -0.02
N THR F 218 1.76 -43.81 0.30
CA THR F 218 2.01 -44.79 -0.76
C THR F 218 0.70 -45.20 -1.44
N TRP F 219 0.58 -45.10 -2.77
CA TRP F 219 -0.74 -45.42 -3.32
C TRP F 219 -1.25 -46.83 -3.15
N PRO F 220 -0.39 -47.79 -3.31
CA PRO F 220 -0.77 -49.18 -3.18
C PRO F 220 -1.28 -49.55 -1.84
N LEU F 221 -0.80 -48.91 -0.80
CA LEU F 221 -1.29 -49.21 0.54
C LEU F 221 -2.68 -48.75 0.90
N ALA F 222 -3.38 -47.96 0.08
CA ALA F 222 -4.74 -47.59 0.35
C ALA F 222 -5.62 -48.83 0.30
N GLN F 223 -6.85 -48.87 0.84
CA GLN F 223 -7.63 -50.09 0.72
C GLN F 223 -8.95 -49.72 0.09
N PRO F 224 -9.89 -50.61 -0.10
CA PRO F 224 -9.84 -52.05 0.14
C PRO F 224 -8.74 -52.76 -0.56
N PHE F 225 -8.45 -53.96 -0.08
CA PHE F 225 -7.45 -54.77 -0.73
C PHE F 225 -8.26 -55.74 -1.54
N ARG F 226 -7.62 -56.79 -2.06
CA ARG F 226 -8.35 -57.67 -2.94
C ARG F 226 -9.55 -58.38 -2.45
N MET F 227 -9.54 -58.91 -1.24
CA MET F 227 -10.75 -59.59 -0.74
C MET F 227 -11.27 -59.01 0.53
N LEU F 228 -10.48 -58.08 1.06
CA LEU F 228 -10.65 -57.52 2.39
C LEU F 228 -10.52 -56.03 2.61
N ALA F 229 -11.14 -55.55 3.67
CA ALA F 229 -10.78 -54.23 4.14
C ALA F 229 -10.84 -54.30 5.65
N HIS F 230 -9.92 -53.63 6.29
CA HIS F 230 -9.73 -53.81 7.70
C HIS F 230 -9.50 -52.57 8.45
N ASN F 231 -10.36 -52.29 9.43
CA ASN F 231 -10.06 -51.18 10.34
C ASN F 231 -9.45 -51.84 11.54
N GLY F 232 -8.26 -51.44 11.93
CA GLY F 232 -7.61 -52.12 13.02
C GLY F 232 -6.10 -52.21 12.86
N GLU F 233 -5.48 -53.09 13.62
CA GLU F 233 -4.07 -53.27 13.48
C GLU F 233 -3.84 -54.69 13.80
N ILE F 234 -2.81 -55.29 13.24
CA ILE F 234 -2.67 -56.70 13.55
C ILE F 234 -1.43 -56.95 14.37
N ASN F 235 -1.57 -57.00 15.67
CA ASN F 235 -0.40 -57.00 16.53
C ASN F 235 0.48 -58.24 16.45
N THR F 236 -0.11 -59.30 15.91
CA THR F 236 0.50 -60.59 15.89
C THR F 236 1.14 -60.80 14.50
N VAL F 237 1.51 -59.69 13.90
CA VAL F 237 1.92 -59.74 12.51
C VAL F 237 3.25 -60.35 12.20
N LYS F 238 4.27 -60.11 13.01
CA LYS F 238 5.52 -60.71 12.57
C LYS F 238 5.48 -62.20 12.81
N GLY F 239 4.47 -62.66 13.50
CA GLY F 239 4.49 -64.06 13.88
C GLY F 239 3.68 -64.83 12.92
N ASN F 240 2.73 -64.10 12.35
CA ASN F 240 1.92 -64.55 11.25
C ASN F 240 2.87 -64.64 10.06
N VAL F 241 3.65 -63.61 9.83
CA VAL F 241 4.51 -63.66 8.69
C VAL F 241 5.51 -64.78 8.69
N ASN F 242 6.20 -65.03 9.80
CA ASN F 242 7.09 -66.15 9.68
C ASN F 242 6.30 -67.44 9.79
N TRP F 243 5.16 -67.51 10.43
CA TRP F 243 4.55 -68.82 10.41
C TRP F 243 4.20 -69.15 9.00
N MET F 244 4.27 -68.16 8.13
CA MET F 244 3.87 -68.32 6.75
C MET F 244 5.09 -68.87 6.05
N LYS F 245 6.27 -68.33 6.34
CA LYS F 245 7.45 -68.93 5.79
C LYS F 245 7.42 -70.44 5.96
N ALA F 246 6.68 -70.98 6.90
CA ALA F 246 6.75 -72.41 7.03
C ALA F 246 5.48 -73.03 6.49
N HIS F 247 4.40 -72.39 6.87
CA HIS F 247 3.14 -72.85 6.44
C HIS F 247 3.17 -73.15 4.94
N GLU F 248 3.99 -72.36 4.23
CA GLU F 248 4.14 -72.38 2.76
C GLU F 248 4.86 -73.62 2.30
N THR F 249 6.03 -73.84 2.86
CA THR F 249 6.75 -75.08 2.64
C THR F 249 5.87 -76.30 2.40
N ARG F 250 4.58 -76.31 2.65
CA ARG F 250 3.90 -77.56 2.38
C ARG F 250 2.59 -77.33 1.76
N MET F 251 2.28 -76.06 1.53
CA MET F 251 1.01 -75.74 0.96
C MET F 251 1.06 -76.14 -0.49
N GLU F 252 0.01 -76.89 -0.80
CA GLU F 252 -0.08 -77.45 -2.06
C GLU F 252 -1.54 -77.68 -2.19
N HIS F 253 -2.18 -77.06 -3.16
CA HIS F 253 -3.53 -77.48 -3.49
C HIS F 253 -3.46 -77.93 -4.91
N PRO F 254 -4.49 -78.66 -5.33
CA PRO F 254 -4.52 -79.19 -6.68
C PRO F 254 -4.84 -78.06 -7.66
N ALA F 255 -5.99 -77.41 -7.54
CA ALA F 255 -6.35 -76.19 -8.25
C ALA F 255 -5.24 -75.29 -8.75
N PHE F 256 -4.15 -75.09 -8.05
CA PHE F 256 -3.15 -74.23 -8.71
C PHE F 256 -2.37 -75.04 -9.72
N GLY F 257 -2.71 -76.32 -9.82
CA GLY F 257 -2.02 -77.20 -10.73
C GLY F 257 -0.57 -77.06 -10.41
N THR F 258 0.18 -76.82 -11.49
CA THR F 258 1.61 -76.71 -11.41
C THR F 258 2.07 -75.35 -11.04
N HIS F 259 1.11 -74.45 -10.97
CA HIS F 259 1.36 -73.05 -10.70
C HIS F 259 1.83 -72.61 -9.31
N MET F 260 1.67 -73.49 -8.34
CA MET F 260 2.05 -73.12 -7.00
C MET F 260 3.35 -72.38 -6.82
N GLN F 261 4.49 -72.87 -7.26
CA GLN F 261 5.62 -72.05 -6.90
C GLN F 261 5.52 -70.62 -7.26
N ASP F 262 4.68 -70.28 -8.23
CA ASP F 262 4.64 -68.88 -8.62
C ASP F 262 3.90 -68.24 -7.53
N LEU F 263 3.10 -69.10 -6.95
CA LEU F 263 2.33 -68.72 -5.78
C LEU F 263 3.04 -68.08 -4.58
N LYS F 264 4.23 -68.57 -4.23
CA LYS F 264 5.06 -68.21 -3.09
C LYS F 264 6.20 -67.23 -3.32
N PRO F 265 6.59 -66.40 -2.37
CA PRO F 265 6.03 -66.16 -1.03
C PRO F 265 4.69 -65.44 -1.15
N VAL F 266 3.64 -66.01 -0.58
CA VAL F 266 2.32 -65.39 -0.56
C VAL F 266 2.37 -64.01 0.10
N ILE F 267 3.45 -63.62 0.76
CA ILE F 267 3.42 -62.28 1.28
C ILE F 267 4.59 -61.51 0.71
N GLY F 268 4.31 -60.57 -0.18
CA GLY F 268 5.40 -59.83 -0.78
C GLY F 268 5.99 -58.86 0.19
N VAL F 269 7.16 -58.29 -0.13
CA VAL F 269 7.68 -57.25 0.73
C VAL F 269 6.95 -55.98 0.50
N GLY F 270 6.93 -55.12 1.50
CA GLY F 270 6.28 -53.84 1.35
C GLY F 270 4.81 -53.76 1.73
N LEU F 271 4.19 -54.82 2.21
CA LEU F 271 2.80 -54.69 2.53
C LEU F 271 2.43 -54.15 3.90
N SER F 272 1.28 -53.54 4.01
CA SER F 272 0.88 -53.14 5.34
C SER F 272 0.39 -54.44 5.95
N ASP F 273 -0.04 -54.40 7.21
CA ASP F 273 -0.52 -55.60 7.86
C ASP F 273 -1.79 -56.14 7.25
N SER F 274 -2.74 -55.30 6.91
CA SER F 274 -3.98 -55.81 6.34
C SER F 274 -3.67 -56.24 4.91
N GLY F 275 -2.73 -55.54 4.30
CA GLY F 275 -2.28 -55.94 3.00
C GLY F 275 -1.91 -57.41 3.10
N SER F 276 -0.99 -57.73 4.02
CA SER F 276 -0.54 -59.10 4.22
C SER F 276 -1.61 -60.08 4.59
N LEU F 277 -2.61 -59.63 5.30
CA LEU F 277 -3.65 -60.56 5.66
C LEU F 277 -4.42 -60.94 4.37
N ASP F 278 -4.69 -59.93 3.52
CA ASP F 278 -5.52 -60.11 2.33
C ASP F 278 -4.91 -61.24 1.51
N THR F 279 -3.63 -61.11 1.35
CA THR F 279 -2.84 -62.04 0.66
C THR F 279 -3.15 -63.43 1.10
N VAL F 280 -3.03 -63.68 2.40
CA VAL F 280 -3.30 -65.01 2.89
C VAL F 280 -4.78 -65.30 2.74
N PHE F 281 -5.65 -64.41 3.19
CA PHE F 281 -7.06 -64.61 2.93
C PHE F 281 -7.34 -65.01 1.46
N GLU F 282 -6.61 -64.47 0.48
CA GLU F 282 -6.88 -64.76 -0.96
C GLU F 282 -6.65 -66.20 -1.36
N VAL F 283 -5.44 -66.69 -1.08
CA VAL F 283 -5.09 -68.05 -1.41
C VAL F 283 -6.06 -69.02 -0.81
N MET F 284 -6.40 -68.81 0.43
CA MET F 284 -7.24 -69.76 1.01
C MET F 284 -8.54 -69.70 0.24
N VAL F 285 -8.97 -68.52 -0.16
CA VAL F 285 -10.24 -68.55 -0.88
C VAL F 285 -10.02 -69.14 -2.30
N ARG F 286 -8.99 -68.64 -2.96
CA ARG F 286 -8.70 -69.14 -4.25
C ARG F 286 -8.63 -70.66 -4.22
N ALA F 287 -8.20 -71.27 -3.12
CA ALA F 287 -8.16 -72.72 -3.17
C ALA F 287 -9.44 -73.45 -2.80
N GLY F 288 -10.53 -72.76 -2.56
CA GLY F 288 -11.66 -73.59 -2.24
C GLY F 288 -12.48 -73.16 -1.05
N ARG F 289 -11.91 -72.41 -0.13
CA ARG F 289 -12.76 -72.08 0.98
C ARG F 289 -13.52 -70.77 0.79
N THR F 290 -14.79 -70.80 1.14
CA THR F 290 -15.66 -69.68 1.39
C THR F 290 -15.07 -68.56 2.22
N ALA F 291 -15.64 -67.37 2.08
CA ALA F 291 -15.14 -66.28 2.89
C ALA F 291 -15.40 -66.50 4.35
N PRO F 292 -16.61 -66.77 4.81
CA PRO F 292 -16.82 -67.07 6.23
C PRO F 292 -15.84 -68.16 6.69
N MET F 293 -15.69 -69.33 6.06
CA MET F 293 -14.67 -70.18 6.62
C MET F 293 -13.33 -69.52 6.80
N VAL F 294 -12.89 -68.71 5.87
CA VAL F 294 -11.55 -68.20 6.04
C VAL F 294 -11.50 -67.22 7.19
N LYS F 295 -12.57 -66.46 7.40
CA LYS F 295 -12.59 -65.55 8.55
C LYS F 295 -12.28 -66.36 9.78
N MET F 296 -13.00 -67.43 9.99
CA MET F 296 -12.64 -68.29 11.09
C MET F 296 -11.21 -68.81 11.05
N MET F 297 -10.82 -69.53 10.04
CA MET F 297 -9.46 -69.94 10.12
C MET F 297 -8.52 -68.81 10.55
N LEU F 298 -8.62 -67.59 10.01
CA LEU F 298 -7.59 -66.65 10.39
C LEU F 298 -7.85 -65.66 11.52
N VAL F 299 -9.11 -65.54 11.91
CA VAL F 299 -9.46 -64.62 12.95
C VAL F 299 -10.69 -65.27 13.58
N PRO F 300 -10.45 -66.37 14.31
CA PRO F 300 -11.51 -67.22 14.89
C PRO F 300 -12.01 -66.54 16.13
N GLN F 301 -13.11 -67.01 16.66
CA GLN F 301 -13.56 -66.36 17.84
C GLN F 301 -12.88 -67.06 19.00
N ALA F 302 -12.90 -66.45 20.19
CA ALA F 302 -12.29 -67.15 21.31
C ALA F 302 -13.22 -68.25 21.73
N LEU F 303 -12.57 -69.37 22.00
CA LEU F 303 -13.23 -70.59 22.37
C LEU F 303 -13.45 -70.58 23.84
N THR F 304 -14.03 -69.55 24.43
CA THR F 304 -14.25 -69.68 25.87
C THR F 304 -15.11 -70.94 25.86
N SER F 305 -14.71 -71.89 26.74
CA SER F 305 -15.25 -73.19 27.02
C SER F 305 -16.49 -73.08 27.86
N SER F 306 -16.89 -71.83 28.24
CA SER F 306 -18.08 -71.58 29.03
C SER F 306 -19.21 -72.11 28.19
N GLN F 307 -20.31 -72.58 28.83
CA GLN F 307 -21.30 -73.21 28.01
C GLN F 307 -22.24 -72.25 27.28
N THR F 308 -21.74 -71.07 26.81
CA THR F 308 -22.51 -70.24 25.90
C THR F 308 -22.43 -70.63 24.43
N THR F 309 -21.42 -71.42 24.11
CA THR F 309 -21.11 -71.87 22.78
C THR F 309 -21.64 -73.24 22.53
N PRO F 310 -22.45 -73.41 21.49
CA PRO F 310 -22.98 -74.72 21.13
C PRO F 310 -21.82 -75.63 20.85
N ASP F 311 -22.03 -76.94 20.77
CA ASP F 311 -20.89 -77.80 20.55
C ASP F 311 -20.34 -77.92 19.14
N ASN F 312 -21.21 -77.77 18.14
CA ASN F 312 -20.80 -77.73 16.73
C ASN F 312 -19.73 -76.67 16.59
N HIS F 313 -20.12 -75.43 16.89
CA HIS F 313 -19.15 -74.34 16.82
C HIS F 313 -17.80 -74.66 17.48
N LYS F 314 -17.85 -75.28 18.67
CA LYS F 314 -16.63 -75.57 19.41
C LYS F 314 -15.66 -76.45 18.67
N ALA F 315 -16.23 -77.45 17.99
CA ALA F 315 -15.47 -78.40 17.18
C ALA F 315 -14.74 -77.63 16.12
N LEU F 316 -15.53 -76.86 15.38
CA LEU F 316 -15.00 -76.09 14.29
C LEU F 316 -13.94 -75.16 14.81
N ILE F 317 -14.25 -74.45 15.87
CA ILE F 317 -13.25 -73.51 16.33
C ILE F 317 -11.94 -74.22 16.60
N GLN F 318 -12.05 -75.34 17.29
CA GLN F 318 -10.92 -76.22 17.63
C GLN F 318 -10.17 -76.70 16.40
N TYR F 319 -10.89 -77.04 15.34
CA TYR F 319 -10.28 -77.41 14.08
C TYR F 319 -9.39 -76.29 13.58
N CYS F 320 -10.00 -75.14 13.40
CA CYS F 320 -9.24 -74.04 12.87
C CYS F 320 -7.96 -73.85 13.62
N ASN F 321 -8.13 -73.63 14.92
CA ASN F 321 -7.03 -73.27 15.81
C ASN F 321 -5.92 -74.25 15.65
N SER F 322 -6.31 -75.44 15.22
CA SER F 322 -5.33 -76.49 15.01
C SER F 322 -4.49 -76.29 13.75
N VAL F 323 -5.13 -75.96 12.61
CA VAL F 323 -4.48 -75.70 11.34
C VAL F 323 -3.68 -74.39 11.25
N MET F 324 -4.32 -73.28 11.62
CA MET F 324 -3.78 -71.94 11.43
C MET F 324 -3.75 -71.09 12.71
N GLU F 325 -2.69 -70.33 12.93
CA GLU F 325 -2.55 -69.58 14.17
C GLU F 325 -2.94 -68.16 13.94
N PRO F 326 -3.87 -67.68 14.74
CA PRO F 326 -4.51 -66.38 14.56
C PRO F 326 -3.77 -65.17 14.12
N TRP F 327 -4.58 -64.28 13.59
CA TRP F 327 -4.10 -63.02 13.12
C TRP F 327 -4.71 -62.08 14.11
N ASP F 328 -4.04 -61.70 15.21
CA ASP F 328 -4.72 -60.89 16.24
C ASP F 328 -4.52 -59.41 16.25
N GLY F 329 -5.48 -58.71 16.82
CA GLY F 329 -5.37 -57.27 16.88
C GLY F 329 -6.76 -56.77 16.73
N PRO F 330 -6.94 -55.51 17.02
CA PRO F 330 -8.27 -54.94 16.87
C PRO F 330 -8.51 -55.03 15.38
N ALA F 331 -9.73 -55.44 15.09
CA ALA F 331 -10.06 -55.61 13.72
C ALA F 331 -11.52 -55.72 13.38
N ALA F 332 -12.00 -54.66 12.75
CA ALA F 332 -13.32 -54.68 12.13
C ALA F 332 -13.00 -54.93 10.64
N LEU F 333 -13.59 -55.96 10.04
CA LEU F 333 -13.27 -56.38 8.69
C LEU F 333 -14.47 -56.50 7.79
N ALA F 334 -14.29 -56.11 6.53
CA ALA F 334 -15.27 -56.29 5.46
C ALA F 334 -14.58 -57.15 4.40
N MET F 335 -15.28 -58.18 3.96
CA MET F 335 -14.72 -59.22 3.13
C MET F 335 -15.68 -59.77 2.10
N THR F 336 -15.06 -60.35 1.07
CA THR F 336 -15.84 -61.08 0.11
C THR F 336 -14.97 -61.96 -0.76
N ASP F 337 -15.28 -63.23 -0.91
CA ASP F 337 -14.66 -64.13 -1.89
C ASP F 337 -15.70 -63.73 -2.87
N GLY F 338 -15.96 -64.39 -3.97
CA GLY F 338 -16.87 -63.58 -4.77
C GLY F 338 -18.35 -63.62 -4.55
N ARG F 339 -18.78 -64.48 -3.65
CA ARG F 339 -20.18 -64.77 -3.53
C ARG F 339 -20.82 -64.34 -2.24
N TRP F 340 -19.99 -64.43 -1.21
CA TRP F 340 -20.42 -64.10 0.11
C TRP F 340 -19.81 -62.75 0.32
N VAL F 341 -20.53 -61.94 1.10
CA VAL F 341 -20.06 -60.64 1.57
C VAL F 341 -20.11 -60.73 3.07
N VAL F 342 -19.00 -60.46 3.72
CA VAL F 342 -19.02 -60.63 5.17
C VAL F 342 -18.52 -59.48 6.02
N GLY F 343 -19.18 -59.28 7.16
CA GLY F 343 -18.74 -58.34 8.17
C GLY F 343 -18.27 -59.14 9.39
N GLY F 344 -17.03 -58.93 9.86
CA GLY F 344 -16.43 -59.68 10.96
C GLY F 344 -15.69 -58.93 12.05
N MET F 345 -15.55 -59.52 13.24
CA MET F 345 -14.89 -58.80 14.30
C MET F 345 -13.75 -59.59 14.87
N ASP F 346 -12.72 -58.96 15.39
CA ASP F 346 -11.66 -59.73 16.00
C ASP F 346 -12.14 -60.42 17.29
N ARG F 347 -11.26 -61.15 17.99
CA ARG F 347 -11.75 -61.90 19.11
C ARG F 347 -12.13 -61.19 20.37
N ASN F 348 -11.74 -59.92 20.46
CA ASN F 348 -12.00 -59.08 21.63
C ASN F 348 -12.92 -57.90 21.37
N GLY F 349 -13.67 -57.91 20.27
CA GLY F 349 -14.54 -56.79 19.98
C GLY F 349 -13.83 -55.49 20.10
N LEU F 350 -12.66 -55.35 19.50
CA LEU F 350 -11.94 -54.15 19.75
C LEU F 350 -12.15 -52.96 18.93
N ARG F 351 -12.97 -53.03 17.86
CA ARG F 351 -13.33 -51.87 17.01
C ARG F 351 -14.79 -51.94 16.73
N PRO F 352 -15.41 -50.81 16.50
CA PRO F 352 -16.85 -50.73 16.34
C PRO F 352 -17.38 -51.18 14.99
N MET F 353 -18.59 -51.71 15.00
CA MET F 353 -19.16 -52.09 13.75
C MET F 353 -20.63 -52.25 13.88
N ARG F 354 -21.36 -51.26 13.43
CA ARG F 354 -22.78 -51.23 13.46
C ARG F 354 -23.42 -51.56 12.15
N TYR F 355 -24.67 -51.99 12.15
CA TYR F 355 -25.32 -52.25 10.90
C TYR F 355 -26.82 -52.09 10.87
N THR F 356 -27.40 -51.78 9.71
CA THR F 356 -28.83 -51.59 9.56
C THR F 356 -29.43 -52.50 8.47
N ILE F 357 -30.61 -53.05 8.66
CA ILE F 357 -31.23 -53.82 7.63
C ILE F 357 -32.49 -53.10 7.26
N THR F 358 -32.70 -52.93 5.96
CA THR F 358 -33.79 -52.08 5.42
C THR F 358 -34.93 -52.79 4.79
N THR F 359 -36.01 -52.07 4.54
CA THR F 359 -37.15 -52.75 3.94
C THR F 359 -36.87 -53.02 2.47
N ASP F 360 -36.13 -52.13 1.82
CA ASP F 360 -35.71 -52.32 0.45
C ASP F 360 -34.71 -53.46 0.34
N GLY F 361 -34.39 -54.10 1.43
CA GLY F 361 -33.63 -55.32 1.33
C GLY F 361 -32.16 -55.22 1.19
N LEU F 362 -31.60 -54.20 1.83
CA LEU F 362 -30.19 -53.95 1.84
C LEU F 362 -29.66 -54.14 3.25
N ILE F 363 -28.34 -54.30 3.40
CA ILE F 363 -27.66 -54.32 4.69
C ILE F 363 -26.47 -53.37 4.60
N ILE F 364 -26.44 -52.33 5.41
CA ILE F 364 -25.37 -51.35 5.32
C ILE F 364 -24.57 -51.48 6.59
N GLY F 365 -23.33 -51.93 6.49
CA GLY F 365 -22.52 -52.21 7.65
C GLY F 365 -21.53 -51.10 7.80
N GLY F 366 -21.14 -50.80 9.02
CA GLY F 366 -20.29 -49.63 9.12
C GLY F 366 -19.57 -49.56 10.41
N SER F 367 -18.83 -48.49 10.58
CA SER F 367 -17.97 -48.28 11.70
C SER F 367 -18.64 -47.36 12.67
N GLU F 368 -19.21 -46.25 12.21
CA GLU F 368 -20.08 -45.45 13.02
C GLU F 368 -21.41 -45.72 12.44
N THR F 369 -22.50 -45.15 12.93
CA THR F 369 -23.81 -45.55 12.46
C THR F 369 -24.55 -44.48 11.71
N GLY F 370 -24.28 -43.23 11.84
CA GLY F 370 -25.22 -42.55 10.94
C GLY F 370 -24.63 -42.17 9.61
N MET F 371 -24.04 -43.15 8.91
CA MET F 371 -23.19 -42.88 7.78
C MET F 371 -23.88 -42.76 6.45
N VAL F 372 -25.10 -43.25 6.37
CA VAL F 372 -25.81 -43.24 5.11
C VAL F 372 -27.24 -43.04 5.47
N LYS F 373 -27.91 -42.02 4.97
CA LYS F 373 -29.30 -41.79 5.37
C LYS F 373 -30.25 -42.93 5.07
N ILE F 374 -31.12 -43.25 6.02
CA ILE F 374 -32.17 -44.27 5.92
C ILE F 374 -33.35 -43.75 6.71
N ASP F 375 -34.57 -43.87 6.22
CA ASP F 375 -35.73 -43.35 6.89
C ASP F 375 -36.01 -44.38 7.92
N GLU F 376 -36.31 -43.93 9.13
CA GLU F 376 -36.46 -44.85 10.21
C GLU F 376 -37.58 -45.73 9.82
N THR F 377 -38.61 -45.13 9.28
CA THR F 377 -39.71 -45.84 8.75
C THR F 377 -39.32 -47.14 8.02
N GLN F 378 -38.14 -47.16 7.41
CA GLN F 378 -37.74 -48.27 6.57
C GLN F 378 -36.67 -49.14 7.16
N VAL F 379 -36.46 -49.01 8.45
CA VAL F 379 -35.50 -49.85 9.13
C VAL F 379 -36.13 -51.11 9.69
N ILE F 380 -35.62 -52.28 9.36
CA ILE F 380 -36.17 -53.41 10.02
C ILE F 380 -35.32 -53.89 11.20
N GLU F 381 -34.09 -53.44 11.29
CA GLU F 381 -33.23 -53.92 12.33
C GLU F 381 -31.95 -53.10 12.44
N LYS F 382 -31.57 -52.70 13.64
CA LYS F 382 -30.28 -52.05 13.79
C LYS F 382 -29.51 -52.92 14.77
N GLY F 383 -28.36 -53.45 14.35
CA GLY F 383 -27.52 -54.31 15.14
C GLY F 383 -26.11 -53.79 15.18
N ARG F 384 -25.19 -54.68 15.55
CA ARG F 384 -23.76 -54.43 15.66
C ARG F 384 -23.10 -55.82 15.70
N LEU F 385 -21.78 -55.95 15.56
CA LEU F 385 -21.07 -57.22 15.71
C LEU F 385 -20.29 -57.14 17.00
N GLY F 386 -20.34 -58.15 17.87
CA GLY F 386 -19.57 -58.11 19.11
C GLY F 386 -18.36 -58.99 18.88
N PRO F 387 -17.57 -59.31 19.90
CA PRO F 387 -16.31 -60.01 19.66
C PRO F 387 -16.48 -61.28 18.93
N GLY F 388 -15.56 -61.58 18.05
CA GLY F 388 -15.67 -62.78 17.24
C GLY F 388 -16.88 -63.04 16.36
N GLU F 389 -17.93 -62.21 16.38
CA GLU F 389 -19.05 -62.59 15.52
C GLU F 389 -18.93 -62.12 14.08
N MET F 390 -19.77 -62.70 13.21
CA MET F 390 -19.84 -62.23 11.85
C MET F 390 -21.26 -61.98 11.38
N ILE F 391 -21.44 -61.42 10.19
CA ILE F 391 -22.79 -61.29 9.65
C ILE F 391 -22.46 -61.41 8.24
N ALA F 392 -23.30 -62.08 7.48
CA ALA F 392 -23.00 -62.32 6.06
C ALA F 392 -24.16 -62.46 5.09
N VAL F 393 -23.93 -62.11 3.83
CA VAL F 393 -24.94 -62.41 2.83
C VAL F 393 -24.36 -63.32 1.78
N ASP F 394 -25.13 -64.33 1.40
CA ASP F 394 -24.78 -65.19 0.27
C ASP F 394 -25.54 -64.64 -0.93
N LEU F 395 -24.78 -63.94 -1.77
CA LEU F 395 -25.30 -63.29 -2.93
C LEU F 395 -25.84 -64.24 -3.96
N GLN F 396 -25.40 -65.48 -3.95
CA GLN F 396 -25.99 -66.40 -4.89
C GLN F 396 -27.35 -66.85 -4.52
N SER F 397 -27.67 -67.06 -3.25
CA SER F 397 -29.03 -67.45 -2.92
C SER F 397 -29.75 -66.33 -2.26
N GLY F 398 -29.10 -65.20 -2.18
CA GLY F 398 -29.74 -64.06 -1.59
C GLY F 398 -30.37 -64.41 -0.27
N LYS F 399 -29.56 -64.87 0.68
CA LYS F 399 -30.01 -65.14 2.02
C LYS F 399 -29.02 -64.47 2.98
N LEU F 400 -29.56 -63.84 4.02
CA LEU F 400 -28.76 -63.16 5.01
C LEU F 400 -28.52 -64.10 6.17
N TYR F 401 -27.30 -64.18 6.66
CA TYR F 401 -27.03 -65.04 7.80
C TYR F 401 -26.53 -64.23 8.97
N ARG F 402 -27.23 -64.28 10.09
CA ARG F 402 -26.75 -63.61 11.28
C ARG F 402 -25.69 -64.47 11.94
N ASP F 403 -24.97 -63.93 12.88
CA ASP F 403 -23.92 -64.77 13.41
C ASP F 403 -24.25 -66.23 13.73
N ARG F 404 -25.19 -66.45 14.62
CA ARG F 404 -25.45 -67.82 15.04
C ARG F 404 -25.69 -68.70 13.83
N GLU F 405 -26.74 -68.37 13.09
CA GLU F 405 -27.14 -69.01 11.85
C GLU F 405 -26.01 -69.26 10.90
N LEU F 406 -25.10 -68.33 10.72
CA LEU F 406 -23.99 -68.59 9.86
C LEU F 406 -23.06 -69.60 10.45
N LYS F 407 -22.81 -69.53 11.75
CA LYS F 407 -21.85 -70.44 12.41
C LYS F 407 -22.46 -71.80 12.45
N ASP F 408 -23.78 -71.86 12.51
CA ASP F 408 -24.42 -73.14 12.42
C ASP F 408 -24.06 -73.74 11.06
N HIS F 409 -24.16 -72.92 10.02
CA HIS F 409 -23.87 -73.34 8.67
C HIS F 409 -22.47 -73.91 8.52
N LEU F 410 -21.47 -73.23 9.03
CA LEU F 410 -20.16 -73.79 8.81
C LEU F 410 -19.95 -75.05 9.59
N ALA F 411 -20.56 -75.12 10.77
CA ALA F 411 -20.47 -76.29 11.65
C ALA F 411 -20.95 -77.54 10.91
N THR F 412 -21.93 -77.32 10.06
CA THR F 412 -22.57 -78.31 9.25
C THR F 412 -21.73 -78.94 8.18
N LEU F 413 -20.66 -78.26 7.77
CA LEU F 413 -19.90 -78.71 6.62
C LEU F 413 -19.19 -80.02 6.72
N LYS F 414 -18.52 -80.24 7.85
CA LYS F 414 -17.76 -81.46 8.04
C LYS F 414 -18.07 -82.02 9.44
N PRO F 415 -17.57 -83.21 9.73
CA PRO F 415 -17.78 -83.83 11.04
C PRO F 415 -16.67 -83.29 11.94
N TRP F 416 -16.75 -82.00 12.20
CA TRP F 416 -15.74 -81.31 12.95
C TRP F 416 -15.25 -82.08 14.17
N ASP F 417 -16.17 -82.51 15.03
CA ASP F 417 -15.77 -83.25 16.22
C ASP F 417 -15.14 -84.58 15.84
N LYS F 418 -15.95 -85.49 15.32
CA LYS F 418 -15.36 -86.74 14.96
C LYS F 418 -13.89 -86.50 14.67
N TRP F 419 -13.59 -85.29 14.18
CA TRP F 419 -12.27 -84.97 13.61
C TRP F 419 -11.33 -84.33 14.55
N VAL F 420 -11.98 -83.66 15.48
CA VAL F 420 -11.36 -82.96 16.59
C VAL F 420 -10.98 -84.05 17.58
N GLN F 421 -11.88 -85.01 17.79
CA GLN F 421 -11.62 -86.18 18.63
C GLN F 421 -10.41 -87.01 18.19
N ASN F 422 -9.65 -86.57 17.22
CA ASN F 422 -8.48 -87.32 16.76
C ASN F 422 -7.23 -86.78 17.37
N THR F 423 -7.34 -85.91 18.36
CA THR F 423 -6.15 -85.30 18.92
C THR F 423 -5.75 -85.89 20.23
N THR F 424 -4.46 -86.06 20.39
CA THR F 424 -3.98 -86.63 21.63
C THR F 424 -3.68 -85.51 22.59
N HIS F 425 -4.52 -85.34 23.60
CA HIS F 425 -4.24 -84.32 24.61
C HIS F 425 -3.29 -84.92 25.63
N LEU F 426 -1.99 -84.73 25.51
CA LEU F 426 -1.11 -85.40 26.44
C LEU F 426 -0.96 -84.65 27.74
N ASP F 427 -2.12 -84.33 28.30
CA ASP F 427 -2.22 -83.48 29.46
C ASP F 427 -2.34 -84.32 30.68
N GLU F 428 -3.42 -85.08 30.73
CA GLU F 428 -3.63 -86.00 31.80
C GLU F 428 -2.44 -86.91 31.86
N LEU F 429 -2.09 -87.51 30.73
CA LEU F 429 -0.92 -88.35 30.83
C LEU F 429 0.22 -87.61 31.51
N VAL F 430 0.34 -86.32 31.33
CA VAL F 430 1.50 -85.62 31.91
C VAL F 430 1.36 -85.23 33.36
N LYS F 431 0.14 -84.96 33.79
CA LYS F 431 -0.21 -84.51 35.14
C LYS F 431 0.05 -85.68 36.06
N THR F 432 -0.44 -86.81 35.58
CA THR F 432 -0.27 -88.11 36.21
C THR F 432 1.15 -88.22 36.77
N ALA F 433 2.16 -88.23 35.92
CA ALA F 433 3.53 -88.28 36.41
C ALA F 433 3.96 -87.16 37.36
N SER F 434 3.29 -86.03 37.38
CA SER F 434 3.73 -84.99 38.30
C SER F 434 3.29 -85.39 39.69
N LEU F 435 2.02 -85.77 39.80
CA LEU F 435 1.42 -86.24 41.04
C LEU F 435 2.18 -87.47 41.48
N LYS F 436 2.81 -88.14 40.52
CA LYS F 436 3.57 -89.33 40.86
C LYS F 436 4.93 -88.92 41.36
N GLY F 437 5.19 -87.61 41.38
CA GLY F 437 6.41 -87.19 42.01
C GLY F 437 7.34 -86.31 41.28
N GLU F 438 7.12 -85.03 41.35
CA GLU F 438 8.11 -84.20 40.71
C GLU F 438 9.43 -84.63 41.31
N PRO F 439 10.32 -85.15 40.52
CA PRO F 439 11.60 -85.63 41.01
C PRO F 439 12.73 -84.62 41.08
N SER F 440 13.60 -84.85 42.05
CA SER F 440 14.84 -84.10 42.18
C SER F 440 16.01 -85.06 42.16
N ASP F 441 17.15 -84.61 41.63
CA ASP F 441 18.35 -85.44 41.47
C ASP F 441 19.63 -84.66 41.68
N MET F 442 19.59 -83.52 42.31
CA MET F 442 20.86 -82.88 42.45
C MET F 442 21.17 -82.71 43.92
N ASP F 443 22.44 -82.75 44.28
CA ASP F 443 22.68 -82.61 45.68
C ASP F 443 23.08 -81.16 45.82
N LYS F 444 22.48 -80.51 46.81
CA LYS F 444 22.77 -79.13 47.07
C LYS F 444 24.19 -78.75 46.71
N ALA F 445 25.17 -79.65 46.80
CA ALA F 445 26.51 -79.21 46.40
C ALA F 445 26.59 -78.85 44.93
N GLU F 446 25.82 -79.58 44.13
CA GLU F 446 25.70 -79.30 42.71
C GLU F 446 24.83 -78.12 42.39
N LEU F 447 23.55 -78.24 42.75
CA LEU F 447 22.68 -77.10 42.62
C LEU F 447 23.51 -75.83 42.72
N ARG F 448 24.11 -75.58 43.86
CA ARG F 448 24.84 -74.32 43.96
C ARG F 448 25.88 -74.11 42.86
N ARG F 449 26.53 -75.12 42.38
CA ARG F 449 27.55 -74.67 41.44
C ARG F 449 27.00 -74.36 40.05
N ARG F 450 25.99 -75.12 39.67
CA ARG F 450 25.37 -74.82 38.43
C ARG F 450 24.90 -73.38 38.62
N GLN F 451 23.79 -73.21 39.35
CA GLN F 451 23.38 -71.86 39.70
C GLN F 451 24.53 -70.88 39.59
N GLN F 452 25.68 -71.19 40.16
CA GLN F 452 26.74 -70.21 40.11
C GLN F 452 27.19 -69.89 38.68
N ALA F 453 27.10 -70.91 37.81
CA ALA F 453 27.55 -70.82 36.43
C ALA F 453 26.80 -69.66 35.73
N PHE F 454 25.49 -69.67 35.96
CA PHE F 454 24.64 -68.65 35.44
C PHE F 454 24.47 -67.51 36.44
N GLY F 455 25.50 -67.19 37.24
CA GLY F 455 25.39 -66.12 38.25
C GLY F 455 24.13 -65.94 39.10
N LEU F 456 23.34 -66.97 39.31
CA LEU F 456 22.21 -66.83 40.19
C LEU F 456 22.58 -66.31 41.60
N THR F 457 21.60 -65.83 42.36
CA THR F 457 21.87 -65.34 43.69
C THR F 457 20.80 -65.55 44.73
N MET F 458 21.01 -64.92 45.88
CA MET F 458 20.07 -65.19 46.89
C MET F 458 18.80 -64.42 46.68
N GLU F 459 18.99 -63.15 46.27
CA GLU F 459 17.93 -62.21 45.91
C GLU F 459 17.10 -63.04 45.00
N ASP F 460 17.82 -63.77 44.14
CA ASP F 460 17.15 -64.58 43.13
C ASP F 460 16.26 -65.66 43.71
N MET F 461 16.65 -66.18 44.87
CA MET F 461 15.92 -67.31 45.40
C MET F 461 14.90 -66.89 46.44
N GLU F 462 15.27 -65.80 47.06
CA GLU F 462 14.53 -65.24 48.15
C GLU F 462 13.44 -64.31 47.60
N LEU F 463 13.87 -63.28 46.88
CA LEU F 463 12.99 -62.23 46.35
C LEU F 463 11.95 -62.64 45.37
N ILE F 464 12.43 -63.53 44.50
CA ILE F 464 11.79 -63.89 43.25
C ILE F 464 11.33 -65.29 43.11
N LEU F 465 12.20 -66.27 43.35
CA LEU F 465 11.77 -67.61 43.15
C LEU F 465 10.68 -67.98 44.17
N HIS F 466 11.00 -67.79 45.43
CA HIS F 466 10.10 -68.04 46.51
C HIS F 466 8.58 -67.69 46.36
N PRO F 467 8.30 -66.42 46.12
CA PRO F 467 6.91 -65.99 46.04
C PRO F 467 6.24 -66.73 44.93
N MET F 468 7.02 -67.06 43.88
CA MET F 468 6.37 -67.79 42.81
C MET F 468 5.83 -69.10 43.38
N VAL F 469 6.68 -69.81 44.11
CA VAL F 469 6.25 -71.11 44.69
C VAL F 469 5.20 -70.98 45.79
N GLU F 470 5.42 -70.02 46.68
CA GLU F 470 4.53 -69.90 47.78
C GLU F 470 3.17 -69.48 47.34
N ASP F 471 3.09 -68.26 46.78
CA ASP F 471 1.85 -67.57 46.39
C ASP F 471 1.29 -67.91 45.03
N GLY F 472 2.12 -68.45 44.16
CA GLY F 472 1.67 -68.72 42.79
C GLY F 472 1.41 -67.40 42.09
N LYS F 473 2.45 -66.58 42.04
CA LYS F 473 2.32 -65.18 41.64
C LYS F 473 3.67 -64.53 41.53
N GLU F 474 3.76 -63.28 41.10
CA GLU F 474 5.08 -62.73 40.87
C GLU F 474 5.59 -61.54 41.62
N ALA F 475 6.80 -61.70 42.11
CA ALA F 475 7.40 -60.61 42.83
C ALA F 475 7.03 -59.19 42.42
N ILE F 476 6.19 -58.52 43.19
CA ILE F 476 5.89 -57.11 42.94
C ILE F 476 6.89 -56.35 43.77
N GLY F 477 7.32 -55.17 43.34
CA GLY F 477 8.34 -54.44 44.05
C GLY F 477 8.13 -52.96 43.90
N SER F 478 9.20 -52.17 43.96
CA SER F 478 9.05 -50.74 43.78
C SER F 478 10.23 -49.83 43.55
N MET F 479 9.98 -48.57 43.22
CA MET F 479 11.01 -47.67 42.70
C MET F 479 11.63 -48.12 41.36
N GLY F 480 12.37 -47.21 40.75
CA GLY F 480 12.84 -47.45 39.40
C GLY F 480 13.79 -48.62 39.23
N ASP F 481 14.37 -48.80 38.08
CA ASP F 481 15.39 -49.80 37.95
C ASP F 481 16.58 -48.90 37.77
N ASP F 482 17.48 -48.80 38.71
CA ASP F 482 18.59 -47.92 38.45
C ASP F 482 19.90 -48.65 38.37
N SER F 483 19.85 -49.92 37.95
CA SER F 483 21.08 -50.66 37.72
C SER F 483 21.55 -50.19 36.38
N PRO F 484 22.75 -50.53 35.95
CA PRO F 484 23.24 -50.07 34.66
C PRO F 484 22.48 -50.84 33.61
N ILE F 485 22.71 -50.58 32.33
CA ILE F 485 22.04 -51.40 31.35
C ILE F 485 22.99 -52.58 31.11
N ALA F 486 22.39 -53.75 31.05
CA ALA F 486 23.23 -54.92 30.91
C ALA F 486 24.50 -54.73 30.08
N VAL F 487 24.48 -54.23 28.84
CA VAL F 487 25.84 -54.17 28.26
C VAL F 487 26.82 -53.40 29.12
N LEU F 488 26.37 -52.36 29.80
CA LEU F 488 27.33 -51.58 30.52
C LEU F 488 27.64 -52.22 31.88
N SER F 489 27.01 -53.35 32.15
CA SER F 489 27.22 -53.98 33.43
C SER F 489 28.50 -54.68 33.54
N ASP F 490 28.96 -54.58 34.77
CA ASP F 490 30.14 -55.16 35.38
C ASP F 490 30.00 -56.63 35.66
N LYS F 491 28.80 -57.04 35.99
CA LYS F 491 28.51 -58.37 36.45
C LYS F 491 27.86 -59.23 35.39
N TYR F 492 27.95 -60.54 35.50
CA TYR F 492 27.36 -61.37 34.46
C TYR F 492 25.87 -61.22 34.51
N ARG F 493 25.29 -61.03 33.32
CA ARG F 493 23.88 -60.78 33.17
C ARG F 493 23.52 -61.70 32.02
N GLY F 494 22.41 -62.43 32.12
CA GLY F 494 21.99 -63.35 31.08
C GLY F 494 21.35 -62.77 29.82
N LEU F 495 21.52 -63.46 28.70
CA LEU F 495 20.95 -63.01 27.44
C LEU F 495 19.63 -62.29 27.66
N HIS F 496 18.66 -62.99 28.25
CA HIS F 496 17.38 -62.35 28.42
C HIS F 496 17.40 -60.93 28.95
N HIS F 497 18.49 -60.48 29.55
CA HIS F 497 18.48 -59.13 30.04
C HIS F 497 18.56 -58.14 28.95
N PHE F 498 19.19 -58.52 27.85
CA PHE F 498 19.33 -57.64 26.70
C PHE F 498 18.06 -57.64 25.83
N PHE F 499 17.26 -58.69 25.92
CA PHE F 499 16.02 -58.69 25.18
C PHE F 499 14.92 -57.98 25.96
N ARG F 500 14.59 -56.75 25.60
CA ARG F 500 13.48 -56.02 26.26
C ARG F 500 12.08 -56.40 25.76
N GLN F 501 11.01 -56.40 26.52
CA GLN F 501 9.72 -56.90 26.03
C GLN F 501 9.04 -55.74 25.40
N ASN F 502 8.30 -56.04 24.37
CA ASN F 502 7.63 -55.01 23.62
C ASN F 502 6.32 -54.79 24.25
N PHE F 503 5.70 -53.64 24.07
CA PHE F 503 4.34 -53.42 24.52
C PHE F 503 3.71 -52.47 23.47
N SER F 504 2.40 -52.35 23.43
CA SER F 504 1.88 -51.53 22.40
C SER F 504 1.33 -50.28 23.02
N GLN F 505 1.47 -49.15 22.32
CA GLN F 505 1.09 -47.86 22.82
C GLN F 505 -0.08 -47.22 22.17
N VAL F 506 0.04 -46.66 20.99
CA VAL F 506 -1.22 -45.99 20.68
C VAL F 506 -2.01 -46.71 19.65
N THR F 507 -1.27 -47.43 18.84
CA THR F 507 -1.71 -48.19 17.73
C THR F 507 -2.68 -49.22 18.16
N ASN F 508 -2.33 -49.95 19.21
CA ASN F 508 -3.26 -50.90 19.76
C ASN F 508 -3.32 -50.94 21.26
N PRO F 509 -4.38 -51.47 21.81
CA PRO F 509 -4.50 -51.56 23.25
C PRO F 509 -4.07 -52.89 23.77
N PRO F 510 -3.48 -52.90 24.94
CA PRO F 510 -3.10 -54.11 25.68
C PRO F 510 -4.31 -54.73 26.27
N ILE F 511 -4.26 -55.94 26.80
CA ILE F 511 -5.46 -56.60 27.29
C ILE F 511 -5.43 -56.78 28.78
N ASP F 512 -6.55 -57.12 29.40
CA ASP F 512 -6.50 -57.42 30.81
C ASP F 512 -6.36 -58.88 30.94
N SER F 513 -5.17 -59.36 31.23
CA SER F 513 -5.13 -60.80 31.43
C SER F 513 -5.83 -61.28 32.67
N LEU F 514 -6.25 -60.41 33.59
CA LEU F 514 -6.96 -60.97 34.73
C LEU F 514 -8.43 -60.96 34.44
N ARG F 515 -8.97 -59.78 34.23
CA ARG F 515 -10.39 -59.74 34.02
C ARG F 515 -10.85 -60.43 32.74
N GLU F 516 -9.93 -60.52 31.78
CA GLU F 516 -10.31 -61.09 30.51
C GLU F 516 -9.55 -62.37 30.16
N ARG F 517 -9.22 -63.14 31.18
CA ARG F 517 -8.38 -64.29 30.92
C ARG F 517 -9.03 -65.25 29.96
N ARG F 518 -10.31 -65.54 30.14
CA ARG F 518 -10.96 -66.47 29.22
C ARG F 518 -10.71 -66.22 27.72
N VAL F 519 -10.39 -65.04 27.25
CA VAL F 519 -10.11 -64.98 25.82
C VAL F 519 -8.71 -65.37 25.45
N MET F 520 -7.77 -65.20 26.36
CA MET F 520 -6.37 -65.54 26.09
C MET F 520 -6.19 -67.07 26.04
N SER F 521 -4.96 -67.50 25.88
CA SER F 521 -4.69 -68.94 25.80
C SER F 521 -3.25 -69.34 25.62
N LEU F 522 -2.89 -70.57 25.94
CA LEU F 522 -1.49 -70.97 26.00
C LEU F 522 -1.30 -72.36 25.42
N LYS F 523 -2.37 -72.83 24.79
CA LYS F 523 -2.39 -74.14 24.16
C LYS F 523 -1.19 -74.31 23.25
N THR F 524 -0.57 -75.46 23.37
CA THR F 524 0.56 -75.73 22.54
C THR F 524 0.34 -77.02 21.79
N ARG F 525 0.68 -77.09 20.50
CA ARG F 525 0.46 -78.31 19.69
C ARG F 525 1.76 -78.78 19.08
N LEU F 526 2.02 -80.09 19.02
CA LEU F 526 3.26 -80.51 18.36
C LEU F 526 2.93 -81.31 17.10
N GLY F 527 3.50 -80.84 15.98
CA GLY F 527 3.29 -81.43 14.65
C GLY F 527 1.90 -81.29 14.07
N ASN F 528 1.44 -80.04 14.05
CA ASN F 528 0.15 -79.73 13.46
C ASN F 528 0.39 -78.77 12.26
N LEU F 529 1.62 -78.82 11.77
CA LEU F 529 2.07 -78.03 10.67
C LEU F 529 2.00 -78.67 9.28
N GLY F 530 0.82 -78.81 8.68
CA GLY F 530 0.75 -79.39 7.35
C GLY F 530 0.24 -78.51 6.21
N ASN F 531 -0.90 -78.91 5.66
CA ASN F 531 -1.40 -78.10 4.59
C ASN F 531 -2.47 -77.09 4.90
N ILE F 532 -2.09 -75.83 5.07
CA ILE F 532 -3.15 -74.86 5.34
C ILE F 532 -4.25 -74.94 4.30
N LEU F 533 -3.87 -75.44 3.11
CA LEU F 533 -4.68 -75.54 1.88
C LEU F 533 -5.61 -76.74 1.82
N ASP F 534 -5.32 -77.72 2.65
CA ASP F 534 -6.08 -78.93 2.87
C ASP F 534 -7.29 -78.77 3.81
N GLU F 535 -8.19 -79.73 3.81
CA GLU F 535 -9.33 -79.67 4.70
C GLU F 535 -9.76 -81.10 4.94
N ASP F 536 -8.85 -81.91 5.48
CA ASP F 536 -9.22 -83.25 5.87
C ASP F 536 -8.99 -83.41 7.41
N GLU F 537 -9.50 -84.51 7.93
CA GLU F 537 -9.40 -84.87 9.33
C GLU F 537 -8.00 -85.27 9.71
N THR F 538 -7.09 -85.37 8.78
CA THR F 538 -5.79 -85.75 9.23
C THR F 538 -5.12 -84.55 9.85
N GLN F 539 -5.83 -83.43 9.86
CA GLN F 539 -5.30 -82.15 10.37
C GLN F 539 -5.42 -82.02 11.90
N THR F 540 -6.05 -83.02 12.51
CA THR F 540 -6.26 -83.07 13.95
C THR F 540 -5.27 -83.96 14.68
N ARG F 541 -4.63 -84.88 13.98
CA ARG F 541 -3.65 -85.76 14.56
C ARG F 541 -2.38 -85.04 14.94
N LEU F 542 -2.38 -84.52 16.16
CA LEU F 542 -1.23 -83.84 16.71
C LEU F 542 -1.41 -83.99 18.20
N LEU F 543 -0.35 -83.68 18.95
CA LEU F 543 -0.40 -83.78 20.38
C LEU F 543 -0.60 -82.38 20.90
N GLN F 544 -1.27 -82.28 22.05
CA GLN F 544 -1.57 -80.99 22.65
C GLN F 544 -1.33 -80.85 24.12
N LEU F 545 -0.66 -79.76 24.49
CA LEU F 545 -0.47 -79.37 25.87
C LEU F 545 -1.40 -78.21 26.08
N GLU F 546 -1.47 -77.69 27.29
CA GLU F 546 -2.30 -76.55 27.62
C GLU F 546 -1.38 -75.44 28.03
N SER F 547 -0.09 -75.74 28.22
CA SER F 547 0.89 -74.69 28.42
C SER F 547 2.27 -75.02 27.82
N PRO F 548 3.01 -74.08 27.34
CA PRO F 548 4.30 -74.43 26.77
C PRO F 548 5.20 -74.93 27.86
N VAL F 549 4.72 -74.81 29.09
CA VAL F 549 5.54 -75.01 30.30
C VAL F 549 5.48 -76.39 30.93
N LEU F 550 6.64 -77.03 31.15
CA LEU F 550 6.62 -78.37 31.75
C LEU F 550 7.55 -78.61 32.92
N THR F 551 6.99 -79.19 33.98
CA THR F 551 7.78 -79.54 35.15
C THR F 551 8.47 -80.83 34.75
N THR F 552 9.72 -80.97 35.24
CA THR F 552 10.53 -82.13 34.90
C THR F 552 9.72 -83.40 34.84
N ALA F 553 8.78 -83.54 35.76
CA ALA F 553 7.99 -84.75 35.74
C ALA F 553 7.35 -84.83 34.39
N GLU F 554 6.36 -83.97 34.15
CA GLU F 554 5.60 -83.93 32.90
C GLU F 554 6.51 -83.92 31.69
N PHE F 555 7.60 -83.16 31.74
CA PHE F 555 8.43 -83.15 30.54
C PHE F 555 8.82 -84.53 30.14
N ARG F 556 9.32 -85.30 31.09
CA ARG F 556 9.74 -86.66 30.83
C ARG F 556 8.56 -87.42 30.35
N ALA F 557 7.45 -87.25 31.01
CA ALA F 557 6.31 -88.04 30.61
C ALA F 557 6.22 -88.01 29.10
N MET F 558 6.35 -86.80 28.55
CA MET F 558 6.17 -86.50 27.16
C MET F 558 7.30 -87.06 26.37
N ARG F 559 8.51 -86.62 26.71
CA ARG F 559 9.73 -87.04 26.03
C ARG F 559 9.77 -88.53 25.85
N ASP F 560 8.93 -89.19 26.62
CA ASP F 560 8.89 -90.62 26.56
C ASP F 560 7.91 -90.84 25.48
N TYR F 561 6.63 -90.76 25.76
CA TYR F 561 5.61 -90.84 24.71
C TYR F 561 6.05 -90.60 23.25
N MET F 562 6.97 -89.67 23.02
CA MET F 562 7.58 -89.45 21.72
C MET F 562 8.50 -90.64 21.52
N GLY F 563 9.76 -90.52 21.90
CA GLY F 563 10.61 -91.68 21.85
C GLY F 563 11.59 -91.72 20.72
N ASP F 564 11.34 -92.65 19.82
CA ASP F 564 12.17 -92.85 18.64
C ASP F 564 12.05 -91.59 17.81
N THR F 565 10.89 -90.95 17.98
CA THR F 565 10.55 -89.72 17.30
C THR F 565 11.36 -88.52 17.66
N ALA F 566 11.86 -88.47 18.88
CA ALA F 566 12.59 -87.31 19.33
C ALA F 566 14.05 -87.39 18.98
N ALA F 567 14.80 -86.31 19.17
CA ALA F 567 16.23 -86.28 18.86
C ALA F 567 16.81 -85.21 19.74
N GLU F 568 17.93 -85.46 20.42
CA GLU F 568 18.40 -84.56 21.46
C GLU F 568 19.66 -83.89 21.11
N ILE F 569 19.71 -82.58 21.15
CA ILE F 569 20.94 -82.00 20.73
C ILE F 569 21.67 -81.42 21.91
N ASP F 570 22.99 -81.46 21.85
CA ASP F 570 23.78 -80.98 22.96
C ASP F 570 24.04 -79.54 22.79
N ALA F 571 23.23 -78.70 23.43
CA ALA F 571 23.50 -77.28 23.36
C ALA F 571 24.68 -76.83 24.21
N THR F 572 25.79 -77.53 24.14
CA THR F 572 26.90 -77.09 24.96
C THR F 572 28.23 -76.90 24.26
N PHE F 573 29.17 -76.17 24.84
CA PHE F 573 30.50 -76.25 24.25
C PHE F 573 31.69 -76.38 25.17
N PRO F 574 32.79 -76.93 24.66
CA PRO F 574 34.04 -77.13 25.41
C PRO F 574 34.67 -75.81 25.74
N VAL F 575 35.53 -75.77 26.73
CA VAL F 575 36.08 -74.53 27.19
C VAL F 575 37.44 -74.42 26.61
N ASP F 576 38.04 -75.62 26.57
CA ASP F 576 39.34 -75.85 25.98
C ASP F 576 39.25 -75.44 24.50
N GLY F 577 38.03 -75.53 23.99
CA GLY F 577 37.64 -75.15 22.64
C GLY F 577 38.29 -74.04 21.84
N GLY F 578 38.83 -73.01 22.45
CA GLY F 578 39.48 -71.98 21.65
C GLY F 578 38.57 -70.79 21.41
N PRO F 579 39.08 -69.77 20.74
CA PRO F 579 38.33 -68.54 20.53
C PRO F 579 37.05 -68.69 19.73
N GLU F 580 36.90 -69.74 18.93
CA GLU F 580 35.69 -69.89 18.14
C GLU F 580 34.78 -70.93 18.74
N ALA F 581 35.12 -71.39 19.91
CA ALA F 581 34.31 -72.42 20.52
C ALA F 581 32.79 -72.30 20.33
N LEU F 582 32.28 -71.11 20.66
CA LEU F 582 30.84 -70.86 20.66
C LEU F 582 30.28 -70.94 19.24
N ARG F 583 30.89 -70.18 18.34
CA ARG F 583 30.51 -70.22 16.92
C ARG F 583 30.25 -71.64 16.40
N ASP F 584 31.30 -72.44 16.43
CA ASP F 584 31.22 -73.78 15.85
C ASP F 584 30.22 -74.64 16.53
N ALA F 585 29.89 -74.20 17.74
CA ALA F 585 28.97 -74.96 18.53
C ALA F 585 27.58 -74.72 17.98
N LEU F 586 27.36 -73.43 17.68
CA LEU F 586 26.12 -72.95 17.10
C LEU F 586 25.84 -73.58 15.72
N ARG F 587 26.92 -73.61 14.91
CA ARG F 587 26.90 -74.33 13.66
C ARG F 587 26.49 -75.76 13.92
N ARG F 588 27.30 -76.40 14.73
CA ARG F 588 27.05 -77.78 15.06
C ARG F 588 25.62 -78.09 15.43
N ILE F 589 25.02 -77.24 16.26
CA ILE F 589 23.68 -77.63 16.66
C ILE F 589 22.70 -77.46 15.54
N ARG F 590 22.90 -76.41 14.75
CA ARG F 590 22.06 -76.22 13.58
C ARG F 590 22.13 -77.42 12.65
N GLN F 591 23.37 -77.69 12.23
CA GLN F 591 23.59 -78.88 11.46
C GLN F 591 22.94 -80.14 12.03
N GLU F 592 23.25 -80.47 13.28
CA GLU F 592 22.74 -81.72 13.79
C GLU F 592 21.22 -81.78 13.72
N THR F 593 20.58 -80.62 13.79
CA THR F 593 19.13 -80.65 13.88
C THR F 593 18.56 -80.88 12.51
N GLU F 594 19.30 -80.38 11.52
CA GLU F 594 18.94 -80.58 10.11
C GLU F 594 18.89 -82.08 9.91
N ASP F 595 20.07 -82.67 10.09
CA ASP F 595 20.19 -84.09 9.94
C ASP F 595 19.10 -84.80 10.69
N ALA F 596 18.89 -84.44 11.92
CA ALA F 596 17.85 -85.16 12.59
C ALA F 596 16.57 -84.98 11.80
N VAL F 597 16.33 -83.79 11.30
CA VAL F 597 14.98 -83.64 10.79
C VAL F 597 14.72 -84.38 9.49
N ARG F 598 15.75 -84.29 8.66
CA ARG F 598 15.83 -84.96 7.39
C ARG F 598 15.67 -86.43 7.65
N GLY F 599 16.52 -86.95 8.52
CA GLY F 599 16.44 -88.34 8.95
C GLY F 599 15.04 -88.82 9.33
N GLY F 600 14.14 -87.92 9.74
CA GLY F 600 12.79 -88.37 10.05
C GLY F 600 12.32 -87.93 11.42
N ALA F 601 13.18 -87.20 12.13
CA ALA F 601 12.83 -86.79 13.49
C ALA F 601 11.64 -85.84 13.47
N THR F 602 10.78 -85.94 14.46
CA THR F 602 9.62 -85.12 14.54
C THR F 602 9.68 -84.06 15.67
N HIS F 603 10.64 -84.21 16.57
CA HIS F 603 10.77 -83.36 17.71
C HIS F 603 12.20 -83.16 18.05
N VAL F 604 12.54 -82.03 18.60
CA VAL F 604 13.91 -81.88 18.93
C VAL F 604 14.03 -81.44 20.36
N ILE F 605 14.91 -82.10 21.11
CA ILE F 605 15.07 -81.71 22.48
C ILE F 605 16.41 -81.06 22.51
N LEU F 606 16.39 -79.80 22.86
CA LEU F 606 17.60 -79.03 22.80
C LEU F 606 18.01 -78.87 24.24
N THR F 607 19.28 -79.11 24.58
CA THR F 607 19.74 -79.01 25.98
C THR F 607 21.12 -78.58 26.54
N ASP F 608 20.99 -78.29 27.83
CA ASP F 608 21.97 -77.77 28.76
C ASP F 608 22.71 -78.83 29.56
N GLU F 609 21.98 -79.90 29.90
CA GLU F 609 22.43 -80.99 30.74
C GLU F 609 23.91 -81.25 30.76
N ALA F 610 24.50 -81.67 29.67
CA ALA F 610 25.90 -81.94 29.86
C ALA F 610 26.77 -80.78 30.27
N MET F 611 26.26 -79.77 30.92
CA MET F 611 27.16 -78.72 31.40
C MET F 611 27.97 -79.34 32.53
N GLY F 612 29.24 -78.96 32.59
CA GLY F 612 30.12 -79.48 33.62
C GLY F 612 31.34 -78.57 33.66
N PRO F 613 32.39 -79.02 34.33
CA PRO F 613 33.61 -78.22 34.49
C PRO F 613 34.39 -78.09 33.21
N ALA F 614 34.07 -79.00 32.28
CA ALA F 614 34.73 -79.11 30.99
C ALA F 614 34.02 -78.33 29.86
N ARG F 615 32.71 -78.20 30.04
CA ARG F 615 31.81 -77.71 29.03
C ARG F 615 30.80 -76.67 29.53
N ALA F 616 30.99 -75.45 29.01
CA ALA F 616 30.11 -74.28 29.22
C ALA F 616 28.77 -74.50 28.55
N ALA F 617 27.81 -73.62 28.85
CA ALA F 617 26.50 -73.82 28.22
C ALA F 617 26.26 -72.77 27.13
N ILE F 618 25.68 -73.19 26.01
CA ILE F 618 25.33 -72.21 25.01
C ILE F 618 24.07 -71.59 25.58
N PRO F 619 24.09 -70.26 25.66
CA PRO F 619 22.95 -69.48 26.14
C PRO F 619 21.65 -69.89 25.50
N ALA F 620 20.80 -70.64 26.18
CA ALA F 620 19.56 -71.16 25.60
C ALA F 620 18.90 -70.23 24.60
N ILE F 621 18.76 -68.98 24.97
CA ILE F 621 18.14 -68.14 23.99
C ILE F 621 18.89 -68.21 22.63
N LEU F 622 20.18 -67.94 22.61
CA LEU F 622 20.98 -68.06 21.43
C LEU F 622 20.76 -69.42 20.81
N ALA F 623 20.77 -70.46 21.61
CA ALA F 623 20.64 -71.70 20.89
C ALA F 623 19.25 -71.89 20.30
N THR F 624 18.21 -71.49 21.02
CA THR F 624 16.85 -71.67 20.49
C THR F 624 16.62 -70.82 19.22
N GLY F 625 17.16 -69.62 19.19
CA GLY F 625 17.06 -68.87 17.96
C GLY F 625 17.81 -69.60 16.87
N ALA F 626 19.13 -69.62 16.98
CA ALA F 626 19.89 -70.30 15.95
C ALA F 626 19.13 -71.52 15.43
N VAL F 627 18.77 -72.45 16.28
CA VAL F 627 18.10 -73.55 15.64
C VAL F 627 16.80 -73.21 14.94
N HIS F 628 15.98 -72.40 15.54
CA HIS F 628 14.69 -72.11 14.93
C HIS F 628 14.90 -71.38 13.63
N THR F 629 15.53 -70.22 13.65
CA THR F 629 15.68 -69.57 12.37
C THR F 629 16.14 -70.58 11.29
N HIS F 630 17.34 -71.11 11.43
CA HIS F 630 17.84 -72.03 10.44
C HIS F 630 16.77 -72.99 10.04
N LEU F 631 16.25 -73.78 10.95
CA LEU F 631 15.17 -74.65 10.49
C LEU F 631 14.17 -73.97 9.55
N ILE F 632 13.90 -72.68 9.76
CA ILE F 632 12.90 -71.94 8.96
C ILE F 632 13.48 -71.75 7.59
N ARG F 633 14.63 -71.09 7.60
CA ARG F 633 15.41 -70.87 6.42
C ARG F 633 15.48 -72.12 5.55
N SER F 634 15.55 -73.28 6.13
CA SER F 634 15.60 -74.36 5.23
C SER F 634 14.32 -75.14 5.23
N ASN F 635 13.22 -74.48 5.33
CA ASN F 635 12.00 -75.27 5.21
C ASN F 635 11.92 -76.57 5.96
N LEU F 636 12.32 -76.57 7.22
CA LEU F 636 12.31 -77.81 7.99
C LEU F 636 11.48 -77.66 9.25
N ARG F 637 11.50 -76.43 9.75
CA ARG F 637 10.77 -76.10 10.93
C ARG F 637 9.37 -76.63 10.80
N THR F 638 8.78 -76.72 9.62
CA THR F 638 7.42 -77.26 9.69
C THR F 638 7.38 -78.74 10.04
N PHE F 639 8.55 -79.35 10.07
CA PHE F 639 8.59 -80.76 10.40
C PHE F 639 8.68 -81.24 11.85
N THR F 640 9.33 -80.49 12.74
CA THR F 640 9.34 -80.82 14.17
C THR F 640 8.77 -79.75 15.09
N SER F 641 8.72 -80.19 16.35
CA SER F 641 8.50 -79.35 17.50
C SER F 641 9.91 -79.07 17.97
N LEU F 642 10.11 -77.95 18.64
CA LEU F 642 11.43 -77.59 19.17
C LEU F 642 11.30 -77.34 20.70
N ASN F 643 11.95 -78.20 21.49
CA ASN F 643 11.79 -78.21 22.94
C ASN F 643 13.10 -78.02 23.65
N VAL F 644 13.06 -77.10 24.59
CA VAL F 644 14.23 -76.69 25.34
C VAL F 644 14.18 -77.10 26.83
N ARG F 645 15.37 -77.50 27.31
CA ARG F 645 15.58 -77.81 28.70
C ARG F 645 16.64 -76.78 29.01
N THR F 646 16.36 -75.95 30.00
CA THR F 646 17.32 -74.92 30.33
C THR F 646 17.58 -74.89 31.81
N ALA F 647 18.84 -74.63 32.12
CA ALA F 647 19.26 -74.62 33.48
C ALA F 647 19.10 -73.18 33.90
N GLU F 648 19.62 -72.24 33.11
CA GLU F 648 19.61 -70.82 33.48
C GLU F 648 18.26 -70.18 33.60
N GLY F 649 17.20 -70.94 33.39
CA GLY F 649 15.91 -70.32 33.37
C GLY F 649 15.22 -70.14 34.68
N LEU F 650 14.88 -68.92 35.09
CA LEU F 650 14.17 -68.80 36.35
C LEU F 650 12.83 -68.16 36.40
N ASP F 651 12.69 -66.92 35.90
CA ASP F 651 11.41 -66.13 35.90
C ASP F 651 10.64 -66.01 34.62
N THR F 652 9.45 -65.43 34.71
CA THR F 652 8.58 -65.22 33.50
C THR F 652 9.28 -64.70 32.26
N HIS F 653 10.04 -63.63 32.36
CA HIS F 653 10.72 -63.14 31.16
C HIS F 653 11.47 -64.28 30.49
N TYR F 654 12.52 -64.80 31.07
CA TYR F 654 13.21 -65.89 30.37
C TYR F 654 12.21 -66.80 29.66
N PHE F 655 11.08 -67.15 30.23
CA PHE F 655 10.34 -68.08 29.42
C PHE F 655 9.88 -67.38 28.13
N ALA F 656 9.19 -66.26 28.30
CA ALA F 656 8.69 -65.50 27.18
C ALA F 656 9.75 -65.44 26.09
N VAL F 657 10.92 -64.85 26.38
CA VAL F 657 11.90 -64.78 25.30
C VAL F 657 12.06 -66.14 24.66
N LEU F 658 12.64 -67.08 25.36
CA LEU F 658 12.73 -68.37 24.74
C LEU F 658 11.58 -68.66 23.80
N ILE F 659 10.38 -68.73 24.36
CA ILE F 659 9.23 -69.13 23.62
C ILE F 659 9.10 -68.44 22.30
N GLY F 660 9.14 -67.13 22.32
CA GLY F 660 8.91 -66.44 21.08
C GLY F 660 10.18 -66.19 20.35
N VAL F 661 10.99 -67.19 20.28
CA VAL F 661 12.22 -66.97 19.54
C VAL F 661 12.40 -68.32 18.97
N GLY F 662 11.35 -69.15 19.12
CA GLY F 662 11.29 -70.48 18.59
C GLY F 662 10.51 -71.47 19.43
N ALA F 663 11.04 -71.67 20.61
CA ALA F 663 10.57 -72.63 21.56
C ALA F 663 9.14 -73.19 21.48
N THR F 664 8.94 -74.48 21.51
CA THR F 664 7.58 -74.94 21.54
C THR F 664 7.10 -75.12 22.94
N THR F 665 8.07 -75.60 23.69
CA THR F 665 7.95 -76.13 25.01
C THR F 665 9.19 -75.81 25.73
N VAL F 666 9.02 -75.41 26.98
CA VAL F 666 10.16 -75.14 27.82
C VAL F 666 10.09 -75.86 29.15
N ASN F 667 11.29 -76.15 29.66
CA ASN F 667 11.42 -76.85 30.94
C ASN F 667 12.61 -76.33 31.76
N ALA F 668 12.31 -75.58 32.83
CA ALA F 668 13.41 -75.02 33.62
C ALA F 668 13.69 -76.10 34.66
N TYR F 669 14.76 -76.83 34.43
CA TYR F 669 14.97 -78.03 35.21
C TYR F 669 15.83 -77.75 36.44
N LEU F 670 16.63 -76.69 36.42
CA LEU F 670 17.52 -76.37 37.52
C LEU F 670 16.85 -75.35 38.45
N ALA F 671 15.55 -75.46 38.57
CA ALA F 671 14.87 -74.39 39.24
C ALA F 671 13.88 -75.23 39.91
N GLN F 672 13.52 -76.31 39.24
CA GLN F 672 12.60 -77.23 39.89
C GLN F 672 13.55 -77.73 40.93
N GLU F 673 14.81 -77.86 40.57
CA GLU F 673 15.75 -78.33 41.55
C GLU F 673 15.88 -77.29 42.67
N ALA F 674 16.33 -76.09 42.35
CA ALA F 674 16.42 -75.06 43.38
C ALA F 674 15.16 -75.07 44.23
N ILE F 675 14.01 -75.30 43.63
CA ILE F 675 12.80 -75.32 44.42
C ILE F 675 12.86 -76.42 45.47
N ALA F 676 13.06 -77.64 44.99
CA ALA F 676 13.28 -78.83 45.84
C ALA F 676 14.18 -78.57 47.05
N GLU F 677 15.40 -78.17 46.78
CA GLU F 677 16.27 -77.93 47.88
C GLU F 677 15.47 -77.05 48.86
N ARG F 678 14.94 -75.92 48.42
CA ARG F 678 14.12 -75.09 49.31
C ARG F 678 13.09 -75.97 50.04
N HIS F 679 12.43 -76.82 49.31
CA HIS F 679 11.40 -77.55 49.98
C HIS F 679 11.93 -78.65 50.86
N ARG F 680 13.19 -78.97 50.67
CA ARG F 680 13.77 -80.03 51.49
C ARG F 680 14.06 -79.38 52.85
N ARG F 681 14.66 -78.20 52.89
CA ARG F 681 14.82 -77.57 54.19
C ARG F 681 13.52 -76.94 54.68
N GLY F 682 12.41 -77.64 54.51
CA GLY F 682 11.13 -77.05 54.89
C GLY F 682 10.80 -75.55 54.73
N LEU F 683 11.17 -74.93 53.62
CA LEU F 683 10.83 -73.53 53.47
C LEU F 683 9.44 -73.34 53.01
N PHE F 684 8.80 -74.38 52.51
CA PHE F 684 7.42 -74.20 52.11
C PHE F 684 6.87 -74.98 53.24
N GLY F 685 5.62 -75.44 53.25
CA GLY F 685 5.25 -76.07 54.52
C GLY F 685 5.56 -77.53 54.42
N SER F 686 4.56 -78.33 54.70
CA SER F 686 4.63 -79.76 54.50
C SER F 686 3.89 -79.99 53.15
N MET F 687 3.89 -78.90 52.35
CA MET F 687 3.33 -78.79 51.00
C MET F 687 4.10 -79.74 50.11
N PRO F 688 3.38 -80.60 49.45
CA PRO F 688 4.01 -81.49 48.47
C PRO F 688 4.75 -80.73 47.38
N LEU F 689 5.85 -81.29 46.93
CA LEU F 689 6.65 -80.71 45.86
C LEU F 689 5.75 -80.63 44.60
N GLU F 690 5.05 -81.71 44.33
CA GLU F 690 4.07 -81.76 43.32
C GLU F 690 3.34 -80.42 43.44
N LYS F 691 2.92 -80.06 44.64
CA LYS F 691 2.17 -78.81 44.66
C LYS F 691 3.02 -77.59 44.48
N GLY F 692 4.24 -77.67 44.94
CA GLY F 692 5.00 -76.45 44.80
C GLY F 692 5.19 -76.24 43.34
N MET F 693 5.37 -77.34 42.63
CA MET F 693 5.61 -77.24 41.22
C MET F 693 4.39 -76.57 40.63
N ALA F 694 3.23 -77.20 40.77
CA ALA F 694 2.04 -76.56 40.27
C ALA F 694 2.10 -75.05 40.45
N ASN F 695 2.24 -74.54 41.67
CA ASN F 695 2.23 -73.10 41.77
C ASN F 695 3.20 -72.48 40.86
N TYR F 696 4.44 -72.89 40.93
CA TYR F 696 5.43 -72.28 40.05
C TYR F 696 4.87 -72.16 38.65
N LYS F 697 4.42 -73.28 38.11
CA LYS F 697 3.87 -73.31 36.78
C LYS F 697 2.82 -72.26 36.64
N LYS F 698 1.79 -72.28 37.46
CA LYS F 698 0.79 -71.23 37.35
C LYS F 698 1.36 -69.83 37.28
N ALA F 699 2.53 -69.59 37.82
CA ALA F 699 2.93 -68.21 37.81
C ALA F 699 3.61 -67.88 36.54
N ILE F 700 4.07 -68.95 35.96
CA ILE F 700 4.79 -68.76 34.76
C ILE F 700 3.77 -68.69 33.68
N ASP F 701 2.73 -69.49 33.82
CA ASP F 701 1.62 -69.32 32.91
C ASP F 701 1.08 -67.91 33.04
N ASP F 702 0.69 -67.47 34.21
CA ASP F 702 0.24 -66.10 34.20
C ASP F 702 1.47 -65.31 33.89
N GLY F 703 2.65 -65.94 33.96
CA GLY F 703 3.86 -65.17 33.77
C GLY F 703 3.74 -64.45 32.44
N LEU F 704 3.56 -65.32 31.44
CA LEU F 704 3.37 -65.15 30.05
C LEU F 704 2.07 -64.43 29.70
N LEU F 705 0.94 -65.11 29.78
CA LEU F 705 -0.31 -64.46 29.48
C LEU F 705 -0.14 -62.98 29.65
N LYS F 706 0.67 -62.59 30.61
CA LYS F 706 0.75 -61.16 30.88
C LYS F 706 1.72 -60.45 29.92
N ILE F 707 2.90 -60.99 29.83
CA ILE F 707 3.82 -60.43 28.92
C ILE F 707 3.12 -60.35 27.53
N MET F 708 2.29 -61.33 27.19
CA MET F 708 1.64 -61.31 25.88
C MET F 708 0.67 -60.18 25.77
N SER F 709 -0.16 -59.98 26.79
CA SER F 709 -1.11 -58.87 26.73
C SER F 709 -0.49 -57.50 26.71
N LYS F 710 0.79 -57.39 27.00
CA LYS F 710 1.32 -56.06 26.97
C LYS F 710 1.25 -55.52 25.54
N MET F 711 1.12 -56.46 24.61
CA MET F 711 0.99 -56.10 23.21
C MET F 711 -0.29 -56.47 22.54
N GLY F 712 -1.24 -56.90 23.34
CA GLY F 712 -2.58 -57.17 22.89
C GLY F 712 -2.70 -58.57 22.44
N ILE F 713 -1.60 -59.28 22.38
CA ILE F 713 -1.72 -60.62 21.86
C ILE F 713 -2.41 -61.51 22.84
N SER F 714 -3.40 -62.29 22.44
CA SER F 714 -4.12 -63.16 23.36
C SER F 714 -3.81 -64.62 23.22
N VAL F 715 -2.85 -64.98 22.39
CA VAL F 715 -2.73 -66.40 22.07
C VAL F 715 -1.29 -66.73 21.83
N ILE F 716 -0.82 -67.86 22.33
CA ILE F 716 0.59 -68.14 22.17
C ILE F 716 1.15 -68.64 20.83
N SER F 717 0.33 -69.34 20.03
CA SER F 717 0.75 -69.89 18.74
C SER F 717 1.25 -68.76 17.87
N SER F 718 0.51 -67.66 17.91
CA SER F 718 0.82 -66.45 17.17
C SER F 718 1.99 -65.69 17.74
N TYR F 719 2.22 -65.81 19.05
CA TYR F 719 3.29 -65.11 19.78
C TYR F 719 4.63 -65.81 19.57
N ARG F 720 4.53 -67.12 19.44
CA ARG F 720 5.71 -67.90 19.32
C ARG F 720 6.54 -67.55 18.14
N GLY F 721 7.84 -67.60 18.33
CA GLY F 721 8.70 -67.28 17.23
C GLY F 721 8.48 -65.90 16.70
N GLY F 722 7.40 -65.23 17.08
CA GLY F 722 7.21 -63.89 16.55
C GLY F 722 8.30 -62.83 16.79
N GLY F 723 9.25 -63.13 17.67
CA GLY F 723 10.29 -62.21 18.11
C GLY F 723 9.82 -60.84 18.57
N ASN F 724 9.28 -60.71 19.79
CA ASN F 724 8.67 -59.46 20.27
C ASN F 724 9.44 -58.77 21.34
N PHE F 725 10.72 -58.73 21.02
CA PHE F 725 11.69 -58.19 21.87
C PHE F 725 12.36 -56.97 21.35
N GLU F 726 13.51 -56.59 21.83
CA GLU F 726 14.13 -55.48 21.14
C GLU F 726 15.42 -55.69 21.76
N ALA F 727 16.53 -55.63 21.03
CA ALA F 727 17.74 -56.00 21.68
C ALA F 727 18.56 -54.83 22.06
N ILE F 728 18.57 -54.43 23.29
CA ILE F 728 19.57 -53.39 23.48
C ILE F 728 20.83 -54.11 23.85
N GLY F 729 21.98 -53.70 23.33
CA GLY F 729 23.23 -54.41 23.64
C GLY F 729 23.89 -55.41 22.71
N LEU F 730 23.24 -56.52 22.37
CA LEU F 730 23.80 -57.38 21.29
C LEU F 730 24.06 -56.63 19.94
N SER F 731 24.97 -57.20 19.14
CA SER F 731 25.33 -56.68 17.81
C SER F 731 24.35 -57.05 16.71
N ARG F 732 24.19 -56.05 15.83
CA ARG F 732 23.33 -56.10 14.68
C ARG F 732 23.51 -57.43 13.99
N ALA F 733 24.71 -57.49 13.40
CA ALA F 733 25.06 -58.68 12.68
C ALA F 733 24.51 -59.96 13.29
N LEU F 734 24.69 -60.04 14.59
CA LEU F 734 24.36 -61.25 15.31
C LEU F 734 22.89 -61.54 15.38
N VAL F 735 22.16 -60.50 15.67
CA VAL F 735 20.76 -60.62 15.98
C VAL F 735 20.03 -60.98 14.70
N ALA F 736 20.56 -60.41 13.63
CA ALA F 736 20.12 -60.66 12.27
C ALA F 736 20.48 -62.11 12.00
N GLU F 737 21.75 -62.48 12.12
CA GLU F 737 22.00 -63.86 11.84
C GLU F 737 21.11 -64.85 12.58
N HIS F 738 21.08 -64.77 13.91
CA HIS F 738 20.38 -65.80 14.68
C HIS F 738 18.95 -65.66 15.16
N PHE F 739 18.47 -64.46 15.40
CA PHE F 739 17.10 -64.52 15.91
C PHE F 739 16.17 -64.12 14.82
N PRO F 740 14.90 -64.40 15.04
CA PRO F 740 13.92 -63.83 14.14
C PRO F 740 14.29 -62.35 13.98
N ALA F 741 13.41 -61.63 13.29
CA ALA F 741 13.64 -60.23 13.08
C ALA F 741 13.29 -59.40 14.33
N MET F 742 14.30 -58.73 14.86
CA MET F 742 14.16 -57.88 16.02
C MET F 742 15.13 -56.77 15.73
N VAL F 743 14.87 -55.56 16.18
CA VAL F 743 15.77 -54.47 15.90
C VAL F 743 16.90 -54.57 16.92
N SER F 744 18.02 -53.91 16.69
CA SER F 744 19.03 -53.82 17.71
C SER F 744 19.79 -52.56 17.36
N ARG F 745 19.07 -51.43 17.56
CA ARG F 745 19.57 -50.13 17.12
C ARG F 745 20.97 -49.79 17.45
N ILE F 746 21.58 -50.61 18.30
CA ILE F 746 23.04 -50.57 18.35
C ILE F 746 23.68 -51.89 18.53
N SER F 747 24.33 -52.33 17.48
CA SER F 747 24.95 -53.62 17.60
C SER F 747 25.53 -53.46 19.01
N GLY F 748 25.91 -54.60 19.57
CA GLY F 748 26.52 -54.61 20.86
C GLY F 748 27.66 -55.62 20.84
N ILE F 749 27.64 -56.54 21.80
CA ILE F 749 28.72 -57.46 21.86
C ILE F 749 28.25 -58.45 20.88
N GLY F 750 29.14 -59.40 20.58
CA GLY F 750 28.92 -60.46 19.63
C GLY F 750 29.27 -61.80 20.24
N LEU F 751 29.44 -62.82 19.40
CA LEU F 751 29.78 -64.15 19.86
C LEU F 751 31.05 -64.09 20.67
N ASN F 752 32.03 -63.38 20.15
CA ASN F 752 33.24 -63.37 20.90
C ASN F 752 33.07 -62.94 22.33
N GLY F 753 32.58 -61.74 22.59
CA GLY F 753 32.32 -61.33 23.96
C GLY F 753 31.41 -62.36 24.60
N ILE F 754 30.21 -62.54 24.09
CA ILE F 754 29.42 -63.53 24.74
C ILE F 754 30.25 -64.69 25.24
N GLN F 755 30.95 -65.33 24.31
CA GLN F 755 31.84 -66.47 24.69
C GLN F 755 32.58 -66.18 25.99
N LYS F 756 33.34 -65.11 25.95
CA LYS F 756 34.18 -64.70 27.03
C LYS F 756 33.38 -64.58 28.33
N LYS F 757 32.52 -63.60 28.43
CA LYS F 757 31.71 -63.49 29.64
C LYS F 757 31.10 -64.84 30.00
N VAL F 758 30.63 -65.63 29.06
CA VAL F 758 30.04 -66.87 29.51
C VAL F 758 31.06 -67.63 30.31
N LEU F 759 32.17 -67.92 29.67
CA LEU F 759 33.25 -68.69 30.28
C LEU F 759 33.75 -68.13 31.62
N GLU F 760 33.99 -66.83 31.72
CA GLU F 760 34.39 -66.30 33.02
C GLU F 760 33.44 -66.76 34.08
N GLN F 761 32.17 -66.49 33.89
CA GLN F 761 31.23 -66.89 34.91
C GLN F 761 31.32 -68.42 35.15
N HIS F 762 31.86 -69.18 34.22
CA HIS F 762 31.82 -70.65 34.36
C HIS F 762 32.94 -71.05 35.30
N ALA F 763 34.10 -70.39 35.14
CA ALA F 763 35.26 -70.60 35.99
C ALA F 763 34.78 -70.47 37.43
N THR F 764 34.34 -69.26 37.73
CA THR F 764 33.77 -68.98 39.00
C THR F 764 33.06 -70.17 39.53
N ALA F 765 32.47 -71.03 38.73
CA ALA F 765 31.78 -72.10 39.44
C ALA F 765 32.38 -73.48 39.36
N TYR F 766 33.56 -73.59 38.77
CA TYR F 766 34.08 -74.92 38.60
C TYR F 766 35.57 -74.96 38.67
N ASN F 767 36.17 -73.84 38.32
CA ASN F 767 37.61 -73.76 38.24
C ASN F 767 37.91 -73.06 39.52
N GLU F 768 37.10 -73.41 40.50
CA GLU F 768 37.26 -72.91 41.84
C GLU F 768 36.23 -73.65 42.67
N GLU F 769 36.05 -73.22 43.91
CA GLU F 769 35.11 -73.86 44.82
C GLU F 769 34.12 -72.83 45.37
N VAL F 770 32.88 -73.27 45.55
CA VAL F 770 31.84 -72.33 45.95
C VAL F 770 30.86 -72.86 46.99
N VAL F 771 30.69 -72.05 48.02
CA VAL F 771 29.83 -72.34 49.17
C VAL F 771 28.35 -71.99 48.88
N ALA F 772 28.07 -70.70 48.68
CA ALA F 772 26.74 -70.21 48.31
C ALA F 772 26.74 -69.11 47.26
N LEU F 773 25.54 -68.85 46.78
CA LEU F 773 25.34 -67.85 45.77
C LEU F 773 25.58 -66.61 46.54
N PRO F 774 26.17 -65.62 45.93
CA PRO F 774 26.33 -64.32 46.58
C PRO F 774 25.00 -63.73 46.93
N VAL F 775 25.09 -62.51 47.38
CA VAL F 775 23.87 -62.00 47.91
C VAL F 775 22.96 -61.54 46.79
N GLY F 776 23.51 -60.62 46.01
CA GLY F 776 22.79 -60.04 44.91
C GLY F 776 22.46 -58.63 45.29
N GLY F 777 22.40 -57.71 44.33
CA GLY F 777 22.11 -56.33 44.61
C GLY F 777 21.53 -55.78 43.33
N PHE F 778 20.78 -56.64 42.66
CA PHE F 778 20.18 -56.29 41.41
C PHE F 778 18.98 -55.51 41.77
N TYR F 779 17.99 -56.24 42.30
CA TYR F 779 16.76 -55.60 42.72
C TYR F 779 16.88 -54.61 43.88
N ARG F 780 18.07 -54.28 44.35
CA ARG F 780 18.22 -53.40 45.51
C ARG F 780 19.67 -53.26 45.90
N PHE F 781 20.11 -52.04 46.13
CA PHE F 781 21.49 -51.83 46.43
C PHE F 781 21.84 -52.38 47.77
N ARG F 782 22.84 -53.24 47.83
CA ARG F 782 23.33 -53.73 49.11
C ARG F 782 24.67 -53.10 48.98
N LYS F 783 25.68 -53.42 49.76
CA LYS F 783 26.85 -52.65 49.43
C LYS F 783 27.61 -53.68 48.68
N SER F 784 26.94 -54.13 47.63
CA SER F 784 27.46 -55.14 46.72
C SER F 784 28.19 -54.57 45.49
N GLY F 785 28.36 -55.47 44.52
CA GLY F 785 29.08 -55.21 43.29
C GLY F 785 28.22 -54.66 42.18
N ASP F 786 26.91 -54.91 42.27
CA ASP F 786 25.95 -54.37 41.34
C ASP F 786 25.75 -52.96 41.84
N ARG F 787 26.13 -51.97 41.08
CA ARG F 787 25.96 -50.62 41.53
C ARG F 787 24.57 -50.12 41.12
N HIS F 788 24.27 -48.88 41.42
CA HIS F 788 22.92 -48.37 41.23
C HIS F 788 23.12 -46.87 41.17
N GLY F 789 22.15 -46.10 40.72
CA GLY F 789 22.40 -44.69 40.60
C GLY F 789 22.27 -44.12 41.98
N TRP F 790 21.12 -44.46 42.53
CA TRP F 790 20.79 -44.04 43.85
C TRP F 790 21.36 -45.09 44.76
N GLU F 791 22.46 -44.80 45.45
CA GLU F 791 23.06 -45.67 46.45
C GLU F 791 23.17 -44.65 47.57
N GLY F 792 23.19 -45.14 48.82
CA GLY F 792 23.26 -44.31 50.01
C GLY F 792 24.16 -43.08 49.98
N GLY F 793 25.40 -43.27 49.58
CA GLY F 793 26.25 -42.12 49.69
C GLY F 793 25.65 -40.87 49.10
N VAL F 794 25.46 -40.95 47.80
CA VAL F 794 24.96 -39.84 47.03
C VAL F 794 23.66 -39.26 47.55
N ILE F 795 22.75 -40.16 47.89
CA ILE F 795 21.52 -39.76 48.56
C ILE F 795 21.77 -38.88 49.77
N HIS F 796 22.65 -39.34 50.64
CA HIS F 796 23.00 -38.48 51.71
C HIS F 796 23.38 -37.13 51.18
N THR F 797 24.47 -37.06 50.42
CA THR F 797 24.96 -35.76 50.00
C THR F 797 23.86 -34.94 49.40
N LEU F 798 22.91 -35.60 48.75
CA LEU F 798 21.90 -34.78 48.11
C LEU F 798 21.11 -34.13 49.20
N GLN F 799 20.56 -35.01 50.04
CA GLN F 799 19.69 -34.58 51.11
C GLN F 799 20.30 -33.46 51.89
N GLN F 800 21.58 -33.67 52.15
CA GLN F 800 22.37 -32.69 52.85
C GLN F 800 22.22 -31.40 52.13
N ALA F 801 22.71 -31.47 50.90
CA ALA F 801 22.84 -30.34 50.04
C ALA F 801 21.60 -29.49 50.04
N VAL F 802 20.47 -30.17 49.95
CA VAL F 802 19.23 -29.48 49.77
C VAL F 802 18.59 -29.14 51.10
N THR F 803 19.14 -29.62 52.18
CA THR F 803 18.60 -29.23 53.51
C THR F 803 19.40 -28.03 54.09
N ASN F 804 20.70 -28.23 54.15
CA ASN F 804 21.61 -27.22 54.58
C ASN F 804 21.53 -26.16 53.50
N ASP F 805 21.01 -26.58 52.36
CA ASP F 805 20.87 -25.64 51.25
C ASP F 805 22.22 -25.06 50.72
N SER F 806 23.25 -25.88 50.52
CA SER F 806 24.47 -25.37 49.92
C SER F 806 24.58 -25.86 48.50
N TYR F 807 24.92 -24.94 47.60
CA TYR F 807 25.02 -25.34 46.21
C TYR F 807 26.26 -26.19 46.17
N THR F 808 27.18 -25.82 47.03
CA THR F 808 28.44 -26.53 47.08
C THR F 808 28.30 -27.96 47.47
N THR F 809 27.37 -28.20 48.36
CA THR F 809 27.26 -29.57 48.74
C THR F 809 26.67 -30.28 47.58
N PHE F 810 25.74 -29.59 46.90
CA PHE F 810 25.07 -30.17 45.73
C PHE F 810 26.11 -30.59 44.75
N LYS F 811 27.04 -29.66 44.56
CA LYS F 811 28.09 -29.87 43.65
C LYS F 811 29.04 -31.00 43.92
N LYS F 812 28.87 -31.78 44.98
CA LYS F 812 29.88 -32.80 45.21
C LYS F 812 29.12 -34.07 44.98
N TYR F 813 27.84 -33.95 45.24
CA TYR F 813 26.92 -35.02 44.98
C TYR F 813 26.98 -35.32 43.47
N SER F 814 26.71 -34.29 42.65
CA SER F 814 26.78 -34.49 41.20
C SER F 814 28.07 -35.13 40.75
N GLU F 815 29.16 -34.71 41.40
CA GLU F 815 30.46 -35.25 41.11
C GLU F 815 30.49 -36.69 41.56
N GLN F 816 29.95 -36.95 42.74
CA GLN F 816 29.96 -38.31 43.20
C GLN F 816 29.29 -39.08 42.08
N VAL F 817 28.26 -38.46 41.51
CA VAL F 817 27.43 -39.15 40.56
C VAL F 817 28.09 -39.17 39.19
N ASN F 818 28.79 -38.10 38.84
CA ASN F 818 29.35 -38.05 37.52
C ASN F 818 30.66 -38.74 37.37
N LYS F 819 31.31 -39.05 38.46
CA LYS F 819 32.64 -39.64 38.33
C LYS F 819 32.59 -41.13 38.29
N ARG F 820 31.45 -41.77 38.19
CA ARG F 820 31.64 -43.21 38.19
C ARG F 820 31.91 -43.72 36.82
N PRO F 821 32.05 -45.03 36.74
CA PRO F 821 32.15 -45.71 35.43
C PRO F 821 30.77 -45.55 34.80
N PRO F 822 30.64 -45.71 33.50
CA PRO F 822 29.40 -45.51 32.77
C PRO F 822 28.40 -46.55 33.16
N MET F 823 27.13 -46.17 33.27
CA MET F 823 26.12 -47.12 33.69
C MET F 823 24.91 -47.05 32.76
N GLN F 824 24.94 -46.03 31.89
CA GLN F 824 23.79 -45.56 31.15
C GLN F 824 24.39 -44.92 29.87
N LEU F 825 23.70 -45.02 28.73
CA LEU F 825 24.28 -44.53 27.44
C LEU F 825 24.71 -43.09 27.50
N ARG F 826 24.01 -42.21 28.23
CA ARG F 826 24.44 -40.82 28.12
C ARG F 826 25.86 -40.80 28.62
N ASP F 827 26.11 -41.75 29.51
CA ASP F 827 27.40 -41.89 30.17
C ASP F 827 28.48 -42.08 29.11
N LEU F 828 28.15 -42.62 27.94
CA LEU F 828 29.17 -42.75 26.92
C LEU F 828 29.40 -41.48 26.12
N LEU F 829 28.86 -40.35 26.54
CA LEU F 829 29.02 -39.23 25.62
C LEU F 829 29.74 -38.08 26.22
N GLU F 830 30.78 -37.59 25.57
CA GLU F 830 31.42 -36.42 26.08
C GLU F 830 30.71 -35.21 25.51
N LEU F 831 31.01 -34.00 25.95
CA LEU F 831 30.39 -32.80 25.39
C LEU F 831 31.51 -31.85 25.07
N ARG F 832 31.88 -31.79 23.78
CA ARG F 832 32.94 -30.87 23.42
C ARG F 832 32.10 -29.89 22.66
N SER F 833 32.58 -28.68 22.42
CA SER F 833 31.90 -27.71 21.56
C SER F 833 32.98 -26.87 20.90
N THR F 834 32.69 -26.04 19.91
CA THR F 834 33.80 -25.29 19.29
C THR F 834 33.79 -23.81 19.60
N LYS F 835 32.95 -23.39 20.54
CA LYS F 835 32.88 -21.98 20.88
C LYS F 835 33.76 -21.86 22.10
N ALA F 836 34.18 -20.64 22.43
CA ALA F 836 34.97 -20.46 23.63
C ALA F 836 33.94 -20.00 24.61
N PRO F 837 34.26 -20.24 25.87
CA PRO F 837 33.40 -20.08 27.02
C PRO F 837 32.90 -18.72 27.24
N VAL F 838 31.68 -18.65 27.71
CA VAL F 838 31.10 -17.39 28.05
C VAL F 838 30.92 -17.33 29.53
N PRO F 839 30.93 -16.13 30.06
CA PRO F 839 30.72 -15.93 31.49
C PRO F 839 29.33 -16.36 31.94
N VAL F 840 29.29 -17.23 32.93
CA VAL F 840 27.98 -17.56 33.50
C VAL F 840 26.93 -16.43 33.65
N ASP F 841 27.32 -15.29 34.20
CA ASP F 841 26.34 -14.21 34.31
C ASP F 841 25.54 -14.06 33.05
N GLU F 842 26.15 -14.24 31.88
CA GLU F 842 25.37 -14.07 30.65
C GLU F 842 24.31 -15.09 30.40
N VAL F 843 24.49 -16.31 30.86
CA VAL F 843 23.48 -17.32 30.59
C VAL F 843 22.13 -16.95 31.07
N GLU F 844 21.14 -17.57 30.45
CA GLU F 844 19.72 -17.40 30.76
C GLU F 844 19.64 -17.51 32.25
N SER F 845 18.56 -17.03 32.83
CA SER F 845 18.42 -17.07 34.29
C SER F 845 17.88 -18.38 34.80
N ILE F 846 18.05 -18.60 36.08
CA ILE F 846 17.49 -19.81 36.64
C ILE F 846 15.96 -19.71 36.59
N THR F 847 15.43 -18.54 36.91
CA THR F 847 13.99 -18.49 37.00
C THR F 847 13.49 -19.09 35.72
N ALA F 848 14.17 -18.66 34.65
CA ALA F 848 13.90 -19.15 33.32
C ALA F 848 14.09 -20.63 33.41
N ILE F 849 15.31 -21.03 33.66
CA ILE F 849 15.47 -22.44 33.54
C ILE F 849 14.53 -23.37 34.27
N ARG F 850 14.32 -23.08 35.54
CA ARG F 850 13.64 -23.97 36.45
C ARG F 850 12.34 -24.32 35.80
N LYS F 851 11.79 -23.28 35.17
CA LYS F 851 10.54 -23.48 34.46
C LYS F 851 10.50 -24.61 33.44
N ARG F 852 11.62 -25.05 32.89
CA ARG F 852 11.47 -26.20 32.01
C ARG F 852 11.35 -27.45 32.83
N PHE F 853 11.44 -27.29 34.14
CA PHE F 853 11.45 -28.47 34.97
C PHE F 853 10.06 -28.78 35.43
N ILE F 854 9.77 -30.05 35.58
CA ILE F 854 8.50 -30.36 36.17
C ILE F 854 8.67 -31.58 37.07
N THR F 855 7.74 -31.71 37.98
CA THR F 855 7.70 -32.81 38.87
C THR F 855 6.70 -33.70 38.18
N PRO F 856 7.10 -34.93 37.91
CA PRO F 856 6.25 -35.92 37.26
C PRO F 856 4.96 -36.09 38.00
N GLY F 857 4.16 -37.03 37.56
CA GLY F 857 2.88 -37.31 38.17
C GLY F 857 3.00 -38.57 38.99
N MET F 858 2.96 -38.38 40.29
CA MET F 858 3.00 -39.46 41.27
C MET F 858 1.70 -39.33 42.02
N SER F 859 0.97 -40.44 42.00
CA SER F 859 -0.38 -40.41 42.54
C SER F 859 -0.58 -40.18 44.01
N MET F 860 -1.61 -39.46 44.36
CA MET F 860 -1.96 -39.32 45.75
C MET F 860 -2.53 -40.69 45.98
N GLY F 861 -1.82 -41.50 46.77
CA GLY F 861 -2.20 -42.87 46.98
C GLY F 861 -0.84 -43.53 47.05
N ALA F 862 -0.20 -43.60 45.90
CA ALA F 862 1.18 -44.05 45.91
C ALA F 862 1.86 -43.14 46.94
N LEU F 863 1.55 -41.85 46.87
CA LEU F 863 2.15 -40.98 47.81
C LEU F 863 1.36 -40.39 48.98
N SER F 864 2.00 -40.22 50.13
CA SER F 864 1.35 -39.59 51.25
C SER F 864 0.75 -38.27 50.81
N PRO F 865 -0.33 -37.89 51.43
CA PRO F 865 -0.92 -36.59 51.11
C PRO F 865 0.11 -35.56 51.40
N GLU F 866 0.95 -35.84 52.36
CA GLU F 866 1.84 -34.76 52.74
C GLU F 866 2.84 -34.52 51.62
N ALA F 867 3.48 -35.59 51.17
CA ALA F 867 4.45 -35.53 50.07
C ALA F 867 3.90 -34.87 48.80
N HIS F 868 2.72 -35.31 48.39
CA HIS F 868 2.07 -34.77 47.24
C HIS F 868 1.96 -33.28 47.36
N GLY F 869 0.95 -32.83 48.04
CA GLY F 869 0.89 -31.40 48.27
C GLY F 869 2.23 -30.68 48.44
N THR F 870 3.21 -31.34 49.02
CA THR F 870 4.45 -30.59 49.18
C THR F 870 4.83 -30.10 47.81
N LEU F 871 4.90 -31.06 46.88
CA LEU F 871 5.25 -30.88 45.49
C LEU F 871 4.40 -29.77 44.89
N ASN F 872 3.09 -29.95 44.85
CA ASN F 872 2.31 -28.89 44.22
C ASN F 872 2.69 -27.51 44.72
N VAL F 873 3.14 -27.46 45.95
CA VAL F 873 3.44 -26.18 46.50
C VAL F 873 4.78 -25.76 45.96
N ALA F 874 5.74 -26.64 45.99
CA ALA F 874 7.03 -26.18 45.52
C ALA F 874 6.91 -25.68 44.09
N MET F 875 6.40 -26.54 43.21
CA MET F 875 6.32 -26.13 41.81
C MET F 875 5.54 -24.83 41.70
N ASN F 876 4.33 -24.82 42.24
CA ASN F 876 3.68 -23.56 42.10
C ASN F 876 4.53 -22.41 42.64
N ARG F 877 5.48 -22.69 43.49
CA ARG F 877 6.15 -21.57 44.08
C ARG F 877 7.15 -20.95 43.15
N ILE F 878 7.72 -21.74 42.25
CA ILE F 878 8.77 -21.20 41.39
C ILE F 878 8.26 -21.11 39.94
N GLY F 879 6.95 -21.01 39.82
CA GLY F 879 6.37 -20.90 38.51
C GLY F 879 6.53 -22.10 37.63
N ALA F 880 6.74 -23.30 38.13
CA ALA F 880 6.77 -24.40 37.18
C ALA F 880 5.57 -25.32 37.23
N LYS F 881 5.73 -26.61 37.02
CA LYS F 881 4.50 -27.37 37.04
C LYS F 881 4.60 -28.71 37.76
N SER F 882 3.47 -29.18 38.28
CA SER F 882 3.45 -30.48 38.90
C SER F 882 2.30 -31.36 38.39
N ASP F 883 2.44 -32.66 38.55
CA ASP F 883 1.47 -33.47 37.87
C ASP F 883 0.65 -34.32 38.82
N SER F 884 -0.59 -33.92 39.01
CA SER F 884 -1.51 -34.71 39.81
C SER F 884 -1.21 -36.24 39.93
N GLY F 885 -0.91 -36.89 38.82
CA GLY F 885 -0.75 -38.33 38.90
C GLY F 885 -2.08 -39.04 38.71
N GLU F 886 -1.98 -40.33 38.51
CA GLU F 886 -3.10 -41.22 38.25
C GLU F 886 -4.13 -41.13 39.36
N GLY F 887 -3.89 -40.22 40.29
CA GLY F 887 -4.62 -40.19 41.54
C GLY F 887 -6.01 -39.67 41.79
N GLY F 888 -6.16 -38.38 41.77
CA GLY F 888 -7.45 -37.76 41.83
C GLY F 888 -6.70 -36.59 42.31
N GLU F 889 -7.40 -35.49 42.59
CA GLU F 889 -6.91 -34.38 43.39
C GLU F 889 -8.08 -33.83 44.12
N ASP F 890 -7.84 -33.56 45.39
CA ASP F 890 -8.84 -33.03 46.29
C ASP F 890 -9.09 -31.60 45.90
N PRO F 891 -10.34 -31.43 45.59
CA PRO F 891 -10.92 -30.17 45.12
C PRO F 891 -10.62 -29.02 46.06
N ALA F 892 -10.58 -29.30 47.36
CA ALA F 892 -10.19 -28.30 48.36
C ALA F 892 -8.99 -27.48 47.90
N ARG F 893 -8.00 -28.20 47.40
CA ARG F 893 -6.77 -27.60 46.90
C ARG F 893 -7.03 -26.66 45.77
N PHE F 894 -8.24 -26.59 45.27
CA PHE F 894 -8.58 -25.60 44.27
C PHE F 894 -8.57 -24.10 44.66
N ARG F 895 -8.20 -23.73 45.90
CA ARG F 895 -8.02 -22.30 46.21
C ARG F 895 -6.71 -22.09 46.97
N PRO F 896 -5.93 -21.06 46.67
CA PRO F 896 -4.64 -20.90 47.36
C PRO F 896 -4.93 -20.79 48.86
N ASP F 897 -3.94 -20.99 49.72
CA ASP F 897 -4.21 -21.00 51.15
C ASP F 897 -3.87 -19.70 51.83
N LYS F 898 -4.28 -19.60 53.09
CA LYS F 898 -4.14 -18.42 53.95
C LYS F 898 -2.71 -17.94 53.95
N ASN F 899 -1.82 -18.90 53.87
CA ASN F 899 -0.45 -18.50 53.85
C ASN F 899 0.04 -18.10 52.52
N GLY F 900 -0.82 -18.20 51.52
CA GLY F 900 -0.40 -17.93 50.17
C GLY F 900 0.10 -19.11 49.35
N ASP F 901 0.27 -20.29 49.91
CA ASP F 901 0.74 -21.40 49.13
C ASP F 901 -0.37 -22.10 48.32
N ASN F 902 0.00 -22.63 47.14
CA ASN F 902 -0.93 -23.29 46.22
C ASN F 902 -0.76 -24.77 46.15
N TRP F 903 -1.74 -25.54 46.61
CA TRP F 903 -1.67 -27.00 46.67
C TRP F 903 -2.17 -27.60 45.37
N ASN F 904 -2.84 -26.82 44.54
CA ASN F 904 -3.32 -27.38 43.27
C ASN F 904 -2.21 -27.73 42.31
N SER F 905 -2.35 -28.83 41.59
CA SER F 905 -1.37 -29.23 40.61
C SER F 905 -1.73 -28.70 39.21
N ALA F 906 -0.74 -28.16 38.49
CA ALA F 906 -0.96 -27.56 37.18
C ALA F 906 -1.24 -28.47 36.00
N ILE F 907 -0.83 -29.72 36.11
CA ILE F 907 -1.02 -30.70 35.05
C ILE F 907 -1.90 -31.82 35.56
N LYS F 908 -3.10 -32.05 35.10
CA LYS F 908 -3.78 -33.23 35.63
C LYS F 908 -3.71 -34.43 34.66
N GLN F 909 -3.84 -35.65 35.15
CA GLN F 909 -3.73 -36.77 34.28
C GLN F 909 -5.03 -37.40 33.98
N VAL F 910 -5.05 -38.08 32.85
CA VAL F 910 -6.16 -38.88 32.55
C VAL F 910 -5.54 -40.27 32.28
N ALA F 911 -5.98 -41.33 32.97
CA ALA F 911 -5.38 -42.66 32.82
C ALA F 911 -6.37 -43.80 32.82
N SER F 912 -5.94 -45.00 32.43
CA SER F 912 -6.95 -46.05 32.35
C SER F 912 -8.14 -46.01 33.24
N GLY F 913 -7.99 -46.09 34.55
CA GLY F 913 -9.17 -46.19 35.42
C GLY F 913 -9.26 -44.74 35.71
N ARG F 914 -10.37 -44.16 35.40
CA ARG F 914 -10.31 -42.74 35.30
C ARG F 914 -10.55 -42.03 36.62
N PHE F 915 -9.66 -42.34 37.57
CA PHE F 915 -9.94 -42.07 39.00
C PHE F 915 -10.46 -40.67 39.42
N GLY F 916 -10.01 -39.47 39.31
CA GLY F 916 -11.03 -38.59 39.87
C GLY F 916 -11.48 -37.64 38.81
N VAL F 917 -11.68 -38.22 37.63
CA VAL F 917 -11.88 -37.45 36.44
C VAL F 917 -13.24 -36.88 36.35
N THR F 918 -13.29 -35.56 36.47
CA THR F 918 -14.52 -34.89 36.80
C THR F 918 -14.62 -33.58 36.07
N ALA F 919 -15.83 -33.15 35.73
CA ALA F 919 -15.84 -31.92 34.96
C ALA F 919 -14.93 -30.89 35.59
N GLU F 920 -15.07 -30.71 36.88
CA GLU F 920 -14.27 -29.76 37.63
C GLU F 920 -12.79 -30.09 37.73
N TYR F 921 -12.42 -31.35 37.77
CA TYR F 921 -11.01 -31.66 37.85
C TYR F 921 -10.36 -31.25 36.55
N LEU F 922 -10.88 -31.79 35.43
CA LEU F 922 -10.39 -31.52 34.08
C LEU F 922 -10.34 -30.04 33.88
N ASN F 923 -11.07 -29.27 34.66
CA ASN F 923 -11.00 -27.84 34.47
C ASN F 923 -10.08 -27.06 35.40
N GLN F 924 -9.45 -27.70 36.35
CA GLN F 924 -8.58 -26.99 37.27
C GLN F 924 -7.13 -27.17 36.88
N CYS F 925 -6.79 -26.80 35.64
CA CYS F 925 -5.38 -26.87 35.18
C CYS F 925 -5.06 -26.23 33.87
N ARG F 926 -3.79 -26.30 33.55
CA ARG F 926 -3.28 -25.72 32.34
C ARG F 926 -2.89 -26.81 31.37
N GLU F 927 -2.92 -28.07 31.78
CA GLU F 927 -2.40 -29.12 30.95
C GLU F 927 -2.98 -30.48 31.32
N LEU F 928 -3.37 -31.31 30.38
CA LEU F 928 -3.97 -32.59 30.65
C LEU F 928 -3.07 -33.67 30.10
N GLU F 929 -2.69 -34.68 30.88
CA GLU F 929 -1.71 -35.64 30.38
C GLU F 929 -2.46 -36.90 30.07
N ILE F 930 -2.40 -37.37 28.83
CA ILE F 930 -3.01 -38.64 28.59
C ILE F 930 -1.91 -39.59 28.92
N LYS F 931 -2.10 -40.36 29.98
CA LYS F 931 -1.07 -41.30 30.37
C LYS F 931 -1.20 -42.62 29.67
N VAL F 932 -0.45 -42.74 28.59
CA VAL F 932 -0.60 -43.99 27.89
C VAL F 932 0.26 -45.01 28.50
N ALA F 933 1.31 -44.60 29.16
CA ALA F 933 2.14 -45.61 29.75
C ALA F 933 3.35 -45.13 30.59
N GLN F 934 3.89 -45.93 31.54
CA GLN F 934 5.07 -45.50 32.31
C GLN F 934 6.23 -46.44 32.28
N GLY F 935 7.46 -45.90 32.32
CA GLY F 935 8.67 -46.71 32.15
C GLY F 935 8.78 -47.94 33.02
N ALA F 936 8.08 -47.83 34.12
CA ALA F 936 8.23 -48.85 35.10
C ALA F 936 7.35 -49.99 34.63
N LYS F 937 6.32 -49.70 33.86
CA LYS F 937 5.43 -50.79 33.48
C LYS F 937 4.53 -50.55 32.27
N PRO F 938 5.21 -50.48 31.12
CA PRO F 938 4.64 -50.16 29.80
C PRO F 938 3.47 -51.04 29.52
N GLY F 939 3.74 -52.30 29.64
CA GLY F 939 2.56 -52.93 29.14
C GLY F 939 1.24 -52.73 29.85
N GLU F 940 1.17 -51.90 30.90
CA GLU F 940 0.12 -52.19 31.86
C GLU F 940 -0.62 -51.44 32.94
N GLY F 941 -0.37 -50.22 33.32
CA GLY F 941 -1.36 -49.76 34.30
C GLY F 941 -1.25 -49.83 35.82
N GLY F 942 -1.64 -48.75 36.47
CA GLY F 942 -1.46 -48.66 37.90
C GLY F 942 -1.96 -49.74 38.83
N GLN F 943 -1.27 -49.86 39.97
CA GLN F 943 -1.66 -50.70 41.11
C GLN F 943 -1.59 -49.90 42.38
N LEU F 944 -2.59 -50.08 43.24
CA LEU F 944 -2.56 -49.51 44.57
C LEU F 944 -3.14 -50.61 45.41
N PRO F 945 -2.34 -51.09 46.36
CA PRO F 945 -2.73 -52.19 47.24
C PRO F 945 -3.89 -51.73 48.04
N GLY F 946 -4.75 -52.67 48.34
CA GLY F 946 -6.03 -52.36 48.95
C GLY F 946 -5.87 -51.54 50.19
N PHE F 947 -4.75 -51.81 50.83
CA PHE F 947 -4.53 -51.18 52.09
C PHE F 947 -3.87 -49.86 51.86
N LYS F 948 -4.26 -49.09 50.87
CA LYS F 948 -3.68 -47.75 50.85
C LYS F 948 -4.86 -46.99 50.38
N VAL F 949 -5.86 -47.79 50.10
CA VAL F 949 -7.09 -47.27 49.62
C VAL F 949 -7.78 -46.95 50.88
N THR F 950 -7.18 -46.01 51.55
CA THR F 950 -7.70 -45.37 52.74
C THR F 950 -9.06 -44.95 52.32
N GLU F 951 -9.76 -44.25 53.20
CA GLU F 951 -11.09 -43.72 52.91
C GLU F 951 -10.97 -42.40 52.21
N MET F 952 -9.96 -41.62 52.56
CA MET F 952 -9.85 -40.32 51.93
C MET F 952 -9.68 -40.69 50.52
N ILE F 953 -8.69 -41.54 50.31
CA ILE F 953 -8.44 -42.05 48.98
C ILE F 953 -9.73 -42.57 48.38
N ALA F 954 -10.26 -43.68 48.86
CA ALA F 954 -11.52 -44.13 48.28
C ALA F 954 -12.52 -43.00 48.00
N ARG F 955 -12.48 -41.93 48.76
CA ARG F 955 -13.51 -40.92 48.52
C ARG F 955 -13.22 -40.19 47.20
N LEU F 956 -11.97 -39.78 47.04
CA LEU F 956 -11.43 -39.11 45.88
C LEU F 956 -11.64 -39.94 44.66
N ARG F 957 -11.29 -41.21 44.77
CA ARG F 957 -11.40 -42.02 43.62
C ARG F 957 -12.79 -42.55 43.37
N HIS F 958 -13.76 -42.18 44.17
CA HIS F 958 -15.00 -42.93 44.08
C HIS F 958 -14.81 -44.42 43.91
N SER F 959 -13.88 -45.03 44.64
CA SER F 959 -13.58 -46.47 44.66
C SER F 959 -14.21 -47.01 45.95
N THR F 960 -14.06 -48.31 46.23
CA THR F 960 -14.48 -48.87 47.55
C THR F 960 -13.35 -48.98 48.62
N PRO F 961 -13.62 -48.54 49.86
CA PRO F 961 -12.57 -48.44 50.88
C PRO F 961 -11.80 -49.69 51.14
N GLY F 962 -10.49 -49.51 51.18
CA GLY F 962 -9.68 -50.67 51.42
C GLY F 962 -9.67 -51.76 50.37
N VAL F 963 -10.58 -51.75 49.39
CA VAL F 963 -10.36 -52.62 48.23
C VAL F 963 -9.32 -52.12 47.21
N MET F 964 -8.65 -53.06 46.58
CA MET F 964 -7.53 -52.79 45.67
C MET F 964 -7.84 -52.13 44.32
N LEU F 965 -6.93 -51.28 43.88
CA LEU F 965 -7.16 -50.64 42.61
C LEU F 965 -6.10 -51.06 41.63
N ILE F 966 -6.36 -52.15 40.91
CA ILE F 966 -5.52 -52.41 39.73
C ILE F 966 -6.24 -51.77 38.56
N SER F 967 -5.51 -51.05 37.73
CA SER F 967 -6.17 -50.34 36.64
C SER F 967 -6.29 -51.21 35.42
N PRO F 968 -7.06 -50.84 34.40
CA PRO F 968 -7.13 -51.71 33.23
C PRO F 968 -5.94 -51.20 32.46
N PRO F 969 -5.17 -52.11 31.90
CA PRO F 969 -3.93 -51.73 31.20
C PRO F 969 -4.12 -50.73 30.04
N PRO F 970 -5.18 -50.89 29.26
CA PRO F 970 -5.47 -49.95 28.20
C PRO F 970 -6.52 -48.97 28.58
N HIS F 971 -6.44 -47.73 28.10
CA HIS F 971 -7.55 -46.79 28.26
C HIS F 971 -8.71 -47.36 27.49
N HIS F 972 -9.89 -47.47 28.02
CA HIS F 972 -10.86 -48.18 27.19
C HIS F 972 -11.46 -47.40 26.07
N ASP F 973 -10.96 -46.19 25.89
CA ASP F 973 -11.46 -45.36 24.82
C ASP F 973 -10.22 -44.96 24.08
N ILE F 974 -9.32 -45.88 23.83
CA ILE F 974 -8.17 -45.58 23.02
C ILE F 974 -7.73 -46.92 22.45
N TYR F 975 -8.45 -47.41 21.47
CA TYR F 975 -8.11 -48.69 20.92
C TYR F 975 -7.42 -48.59 19.57
N SER F 976 -7.10 -47.38 19.12
CA SER F 976 -6.39 -47.14 17.88
C SER F 976 -6.13 -45.66 17.70
N ILE F 977 -5.27 -45.25 16.80
CA ILE F 977 -4.96 -43.83 16.79
C ILE F 977 -6.11 -42.87 16.54
N GLU F 978 -7.09 -43.28 15.78
CA GLU F 978 -8.20 -42.36 15.56
C GLU F 978 -8.70 -42.16 16.98
N ASP F 979 -8.86 -43.25 17.71
CA ASP F 979 -9.34 -43.15 19.07
C ASP F 979 -8.53 -42.20 19.93
N LEU F 980 -7.21 -42.32 19.97
CA LEU F 980 -6.46 -41.33 20.69
C LEU F 980 -6.97 -39.98 20.29
N ALA F 981 -7.11 -39.81 18.99
CA ALA F 981 -7.48 -38.52 18.45
C ALA F 981 -8.79 -37.97 18.96
N GLN F 982 -9.76 -38.84 19.14
CA GLN F 982 -11.03 -38.40 19.62
C GLN F 982 -10.97 -37.94 21.09
N LEU F 983 -10.12 -38.60 21.85
CA LEU F 983 -9.97 -38.27 23.24
C LEU F 983 -9.38 -36.89 23.29
N ILE F 984 -8.28 -36.68 22.60
CA ILE F 984 -7.72 -35.37 22.65
C ILE F 984 -8.71 -34.29 22.28
N TYR F 985 -9.65 -34.59 21.38
CA TYR F 985 -10.69 -33.62 21.03
C TYR F 985 -11.48 -33.35 22.34
N ASP F 986 -12.15 -34.38 22.86
CA ASP F 986 -12.90 -34.30 24.11
C ASP F 986 -12.11 -33.49 25.10
N LEU F 987 -10.88 -33.88 25.34
CA LEU F 987 -10.19 -33.09 26.31
C LEU F 987 -10.15 -31.63 25.92
N LYS F 988 -9.87 -31.30 24.67
CA LYS F 988 -9.76 -29.87 24.38
C LYS F 988 -11.08 -29.15 24.35
N GLN F 989 -12.16 -29.91 24.43
CA GLN F 989 -13.47 -29.40 24.40
C GLN F 989 -13.90 -29.09 25.80
N ILE F 990 -13.61 -29.98 26.73
CA ILE F 990 -14.02 -29.69 28.11
C ILE F 990 -13.11 -28.66 28.71
N ASN F 991 -11.91 -28.52 28.18
CA ASN F 991 -11.08 -27.48 28.69
C ASN F 991 -10.36 -26.68 27.70
N PRO F 992 -10.95 -25.57 27.30
CA PRO F 992 -10.42 -24.70 26.27
C PRO F 992 -9.07 -24.13 26.58
N ASP F 993 -8.66 -24.26 27.80
CA ASP F 993 -7.40 -23.62 28.03
C ASP F 993 -6.25 -24.55 27.99
N ALA F 994 -6.48 -25.83 28.15
CA ALA F 994 -5.33 -26.68 28.34
C ALA F 994 -4.57 -27.18 27.12
N LYS F 995 -3.28 -27.42 27.30
CA LYS F 995 -2.52 -28.13 26.32
C LYS F 995 -2.69 -29.61 26.59
N VAL F 996 -2.60 -30.49 25.59
CA VAL F 996 -2.76 -31.89 25.87
C VAL F 996 -1.45 -32.64 25.67
N THR F 997 -1.20 -33.65 26.50
CA THR F 997 0.10 -34.29 26.44
C THR F 997 -0.06 -35.75 26.36
N VAL F 998 0.88 -36.43 25.70
CA VAL F 998 0.73 -37.87 25.68
C VAL F 998 1.97 -38.48 26.28
N LYS F 999 1.83 -39.21 27.38
CA LYS F 999 3.01 -39.77 28.06
C LYS F 999 3.22 -41.08 27.38
N LEU F 1000 4.39 -41.24 26.78
CA LEU F 1000 4.64 -42.52 26.12
C LEU F 1000 5.94 -43.00 26.62
N VAL F 1001 6.16 -44.30 26.49
CA VAL F 1001 7.37 -44.85 27.02
C VAL F 1001 8.19 -45.27 25.86
N SER F 1002 9.41 -44.76 25.86
CA SER F 1002 10.34 -45.03 24.80
C SER F 1002 10.52 -46.48 24.57
N ARG F 1003 10.72 -46.79 23.30
CA ARG F 1003 10.82 -48.15 22.75
C ARG F 1003 10.91 -47.95 21.23
N SER F 1004 11.44 -48.92 20.48
CA SER F 1004 11.66 -48.55 19.10
C SER F 1004 10.34 -48.53 18.31
N GLY F 1005 10.12 -47.50 17.51
CA GLY F 1005 8.85 -47.33 16.85
C GLY F 1005 8.11 -46.14 17.44
N ILE F 1006 8.57 -45.64 18.59
CA ILE F 1006 7.86 -44.57 19.23
C ILE F 1006 7.87 -43.44 18.25
N GLY F 1007 8.97 -43.24 17.54
CA GLY F 1007 9.03 -42.16 16.55
C GLY F 1007 7.84 -42.07 15.59
N THR F 1008 7.58 -43.19 14.97
CA THR F 1008 6.41 -43.30 14.13
C THR F 1008 5.21 -42.74 14.86
N ILE F 1009 4.78 -43.47 15.88
CA ILE F 1009 3.70 -43.03 16.68
C ILE F 1009 3.79 -41.55 17.08
N ALA F 1010 4.96 -41.13 17.47
CA ALA F 1010 4.96 -39.79 17.91
C ALA F 1010 4.33 -38.95 16.84
N ALA F 1011 4.58 -39.33 15.60
CA ALA F 1011 4.07 -38.55 14.48
C ALA F 1011 2.55 -38.52 14.58
N GLY F 1012 1.96 -39.71 14.45
CA GLY F 1012 0.52 -39.86 14.59
C GLY F 1012 -0.02 -39.03 15.76
N VAL F 1013 0.65 -39.13 16.91
CA VAL F 1013 0.27 -38.34 18.04
C VAL F 1013 0.20 -36.90 17.59
N ALA F 1014 1.26 -36.39 16.99
CA ALA F 1014 1.23 -34.99 16.56
C ALA F 1014 0.10 -34.66 15.57
N LYS F 1015 -0.24 -35.61 14.72
CA LYS F 1015 -1.32 -35.38 13.80
C LYS F 1015 -2.59 -35.44 14.58
N ALA F 1016 -2.60 -36.01 15.77
CA ALA F 1016 -3.87 -36.03 16.45
C ALA F 1016 -4.02 -34.81 17.34
N ASN F 1017 -3.25 -33.80 17.04
CA ASN F 1017 -3.42 -32.58 17.76
C ASN F 1017 -2.99 -32.53 19.20
N ALA F 1018 -1.92 -33.23 19.49
CA ALA F 1018 -1.44 -33.27 20.86
C ALA F 1018 -0.46 -32.14 21.00
N ASP F 1019 -0.44 -31.40 22.06
CA ASP F 1019 0.59 -30.39 22.11
C ASP F 1019 1.96 -30.74 22.71
N ILE F 1020 2.09 -31.79 23.53
CA ILE F 1020 3.43 -32.03 24.06
C ILE F 1020 3.62 -33.49 23.98
N ILE F 1021 4.81 -33.99 23.76
CA ILE F 1021 4.88 -35.44 23.84
C ILE F 1021 5.95 -35.79 24.86
N LEU F 1022 5.63 -36.76 25.72
CA LEU F 1022 6.54 -37.08 26.77
C LEU F 1022 7.03 -38.45 26.60
N ILE F 1023 8.34 -38.53 26.56
CA ILE F 1023 8.95 -39.85 26.41
C ILE F 1023 9.63 -40.23 27.69
N SER F 1024 9.15 -41.34 28.21
CA SER F 1024 9.62 -41.87 29.45
C SER F 1024 10.57 -43.03 29.32
N GLY F 1025 11.64 -42.91 30.08
CA GLY F 1025 12.69 -43.92 30.17
C GLY F 1025 12.35 -45.23 30.89
N ASN F 1026 13.12 -46.25 30.56
CA ASN F 1026 12.81 -47.57 31.08
C ASN F 1026 12.92 -47.59 32.59
N SER F 1027 13.90 -46.84 33.07
CA SER F 1027 14.32 -46.79 34.46
C SER F 1027 13.52 -45.96 35.44
N GLY F 1028 12.35 -45.48 35.07
CA GLY F 1028 11.62 -44.55 35.93
C GLY F 1028 11.06 -45.30 37.09
N GLY F 1029 10.48 -44.55 38.04
CA GLY F 1029 9.95 -45.08 39.30
C GLY F 1029 8.52 -45.52 39.23
N THR F 1030 7.99 -46.17 40.27
CA THR F 1030 6.59 -46.58 40.34
C THR F 1030 6.46 -46.89 41.82
N GLY F 1031 5.30 -46.69 42.40
CA GLY F 1031 5.12 -47.00 43.78
C GLY F 1031 4.87 -48.48 43.87
N ALA F 1032 4.49 -49.13 42.79
CA ALA F 1032 4.24 -50.58 42.85
C ALA F 1032 4.27 -51.12 41.45
N SER F 1033 4.82 -52.31 41.28
CA SER F 1033 4.83 -52.84 39.94
C SER F 1033 5.57 -54.13 40.03
N PRO F 1034 5.23 -55.13 39.20
CA PRO F 1034 5.92 -56.43 39.23
C PRO F 1034 7.37 -56.16 38.93
N GLN F 1035 8.28 -57.06 39.21
CA GLN F 1035 9.66 -56.64 39.09
C GLN F 1035 10.26 -56.80 37.78
N THR F 1036 9.60 -57.66 37.04
CA THR F 1036 9.97 -58.00 35.67
C THR F 1036 9.88 -56.77 34.76
N SER F 1037 8.77 -56.05 34.91
CA SER F 1037 8.60 -54.83 34.14
C SER F 1037 9.62 -53.77 34.59
N ILE F 1038 10.05 -53.96 35.81
CA ILE F 1038 11.03 -53.02 36.21
C ILE F 1038 12.36 -53.27 35.56
N LYS F 1039 12.55 -54.50 35.14
CA LYS F 1039 13.87 -54.83 34.74
C LYS F 1039 13.84 -55.27 33.35
N PHE F 1040 12.66 -55.30 32.75
CA PHE F 1040 12.59 -55.82 31.42
C PHE F 1040 11.72 -55.10 30.41
N ALA F 1041 10.74 -54.30 30.81
CA ALA F 1041 10.01 -53.56 29.81
C ALA F 1041 10.87 -52.33 29.56
N GLY F 1042 10.44 -51.43 28.69
CA GLY F 1042 11.15 -50.20 28.38
C GLY F 1042 12.54 -50.11 27.77
N LEU F 1043 12.94 -48.90 27.39
CA LEU F 1043 14.22 -48.67 26.75
C LEU F 1043 14.77 -47.36 27.17
N PRO F 1044 16.07 -47.20 27.25
CA PRO F 1044 16.59 -45.90 27.67
C PRO F 1044 15.93 -44.76 26.96
N TRP F 1045 15.79 -43.60 27.56
CA TRP F 1045 15.27 -42.48 26.83
C TRP F 1045 16.24 -42.06 25.75
N GLU F 1046 17.53 -42.17 25.99
CA GLU F 1046 18.37 -41.60 24.95
C GLU F 1046 17.98 -42.13 23.56
N MET F 1047 17.65 -43.39 23.43
CA MET F 1047 17.16 -43.88 22.16
C MET F 1047 15.77 -43.22 21.89
N GLY F 1048 14.74 -43.77 22.51
CA GLY F 1048 13.43 -43.22 22.26
C GLY F 1048 13.28 -41.72 22.05
N LEU F 1049 13.88 -40.91 22.91
CA LEU F 1049 13.77 -39.47 22.75
C LEU F 1049 14.22 -39.08 21.35
N SER F 1050 15.42 -39.42 20.91
CA SER F 1050 15.79 -39.01 19.55
C SER F 1050 14.93 -39.60 18.44
N GLU F 1051 14.59 -40.88 18.52
CA GLU F 1051 13.63 -41.37 17.56
C GLU F 1051 12.55 -40.24 17.48
N VAL F 1052 11.71 -39.99 18.46
CA VAL F 1052 10.81 -38.87 18.31
C VAL F 1052 11.48 -37.62 17.70
N HIS F 1053 12.46 -37.06 18.37
CA HIS F 1053 12.97 -35.89 17.71
C HIS F 1053 13.21 -36.03 16.24
N GLN F 1054 13.70 -37.19 15.85
CA GLN F 1054 14.10 -37.33 14.46
C GLN F 1054 12.86 -37.42 13.60
N VAL F 1055 12.21 -38.57 13.62
CA VAL F 1055 11.02 -38.75 12.84
C VAL F 1055 10.10 -37.55 12.80
N LEU F 1056 9.61 -37.14 13.93
CA LEU F 1056 8.84 -35.93 13.87
C LEU F 1056 9.56 -34.91 13.01
N THR F 1057 10.86 -34.84 13.05
CA THR F 1057 11.47 -33.80 12.23
C THR F 1057 11.35 -34.19 10.76
N LEU F 1058 11.62 -35.43 10.50
CA LEU F 1058 11.51 -35.93 9.18
C LEU F 1058 10.12 -35.78 8.59
N ASN F 1059 9.07 -35.44 9.33
CA ASN F 1059 7.75 -35.38 8.68
C ASN F 1059 7.31 -34.00 8.83
N ARG F 1060 8.26 -33.16 9.15
CA ARG F 1060 7.88 -31.81 9.32
C ARG F 1060 6.70 -31.64 10.28
N LEU F 1061 6.66 -32.38 11.39
CA LEU F 1061 5.62 -32.21 12.40
C LEU F 1061 6.28 -31.72 13.72
N ARG F 1062 7.58 -31.76 13.73
CA ARG F 1062 8.32 -31.46 14.90
C ARG F 1062 8.25 -30.08 15.41
N HIS F 1063 7.35 -29.24 15.03
CA HIS F 1063 7.44 -27.86 15.59
C HIS F 1063 6.04 -27.66 16.08
N ARG F 1064 5.31 -28.75 16.02
CA ARG F 1064 3.91 -28.65 16.22
C ARG F 1064 3.68 -29.06 17.61
N VAL F 1065 4.66 -29.76 18.15
CA VAL F 1065 4.51 -30.33 19.46
C VAL F 1065 5.78 -30.06 20.22
N ARG F 1066 5.71 -29.95 21.56
CA ARG F 1066 6.86 -29.77 22.48
C ARG F 1066 7.21 -31.14 23.00
N LEU F 1067 8.50 -31.42 23.17
CA LEU F 1067 8.97 -32.71 23.73
C LEU F 1067 9.52 -32.58 25.13
N ARG F 1068 9.17 -33.56 25.95
CA ARG F 1068 9.55 -33.63 27.35
C ARG F 1068 10.03 -35.02 27.59
N THR F 1069 10.91 -35.12 28.56
CA THR F 1069 11.44 -36.40 28.92
C THR F 1069 11.70 -36.66 30.43
N ASP F 1070 11.72 -37.92 30.82
CA ASP F 1070 11.97 -38.23 32.20
C ASP F 1070 12.46 -39.64 32.28
N GLY F 1071 13.16 -39.98 33.37
CA GLY F 1071 13.83 -41.25 33.56
C GLY F 1071 15.16 -41.25 34.33
N GLY F 1072 15.18 -40.86 35.59
CA GLY F 1072 16.49 -40.97 36.16
C GLY F 1072 17.34 -39.73 35.98
N LEU F 1073 16.80 -38.64 35.48
CA LEU F 1073 17.61 -37.46 35.39
C LEU F 1073 17.88 -37.02 36.83
N LYS F 1074 19.14 -36.88 37.19
CA LYS F 1074 19.48 -36.52 38.56
C LYS F 1074 20.33 -35.31 38.56
N THR F 1075 20.70 -34.84 37.39
CA THR F 1075 21.80 -33.93 37.35
C THR F 1075 21.90 -32.90 36.28
N GLY F 1076 22.64 -31.86 36.54
CA GLY F 1076 22.79 -30.88 35.48
C GLY F 1076 23.08 -31.51 34.13
N ARG F 1077 24.21 -32.17 33.97
CA ARG F 1077 24.50 -32.67 32.65
C ARG F 1077 23.32 -33.55 32.13
N ASP F 1078 22.88 -34.54 32.91
CA ASP F 1078 21.73 -35.32 32.46
C ASP F 1078 20.72 -34.43 31.71
N ILE F 1079 20.59 -33.18 32.12
CA ILE F 1079 19.55 -32.37 31.55
C ILE F 1079 20.02 -31.79 30.28
N VAL F 1080 21.22 -31.23 30.27
CA VAL F 1080 21.75 -30.71 29.01
C VAL F 1080 21.75 -31.79 27.92
N ILE F 1081 22.34 -32.94 28.20
CA ILE F 1081 22.28 -33.94 27.17
C ILE F 1081 20.87 -34.15 26.75
N ALA F 1082 19.93 -34.20 27.65
CA ALA F 1082 18.58 -34.45 27.11
C ALA F 1082 18.19 -33.35 26.11
N ALA F 1083 18.60 -32.14 26.40
CA ALA F 1083 18.14 -31.09 25.56
C ALA F 1083 18.67 -31.27 24.14
N MET F 1084 19.97 -31.51 24.07
CA MET F 1084 20.65 -31.69 22.81
C MET F 1084 20.01 -32.91 22.11
N LEU F 1085 19.57 -33.92 22.83
CA LEU F 1085 19.01 -34.96 22.00
C LEU F 1085 17.69 -34.45 21.48
N GLY F 1086 17.22 -33.29 21.96
CA GLY F 1086 15.98 -32.78 21.43
C GLY F 1086 14.87 -32.44 22.41
N ALA F 1087 15.13 -32.62 23.69
CA ALA F 1087 14.03 -32.35 24.59
C ALA F 1087 13.93 -30.89 24.99
N GLU F 1088 12.75 -30.45 25.42
CA GLU F 1088 12.56 -29.06 25.81
C GLU F 1088 12.07 -28.87 27.26
N GLU F 1089 11.65 -29.97 27.86
CA GLU F 1089 11.17 -29.99 29.20
C GLU F 1089 11.64 -31.30 29.80
N PHE F 1090 12.03 -31.26 31.06
CA PHE F 1090 12.54 -32.43 31.77
C PHE F 1090 11.76 -32.74 33.06
N GLY F 1091 11.49 -34.01 33.26
CA GLY F 1091 10.71 -34.43 34.41
C GLY F 1091 11.51 -34.99 35.56
N ILE F 1092 11.28 -34.42 36.73
CA ILE F 1092 12.08 -34.90 37.83
C ILE F 1092 11.34 -35.45 39.01
N GLY F 1093 11.18 -36.76 39.15
CA GLY F 1093 10.42 -37.26 40.31
C GLY F 1093 11.24 -37.84 41.48
N THR F 1094 11.56 -39.13 41.39
CA THR F 1094 12.44 -39.67 42.38
C THR F 1094 13.38 -38.68 43.03
N ALA F 1095 14.28 -38.07 42.30
CA ALA F 1095 15.16 -37.17 42.98
C ALA F 1095 14.37 -36.14 43.75
N SER F 1096 13.27 -35.64 43.21
CA SER F 1096 12.59 -34.72 44.07
C SER F 1096 12.00 -35.44 45.28
N LEU F 1097 11.53 -36.67 45.10
CA LEU F 1097 11.12 -37.50 46.24
C LEU F 1097 12.24 -37.63 47.28
N ILE F 1098 13.46 -37.89 46.82
CA ILE F 1098 14.52 -38.13 47.75
C ILE F 1098 14.80 -36.89 48.56
N ALA F 1099 14.63 -35.74 47.96
CA ALA F 1099 14.95 -34.55 48.65
C ALA F 1099 13.83 -34.40 49.66
N MET F 1100 12.64 -34.83 49.33
CA MET F 1100 11.67 -34.64 50.40
C MET F 1100 11.94 -35.67 51.48
N GLY F 1101 13.00 -36.47 51.32
CA GLY F 1101 13.35 -37.51 52.26
C GLY F 1101 13.38 -39.00 51.91
N CYS F 1102 13.09 -39.43 50.68
CA CYS F 1102 13.08 -40.91 50.41
C CYS F 1102 14.47 -41.41 50.70
N ILE F 1103 14.59 -42.64 51.20
CA ILE F 1103 15.94 -43.14 51.46
C ILE F 1103 16.20 -44.37 50.62
N MET F 1104 15.28 -44.64 49.69
CA MET F 1104 15.49 -45.64 48.63
C MET F 1104 15.53 -47.02 49.15
N VAL F 1105 14.53 -47.29 49.96
CA VAL F 1105 14.47 -48.58 50.57
C VAL F 1105 13.45 -49.52 50.00
N ARG F 1106 12.82 -49.03 48.95
CA ARG F 1106 11.86 -49.81 48.19
C ARG F 1106 10.76 -50.52 48.92
N GLN F 1107 10.02 -49.83 49.78
CA GLN F 1107 8.87 -50.51 50.36
C GLN F 1107 7.61 -49.74 50.15
N CYS F 1108 7.57 -49.15 48.96
CA CYS F 1108 6.45 -48.35 48.57
C CYS F 1108 5.21 -49.21 48.47
N HIS F 1109 5.31 -50.45 48.01
CA HIS F 1109 4.05 -51.16 47.88
C HIS F 1109 3.52 -51.60 49.16
N SER F 1110 4.41 -51.61 50.16
CA SER F 1110 4.13 -52.14 51.49
C SER F 1110 3.40 -51.29 52.52
N ASN F 1111 3.43 -49.98 52.35
CA ASN F 1111 2.75 -49.07 53.23
C ASN F 1111 3.46 -49.03 54.56
N THR F 1112 4.77 -49.13 54.51
CA THR F 1112 5.60 -49.07 55.70
C THR F 1112 6.74 -48.06 55.41
N CYS F 1113 6.41 -46.84 55.08
CA CYS F 1113 7.54 -46.02 54.73
C CYS F 1113 8.15 -45.29 55.88
N PRO F 1114 9.34 -45.73 56.12
CA PRO F 1114 10.18 -45.06 57.06
C PRO F 1114 10.02 -43.60 57.09
N VAL F 1115 9.48 -42.96 56.07
CA VAL F 1115 9.63 -41.54 56.08
C VAL F 1115 8.49 -40.70 55.66
N GLY F 1116 7.31 -41.30 55.68
CA GLY F 1116 6.16 -40.46 55.38
C GLY F 1116 5.99 -40.14 53.92
N VAL F 1117 6.83 -40.73 53.07
CA VAL F 1117 6.66 -40.43 51.68
C VAL F 1117 5.65 -41.23 50.86
N CYS F 1118 5.89 -42.51 50.66
CA CYS F 1118 4.87 -43.21 49.97
C CYS F 1118 4.06 -44.03 50.97
N VAL F 1119 3.24 -43.42 51.82
CA VAL F 1119 2.47 -44.32 52.70
C VAL F 1119 1.15 -43.72 53.17
N GLN F 1120 0.08 -44.50 53.19
CA GLN F 1120 -1.16 -43.95 53.69
C GLN F 1120 -1.26 -44.01 55.22
N ASP F 1121 -0.59 -44.97 55.86
CA ASP F 1121 -0.65 -45.00 57.34
C ASP F 1121 -0.21 -43.73 58.07
N ASP F 1122 -1.09 -43.41 59.02
CA ASP F 1122 -1.02 -42.21 59.83
C ASP F 1122 0.22 -42.05 60.64
N LYS F 1123 0.49 -43.09 61.39
CA LYS F 1123 1.56 -42.95 62.30
C LYS F 1123 2.80 -42.73 61.51
N LEU F 1124 2.86 -43.47 60.42
CA LEU F 1124 4.05 -43.41 59.57
C LEU F 1124 4.15 -42.11 58.88
N ARG F 1125 3.02 -41.62 58.40
CA ARG F 1125 3.02 -40.32 57.77
C ARG F 1125 3.52 -39.22 58.67
N GLN F 1126 3.57 -39.46 59.96
CA GLN F 1126 3.95 -38.37 60.83
C GLN F 1126 5.42 -38.29 60.85
N LYS F 1127 6.05 -39.29 60.25
CA LYS F 1127 7.49 -39.18 60.18
C LYS F 1127 7.99 -38.30 59.01
N PHE F 1128 7.07 -37.69 58.25
CA PHE F 1128 7.46 -36.94 57.06
C PHE F 1128 8.16 -35.60 57.26
N VAL F 1129 9.31 -35.39 56.65
CA VAL F 1129 9.96 -34.09 56.84
C VAL F 1129 10.21 -33.33 55.50
N GLY F 1130 9.28 -33.56 54.59
CA GLY F 1130 9.40 -32.90 53.32
C GLY F 1130 9.19 -31.40 53.45
N THR F 1131 9.83 -30.64 52.57
CA THR F 1131 9.63 -29.21 52.52
C THR F 1131 9.64 -28.59 51.14
N PRO F 1132 8.64 -27.76 50.90
CA PRO F 1132 8.60 -26.96 49.68
C PRO F 1132 10.01 -26.42 49.44
N GLU F 1133 10.50 -25.88 50.51
CA GLU F 1133 11.81 -25.31 50.41
C GLU F 1133 12.80 -26.35 49.92
N LYS F 1134 12.71 -27.60 50.36
CA LYS F 1134 13.80 -28.50 49.99
C LYS F 1134 13.78 -28.71 48.52
N VAL F 1135 12.59 -29.08 48.06
CA VAL F 1135 12.38 -29.28 46.65
C VAL F 1135 12.79 -28.02 45.92
N VAL F 1136 12.14 -26.92 46.24
CA VAL F 1136 12.62 -25.78 45.53
C VAL F 1136 14.11 -25.75 45.39
N ASN F 1137 14.82 -26.03 46.46
CA ASN F 1137 16.27 -26.04 46.30
C ASN F 1137 16.77 -26.97 45.21
N LEU F 1138 16.24 -28.18 45.18
CA LEU F 1138 16.69 -29.21 44.25
C LEU F 1138 16.67 -28.59 42.87
N PHE F 1139 15.52 -28.04 42.50
CA PHE F 1139 15.44 -27.49 41.16
C PHE F 1139 16.42 -26.36 41.05
N THR F 1140 16.38 -25.48 42.03
CA THR F 1140 17.33 -24.40 41.90
C THR F 1140 18.76 -24.83 41.59
N PHE F 1141 19.20 -25.96 42.12
CA PHE F 1141 20.56 -26.30 41.87
C PHE F 1141 20.67 -26.74 40.45
N LEU F 1142 20.14 -27.91 40.14
CA LEU F 1142 20.04 -28.43 38.76
C LEU F 1142 20.13 -27.29 37.75
N ALA F 1143 19.24 -26.31 37.88
CA ALA F 1143 19.28 -25.20 36.97
C ALA F 1143 20.67 -24.57 36.93
N GLU F 1144 21.05 -23.97 38.03
CA GLU F 1144 22.36 -23.36 38.05
C GLU F 1144 23.38 -24.36 37.50
N GLU F 1145 23.23 -25.62 37.82
CA GLU F 1145 24.28 -26.48 37.34
C GLU F 1145 24.21 -26.48 35.81
N VAL F 1146 23.02 -26.23 35.27
CA VAL F 1146 22.82 -26.30 33.83
C VAL F 1146 23.48 -25.05 33.31
N ARG F 1147 23.07 -23.93 33.85
CA ARG F 1147 23.70 -22.77 33.24
C ARG F 1147 25.19 -22.88 33.33
N GLU F 1148 25.69 -23.69 34.23
CA GLU F 1148 27.13 -23.66 34.41
C GLU F 1148 27.72 -24.28 33.20
N ILE F 1149 27.13 -25.43 32.88
CA ILE F 1149 27.54 -26.19 31.70
C ILE F 1149 27.43 -25.40 30.41
N LEU F 1150 26.35 -24.65 30.24
CA LEU F 1150 26.13 -24.01 28.96
C LEU F 1150 27.25 -23.07 28.70
N ALA F 1151 27.53 -22.30 29.74
CA ALA F 1151 28.52 -21.25 29.59
C ALA F 1151 29.84 -21.96 29.28
N GLY F 1152 29.87 -23.22 29.65
CA GLY F 1152 31.06 -23.96 29.29
C GLY F 1152 31.10 -24.14 27.80
N LEU F 1153 29.96 -24.39 27.16
CA LEU F 1153 29.95 -24.74 25.75
C LEU F 1153 29.95 -23.50 24.92
N GLY F 1154 29.84 -22.37 25.59
CA GLY F 1154 29.85 -21.13 24.84
C GLY F 1154 28.41 -20.78 24.48
N PHE F 1155 27.44 -21.48 24.99
CA PHE F 1155 26.09 -21.03 24.70
C PHE F 1155 25.46 -20.30 25.88
N ARG F 1156 24.67 -19.28 25.58
CA ARG F 1156 24.12 -18.44 26.58
C ARG F 1156 22.69 -18.82 26.89
N SER F 1157 22.21 -19.98 26.40
CA SER F 1157 20.83 -20.36 26.71
C SER F 1157 20.39 -21.78 26.33
N LEU F 1158 19.40 -22.34 26.99
CA LEU F 1158 19.10 -23.72 26.69
C LEU F 1158 18.64 -23.94 25.25
N ASN F 1159 17.85 -22.99 24.76
CA ASN F 1159 17.23 -23.08 23.45
C ASN F 1159 18.29 -23.24 22.42
N GLU F 1160 19.30 -22.38 22.46
CA GLU F 1160 20.38 -22.44 21.49
C GLU F 1160 20.97 -23.80 21.39
N VAL F 1161 20.42 -24.80 22.05
CA VAL F 1161 21.19 -26.01 22.03
C VAL F 1161 20.29 -27.17 21.94
N ILE F 1162 18.99 -26.95 21.93
CA ILE F 1162 18.12 -28.10 21.84
C ILE F 1162 18.28 -28.75 20.49
N GLY F 1163 18.35 -30.08 20.49
CA GLY F 1163 18.55 -30.81 19.27
C GLY F 1163 19.97 -30.71 18.75
N ARG F 1164 20.76 -29.72 19.16
CA ARG F 1164 22.12 -29.62 18.65
C ARG F 1164 23.01 -30.84 18.89
N THR F 1165 22.76 -32.01 18.32
CA THR F 1165 23.66 -33.09 18.72
C THR F 1165 25.08 -32.94 18.25
N ASP F 1166 25.33 -32.09 17.28
CA ASP F 1166 26.70 -31.86 16.91
C ASP F 1166 27.57 -31.61 18.16
N LEU F 1167 27.02 -30.98 19.18
CA LEU F 1167 27.81 -30.86 20.43
C LEU F 1167 28.06 -32.14 21.29
N LEU F 1168 27.72 -33.38 20.87
CA LEU F 1168 28.02 -34.54 21.69
C LEU F 1168 28.72 -35.69 21.02
N HIS F 1169 29.93 -36.02 21.45
CA HIS F 1169 30.63 -37.11 20.81
C HIS F 1169 30.65 -38.36 21.65
N GLN F 1170 30.70 -39.54 21.05
CA GLN F 1170 30.60 -40.71 21.90
C GLN F 1170 31.92 -41.28 22.14
N VAL F 1171 32.41 -41.12 23.36
CA VAL F 1171 33.63 -41.83 23.67
C VAL F 1171 33.53 -43.20 24.29
N SER F 1172 32.43 -43.67 24.95
CA SER F 1172 32.26 -45.01 25.53
C SER F 1172 33.51 -45.82 25.86
N ARG F 1173 34.23 -45.51 26.94
CA ARG F 1173 35.39 -46.33 27.13
C ARG F 1173 35.28 -46.86 28.50
N GLY F 1174 35.98 -47.98 28.76
CA GLY F 1174 35.97 -48.62 30.05
C GLY F 1174 36.96 -49.73 29.94
N ALA F 1175 36.94 -50.70 30.88
CA ALA F 1175 37.89 -51.76 30.74
C ALA F 1175 37.17 -53.03 30.41
N GLU F 1176 37.37 -53.51 29.17
CA GLU F 1176 36.90 -54.75 28.62
C GLU F 1176 37.63 -54.92 27.33
N HIS F 1177 37.16 -55.93 26.56
CA HIS F 1177 37.57 -56.31 25.24
C HIS F 1177 36.86 -55.37 24.32
N LEU F 1178 37.39 -55.10 23.11
CA LEU F 1178 36.68 -54.20 22.22
C LEU F 1178 35.40 -54.86 21.81
N ASP F 1179 34.28 -54.42 22.44
CA ASP F 1179 32.96 -54.87 22.13
C ASP F 1179 32.16 -53.60 22.19
N ASP F 1180 32.04 -52.92 21.04
CA ASP F 1180 31.54 -51.53 21.18
C ASP F 1180 30.14 -51.24 20.69
N LEU F 1181 29.60 -50.12 21.12
CA LEU F 1181 28.24 -49.78 20.72
C LEU F 1181 28.34 -48.67 19.68
N ASP F 1182 27.25 -48.51 18.94
CA ASP F 1182 27.15 -47.54 17.85
C ASP F 1182 26.16 -46.51 18.34
N LEU F 1183 26.62 -45.37 18.82
CA LEU F 1183 25.64 -44.44 19.35
C LEU F 1183 25.24 -43.44 18.34
N ASN F 1184 25.49 -43.78 17.09
CA ASN F 1184 25.31 -42.85 16.00
C ASN F 1184 23.86 -42.56 15.73
N PRO F 1185 23.14 -43.62 15.37
CA PRO F 1185 21.71 -43.53 15.14
C PRO F 1185 21.09 -42.63 16.20
N ARG F 1186 21.71 -42.46 17.37
CA ARG F 1186 21.15 -41.56 18.37
C ARG F 1186 21.60 -40.17 18.04
N LEU F 1187 22.81 -40.07 17.55
CA LEU F 1187 23.35 -38.74 17.34
C LEU F 1187 23.09 -38.06 16.02
N ALA F 1188 22.57 -38.80 15.05
CA ALA F 1188 22.45 -38.21 13.71
C ALA F 1188 21.45 -37.10 13.59
N GLN F 1189 21.74 -36.17 12.68
CA GLN F 1189 20.83 -35.06 12.37
C GLN F 1189 20.09 -35.44 11.13
N VAL F 1190 18.86 -34.95 10.99
CA VAL F 1190 18.02 -35.30 9.85
C VAL F 1190 18.32 -34.38 8.66
N ASP F 1191 18.20 -33.09 8.87
CA ASP F 1191 18.57 -32.15 7.83
C ASP F 1191 19.69 -31.35 8.46
N PRO F 1192 20.91 -31.88 8.50
CA PRO F 1192 22.07 -31.17 9.09
C PRO F 1192 22.33 -29.85 8.43
N GLY F 1193 23.06 -28.97 9.09
CA GLY F 1193 23.45 -27.71 8.46
C GLY F 1193 22.39 -26.63 8.48
N GLU F 1194 22.71 -25.35 8.12
CA GLU F 1194 21.90 -24.22 8.59
C GLU F 1194 20.41 -24.34 8.59
N ASN F 1195 19.91 -24.18 9.83
CA ASN F 1195 18.56 -24.20 10.26
C ASN F 1195 17.92 -22.91 9.84
N ALA F 1196 16.59 -22.94 9.70
CA ALA F 1196 15.78 -21.79 9.44
C ALA F 1196 15.47 -21.24 10.79
N ARG F 1197 15.05 -19.97 10.90
CA ARG F 1197 14.75 -19.53 12.23
C ARG F 1197 13.26 -19.48 12.34
N TYR F 1198 12.75 -19.99 13.46
CA TYR F 1198 11.36 -20.02 13.76
C TYR F 1198 11.18 -19.01 14.84
N CYS F 1199 10.04 -18.32 14.82
CA CYS F 1199 9.64 -17.42 15.87
C CYS F 1199 8.92 -18.29 16.86
N THR F 1200 8.63 -17.77 18.07
CA THR F 1200 7.99 -18.58 19.07
C THR F 1200 6.62 -18.95 18.59
N LEU F 1201 6.36 -20.27 18.40
CA LEU F 1201 5.05 -20.72 17.97
C LEU F 1201 4.21 -20.62 19.21
N GLN F 1202 2.93 -20.16 19.11
CA GLN F 1202 2.29 -20.00 20.38
C GLN F 1202 1.00 -20.73 20.46
N GLY F 1203 0.59 -20.90 21.72
CA GLY F 1203 -0.68 -21.39 22.25
C GLY F 1203 -0.80 -22.90 22.10
N ARG F 1204 -1.98 -23.40 21.72
CA ARG F 1204 -2.11 -24.84 21.59
C ARG F 1204 -2.66 -25.29 20.24
N ASN F 1205 -2.30 -26.46 19.76
CA ASN F 1205 -2.85 -26.84 18.49
C ASN F 1205 -4.38 -26.79 18.70
N GLU F 1206 -5.01 -25.78 18.10
CA GLU F 1206 -6.43 -25.61 18.21
C GLU F 1206 -7.29 -26.60 17.45
N VAL F 1207 -8.59 -26.64 17.72
CA VAL F 1207 -9.48 -27.65 17.12
C VAL F 1207 -10.86 -27.11 16.74
N PRO F 1208 -11.51 -27.79 15.83
CA PRO F 1208 -12.80 -27.38 15.27
C PRO F 1208 -14.00 -27.33 16.23
N ASP F 1209 -14.85 -26.31 16.13
CA ASP F 1209 -16.06 -26.26 16.95
C ASP F 1209 -16.96 -27.40 16.58
N THR F 1210 -17.95 -27.66 17.43
CA THR F 1210 -19.01 -28.61 17.16
C THR F 1210 -20.30 -27.85 17.47
N LEU F 1211 -21.33 -28.65 17.69
CA LEU F 1211 -22.62 -28.10 17.91
C LEU F 1211 -22.50 -27.19 19.09
N ASP F 1212 -21.56 -27.47 19.98
CA ASP F 1212 -21.54 -26.69 21.17
C ASP F 1212 -21.30 -25.23 20.95
N ALA F 1213 -20.78 -24.88 19.80
CA ALA F 1213 -20.52 -23.48 19.58
C ALA F 1213 -21.79 -22.72 19.21
N ARG F 1214 -22.92 -23.41 19.16
CA ARG F 1214 -24.14 -22.70 18.82
C ARG F 1214 -25.02 -22.79 20.06
N ILE F 1215 -24.95 -23.92 20.73
CA ILE F 1215 -25.69 -24.07 21.95
C ILE F 1215 -25.23 -22.97 22.88
N VAL F 1216 -23.94 -22.75 22.93
CA VAL F 1216 -23.52 -21.76 23.86
C VAL F 1216 -24.02 -20.39 23.47
N ALA F 1217 -24.18 -20.19 22.18
CA ALA F 1217 -24.56 -18.90 21.65
C ALA F 1217 -26.01 -18.85 21.87
N ASP F 1218 -26.68 -19.95 21.60
CA ASP F 1218 -28.08 -19.93 21.80
C ASP F 1218 -28.43 -19.87 23.27
N ALA F 1219 -27.41 -19.91 24.13
CA ALA F 1219 -27.64 -19.95 25.55
C ALA F 1219 -27.28 -18.73 26.34
N ARG F 1220 -27.22 -17.56 25.73
CA ARG F 1220 -26.80 -16.38 26.48
C ARG F 1220 -27.57 -16.24 27.78
N PRO F 1221 -28.88 -16.32 27.69
CA PRO F 1221 -29.73 -16.14 28.87
C PRO F 1221 -29.28 -17.03 30.03
N LEU F 1222 -28.96 -18.28 29.76
CA LEU F 1222 -28.44 -19.17 30.78
C LEU F 1222 -27.31 -18.51 31.48
N PHE F 1223 -26.25 -18.21 30.78
CA PHE F 1223 -25.08 -17.63 31.45
C PHE F 1223 -25.22 -16.21 31.87
N GLU F 1224 -26.17 -15.49 31.31
CA GLU F 1224 -26.24 -14.10 31.64
C GLU F 1224 -27.27 -13.82 32.69
N GLU F 1225 -28.38 -14.53 32.62
CA GLU F 1225 -29.49 -14.27 33.49
C GLU F 1225 -29.89 -15.45 34.34
N GLY F 1226 -29.31 -16.62 34.07
CA GLY F 1226 -29.69 -17.81 34.78
C GLY F 1226 -30.90 -18.51 34.21
N GLU F 1227 -31.50 -18.03 33.13
CA GLU F 1227 -32.72 -18.70 32.66
C GLU F 1227 -32.57 -20.17 32.46
N LYS F 1228 -33.68 -20.85 32.23
CA LYS F 1228 -33.67 -22.26 31.99
C LYS F 1228 -34.14 -22.40 30.53
N MET F 1229 -33.49 -23.23 29.72
CA MET F 1229 -33.83 -23.26 28.31
C MET F 1229 -34.01 -24.61 27.65
N GLN F 1230 -34.71 -24.66 26.53
CA GLN F 1230 -34.86 -25.89 25.79
C GLN F 1230 -34.37 -25.57 24.39
N LEU F 1231 -33.32 -26.25 23.93
CA LEU F 1231 -32.82 -26.04 22.59
C LEU F 1231 -33.03 -27.29 21.76
N ALA F 1232 -33.29 -27.12 20.46
CA ALA F 1232 -33.50 -28.27 19.56
C ALA F 1232 -32.56 -28.18 18.40
N TYR F 1233 -31.95 -29.28 18.04
CA TYR F 1233 -31.01 -29.22 16.95
C TYR F 1233 -30.99 -30.60 16.32
N ASN F 1234 -30.41 -30.74 15.13
CA ASN F 1234 -30.32 -32.08 14.52
C ASN F 1234 -28.95 -32.56 14.85
N ALA F 1235 -28.64 -33.81 14.64
CA ALA F 1235 -27.28 -34.17 14.98
C ALA F 1235 -26.85 -35.25 14.03
N ARG F 1236 -25.57 -35.23 13.70
CA ARG F 1236 -25.09 -36.18 12.74
C ARG F 1236 -23.95 -36.97 13.28
N ASN F 1237 -23.67 -38.13 12.69
CA ASN F 1237 -22.56 -38.92 13.23
C ASN F 1237 -21.31 -38.18 13.08
N THR F 1238 -21.36 -37.01 12.51
CA THR F 1238 -20.13 -36.36 12.18
C THR F 1238 -19.83 -35.36 13.25
N GLN F 1239 -20.78 -35.10 14.13
CA GLN F 1239 -20.56 -34.10 15.15
C GLN F 1239 -20.23 -34.85 16.46
N ARG F 1240 -19.13 -34.45 17.09
CA ARG F 1240 -18.59 -35.21 18.17
C ARG F 1240 -18.55 -34.45 19.45
N ALA F 1241 -18.62 -35.17 20.56
CA ALA F 1241 -18.55 -34.53 21.84
C ALA F 1241 -19.62 -33.46 22.06
N ILE F 1242 -20.82 -33.64 21.53
CA ILE F 1242 -21.86 -32.64 21.71
C ILE F 1242 -22.12 -32.44 23.18
N GLY F 1243 -22.08 -31.21 23.70
CA GLY F 1243 -22.36 -31.01 25.11
C GLY F 1243 -21.11 -30.74 25.92
N THR F 1244 -20.05 -31.39 25.54
CA THR F 1244 -18.86 -31.17 26.34
C THR F 1244 -18.44 -29.71 26.47
N ARG F 1245 -18.35 -28.92 25.43
CA ARG F 1245 -18.03 -27.55 25.80
C ARG F 1245 -19.15 -26.89 26.61
N LEU F 1246 -20.39 -27.29 26.43
CA LEU F 1246 -21.46 -26.67 27.18
C LEU F 1246 -21.02 -26.84 28.62
N SER F 1247 -20.77 -28.09 28.99
CA SER F 1247 -20.37 -28.51 30.33
C SER F 1247 -19.25 -27.70 30.87
N SER F 1248 -18.23 -27.51 30.07
CA SER F 1248 -17.17 -26.69 30.58
C SER F 1248 -17.72 -25.36 31.03
N MET F 1249 -18.49 -24.71 30.19
CA MET F 1249 -19.00 -23.41 30.58
C MET F 1249 -19.87 -23.47 31.80
N VAL F 1250 -20.69 -24.50 31.88
CA VAL F 1250 -21.56 -24.61 33.03
C VAL F 1250 -20.76 -24.81 34.29
N THR F 1251 -19.95 -25.83 34.31
CA THR F 1251 -19.05 -26.04 35.43
C THR F 1251 -18.36 -24.75 35.81
N ARG F 1252 -17.64 -24.12 34.92
CA ARG F 1252 -17.00 -22.88 35.35
C ARG F 1252 -17.82 -21.79 36.01
N LYS F 1253 -19.09 -21.62 35.65
CA LYS F 1253 -19.89 -20.53 36.16
C LYS F 1253 -20.86 -20.92 37.27
N PHE F 1254 -21.20 -22.18 37.39
CA PHE F 1254 -22.09 -22.62 38.41
C PHE F 1254 -21.51 -23.82 39.12
N GLY F 1255 -20.39 -24.38 38.65
CA GLY F 1255 -19.84 -25.58 39.24
C GLY F 1255 -20.58 -26.82 38.81
N MET F 1256 -20.02 -28.00 39.00
CA MET F 1256 -20.73 -29.20 38.56
C MET F 1256 -22.10 -29.36 39.15
N PHE F 1257 -22.31 -28.83 40.36
CA PHE F 1257 -23.62 -29.03 40.92
C PHE F 1257 -24.53 -27.87 41.19
N GLY F 1258 -24.24 -26.71 40.64
CA GLY F 1258 -25.10 -25.60 40.90
C GLY F 1258 -26.41 -25.52 40.14
N LEU F 1259 -26.64 -26.30 39.10
CA LEU F 1259 -27.84 -26.01 38.37
C LEU F 1259 -28.76 -27.19 38.60
N GLN F 1260 -30.06 -26.96 38.82
CA GLN F 1260 -30.90 -28.11 39.01
C GLN F 1260 -31.05 -28.96 37.76
N PRO F 1261 -31.01 -30.25 37.94
CA PRO F 1261 -31.22 -31.16 36.81
C PRO F 1261 -32.19 -30.62 35.77
N GLY F 1262 -31.72 -30.59 34.52
CA GLY F 1262 -32.53 -30.24 33.35
C GLY F 1262 -32.62 -28.77 33.04
N HIS F 1263 -31.84 -27.95 33.73
CA HIS F 1263 -31.88 -26.55 33.53
C HIS F 1263 -31.63 -26.09 32.09
N ILE F 1264 -30.80 -26.79 31.33
CA ILE F 1264 -30.57 -26.49 29.91
C ILE F 1264 -30.81 -27.84 29.23
N THR F 1265 -31.81 -27.93 28.39
CA THR F 1265 -32.07 -29.20 27.78
C THR F 1265 -32.05 -29.01 26.29
N ILE F 1266 -31.34 -29.90 25.61
CA ILE F 1266 -31.16 -29.75 24.19
C ILE F 1266 -31.64 -31.00 23.49
N ARG F 1267 -32.81 -30.96 22.81
CA ARG F 1267 -33.33 -32.12 22.06
C ARG F 1267 -32.57 -32.20 20.75
N LEU F 1268 -32.19 -33.40 20.34
CA LEU F 1268 -31.47 -33.54 19.07
C LEU F 1268 -32.01 -34.70 18.21
N ARG F 1269 -32.62 -34.52 17.04
CA ARG F 1269 -32.90 -35.68 16.22
C ARG F 1269 -31.67 -36.11 15.45
N GLY F 1270 -31.51 -37.41 15.26
CA GLY F 1270 -30.44 -37.86 14.43
C GLY F 1270 -29.47 -38.87 14.94
N THR F 1271 -28.20 -38.63 14.75
CA THR F 1271 -27.28 -39.55 15.30
C THR F 1271 -26.20 -38.75 15.93
N ALA F 1272 -25.83 -39.15 17.14
CA ALA F 1272 -24.77 -38.47 17.82
C ALA F 1272 -23.46 -39.10 17.45
N GLY F 1273 -22.48 -38.28 17.20
CA GLY F 1273 -21.21 -38.89 16.89
C GLY F 1273 -20.56 -39.27 18.18
N GLN F 1274 -19.31 -39.70 18.17
CA GLN F 1274 -18.62 -40.18 19.37
C GLN F 1274 -18.55 -39.20 20.53
N SER F 1275 -18.61 -39.72 21.76
CA SER F 1275 -18.49 -38.91 22.95
C SER F 1275 -19.66 -37.99 23.22
N LEU F 1276 -20.87 -38.49 22.99
CA LEU F 1276 -22.05 -37.69 23.27
C LEU F 1276 -22.12 -37.40 24.72
N GLY F 1277 -22.19 -36.16 25.14
CA GLY F 1277 -22.41 -35.90 26.54
C GLY F 1277 -21.16 -36.07 27.38
N ALA F 1278 -20.06 -36.41 26.78
CA ALA F 1278 -18.83 -36.51 27.54
C ALA F 1278 -18.60 -35.44 28.58
N PHE F 1279 -18.48 -35.82 29.85
CA PHE F 1279 -18.17 -34.87 30.89
C PHE F 1279 -19.24 -33.86 31.20
N ALA F 1280 -20.47 -34.26 31.01
CA ALA F 1280 -21.55 -33.35 31.23
C ALA F 1280 -21.84 -33.29 32.69
N VAL F 1281 -21.93 -32.09 33.21
CA VAL F 1281 -22.24 -31.88 34.60
C VAL F 1281 -23.74 -31.69 34.70
N GLN F 1282 -24.21 -31.45 35.91
CA GLN F 1282 -25.60 -31.40 36.20
C GLN F 1282 -26.25 -30.14 35.71
N GLY F 1283 -27.50 -30.20 35.32
CA GLY F 1283 -28.15 -29.01 34.75
C GLY F 1283 -28.41 -29.23 33.26
N ILE F 1284 -27.54 -30.01 32.65
CA ILE F 1284 -27.56 -30.36 31.25
C ILE F 1284 -28.30 -31.65 31.04
N LYS F 1285 -29.18 -31.68 30.03
CA LYS F 1285 -29.91 -32.90 29.67
C LYS F 1285 -29.83 -32.95 28.18
N LEU F 1286 -29.49 -34.13 27.67
CA LEU F 1286 -29.49 -34.32 26.24
C LEU F 1286 -30.45 -35.41 25.81
N GLU F 1287 -31.53 -35.06 25.09
CA GLU F 1287 -32.41 -36.12 24.55
C GLU F 1287 -31.95 -36.33 23.11
N VAL F 1288 -31.48 -37.53 22.82
CA VAL F 1288 -31.21 -37.86 21.48
C VAL F 1288 -32.33 -38.77 21.02
N MET F 1289 -33.13 -38.28 20.08
CA MET F 1289 -34.14 -39.07 19.42
C MET F 1289 -33.50 -39.60 18.17
N GLY F 1290 -33.27 -40.90 18.07
CA GLY F 1290 -32.57 -41.48 16.95
C GLY F 1290 -31.58 -42.54 17.43
N ASP F 1291 -30.31 -42.20 17.51
CA ASP F 1291 -29.36 -43.12 18.09
C ASP F 1291 -27.97 -42.55 18.27
N ALA F 1292 -27.03 -43.33 18.79
CA ALA F 1292 -25.76 -42.70 19.09
C ALA F 1292 -24.68 -43.68 18.99
N ASN F 1293 -23.46 -43.18 18.93
CA ASN F 1293 -22.25 -43.95 18.70
C ASN F 1293 -21.48 -44.47 19.88
N ASP F 1294 -20.17 -44.37 19.98
CA ASP F 1294 -19.51 -44.96 21.13
C ASP F 1294 -19.27 -43.88 22.14
N TYR F 1295 -19.01 -44.27 23.38
CA TYR F 1295 -18.72 -43.38 24.47
C TYR F 1295 -19.79 -42.45 24.90
N VAL F 1296 -21.06 -42.81 24.76
CA VAL F 1296 -22.10 -41.92 25.26
C VAL F 1296 -21.76 -41.76 26.73
N GLY F 1297 -21.81 -40.55 27.22
CA GLY F 1297 -21.60 -40.39 28.64
C GLY F 1297 -20.25 -40.69 29.17
N LYS F 1298 -19.25 -40.79 28.33
CA LYS F 1298 -17.89 -41.00 28.76
C LYS F 1298 -17.62 -39.97 29.84
N GLY F 1299 -17.14 -40.42 30.97
CA GLY F 1299 -16.91 -39.50 32.05
C GLY F 1299 -18.09 -38.71 32.58
N LEU F 1300 -19.33 -39.21 32.50
CA LEU F 1300 -20.52 -38.45 32.90
C LEU F 1300 -20.29 -37.77 34.23
N SER F 1301 -20.71 -36.54 34.40
CA SER F 1301 -20.32 -35.91 35.64
C SER F 1301 -21.47 -35.16 36.29
N GLY F 1302 -22.62 -35.79 36.34
CA GLY F 1302 -23.74 -35.14 36.97
C GLY F 1302 -24.76 -34.73 35.96
N GLY F 1303 -24.49 -34.97 34.67
CA GLY F 1303 -25.44 -34.58 33.65
C GLY F 1303 -26.31 -35.76 33.34
N THR F 1304 -27.38 -35.54 32.56
CA THR F 1304 -28.29 -36.60 32.18
C THR F 1304 -28.36 -36.67 30.68
N ILE F 1305 -28.29 -37.88 30.16
CA ILE F 1305 -28.35 -38.17 28.75
C ILE F 1305 -29.46 -39.20 28.54
N VAL F 1306 -30.28 -39.03 27.51
CA VAL F 1306 -31.37 -39.97 27.20
C VAL F 1306 -31.30 -40.26 25.71
N VAL F 1307 -31.52 -41.50 25.30
CA VAL F 1307 -31.47 -41.90 23.91
C VAL F 1307 -32.59 -42.88 23.65
N ARG F 1308 -33.51 -42.55 22.74
CA ARG F 1308 -34.64 -43.42 22.43
C ARG F 1308 -34.93 -43.32 20.96
N PRO F 1309 -35.49 -44.35 20.37
CA PRO F 1309 -35.84 -44.34 18.95
C PRO F 1309 -36.84 -43.28 18.64
N THR F 1310 -37.10 -43.07 17.35
CA THR F 1310 -38.11 -42.12 16.89
C THR F 1310 -39.45 -42.76 17.13
N THR F 1311 -40.37 -41.88 17.45
CA THR F 1311 -41.75 -42.10 17.78
C THR F 1311 -42.34 -42.74 16.53
N SER F 1312 -41.65 -42.68 15.40
CA SER F 1312 -42.18 -43.21 14.18
C SER F 1312 -41.46 -44.46 13.74
N SER F 1313 -40.52 -44.91 14.55
CA SER F 1313 -39.74 -46.07 14.17
C SER F 1313 -40.53 -47.28 14.51
N PRO F 1314 -40.58 -48.27 13.66
CA PRO F 1314 -41.32 -49.48 13.95
C PRO F 1314 -40.47 -50.43 14.74
N LEU F 1315 -39.29 -50.04 15.17
CA LEU F 1315 -38.42 -51.00 15.82
C LEU F 1315 -38.89 -51.38 17.19
N GLU F 1316 -38.60 -52.60 17.61
CA GLU F 1316 -38.90 -53.06 18.97
C GLU F 1316 -37.73 -52.66 19.86
N THR F 1317 -37.98 -51.64 20.64
CA THR F 1317 -36.95 -51.14 21.46
C THR F 1317 -35.84 -52.08 21.88
N ASN F 1318 -36.24 -53.14 22.53
CA ASN F 1318 -35.22 -53.92 23.15
C ASN F 1318 -34.59 -54.99 22.33
N LYS F 1319 -34.92 -55.02 21.05
CA LYS F 1319 -34.29 -55.97 20.20
C LYS F 1319 -33.35 -55.30 19.26
N ASN F 1320 -33.00 -54.03 19.47
CA ASN F 1320 -32.07 -53.42 18.56
C ASN F 1320 -31.06 -52.63 19.32
N THR F 1321 -29.89 -52.36 18.74
CA THR F 1321 -28.83 -51.61 19.36
C THR F 1321 -29.19 -50.16 19.25
N ILE F 1322 -28.67 -49.32 20.14
CA ILE F 1322 -28.96 -47.90 20.00
C ILE F 1322 -27.79 -47.03 20.42
N ILE F 1323 -26.92 -47.59 21.26
CA ILE F 1323 -25.73 -46.85 21.65
C ILE F 1323 -24.59 -47.81 21.55
N GLY F 1324 -23.41 -47.23 21.47
CA GLY F 1324 -22.21 -47.96 21.16
C GLY F 1324 -21.47 -48.70 22.23
N ASN F 1325 -20.19 -48.41 22.34
CA ASN F 1325 -19.23 -49.09 23.19
C ASN F 1325 -18.50 -48.23 24.20
N THR F 1326 -18.09 -48.82 25.29
CA THR F 1326 -17.45 -48.01 26.30
C THR F 1326 -18.36 -46.90 26.75
N VAL F 1327 -19.66 -47.14 26.74
CA VAL F 1327 -20.57 -46.14 27.26
C VAL F 1327 -20.31 -45.86 28.74
N LEU F 1328 -20.42 -44.62 29.17
CA LEU F 1328 -20.23 -44.20 30.58
C LEU F 1328 -18.91 -44.58 31.15
N TYR F 1329 -17.87 -44.69 30.38
CA TYR F 1329 -16.56 -45.08 30.87
C TYR F 1329 -15.99 -44.09 31.85
N GLY F 1330 -15.97 -44.46 33.12
CA GLY F 1330 -15.31 -43.67 34.12
C GLY F 1330 -16.21 -42.62 34.71
N ALA F 1331 -17.48 -42.71 34.38
CA ALA F 1331 -18.41 -41.77 34.95
C ALA F 1331 -18.34 -41.66 36.46
N THR F 1332 -18.78 -40.56 37.03
CA THR F 1332 -18.81 -40.42 38.47
C THR F 1332 -20.19 -39.97 38.96
N ALA F 1333 -21.04 -39.48 38.07
CA ALA F 1333 -22.35 -38.99 38.51
C ALA F 1333 -23.23 -38.70 37.33
N GLY F 1334 -24.52 -38.76 37.52
CA GLY F 1334 -25.46 -38.41 36.52
C GLY F 1334 -26.18 -39.69 36.25
N LYS F 1335 -27.25 -39.52 35.48
CA LYS F 1335 -28.10 -40.56 34.94
C LYS F 1335 -27.91 -40.69 33.40
N LEU F 1336 -28.19 -41.87 32.84
CA LEU F 1336 -28.23 -42.16 31.42
C LEU F 1336 -29.36 -43.15 31.20
N PHE F 1337 -30.27 -42.89 30.28
CA PHE F 1337 -31.38 -43.78 30.02
C PHE F 1337 -31.40 -44.11 28.55
N ALA F 1338 -31.42 -45.39 28.19
CA ALA F 1338 -31.48 -45.72 26.77
C ALA F 1338 -32.44 -46.85 26.31
N ALA F 1339 -33.47 -46.45 25.58
CA ALA F 1339 -34.39 -47.44 25.11
C ALA F 1339 -33.78 -48.43 24.10
N GLY F 1340 -32.77 -49.20 24.48
CA GLY F 1340 -32.28 -50.13 23.48
C GLY F 1340 -31.03 -50.75 24.02
N GLN F 1341 -30.36 -51.59 23.26
CA GLN F 1341 -29.14 -52.26 23.70
C GLN F 1341 -27.88 -51.47 23.51
N ALA F 1342 -26.91 -51.71 24.36
CA ALA F 1342 -25.66 -51.00 24.25
C ALA F 1342 -24.76 -52.07 23.76
N GLY F 1343 -23.56 -51.70 23.40
CA GLY F 1343 -22.70 -52.70 22.85
C GLY F 1343 -21.67 -53.05 23.86
N GLU F 1344 -20.43 -53.25 23.46
CA GLU F 1344 -19.37 -53.73 24.25
C GLU F 1344 -18.87 -52.83 25.35
N ARG F 1345 -18.33 -53.43 26.41
CA ARG F 1345 -17.88 -52.75 27.60
C ARG F 1345 -18.74 -51.62 28.07
N PHE F 1346 -20.00 -51.92 28.34
CA PHE F 1346 -20.94 -50.93 28.79
C PHE F 1346 -20.67 -50.63 30.22
N ALA F 1347 -20.60 -49.37 30.62
CA ALA F 1347 -20.47 -49.05 32.05
C ALA F 1347 -19.10 -49.42 32.57
N VAL F 1348 -18.22 -49.78 31.66
CA VAL F 1348 -16.88 -50.05 32.07
C VAL F 1348 -16.46 -48.91 32.97
N ARG F 1349 -15.79 -49.26 34.06
CA ARG F 1349 -15.33 -48.30 35.00
C ARG F 1349 -16.36 -47.31 35.54
N ASN F 1350 -17.63 -47.62 35.47
CA ASN F 1350 -18.59 -46.66 36.02
C ASN F 1350 -18.32 -46.29 37.47
N SER F 1351 -18.00 -45.07 37.79
CA SER F 1351 -17.86 -44.90 39.22
C SER F 1351 -18.99 -44.21 39.93
N GLY F 1352 -20.22 -44.33 39.48
CA GLY F 1352 -21.18 -43.55 40.19
C GLY F 1352 -22.30 -42.96 39.38
N ALA F 1353 -22.58 -43.52 38.21
CA ALA F 1353 -23.67 -43.01 37.42
C ALA F 1353 -24.76 -44.00 37.58
N THR F 1354 -25.99 -43.62 37.30
CA THR F 1354 -27.08 -44.56 37.42
C THR F 1354 -27.53 -44.66 36.01
N VAL F 1355 -27.83 -45.85 35.51
CA VAL F 1355 -28.20 -46.03 34.13
C VAL F 1355 -29.20 -47.14 33.94
N VAL F 1356 -30.09 -47.00 32.97
CA VAL F 1356 -31.02 -48.05 32.62
C VAL F 1356 -30.81 -48.19 31.13
N VAL F 1357 -30.82 -49.42 30.65
CA VAL F 1357 -30.52 -49.74 29.28
C VAL F 1357 -31.29 -51.01 28.96
N GLU F 1358 -31.58 -51.35 27.70
CA GLU F 1358 -32.38 -52.54 27.45
C GLU F 1358 -31.64 -53.78 27.00
N GLY F 1359 -30.36 -53.82 27.26
CA GLY F 1359 -29.60 -55.00 26.89
C GLY F 1359 -28.17 -54.53 26.82
N CYS F 1360 -27.24 -55.38 26.44
CA CYS F 1360 -25.88 -54.90 26.39
C CYS F 1360 -24.88 -55.92 25.91
N GLY F 1361 -23.82 -55.45 25.28
CA GLY F 1361 -22.79 -56.34 24.76
C GLY F 1361 -22.07 -57.16 25.80
N SER F 1362 -20.89 -57.65 25.49
CA SER F 1362 -20.15 -58.40 26.45
C SER F 1362 -19.33 -57.43 27.30
N ASN F 1363 -18.64 -57.97 28.30
CA ASN F 1363 -17.85 -57.20 29.22
C ASN F 1363 -18.57 -56.10 29.93
N GLY F 1364 -19.79 -56.38 30.38
CA GLY F 1364 -20.56 -55.35 31.05
C GLY F 1364 -20.19 -54.98 32.46
N CYS F 1365 -20.46 -53.72 32.84
CA CYS F 1365 -20.18 -53.28 34.21
C CYS F 1365 -18.78 -53.66 34.69
N GLU F 1366 -17.83 -53.89 33.80
CA GLU F 1366 -16.50 -54.29 34.22
C GLU F 1366 -15.75 -53.18 34.91
N TYR F 1367 -14.97 -53.57 35.93
CA TYR F 1367 -14.30 -52.64 36.84
C TYR F 1367 -15.21 -51.55 37.41
N MET F 1368 -16.48 -51.83 37.64
CA MET F 1368 -17.34 -50.78 38.14
C MET F 1368 -17.04 -50.60 39.63
N THR F 1369 -17.08 -49.37 40.10
CA THR F 1369 -16.75 -49.09 41.47
C THR F 1369 -17.82 -48.24 42.13
N GLY F 1370 -19.00 -48.15 41.54
CA GLY F 1370 -20.06 -47.36 42.10
C GLY F 1370 -21.15 -47.06 41.09
N GLY F 1371 -22.26 -46.55 41.56
CA GLY F 1371 -23.36 -46.24 40.69
C GLY F 1371 -24.20 -47.45 40.72
N THR F 1372 -25.26 -47.40 39.97
CA THR F 1372 -26.20 -48.46 39.80
C THR F 1372 -26.40 -48.59 38.29
N ALA F 1373 -26.67 -49.81 37.88
CA ALA F 1373 -26.88 -50.19 36.50
C ALA F 1373 -28.01 -51.16 36.38
N VAL F 1374 -29.19 -50.73 36.00
CA VAL F 1374 -30.26 -51.67 35.69
C VAL F 1374 -30.12 -52.10 34.22
N ILE F 1375 -30.53 -53.33 33.88
CA ILE F 1375 -30.37 -53.81 32.51
C ILE F 1375 -31.53 -54.62 32.00
N LEU F 1376 -32.38 -53.98 31.22
CA LEU F 1376 -33.56 -54.64 30.77
C LEU F 1376 -33.43 -55.78 29.81
N GLY F 1377 -32.43 -56.63 29.92
CA GLY F 1377 -32.40 -57.73 29.00
C GLY F 1377 -31.12 -58.52 28.98
N ARG F 1378 -30.92 -59.37 27.97
CA ARG F 1378 -29.78 -60.26 27.86
C ARG F 1378 -28.51 -59.52 28.04
N VAL F 1379 -27.52 -60.18 28.60
CA VAL F 1379 -26.27 -59.52 28.87
C VAL F 1379 -25.20 -60.41 28.26
N GLY F 1380 -24.10 -59.89 27.80
CA GLY F 1380 -23.19 -60.85 27.24
C GLY F 1380 -22.09 -61.25 28.20
N ASP F 1381 -21.27 -62.14 27.73
CA ASP F 1381 -20.15 -62.64 28.47
C ASP F 1381 -19.37 -61.81 29.41
N ASN F 1382 -18.81 -62.48 30.40
CA ASN F 1382 -17.96 -61.84 31.36
C ASN F 1382 -18.59 -60.63 32.01
N PHE F 1383 -19.85 -60.75 32.41
CA PHE F 1383 -20.51 -59.60 32.96
C PHE F 1383 -19.99 -59.33 34.32
N ALA F 1384 -19.81 -58.08 34.66
CA ALA F 1384 -19.44 -57.82 36.04
C ALA F 1384 -18.02 -58.12 36.43
N ALA F 1385 -17.27 -58.76 35.54
CA ALA F 1385 -15.87 -58.94 35.85
C ALA F 1385 -15.16 -57.79 36.48
N GLY F 1386 -14.76 -57.94 37.73
CA GLY F 1386 -13.85 -57.00 38.31
C GLY F 1386 -14.61 -55.88 38.92
N MET F 1387 -15.94 -56.08 38.93
CA MET F 1387 -16.87 -55.12 39.52
C MET F 1387 -16.83 -55.22 41.02
N THR F 1388 -16.04 -54.33 41.64
CA THR F 1388 -15.84 -54.21 43.07
C THR F 1388 -16.82 -53.28 43.78
N GLY F 1389 -17.85 -52.78 43.09
CA GLY F 1389 -18.77 -51.94 43.81
C GLY F 1389 -19.68 -50.96 43.14
N GLY F 1390 -20.96 -51.27 43.19
CA GLY F 1390 -21.99 -50.36 42.77
C GLY F 1390 -23.02 -51.43 42.78
N MET F 1391 -24.07 -51.34 41.99
CA MET F 1391 -24.93 -52.49 42.02
C MET F 1391 -25.55 -52.62 40.66
N ALA F 1392 -25.99 -53.81 40.30
CA ALA F 1392 -26.62 -53.99 39.03
C ALA F 1392 -27.80 -54.92 39.12
N TYR F 1393 -28.93 -54.52 38.56
CA TYR F 1393 -30.05 -55.41 38.53
C TYR F 1393 -30.07 -55.85 37.08
N VAL F 1394 -30.70 -56.97 36.77
CA VAL F 1394 -30.59 -57.52 35.44
C VAL F 1394 -31.75 -58.42 35.14
N TYR F 1395 -32.74 -57.95 34.40
CA TYR F 1395 -33.92 -58.70 33.98
C TYR F 1395 -33.55 -59.86 33.13
N ASP F 1396 -33.81 -61.07 33.60
CA ASP F 1396 -33.35 -62.23 32.88
C ASP F 1396 -34.39 -63.28 32.58
N LEU F 1397 -35.19 -63.09 31.54
CA LEU F 1397 -36.18 -64.07 31.17
C LEU F 1397 -35.81 -65.51 30.99
N ASP F 1398 -34.56 -65.89 30.91
CA ASP F 1398 -34.30 -67.30 30.67
C ASP F 1398 -33.35 -67.89 31.65
N ASP F 1399 -33.03 -67.15 32.69
CA ASP F 1399 -32.15 -67.72 33.68
C ASP F 1399 -30.90 -68.21 33.01
N SER F 1400 -30.21 -67.27 32.39
CA SER F 1400 -29.01 -67.61 31.70
C SER F 1400 -27.93 -66.75 32.27
N LEU F 1401 -28.35 -65.76 33.04
CA LEU F 1401 -27.37 -64.84 33.58
C LEU F 1401 -26.23 -65.65 34.15
N PRO F 1402 -26.58 -66.72 34.84
CA PRO F 1402 -25.62 -67.68 35.39
C PRO F 1402 -24.56 -68.17 34.44
N LEU F 1403 -24.85 -68.26 33.15
CA LEU F 1403 -23.84 -68.72 32.21
C LEU F 1403 -23.04 -67.56 31.70
N TYR F 1404 -23.47 -66.34 31.93
CA TYR F 1404 -22.72 -65.26 31.35
C TYR F 1404 -21.91 -64.46 32.29
N ILE F 1405 -22.12 -64.66 33.58
CA ILE F 1405 -21.50 -63.79 34.54
C ILE F 1405 -20.15 -64.17 35.07
N ASN F 1406 -19.42 -63.20 35.60
CA ASN F 1406 -18.11 -63.47 36.12
C ASN F 1406 -18.00 -63.36 37.66
N ASP F 1407 -18.47 -64.44 38.30
CA ASP F 1407 -18.39 -64.74 39.71
C ASP F 1407 -17.34 -64.08 40.58
N GLU F 1408 -16.11 -64.27 40.14
CA GLU F 1408 -15.03 -63.85 40.97
C GLU F 1408 -15.26 -62.74 41.97
N SER F 1409 -16.00 -61.71 41.65
CA SER F 1409 -16.07 -60.65 42.61
C SER F 1409 -17.46 -60.21 42.80
N VAL F 1410 -18.43 -61.07 42.65
CA VAL F 1410 -19.71 -60.41 42.71
C VAL F 1410 -20.63 -61.57 42.99
N ILE F 1411 -21.86 -61.32 43.38
CA ILE F 1411 -22.73 -62.45 43.56
C ILE F 1411 -24.03 -62.02 42.94
N PHE F 1412 -24.92 -62.98 42.77
CA PHE F 1412 -26.20 -62.59 42.30
C PHE F 1412 -27.28 -63.40 42.99
N GLN F 1413 -28.39 -62.75 43.29
CA GLN F 1413 -29.42 -63.40 44.06
C GLN F 1413 -30.72 -62.79 43.61
N ARG F 1414 -31.85 -63.42 43.90
CA ARG F 1414 -33.04 -62.73 43.52
C ARG F 1414 -33.31 -61.64 44.52
N ILE F 1415 -34.09 -60.63 44.18
CA ILE F 1415 -34.23 -59.53 45.11
C ILE F 1415 -35.00 -60.12 46.25
N GLU F 1416 -34.63 -59.79 47.49
CA GLU F 1416 -35.27 -60.30 48.72
C GLU F 1416 -35.72 -59.15 49.57
N VAL F 1417 -34.78 -58.41 50.14
CA VAL F 1417 -35.17 -57.20 50.84
C VAL F 1417 -35.96 -56.30 49.89
N GLY F 1418 -36.94 -55.58 50.37
CA GLY F 1418 -37.74 -54.80 49.45
C GLY F 1418 -37.29 -53.39 49.28
N HIS F 1419 -36.28 -52.97 50.02
CA HIS F 1419 -35.82 -51.61 49.82
C HIS F 1419 -35.12 -51.63 48.49
N TYR F 1420 -34.42 -52.72 48.22
CA TYR F 1420 -33.80 -52.86 46.95
C TYR F 1420 -34.90 -53.01 45.94
N GLU F 1421 -35.72 -54.02 46.06
CA GLU F 1421 -36.83 -54.11 45.14
C GLU F 1421 -37.45 -52.78 44.86
N SER F 1422 -37.30 -51.80 45.72
CA SER F 1422 -37.96 -50.54 45.40
C SER F 1422 -37.12 -49.63 44.55
N GLN F 1423 -35.83 -49.62 44.83
CA GLN F 1423 -34.92 -48.82 44.06
C GLN F 1423 -35.10 -49.24 42.63
N LEU F 1424 -35.06 -50.54 42.38
CA LEU F 1424 -35.26 -51.00 41.01
C LEU F 1424 -36.49 -50.36 40.41
N LYS F 1425 -37.65 -50.82 40.81
CA LYS F 1425 -38.86 -50.22 40.33
C LYS F 1425 -38.80 -48.73 40.01
N HIS F 1426 -38.32 -47.91 40.93
CA HIS F 1426 -38.32 -46.49 40.69
C HIS F 1426 -37.49 -46.05 39.51
N LEU F 1427 -36.28 -46.61 39.36
CA LEU F 1427 -35.40 -46.34 38.21
C LEU F 1427 -36.22 -46.70 37.00
N ILE F 1428 -36.57 -47.96 36.86
CA ILE F 1428 -37.37 -48.33 35.73
C ILE F 1428 -38.51 -47.40 35.47
N GLU F 1429 -39.07 -46.75 36.47
CA GLU F 1429 -40.18 -45.85 36.17
C GLU F 1429 -39.61 -44.58 35.54
N GLU F 1430 -38.43 -44.20 36.00
CA GLU F 1430 -37.77 -43.02 35.45
C GLU F 1430 -37.49 -43.30 33.98
N HIS F 1431 -36.87 -44.45 33.74
CA HIS F 1431 -36.56 -44.91 32.40
C HIS F 1431 -37.80 -44.71 31.60
N VAL F 1432 -38.88 -45.38 31.95
CA VAL F 1432 -40.08 -45.16 31.16
C VAL F 1432 -40.32 -43.67 30.94
N THR F 1433 -40.82 -43.01 31.97
CA THR F 1433 -41.01 -41.57 31.91
C THR F 1433 -40.22 -40.87 30.77
N GLU F 1434 -38.91 -40.77 30.94
CA GLU F 1434 -38.05 -40.10 29.96
C GLU F 1434 -38.23 -40.60 28.55
N THR F 1435 -37.80 -41.85 28.47
CA THR F 1435 -37.78 -42.74 27.35
C THR F 1435 -39.12 -43.18 26.75
N GLN F 1436 -40.23 -43.07 27.46
CA GLN F 1436 -41.51 -43.48 26.86
C GLN F 1436 -41.40 -44.86 26.23
N SER F 1437 -40.77 -45.79 26.94
CA SER F 1437 -40.52 -47.14 26.47
C SER F 1437 -41.57 -48.21 26.73
N ARG F 1438 -42.21 -48.75 25.71
CA ARG F 1438 -43.21 -49.76 25.93
C ARG F 1438 -42.68 -50.95 26.75
N PHE F 1439 -41.98 -51.87 26.12
CA PHE F 1439 -41.33 -52.93 26.85
C PHE F 1439 -41.08 -52.62 28.31
N ALA F 1440 -40.44 -51.53 28.66
CA ALA F 1440 -40.31 -51.31 30.09
C ALA F 1440 -41.69 -51.07 30.68
N ALA F 1441 -42.42 -50.14 30.09
CA ALA F 1441 -43.76 -49.85 30.56
C ALA F 1441 -44.45 -51.14 30.85
N GLU F 1442 -44.22 -52.18 30.09
CA GLU F 1442 -44.92 -53.43 30.35
C GLU F 1442 -44.43 -54.21 31.51
N ILE F 1443 -43.16 -54.13 31.82
CA ILE F 1443 -42.67 -54.88 32.93
C ILE F 1443 -43.30 -54.28 34.14
N LEU F 1444 -43.52 -52.98 34.14
CA LEU F 1444 -44.10 -52.36 35.31
C LEU F 1444 -45.53 -52.82 35.38
N ASN F 1445 -46.23 -52.89 34.26
CA ASN F 1445 -47.61 -53.38 34.32
C ASN F 1445 -47.79 -54.73 34.97
N ASP F 1446 -46.72 -55.50 35.09
CA ASP F 1446 -46.82 -56.83 35.61
C ASP F 1446 -45.71 -57.08 36.62
N TRP F 1447 -45.37 -56.03 37.37
CA TRP F 1447 -44.25 -56.06 38.30
C TRP F 1447 -44.19 -57.35 39.07
N ALA F 1448 -45.26 -57.54 39.82
CA ALA F 1448 -45.44 -58.69 40.69
C ALA F 1448 -44.77 -59.91 40.15
N ARG F 1449 -45.18 -60.34 38.98
CA ARG F 1449 -44.61 -61.55 38.44
C ARG F 1449 -43.26 -61.27 37.85
N GLU F 1450 -43.08 -60.05 37.39
CA GLU F 1450 -41.84 -59.78 36.72
C GLU F 1450 -40.64 -59.61 37.61
N VAL F 1451 -40.81 -58.94 38.75
CA VAL F 1451 -39.69 -58.71 39.66
C VAL F 1451 -38.94 -59.98 39.91
N THR F 1452 -39.77 -60.99 40.11
CA THR F 1452 -39.35 -62.35 40.17
C THR F 1452 -38.27 -62.72 39.18
N LYS F 1453 -38.09 -61.95 38.10
CA LYS F 1453 -37.12 -62.39 37.10
C LYS F 1453 -35.79 -61.69 37.04
N PHE F 1454 -35.67 -60.54 37.70
CA PHE F 1454 -34.40 -59.87 37.76
C PHE F 1454 -33.38 -60.66 38.59
N TRP F 1455 -32.20 -60.08 38.82
CA TRP F 1455 -31.20 -60.74 39.59
C TRP F 1455 -30.44 -59.56 40.15
N GLN F 1456 -30.23 -59.50 41.46
CA GLN F 1456 -29.54 -58.40 42.07
C GLN F 1456 -28.11 -58.86 41.99
N VAL F 1457 -27.21 -58.01 41.50
CA VAL F 1457 -25.81 -58.43 41.31
C VAL F 1457 -25.10 -57.49 42.18
N VAL F 1458 -24.40 -58.05 43.17
CA VAL F 1458 -23.79 -57.31 44.29
C VAL F 1458 -22.40 -57.74 44.56
N PRO F 1459 -21.54 -56.72 44.55
CA PRO F 1459 -20.11 -56.93 44.69
C PRO F 1459 -19.89 -57.62 46.00
N LYS F 1460 -18.94 -58.55 46.04
CA LYS F 1460 -18.65 -59.21 47.32
C LYS F 1460 -18.24 -58.22 48.39
N GLU F 1461 -17.14 -57.53 48.22
CA GLU F 1461 -16.75 -56.52 49.17
C GLU F 1461 -17.78 -55.46 49.52
N MET F 1462 -18.99 -55.51 49.00
CA MET F 1462 -19.86 -54.44 49.45
C MET F 1462 -20.92 -54.98 50.38
N LEU F 1463 -21.00 -56.31 50.43
CA LEU F 1463 -22.00 -57.07 51.15
C LEU F 1463 -22.21 -56.61 52.54
N ASN F 1464 -21.09 -56.49 53.25
CA ASN F 1464 -21.07 -56.08 54.62
C ASN F 1464 -20.92 -54.59 54.78
N ARG F 1465 -20.70 -53.84 53.72
CA ARG F 1465 -20.53 -52.44 54.00
C ARG F 1465 -21.86 -51.79 53.81
N LEU F 1466 -22.88 -52.60 53.63
CA LEU F 1466 -23.94 -51.87 53.09
C LEU F 1466 -25.09 -51.55 53.96
N GLU F 1467 -25.16 -50.30 54.38
CA GLU F 1467 -26.25 -49.84 55.21
C GLU F 1467 -27.40 -50.83 55.28
N VAL F 1468 -28.23 -50.97 54.26
CA VAL F 1468 -29.30 -51.97 54.33
C VAL F 1468 -28.87 -53.32 53.79
N PRO F 1469 -28.62 -54.32 54.62
CA PRO F 1469 -28.19 -55.61 54.10
C PRO F 1469 -29.03 -56.03 52.93
N VAL F 1470 -28.51 -56.93 52.13
CA VAL F 1470 -29.15 -57.31 50.90
C VAL F 1470 -30.01 -58.53 51.09
N HIS F 1471 -29.97 -59.02 52.32
CA HIS F 1471 -30.61 -60.26 52.69
C HIS F 1471 -31.61 -60.18 53.84
N LEU F 1472 -32.52 -61.15 53.91
CA LEU F 1472 -33.51 -61.16 54.98
C LEU F 1472 -34.69 -60.23 54.68
N GLN G 1 -82.17 -53.36 42.99
CA GLN G 1 -83.14 -54.00 42.14
C GLN G 1 -84.36 -53.12 41.95
N ASP G 2 -84.45 -52.43 40.78
CA ASP G 2 -85.50 -51.48 40.43
C ASP G 2 -85.00 -50.31 39.57
N PHE G 3 -85.84 -49.67 38.69
CA PHE G 3 -85.30 -48.73 37.72
C PHE G 3 -85.71 -47.28 37.87
N ALA G 4 -85.16 -46.56 38.89
CA ALA G 4 -85.46 -45.16 39.07
C ALA G 4 -84.51 -44.36 38.21
N GLU G 5 -84.86 -43.09 37.91
CA GLU G 5 -84.02 -42.24 37.09
C GLU G 5 -82.75 -41.94 37.82
N ILE G 6 -81.66 -42.60 37.40
CA ILE G 6 -80.34 -42.53 37.97
C ILE G 6 -79.73 -41.25 37.44
N TYR G 7 -80.09 -40.74 36.23
CA TYR G 7 -79.44 -39.58 35.67
C TYR G 7 -79.27 -38.45 36.63
N ALA G 8 -78.01 -37.99 36.73
CA ALA G 8 -77.63 -36.85 37.52
C ALA G 8 -78.18 -35.61 36.87
N ARG G 9 -78.18 -35.59 35.53
CA ARG G 9 -78.52 -34.47 34.70
C ARG G 9 -79.94 -34.03 34.80
N PHE G 10 -80.88 -34.96 35.06
CA PHE G 10 -82.29 -34.65 35.05
C PHE G 10 -82.57 -33.45 35.90
N SER G 11 -83.45 -32.56 35.38
CA SER G 11 -83.78 -31.38 36.10
C SER G 11 -85.24 -31.26 36.27
N ASP G 12 -85.63 -30.66 37.41
CA ASP G 12 -86.97 -30.32 37.74
C ASP G 12 -87.13 -28.92 37.19
N GLU G 13 -88.22 -28.22 37.53
CA GLU G 13 -88.46 -26.88 37.08
C GLU G 13 -87.30 -26.01 37.49
N ARG G 14 -86.51 -26.50 38.46
CA ARG G 14 -85.35 -25.91 39.03
C ARG G 14 -84.37 -25.60 37.92
N ALA G 15 -84.59 -26.20 36.72
CA ALA G 15 -83.82 -26.04 35.50
C ALA G 15 -83.74 -24.56 35.24
N ASN G 16 -84.72 -23.80 35.76
CA ASN G 16 -84.73 -22.39 35.61
C ASN G 16 -83.45 -21.82 36.14
N GLU G 17 -82.94 -22.39 37.26
CA GLU G 17 -81.76 -21.87 37.86
C GLU G 17 -80.62 -21.92 36.89
N GLN G 18 -80.39 -23.09 36.25
CA GLN G 18 -79.29 -23.18 35.35
C GLN G 18 -79.49 -22.40 34.09
N ALA G 19 -80.76 -22.26 33.66
CA ALA G 19 -81.02 -21.55 32.44
C ALA G 19 -80.52 -20.14 32.58
N ASN G 20 -80.74 -19.53 33.76
CA ASN G 20 -80.33 -18.18 34.00
C ASN G 20 -78.83 -18.13 33.97
N ARG G 21 -78.18 -19.19 34.46
CA ARG G 21 -76.74 -19.29 34.57
C ARG G 21 -76.07 -19.24 33.23
N CYS G 22 -76.70 -19.84 32.21
CA CYS G 22 -76.13 -19.90 30.90
C CYS G 22 -75.84 -18.51 30.40
N SER G 23 -74.64 -18.32 29.84
CA SER G 23 -74.20 -17.05 29.33
C SER G 23 -74.92 -16.67 28.07
N GLN G 24 -75.56 -17.64 27.40
CA GLN G 24 -76.27 -17.36 26.20
C GLN G 24 -75.40 -16.66 25.22
N CYS G 25 -74.25 -17.27 24.97
CA CYS G 25 -73.07 -16.85 24.29
C CYS G 25 -73.29 -16.75 22.80
N GLY G 26 -72.54 -15.83 22.16
CA GLY G 26 -72.67 -15.65 20.74
C GLY G 26 -71.82 -16.70 20.09
N VAL G 27 -72.24 -17.14 18.87
CA VAL G 27 -71.62 -18.14 18.02
C VAL G 27 -71.20 -19.19 19.00
N PRO G 28 -72.13 -19.60 19.80
CA PRO G 28 -71.83 -20.51 20.88
C PRO G 28 -71.13 -21.74 20.40
N PHE G 29 -70.11 -22.16 21.16
CA PHE G 29 -69.29 -23.31 20.92
C PHE G 29 -70.13 -24.53 21.08
N CYS G 30 -71.07 -24.51 22.02
CA CYS G 30 -71.84 -25.67 22.31
C CYS G 30 -72.64 -26.08 21.12
N GLN G 31 -73.26 -25.12 20.42
CA GLN G 31 -74.02 -25.50 19.27
C GLN G 31 -73.16 -26.05 18.17
N VAL G 32 -71.97 -25.46 17.99
CA VAL G 32 -71.11 -25.86 16.92
C VAL G 32 -70.78 -27.30 17.24
N HIS G 33 -70.61 -27.63 18.54
CA HIS G 33 -70.23 -28.94 18.97
C HIS G 33 -71.35 -29.99 18.95
N CYS G 34 -72.59 -29.54 18.70
CA CYS G 34 -73.73 -30.40 18.63
C CYS G 34 -73.89 -30.95 17.24
N PRO G 35 -74.05 -32.24 17.12
CA PRO G 35 -74.22 -32.87 15.84
C PRO G 35 -75.33 -32.42 14.94
N VAL G 36 -76.50 -32.14 15.54
CA VAL G 36 -77.70 -31.70 14.87
C VAL G 36 -77.61 -30.19 14.77
N SER G 37 -76.61 -29.54 15.42
CA SER G 37 -76.46 -28.10 15.38
C SER G 37 -77.64 -27.35 15.98
N ASN G 38 -78.11 -27.81 17.15
CA ASN G 38 -79.20 -27.18 17.84
C ASN G 38 -78.81 -25.81 18.31
N ASN G 39 -79.78 -24.87 18.26
CA ASN G 39 -79.55 -23.54 18.71
C ASN G 39 -79.73 -23.51 20.20
N ILE G 40 -78.67 -23.93 20.91
CA ILE G 40 -78.70 -24.04 22.35
C ILE G 40 -78.86 -22.64 22.96
N PRO G 41 -78.20 -21.54 22.57
CA PRO G 41 -78.40 -20.30 23.27
C PRO G 41 -79.84 -19.90 23.30
N ASP G 42 -80.54 -20.05 22.16
CA ASP G 42 -81.91 -19.62 22.09
C ASP G 42 -82.85 -20.50 22.85
N TRP G 43 -82.67 -21.83 22.81
CA TRP G 43 -83.64 -22.62 23.53
C TRP G 43 -83.46 -22.40 25.01
N LEU G 44 -82.21 -22.21 25.46
CA LEU G 44 -81.90 -22.01 26.85
C LEU G 44 -82.42 -20.67 27.31
N LYS G 45 -82.33 -19.66 26.44
CA LYS G 45 -82.79 -18.35 26.81
C LYS G 45 -84.24 -18.46 27.06
N LEU G 46 -84.87 -19.28 26.22
CA LEU G 46 -86.27 -19.45 26.30
C LEU G 46 -86.68 -20.02 27.63
N THR G 47 -85.98 -21.08 28.09
CA THR G 47 -86.41 -21.73 29.31
C THR G 47 -86.21 -20.69 30.35
N SER G 48 -85.16 -19.86 30.23
CA SER G 48 -84.93 -18.86 31.24
C SER G 48 -86.15 -18.01 31.35
N GLU G 49 -86.77 -17.66 30.20
CA GLU G 49 -87.98 -16.88 30.24
C GLU G 49 -89.11 -17.70 30.78
N GLY G 50 -89.03 -19.04 30.63
CA GLY G 50 -90.10 -19.83 31.15
C GLY G 50 -91.02 -20.19 30.04
N ARG G 51 -90.64 -19.92 28.78
CA ARG G 51 -91.60 -20.31 27.78
C ARG G 51 -91.20 -21.61 27.17
N LEU G 52 -91.48 -22.70 27.89
CA LEU G 52 -90.98 -24.00 27.54
C LEU G 52 -91.36 -24.38 26.13
N GLU G 53 -92.53 -23.93 25.65
CA GLU G 53 -92.90 -24.31 24.31
C GLU G 53 -91.87 -23.82 23.32
N GLU G 54 -91.39 -22.58 23.49
CA GLU G 54 -90.46 -22.02 22.55
C GLU G 54 -89.20 -22.83 22.50
N ALA G 55 -88.66 -23.24 23.67
CA ALA G 55 -87.42 -23.96 23.62
C ALA G 55 -87.62 -25.29 22.98
N TYR G 56 -88.78 -25.93 23.26
CA TYR G 56 -89.09 -27.24 22.72
C TYR G 56 -89.13 -27.16 21.24
N GLU G 57 -89.75 -26.09 20.69
CA GLU G 57 -89.85 -25.97 19.26
C GLU G 57 -88.48 -25.86 18.66
N VAL G 58 -87.58 -25.10 19.31
CA VAL G 58 -86.27 -24.86 18.78
C VAL G 58 -85.59 -26.21 18.78
N SER G 59 -85.74 -26.98 19.87
CA SER G 59 -85.05 -28.25 19.96
C SER G 59 -85.48 -29.21 18.90
N GLN G 60 -86.80 -29.37 18.71
CA GLN G 60 -87.37 -30.32 17.79
C GLN G 60 -87.03 -29.96 16.39
N ALA G 61 -86.89 -28.66 16.07
CA ALA G 61 -86.67 -28.32 14.71
C ALA G 61 -85.39 -28.98 14.25
N THR G 62 -84.31 -28.88 15.05
CA THR G 62 -83.02 -29.44 14.68
C THR G 62 -83.05 -30.92 14.94
N ASN G 63 -83.55 -31.40 16.11
CA ASN G 63 -83.60 -32.83 16.20
C ASN G 63 -84.93 -33.35 16.63
N ASN G 64 -85.43 -34.31 15.85
CA ASN G 64 -86.72 -34.94 15.96
C ASN G 64 -86.83 -35.70 17.25
N PHE G 65 -85.67 -36.18 17.75
CA PHE G 65 -85.65 -36.92 18.98
C PHE G 65 -85.02 -36.07 20.04
N PRO G 66 -85.45 -34.85 20.22
CA PRO G 66 -84.84 -33.96 21.16
C PRO G 66 -84.89 -34.50 22.56
N GLU G 67 -85.98 -35.19 22.92
CA GLU G 67 -86.19 -35.71 24.24
C GLU G 67 -85.12 -36.69 24.61
N ILE G 68 -84.97 -37.69 23.71
CA ILE G 68 -84.16 -38.84 24.01
C ILE G 68 -82.77 -38.29 24.05
N CYS G 69 -82.38 -37.41 23.12
CA CYS G 69 -81.02 -36.95 23.09
C CYS G 69 -80.69 -36.18 24.34
N GLY G 70 -81.63 -35.38 24.84
CA GLY G 70 -81.35 -34.61 26.02
C GLY G 70 -80.95 -35.54 27.12
N ARG G 71 -81.67 -36.68 27.24
CA ARG G 71 -81.35 -37.62 28.29
C ARG G 71 -80.08 -38.40 28.08
N ILE G 72 -79.90 -38.92 26.85
CA ILE G 72 -78.80 -39.76 26.44
C ILE G 72 -77.48 -39.23 25.93
N CYS G 73 -77.47 -38.04 25.29
CA CYS G 73 -76.28 -37.57 24.62
C CYS G 73 -75.10 -37.50 25.56
N PRO G 74 -73.97 -38.02 25.14
CA PRO G 74 -72.74 -37.93 25.86
C PRO G 74 -72.29 -36.53 25.63
N GLN G 75 -72.82 -35.59 26.42
CA GLN G 75 -72.63 -34.19 26.26
C GLN G 75 -71.19 -33.78 26.38
N ASP G 76 -70.42 -34.39 27.30
CA ASP G 76 -69.06 -33.97 27.51
C ASP G 76 -68.28 -34.13 26.25
N ARG G 77 -68.60 -35.17 25.47
CA ARG G 77 -67.97 -35.44 24.22
C ARG G 77 -68.50 -34.51 23.17
N LEU G 78 -69.70 -33.94 23.42
CA LEU G 78 -70.49 -33.22 22.47
C LEU G 78 -70.60 -31.75 22.80
N CYS G 79 -71.83 -31.21 22.84
CA CYS G 79 -72.04 -29.79 23.01
C CYS G 79 -71.45 -29.24 24.28
N GLU G 80 -71.63 -29.93 25.42
CA GLU G 80 -71.11 -29.37 26.64
C GLU G 80 -69.62 -29.32 26.64
N GLY G 81 -68.98 -30.17 25.82
CA GLY G 81 -67.55 -30.23 25.76
C GLY G 81 -67.04 -28.87 25.41
N ASN G 82 -67.73 -28.09 24.56
CA ASN G 82 -67.13 -26.81 24.30
C ASN G 82 -67.86 -25.72 24.99
N CYS G 83 -68.53 -26.02 26.12
CA CYS G 83 -69.22 -24.99 26.84
C CYS G 83 -68.23 -24.06 27.47
N VAL G 84 -68.43 -22.75 27.31
CA VAL G 84 -67.48 -21.75 27.74
C VAL G 84 -67.45 -21.74 29.24
N ILE G 85 -68.57 -21.96 29.95
CA ILE G 85 -68.65 -21.75 31.38
C ILE G 85 -67.76 -22.78 32.01
N GLU G 86 -67.32 -23.83 31.30
CA GLU G 86 -66.50 -24.83 31.93
C GLU G 86 -65.32 -24.19 32.59
N GLN G 87 -64.87 -23.03 32.08
CA GLN G 87 -63.76 -22.35 32.69
C GLN G 87 -64.10 -21.96 34.11
N SER G 88 -65.39 -21.68 34.39
CA SER G 88 -65.85 -21.25 35.70
C SER G 88 -65.89 -22.36 36.71
N THR G 89 -66.07 -21.93 37.98
CA THR G 89 -66.10 -22.74 39.17
C THR G 89 -67.29 -23.62 38.99
N HIS G 90 -68.43 -23.02 38.60
CA HIS G 90 -69.64 -23.79 38.54
C HIS G 90 -69.49 -24.89 37.55
N GLY G 91 -68.81 -24.64 36.43
CA GLY G 91 -68.66 -25.70 35.48
C GLY G 91 -69.64 -25.46 34.38
N ALA G 92 -69.61 -26.35 33.37
CA ALA G 92 -70.40 -26.25 32.19
C ALA G 92 -71.85 -26.39 32.54
N VAL G 93 -72.72 -25.89 31.65
CA VAL G 93 -74.15 -25.88 31.84
C VAL G 93 -74.53 -27.26 31.45
N THR G 94 -75.60 -27.80 32.08
CA THR G 94 -75.94 -29.12 31.67
C THR G 94 -76.97 -28.82 30.61
N ILE G 95 -76.50 -28.77 29.35
CA ILE G 95 -77.39 -28.47 28.26
C ILE G 95 -78.30 -29.66 28.10
N GLY G 96 -77.82 -30.90 28.31
CA GLY G 96 -78.67 -32.04 28.09
C GLY G 96 -79.87 -31.97 28.97
N SER G 97 -79.66 -31.59 30.24
CA SER G 97 -80.71 -31.54 31.21
C SER G 97 -81.75 -30.52 30.84
N VAL G 98 -81.31 -29.33 30.37
CA VAL G 98 -82.27 -28.29 30.09
C VAL G 98 -83.04 -28.80 28.91
N GLU G 99 -82.38 -29.47 27.94
CA GLU G 99 -83.07 -29.96 26.77
C GLU G 99 -84.11 -30.97 27.21
N LYS G 100 -83.80 -31.82 28.20
CA LYS G 100 -84.78 -32.78 28.63
C LYS G 100 -85.97 -32.08 29.19
N TYR G 101 -85.72 -31.09 30.07
CA TYR G 101 -86.78 -30.47 30.81
C TYR G 101 -87.75 -29.79 29.90
N ILE G 102 -87.24 -29.00 28.94
CA ILE G 102 -88.04 -28.17 28.10
C ILE G 102 -88.88 -29.14 27.30
N ASN G 103 -88.24 -30.21 26.84
CA ASN G 103 -88.89 -31.23 26.06
C ASN G 103 -89.98 -31.87 26.85
N ASP G 104 -89.73 -32.15 28.14
CA ASP G 104 -90.70 -32.85 28.95
C ASP G 104 -91.96 -32.06 29.10
N THR G 105 -91.84 -30.72 29.29
CA THR G 105 -93.03 -29.94 29.54
C THR G 105 -93.81 -30.02 28.26
N ALA G 106 -93.12 -29.97 27.11
CA ALA G 106 -93.80 -29.97 25.84
C ALA G 106 -94.60 -31.23 25.75
N TRP G 107 -94.04 -32.35 26.24
CA TRP G 107 -94.72 -33.61 26.18
C TRP G 107 -96.01 -33.45 26.91
N ASP G 108 -95.95 -32.80 28.09
CA ASP G 108 -97.09 -32.67 28.94
C ASP G 108 -98.18 -31.94 28.21
N GLN G 109 -97.81 -30.94 27.41
CA GLN G 109 -98.78 -30.12 26.74
C GLN G 109 -99.63 -30.95 25.82
N GLY G 110 -99.03 -31.91 25.09
CA GLY G 110 -99.83 -32.75 24.25
C GLY G 110 -100.15 -32.07 22.97
N TRP G 111 -99.27 -31.16 22.49
CA TRP G 111 -99.51 -30.52 21.23
C TRP G 111 -99.08 -31.50 20.19
N VAL G 112 -99.68 -31.40 18.98
CA VAL G 112 -99.42 -32.31 17.88
C VAL G 112 -98.57 -31.47 16.96
N LYS G 113 -97.75 -32.12 16.10
CA LYS G 113 -96.88 -31.35 15.24
C LYS G 113 -97.36 -31.30 13.81
N PRO G 114 -97.88 -30.17 13.41
CA PRO G 114 -98.35 -30.02 12.06
C PRO G 114 -97.51 -30.09 10.81
N ARG G 115 -98.12 -30.37 9.64
CA ARG G 115 -97.34 -30.44 8.44
C ARG G 115 -97.24 -29.13 7.73
N THR G 116 -96.13 -28.96 6.98
CA THR G 116 -95.94 -27.77 6.22
C THR G 116 -96.77 -28.08 5.00
N PRO G 117 -97.22 -27.05 4.32
CA PRO G 117 -98.16 -27.21 3.24
C PRO G 117 -97.84 -28.23 2.18
N SER G 118 -96.73 -28.15 1.40
CA SER G 118 -96.66 -29.14 0.34
C SER G 118 -95.34 -29.10 -0.42
N ARG G 119 -95.05 -30.18 -1.20
CA ARG G 119 -93.84 -30.35 -1.98
C ARG G 119 -94.01 -31.53 -2.92
N GLU G 120 -92.99 -31.93 -3.76
CA GLU G 120 -93.09 -33.11 -4.60
C GLU G 120 -93.55 -34.18 -3.70
N LEU G 121 -94.82 -34.56 -3.93
CA LEU G 121 -95.59 -35.28 -2.97
C LEU G 121 -95.09 -36.58 -2.52
N GLY G 122 -94.70 -37.46 -3.43
CA GLY G 122 -94.21 -38.59 -2.77
C GLY G 122 -94.59 -39.84 -3.42
N LEU G 123 -93.58 -40.37 -4.12
CA LEU G 123 -93.71 -41.69 -4.59
C LEU G 123 -93.40 -42.50 -3.36
N SER G 124 -93.75 -43.78 -3.28
CA SER G 124 -93.51 -44.47 -2.05
C SER G 124 -92.06 -44.45 -1.69
N VAL G 125 -91.78 -44.21 -0.38
CA VAL G 125 -90.41 -44.23 0.05
C VAL G 125 -90.47 -45.23 1.17
N GLY G 126 -89.39 -46.03 1.30
CA GLY G 126 -89.38 -47.03 2.33
C GLY G 126 -88.14 -46.84 3.16
N VAL G 127 -88.24 -47.15 4.47
CA VAL G 127 -87.10 -47.00 5.34
C VAL G 127 -87.11 -48.32 6.06
N ILE G 128 -85.92 -48.86 6.39
CA ILE G 128 -85.89 -50.15 7.01
C ILE G 128 -85.29 -49.89 8.37
N GLY G 129 -86.01 -50.33 9.43
CA GLY G 129 -85.58 -50.19 10.79
C GLY G 129 -86.18 -48.93 11.35
N ALA G 130 -86.89 -49.05 12.48
CA ALA G 130 -87.59 -48.08 13.30
C ALA G 130 -86.73 -47.34 14.28
N GLY G 131 -85.39 -47.22 14.10
CA GLY G 131 -84.58 -46.57 15.10
C GLY G 131 -84.43 -45.09 14.87
N PRO G 132 -83.52 -44.43 15.58
CA PRO G 132 -83.30 -43.02 15.47
C PRO G 132 -83.05 -42.50 14.10
N ALA G 133 -82.24 -43.26 13.32
CA ALA G 133 -81.86 -42.84 12.00
C ALA G 133 -83.06 -42.75 11.10
N GLY G 134 -83.89 -43.81 11.05
CA GLY G 134 -85.05 -43.82 10.19
C GLY G 134 -86.08 -42.86 10.66
N LEU G 135 -86.27 -42.76 11.98
CA LEU G 135 -87.30 -41.87 12.46
C LEU G 135 -86.97 -40.47 12.07
N ALA G 136 -85.68 -40.08 12.20
CA ALA G 136 -85.28 -38.74 11.86
C ALA G 136 -85.44 -38.53 10.39
N ALA G 137 -84.99 -39.51 9.57
CA ALA G 137 -85.05 -39.34 8.14
C ALA G 137 -86.49 -39.24 7.73
N ALA G 138 -87.36 -40.11 8.29
CA ALA G 138 -88.74 -40.13 7.92
C ALA G 138 -89.39 -38.83 8.31
N GLU G 139 -89.08 -38.29 9.50
CA GLU G 139 -89.79 -37.10 9.85
C GLU G 139 -89.42 -35.93 9.01
N GLU G 140 -88.14 -35.79 8.63
CA GLU G 140 -87.74 -34.68 7.81
C GLU G 140 -88.36 -34.80 6.46
N LEU G 141 -88.42 -36.03 5.92
CA LEU G 141 -89.00 -36.26 4.64
C LEU G 141 -90.44 -35.87 4.69
N ARG G 142 -91.13 -36.25 5.78
CA ARG G 142 -92.53 -35.93 5.86
C ARG G 142 -92.70 -34.45 5.92
N ALA G 143 -91.76 -33.75 6.56
CA ALA G 143 -91.83 -32.32 6.62
C ALA G 143 -91.84 -31.87 5.20
N LYS G 144 -91.03 -32.52 4.35
CA LYS G 144 -90.99 -32.18 2.95
C LYS G 144 -92.33 -32.46 2.34
N GLY G 145 -93.12 -33.43 2.87
CA GLY G 145 -94.41 -33.65 2.26
C GLY G 145 -94.44 -34.92 1.44
N TYR G 146 -93.80 -36.01 1.91
CA TYR G 146 -93.79 -37.26 1.18
C TYR G 146 -94.55 -38.32 1.96
N GLU G 147 -94.97 -39.42 1.26
CA GLU G 147 -95.66 -40.57 1.83
C GLU G 147 -94.61 -41.61 2.11
N VAL G 148 -94.47 -42.08 3.38
CA VAL G 148 -93.32 -42.91 3.65
C VAL G 148 -93.80 -43.97 4.60
N HIS G 149 -93.15 -45.16 4.52
CA HIS G 149 -93.41 -46.26 5.40
C HIS G 149 -92.13 -46.80 5.97
N VAL G 150 -92.11 -47.16 7.28
CA VAL G 150 -90.90 -47.65 7.86
C VAL G 150 -91.26 -49.07 8.16
N TYR G 151 -90.38 -50.01 7.76
CA TYR G 151 -90.61 -51.40 8.00
C TYR G 151 -89.69 -51.80 9.12
N ASP G 152 -90.29 -52.29 10.22
CA ASP G 152 -89.56 -52.64 11.42
C ASP G 152 -89.65 -54.13 11.67
N ARG G 153 -88.50 -54.77 11.93
CA ARG G 153 -88.45 -56.19 12.16
C ARG G 153 -89.20 -56.60 13.41
N TYR G 154 -88.98 -55.90 14.53
CA TYR G 154 -89.56 -56.19 15.83
C TYR G 154 -90.95 -55.64 15.99
N ASP G 155 -91.65 -56.13 17.03
CA ASP G 155 -92.96 -55.66 17.38
C ASP G 155 -92.89 -54.26 17.91
N ARG G 156 -91.79 -53.93 18.62
CA ARG G 156 -91.58 -52.66 19.25
C ARG G 156 -90.87 -51.71 18.32
N MET G 157 -90.99 -50.38 18.59
CA MET G 157 -90.36 -49.38 17.76
C MET G 157 -89.41 -48.56 18.60
N GLY G 158 -88.46 -47.85 17.95
CA GLY G 158 -87.55 -47.02 18.72
C GLY G 158 -86.13 -47.48 18.64
N GLY G 159 -85.88 -48.71 18.17
CA GLY G 159 -84.51 -49.16 18.04
C GLY G 159 -83.92 -49.38 19.40
N LEU G 160 -82.62 -49.06 19.52
CA LEU G 160 -81.85 -49.30 20.73
C LEU G 160 -82.38 -48.53 21.88
N LEU G 161 -82.95 -47.36 21.56
CA LEU G 161 -83.54 -46.50 22.54
C LEU G 161 -84.53 -47.31 23.31
N VAL G 162 -85.35 -48.13 22.62
CA VAL G 162 -86.33 -48.92 23.32
C VAL G 162 -85.72 -50.19 23.87
N TYR G 163 -85.02 -50.94 23.01
CA TYR G 163 -84.55 -52.28 23.27
C TYR G 163 -83.54 -52.34 24.37
N GLY G 164 -82.39 -51.66 24.17
CA GLY G 164 -81.29 -51.69 25.10
C GLY G 164 -81.06 -50.60 26.14
N ILE G 165 -81.23 -49.30 25.80
CA ILE G 165 -80.82 -48.29 26.74
C ILE G 165 -81.84 -48.43 27.85
N PRO G 166 -81.32 -48.53 29.05
CA PRO G 166 -82.05 -48.79 30.27
C PRO G 166 -83.08 -47.72 30.56
N GLY G 167 -84.19 -48.14 31.19
CA GLY G 167 -85.34 -47.34 31.55
C GLY G 167 -84.91 -46.31 32.53
N PHE G 168 -83.95 -46.65 33.41
CA PHE G 168 -83.53 -45.71 34.39
C PHE G 168 -82.89 -44.52 33.74
N LYS G 169 -82.18 -44.73 32.62
CA LYS G 169 -81.61 -43.65 31.86
C LYS G 169 -82.58 -43.02 30.88
N LEU G 170 -83.39 -43.86 30.21
CA LEU G 170 -84.26 -43.52 29.11
C LEU G 170 -85.65 -44.04 29.35
N GLU G 171 -86.60 -43.22 29.83
CA GLU G 171 -87.91 -43.77 30.05
C GLU G 171 -88.55 -44.04 28.71
N LYS G 172 -89.31 -45.15 28.63
CA LYS G 172 -89.95 -45.61 27.43
C LYS G 172 -90.96 -44.61 26.93
N SER G 173 -91.67 -43.93 27.83
CA SER G 173 -92.68 -43.02 27.38
C SER G 173 -92.07 -41.97 26.49
N VAL G 174 -90.76 -41.73 26.66
CA VAL G 174 -90.06 -40.70 25.95
C VAL G 174 -90.04 -41.12 24.50
N VAL G 175 -89.67 -42.39 24.21
CA VAL G 175 -89.46 -42.76 22.83
C VAL G 175 -90.84 -42.74 22.24
N GLU G 176 -91.87 -43.14 23.01
CA GLU G 176 -93.21 -43.15 22.47
C GLU G 176 -93.63 -41.77 22.10
N ARG G 177 -93.25 -40.76 22.89
CA ARG G 177 -93.70 -39.44 22.53
C ARG G 177 -93.17 -39.05 21.19
N ARG G 178 -91.87 -39.29 20.92
CA ARG G 178 -91.33 -38.85 19.66
C ARG G 178 -91.92 -39.57 18.50
N VAL G 179 -92.21 -40.87 18.66
CA VAL G 179 -92.66 -41.62 17.51
C VAL G 179 -94.01 -41.03 17.21
N LYS G 180 -94.84 -40.71 18.23
CA LYS G 180 -96.15 -40.18 17.93
C LYS G 180 -96.05 -38.88 17.21
N LEU G 181 -95.08 -38.02 17.56
CA LEU G 181 -95.00 -36.76 16.87
C LEU G 181 -94.73 -37.01 15.42
N LEU G 182 -93.87 -38.00 15.13
CA LEU G 182 -93.54 -38.32 13.77
C LEU G 182 -94.76 -38.81 13.05
N ALA G 183 -95.56 -39.63 13.76
CA ALA G 183 -96.76 -40.25 13.25
C ALA G 183 -97.75 -39.20 12.85
N ASP G 184 -97.77 -38.06 13.56
CA ASP G 184 -98.75 -37.07 13.23
C ASP G 184 -98.53 -36.61 11.82
N ALA G 185 -97.28 -36.71 11.37
CA ALA G 185 -96.80 -36.40 10.05
C ALA G 185 -97.43 -37.35 9.08
N GLY G 186 -97.80 -38.57 9.51
CA GLY G 186 -98.45 -39.47 8.60
C GLY G 186 -97.52 -40.57 8.21
N VAL G 187 -96.33 -40.62 8.84
CA VAL G 187 -95.37 -41.64 8.52
C VAL G 187 -96.06 -42.87 9.02
N ILE G 188 -95.88 -44.02 8.33
CA ILE G 188 -96.60 -45.19 8.72
C ILE G 188 -95.47 -46.10 9.09
N TYR G 189 -95.71 -46.95 10.11
CA TYR G 189 -94.73 -47.91 10.58
C TYR G 189 -95.38 -49.25 10.57
N HIS G 190 -94.70 -50.28 9.99
CA HIS G 190 -95.29 -51.57 10.15
C HIS G 190 -94.32 -52.55 10.73
N PRO G 191 -94.72 -53.06 11.86
CA PRO G 191 -93.92 -53.96 12.65
C PRO G 191 -93.40 -55.33 12.36
N ASN G 192 -93.96 -56.15 11.47
CA ASN G 192 -93.20 -57.36 11.43
C ASN G 192 -92.68 -57.59 10.06
N PHE G 193 -91.89 -56.63 9.57
CA PHE G 193 -91.31 -56.77 8.28
C PHE G 193 -89.83 -56.65 8.44
N GLU G 194 -89.08 -57.50 7.71
CA GLU G 194 -87.66 -57.54 7.86
C GLU G 194 -86.99 -57.42 6.53
N VAL G 195 -85.82 -56.75 6.52
CA VAL G 195 -85.07 -56.64 5.32
C VAL G 195 -84.34 -57.93 5.38
N GLY G 196 -84.68 -58.84 4.46
CA GLY G 196 -84.15 -60.16 4.43
C GLY G 196 -85.00 -60.89 3.42
N ARG G 197 -85.48 -62.11 3.74
CA ARG G 197 -86.24 -62.89 2.79
C ARG G 197 -87.47 -62.15 2.42
N ASP G 198 -88.14 -61.55 3.43
CA ASP G 198 -89.35 -60.88 3.10
C ASP G 198 -89.09 -59.66 2.27
N ALA G 199 -88.23 -58.75 2.75
CA ALA G 199 -88.08 -57.54 2.00
C ALA G 199 -86.67 -57.48 1.55
N SER G 200 -86.48 -56.99 0.31
CA SER G 200 -85.17 -56.82 -0.26
C SER G 200 -85.21 -55.57 -1.04
N LEU G 201 -84.03 -55.03 -1.35
CA LEU G 201 -84.01 -53.88 -2.19
C LEU G 201 -84.64 -54.18 -3.54
N PRO G 202 -84.38 -55.26 -4.26
CA PRO G 202 -85.05 -55.47 -5.52
C PRO G 202 -86.53 -55.56 -5.33
N GLU G 203 -87.02 -56.12 -4.21
CA GLU G 203 -88.45 -56.24 -4.04
C GLU G 203 -89.03 -54.87 -3.98
N LEU G 204 -88.33 -53.97 -3.25
CA LEU G 204 -88.76 -52.61 -3.11
C LEU G 204 -88.72 -51.93 -4.44
N ARG G 205 -87.73 -52.31 -5.28
CA ARG G 205 -87.59 -51.73 -6.58
C ARG G 205 -88.88 -51.93 -7.26
N ARG G 206 -89.54 -53.08 -6.98
CA ARG G 206 -90.87 -53.15 -7.49
C ARG G 206 -91.60 -52.03 -6.83
N LYS G 207 -91.89 -50.98 -7.60
CA LYS G 207 -92.50 -49.75 -7.18
C LYS G 207 -92.03 -49.30 -5.83
N HIS G 208 -91.05 -48.37 -5.82
CA HIS G 208 -90.51 -47.68 -4.66
C HIS G 208 -89.46 -46.72 -5.18
N VAL G 209 -89.62 -45.41 -4.91
CA VAL G 209 -88.73 -44.38 -5.41
C VAL G 209 -87.44 -44.46 -4.66
N ALA G 210 -87.46 -44.55 -3.31
CA ALA G 210 -86.20 -44.47 -2.61
C ALA G 210 -86.25 -45.30 -1.36
N VAL G 211 -85.07 -45.63 -0.79
CA VAL G 211 -85.08 -46.45 0.39
C VAL G 211 -83.95 -45.93 1.24
N LEU G 212 -84.15 -45.99 2.58
CA LEU G 212 -83.17 -45.61 3.56
C LEU G 212 -82.88 -46.81 4.42
N VAL G 213 -81.60 -47.19 4.63
CA VAL G 213 -81.34 -48.39 5.39
C VAL G 213 -80.79 -47.92 6.72
N ALA G 214 -81.69 -47.92 7.71
CA ALA G 214 -81.72 -47.68 9.13
C ALA G 214 -81.54 -48.87 10.08
N THR G 215 -81.22 -50.11 9.67
CA THR G 215 -81.35 -51.29 10.53
C THR G 215 -80.29 -51.38 11.63
N GLY G 216 -79.25 -50.53 11.67
CA GLY G 216 -78.29 -50.60 12.75
C GLY G 216 -77.41 -51.83 12.64
N VAL G 217 -76.84 -52.26 13.79
CA VAL G 217 -75.96 -53.41 13.85
C VAL G 217 -76.75 -54.37 14.71
N TYR G 218 -77.47 -55.30 14.07
CA TYR G 218 -78.36 -56.23 14.73
C TYR G 218 -77.69 -57.26 15.60
N LYS G 219 -76.48 -57.79 15.27
CA LYS G 219 -75.95 -58.86 16.10
C LYS G 219 -74.78 -58.43 16.97
N ALA G 220 -74.34 -59.36 17.87
CA ALA G 220 -73.29 -59.12 18.85
C ALA G 220 -72.06 -59.96 18.51
N ARG G 221 -70.90 -59.67 19.19
CA ARG G 221 -69.60 -60.32 18.98
C ARG G 221 -69.54 -61.73 19.60
N ASP G 222 -68.66 -62.63 18.98
CA ASP G 222 -68.32 -64.07 18.90
C ASP G 222 -67.80 -65.02 20.03
N ILE G 223 -66.79 -64.72 20.91
CA ILE G 223 -66.04 -65.72 21.70
C ILE G 223 -66.77 -66.78 22.51
N LYS G 224 -67.97 -66.49 22.99
CA LYS G 224 -68.72 -67.38 23.83
C LYS G 224 -69.05 -68.67 23.18
N ALA G 225 -69.17 -68.75 21.84
CA ALA G 225 -69.37 -70.05 21.28
C ALA G 225 -70.75 -70.50 21.71
N PRO G 226 -71.28 -71.64 21.32
CA PRO G 226 -72.58 -72.01 21.82
C PRO G 226 -72.54 -72.01 23.31
N GLY G 227 -73.16 -71.00 23.93
CA GLY G 227 -73.29 -70.92 25.35
C GLY G 227 -74.72 -70.57 25.52
N SER G 228 -75.36 -71.01 26.62
CA SER G 228 -76.77 -70.75 26.72
C SER G 228 -77.05 -69.87 27.88
N GLY G 229 -78.23 -69.23 27.85
CA GLY G 229 -78.67 -68.37 28.92
C GLY G 229 -78.84 -69.19 30.14
N LEU G 230 -79.36 -70.42 29.96
CA LEU G 230 -79.56 -71.26 31.10
C LEU G 230 -78.26 -71.48 31.76
N GLY G 231 -77.21 -71.72 30.95
CA GLY G 231 -75.93 -71.94 31.53
C GLY G 231 -75.51 -70.71 32.24
N ASN G 232 -75.66 -69.53 31.58
CA ASN G 232 -75.12 -68.39 32.24
C ASN G 232 -74.92 -67.21 31.32
N ILE G 233 -74.74 -67.51 30.03
CA ILE G 233 -74.13 -66.54 29.20
C ILE G 233 -75.26 -65.84 28.54
N VAL G 234 -75.06 -64.52 28.38
CA VAL G 234 -76.04 -63.73 27.72
C VAL G 234 -75.18 -62.69 27.06
N ALA G 235 -75.53 -62.34 25.80
CA ALA G 235 -74.88 -61.28 25.08
C ALA G 235 -75.66 -60.07 25.43
N ALA G 236 -75.09 -58.89 25.19
CA ALA G 236 -75.78 -57.69 25.54
C ALA G 236 -77.06 -57.69 24.77
N LEU G 237 -77.02 -58.25 23.55
CA LEU G 237 -78.15 -58.32 22.67
C LEU G 237 -79.29 -59.05 23.33
N ASP G 238 -78.99 -60.17 24.01
CA ASP G 238 -80.01 -60.92 24.70
C ASP G 238 -80.49 -60.27 25.97
N TYR G 239 -79.54 -59.84 26.83
CA TYR G 239 -79.76 -59.37 28.17
C TYR G 239 -80.50 -58.07 28.27
N LEU G 240 -80.08 -57.05 27.52
CA LEU G 240 -80.67 -55.76 27.68
C LEU G 240 -82.12 -55.77 27.36
N THR G 241 -82.49 -56.47 26.27
CA THR G 241 -83.84 -56.47 25.80
C THR G 241 -84.68 -57.14 26.86
N THR G 242 -84.22 -58.21 27.51
CA THR G 242 -85.13 -58.90 28.40
C THR G 242 -85.40 -57.94 29.52
N SER G 243 -84.39 -57.19 30.00
CA SER G 243 -84.63 -56.27 31.08
C SER G 243 -85.54 -55.18 30.64
N ASN G 244 -85.38 -54.74 29.38
CA ASN G 244 -86.17 -53.69 28.82
C ASN G 244 -87.62 -54.06 28.80
N LYS G 245 -87.91 -55.29 28.35
CA LYS G 245 -89.28 -55.71 28.20
C LYS G 245 -89.95 -55.73 29.54
N VAL G 246 -89.26 -56.20 30.60
CA VAL G 246 -89.93 -56.32 31.87
C VAL G 246 -90.11 -54.92 32.40
N SER G 247 -89.08 -54.06 32.26
CA SER G 247 -89.06 -52.73 32.83
C SER G 247 -89.90 -51.69 32.14
N LEU G 248 -90.11 -51.76 30.80
CA LEU G 248 -90.83 -50.68 30.18
C LEU G 248 -92.20 -51.09 29.74
N GLY G 249 -93.22 -50.41 30.28
CA GLY G 249 -94.59 -50.78 30.10
C GLY G 249 -95.09 -50.70 28.67
N ASP G 250 -94.88 -49.62 27.93
CA ASP G 250 -95.49 -49.53 26.63
C ASP G 250 -94.88 -50.46 25.62
N THR G 251 -93.64 -50.91 25.87
CA THR G 251 -92.83 -51.57 24.89
C THR G 251 -93.57 -52.73 24.31
N VAL G 252 -94.10 -53.66 25.13
CA VAL G 252 -94.70 -54.81 24.53
C VAL G 252 -96.02 -54.91 25.21
N GLU G 253 -97.02 -55.48 24.50
CA GLU G 253 -98.31 -55.68 25.07
C GLU G 253 -98.24 -56.71 26.15
N ALA G 254 -97.48 -57.80 25.87
CA ALA G 254 -97.40 -58.87 26.82
C ALA G 254 -96.62 -58.41 28.00
N TYR G 255 -97.05 -58.86 29.19
CA TYR G 255 -96.32 -58.51 30.36
C TYR G 255 -95.32 -59.58 30.52
N GLU G 256 -94.04 -59.21 30.72
CA GLU G 256 -93.10 -60.25 30.89
C GLU G 256 -93.29 -60.78 32.26
N ASN G 257 -94.17 -61.80 32.35
CA ASN G 257 -94.58 -62.50 33.52
C ASN G 257 -93.39 -63.23 34.02
N GLY G 258 -92.51 -63.60 33.07
CA GLY G 258 -91.30 -64.26 33.43
C GLY G 258 -90.66 -63.32 34.38
N SER G 259 -90.85 -62.01 34.11
CA SER G 259 -90.40 -61.00 35.02
C SER G 259 -88.99 -60.69 34.66
N LEU G 260 -88.29 -59.91 35.49
CA LEU G 260 -86.94 -59.59 35.17
C LEU G 260 -86.10 -60.82 35.26
N ASN G 261 -85.01 -60.86 34.45
CA ASN G 261 -84.18 -62.01 34.44
C ASN G 261 -83.61 -62.20 35.80
N ALA G 262 -83.52 -63.47 36.24
CA ALA G 262 -82.99 -63.69 37.55
C ALA G 262 -81.51 -63.79 37.40
N ALA G 263 -80.79 -62.77 37.92
CA ALA G 263 -79.38 -62.82 37.87
C ALA G 263 -78.92 -62.90 39.28
N GLY G 264 -78.19 -63.97 39.62
CA GLY G 264 -77.76 -64.12 40.98
C GLY G 264 -76.31 -64.46 41.00
N LYS G 265 -75.63 -63.99 42.06
CA LYS G 265 -74.24 -64.22 42.31
C LYS G 265 -73.39 -63.25 41.52
N HIS G 266 -72.10 -63.55 41.29
CA HIS G 266 -71.19 -62.67 40.62
C HIS G 266 -71.48 -62.59 39.16
N VAL G 267 -71.38 -61.37 38.59
CA VAL G 267 -71.68 -61.20 37.20
C VAL G 267 -70.44 -60.60 36.62
N VAL G 268 -70.03 -61.08 35.43
CA VAL G 268 -68.84 -60.56 34.80
C VAL G 268 -69.39 -59.92 33.55
N VAL G 269 -69.02 -58.65 33.31
CA VAL G 269 -69.50 -57.96 32.15
C VAL G 269 -68.24 -57.64 31.40
N LEU G 270 -68.18 -58.00 30.11
CA LEU G 270 -66.98 -57.74 29.37
C LEU G 270 -67.22 -56.66 28.35
N GLY G 271 -66.54 -55.50 28.51
CA GLY G 271 -66.69 -54.44 27.56
C GLY G 271 -66.35 -53.12 28.22
N GLY G 272 -65.76 -52.22 27.41
CA GLY G 272 -65.38 -50.86 27.69
C GLY G 272 -66.42 -49.81 27.46
N GLY G 273 -67.39 -50.07 26.56
CA GLY G 273 -68.23 -48.99 26.13
C GLY G 273 -69.49 -48.88 26.92
N ASP G 274 -70.44 -48.13 26.33
CA ASP G 274 -71.74 -47.79 26.83
C ASP G 274 -72.46 -49.08 27.12
N THR G 275 -72.31 -50.06 26.22
CA THR G 275 -73.05 -51.29 26.34
C THR G 275 -72.69 -51.99 27.63
N ALA G 276 -71.38 -52.09 27.94
CA ALA G 276 -70.94 -52.80 29.11
C ALA G 276 -71.46 -52.15 30.36
N MET G 277 -71.37 -50.81 30.42
CA MET G 277 -71.75 -50.12 31.62
C MET G 277 -73.23 -50.24 31.84
N ASP G 278 -74.04 -50.22 30.76
CA ASP G 278 -75.46 -50.35 30.95
C ASP G 278 -75.82 -51.72 31.44
N CYS G 279 -75.13 -52.76 30.95
CA CYS G 279 -75.41 -54.11 31.37
C CYS G 279 -74.99 -54.29 32.80
N VAL G 280 -73.91 -53.62 33.23
CA VAL G 280 -73.41 -53.74 34.58
C VAL G 280 -74.51 -53.20 35.45
N ARG G 281 -75.01 -51.99 35.16
CA ARG G 281 -76.01 -51.39 35.99
C ARG G 281 -77.28 -52.18 35.94
N THR G 282 -77.67 -52.71 34.77
CA THR G 282 -78.96 -53.37 34.69
C THR G 282 -78.85 -54.62 35.51
N ALA G 283 -77.66 -55.24 35.58
CA ALA G 283 -77.52 -56.51 36.26
C ALA G 283 -77.90 -56.38 37.70
N ILE G 284 -77.53 -55.25 38.35
CA ILE G 284 -77.77 -55.10 39.77
C ILE G 284 -79.28 -55.02 39.84
N ARG G 285 -79.92 -54.46 38.82
CA ARG G 285 -81.35 -54.30 38.80
C ARG G 285 -82.00 -55.65 38.95
N GLN G 286 -81.40 -56.68 38.33
CA GLN G 286 -81.99 -57.99 38.41
C GLN G 286 -81.47 -58.82 39.54
N GLY G 287 -80.90 -58.18 40.59
CA GLY G 287 -80.54 -58.92 41.77
C GLY G 287 -79.11 -59.40 41.83
N ALA G 288 -78.20 -58.94 40.95
CA ALA G 288 -76.85 -59.42 41.02
C ALA G 288 -76.22 -59.01 42.33
N THR G 289 -75.47 -59.94 42.96
CA THR G 289 -74.82 -59.67 44.22
C THR G 289 -73.64 -58.80 43.92
N SER G 290 -72.86 -59.11 42.87
CA SER G 290 -71.67 -58.33 42.59
C SER G 290 -71.46 -58.26 41.12
N VAL G 291 -70.86 -57.14 40.64
CA VAL G 291 -70.70 -57.04 39.20
C VAL G 291 -69.27 -56.61 39.02
N LYS G 292 -68.60 -57.26 38.04
CA LYS G 292 -67.23 -56.95 37.71
C LYS G 292 -67.18 -56.54 36.28
N CYS G 293 -66.55 -55.37 36.00
CA CYS G 293 -66.46 -55.01 34.62
C CYS G 293 -65.04 -55.20 34.17
N LEU G 294 -64.84 -56.12 33.21
CA LEU G 294 -63.52 -56.47 32.80
C LEU G 294 -63.18 -55.84 31.50
N TYR G 295 -62.01 -55.18 31.45
CA TYR G 295 -61.62 -54.50 30.26
C TYR G 295 -60.36 -55.13 29.75
N ARG G 296 -60.30 -55.30 28.44
CA ARG G 296 -59.09 -55.77 27.87
C ARG G 296 -58.06 -54.71 28.06
N ARG G 297 -58.48 -53.47 27.79
CA ARG G 297 -57.57 -52.38 27.78
C ARG G 297 -57.43 -51.76 29.15
N ASP G 298 -56.68 -50.64 29.24
CA ASP G 298 -56.39 -49.94 30.46
C ASP G 298 -57.56 -49.07 30.90
N ARG G 299 -57.59 -48.67 32.18
CA ARG G 299 -58.62 -47.84 32.75
C ARG G 299 -58.69 -46.53 32.07
N LYS G 300 -57.52 -45.98 31.71
CA LYS G 300 -57.47 -44.71 31.10
C LYS G 300 -58.26 -44.72 29.85
N ASN G 301 -58.19 -45.82 29.07
CA ASN G 301 -58.90 -45.76 27.83
C ASN G 301 -60.17 -46.54 27.83
N MET G 302 -61.07 -46.14 28.75
CA MET G 302 -62.40 -46.65 28.81
C MET G 302 -63.18 -45.95 27.75
N PRO G 303 -63.87 -46.67 26.92
CA PRO G 303 -64.65 -45.98 25.93
C PRO G 303 -65.77 -45.04 26.23
N GLY G 304 -66.57 -45.35 27.28
CA GLY G 304 -67.71 -44.54 27.59
C GLY G 304 -67.25 -43.28 28.23
N SER G 305 -68.08 -42.21 28.14
CA SER G 305 -67.69 -40.97 28.73
C SER G 305 -67.87 -41.06 30.21
N GLN G 306 -67.28 -40.10 30.94
CA GLN G 306 -67.21 -40.17 32.38
C GLN G 306 -68.56 -40.18 33.03
N ARG G 307 -69.55 -39.47 32.48
CA ARG G 307 -70.82 -39.51 33.14
C ARG G 307 -71.34 -40.89 33.16
N GLU G 308 -71.24 -41.65 32.03
CA GLU G 308 -71.84 -42.92 32.25
C GLU G 308 -71.04 -43.84 33.12
N VAL G 309 -69.69 -43.76 33.08
CA VAL G 309 -68.88 -44.67 33.85
C VAL G 309 -69.23 -44.32 35.27
N ALA G 310 -69.56 -43.05 35.54
CA ALA G 310 -69.81 -42.63 36.89
C ALA G 310 -70.95 -43.42 37.47
N HIS G 311 -72.00 -43.71 36.67
CA HIS G 311 -73.13 -44.40 37.20
C HIS G 311 -72.75 -45.75 37.71
N ALA G 312 -71.92 -46.51 36.96
CA ALA G 312 -71.51 -47.82 37.38
C ALA G 312 -70.68 -47.72 38.62
N GLU G 313 -69.79 -46.71 38.67
CA GLU G 313 -68.88 -46.57 39.78
C GLU G 313 -69.59 -46.32 41.07
N GLU G 314 -70.63 -45.45 41.04
CA GLU G 314 -71.36 -45.12 42.23
C GLU G 314 -72.01 -46.36 42.73
N GLU G 315 -72.40 -47.21 41.78
CA GLU G 315 -73.09 -48.45 41.92
C GLU G 315 -72.24 -49.44 42.66
N GLY G 316 -70.91 -49.23 42.64
CA GLY G 316 -70.01 -50.09 43.36
C GLY G 316 -69.60 -51.25 42.51
N VAL G 317 -69.64 -51.09 41.17
CA VAL G 317 -69.24 -52.20 40.35
C VAL G 317 -67.75 -52.10 40.38
N GLU G 318 -67.08 -53.27 40.32
CA GLU G 318 -65.65 -53.30 40.38
C GLU G 318 -65.10 -53.37 39.00
N PHE G 319 -64.03 -52.59 38.75
CA PHE G 319 -63.43 -52.62 37.45
C PHE G 319 -62.10 -53.28 37.64
N ILE G 320 -61.91 -54.48 37.06
CA ILE G 320 -60.59 -55.05 37.17
C ILE G 320 -60.09 -54.42 35.93
N TRP G 321 -59.02 -53.61 36.02
CA TRP G 321 -58.74 -52.94 34.81
C TRP G 321 -57.29 -52.55 34.79
N GLN G 322 -56.51 -53.05 33.82
CA GLN G 322 -55.13 -52.68 33.84
C GLN G 322 -54.47 -52.95 32.53
N ALA G 323 -53.46 -52.12 32.21
CA ALA G 323 -52.68 -52.24 31.02
C ALA G 323 -53.54 -52.01 29.83
N ALA G 324 -52.96 -51.39 28.78
CA ALA G 324 -53.73 -51.18 27.60
C ALA G 324 -54.05 -52.55 27.05
N PRO G 325 -53.12 -53.45 27.02
CA PRO G 325 -53.60 -54.73 26.61
C PRO G 325 -54.57 -55.55 27.38
N GLU G 326 -55.39 -56.33 26.64
CA GLU G 326 -56.54 -57.13 26.98
C GLU G 326 -56.49 -57.99 28.22
N GLY G 327 -57.31 -57.67 29.27
CA GLY G 327 -57.56 -58.76 30.16
C GLY G 327 -58.41 -59.46 29.18
N PHE G 328 -57.94 -60.57 28.61
CA PHE G 328 -58.70 -61.12 27.53
C PHE G 328 -59.25 -62.43 27.97
N THR G 329 -60.53 -62.68 27.62
CA THR G 329 -61.19 -63.87 28.07
C THR G 329 -60.73 -64.94 27.13
N GLY G 330 -60.05 -65.96 27.69
CA GLY G 330 -59.69 -67.14 26.94
C GLY G 330 -60.82 -68.11 26.85
N ASP G 331 -61.47 -68.43 28.00
CA ASP G 331 -62.42 -69.50 28.01
C ASP G 331 -63.40 -69.37 29.13
N THR G 332 -64.60 -69.99 28.95
CA THR G 332 -65.60 -69.96 29.98
C THR G 332 -65.69 -71.38 30.42
N VAL G 333 -65.77 -71.62 31.75
CA VAL G 333 -65.78 -72.98 32.20
C VAL G 333 -67.18 -73.16 32.71
N VAL G 334 -67.80 -74.30 32.35
CA VAL G 334 -69.15 -74.50 32.79
C VAL G 334 -69.08 -75.84 33.45
N THR G 335 -69.69 -75.94 34.65
CA THR G 335 -69.73 -77.21 35.33
C THR G 335 -71.11 -77.18 35.90
N GLY G 336 -71.79 -78.33 35.93
CA GLY G 336 -73.10 -78.36 36.52
C GLY G 336 -74.06 -77.69 35.61
N VAL G 337 -73.68 -77.53 34.32
CA VAL G 337 -74.55 -76.97 33.33
C VAL G 337 -74.67 -75.50 33.71
N ARG G 338 -73.74 -74.99 34.55
CA ARG G 338 -73.78 -73.58 34.88
C ARG G 338 -72.39 -73.02 34.82
N ALA G 339 -72.25 -71.74 34.40
CA ALA G 339 -70.93 -71.16 34.32
C ALA G 339 -70.44 -70.90 35.71
N VAL G 340 -69.27 -71.48 36.05
CA VAL G 340 -68.62 -71.30 37.32
C VAL G 340 -67.60 -70.19 37.17
N ARG G 341 -66.90 -70.08 36.00
CA ARG G 341 -65.79 -69.15 35.96
C ARG G 341 -65.42 -68.81 34.55
N ILE G 342 -64.57 -67.78 34.38
CA ILE G 342 -64.14 -67.41 33.06
C ILE G 342 -62.65 -67.28 33.28
N HIS G 343 -61.88 -67.80 32.31
CA HIS G 343 -60.44 -67.80 32.29
C HIS G 343 -59.97 -66.67 31.43
N LEU G 344 -59.03 -65.85 31.96
CA LEU G 344 -58.49 -64.76 31.22
C LEU G 344 -57.01 -64.81 31.20
N GLY G 345 -56.41 -64.05 30.25
CA GLY G 345 -54.98 -63.92 30.15
C GLY G 345 -54.73 -62.46 30.32
N VAL G 346 -53.55 -62.08 30.84
CA VAL G 346 -53.32 -60.68 31.11
C VAL G 346 -52.75 -60.16 29.84
N ALA G 347 -52.98 -58.86 29.56
CA ALA G 347 -52.39 -58.31 28.39
C ALA G 347 -51.75 -57.02 28.74
N ASP G 348 -50.73 -56.60 27.96
CA ASP G 348 -49.99 -55.43 28.28
C ASP G 348 -49.52 -54.77 27.02
N ALA G 349 -49.28 -53.44 27.06
CA ALA G 349 -48.96 -52.72 25.86
C ALA G 349 -47.48 -52.57 25.77
N THR G 350 -46.96 -52.70 24.53
CA THR G 350 -45.55 -52.65 24.24
C THR G 350 -45.35 -51.23 23.76
N GLY G 351 -44.12 -50.86 23.36
CA GLY G 351 -43.82 -49.55 22.85
C GLY G 351 -44.62 -49.33 21.60
N ARG G 352 -44.81 -50.42 20.84
CA ARG G 352 -45.57 -50.41 19.62
C ARG G 352 -46.99 -50.07 19.94
N GLN G 353 -47.38 -50.34 21.19
CA GLN G 353 -48.71 -50.08 21.67
C GLN G 353 -49.65 -51.08 21.09
N THR G 354 -49.10 -52.08 20.38
CA THR G 354 -49.96 -53.09 19.86
C THR G 354 -50.14 -53.98 21.03
N PRO G 355 -51.37 -54.40 21.22
CA PRO G 355 -51.60 -55.29 22.30
C PRO G 355 -50.95 -56.64 22.41
N GLN G 356 -50.48 -57.03 23.60
CA GLN G 356 -49.88 -58.33 23.72
C GLN G 356 -50.59 -59.10 24.78
N VAL G 357 -50.74 -60.43 24.61
CA VAL G 357 -51.43 -61.23 25.58
C VAL G 357 -50.32 -62.09 26.11
N ILE G 358 -50.25 -62.24 27.45
CA ILE G 358 -49.15 -63.00 27.97
C ILE G 358 -49.87 -64.22 28.50
N GLU G 359 -49.60 -65.36 27.85
CA GLU G 359 -50.20 -66.64 28.13
C GLU G 359 -49.83 -67.14 29.49
N GLY G 360 -48.59 -66.86 29.92
CA GLY G 360 -48.10 -67.37 31.17
C GLY G 360 -48.95 -66.88 32.29
N SER G 361 -49.43 -65.62 32.23
CA SER G 361 -50.22 -65.14 33.32
C SER G 361 -51.67 -65.26 33.00
N GLU G 362 -52.39 -65.96 33.89
CA GLU G 362 -53.78 -66.27 33.71
C GLU G 362 -54.53 -65.82 34.93
N PHE G 363 -55.86 -65.58 34.77
CA PHE G 363 -56.64 -65.28 35.93
C PHE G 363 -57.88 -66.11 35.84
N THR G 364 -58.31 -66.70 36.97
CA THR G 364 -59.48 -67.52 36.95
C THR G 364 -60.41 -66.69 37.77
N VAL G 365 -61.48 -66.15 37.14
CA VAL G 365 -62.35 -65.30 37.92
C VAL G 365 -63.60 -66.12 38.03
N GLN G 366 -64.07 -66.30 39.28
CA GLN G 366 -65.28 -67.02 39.55
C GLN G 366 -66.43 -66.15 39.14
N ALA G 367 -67.41 -66.74 38.43
CA ALA G 367 -68.56 -65.96 38.08
C ALA G 367 -69.70 -66.87 37.80
N ASP G 368 -70.89 -66.49 38.30
CA ASP G 368 -72.09 -67.20 38.00
C ASP G 368 -72.70 -66.78 36.71
N LEU G 369 -72.53 -65.50 36.28
CA LEU G 369 -73.16 -64.95 35.09
C LEU G 369 -72.22 -64.17 34.22
N VAL G 370 -72.22 -64.36 32.87
CA VAL G 370 -71.32 -63.58 32.06
C VAL G 370 -72.20 -62.91 31.06
N ILE G 371 -71.91 -61.61 30.77
CA ILE G 371 -72.68 -60.90 29.79
C ILE G 371 -71.57 -60.33 28.95
N LYS G 372 -71.64 -60.55 27.62
CA LYS G 372 -70.66 -60.02 26.72
C LYS G 372 -71.17 -58.78 26.06
N ALA G 373 -70.52 -57.67 26.44
CA ALA G 373 -70.57 -56.28 26.09
C ALA G 373 -69.80 -55.81 24.91
N LEU G 374 -69.02 -56.64 24.20
CA LEU G 374 -68.07 -56.13 23.23
C LEU G 374 -68.68 -55.22 22.21
N GLY G 375 -69.89 -55.51 21.71
CA GLY G 375 -70.39 -54.56 20.77
C GLY G 375 -71.28 -55.29 19.82
N PHE G 376 -71.59 -54.67 18.67
CA PHE G 376 -72.48 -55.28 17.75
C PHE G 376 -71.92 -55.14 16.36
N GLU G 377 -72.43 -55.96 15.41
CA GLU G 377 -71.98 -55.87 14.05
C GLU G 377 -72.96 -56.54 13.15
N PRO G 378 -73.03 -56.14 11.90
CA PRO G 378 -73.78 -56.93 10.98
C PRO G 378 -73.23 -58.23 10.47
N GLU G 379 -73.93 -59.38 10.57
CA GLU G 379 -73.27 -60.55 10.05
C GLU G 379 -74.24 -61.47 9.40
N ASP G 380 -75.54 -61.22 9.62
CA ASP G 380 -76.59 -62.04 9.09
C ASP G 380 -76.54 -61.99 7.60
N LEU G 381 -76.17 -63.14 6.98
CA LEU G 381 -76.00 -63.17 5.56
C LEU G 381 -77.26 -62.88 4.80
N PRO G 382 -78.45 -63.39 5.07
CA PRO G 382 -79.58 -63.04 4.26
C PRO G 382 -79.81 -61.56 4.30
N ASN G 383 -79.46 -60.87 5.40
CA ASN G 383 -79.67 -59.46 5.49
C ASN G 383 -78.79 -58.76 4.51
N ALA G 384 -77.52 -59.20 4.46
CA ALA G 384 -76.55 -58.61 3.60
C ALA G 384 -77.01 -58.80 2.20
N PHE G 385 -77.57 -59.98 1.88
CA PHE G 385 -78.02 -60.38 0.57
C PHE G 385 -79.15 -59.49 0.13
N ASP G 386 -79.97 -59.05 1.09
CA ASP G 386 -81.09 -58.19 0.86
C ASP G 386 -80.62 -56.94 0.20
N GLU G 387 -79.41 -56.51 0.61
CA GLU G 387 -78.76 -55.29 0.23
C GLU G 387 -78.29 -55.25 -1.20
N PRO G 388 -78.05 -56.34 -1.89
CA PRO G 388 -77.59 -56.14 -3.22
C PRO G 388 -78.30 -55.26 -4.18
N GLU G 389 -77.60 -54.64 -5.16
CA GLU G 389 -76.21 -54.67 -5.53
C GLU G 389 -75.29 -53.85 -4.65
N LEU G 390 -75.83 -52.94 -3.81
CA LEU G 390 -75.10 -51.95 -3.03
C LEU G 390 -73.74 -52.43 -2.56
N LYS G 391 -72.70 -51.58 -2.75
CA LYS G 391 -71.33 -51.93 -2.44
C LYS G 391 -71.06 -51.89 -0.96
N VAL G 392 -70.19 -52.82 -0.48
CA VAL G 392 -69.90 -52.88 0.92
C VAL G 392 -68.42 -52.60 0.97
N THR G 393 -67.96 -51.99 2.08
CA THR G 393 -66.59 -51.57 2.25
C THR G 393 -65.93 -52.78 2.83
N ARG G 394 -64.59 -52.73 3.02
CA ARG G 394 -63.95 -53.86 3.61
C ARG G 394 -64.14 -53.86 5.09
N TRP G 395 -65.22 -53.22 5.56
CA TRP G 395 -65.56 -53.27 6.96
C TRP G 395 -66.82 -54.07 6.95
N GLY G 396 -67.21 -54.49 5.72
CA GLY G 396 -68.37 -55.30 5.54
C GLY G 396 -69.59 -54.52 5.88
N THR G 397 -69.59 -53.20 5.61
CA THR G 397 -70.74 -52.40 5.95
C THR G 397 -71.06 -51.69 4.67
N LEU G 398 -72.31 -51.21 4.53
CA LEU G 398 -72.69 -50.51 3.35
C LEU G 398 -71.91 -49.23 3.19
N LEU G 399 -71.33 -49.02 1.99
CA LEU G 399 -70.60 -47.80 1.73
C LEU G 399 -71.54 -46.71 1.42
N VAL G 400 -71.24 -45.50 1.90
CA VAL G 400 -72.13 -44.41 1.62
C VAL G 400 -71.23 -43.21 1.53
N ASP G 401 -71.66 -42.20 0.74
CA ASP G 401 -70.93 -40.97 0.70
C ASP G 401 -71.21 -40.28 2.00
N HIS G 402 -70.15 -39.69 2.59
CA HIS G 402 -70.30 -39.07 3.88
C HIS G 402 -71.27 -37.94 3.83
N ARG G 403 -71.20 -37.10 2.78
CA ARG G 403 -72.09 -35.97 2.71
C ARG G 403 -73.53 -36.33 2.41
N THR G 404 -73.77 -37.09 1.32
CA THR G 404 -75.09 -37.39 0.81
C THR G 404 -75.68 -38.54 1.58
N LYS G 405 -74.82 -39.44 2.06
CA LYS G 405 -75.16 -40.71 2.65
C LYS G 405 -75.85 -41.58 1.65
N MET G 406 -75.51 -41.37 0.37
CA MET G 406 -76.01 -42.16 -0.71
C MET G 406 -75.13 -43.37 -0.84
N THR G 407 -75.75 -44.50 -1.23
CA THR G 407 -75.14 -45.79 -1.39
C THR G 407 -74.70 -45.78 -2.83
N ASN G 408 -74.08 -46.88 -3.29
CA ASN G 408 -73.65 -47.02 -4.65
C ASN G 408 -74.86 -46.81 -5.51
N MET G 409 -76.02 -47.32 -5.06
CA MET G 409 -77.23 -47.13 -5.80
C MET G 409 -77.80 -45.78 -5.43
N ASP G 410 -78.16 -44.96 -6.44
CA ASP G 410 -78.61 -43.62 -6.22
C ASP G 410 -79.87 -43.54 -5.42
N GLY G 411 -80.77 -44.51 -5.61
CA GLY G 411 -82.04 -44.61 -4.97
C GLY G 411 -81.91 -44.99 -3.51
N VAL G 412 -80.79 -45.60 -3.09
CA VAL G 412 -80.79 -46.11 -1.74
C VAL G 412 -79.78 -45.30 -0.97
N PHE G 413 -80.16 -45.00 0.30
CA PHE G 413 -79.37 -44.24 1.23
C PHE G 413 -79.25 -45.05 2.49
N ALA G 414 -78.29 -44.69 3.38
CA ALA G 414 -78.10 -45.41 4.61
C ALA G 414 -77.61 -44.47 5.66
N ALA G 415 -77.94 -44.76 6.93
CA ALA G 415 -77.53 -43.89 7.98
C ALA G 415 -77.61 -44.62 9.29
N GLY G 416 -76.97 -44.05 10.32
CA GLY G 416 -77.00 -44.61 11.64
C GLY G 416 -75.87 -45.58 11.85
N ASP G 417 -76.06 -46.50 12.82
CA ASP G 417 -75.04 -47.44 13.22
C ASP G 417 -74.57 -48.28 12.06
N ILE G 418 -75.44 -48.55 11.07
CA ILE G 418 -75.15 -49.46 9.99
C ILE G 418 -73.94 -48.90 9.27
N VAL G 419 -73.78 -47.56 9.19
CA VAL G 419 -72.76 -46.90 8.42
C VAL G 419 -71.46 -47.22 9.11
N ARG G 420 -71.50 -47.50 10.43
CA ARG G 420 -70.28 -47.72 11.14
C ARG G 420 -69.38 -46.53 11.01
N GLY G 421 -69.57 -45.53 11.87
CA GLY G 421 -68.81 -44.33 11.71
C GLY G 421 -69.17 -43.42 12.83
N ALA G 422 -70.31 -43.71 13.48
CA ALA G 422 -70.72 -42.94 14.62
C ALA G 422 -71.50 -43.90 15.50
N SER G 423 -71.51 -43.70 16.84
CA SER G 423 -72.27 -44.60 17.69
C SER G 423 -73.01 -43.83 18.75
N LEU G 424 -73.81 -42.86 18.32
CA LEU G 424 -74.55 -42.03 19.24
C LEU G 424 -75.88 -41.76 18.61
N VAL G 425 -76.89 -41.48 19.47
CA VAL G 425 -78.24 -41.30 18.99
C VAL G 425 -78.24 -40.03 18.15
N VAL G 426 -77.60 -38.93 18.62
CA VAL G 426 -77.69 -37.68 17.90
C VAL G 426 -76.99 -37.75 16.55
N TRP G 427 -75.89 -38.52 16.43
CA TRP G 427 -75.27 -38.66 15.12
C TRP G 427 -76.19 -39.47 14.25
N ALA G 428 -76.88 -40.50 14.78
CA ALA G 428 -77.76 -41.31 13.97
C ALA G 428 -78.89 -40.45 13.47
N ILE G 429 -79.42 -39.55 14.33
CA ILE G 429 -80.55 -38.74 13.95
C ILE G 429 -79.95 -37.83 12.90
N ARG G 430 -78.70 -37.36 13.09
CA ARG G 430 -78.11 -36.47 12.14
C ARG G 430 -77.98 -37.15 10.81
N ASP G 431 -77.66 -38.46 10.83
CA ASP G 431 -77.46 -39.16 9.59
C ASP G 431 -78.71 -39.12 8.77
N GLY G 432 -79.84 -39.39 9.43
CA GLY G 432 -81.13 -39.41 8.77
C GLY G 432 -81.43 -38.04 8.28
N ARG G 433 -81.05 -37.02 9.08
CA ARG G 433 -81.28 -35.64 8.75
C ARG G 433 -80.63 -35.33 7.45
N ASP G 434 -79.33 -35.64 7.35
CA ASP G 434 -78.61 -35.30 6.17
C ASP G 434 -79.11 -36.07 4.99
N ALA G 435 -79.48 -37.35 5.21
CA ALA G 435 -79.93 -38.19 4.14
C ALA G 435 -81.18 -37.60 3.55
N ALA G 436 -82.10 -37.11 4.40
CA ALA G 436 -83.40 -36.71 3.95
C ALA G 436 -83.29 -35.68 2.88
N GLU G 437 -82.34 -34.72 3.01
CA GLU G 437 -82.25 -33.70 2.01
C GLU G 437 -81.88 -34.31 0.69
N GLY G 438 -80.92 -35.25 0.69
CA GLY G 438 -80.45 -35.90 -0.51
C GLY G 438 -81.50 -36.79 -1.11
N ILE G 439 -82.31 -37.49 -0.29
CA ILE G 439 -83.27 -38.40 -0.88
C ILE G 439 -84.16 -37.39 -1.55
N HIS G 440 -84.44 -36.25 -0.89
CA HIS G 440 -85.33 -35.27 -1.43
C HIS G 440 -84.81 -34.79 -2.75
N ALA G 441 -83.50 -34.51 -2.85
CA ALA G 441 -83.00 -34.01 -4.10
C ALA G 441 -83.23 -35.04 -5.15
N TYR G 442 -82.98 -36.32 -4.83
CA TYR G 442 -83.11 -37.38 -5.78
C TYR G 442 -84.52 -37.52 -6.26
N ALA G 443 -85.49 -37.58 -5.33
CA ALA G 443 -86.86 -37.79 -5.72
C ALA G 443 -87.34 -36.64 -6.54
N LYS G 444 -87.02 -35.41 -6.13
CA LYS G 444 -87.51 -34.25 -6.83
C LYS G 444 -87.00 -34.26 -8.23
N ALA G 445 -85.77 -34.74 -8.42
CA ALA G 445 -85.21 -34.82 -9.73
C ALA G 445 -86.11 -35.70 -10.53
N LYS G 446 -86.61 -36.78 -9.90
CA LYS G 446 -87.48 -37.69 -10.59
C LYS G 446 -88.70 -36.92 -11.04
N ALA G 447 -89.17 -36.01 -10.15
CA ALA G 447 -90.28 -35.12 -10.36
C ALA G 447 -89.91 -34.16 -11.44
N GLU G 448 -88.60 -33.97 -11.69
CA GLU G 448 -88.10 -33.01 -12.62
C GLU G 448 -88.23 -31.65 -12.02
N ALA G 449 -88.07 -31.58 -10.69
CA ALA G 449 -88.08 -30.30 -10.03
C ALA G 449 -86.80 -30.13 -9.28
N PRO G 450 -86.22 -28.98 -9.48
CA PRO G 450 -85.03 -28.63 -8.75
C PRO G 450 -84.99 -28.36 -7.27
N VAL G 451 -83.82 -28.51 -6.61
CA VAL G 451 -83.73 -28.21 -5.20
C VAL G 451 -82.61 -27.22 -5.23
N ALA G 452 -82.61 -26.23 -4.31
CA ALA G 452 -81.63 -25.22 -4.51
C ALA G 452 -80.23 -25.74 -4.41
N VAL G 453 -79.74 -26.00 -3.18
CA VAL G 453 -78.35 -26.36 -3.02
C VAL G 453 -78.23 -26.16 -1.56
N ALA G 454 -78.71 -24.97 -1.13
CA ALA G 454 -78.62 -24.55 0.24
C ALA G 454 -79.34 -25.55 1.07
N ALA G 455 -80.47 -26.08 0.59
CA ALA G 455 -81.21 -27.03 1.35
C ALA G 455 -81.83 -26.29 2.48
N GLU G 456 -83.07 -26.66 2.82
CA GLU G 456 -83.72 -25.92 3.86
C GLU G 456 -85.09 -26.60 3.79
N GLN H 1 -38.73 53.64 84.09
CA GLN H 1 -38.73 55.08 84.09
C GLN H 1 -37.53 55.62 84.82
N ASP H 2 -36.48 56.06 84.07
CA ASP H 2 -35.22 56.56 84.59
C ASP H 2 -34.03 56.21 83.69
N PHE H 3 -32.91 57.01 83.66
CA PHE H 3 -31.89 56.81 82.65
C PHE H 3 -30.53 56.35 83.12
N ALA H 4 -30.39 55.06 83.53
CA ALA H 4 -29.11 54.54 83.94
C ALA H 4 -28.38 54.05 82.72
N GLU H 5 -27.03 53.90 82.81
CA GLU H 5 -26.24 53.45 81.70
C GLU H 5 -26.59 52.02 81.39
N ILE H 6 -27.35 51.83 80.30
CA ILE H 6 -27.85 50.56 79.82
C ILE H 6 -26.71 49.90 79.09
N TYR H 7 -25.75 50.64 78.48
CA TYR H 7 -24.70 50.01 77.70
C TYR H 7 -24.06 48.84 78.36
N ALA H 8 -24.05 47.72 77.61
CA ALA H 8 -23.41 46.49 77.99
C ALA H 8 -21.92 46.70 77.96
N ARG H 9 -21.45 47.48 76.98
CA ARG H 9 -20.06 47.70 76.68
C ARG H 9 -19.29 48.40 77.74
N PHE H 10 -19.94 49.29 78.52
CA PHE H 10 -19.25 50.10 79.48
C PHE H 10 -18.39 49.28 80.37
N SER H 11 -17.17 49.79 80.64
CA SER H 11 -16.26 49.04 81.46
C SER H 11 -15.79 49.89 82.59
N ASP H 12 -15.53 49.21 83.72
CA ASP H 12 -14.95 49.76 84.89
C ASP H 12 -13.48 49.58 84.68
N GLU H 13 -12.64 49.80 85.72
CA GLU H 13 -11.22 49.64 85.63
C GLU H 13 -10.91 48.24 85.19
N ARG H 14 -11.91 47.35 85.34
CA ARG H 14 -11.91 45.96 85.00
C ARG H 14 -11.54 45.83 83.54
N ALA H 15 -11.60 46.95 82.77
CA ALA H 15 -11.26 47.07 81.37
C ALA H 15 -9.87 46.52 81.21
N ASN H 16 -9.09 46.54 82.30
CA ASN H 16 -7.77 46.01 82.29
C ASN H 16 -7.82 44.57 81.84
N GLU H 17 -8.85 43.83 82.28
CA GLU H 17 -8.93 42.43 81.95
C GLU H 17 -8.98 42.27 80.45
N GLN H 18 -9.86 43.02 79.77
CA GLN H 18 -9.96 42.84 78.35
C GLN H 18 -8.77 43.38 77.62
N ALA H 19 -8.14 44.42 78.17
CA ALA H 19 -7.01 45.01 77.50
C ALA H 19 -5.93 43.97 77.35
N ASN H 20 -5.72 43.14 78.39
CA ASN H 20 -4.73 42.12 78.37
C ASN H 20 -5.11 41.11 77.33
N ARG H 21 -6.41 40.85 77.18
CA ARG H 21 -6.94 39.86 76.29
C ARG H 21 -6.63 40.18 74.85
N CYS H 22 -6.65 41.47 74.49
CA CYS H 22 -6.42 41.89 73.14
C CYS H 22 -5.08 41.37 72.67
N SER H 23 -5.07 40.81 71.45
CA SER H 23 -3.89 40.26 70.86
C SER H 23 -2.91 41.31 70.45
N GLN H 24 -3.37 42.57 70.34
CA GLN H 24 -2.50 43.64 69.96
C GLN H 24 -1.79 43.31 68.69
N CYS H 25 -2.59 42.96 67.69
CA CYS H 25 -2.31 42.38 66.42
C CYS H 25 -1.65 43.36 65.48
N GLY H 26 -0.82 42.84 64.57
CA GLY H 26 -0.14 43.68 63.63
C GLY H 26 -1.11 43.96 62.52
N VAL H 27 -0.96 45.15 61.88
CA VAL H 27 -1.75 45.68 60.78
C VAL H 27 -3.14 45.28 61.14
N PRO H 28 -3.52 45.61 62.33
CA PRO H 28 -4.78 45.17 62.86
C PRO H 28 -5.92 45.54 61.96
N PHE H 29 -6.85 44.59 61.80
CA PHE H 29 -8.02 44.69 61.01
C PHE H 29 -8.94 45.69 61.62
N CYS H 30 -8.96 45.77 62.95
CA CYS H 30 -9.88 46.62 63.61
C CYS H 30 -9.62 48.05 63.26
N GLN H 31 -8.33 48.46 63.23
CA GLN H 31 -8.06 49.82 62.88
C GLN H 31 -8.43 50.13 61.46
N VAL H 32 -8.19 49.18 60.55
CA VAL H 32 -8.43 49.39 59.16
C VAL H 32 -9.91 49.63 59.08
N HIS H 33 -10.70 48.90 59.90
CA HIS H 33 -12.14 48.96 59.88
C HIS H 33 -12.74 50.19 60.56
N CYS H 34 -11.88 50.97 61.25
CA CYS H 34 -12.31 52.16 61.92
C CYS H 34 -12.27 53.35 60.98
N PRO H 35 -13.36 54.10 60.92
CA PRO H 35 -13.42 55.23 60.07
C PRO H 35 -12.40 56.32 60.19
N VAL H 36 -12.02 56.64 61.44
CA VAL H 36 -11.05 57.65 61.79
C VAL H 36 -9.68 56.97 61.75
N SER H 37 -9.61 55.63 61.58
CA SER H 37 -8.35 54.91 61.54
C SER H 37 -7.55 55.02 62.82
N ASN H 38 -8.23 54.85 63.97
CA ASN H 38 -7.59 54.89 65.25
C ASN H 38 -6.63 53.75 65.42
N ASN H 39 -5.50 54.02 66.10
CA ASN H 39 -4.52 53.01 66.35
C ASN H 39 -4.96 52.24 67.56
N ILE H 40 -5.87 51.29 67.34
CA ILE H 40 -6.46 50.52 68.40
C ILE H 40 -5.37 49.64 69.04
N PRO H 41 -4.45 48.94 68.37
CA PRO H 41 -3.51 48.11 69.09
C PRO H 41 -2.75 48.89 70.12
N ASP H 42 -2.30 50.10 69.75
CA ASP H 42 -1.48 50.86 70.66
C ASP H 42 -2.27 51.45 71.79
N TRP H 43 -3.50 51.94 71.57
CA TRP H 43 -4.17 52.51 72.70
C TRP H 43 -4.53 51.42 73.68
N LEU H 44 -4.87 50.23 73.17
CA LEU H 44 -5.25 49.11 73.98
C LEU H 44 -4.07 48.60 74.76
N LYS H 45 -2.89 48.59 74.12
CA LYS H 45 -1.71 48.11 74.78
C LYS H 45 -1.48 48.99 75.94
N LEU H 46 -1.75 50.28 75.71
CA LEU H 46 -1.52 51.25 76.71
C LEU H 46 -2.37 50.98 77.92
N THR H 47 -3.68 50.71 77.72
CA THR H 47 -4.55 50.58 78.86
C THR H 47 -4.03 49.36 79.55
N SER H 48 -3.54 48.36 78.80
CA SER H 48 -3.06 47.16 79.44
C SER H 48 -1.99 47.54 80.41
N GLU H 49 -1.11 48.49 80.01
CA GLU H 49 -0.07 48.93 80.90
C GLU H 49 -0.67 49.74 82.02
N GLY H 50 -1.83 50.36 81.78
CA GLY H 50 -2.41 51.12 82.84
C GLY H 50 -2.09 52.57 82.63
N ARG H 51 -1.52 52.94 81.47
CA ARG H 51 -1.26 54.34 81.36
C ARG H 51 -2.32 55.01 80.57
N LEU H 52 -3.47 55.25 81.21
CA LEU H 52 -4.65 55.72 80.55
C LEU H 52 -4.40 56.97 79.75
N GLU H 53 -3.51 57.84 80.22
CA GLU H 53 -3.29 59.04 79.47
C GLU H 53 -2.80 58.72 78.08
N GLU H 54 -1.89 57.75 77.95
CA GLU H 54 -1.34 57.43 76.66
C GLU H 54 -2.41 56.97 75.72
N ALA H 55 -3.32 56.08 76.18
CA ALA H 55 -4.31 55.61 75.26
C ALA H 55 -5.22 56.72 74.85
N TYR H 56 -5.56 57.60 75.80
CA TYR H 56 -6.45 58.70 75.54
C TYR H 56 -5.86 59.57 74.49
N GLU H 57 -4.55 59.85 74.57
CA GLU H 57 -3.91 60.71 73.61
C GLU H 57 -4.01 60.09 72.24
N VAL H 58 -3.81 58.77 72.15
CA VAL H 58 -3.80 58.08 70.88
C VAL H 58 -5.19 58.22 70.34
N SER H 59 -6.23 58.02 71.20
CA SER H 59 -7.58 58.06 70.72
C SER H 59 -7.95 59.42 70.17
N GLN H 60 -7.65 60.48 70.93
CA GLN H 60 -8.01 61.83 70.59
C GLN H 60 -7.32 62.28 69.35
N ALA H 61 -6.09 61.79 69.11
CA ALA H 61 -5.39 62.30 67.97
C ALA H 61 -6.19 62.00 66.74
N THR H 62 -6.68 60.74 66.58
CA THR H 62 -7.43 60.35 65.40
C THR H 62 -8.83 60.87 65.53
N ASN H 63 -9.51 60.72 66.70
CA ASN H 63 -10.81 61.34 66.71
C ASN H 63 -11.04 62.22 67.90
N ASN H 64 -11.48 63.44 67.61
CA ASN H 64 -11.71 64.50 68.53
C ASN H 64 -12.81 64.16 69.49
N PHE H 65 -13.75 63.30 69.05
CA PHE H 65 -14.83 62.90 69.89
C PHE H 65 -14.61 61.46 70.29
N PRO H 66 -13.46 61.11 70.78
CA PRO H 66 -13.16 59.74 71.11
C PRO H 66 -14.10 59.19 72.13
N GLU H 67 -14.54 60.02 73.09
CA GLU H 67 -15.38 59.59 74.17
C GLU H 67 -16.69 59.10 73.65
N ILE H 68 -17.33 59.97 72.84
CA ILE H 68 -18.69 59.76 72.44
C ILE H 68 -18.61 58.55 71.56
N CYS H 69 -17.63 58.46 70.67
CA CYS H 69 -17.60 57.35 69.75
C CYS H 69 -17.43 56.04 70.47
N GLY H 70 -16.61 56.02 71.54
CA GLY H 70 -16.40 54.80 72.25
C GLY H 70 -17.73 54.30 72.73
N ARG H 71 -18.58 55.21 73.24
CA ARG H 71 -19.87 54.80 73.73
C ARG H 71 -20.87 54.41 72.66
N ILE H 72 -20.96 55.24 71.61
CA ILE H 72 -21.89 55.11 70.52
C ILE H 72 -21.61 54.30 69.27
N CYS H 73 -20.34 54.13 68.87
CA CYS H 73 -20.04 53.52 67.60
C CYS H 73 -20.63 52.14 67.49
N PRO H 74 -21.28 51.86 66.38
CA PRO H 74 -21.80 50.56 66.07
C PRO H 74 -20.60 49.78 65.70
N GLN H 75 -19.88 49.24 66.68
CA GLN H 75 -18.62 48.59 66.52
C GLN H 75 -18.71 47.37 65.65
N ASP H 76 -19.80 46.59 65.77
CA ASP H 76 -19.88 45.36 65.02
C ASP H 76 -19.81 45.65 63.56
N ARG H 77 -20.40 46.78 63.14
CA ARG H 77 -20.38 47.22 61.79
C ARG H 77 -19.05 47.77 61.44
N LEU H 78 -18.28 48.19 62.46
CA LEU H 78 -17.08 48.97 62.36
C LEU H 78 -15.84 48.19 62.76
N CYS H 79 -15.01 48.76 63.66
CA CYS H 79 -13.75 48.17 64.01
C CYS H 79 -13.85 46.78 64.57
N GLU H 80 -14.82 46.53 65.48
CA GLU H 80 -14.88 45.21 66.06
C GLU H 80 -15.27 44.18 65.04
N GLY H 81 -15.93 44.62 63.96
CA GLY H 81 -16.37 43.72 62.94
C GLY H 81 -15.18 42.97 62.41
N ASN H 82 -13.99 43.60 62.31
CA ASN H 82 -12.93 42.78 61.79
C ASN H 82 -11.98 42.38 62.86
N CYS H 83 -12.45 42.30 64.12
CA CYS H 83 -11.57 41.89 65.18
C CYS H 83 -11.25 40.43 65.02
N VAL H 84 -9.95 40.08 65.12
CA VAL H 84 -9.48 38.74 64.85
C VAL H 84 -10.01 37.83 65.92
N ILE H 85 -10.11 38.27 67.19
CA ILE H 85 -10.39 37.38 68.30
C ILE H 85 -11.78 36.87 68.10
N GLU H 86 -12.61 37.46 67.21
CA GLU H 86 -13.95 36.97 67.06
C GLU H 86 -13.95 35.50 66.78
N GLN H 87 -12.87 34.98 66.16
CA GLN H 87 -12.78 33.57 65.91
C GLN H 87 -12.82 32.79 67.19
N SER H 88 -12.30 33.37 68.29
CA SER H 88 -12.22 32.73 69.59
C SER H 88 -13.54 32.64 70.29
N THR H 89 -13.54 31.82 71.36
CA THR H 89 -14.67 31.50 72.20
C THR H 89 -15.04 32.80 72.84
N HIS H 90 -14.05 33.53 73.35
CA HIS H 90 -14.37 34.72 74.08
C HIS H 90 -15.07 35.69 73.20
N GLY H 91 -14.66 35.78 71.93
CA GLY H 91 -15.32 36.71 71.07
C GLY H 91 -14.44 37.92 70.95
N ALA H 92 -14.91 38.88 70.13
CA ALA H 92 -14.18 40.07 69.82
C ALA H 92 -14.02 40.91 71.05
N VAL H 93 -13.01 41.81 71.02
CA VAL H 93 -12.66 42.63 72.13
C VAL H 93 -13.65 43.74 72.02
N THR H 94 -14.04 44.32 73.18
CA THR H 94 -14.98 45.39 73.03
C THR H 94 -14.06 46.56 72.97
N ILE H 95 -13.72 46.98 71.73
CA ILE H 95 -12.82 48.08 71.56
C ILE H 95 -13.56 49.33 72.00
N GLY H 96 -14.88 49.42 71.74
CA GLY H 96 -15.59 50.64 72.09
C GLY H 96 -15.49 50.90 73.55
N SER H 97 -15.63 49.84 74.37
CA SER H 97 -15.61 49.93 75.79
C SER H 97 -14.28 50.40 76.29
N VAL H 98 -13.18 49.88 75.72
CA VAL H 98 -11.89 50.22 76.23
C VAL H 98 -11.70 51.67 75.86
N GLU H 99 -12.16 52.09 74.66
CA GLU H 99 -12.01 53.47 74.25
C GLU H 99 -12.75 54.35 75.22
N LYS H 100 -13.95 53.93 75.67
CA LYS H 100 -14.67 54.77 76.60
C LYS H 100 -13.89 54.93 77.86
N TYR H 101 -13.37 53.80 78.39
CA TYR H 101 -12.77 53.80 79.69
C TYR H 101 -11.57 54.70 79.73
N ILE H 102 -10.69 54.57 78.72
CA ILE H 102 -9.42 55.24 78.71
C ILE H 102 -9.78 56.69 78.63
N ASN H 103 -10.76 57.02 77.80
CA ASN H 103 -11.22 58.37 77.61
C ASN H 103 -11.75 58.92 78.89
N ASP H 104 -12.51 58.12 79.65
CA ASP H 104 -13.14 58.59 80.85
C ASP H 104 -12.11 59.01 81.87
N THR H 105 -11.02 58.23 82.00
CA THR H 105 -10.07 58.54 83.04
C THR H 105 -9.48 59.86 82.63
N ALA H 106 -9.23 60.05 81.33
CA ALA H 106 -8.61 61.25 80.86
C ALA H 106 -9.47 62.41 81.26
N TRP H 107 -10.79 62.24 81.17
CA TRP H 107 -11.71 63.29 81.52
C TRP H 107 -11.44 63.65 82.94
N ASP H 108 -11.29 62.63 83.80
CA ASP H 108 -11.13 62.84 85.20
C ASP H 108 -9.92 63.68 85.46
N GLN H 109 -8.85 63.45 84.67
CA GLN H 109 -7.61 64.14 84.89
C GLN H 109 -7.80 65.62 84.75
N GLY H 110 -8.57 66.07 83.75
CA GLY H 110 -8.82 67.49 83.63
C GLY H 110 -7.68 68.16 82.95
N TRP H 111 -6.95 67.45 82.06
CA TRP H 111 -5.87 68.07 81.34
C TRP H 111 -6.52 68.83 80.23
N VAL H 112 -5.85 69.90 79.75
CA VAL H 112 -6.36 70.78 78.73
C VAL H 112 -5.54 70.39 77.53
N LYS H 113 -6.06 70.62 76.30
CA LYS H 113 -5.33 70.20 75.12
C LYS H 113 -4.66 71.35 74.41
N PRO H 114 -3.37 71.44 74.54
CA PRO H 114 -2.64 72.50 73.87
C PRO H 114 -2.52 72.68 72.39
N ARG H 115 -2.19 73.91 71.94
CA ARG H 115 -2.06 74.13 70.52
C ARG H 115 -0.68 73.90 70.01
N THR H 116 -0.59 73.52 68.72
CA THR H 116 0.68 73.32 68.11
C THR H 116 1.06 74.74 67.77
N PRO H 117 2.33 74.98 67.63
CA PRO H 117 2.85 76.33 67.47
C PRO H 117 2.20 77.19 66.42
N SER H 118 2.21 76.87 65.10
CA SER H 118 1.66 77.88 64.21
C SER H 118 1.58 77.43 62.77
N ARG H 119 0.80 78.17 61.93
CA ARG H 119 0.57 77.89 60.53
C ARG H 119 -0.12 79.09 59.89
N GLU H 120 -0.48 79.07 58.56
CA GLU H 120 -1.23 80.15 57.94
C GLU H 120 -2.37 80.41 58.85
N LEU H 121 -2.26 81.56 59.52
CA LEU H 121 -3.00 81.84 60.70
C LEU H 121 -4.46 81.81 60.61
N GLY H 122 -5.04 82.48 59.63
CA GLY H 122 -6.44 82.25 59.71
C GLY H 122 -7.22 83.45 59.42
N LEU H 123 -7.74 83.42 58.19
CA LEU H 123 -8.73 84.36 57.86
C LEU H 123 -9.95 83.79 58.49
N SER H 124 -11.04 84.54 58.72
CA SER H 124 -12.14 83.96 59.41
C SER H 124 -12.67 82.75 58.69
N VAL H 125 -12.98 81.70 59.47
CA VAL H 125 -13.53 80.52 58.86
C VAL H 125 -14.80 80.34 59.65
N GLY H 126 -15.86 79.89 58.97
CA GLY H 126 -17.12 79.71 59.64
C GLY H 126 -17.58 78.31 59.42
N VAL H 127 -18.29 77.74 60.43
CA VAL H 127 -18.77 76.39 60.31
C VAL H 127 -20.19 76.56 60.76
N ILE H 128 -21.13 75.78 60.16
CA ILE H 128 -22.52 75.98 60.51
C ILE H 128 -22.92 74.66 61.12
N GLY H 129 -23.46 74.72 62.35
CA GLY H 129 -23.93 73.56 63.05
C GLY H 129 -22.81 73.07 63.95
N ALA H 130 -23.10 72.95 65.26
CA ALA H 130 -22.31 72.50 66.39
C ALA H 130 -22.24 71.00 66.56
N GLY H 131 -22.46 70.16 65.53
CA GLY H 131 -22.44 68.73 65.75
C GLY H 131 -21.09 68.11 65.56
N PRO H 132 -21.00 66.79 65.50
CA PRO H 132 -19.76 66.08 65.36
C PRO H 132 -18.91 66.49 64.22
N ALA H 133 -19.55 66.74 63.06
CA ALA H 133 -18.84 67.07 61.86
C ALA H 133 -18.09 68.37 62.03
N GLY H 134 -18.79 69.43 62.48
CA GLY H 134 -18.19 70.73 62.64
C GLY H 134 -17.18 70.72 63.74
N LEU H 135 -17.48 70.03 64.85
CA LEU H 135 -16.56 70.05 65.95
C LEU H 135 -15.27 69.42 65.52
N ALA H 136 -15.33 68.31 64.77
CA ALA H 136 -14.14 67.65 64.33
C ALA H 136 -13.40 68.54 63.37
N ALA H 137 -14.11 69.15 62.41
CA ALA H 137 -13.47 69.97 61.42
C ALA H 137 -12.83 71.13 62.10
N ALA H 138 -13.54 71.77 63.05
CA ALA H 138 -13.03 72.93 63.72
C ALA H 138 -11.83 72.57 64.51
N GLU H 139 -11.84 71.41 65.21
CA GLU H 139 -10.67 71.15 66.02
C GLU H 139 -9.44 70.88 65.23
N GLU H 140 -9.56 70.19 64.09
CA GLU H 140 -8.41 69.90 63.28
C GLU H 140 -7.88 71.17 62.71
N LEU H 141 -8.78 72.08 62.29
CA LEU H 141 -8.38 73.33 61.73
C LEU H 141 -7.64 74.10 62.76
N ARG H 142 -8.14 74.09 64.01
CA ARG H 142 -7.48 74.84 65.03
C ARG H 142 -6.12 74.27 65.28
N ALA H 143 -6.00 72.94 65.15
CA ALA H 143 -4.71 72.32 65.34
C ALA H 143 -3.81 72.97 64.33
N LYS H 144 -4.34 73.21 63.12
CA LYS H 144 -3.58 73.86 62.09
C LYS H 144 -3.23 75.26 62.53
N GLY H 145 -4.05 75.90 63.40
CA GLY H 145 -3.68 77.23 63.81
C GLY H 145 -4.52 78.30 63.16
N TYR H 146 -5.85 78.07 63.01
CA TYR H 146 -6.71 79.04 62.39
C TYR H 146 -7.70 79.57 63.42
N GLU H 147 -8.32 80.75 63.13
CA GLU H 147 -9.36 81.38 63.94
C GLU H 147 -10.69 80.97 63.37
N VAL H 148 -11.58 80.34 64.17
CA VAL H 148 -12.75 79.77 63.53
C VAL H 148 -13.88 80.00 64.49
N HIS H 149 -15.10 80.13 63.92
CA HIS H 149 -16.32 80.28 64.68
C HIS H 149 -17.36 79.32 64.20
N VAL H 150 -18.13 78.69 65.12
CA VAL H 150 -19.12 77.75 64.68
C VAL H 150 -20.39 78.45 65.07
N TYR H 151 -21.35 78.50 64.12
CA TYR H 151 -22.61 79.14 64.37
C TYR H 151 -23.61 78.04 64.54
N ASP H 152 -24.26 78.00 65.72
CA ASP H 152 -25.19 76.95 66.08
C ASP H 152 -26.58 77.52 66.23
N ARG H 153 -27.57 76.88 65.60
CA ARG H 153 -28.94 77.34 65.65
C ARG H 153 -29.51 77.30 67.05
N TYR H 154 -29.32 76.16 67.77
CA TYR H 154 -29.86 75.91 69.09
C TYR H 154 -29.04 76.51 70.18
N ASP H 155 -29.63 76.59 71.39
CA ASP H 155 -28.94 77.06 72.57
C ASP H 155 -27.90 76.07 72.99
N ARG H 156 -28.16 74.77 72.78
CA ARG H 156 -27.29 73.70 73.18
C ARG H 156 -26.33 73.35 72.07
N MET H 157 -25.20 72.68 72.43
CA MET H 157 -24.21 72.29 71.45
C MET H 157 -24.03 70.81 71.47
N GLY H 158 -23.45 70.22 70.39
CA GLY H 158 -23.23 68.80 70.39
C GLY H 158 -24.03 68.09 69.33
N GLY H 159 -25.04 68.74 68.74
CA GLY H 159 -25.79 68.09 67.69
C GLY H 159 -26.62 66.99 68.27
N LEU H 160 -26.75 65.89 67.49
CA LEU H 160 -27.59 64.78 67.84
C LEU H 160 -27.14 64.10 69.08
N LEU H 161 -25.82 64.16 69.31
CA LEU H 161 -25.23 63.60 70.48
C LEU H 161 -25.93 64.18 71.67
N VAL H 162 -26.18 65.51 71.67
CA VAL H 162 -26.85 66.10 72.81
C VAL H 162 -28.35 65.91 72.72
N TYR H 163 -28.93 66.29 71.56
CA TYR H 163 -30.35 66.42 71.36
C TYR H 163 -31.07 65.10 71.47
N GLY H 164 -30.72 64.15 70.58
CA GLY H 164 -31.39 62.86 70.51
C GLY H 164 -30.83 61.62 71.18
N ILE H 165 -29.50 61.37 71.13
CA ILE H 165 -29.05 60.08 71.60
C ILE H 165 -29.25 60.17 73.09
N PRO H 166 -29.90 59.16 73.61
CA PRO H 166 -30.34 59.05 74.98
C PRO H 166 -29.19 59.09 75.95
N GLY H 167 -29.45 59.66 77.15
CA GLY H 167 -28.53 59.86 78.24
C GLY H 167 -28.06 58.53 78.73
N PHE H 168 -28.95 57.53 78.70
CA PHE H 168 -28.56 56.24 79.19
C PHE H 168 -27.48 55.67 78.34
N LYS H 169 -27.48 55.94 77.03
CA LYS H 169 -26.41 55.53 76.15
C LYS H 169 -25.23 56.49 76.14
N LEU H 170 -25.52 57.80 76.15
CA LEU H 170 -24.59 58.88 75.95
C LEU H 170 -24.74 59.91 77.04
N GLU H 171 -23.90 59.91 78.09
CA GLU H 171 -24.08 60.91 79.10
C GLU H 171 -23.68 62.24 78.54
N LYS H 172 -24.43 63.30 78.93
CA LYS H 172 -24.25 64.64 78.47
C LYS H 172 -22.90 65.17 78.85
N SER H 173 -22.39 64.81 80.03
CA SER H 173 -21.13 65.37 80.44
C SER H 173 -20.07 65.02 79.44
N VAL H 174 -20.29 63.92 78.69
CA VAL H 174 -19.33 63.42 77.75
C VAL H 174 -19.21 64.45 76.66
N VAL H 175 -20.35 64.92 76.11
CA VAL H 175 -20.27 65.77 74.95
C VAL H 175 -19.65 67.04 75.45
N GLU H 176 -19.97 67.46 76.69
CA GLU H 176 -19.42 68.68 77.20
C GLU H 176 -17.93 68.58 77.30
N ARG H 177 -17.41 67.40 77.69
CA ARG H 177 -15.98 67.34 77.80
C ARG H 177 -15.32 67.60 76.49
N ARG H 178 -15.82 66.99 75.40
CA ARG H 178 -15.15 67.17 74.14
C ARG H 178 -15.23 68.56 73.64
N VAL H 179 -16.37 69.25 73.87
CA VAL H 179 -16.51 70.56 73.30
C VAL H 179 -15.49 71.39 74.03
N LYS H 180 -15.32 71.21 75.36
CA LYS H 180 -14.37 72.04 76.06
C LYS H 180 -12.98 71.81 75.54
N LEU H 181 -12.61 70.57 75.20
CA LEU H 181 -11.28 70.37 74.71
C LEU H 181 -11.08 71.15 73.45
N LEU H 182 -12.11 71.18 72.60
CA LEU H 182 -12.03 71.90 71.36
C LEU H 182 -11.87 73.38 71.64
N ALA H 183 -12.61 73.87 72.65
CA ALA H 183 -12.65 75.24 73.05
C ALA H 183 -11.29 75.68 73.50
N ASP H 184 -10.50 74.77 74.11
CA ASP H 184 -9.23 75.19 74.58
C ASP H 184 -8.39 75.68 73.43
N ALA H 185 -8.69 75.13 72.24
CA ALA H 185 -8.11 75.46 70.97
C ALA H 185 -8.43 76.88 70.64
N GLY H 186 -9.57 77.42 71.13
CA GLY H 186 -9.88 78.79 70.86
C GLY H 186 -11.01 78.87 69.87
N VAL H 187 -11.60 77.72 69.52
CA VAL H 187 -12.68 77.71 68.57
C VAL H 187 -13.76 78.43 69.33
N ILE H 188 -14.59 79.22 68.63
CA ILE H 188 -15.57 80.00 69.34
C ILE H 188 -16.84 79.42 68.78
N TYR H 189 -17.88 79.35 69.64
CA TYR H 189 -19.17 78.84 69.27
C TYR H 189 -20.19 79.88 69.61
N HIS H 190 -21.10 80.21 68.67
CA HIS H 190 -22.14 81.10 69.12
C HIS H 190 -23.50 80.53 68.82
N PRO H 191 -24.21 80.36 69.89
CA PRO H 191 -25.53 79.76 69.86
C PRO H 191 -26.81 80.19 69.22
N ASN H 192 -27.08 81.44 68.90
CA ASN H 192 -28.36 81.49 68.28
C ASN H 192 -28.24 82.06 66.91
N PHE H 193 -27.45 81.38 66.07
CA PHE H 193 -27.31 81.82 64.72
C PHE H 193 -27.68 80.67 63.85
N GLU H 194 -28.40 80.97 62.75
CA GLU H 194 -28.89 79.94 61.89
C GLU H 194 -28.53 80.22 60.47
N VAL H 195 -28.26 79.15 59.71
CA VAL H 195 -27.97 79.30 58.33
C VAL H 195 -29.37 79.34 57.79
N GLY H 196 -29.75 80.51 57.30
CA GLY H 196 -31.08 80.77 56.85
C GLY H 196 -31.15 82.26 56.63
N ARG H 197 -32.21 82.94 57.12
CA ARG H 197 -32.36 84.35 56.90
C ARG H 197 -31.22 85.07 57.51
N ASP H 198 -30.84 84.67 58.74
CA ASP H 198 -29.77 85.37 59.36
C ASP H 198 -28.47 85.15 58.66
N ALA H 199 -28.07 83.89 58.47
CA ALA H 199 -26.78 83.69 57.89
C ALA H 199 -26.97 82.97 56.61
N SER H 200 -26.17 83.36 55.61
CA SER H 200 -26.20 82.75 54.31
C SER H 200 -24.80 82.68 53.84
N LEU H 201 -24.56 81.83 52.84
CA LEU H 201 -23.25 81.81 52.29
C LEU H 201 -22.87 83.15 51.71
N PRO H 202 -23.67 83.89 50.94
CA PRO H 202 -23.24 85.18 50.46
C PRO H 202 -22.95 86.10 51.60
N GLU H 203 -23.69 86.01 52.72
CA GLU H 203 -23.45 86.93 53.80
C GLU H 203 -22.08 86.68 54.33
N LEU H 204 -21.72 85.38 54.44
CA LEU H 204 -20.43 84.98 54.91
C LEU H 204 -19.38 85.45 53.96
N ARG H 205 -19.72 85.45 52.65
CA ARG H 205 -18.80 85.86 51.64
C ARG H 205 -18.37 87.22 52.01
N ARG H 206 -19.29 88.00 52.59
CA ARG H 206 -18.81 89.24 53.11
C ARG H 206 -17.83 88.84 54.16
N LYS H 207 -16.54 89.04 53.86
CA LYS H 207 -15.40 88.65 54.66
C LYS H 207 -15.60 87.33 55.35
N HIS H 208 -15.05 86.24 54.74
CA HIS H 208 -14.98 84.90 55.27
C HIS H 208 -14.25 84.08 54.24
N VAL H 209 -13.11 83.43 54.62
CA VAL H 209 -12.29 82.68 53.71
C VAL H 209 -12.98 81.39 53.37
N ALA H 210 -13.53 80.66 54.37
CA ALA H 210 -14.06 79.36 54.03
C ALA H 210 -15.20 79.02 54.92
N VAL H 211 -16.04 78.03 54.52
CA VAL H 211 -17.18 77.71 55.35
C VAL H 211 -17.32 76.22 55.23
N LEU H 212 -17.78 75.59 56.34
CA LEU H 212 -18.05 74.17 56.42
C LEU H 212 -19.50 74.01 56.77
N VAL H 213 -20.28 73.19 56.03
CA VAL H 213 -21.69 73.09 56.34
C VAL H 213 -21.89 71.73 56.97
N ALA H 214 -21.96 71.75 58.30
CA ALA H 214 -22.23 70.82 59.37
C ALA H 214 -23.67 70.67 59.88
N THR H 215 -24.73 71.24 59.28
CA THR H 215 -26.04 71.34 59.92
C THR H 215 -26.80 70.02 60.01
N GLY H 216 -26.36 68.92 59.38
CA GLY H 216 -27.07 67.67 59.51
C GLY H 216 -28.37 67.68 58.76
N VAL H 217 -29.32 66.81 59.18
CA VAL H 217 -30.62 66.68 58.56
C VAL H 217 -31.55 67.13 59.67
N TYR H 218 -31.95 68.41 59.64
CA TYR H 218 -32.75 69.04 60.67
C TYR H 218 -34.17 68.53 60.79
N LYS H 219 -34.87 68.13 59.69
CA LYS H 219 -36.26 67.76 59.87
C LYS H 219 -36.52 66.28 59.75
N ALA H 220 -37.78 65.85 60.05
CA ALA H 220 -38.22 64.45 60.05
C ALA H 220 -39.19 64.19 58.93
N ARG H 221 -39.51 62.89 58.65
CA ARG H 221 -40.39 62.43 57.58
C ARG H 221 -41.88 62.64 57.90
N ASP H 222 -42.73 62.81 56.80
CA ASP H 222 -44.09 63.27 56.42
C ASP H 222 -45.48 62.68 56.83
N ILE H 223 -45.79 61.35 56.81
CA ILE H 223 -47.17 60.81 56.82
C ILE H 223 -48.19 61.29 57.84
N LYS H 224 -47.75 61.69 59.02
CA LYS H 224 -48.61 62.09 60.10
C LYS H 224 -49.46 63.27 59.77
N ALA H 225 -49.03 64.18 58.86
CA ALA H 225 -49.95 65.22 58.52
C ALA H 225 -50.10 66.09 59.73
N PRO H 226 -50.83 67.19 59.75
CA PRO H 226 -50.96 67.94 60.97
C PRO H 226 -51.48 67.02 62.03
N GLY H 227 -50.60 66.63 62.98
CA GLY H 227 -50.99 65.84 64.10
C GLY H 227 -50.32 66.55 65.22
N SER H 228 -50.90 66.53 66.43
CA SER H 228 -50.29 67.30 67.48
C SER H 228 -49.82 66.41 68.58
N GLY H 229 -48.89 66.95 69.40
CA GLY H 229 -48.36 66.23 70.52
C GLY H 229 -49.48 65.98 71.47
N LEU H 230 -50.37 66.99 71.63
CA LEU H 230 -51.44 66.82 72.55
C LEU H 230 -52.24 65.65 72.13
N GLY H 231 -52.48 65.53 70.82
CA GLY H 231 -53.24 64.43 70.36
C GLY H 231 -52.51 63.18 70.66
N ASN H 232 -51.19 63.15 70.35
CA ASN H 232 -50.55 61.88 70.53
C ASN H 232 -49.23 61.77 69.80
N ILE H 233 -49.12 62.54 68.72
CA ILE H 233 -48.13 62.19 67.75
C ILE H 233 -46.96 63.03 68.07
N VAL H 234 -45.78 62.41 67.90
CA VAL H 234 -44.56 63.11 68.14
C VAL H 234 -43.66 62.46 67.13
N ALA H 235 -42.82 63.29 66.47
CA ALA H 235 -41.81 62.80 65.57
C ALA H 235 -40.62 62.59 66.42
N ALA H 236 -39.65 61.81 65.93
CA ALA H 236 -38.49 61.56 66.73
C ALA H 236 -37.86 62.88 67.04
N LEU H 237 -37.95 63.81 66.08
CA LEU H 237 -37.39 65.12 66.20
C LEU H 237 -37.95 65.83 67.41
N ASP H 238 -39.27 65.71 67.65
CA ASP H 238 -39.89 66.33 68.79
C ASP H 238 -39.59 65.61 70.09
N TYR H 239 -39.77 64.27 70.10
CA TYR H 239 -39.75 63.42 71.26
C TYR H 239 -38.40 63.30 71.91
N LEU H 240 -37.37 63.00 71.13
CA LEU H 240 -36.09 62.73 71.73
C LEU H 240 -35.57 63.91 72.49
N THR H 241 -35.72 65.10 71.90
CA THR H 241 -35.17 66.30 72.47
C THR H 241 -35.88 66.53 73.78
N THR H 242 -37.20 66.30 73.87
CA THR H 242 -37.86 66.70 75.10
C THR H 242 -37.31 65.80 76.16
N SER H 243 -37.09 64.49 75.87
CA SER H 243 -36.57 63.61 76.88
C SER H 243 -35.18 64.01 77.25
N ASN H 244 -34.40 64.45 76.24
CA ASN H 244 -33.03 64.85 76.43
C ASN H 244 -32.95 66.00 77.37
N LYS H 245 -33.82 67.02 77.17
CA LYS H 245 -33.73 68.20 77.97
C LYS H 245 -34.02 67.87 79.41
N VAL H 246 -35.00 67.00 79.68
CA VAL H 246 -35.35 66.75 81.05
C VAL H 246 -34.23 65.93 81.65
N SER H 247 -33.71 64.94 80.90
CA SER H 247 -32.72 63.99 81.38
C SER H 247 -31.31 64.52 81.51
N LEU H 248 -30.86 65.47 80.67
CA LEU H 248 -29.47 65.85 80.77
C LEU H 248 -29.29 67.22 81.35
N GLY H 249 -28.57 67.28 82.49
CA GLY H 249 -28.45 68.49 83.26
C GLY H 249 -27.75 69.62 82.56
N ASP H 250 -26.59 69.45 81.95
CA ASP H 250 -25.89 70.59 81.41
C ASP H 250 -26.55 71.18 80.21
N THR H 251 -27.40 70.40 79.52
CA THR H 251 -27.88 70.71 78.21
C THR H 251 -28.51 72.09 78.22
N VAL H 252 -29.47 72.37 79.12
CA VAL H 252 -30.13 73.63 79.02
C VAL H 252 -30.06 74.17 80.41
N GLU H 253 -30.04 75.52 80.54
CA GLU H 253 -30.04 76.13 81.83
C GLU H 253 -31.36 75.90 82.50
N ALA H 254 -32.45 76.04 81.72
CA ALA H 254 -33.76 75.90 82.29
C ALA H 254 -33.98 74.48 82.65
N TYR H 255 -34.65 74.26 83.79
CA TYR H 255 -34.95 72.92 84.17
C TYR H 255 -36.25 72.62 83.54
N GLU H 256 -36.36 71.48 82.84
CA GLU H 256 -37.62 71.20 82.25
C GLU H 256 -38.51 70.75 83.36
N ASN H 257 -39.19 71.75 83.96
CA ASN H 257 -40.11 71.65 85.06
C ASN H 257 -41.27 70.88 84.57
N GLY H 258 -41.53 71.00 83.25
CA GLY H 258 -42.60 70.27 82.65
C GLY H 258 -42.26 68.86 82.97
N SER H 259 -40.94 68.56 82.98
CA SER H 259 -40.48 67.28 83.40
C SER H 259 -40.48 66.40 82.20
N LEU H 260 -40.27 65.09 82.37
CA LEU H 260 -40.27 64.22 81.24
C LEU H 260 -41.64 64.16 80.66
N ASN H 261 -41.71 63.92 79.33
CA ASN H 261 -42.98 63.87 78.68
C ASN H 261 -43.78 62.77 79.28
N ALA H 262 -45.09 63.00 79.46
CA ALA H 262 -45.89 61.97 80.05
C ALA H 262 -46.35 61.11 78.93
N ALA H 263 -45.82 59.88 78.88
CA ALA H 263 -46.26 58.96 77.87
C ALA H 263 -46.94 57.85 78.59
N GLY H 264 -48.23 57.63 78.28
CA GLY H 264 -48.95 56.61 78.98
C GLY H 264 -49.68 55.77 77.98
N LYS H 265 -49.81 54.47 78.32
CA LYS H 265 -50.51 53.48 77.55
C LYS H 265 -49.60 52.96 76.45
N HIS H 266 -50.17 52.34 75.38
CA HIS H 266 -49.42 51.74 74.33
C HIS H 266 -48.77 52.76 73.46
N VAL H 267 -47.52 52.50 73.05
CA VAL H 267 -46.80 53.45 72.25
C VAL H 267 -46.43 52.69 71.02
N VAL H 268 -46.57 53.33 69.84
CA VAL H 268 -46.22 52.67 68.60
C VAL H 268 -45.07 53.50 68.10
N VAL H 269 -43.96 52.83 67.75
CA VAL H 269 -42.80 53.54 67.27
C VAL H 269 -42.62 52.98 65.90
N LEU H 270 -42.52 53.87 64.88
CA LEU H 270 -42.38 53.38 63.54
C LEU H 270 -41.01 53.66 63.02
N GLY H 271 -40.22 52.60 62.75
CA GLY H 271 -38.89 52.79 62.22
C GLY H 271 -38.04 51.59 62.55
N GLY H 272 -37.13 51.26 61.61
CA GLY H 272 -36.12 50.24 61.63
C GLY H 272 -34.80 50.61 62.24
N GLY H 273 -34.43 51.91 62.23
CA GLY H 273 -33.09 52.26 62.55
C GLY H 273 -32.89 52.59 64.00
N ASP H 274 -31.74 53.25 64.25
CA ASP H 274 -31.25 53.67 65.52
C ASP H 274 -32.29 54.57 66.14
N THR H 275 -32.90 55.44 65.32
CA THR H 275 -33.83 56.40 65.84
C THR H 275 -35.00 55.71 66.50
N ALA H 276 -35.57 54.68 65.83
CA ALA H 276 -36.73 54.02 66.34
C ALA H 276 -36.44 53.33 67.64
N MET H 277 -35.28 52.64 67.71
CA MET H 277 -34.96 51.90 68.88
C MET H 277 -34.70 52.81 70.05
N ASP H 278 -34.10 53.98 69.81
CA ASP H 278 -33.87 54.89 70.91
C ASP H 278 -35.16 55.46 71.42
N CYS H 279 -36.13 55.73 70.53
CA CYS H 279 -37.39 56.27 70.95
C CYS H 279 -38.17 55.22 71.69
N VAL H 280 -38.02 53.94 71.32
CA VAL H 280 -38.74 52.87 71.96
C VAL H 280 -38.23 52.85 73.37
N ARG H 281 -36.90 52.83 73.58
CA ARG H 281 -36.36 52.74 74.90
C ARG H 281 -36.68 53.98 75.68
N THR H 282 -36.65 55.17 75.06
CA THR H 282 -36.84 56.37 75.84
C THR H 282 -38.27 56.37 76.28
N ALA H 283 -39.20 55.80 75.49
CA ALA H 283 -40.59 55.86 75.81
C ALA H 283 -40.86 55.21 77.14
N ILE H 284 -40.19 54.09 77.43
CA ILE H 284 -40.46 53.35 78.64
C ILE H 284 -39.99 54.27 79.72
N ARG H 285 -38.95 55.08 79.45
CA ARG H 285 -38.39 55.98 80.41
C ARG H 285 -39.45 56.92 80.89
N GLN H 286 -40.35 57.33 79.95
CA GLN H 286 -41.36 58.27 80.34
C GLN H 286 -42.65 57.61 80.76
N GLY H 287 -42.60 56.34 81.18
CA GLY H 287 -43.77 55.72 81.75
C GLY H 287 -44.63 54.93 80.79
N ALA H 288 -44.17 54.62 79.56
CA ALA H 288 -45.03 53.89 78.66
C ALA H 288 -45.28 52.51 79.22
N THR H 289 -46.54 52.05 79.11
CA THR H 289 -46.92 50.75 79.61
C THR H 289 -46.37 49.74 78.64
N SER H 290 -46.53 49.97 77.32
CA SER H 290 -46.08 48.99 76.36
C SER H 290 -45.56 49.69 75.15
N VAL H 291 -44.58 49.07 74.45
CA VAL H 291 -44.04 49.76 73.30
C VAL H 291 -44.00 48.72 72.22
N LYS H 292 -44.44 49.13 71.01
CA LYS H 292 -44.45 48.27 69.86
C LYS H 292 -43.61 48.88 68.80
N CYS H 293 -42.65 48.12 68.23
CA CYS H 293 -41.88 48.71 67.19
C CYS H 293 -42.31 48.11 65.89
N LEU H 294 -42.85 48.95 64.99
CA LEU H 294 -43.42 48.45 63.77
C LEU H 294 -42.50 48.72 62.63
N TYR H 295 -42.23 47.66 61.84
CA TYR H 295 -41.34 47.79 60.74
C TYR H 295 -42.08 47.53 59.48
N ARG H 296 -41.81 48.35 58.47
CA ARG H 296 -42.38 48.08 57.20
C ARG H 296 -41.79 46.80 56.70
N ARG H 297 -40.48 46.69 56.86
CA ARG H 297 -39.77 45.60 56.30
C ARG H 297 -39.71 44.42 57.24
N ASP H 298 -38.95 43.36 56.87
CA ASP H 298 -38.83 42.13 57.61
C ASP H 298 -37.88 42.28 58.77
N ARG H 299 -37.93 41.36 59.76
CA ARG H 299 -37.10 41.35 60.92
C ARG H 299 -35.67 41.22 60.55
N LYS H 300 -35.39 40.41 59.53
CA LYS H 300 -34.05 40.17 59.13
C LYS H 300 -33.40 41.45 58.74
N ASN H 301 -34.14 42.35 58.07
CA ASN H 301 -33.47 43.53 57.64
C ASN H 301 -33.81 44.73 58.45
N MET H 302 -33.49 44.63 59.77
CA MET H 302 -33.59 45.71 60.69
C MET H 302 -32.38 46.55 60.48
N PRO H 303 -32.54 47.83 60.30
CA PRO H 303 -31.36 48.64 60.15
C PRO H 303 -30.30 48.80 61.19
N GLY H 304 -30.70 48.84 62.47
CA GLY H 304 -29.75 49.07 63.52
C GLY H 304 -28.97 47.82 63.75
N SER H 305 -27.76 47.97 64.32
CA SER H 305 -26.96 46.81 64.56
C SER H 305 -27.50 46.09 65.76
N GLN H 306 -27.05 44.84 65.95
CA GLN H 306 -27.62 43.98 66.95
C GLN H 306 -27.46 44.50 68.35
N ARG H 307 -26.36 45.19 68.65
CA ARG H 307 -26.25 45.66 70.00
C ARG H 307 -27.35 46.61 70.28
N GLU H 308 -27.67 47.55 69.35
CA GLU H 308 -28.71 48.39 69.84
C GLU H 308 -30.06 47.75 69.88
N VAL H 309 -30.35 46.82 68.94
CA VAL H 309 -31.66 46.22 68.89
C VAL H 309 -31.75 45.46 70.18
N ALA H 310 -30.61 44.96 70.68
CA ALA H 310 -30.61 44.14 71.87
C ALA H 310 -31.19 44.92 73.02
N HIS H 311 -30.87 46.23 73.13
CA HIS H 311 -31.35 46.99 74.25
C HIS H 311 -32.84 47.03 74.28
N ALA H 312 -33.50 47.25 73.12
CA ALA H 312 -34.93 47.32 73.07
C ALA H 312 -35.51 45.98 73.42
N GLU H 313 -34.89 44.89 72.91
CA GLU H 313 -35.39 43.56 73.11
C GLU H 313 -35.40 43.17 74.56
N GLU H 314 -34.33 43.50 75.28
CA GLU H 314 -34.22 43.15 76.68
C GLU H 314 -35.32 43.83 77.40
N GLU H 315 -35.63 45.04 76.93
CA GLU H 315 -36.59 45.96 77.42
C GLU H 315 -37.97 45.39 77.34
N GLY H 316 -38.17 44.42 76.43
CA GLY H 316 -39.45 43.76 76.28
C GLY H 316 -40.30 44.51 75.32
N VAL H 317 -39.70 45.26 74.37
CA VAL H 317 -40.52 45.96 73.43
C VAL H 317 -40.87 44.89 72.45
N GLU H 318 -42.10 44.99 71.88
CA GLU H 318 -42.55 44.00 70.95
C GLU H 318 -42.31 44.48 69.57
N PHE H 319 -41.83 43.57 68.70
CA PHE H 319 -41.59 43.93 67.34
C PHE H 319 -42.63 43.23 66.54
N ILE H 320 -43.56 43.96 65.90
CA ILE H 320 -44.48 43.27 65.06
C ILE H 320 -43.63 43.39 63.85
N TRP H 321 -43.26 42.24 63.24
CA TRP H 321 -42.32 42.48 62.20
C TRP H 321 -42.38 41.35 61.23
N GLN H 322 -42.72 41.62 59.96
CA GLN H 322 -42.80 40.51 59.06
C GLN H 322 -42.79 40.94 57.63
N ALA H 323 -42.23 40.09 56.76
CA ALA H 323 -42.15 40.32 55.35
C ALA H 323 -41.28 41.50 55.09
N ALA H 324 -40.55 41.46 53.96
CA ALA H 324 -39.74 42.59 53.63
C ALA H 324 -40.67 43.72 53.37
N PRO H 325 -41.74 43.51 52.66
CA PRO H 325 -42.60 44.65 52.60
C PRO H 325 -43.32 45.21 53.78
N GLU H 326 -43.54 46.55 53.75
CA GLU H 326 -44.03 47.48 54.74
C GLU H 326 -45.22 47.09 55.56
N GLY H 327 -45.07 46.89 56.90
CA GLY H 327 -46.28 47.01 57.66
C GLY H 327 -46.32 48.47 57.48
N PHE H 328 -47.27 48.98 56.67
CA PHE H 328 -47.17 50.38 56.37
C PHE H 328 -48.33 51.07 56.98
N THR H 329 -48.07 52.24 57.58
CA THR H 329 -49.09 52.96 58.29
C THR H 329 -49.86 53.67 57.22
N GLY H 330 -51.16 53.33 57.11
CA GLY H 330 -52.06 54.05 56.25
C GLY H 330 -52.58 55.30 56.89
N ASP H 331 -53.07 55.19 58.15
CA ASP H 331 -53.76 56.31 58.74
C ASP H 331 -53.73 56.26 60.24
N THR H 332 -53.89 57.44 60.88
CA THR H 332 -53.92 57.50 62.31
C THR H 332 -55.32 57.92 62.62
N VAL H 333 -55.97 57.30 63.63
CA VAL H 333 -57.33 57.65 63.88
C VAL H 333 -57.26 58.36 65.19
N VAL H 334 -57.97 59.50 65.28
CA VAL H 334 -57.93 60.24 66.51
C VAL H 334 -59.37 60.39 66.86
N THR H 335 -59.70 60.14 68.15
CA THR H 335 -61.04 60.32 68.60
C THR H 335 -60.81 60.91 69.96
N GLY H 336 -61.66 61.87 70.38
CA GLY H 336 -61.51 62.40 71.69
C GLY H 336 -60.31 63.30 71.72
N VAL H 337 -59.85 63.73 70.53
CA VAL H 337 -58.75 64.66 70.43
C VAL H 337 -57.54 63.85 70.87
N ARG H 338 -57.64 62.51 70.88
CA ARG H 338 -56.48 61.73 71.24
C ARG H 338 -56.35 60.56 70.29
N ALA H 339 -55.11 60.16 69.96
CA ALA H 339 -54.94 59.06 69.04
C ALA H 339 -55.32 57.78 69.74
N VAL H 340 -56.30 57.05 69.16
CA VAL H 340 -56.76 55.79 69.65
C VAL H 340 -56.00 54.70 68.91
N ARG H 341 -55.70 54.87 67.60
CA ARG H 341 -55.19 53.73 66.86
C ARG H 341 -54.51 54.17 65.60
N ILE H 342 -53.77 53.23 64.97
CA ILE H 342 -53.12 53.55 63.73
C ILE H 342 -53.50 52.36 62.88
N HIS H 343 -53.86 52.65 61.61
CA HIS H 343 -54.26 51.69 60.63
C HIS H 343 -53.10 51.38 59.74
N LEU H 344 -52.82 50.07 59.55
CA LEU H 344 -51.74 49.66 58.70
C LEU H 344 -52.20 48.70 57.67
N GLY H 345 -51.37 48.52 56.62
CA GLY H 345 -51.64 47.56 55.59
C GLY H 345 -50.46 46.64 55.62
N VAL H 346 -50.63 45.36 55.23
CA VAL H 346 -49.54 44.44 55.35
C VAL H 346 -48.81 44.58 54.06
N ALA H 347 -47.48 44.33 54.10
CA ALA H 347 -46.76 44.37 52.87
C ALA H 347 -45.92 43.15 52.77
N ASP H 348 -45.57 42.74 51.53
CA ASP H 348 -44.83 41.53 51.34
C ASP H 348 -43.95 41.67 50.13
N ALA H 349 -42.84 40.90 50.08
CA ALA H 349 -41.88 41.07 49.03
C ALA H 349 -42.15 40.06 47.96
N THR H 350 -42.00 40.50 46.69
CA THR H 350 -42.26 39.69 45.53
C THR H 350 -40.88 39.23 45.13
N GLY H 351 -40.76 38.46 44.02
CA GLY H 351 -39.51 37.98 43.52
C GLY H 351 -38.66 39.16 43.16
N ARG H 352 -39.31 40.24 42.67
CA ARG H 352 -38.66 41.45 42.30
C ARG H 352 -38.07 42.07 43.52
N GLN H 353 -38.62 41.72 44.68
CA GLN H 353 -38.16 42.21 45.95
C GLN H 353 -38.59 43.63 46.11
N THR H 354 -39.40 44.12 45.15
CA THR H 354 -39.88 45.46 45.30
C THR H 354 -41.03 45.28 46.23
N PRO H 355 -41.11 46.18 47.17
CA PRO H 355 -42.21 46.10 48.07
C PRO H 355 -43.63 46.20 47.63
N GLN H 356 -44.54 45.34 48.15
CA GLN H 356 -45.90 45.44 47.75
C GLN H 356 -46.76 45.63 48.96
N VAL H 357 -47.84 46.43 48.86
CA VAL H 357 -48.70 46.67 49.99
C VAL H 357 -49.96 45.98 49.57
N ILE H 358 -50.57 45.22 50.50
CA ILE H 358 -51.75 44.51 50.08
C ILE H 358 -52.81 45.22 50.88
N GLU H 359 -53.70 45.93 50.15
CA GLU H 359 -54.75 46.74 50.70
C GLU H 359 -55.77 45.90 51.40
N GLY H 360 -56.03 44.69 50.89
CA GLY H 360 -57.05 43.84 51.45
C GLY H 360 -56.75 43.54 52.88
N SER H 361 -55.47 43.34 53.23
CA SER H 361 -55.18 43.01 54.59
C SER H 361 -54.76 44.23 55.33
N GLU H 362 -55.48 44.51 56.44
CA GLU H 362 -55.30 45.69 57.23
C GLU H 362 -55.10 45.28 58.66
N PHE H 363 -54.46 46.15 59.46
CA PHE H 363 -54.34 45.87 60.86
C PHE H 363 -54.70 47.12 61.58
N THR H 364 -55.49 47.00 62.66
CA THR H 364 -55.87 48.17 63.40
C THR H 364 -55.14 47.94 64.68
N VAL H 365 -54.15 48.80 64.98
CA VAL H 365 -53.41 48.55 66.18
C VAL H 365 -53.82 49.69 67.07
N GLN H 366 -54.26 49.34 68.30
CA GLN H 366 -54.65 50.32 69.27
C GLN H 366 -53.41 50.95 69.80
N ALA H 367 -53.40 52.30 69.92
CA ALA H 367 -52.25 52.93 70.49
C ALA H 367 -52.64 54.27 71.00
N ASP H 368 -52.13 54.61 72.20
CA ASP H 368 -52.32 55.91 72.76
C ASP H 368 -51.33 56.90 72.25
N LEU H 369 -50.08 56.47 71.90
CA LEU H 369 -49.01 57.36 71.50
C LEU H 369 -48.28 56.88 70.26
N VAL H 370 -47.99 57.77 69.27
CA VAL H 370 -47.28 57.29 68.10
C VAL H 370 -46.07 58.19 68.01
N ILE H 371 -44.90 57.58 67.68
CA ILE H 371 -43.71 58.37 67.53
C ILE H 371 -43.23 57.87 66.20
N LYS H 372 -42.96 58.80 65.27
CA LYS H 372 -42.46 58.42 63.97
C LYS H 372 -40.98 58.61 63.91
N ALA H 373 -40.30 57.46 63.81
CA ALA H 373 -38.92 57.09 63.68
C ALA H 373 -38.31 57.05 62.31
N LEU H 374 -39.05 57.32 61.21
CA LEU H 374 -38.54 57.02 59.90
C LEU H 374 -37.20 57.64 59.61
N GLY H 375 -36.94 58.88 60.05
CA GLY H 375 -35.62 59.36 59.77
C GLY H 375 -35.69 60.83 59.63
N PHE H 376 -34.64 61.45 59.04
CA PHE H 376 -34.62 62.87 58.94
C PHE H 376 -34.20 63.24 57.55
N GLU H 377 -34.45 64.51 57.15
CA GLU H 377 -34.04 64.97 55.86
C GLU H 377 -34.05 66.47 55.82
N PRO H 378 -33.24 67.07 54.99
CA PRO H 378 -33.42 68.47 54.77
C PRO H 378 -34.56 68.98 53.94
N GLU H 379 -35.43 69.90 54.42
CA GLU H 379 -36.48 70.28 53.53
C GLU H 379 -36.81 71.74 53.66
N ASP H 380 -36.29 72.37 54.72
CA ASP H 380 -36.53 73.75 55.00
C ASP H 380 -36.00 74.57 53.87
N LEU H 381 -36.92 75.19 53.10
CA LEU H 381 -36.52 75.94 51.94
C LEU H 381 -35.63 77.11 52.26
N PRO H 382 -35.84 77.97 53.24
CA PRO H 382 -34.92 79.05 53.44
C PRO H 382 -33.54 78.53 53.71
N ASN H 383 -33.41 77.34 54.32
CA ASN H 383 -32.11 76.80 54.62
C ASN H 383 -31.41 76.47 53.34
N ALA H 384 -32.15 75.85 52.41
CA ALA H 384 -31.61 75.44 51.15
C ALA H 384 -31.17 76.66 50.43
N PHE H 385 -31.95 77.75 50.52
CA PHE H 385 -31.74 79.02 49.84
C PHE H 385 -30.46 79.63 50.34
N ASP H 386 -30.16 79.42 51.62
CA ASP H 386 -28.98 79.93 52.28
C ASP H 386 -27.78 79.45 51.54
N GLU H 387 -27.87 78.21 51.05
CA GLU H 387 -26.84 77.46 50.40
C GLU H 387 -26.46 77.96 49.03
N PRO H 388 -27.26 78.70 48.31
CA PRO H 388 -26.77 79.08 47.02
C PRO H 388 -25.46 79.74 46.86
N GLU H 389 -24.76 79.57 45.71
CA GLU H 389 -25.06 78.86 44.50
C GLU H 389 -24.90 77.36 44.56
N LEU H 390 -24.21 76.83 45.59
CA LEU H 390 -23.80 75.44 45.73
C LEU H 390 -24.77 74.45 45.12
N LYS H 391 -24.26 73.48 44.32
CA LYS H 391 -25.07 72.53 43.60
C LYS H 391 -25.63 71.46 44.50
N VAL H 392 -26.86 71.00 44.21
CA VAL H 392 -27.48 70.01 45.03
C VAL H 392 -27.67 68.86 44.07
N THR H 393 -27.63 67.62 44.60
CA THR H 393 -27.71 66.41 43.82
C THR H 393 -29.19 66.15 43.73
N ARG H 394 -29.60 65.12 42.96
CA ARG H 394 -30.99 64.83 42.88
C ARG H 394 -31.44 64.09 44.10
N TRP H 395 -30.71 64.27 45.22
CA TRP H 395 -31.14 63.68 46.46
C TRP H 395 -31.49 64.89 47.26
N GLY H 396 -31.33 66.07 46.61
CA GLY H 396 -31.67 67.32 47.21
C GLY H 396 -30.72 67.59 48.34
N THR H 397 -29.45 67.16 48.22
CA THR H 397 -28.54 67.39 49.30
C THR H 397 -27.37 68.04 48.62
N LEU H 398 -26.52 68.75 49.40
CA LEU H 398 -25.39 69.41 48.84
C LEU H 398 -24.41 68.41 48.27
N LEU H 399 -23.98 68.62 47.01
CA LEU H 399 -23.02 67.75 46.39
C LEU H 399 -21.66 68.10 46.88
N VAL H 400 -20.82 67.06 47.10
CA VAL H 400 -19.49 67.35 47.56
C VAL H 400 -18.66 66.26 46.95
N ASP H 401 -17.37 66.57 46.72
CA ASP H 401 -16.46 65.56 46.28
C ASP H 401 -16.20 64.67 47.45
N HIS H 402 -16.17 63.34 47.21
CA HIS H 402 -16.03 62.42 48.29
C HIS H 402 -14.71 62.60 48.98
N ARG H 403 -13.62 62.79 48.22
CA ARG H 403 -12.33 62.94 48.84
C ARG H 403 -12.13 64.24 49.58
N THR H 404 -12.37 65.39 48.90
CA THR H 404 -12.08 66.71 49.40
C THR H 404 -13.21 67.17 50.29
N LYS H 405 -14.43 66.70 50.00
CA LYS H 405 -15.66 67.14 50.59
C LYS H 405 -15.90 68.59 50.29
N MET H 406 -15.38 69.01 49.13
CA MET H 406 -15.57 70.35 48.63
C MET H 406 -16.86 70.36 47.86
N THR H 407 -17.56 71.52 47.93
CA THR H 407 -18.84 71.77 47.33
C THR H 407 -18.46 72.31 45.98
N ASN H 408 -19.47 72.65 45.14
CA ASN H 408 -19.25 73.23 43.86
C ASN H 408 -18.43 74.46 44.06
N MET H 409 -18.70 75.21 45.15
CA MET H 409 -17.92 76.38 45.45
C MET H 409 -16.69 75.95 46.18
N ASP H 410 -15.51 76.42 45.74
CA ASP H 410 -14.24 76.00 46.28
C ASP H 410 -14.09 76.34 47.73
N GLY H 411 -14.63 77.50 48.14
CA GLY H 411 -14.57 78.01 49.47
C GLY H 411 -15.45 77.23 50.43
N VAL H 412 -16.47 76.50 49.94
CA VAL H 412 -17.37 75.93 50.89
C VAL H 412 -17.21 74.43 50.82
N PHE H 413 -17.26 73.79 52.01
CA PHE H 413 -17.13 72.37 52.21
C PHE H 413 -18.32 71.91 52.99
N ALA H 414 -18.57 70.58 53.02
CA ALA H 414 -19.70 70.06 53.74
C ALA H 414 -19.35 68.69 54.24
N ALA H 415 -19.96 68.28 55.37
CA ALA H 415 -19.65 66.99 55.91
C ALA H 415 -20.72 66.60 56.88
N GLY H 416 -20.77 65.31 57.23
CA GLY H 416 -21.70 64.80 58.18
C GLY H 416 -22.96 64.33 57.51
N ASP H 417 -24.07 64.30 58.28
CA ASP H 417 -25.33 63.79 57.84
C ASP H 417 -25.82 64.53 56.62
N ILE H 418 -25.48 65.82 56.47
CA ILE H 418 -26.00 66.67 55.43
C ILE H 418 -25.60 66.03 54.11
N VAL H 419 -24.43 65.39 54.03
CA VAL H 419 -23.87 64.85 52.81
C VAL H 419 -24.77 63.71 52.41
N ARG H 420 -25.45 63.08 53.38
CA ARG H 420 -26.24 61.94 53.06
C ARG H 420 -25.39 60.89 52.43
N GLY H 421 -24.74 60.05 53.24
CA GLY H 421 -23.83 59.10 52.68
C GLY H 421 -23.30 58.29 53.81
N ALA H 422 -23.44 58.81 55.04
CA ALA H 422 -23.02 58.07 56.19
C ALA H 422 -23.96 58.49 57.30
N SER H 423 -24.24 57.61 58.30
CA SER H 423 -25.11 58.03 59.39
C SER H 423 -24.57 57.56 60.72
N LEU H 424 -23.32 57.92 61.00
CA LEU H 424 -22.68 57.51 62.23
C LEU H 424 -21.85 58.66 62.69
N VAL H 425 -21.60 58.72 64.02
CA VAL H 425 -20.89 59.83 64.60
C VAL H 425 -19.47 59.76 64.05
N VAL H 426 -18.83 58.57 64.03
CA VAL H 426 -17.44 58.49 63.64
C VAL H 426 -17.23 58.85 62.18
N TRP H 427 -18.20 58.52 61.29
CA TRP H 427 -18.06 58.95 59.91
C TRP H 427 -18.23 60.43 59.85
N ALA H 428 -19.13 61.04 60.64
CA ALA H 428 -19.32 62.47 60.60
C ALA H 428 -18.06 63.14 61.05
N ILE H 429 -17.39 62.59 62.10
CA ILE H 429 -16.21 63.22 62.64
C ILE H 429 -15.22 63.04 61.52
N ARG H 430 -15.21 61.88 60.84
CA ARG H 430 -14.27 61.65 59.79
C ARG H 430 -14.46 62.65 58.69
N ASP H 431 -15.72 63.00 58.41
CA ASP H 431 -15.99 63.90 57.32
C ASP H 431 -15.31 65.22 57.58
N GLY H 432 -15.46 65.71 58.81
CA GLY H 432 -14.88 66.97 59.20
C GLY H 432 -13.39 66.85 59.13
N ARG H 433 -12.87 65.68 59.52
CA ARG H 433 -11.46 65.42 59.52
C ARG H 433 -10.91 65.61 58.15
N ASP H 434 -11.54 64.93 57.17
CA ASP H 434 -11.04 65.01 55.84
C ASP H 434 -11.18 66.37 55.27
N ALA H 435 -12.29 67.06 55.61
CA ALA H 435 -12.54 68.36 55.08
C ALA H 435 -11.47 69.29 55.52
N ALA H 436 -11.05 69.20 56.80
CA ALA H 436 -10.15 70.16 57.38
C ALA H 436 -8.90 70.26 56.59
N GLU H 437 -8.36 69.12 56.10
CA GLU H 437 -7.14 69.19 55.37
C GLU H 437 -7.33 70.00 54.12
N GLY H 438 -8.45 69.77 53.40
CA GLY H 438 -8.76 70.45 52.17
C GLY H 438 -9.04 71.91 52.39
N ILE H 439 -9.72 72.28 53.50
CA ILE H 439 -10.04 73.68 53.67
C ILE H 439 -8.66 74.22 53.84
N HIS H 440 -7.80 73.51 54.58
CA HIS H 440 -6.48 74.00 54.84
C HIS H 440 -5.74 74.22 53.56
N ALA H 441 -5.83 73.27 52.62
CA ALA H 441 -5.11 73.45 51.40
C ALA H 441 -5.60 74.69 50.72
N TYR H 442 -6.93 74.89 50.71
CA TYR H 442 -7.52 76.01 50.03
C TYR H 442 -7.08 77.31 50.64
N ALA H 443 -7.16 77.44 51.98
CA ALA H 443 -6.83 78.68 52.61
C ALA H 443 -5.38 78.99 52.40
N LYS H 444 -4.50 77.98 52.56
CA LYS H 444 -3.09 78.22 52.44
C LYS H 444 -2.76 78.69 51.08
N ALA H 445 -3.49 78.20 50.07
CA ALA H 445 -3.27 78.63 48.73
C ALA H 445 -3.53 80.09 48.71
N LYS H 446 -4.57 80.55 49.44
CA LYS H 446 -4.90 81.94 49.47
C LYS H 446 -3.70 82.67 50.02
N ALA H 447 -3.06 82.08 51.04
CA ALA H 447 -1.87 82.55 51.70
C ALA H 447 -0.75 82.52 50.71
N GLU H 448 -0.88 81.69 49.65
CA GLU H 448 0.16 81.49 48.69
C GLU H 448 1.22 80.61 49.30
N ALA H 449 0.78 79.68 50.17
CA ALA H 449 1.69 78.75 50.74
C ALA H 449 1.23 77.36 50.42
N PRO H 450 2.16 76.57 49.95
CA PRO H 450 1.87 75.18 49.70
C PRO H 450 1.60 74.17 50.77
N VAL H 451 0.90 73.05 50.45
CA VAL H 451 0.67 72.03 51.43
C VAL H 451 1.23 70.85 50.70
N ALA H 452 1.81 69.87 51.44
CA ALA H 452 2.50 68.88 50.69
C ALA H 452 1.60 68.10 49.78
N VAL H 453 0.80 67.16 50.33
CA VAL H 453 0.03 66.29 49.48
C VAL H 453 -0.32 65.26 50.48
N ALA H 454 0.73 64.80 51.19
CA ALA H 454 0.61 63.75 52.15
C ALA H 454 -0.36 64.18 53.19
N ALA H 455 -0.34 65.47 53.57
CA ALA H 455 -1.25 65.93 54.58
C ALA H 455 -0.79 65.35 55.87
N GLU H 456 -0.88 66.15 56.94
CA GLU H 456 -0.38 65.65 58.19
C GLU H 456 -0.57 66.92 59.02
N GLN I 1 30.44 -47.31 91.01
CA GLN I 1 31.73 -47.95 91.10
C GLN I 1 31.62 -49.44 90.85
N ASP I 2 31.97 -49.89 89.62
CA ASP I 2 31.87 -51.28 89.17
C ASP I 2 31.52 -51.39 87.67
N PHE I 3 31.93 -52.48 86.94
CA PHE I 3 31.80 -52.48 85.49
C PHE I 3 30.83 -53.47 84.88
N ALA I 4 29.50 -53.25 85.01
CA ALA I 4 28.52 -54.11 84.42
C ALA I 4 28.29 -53.67 82.99
N GLU I 5 27.74 -54.57 82.14
CA GLU I 5 27.49 -54.25 80.76
C GLU I 5 26.41 -53.20 80.68
N ILE I 6 26.83 -51.95 80.40
CA ILE I 6 26.01 -50.77 80.31
C ILE I 6 25.34 -50.82 78.96
N TYR I 7 25.93 -51.44 77.90
CA TYR I 7 25.33 -51.40 76.58
C TYR I 7 23.87 -51.70 76.56
N ALA I 8 23.12 -50.78 75.93
CA ALA I 8 21.71 -50.89 75.71
C ALA I 8 21.48 -51.96 74.68
N ARG I 9 22.38 -52.05 73.69
CA ARG I 9 22.28 -52.90 72.54
C ARG I 9 22.32 -54.37 72.84
N PHE I 10 23.05 -54.77 73.90
CA PHE I 10 23.24 -56.17 74.19
C PHE I 10 21.94 -56.91 74.20
N SER I 11 21.96 -58.12 73.60
CA SER I 11 20.76 -58.89 73.53
C SER I 11 20.98 -60.24 74.09
N ASP I 12 19.92 -60.78 74.70
CA ASP I 12 19.85 -62.12 75.19
C ASP I 12 19.33 -62.91 74.02
N GLU I 13 18.93 -64.17 74.23
CA GLU I 13 18.40 -65.01 73.19
C GLU I 13 17.21 -64.34 72.57
N ARG I 14 16.67 -63.36 73.31
CA ARG I 14 15.53 -62.55 72.98
C ARG I 14 15.80 -61.88 71.65
N ALA I 15 17.09 -61.88 71.20
CA ALA I 15 17.58 -61.33 69.95
C ALA I 15 16.74 -61.93 68.86
N ASN I 16 16.16 -63.10 69.13
CA ASN I 16 15.30 -63.76 68.19
C ASN I 16 14.19 -62.83 67.80
N GLU I 17 13.67 -62.06 68.78
CA GLU I 17 12.56 -61.19 68.51
C GLU I 17 12.94 -60.20 67.44
N GLN I 18 14.09 -59.53 67.59
CA GLN I 18 14.46 -58.55 66.61
C GLN I 18 14.83 -59.16 65.30
N ALA I 19 15.40 -60.37 65.33
CA ALA I 19 15.83 -61.00 64.11
C ALA I 19 14.63 -61.17 63.20
N ASN I 20 13.49 -61.57 63.78
CA ASN I 20 12.28 -61.78 63.01
C ASN I 20 11.84 -60.45 62.45
N ARG I 21 12.05 -59.37 63.22
CA ARG I 21 11.61 -58.04 62.87
C ARG I 21 12.30 -57.54 61.63
N CYS I 22 13.59 -57.89 61.46
CA CYS I 22 14.36 -57.44 60.34
C CYS I 22 13.67 -57.83 59.05
N SER I 23 13.58 -56.88 58.12
CA SER I 23 12.94 -57.07 56.85
C SER I 23 13.75 -57.96 55.94
N GLN I 24 15.04 -58.14 56.25
CA GLN I 24 15.88 -58.98 55.45
C GLN I 24 15.81 -58.56 54.02
N CYS I 25 16.07 -57.28 53.81
CA CYS I 25 15.90 -56.46 52.66
C CYS I 25 16.91 -56.78 51.58
N GLY I 26 16.51 -56.56 50.32
CA GLY I 26 17.40 -56.84 49.22
C GLY I 26 18.30 -55.66 49.08
N VAL I 27 19.54 -55.91 48.59
CA VAL I 27 20.62 -54.96 48.35
C VAL I 27 20.54 -54.06 49.53
N PRO I 28 20.54 -54.66 50.69
CA PRO I 28 20.33 -53.93 51.90
C PRO I 28 21.29 -52.79 52.04
N PHE I 29 20.76 -51.64 52.50
CA PHE I 29 21.47 -50.43 52.72
C PHE I 29 22.43 -50.62 53.85
N CYS I 30 22.03 -51.42 54.84
CA CYS I 30 22.84 -51.57 56.01
C CYS I 30 24.17 -52.16 55.65
N GLN I 31 24.16 -53.19 54.78
CA GLN I 31 25.43 -53.77 54.43
C GLN I 31 26.29 -52.83 53.66
N VAL I 32 25.68 -52.03 52.77
CA VAL I 32 26.43 -51.15 51.93
C VAL I 32 27.09 -50.20 52.90
N HIS I 33 26.38 -49.83 53.98
CA HIS I 33 26.86 -48.88 54.95
C HIS I 33 27.90 -49.42 55.93
N CYS I 34 28.12 -50.74 55.90
CA CYS I 34 29.08 -51.38 56.76
C CYS I 34 30.45 -51.37 56.11
N PRO I 35 31.45 -50.95 56.85
CA PRO I 35 32.78 -50.89 56.34
C PRO I 35 33.41 -52.13 55.80
N VAL I 36 33.16 -53.27 56.47
CA VAL I 36 33.66 -54.58 56.14
C VAL I 36 32.67 -55.18 55.13
N SER I 37 31.51 -54.54 54.88
CA SER I 37 30.52 -55.05 53.95
C SER I 37 29.95 -56.39 54.35
N ASN I 38 29.61 -56.54 55.64
CA ASN I 38 29.02 -57.75 56.14
C ASN I 38 27.66 -57.98 55.54
N ASN I 39 27.34 -59.27 55.29
CA ASN I 39 26.07 -59.63 54.75
C ASN I 39 25.09 -59.71 55.88
N ILE I 40 24.59 -58.54 56.29
CA ILE I 40 23.70 -58.43 57.41
C ILE I 40 22.39 -59.14 57.09
N PRO I 41 21.72 -59.07 55.93
CA PRO I 41 20.46 -59.76 55.77
C PRO I 41 20.59 -61.22 56.05
N ASP I 42 21.67 -61.85 55.54
CA ASP I 42 21.81 -63.27 55.70
C ASP I 42 22.17 -63.67 57.10
N TRP I 43 23.04 -62.93 57.80
CA TRP I 43 23.36 -63.40 59.12
C TRP I 43 22.15 -63.25 60.01
N LEU I 44 21.36 -62.19 59.80
CA LEU I 44 20.19 -61.92 60.59
C LEU I 44 19.12 -62.95 60.32
N LYS I 45 19.01 -63.37 59.06
CA LYS I 45 18.00 -64.34 58.71
C LYS I 45 18.33 -65.57 59.45
N LEU I 46 19.63 -65.83 59.54
CA LEU I 46 20.10 -66.99 60.17
C LEU I 46 19.69 -67.02 61.62
N THR I 47 19.89 -65.90 62.34
CA THR I 47 19.63 -65.93 63.76
C THR I 47 18.16 -66.14 63.85
N SER I 48 17.38 -65.59 62.90
CA SER I 48 15.96 -65.76 62.97
C SER I 48 15.65 -67.23 62.97
N GLU I 49 16.38 -68.00 62.13
CA GLU I 49 16.18 -69.42 62.12
C GLU I 49 16.69 -70.04 63.38
N GLY I 50 17.67 -69.39 64.03
CA GLY I 50 18.15 -69.96 65.25
C GLY I 50 19.42 -70.69 64.97
N ARG I 51 19.99 -70.56 63.75
CA ARG I 51 21.21 -71.30 63.58
C ARG I 51 22.39 -70.40 63.77
N LEU I 52 22.71 -70.11 65.03
CA LEU I 52 23.69 -69.12 65.38
C LEU I 52 25.01 -69.38 64.70
N GLU I 53 25.37 -70.65 64.49
CA GLU I 53 26.64 -70.88 63.86
C GLU I 53 26.69 -70.25 62.49
N GLU I 54 25.59 -70.36 61.72
CA GLU I 54 25.59 -69.83 60.38
C GLU I 54 25.80 -68.34 60.40
N ALA I 55 25.12 -67.61 61.30
CA ALA I 55 25.30 -66.18 61.27
C ALA I 55 26.69 -65.82 61.66
N TYR I 56 27.26 -66.55 62.63
CA TYR I 56 28.58 -66.28 63.12
C TYR I 56 29.56 -66.44 62.00
N GLU I 57 29.39 -67.49 61.18
CA GLU I 57 30.31 -67.73 60.10
C GLU I 57 30.25 -66.59 59.13
N VAL I 58 29.04 -66.09 58.84
CA VAL I 58 28.85 -65.04 57.87
C VAL I 58 29.57 -63.84 58.44
N SER I 59 29.40 -63.56 59.75
CA SER I 59 29.99 -62.39 60.33
C SER I 59 31.49 -62.40 60.26
N GLN I 60 32.09 -63.53 60.66
CA GLN I 60 33.53 -63.68 60.75
C GLN I 60 34.14 -63.61 59.40
N ALA I 61 33.44 -64.09 58.35
CA ALA I 61 34.08 -64.11 57.08
C ALA I 61 34.46 -62.71 56.70
N THR I 62 33.53 -61.73 56.85
CA THR I 62 33.79 -60.36 56.47
C THR I 62 34.63 -59.72 57.55
N ASN I 63 34.29 -59.88 58.85
CA ASN I 63 35.21 -59.29 59.78
C ASN I 63 35.66 -60.22 60.86
N ASN I 64 36.99 -60.29 61.03
CA ASN I 64 37.69 -61.16 61.92
C ASN I 64 37.37 -60.83 63.35
N PHE I 65 37.02 -59.56 63.61
CA PHE I 65 36.68 -59.15 64.94
C PHE I 65 35.20 -58.88 65.00
N PRO I 66 34.39 -59.80 64.55
CA PRO I 66 32.96 -59.60 64.50
C PRO I 66 32.38 -59.32 65.85
N GLU I 67 32.93 -59.96 66.90
CA GLU I 67 32.43 -59.84 68.24
C GLU I 67 32.54 -58.43 68.73
N ILE I 68 33.78 -57.91 68.61
CA ILE I 68 34.12 -56.66 69.23
C ILE I 68 33.31 -55.65 68.47
N CYS I 69 33.25 -55.75 67.14
CA CYS I 69 32.56 -54.74 66.38
C CYS I 69 31.11 -54.71 66.72
N GLY I 70 30.49 -55.88 66.93
CA GLY I 70 29.08 -55.89 67.24
C GLY I 70 28.86 -55.07 68.47
N ARG I 71 29.75 -55.19 69.47
CA ARG I 71 29.58 -54.43 70.68
C ARG I 71 29.88 -52.96 70.56
N ILE I 72 31.01 -52.64 69.91
CA ILE I 72 31.54 -51.31 69.73
C ILE I 72 31.16 -50.40 68.58
N CYS I 73 30.78 -50.95 67.41
CA CYS I 73 30.58 -50.13 66.24
C CYS I 73 29.55 -49.06 66.48
N PRO I 74 29.87 -47.84 66.10
CA PRO I 74 28.96 -46.72 66.15
C PRO I 74 28.04 -46.96 65.01
N GLN I 75 27.02 -47.80 65.21
CA GLN I 75 26.13 -48.26 64.20
C GLN I 75 25.36 -47.15 63.55
N ASP I 76 24.93 -46.15 64.32
CA ASP I 76 24.11 -45.10 63.76
C ASP I 76 24.85 -44.41 62.67
N ARG I 77 26.17 -44.27 62.82
CA ARG I 77 27.02 -43.67 61.85
C ARG I 77 27.25 -44.62 60.71
N LEU I 78 27.05 -45.92 60.97
CA LEU I 78 27.43 -47.01 60.12
C LEU I 78 26.25 -47.74 59.53
N CYS I 79 26.22 -49.08 59.65
CA CYS I 79 25.20 -49.88 59.02
C CYS I 79 23.80 -49.53 59.42
N GLU I 80 23.53 -49.31 60.72
CA GLU I 80 22.18 -49.01 61.11
C GLU I 80 21.72 -47.70 60.57
N GLY I 81 22.67 -46.81 60.25
CA GLY I 81 22.34 -45.51 59.76
C GLY I 81 21.51 -45.67 58.51
N ASN I 82 21.76 -46.69 57.67
CA ASN I 82 20.91 -46.74 56.52
C ASN I 82 19.90 -47.82 56.63
N CYS I 83 19.54 -48.23 57.86
CA CYS I 83 18.56 -49.25 58.02
C CYS I 83 17.21 -48.74 57.59
N VAL I 84 16.49 -49.51 56.76
CA VAL I 84 15.25 -49.08 56.17
C VAL I 84 14.22 -48.96 57.25
N ILE I 85 14.21 -49.83 58.27
CA ILE I 85 13.12 -49.91 59.23
C ILE I 85 13.13 -48.62 60.00
N GLU I 86 14.20 -47.80 59.94
CA GLU I 86 14.20 -46.59 60.71
C GLU I 86 12.98 -45.77 60.42
N GLN I 87 12.41 -45.90 59.21
CA GLN I 87 11.22 -45.20 58.87
C GLN I 87 10.08 -45.58 59.79
N SER I 88 10.08 -46.84 60.28
CA SER I 88 9.04 -47.38 61.13
C SER I 88 9.10 -46.85 62.54
N THR I 89 8.00 -47.12 63.27
CA THR I 89 7.75 -46.73 64.63
C THR I 89 8.81 -47.42 65.43
N HIS I 90 9.01 -48.72 65.18
CA HIS I 90 9.91 -49.46 66.00
C HIS I 90 11.29 -48.89 65.89
N GLY I 91 11.68 -48.47 64.68
CA GLY I 91 12.99 -47.92 64.56
C GLY I 91 13.86 -48.97 63.95
N ALA I 92 15.13 -48.60 63.73
CA ALA I 92 16.11 -49.44 63.08
C ALA I 92 16.38 -50.65 63.91
N VAL I 93 16.90 -51.70 63.26
CA VAL I 93 17.17 -52.97 63.88
C VAL I 93 18.48 -52.72 64.54
N THR I 94 18.71 -53.40 65.69
CA THR I 94 19.99 -53.15 66.28
C THR I 94 20.79 -54.26 65.68
N ILE I 95 21.49 -53.94 64.57
CA ILE I 95 22.28 -54.93 63.90
C ILE I 95 23.46 -55.23 64.80
N GLY I 96 24.01 -54.25 65.52
CA GLY I 96 25.18 -54.50 66.32
C GLY I 96 24.88 -55.55 67.34
N SER I 97 23.70 -55.47 67.97
CA SER I 97 23.30 -56.38 69.00
C SER I 97 23.16 -57.78 68.49
N VAL I 98 22.57 -57.94 67.29
CA VAL I 98 22.32 -59.27 66.80
C VAL I 98 23.69 -59.81 66.49
N GLU I 99 24.62 -58.98 65.96
CA GLU I 99 25.94 -59.44 65.64
C GLU I 99 26.62 -59.91 66.90
N LYS I 100 26.43 -59.19 68.03
CA LYS I 100 27.07 -59.62 69.24
C LYS I 100 26.56 -60.96 69.64
N TYR I 101 25.22 -61.12 69.61
CA TYR I 101 24.60 -62.30 70.15
C TYR I 101 25.04 -63.54 69.42
N ILE I 102 25.03 -63.47 68.08
CA ILE I 102 25.27 -64.61 67.25
C ILE I 102 26.70 -64.97 67.52
N ASN I 103 27.55 -63.96 67.60
CA ASN I 103 28.96 -64.14 67.85
C ASN I 103 29.17 -64.78 69.18
N ASP I 104 28.41 -64.36 70.20
CA ASP I 104 28.61 -64.86 71.54
C ASP I 104 28.33 -66.33 71.61
N THR I 105 27.27 -66.81 70.92
CA THR I 105 26.92 -68.20 71.05
C THR I 105 28.07 -68.93 70.42
N ALA I 106 28.62 -68.42 69.32
CA ALA I 106 29.67 -69.10 68.62
C ALA I 106 30.81 -69.27 69.57
N TRP I 107 31.08 -68.24 70.40
CA TRP I 107 32.16 -68.29 71.33
C TRP I 107 31.92 -69.48 72.22
N ASP I 108 30.67 -69.63 72.68
CA ASP I 108 30.34 -70.66 73.61
C ASP I 108 30.65 -72.00 73.02
N GLN I 109 30.41 -72.17 71.70
CA GLN I 109 30.59 -73.44 71.06
C GLN I 109 32.02 -73.88 71.17
N GLY I 110 32.99 -72.96 71.00
CA GLY I 110 34.36 -73.36 71.17
C GLY I 110 34.88 -74.02 69.93
N TRP I 111 34.33 -73.67 68.74
CA TRP I 111 34.82 -74.24 67.52
C TRP I 111 36.07 -73.48 67.20
N VAL I 112 37.00 -74.13 66.46
CA VAL I 112 38.28 -73.58 66.11
C VAL I 112 38.10 -73.24 64.65
N LYS I 113 38.88 -72.27 64.12
CA LYS I 113 38.71 -71.88 62.74
C LYS I 113 39.77 -72.42 61.83
N PRO I 114 39.44 -73.40 61.05
CA PRO I 114 40.39 -73.97 60.13
C PRO I 114 41.04 -73.26 58.97
N ARG I 115 42.20 -73.76 58.50
CA ARG I 115 42.84 -73.10 57.39
C ARG I 115 42.41 -73.63 56.06
N THR I 116 42.48 -72.76 55.03
CA THR I 116 42.15 -73.17 53.71
C THR I 116 43.42 -73.85 53.29
N PRO I 117 43.32 -74.74 52.34
CA PRO I 117 44.43 -75.58 51.96
C PRO I 117 45.76 -74.91 51.68
N SER I 118 45.91 -74.00 50.68
CA SER I 118 47.27 -73.55 50.47
C SER I 118 47.38 -72.43 49.44
N ARG I 119 48.56 -71.75 49.41
CA ARG I 119 48.85 -70.64 48.52
C ARG I 119 50.34 -70.32 48.60
N GLU I 120 50.88 -69.28 47.87
CA GLU I 120 52.28 -68.89 47.99
C GLU I 120 52.52 -68.78 49.44
N LEU I 121 53.30 -69.76 49.93
CA LEU I 121 53.35 -70.08 51.31
C LEU I 121 53.78 -69.03 52.24
N GLY I 122 54.88 -68.35 51.96
CA GLY I 122 55.06 -67.37 52.95
C GLY I 122 56.45 -67.19 53.34
N LEU I 123 56.99 -66.10 52.80
CA LEU I 123 58.23 -65.65 53.28
C LEU I 123 57.85 -64.94 54.54
N SER I 124 58.77 -64.68 55.49
CA SER I 124 58.33 -64.10 56.71
C SER I 124 57.65 -62.79 56.47
N VAL I 125 56.52 -62.55 57.19
CA VAL I 125 55.84 -61.31 57.04
C VAL I 125 55.78 -60.84 58.47
N GLY I 126 55.91 -59.51 58.67
CA GLY I 126 55.89 -59.00 60.01
C GLY I 126 54.84 -57.93 60.08
N VAL I 127 54.19 -57.81 61.26
CA VAL I 127 53.17 -56.80 61.42
C VAL I 127 53.57 -56.18 62.73
N ILE I 128 53.35 -54.85 62.88
CA ILE I 128 53.80 -54.21 64.08
C ILE I 128 52.53 -53.71 64.72
N GLY I 129 52.32 -54.10 66.00
CA GLY I 129 51.17 -53.70 66.76
C GLY I 129 50.11 -54.75 66.63
N ALA I 130 49.64 -55.28 67.78
CA ALA I 130 48.63 -56.28 68.04
C ALA I 130 47.20 -55.76 68.02
N GLY I 131 46.87 -54.65 67.36
CA GLY I 131 45.51 -54.15 67.44
C GLY I 131 44.63 -54.68 66.34
N PRO I 132 43.44 -54.11 66.16
CA PRO I 132 42.50 -54.55 65.17
C PRO I 132 43.01 -54.64 63.78
N ALA I 133 43.82 -53.62 63.38
CA ALA I 133 44.32 -53.55 62.04
C ALA I 133 45.21 -54.72 61.74
N GLY I 134 46.20 -54.99 62.61
CA GLY I 134 47.14 -56.07 62.39
C GLY I 134 46.46 -57.40 62.50
N LEU I 135 45.55 -57.54 63.48
CA LEU I 135 44.93 -58.81 63.66
C LEU I 135 44.14 -59.16 62.43
N ALA I 136 43.42 -58.18 61.86
CA ALA I 136 42.64 -58.43 60.68
C ALA I 136 43.54 -58.76 59.53
N ALA I 137 44.63 -57.98 59.36
CA ALA I 137 45.50 -58.19 58.24
C ALA I 137 46.13 -59.54 58.37
N ALA I 138 46.59 -59.90 59.59
CA ALA I 138 47.25 -61.15 59.80
C ALA I 138 46.30 -62.27 59.54
N GLU I 139 45.03 -62.18 59.99
CA GLU I 139 44.20 -63.31 59.78
C GLU I 139 43.86 -63.56 58.34
N GLU I 140 43.67 -62.49 57.55
CA GLU I 140 43.36 -62.68 56.16
C GLU I 140 44.54 -63.26 55.45
N LEU I 141 45.75 -62.80 55.81
CA LEU I 141 46.94 -63.29 55.21
C LEU I 141 47.06 -64.75 55.50
N ARG I 142 46.78 -65.13 56.76
CA ARG I 142 46.92 -66.51 57.11
C ARG I 142 45.93 -67.33 56.33
N ALA I 143 44.75 -66.75 56.07
CA ALA I 143 43.75 -67.45 55.29
C ALA I 143 44.42 -67.74 53.98
N LYS I 144 45.20 -66.78 53.48
CA LYS I 144 45.91 -66.98 52.24
C LYS I 144 46.91 -68.09 52.41
N GLY I 145 47.42 -68.34 53.64
CA GLY I 145 48.36 -69.42 53.77
C GLY I 145 49.78 -68.94 53.93
N TYR I 146 50.01 -67.86 54.70
CA TYR I 146 51.35 -67.34 54.91
C TYR I 146 51.76 -67.51 56.36
N GLU I 147 53.09 -67.43 56.64
CA GLU I 147 53.67 -67.51 57.97
C GLU I 147 53.89 -66.09 58.44
N VAL I 148 53.31 -65.68 59.59
CA VAL I 148 53.35 -64.27 59.88
C VAL I 148 53.55 -64.17 61.37
N HIS I 149 54.22 -63.06 61.80
CA HIS I 149 54.44 -62.76 63.18
C HIS I 149 54.05 -61.34 63.48
N VAL I 150 53.39 -61.09 64.64
CA VAL I 150 52.98 -59.75 64.93
C VAL I 150 53.84 -59.44 66.12
N TYR I 151 54.49 -58.25 66.08
CA TYR I 151 55.33 -57.83 67.16
C TYR I 151 54.58 -56.76 67.90
N ASP I 152 54.33 -57.01 69.20
CA ASP I 152 53.55 -56.13 70.03
C ASP I 152 54.40 -55.55 71.12
N ARG I 153 54.33 -54.21 71.30
CA ARG I 153 55.12 -53.52 72.30
C ARG I 153 54.76 -53.94 73.70
N TYR I 154 53.45 -53.99 74.03
CA TYR I 154 52.94 -54.29 75.35
C TYR I 154 52.85 -55.77 75.62
N ASP I 155 52.68 -56.11 76.91
CA ASP I 155 52.51 -57.48 77.34
C ASP I 155 51.18 -58.01 76.87
N ARG I 156 50.16 -57.12 76.82
CA ARG I 156 48.81 -57.47 76.46
C ARG I 156 48.60 -57.31 74.97
N MET I 157 47.56 -57.98 74.42
CA MET I 157 47.26 -57.91 73.02
C MET I 157 45.87 -57.37 72.82
N GLY I 158 45.55 -56.87 71.60
CA GLY I 158 44.22 -56.39 71.36
C GLY I 158 44.17 -54.91 71.09
N GLY I 159 45.25 -54.17 71.39
CA GLY I 159 45.24 -52.76 71.09
C GLY I 159 44.29 -52.05 72.01
N LEU I 160 43.62 -51.02 71.47
CA LEU I 160 42.75 -50.15 72.23
C LEU I 160 41.58 -50.90 72.79
N LEU I 161 41.18 -51.95 72.06
CA LEU I 161 40.10 -52.80 72.47
C LEU I 161 40.42 -53.28 73.86
N VAL I 162 41.68 -53.69 74.12
CA VAL I 162 42.01 -54.19 75.43
C VAL I 162 42.31 -53.03 76.37
N TYR I 163 43.21 -52.13 75.95
CA TYR I 163 43.80 -51.10 76.77
C TYR I 163 42.79 -50.10 77.26
N GLY I 164 42.15 -49.39 76.32
CA GLY I 164 41.22 -48.33 76.65
C GLY I 164 39.72 -48.55 76.68
N ILE I 165 39.12 -49.30 75.72
CA ILE I 165 37.67 -49.32 75.68
C ILE I 165 37.30 -50.11 76.91
N PRO I 166 36.42 -49.52 77.68
CA PRO I 166 35.97 -50.00 78.97
C PRO I 166 35.34 -51.36 78.90
N GLY I 167 35.52 -52.14 79.99
CA GLY I 167 35.07 -53.49 80.17
C GLY I 167 33.57 -53.51 80.13
N PHE I 168 32.94 -52.45 80.65
CA PHE I 168 31.51 -52.43 80.67
C PHE I 168 30.97 -52.41 79.28
N LYS I 169 31.66 -51.75 78.34
CA LYS I 169 31.29 -51.78 76.94
C LYS I 169 31.81 -52.99 76.19
N LEU I 170 33.07 -53.38 76.47
CA LEU I 170 33.84 -54.37 75.76
C LEU I 170 34.43 -55.37 76.72
N GLU I 171 33.82 -56.55 76.92
CA GLU I 171 34.42 -57.47 77.84
C GLU I 171 35.69 -58.00 77.24
N LYS I 172 36.72 -58.21 78.09
CA LYS I 172 38.03 -58.64 77.71
C LYS I 172 37.99 -60.01 77.10
N SER I 173 37.11 -60.89 77.60
CA SER I 173 37.11 -62.23 77.08
C SER I 173 36.83 -62.20 75.60
N VAL I 174 36.16 -61.12 75.14
CA VAL I 174 35.76 -60.99 73.77
C VAL I 174 37.02 -60.88 72.95
N VAL I 175 37.97 -60.00 73.36
CA VAL I 175 39.10 -59.74 72.50
C VAL I 175 39.88 -61.02 72.53
N GLU I 176 39.93 -61.71 73.68
CA GLU I 176 40.68 -62.93 73.75
C GLU I 176 40.12 -63.95 72.80
N ARG I 177 38.79 -64.01 72.66
CA ARG I 177 38.28 -65.02 71.76
C ARG I 177 38.78 -64.80 70.37
N ARG I 178 38.74 -63.55 69.87
CA ARG I 178 39.14 -63.33 68.51
C ARG I 178 40.59 -63.60 68.29
N VAL I 179 41.45 -63.28 69.27
CA VAL I 179 42.86 -63.42 69.03
C VAL I 179 43.06 -64.91 68.92
N LYS I 180 42.39 -65.73 69.76
CA LYS I 180 42.62 -67.15 69.68
C LYS I 180 42.20 -67.68 68.34
N LEU I 181 41.09 -67.18 67.76
CA LEU I 181 40.70 -67.70 66.49
C LEU I 181 41.78 -67.44 65.48
N LEU I 182 42.39 -66.25 65.56
CA LEU I 182 43.43 -65.89 64.65
C LEU I 182 44.60 -66.82 64.82
N ALA I 183 44.91 -67.12 66.10
CA ALA I 183 46.01 -67.95 66.50
C ALA I 183 45.86 -69.33 65.93
N ASP I 184 44.62 -69.81 65.79
CA ASP I 184 44.46 -71.14 65.29
C ASP I 184 45.05 -71.24 63.91
N ALA I 185 45.05 -70.09 63.21
CA ALA I 185 45.61 -69.89 61.91
C ALA I 185 47.10 -70.09 61.97
N GLY I 186 47.73 -69.85 63.14
CA GLY I 186 49.15 -70.08 63.23
C GLY I 186 49.88 -68.78 63.28
N VAL I 187 49.14 -67.66 63.36
CA VAL I 187 49.76 -66.38 63.40
C VAL I 187 50.47 -66.41 64.73
N ILE I 188 51.65 -65.79 64.83
CA ILE I 188 52.38 -65.89 66.07
C ILE I 188 52.42 -64.45 66.48
N TYR I 189 52.37 -64.23 67.81
CA TYR I 189 52.40 -62.91 68.38
C TYR I 189 53.52 -62.88 69.39
N HIS I 190 54.40 -61.86 69.35
CA HIS I 190 55.33 -61.81 70.43
C HIS I 190 55.32 -60.47 71.10
N PRO I 191 55.01 -60.55 72.36
CA PRO I 191 54.86 -59.38 73.20
C PRO I 191 55.83 -58.32 73.62
N ASN I 192 57.14 -58.52 73.65
CA ASN I 192 57.77 -57.30 74.07
C ASN I 192 58.71 -56.83 73.03
N PHE I 193 58.16 -56.56 71.83
CA PHE I 193 58.97 -56.06 70.77
C PHE I 193 58.34 -54.79 70.32
N GLU I 194 59.20 -53.78 70.03
CA GLU I 194 58.71 -52.48 69.68
C GLU I 194 59.35 -52.02 68.41
N VAL I 195 58.56 -51.26 67.60
CA VAL I 195 59.09 -50.71 66.41
C VAL I 195 59.71 -49.48 66.96
N GLY I 196 61.04 -49.45 66.94
CA GLY I 196 61.80 -48.38 67.52
C GLY I 196 63.24 -48.88 67.50
N ARG I 197 63.98 -48.75 68.63
CA ARG I 197 65.36 -49.15 68.65
C ARG I 197 65.47 -50.60 68.36
N ASP I 198 64.58 -51.39 68.98
CA ASP I 198 64.69 -52.80 68.74
C ASP I 198 64.36 -53.17 67.33
N ALA I 199 63.18 -52.76 66.85
CA ALA I 199 62.82 -53.21 65.54
C ALA I 199 62.68 -52.00 64.69
N SER I 200 63.13 -52.12 63.43
CA SER I 200 63.04 -51.06 62.47
C SER I 200 62.74 -51.69 61.17
N LEU I 201 62.25 -50.89 60.22
CA LEU I 201 62.04 -51.43 58.93
C LEU I 201 63.33 -51.94 58.33
N PRO I 202 64.49 -51.28 58.35
CA PRO I 202 65.67 -51.86 57.78
C PRO I 202 66.03 -53.13 58.48
N GLU I 203 65.79 -53.26 59.80
CA GLU I 203 66.16 -54.47 60.48
C GLU I 203 65.36 -55.60 59.92
N LEU I 204 64.07 -55.33 59.68
CA LEU I 204 63.17 -56.30 59.12
C LEU I 204 63.61 -56.64 57.74
N ARG I 205 64.15 -55.65 57.01
CA ARG I 205 64.59 -55.86 55.67
C ARG I 205 65.57 -56.96 55.73
N ARG I 206 66.34 -57.03 56.83
CA ARG I 206 67.12 -58.21 56.96
C ARG I 206 66.12 -59.32 57.03
N LYS I 207 66.03 -60.09 55.95
CA LYS I 207 65.09 -61.16 55.73
C LYS I 207 63.73 -60.85 56.29
N HIS I 208 62.81 -60.39 55.42
CA HIS I 208 61.41 -60.14 55.67
C HIS I 208 60.81 -59.67 54.37
N VAL I 209 59.78 -60.37 53.85
CA VAL I 209 59.17 -60.06 52.57
C VAL I 209 58.34 -58.81 52.72
N ALA I 210 57.50 -58.71 53.77
CA ALA I 210 56.61 -57.58 53.80
C ALA I 210 56.33 -57.19 55.22
N VAL I 211 55.82 -55.95 55.43
CA VAL I 211 55.58 -55.53 56.79
C VAL I 211 54.33 -54.70 56.71
N LEU I 212 53.51 -54.77 57.79
CA LEU I 212 52.30 -54.00 57.95
C LEU I 212 52.45 -53.15 59.19
N VAL I 213 52.19 -51.83 59.13
CA VAL I 213 52.41 -51.03 60.31
C VAL I 213 51.03 -50.65 60.82
N ALA I 214 50.61 -51.41 61.84
CA ALA I 214 49.50 -51.45 62.75
C ALA I 214 49.60 -50.71 64.09
N THR I 215 50.62 -49.90 64.41
CA THR I 215 50.87 -49.44 65.78
C THR I 215 49.88 -48.39 66.27
N GLY I 216 48.98 -47.82 65.45
CA GLY I 216 48.01 -46.87 65.95
C GLY I 216 48.67 -45.56 66.29
N VAL I 217 48.02 -44.77 67.20
CA VAL I 217 48.49 -43.48 67.62
C VAL I 217 48.79 -43.71 69.08
N TYR I 218 50.06 -43.99 69.42
CA TYR I 218 50.49 -44.33 70.75
C TYR I 218 50.40 -43.21 71.77
N LYS I 219 50.63 -41.92 71.43
CA LYS I 219 50.63 -40.93 72.48
C LYS I 219 49.42 -40.02 72.47
N ALA I 220 49.30 -39.16 73.52
CA ALA I 220 48.17 -38.25 73.73
C ALA I 220 48.61 -36.81 73.57
N ARG I 221 47.63 -35.86 73.50
CA ARG I 221 47.83 -34.43 73.28
C ARG I 221 48.34 -33.70 74.55
N ASP I 222 49.11 -32.56 74.33
CA ASP I 222 50.05 -31.62 75.01
C ASP I 222 49.77 -30.66 76.21
N ILE I 223 48.68 -29.85 76.34
CA ILE I 223 48.60 -28.69 77.25
C ILE I 223 48.97 -28.81 78.71
N LYS I 224 48.80 -30.00 79.30
CA LYS I 224 49.04 -30.23 80.69
C LYS I 224 50.45 -29.98 81.10
N ALA I 225 51.44 -30.14 80.20
CA ALA I 225 52.77 -29.78 80.64
C ALA I 225 53.17 -30.78 81.68
N PRO I 226 54.36 -30.77 82.26
CA PRO I 226 54.65 -31.75 83.28
C PRO I 226 53.63 -31.62 84.36
N GLY I 227 52.70 -32.59 84.43
CA GLY I 227 51.71 -32.65 85.46
C GLY I 227 51.77 -34.07 85.87
N SER I 228 51.51 -34.38 87.15
CA SER I 228 51.66 -35.75 87.54
C SER I 228 50.36 -36.33 87.98
N GLY I 229 50.30 -37.67 87.98
CA GLY I 229 49.12 -38.38 88.40
C GLY I 229 48.88 -38.09 89.83
N LEU I 230 49.99 -38.02 90.61
CA LEU I 230 49.83 -37.77 92.00
C LEU I 230 49.16 -36.46 92.17
N GLY I 231 49.57 -35.47 91.36
CA GLY I 231 48.96 -34.20 91.49
C GLY I 231 47.53 -34.32 91.13
N ASN I 232 47.23 -35.01 90.00
CA ASN I 232 45.84 -34.99 89.62
C ASN I 232 45.62 -35.40 88.18
N ILE I 233 46.65 -35.17 87.37
CA ILE I 233 46.38 -35.12 85.97
C ILE I 233 46.68 -36.47 85.46
N VAL I 234 45.84 -36.88 84.49
CA VAL I 234 46.04 -38.15 83.88
C VAL I 234 45.54 -37.88 82.49
N ALA I 235 46.26 -38.42 81.48
CA ALA I 235 45.85 -38.35 80.11
C ALA I 235 45.02 -39.57 79.92
N ALA I 236 44.22 -39.59 78.85
CA ALA I 236 43.39 -40.72 78.64
C ALA I 236 44.28 -41.93 78.50
N LEU I 237 45.47 -41.70 77.93
CA LEU I 237 46.43 -42.73 77.71
C LEU I 237 46.81 -43.39 79.02
N ASP I 238 47.01 -42.59 80.08
CA ASP I 238 47.35 -43.12 81.37
C ASP I 238 46.18 -43.76 82.07
N TYR I 239 45.03 -43.05 82.13
CA TYR I 239 43.86 -43.38 82.91
C TYR I 239 43.15 -44.61 82.47
N LEU I 240 42.85 -44.72 81.17
CA LEU I 240 42.03 -45.82 80.73
C LEU I 240 42.67 -47.14 80.99
N THR I 241 43.99 -47.22 80.74
CA THR I 241 44.70 -48.45 80.86
C THR I 241 44.67 -48.86 82.31
N THR I 242 44.82 -47.92 83.26
CA THR I 242 44.95 -48.39 84.63
C THR I 242 43.61 -48.98 84.97
N SER I 243 42.49 -48.38 84.54
CA SER I 243 41.20 -48.93 84.87
C SER I 243 41.03 -50.27 84.21
N ASN I 244 41.54 -50.39 82.97
CA ASN I 244 41.44 -51.60 82.21
C ASN I 244 42.13 -52.73 82.91
N LYS I 245 43.35 -52.47 83.41
CA LYS I 245 44.11 -53.52 84.02
C LYS I 245 43.41 -54.03 85.24
N VAL I 246 42.82 -53.14 86.06
CA VAL I 246 42.23 -53.61 87.28
C VAL I 246 40.97 -54.35 86.90
N SER I 247 40.19 -53.83 85.94
CA SER I 247 38.90 -54.35 85.56
C SER I 247 38.92 -55.61 84.73
N LEU I 248 39.93 -55.85 83.86
CA LEU I 248 39.82 -57.01 83.02
C LEU I 248 40.81 -58.08 83.40
N GLY I 249 40.27 -59.27 83.75
CA GLY I 249 41.04 -60.35 84.30
C GLY I 249 42.10 -60.90 83.39
N ASP I 250 41.82 -61.24 82.14
CA ASP I 250 42.82 -61.90 81.34
C ASP I 250 43.95 -61.01 80.94
N THR I 251 43.73 -59.68 80.97
CA THR I 251 44.60 -58.73 80.36
C THR I 251 46.00 -58.92 80.87
N VAL I 252 46.22 -58.93 82.20
CA VAL I 252 47.58 -58.98 82.65
C VAL I 252 47.56 -60.09 83.65
N GLU I 253 48.72 -60.77 83.82
CA GLU I 253 48.84 -61.80 84.80
C GLU I 253 48.77 -61.21 86.17
N ALA I 254 49.47 -60.07 86.35
CA ALA I 254 49.54 -59.46 87.65
C ALA I 254 48.21 -58.90 87.98
N TYR I 255 47.82 -59.02 89.26
CA TYR I 255 46.57 -58.45 89.65
C TYR I 255 46.90 -57.07 90.06
N GLU I 256 46.14 -56.08 89.55
CA GLU I 256 46.46 -54.75 89.97
C GLU I 256 45.94 -54.62 91.35
N ASN I 257 46.83 -54.96 92.32
CA ASN I 257 46.62 -54.94 93.73
C ASN I 257 46.43 -53.52 94.12
N GLY I 258 47.07 -52.62 93.34
CA GLY I 258 46.92 -51.22 93.58
C GLY I 258 45.45 -51.01 93.50
N SER I 259 44.80 -51.78 92.59
CA SER I 259 43.38 -51.76 92.51
C SER I 259 43.01 -50.66 91.58
N LEU I 260 41.71 -50.33 91.49
CA LEU I 260 41.33 -49.28 90.61
C LEU I 260 41.87 -47.99 91.11
N ASN I 261 42.12 -47.05 90.17
CA ASN I 261 42.67 -45.79 90.56
C ASN I 261 41.70 -45.12 91.47
N ALA I 262 42.23 -44.45 92.51
CA ALA I 262 41.34 -43.79 93.42
C ALA I 262 41.08 -42.44 92.87
N ALA I 263 39.84 -42.22 92.39
CA ALA I 263 39.49 -40.93 91.90
C ALA I 263 38.45 -40.40 92.82
N GLY I 264 38.73 -39.24 93.46
CA GLY I 264 37.80 -38.72 94.40
C GLY I 264 37.58 -37.28 94.12
N LYS I 265 36.35 -36.81 94.38
CA LYS I 265 35.93 -35.45 94.22
C LYS I 265 35.58 -35.17 92.78
N HIS I 266 35.55 -33.89 92.35
CA HIS I 266 35.15 -33.50 91.03
C HIS I 266 36.18 -33.88 90.02
N VAL I 267 35.71 -34.37 88.85
CA VAL I 267 36.64 -34.80 87.83
C VAL I 267 36.26 -33.99 86.63
N VAL I 268 37.29 -33.48 85.90
CA VAL I 268 37.02 -32.69 84.73
C VAL I 268 37.60 -33.53 83.63
N VAL I 269 36.79 -33.78 82.56
CA VAL I 269 37.26 -34.59 81.48
C VAL I 269 37.18 -33.65 80.31
N LEU I 270 38.29 -33.52 79.55
CA LEU I 270 38.28 -32.61 78.45
C LEU I 270 38.31 -33.35 77.16
N GLY I 271 37.23 -33.25 76.36
CA GLY I 271 37.18 -33.91 75.08
C GLY I 271 35.76 -34.15 74.67
N GLY I 272 35.53 -34.06 73.35
CA GLY I 272 34.31 -34.30 72.61
C GLY I 272 34.06 -35.72 72.18
N GLY I 273 35.12 -36.53 72.00
CA GLY I 273 34.93 -37.79 71.35
C GLY I 273 34.68 -38.92 72.29
N ASP I 274 34.85 -40.13 71.73
CA ASP I 274 34.65 -41.40 72.35
C ASP I 274 35.54 -41.47 73.56
N THR I 275 36.77 -40.96 73.44
CA THR I 275 37.73 -41.06 74.50
C THR I 275 37.22 -40.35 75.74
N ALA I 276 36.70 -39.12 75.58
CA ALA I 276 36.26 -38.34 76.70
C ALA I 276 35.11 -39.02 77.40
N MET I 277 34.15 -39.53 76.63
CA MET I 277 32.98 -40.11 77.22
C MET I 277 33.33 -41.37 77.96
N ASP I 278 34.29 -42.16 77.44
CA ASP I 278 34.65 -43.36 78.14
C ASP I 278 35.35 -43.05 79.42
N CYS I 279 36.19 -41.99 79.45
CA CYS I 279 36.89 -41.62 80.65
C CYS I 279 35.92 -41.08 81.65
N VAL I 280 34.86 -40.39 81.21
CA VAL I 280 33.89 -39.81 82.10
C VAL I 280 33.25 -40.98 82.79
N ARG I 281 32.77 -41.99 82.03
CA ARG I 281 32.09 -43.09 82.62
C ARG I 281 33.02 -43.89 83.49
N THR I 282 34.29 -44.07 83.08
CA THR I 282 35.16 -44.93 83.85
C THR I 282 35.42 -44.22 85.15
N ALA I 283 35.45 -42.88 85.16
CA ALA I 283 35.80 -42.16 86.36
C ALA I 283 34.83 -42.47 87.47
N ILE I 284 33.53 -42.60 87.16
CA ILE I 284 32.54 -42.81 88.18
C ILE I 284 32.87 -44.17 88.71
N ARG I 285 33.37 -45.06 87.85
CA ARG I 285 33.70 -46.42 88.22
C ARG I 285 34.68 -46.39 89.35
N GLN I 286 35.63 -45.42 89.31
CA GLN I 286 36.62 -45.37 90.34
C GLN I 286 36.25 -44.47 91.47
N GLY I 287 34.95 -44.18 91.67
CA GLY I 287 34.54 -43.46 92.84
C GLY I 287 34.41 -41.97 92.68
N ALA I 288 34.44 -41.42 91.45
CA ALA I 288 34.33 -39.98 91.33
C ALA I 288 32.98 -39.53 91.83
N THR I 289 32.96 -38.41 92.58
CA THR I 289 31.74 -37.87 93.13
C THR I 289 31.01 -37.22 91.98
N SER I 290 31.72 -36.43 91.15
CA SER I 290 31.04 -35.74 90.08
C SER I 290 31.92 -35.69 88.87
N VAL I 291 31.33 -35.66 87.66
CA VAL I 291 32.18 -35.65 86.50
C VAL I 291 31.61 -34.57 85.62
N LYS I 292 32.52 -33.74 85.06
CA LYS I 292 32.13 -32.68 84.17
C LYS I 292 32.82 -32.90 82.86
N CYS I 293 32.05 -32.86 81.76
CA CYS I 293 32.70 -33.03 80.50
C CYS I 293 32.74 -31.71 79.81
N LEU I 294 33.96 -31.18 79.58
CA LEU I 294 34.09 -29.86 79.03
C LEU I 294 34.45 -29.92 77.59
N TYR I 295 33.70 -29.16 76.77
CA TYR I 295 33.93 -29.18 75.36
C TYR I 295 34.34 -27.81 74.93
N ARG I 296 35.34 -27.76 74.05
CA ARG I 296 35.69 -26.50 73.50
C ARG I 296 34.55 -26.04 72.66
N ARG I 297 34.02 -26.97 71.88
CA ARG I 297 33.03 -26.64 70.92
C ARG I 297 31.64 -26.72 71.49
N ASP I 298 30.60 -26.54 70.65
CA ASP I 298 29.21 -26.51 71.03
C ASP I 298 28.68 -27.91 71.24
N ARG I 299 27.53 -28.04 71.95
CA ARG I 299 26.89 -29.29 72.23
C ARG I 299 26.49 -29.99 70.97
N LYS I 300 26.03 -29.20 69.99
CA LYS I 300 25.56 -29.76 68.77
C LYS I 300 26.66 -30.53 68.13
N ASN I 301 27.90 -30.03 68.19
CA ASN I 301 28.91 -30.76 67.49
C ASN I 301 29.81 -31.55 68.39
N MET I 302 29.17 -32.48 69.13
CA MET I 302 29.86 -33.45 69.93
C MET I 302 30.33 -34.52 69.00
N PRO I 303 31.58 -34.87 69.06
CA PRO I 303 32.01 -35.92 68.20
C PRO I 303 31.50 -37.33 68.25
N GLY I 304 31.22 -37.85 69.46
CA GLY I 304 30.79 -39.20 69.60
C GLY I 304 29.37 -39.31 69.16
N SER I 305 28.96 -40.53 68.76
CA SER I 305 27.60 -40.70 68.32
C SER I 305 26.71 -40.72 69.52
N GLN I 306 25.39 -40.58 69.28
CA GLN I 306 24.45 -40.41 70.35
C GLN I 306 24.40 -41.57 71.29
N ARG I 307 24.58 -42.80 70.81
CA ARG I 307 24.52 -43.88 71.75
C ARG I 307 25.59 -43.73 72.76
N GLU I 308 26.83 -43.37 72.35
CA GLU I 308 27.72 -43.33 73.46
C GLU I 308 27.52 -42.16 74.37
N VAL I 309 27.10 -41.00 73.83
CA VAL I 309 26.96 -39.82 74.65
C VAL I 309 25.86 -40.19 75.61
N ALA I 310 24.91 -41.04 75.16
CA ALA I 310 23.78 -41.38 75.99
C ALA I 310 24.25 -42.01 77.26
N HIS I 311 25.29 -42.86 77.21
CA HIS I 311 25.72 -43.54 78.39
C HIS I 311 26.18 -42.57 79.43
N ALA I 312 26.97 -41.54 79.06
CA ALA I 312 27.46 -40.57 80.00
C ALA I 312 26.30 -39.79 80.56
N GLU I 313 25.32 -39.44 79.70
CA GLU I 313 24.21 -38.62 80.11
C GLU I 313 23.37 -39.30 81.15
N GLU I 314 23.11 -40.60 80.97
CA GLU I 314 22.28 -41.34 81.89
C GLU I 314 22.96 -41.33 83.21
N GLU I 315 24.29 -41.37 83.15
CA GLU I 315 25.23 -41.42 84.22
C GLU I 315 25.15 -40.19 85.06
N GLY I 316 24.64 -39.08 84.47
CA GLY I 316 24.48 -37.86 85.20
C GLY I 316 25.72 -37.03 85.12
N VAL I 317 26.54 -37.22 84.06
CA VAL I 317 27.72 -36.41 83.97
C VAL I 317 27.20 -35.12 83.43
N GLU I 318 27.83 -34.01 83.85
CA GLU I 318 27.40 -32.71 83.43
C GLU I 318 28.24 -32.28 82.28
N PHE I 319 27.58 -31.68 81.26
CA PHE I 319 28.29 -31.20 80.13
C PHE I 319 28.23 -29.70 80.20
N ILE I 320 29.39 -29.04 80.42
CA ILE I 320 29.32 -27.61 80.39
C ILE I 320 29.58 -27.52 78.93
N TRP I 321 28.67 -26.91 78.16
CA TRP I 321 28.96 -27.02 76.78
C TRP I 321 28.30 -25.90 76.05
N GLN I 322 29.07 -25.05 75.36
CA GLN I 322 28.41 -23.98 74.69
C GLN I 322 29.29 -23.33 73.67
N ALA I 323 28.65 -22.81 72.60
CA ALA I 323 29.32 -22.13 71.53
C ALA I 323 30.21 -23.08 70.82
N ALA I 324 30.35 -22.90 69.49
CA ALA I 324 31.24 -23.76 68.77
C ALA I 324 32.62 -23.47 69.28
N PRO I 325 32.98 -22.24 69.48
CA PRO I 325 34.27 -22.13 70.09
C PRO I 325 34.57 -22.58 71.48
N GLU I 326 35.84 -23.01 71.67
CA GLU I 326 36.47 -23.68 72.79
C GLU I 326 36.19 -23.18 74.18
N GLY I 327 35.51 -23.99 75.04
CA GLY I 327 35.71 -23.68 76.42
C GLY I 327 37.09 -24.18 76.41
N PHE I 328 38.09 -23.30 76.49
CA PHE I 328 39.41 -23.80 76.29
C PHE I 328 40.16 -23.69 77.56
N THR I 329 40.93 -24.74 77.90
CA THR I 329 41.62 -24.79 79.16
C THR I 329 42.85 -23.96 78.94
N GLY I 330 42.96 -22.85 79.72
CA GLY I 330 44.15 -22.07 79.74
C GLY I 330 45.20 -22.65 80.64
N ASP I 331 44.82 -23.02 81.89
CA ASP I 331 45.82 -23.39 82.85
C ASP I 331 45.25 -24.26 83.93
N THR I 332 46.12 -25.07 84.57
CA THR I 332 45.71 -25.92 85.65
C THR I 332 46.39 -25.34 86.85
N VAL I 333 45.67 -25.22 87.99
CA VAL I 333 46.29 -24.60 89.12
C VAL I 333 46.45 -25.74 90.07
N VAL I 334 47.64 -25.82 90.69
CA VAL I 334 47.88 -26.91 91.60
C VAL I 334 48.31 -26.21 92.85
N THR I 335 47.74 -26.64 94.00
CA THR I 335 48.14 -26.08 95.26
C THR I 335 48.13 -27.30 96.13
N GLY I 336 49.08 -27.39 97.07
CA GLY I 336 49.08 -28.51 97.96
C GLY I 336 49.53 -29.73 97.22
N VAL I 337 50.19 -29.54 96.06
CA VAL I 337 50.73 -30.62 95.30
C VAL I 337 49.51 -31.34 94.75
N ARG I 338 48.33 -30.69 94.74
CA ARG I 338 47.17 -31.33 94.17
C ARG I 338 46.42 -30.35 93.32
N ALA I 339 45.81 -30.82 92.20
CA ALA I 339 45.10 -29.89 91.35
C ALA I 339 43.83 -29.49 92.05
N VAL I 340 43.65 -28.16 92.24
CA VAL I 340 42.48 -27.59 92.84
C VAL I 340 41.55 -27.17 91.72
N ARG I 341 42.06 -26.67 90.57
CA ARG I 341 41.15 -26.08 89.61
C ARG I 341 41.77 -25.99 88.25
N ILE I 342 40.94 -25.70 87.23
CA ILE I 342 41.46 -25.54 85.90
C ILE I 342 40.80 -24.26 85.47
N HIS I 343 41.59 -23.40 84.80
CA HIS I 343 41.18 -22.12 84.31
C HIS I 343 40.87 -22.24 82.85
N LEU I 344 39.69 -21.73 82.44
CA LEU I 344 39.29 -21.79 81.06
C LEU I 344 38.92 -20.43 80.56
N GLY I 345 38.88 -20.29 79.22
CA GLY I 345 38.45 -19.08 78.58
C GLY I 345 37.28 -19.49 77.76
N VAL I 346 36.32 -18.58 77.51
CA VAL I 346 35.13 -18.98 76.80
C VAL I 346 35.49 -18.77 75.37
N ALA I 347 34.87 -19.57 74.48
CA ALA I 347 35.12 -19.35 73.10
C ALA I 347 33.81 -19.32 72.37
N ASP I 348 33.78 -18.65 71.21
CA ASP I 348 32.55 -18.49 70.49
C ASP I 348 32.84 -18.44 69.02
N ALA I 349 31.84 -18.80 68.18
CA ALA I 349 32.08 -18.92 66.77
C ALA I 349 31.61 -17.65 66.11
N THR I 350 32.39 -17.19 65.11
CA THR I 350 32.15 -15.98 64.39
C THR I 350 31.46 -16.47 63.12
N GLY I 351 31.13 -15.56 62.19
CA GLY I 351 30.50 -15.89 60.94
C GLY I 351 31.44 -16.78 60.18
N ARG I 352 32.76 -16.52 60.33
CA ARG I 352 33.79 -17.28 59.69
C ARG I 352 33.75 -18.67 60.21
N GLN I 353 33.20 -18.83 61.41
CA GLN I 353 33.07 -20.11 62.06
C GLN I 353 34.41 -20.54 62.55
N THR I 354 35.42 -19.64 62.43
CA THR I 354 36.70 -20.00 62.95
C THR I 354 36.56 -19.69 64.40
N PRO I 355 37.05 -20.60 65.19
CA PRO I 355 37.00 -20.34 66.59
C PRO I 355 37.64 -19.17 67.25
N GLN I 356 36.96 -18.50 68.19
CA GLN I 356 37.58 -17.37 68.83
C GLN I 356 37.58 -17.60 70.31
N VAL I 357 38.64 -17.17 71.02
CA VAL I 357 38.71 -17.37 72.44
C VAL I 357 38.62 -15.96 72.96
N ILE I 358 37.79 -15.75 74.00
CA ILE I 358 37.64 -14.40 74.46
C ILE I 358 38.30 -14.47 75.81
N GLU I 359 39.44 -13.75 75.92
CA GLU I 359 40.29 -13.72 77.08
C GLU I 359 39.58 -13.09 78.24
N GLY I 360 38.75 -12.07 77.97
CA GLY I 360 38.11 -11.34 79.02
C GLY I 360 37.26 -12.25 79.84
N SER I 361 36.59 -13.24 79.21
CA SER I 361 35.74 -14.08 79.99
C SER I 361 36.46 -15.35 80.32
N GLU I 362 36.54 -15.64 81.64
CA GLU I 362 37.27 -16.76 82.16
C GLU I 362 36.36 -17.55 83.05
N PHE I 363 36.69 -18.85 83.25
CA PHE I 363 35.91 -19.62 84.17
C PHE I 363 36.90 -20.36 85.03
N THR I 364 36.65 -20.41 86.35
CA THR I 364 37.55 -21.11 87.21
C THR I 364 36.70 -22.26 87.64
N VAL I 365 37.08 -23.49 87.23
CA VAL I 365 36.23 -24.59 87.59
C VAL I 365 37.06 -25.34 88.59
N GLN I 366 36.47 -25.61 89.77
CA GLN I 366 37.12 -26.36 90.80
C GLN I 366 37.15 -27.79 90.38
N ALA I 367 38.30 -28.46 90.54
CA ALA I 367 38.34 -29.85 90.21
C ALA I 367 39.48 -30.49 90.94
N ASP I 368 39.22 -31.69 91.49
CA ASP I 368 40.25 -32.47 92.10
C ASP I 368 41.03 -33.27 91.12
N LEU I 369 40.41 -33.72 89.98
CA LEU I 369 41.03 -34.59 89.01
C LEU I 369 40.82 -34.15 87.59
N VAL I 370 41.86 -34.14 86.72
CA VAL I 370 41.62 -33.73 85.35
C VAL I 370 42.12 -34.88 84.52
N ILE I 371 41.34 -35.20 83.45
CA ILE I 371 41.76 -36.27 82.57
C ILE I 371 41.63 -35.59 81.25
N LYS I 372 42.70 -35.62 80.44
CA LYS I 372 42.67 -35.04 79.12
C LYS I 372 42.42 -36.09 78.08
N ALA I 373 41.24 -35.97 77.48
CA ALA I 373 40.56 -36.66 76.43
C ALA I 373 40.81 -36.25 75.01
N LEU I 374 41.63 -35.21 74.73
CA LEU I 374 41.67 -34.65 73.39
C LEU I 374 41.94 -35.66 72.31
N GLY I 375 42.81 -36.64 72.53
CA GLY I 375 42.96 -37.57 71.45
C GLY I 375 44.35 -38.10 71.50
N PHE I 376 44.80 -38.73 70.39
CA PHE I 376 46.10 -39.31 70.39
C PHE I 376 46.78 -38.94 69.10
N GLU I 377 48.13 -39.09 69.06
CA GLU I 377 48.85 -38.82 67.86
C GLU I 377 50.22 -39.45 67.93
N PRO I 378 50.80 -39.77 66.81
CA PRO I 378 52.19 -40.14 66.86
C PRO I 378 53.25 -39.11 67.06
N GLU I 379 54.16 -39.22 68.05
CA GLU I 379 55.12 -38.14 68.14
C GLU I 379 56.46 -38.65 68.54
N ASP I 380 56.51 -39.90 69.00
CA ASP I 380 57.74 -40.51 69.45
C ASP I 380 58.70 -40.57 68.32
N LEU I 381 59.78 -39.78 68.42
CA LEU I 381 60.73 -39.68 67.34
C LEU I 381 61.41 -41.00 67.04
N PRO I 382 61.91 -41.81 67.95
CA PRO I 382 62.55 -43.03 67.54
C PRO I 382 61.59 -43.89 66.77
N ASN I 383 60.27 -43.82 67.05
CA ASN I 383 59.32 -44.63 66.35
C ASN I 383 59.26 -44.20 64.92
N ALA I 384 59.23 -42.87 64.71
CA ALA I 384 59.13 -42.32 63.40
C ALA I 384 60.34 -42.72 62.64
N PHE I 385 61.52 -42.73 63.30
CA PHE I 385 62.81 -43.03 62.74
C PHE I 385 62.84 -44.46 62.28
N ASP I 386 62.12 -45.34 62.99
CA ASP I 386 62.02 -46.73 62.70
C ASP I 386 61.49 -46.90 61.32
N GLU I 387 60.57 -46.00 60.95
CA GLU I 387 59.82 -45.97 59.73
C GLU I 387 60.63 -45.65 58.50
N PRO I 388 61.77 -44.99 58.56
CA PRO I 388 62.41 -44.75 57.31
C PRO I 388 62.68 -45.83 56.34
N GLU I 389 62.72 -45.55 55.02
CA GLU I 389 62.58 -44.30 54.29
C GLU I 389 61.17 -43.79 54.13
N LEU I 390 60.14 -44.63 54.39
CA LEU I 390 58.74 -44.37 54.13
C LEU I 390 58.34 -42.91 54.29
N LYS I 391 57.60 -42.36 53.29
CA LYS I 391 57.23 -40.97 53.26
C LYS I 391 56.12 -40.65 54.23
N VAL I 392 56.17 -39.44 54.83
CA VAL I 392 55.18 -39.07 55.79
C VAL I 392 54.53 -37.87 55.15
N THR I 393 53.23 -37.66 55.44
CA THR I 393 52.44 -36.61 54.85
C THR I 393 52.66 -35.45 55.77
N ARG I 394 52.12 -34.26 55.42
CA ARG I 394 52.30 -33.15 56.30
C ARG I 394 51.35 -33.23 57.45
N TRP I 395 50.91 -34.46 57.78
CA TRP I 395 50.08 -34.65 58.95
C TRP I 395 50.99 -35.42 59.84
N GLY I 396 52.22 -35.66 59.33
CA GLY I 396 53.23 -36.34 60.08
C GLY I 396 52.82 -37.77 60.27
N THR I 397 52.11 -38.36 59.29
CA THR I 397 51.68 -39.73 59.47
C THR I 397 52.16 -40.40 58.22
N LEU I 398 52.28 -41.74 58.26
CA LEU I 398 52.74 -42.46 57.11
C LEU I 398 51.76 -42.34 55.98
N LEU I 399 52.26 -41.99 54.78
CA LEU I 399 51.40 -41.89 53.61
C LEU I 399 51.16 -43.24 53.07
N VAL I 400 49.91 -43.48 52.60
CA VAL I 400 49.63 -44.77 52.05
C VAL I 400 48.63 -44.50 50.97
N ASP I 401 48.60 -45.37 49.95
CA ASP I 401 47.59 -45.28 48.94
C ASP I 401 46.32 -45.75 49.57
N HIS I 402 45.21 -45.04 49.30
CA HIS I 402 43.98 -45.37 49.93
C HIS I 402 43.52 -46.74 49.55
N ARG I 403 43.65 -47.12 48.27
CA ARG I 403 43.19 -48.41 47.85
C ARG I 403 44.05 -49.56 48.34
N THR I 404 45.37 -49.50 48.07
CA THR I 404 46.30 -50.58 48.32
C THR I 404 46.73 -50.54 49.76
N LYS I 405 46.75 -49.35 50.35
CA LYS I 405 47.31 -49.05 51.65
C LYS I 405 48.77 -49.35 51.68
N MET I 406 49.41 -49.21 50.50
CA MET I 406 50.82 -49.37 50.35
C MET I 406 51.47 -48.06 50.67
N THR I 407 52.67 -48.14 51.26
CA THR I 407 53.48 -47.04 51.70
C THR I 407 54.32 -46.73 50.49
N ASN I 408 55.20 -45.71 50.59
CA ASN I 408 56.09 -45.35 49.54
C ASN I 408 56.89 -46.57 49.20
N MET I 409 57.26 -47.37 50.23
CA MET I 409 57.98 -48.59 49.98
C MET I 409 56.98 -49.66 49.65
N ASP I 410 57.22 -50.40 48.55
CA ASP I 410 56.30 -51.39 48.07
C ASP I 410 56.06 -52.51 49.04
N GLY I 411 57.11 -52.89 49.78
CA GLY I 411 57.10 -53.94 50.74
C GLY I 411 56.33 -53.57 51.99
N VAL I 412 56.13 -52.27 52.28
CA VAL I 412 55.57 -51.98 53.56
C VAL I 412 54.21 -51.38 53.30
N PHE I 413 53.24 -51.77 54.18
CA PHE I 413 51.86 -51.34 54.14
C PHE I 413 51.52 -50.80 55.49
N ALA I 414 50.40 -50.05 55.61
CA ALA I 414 50.00 -49.49 56.87
C ALA I 414 48.51 -49.41 56.92
N ALA I 415 47.94 -49.50 58.13
CA ALA I 415 46.51 -49.46 58.23
C ALA I 415 46.13 -49.12 59.65
N GLY I 416 44.87 -48.73 59.86
CA GLY I 416 44.36 -48.44 61.16
C GLY I 416 44.54 -46.99 61.50
N ASP I 417 44.57 -46.69 62.81
CA ASP I 417 44.62 -45.34 63.32
C ASP I 417 45.84 -44.61 62.81
N ILE I 418 46.95 -45.33 62.54
CA ILE I 418 48.22 -44.73 62.19
C ILE I 418 47.97 -43.94 60.91
N VAL I 419 47.09 -44.40 60.02
CA VAL I 419 46.87 -43.83 58.71
C VAL I 419 46.24 -42.48 58.96
N ARG I 420 45.54 -42.32 60.10
CA ARG I 420 44.86 -41.08 60.34
C ARG I 420 43.89 -40.81 59.23
N GLY I 421 42.67 -41.36 59.34
CA GLY I 421 41.76 -41.23 58.25
C GLY I 421 40.49 -41.89 58.66
N ALA I 422 40.57 -42.75 59.69
CA ALA I 422 39.40 -43.39 60.20
C ALA I 422 39.67 -43.60 61.68
N SER I 423 38.62 -43.61 62.55
CA SER I 423 38.88 -43.85 63.96
C SER I 423 37.84 -44.79 64.53
N LEU I 424 37.72 -45.97 63.91
CA LEU I 424 36.74 -46.93 64.35
C LEU I 424 37.38 -48.28 64.19
N VAL I 425 36.90 -49.26 65.00
CA VAL I 425 37.49 -50.57 65.00
C VAL I 425 37.20 -51.18 63.64
N VAL I 426 35.95 -51.07 63.11
CA VAL I 426 35.62 -51.74 61.88
C VAL I 426 36.39 -51.18 60.69
N TRP I 427 36.68 -49.86 60.68
CA TRP I 427 37.48 -49.32 59.59
C TRP I 427 38.88 -49.83 59.76
N ALA I 428 39.42 -49.97 60.99
CA ALA I 428 40.77 -50.44 61.17
C ALA I 428 40.85 -51.85 60.69
N ILE I 429 39.81 -52.68 60.96
CA ILE I 429 39.85 -54.07 60.59
C ILE I 429 39.77 -54.00 59.08
N ARG I 430 38.97 -53.09 58.52
CA ARG I 430 38.85 -53.01 57.09
C ARG I 430 40.18 -52.67 56.48
N ASP I 431 40.96 -51.81 57.15
CA ASP I 431 42.20 -51.39 56.59
C ASP I 431 43.10 -52.57 56.40
N GLY I 432 43.16 -53.43 57.43
CA GLY I 432 43.99 -54.61 57.40
C GLY I 432 43.48 -55.52 56.33
N ARG I 433 42.15 -55.58 56.18
CA ARG I 433 41.51 -56.41 55.21
C ARG I 433 41.99 -56.05 53.85
N ASP I 434 41.89 -54.75 53.52
CA ASP I 434 42.27 -54.33 52.21
C ASP I 434 43.73 -54.51 51.97
N ALA I 435 44.54 -54.25 53.02
CA ALA I 435 45.97 -54.35 52.88
C ALA I 435 46.34 -55.76 52.53
N ALA I 436 45.70 -56.76 53.18
CA ALA I 436 46.11 -58.13 53.05
C ALA I 436 46.10 -58.54 51.62
N GLU I 437 45.09 -58.12 50.83
CA GLU I 437 45.06 -58.54 49.47
C GLU I 437 46.27 -58.02 48.73
N GLY I 438 46.62 -56.75 48.96
CA GLY I 438 47.74 -56.11 48.31
C GLY I 438 49.05 -56.69 48.75
N ILE I 439 49.20 -57.06 50.05
CA ILE I 439 50.49 -57.56 50.47
C ILE I 439 50.52 -58.83 49.69
N HIS I 440 49.39 -59.54 49.60
CA HIS I 440 49.34 -60.80 48.92
C HIS I 440 49.77 -60.64 47.50
N ALA I 441 49.27 -59.60 46.82
CA ALA I 441 49.64 -59.44 45.44
C ALA I 441 51.12 -59.25 45.36
N TYR I 442 51.69 -58.45 46.26
CA TYR I 442 53.09 -58.14 46.24
C TYR I 442 53.92 -59.38 46.46
N ALA I 443 53.60 -60.16 47.51
CA ALA I 443 54.40 -61.32 47.81
C ALA I 443 54.33 -62.31 46.69
N LYS I 444 53.12 -62.55 46.15
CA LYS I 444 52.96 -63.53 45.12
C LYS I 444 53.76 -63.16 43.93
N ALA I 445 53.87 -61.85 43.65
CA ALA I 445 54.65 -61.40 42.55
C ALA I 445 56.05 -61.86 42.80
N LYS I 446 56.49 -61.79 44.07
CA LYS I 446 57.82 -62.22 44.40
C LYS I 446 57.95 -63.67 44.03
N ALA I 447 56.89 -64.43 44.31
CA ALA I 447 56.74 -65.84 44.01
C ALA I 447 56.73 -66.00 42.52
N GLU I 448 56.39 -64.92 41.78
CA GLU I 448 56.23 -64.96 40.36
C GLU I 448 54.94 -65.64 40.03
N ALA I 449 53.94 -65.45 40.92
CA ALA I 449 52.64 -65.98 40.65
C ALA I 449 51.64 -64.86 40.66
N PRO I 450 50.83 -64.87 39.63
CA PRO I 450 49.76 -63.92 39.56
C PRO I 450 48.57 -63.91 40.47
N VAL I 451 47.87 -62.77 40.64
CA VAL I 451 46.69 -62.74 41.45
C VAL I 451 45.72 -62.16 40.47
N ALA I 452 44.42 -62.55 40.56
CA ALA I 452 43.60 -62.14 39.47
C ALA I 452 43.47 -60.65 39.38
N VAL I 453 42.68 -60.02 40.27
CA VAL I 453 42.41 -58.61 40.12
C VAL I 453 41.24 -58.51 41.03
N ALA I 454 40.28 -59.42 40.80
CA ALA I 454 39.05 -59.45 41.52
C ALA I 454 39.37 -59.60 42.97
N ALA I 455 40.38 -60.42 43.31
CA ALA I 455 40.71 -60.60 44.69
C ALA I 455 39.62 -61.41 45.29
N GLU I 456 40.00 -62.35 46.18
CA GLU I 456 38.98 -63.19 46.73
C GLU I 456 39.88 -64.12 47.54
N GLN J 1 4.80 81.64 -68.93
CA GLN J 1 4.13 82.88 -68.63
C GLN J 1 2.78 82.94 -69.30
N ASP J 2 1.69 82.68 -68.53
CA ASP J 2 0.31 82.62 -69.00
C ASP J 2 -0.54 81.58 -68.25
N PHE J 3 -1.90 81.75 -68.11
CA PHE J 3 -2.65 80.88 -67.21
C PHE J 3 -3.66 79.95 -67.84
N ALA J 4 -3.21 78.86 -68.52
CA ALA J 4 -4.11 77.90 -69.10
C ALA J 4 -4.47 76.88 -68.05
N GLU J 5 -5.59 76.15 -68.24
CA GLU J 5 -6.03 75.15 -67.29
C GLU J 5 -5.04 74.03 -67.26
N ILE J 6 -4.21 73.99 -66.20
CA ILE J 6 -3.15 73.05 -65.96
C ILE J 6 -3.82 71.79 -65.45
N TYR J 7 -4.98 71.84 -64.75
CA TYR J 7 -5.58 70.66 -64.17
C TYR J 7 -5.62 69.48 -65.10
N ALA J 8 -5.07 68.36 -64.59
CA ALA J 8 -5.09 67.09 -65.26
C ALA J 8 -6.50 66.56 -65.26
N ARG J 9 -7.23 66.81 -64.17
CA ARG J 9 -8.54 66.29 -63.89
C ARG J 9 -9.61 66.76 -64.83
N PHE J 10 -9.49 67.99 -65.37
CA PHE J 10 -10.52 68.58 -66.18
C PHE J 10 -10.94 67.64 -67.26
N SER J 11 -12.27 67.56 -67.49
CA SER J 11 -12.78 66.68 -68.48
C SER J 11 -13.64 67.41 -69.43
N ASP J 12 -13.61 66.93 -70.70
CA ASP J 12 -14.44 67.39 -71.76
C ASP J 12 -15.66 66.50 -71.67
N GLU J 13 -16.54 66.52 -72.67
CA GLU J 13 -17.72 65.70 -72.70
C GLU J 13 -17.31 64.25 -72.58
N ARG J 14 -16.02 63.99 -72.85
CA ARG J 14 -15.36 62.72 -72.81
C ARG J 14 -15.55 62.13 -71.43
N ALA J 15 -15.98 62.96 -70.45
CA ALA J 15 -16.26 62.62 -69.07
C ALA J 15 -17.22 61.46 -69.10
N ASN J 16 -17.98 61.34 -70.20
CA ASN J 16 -18.90 60.27 -70.37
C ASN J 16 -18.17 58.97 -70.23
N GLU J 17 -16.92 58.90 -70.75
CA GLU J 17 -16.19 57.67 -70.72
C GLU J 17 -15.99 57.24 -69.29
N GLN J 18 -15.51 58.15 -68.42
CA GLN J 18 -15.29 57.76 -67.07
C GLN J 18 -16.54 57.51 -66.30
N ALA J 19 -17.62 58.22 -66.65
CA ALA J 19 -18.85 58.06 -65.94
C ALA J 19 -19.31 56.64 -66.06
N ASN J 20 -19.16 56.05 -67.26
CA ASN J 20 -19.57 54.70 -67.51
C ASN J 20 -18.71 53.79 -66.68
N ARG J 21 -17.43 54.14 -66.53
CA ARG J 21 -16.44 53.35 -65.83
C ARG J 21 -16.79 53.19 -64.37
N CYS J 22 -17.37 54.23 -63.76
CA CYS J 22 -17.70 54.20 -62.36
C CYS J 22 -18.60 53.03 -62.08
N SER J 23 -18.29 52.29 -61.00
CA SER J 23 -19.04 51.13 -60.60
C SER J 23 -20.38 51.51 -60.03
N GLN J 24 -20.56 52.78 -59.64
CA GLN J 24 -21.80 53.22 -59.09
C GLN J 24 -22.21 52.34 -57.96
N CYS J 25 -21.30 52.20 -57.01
CA CYS J 25 -21.20 51.31 -55.91
C CYS J 25 -22.19 51.66 -54.82
N GLY J 26 -22.63 50.62 -54.08
CA GLY J 26 -23.57 50.84 -53.02
C GLY J 26 -22.79 51.29 -51.83
N VAL J 27 -23.45 52.12 -50.97
CA VAL J 27 -22.94 52.71 -49.74
C VAL J 27 -21.55 53.10 -50.10
N PRO J 28 -21.43 53.80 -51.18
CA PRO J 28 -20.14 54.12 -51.73
C PRO J 28 -19.26 54.78 -50.71
N PHE J 29 -17.98 54.36 -50.70
CA PHE J 29 -16.94 54.83 -49.84
C PHE J 29 -16.64 56.25 -50.18
N CYS J 30 -16.72 56.60 -51.46
CA CYS J 30 -16.35 57.90 -51.89
C CYS J 30 -17.23 58.94 -51.26
N GLN J 31 -18.55 58.67 -51.21
CA GLN J 31 -19.40 59.65 -50.60
C GLN J 31 -19.15 59.79 -49.13
N VAL J 32 -18.87 58.67 -48.45
CA VAL J 32 -18.69 58.69 -47.04
C VAL J 32 -17.48 59.56 -46.83
N HIS J 33 -16.48 59.47 -47.74
CA HIS J 33 -15.25 60.19 -47.64
C HIS J 33 -15.33 61.67 -48.01
N CYS J 34 -16.48 62.09 -48.56
CA CYS J 34 -16.70 63.45 -48.96
C CYS J 34 -17.22 64.25 -47.79
N PRO J 35 -16.63 65.39 -47.53
CA PRO J 35 -17.05 66.23 -46.45
C PRO J 35 -18.47 66.71 -46.40
N VAL J 36 -19.01 67.06 -47.58
CA VAL J 36 -20.36 67.55 -47.76
C VAL J 36 -21.25 66.33 -47.93
N SER J 37 -20.68 65.10 -48.05
CA SER J 37 -21.45 63.89 -48.22
C SER J 37 -22.28 63.87 -49.49
N ASN J 38 -21.66 64.28 -50.62
CA ASN J 38 -22.32 64.29 -51.89
C ASN J 38 -22.63 62.89 -52.34
N ASN J 39 -23.79 62.74 -53.01
CA ASN J 39 -24.20 61.47 -53.51
C ASN J 39 -23.52 61.25 -54.84
N ILE J 40 -22.25 60.83 -54.76
CA ILE J 40 -21.43 60.65 -55.93
C ILE J 40 -22.01 59.52 -56.79
N PRO J 41 -22.47 58.34 -56.34
CA PRO J 41 -22.95 57.35 -57.26
C PRO J 41 -24.04 57.88 -58.14
N ASP J 42 -24.99 58.62 -57.56
CA ASP J 42 -26.10 59.11 -58.32
C ASP J 42 -25.74 60.20 -59.28
N TRP J 43 -24.88 61.15 -58.89
CA TRP J 43 -24.61 62.20 -59.84
C TRP J 43 -23.84 61.63 -61.00
N LEU J 44 -22.95 60.65 -60.74
CA LEU J 44 -22.13 60.04 -61.74
C LEU J 44 -22.98 59.20 -62.67
N LYS J 45 -23.98 58.53 -62.11
CA LYS J 45 -24.83 57.70 -62.91
C LYS J 45 -25.51 58.58 -63.88
N LEU J 46 -25.87 59.76 -63.37
CA LEU J 46 -26.56 60.70 -64.15
C LEU J 46 -25.76 61.12 -65.35
N THR J 47 -24.47 61.46 -65.14
CA THR J 47 -23.70 61.98 -66.24
C THR J 47 -23.62 60.84 -67.20
N SER J 48 -23.54 59.60 -66.69
CA SER J 48 -23.44 58.48 -67.59
C SER J 48 -24.62 58.50 -68.51
N GLU J 49 -25.81 58.82 -67.97
CA GLU J 49 -26.99 58.91 -68.81
C GLU J 49 -26.90 60.11 -69.70
N GLY J 50 -26.15 61.14 -69.27
CA GLY J 50 -26.05 62.29 -70.12
C GLY J 50 -26.99 63.34 -69.63
N ARG J 51 -27.60 63.15 -68.45
CA ARG J 51 -28.49 64.21 -68.07
C ARG J 51 -27.81 65.12 -67.10
N LEU J 52 -26.95 66.00 -67.62
CA LEU J 52 -26.08 66.80 -66.81
C LEU J 52 -26.84 67.60 -65.79
N GLU J 53 -28.07 68.02 -66.12
CA GLU J 53 -28.79 68.80 -65.14
C GLU J 53 -28.99 68.01 -63.87
N GLU J 54 -29.34 66.72 -64.00
CA GLU J 54 -29.61 65.92 -62.84
C GLU J 54 -28.40 65.82 -61.96
N ALA J 55 -27.21 65.59 -62.54
CA ALA J 55 -26.06 65.45 -61.69
C ALA J 55 -25.75 66.74 -61.01
N TYR J 56 -25.92 67.86 -61.74
CA TYR J 56 -25.63 69.17 -61.21
C TYR J 56 -26.50 69.43 -60.03
N GLU J 57 -27.80 69.07 -60.12
CA GLU J 57 -28.70 69.31 -59.03
C GLU J 57 -28.26 68.54 -57.82
N VAL J 58 -27.81 67.29 -58.02
CA VAL J 58 -27.45 66.43 -56.93
C VAL J 58 -26.24 67.09 -56.30
N SER J 59 -25.29 67.57 -57.12
CA SER J 59 -24.08 68.15 -56.57
C SER J 59 -24.35 69.36 -55.74
N GLN J 60 -25.16 70.29 -56.27
CA GLN J 60 -25.44 71.56 -55.64
C GLN J 60 -26.20 71.36 -54.37
N ALA J 61 -27.05 70.32 -54.30
CA ALA J 61 -27.85 70.19 -53.13
C ALA J 61 -26.94 70.05 -51.94
N THR J 62 -25.91 69.17 -52.02
CA THR J 62 -25.01 68.93 -50.92
C THR J 62 -24.01 70.06 -50.86
N ASN J 63 -23.41 70.50 -51.99
CA ASN J 63 -22.55 71.63 -51.81
C ASN J 63 -22.82 72.74 -52.77
N ASN J 64 -22.98 73.94 -52.22
CA ASN J 64 -23.32 75.16 -52.88
C ASN J 64 -22.25 75.58 -53.83
N PHE J 65 -20.99 75.17 -53.53
CA PHE J 65 -19.89 75.50 -54.38
C PHE J 65 -19.43 74.26 -55.08
N PRO J 66 -20.31 73.51 -55.70
CA PRO J 66 -19.96 72.27 -56.31
C PRO J 66 -18.92 72.44 -57.38
N GLU J 67 -18.98 73.56 -58.12
CA GLU J 67 -18.09 73.83 -59.22
C GLU J 67 -16.67 73.89 -58.75
N ILE J 68 -16.47 74.77 -57.74
CA ILE J 68 -15.15 75.14 -57.32
C ILE J 68 -14.61 73.89 -56.71
N CYS J 69 -15.39 73.15 -55.92
CA CYS J 69 -14.85 72.00 -55.25
C CYS J 69 -14.43 70.95 -56.24
N GLY J 70 -15.20 70.78 -57.32
CA GLY J 70 -14.85 69.77 -58.29
C GLY J 70 -13.47 70.06 -58.79
N ARG J 71 -13.17 71.35 -59.05
CA ARG J 71 -11.87 71.69 -59.55
C ARG J 71 -10.74 71.60 -58.54
N ILE J 72 -10.99 72.14 -57.34
CA ILE J 72 -10.06 72.24 -56.24
C ILE J 72 -9.85 71.15 -55.21
N CYS J 73 -10.88 70.34 -54.92
CA CYS J 73 -10.80 69.40 -53.82
C CYS J 73 -9.63 68.47 -53.97
N PRO J 74 -8.86 68.29 -52.91
CA PRO J 74 -7.78 67.36 -52.85
C PRO J 74 -8.46 66.05 -52.71
N GLN J 75 -8.90 65.46 -53.82
CA GLN J 75 -9.70 64.28 -53.87
C GLN J 75 -9.01 63.09 -53.26
N ASP J 76 -7.68 62.94 -53.49
CA ASP J 76 -7.00 61.77 -53.00
C ASP J 76 -7.11 61.69 -51.52
N ARG J 77 -7.11 62.84 -50.85
CA ARG J 77 -7.25 62.93 -49.44
C ARG J 77 -8.67 62.72 -49.05
N LEU J 78 -9.60 62.93 -50.00
CA LEU J 78 -11.02 63.01 -49.80
C LEU J 78 -11.77 61.85 -50.42
N CYS J 79 -12.81 62.14 -51.22
CA CYS J 79 -13.67 61.12 -51.75
C CYS J 79 -12.96 60.09 -52.58
N GLU J 80 -12.04 60.51 -53.48
CA GLU J 80 -11.40 59.53 -54.31
C GLU J 80 -10.53 58.62 -53.51
N GLY J 81 -10.09 59.07 -52.33
CA GLY J 81 -9.22 58.29 -51.50
C GLY J 81 -9.90 56.99 -51.20
N ASN J 82 -11.23 56.95 -51.03
CA ASN J 82 -11.76 55.64 -50.75
C ASN J 82 -12.47 55.08 -51.92
N CYS J 83 -12.09 55.49 -53.15
CA CYS J 83 -12.73 54.94 -54.31
C CYS J 83 -12.33 53.51 -54.48
N VAL J 84 -13.31 52.62 -54.71
CA VAL J 84 -13.09 51.20 -54.75
C VAL J 84 -12.26 50.88 -55.97
N ILE J 85 -12.43 51.57 -57.10
CA ILE J 85 -11.83 51.17 -58.36
C ILE J 85 -10.34 51.33 -58.20
N GLU J 86 -9.85 52.04 -57.17
CA GLU J 86 -8.43 52.22 -57.05
C GLU J 86 -7.73 50.89 -57.08
N GLN J 87 -8.42 49.81 -56.65
CA GLN J 87 -7.82 48.52 -56.69
C GLN J 87 -7.49 48.12 -58.10
N SER J 88 -8.27 48.61 -59.09
CA SER J 88 -8.11 48.28 -60.49
C SER J 88 -6.93 48.97 -61.12
N THR J 89 -6.61 48.49 -62.34
CA THR J 89 -5.51 48.91 -63.18
C THR J 89 -5.81 50.34 -63.50
N HIS J 90 -7.06 50.62 -63.90
CA HIS J 90 -7.37 51.93 -64.35
C HIS J 90 -7.16 52.91 -63.25
N GLY J 91 -7.50 52.53 -62.02
CA GLY J 91 -7.31 53.47 -60.95
C GLY J 91 -8.64 54.07 -60.62
N ALA J 92 -8.64 54.95 -59.60
CA ALA J 92 -9.81 55.57 -59.09
C ALA J 92 -10.42 56.46 -60.13
N VAL J 93 -11.72 56.75 -59.96
CA VAL J 93 -12.48 57.54 -60.89
C VAL J 93 -12.11 58.93 -60.51
N THR J 94 -12.10 59.86 -61.49
CA THR J 94 -11.76 61.18 -61.08
C THR J 94 -13.12 61.75 -60.82
N ILE J 95 -13.55 61.69 -59.55
CA ILE J 95 -14.85 62.19 -59.19
C ILE J 95 -14.79 63.69 -59.32
N GLY J 96 -13.66 64.34 -58.99
CA GLY J 96 -13.62 65.77 -59.04
C GLY J 96 -13.91 66.25 -60.42
N SER J 97 -13.33 65.58 -61.43
CA SER J 97 -13.46 65.96 -62.80
C SER J 97 -14.89 65.85 -63.26
N VAL J 98 -15.58 64.75 -62.86
CA VAL J 98 -16.92 64.55 -63.36
C VAL J 98 -17.72 65.63 -62.70
N GLU J 99 -17.45 65.96 -61.43
CA GLU J 99 -18.21 66.99 -60.75
C GLU J 99 -18.01 68.30 -61.46
N LYS J 100 -16.79 68.59 -61.94
CA LYS J 100 -16.59 69.84 -62.63
C LYS J 100 -17.42 69.88 -63.87
N TYR J 101 -17.37 68.77 -64.65
CA TYR J 101 -17.98 68.77 -65.95
C TYR J 101 -19.46 68.98 -65.87
N ILE J 102 -20.13 68.25 -64.96
CA ILE J 102 -21.55 68.23 -64.87
C ILE J 102 -21.92 69.64 -64.47
N ASN J 103 -21.15 70.20 -63.54
CA ASN J 103 -21.37 71.54 -63.05
C ASN J 103 -21.22 72.53 -64.16
N ASP J 104 -20.22 72.34 -65.03
CA ASP J 104 -19.95 73.30 -66.07
C ASP J 104 -21.09 73.39 -67.03
N THR J 105 -21.71 72.23 -67.38
CA THR J 105 -22.75 72.27 -68.38
C THR J 105 -23.86 73.04 -67.74
N ALA J 106 -24.10 72.82 -66.43
CA ALA J 106 -25.19 73.47 -65.77
C ALA J 106 -24.99 74.95 -65.87
N TRP J 107 -23.72 75.40 -65.74
CA TRP J 107 -23.43 76.80 -65.82
C TRP J 107 -23.91 77.29 -67.15
N ASP J 108 -23.62 76.52 -68.21
CA ASP J 108 -23.93 76.91 -69.54
C ASP J 108 -25.40 77.13 -69.68
N GLN J 109 -26.20 76.27 -69.01
CA GLN J 109 -27.63 76.34 -69.15
C GLN J 109 -28.15 77.67 -68.69
N GLY J 110 -27.62 78.21 -67.58
CA GLY J 110 -28.06 79.51 -67.16
C GLY J 110 -29.35 79.41 -66.42
N TRP J 111 -29.60 78.28 -65.73
CA TRP J 111 -30.81 78.16 -64.95
C TRP J 111 -30.53 78.89 -63.68
N VAL J 112 -31.60 79.40 -63.03
CA VAL J 112 -31.51 80.17 -61.82
C VAL J 112 -31.98 79.20 -60.77
N LYS J 113 -31.57 79.40 -59.49
CA LYS J 113 -31.95 78.45 -58.47
C LYS J 113 -33.05 78.98 -57.57
N PRO J 114 -34.24 78.47 -57.74
CA PRO J 114 -35.34 78.90 -56.91
C PRO J 114 -35.46 78.70 -55.43
N ARG J 115 -36.30 79.52 -54.75
CA ARG J 115 -36.43 79.35 -53.33
C ARG J 115 -37.52 78.40 -52.95
N THR J 116 -37.36 77.76 -51.77
CA THR J 116 -38.35 76.86 -51.29
C THR J 116 -39.33 77.84 -50.67
N PRO J 117 -40.57 77.43 -50.56
CA PRO J 117 -41.63 78.32 -50.15
C PRO J 117 -41.41 79.15 -48.90
N SER J 118 -41.20 78.58 -47.68
CA SER J 118 -41.15 79.52 -46.58
C SER J 118 -40.78 78.87 -45.26
N ARG J 119 -40.41 79.70 -44.25
CA ARG J 119 -39.99 79.27 -42.92
C ARG J 119 -39.90 80.50 -42.02
N GLU J 120 -39.51 80.37 -40.70
CA GLU J 120 -39.32 81.52 -39.83
C GLU J 120 -38.49 82.46 -40.61
N LEU J 121 -39.16 83.54 -41.03
CA LEU J 121 -38.69 84.37 -42.09
C LEU J 121 -37.38 85.01 -41.93
N GLY J 122 -37.12 85.65 -40.80
CA GLY J 122 -35.80 86.12 -40.86
C GLY J 122 -35.65 87.45 -40.29
N LEU J 123 -35.11 87.42 -39.06
CA LEU J 123 -34.66 88.62 -38.49
C LEU J 123 -33.34 88.83 -39.16
N SER J 124 -32.75 90.03 -39.17
CA SER J 124 -31.54 90.19 -39.91
C SER J 124 -30.48 89.25 -39.43
N VAL J 125 -29.74 88.64 -40.39
CA VAL J 125 -28.68 87.76 -40.01
C VAL J 125 -27.52 88.37 -40.76
N GLY J 126 -26.33 88.33 -40.13
CA GLY J 126 -25.18 88.91 -40.76
C GLY J 126 -24.10 87.87 -40.81
N VAL J 127 -23.27 87.92 -41.88
CA VAL J 127 -22.20 86.96 -42.01
C VAL J 127 -21.05 87.86 -42.34
N ILE J 128 -19.83 87.51 -41.87
CA ILE J 128 -18.72 88.40 -42.10
C ILE J 128 -17.78 87.57 -42.95
N GLY J 129 -17.38 88.13 -44.11
CA GLY J 129 -16.47 87.49 -45.02
C GLY J 129 -17.27 86.74 -46.05
N ALA J 130 -17.02 87.04 -47.34
CA ALA J 130 -17.58 86.52 -48.57
C ALA J 130 -16.96 85.24 -49.06
N GLY J 131 -16.32 84.41 -48.21
CA GLY J 131 -15.67 83.21 -48.73
C GLY J 131 -16.57 82.01 -48.74
N PRO J 132 -16.03 80.82 -48.96
CA PRO J 132 -16.78 79.61 -49.04
C PRO J 132 -17.67 79.33 -47.88
N ALA J 133 -17.16 79.60 -46.66
CA ALA J 133 -17.88 79.30 -45.46
C ALA J 133 -19.15 80.11 -45.39
N GLY J 134 -19.06 81.44 -45.58
CA GLY J 134 -20.21 82.30 -45.50
C GLY J 134 -21.15 82.05 -46.63
N LEU J 135 -20.61 81.83 -47.83
CA LEU J 135 -21.49 81.64 -48.96
C LEU J 135 -22.32 80.42 -48.74
N ALA J 136 -21.71 79.34 -48.23
CA ALA J 136 -22.43 78.12 -48.00
C ALA J 136 -23.45 78.34 -46.92
N ALA J 137 -23.04 79.00 -45.81
CA ALA J 137 -23.95 79.19 -44.71
C ALA J 137 -25.09 80.03 -45.17
N ALA J 138 -24.81 81.11 -45.92
CA ALA J 138 -25.83 82.02 -46.36
C ALA J 138 -26.78 81.30 -47.28
N GLU J 139 -26.26 80.46 -48.20
CA GLU J 139 -27.20 79.87 -49.10
C GLU J 139 -28.12 78.90 -48.45
N GLU J 140 -27.63 78.11 -47.47
CA GLU J 140 -28.48 77.17 -46.80
C GLU J 140 -29.52 77.90 -46.01
N LEU J 141 -29.12 79.00 -45.36
CA LEU J 141 -30.03 79.77 -44.58
C LEU J 141 -31.10 80.31 -45.47
N ARG J 142 -30.71 80.79 -46.66
CA ARG J 142 -31.70 81.34 -47.54
C ARG J 142 -32.64 80.27 -47.97
N ALA J 143 -32.13 79.05 -48.12
CA ALA J 143 -32.98 77.95 -48.50
C ALA J 143 -34.02 77.88 -47.43
N LYS J 144 -33.61 78.08 -46.17
CA LYS J 144 -34.53 78.07 -45.07
C LYS J 144 -35.51 79.20 -45.23
N GLY J 145 -35.14 80.32 -45.91
CA GLY J 145 -36.11 81.37 -46.05
C GLY J 145 -35.83 82.54 -45.15
N TYR J 146 -34.55 82.94 -44.97
CA TYR J 146 -34.20 84.06 -44.12
C TYR J 146 -33.62 85.18 -44.96
N GLU J 147 -33.61 86.43 -44.41
CA GLU J 147 -33.03 87.62 -45.01
C GLU J 147 -31.64 87.77 -44.47
N VAL J 148 -30.60 87.81 -45.34
CA VAL J 148 -29.28 87.73 -44.78
C VAL J 148 -28.43 88.65 -45.61
N HIS J 149 -27.37 89.22 -44.96
CA HIS J 149 -26.41 90.07 -45.60
C HIS J 149 -25.02 89.63 -45.28
N VAL J 150 -24.09 89.64 -46.27
CA VAL J 150 -22.76 89.20 -45.99
C VAL J 150 -21.98 90.47 -46.15
N TYR J 151 -21.11 90.77 -45.16
CA TYR J 151 -20.31 91.95 -45.21
C TYR J 151 -18.91 91.51 -45.55
N ASP J 152 -18.39 92.02 -46.68
CA ASP J 152 -17.10 91.63 -47.20
C ASP J 152 -16.15 92.81 -47.16
N ARG J 153 -14.93 92.58 -46.62
CA ARG J 153 -13.94 93.62 -46.51
C ARG J 153 -13.49 94.14 -47.85
N TYR J 154 -13.16 93.24 -48.79
CA TYR J 154 -12.64 93.55 -50.11
C TYR J 154 -13.72 93.91 -51.10
N ASP J 155 -13.29 94.50 -52.23
CA ASP J 155 -14.17 94.83 -53.32
C ASP J 155 -14.66 93.58 -53.99
N ARG J 156 -13.81 92.53 -54.04
CA ARG J 156 -14.09 91.29 -54.70
C ARG J 156 -14.72 90.31 -53.74
N MET J 157 -15.43 89.28 -54.29
CA MET J 157 -16.08 88.29 -53.47
C MET J 157 -15.53 86.92 -53.80
N GLY J 158 -15.72 85.94 -52.90
CA GLY J 158 -15.25 84.60 -53.20
C GLY J 158 -14.17 84.15 -52.28
N GLY J 159 -13.54 85.06 -51.51
CA GLY J 159 -12.53 84.63 -50.59
C GLY J 159 -11.31 84.19 -51.33
N LEU J 160 -10.64 83.15 -50.80
CA LEU J 160 -9.38 82.65 -51.32
C LEU J 160 -9.54 82.13 -52.70
N LEU J 161 -10.74 81.61 -52.98
CA LEU J 161 -11.08 81.08 -54.27
C LEU J 161 -10.78 82.15 -55.28
N VAL J 162 -11.17 83.41 -54.99
CA VAL J 162 -10.92 84.47 -55.94
C VAL J 162 -9.51 85.00 -55.81
N TYR J 163 -9.11 85.35 -54.58
CA TYR J 163 -7.90 86.08 -54.27
C TYR J 163 -6.66 85.30 -54.62
N GLY J 164 -6.48 84.14 -53.97
CA GLY J 164 -5.29 83.33 -54.13
C GLY J 164 -5.23 82.14 -55.07
N ILE J 165 -6.28 81.29 -55.14
CA ILE J 165 -6.11 80.07 -55.90
C ILE J 165 -6.06 80.56 -57.32
N PRO J 166 -5.04 80.09 -58.01
CA PRO J 166 -4.67 80.49 -59.35
C PRO J 166 -5.75 80.19 -60.35
N GLY J 167 -5.84 81.05 -61.38
CA GLY J 167 -6.81 81.02 -62.45
C GLY J 167 -6.63 79.77 -63.23
N PHE J 168 -5.38 79.30 -63.36
CA PHE J 168 -5.14 78.13 -64.13
C PHE J 168 -5.80 76.94 -63.49
N LYS J 169 -5.85 76.91 -62.14
CA LYS J 169 -6.56 75.88 -61.42
C LYS J 169 -8.04 76.15 -61.27
N LEU J 170 -8.40 77.41 -60.99
CA LEU J 170 -9.71 77.87 -60.63
C LEU J 170 -10.12 79.05 -61.47
N GLU J 171 -10.91 78.87 -62.54
CA GLU J 171 -11.27 80.03 -63.31
C GLU J 171 -12.22 80.87 -62.51
N LYS J 172 -12.08 82.21 -62.63
CA LYS J 172 -12.83 83.19 -61.91
C LYS J 172 -14.30 83.09 -62.24
N SER J 173 -14.64 82.79 -63.50
CA SER J 173 -16.03 82.76 -63.85
C SER J 173 -16.75 81.76 -62.99
N VAL J 174 -16.02 80.76 -62.48
CA VAL J 174 -16.58 79.69 -61.72
C VAL J 174 -17.10 80.29 -60.44
N VAL J 175 -16.29 81.12 -59.75
CA VAL J 175 -16.69 81.57 -58.44
C VAL J 175 -17.85 82.47 -58.70
N GLU J 176 -17.83 83.24 -59.81
CA GLU J 176 -18.91 84.14 -60.09
C GLU J 176 -20.19 83.38 -60.28
N ARG J 177 -20.12 82.20 -60.93
CA ARG J 177 -21.36 81.51 -61.13
C ARG J 177 -21.99 81.15 -59.82
N ARG J 178 -21.21 80.63 -58.86
CA ARG J 178 -21.82 80.21 -57.63
C ARG J 178 -22.38 81.35 -56.85
N VAL J 179 -21.70 82.52 -56.87
CA VAL J 179 -22.16 83.60 -56.03
C VAL J 179 -23.48 83.99 -56.63
N LYS J 180 -23.62 84.01 -57.97
CA LYS J 180 -24.89 84.43 -58.54
C LYS J 180 -25.98 83.49 -58.15
N LEU J 181 -25.71 82.17 -58.09
CA LEU J 181 -26.77 81.28 -57.73
C LEU J 181 -27.24 81.61 -56.34
N LEU J 182 -26.29 81.93 -55.45
CA LEU J 182 -26.64 82.25 -54.10
C LEU J 182 -27.48 83.50 -54.06
N ALA J 183 -27.11 84.47 -54.91
CA ALA J 183 -27.74 85.76 -55.02
C ALA J 183 -29.16 85.60 -55.44
N ASP J 184 -29.46 84.57 -56.26
CA ASP J 184 -30.82 84.44 -56.70
C ASP J 184 -31.72 84.22 -55.52
N ALA J 185 -31.14 83.66 -54.46
CA ALA J 185 -31.74 83.39 -53.18
C ALA J 185 -32.10 84.70 -52.54
N GLY J 186 -31.37 85.79 -52.85
CA GLY J 186 -31.72 87.06 -52.28
C GLY J 186 -30.72 87.46 -51.24
N VAL J 187 -29.64 86.67 -51.11
CA VAL J 187 -28.63 86.97 -50.13
C VAL J 187 -28.06 88.25 -50.66
N ILE J 188 -27.65 89.18 -49.77
CA ILE J 188 -27.18 90.45 -50.26
C ILE J 188 -25.77 90.42 -49.76
N TYR J 189 -24.86 91.03 -50.56
CA TYR J 189 -23.46 91.11 -50.23
C TYR J 189 -23.07 92.55 -50.30
N HIS J 190 -22.36 93.07 -49.27
CA HIS J 190 -21.88 94.41 -49.46
C HIS J 190 -20.40 94.49 -49.22
N PRO J 191 -19.74 94.90 -50.26
CA PRO J 191 -18.30 94.99 -50.30
C PRO J 191 -17.34 95.82 -49.51
N ASN J 192 -17.67 96.96 -48.92
CA ASN J 192 -16.52 97.47 -48.24
C ASN J 192 -16.82 97.62 -46.79
N PHE J 193 -17.17 96.50 -46.15
CA PHE J 193 -17.43 96.51 -44.76
C PHE J 193 -16.52 95.52 -44.12
N GLU J 194 -15.96 95.90 -42.95
CA GLU J 194 -15.00 95.06 -42.30
C GLU J 194 -15.38 94.84 -40.87
N VAL J 195 -15.07 93.63 -40.36
CA VAL J 195 -15.33 93.34 -39.00
C VAL J 195 -14.10 93.91 -38.40
N GLY J 196 -14.27 95.01 -37.65
CA GLY J 196 -13.19 95.74 -37.08
C GLY J 196 -13.82 97.01 -36.56
N ARG J 197 -13.22 98.19 -36.84
CA ARG J 197 -13.73 99.43 -36.32
C ARG J 197 -15.11 99.65 -36.83
N ASP J 198 -15.32 99.38 -38.13
CA ASP J 198 -16.63 99.62 -38.64
C ASP J 198 -17.63 98.67 -38.07
N ALA J 199 -17.39 97.36 -38.18
CA ALA J 199 -18.41 96.47 -37.72
C ALA J 199 -17.84 95.68 -36.61
N SER J 200 -18.67 95.43 -35.59
CA SER J 200 -18.29 94.65 -34.45
C SER J 200 -19.47 93.84 -34.07
N LEU J 201 -19.24 92.78 -33.29
CA LEU J 201 -20.35 92.03 -32.82
C LEU J 201 -21.28 92.90 -31.99
N PRO J 202 -20.88 93.74 -31.05
CA PRO J 202 -21.84 94.55 -30.33
C PRO J 202 -22.58 95.45 -31.27
N GLU J 203 -21.95 95.96 -32.35
CA GLU J 203 -22.65 96.86 -33.23
C GLU J 203 -23.77 96.11 -33.87
N LEU J 204 -23.48 94.85 -34.26
CA LEU J 204 -24.47 94.00 -34.87
C LEU J 204 -25.55 93.71 -33.90
N ARG J 205 -25.19 93.60 -32.60
CA ARG J 205 -26.14 93.31 -31.58
C ARG J 205 -27.17 94.36 -31.68
N ARG J 206 -26.75 95.59 -32.03
CA ARG J 206 -27.79 96.53 -32.32
C ARG J 206 -28.52 95.95 -33.48
N LYS J 207 -29.74 95.45 -33.20
CA LYS J 207 -30.60 94.75 -34.12
C LYS J 207 -29.85 93.86 -35.06
N HIS J 208 -29.80 92.55 -34.73
CA HIS J 208 -29.26 91.46 -35.52
C HIS J 208 -29.46 90.20 -34.72
N VAL J 209 -30.18 89.20 -35.29
CA VAL J 209 -30.52 87.98 -34.60
C VAL J 209 -29.28 87.13 -34.50
N ALA J 210 -28.51 86.95 -35.60
CA ALA J 210 -27.42 86.01 -35.51
C ALA J 210 -26.30 86.44 -36.39
N VAL J 211 -25.08 85.90 -36.16
CA VAL J 211 -23.97 86.32 -36.98
C VAL J 211 -23.14 85.07 -37.16
N LEU J 212 -22.50 84.98 -38.35
CA LEU J 212 -21.60 83.91 -38.71
C LEU J 212 -20.26 84.52 -39.01
N VAL J 213 -19.15 84.02 -38.42
CA VAL J 213 -17.88 84.66 -38.67
C VAL J 213 -17.10 83.71 -39.56
N ALA J 214 -17.12 84.04 -40.85
CA ALA J 214 -16.51 83.59 -42.08
C ALA J 214 -15.19 84.23 -42.53
N THR J 215 -14.49 85.09 -41.77
CA THR J 215 -13.41 85.93 -42.31
C THR J 215 -12.13 85.16 -42.62
N GLY J 216 -11.97 83.88 -42.26
CA GLY J 216 -10.77 83.15 -42.62
C GLY J 216 -9.58 83.62 -41.81
N VAL J 217 -8.36 83.40 -42.36
CA VAL J 217 -7.12 83.78 -41.71
C VAL J 217 -6.57 84.83 -42.64
N TYR J 218 -6.81 86.11 -42.33
CA TYR J 218 -6.44 87.22 -43.16
C TYR J 218 -4.96 87.48 -43.31
N LYS J 219 -4.10 87.24 -42.29
CA LYS J 219 -2.71 87.61 -42.47
C LYS J 219 -1.78 86.42 -42.64
N ALA J 220 -0.48 86.71 -42.96
CA ALA J 220 0.54 85.71 -43.23
C ALA J 220 1.59 85.71 -42.13
N ARG J 221 2.49 84.67 -42.12
CA ARG J 221 3.54 84.46 -41.12
C ARG J 221 4.74 85.41 -41.31
N ASP J 222 5.46 85.72 -40.16
CA ASP J 222 6.48 86.67 -39.62
C ASP J 222 7.95 86.89 -40.08
N ILE J 223 8.86 85.89 -40.32
CA ILE J 223 10.33 86.08 -40.36
C ILE J 223 10.95 87.18 -41.20
N LYS J 224 10.31 87.56 -42.30
CA LYS J 224 10.83 88.53 -43.23
C LYS J 224 11.04 89.87 -42.61
N ALA J 225 10.29 90.27 -41.56
CA ALA J 225 10.63 91.52 -40.96
C ALA J 225 10.29 92.59 -41.96
N PRO J 226 10.43 93.88 -41.71
CA PRO J 226 10.13 94.83 -42.74
C PRO J 226 10.96 94.52 -43.94
N GLY J 227 10.32 93.97 -44.99
CA GLY J 227 10.97 93.70 -46.24
C GLY J 227 9.99 94.23 -47.21
N SER J 228 10.46 94.73 -48.37
CA SER J 228 9.50 95.33 -49.26
C SER J 228 9.44 94.58 -50.54
N GLY J 229 8.34 94.78 -51.28
CA GLY J 229 8.14 94.15 -52.55
C GLY J 229 9.17 94.65 -53.49
N LEU J 230 9.50 95.96 -53.38
CA LEU J 230 10.47 96.51 -54.26
C LEU J 230 11.75 95.79 -54.05
N GLY J 231 12.08 95.52 -52.78
CA GLY J 231 13.30 94.83 -52.52
C GLY J 231 13.21 93.48 -53.11
N ASN J 232 12.07 92.77 -52.89
CA ASN J 232 12.08 91.42 -53.36
C ASN J 232 11.02 90.56 -52.73
N ILE J 233 10.61 90.95 -51.52
CA ILE J 233 9.96 89.99 -50.70
C ILE J 233 8.51 90.23 -50.91
N VAL J 234 7.77 89.11 -50.93
CA VAL J 234 6.36 89.20 -51.07
C VAL J 234 5.91 88.00 -50.28
N ALA J 235 4.82 88.18 -49.50
CA ALA J 235 4.21 87.11 -48.77
C ALA J 235 3.21 86.55 -49.71
N ALA J 236 2.73 85.33 -49.45
CA ALA J 236 1.80 84.73 -50.34
C ALA J 236 0.61 85.63 -50.40
N LEU J 237 0.30 86.29 -49.27
CA LEU J 237 -0.81 87.18 -49.14
C LEU J 237 -0.71 88.29 -50.15
N ASP J 238 0.49 88.86 -50.33
CA ASP J 238 0.69 89.91 -51.29
C ASP J 238 0.70 89.43 -52.72
N TYR J 239 1.49 88.36 -53.00
CA TYR J 239 1.80 87.86 -54.31
C TYR J 239 0.64 87.26 -55.04
N LEU J 240 -0.10 86.36 -54.40
CA LEU J 240 -1.13 85.66 -55.11
C LEU J 240 -2.18 86.59 -55.63
N THR J 241 -2.58 87.57 -54.80
CA THR J 241 -3.65 88.45 -55.14
C THR J 241 -3.20 89.26 -56.33
N THR J 242 -1.93 89.70 -56.40
CA THR J 242 -1.60 90.61 -57.48
C THR J 242 -1.72 89.78 -58.73
N SER J 243 -1.29 88.51 -58.73
CA SER J 243 -1.39 87.72 -59.93
C SER J 243 -2.82 87.48 -60.27
N ASN J 244 -3.66 87.29 -59.24
CA ASN J 244 -5.06 87.03 -59.41
C ASN J 244 -5.73 88.19 -60.10
N LYS J 245 -5.42 89.41 -59.65
CA LYS J 245 -6.09 90.57 -60.19
C LYS J 245 -5.76 90.71 -61.64
N VAL J 246 -4.49 90.47 -62.04
CA VAL J 246 -4.15 90.71 -63.42
C VAL J 246 -4.78 89.61 -64.23
N SER J 247 -4.75 88.36 -63.73
CA SER J 247 -5.20 87.19 -64.44
C SER J 247 -6.70 87.00 -64.54
N LEU J 248 -7.50 87.44 -63.54
CA LEU J 248 -8.91 87.14 -63.64
C LEU J 248 -9.73 88.35 -63.92
N GLY J 249 -10.46 88.31 -65.06
CA GLY J 249 -11.16 89.45 -65.57
C GLY J 249 -12.28 89.96 -64.69
N ASP J 250 -13.19 89.13 -64.19
CA ASP J 250 -14.31 89.67 -63.46
C ASP J 250 -13.94 90.24 -62.13
N THR J 251 -12.79 89.82 -61.58
CA THR J 251 -12.45 90.06 -60.20
C THR J 251 -12.53 91.51 -59.90
N VAL J 252 -11.86 92.39 -60.67
CA VAL J 252 -11.87 93.77 -60.27
C VAL J 252 -12.25 94.49 -61.52
N GLU J 253 -12.89 95.66 -61.37
CA GLU J 253 -13.25 96.47 -62.50
C GLU J 253 -12.02 97.01 -63.14
N ALA J 254 -11.07 97.48 -62.29
CA ALA J 254 -9.88 98.09 -62.80
C ALA J 254 -9.05 97.04 -63.44
N TYR J 255 -8.40 97.41 -64.57
CA TYR J 255 -7.54 96.47 -65.20
C TYR J 255 -6.21 96.70 -64.57
N GLU J 256 -5.55 95.62 -64.12
CA GLU J 256 -4.28 95.85 -63.55
C GLU J 256 -3.35 96.11 -64.67
N ASN J 257 -3.24 97.41 -65.02
CA ASN J 257 -2.43 97.97 -66.06
C ASN J 257 -1.03 97.74 -65.68
N GLY J 258 -0.78 97.71 -64.35
CA GLY J 258 0.53 97.44 -63.87
C GLY J 258 0.88 96.14 -64.49
N SER J 259 -0.15 95.27 -64.63
CA SER J 259 0.02 94.04 -65.33
C SER J 259 0.49 93.03 -64.34
N LEU J 260 0.91 91.85 -64.79
CA LEU J 260 1.37 90.87 -63.87
C LEU J 260 2.64 91.33 -63.24
N ASN J 261 2.88 90.88 -61.99
CA ASN J 261 4.05 91.30 -61.30
C ASN J 261 5.24 90.85 -62.08
N ALA J 262 6.28 91.70 -62.13
CA ALA J 262 7.43 91.31 -62.88
C ALA J 262 8.31 90.54 -61.94
N ALA J 263 8.42 89.23 -62.18
CA ALA J 263 9.28 88.44 -61.36
C ALA J 263 10.36 87.95 -62.25
N GLY J 264 11.62 88.30 -61.93
CA GLY J 264 12.70 87.90 -62.79
C GLY J 264 13.79 87.31 -61.95
N LYS J 265 14.49 86.33 -62.55
CA LYS J 265 15.60 85.64 -61.96
C LYS J 265 15.12 84.54 -61.04
N HIS J 266 15.96 84.06 -60.10
CA HIS J 266 15.62 82.97 -59.24
C HIS J 266 14.62 83.37 -58.21
N VAL J 267 13.66 82.46 -57.93
CA VAL J 267 12.62 82.78 -56.99
C VAL J 267 12.71 81.70 -55.96
N VAL J 268 12.60 82.06 -54.67
CA VAL J 268 12.67 81.09 -53.62
C VAL J 268 11.29 81.15 -53.01
N VAL J 269 10.64 79.98 -52.86
CA VAL J 269 9.31 79.95 -52.32
C VAL J 269 9.49 79.11 -51.09
N LEU J 270 9.03 79.61 -49.92
CA LEU J 270 9.21 78.85 -48.72
C LEU J 270 7.89 78.34 -48.23
N GLY J 271 7.70 77.01 -48.22
CA GLY J 271 6.48 76.44 -47.74
C GLY J 271 6.27 75.08 -48.35
N GLY J 272 5.66 74.19 -47.55
CA GLY J 272 5.24 72.84 -47.83
C GLY J 272 3.87 72.67 -48.42
N GLY J 273 2.95 73.62 -48.15
CA GLY J 273 1.58 73.35 -48.47
C GLY J 273 1.17 73.85 -49.82
N ASP J 274 -0.16 73.93 -49.99
CA ASP J 274 -0.87 74.33 -51.17
C ASP J 274 -0.39 75.71 -51.54
N THR J 275 -0.22 76.57 -50.53
CA THR J 275 0.13 77.94 -50.79
C THR J 275 1.45 78.03 -51.51
N ALA J 276 2.47 77.28 -51.04
CA ALA J 276 3.78 77.34 -51.62
C ALA J 276 3.76 76.89 -53.05
N MET J 277 3.06 75.77 -53.32
CA MET J 277 3.07 75.22 -54.63
C MET J 277 2.36 76.14 -55.59
N ASP J 278 1.28 76.81 -55.15
CA ASP J 278 0.60 77.71 -56.05
C ASP J 278 1.45 78.90 -56.37
N CYS J 279 2.22 79.41 -55.39
CA CYS J 279 3.06 80.55 -55.62
C CYS J 279 4.19 80.16 -56.52
N VAL J 280 4.69 78.92 -56.43
CA VAL J 280 5.79 78.46 -57.25
C VAL J 280 5.27 78.50 -58.65
N ARG J 281 4.11 77.91 -58.92
CA ARG J 281 3.60 77.85 -60.26
C ARG J 281 3.27 79.23 -60.75
N THR J 282 2.71 80.11 -59.90
CA THR J 282 2.27 81.40 -60.40
C THR J 282 3.52 82.16 -60.76
N ALA J 283 4.64 81.93 -60.05
CA ALA J 283 5.83 82.71 -60.29
C ALA J 283 6.30 82.54 -61.70
N ILE J 284 6.22 81.32 -62.26
CA ILE J 284 6.75 81.06 -63.57
C ILE J 284 5.83 81.87 -64.46
N ARG J 285 4.56 82.01 -64.09
CA ARG J 285 3.59 82.73 -64.87
C ARG J 285 4.08 84.13 -65.08
N GLN J 286 4.71 84.71 -64.04
CA GLN J 286 5.16 86.07 -64.17
C GLN J 286 6.57 86.19 -64.65
N GLY J 287 7.10 85.15 -65.33
CA GLY J 287 8.40 85.29 -65.95
C GLY J 287 9.57 84.81 -65.14
N ALA J 288 9.38 84.09 -64.02
CA ALA J 288 10.51 83.67 -63.25
C ALA J 288 11.36 82.72 -64.06
N THR J 289 12.70 82.88 -63.99
CA THR J 289 13.61 82.04 -64.73
C THR J 289 13.65 80.72 -64.02
N SER J 290 13.74 80.72 -62.68
CA SER J 290 13.85 79.46 -61.96
C SER J 290 13.14 79.57 -60.66
N VAL J 291 12.59 78.44 -60.16
CA VAL J 291 11.85 78.54 -58.92
C VAL J 291 12.36 77.40 -58.08
N LYS J 292 12.62 77.71 -56.79
CA LYS J 292 13.10 76.73 -55.85
C LYS J 292 12.11 76.66 -54.73
N CYS J 293 11.66 75.43 -54.38
CA CYS J 293 10.75 75.36 -53.28
C CYS J 293 11.48 74.78 -52.11
N LEU J 294 11.62 75.57 -51.03
CA LEU J 294 12.41 75.15 -49.91
C LEU J 294 11.54 74.71 -48.79
N TYR J 295 11.84 73.52 -48.25
CA TYR J 295 11.03 72.98 -47.20
C TYR J 295 11.89 72.84 -45.98
N ARG J 296 11.31 73.20 -44.84
CA ARG J 296 12.01 72.97 -43.63
C ARG J 296 12.12 71.50 -43.44
N ARG J 297 10.99 70.82 -43.69
CA ARG J 297 10.90 69.43 -43.41
C ARG J 297 11.35 68.59 -44.57
N ASP J 298 11.20 67.26 -44.47
CA ASP J 298 11.62 66.29 -45.45
C ASP J 298 10.64 66.22 -46.60
N ARG J 299 11.08 65.66 -47.75
CA ARG J 299 10.28 65.50 -48.94
C ARG J 299 9.10 64.65 -48.67
N LYS J 300 9.29 63.60 -47.86
CA LYS J 300 8.24 62.69 -47.58
C LYS J 300 7.10 63.41 -46.98
N ASN J 301 7.37 64.38 -46.09
CA ASN J 301 6.24 65.00 -45.47
C ASN J 301 5.93 66.36 -46.00
N MET J 302 5.64 66.39 -47.31
CA MET J 302 5.17 67.56 -47.99
C MET J 302 3.72 67.68 -47.67
N PRO J 303 3.27 68.82 -47.22
CA PRO J 303 1.86 68.93 -46.97
C PRO J 303 0.80 68.79 -48.00
N GLY J 304 1.06 69.29 -49.23
CA GLY J 304 0.07 69.26 -50.26
C GLY J 304 -0.05 67.87 -50.78
N SER J 305 -1.23 67.54 -51.37
CA SER J 305 -1.40 66.22 -51.89
C SER J 305 -0.65 66.11 -53.18
N GLN J 306 -0.47 64.86 -53.65
CA GLN J 306 0.38 64.59 -54.78
C GLN J 306 -0.07 65.26 -56.03
N ARG J 307 -1.39 65.39 -56.25
CA ARG J 307 -1.77 66.04 -57.48
C ARG J 307 -1.26 67.43 -57.50
N GLU J 308 -1.37 68.18 -56.37
CA GLU J 308 -0.87 69.50 -56.62
C GLU J 308 0.62 69.58 -56.72
N VAL J 309 1.37 68.73 -55.98
CA VAL J 309 2.81 68.81 -55.99
C VAL J 309 3.16 68.47 -57.41
N ALA J 310 2.36 67.61 -58.06
CA ALA J 310 2.69 67.16 -59.39
C ALA J 310 2.77 68.34 -60.32
N HIS J 311 1.88 69.33 -60.17
CA HIS J 311 1.89 70.43 -61.08
C HIS J 311 3.19 71.17 -61.02
N ALA J 312 3.73 71.43 -59.82
CA ALA J 312 4.97 72.14 -59.68
C ALA J 312 6.08 71.33 -60.26
N GLU J 313 6.06 70.01 -60.03
CA GLU J 313 7.12 69.14 -60.47
C GLU J 313 7.24 69.10 -61.96
N GLU J 314 6.09 69.04 -62.66
CA GLU J 314 6.09 68.98 -64.10
C GLU J 314 6.70 70.23 -64.62
N GLU J 315 6.44 71.31 -63.88
CA GLU J 315 6.83 72.66 -64.12
C GLU J 315 8.33 72.80 -64.08
N GLY J 316 9.00 71.86 -63.39
CA GLY J 316 10.43 71.87 -63.32
C GLY J 316 10.90 72.70 -62.18
N VAL J 317 10.06 72.87 -61.13
CA VAL J 317 10.51 73.66 -60.02
C VAL J 317 11.37 72.70 -59.26
N GLU J 318 12.43 73.24 -58.63
CA GLU J 318 13.34 72.41 -57.90
C GLU J 318 12.98 72.42 -56.46
N PHE J 319 13.03 71.23 -55.83
CA PHE J 319 12.71 71.15 -54.44
C PHE J 319 14.00 70.86 -53.75
N ILE J 320 14.51 71.79 -52.93
CA ILE J 320 15.70 71.46 -52.19
C ILE J 320 14.96 70.90 -51.03
N TRP J 321 15.18 69.62 -50.70
CA TRP J 321 14.31 69.17 -49.68
C TRP J 321 14.94 68.02 -48.97
N GLN J 322 15.19 68.15 -47.65
CA GLN J 322 15.81 67.05 -46.99
C GLN J 322 15.67 67.12 -45.51
N ALA J 323 15.62 65.94 -44.87
CA ALA J 323 15.52 65.81 -43.45
C ALA J 323 14.22 66.37 -42.99
N ALA J 324 13.64 65.76 -41.94
CA ALA J 324 12.42 66.27 -41.43
C ALA J 324 12.73 67.64 -40.88
N PRO J 325 13.80 67.81 -40.18
CA PRO J 325 14.04 69.17 -39.84
C PRO J 325 14.35 70.24 -40.84
N GLU J 326 13.92 71.48 -40.52
CA GLU J 326 13.87 72.72 -41.27
C GLU J 326 15.08 73.12 -42.08
N GLY J 327 14.96 73.14 -43.44
CA GLY J 327 15.93 73.97 -44.10
C GLY J 327 15.30 75.21 -43.62
N PHE J 328 15.93 75.92 -42.67
CA PHE J 328 15.21 77.01 -42.09
C PHE J 328 15.88 78.27 -42.48
N THR J 329 15.07 79.29 -42.84
CA THR J 329 15.60 80.52 -43.33
C THR J 329 16.00 81.28 -42.10
N GLY J 330 17.32 81.57 -41.99
CA GLY J 330 17.82 82.43 -40.95
C GLY J 330 17.66 83.88 -41.29
N ASP J 331 18.08 84.28 -42.53
CA ASP J 331 18.13 85.68 -42.83
C ASP J 331 18.07 85.94 -44.30
N THR J 332 17.61 87.16 -44.68
CA THR J 332 17.54 87.52 -46.07
C THR J 332 18.56 88.60 -46.20
N VAL J 333 19.37 88.57 -47.29
CA VAL J 333 20.40 89.56 -47.39
C VAL J 333 19.94 90.42 -48.52
N VAL J 334 20.04 91.75 -48.34
CA VAL J 334 19.58 92.61 -49.39
C VAL J 334 20.76 93.49 -49.62
N THR J 335 21.10 93.69 -50.92
CA THR J 335 22.19 94.58 -51.25
C THR J 335 21.64 95.25 -52.47
N GLY J 336 21.92 96.55 -52.63
CA GLY J 336 21.47 97.22 -53.81
C GLY J 336 20.00 97.44 -53.72
N VAL J 337 19.44 97.35 -52.49
CA VAL J 337 18.05 97.62 -52.25
C VAL J 337 17.33 96.45 -52.92
N ARG J 338 18.04 95.34 -53.20
CA ARG J 338 17.37 94.20 -53.77
C ARG J 338 17.84 92.95 -53.09
N ALA J 339 16.95 91.94 -52.92
CA ALA J 339 17.37 90.73 -52.26
C ALA J 339 18.26 89.96 -53.19
N VAL J 340 19.49 89.67 -52.72
CA VAL J 340 20.46 88.89 -53.44
C VAL J 340 20.34 87.46 -52.99
N ARG J 341 20.07 87.19 -51.68
CA ARG J 341 20.18 85.82 -51.22
C ARG J 341 19.44 85.61 -49.94
N ILE J 342 19.26 84.33 -49.55
CA ILE J 342 18.60 84.05 -48.31
C ILE J 342 19.53 83.03 -47.71
N HIS J 343 19.78 83.18 -46.39
CA HIS J 343 20.64 82.34 -45.61
C HIS J 343 19.80 81.34 -44.87
N LEU J 344 20.17 80.04 -44.96
CA LEU J 344 19.46 79.01 -44.28
C LEU J 344 20.37 78.19 -43.45
N GLY J 345 19.78 77.43 -42.50
CA GLY J 345 20.51 76.51 -41.68
C GLY J 345 19.89 75.18 -41.97
N VAL J 346 20.66 74.09 -41.84
CA VAL J 346 20.13 72.81 -42.21
C VAL J 346 19.48 72.31 -40.96
N ALA J 347 18.43 71.48 -41.11
CA ALA J 347 17.83 70.94 -39.94
C ALA J 347 17.66 69.47 -40.14
N ASP J 348 17.61 68.70 -39.04
CA ASP J 348 17.53 67.28 -39.13
C ASP J 348 16.75 66.74 -37.97
N ALA J 349 16.14 65.54 -38.14
CA ALA J 349 15.26 65.02 -37.13
C ALA J 349 16.02 64.06 -36.28
N THR J 350 15.75 64.10 -34.96
CA THR J 350 16.42 63.29 -33.98
C THR J 350 15.44 62.16 -33.75
N GLY J 351 15.75 61.22 -32.83
CA GLY J 351 14.89 60.11 -32.51
C GLY J 351 13.61 60.66 -31.97
N ARG J 352 13.71 61.78 -31.23
CA ARG J 352 12.59 62.45 -30.64
C ARG J 352 11.71 62.95 -31.74
N GLN J 353 12.30 63.15 -32.92
CA GLN J 353 11.61 63.63 -34.08
C GLN J 353 11.31 65.08 -33.92
N THR J 354 11.85 65.68 -32.84
CA THR J 354 11.64 67.08 -32.68
C THR J 354 12.69 67.66 -33.56
N PRO J 355 12.30 68.67 -34.29
CA PRO J 355 13.26 69.29 -35.13
C PRO J 355 14.50 69.95 -34.60
N GLN J 356 15.66 69.75 -35.25
CA GLN J 356 16.85 70.40 -34.76
C GLN J 356 17.44 71.20 -35.86
N VAL J 357 18.03 72.38 -35.54
CA VAL J 357 18.61 73.21 -36.55
C VAL J 357 20.08 73.13 -36.22
N ILE J 358 20.93 72.95 -37.25
CA ILE J 358 22.32 72.80 -36.93
C ILE J 358 22.89 74.07 -37.51
N GLU J 359 23.37 74.94 -36.60
CA GLU J 359 23.90 76.24 -36.91
C GLU J 359 25.16 76.15 -37.72
N GLY J 360 25.98 75.11 -37.46
CA GLY J 360 27.25 74.98 -38.12
C GLY J 360 27.04 74.88 -39.60
N SER J 361 25.98 74.18 -40.06
CA SER J 361 25.82 74.05 -41.47
C SER J 361 24.83 75.05 -41.96
N GLU J 362 25.29 75.86 -42.94
CA GLU J 362 24.53 76.95 -43.48
C GLU J 362 24.47 76.80 -44.97
N PHE J 363 23.45 77.42 -45.61
CA PHE J 363 23.41 77.41 -47.04
C PHE J 363 23.11 78.81 -47.47
N THR J 364 23.81 79.30 -48.51
CA THR J 364 23.56 80.63 -48.96
C THR J 364 22.96 80.37 -50.30
N VAL J 365 21.66 80.70 -50.47
CA VAL J 365 21.06 80.39 -51.73
C VAL J 365 20.84 81.74 -52.35
N GLN J 366 21.33 81.91 -53.59
CA GLN J 366 21.17 83.13 -54.32
C GLN J 366 19.75 83.21 -54.77
N ALA J 367 19.12 84.39 -54.60
CA ALA J 367 17.77 84.51 -55.09
C ALA J 367 17.46 85.95 -55.29
N ASP J 368 16.80 86.26 -56.42
CA ASP J 368 16.33 87.58 -56.68
C ASP J 368 15.02 87.86 -56.04
N LEU J 369 14.13 86.84 -55.84
CA LEU J 369 12.79 87.02 -55.32
C LEU J 369 12.43 86.02 -54.25
N VAL J 370 11.82 86.44 -53.11
CA VAL J 370 11.47 85.45 -52.11
C VAL J 370 10.00 85.64 -51.90
N ILE J 371 9.26 84.51 -51.76
CA ILE J 371 7.85 84.59 -51.51
C ILE J 371 7.73 83.66 -50.34
N LYS J 372 7.10 84.14 -49.25
CA LYS J 372 6.90 83.32 -48.09
C LYS J 372 5.50 82.78 -48.07
N ALA J 373 5.45 81.45 -48.24
CA ALA J 373 4.42 80.46 -48.26
C ALA J 373 3.97 79.86 -46.97
N LEU J 374 4.55 80.21 -45.80
CA LEU J 374 4.30 79.44 -44.60
C LEU J 374 2.85 79.28 -44.27
N GLY J 375 2.02 80.31 -44.46
CA GLY J 375 0.65 80.05 -44.14
C GLY J 375 0.03 81.33 -43.70
N PHE J 376 -1.14 81.25 -43.05
CA PHE J 376 -1.82 82.44 -42.65
C PHE J 376 -2.31 82.28 -41.25
N GLU J 377 -2.65 83.40 -40.58
CA GLU J 377 -3.17 83.33 -39.24
C GLU J 377 -3.85 84.62 -38.90
N PRO J 378 -4.80 84.58 -38.00
CA PRO J 378 -5.29 85.83 -37.49
C PRO J 378 -4.46 86.63 -36.51
N GLU J 379 -4.16 87.92 -36.75
CA GLU J 379 -3.36 88.56 -35.74
C GLU J 379 -3.75 89.98 -35.55
N ASP J 380 -4.56 90.50 -36.48
CA ASP J 380 -5.01 91.86 -36.45
C ASP J 380 -5.81 92.09 -35.21
N LEU J 381 -5.24 92.90 -34.28
CA LEU J 381 -5.89 93.10 -33.01
C LEU J 381 -7.23 93.77 -33.13
N PRO J 382 -7.50 94.80 -33.89
CA PRO J 382 -8.82 95.36 -33.91
C PRO J 382 -9.81 94.32 -34.36
N ASN J 383 -9.41 93.35 -35.20
CA ASN J 383 -10.32 92.35 -35.68
C ASN J 383 -10.72 91.48 -34.53
N ALA J 384 -9.73 91.09 -33.72
CA ALA J 384 -9.95 90.23 -32.60
C ALA J 384 -10.87 90.92 -31.67
N PHE J 385 -10.69 92.24 -31.48
CA PHE J 385 -11.44 93.08 -30.57
C PHE J 385 -12.87 93.13 -30.99
N ASP J 386 -13.11 93.08 -32.30
CA ASP J 386 -14.42 93.11 -32.90
C ASP J 386 -15.22 91.98 -32.35
N GLU J 387 -14.52 90.85 -32.11
CA GLU J 387 -15.05 89.58 -31.69
C GLU J 387 -15.56 89.56 -30.27
N PRO J 388 -15.15 90.41 -29.36
CA PRO J 388 -15.70 90.24 -28.06
C PRO J 388 -17.16 90.16 -27.84
N GLU J 389 -17.64 89.45 -26.78
CA GLU J 389 -16.97 88.74 -25.73
C GLU J 389 -16.43 87.38 -26.11
N LEU J 390 -16.84 86.82 -27.26
CA LEU J 390 -16.56 85.46 -27.71
C LEU J 390 -15.20 84.94 -27.27
N LYS J 391 -15.17 83.70 -26.71
CA LYS J 391 -13.97 83.11 -26.17
C LYS J 391 -13.03 82.63 -27.24
N VAL J 392 -11.71 82.75 -26.98
CA VAL J 392 -10.74 82.36 -27.96
C VAL J 392 -9.98 81.26 -27.25
N THR J 393 -9.46 80.29 -28.03
CA THR J 393 -8.79 79.12 -27.52
C THR J 393 -7.37 79.57 -27.41
N ARG J 394 -6.49 78.71 -26.85
CA ARG J 394 -5.12 79.11 -26.76
C ARG J 394 -4.44 78.92 -28.07
N TRP J 395 -5.21 78.96 -29.17
CA TRP J 395 -4.63 78.92 -30.48
C TRP J 395 -4.93 80.29 -30.99
N GLY J 396 -5.58 81.10 -30.12
CA GLY J 396 -5.90 82.45 -30.44
C GLY J 396 -6.92 82.48 -31.53
N THR J 397 -7.84 81.49 -31.57
CA THR J 397 -8.81 81.48 -32.63
C THR J 397 -10.11 81.36 -31.89
N LEU J 398 -11.22 81.74 -32.54
CA LEU J 398 -12.51 81.65 -31.91
C LEU J 398 -12.87 80.22 -31.62
N LEU J 399 -13.29 79.95 -30.37
CA LEU J 399 -13.70 78.62 -30.00
C LEU J 399 -15.08 78.38 -30.47
N VAL J 400 -15.35 77.15 -30.94
CA VAL J 400 -16.68 76.87 -31.40
C VAL J 400 -16.89 75.42 -31.08
N ASP J 401 -18.16 75.03 -30.86
CA ASP J 401 -18.47 73.65 -30.68
C ASP J 401 -18.34 73.01 -32.03
N HIS J 402 -17.73 71.82 -32.06
CA HIS J 402 -17.49 71.16 -33.32
C HIS J 402 -18.76 70.85 -34.02
N ARG J 403 -19.78 70.36 -33.29
CA ARG J 403 -21.02 70.01 -33.94
C ARG J 403 -21.84 71.19 -34.40
N THR J 404 -22.12 72.14 -33.48
CA THR J 404 -23.02 73.26 -33.71
C THR J 404 -22.29 74.35 -34.43
N LYS J 405 -20.98 74.46 -34.19
CA LYS J 405 -20.12 75.54 -34.60
C LYS J 405 -20.57 76.83 -33.99
N MET J 406 -21.18 76.72 -32.80
CA MET J 406 -21.60 77.84 -32.03
C MET J 406 -20.43 78.30 -31.21
N THR J 407 -20.35 79.63 -31.00
CA THR J 407 -19.31 80.32 -30.29
C THR J 407 -19.83 80.34 -28.87
N ASN J 408 -19.05 80.92 -27.94
CA ASN J 408 -19.45 81.05 -26.58
C ASN J 408 -20.76 81.77 -26.56
N MET J 409 -20.92 82.76 -27.46
CA MET J 409 -22.17 83.46 -27.54
C MET J 409 -23.10 82.67 -28.42
N ASP J 410 -24.34 82.43 -27.94
CA ASP J 410 -25.29 81.60 -28.63
C ASP J 410 -25.66 82.12 -29.98
N GLY J 411 -25.74 83.45 -30.12
CA GLY J 411 -26.10 84.14 -31.31
C GLY J 411 -25.01 84.07 -32.36
N VAL J 412 -23.75 83.82 -31.98
CA VAL J 412 -22.73 83.96 -32.98
C VAL J 412 -22.18 82.58 -33.23
N PHE J 413 -21.90 82.31 -34.53
CA PHE J 413 -21.36 81.06 -35.02
C PHE J 413 -20.14 81.38 -35.82
N ALA J 414 -19.29 80.36 -36.11
CA ALA J 414 -18.09 80.58 -36.87
C ALA J 414 -17.78 79.34 -37.65
N ALA J 415 -17.12 79.52 -38.81
CA ALA J 415 -16.82 78.38 -39.62
C ALA J 415 -15.74 78.74 -40.59
N GLY J 416 -15.12 77.72 -41.21
CA GLY J 416 -14.11 77.91 -42.19
C GLY J 416 -12.74 77.97 -41.57
N ASP J 417 -11.79 78.61 -42.27
CA ASP J 417 -10.41 78.68 -41.87
C ASP J 417 -10.25 79.29 -40.51
N ILE J 418 -11.15 80.20 -40.11
CA ILE J 418 -11.03 80.96 -38.89
C ILE J 418 -11.02 79.95 -37.76
N VAL J 419 -11.75 78.82 -37.87
CA VAL J 419 -11.93 77.86 -36.82
C VAL J 419 -10.58 77.21 -36.62
N ARG J 420 -9.74 77.19 -37.67
CA ARG J 420 -8.49 76.51 -37.55
C ARG J 420 -8.72 75.08 -37.19
N GLY J 421 -8.95 74.23 -38.20
CA GLY J 421 -9.28 72.87 -37.89
C GLY J 421 -9.43 72.15 -39.19
N ALA J 422 -9.60 72.92 -40.27
CA ALA J 422 -9.69 72.33 -41.58
C ALA J 422 -9.11 73.36 -42.53
N SER J 423 -8.51 72.95 -43.67
CA SER J 423 -8.00 73.94 -44.60
C SER J 423 -8.32 73.56 -46.02
N LEU J 424 -9.61 73.35 -46.29
CA LEU J 424 -10.04 72.94 -47.60
C LEU J 424 -11.34 73.64 -47.86
N VAL J 425 -11.65 73.85 -49.16
CA VAL J 425 -12.83 74.59 -49.53
C VAL J 425 -14.03 73.76 -49.10
N VAL J 426 -14.04 72.43 -49.35
CA VAL J 426 -15.21 71.64 -49.06
C VAL J 426 -15.48 71.55 -47.57
N TRP J 427 -14.43 71.54 -46.71
CA TRP J 427 -14.67 71.54 -45.28
C TRP J 427 -15.22 72.89 -44.91
N ALA J 428 -14.75 73.99 -45.51
CA ALA J 428 -15.24 75.31 -45.16
C ALA J 428 -16.70 75.40 -45.53
N ILE J 429 -17.08 74.82 -46.70
CA ILE J 429 -18.44 74.93 -47.15
C ILE J 429 -19.18 74.07 -46.15
N ARG J 430 -18.60 72.93 -45.73
CA ARG J 430 -19.28 72.07 -44.80
C ARG J 430 -19.52 72.79 -43.51
N ASP J 431 -18.55 73.63 -43.10
CA ASP J 431 -18.68 74.30 -41.83
C ASP J 431 -19.90 75.17 -41.84
N GLY J 432 -20.07 75.92 -42.95
CA GLY J 432 -21.19 76.82 -43.09
C GLY J 432 -22.45 76.01 -43.13
N ARG J 433 -22.38 74.83 -43.77
CA ARG J 433 -23.51 73.95 -43.90
C ARG J 433 -24.00 73.58 -42.55
N ASP J 434 -23.08 73.08 -41.70
CA ASP J 434 -23.49 72.63 -40.41
C ASP J 434 -23.98 73.76 -39.57
N ALA J 435 -23.33 74.93 -39.70
CA ALA J 435 -23.68 76.07 -38.89
C ALA J 435 -25.10 76.46 -39.20
N ALA J 436 -25.49 76.44 -40.49
CA ALA J 436 -26.75 76.98 -40.90
C ALA J 436 -27.87 76.31 -40.17
N GLU J 437 -27.79 74.98 -39.96
CA GLU J 437 -28.87 74.32 -39.29
C GLU J 437 -29.00 74.84 -37.88
N GLY J 438 -27.87 75.02 -37.18
CA GLY J 438 -27.85 75.49 -35.82
C GLY J 438 -28.29 76.92 -35.72
N ILE J 439 -27.92 77.79 -36.69
CA ILE J 439 -28.29 79.18 -36.54
C ILE J 439 -29.78 79.04 -36.67
N HIS J 440 -30.26 78.18 -37.59
CA HIS J 440 -31.66 78.04 -37.81
C HIS J 440 -32.34 77.62 -36.55
N ALA J 441 -31.77 76.65 -35.83
CA ALA J 441 -32.43 76.21 -34.63
C ALA J 441 -32.54 77.36 -33.69
N TYR J 442 -31.46 78.16 -33.56
CA TYR J 442 -31.43 79.25 -32.64
C TYR J 442 -32.45 80.28 -32.99
N ALA J 443 -32.50 80.72 -34.26
CA ALA J 443 -33.42 81.77 -34.64
C ALA J 443 -34.83 81.30 -34.45
N LYS J 444 -35.13 80.06 -34.85
CA LYS J 444 -36.49 79.58 -34.77
C LYS J 444 -36.93 79.56 -33.35
N ALA J 445 -36.01 79.26 -32.43
CA ALA J 445 -36.33 79.25 -31.04
C ALA J 445 -36.79 80.63 -30.70
N LYS J 446 -36.11 81.65 -31.28
CA LYS J 446 -36.48 83.01 -31.00
C LYS J 446 -37.91 83.20 -31.44
N ALA J 447 -38.25 82.59 -32.60
CA ALA J 447 -39.55 82.58 -33.21
C ALA J 447 -40.48 81.83 -32.31
N GLU J 448 -39.93 80.96 -31.44
CA GLU J 448 -40.69 80.10 -30.60
C GLU J 448 -41.25 78.98 -31.42
N ALA J 449 -40.47 78.57 -32.45
CA ALA J 449 -40.87 77.45 -33.24
C ALA J 449 -39.80 76.41 -33.19
N PRO J 450 -40.23 75.21 -32.95
CA PRO J 450 -39.32 74.10 -32.98
C PRO J 450 -38.66 73.57 -34.22
N VAL J 451 -37.51 72.87 -34.10
CA VAL J 451 -36.87 72.30 -35.26
C VAL J 451 -36.78 70.87 -34.83
N ALA J 452 -36.87 69.91 -35.78
CA ALA J 452 -36.99 68.58 -35.28
C ALA J 452 -35.78 68.15 -34.51
N VAL J 453 -34.67 67.83 -35.20
CA VAL J 453 -33.53 67.26 -34.51
C VAL J 453 -32.79 66.75 -35.68
N ALA J 454 -33.54 66.01 -36.53
CA ALA J 454 -33.00 65.35 -37.68
C ALA J 454 -32.40 66.40 -38.55
N ALA J 455 -33.03 67.57 -38.66
CA ALA J 455 -32.50 68.61 -39.50
C ALA J 455 -32.71 68.16 -40.91
N GLU J 456 -33.06 69.12 -41.78
CA GLU J 456 -33.32 68.71 -43.13
C GLU J 456 -33.79 70.07 -43.67
N GLN K 1 95.18 1.35 -48.75
CA GLN K 1 96.39 1.07 -48.00
C GLN K 1 97.06 2.36 -47.56
N ASP K 2 96.88 2.75 -46.28
CA ASP K 2 97.39 3.99 -45.69
C ASP K 2 96.44 4.57 -44.63
N PHE K 3 96.93 5.34 -43.60
CA PHE K 3 96.07 5.69 -42.48
C PHE K 3 95.74 7.16 -42.31
N ALA K 4 94.87 7.74 -43.17
CA ALA K 4 94.47 9.11 -43.04
C ALA K 4 93.30 9.18 -42.09
N GLU K 5 93.04 10.38 -41.51
CA GLU K 5 91.95 10.55 -40.58
C GLU K 5 90.64 10.37 -41.30
N ILE K 6 90.01 9.20 -41.09
CA ILE K 6 88.77 8.77 -41.69
C ILE K 6 87.67 9.47 -40.94
N TYR K 7 87.82 9.82 -39.63
CA TYR K 7 86.73 10.40 -38.88
C TYR K 7 86.01 11.50 -39.59
N ALA K 8 84.67 11.33 -39.66
CA ALA K 8 83.77 12.30 -40.22
C ALA K 8 83.70 13.48 -39.29
N ARG K 9 83.77 13.21 -37.98
CA ARG K 9 83.58 14.17 -36.92
C ARG K 9 84.63 15.23 -36.85
N PHE K 10 85.88 14.92 -37.25
CA PHE K 10 86.97 15.85 -37.11
C PHE K 10 86.62 17.19 -37.67
N SER K 11 87.02 18.24 -36.93
CA SER K 11 86.71 19.57 -37.37
C SER K 11 87.94 20.39 -37.44
N ASP K 12 87.95 21.31 -38.40
CA ASP K 12 88.95 22.31 -38.59
C ASP K 12 88.47 23.47 -37.75
N GLU K 13 89.08 24.65 -37.89
CA GLU K 13 88.69 25.82 -37.15
C GLU K 13 87.25 26.12 -37.42
N ARG K 14 86.74 25.52 -38.51
CA ARG K 14 85.40 25.62 -39.02
C ARG K 14 84.45 25.19 -37.91
N ALA K 15 84.99 24.53 -36.85
CA ALA K 15 84.29 24.06 -35.67
C ALA K 15 83.55 25.23 -35.11
N ASN K 16 84.03 26.44 -35.41
CA ASN K 16 83.39 27.64 -34.98
C ASN K 16 81.96 27.64 -35.45
N GLU K 17 81.73 27.15 -36.68
CA GLU K 17 80.40 27.17 -37.22
C GLU K 17 79.47 26.39 -36.34
N GLN K 18 79.86 25.15 -35.97
CA GLN K 18 78.97 24.36 -35.16
C GLN K 18 78.85 24.88 -33.77
N ALA K 19 79.92 25.49 -33.25
CA ALA K 19 79.89 25.97 -31.90
C ALA K 19 78.78 26.99 -31.77
N ASN K 20 78.63 27.86 -32.78
CA ASN K 20 77.62 28.88 -32.76
C ASN K 20 76.27 28.21 -32.80
N ARG K 21 76.17 27.09 -33.53
CA ARG K 21 74.94 26.37 -33.73
C ARG K 21 74.39 25.81 -32.45
N CYS K 22 75.29 25.37 -31.54
CA CYS K 22 74.88 24.79 -30.30
C CYS K 22 74.01 25.74 -29.54
N SER K 23 72.88 25.24 -29.01
CA SER K 23 71.93 26.01 -28.28
C SER K 23 72.45 26.42 -26.93
N GLN K 24 73.50 25.74 -26.45
CA GLN K 24 74.07 26.06 -25.18
C GLN K 24 73.01 26.06 -24.12
N CYS K 25 72.31 24.94 -24.06
CA CYS K 25 71.10 24.62 -23.37
C CYS K 25 71.32 24.50 -21.88
N GLY K 26 70.27 24.81 -21.11
CA GLY K 26 70.37 24.72 -19.68
C GLY K 26 70.15 23.29 -19.31
N VAL K 27 70.79 22.86 -18.19
CA VAL K 27 70.75 21.53 -17.60
C VAL K 27 70.81 20.63 -18.79
N PRO K 28 71.78 20.88 -19.62
CA PRO K 28 71.88 20.18 -20.87
C PRO K 28 71.87 18.70 -20.69
N PHE K 29 71.13 18.02 -21.57
CA PHE K 29 70.96 16.61 -21.62
C PHE K 29 72.26 15.97 -21.99
N CYS K 30 73.03 16.63 -22.85
CA CYS K 30 74.23 16.05 -23.34
C CYS K 30 75.19 15.81 -22.22
N GLN K 31 75.32 16.79 -21.30
CA GLN K 31 76.24 16.57 -20.22
C GLN K 31 75.79 15.47 -19.31
N VAL K 32 74.47 15.39 -19.07
CA VAL K 32 73.95 14.42 -18.15
C VAL K 32 74.31 13.09 -18.78
N HIS K 33 74.25 13.00 -20.12
CA HIS K 33 74.51 11.79 -20.84
C HIS K 33 75.99 11.40 -20.97
N CYS K 34 76.88 12.32 -20.57
CA CYS K 34 78.29 12.10 -20.63
C CYS K 34 78.76 11.41 -19.37
N PRO K 35 79.52 10.35 -19.51
CA PRO K 35 80.02 9.62 -18.39
C PRO K 35 80.83 10.33 -17.36
N VAL K 36 81.71 11.24 -17.83
CA VAL K 36 82.61 12.04 -17.02
C VAL K 36 81.82 13.29 -16.61
N SER K 37 80.60 13.52 -17.16
CA SER K 37 79.80 14.68 -16.83
C SER K 37 80.46 15.99 -17.20
N ASN K 38 81.04 16.05 -18.42
CA ASN K 38 81.66 17.25 -18.90
C ASN K 38 80.65 18.35 -19.10
N ASN K 39 81.08 19.60 -18.81
CA ASN K 39 80.23 20.73 -18.98
C ASN K 39 80.30 21.15 -20.42
N ILE K 40 79.53 20.44 -21.25
CA ILE K 40 79.53 20.66 -22.67
C ILE K 40 78.98 22.05 -22.98
N PRO K 41 77.91 22.61 -22.41
CA PRO K 41 77.47 23.93 -22.81
C PRO K 41 78.55 24.94 -22.69
N ASP K 42 79.30 24.90 -21.57
CA ASP K 42 80.31 25.90 -21.34
C ASP K 42 81.51 25.73 -22.22
N TRP K 43 81.98 24.50 -22.46
CA TRP K 43 83.16 24.42 -23.28
C TRP K 43 82.83 24.84 -24.69
N LEU K 44 81.61 24.51 -25.15
CA LEU K 44 81.17 24.83 -26.48
C LEU K 44 80.99 26.32 -26.63
N LYS K 45 80.48 26.96 -25.58
CA LYS K 45 80.25 28.39 -25.64
C LYS K 45 81.57 29.02 -25.83
N LEU K 46 82.56 28.43 -25.15
CA LEU K 46 83.87 28.95 -25.19
C LEU K 46 84.42 28.93 -26.59
N THR K 47 84.27 27.79 -27.30
CA THR K 47 84.90 27.68 -28.59
C THR K 47 84.18 28.70 -29.41
N SER K 48 82.87 28.90 -29.17
CA SER K 48 82.15 29.86 -29.96
C SER K 48 82.83 31.19 -29.83
N GLU K 49 83.27 31.54 -28.60
CA GLU K 49 83.97 32.78 -28.42
C GLU K 49 85.32 32.71 -29.05
N GLY K 50 85.88 31.50 -29.19
CA GLY K 50 87.17 31.42 -29.81
C GLY K 50 88.21 31.31 -28.75
N ARG K 51 87.82 31.11 -27.48
CA ARG K 51 88.90 31.01 -26.53
C ARG K 51 89.19 29.57 -26.23
N LEU K 52 89.89 28.91 -27.15
CA LEU K 52 90.09 27.49 -27.10
C LEU K 52 90.68 27.05 -25.78
N GLU K 53 91.52 27.88 -25.16
CA GLU K 53 92.09 27.44 -23.92
C GLU K 53 91.01 27.18 -22.89
N GLU K 54 89.99 28.06 -22.83
CA GLU K 54 88.96 27.91 -21.84
C GLU K 54 88.23 26.62 -22.03
N ALA K 55 87.87 26.27 -23.28
CA ALA K 55 87.12 25.04 -23.45
C ALA K 55 87.96 23.87 -23.09
N TYR K 56 89.26 23.92 -23.43
CA TYR K 56 90.16 22.83 -23.17
C TYR K 56 90.24 22.61 -21.70
N GLU K 57 90.32 23.69 -20.91
CA GLU K 57 90.43 23.55 -19.48
C GLU K 57 89.20 22.88 -18.94
N VAL K 58 88.02 23.26 -19.46
CA VAL K 58 86.77 22.74 -18.97
C VAL K 58 86.81 21.26 -19.28
N SER K 59 87.25 20.88 -20.51
CA SER K 59 87.23 19.50 -20.89
C SER K 59 88.11 18.64 -20.02
N GLN K 60 89.35 19.10 -19.81
CA GLN K 60 90.35 18.36 -19.08
C GLN K 60 89.95 18.21 -17.65
N ALA K 61 89.24 19.20 -17.08
CA ALA K 61 88.96 19.09 -15.69
C ALA K 61 88.17 17.85 -15.45
N THR K 62 87.11 17.59 -16.26
CA THR K 62 86.25 16.43 -16.08
C THR K 62 86.96 15.23 -16.64
N ASN K 63 87.56 15.30 -17.86
CA ASN K 63 88.27 14.11 -18.24
C ASN K 63 89.67 14.36 -18.70
N ASN K 64 90.60 13.61 -18.11
CA ASN K 64 92.01 13.70 -18.29
C ASN K 64 92.40 13.35 -19.69
N PHE K 65 91.59 12.51 -20.35
CA PHE K 65 91.86 12.12 -21.70
C PHE K 65 90.83 12.77 -22.60
N PRO K 66 90.64 14.06 -22.49
CA PRO K 66 89.63 14.74 -23.26
C PRO K 66 89.85 14.60 -24.73
N GLU K 67 91.13 14.57 -25.17
CA GLU K 67 91.47 14.51 -26.56
C GLU K 67 90.97 13.24 -27.18
N ILE K 68 91.36 12.13 -26.52
CA ILE K 68 91.16 10.82 -27.09
C ILE K 68 89.67 10.66 -27.09
N CYS K 69 88.97 11.03 -26.02
CA CYS K 69 87.56 10.79 -25.97
C CYS K 69 86.84 11.55 -27.04
N GLY K 70 87.27 12.80 -27.32
CA GLY K 70 86.59 13.57 -28.33
C GLY K 70 86.64 12.81 -29.61
N ARG K 71 87.79 12.18 -29.93
CA ARG K 71 87.89 11.45 -31.16
C ARG K 71 87.14 10.14 -31.19
N ILE K 72 87.28 9.35 -30.11
CA ILE K 72 86.73 8.04 -29.94
C ILE K 72 85.35 7.77 -29.39
N CYS K 73 84.81 8.66 -28.53
CA CYS K 73 83.58 8.36 -27.83
C CYS K 73 82.46 8.08 -28.80
N PRO K 74 81.72 7.01 -28.55
CA PRO K 74 80.55 6.65 -29.30
C PRO K 74 79.52 7.60 -28.82
N GLN K 75 79.50 8.82 -29.37
CA GLN K 75 78.69 9.91 -28.93
C GLN K 75 77.22 9.62 -29.03
N ASP K 76 76.79 8.92 -30.09
CA ASP K 76 75.38 8.70 -30.28
C ASP K 76 74.83 7.94 -29.12
N ARG K 77 75.63 7.02 -28.57
CA ARG K 77 75.27 6.24 -27.43
C ARG K 77 75.35 7.07 -26.19
N LEU K 78 76.14 8.17 -26.25
CA LEU K 78 76.55 8.97 -25.13
C LEU K 78 75.94 10.35 -25.14
N CYS K 79 76.78 11.40 -25.00
CA CYS K 79 76.29 12.74 -24.87
C CYS K 79 75.45 13.21 -26.02
N GLU K 80 75.86 12.94 -27.27
CA GLU K 80 75.08 13.42 -28.38
C GLU K 80 73.74 12.77 -28.45
N GLY K 81 73.62 11.57 -27.85
CA GLY K 81 72.39 10.84 -27.87
C GLY K 81 71.31 11.71 -27.27
N ASN K 82 71.61 12.52 -26.25
CA ASN K 82 70.50 13.29 -25.76
C ASN K 82 70.59 14.71 -26.18
N CYS K 83 71.28 15.00 -27.30
CA CYS K 83 71.36 16.35 -27.75
C CYS K 83 70.02 16.82 -28.23
N VAL K 84 69.59 18.01 -27.79
CA VAL K 84 68.27 18.52 -28.05
C VAL K 84 68.16 18.82 -29.52
N ILE K 85 69.21 19.30 -30.19
CA ILE K 85 69.12 19.82 -31.55
C ILE K 85 68.78 18.64 -32.43
N GLU K 86 68.92 17.39 -31.97
CA GLU K 86 68.62 16.28 -32.83
C GLU K 86 67.25 16.41 -33.41
N GLN K 87 66.33 17.09 -32.70
CA GLN K 87 65.01 17.30 -33.21
C GLN K 87 65.04 18.08 -34.49
N SER K 88 66.04 18.98 -34.65
CA SER K 88 66.19 19.84 -35.80
C SER K 88 66.68 19.12 -37.02
N THR K 89 66.57 19.83 -38.17
CA THR K 89 66.92 19.40 -39.49
C THR K 89 68.39 19.16 -39.44
N HIS K 90 69.14 20.12 -38.87
CA HIS K 90 70.57 20.01 -38.91
C HIS K 90 71.00 18.78 -38.19
N GLY K 91 70.34 18.45 -37.07
CA GLY K 91 70.75 17.28 -36.38
C GLY K 91 71.56 17.71 -35.19
N ALA K 92 71.99 16.72 -34.40
CA ALA K 92 72.72 16.94 -33.18
C ALA K 92 74.04 17.56 -33.48
N VAL K 93 74.63 18.21 -32.46
CA VAL K 93 75.87 18.93 -32.57
C VAL K 93 76.87 17.83 -32.46
N THR K 94 78.03 18.00 -33.13
CA THR K 94 78.97 16.94 -32.98
C THR K 94 79.78 17.46 -31.84
N ILE K 95 79.42 17.01 -30.61
CA ILE K 95 80.12 17.46 -29.44
C ILE K 95 81.49 16.83 -29.49
N GLY K 96 81.63 15.59 -29.97
CA GLY K 96 82.92 14.95 -29.95
C GLY K 96 83.90 15.75 -30.74
N SER K 97 83.49 16.25 -31.91
CA SER K 97 84.33 16.99 -32.79
C SER K 97 84.79 18.27 -32.17
N VAL K 98 83.88 18.99 -31.47
CA VAL K 98 84.25 20.27 -30.94
C VAL K 98 85.23 19.96 -29.84
N GLU K 99 85.02 18.86 -29.07
CA GLU K 99 85.92 18.51 -28.00
C GLU K 99 87.28 18.23 -28.58
N LYS K 100 87.35 17.56 -29.75
CA LYS K 100 88.64 17.28 -30.31
C LYS K 100 89.33 18.55 -30.65
N TYR K 101 88.61 19.47 -31.32
CA TYR K 101 89.21 20.65 -31.86
C TYR K 101 89.81 21.51 -30.78
N ILE K 102 89.04 21.73 -29.70
CA ILE K 102 89.41 22.65 -28.67
C ILE K 102 90.63 22.04 -28.05
N ASN K 103 90.60 20.73 -27.85
CA ASN K 103 91.68 20.00 -27.27
C ASN K 103 92.91 20.12 -28.12
N ASP K 104 92.75 20.03 -29.44
CA ASP K 104 93.89 20.04 -30.33
C ASP K 104 94.62 21.35 -30.25
N THR K 105 93.89 22.48 -30.16
CA THR K 105 94.56 23.75 -30.18
C THR K 105 95.35 23.78 -28.91
N ALA K 106 94.78 23.27 -27.81
CA ALA K 106 95.45 23.32 -26.54
C ALA K 106 96.74 22.60 -26.66
N TRP K 107 96.74 21.47 -27.40
CA TRP K 107 97.93 20.69 -27.57
C TRP K 107 98.96 21.59 -28.19
N ASP K 108 98.55 22.35 -29.21
CA ASP K 108 99.45 23.18 -29.95
C ASP K 108 100.11 24.16 -29.03
N GLN K 109 99.35 24.69 -28.06
CA GLN K 109 99.86 25.71 -27.18
C GLN K 109 101.05 25.20 -26.41
N GLY K 110 101.00 23.94 -25.93
CA GLY K 110 102.15 23.41 -25.25
C GLY K 110 102.19 23.88 -23.83
N TRP K 111 101.00 24.16 -23.22
CA TRP K 111 100.97 24.55 -21.85
C TRP K 111 101.12 23.29 -21.06
N VAL K 112 101.66 23.40 -19.82
CA VAL K 112 101.92 22.28 -18.95
C VAL K 112 100.82 22.41 -17.92
N LYS K 113 100.44 21.30 -17.26
CA LYS K 113 99.36 21.36 -16.30
C LYS K 113 99.84 21.34 -14.88
N PRO K 114 99.79 22.46 -14.22
CA PRO K 114 100.20 22.53 -12.84
C PRO K 114 99.56 21.83 -11.69
N ARG K 115 100.29 21.62 -10.57
CA ARG K 115 99.69 20.95 -9.46
C ARG K 115 99.03 21.88 -8.49
N THR K 116 98.01 21.36 -7.78
CA THR K 116 97.34 22.14 -6.80
C THR K 116 98.27 22.01 -5.63
N PRO K 117 98.22 22.95 -4.73
CA PRO K 117 99.19 23.04 -3.65
C PRO K 117 99.44 21.78 -2.85
N SER K 118 98.46 21.18 -2.12
CA SER K 118 98.91 20.07 -1.30
C SER K 118 97.76 19.33 -0.63
N ARG K 119 98.05 18.11 -0.10
CA ARG K 119 97.10 17.24 0.57
C ARG K 119 97.86 16.10 1.25
N GLU K 120 97.18 15.11 1.93
CA GLU K 120 97.86 13.96 2.51
C GLU K 120 98.73 13.45 1.43
N LEU K 121 100.03 13.66 1.64
CA LEU K 121 101.00 13.61 0.60
C LEU K 121 101.14 12.35 -0.13
N GLY K 122 101.26 11.23 0.56
CA GLY K 122 101.32 10.16 -0.36
C GLY K 122 102.27 9.12 0.04
N LEU K 123 101.66 8.05 0.56
CA LEU K 123 102.41 6.88 0.75
C LEU K 123 102.45 6.30 -0.63
N SER K 124 103.36 5.37 -0.96
CA SER K 124 103.40 4.93 -2.32
C SER K 124 102.09 4.35 -2.75
N VAL K 125 101.66 4.68 -3.99
CA VAL K 125 100.44 4.13 -4.48
C VAL K 125 100.90 3.52 -5.78
N GLY K 126 100.31 2.36 -6.13
CA GLY K 126 100.72 1.70 -7.34
C GLY K 126 99.49 1.47 -8.18
N VAL K 127 99.66 1.52 -9.52
CA VAL K 127 98.55 1.30 -10.39
C VAL K 127 99.13 0.32 -11.37
N ILE K 128 98.30 -0.63 -11.87
CA ILE K 128 98.85 -1.63 -12.75
C ILE K 128 98.13 -1.41 -14.05
N GLY K 129 98.92 -1.23 -15.14
CA GLY K 129 98.39 -1.02 -16.46
C GLY K 129 98.30 0.46 -16.72
N ALA K 130 98.94 0.92 -17.81
CA ALA K 130 99.06 2.24 -18.37
C ALA K 130 97.89 2.68 -19.22
N GLY K 131 96.68 2.13 -19.08
CA GLY K 131 95.60 2.52 -19.97
C GLY K 131 94.79 3.67 -19.45
N PRO K 132 93.64 3.95 -20.05
CA PRO K 132 92.80 5.05 -19.66
C PRO K 132 92.41 5.09 -18.23
N ALA K 133 92.08 3.90 -17.67
CA ALA K 133 91.62 3.81 -16.31
C ALA K 133 92.68 4.27 -15.36
N GLY K 134 93.91 3.73 -15.48
CA GLY K 134 95.00 4.07 -14.58
C GLY K 134 95.42 5.49 -14.78
N LEU K 135 95.49 5.94 -16.04
CA LEU K 135 95.95 7.27 -16.28
C LEU K 135 95.02 8.24 -15.63
N ALA K 136 93.70 8.01 -15.74
CA ALA K 136 92.74 8.90 -15.15
C ALA K 136 92.86 8.85 -13.65
N ALA K 137 92.96 7.64 -13.08
CA ALA K 137 93.01 7.51 -11.65
C ALA K 137 94.25 8.18 -11.16
N ALA K 138 95.40 7.95 -11.83
CA ALA K 138 96.64 8.51 -11.41
C ALA K 138 96.59 10.00 -11.48
N GLU K 139 96.01 10.58 -12.55
CA GLU K 139 96.06 12.00 -12.61
C GLU K 139 95.23 12.68 -11.56
N GLU K 140 94.06 12.10 -11.23
CA GLU K 140 93.23 12.70 -10.22
C GLU K 140 93.90 12.61 -8.89
N LEU K 141 94.56 11.47 -8.62
CA LEU K 141 95.24 11.27 -7.38
C LEU K 141 96.33 12.29 -7.28
N ARG K 142 97.06 12.51 -8.38
CA ARG K 142 98.14 13.45 -8.32
C ARG K 142 97.60 14.82 -8.06
N ALA K 143 96.40 15.11 -8.59
CA ALA K 143 95.80 16.39 -8.35
C ALA K 143 95.67 16.49 -6.86
N LYS K 144 95.31 15.38 -6.22
CA LYS K 144 95.18 15.36 -4.78
C LYS K 144 96.53 15.61 -4.17
N GLY K 145 97.65 15.27 -4.85
CA GLY K 145 98.92 15.54 -4.23
C GLY K 145 99.59 14.30 -3.69
N TYR K 146 99.50 13.16 -4.42
CA TYR K 146 100.12 11.92 -3.96
C TYR K 146 101.25 11.53 -4.90
N GLU K 147 102.16 10.64 -4.43
CA GLU K 147 103.27 10.09 -5.19
C GLU K 147 102.82 8.76 -5.73
N VAL K 148 102.85 8.55 -7.08
CA VAL K 148 102.21 7.36 -7.57
C VAL K 148 103.07 6.87 -8.70
N HIS K 149 103.05 5.52 -8.91
CA HIS K 149 103.76 4.88 -9.98
C HIS K 149 102.85 3.94 -10.71
N VAL K 150 102.93 3.90 -12.07
CA VAL K 150 102.05 3.03 -12.79
C VAL K 150 103.03 2.04 -13.36
N TYR K 151 102.71 0.74 -13.22
CA TYR K 151 103.55 -0.30 -13.73
C TYR K 151 102.87 -0.84 -14.95
N ASP K 152 103.56 -0.76 -16.10
CA ASP K 152 103.02 -1.15 -17.38
C ASP K 152 103.78 -2.33 -17.92
N ARG K 153 103.05 -3.37 -18.37
CA ARG K 153 103.66 -4.57 -18.90
C ARG K 153 104.45 -4.31 -20.16
N TYR K 154 103.86 -3.56 -21.13
CA TYR K 154 104.44 -3.28 -22.43
C TYR K 154 105.40 -2.12 -22.40
N ASP K 155 106.20 -2.01 -23.48
CA ASP K 155 107.13 -0.92 -23.65
C ASP K 155 106.38 0.37 -23.88
N ARG K 156 105.21 0.28 -24.56
CA ARG K 156 104.41 1.41 -24.93
C ARG K 156 103.38 1.70 -23.86
N MET K 157 102.86 2.96 -23.84
CA MET K 157 101.88 3.35 -22.86
C MET K 157 100.61 3.78 -23.55
N GLY K 158 99.47 3.82 -22.83
CA GLY K 158 98.25 4.26 -23.44
C GLY K 158 97.21 3.19 -23.53
N GLY K 159 97.59 1.91 -23.34
CA GLY K 159 96.59 0.87 -23.38
C GLY K 159 96.10 0.68 -24.79
N LEU K 160 94.79 0.38 -24.91
CA LEU K 160 94.17 0.06 -26.18
C LEU K 160 94.21 1.22 -27.11
N LEU K 161 94.19 2.42 -26.53
CA LEU K 161 94.26 3.64 -27.28
C LEU K 161 95.48 3.56 -28.15
N VAL K 162 96.62 3.09 -27.60
CA VAL K 162 97.81 3.03 -28.40
C VAL K 162 97.83 1.76 -29.24
N TYR K 163 97.62 0.61 -28.58
CA TYR K 163 97.81 -0.71 -29.14
C TYR K 163 96.88 -1.00 -30.28
N GLY K 164 95.56 -0.99 -30.00
CA GLY K 164 94.56 -1.35 -30.98
C GLY K 164 93.80 -0.30 -31.77
N ILE K 165 93.36 0.83 -31.16
CA ILE K 165 92.48 1.70 -31.90
C ILE K 165 93.38 2.30 -32.95
N PRO K 166 92.91 2.21 -34.17
CA PRO K 166 93.61 2.59 -35.38
C PRO K 166 94.00 4.04 -35.39
N GLY K 167 95.15 4.33 -36.03
CA GLY K 167 95.77 5.62 -36.16
C GLY K 167 94.86 6.52 -36.93
N PHE K 168 94.13 5.96 -37.90
CA PHE K 168 93.27 6.78 -38.69
C PHE K 168 92.18 7.36 -37.85
N LYS K 169 91.70 6.61 -36.84
CA LYS K 169 90.74 7.13 -35.89
C LYS K 169 91.36 7.92 -34.76
N LEU K 170 92.50 7.44 -34.23
CA LEU K 170 93.16 7.90 -33.04
C LEU K 170 94.63 8.15 -33.31
N GLU K 171 95.06 9.40 -33.56
CA GLU K 171 96.46 9.58 -33.81
C GLU K 171 97.21 9.38 -32.53
N LYS K 172 98.41 8.77 -32.64
CA LYS K 172 99.25 8.41 -31.54
C LYS K 172 99.71 9.63 -30.79
N SER K 173 99.96 10.75 -31.49
CA SER K 173 100.46 11.90 -30.81
C SER K 173 99.48 12.33 -29.75
N VAL K 174 98.20 11.97 -29.94
CA VAL K 174 97.14 12.37 -29.07
C VAL K 174 97.39 11.70 -27.74
N VAL K 175 97.67 10.37 -27.73
CA VAL K 175 97.74 9.68 -26.48
C VAL K 175 98.98 10.22 -25.82
N GLU K 176 100.03 10.50 -26.60
CA GLU K 176 101.24 11.01 -26.02
C GLU K 176 100.99 12.33 -25.34
N ARG K 177 100.14 13.18 -25.93
CA ARG K 177 99.95 14.44 -25.27
C ARG K 177 99.36 14.26 -23.91
N ARG K 178 98.34 13.40 -23.77
CA ARG K 178 97.72 13.26 -22.47
C ARG K 178 98.64 12.66 -21.46
N VAL K 179 99.50 11.71 -21.86
CA VAL K 179 100.30 11.04 -20.88
C VAL K 179 101.24 12.12 -20.39
N LYS K 180 101.77 12.99 -21.27
CA LYS K 180 102.70 13.98 -20.81
C LYS K 180 102.03 14.91 -19.83
N LEU K 181 100.75 15.28 -20.05
CA LEU K 181 100.14 16.17 -19.12
C LEU K 181 100.09 15.54 -17.77
N LEU K 182 99.80 14.23 -17.74
CA LEU K 182 99.73 13.51 -16.50
C LEU K 182 101.08 13.52 -15.83
N ALA K 183 102.13 13.33 -16.64
CA ALA K 183 103.50 13.25 -16.22
C ALA K 183 103.91 14.53 -15.56
N ASP K 184 103.37 15.66 -16.02
CA ASP K 184 103.78 16.90 -15.43
C ASP K 184 103.45 16.91 -13.97
N ALA K 185 102.40 16.14 -13.62
CA ALA K 185 101.92 15.92 -12.29
C ALA K 185 102.97 15.19 -11.50
N GLY K 186 103.84 14.40 -12.16
CA GLY K 186 104.88 13.73 -11.43
C GLY K 186 104.58 12.27 -11.33
N VAL K 187 103.53 11.81 -12.01
CA VAL K 187 103.17 10.43 -11.96
C VAL K 187 104.33 9.78 -12.67
N ILE K 188 104.74 8.57 -12.24
CA ILE K 188 105.91 7.98 -12.83
C ILE K 188 105.31 6.75 -13.43
N TYR K 189 105.87 6.34 -14.59
CA TYR K 189 105.42 5.17 -15.31
C TYR K 189 106.62 4.30 -15.54
N HIS K 190 106.53 2.99 -15.23
CA HIS K 190 107.65 2.19 -15.62
C HIS K 190 107.22 1.01 -16.44
N PRO K 191 107.76 1.00 -17.62
CA PRO K 191 107.43 0.01 -18.62
C PRO K 191 107.62 -1.48 -18.65
N ASN K 192 108.55 -2.10 -17.93
CA ASN K 192 108.44 -3.51 -18.18
C ASN K 192 108.16 -4.22 -16.91
N PHE K 193 107.03 -3.88 -16.28
CA PHE K 193 106.65 -4.53 -15.08
C PHE K 193 105.28 -5.08 -15.29
N GLU K 194 105.06 -6.32 -14.79
CA GLU K 194 103.81 -6.98 -15.02
C GLU K 194 103.24 -7.47 -13.73
N VAL K 195 101.88 -7.44 -13.64
CA VAL K 195 101.24 -7.95 -12.49
C VAL K 195 101.18 -9.38 -12.85
N GLY K 196 101.96 -10.19 -12.12
CA GLY K 196 102.11 -11.59 -12.40
C GLY K 196 103.26 -12.03 -11.51
N ARG K 197 104.24 -12.79 -12.06
CA ARG K 197 105.32 -13.29 -11.25
C ARG K 197 106.08 -12.16 -10.67
N ASP K 198 106.34 -11.14 -11.50
CA ASP K 198 107.11 -10.05 -10.97
C ASP K 198 106.36 -9.29 -9.92
N ALA K 199 105.15 -8.82 -10.25
CA ALA K 199 104.48 -8.00 -9.27
C ALA K 199 103.24 -8.70 -8.89
N SER K 200 102.90 -8.62 -7.59
CA SER K 200 101.70 -9.21 -7.07
C SER K 200 101.20 -8.28 -6.04
N LEU K 201 99.92 -8.44 -5.69
CA LEU K 201 99.41 -7.63 -4.63
C LEU K 201 100.17 -7.87 -3.34
N PRO K 202 100.49 -9.08 -2.87
CA PRO K 202 101.24 -9.20 -1.65
C PRO K 202 102.58 -8.55 -1.78
N GLU K 203 103.22 -8.57 -2.97
CA GLU K 203 104.52 -7.97 -3.08
C GLU K 203 104.39 -6.51 -2.83
N LEU K 204 103.33 -5.91 -3.39
CA LEU K 204 103.06 -4.51 -3.22
C LEU K 204 102.78 -4.23 -1.79
N ARG K 205 102.13 -5.19 -1.09
CA ARG K 205 101.79 -5.02 0.29
C ARG K 205 103.07 -4.73 0.98
N ARG K 206 104.17 -5.35 0.50
CA ARG K 206 105.40 -4.90 1.06
C ARG K 206 105.48 -3.46 0.67
N LYS K 207 105.30 -2.59 1.67
CA LYS K 207 105.24 -1.16 1.54
C LYS K 207 104.54 -0.70 0.29
N HIS K 208 103.24 -0.36 0.42
CA HIS K 208 102.39 0.22 -0.59
C HIS K 208 101.04 0.45 0.06
N VAL K 209 100.55 1.71 0.08
CA VAL K 209 99.31 2.08 0.73
C VAL K 209 98.16 1.56 -0.09
N ALA K 210 98.16 1.76 -1.42
CA ALA K 210 96.97 1.39 -2.15
C ALA K 210 97.34 0.97 -3.54
N VAL K 211 96.42 0.25 -4.23
CA VAL K 211 96.76 -0.20 -5.55
C VAL K 211 95.47 -0.11 -6.33
N LEU K 212 95.61 0.22 -7.64
CA LEU K 212 94.51 0.29 -8.58
C LEU K 212 94.77 -0.71 -9.68
N VAL K 213 93.80 -1.58 -10.03
CA VAL K 213 94.10 -2.57 -11.03
C VAL K 213 93.32 -2.16 -12.27
N ALA K 214 94.06 -1.53 -13.18
CA ALA K 214 93.91 -1.01 -14.52
C ALA K 214 94.25 -1.92 -15.71
N THR K 215 94.56 -3.22 -15.58
CA THR K 215 95.19 -4.00 -16.65
C THR K 215 94.24 -4.33 -17.80
N GLY K 216 92.92 -4.09 -17.72
CA GLY K 216 92.04 -4.37 -18.84
C GLY K 216 91.85 -5.86 -19.03
N VAL K 217 91.49 -6.27 -20.28
CA VAL K 217 91.24 -7.64 -20.62
C VAL K 217 92.34 -7.93 -21.61
N TYR K 218 93.46 -8.52 -21.15
CA TYR K 218 94.63 -8.77 -21.94
C TYR K 218 94.48 -9.79 -23.04
N LYS K 219 93.67 -10.88 -22.89
CA LYS K 219 93.66 -11.86 -23.95
C LYS K 219 92.39 -11.86 -24.77
N ALA K 220 92.37 -12.67 -25.87
CA ALA K 220 91.28 -12.76 -26.83
C ALA K 220 90.61 -14.12 -26.74
N ARG K 221 89.42 -14.28 -27.40
CA ARG K 221 88.59 -15.48 -27.40
C ARG K 221 89.15 -16.60 -28.30
N ASP K 222 88.83 -17.90 -27.93
CA ASP K 222 89.20 -19.33 -28.17
C ASP K 222 89.12 -20.16 -29.50
N ILE K 223 88.06 -20.18 -30.34
CA ILE K 223 87.82 -21.22 -31.36
C ILE K 223 88.90 -21.63 -32.33
N LYS K 224 89.81 -20.71 -32.68
CA LYS K 224 90.84 -20.95 -33.65
C LYS K 224 91.77 -22.06 -33.27
N ALA K 225 91.98 -22.34 -31.96
CA ALA K 225 92.80 -23.48 -31.68
C ALA K 225 94.20 -23.14 -32.12
N PRO K 226 95.22 -23.95 -31.95
CA PRO K 226 96.52 -23.56 -32.44
C PRO K 226 96.41 -23.27 -33.90
N GLY K 227 96.46 -21.98 -34.26
CA GLY K 227 96.45 -21.55 -35.64
C GLY K 227 97.54 -20.56 -35.65
N SER K 228 98.26 -20.41 -36.78
CA SER K 228 99.36 -19.50 -36.75
C SER K 228 99.15 -18.37 -37.69
N GLY K 229 99.90 -17.28 -37.46
CA GLY K 229 99.83 -16.11 -38.30
C GLY K 229 100.29 -16.49 -39.66
N LEU K 230 101.34 -17.34 -39.72
CA LEU K 230 101.85 -17.72 -40.99
C LEU K 230 100.76 -18.39 -41.75
N GLY K 231 100.00 -19.25 -41.06
CA GLY K 231 98.94 -19.91 -41.74
C GLY K 231 97.96 -18.91 -42.20
N ASN K 232 97.58 -17.96 -41.30
CA ASN K 232 96.52 -17.10 -41.74
C ASN K 232 95.85 -16.36 -40.60
N ILE K 233 95.90 -16.98 -39.42
CA ILE K 233 94.95 -16.59 -38.43
C ILE K 233 95.65 -15.60 -37.59
N VAL K 234 94.86 -14.60 -37.17
CA VAL K 234 95.40 -13.59 -36.31
C VAL K 234 94.19 -13.24 -35.49
N ALA K 235 94.40 -13.04 -34.17
CA ALA K 235 93.37 -12.58 -33.29
C ALA K 235 93.48 -11.10 -33.33
N ALA K 236 92.43 -10.41 -32.89
CA ALA K 236 92.48 -8.98 -32.94
C ALA K 236 93.65 -8.54 -32.11
N LEU K 237 93.93 -9.30 -31.04
CA LEU K 237 95.00 -9.01 -30.14
C LEU K 237 96.31 -8.97 -30.88
N ASP K 238 96.54 -9.93 -31.80
CA ASP K 238 97.76 -9.96 -32.57
C ASP K 238 97.80 -8.91 -33.65
N TYR K 239 96.72 -8.81 -34.45
CA TYR K 239 96.63 -8.02 -35.65
C TYR K 239 96.68 -6.54 -35.44
N LEU K 240 95.87 -6.03 -34.51
CA LEU K 240 95.77 -4.60 -34.38
C LEU K 240 97.08 -3.99 -33.99
N THR K 241 97.79 -4.65 -33.05
CA THR K 241 99.01 -4.12 -32.52
C THR K 241 100.01 -4.07 -33.64
N THR K 242 100.06 -5.09 -34.54
CA THR K 242 101.15 -5.06 -35.49
C THR K 242 100.87 -3.88 -36.38
N SER K 243 99.61 -3.61 -36.74
CA SER K 243 99.34 -2.49 -37.60
C SER K 243 99.66 -1.21 -36.89
N ASN K 244 99.37 -1.17 -35.58
CA ASN K 244 99.60 -0.01 -34.77
C ASN K 244 101.06 0.34 -34.75
N LYS K 245 101.92 -0.68 -34.55
CA LYS K 245 103.32 -0.42 -34.43
C LYS K 245 103.86 0.15 -35.70
N VAL K 246 103.42 -0.36 -36.87
CA VAL K 246 103.99 0.11 -38.10
C VAL K 246 103.47 1.51 -38.32
N SER K 247 102.18 1.75 -38.06
CA SER K 247 101.50 2.98 -38.34
C SER K 247 101.80 4.13 -37.40
N LEU K 248 102.08 3.90 -36.10
CA LEU K 248 102.24 5.04 -35.23
C LEU K 248 103.67 5.22 -34.81
N GLY K 249 104.23 6.40 -35.15
CA GLY K 249 105.63 6.69 -34.97
C GLY K 249 106.10 6.68 -33.54
N ASP K 250 105.46 7.36 -32.60
CA ASP K 250 106.02 7.45 -31.28
C ASP K 250 105.96 6.16 -30.52
N THR K 251 105.07 5.25 -30.92
CA THR K 251 104.70 4.10 -30.14
C THR K 251 105.94 3.33 -29.77
N VAL K 252 106.79 2.95 -30.74
CA VAL K 252 107.89 2.10 -30.37
C VAL K 252 109.07 2.78 -30.98
N GLU K 253 110.26 2.61 -30.36
CA GLU K 253 111.46 3.16 -30.89
C GLU K 253 111.81 2.46 -32.16
N ALA K 254 111.67 1.12 -32.16
CA ALA K 254 112.05 0.34 -33.30
C ALA K 254 111.09 0.62 -34.40
N TYR K 255 111.62 0.69 -35.64
CA TYR K 255 110.74 0.90 -36.75
C TYR K 255 110.35 -0.46 -37.17
N GLU K 256 109.04 -0.69 -37.36
CA GLU K 256 108.68 -2.00 -37.79
C GLU K 256 109.02 -2.07 -39.23
N ASN K 257 110.28 -2.52 -39.48
CA ASN K 257 110.91 -2.69 -40.76
C ASN K 257 110.17 -3.77 -41.45
N GLY K 258 109.61 -4.70 -40.65
CA GLY K 258 108.83 -5.76 -41.20
C GLY K 258 107.77 -5.04 -41.97
N SER K 259 107.34 -3.89 -41.42
CA SER K 259 106.44 -3.05 -42.13
C SER K 259 105.06 -3.51 -41.78
N LEU K 260 104.03 -2.99 -42.47
CA LEU K 260 102.71 -3.42 -42.16
C LEU K 260 102.54 -4.84 -42.54
N ASN K 261 101.64 -5.55 -41.82
CA ASN K 261 101.44 -6.93 -42.09
C ASN K 261 100.96 -7.07 -43.49
N ALA K 262 101.44 -8.12 -44.19
CA ALA K 262 101.01 -8.28 -45.54
C ALA K 262 99.76 -9.09 -45.49
N ALA K 263 98.63 -8.44 -45.82
CA ALA K 263 97.39 -9.16 -45.86
C ALA K 263 96.95 -9.14 -47.28
N GLY K 264 96.79 -10.34 -47.88
CA GLY K 264 96.42 -10.38 -49.25
C GLY K 264 95.29 -11.34 -49.42
N LYS K 265 94.41 -11.04 -50.39
CA LYS K 265 93.27 -11.83 -50.76
C LYS K 265 92.12 -11.55 -49.82
N HIS K 266 91.12 -12.46 -49.74
CA HIS K 266 89.95 -12.27 -48.95
C HIS K 266 90.24 -12.37 -47.49
N VAL K 267 89.62 -11.48 -46.68
CA VAL K 267 89.88 -11.49 -45.27
C VAL K 267 88.53 -11.67 -44.65
N VAL K 268 88.46 -12.53 -43.60
CA VAL K 268 87.20 -12.76 -42.94
C VAL K 268 87.45 -12.22 -41.56
N VAL K 269 86.54 -11.34 -41.08
CA VAL K 269 86.71 -10.77 -39.78
C VAL K 269 85.48 -11.23 -39.05
N LEU K 270 85.67 -11.83 -37.86
CA LEU K 270 84.53 -12.32 -37.14
C LEU K 270 84.28 -11.51 -35.92
N GLY K 271 83.14 -10.79 -35.86
CA GLY K 271 82.81 -9.99 -34.71
C GLY K 271 81.87 -8.89 -35.10
N GLY K 272 80.97 -8.56 -34.15
CA GLY K 272 79.98 -7.52 -34.16
C GLY K 272 80.43 -6.17 -33.66
N GLY K 273 81.45 -6.12 -32.79
CA GLY K 273 81.71 -4.89 -32.10
C GLY K 273 82.74 -4.04 -32.79
N ASP K 274 83.25 -3.08 -32.00
CA ASP K 274 84.21 -2.09 -32.36
C ASP K 274 85.44 -2.79 -32.86
N THR K 275 85.82 -3.90 -32.20
CA THR K 275 87.03 -4.59 -32.54
C THR K 275 86.97 -5.08 -33.96
N ALA K 276 85.85 -5.72 -34.35
CA ALA K 276 85.73 -6.29 -35.66
C ALA K 276 85.81 -5.23 -36.72
N MET K 277 85.11 -4.11 -36.51
CA MET K 277 85.06 -3.08 -37.51
C MET K 277 86.41 -2.45 -37.67
N ASP K 278 87.18 -2.28 -36.58
CA ASP K 278 88.48 -1.69 -36.72
C ASP K 278 89.41 -2.59 -37.46
N CYS K 279 89.31 -3.93 -37.23
CA CYS K 279 90.16 -4.86 -37.91
C CYS K 279 89.81 -4.92 -39.36
N VAL K 280 88.52 -4.75 -39.71
CA VAL K 280 88.07 -4.82 -41.07
C VAL K 280 88.74 -3.65 -41.75
N ARG K 281 88.64 -2.44 -41.19
CA ARG K 281 89.19 -1.28 -41.82
C ARG K 281 90.69 -1.37 -41.87
N THR K 282 91.34 -1.90 -40.82
CA THR K 282 92.79 -1.88 -40.81
C THR K 282 93.23 -2.84 -41.88
N ALA K 283 92.47 -3.92 -42.14
CA ALA K 283 92.90 -4.93 -43.07
C ALA K 283 93.10 -4.33 -44.44
N ILE K 284 92.22 -3.41 -44.86
CA ILE K 284 92.29 -2.87 -46.19
C ILE K 284 93.57 -2.09 -46.17
N ARG K 285 93.94 -1.51 -45.03
CA ARG K 285 95.13 -0.72 -44.89
C ARG K 285 96.32 -1.53 -45.29
N GLN K 286 96.30 -2.84 -44.93
CA GLN K 286 97.42 -3.67 -45.25
C GLN K 286 97.28 -4.39 -46.56
N GLY K 287 96.43 -3.89 -47.47
CA GLY K 287 96.40 -4.45 -48.80
C GLY K 287 95.35 -5.51 -49.03
N ALA K 288 94.39 -5.72 -48.12
CA ALA K 288 93.41 -6.76 -48.36
C ALA K 288 92.60 -6.42 -49.59
N THR K 289 92.34 -7.44 -50.43
CA THR K 289 91.58 -7.25 -51.65
C THR K 289 90.14 -7.10 -51.23
N SER K 290 89.65 -7.98 -50.32
CA SER K 290 88.26 -7.91 -49.94
C SER K 290 88.11 -8.23 -48.49
N VAL K 291 87.09 -7.66 -47.83
CA VAL K 291 86.97 -7.95 -46.41
C VAL K 291 85.52 -8.29 -46.22
N LYS K 292 85.28 -9.35 -45.43
CA LYS K 292 83.94 -9.79 -45.12
C LYS K 292 83.77 -9.76 -43.64
N CYS K 293 82.70 -9.12 -43.15
CA CYS K 293 82.51 -9.13 -41.74
C CYS K 293 81.38 -10.05 -41.41
N LEU K 294 81.69 -11.13 -40.67
CA LEU K 294 80.70 -12.14 -40.41
C LEU K 294 80.17 -12.02 -39.03
N TYR K 295 78.83 -12.02 -38.91
CA TYR K 295 78.22 -11.85 -37.63
C TYR K 295 77.43 -13.09 -37.32
N ARG K 296 77.54 -13.54 -36.07
CA ARG K 296 76.71 -14.62 -35.68
C ARG K 296 75.30 -14.16 -35.70
N ARG K 297 75.10 -12.96 -35.16
CA ARG K 297 73.80 -12.44 -34.97
C ARG K 297 73.31 -11.68 -36.18
N ASP K 298 72.13 -11.05 -36.08
CA ASP K 298 71.47 -10.33 -37.15
C ASP K 298 72.08 -8.96 -37.33
N ARG K 299 71.85 -8.33 -38.51
CA ARG K 299 72.35 -7.02 -38.83
C ARG K 299 71.83 -5.99 -37.89
N LYS K 300 70.57 -6.15 -37.48
CA LYS K 300 69.96 -5.19 -36.62
C LYS K 300 70.73 -5.10 -35.36
N ASN K 301 71.21 -6.24 -34.84
CA ASN K 301 71.88 -6.12 -33.58
C ASN K 301 73.37 -6.20 -33.67
N MET K 302 73.93 -5.24 -34.44
CA MET K 302 75.34 -5.04 -34.54
C MET K 302 75.75 -4.30 -33.31
N PRO K 303 76.75 -4.77 -32.61
CA PRO K 303 77.16 -4.02 -31.46
C PRO K 303 77.71 -2.63 -31.50
N GLY K 304 78.49 -2.30 -32.55
CA GLY K 304 79.10 -1.01 -32.63
C GLY K 304 78.07 0.00 -33.01
N SER K 305 78.32 1.28 -32.67
CA SER K 305 77.36 2.29 -33.00
C SER K 305 77.49 2.59 -34.46
N GLN K 306 76.48 3.31 -35.00
CA GLN K 306 76.38 3.52 -36.42
C GLN K 306 77.54 4.27 -36.99
N ARG K 307 78.11 5.23 -36.25
CA ARG K 307 79.21 5.92 -36.85
C ARG K 307 80.32 4.97 -37.12
N GLU K 308 80.64 4.05 -36.19
CA GLU K 308 81.76 3.27 -36.63
C GLU K 308 81.44 2.29 -37.71
N VAL K 309 80.21 1.73 -37.72
CA VAL K 309 79.87 0.73 -38.71
C VAL K 309 79.95 1.48 -40.01
N ALA K 310 79.63 2.79 -39.99
CA ALA K 310 79.59 3.56 -41.21
C ALA K 310 80.93 3.52 -41.87
N HIS K 311 82.03 3.60 -41.10
CA HIS K 311 83.33 3.64 -41.70
C HIS K 311 83.59 2.40 -42.50
N ALA K 312 83.26 1.21 -41.97
CA ALA K 312 83.49 -0.03 -42.67
C ALA K 312 82.64 -0.07 -43.90
N GLU K 313 81.38 0.39 -43.80
CA GLU K 313 80.45 0.33 -44.89
C GLU K 313 80.90 1.15 -46.06
N GLU K 314 81.41 2.36 -45.80
CA GLU K 314 81.84 3.24 -46.86
C GLU K 314 82.96 2.58 -47.57
N GLU K 315 83.75 1.84 -46.79
CA GLU K 315 84.93 1.11 -47.16
C GLU K 315 84.60 0.03 -48.13
N GLY K 316 83.33 -0.43 -48.14
CA GLY K 316 82.91 -1.43 -49.06
C GLY K 316 83.13 -2.80 -48.49
N VAL K 317 83.16 -2.92 -47.15
CA VAL K 317 83.36 -4.23 -46.60
C VAL K 317 81.99 -4.84 -46.69
N GLU K 318 81.95 -6.16 -46.92
CA GLU K 318 80.70 -6.84 -47.05
C GLU K 318 80.33 -7.45 -45.75
N PHE K 319 79.03 -7.33 -45.39
CA PHE K 319 78.57 -7.91 -44.17
C PHE K 319 77.70 -9.06 -44.56
N ILE K 320 78.12 -10.30 -44.24
CA ILE K 320 77.22 -11.38 -44.54
C ILE K 320 76.55 -11.32 -43.22
N TRP K 321 75.22 -11.11 -43.20
CA TRP K 321 74.72 -10.92 -41.89
C TRP K 321 73.27 -11.26 -41.87
N GLN K 322 72.87 -12.25 -41.06
CA GLN K 322 71.47 -12.57 -41.08
C GLN K 322 71.08 -13.39 -39.90
N ALA K 323 69.81 -13.22 -39.47
CA ALA K 323 69.24 -13.93 -38.37
C ALA K 323 69.95 -13.57 -37.11
N ALA K 324 69.21 -13.53 -35.99
CA ALA K 324 69.86 -13.23 -34.75
C ALA K 324 70.81 -14.38 -34.48
N PRO K 325 70.41 -15.59 -34.69
CA PRO K 325 71.45 -16.55 -34.52
C PRO K 325 72.65 -16.65 -35.40
N GLU K 326 73.77 -17.09 -34.80
CA GLU K 326 75.14 -17.16 -35.24
C GLU K 326 75.44 -17.67 -36.62
N GLY K 327 75.96 -16.79 -37.53
CA GLY K 327 76.64 -17.43 -38.62
C GLY K 327 77.77 -17.84 -37.77
N PHE K 328 77.89 -19.14 -37.47
CA PHE K 328 78.88 -19.48 -36.49
C PHE K 328 79.96 -20.26 -37.15
N THR K 329 81.22 -19.95 -36.81
CA THR K 329 82.35 -20.56 -37.45
C THR K 329 82.48 -21.90 -36.78
N GLY K 330 82.32 -22.98 -37.58
CA GLY K 330 82.59 -24.31 -37.11
C GLY K 330 84.05 -24.64 -37.16
N ASP K 331 84.71 -24.37 -38.32
CA ASP K 331 86.05 -24.86 -38.50
C ASP K 331 86.80 -24.05 -39.51
N THR K 332 88.15 -24.05 -39.41
CA THR K 332 88.98 -23.36 -40.35
C THR K 332 89.69 -24.44 -41.08
N VAL K 333 89.80 -24.34 -42.42
CA VAL K 333 90.42 -25.42 -43.14
C VAL K 333 91.70 -24.81 -43.60
N VAL K 334 92.81 -25.56 -43.45
CA VAL K 334 94.08 -25.02 -43.86
C VAL K 334 94.60 -26.07 -44.78
N THR K 335 95.13 -25.63 -45.95
CA THR K 335 95.72 -26.55 -46.87
C THR K 335 96.89 -25.76 -47.35
N GLY K 336 98.03 -26.43 -47.59
CA GLY K 336 99.17 -25.72 -48.10
C GLY K 336 99.76 -24.88 -47.01
N VAL K 337 99.42 -25.19 -45.74
CA VAL K 337 99.97 -24.51 -44.61
C VAL K 337 99.36 -23.12 -44.68
N ARG K 338 98.26 -22.94 -45.44
CA ARG K 338 97.63 -21.64 -45.46
C ARG K 338 96.14 -21.81 -45.37
N ALA K 339 95.44 -20.86 -44.69
CA ALA K 339 94.01 -21.00 -44.56
C ALA K 339 93.38 -20.71 -45.90
N VAL K 340 92.60 -21.69 -46.41
CA VAL K 340 91.88 -21.57 -47.64
C VAL K 340 90.47 -21.13 -47.32
N ARG K 341 89.86 -21.59 -46.19
CA ARG K 341 88.45 -21.33 -46.01
C ARG K 341 88.04 -21.50 -44.59
N ILE K 342 86.81 -21.04 -44.26
CA ILE K 342 86.33 -21.21 -42.92
C ILE K 342 84.94 -21.74 -43.17
N HIS K 343 84.55 -22.75 -42.37
CA HIS K 343 83.29 -23.42 -42.43
C HIS K 343 82.38 -22.85 -41.38
N LEU K 344 81.15 -22.48 -41.78
CA LEU K 344 80.20 -21.93 -40.86
C LEU K 344 78.91 -22.68 -40.92
N GLY K 345 78.08 -22.50 -39.87
CA GLY K 345 76.76 -23.08 -39.82
C GLY K 345 75.86 -21.90 -39.69
N VAL K 346 74.61 -22.01 -40.19
CA VAL K 346 73.74 -20.86 -40.17
C VAL K 346 73.06 -20.95 -38.85
N ALA K 347 72.68 -19.78 -38.29
CA ALA K 347 71.96 -19.83 -37.07
C ALA K 347 70.76 -18.94 -37.18
N ASP K 348 69.72 -19.22 -36.39
CA ASP K 348 68.49 -18.49 -36.49
C ASP K 348 67.85 -18.40 -35.14
N ALA K 349 67.00 -17.36 -34.92
CA ALA K 349 66.46 -17.14 -33.61
C ALA K 349 65.08 -17.73 -33.57
N THR K 350 64.73 -18.34 -32.42
CA THR K 350 63.49 -19.01 -32.20
C THR K 350 62.68 -17.98 -31.44
N GLY K 351 61.44 -18.31 -31.03
CA GLY K 351 60.58 -17.44 -30.28
C GLY K 351 61.26 -17.14 -28.98
N ARG K 352 61.98 -18.15 -28.44
CA ARG K 352 62.71 -18.03 -27.21
C ARG K 352 63.78 -17.02 -27.39
N GLN K 353 64.19 -16.81 -28.64
CA GLN K 353 65.21 -15.86 -28.98
C GLN K 353 66.54 -16.40 -28.58
N THR K 354 66.56 -17.67 -28.12
CA THR K 354 67.82 -18.25 -27.78
C THR K 354 68.34 -18.69 -29.10
N PRO K 355 69.60 -18.43 -29.31
CA PRO K 355 70.17 -18.87 -30.54
C PRO K 355 70.22 -20.30 -30.95
N GLN K 356 69.92 -20.61 -32.23
CA GLN K 356 69.98 -21.98 -32.64
C GLN K 356 70.91 -22.10 -33.80
N VAL K 357 71.68 -23.19 -33.90
CA VAL K 357 72.61 -23.36 -34.98
C VAL K 357 72.01 -24.51 -35.74
N ILE K 358 71.95 -24.40 -37.08
CA ILE K 358 71.30 -25.46 -37.80
C ILE K 358 72.47 -26.06 -38.54
N GLU K 359 72.80 -27.31 -38.15
CA GLU K 359 73.92 -28.07 -38.66
C GLU K 359 73.75 -28.38 -40.11
N GLY K 360 72.50 -28.64 -40.54
CA GLY K 360 72.25 -29.04 -41.89
C GLY K 360 72.72 -27.99 -42.84
N SER K 361 72.55 -26.69 -42.49
CA SER K 361 72.96 -25.69 -43.42
C SER K 361 74.31 -25.18 -43.05
N GLU K 362 75.25 -25.26 -44.03
CA GLU K 362 76.62 -24.91 -43.85
C GLU K 362 77.01 -23.93 -44.90
N PHE K 363 78.08 -23.14 -44.64
CA PHE K 363 78.56 -22.27 -45.66
C PHE K 363 80.05 -22.43 -45.68
N THR K 364 80.64 -22.50 -46.89
CA THR K 364 82.07 -22.66 -46.97
C THR K 364 82.45 -21.34 -47.55
N VAL K 365 83.19 -20.51 -46.77
CA VAL K 365 83.51 -19.22 -47.31
C VAL K 365 85.00 -19.31 -47.53
N GLN K 366 85.43 -18.99 -48.76
CA GLN K 366 86.82 -18.98 -49.11
C GLN K 366 87.45 -17.79 -48.47
N ALA K 367 88.63 -17.98 -47.85
CA ALA K 367 89.29 -16.84 -47.28
C ALA K 367 90.74 -17.16 -47.13
N ASP K 368 91.59 -16.17 -47.48
CA ASP K 368 93.00 -16.28 -47.28
C ASP K 368 93.41 -15.91 -45.90
N LEU K 369 92.68 -14.98 -45.22
CA LEU K 369 93.05 -14.46 -43.92
C LEU K 369 91.90 -14.40 -42.95
N VAL K 370 92.05 -14.85 -41.68
CA VAL K 370 90.93 -14.77 -40.77
C VAL K 370 91.46 -13.99 -39.59
N ILE K 371 90.60 -13.07 -39.07
CA ILE K 371 91.01 -12.30 -37.92
C ILE K 371 89.81 -12.50 -37.03
N LYS K 372 90.04 -12.95 -35.78
CA LYS K 372 88.97 -13.12 -34.84
C LYS K 372 88.87 -11.95 -33.91
N ALA K 373 87.77 -11.23 -34.08
CA ALA K 373 87.20 -10.08 -33.45
C ALA K 373 86.35 -10.27 -32.24
N LEU K 374 86.08 -11.51 -31.76
CA LEU K 374 85.06 -11.71 -30.76
C LEU K 374 85.22 -10.86 -29.54
N GLY K 375 86.44 -10.65 -29.05
CA GLY K 375 86.50 -9.79 -27.91
C GLY K 375 87.68 -10.21 -27.09
N PHE K 376 87.72 -9.75 -25.82
CA PHE K 376 88.85 -10.06 -24.99
C PHE K 376 88.35 -10.49 -23.65
N GLU K 377 89.23 -11.16 -22.86
CA GLU K 377 88.86 -11.57 -21.54
C GLU K 377 90.09 -11.88 -20.74
N PRO K 378 90.02 -11.75 -19.44
CA PRO K 378 91.11 -12.28 -18.66
C PRO K 378 91.25 -13.76 -18.46
N GLU K 379 92.40 -14.40 -18.76
CA GLU K 379 92.39 -15.83 -18.53
C GLU K 379 93.72 -16.29 -18.04
N ASP K 380 94.74 -15.43 -18.13
CA ASP K 380 96.08 -15.76 -17.72
C ASP K 380 96.08 -16.06 -16.26
N LEU K 381 96.33 -17.33 -15.92
CA LEU K 381 96.26 -17.75 -14.55
C LEU K 381 97.28 -17.06 -13.68
N PRO K 382 98.55 -16.90 -13.99
CA PRO K 382 99.43 -16.23 -13.07
C PRO K 382 98.94 -14.84 -12.79
N ASN K 383 98.25 -14.18 -13.73
CA ASN K 383 97.78 -12.84 -13.52
C ASN K 383 96.72 -12.86 -12.46
N ALA K 384 95.80 -13.85 -12.57
CA ALA K 384 94.72 -13.97 -11.66
C ALA K 384 95.28 -14.21 -10.31
N PHE K 385 96.35 -15.03 -10.21
CA PHE K 385 97.00 -15.44 -8.99
C PHE K 385 97.60 -14.24 -8.32
N ASP K 386 98.07 -13.27 -9.12
CA ASP K 386 98.68 -12.06 -8.66
C ASP K 386 97.71 -11.35 -7.78
N GLU K 387 96.43 -11.44 -8.15
CA GLU K 387 95.30 -10.78 -7.56
C GLU K 387 94.94 -11.27 -6.18
N PRO K 388 95.27 -12.46 -5.75
CA PRO K 388 94.84 -12.78 -4.43
C PRO K 388 95.11 -11.90 -3.27
N GLU K 389 94.26 -11.88 -2.22
CA GLU K 389 93.06 -12.64 -1.95
C GLU K 389 91.82 -12.18 -2.68
N LEU K 390 91.83 -10.97 -3.28
CA LEU K 390 90.68 -10.30 -3.87
C LEU K 390 89.67 -11.24 -4.51
N LYS K 391 88.37 -11.04 -4.20
CA LYS K 391 87.31 -11.91 -4.65
C LYS K 391 86.98 -11.70 -6.10
N VAL K 392 86.62 -12.80 -6.80
CA VAL K 392 86.33 -12.70 -8.19
C VAL K 392 84.88 -13.14 -8.26
N THR K 393 84.12 -12.59 -9.24
CA THR K 393 82.71 -12.84 -9.39
C THR K 393 82.66 -14.07 -10.25
N ARG K 394 81.45 -14.61 -10.50
CA ARG K 394 81.38 -15.76 -11.34
C ARG K 394 81.47 -15.36 -12.77
N TRP K 395 82.11 -14.20 -13.04
CA TRP K 395 82.35 -13.80 -14.40
C TRP K 395 83.83 -13.91 -14.49
N GLY K 396 84.44 -14.34 -13.36
CA GLY K 396 85.86 -14.55 -13.29
C GLY K 396 86.54 -13.22 -13.39
N THR K 397 85.94 -12.14 -12.86
CA THR K 397 86.58 -10.86 -12.97
C THR K 397 86.59 -10.36 -11.56
N LEU K 398 87.47 -9.39 -11.26
CA LEU K 398 87.55 -8.86 -9.93
C LEU K 398 86.28 -8.16 -9.55
N LEU K 399 85.72 -8.49 -8.37
CA LEU K 399 84.52 -7.84 -7.90
C LEU K 399 84.87 -6.53 -7.31
N VAL K 400 84.00 -5.51 -7.55
CA VAL K 400 84.30 -4.23 -7.00
C VAL K 400 82.95 -3.64 -6.71
N ASP K 401 82.89 -2.74 -5.71
CA ASP K 401 81.68 -2.02 -5.46
C ASP K 401 81.54 -1.03 -6.56
N HIS K 402 80.30 -0.88 -7.08
CA HIS K 402 80.09 -0.02 -8.19
C HIS K 402 80.41 1.40 -7.86
N ARG K 403 80.02 1.87 -6.67
CA ARG K 403 80.28 3.24 -6.32
C ARG K 403 81.73 3.54 -6.03
N THR K 404 82.35 2.77 -5.11
CA THR K 404 83.69 3.02 -4.60
C THR K 404 84.70 2.46 -5.56
N LYS K 405 84.33 1.39 -6.26
CA LYS K 405 85.19 0.58 -7.08
C LYS K 405 86.27 -0.06 -6.25
N MET K 406 85.94 -0.31 -4.98
CA MET K 406 86.80 -0.98 -4.06
C MET K 406 86.60 -2.45 -4.23
N THR K 407 87.69 -3.21 -4.05
CA THR K 407 87.76 -4.63 -4.19
C THR K 407 87.44 -5.13 -2.81
N ASN K 408 87.42 -6.47 -2.62
CA ASN K 408 87.19 -7.07 -1.35
C ASN K 408 88.20 -6.51 -0.40
N MET K 409 89.45 -6.31 -0.89
CA MET K 409 90.46 -5.72 -0.05
C MET K 409 90.31 -4.23 -0.11
N ASP K 410 90.30 -3.57 1.06
CA ASP K 410 90.06 -2.16 1.16
C ASP K 410 91.09 -1.33 0.45
N GLY K 411 92.36 -1.79 0.49
CA GLY K 411 93.49 -1.15 -0.10
C GLY K 411 93.47 -1.23 -1.61
N VAL K 412 92.74 -2.20 -2.21
CA VAL K 412 92.93 -2.35 -3.62
C VAL K 412 91.62 -1.97 -4.26
N PHE K 413 91.73 -1.27 -5.42
CA PHE K 413 90.63 -0.79 -6.21
C PHE K 413 90.83 -1.28 -7.62
N ALA K 414 89.78 -1.23 -8.46
CA ALA K 414 89.89 -1.69 -9.82
C ALA K 414 88.97 -0.89 -10.68
N ALA K 415 89.33 -0.72 -11.96
CA ALA K 415 88.49 0.06 -12.82
C ALA K 415 88.83 -0.26 -14.25
N GLY K 416 87.95 0.14 -15.18
CA GLY K 416 88.17 -0.05 -16.58
C GLY K 416 87.62 -1.36 -17.05
N ASP K 417 88.16 -1.87 -18.17
CA ASP K 417 87.68 -3.06 -18.81
C ASP K 417 87.71 -4.25 -17.89
N ILE K 418 88.66 -4.28 -16.92
CA ILE K 418 88.89 -5.43 -16.07
C ILE K 418 87.59 -5.65 -15.31
N VAL K 419 86.84 -4.60 -14.97
CA VAL K 419 85.67 -4.66 -14.13
C VAL K 419 84.63 -5.40 -14.94
N ARG K 420 84.72 -5.34 -16.28
CA ARG K 420 83.71 -5.97 -17.09
C ARG K 420 82.38 -5.38 -16.76
N GLY K 421 82.02 -4.26 -17.39
CA GLY K 421 80.80 -3.62 -17.02
C GLY K 421 80.65 -2.43 -17.91
N ALA K 422 81.75 -2.01 -18.54
CA ALA K 422 81.70 -0.92 -19.46
C ALA K 422 82.78 -1.20 -20.49
N SER K 423 82.62 -0.75 -21.76
CA SER K 423 83.68 -0.99 -22.73
C SER K 423 83.91 0.24 -23.57
N LEU K 424 84.20 1.37 -22.90
CA LEU K 424 84.40 2.61 -23.60
C LEU K 424 85.50 3.32 -22.86
N VAL K 425 86.21 4.21 -23.58
CA VAL K 425 87.34 4.90 -23.01
C VAL K 425 86.79 5.82 -21.93
N VAL K 426 85.69 6.56 -22.19
CA VAL K 426 85.22 7.53 -21.23
C VAL K 426 84.72 6.87 -19.95
N TRP K 427 84.10 5.66 -20.05
CA TRP K 427 83.69 4.99 -18.83
C TRP K 427 84.93 4.53 -18.11
N ALA K 428 85.99 4.08 -18.80
CA ALA K 428 87.18 3.62 -18.13
C ALA K 428 87.80 4.78 -17.41
N ILE K 429 87.80 5.99 -18.04
CA ILE K 429 88.45 7.13 -17.43
C ILE K 429 87.55 7.42 -16.25
N ARG K 430 86.22 7.29 -16.40
CA ARG K 430 85.34 7.57 -15.32
C ARG K 430 85.60 6.65 -14.17
N ASP K 431 85.94 5.38 -14.47
CA ASP K 431 86.14 4.43 -13.42
C ASP K 431 87.27 4.87 -12.55
N GLY K 432 88.37 5.31 -13.19
CA GLY K 432 89.55 5.75 -12.48
C GLY K 432 89.19 6.97 -11.70
N ARG K 433 88.34 7.84 -12.29
CA ARG K 433 87.92 9.05 -11.67
C ARG K 433 87.27 8.76 -10.37
N ASP K 434 86.27 7.86 -10.41
CA ASP K 434 85.55 7.56 -9.21
C ASP K 434 86.40 6.90 -8.20
N ALA K 435 87.31 6.01 -8.66
CA ALA K 435 88.16 5.28 -7.76
C ALA K 435 89.02 6.24 -7.00
N ALA K 436 89.56 7.27 -7.68
CA ALA K 436 90.55 8.13 -7.08
C ALA K 436 90.01 8.74 -5.84
N GLU K 437 88.73 9.15 -5.82
CA GLU K 437 88.22 9.78 -4.63
C GLU K 437 88.25 8.81 -3.49
N GLY K 438 87.83 7.55 -3.73
CA GLY K 438 87.79 6.53 -2.72
C GLY K 438 89.16 6.12 -2.26
N ILE K 439 90.16 6.07 -3.17
CA ILE K 439 91.47 5.62 -2.73
C ILE K 439 91.81 6.76 -1.82
N HIS K 440 91.49 8.00 -2.22
CA HIS K 440 91.84 9.15 -1.44
C HIS K 440 91.24 9.05 -0.08
N ALA K 441 89.96 8.66 0.01
CA ALA K 441 89.35 8.59 1.30
C ALA K 441 90.09 7.59 2.14
N TYR K 442 90.45 6.45 1.54
CA TYR K 442 91.10 5.39 2.26
C TYR K 442 92.44 5.83 2.77
N ALA K 443 93.28 6.43 1.89
CA ALA K 443 94.61 6.81 2.31
C ALA K 443 94.54 7.84 3.37
N LYS K 444 93.66 8.85 3.21
CA LYS K 444 93.58 9.92 4.17
C LYS K 444 93.21 9.39 5.50
N ALA K 445 92.35 8.35 5.52
CA ALA K 445 91.97 7.76 6.76
C ALA K 445 93.22 7.25 7.40
N LYS K 446 94.13 6.68 6.59
CA LYS K 446 95.36 6.17 7.12
C LYS K 446 96.09 7.31 7.78
N ALA K 447 96.05 8.48 7.13
CA ALA K 447 96.62 9.73 7.57
C ALA K 447 95.91 10.16 8.81
N GLU K 448 94.67 9.66 9.02
CA GLU K 448 93.84 10.06 10.11
C GLU K 448 93.27 11.42 9.81
N ALA K 449 93.03 11.68 8.51
CA ALA K 449 92.42 12.91 8.14
C ALA K 449 91.16 12.62 7.37
N PRO K 450 90.12 13.30 7.78
CA PRO K 450 88.88 13.19 7.07
C PRO K 450 88.64 13.71 5.68
N VAL K 451 87.64 13.19 4.94
CA VAL K 451 87.35 13.70 3.63
C VAL K 451 85.90 14.01 3.80
N ALA K 452 85.39 15.05 3.11
CA ALA K 452 84.06 15.43 3.47
C ALA K 452 83.06 14.35 3.18
N VAL K 453 82.69 14.15 1.90
CA VAL K 453 81.62 13.23 1.61
C VAL K 453 81.35 13.65 0.21
N ALA K 454 81.18 14.98 0.06
CA ALA K 454 80.84 15.59 -1.19
C ALA K 454 81.90 15.23 -2.17
N ALA K 455 83.18 15.21 -1.75
CA ALA K 455 84.23 14.89 -2.66
C ALA K 455 84.37 16.05 -3.58
N GLU K 456 85.62 16.39 -3.92
CA GLU K 456 85.80 17.54 -4.75
C GLU K 456 87.33 17.58 -4.75
N GLN L 1 -9.58 -35.98 -100.26
CA GLN L 1 -10.42 -37.12 -100.55
C GLN L 1 -9.62 -38.39 -100.61
N ASP L 2 -9.64 -39.20 -99.52
CA ASP L 2 -8.90 -40.44 -99.36
C ASP L 2 -8.46 -40.69 -97.91
N PHE L 3 -8.27 -41.97 -97.44
CA PHE L 3 -8.08 -42.22 -96.02
C PHE L 3 -6.73 -42.74 -95.58
N ALA L 4 -5.67 -41.89 -95.59
CA ALA L 4 -4.37 -42.31 -95.14
C ALA L 4 -4.30 -42.12 -93.64
N GLU L 5 -3.35 -42.81 -92.97
CA GLU L 5 -3.21 -42.70 -91.54
C GLU L 5 -2.74 -41.31 -91.19
N ILE L 6 -3.68 -40.50 -90.67
CA ILE L 6 -3.50 -39.12 -90.30
C ILE L 6 -2.81 -39.12 -88.96
N TYR L 7 -2.99 -40.15 -88.08
CA TYR L 7 -2.41 -40.12 -86.75
C TYR L 7 -0.98 -39.70 -86.72
N ALA L 8 -0.73 -38.68 -85.88
CA ALA L 8 0.59 -38.17 -85.61
C ALA L 8 1.35 -39.19 -84.82
N ARG L 9 0.65 -39.90 -83.91
CA ARG L 9 1.20 -40.82 -82.96
C ARG L 9 1.82 -42.03 -83.56
N PHE L 10 1.33 -42.50 -84.72
CA PHE L 10 1.79 -43.73 -85.30
C PHE L 10 3.27 -43.77 -85.40
N SER L 11 3.86 -44.94 -85.06
CA SER L 11 5.28 -45.05 -85.09
C SER L 11 5.68 -46.21 -85.93
N ASP L 12 6.84 -46.05 -86.58
CA ASP L 12 7.50 -47.05 -87.34
C ASP L 12 8.39 -47.74 -86.34
N GLU L 13 9.32 -48.60 -86.78
CA GLU L 13 10.23 -49.30 -85.91
C GLU L 13 11.00 -48.29 -85.11
N ARG L 14 10.99 -47.04 -85.59
CA ARG L 14 11.64 -45.88 -85.04
C ARG L 14 11.14 -45.70 -83.62
N ALA L 15 10.04 -46.40 -83.24
CA ALA L 15 9.41 -46.41 -81.94
C ALA L 15 10.49 -46.76 -80.95
N ASN L 16 11.54 -47.45 -81.42
CA ASN L 16 12.64 -47.80 -80.60
C ASN L 16 13.21 -46.56 -79.98
N GLU L 17 13.26 -45.46 -80.74
CA GLU L 17 13.85 -44.25 -80.24
C GLU L 17 13.12 -43.80 -79.01
N GLN L 18 11.78 -43.74 -79.08
CA GLN L 18 11.05 -43.26 -77.93
C GLN L 18 11.06 -44.23 -76.80
N ALA L 19 11.13 -45.53 -77.11
CA ALA L 19 11.11 -46.52 -76.07
C ALA L 19 12.29 -46.31 -75.16
N ASN L 20 13.46 -45.99 -75.74
CA ASN L 20 14.65 -45.76 -74.98
C ASN L 20 14.45 -44.55 -74.13
N ARG L 21 13.74 -43.54 -74.67
CA ARG L 21 13.51 -42.28 -74.03
C ARG L 21 12.74 -42.43 -72.75
N CYS L 22 11.77 -43.36 -72.72
CA CYS L 22 10.95 -43.56 -71.57
C CYS L 22 11.80 -43.85 -70.36
N SER L 23 11.48 -43.17 -69.24
CA SER L 23 12.20 -43.31 -68.01
C SER L 23 11.95 -44.64 -67.35
N GLN L 24 10.87 -45.33 -67.76
CA GLN L 24 10.57 -46.61 -67.19
C GLN L 24 10.51 -46.52 -65.71
N CYS L 25 9.69 -45.58 -65.25
CA CYS L 25 9.52 -45.04 -63.95
C CYS L 25 8.83 -46.00 -63.02
N GLY L 26 9.15 -45.90 -61.71
CA GLY L 26 8.56 -46.77 -60.74
C GLY L 26 7.21 -46.21 -60.41
N VAL L 27 6.26 -47.10 -60.05
CA VAL L 27 4.88 -46.84 -59.67
C VAL L 27 4.46 -45.79 -60.64
N PRO L 28 4.68 -46.06 -61.89
CA PRO L 28 4.47 -45.08 -62.91
C PRO L 28 3.08 -44.52 -62.86
N PHE L 29 2.99 -43.19 -63.04
CA PHE L 29 1.79 -42.43 -63.05
C PHE L 29 0.98 -42.80 -64.23
N CYS L 30 1.64 -43.11 -65.35
CA CYS L 30 0.94 -43.37 -66.56
C CYS L 30 0.07 -44.58 -66.41
N GLN L 31 0.59 -45.64 -65.77
CA GLN L 31 -0.23 -46.80 -65.61
C GLN L 31 -1.40 -46.55 -64.71
N VAL L 32 -1.19 -45.77 -63.64
CA VAL L 32 -2.21 -45.52 -62.68
C VAL L 32 -3.29 -44.82 -63.46
N HIS L 33 -2.90 -43.94 -64.41
CA HIS L 33 -3.81 -43.15 -65.18
C HIS L 33 -4.53 -43.89 -66.30
N CYS L 34 -4.10 -45.15 -66.56
CA CYS L 34 -4.69 -45.96 -67.58
C CYS L 34 -5.87 -46.73 -67.02
N PRO L 35 -7.00 -46.67 -67.71
CA PRO L 35 -8.16 -47.36 -67.27
C PRO L 35 -8.12 -48.83 -67.02
N VAL L 36 -7.40 -49.55 -67.91
CA VAL L 36 -7.22 -50.98 -67.88
C VAL L 36 -6.01 -51.25 -66.97
N SER L 37 -5.28 -50.21 -66.53
CA SER L 37 -4.12 -50.37 -65.68
C SER L 37 -3.00 -51.18 -66.31
N ASN L 38 -2.70 -50.87 -67.59
CA ASN L 38 -1.64 -51.54 -68.30
C ASN L 38 -0.31 -51.23 -67.69
N ASN L 39 0.59 -52.24 -67.69
CA ASN L 39 1.90 -52.07 -67.18
C ASN L 39 2.75 -51.45 -68.25
N ILE L 40 2.63 -50.12 -68.38
CA ILE L 40 3.30 -49.38 -69.40
C ILE L 40 4.82 -49.46 -69.17
N PRO L 41 5.43 -49.31 -67.99
CA PRO L 41 6.87 -49.35 -67.91
C PRO L 41 7.42 -50.62 -68.49
N ASP L 42 6.79 -51.76 -68.18
CA ASP L 42 7.32 -53.02 -68.64
C ASP L 42 7.12 -53.24 -70.11
N TRP L 43 5.96 -52.86 -70.69
CA TRP L 43 5.83 -53.14 -72.09
C TRP L 43 6.78 -52.26 -72.87
N LEU L 44 7.00 -51.02 -72.40
CA LEU L 44 7.87 -50.08 -73.05
C LEU L 44 9.30 -50.53 -72.95
N LYS L 45 9.67 -51.09 -71.79
CA LYS L 45 11.02 -51.53 -71.60
C LYS L 45 11.27 -52.59 -72.60
N LEU L 46 10.23 -53.40 -72.81
CA LEU L 46 10.33 -54.49 -73.69
C LEU L 46 10.64 -54.02 -75.09
N THR L 47 9.89 -53.00 -75.58
CA THR L 47 10.06 -52.61 -76.96
C THR L 47 11.46 -52.09 -77.00
N SER L 48 11.94 -51.45 -75.93
CA SER L 48 13.27 -50.91 -75.95
C SER L 48 14.22 -52.03 -76.24
N GLU L 49 13.98 -53.22 -75.63
CA GLU L 49 14.83 -54.34 -75.89
C GLU L 49 14.60 -54.85 -77.28
N GLY L 50 13.40 -54.61 -77.84
CA GLY L 50 13.17 -55.08 -79.17
C GLY L 50 12.41 -56.36 -79.11
N ARG L 51 11.91 -56.75 -77.92
CA ARG L 51 11.18 -57.99 -77.97
C ARG L 51 9.72 -57.74 -78.03
N LEU L 52 9.24 -57.38 -79.22
CA LEU L 52 7.89 -56.92 -79.40
C LEU L 52 6.87 -57.89 -78.87
N GLU L 53 7.16 -59.20 -78.94
CA GLU L 53 6.19 -60.11 -78.44
C GLU L 53 5.92 -59.88 -76.98
N GLU L 54 6.97 -59.62 -76.19
CA GLU L 54 6.80 -59.44 -74.77
C GLU L 54 5.91 -58.27 -74.49
N ALA L 55 6.13 -57.13 -75.18
CA ALA L 55 5.31 -55.99 -74.87
C ALA L 55 3.89 -56.25 -75.24
N TYR L 56 3.68 -56.93 -76.38
CA TYR L 56 2.35 -57.22 -76.87
C TYR L 56 1.63 -58.04 -75.85
N GLU L 57 2.31 -59.04 -75.27
CA GLU L 57 1.67 -59.91 -74.31
C GLU L 57 1.23 -59.09 -73.12
N VAL L 58 2.08 -58.16 -72.68
CA VAL L 58 1.81 -57.37 -71.50
C VAL L 58 0.60 -56.56 -71.83
N SER L 59 0.55 -55.96 -73.05
CA SER L 59 -0.55 -55.10 -73.40
C SER L 59 -1.87 -55.84 -73.42
N GLN L 60 -1.90 -57.00 -74.08
CA GLN L 60 -3.09 -57.78 -74.27
C GLN L 60 -3.61 -58.30 -72.97
N ALA L 61 -2.71 -58.59 -72.01
CA ALA L 61 -3.19 -59.18 -70.80
C ALA L 61 -4.17 -58.23 -70.16
N THR L 62 -3.81 -56.93 -70.05
CA THR L 62 -4.67 -55.95 -69.41
C THR L 62 -5.75 -55.55 -70.37
N ASN L 63 -5.45 -55.27 -71.67
CA ASN L 63 -6.59 -55.00 -72.50
C ASN L 63 -6.61 -55.78 -73.77
N ASN L 64 -7.74 -56.43 -74.02
CA ASN L 64 -8.01 -57.31 -75.10
C ASN L 64 -7.95 -56.59 -76.41
N PHE L 65 -8.25 -55.27 -76.39
CA PHE L 65 -8.21 -54.49 -77.58
C PHE L 65 -7.03 -53.56 -77.51
N PRO L 66 -5.86 -54.06 -77.22
CA PRO L 66 -4.70 -53.23 -77.05
C PRO L 66 -4.39 -52.44 -78.29
N GLU L 67 -4.63 -53.03 -79.48
CA GLU L 67 -4.31 -52.41 -80.73
C GLU L 67 -5.09 -51.15 -80.92
N ILE L 68 -6.42 -51.30 -80.76
CA ILE L 68 -7.34 -50.26 -81.13
C ILE L 68 -7.06 -49.18 -80.13
N CYS L 69 -6.88 -49.51 -78.85
CA CYS L 69 -6.71 -48.48 -77.86
C CYS L 69 -5.45 -47.70 -78.10
N GLY L 70 -4.37 -48.37 -78.53
CA GLY L 70 -3.14 -47.67 -78.76
C GLY L 70 -3.39 -46.59 -79.77
N ARG L 71 -4.17 -46.91 -80.83
CA ARG L 71 -4.44 -45.93 -81.84
C ARG L 71 -5.39 -44.82 -81.43
N ILE L 72 -6.50 -45.21 -80.78
CA ILE L 72 -7.58 -44.35 -80.36
C ILE L 72 -7.60 -43.63 -79.04
N CYS L 73 -6.96 -44.16 -77.99
CA CYS L 73 -7.10 -43.61 -76.66
C CYS L 73 -6.70 -42.16 -76.62
N PRO L 74 -7.53 -41.35 -76.01
CA PRO L 74 -7.25 -39.95 -75.78
C PRO L 74 -6.27 -39.97 -74.67
N GLN L 75 -4.99 -40.17 -74.98
CA GLN L 75 -3.93 -40.36 -74.05
C GLN L 75 -3.74 -39.18 -73.14
N ASP L 76 -3.87 -37.95 -73.67
CA ASP L 76 -3.60 -36.79 -72.85
C ASP L 76 -4.52 -36.77 -71.68
N ARG L 77 -5.76 -37.23 -71.88
CA ARG L 77 -6.74 -37.32 -70.85
C ARG L 77 -6.45 -38.46 -69.95
N LEU L 78 -5.67 -39.45 -70.46
CA LEU L 78 -5.46 -40.74 -69.87
C LEU L 78 -4.05 -40.94 -69.38
N CYS L 79 -3.39 -42.05 -69.78
CA CYS L 79 -2.09 -42.40 -69.27
C CYS L 79 -1.04 -41.36 -69.52
N GLU L 80 -0.98 -40.77 -70.74
CA GLU L 80 0.06 -39.81 -70.98
C GLU L 80 -0.12 -38.57 -70.16
N GLY L 81 -1.36 -38.31 -69.71
CA GLY L 81 -1.64 -37.15 -68.94
C GLY L 81 -0.77 -37.16 -67.72
N ASN L 82 -0.47 -38.33 -67.12
CA ASN L 82 0.37 -38.20 -65.96
C ASN L 82 1.75 -38.65 -66.24
N CYS L 83 2.20 -38.57 -67.51
CA CYS L 83 3.54 -38.97 -67.82
C CYS L 83 4.51 -37.98 -67.23
N VAL L 84 5.55 -38.48 -66.54
CA VAL L 84 6.47 -37.66 -65.81
C VAL L 84 7.27 -36.84 -66.79
N ILE L 85 7.63 -37.38 -67.97
CA ILE L 85 8.58 -36.73 -68.86
C ILE L 85 7.93 -35.48 -69.34
N GLU L 86 6.61 -35.28 -69.18
CA GLU L 86 6.00 -34.08 -69.68
C GLU L 86 6.71 -32.87 -69.15
N GLN L 87 7.33 -32.98 -67.97
CA GLN L 87 8.08 -31.87 -67.43
C GLN L 87 9.21 -31.49 -68.35
N SER L 88 9.77 -32.46 -69.09
CA SER L 88 10.91 -32.26 -69.98
C SER L 88 10.53 -31.55 -71.25
N THR L 89 11.59 -31.12 -71.96
CA THR L 89 11.55 -30.37 -73.20
C THR L 89 10.90 -31.30 -74.17
N HIS L 90 11.35 -32.56 -74.21
CA HIS L 90 10.86 -33.45 -75.21
C HIS L 90 9.39 -33.63 -75.05
N GLY L 91 8.89 -33.69 -73.81
CA GLY L 91 7.49 -33.87 -73.65
C GLY L 91 7.24 -35.31 -73.31
N ALA L 92 5.95 -35.62 -73.09
CA ALA L 92 5.53 -36.92 -72.67
C ALA L 92 5.80 -37.92 -73.76
N VAL L 93 5.86 -39.21 -73.37
CA VAL L 93 6.19 -40.28 -74.25
C VAL L 93 4.89 -40.56 -74.91
N THR L 94 4.93 -41.01 -76.18
CA THR L 94 3.66 -41.27 -76.78
C THR L 94 3.49 -42.71 -76.47
N ILE L 95 2.79 -43.00 -75.35
CA ILE L 95 2.59 -44.36 -74.94
C ILE L 95 1.65 -44.99 -75.95
N GLY L 96 0.66 -44.24 -76.47
CA GLY L 96 -0.30 -44.84 -77.37
C GLY L 96 0.40 -45.40 -78.57
N SER L 97 1.37 -44.64 -79.11
CA SER L 97 2.10 -45.01 -80.28
C SER L 97 2.90 -46.26 -80.06
N VAL L 98 3.56 -46.37 -78.89
CA VAL L 98 4.41 -47.51 -78.68
C VAL L 98 3.48 -48.68 -78.56
N GLU L 99 2.31 -48.50 -77.92
CA GLU L 99 1.37 -49.59 -77.77
C GLU L 99 0.92 -50.04 -79.13
N LYS L 100 0.69 -49.10 -80.07
CA LYS L 100 0.26 -49.52 -81.38
C LYS L 100 1.33 -50.35 -82.02
N TYR L 101 2.59 -49.87 -81.96
CA TYR L 101 3.65 -50.48 -82.70
C TYR L 101 3.87 -51.90 -82.27
N ILE L 102 3.93 -52.12 -80.94
CA ILE L 102 4.30 -53.38 -80.37
C ILE L 102 3.19 -54.30 -80.79
N ASN L 103 1.95 -53.81 -80.70
CA ASN L 103 0.78 -54.57 -81.06
C ASN L 103 0.82 -54.94 -82.51
N ASP L 104 1.24 -54.01 -83.38
CA ASP L 104 1.24 -54.26 -84.79
C ASP L 104 2.17 -55.39 -85.16
N THR L 105 3.35 -55.44 -84.52
CA THR L 105 4.30 -56.45 -84.92
C THR L 105 3.67 -57.75 -84.53
N ALA L 106 3.00 -57.79 -83.37
CA ALA L 106 2.42 -59.01 -82.89
C ALA L 106 1.44 -59.49 -83.90
N TRP L 107 0.69 -58.56 -84.51
CA TRP L 107 -0.30 -58.92 -85.49
C TRP L 107 0.42 -59.64 -86.59
N ASP L 108 1.58 -59.10 -87.01
CA ASP L 108 2.31 -59.63 -88.11
C ASP L 108 2.68 -61.05 -87.83
N GLN L 109 3.04 -61.35 -86.57
CA GLN L 109 3.50 -62.66 -86.22
C GLN L 109 2.44 -63.68 -86.49
N GLY L 110 1.17 -63.38 -86.18
CA GLY L 110 0.13 -64.33 -86.50
C GLY L 110 0.05 -65.39 -85.46
N TRP L 111 0.43 -65.08 -84.19
CA TRP L 111 0.33 -66.06 -83.14
C TRP L 111 -1.11 -66.06 -82.74
N VAL L 112 -1.59 -67.20 -82.20
CA VAL L 112 -2.96 -67.39 -81.81
C VAL L 112 -2.88 -67.33 -80.30
N LYS L 113 -3.99 -66.96 -79.62
CA LYS L 113 -3.95 -66.83 -78.18
C LYS L 113 -4.60 -67.98 -77.47
N PRO L 114 -3.80 -68.84 -76.89
CA PRO L 114 -4.33 -69.96 -76.16
C PRO L 114 -5.17 -69.89 -74.92
N ARG L 115 -5.94 -70.96 -74.62
CA ARG L 115 -6.75 -70.92 -73.43
C ARG L 115 -6.06 -71.45 -72.22
N THR L 116 -6.47 -70.96 -71.04
CA THR L 116 -5.92 -71.42 -69.81
C THR L 116 -6.71 -72.69 -69.61
N PRO L 117 -6.15 -73.60 -68.86
CA PRO L 117 -6.72 -74.93 -68.72
C PRO L 117 -8.19 -75.02 -68.37
N SER L 118 -8.70 -74.51 -67.22
CA SER L 118 -10.10 -74.81 -66.99
C SER L 118 -10.66 -74.12 -65.76
N ARG L 119 -12.02 -74.08 -65.64
CA ARG L 119 -12.75 -73.45 -64.57
C ARG L 119 -14.22 -73.87 -64.66
N GLU L 120 -15.14 -73.37 -63.75
CA GLU L 120 -16.56 -73.66 -63.86
C GLU L 120 -16.91 -73.38 -65.27
N LEU L 121 -17.16 -74.48 -65.99
CA LEU L 121 -17.13 -74.49 -67.41
C LEU L 121 -18.04 -73.59 -68.12
N GLY L 122 -19.32 -73.59 -67.76
CA GLY L 122 -19.99 -72.60 -68.53
C GLY L 122 -21.32 -73.03 -68.96
N LEU L 123 -22.28 -72.46 -68.23
CA LEU L 123 -23.61 -72.55 -68.66
C LEU L 123 -23.67 -71.51 -69.74
N SER L 124 -24.65 -71.51 -70.65
CA SER L 124 -24.60 -70.54 -71.70
C SER L 124 -24.60 -69.14 -71.16
N VAL L 125 -23.74 -68.28 -71.75
CA VAL L 125 -23.72 -66.92 -71.31
C VAL L 125 -23.95 -66.19 -72.61
N GLY L 126 -24.70 -65.07 -72.54
CA GLY L 126 -24.99 -64.33 -73.74
C GLY L 126 -24.57 -62.91 -73.53
N VAL L 127 -24.11 -62.25 -74.62
CA VAL L 127 -23.68 -60.88 -74.52
C VAL L 127 -24.40 -60.27 -75.68
N ILE L 128 -24.83 -58.99 -75.54
CA ILE L 128 -25.60 -58.40 -76.62
C ILE L 128 -24.73 -57.25 -77.07
N GLY L 129 -24.44 -57.21 -78.38
CA GLY L 129 -23.65 -56.17 -78.98
C GLY L 129 -22.21 -56.62 -79.02
N ALA L 130 -21.61 -56.61 -80.23
CA ALA L 130 -20.26 -56.95 -80.63
C ALA L 130 -19.25 -55.84 -80.44
N GLY L 131 -19.44 -54.86 -79.55
CA GLY L 131 -18.47 -53.78 -79.44
C GLY L 131 -17.39 -54.06 -78.44
N PRO L 132 -16.60 -53.06 -78.08
CA PRO L 132 -15.51 -53.20 -77.16
C PRO L 132 -15.85 -53.80 -75.84
N ALA L 133 -17.01 -53.39 -75.28
CA ALA L 133 -17.42 -53.83 -73.98
C ALA L 133 -17.64 -55.32 -73.98
N GLY L 134 -18.44 -55.84 -74.94
CA GLY L 134 -18.75 -57.24 -74.99
C GLY L 134 -17.54 -58.04 -75.35
N LEU L 135 -16.72 -57.54 -76.28
CA LEU L 135 -15.58 -58.31 -76.69
C LEU L 135 -14.67 -58.49 -75.52
N ALA L 136 -14.46 -57.44 -74.72
CA ALA L 136 -13.59 -57.53 -73.59
C ALA L 136 -14.17 -58.47 -72.58
N ALA L 137 -15.48 -58.34 -72.30
CA ALA L 137 -16.11 -59.17 -71.30
C ALA L 137 -16.03 -60.59 -71.74
N ALA L 138 -16.34 -60.86 -73.03
CA ALA L 138 -16.35 -62.20 -73.53
C ALA L 138 -14.97 -62.78 -73.46
N GLU L 139 -13.92 -62.00 -73.81
CA GLU L 139 -12.63 -62.64 -73.80
C GLU L 139 -12.16 -63.00 -72.43
N GLU L 140 -12.44 -62.16 -71.43
CA GLU L 140 -12.01 -62.45 -70.09
C GLU L 140 -12.74 -63.65 -69.58
N LEU L 141 -14.05 -63.75 -69.90
CA LEU L 141 -14.84 -64.85 -69.47
C LEU L 141 -14.29 -66.10 -70.07
N ARG L 142 -13.91 -66.04 -71.36
CA ARG L 142 -13.41 -67.22 -71.99
C ARG L 142 -12.11 -67.62 -71.36
N ALA L 143 -11.33 -66.62 -70.91
CA ALA L 143 -10.09 -66.93 -70.25
C ALA L 143 -10.47 -67.76 -69.07
N LYS L 144 -11.58 -67.40 -68.42
CA LYS L 144 -12.06 -68.16 -67.29
C LYS L 144 -12.43 -69.55 -67.74
N GLY L 145 -12.83 -69.75 -69.02
CA GLY L 145 -13.16 -71.09 -69.42
C GLY L 145 -14.65 -71.30 -69.55
N TYR L 146 -15.40 -70.32 -70.09
CA TYR L 146 -16.83 -70.45 -70.25
C TYR L 146 -17.18 -70.49 -71.73
N GLU L 147 -18.40 -70.99 -72.05
CA GLU L 147 -18.96 -71.04 -73.40
C GLU L 147 -19.84 -69.83 -73.57
N VAL L 148 -19.57 -68.96 -74.58
CA VAL L 148 -20.29 -67.71 -74.58
C VAL L 148 -20.59 -67.42 -76.02
N HIS L 149 -21.71 -66.68 -76.24
CA HIS L 149 -22.13 -66.24 -77.54
C HIS L 149 -22.45 -64.78 -77.51
N VAL L 150 -22.05 -64.01 -78.56
CA VAL L 150 -22.33 -62.60 -78.55
C VAL L 150 -23.30 -62.48 -79.69
N TYR L 151 -24.42 -61.78 -79.44
CA TYR L 151 -25.42 -61.59 -80.46
C TYR L 151 -25.29 -60.17 -80.91
N ASP L 152 -25.02 -59.99 -82.22
CA ASP L 152 -24.79 -58.69 -82.81
C ASP L 152 -25.87 -58.36 -83.80
N ARG L 153 -26.43 -57.14 -83.69
CA ARG L 153 -27.50 -56.72 -84.56
C ARG L 153 -27.06 -56.62 -86.00
N TYR L 154 -25.90 -55.98 -86.27
CA TYR L 154 -25.37 -55.73 -87.59
C TYR L 154 -24.63 -56.90 -88.16
N ASP L 155 -24.38 -56.85 -89.48
CA ASP L 155 -23.61 -57.85 -90.17
C ASP L 155 -22.17 -57.78 -89.75
N ARG L 156 -21.68 -56.56 -89.46
CA ARG L 156 -20.31 -56.31 -89.12
C ARG L 156 -20.12 -56.37 -87.62
N MET L 157 -18.85 -56.59 -87.17
CA MET L 157 -18.56 -56.67 -85.76
C MET L 157 -17.57 -55.61 -85.39
N GLY L 158 -17.45 -55.28 -84.08
CA GLY L 158 -16.49 -54.30 -83.68
C GLY L 158 -17.12 -53.06 -83.10
N GLY L 159 -18.44 -52.86 -83.29
CA GLY L 159 -19.07 -51.71 -82.71
C GLY L 159 -18.61 -50.46 -83.41
N LEU L 160 -18.47 -49.38 -82.63
CA LEU L 160 -18.14 -48.07 -83.15
C LEU L 160 -16.80 -48.05 -83.79
N LEU L 161 -15.91 -48.91 -83.28
CA LEU L 161 -14.60 -49.05 -83.80
C LEU L 161 -14.72 -49.33 -85.27
N VAL L 162 -15.65 -50.22 -85.67
CA VAL L 162 -15.79 -50.53 -87.08
C VAL L 162 -16.63 -49.48 -87.77
N TYR L 163 -17.83 -49.21 -87.22
CA TYR L 163 -18.88 -48.44 -87.84
C TYR L 163 -18.48 -47.00 -88.06
N GLY L 164 -18.18 -46.28 -86.96
CA GLY L 164 -17.87 -44.86 -87.01
C GLY L 164 -16.44 -44.35 -87.01
N ILE L 165 -15.52 -44.92 -86.20
CA ILE L 165 -14.23 -44.27 -86.09
C ILE L 165 -13.60 -44.51 -87.43
N PRO L 166 -13.13 -43.44 -88.01
CA PRO L 166 -12.59 -43.37 -89.35
C PRO L 166 -11.39 -44.27 -89.53
N GLY L 167 -11.25 -44.79 -90.77
CA GLY L 167 -10.22 -45.71 -91.20
C GLY L 167 -8.89 -45.03 -91.09
N PHE L 168 -8.85 -43.72 -91.34
CA PHE L 168 -7.60 -43.03 -91.28
C PHE L 168 -7.06 -43.06 -89.89
N LYS L 169 -7.93 -43.00 -88.87
CA LYS L 169 -7.52 -43.14 -87.49
C LYS L 169 -7.37 -44.58 -87.04
N LEU L 170 -8.32 -45.44 -87.46
CA LEU L 170 -8.50 -46.80 -87.01
C LEU L 170 -8.60 -47.73 -88.18
N GLU L 171 -7.52 -48.43 -88.59
CA GLU L 171 -7.68 -49.31 -89.72
C GLU L 171 -8.51 -50.48 -89.30
N LYS L 172 -9.38 -50.95 -90.24
CA LYS L 172 -10.31 -52.02 -90.03
C LYS L 172 -9.60 -53.30 -89.71
N SER L 173 -8.44 -53.55 -90.33
CA SER L 173 -7.79 -54.81 -90.10
C SER L 173 -7.48 -54.96 -88.64
N VAL L 174 -7.37 -53.82 -87.93
CA VAL L 174 -7.00 -53.80 -86.54
C VAL L 174 -8.13 -54.47 -85.79
N VAL L 175 -9.39 -54.06 -86.05
CA VAL L 175 -10.47 -54.55 -85.22
C VAL L 175 -10.57 -56.01 -85.55
N GLU L 176 -10.34 -56.39 -86.82
CA GLU L 176 -10.44 -57.77 -87.18
C GLU L 176 -9.43 -58.59 -86.44
N ARG L 177 -8.21 -58.05 -86.24
CA ARG L 177 -7.25 -58.86 -85.55
C ARG L 177 -7.72 -59.20 -84.17
N ARG L 178 -8.24 -58.21 -83.43
CA ARG L 178 -8.63 -58.49 -82.07
C ARG L 178 -9.76 -59.44 -81.98
N VAL L 179 -10.73 -59.35 -82.92
CA VAL L 179 -11.89 -60.19 -82.79
C VAL L 179 -11.37 -61.59 -83.00
N LYS L 180 -10.44 -61.81 -83.96
CA LYS L 180 -9.98 -63.15 -84.19
C LYS L 180 -9.29 -63.68 -82.97
N LEU L 181 -8.51 -62.86 -82.24
CA LEU L 181 -7.86 -63.39 -81.09
C LEU L 181 -8.88 -63.87 -80.10
N LEU L 182 -9.98 -63.12 -79.96
CA LEU L 182 -11.01 -63.49 -79.05
C LEU L 182 -11.64 -64.80 -79.48
N ALA L 183 -11.83 -64.95 -80.80
CA ALA L 183 -12.43 -66.08 -81.42
C ALA L 183 -11.63 -67.31 -81.14
N ASP L 184 -10.30 -67.18 -81.04
CA ASP L 184 -9.51 -68.35 -80.82
C ASP L 184 -9.92 -69.00 -79.53
N ALA L 185 -10.42 -68.16 -78.61
CA ALA L 185 -10.94 -68.51 -77.32
C ALA L 185 -12.15 -69.37 -77.50
N GLY L 186 -12.89 -69.22 -78.62
CA GLY L 186 -14.03 -70.06 -78.84
C GLY L 186 -15.29 -69.27 -78.65
N VAL L 187 -15.16 -67.95 -78.45
CA VAL L 187 -16.32 -67.12 -78.26
C VAL L 187 -16.98 -67.20 -79.60
N ILE L 188 -18.33 -67.20 -79.64
CA ILE L 188 -19.00 -67.38 -80.90
C ILE L 188 -19.72 -66.06 -81.01
N TYR L 189 -19.85 -65.57 -82.26
CA TYR L 189 -20.53 -64.34 -82.55
C TYR L 189 -21.57 -64.63 -83.59
N HIS L 190 -22.82 -64.17 -83.38
CA HIS L 190 -23.73 -64.33 -84.47
C HIS L 190 -24.38 -63.03 -84.85
N PRO L 191 -24.14 -62.70 -86.08
CA PRO L 191 -24.59 -61.44 -86.65
C PRO L 191 -25.96 -60.90 -86.89
N ASN L 192 -27.04 -61.67 -87.03
CA ASN L 192 -28.17 -60.84 -87.22
C ASN L 192 -29.17 -61.08 -86.15
N PHE L 193 -28.75 -60.84 -84.90
CA PHE L 193 -29.64 -61.01 -83.80
C PHE L 193 -29.67 -59.72 -83.06
N GLU L 194 -30.87 -59.31 -82.61
CA GLU L 194 -31.03 -58.04 -81.97
C GLU L 194 -31.74 -58.20 -80.67
N VAL L 195 -31.35 -57.36 -79.69
CA VAL L 195 -32.02 -57.38 -78.43
C VAL L 195 -33.17 -56.48 -78.75
N GLY L 196 -34.36 -57.08 -78.79
CA GLY L 196 -35.55 -56.41 -79.18
C GLY L 196 -36.58 -57.50 -79.34
N ARG L 197 -37.36 -57.51 -80.44
CA ARG L 197 -38.40 -58.49 -80.62
C ARG L 197 -37.80 -59.85 -80.65
N ASP L 198 -36.68 -59.99 -81.37
CA ASP L 198 -36.11 -61.29 -81.44
C ASP L 198 -35.57 -61.75 -80.12
N ALA L 199 -34.69 -60.95 -79.51
CA ALA L 199 -34.11 -61.44 -78.30
C ALA L 199 -34.49 -60.51 -77.21
N SER L 200 -34.77 -61.09 -76.03
CA SER L 200 -35.13 -60.33 -74.86
C SER L 200 -34.51 -61.01 -73.71
N LEU L 201 -34.39 -60.28 -72.59
CA LEU L 201 -33.89 -60.93 -71.43
C LEU L 201 -34.76 -62.09 -71.01
N PRO L 202 -36.09 -62.05 -70.96
CA PRO L 202 -36.84 -63.22 -70.59
C PRO L 202 -36.59 -64.34 -71.55
N GLU L 203 -36.39 -64.06 -72.85
CA GLU L 203 -36.20 -65.13 -73.79
C GLU L 203 -34.94 -65.84 -73.43
N LEU L 204 -33.90 -65.06 -73.07
CA LEU L 204 -32.63 -65.60 -72.69
C LEU L 204 -32.78 -66.38 -71.43
N ARG L 205 -33.70 -65.93 -70.54
CA ARG L 205 -33.92 -66.59 -69.30
C ARG L 205 -34.26 -67.99 -69.64
N ARG L 206 -34.97 -68.18 -70.77
CA ARG L 206 -35.12 -69.53 -71.18
C ARG L 206 -33.73 -70.00 -71.43
N LYS L 207 -33.23 -70.86 -70.52
CA LYS L 207 -31.89 -71.38 -70.49
C LYS L 207 -30.85 -70.36 -70.90
N HIS L 208 -30.21 -69.70 -69.90
CA HIS L 208 -29.10 -68.79 -70.02
C HIS L 208 -28.73 -68.38 -68.62
N VAL L 209 -27.46 -68.61 -68.20
CA VAL L 209 -27.01 -68.33 -66.86
C VAL L 209 -26.86 -66.84 -66.70
N ALA L 210 -26.22 -66.14 -67.67
CA ALA L 210 -25.96 -64.74 -67.42
C ALA L 210 -25.97 -63.98 -68.70
N VAL L 211 -26.11 -62.63 -68.63
CA VAL L 211 -26.17 -61.88 -69.85
C VAL L 211 -25.44 -60.60 -69.54
N LEU L 212 -24.75 -60.05 -70.57
CA LEU L 212 -24.04 -58.80 -70.50
C LEU L 212 -24.63 -57.89 -71.55
N VAL L 213 -25.02 -56.63 -71.19
CA VAL L 213 -25.65 -55.79 -72.19
C VAL L 213 -24.63 -54.73 -72.54
N ALA L 214 -23.97 -54.97 -73.68
CA ALA L 214 -23.01 -54.30 -74.51
C ALA L 214 -23.52 -53.43 -75.68
N THR L 215 -24.81 -53.14 -75.87
CA THR L 215 -25.32 -52.57 -77.12
C THR L 215 -24.96 -51.11 -77.34
N GLY L 216 -24.39 -50.38 -76.37
CA GLY L 216 -24.01 -49.00 -76.61
C GLY L 216 -25.21 -48.10 -76.71
N VAL L 217 -25.04 -46.94 -77.39
CA VAL L 217 -26.09 -45.96 -77.56
C VAL L 217 -26.32 -45.99 -79.05
N TYR L 218 -27.33 -46.75 -79.50
CA TYR L 218 -27.62 -46.97 -80.90
C TYR L 218 -28.12 -45.77 -81.66
N LYS L 219 -28.90 -44.83 -81.06
CA LYS L 219 -29.42 -43.76 -81.89
C LYS L 219 -28.78 -42.42 -81.63
N ALA L 220 -29.12 -41.40 -82.47
CA ALA L 220 -28.57 -40.05 -82.43
C ALA L 220 -29.61 -39.05 -81.99
N ARG L 221 -29.19 -37.78 -81.67
CA ARG L 221 -30.03 -36.69 -81.18
C ARG L 221 -30.88 -36.05 -82.29
N ASP L 222 -32.08 -35.47 -81.88
CA ASP L 222 -33.38 -34.95 -82.39
C ASP L 222 -33.65 -33.76 -83.36
N ILE L 223 -33.06 -32.52 -83.25
CA ILE L 223 -33.58 -31.30 -83.90
C ILE L 223 -33.93 -31.27 -85.37
N LYS L 224 -33.26 -32.08 -86.18
CA LYS L 224 -33.44 -32.11 -87.61
C LYS L 224 -34.82 -32.46 -88.03
N ALA L 225 -35.58 -33.25 -87.23
CA ALA L 225 -36.93 -33.46 -87.65
C ALA L 225 -36.88 -34.29 -88.90
N PRO L 226 -37.96 -34.74 -89.52
CA PRO L 226 -37.82 -35.48 -90.74
C PRO L 226 -37.02 -34.67 -91.72
N GLY L 227 -35.76 -35.07 -91.94
CA GLY L 227 -34.92 -34.44 -92.91
C GLY L 227 -34.32 -35.61 -93.60
N SER L 228 -34.01 -35.49 -94.90
CA SER L 228 -33.53 -36.66 -95.58
C SER L 228 -32.13 -36.46 -96.05
N GLY L 229 -31.45 -37.58 -96.33
CA GLY L 229 -30.10 -37.55 -96.83
C GLY L 229 -30.11 -36.89 -98.16
N LEU L 230 -31.16 -37.19 -98.96
CA LEU L 230 -31.21 -36.61 -100.26
C LEU L 230 -31.23 -35.14 -100.12
N GLY L 231 -32.02 -34.64 -99.15
CA GLY L 231 -32.08 -33.24 -98.97
C GLY L 231 -30.74 -32.75 -98.57
N ASN L 232 -30.09 -33.44 -97.60
CA ASN L 232 -28.86 -32.85 -97.15
C ASN L 232 -28.39 -33.40 -95.82
N ILE L 233 -29.36 -33.86 -95.03
CA ILE L 233 -29.08 -33.97 -93.63
C ILE L 233 -28.69 -35.39 -93.44
N VAL L 234 -27.70 -35.55 -92.53
CA VAL L 234 -27.25 -36.86 -92.21
C VAL L 234 -26.87 -36.68 -90.77
N ALA L 235 -27.20 -37.70 -89.94
CA ALA L 235 -26.80 -37.73 -88.56
C ALA L 235 -25.49 -38.42 -88.58
N ALA L 236 -24.71 -38.29 -87.50
CA ALA L 236 -23.43 -38.93 -87.48
C ALA L 236 -23.66 -40.40 -87.65
N LEU L 237 -24.78 -40.89 -87.11
CA LEU L 237 -25.15 -42.27 -87.16
C LEU L 237 -25.25 -42.73 -88.59
N ASP L 238 -25.85 -41.92 -89.47
CA ASP L 238 -25.96 -42.26 -90.86
C ASP L 238 -24.67 -42.12 -91.62
N TYR L 239 -23.98 -40.97 -91.46
CA TYR L 239 -22.84 -40.55 -92.23
C TYR L 239 -21.61 -41.37 -92.02
N LEU L 240 -21.23 -41.59 -90.76
CA LEU L 240 -19.98 -42.24 -90.51
C LEU L 240 -19.94 -43.62 -91.09
N THR L 241 -21.05 -44.35 -90.92
CA THR L 241 -21.11 -45.73 -91.33
C THR L 241 -20.98 -45.76 -92.83
N THR L 242 -21.59 -44.82 -93.57
CA THR L 242 -21.56 -44.99 -95.01
C THR L 242 -20.12 -44.81 -95.40
N SER L 243 -19.39 -43.86 -94.79
CA SER L 243 -18.01 -43.67 -95.16
C SER L 243 -17.20 -44.87 -94.79
N ASN L 244 -17.53 -45.47 -93.63
CA ASN L 244 -16.84 -46.63 -93.13
C ASN L 244 -16.96 -47.77 -94.09
N LYS L 245 -18.19 -48.02 -94.58
CA LYS L 245 -18.39 -49.15 -95.43
C LYS L 245 -17.61 -49.01 -96.70
N VAL L 246 -17.54 -47.80 -97.28
CA VAL L 246 -16.86 -47.67 -98.54
C VAL L 246 -15.39 -47.80 -98.27
N SER L 247 -14.89 -47.19 -97.18
CA SER L 247 -13.48 -47.12 -96.84
C SER L 247 -12.87 -48.38 -96.30
N LEU L 248 -13.61 -49.23 -95.55
CA LEU L 248 -12.93 -50.36 -94.96
C LEU L 248 -13.31 -51.66 -95.61
N GLY L 249 -12.31 -52.35 -96.17
CA GLY L 249 -12.52 -53.52 -96.97
C GLY L 249 -13.14 -54.68 -96.25
N ASP L 250 -12.67 -55.11 -95.08
CA ASP L 250 -13.20 -56.31 -94.49
C ASP L 250 -14.60 -56.15 -93.98
N THR L 251 -15.02 -54.90 -93.72
CA THR L 251 -16.21 -54.61 -92.97
C THR L 251 -17.39 -55.32 -93.59
N VAL L 252 -17.64 -55.15 -94.89
CA VAL L 252 -18.84 -55.74 -95.42
C VAL L 252 -18.36 -56.48 -96.62
N GLU L 253 -19.07 -57.57 -96.99
CA GLU L 253 -18.74 -58.31 -98.16
C GLU L 253 -19.04 -57.48 -99.37
N ALA L 254 -20.20 -56.80 -99.36
CA ALA L 254 -20.61 -56.03 -100.50
C ALA L 254 -19.71 -54.86 -100.63
N TYR L 255 -19.37 -54.52 -101.89
CA TYR L 255 -18.56 -53.36 -102.09
C TYR L 255 -19.51 -52.25 -102.22
N GLU L 256 -19.28 -51.15 -101.48
CA GLU L 256 -20.20 -50.07 -101.63
C GLU L 256 -19.87 -49.42 -102.92
N ASN L 257 -20.55 -49.92 -103.98
CA ASN L 257 -20.46 -49.52 -105.35
C ASN L 257 -20.96 -48.13 -105.42
N GLY L 258 -21.90 -47.82 -104.51
CA GLY L 258 -22.45 -46.50 -104.45
C GLY L 258 -21.24 -45.65 -104.25
N SER L 259 -20.27 -46.19 -103.49
CA SER L 259 -19.01 -45.54 -103.33
C SER L 259 -19.14 -44.61 -102.17
N LEU L 260 -18.15 -43.74 -101.95
CA LEU L 260 -18.25 -42.83 -100.84
C LEU L 260 -19.36 -41.87 -101.10
N ASN L 261 -19.97 -41.38 -100.00
CA ASN L 261 -21.06 -40.47 -100.14
C ASN L 261 -20.57 -39.25 -100.85
N ALA L 262 -21.41 -38.70 -101.75
CA ALA L 262 -20.97 -37.54 -102.45
C ALA L 262 -21.34 -36.37 -101.62
N ALA L 263 -20.33 -35.70 -101.05
CA ALA L 263 -20.60 -34.53 -100.28
C ALA L 263 -19.97 -33.40 -101.01
N GLY L 264 -20.79 -32.40 -101.41
CA GLY L 264 -20.25 -31.32 -102.17
C GLY L 264 -20.74 -30.03 -101.59
N LYS L 265 -19.87 -29.00 -101.68
CA LYS L 265 -20.13 -27.67 -101.22
C LYS L 265 -19.86 -27.57 -99.73
N HIS L 266 -20.42 -26.54 -99.05
CA HIS L 266 -20.18 -26.31 -97.66
C HIS L 266 -20.86 -27.32 -96.80
N VAL L 267 -20.16 -27.76 -95.74
CA VAL L 267 -20.72 -28.77 -94.88
C VAL L 267 -20.71 -28.15 -93.52
N VAL L 268 -21.81 -28.34 -92.76
CA VAL L 268 -21.88 -27.78 -91.43
C VAL L 268 -21.94 -29.01 -90.56
N VAL L 269 -21.07 -29.06 -89.54
CA VAL L 269 -21.04 -30.20 -88.67
C VAL L 269 -21.35 -29.60 -87.33
N LEU L 270 -22.35 -30.16 -86.62
CA LEU L 270 -22.70 -29.59 -85.35
C LEU L 270 -22.32 -30.51 -84.24
N GLY L 271 -21.37 -30.09 -83.38
CA GLY L 271 -20.96 -30.91 -82.27
C GLY L 271 -19.57 -30.53 -81.85
N GLY L 272 -19.33 -30.63 -80.52
CA GLY L 272 -18.11 -30.43 -79.79
C GLY L 272 -17.20 -31.61 -79.65
N GLY L 273 -17.75 -32.84 -79.70
CA GLY L 273 -16.96 -33.97 -79.31
C GLY L 273 -16.26 -34.63 -80.46
N ASP L 274 -15.82 -35.87 -80.17
CA ASP L 274 -15.09 -36.74 -81.03
C ASP L 274 -15.90 -36.96 -82.28
N THR L 275 -17.22 -37.12 -82.11
CA THR L 275 -18.07 -37.43 -83.22
C THR L 275 -18.02 -36.33 -84.26
N ALA L 276 -18.12 -35.06 -83.81
CA ALA L 276 -18.15 -33.96 -84.73
C ALA L 276 -16.87 -33.85 -85.50
N MET L 277 -15.74 -34.00 -84.79
CA MET L 277 -14.47 -33.84 -85.43
C MET L 277 -14.22 -34.93 -86.43
N ASP L 278 -14.68 -36.16 -86.14
CA ASP L 278 -14.48 -37.23 -87.10
C ASP L 278 -15.31 -37.02 -88.32
N CYS L 279 -16.54 -36.49 -88.17
CA CYS L 279 -17.39 -36.25 -89.30
C CYS L 279 -16.85 -35.12 -90.12
N VAL L 280 -16.20 -34.13 -89.49
CA VAL L 280 -15.67 -32.99 -90.19
C VAL L 280 -14.58 -33.55 -91.06
N ARG L 281 -13.66 -34.36 -90.51
CA ARG L 281 -12.57 -34.86 -91.28
C ARG L 281 -13.07 -35.80 -92.34
N THR L 282 -14.08 -36.64 -92.05
CA THR L 282 -14.48 -37.62 -93.02
C THR L 282 -15.11 -36.86 -94.16
N ALA L 283 -15.76 -35.72 -93.90
CA ALA L 283 -16.46 -35.01 -94.93
C ALA L 283 -15.53 -34.60 -96.03
N ILE L 284 -14.31 -34.18 -95.68
CA ILE L 284 -13.39 -33.67 -96.67
C ILE L 284 -13.07 -34.89 -97.49
N ARG L 285 -13.05 -36.08 -96.87
CA ARG L 285 -12.72 -37.30 -97.52
C ARG L 285 -13.66 -37.51 -98.68
N GLN L 286 -14.95 -37.12 -98.48
CA GLN L 286 -15.90 -37.34 -99.53
C GLN L 286 -16.07 -36.15 -100.43
N GLY L 287 -15.06 -35.26 -100.50
CA GLY L 287 -15.10 -34.20 -101.47
C GLY L 287 -15.67 -32.89 -101.00
N ALA L 288 -15.88 -32.68 -99.68
CA ALA L 288 -16.45 -31.42 -99.26
C ALA L 288 -15.50 -30.30 -99.58
N THR L 289 -16.05 -29.17 -100.08
CA THR L 289 -15.24 -28.03 -100.44
C THR L 289 -14.84 -27.37 -99.15
N SER L 290 -15.79 -27.19 -98.20
CA SER L 290 -15.45 -26.51 -96.98
C SER L 290 -16.20 -27.11 -95.84
N VAL L 291 -15.63 -27.07 -94.62
CA VAL L 291 -16.33 -27.70 -93.53
C VAL L 291 -16.28 -26.70 -92.42
N LYS L 292 -17.43 -26.52 -91.74
CA LYS L 292 -17.55 -25.61 -90.63
C LYS L 292 -17.98 -26.38 -89.43
N CYS L 293 -17.25 -26.22 -88.30
CA CYS L 293 -17.70 -26.94 -87.15
C CYS L 293 -18.31 -25.96 -86.20
N LEU L 294 -19.61 -26.12 -85.93
CA LEU L 294 -20.32 -25.16 -85.13
C LEU L 294 -20.53 -25.68 -83.75
N TYR L 295 -20.18 -24.85 -82.75
CA TYR L 295 -20.30 -25.27 -81.39
C TYR L 295 -21.28 -24.37 -80.71
N ARG L 296 -22.14 -24.98 -79.90
CA ARG L 296 -23.01 -24.18 -79.11
C ARG L 296 -22.17 -23.42 -78.14
N ARG L 297 -21.23 -24.14 -77.54
CA ARG L 297 -20.46 -23.59 -76.48
C ARG L 297 -19.23 -22.88 -76.99
N ASP L 298 -18.35 -22.42 -76.07
CA ASP L 298 -17.15 -21.67 -76.36
C ASP L 298 -16.04 -22.58 -76.83
N ARG L 299 -15.00 -22.02 -77.49
CA ARG L 299 -13.87 -22.73 -77.99
C ARG L 299 -13.13 -23.39 -76.89
N LYS L 300 -13.03 -22.72 -75.74
CA LYS L 300 -12.30 -23.24 -74.64
C LYS L 300 -12.87 -24.55 -74.23
N ASN L 301 -14.20 -24.68 -74.25
CA ASN L 301 -14.72 -25.92 -73.78
C ASN L 301 -15.19 -26.83 -74.86
N MET L 302 -14.23 -27.19 -75.74
CA MET L 302 -14.43 -28.16 -76.77
C MET L 302 -14.31 -29.50 -76.11
N PRO L 303 -15.25 -30.37 -76.30
CA PRO L 303 -15.09 -31.67 -75.70
C PRO L 303 -13.98 -32.62 -76.01
N GLY L 304 -13.56 -32.67 -77.29
CA GLY L 304 -12.56 -33.62 -77.68
C GLY L 304 -11.23 -33.14 -77.21
N SER L 305 -10.27 -34.07 -77.04
CA SER L 305 -8.98 -33.68 -76.58
C SER L 305 -8.24 -33.04 -77.71
N GLN L 306 -7.13 -32.35 -77.38
CA GLN L 306 -6.43 -31.54 -78.34
C GLN L 306 -5.89 -32.32 -79.50
N ARG L 307 -5.46 -33.57 -79.29
CA ARG L 307 -4.94 -34.27 -80.43
C ARG L 307 -6.02 -34.42 -81.44
N GLU L 308 -7.26 -34.79 -81.03
CA GLU L 308 -8.12 -34.94 -82.16
C GLU L 308 -8.54 -33.65 -82.79
N VAL L 309 -8.68 -32.56 -82.00
CA VAL L 309 -9.14 -31.31 -82.55
C VAL L 309 -8.05 -30.92 -83.50
N ALA L 310 -6.80 -31.30 -83.20
CA ALA L 310 -5.68 -30.89 -84.01
C ALA L 310 -5.87 -31.38 -85.41
N HIS L 311 -6.39 -32.62 -85.59
CA HIS L 311 -6.52 -33.16 -86.91
C HIS L 311 -7.43 -32.32 -87.75
N ALA L 312 -8.58 -31.88 -87.21
CA ALA L 312 -9.51 -31.08 -87.95
C ALA L 312 -8.88 -29.76 -88.28
N GLU L 313 -8.14 -29.17 -87.31
CA GLU L 313 -7.56 -27.87 -87.49
C GLU L 313 -6.56 -27.84 -88.60
N GLU L 314 -5.71 -28.88 -88.68
CA GLU L 314 -4.69 -28.93 -89.69
C GLU L 314 -5.36 -28.97 -91.02
N GLU L 315 -6.52 -29.64 -91.03
CA GLU L 315 -7.37 -29.90 -92.14
C GLU L 315 -7.92 -28.63 -92.70
N GLY L 316 -7.96 -27.56 -91.87
CA GLY L 316 -8.42 -26.27 -92.31
C GLY L 316 -9.89 -26.17 -92.13
N VAL L 317 -10.48 -26.92 -91.17
CA VAL L 317 -11.89 -26.80 -90.99
C VAL L 317 -12.01 -25.57 -90.16
N GLU L 318 -13.11 -24.81 -90.38
CA GLU L 318 -13.31 -23.59 -89.66
C GLU L 318 -14.19 -23.83 -88.49
N PHE L 319 -13.83 -23.23 -87.34
CA PHE L 319 -14.64 -23.39 -86.18
C PHE L 319 -15.28 -22.06 -85.94
N ILE L 320 -16.62 -21.97 -86.06
CA ILE L 320 -17.22 -20.72 -85.73
C ILE L 320 -17.43 -21.07 -84.31
N TRP L 321 -16.86 -20.27 -83.38
CA TRP L 321 -16.99 -20.80 -82.07
C TRP L 321 -16.89 -19.69 -81.09
N GLN L 322 -17.94 -19.45 -80.28
CA GLN L 322 -17.82 -18.36 -79.37
C GLN L 322 -18.84 -18.42 -78.28
N ALA L 323 -18.46 -17.91 -77.10
CA ALA L 323 -19.31 -17.85 -75.95
C ALA L 323 -19.62 -19.24 -75.49
N ALA L 324 -19.77 -19.42 -74.17
CA ALA L 324 -20.11 -20.71 -73.69
C ALA L 324 -21.49 -21.01 -74.20
N PRO L 325 -22.39 -20.08 -74.15
CA PRO L 325 -23.61 -20.45 -74.79
C PRO L 325 -23.74 -20.70 -76.26
N GLU L 326 -24.67 -21.62 -76.61
CA GLU L 326 -24.98 -22.26 -77.87
C GLU L 326 -25.03 -21.41 -79.11
N GLY L 327 -24.10 -21.61 -80.08
CA GLY L 327 -24.49 -21.14 -81.38
C GLY L 327 -25.47 -22.23 -81.55
N PHE L 328 -26.78 -21.91 -81.49
CA PHE L 328 -27.71 -23.01 -81.47
C PHE L 328 -28.48 -23.00 -82.73
N THR L 329 -28.69 -24.19 -83.31
CA THR L 329 -29.34 -24.29 -84.59
C THR L 329 -30.80 -24.19 -84.27
N GLY L 330 -31.45 -23.13 -84.81
CA GLY L 330 -32.88 -23.00 -84.73
C GLY L 330 -33.58 -23.81 -85.78
N ASP L 331 -33.13 -23.69 -87.06
CA ASP L 331 -33.89 -24.27 -88.13
C ASP L 331 -33.04 -24.54 -89.33
N THR L 332 -33.47 -25.50 -90.17
CA THR L 332 -32.76 -25.82 -91.38
C THR L 332 -33.69 -25.39 -92.47
N VAL L 333 -33.17 -24.72 -93.52
CA VAL L 333 -34.06 -24.24 -94.53
C VAL L 333 -33.74 -25.10 -95.71
N VAL L 334 -34.78 -25.60 -96.39
CA VAL L 334 -34.52 -26.45 -97.51
C VAL L 334 -35.30 -25.78 -98.61
N THR L 335 -34.65 -25.65 -99.79
CA THR L 335 -35.33 -25.10 -100.92
C THR L 335 -34.80 -25.96 -102.03
N GLY L 336 -35.65 -26.30 -103.02
CA GLY L 336 -35.17 -27.06 -104.12
C GLY L 336 -34.95 -28.47 -103.67
N VAL L 337 -35.57 -28.85 -102.53
CA VAL L 337 -35.51 -30.21 -102.04
C VAL L 337 -34.06 -30.37 -101.59
N ARG L 338 -33.33 -29.26 -101.39
CA ARG L 338 -31.98 -29.40 -100.90
C ARG L 338 -31.73 -28.37 -99.83
N ALA L 339 -30.91 -28.71 -98.80
CA ALA L 339 -30.66 -27.77 -97.74
C ALA L 339 -29.77 -26.68 -98.27
N VAL L 340 -30.24 -25.42 -98.18
CA VAL L 340 -29.51 -24.25 -98.58
C VAL L 340 -28.81 -23.69 -97.36
N ARG L 341 -29.44 -23.75 -96.15
CA ARG L 341 -28.86 -23.01 -95.04
C ARG L 341 -29.38 -23.50 -93.73
N ILE L 342 -28.74 -23.07 -92.63
CA ILE L 342 -29.19 -23.46 -91.33
C ILE L 342 -29.19 -22.14 -90.61
N HIS L 343 -30.25 -21.90 -89.82
CA HIS L 343 -30.47 -20.72 -89.04
C HIS L 343 -30.05 -20.98 -87.63
N LEU L 344 -29.22 -20.08 -87.06
CA LEU L 344 -28.78 -20.23 -85.70
C LEU L 344 -29.05 -19.00 -84.92
N GLY L 345 -29.02 -19.14 -83.58
CA GLY L 345 -29.17 -18.02 -82.68
C GLY L 345 -27.90 -18.00 -81.89
N VAL L 346 -27.47 -16.82 -81.42
CA VAL L 346 -26.20 -16.75 -80.74
C VAL L 346 -26.53 -17.04 -79.32
N ALA L 347 -25.57 -17.63 -78.59
CA ALA L 347 -25.82 -17.84 -77.20
C ALA L 347 -24.64 -17.36 -76.42
N ASP L 348 -24.86 -17.00 -75.14
CA ASP L 348 -23.81 -16.45 -74.34
C ASP L 348 -24.01 -16.83 -72.91
N ALA L 349 -22.92 -16.86 -72.12
CA ALA L 349 -23.00 -17.36 -70.77
C ALA L 349 -23.15 -16.20 -69.84
N THR L 350 -23.99 -16.38 -68.81
CA THR L 350 -24.31 -15.37 -67.84
C THR L 350 -23.42 -15.73 -66.67
N GLY L 351 -23.50 -14.98 -65.55
CA GLY L 351 -22.72 -15.24 -64.37
C GLY L 351 -23.10 -16.59 -63.86
N ARG L 352 -24.39 -16.96 -64.02
CA ARG L 352 -24.91 -18.22 -63.60
C ARG L 352 -24.26 -19.30 -64.40
N GLN L 353 -23.76 -18.93 -65.58
CA GLN L 353 -23.08 -19.83 -66.47
C GLN L 353 -24.09 -20.72 -67.11
N THR L 354 -25.38 -20.45 -66.86
CA THR L 354 -26.38 -21.25 -67.50
C THR L 354 -26.47 -20.62 -68.85
N PRO L 355 -26.53 -21.46 -69.84
CA PRO L 355 -26.67 -20.93 -71.15
C PRO L 355 -27.82 -20.08 -71.58
N GLN L 356 -27.58 -18.98 -72.33
CA GLN L 356 -28.69 -18.18 -72.76
C GLN L 356 -28.66 -18.06 -74.24
N VAL L 357 -29.83 -18.04 -74.90
CA VAL L 357 -29.89 -17.95 -76.34
C VAL L 357 -30.47 -16.59 -76.54
N ILE L 358 -29.89 -15.81 -77.48
CA ILE L 358 -30.42 -14.48 -77.63
C ILE L 358 -31.04 -14.57 -79.00
N GLU L 359 -32.39 -14.46 -79.02
CA GLU L 359 -33.20 -14.59 -80.19
C GLU L 359 -32.95 -13.46 -81.16
N GLY L 360 -32.67 -12.26 -80.64
CA GLY L 360 -32.50 -11.11 -81.48
C GLY L 360 -31.37 -11.33 -82.42
N SER L 361 -30.28 -11.99 -81.98
CA SER L 361 -29.17 -12.17 -82.88
C SER L 361 -29.24 -13.53 -83.49
N GLU L 362 -29.25 -13.54 -84.85
CA GLU L 362 -29.40 -14.73 -85.63
C GLU L 362 -28.27 -14.80 -86.61
N PHE L 363 -27.96 -16.03 -87.09
CA PHE L 363 -26.97 -16.15 -88.12
C PHE L 363 -27.54 -17.06 -89.16
N THR L 364 -27.36 -16.71 -90.44
CA THR L 364 -27.87 -17.55 -91.48
C THR L 364 -26.61 -18.06 -92.09
N VAL L 365 -26.35 -19.38 -91.97
CA VAL L 365 -25.11 -19.85 -92.51
C VAL L 365 -25.55 -20.68 -93.68
N GLN L 366 -24.95 -20.39 -94.85
CA GLN L 366 -25.24 -21.12 -96.06
C GLN L 366 -24.57 -22.45 -95.94
N ALA L 367 -25.29 -23.53 -96.30
CA ALA L 367 -24.66 -24.82 -96.27
C ALA L 367 -25.41 -25.74 -97.17
N ASP L 368 -24.65 -26.55 -97.94
CA ASP L 368 -25.23 -27.56 -98.76
C ASP L 368 -25.48 -28.82 -98.01
N LEU L 369 -24.67 -29.15 -96.96
CA LEU L 369 -24.76 -30.40 -96.23
C LEU L 369 -24.70 -30.21 -94.73
N VAL L 370 -25.58 -30.88 -93.93
CA VAL L 370 -25.50 -30.69 -92.50
C VAL L 370 -25.35 -32.08 -91.95
N ILE L 371 -24.46 -32.23 -90.93
CA ILE L 371 -24.29 -33.52 -90.32
C ILE L 371 -24.41 -33.14 -88.87
N LYS L 372 -25.31 -33.85 -88.15
CA LYS L 372 -25.48 -33.59 -86.74
C LYS L 372 -24.73 -34.60 -85.93
N ALA L 373 -23.70 -34.07 -85.25
CA ALA L 373 -22.72 -34.57 -84.33
C ALA L 373 -23.06 -34.62 -82.88
N LEU L 374 -24.26 -34.18 -82.43
CA LEU L 374 -24.48 -33.99 -81.01
C LEU L 374 -24.19 -35.20 -80.18
N GLY L 375 -24.52 -36.42 -80.65
CA GLY L 375 -24.16 -37.51 -79.79
C GLY L 375 -25.14 -38.60 -80.02
N PHE L 376 -25.19 -39.58 -79.09
CA PHE L 376 -26.07 -40.69 -79.27
C PHE L 376 -26.78 -40.96 -77.98
N GLU L 377 -27.89 -41.72 -78.04
CA GLU L 377 -28.60 -42.08 -76.85
C GLU L 377 -29.51 -43.24 -77.12
N PRO L 378 -29.82 -44.02 -76.12
CA PRO L 378 -30.87 -44.97 -76.32
C PRO L 378 -32.31 -44.54 -76.35
N GLU L 379 -33.11 -44.85 -77.40
CA GLU L 379 -34.45 -44.35 -77.30
C GLU L 379 -35.43 -45.33 -77.88
N ASP L 380 -34.92 -46.35 -78.59
CA ASP L 380 -35.73 -47.34 -79.22
C ASP L 380 -36.50 -48.08 -78.17
N LEU L 381 -37.83 -47.87 -78.16
CA LEU L 381 -38.65 -48.46 -77.14
C LEU L 381 -38.62 -49.97 -77.15
N PRO L 382 -38.74 -50.72 -78.23
CA PRO L 382 -38.70 -52.14 -78.12
C PRO L 382 -37.42 -52.60 -77.50
N ASN L 383 -36.31 -51.86 -77.69
CA ASN L 383 -35.05 -52.26 -77.13
C ASN L 383 -35.12 -52.16 -75.63
N ALA L 384 -35.71 -51.05 -75.15
CA ALA L 384 -35.82 -50.80 -73.75
C ALA L 384 -36.65 -51.87 -73.16
N PHE L 385 -37.72 -52.29 -73.87
CA PHE L 385 -38.70 -53.27 -73.45
C PHE L 385 -38.02 -54.60 -73.29
N ASP L 386 -37.02 -54.87 -74.14
CA ASP L 386 -36.26 -56.09 -74.14
C ASP L 386 -35.65 -56.27 -72.80
N GLU L 387 -35.24 -55.14 -72.20
CA GLU L 387 -34.53 -55.03 -70.96
C GLU L 387 -35.33 -55.38 -69.74
N PRO L 388 -36.63 -55.34 -69.72
CA PRO L 388 -37.25 -55.68 -68.48
C PRO L 388 -36.93 -56.93 -67.77
N GLU L 389 -37.04 -56.99 -66.42
CA GLU L 389 -37.46 -56.01 -65.44
C GLU L 389 -36.44 -54.94 -65.11
N LEU L 390 -35.16 -55.13 -65.48
CA LEU L 390 -34.02 -54.30 -65.10
C LEU L 390 -34.36 -52.84 -64.93
N LYS L 391 -33.91 -52.23 -63.81
CA LYS L 391 -34.23 -50.86 -63.47
C LYS L 391 -33.45 -49.87 -64.29
N VAL L 392 -34.08 -48.73 -64.63
CA VAL L 392 -33.44 -47.75 -65.44
C VAL L 392 -33.39 -46.55 -64.53
N THR L 393 -32.36 -45.70 -64.70
CA THR L 393 -32.12 -44.55 -63.87
C THR L 393 -32.90 -43.46 -64.53
N ARG L 394 -32.96 -42.26 -63.92
CA ARG L 394 -33.68 -41.20 -64.56
C ARG L 394 -32.85 -40.59 -65.64
N TRP L 395 -31.91 -41.38 -66.20
CA TRP L 395 -31.16 -40.91 -67.34
C TRP L 395 -31.65 -41.81 -68.42
N GLY L 396 -32.60 -42.70 -68.03
CA GLY L 396 -33.21 -43.61 -68.96
C GLY L 396 -32.19 -44.60 -69.42
N THR L 397 -31.24 -44.98 -68.55
CA THR L 397 -30.24 -45.91 -68.99
C THR L 397 -30.28 -46.98 -67.94
N LEU L 398 -29.76 -48.18 -68.26
CA LEU L 398 -29.77 -49.26 -67.31
C LEU L 398 -28.90 -48.93 -66.13
N LEU L 399 -29.44 -49.10 -64.90
CA LEU L 399 -28.68 -48.86 -63.70
C LEU L 399 -27.80 -50.03 -63.44
N VAL L 400 -26.56 -49.75 -62.96
CA VAL L 400 -25.69 -50.85 -62.68
C VAL L 400 -24.87 -50.36 -61.52
N ASP L 401 -24.39 -51.31 -60.70
CA ASP L 401 -23.49 -50.96 -59.64
C ASP L 401 -22.18 -50.65 -60.29
N HIS L 402 -21.52 -49.58 -59.82
CA HIS L 402 -20.30 -49.15 -60.44
C HIS L 402 -19.24 -50.20 -60.33
N ARG L 403 -19.11 -50.84 -59.16
CA ARG L 403 -18.08 -51.84 -59.00
C ARG L 403 -18.32 -53.12 -59.75
N THR L 404 -19.51 -53.75 -59.55
CA THR L 404 -19.84 -55.05 -60.07
C THR L 404 -20.31 -54.93 -61.50
N LYS L 405 -20.93 -53.79 -61.83
CA LYS L 405 -21.61 -53.52 -63.06
C LYS L 405 -22.77 -54.46 -63.22
N MET L 406 -23.33 -54.87 -62.08
CA MET L 406 -24.50 -55.71 -62.04
C MET L 406 -25.70 -54.81 -62.11
N THR L 407 -26.76 -55.32 -62.77
CA THR L 407 -28.01 -54.65 -63.01
C THR L 407 -28.83 -55.04 -61.81
N ASN L 408 -30.08 -54.54 -61.74
CA ASN L 408 -30.98 -54.88 -60.68
C ASN L 408 -31.10 -56.36 -60.64
N MET L 409 -31.11 -57.00 -61.83
CA MET L 409 -31.17 -58.45 -61.88
C MET L 409 -29.78 -58.97 -61.74
N ASP L 410 -29.58 -59.95 -60.83
CA ASP L 410 -28.27 -60.47 -60.51
C ASP L 410 -27.60 -61.12 -61.68
N GLY L 411 -28.38 -61.78 -62.54
CA GLY L 411 -27.94 -62.48 -63.70
C GLY L 411 -27.49 -61.54 -64.80
N VAL L 412 -27.94 -60.27 -64.80
CA VAL L 412 -27.64 -59.49 -65.96
C VAL L 412 -26.70 -58.39 -65.51
N PHE L 413 -25.71 -58.09 -66.40
CA PHE L 413 -24.70 -57.09 -66.20
C PHE L 413 -24.72 -56.18 -67.40
N ALA L 414 -24.08 -55.00 -67.29
CA ALA L 414 -24.07 -54.07 -68.39
C ALA L 414 -22.78 -53.30 -68.34
N ALA L 415 -22.30 -52.85 -69.51
CA ALA L 415 -21.07 -52.12 -69.53
C ALA L 415 -20.96 -51.37 -70.83
N GLY L 416 -20.04 -50.40 -70.89
CA GLY L 416 -19.79 -49.64 -72.06
C GLY L 416 -20.64 -48.40 -72.11
N ASP L 417 -20.88 -47.88 -73.33
CA ASP L 417 -21.58 -46.65 -73.54
C ASP L 417 -22.97 -46.70 -72.96
N ILE L 418 -23.60 -47.89 -72.90
CA ILE L 418 -24.98 -48.05 -72.50
C ILE L 418 -25.06 -47.52 -71.08
N VAL L 419 -24.03 -47.68 -70.25
CA VAL L 419 -24.03 -47.35 -68.85
C VAL L 419 -24.12 -45.85 -68.78
N ARG L 420 -23.64 -45.15 -69.82
CA ARG L 420 -23.62 -43.72 -69.76
C ARG L 420 -22.83 -43.27 -68.57
N GLY L 421 -21.51 -43.16 -68.73
CA GLY L 421 -20.71 -42.83 -67.59
C GLY L 421 -19.30 -42.73 -68.06
N ALA L 422 -19.03 -43.29 -69.25
CA ALA L 422 -17.72 -43.19 -69.82
C ALA L 422 -17.94 -43.18 -71.33
N SER L 423 -17.05 -42.53 -72.12
CA SER L 423 -17.24 -42.56 -73.56
C SER L 423 -15.92 -42.77 -74.26
N LEU L 424 -15.22 -43.85 -73.90
CA LEU L 424 -13.93 -44.13 -74.47
C LEU L 424 -13.86 -45.62 -74.63
N VAL L 425 -13.02 -46.07 -75.60
CA VAL L 425 -12.93 -47.47 -75.90
C VAL L 425 -12.33 -48.14 -74.68
N VAL L 426 -11.25 -47.59 -74.08
CA VAL L 426 -10.58 -48.26 -73.00
C VAL L 426 -11.45 -48.38 -71.76
N TRP L 427 -12.32 -47.38 -71.49
CA TRP L 427 -13.23 -47.52 -70.37
C TRP L 427 -14.24 -48.58 -70.70
N ALA L 428 -14.71 -48.68 -71.96
CA ALA L 428 -15.69 -49.69 -72.30
C ALA L 428 -15.08 -51.04 -72.13
N ILE L 429 -13.78 -51.20 -72.51
CA ILE L 429 -13.15 -52.50 -72.44
C ILE L 429 -13.05 -52.72 -70.96
N ARG L 430 -12.73 -51.68 -70.17
CA ARG L 430 -12.59 -51.85 -68.76
C ARG L 430 -13.88 -52.30 -68.16
N ASP L 431 -15.00 -51.78 -68.67
CA ASP L 431 -16.28 -52.11 -68.10
C ASP L 431 -16.51 -53.60 -68.21
N GLY L 432 -16.22 -54.15 -69.40
CA GLY L 432 -16.40 -55.55 -69.66
C GLY L 432 -15.47 -56.32 -68.77
N ARG L 433 -14.26 -55.78 -68.58
CA ARG L 433 -13.25 -56.40 -67.76
C ARG L 433 -13.77 -56.60 -66.39
N ASP L 434 -14.28 -55.51 -65.79
CA ASP L 434 -14.74 -55.60 -64.44
C ASP L 434 -15.93 -56.48 -64.32
N ALA L 435 -16.82 -56.43 -65.33
CA ALA L 435 -18.02 -57.20 -65.29
C ALA L 435 -17.68 -58.65 -65.26
N ALA L 436 -16.68 -59.07 -66.06
CA ALA L 436 -16.40 -60.47 -66.25
C ALA L 436 -16.13 -61.13 -64.94
N GLU L 437 -15.39 -60.45 -64.03
CA GLU L 437 -15.09 -61.08 -62.78
C GLU L 437 -16.36 -61.36 -62.02
N GLY L 438 -17.28 -60.37 -61.99
CA GLY L 438 -18.53 -60.49 -61.28
C GLY L 438 -19.44 -61.51 -61.91
N ILE L 439 -19.46 -61.62 -63.25
CA ILE L 439 -20.39 -62.57 -63.84
C ILE L 439 -19.79 -63.83 -63.34
N HIS L 440 -18.45 -63.93 -63.34
CA HIS L 440 -17.79 -65.14 -62.94
C HIS L 440 -18.17 -65.49 -61.54
N ALA L 441 -18.17 -64.51 -60.63
CA ALA L 441 -18.50 -64.83 -59.27
C ALA L 441 -19.89 -65.38 -59.23
N TYR L 442 -20.82 -64.76 -59.98
CA TYR L 442 -22.20 -65.16 -59.96
C TYR L 442 -22.37 -66.56 -60.48
N ALA L 443 -21.77 -66.88 -61.65
CA ALA L 443 -21.96 -68.17 -62.22
C ALA L 443 -21.37 -69.22 -61.33
N LYS L 444 -20.17 -68.97 -60.79
CA LYS L 444 -19.52 -69.96 -59.98
C LYS L 444 -20.33 -70.26 -58.79
N ALA L 445 -21.03 -69.25 -58.25
CA ALA L 445 -21.87 -69.45 -57.12
C ALA L 445 -22.90 -70.45 -57.53
N LYS L 446 -23.39 -70.34 -58.78
CA LYS L 446 -24.39 -71.25 -59.26
C LYS L 446 -23.80 -72.63 -59.20
N ALA L 447 -22.52 -72.74 -59.58
CA ALA L 447 -21.72 -73.94 -59.57
C ALA L 447 -21.56 -74.38 -58.15
N GLU L 448 -21.73 -73.44 -57.19
CA GLU L 448 -21.49 -73.70 -55.81
C GLU L 448 -20.01 -73.75 -55.55
N ALA L 449 -19.26 -72.94 -56.33
CA ALA L 449 -17.85 -72.85 -56.11
C ALA L 449 -17.49 -71.42 -55.83
N PRO L 450 -16.72 -71.27 -54.79
CA PRO L 450 -16.22 -69.95 -54.46
C PRO L 450 -15.21 -69.21 -55.29
N VAL L 451 -15.15 -67.86 -55.18
CA VAL L 451 -14.16 -67.12 -55.91
C VAL L 451 -13.52 -66.37 -54.78
N ALA L 452 -12.20 -66.08 -54.88
CA ALA L 452 -11.60 -65.57 -53.69
C ALA L 452 -12.18 -64.24 -53.28
N VAL L 453 -11.82 -63.15 -53.98
CA VAL L 453 -12.23 -61.85 -53.52
C VAL L 453 -11.29 -61.03 -54.33
N ALA L 454 -10.01 -61.42 -54.25
CA ALA L 454 -8.94 -60.72 -54.90
C ALA L 454 -9.23 -60.69 -56.36
N ALA L 455 -9.76 -61.79 -56.91
CA ALA L 455 -10.04 -61.82 -58.32
C ALA L 455 -8.73 -61.89 -59.01
N GLU L 456 -8.67 -62.68 -60.10
CA GLU L 456 -7.41 -62.82 -60.75
C GLU L 456 -7.82 -63.87 -61.79
N OMT M . -36.81 12.25 -35.01
CA OMT M . -37.04 10.93 -34.48
CB OMT M . -36.13 9.83 -34.95
CG OMT M . -34.94 9.53 -34.19
SD OMT M . -33.65 8.89 -35.10
CE OMT M . -32.72 7.39 -34.79
C OMT M . -37.07 10.92 -32.99
O OMT M . -36.83 12.05 -32.30
OXT OMT M . -37.42 9.78 -32.40
OD1 OMT M . -34.06 8.83 -36.58
OD2 OMT M . -32.47 9.90 -34.91
N1 FMN N . -16.18 29.45 -44.24
C2 FMN N . -15.85 28.16 -44.63
O2 FMN N . -16.18 27.18 -44.01
N3 FMN N . -15.11 27.83 -45.74
C4 FMN N . -14.68 28.84 -46.56
O4 FMN N . -14.03 28.56 -47.56
C4A FMN N . -15.00 30.14 -46.21
N5 FMN N . -14.53 31.13 -47.03
C5A FMN N . -14.66 32.44 -46.70
C6 FMN N . -14.12 33.45 -47.49
C7 FMN N . -14.33 34.76 -47.18
C7M FMN N . -13.87 35.87 -48.03
C8 FMN N . -15.07 35.10 -46.09
C8M FMN N . -15.27 36.52 -45.75
C9 FMN N . -15.59 34.10 -45.28
C9A FMN N . -15.37 32.77 -45.59
N10 FMN N . -15.82 31.80 -44.74
C10 FMN N . -15.68 30.46 -45.04
C1' FMN N . -16.19 32.26 -43.37
C2' FMN N . -15.06 32.41 -42.38
O2' FMN N . -14.42 31.16 -42.39
C3' FMN N . -15.57 32.72 -40.97
O3' FMN N . -16.60 31.84 -40.59
C4' FMN N . -16.11 34.12 -41.03
O4' FMN N . -15.31 34.51 -42.09
C5' FMN N . -15.53 35.09 -40.04
O5' FMN N . -16.37 36.22 -39.99
P FMN N . -15.79 37.64 -39.64
O1P FMN N . -15.57 37.75 -41.13
O2P FMN N . -16.69 38.74 -39.28
O3P FMN N . -14.32 37.82 -39.25
C1 AKG O . -17.39 31.98 -49.43
O1 AKG O . -18.52 32.62 -49.10
O2 AKG O . -16.23 32.46 -49.10
C2 AKG O . -17.27 30.68 -50.25
O5 AKG O . -18.42 29.98 -50.42
C3 AKG O . -15.95 30.25 -50.91
C4 AKG O . -16.42 28.98 -51.62
C5 AKG O . -15.51 28.41 -52.67
O3 AKG O . -15.89 27.25 -53.28
O4 AKG O . -14.35 29.04 -52.86
FE1 F3S P . -11.83 43.27 -49.50
FE3 F3S P . -11.35 43.49 -52.25
FE4 F3S P . -13.22 42.01 -51.06
S1 F3S P . -11.15 41.85 -50.83
S2 F3S P . -13.86 43.78 -49.99
S3 F3S P . -11.66 44.97 -50.88
S4 F3S P . -13.32 43.15 -52.89
N OMT Q . -48.39 19.02 6.15
CA OMT Q . -47.31 19.98 6.16
CB OMT Q . -46.43 20.03 7.38
CG OMT Q . -45.01 19.70 7.42
SD OMT Q . -44.36 19.63 8.97
CE OMT Q . -42.97 20.68 9.33
C OMT Q . -46.49 19.68 4.99
O OMT Q . -46.61 18.52 4.38
OXT OMT Q . -45.72 20.64 4.56
OD1 OMT Q . -45.40 20.07 10.05
OD2 OMT Q . -43.91 18.16 8.92
N1 FMN R . -50.61 -5.08 21.70
C2 FMN R . -49.93 -4.08 22.41
O2 FMN R . -49.21 -3.25 21.90
N3 FMN R . -50.02 -3.91 23.77
C4 FMN R . -50.82 -4.75 24.49
O4 FMN R . -50.90 -4.60 25.71
C4A FMN R . -51.51 -5.75 23.80
N5 FMN R . -52.32 -6.54 24.56
C5A FMN R . -52.98 -7.59 24.00
C6 FMN R . -53.75 -8.45 24.79
C7 FMN R . -54.41 -9.54 24.24
C7M FMN R . -55.32 -10.41 25.02
C8 FMN R . -54.31 -9.78 22.90
C8M FMN R . -55.14 -10.92 22.43
C9 FMN R . -53.58 -8.90 22.10
C9A FMN R . -52.88 -7.82 22.66
N10 FMN R . -52.10 -7.02 21.90
C10 FMN R . -51.40 -5.96 22.44
C1' FMN R . -52.06 -7.45 20.46
C2' FMN R . -50.83 -8.29 20.23
O2' FMN R . -49.86 -7.60 20.95
C3' FMN R . -50.50 -8.47 18.74
O3' FMN R . -50.50 -7.24 18.02
C4' FMN R . -51.74 -9.24 18.32
O4' FMN R . -52.19 -9.37 19.63
C5' FMN R . -51.64 -10.65 17.74
O5' FMN R . -52.96 -11.12 17.51
P FMN R . -53.02 -12.50 16.72
O1P FMN R . -54.40 -12.61 16.05
O2P FMN R . -51.98 -12.66 15.68
O3P FMN R . -52.56 -13.74 17.53
C1 AKG S . -55.95 -5.12 24.88
O1 AKG S . -56.91 -4.86 23.92
O2 AKG S . -55.36 -6.30 25.09
C2 AKG S . -55.44 -4.03 25.87
O5 AKG S . -55.79 -2.75 25.65
C3 AKG S . -54.59 -4.42 27.10
C4 AKG S . -54.51 -3.04 27.76
C5 AKG S . -54.29 -2.91 29.25
O3 AKG S . -54.43 -1.67 29.77
O4 AKG S . -53.91 -3.99 29.96
FE1 F3S T . -59.12 -17.30 25.91
FE3 F3S T . -60.45 -16.99 28.05
FE4 F3S T . -60.14 -15.05 26.60
S1 F3S T . -60.82 -18.54 26.63
S2 F3S T . -60.87 -16.28 25.09
S3 F3S T . -58.50 -16.10 27.54
S4 F3S T . -61.73 -15.37 27.96
N OMT U . 33.53 40.09 0.18
CA OMT U . 32.22 40.52 0.63
CB OMT U . 31.14 40.66 -0.39
CG OMT U . 30.26 39.55 -0.67
SD OMT U . 29.63 39.49 -2.24
CE OMT U . 27.92 39.35 -2.74
C OMT U . 31.71 39.65 1.75
O OMT U . 32.43 38.59 2.16
OXT OMT U . 30.59 40.05 2.35
OD1 OMT U . 30.20 40.68 -3.05
OD2 OMT U . 30.14 38.15 -2.84
N1 FMN V . 46.12 24.02 -19.57
C2 FMN V . 45.00 24.59 -20.16
O2 FMN V . 44.01 24.89 -19.53
N3 FMN V . 44.87 24.89 -21.49
C4 FMN V . 45.92 24.64 -22.32
O4 FMN V . 45.82 24.92 -23.52
C4A FMN V . 47.07 24.07 -21.77
N5 FMN V . 48.09 23.80 -22.63
C5A FMN V . 49.19 23.12 -22.22
C6 FMN V . 50.21 22.79 -23.11
C7 FMN V . 51.34 22.16 -22.65
C7M FMN V . 52.48 21.86 -23.52
C8 FMN V . 51.47 21.87 -21.34
C8M FMN V . 52.70 21.16 -20.87
C9 FMN V . 50.46 22.18 -20.45
C9A FMN V . 49.32 22.80 -20.90
N10 FMN V . 48.28 23.04 -20.03
C10 FMN V . 47.15 23.70 -20.43
C1' FMN V . 48.33 22.27 -18.75
C2' FMN V . 47.79 20.85 -18.80
O2' FMN V . 46.51 20.98 -19.32
C3' FMN V . 47.74 20.23 -17.40
O3' FMN V . 47.12 21.09 -16.47
C4' FMN V . 49.18 20.00 -17.00
O4' FMN V . 49.66 19.91 -18.28
C5' FMN V . 49.55 18.60 -16.60
O5' FMN V . 50.77 18.64 -15.93
P FMN V . 51.75 17.41 -15.98
O1P FMN V . 52.30 18.09 -17.21
O2P FMN V . 52.88 17.32 -15.04
O3P FMN V . 51.36 16.10 -16.69
C1 AKG W . 50.50 26.78 -22.39
O1 AKG W . 51.29 27.06 -21.34
O2 AKG W . 50.48 25.59 -22.91
C2 AKG W . 49.57 27.76 -23.15
O5 AKG W . 49.34 28.95 -22.54
C3 AKG W . 49.04 27.45 -24.55
C4 AKG W . 48.28 28.75 -24.83
C5 AKG W . 47.87 29.01 -26.25
O3 AKG W . 47.16 30.13 -26.51
O4 AKG W . 48.16 28.05 -27.14
FE1 F3S X . 59.02 18.07 -25.55
FE3 F3S X . 60.02 19.27 -27.86
FE4 F3S X . 58.83 20.49 -25.81
S1 F3S X . 58.01 19.03 -27.06
S2 F3S X . 60.23 19.52 -24.49
S3 F3S X . 60.96 18.02 -26.57
S4 F3S X . 60.50 21.13 -27.01
N OMT Y . 28.86 20.58 38.53
CA OMT Y . 29.40 19.42 37.86
CB OMT Y . 28.79 18.08 38.16
CG OMT Y . 28.05 17.25 37.20
SD OMT Y . 27.29 15.92 37.89
CE OMT Y . 27.69 14.30 37.27
C OMT Y . 29.29 19.68 36.43
O OMT Y . 28.50 20.64 36.00
OXT OMT Y . 30.09 19.00 35.65
OD1 OMT Y . 27.61 15.78 39.42
OD2 OMT Y . 25.86 16.30 37.46
N1 FMN Z . 2.64 23.55 49.96
C2 FMN Z . 3.08 22.24 50.09
O2 FMN Z . 3.79 21.68 49.27
N3 FMN Z . 2.79 21.41 51.14
C4 FMN Z . 2.03 21.90 52.16
O4 FMN Z . 1.78 21.17 53.12
C4A FMN Z . 1.57 23.21 52.07
N5 FMN Z . 0.84 23.66 53.13
C5A FMN Z . 0.28 24.91 53.11
C6 FMN Z . -0.54 25.34 54.15
C7 FMN Z . -1.14 26.58 54.13
C7M FMN Z . -1.91 27.13 55.27
C8 FMN Z . -0.92 27.42 53.08
C8M FMN Z . -1.53 28.77 53.23
C9 FMN Z . -0.07 27.01 52.05
C9A FMN Z . 0.50 25.73 52.04
N10 FMN Z . 1.25 25.30 51.00
C10 FMN Z . 1.82 24.03 50.99
C1' FMN Z . 1.35 26.31 49.90
C2' FMN Z . 0.32 26.00 48.85
O2' FMN Z . 0.42 24.61 48.75
C3' FMN Z . 0.58 26.74 47.52
O3' FMN Z . 1.93 26.62 47.07
C4' FMN Z . 0.39 28.15 48.01
O4' FMN Z . -0.04 27.75 49.27
C5' FMN Z . -0.70 29.05 47.44
O5' FMN Z . -0.67 30.29 48.13
P FMN Z . -1.62 31.41 47.52
O1P FMN Z . -1.08 32.77 47.96
O2P FMN Z . -1.71 31.39 46.04
O3P FMN Z . -3.13 31.16 47.72
C1 AKG AA . 3.05 25.30 55.92
O1 AKG AA . 3.88 26.39 55.88
O2 AKG AA . 1.75 25.30 55.60
C2 AKG AA . 3.53 23.89 56.35
O5 AKG AA . 4.86 23.69 56.51
C3 AKG AA . 2.52 22.76 56.65
C4 AKG AA . 3.51 21.68 57.16
C5 AKG AA . 3.06 20.62 58.11
O3 AKG AA . 4.03 19.85 58.66
O4 AKG AA . 1.73 20.41 58.30
FE1 F3S BA . -7.29 32.21 58.09
FE3 F3S BA . -7.37 31.71 60.58
FE4 F3S BA . -5.21 31.49 59.43
S1 F3S BA . -8.15 33.48 59.71
S2 F3S BA . -5.59 33.42 58.75
S3 F3S BA . -6.94 30.31 58.94
S4 F3S BA . -5.50 31.91 61.48
N OMT CA . 26.14 -40.46 -20.26
CA OMT CA . 26.75 -40.04 -19.02
CB OMT CA . 27.55 -38.78 -19.02
CG OMT CA . 26.89 -37.51 -18.69
SD OMT CA . 27.56 -36.15 -19.42
CE OMT CA . 28.09 -34.63 -18.63
C OMT CA . 25.74 -39.97 -17.91
O OMT CA . 24.45 -40.23 -18.16
OXT OMT CA . 26.21 -39.75 -16.68
OD1 OMT CA . 28.73 -36.57 -20.33
OD2 OMT CA . 26.42 -35.53 -20.28
N1 FMN DA . 14.88 -30.17 -44.22
C2 FMN DA . 15.92 -29.32 -43.85
O2 FMN DA . 16.26 -29.15 -42.70
N3 FMN DA . 16.68 -28.58 -44.72
C4 FMN DA . 16.44 -28.69 -46.06
O4 FMN DA . 17.12 -28.04 -46.85
C4A FMN DA . 15.41 -29.54 -46.47
N5 FMN DA . 15.16 -29.60 -47.81
C5A FMN DA . 14.09 -30.28 -48.30
C6 FMN DA . 13.80 -30.29 -49.66
C7 FMN DA . 12.77 -31.04 -50.13
C7M FMN DA . 12.46 -31.17 -51.57
C8 FMN DA . 12.01 -31.78 -49.28
C8M FMN DA . 10.87 -32.58 -49.81
C9 FMN DA . 12.29 -31.76 -47.92
C9A FMN DA . 13.33 -30.99 -47.44
N10 FMN DA . 13.54 -30.92 -46.08
C10 FMN DA . 14.60 -30.21 -45.57
C1' FMN DA . 12.40 -31.37 -45.23
C2' FMN DA . 11.30 -30.35 -44.98
O2' FMN DA . 11.96 -29.24 -44.48
C3' FMN DA . 10.28 -30.87 -43.96
O3' FMN DA . 10.91 -31.38 -42.81
C4' FMN DA . 9.53 -31.97 -44.65
O4' FMN DA . 9.75 -31.50 -45.93
C5' FMN DA . 8.03 -31.83 -44.70
O5' FMN DA . 7.49 -33.08 -45.04
P FMN DA . 6.12 -33.17 -45.82
O1P FMN DA . 6.99 -33.11 -47.05
O2P FMN DA . 5.39 -34.44 -45.91
O3P FMN DA . 5.30 -31.90 -46.15
C1 AKG EA . 17.05 -32.68 -49.09
O1 AKG EA . 16.73 -33.97 -48.84
O2 AKG EA . 16.17 -31.83 -49.53
C2 AKG EA . 18.46 -32.05 -48.96
O5 AKG EA . 19.36 -32.77 -48.28
C3 AKG EA . 18.81 -30.71 -49.64
C4 AKG EA . 20.29 -30.61 -49.25
C5 AKG EA . 21.12 -29.61 -49.99
O3 AKG EA . 22.42 -29.47 -49.63
O4 AKG EA . 20.49 -28.86 -50.90
FE1 F3S FA . 7.88 -32.70 -57.72
FE3 F3S FA . 9.46 -32.54 -60.02
FE4 F3S FA . 10.19 -33.48 -57.63
S1 F3S FA . 9.55 -31.55 -58.08
S2 F3S FA . 8.46 -34.79 -57.68
S3 F3S FA . 7.63 -33.39 -59.78
S4 F3S FA . 10.70 -34.20 -59.61
N OMT GA . -3.06 -51.35 9.77
CA OMT GA . -4.02 -50.80 8.85
CB OMT GA . -5.14 -49.97 9.41
CG OMT GA . -5.35 -48.54 9.15
SD OMT GA . -6.55 -47.84 10.10
CE OMT GA . -7.90 -47.03 9.27
C OMT GA . -3.27 -50.00 7.89
O OMT GA . -2.04 -49.63 8.17
OXT OMT GA . -3.84 -49.78 6.74
OD1 OMT GA . -7.29 -48.90 10.99
OD2 OMT GA . -5.65 -46.79 10.79
N1 FMN HA . 3.26 -41.72 36.14
C2 FMN HA . 1.90 -41.52 35.84
O2 FMN HA . 1.49 -41.27 34.73
N3 FMN HA . 0.89 -41.58 36.77
C4 FMN HA . 1.20 -41.90 38.05
O4 FMN HA . 0.29 -41.96 38.89
C4A FMN HA . 2.54 -42.11 38.39
N5 FMN HA . 2.79 -42.44 39.68
C5A FMN HA . 4.08 -42.60 40.12
C6 FMN HA . 4.34 -42.86 41.46
C7 FMN HA . 5.63 -43.00 41.93
C7M FMN HA . 5.95 -43.38 43.33
C8 FMN HA . 6.67 -42.89 41.06
C8M FMN HA . 8.01 -43.16 41.67
C9 FMN HA . 6.41 -42.67 39.71
C9A FMN HA . 5.11 -42.48 39.24
N10 FMN HA . 4.86 -42.19 37.94
C10 FMN HA . 3.58 -42.00 37.47
C1' FMN HA . 6.11 -42.05 37.13
C2' FMN HA . 6.48 -40.59 37.04
O2' FMN HA . 5.25 -39.99 36.82
C3' FMN HA . 7.53 -40.30 35.94
O3' FMN HA . 7.19 -40.90 34.70
C4' FMN HA . 8.69 -41.10 36.52
O4' FMN HA . 8.02 -41.38 37.70
C5' FMN HA . 9.99 -40.42 36.89
O5' FMN HA . 10.86 -41.41 37.45
P FMN HA . 12.34 -40.90 37.71
O1P FMN HA . 13.26 -42.12 37.75
O2P FMN HA . 12.85 -39.96 36.69
O3P FMN HA . 12.49 -39.89 38.88
C1 AKG IA . 2.66 -46.30 40.31
O1 AKG IA . 3.41 -47.32 39.79
O2 AKG IA . 3.15 -45.23 40.97
C2 AKG IA . 1.11 -46.26 40.22
O5 AKG IA . 0.49 -47.16 39.42
C3 AKG IA . 0.30 -45.26 41.06
C4 AKG IA . -1.13 -45.75 40.69
C5 AKG IA . -2.28 -45.53 41.63
O3 AKG IA . -3.42 -46.18 41.33
O4 AKG IA . -2.14 -44.66 42.66
FE1 F3S JA . 11.09 -43.68 49.34
FE3 F3S JA . 9.81 -44.86 51.18
FE4 F3S JA . 9.39 -45.54 48.87
S1 F3S JA . 11.92 -44.61 51.19
S2 F3S JA . 11.46 -45.75 48.74
S3 F3S JA . 9.00 -43.57 49.62
S4 F3S JA . 9.15 -46.75 50.59
FE1 SF4 KA . -77.32 -33.68 22.14
FE2 SF4 KA . -78.80 -31.48 22.71
FE3 SF4 KA . -76.13 -31.55 23.17
FE4 SF4 KA . -77.14 -31.46 20.61
S1 SF4 KA . -77.69 -32.75 24.28
S2 SF4 KA . -75.40 -32.87 21.41
S3 SF4 KA . -79.00 -32.80 20.81
S4 SF4 KA . -77.41 -29.79 22.20
FE1 SF4 LA . -72.45 -20.56 26.40
FE2 SF4 LA . -74.63 -21.60 27.56
FE3 SF4 LA . -73.60 -22.70 25.30
FE4 SF4 LA . -72.29 -22.90 27.71
S1 SF4 LA . -74.60 -20.69 25.44
S2 SF4 LA . -71.34 -22.36 25.64
S3 SF4 LA . -72.78 -20.89 28.66
S4 SF4 LA . -74.36 -23.81 27.25
PA FAD MA . -81.08 -48.95 16.04
O1A FAD MA . -79.95 -49.89 15.86
O2A FAD MA . -81.19 -47.85 16.84
O5B FAD MA . -82.17 -49.14 15.01
C5B FAD MA . -82.21 -50.18 13.99
C4B FAD MA . -83.70 -50.67 13.86
O4B FAD MA . -83.72 -51.60 12.69
C3B FAD MA . -84.29 -51.51 15.05
O3B FAD MA . -85.57 -51.09 15.42
C2B FAD MA . -84.19 -52.97 14.54
O2B FAD MA . -85.12 -53.83 15.15
C1B FAD MA . -84.46 -52.81 13.08
N9A FAD MA . -83.91 -53.82 12.20
C8A FAD MA . -82.76 -54.56 12.38
N7A FAD MA . -82.53 -55.41 11.38
C5A FAD MA . -83.57 -55.21 10.52
C6A FAD MA . -83.91 -55.82 9.22
N6A FAD MA . -83.18 -56.76 8.66
N1A FAD MA . -85.07 -55.36 8.63
C2A FAD MA . -85.85 -54.39 9.20
N3A FAD MA . -85.62 -53.77 10.38
C4A FAD MA . -84.46 -54.21 11.00
N1 FAD MA . -76.26 -43.49 22.31
C2 FAD MA . -76.31 -42.34 22.97
O2 FAD MA . -76.32 -41.29 22.39
N3 FAD MA . -76.34 -42.27 24.39
C4 FAD MA . -76.36 -43.43 25.17
O4 FAD MA . -76.38 -43.33 26.38
C4X FAD MA . -76.35 -44.72 24.48
N5 FAD MA . -76.39 -45.90 25.18
C5X FAD MA . -76.35 -47.10 24.47
C6 FAD MA . -76.41 -48.32 25.21
C7 FAD MA . -76.40 -49.56 24.56
C7M FAD MA . -76.47 -50.83 25.39
C8 FAD MA . -76.32 -49.62 23.08
C8M FAD MA . -76.30 -50.93 22.33
C9 FAD MA . -76.25 -48.42 22.34
C9A FAD MA . -76.27 -47.16 23.02
N10 FAD MA . -76.23 -45.86 22.32
C10 FAD MA . -76.28 -44.69 22.99
C1' FAD MA . -76.14 -45.86 20.83
C2' FAD MA . -77.49 -45.57 20.17
O2' FAD MA . -78.47 -46.39 20.81
C3' FAD MA . -77.36 -45.93 18.69
O3' FAD MA . -76.29 -45.13 18.14
C4' FAD MA . -78.66 -45.61 17.93
O4' FAD MA . -79.80 -46.22 18.53
C5' FAD MA . -78.47 -46.07 16.53
O5' FAD MA . -79.78 -45.75 15.74
P FAD MA . -80.13 -46.55 14.51
O1P FAD MA . -81.45 -46.00 14.02
O2P FAD MA . -79.09 -46.56 13.58
O3P FAD MA . -80.29 -48.01 14.91
FE1 SF4 NA . -15.41 53.96 66.73
FE2 SF4 NA . -13.21 53.65 68.28
FE3 SF4 NA . -14.20 51.61 66.81
FE4 SF4 NA . -12.96 53.77 65.62
S1 SF4 NA . -15.21 52.54 68.60
S2 SF4 NA . -14.99 52.74 64.94
S3 SF4 NA . -13.68 55.50 66.95
S4 SF4 NA . -11.92 52.27 67.06
FE1 SF4 OA . -6.53 42.36 67.32
FE2 SF4 OA . -7.23 43.60 69.59
FE3 SF4 OA . -7.74 44.73 67.17
FE4 SF4 OA . -9.13 42.52 68.03
S1 SF4 OA . -5.69 44.43 68.08
S2 SF4 OA . -8.21 42.85 65.90
S3 SF4 OA . -7.50 41.38 69.17
S4 SF4 OA . -9.18 44.59 69.05
PA FAD PA . -25.91 66.87 63.91
O1A FAD PA . -27.01 66.63 62.95
O2A FAD PA . -25.17 65.98 64.63
O5B FAD PA . -25.40 68.29 63.89
C5B FAD PA . -25.99 69.39 63.11
C4B FAD PA . -25.95 70.69 63.99
O4B FAD PA . -26.37 71.82 63.10
C3B FAD PA . -26.93 70.74 65.22
O3B FAD PA . -26.31 71.22 66.38
C2B FAD PA . -28.09 71.64 64.69
O2B FAD PA . -28.81 72.28 65.71
C1B FAD PA . -27.37 72.61 63.82
N9A FAD PA . -28.13 73.21 62.73
C8A FAD PA . -29.20 72.65 62.04
N7A FAD PA . -29.68 73.46 61.10
C5A FAD PA . -28.91 74.58 61.20
C6A FAD PA . -28.92 75.85 60.44
N6A FAD PA . -29.77 76.10 59.48
N1A FAD PA . -27.96 76.77 60.83
C2A FAD PA . -27.06 76.54 61.83
N3A FAD PA . -26.97 75.40 62.57
C4A FAD PA . -27.92 74.46 62.21
N1 FAD PA . -24.56 57.50 65.54
C2 FAD PA . -23.72 56.63 66.13
O2 FAD PA . -22.59 56.51 65.77
N3 FAD PA . -24.15 55.78 67.20
C4 FAD PA . -25.45 55.85 67.71
O4 FAD PA . -25.76 55.11 68.61
C4X FAD PA . -26.37 56.82 67.12
N5 FAD PA . -27.66 56.95 67.58
C5X FAD PA . -28.48 57.88 66.97
C6 FAD PA . -29.82 58.03 67.47
C7 FAD PA . -30.71 58.94 66.92
C7M FAD PA . -32.10 59.06 67.50
C8 FAD PA . -30.29 59.79 65.78
C8M FAD PA . -31.21 60.80 65.14
C9 FAD PA . -28.97 59.66 65.27
C9A FAD PA . -28.07 58.71 65.85
N10 FAD PA . -26.69 58.52 65.39
C10 FAD PA . -25.85 57.64 65.98
C1' FAD PA . -26.20 59.33 64.24
C2' FAD PA . -25.33 60.52 64.69
O2' FAD PA . -25.99 61.16 65.78
C3' FAD PA . -25.17 61.46 63.50
O3' FAD PA . -24.58 60.71 62.42
C4' FAD PA . -24.26 62.63 63.85
O4' FAD PA . -24.68 63.33 65.03
C5' FAD PA . -24.24 63.55 62.67
O5' FAD PA . -23.32 64.75 63.00
P FAD PA . -23.52 66.07 62.29
O1P FAD PA . -22.46 67.00 62.86
O2P FAD PA . -23.50 65.92 60.91
O3P FAD PA . -24.90 66.60 62.60
FE1 SF4 QA . 29.94 -52.93 62.49
FE2 SF4 QA . 28.50 -55.20 62.11
FE3 SF4 QA . 27.46 -52.76 61.57
FE4 SF4 QA . 29.42 -53.84 59.99
S1 SF4 QA . 27.96 -53.55 63.62
S2 SF4 QA . 29.33 -51.62 60.82
S3 SF4 QA . 30.75 -54.91 61.57
S4 SF4 QA . 27.30 -54.73 60.26
FE1 SF4 RA . 16.80 -54.14 56.18
FE2 SF4 RA . 17.33 -55.55 58.39
FE3 SF4 RA . 19.31 -54.28 57.04
FE4 SF4 RA . 17.44 -52.87 58.47
S1 SF4 RA . 18.14 -56.06 56.29
S2 SF4 RA . 18.21 -52.38 56.31
S3 SF4 RA . 15.57 -54.14 58.14
S4 SF4 RA . 18.97 -54.35 59.38
PA FAD SA . 45.47 -49.90 68.33
O1A FAD SA . 45.90 -48.49 68.37
O2A FAD SA . 44.22 -50.44 68.31
O5B FAD SA . 46.61 -50.85 68.06
C5B FAD SA . 48.03 -50.49 67.96
C4B FAD SA . 48.87 -51.61 68.65
O4B FAD SA . 50.30 -51.29 68.35
C3B FAD SA . 48.79 -51.70 70.22
O3B FAD SA . 48.63 -53.01 70.68
C2B FAD SA . 50.10 -50.99 70.67
O2B FAD SA . 50.53 -51.40 71.95
C1B FAD SA . 51.06 -51.40 69.60
N9A FAD SA . 52.19 -50.51 69.37
C8A FAD SA . 52.23 -49.13 69.55
N7A FAD SA . 53.42 -48.62 69.24
C5A FAD SA . 54.17 -49.69 68.85
C6A FAD SA . 55.56 -49.80 68.38
N6A FAD SA . 56.35 -48.77 68.27
N1A FAD SA . 55.98 -51.08 68.07
C2A FAD SA . 55.16 -52.18 68.18
N3A FAD SA . 53.87 -52.17 68.59
C4A FAD SA . 53.43 -50.90 68.91
N1 FAD SA . 36.14 -47.62 68.05
C2 FAD SA . 34.92 -48.16 67.86
O2 FAD SA . 34.61 -48.66 66.81
N3 FAD SA . 33.92 -48.12 68.88
C4 FAD SA . 34.18 -47.58 70.14
O4 FAD SA . 33.30 -47.57 70.96
C4X FAD SA . 35.52 -47.04 70.39
N5 FAD SA . 35.85 -46.50 71.61
C5X FAD SA . 37.12 -45.99 71.78
C6 FAD SA . 37.47 -45.45 73.06
C7 FAD SA . 38.74 -44.93 73.33
C7M FAD SA . 39.05 -44.38 74.70
C8 FAD SA . 39.77 -44.92 72.26
C8M FAD SA . 41.15 -44.37 72.47
C9 FAD SA . 39.43 -45.44 70.98
C9A FAD SA . 38.13 -45.97 70.73
N10 FAD SA . 37.72 -46.55 69.45
C10 FAD SA . 36.49 -47.08 69.26
C1' FAD SA . 38.70 -46.56 68.32
C2' FAD SA . 39.35 -47.95 68.13
O2' FAD SA . 39.75 -48.41 69.42
C3' FAD SA . 40.55 -47.76 67.21
O3' FAD SA . 40.09 -47.19 65.97
C4' FAD SA . 41.22 -49.11 66.91
O4' FAD SA . 41.56 -49.83 68.10
C5' FAD SA . 42.44 -48.82 66.10
O5' FAD SA . 43.14 -50.16 65.78
P FAD SA . 44.62 -50.20 65.48
O1P FAD SA . 44.96 -51.67 65.24
O2P FAD SA . 44.95 -49.33 64.45
O3P FAD SA . 45.38 -49.69 66.68
FE1 SF4 TA . -15.05 67.45 -53.12
FE2 SF4 TA . -16.93 66.47 -54.82
FE3 SF4 TA . -15.03 64.87 -53.74
FE4 SF4 TA . -17.07 65.90 -52.21
S1 SF4 TA . -14.67 66.51 -55.25
S2 SF4 TA . -14.76 65.82 -51.65
S3 SF4 TA . -17.30 68.01 -53.11
S4 SF4 TA . -17.35 64.43 -53.98
FE1 SF4 UA . -17.51 53.45 -56.56
FE2 SF4 UA . -17.59 55.31 -58.49
FE3 SF4 UA . -17.54 56.01 -55.87
FE4 SF4 UA . -15.33 54.93 -57.09
S1 SF4 UA . -19.25 54.99 -56.92
S2 SF4 UA . -16.19 54.35 -54.99
S3 SF4 UA . -16.30 53.45 -58.54
S4 SF4 UA . -16.30 56.95 -57.66
PA FAD VA . -11.65 82.85 -47.14
O1A FAD VA . -10.52 82.95 -46.19
O2A FAD VA . -11.93 81.89 -48.07
O5B FAD VA . -12.75 83.84 -46.84
C5B FAD VA . -12.71 84.88 -45.83
C4B FAD VA . -13.41 86.16 -46.43
O4B FAD VA . -13.50 87.14 -45.29
C3B FAD VA . -12.62 86.93 -47.56
O3B FAD VA . -13.45 87.29 -48.63
C2B FAD VA . -11.99 88.12 -46.79
O2B FAD VA . -11.71 89.23 -47.62
C1B FAD VA . -13.03 88.44 -45.78
N9A FAD VA . -12.57 89.09 -44.56
C8A FAD VA . -11.34 88.96 -43.94
N7A FAD VA . -11.25 89.69 -42.83
C5A FAD VA . -12.46 90.32 -42.73
C6A FAD VA . -13.00 91.25 -41.73
N6A FAD VA . -12.31 91.67 -40.69
N1A FAD VA . -14.29 91.68 -41.96
C2A FAD VA . -15.03 91.27 -43.04
N3A FAD VA . -14.62 90.41 -44.00
C4A FAD VA . -13.33 89.96 -43.80
N1 FAD VA . -8.56 74.50 -50.75
C2 FAD VA . -8.92 73.49 -51.55
O2 FAD VA . -9.85 72.78 -51.28
N3 FAD VA . -8.21 73.18 -52.74
C4 FAD VA . -7.12 73.94 -53.16
O4 FAD VA . -6.54 73.64 -54.18
C4X FAD VA . -6.73 75.09 -52.34
N5 FAD VA . -5.68 75.90 -52.70
C5X FAD VA . -5.34 76.96 -51.85
C6 FAD VA . -4.26 77.80 -52.25
C7 FAD VA . -3.87 78.90 -51.48
C7M FAD VA . -2.73 79.77 -51.94
C8 FAD VA . -4.58 79.19 -50.21
C8M FAD VA . -4.20 80.36 -49.32
C9 FAD VA . -5.65 78.35 -49.80
C9A FAD VA . -6.04 77.24 -50.61
N10 FAD VA . -7.14 76.34 -50.27
C10 FAD VA . -7.50 75.32 -51.08
C1' FAD VA . -7.89 76.58 -49.01
C2' FAD VA . -9.24 77.27 -49.25
O2' FAD VA . -9.00 78.36 -50.14
C3' FAD VA . -9.75 77.77 -47.90
O3' FAD VA . -9.87 76.62 -47.03
C4' FAD VA . -11.13 78.43 -48.05
O4' FAD VA . -11.14 79.46 -49.03
C5' FAD VA . -11.50 78.96 -46.70
O5' FAD VA . -12.91 79.63 -46.82
P FAD VA . -13.31 80.71 -45.85
O1P FAD VA . -14.69 81.14 -46.27
O2P FAD VA . -13.18 80.29 -44.53
O3P FAD VA . -12.34 81.87 -45.97
FE1 SF4 WA . 82.82 11.68 -24.55
FE2 SF4 WA . 83.06 14.38 -24.57
FE3 SF4 WA . 80.72 13.18 -25.18
FE4 SF4 WA . 81.69 13.19 -22.61
S1 SF4 WA . 82.59 13.10 -26.42
S2 SF4 WA . 80.78 11.33 -23.77
S3 SF4 WA . 83.96 12.94 -22.97
S4 SF4 WA . 81.07 15.07 -23.79
FE1 SF4 XA . 72.17 21.58 -26.23
FE2 SF4 XA . 74.52 21.94 -27.48
FE3 SF4 XA . 74.24 20.05 -25.55
FE4 SF4 XA . 73.05 19.75 -28.02
S1 SF4 XA . 74.18 22.27 -25.22
S2 SF4 XA . 72.07 19.34 -25.93
S3 SF4 XA . 72.49 21.92 -28.50
S4 SF4 XA . 75.34 19.84 -27.65
PA FAD YA . 93.57 -0.97 -21.57
O1A FAD YA . 93.01 -2.34 -21.64
O2A FAD YA . 93.11 0.19 -22.12
O5B FAD YA . 94.67 -0.83 -20.54
C5B FAD YA . 95.26 -1.93 -19.76
C4B FAD YA . 96.80 -1.68 -19.66
O4B FAD YA . 97.31 -2.71 -18.70
C3B FAD YA . 97.65 -1.87 -20.97
O3B FAD YA . 98.57 -0.85 -21.17
C2B FAD YA . 98.27 -3.29 -20.77
O2B FAD YA . 99.45 -3.48 -21.50
C1B FAD YA . 98.51 -3.32 -19.30
N9A FAD YA . 98.54 -4.64 -18.68
C8A FAD YA . 97.86 -5.78 -19.07
N7A FAD YA . 98.10 -6.82 -18.28
C5A FAD YA . 98.98 -6.34 -17.35
C6A FAD YA . 99.63 -6.98 -16.19
N6A FAD YA . 99.45 -8.23 -15.87
N1A FAD YA . 100.47 -6.15 -15.45
C2A FAD YA . 100.68 -4.83 -15.77
N3A FAD YA . 100.12 -4.17 -16.80
C4A FAD YA . 99.28 -4.96 -17.56
N1 FAD YA . 86.44 2.78 -26.81
C2 FAD YA . 85.92 3.95 -27.21
O2 FAD YA . 85.46 4.73 -26.42
N3 FAD YA . 85.84 4.30 -28.59
C4 FAD YA . 86.35 3.48 -29.59
O4 FAD YA . 86.27 3.83 -30.74
C4X FAD YA . 86.98 2.22 -29.18
N5 FAD YA . 87.53 1.36 -30.11
C5X FAD YA . 88.08 0.18 -29.66
C6 FAD YA . 88.67 -0.70 -30.63
C7 FAD YA . 89.28 -1.91 -30.26
C7M FAD YA . 89.88 -2.79 -31.33
C8 FAD YA . 89.31 -2.31 -28.84
C8M FAD YA . 89.95 -3.59 -28.37
C9 FAD YA . 88.73 -1.45 -27.87
C9A FAD YA . 88.12 -0.22 -28.26
N10 FAD YA . 87.52 0.72 -27.31
C10 FAD YA . 86.98 1.90 -27.72
C1' FAD YA . 87.51 0.38 -25.87
C2' FAD YA . 88.61 1.13 -25.08
O2' FAD YA . 89.83 1.00 -25.83
C3' FAD YA . 88.74 0.45 -23.72
O3' FAD YA . 87.45 0.53 -23.07
C4' FAD YA . 89.77 1.18 -22.85
O4' FAD YA . 91.04 1.31 -23.50
C5' FAD YA . 89.90 0.40 -21.58
O5' FAD YA . 90.94 1.11 -20.68
P FAD YA . 91.69 0.33 -19.63
O1P FAD YA . 92.63 1.33 -18.96
O2P FAD YA . 90.82 -0.35 -18.78
O3P FAD YA . 92.50 -0.75 -20.30
FE1 SF4 ZA . -5.03 -46.51 -73.54
FE2 SF4 ZA . -2.68 -47.86 -73.57
FE3 SF4 ZA . -2.88 -45.39 -72.49
FE4 SF4 ZA . -4.03 -47.57 -71.27
S1 SF4 ZA . -3.07 -45.88 -74.68
S2 SF4 ZA . -5.02 -45.44 -71.61
S3 SF4 ZA . -4.77 -48.77 -73.10
S4 SF4 ZA . -1.75 -47.28 -71.60
FE1 SF4 AB . 7.46 -42.72 -66.95
FE2 SF4 AB . 7.53 -43.73 -69.43
FE3 SF4 AB . 5.26 -43.84 -67.95
FE4 SF4 AB . 6.19 -41.46 -68.96
S1 SF4 AB . 7.16 -44.98 -67.53
S2 SF4 AB . 5.39 -41.84 -66.79
S3 SF4 AB . 8.45 -41.75 -68.80
S4 SF4 AB . 5.49 -43.26 -70.24
PA FAD BB . -20.47 -49.92 -79.44
O1A FAD BB . -21.50 -48.90 -79.19
O2A FAD BB . -19.11 -49.80 -79.46
O5B FAD BB . -21.01 -51.33 -79.43
C5B FAD BB . -22.43 -51.70 -79.32
C4B FAD BB . -22.69 -52.92 -80.28
O4B FAD BB . -24.09 -53.38 -80.00
C3B FAD BB . -22.65 -52.63 -81.82
O3B FAD BB . -21.93 -53.59 -82.53
C2B FAD BB . -24.16 -52.54 -82.19
O2B FAD BB . -24.43 -52.83 -83.54
C1B FAD BB . -24.76 -53.56 -81.28
N9A FAD BB . -26.16 -53.37 -80.92
C8A FAD BB . -26.86 -52.17 -80.82
N7A FAD BB . -28.13 -52.34 -80.46
C5A FAD BB . -28.27 -53.69 -80.35
C6A FAD BB . -29.43 -54.53 -79.99
N6A FAD BB . -30.60 -54.04 -79.71
N1A FAD BB . -29.18 -55.89 -79.97
C2A FAD BB . -27.95 -56.44 -80.26
N3A FAD BB . -26.84 -55.74 -80.60
C4A FAD BB . -27.05 -54.37 -80.62
N1 FAD BB . -13.27 -43.68 -78.20
C2 FAD BB . -11.94 -43.61 -78.06
O2 FAD BB . -11.38 -44.11 -77.13
N3 FAD BB . -11.12 -42.90 -78.99
C4 FAD BB . -11.67 -42.29 -80.13
O4 FAD BB . -10.94 -41.71 -80.89
C4X FAD BB . -13.12 -42.40 -80.33
N5 FAD BB . -13.72 -41.83 -81.43
C5X FAD BB . -15.10 -41.96 -81.55
C6 FAD BB . -15.72 -41.39 -82.72
C7 FAD BB . -17.10 -41.48 -82.93
C7M FAD BB . -17.70 -40.87 -84.17
C8 FAD BB . -17.95 -42.16 -81.93
C8M FAD BB . -19.45 -42.29 -82.11
C9 FAD BB . -17.35 -42.73 -80.78
C9A FAD BB . -15.94 -42.63 -80.58
N10 FAD BB . -15.25 -43.20 -79.42
C10 FAD BB . -13.90 -43.12 -79.28
C1' FAD BB . -16.04 -43.90 -78.38
C2' FAD BB . -15.96 -45.43 -78.51
O2' FAD BB . -16.16 -45.76 -79.89
C3' FAD BB . -17.07 -46.02 -77.64
O3' FAD BB . -16.85 -45.57 -76.28
C4' FAD BB . -17.02 -47.56 -77.66
O4' FAD BB . -17.04 -48.09 -78.99
C5' FAD BB . -18.18 -48.05 -76.87
O5' FAD BB . -18.15 -49.60 -76.87
P FAD BB . -19.42 -50.38 -76.66
O1P FAD BB . -19.02 -51.84 -76.75
O2P FAD BB . -20.07 -50.00 -75.49
O3P FAD BB . -20.40 -50.05 -77.77
#